data_6H04
#
_entry.id   6H04
#
loop_
_entity.id
_entity.type
_entity.pdbx_description
1 polymer 'Complement component C9'
2 polymer 'Complement C5,Complement C5'
3 polymer 'Complement component C8 beta chain'
4 polymer 'Complement component C7'
5 polymer 'Complement component C8 gamma chain'
6 polymer 'Complement component C8 alpha chain'
7 polymer 'Complement component C6'
8 branched 2-acetamido-2-deoxy-beta-D-glucopyranose-(1-4)-2-acetamido-2-deoxy-beta-D-glucopyranose
9 non-polymer 2-acetamido-2-deoxy-beta-D-glucopyranose
#
loop_
_entity_poly.entity_id
_entity_poly.type
_entity_poly.pdbx_seq_one_letter_code
_entity_poly.pdbx_strand_id
1 'polypeptide(L)'
;QYTTSYDPELTESSGSASHIDCRMSPWSEWSQCDPCLRQMFRSRSIEVFGQFNGKRCTDAVGDRRQCVPTEPCEDAEDDC
GNDFQCSTGRCIKMRLRCNGDNDCGDFSDEDDCESEPRPPCRDRVVEESELARTAGYGINILGMDPLSTPFDNEFYNGLC
NRDRDGNTLTYYRRPWNVASLIYETKGEKNFRTEHYEEQIEAFKSIIQEKTSNFNAAISLKFTPTETNKAEQCCEETASS
ISLHGKGSFRFSYSKNETYQLFLSYSSKKEKMFLHVKGEIHLGRFVMRNRDVVLTTTFVDDIKALPTTYEKGEYFAFLET
YGTHYSSSGSLGGLYELIYVLDKASMKRKGVELKDIKRCLGYHLDVSLAFSEISVGAEFNKDDCVKRGEGRAVNITSENL
IDDVVSLIRGGTRKYAFELKEKLLRGTVIDVTDFVNWASSINDAPVLISQKLSPIYNLVPVKMKNAHLKKQNLERAIEDY
INEFSVRKCHTCQNGGTVILMDGKCLCACPFKFEGIACEISKQKISEGLPALEFPNEK
;
L,M,N,O,Q,R,S,T,U,V,W,X,P,H,I,J,K,G
2 'polypeptide(L)'
;QEQTYVISAPKIFRVGASENIVIQVYGYTEAFDATISIKSYPDKKFSYSSGHVHLSSENKFQNSAILTIQPKQLPGGQNP
VSYVYLEVVSKHFSKSKRMPITYDNGFLFIHTDKPVYTPDQSVKVRVYSLNDDLKPAKRETVLTFIDPEGSEVDMVEEID
HIGIISFPDFKIPSNPRYGMWTIKAKYKEDFSTTGTAYFEVKEYVLPHFSVSIEPEYNFIGYKNFKNFEITIKARYFYNK
VVTEADVYITFGIREDLKDDQKEMMQTAMQNTMLINGIAQVTFDSETAVKELSYYSLEDLNNKYLYIAVTVIESTGGFSE
EAEIPGIKYVLSPYKLNLVATPLFLKPGIPYPIKVQVKDSLDQLVGGVPVTLNAQTIDVNQETSDLDPSKSVTRVDDGVA
SFVLNLPSGVTVLEFNVKTDAPDLPEENQAREGYRAIAYSSLSQSYLYIDWTDNHKALLVGEHLNIIVTPKSPYIDKITH
YNYLILSKGKIIHFGTREKFSDASYQSINIPVTQNMVPSSRLLVYYIVTGEQTAELVSDSVWLNIEEKCGNQLQVHLSPD
ADAYSPGQTVSLNMATGMDSWVALAAVDSAVYGVQRGAKKPLERVFQFLEKSDLGCGAGGGLNNANVFHLAGLTFLTNAN
ADDSQENDEPCKEILLHMKTLLPVSKPEIRSYFPESWLWEVHLVPRRKQLQFALPDSLTTWEIQGVGISNTGICVADTVK
AKVFKDVFLEMNIPYSVVRGEQIQLKGTVYNYRTSGMQFCVKMSAVEGICTSESPVIDHQGTKSSKCVRQKVEGSSSHLV
TFTVLPLEIGLHNINFSLETWFGKEILVKTLRVVPEGVKRESYSGVTLDPRGIYGTISRRKEFPYRIPLDLVPKTEIKRI
LSVKGLLVGEILSAVLSQEGINILTHLPKGSAEAELMSVVPVFYVFHYLETGNHWNIFHSDPLIEKQKLKKKLKEGMLSI
MSYRNADYSYSVWKGGSASTWLTAFALRVLGQVNKYVEQNQNSICNSLLWLVENYQLDNGSFKENSQYQPIKLQGTLPVE
ARENSLYLTAFTVIGIRKAFDICPLVKIDTALIKADNFLLENTLPAQSTFTLAISAYALSLGDKTHPQFRSIVSALKREA
LVKGNPPIYRFWKDNLQHKDSSVPNTGTARMVETTAYALLTSLNLKDINYVNPVIKWLSEEQRYGGGFYSTQDTINAIEG
LTEYSLLVKQLRLSMDIDVSYKHKGALHNYKMTDKNFLGRPVEVLLNDDLIVSTGFGSGLATVHVTTVVHKTSTSEEVCS
FYLKIDTQDIEASHYRGYGNSDYKRIVACASYKPSREESSSGSSHAVMDISLPTGISANEEDLKALVEGVDQLFTDYQIK
DGHVILQLNSIPSSDFLCVRFRIFELFEVGFLSPATFTVYEYHRPDKQCTMFYSTSNIKIQKVCEGAACKCVEADCGQMQ
EELDLTISAETRKQTACKPEIAYAYKVSITSITVENVFVKYKATLLDIYKTGEAVAEKDSEITFIKKVTCTNAELVKGRQ
YLIMGKEALQIKYNFSFRYIYPLDSLTWIEYWPRDTTCSSCQAFLANLDEFAEDIFLNGC
;
A
3 'polypeptide(L)'
;SVDVTLMPIDCELSSWSSWTTCDPCQKKRYRYAYLLQPSQFHGEPCNFSDKEVEDCVTNRPCRSQVRCEGFVCAQTGRCV
NRRLLCNGDNDCGDQSDEANCRRIYKKCQHEMDQYWGIGSLASGINLFTNSFEGPVLDHRYYAGGCSPHYILNTRFRKPY
NVESYTPQTQGKYEFILKEYESYSDFERNVTEKMASKSGFSFGFKIPGIFELGISSQSDRGKHYIRRTKRFSHTKSVFLH
ARSDLEVAHYKLKPRSLMLHYEFLQRVKRLPLEYSYGEYRDLFRDFGTHYITEAVLGGIYEYTLVMNKEAMERGDYTLNN
VHACAKNDFKIGGAIEEVYVSLGVSVGKCRGILNEIKDRNKRDTMVEDLVVLVRGGASEHITTLAYQELPTADLMQEWGD
AVQYNPAIIKVKVEPLYELVTATDFAYSSTVRQNMKQALEEFQKEVSSCHCAPCQGNGVPVLKGSRCDCICPVGSQGLAC
EVSYRKNTPIDGKWNCWSNWSSCSGRRKTRQRQCNNPPPQNGGSPCSGPASETLDCS
;
C
4 'polypeptide(L)'
;SSPVNCQWDFYAPWSECNGCTKTQTRRRSVAVYGQYGGQPCVGNAFETQSCEPTRGCPTEEGCGERFRCFSGQCISKSLV
CNGDSDCDEDSADEDRCEDSERRPSCDIDKPPPNIELTGNGYNELTGQFRNRVINTKSFGGQCRKVFSGDGKDFYRLSGN
VLSYTFQVKINNDFNYEFYNSTWSYVKHTSTEHTSSSRKRSFFRSSSSSSRSYTSHTNEIHKGKSYQLLVVENTVEVAQF
INNNPEFLQLAEPFWKELSHLPSLYDYSAYRRLIDQYGTHYLQSGSLGGEYRVLFYVDSEKLKQNDFNSVEEKKCKSSGW
HFVVKFSSHGCKELENALKAASGTQNNVLRGEPFIRGGGAGFISGLSYLELDNPAGNKRRYSAWAESVTNLPQVIKQKLT
PLYELVKEVPCASVKKLYLKWALEEYLDEFDPCHCRPCQNGGLATVEGTHCLCHCKPYTFGAACEQGVLVGNQAGGVDGG
WSCWSSWSPCVQGKKTRSRECNNPPPSGGGRSCVGETTESTQCEDEELEHLRLLEPHCFPLSLVPTEFCPSPPALKDGFV
QDEGTMFPVGKNVVYTCNEGYSLIGNPVARCGEDLRWLVGEMHCQKIACVLPVLMDGIQSHPQKPFYTVGEKVTVSCSGG
MSLEGPSAFLCGSSLKWSPEMKNARCVQKENPLTQAVPKCQRWEKLQNSRCVCKMPYECGPSLDVCAQDERSKRILPLTV
CKMHVLHCQGRNYTLTGRDSCTLPASAEKACGACPLWGKCDAESSKCVCREASECEEEGFSICVEVNGKEQTMSECEAGA
LRCRGQSISVTSIRPCAAETQ
;
D
5 'polypeptide(L)'
;QKPQRPRRPASPISTIQPKANFDAQQFAGTWLLVAVGSACRFLQEQGHRAEATTLHVAPQGTAMAVSTFRKLDGICWQVR
QLYGDTGVLGRFLLQARDARGAVHVVVAETDYQSFAVLYLERAGQLSVKLYARSLPVSDSVLSGFEQRVQEAHLTEDQIF
YFPKYGFCEAADQFHVLDEVRR
;
E
6 'polypeptide(L)'
;AATPAAVTCQLSNWSEWTDCFPCQDKKYRHRSLLQPNKFGGTICSGDIWDQASCSSSTTCVRQAQCGQDFQCKETGRCLK
RHLVCNGDQDCLDGSDEDDCEDVRAIDEDCSQYEPIPGSQKAALGYNILTQEDAQSVYDASYYGGQCETVYNGEWRELRY
DSTCERLYYGDDEKYFRKPYNFLKYHFEALADTGISSEFYDNANDLLSKVKKDKSDSFGVTIGIGPAGSPLLVGVGVSHS
QDTSFLNELNKYNEKKFIFTRIFTKVQTAHFKMRKDDIMLDEGMLQSLMELPDQYNYGMYAKFINDYGTHYITSGSMGGI
YEYILVIDKAKMESLGITSRDITTCFGGSLGIQYEDKINVGGGLSGDHCKKFGGGKTERARKAMAVEDIISRVRGGSSGW
SGGLAQNRSTITYRSWGRSLKYNPVVIDFEMQPIHEVLRHTSLGPLEAKRQNLRRALDQYLMEFNACRCGPCFNNGVPIL
EGTSCRCQCRLGSLGAACEQTQTEGAKADGSWSCWSSWSVCRAGIQERRRECDNPAPQNGGASCPGRKVQTQAC
;
F
7 'polypeptide(L)'
;CFCDHYAWTQWTSCSKTCNSGTQSRHRQIVVDKYYQENFCEQICSKQETRECNWQRCPINCLLGDFGPWSDCDPCIEKQS
KVRSVLRPSQFGGQPCTAPLVAFQPCIPSKLCKIEEADCKNKFRCDSGRCIARKLECNGENDCGDNSDERDCGRTKAVCT
RKYNPIPSVQLMGNGFHFLAGEPRGEVLDNSFTGGICKTVKSSRTSNPYRVPANLENVGFEVQTAEDDLKTDFYKDLTSL
GHNENQQGSFSSQGGSSFSVPIFYSSKRSENINHNSAFKQAIQASHKKDSSFIRIHKVMKVLNFTTKAKDLHLSDVFLKA
LNHLPLEYNSALYSRIFDDFGTHYFTSGSLGGVYDLLYQFSSEELKNSGLTEEEAKHCVRIETKKRVLFAKKTKVEHRCT
TNKLSEKHEGSFIQGAEKSISLIRGGRSEYGAALAWEKGSSGLEEKTFSEWLESVKENPAVIDFELAPIVDLVRNIPCAV
TKRNNLRKALQEYAAKFDPCQCAPCPNNGRPTLSGTECLCVCQSGTYGENCEKQSPDYKSNAVDGQWGCWSSWSTCDATY
KRSRTRECNNPAPQRGGKRCEGEKRQEEDCTFSIMENNGQPCINDDEEMKEVDLPEIEADSGCPQPVPPENGFIRNEKQL
YLVGEDVEISCLTGFETVGYQYFRCLPDGTWRQGDVECQRTECIKPVVQEVLTITPFQRLYRIGESIELTCPKGFVVAGP
SRYTCQGNSWTPPISNSLTCEKDTLTKLKGHCQLGQKQSGSECICMSPEEDCSHHSEDLCVFDTDSNDYFTSPACKFLAE
KCLNNQQLHFLHIGSCQDGRQLEWGLERTRLSSNSTKKESCGYDTCYDWEKCSASTSKCVCLLPPQCFKGGNQLYCVKMG
SSTSEKTLNICEVGTIRCANRKMEILHPGKCLA
;
B
#
# COMPACT_ATOMS: atom_id res chain seq x y z
N SER A 18 12.92 38.96 101.05
CA SER A 18 12.67 39.01 102.49
C SER A 18 11.89 37.78 102.95
N HIS A 19 12.47 37.04 103.89
CA HIS A 19 11.84 35.84 104.44
C HIS A 19 10.78 36.25 105.46
N ILE A 20 9.65 36.71 104.94
CA ILE A 20 8.54 37.14 105.79
C ILE A 20 7.81 35.92 106.32
N ASP A 21 7.78 35.79 107.65
CA ASP A 21 7.08 34.69 108.27
C ASP A 21 5.59 35.01 108.42
N CYS A 22 4.82 34.00 108.83
CA CYS A 22 3.37 34.14 108.97
C CYS A 22 3.03 34.30 110.45
N ARG A 23 2.62 35.51 110.83
CA ARG A 23 2.10 35.76 112.18
C ARG A 23 0.63 35.36 112.17
N MET A 24 0.39 34.06 112.32
CA MET A 24 -0.92 33.45 112.12
C MET A 24 -1.31 32.58 113.32
N SER A 25 -1.15 33.13 114.52
CA SER A 25 -1.61 32.39 115.69
C SER A 25 -2.20 33.27 116.79
N PRO A 26 -3.20 34.12 116.50
CA PRO A 26 -3.94 34.77 117.59
C PRO A 26 -5.04 33.86 118.10
N TRP A 27 -4.87 33.34 119.32
CA TRP A 27 -5.81 32.40 119.89
C TRP A 27 -6.87 33.11 120.71
N SER A 28 -8.06 32.51 120.76
CA SER A 28 -9.21 33.06 121.47
C SER A 28 -9.54 32.18 122.67
N GLU A 29 -10.57 32.58 123.41
CA GLU A 29 -10.99 31.88 124.60
C GLU A 29 -12.00 30.78 124.27
N TRP A 30 -11.96 29.71 125.05
CA TRP A 30 -12.90 28.61 124.87
C TRP A 30 -14.33 29.07 125.14
N SER A 31 -15.22 28.84 124.18
CA SER A 31 -16.60 29.25 124.31
C SER A 31 -17.45 28.13 124.95
N GLN A 32 -18.75 28.38 125.02
CA GLN A 32 -19.67 27.41 125.64
C GLN A 32 -19.90 26.23 124.71
N CYS A 33 -20.16 25.07 125.31
CA CYS A 33 -20.43 23.86 124.53
C CYS A 33 -21.77 23.94 123.84
N ASP A 34 -21.88 23.23 122.72
CA ASP A 34 -23.18 23.06 122.08
C ASP A 34 -23.82 21.76 122.58
N PRO A 35 -24.99 21.83 123.21
CA PRO A 35 -25.59 20.61 123.76
C PRO A 35 -26.02 19.61 122.70
N CYS A 36 -26.74 20.08 121.68
CA CYS A 36 -27.26 19.18 120.66
C CYS A 36 -26.18 18.81 119.65
N LEU A 37 -25.37 19.79 119.23
CA LEU A 37 -24.31 19.51 118.26
C LEU A 37 -23.13 18.78 118.89
N ARG A 38 -22.90 18.98 120.18
CA ARG A 38 -21.82 18.33 120.92
C ARG A 38 -20.45 18.68 120.31
N GLN A 39 -20.11 19.97 120.39
CA GLN A 39 -18.88 20.47 119.80
C GLN A 39 -18.38 21.66 120.61
N MET A 40 -17.06 21.84 120.63
CA MET A 40 -16.42 22.99 121.24
C MET A 40 -15.86 23.90 120.15
N PHE A 41 -15.63 25.16 120.50
CA PHE A 41 -15.41 26.23 119.54
C PHE A 41 -14.18 27.06 119.91
N ARG A 42 -13.05 26.40 120.09
CA ARG A 42 -11.79 27.13 120.11
C ARG A 42 -11.63 27.91 118.82
N SER A 43 -11.54 29.23 118.93
CA SER A 43 -11.54 30.12 117.77
C SER A 43 -10.11 30.52 117.41
N ARG A 44 -9.98 31.16 116.26
CA ARG A 44 -8.68 31.58 115.74
C ARG A 44 -8.92 32.62 114.65
N SER A 45 -7.84 33.16 114.10
CA SER A 45 -7.91 34.17 113.06
C SER A 45 -6.61 34.18 112.28
N ILE A 46 -6.71 34.52 110.99
CA ILE A 46 -5.55 34.65 110.12
C ILE A 46 -5.18 36.13 110.00
N GLU A 47 -3.89 36.41 110.10
CA GLU A 47 -3.41 37.80 110.07
C GLU A 47 -2.43 38.06 108.94
N VAL A 48 -1.41 37.22 108.76
CA VAL A 48 -0.33 37.48 107.82
C VAL A 48 -0.13 36.25 106.94
N PHE A 49 -0.05 36.47 105.63
CA PHE A 49 0.21 35.39 104.68
C PHE A 49 1.70 35.21 104.41
N GLY A 50 2.36 36.28 103.95
CA GLY A 50 3.72 36.18 103.48
C GLY A 50 3.80 36.43 101.97
N GLN A 51 4.26 37.63 101.60
CA GLN A 51 4.21 38.05 100.21
C GLN A 51 5.33 37.45 99.36
N PHE A 52 6.38 36.93 99.98
CA PHE A 52 7.57 36.51 99.27
C PHE A 52 7.76 34.99 99.38
N ASN A 53 8.90 34.52 98.88
CA ASN A 53 9.26 33.10 98.79
C ASN A 53 9.50 32.45 100.15
N GLY A 54 9.23 33.13 101.26
CA GLY A 54 9.44 32.55 102.58
C GLY A 54 8.48 31.45 102.93
N LYS A 55 8.31 31.22 104.24
CA LYS A 55 7.47 30.13 104.73
C LYS A 55 6.02 30.27 104.29
N ARG A 56 5.56 29.34 103.44
CA ARG A 56 4.15 29.30 103.08
C ARG A 56 3.34 28.75 104.24
N CYS A 57 2.18 29.37 104.49
CA CYS A 57 1.35 29.03 105.65
C CYS A 57 -0.10 28.95 105.19
N THR A 58 -0.61 27.73 105.06
CA THR A 58 -2.00 27.47 104.69
C THR A 58 -2.83 27.01 105.89
N ASP A 59 -2.43 27.36 107.10
CA ASP A 59 -3.12 26.90 108.30
C ASP A 59 -4.56 27.41 108.32
N ALA A 60 -5.50 26.48 108.27
CA ALA A 60 -6.91 26.83 108.25
C ALA A 60 -7.37 27.34 109.61
N VAL A 61 -8.31 28.26 109.60
CA VAL A 61 -8.86 28.85 110.82
C VAL A 61 -9.99 27.97 111.33
N GLY A 62 -9.97 27.66 112.62
CA GLY A 62 -11.01 26.86 113.23
C GLY A 62 -10.48 25.66 113.99
N ASP A 63 -11.20 25.26 115.03
CA ASP A 63 -10.83 24.12 115.85
C ASP A 63 -12.09 23.55 116.51
N ARG A 64 -12.17 22.23 116.57
CA ARG A 64 -13.30 21.54 117.16
C ARG A 64 -12.83 20.65 118.30
N ARG A 65 -13.78 20.28 119.16
CA ARG A 65 -13.48 19.45 120.32
C ARG A 65 -14.77 18.85 120.86
N GLN A 66 -14.69 17.58 121.26
CA GLN A 66 -15.83 16.91 121.88
C GLN A 66 -16.04 17.44 123.30
N CYS A 67 -17.31 17.65 123.67
CA CYS A 67 -17.67 18.16 124.97
C CYS A 67 -18.88 17.43 125.50
N VAL A 68 -18.88 17.16 126.80
CA VAL A 68 -20.04 16.56 127.46
C VAL A 68 -21.15 17.60 127.50
N PRO A 69 -22.32 17.33 126.91
CA PRO A 69 -23.39 18.33 126.92
C PRO A 69 -24.00 18.48 128.29
N THR A 70 -24.37 19.71 128.63
CA THR A 70 -24.98 20.03 129.91
C THR A 70 -26.45 20.39 129.81
N GLU A 71 -26.91 20.88 128.65
CA GLU A 71 -28.31 21.20 128.47
C GLU A 71 -29.08 19.95 128.02
N PRO A 72 -30.38 19.89 128.33
CA PRO A 72 -31.15 18.68 127.97
C PRO A 72 -31.40 18.54 126.48
N CYS A 73 -31.19 19.59 125.68
CA CYS A 73 -31.43 19.56 124.24
C CYS A 73 -32.88 19.18 123.94
N GLU A 74 -33.80 20.01 124.42
CA GLU A 74 -35.22 19.77 124.20
C GLU A 74 -35.67 20.19 122.82
N ASP A 75 -35.02 21.19 122.23
CA ASP A 75 -35.40 21.66 120.91
C ASP A 75 -35.09 20.60 119.85
N ALA A 76 -36.07 20.33 118.98
CA ALA A 76 -35.90 19.35 117.93
C ALA A 76 -36.71 19.77 116.71
N GLU A 77 -36.41 19.15 115.58
CA GLU A 77 -37.07 19.46 114.31
C GLU A 77 -38.22 18.46 114.11
N ASP A 78 -39.45 18.95 114.21
CA ASP A 78 -40.60 18.11 113.98
C ASP A 78 -40.77 17.79 112.49
N ASP A 79 -41.53 16.74 112.21
CA ASP A 79 -41.76 16.34 110.83
C ASP A 79 -42.86 17.15 110.18
N CYS A 80 -42.75 18.48 110.25
CA CYS A 80 -43.58 19.45 109.54
C CYS A 80 -45.06 19.36 109.88
N GLY A 81 -45.43 18.41 110.75
CA GLY A 81 -46.78 18.28 111.26
C GLY A 81 -47.90 18.38 110.25
N ASN A 82 -47.62 18.08 108.98
CA ASN A 82 -48.58 18.30 107.90
C ASN A 82 -49.02 16.99 107.24
N ASP A 83 -48.09 16.21 106.71
CA ASP A 83 -48.45 15.05 105.91
C ASP A 83 -47.37 13.98 106.07
N PHE A 84 -47.35 13.01 105.16
CA PHE A 84 -46.42 11.90 105.21
C PHE A 84 -44.98 12.38 105.19
N GLN A 85 -44.22 12.03 106.23
CA GLN A 85 -42.80 12.38 106.28
C GLN A 85 -42.00 11.46 105.37
N CYS A 86 -41.00 12.03 104.69
CA CYS A 86 -40.10 11.23 103.87
C CYS A 86 -39.06 10.54 104.75
N SER A 87 -38.28 9.67 104.13
CA SER A 87 -37.24 8.95 104.83
C SER A 87 -36.02 9.79 105.16
N THR A 88 -35.97 11.06 104.72
CA THR A 88 -34.83 11.92 104.97
C THR A 88 -35.16 13.19 105.74
N GLY A 89 -36.41 13.63 105.75
CA GLY A 89 -36.78 14.80 106.53
C GLY A 89 -37.70 15.78 105.82
N ARG A 90 -37.92 15.58 104.52
CA ARG A 90 -38.80 16.46 103.76
C ARG A 90 -40.23 15.94 103.83
N CYS A 91 -41.17 16.71 103.26
CA CYS A 91 -42.59 16.42 103.40
C CYS A 91 -43.31 16.56 102.06
N ILE A 92 -44.33 15.74 101.87
CA ILE A 92 -45.22 15.88 100.73
C ILE A 92 -46.06 17.14 100.90
N LYS A 93 -46.15 17.94 99.84
CA LYS A 93 -47.02 19.12 99.90
C LYS A 93 -48.47 18.73 99.61
N MET A 94 -48.76 18.33 98.37
CA MET A 94 -50.10 17.83 98.05
C MET A 94 -50.12 16.55 97.23
N ARG A 95 -49.12 16.27 96.38
CA ARG A 95 -49.21 15.14 95.46
C ARG A 95 -47.88 14.42 95.30
N LEU A 96 -47.09 14.36 96.37
CA LEU A 96 -45.83 13.62 96.33
C LEU A 96 -46.03 12.12 96.59
N ARG A 97 -47.25 11.62 96.43
CA ARG A 97 -47.52 10.20 96.59
C ARG A 97 -47.11 9.43 95.35
N CYS A 98 -47.56 8.19 95.22
CA CYS A 98 -47.15 7.32 94.13
C CYS A 98 -47.77 7.82 92.83
N ASN A 99 -47.18 8.89 92.30
CA ASN A 99 -47.66 9.52 91.07
C ASN A 99 -46.48 9.87 90.15
N GLY A 100 -45.42 9.06 90.19
CA GLY A 100 -44.27 9.32 89.35
C GLY A 100 -43.49 10.57 89.68
N ASP A 101 -43.52 11.01 90.94
CA ASP A 101 -42.83 12.20 91.39
C ASP A 101 -41.64 11.77 92.25
N ASN A 102 -40.45 11.73 91.65
CA ASN A 102 -39.24 11.31 92.34
C ASN A 102 -38.65 12.48 93.10
N ASP A 103 -38.70 12.41 94.44
CA ASP A 103 -38.14 13.45 95.29
C ASP A 103 -37.04 12.93 96.20
N CYS A 104 -37.28 11.85 96.94
CA CYS A 104 -36.36 11.40 97.97
C CYS A 104 -35.32 10.43 97.43
N GLY A 105 -35.77 9.29 96.90
CA GLY A 105 -34.85 8.29 96.38
C GLY A 105 -35.34 7.64 95.10
N ASP A 106 -34.72 6.52 94.72
CA ASP A 106 -35.16 5.80 93.53
C ASP A 106 -36.59 5.28 93.71
N PHE A 107 -36.88 4.69 94.86
CA PHE A 107 -38.22 4.23 95.19
C PHE A 107 -38.57 4.56 96.64
N SER A 108 -38.01 5.63 97.19
CA SER A 108 -38.28 6.00 98.58
C SER A 108 -39.70 6.53 98.73
N ASP A 109 -40.07 7.53 97.91
CA ASP A 109 -41.42 8.08 97.99
C ASP A 109 -42.44 7.11 97.41
N GLU A 110 -42.10 6.45 96.31
CA GLU A 110 -42.98 5.48 95.67
C GLU A 110 -42.86 4.08 96.27
N ASP A 111 -42.35 3.96 97.49
CA ASP A 111 -42.23 2.66 98.14
C ASP A 111 -43.59 2.00 98.30
N ASP A 112 -44.56 2.73 98.87
CA ASP A 112 -45.90 2.22 99.09
C ASP A 112 -46.81 2.76 98.00
N CYS A 113 -47.28 1.88 97.12
CA CYS A 113 -48.18 2.23 96.03
C CYS A 113 -49.43 1.37 96.15
N GLU A 114 -50.46 1.91 96.80
CA GLU A 114 -51.72 1.19 96.96
C GLU A 114 -52.62 1.35 95.74
N SER A 115 -52.75 2.58 95.23
CA SER A 115 -53.54 2.84 94.04
C SER A 115 -52.73 2.51 92.79
N GLU A 116 -53.38 2.65 91.63
CA GLU A 116 -52.71 2.39 90.37
C GLU A 116 -51.62 3.44 90.11
N PRO A 117 -50.53 3.06 89.46
CA PRO A 117 -49.46 4.03 89.17
C PRO A 117 -49.88 5.05 88.11
N ARG A 118 -50.73 5.99 88.50
CA ARG A 118 -51.20 7.01 87.59
C ARG A 118 -50.04 7.88 87.11
N PRO A 119 -49.79 7.98 85.81
CA PRO A 119 -48.71 8.84 85.32
C PRO A 119 -49.08 10.31 85.46
N PRO A 120 -48.12 11.16 85.81
CA PRO A 120 -48.44 12.59 85.96
C PRO A 120 -48.62 13.30 84.63
N CYS A 121 -47.99 12.80 83.56
CA CYS A 121 -48.09 13.43 82.25
C CYS A 121 -48.10 12.34 81.18
N ARG A 122 -48.98 12.51 80.20
CA ARG A 122 -49.13 11.50 79.14
C ARG A 122 -48.20 11.72 77.97
N ASP A 123 -47.89 12.98 77.64
CA ASP A 123 -47.04 13.26 76.50
C ASP A 123 -45.61 12.79 76.76
N ARG A 124 -44.91 12.48 75.67
CA ARG A 124 -43.53 12.00 75.75
C ARG A 124 -42.59 13.20 75.86
N VAL A 125 -42.03 13.41 77.04
CA VAL A 125 -41.11 14.51 77.31
C VAL A 125 -39.82 13.90 77.82
N VAL A 126 -38.73 14.08 77.07
CA VAL A 126 -37.45 13.49 77.45
C VAL A 126 -36.86 14.26 78.61
N GLU A 127 -36.22 13.55 79.54
CA GLU A 127 -35.59 14.18 80.68
C GLU A 127 -34.42 15.08 80.23
N GLU A 128 -34.14 16.09 81.04
CA GLU A 128 -33.10 17.06 80.73
C GLU A 128 -31.74 16.39 80.89
N SER A 129 -31.14 15.99 79.77
CA SER A 129 -29.90 15.23 79.76
C SER A 129 -28.72 16.18 79.55
N GLU A 130 -27.85 16.28 80.56
CA GLU A 130 -26.58 17.01 80.50
C GLU A 130 -26.79 18.51 80.23
N LEU A 131 -28.01 18.99 80.28
CA LEU A 131 -28.33 20.40 80.06
C LEU A 131 -28.32 21.11 81.41
N ALA A 132 -28.91 22.31 81.48
CA ALA A 132 -28.86 23.17 82.65
C ALA A 132 -29.55 22.55 83.87
N ARG A 133 -30.01 21.31 83.76
CA ARG A 133 -30.60 20.56 84.87
C ARG A 133 -29.82 20.75 86.17
N THR A 134 -28.49 20.75 86.09
CA THR A 134 -27.64 21.05 87.23
C THR A 134 -27.40 22.56 87.26
N ALA A 135 -28.42 23.28 87.71
CA ALA A 135 -28.43 24.74 87.70
C ALA A 135 -27.82 25.36 88.95
N GLY A 136 -27.41 24.55 89.92
CA GLY A 136 -26.79 25.08 91.12
C GLY A 136 -25.29 25.25 90.95
N TYR A 137 -24.78 26.39 91.41
CA TYR A 137 -23.38 26.72 91.28
C TYR A 137 -22.93 27.51 92.51
N GLY A 138 -21.77 27.15 93.04
CA GLY A 138 -21.26 27.73 94.27
C GLY A 138 -20.00 28.55 94.09
N ILE A 139 -19.98 29.39 93.06
CA ILE A 139 -18.78 30.15 92.72
C ILE A 139 -18.28 30.94 93.93
N ASN A 140 -16.97 30.99 94.09
CA ASN A 140 -16.30 31.74 95.15
C ASN A 140 -15.75 33.03 94.55
N ILE A 141 -16.19 34.18 95.09
CA ILE A 141 -15.71 35.46 94.60
C ILE A 141 -14.20 35.59 94.81
N LEU A 142 -13.68 34.98 95.87
CA LEU A 142 -12.24 34.95 96.13
C LEU A 142 -11.55 33.72 95.56
N GLY A 143 -12.32 32.73 95.10
CA GLY A 143 -11.74 31.48 94.65
C GLY A 143 -11.62 31.34 93.14
N MET A 144 -12.46 30.50 92.55
CA MET A 144 -12.31 30.12 91.15
C MET A 144 -13.71 29.82 90.59
N ASP A 145 -13.75 29.09 89.47
CA ASP A 145 -14.94 28.77 88.69
C ASP A 145 -16.07 28.20 89.56
N PRO A 146 -17.32 28.28 89.11
CA PRO A 146 -18.45 27.85 89.94
C PRO A 146 -18.34 26.39 90.36
N LEU A 147 -19.12 26.06 91.39
CA LEU A 147 -19.11 24.75 92.02
C LEU A 147 -20.32 23.94 91.55
N SER A 148 -20.53 22.78 92.16
CA SER A 148 -21.65 21.91 91.82
C SER A 148 -22.94 22.48 92.42
N THR A 149 -24.02 21.72 92.31
CA THR A 149 -25.32 22.20 92.79
C THR A 149 -25.43 22.01 94.30
N PRO A 150 -25.77 23.06 95.05
CA PRO A 150 -25.97 22.92 96.50
C PRO A 150 -27.37 22.45 96.90
N PHE A 151 -28.26 22.23 95.95
CA PHE A 151 -29.65 21.88 96.26
C PHE A 151 -30.13 20.81 95.27
N ASP A 152 -31.23 20.16 95.64
CA ASP A 152 -31.83 19.17 94.76
C ASP A 152 -32.54 19.87 93.60
N ASN A 153 -32.22 19.45 92.38
CA ASN A 153 -32.77 20.07 91.18
C ASN A 153 -33.56 19.08 90.33
N GLU A 154 -33.91 17.91 90.88
CA GLU A 154 -34.67 16.90 90.15
C GLU A 154 -36.15 16.88 90.53
N PHE A 155 -36.49 17.29 91.75
CA PHE A 155 -37.87 17.28 92.20
C PHE A 155 -38.72 18.26 91.40
N TYR A 156 -39.96 17.87 91.11
CA TYR A 156 -40.92 18.73 90.45
C TYR A 156 -42.24 18.68 91.20
N ASN A 157 -42.99 19.78 91.14
CA ASN A 157 -44.17 19.92 91.98
C ASN A 157 -45.39 19.21 91.39
N GLY A 158 -45.84 19.64 90.21
CA GLY A 158 -47.08 19.13 89.66
C GLY A 158 -47.07 18.79 88.19
N LEU A 159 -47.99 19.39 87.44
CA LEU A 159 -48.09 19.14 86.00
C LEU A 159 -46.83 19.61 85.29
N CYS A 160 -46.31 18.74 84.42
CA CYS A 160 -45.09 19.05 83.68
C CYS A 160 -45.24 20.35 82.91
N ASN A 161 -44.22 21.20 83.01
CA ASN A 161 -44.17 22.46 82.28
C ASN A 161 -43.37 22.22 81.00
N ARG A 162 -44.02 22.34 79.86
CA ARG A 162 -43.39 22.01 78.59
C ARG A 162 -42.26 22.99 78.27
N ASP A 163 -41.21 22.47 77.65
CA ASP A 163 -40.03 23.22 77.25
C ASP A 163 -39.77 23.01 75.76
N ARG A 164 -40.83 23.18 74.97
CA ARG A 164 -40.80 22.85 73.55
C ARG A 164 -39.97 23.89 72.82
N ASP A 165 -38.65 23.68 72.86
CA ASP A 165 -37.68 24.56 72.22
C ASP A 165 -36.36 23.83 72.12
N GLY A 166 -35.48 24.35 71.27
CA GLY A 166 -34.16 23.78 71.06
C GLY A 166 -33.85 23.60 69.60
N ASN A 167 -32.64 23.12 69.34
CA ASN A 167 -32.18 22.91 67.96
C ASN A 167 -33.03 21.85 67.27
N THR A 168 -33.09 20.65 67.84
CA THR A 168 -33.85 19.55 67.27
C THR A 168 -35.28 19.56 67.82
N LEU A 169 -36.08 18.59 67.37
CA LEU A 169 -37.46 18.45 67.81
C LEU A 169 -37.48 17.49 68.98
N THR A 170 -37.34 18.03 70.19
CA THR A 170 -37.34 17.24 71.40
C THR A 170 -37.88 18.08 72.55
N TYR A 171 -38.55 17.42 73.49
CA TYR A 171 -39.20 18.08 74.61
C TYR A 171 -38.43 17.77 75.89
N TYR A 172 -37.94 18.81 76.55
CA TYR A 172 -37.22 18.66 77.81
C TYR A 172 -38.12 19.07 78.98
N ARG A 173 -37.66 18.75 80.19
CA ARG A 173 -38.35 19.10 81.41
C ARG A 173 -37.63 20.23 82.12
N ARG A 174 -38.42 21.10 82.76
CA ARG A 174 -37.88 22.18 83.57
C ARG A 174 -38.26 21.93 85.03
N PRO A 175 -37.30 21.75 85.93
CA PRO A 175 -37.64 21.43 87.32
C PRO A 175 -38.32 22.58 88.03
N TRP A 176 -39.01 22.24 89.11
CA TRP A 176 -39.71 23.24 89.91
C TRP A 176 -38.74 24.18 90.62
N ASN A 177 -37.48 23.78 90.77
CA ASN A 177 -36.48 24.65 91.37
C ASN A 177 -36.02 25.74 90.41
N VAL A 178 -35.96 25.44 89.12
CA VAL A 178 -35.54 26.41 88.11
C VAL A 178 -36.77 27.16 87.62
N ALA A 179 -36.73 28.50 87.72
CA ALA A 179 -37.87 29.31 87.33
C ALA A 179 -37.96 29.45 85.81
N SER A 180 -36.82 29.50 85.13
CA SER A 180 -36.81 29.68 83.69
C SER A 180 -35.63 28.94 83.09
N LEU A 181 -35.77 28.58 81.81
CA LEU A 181 -34.70 27.90 81.07
C LEU A 181 -34.84 28.29 79.60
N ILE A 182 -34.04 29.26 79.17
CA ILE A 182 -34.08 29.76 77.81
C ILE A 182 -33.07 29.00 76.97
N TYR A 183 -33.36 28.89 75.67
CA TYR A 183 -32.51 28.16 74.72
C TYR A 183 -31.98 29.08 73.63
N GLU A 184 -31.84 30.36 73.94
CA GLU A 184 -31.34 31.32 72.96
C GLU A 184 -29.88 31.04 72.62
N THR A 185 -29.59 30.84 71.34
CA THR A 185 -28.24 30.55 70.88
C THR A 185 -27.55 31.83 70.41
N LYS A 186 -27.37 32.75 71.35
CA LYS A 186 -26.72 34.02 71.06
C LYS A 186 -25.26 33.80 70.69
N GLY A 187 -24.72 34.69 69.85
CA GLY A 187 -23.34 34.62 69.44
C GLY A 187 -22.78 35.96 69.03
N GLU A 188 -21.58 36.28 69.49
CA GLU A 188 -20.96 37.56 69.20
C GLU A 188 -19.45 37.42 69.29
N LYS A 189 -18.74 38.43 68.76
CA LYS A 189 -17.29 38.45 68.78
C LYS A 189 -16.83 39.88 68.61
N ASN A 190 -15.60 40.15 69.07
CA ASN A 190 -15.03 41.48 69.00
C ASN A 190 -13.53 41.37 68.75
N PHE A 191 -12.99 42.37 68.06
CA PHE A 191 -11.56 42.41 67.76
C PHE A 191 -11.10 43.86 67.73
N ARG A 192 -9.83 44.07 68.07
CA ARG A 192 -9.26 45.41 68.09
C ARG A 192 -7.78 45.33 67.75
N THR A 193 -7.23 46.45 67.29
CA THR A 193 -5.82 46.53 66.93
C THR A 193 -5.36 47.97 67.05
N GLU A 194 -4.04 48.14 67.14
CA GLU A 194 -3.45 49.47 67.27
C GLU A 194 -1.99 49.40 66.87
N HIS A 195 -1.44 50.56 66.55
CA HIS A 195 -0.04 50.69 66.16
C HIS A 195 0.51 52.02 66.64
N TYR A 196 1.72 51.99 67.20
CA TYR A 196 2.39 53.18 67.69
C TYR A 196 3.73 53.34 66.96
N GLU A 197 4.14 54.58 66.75
CA GLU A 197 5.40 54.87 66.08
C GLU A 197 6.05 56.09 66.70
N GLU A 198 7.36 56.02 66.88
CA GLU A 198 8.13 57.12 67.44
C GLU A 198 9.50 57.14 66.78
N GLN A 199 9.96 58.33 66.39
CA GLN A 199 11.24 58.49 65.73
C GLN A 199 11.81 59.87 66.04
N ILE A 200 13.12 59.93 66.26
CA ILE A 200 13.80 61.19 66.52
C ILE A 200 15.21 61.09 65.94
N GLU A 201 15.70 62.20 65.40
CA GLU A 201 17.03 62.28 64.83
C GLU A 201 17.63 63.65 65.12
N ALA A 202 18.94 63.69 65.37
CA ALA A 202 19.63 64.94 65.67
C ALA A 202 21.05 64.86 65.13
N PHE A 203 21.43 65.85 64.33
CA PHE A 203 22.77 65.94 63.76
C PHE A 203 23.43 67.24 64.23
N LYS A 204 24.71 67.16 64.56
CA LYS A 204 25.48 68.31 65.01
C LYS A 204 26.89 68.24 64.43
N SER A 205 27.39 69.39 63.98
CA SER A 205 28.73 69.48 63.42
C SER A 205 29.31 70.85 63.73
N ILE A 206 30.54 70.86 64.26
CA ILE A 206 31.23 72.09 64.61
C ILE A 206 32.67 72.00 64.11
N ILE A 207 33.13 73.05 63.45
CA ILE A 207 34.49 73.10 62.90
C ILE A 207 35.10 74.46 63.22
N GLN A 208 36.40 74.47 63.51
CA GLN A 208 37.13 75.68 63.85
C GLN A 208 38.44 75.71 63.07
N GLU A 209 38.84 76.91 62.65
CA GLU A 209 40.08 77.09 61.91
C GLU A 209 40.68 78.43 62.29
N LYS A 210 41.99 78.45 62.54
CA LYS A 210 42.69 79.66 62.92
C LYS A 210 44.08 79.66 62.30
N THR A 211 44.54 80.85 61.90
CA THR A 211 45.84 81.03 61.28
C THR A 211 46.61 82.11 62.02
N SER A 212 47.91 81.89 62.19
CA SER A 212 48.77 82.87 62.88
C SER A 212 50.11 82.92 62.16
N ASN A 213 50.49 84.10 61.70
CA ASN A 213 51.75 84.32 61.00
C ASN A 213 52.32 85.67 61.40
N PHE A 214 53.64 85.72 61.59
CA PHE A 214 54.31 86.94 62.01
C PHE A 214 55.64 87.06 61.28
N ASN A 215 56.01 88.31 60.98
CA ASN A 215 57.27 88.62 60.34
C ASN A 215 58.00 89.69 61.15
N ALA A 216 59.33 89.63 61.12
CA ALA A 216 60.15 90.62 61.82
C ALA A 216 61.51 90.69 61.13
N ALA A 217 61.71 91.74 60.34
CA ALA A 217 62.96 91.95 59.61
C ALA A 217 63.48 93.34 59.92
N ILE A 218 64.71 93.41 60.43
CA ILE A 218 65.37 94.68 60.74
C ILE A 218 66.85 94.53 60.43
N SER A 219 67.40 95.51 59.71
CA SER A 219 68.79 95.49 59.30
C SER A 219 69.47 96.80 59.67
N LEU A 220 70.78 96.72 59.94
CA LEU A 220 71.57 97.88 60.32
C LEU A 220 72.86 97.90 59.53
N LYS A 221 73.24 99.09 59.06
CA LYS A 221 74.47 99.28 58.30
C LYS A 221 75.10 100.60 58.71
N PHE A 222 76.41 100.59 58.94
CA PHE A 222 77.14 101.78 59.36
C PHE A 222 78.50 101.81 58.68
N THR A 223 78.81 102.93 58.03
CA THR A 223 80.10 103.12 57.38
C THR A 223 80.43 104.61 57.33
N PRO A 224 81.36 105.08 58.18
CA PRO A 224 81.78 106.49 58.19
C PRO A 224 82.74 106.82 57.05
N SER A 242 89.69 102.75 58.44
CA SER A 242 88.47 102.24 57.82
C SER A 242 87.56 101.60 58.86
N LEU A 243 86.25 101.82 58.71
CA LEU A 243 85.26 101.29 59.62
C LEU A 243 84.01 100.90 58.84
N HIS A 244 83.50 99.70 59.11
CA HIS A 244 82.32 99.20 58.42
C HIS A 244 81.45 98.43 59.42
N GLY A 245 80.14 98.45 59.17
CA GLY A 245 79.20 97.74 60.00
C GLY A 245 77.99 97.23 59.23
N LYS A 246 77.59 95.99 59.49
CA LYS A 246 76.46 95.39 58.80
C LYS A 246 75.79 94.37 59.70
N GLY A 247 74.48 94.43 59.78
CA GLY A 247 73.71 93.48 60.57
C GLY A 247 72.33 93.30 59.98
N SER A 248 71.80 92.09 60.10
CA SER A 248 70.49 91.77 59.54
C SER A 248 69.78 90.77 60.44
N PHE A 249 68.54 91.08 60.80
CA PHE A 249 67.71 90.21 61.62
C PHE A 249 66.52 89.71 60.79
N ARG A 250 66.18 88.44 60.96
CA ARG A 250 65.03 87.85 60.27
C ARG A 250 64.27 86.96 61.24
N PHE A 251 62.95 86.89 61.06
CA PHE A 251 62.09 86.14 61.96
C PHE A 251 60.85 85.70 61.21
N SER A 252 60.33 84.52 61.57
CA SER A 252 59.14 83.98 60.94
C SER A 252 58.30 83.28 61.99
N TYR A 253 57.03 83.05 61.65
CA TYR A 253 56.11 82.38 62.56
C TYR A 253 54.98 81.75 61.76
N SER A 254 54.59 80.54 62.16
CA SER A 254 53.50 79.83 61.51
C SER A 254 52.75 79.03 62.57
N LYS A 255 51.42 79.00 62.46
CA LYS A 255 50.60 78.30 63.44
C LYS A 255 49.23 78.02 62.85
N ASN A 256 48.78 76.77 62.99
CA ASN A 256 47.42 76.35 62.67
C ASN A 256 46.91 75.41 63.75
N GLU A 257 45.71 75.68 64.25
CA GLU A 257 45.06 74.86 65.26
C GLU A 257 43.62 74.60 64.82
N THR A 258 43.39 73.47 64.17
CA THR A 258 42.10 73.15 63.58
C THR A 258 41.32 72.23 64.53
N TYR A 259 40.06 72.59 64.78
CA TYR A 259 39.16 71.82 65.62
C TYR A 259 37.98 71.33 64.80
N GLN A 260 37.52 70.12 65.11
CA GLN A 260 36.38 69.53 64.42
C GLN A 260 35.54 68.74 65.41
N LEU A 261 34.22 68.90 65.31
CA LEU A 261 33.29 68.22 66.20
C LEU A 261 32.13 67.66 65.39
N PHE A 262 31.65 66.49 65.78
CA PHE A 262 30.53 65.85 65.11
C PHE A 262 29.72 65.08 66.14
N LEU A 263 28.39 65.21 66.07
CA LEU A 263 27.49 64.55 67.00
C LEU A 263 26.25 64.09 66.24
N SER A 264 25.79 62.88 66.55
CA SER A 264 24.61 62.31 65.93
C SER A 264 23.83 61.51 66.97
N TYR A 265 22.51 61.60 66.90
CA TYR A 265 21.64 60.89 67.83
C TYR A 265 20.36 60.50 67.12
N SER A 266 19.93 59.26 67.32
CA SER A 266 18.72 58.74 66.69
C SER A 266 18.11 57.68 67.57
N SER A 267 16.78 57.71 67.69
CA SER A 267 16.06 56.73 68.50
C SER A 267 14.70 56.47 67.86
N LYS A 268 14.30 55.20 67.85
CA LYS A 268 13.03 54.77 67.27
C LYS A 268 12.32 53.85 68.24
N LYS A 269 11.01 54.03 68.38
CA LYS A 269 10.19 53.22 69.27
C LYS A 269 8.90 52.84 68.57
N GLU A 270 8.46 51.61 68.79
CA GLU A 270 7.23 51.09 68.19
C GLU A 270 6.51 50.22 69.21
N LYS A 271 5.18 50.30 69.22
CA LYS A 271 4.37 49.53 70.14
C LYS A 271 3.10 49.06 69.42
N MET A 272 2.71 47.81 69.66
CA MET A 272 1.53 47.24 69.04
C MET A 272 0.72 46.51 70.10
N PHE A 273 -0.60 46.74 70.09
CA PHE A 273 -1.51 46.09 71.03
C PHE A 273 -2.76 45.68 70.29
N LEU A 274 -3.10 44.39 70.35
CA LEU A 274 -4.27 43.86 69.66
C LEU A 274 -4.74 42.61 70.37
N HIS A 275 -6.06 42.45 70.45
CA HIS A 275 -6.65 41.29 71.10
C HIS A 275 -8.02 41.04 70.51
N VAL A 276 -8.53 39.83 70.73
CA VAL A 276 -9.85 39.43 70.23
C VAL A 276 -10.50 38.52 71.26
N LYS A 277 -11.83 38.55 71.29
CA LYS A 277 -12.59 37.73 72.22
C LYS A 277 -13.90 37.33 71.59
N GLY A 278 -14.32 36.09 71.83
CA GLY A 278 -15.57 35.59 71.29
C GLY A 278 -16.30 34.69 72.27
N GLU A 279 -17.63 34.81 72.31
CA GLU A 279 -18.45 34.02 73.24
C GLU A 279 -19.64 33.46 72.48
N ILE A 280 -19.74 32.14 72.43
CA ILE A 280 -20.86 31.45 71.79
C ILE A 280 -21.82 31.04 72.91
N HIS A 281 -22.88 31.83 73.08
CA HIS A 281 -23.88 31.54 74.10
C HIS A 281 -24.74 30.35 73.67
N LEU A 282 -25.06 29.49 74.65
CA LEU A 282 -25.84 28.29 74.39
C LEU A 282 -27.21 28.34 75.05
N GLY A 283 -27.27 28.55 76.36
CA GLY A 283 -28.53 28.58 77.07
C GLY A 283 -28.44 29.42 78.32
N ARG A 284 -29.61 29.80 78.83
CA ARG A 284 -29.70 30.68 79.99
C ARG A 284 -30.81 30.19 80.90
N PHE A 285 -30.59 30.30 82.21
CA PHE A 285 -31.55 29.87 83.21
C PHE A 285 -31.60 30.89 84.34
N VAL A 286 -32.70 30.89 85.08
CA VAL A 286 -32.89 31.75 86.24
C VAL A 286 -33.48 30.88 87.35
N MET A 287 -32.70 30.68 88.42
CA MET A 287 -33.18 29.90 89.55
C MET A 287 -34.26 30.68 90.31
N ARG A 288 -35.31 29.96 90.70
CA ARG A 288 -36.35 30.57 91.52
C ARG A 288 -35.78 30.98 92.87
N ASN A 289 -36.04 32.23 93.27
CA ASN A 289 -35.39 32.77 94.46
C ASN A 289 -35.95 32.15 95.74
N ARG A 290 -37.27 32.19 95.91
CA ARG A 290 -37.92 31.65 97.08
C ARG A 290 -38.84 30.50 96.69
N ASP A 291 -39.29 29.76 97.70
CA ASP A 291 -40.15 28.59 97.52
C ASP A 291 -39.46 27.54 96.64
N VAL A 292 -38.23 27.21 97.01
CA VAL A 292 -37.42 26.25 96.27
C VAL A 292 -37.04 25.11 97.21
N VAL A 293 -36.89 23.92 96.65
CA VAL A 293 -36.55 22.73 97.42
C VAL A 293 -35.04 22.57 97.43
N LEU A 294 -34.53 21.90 98.47
CA LEU A 294 -33.11 21.70 98.68
C LEU A 294 -32.82 20.20 98.75
N THR A 295 -31.52 19.87 98.67
CA THR A 295 -31.08 18.48 98.71
C THR A 295 -30.93 18.01 100.15
N THR A 296 -31.03 16.70 100.34
CA THR A 296 -30.93 16.13 101.68
C THR A 296 -29.54 16.31 102.29
N THR A 297 -28.50 16.48 101.47
CA THR A 297 -27.16 16.67 102.01
C THR A 297 -27.01 18.07 102.60
N PHE A 298 -27.50 19.08 101.88
CA PHE A 298 -27.37 20.45 102.37
C PHE A 298 -28.29 20.71 103.56
N VAL A 299 -29.51 20.16 103.52
CA VAL A 299 -30.44 20.35 104.63
C VAL A 299 -29.88 19.72 105.91
N ASP A 300 -29.28 18.53 105.79
CA ASP A 300 -28.66 17.91 106.96
C ASP A 300 -27.52 18.75 107.50
N ASP A 301 -26.79 19.44 106.63
CA ASP A 301 -25.74 20.34 107.10
C ASP A 301 -26.32 21.55 107.81
N ILE A 302 -27.43 22.10 107.30
CA ILE A 302 -28.08 23.22 107.97
C ILE A 302 -28.76 22.74 109.24
N LYS A 303 -29.27 21.51 109.26
CA LYS A 303 -29.86 20.97 110.48
C LYS A 303 -28.79 20.70 111.53
N ALA A 304 -27.68 20.07 111.13
CA ALA A 304 -26.53 19.88 112.01
C ALA A 304 -25.57 21.06 111.86
N LEU A 305 -26.01 22.19 112.39
CA LEU A 305 -25.29 23.45 112.26
C LEU A 305 -25.37 24.19 113.60
N PRO A 306 -24.27 24.80 114.04
CA PRO A 306 -24.30 25.52 115.33
C PRO A 306 -25.11 26.80 115.25
N THR A 307 -25.26 27.48 116.39
CA THR A 307 -26.03 28.72 116.44
C THR A 307 -25.38 29.78 117.33
N THR A 308 -24.14 29.58 117.76
CA THR A 308 -23.45 30.50 118.66
C THR A 308 -22.25 31.14 117.95
N TYR A 309 -22.41 31.42 116.66
CA TYR A 309 -21.37 32.06 115.85
C TYR A 309 -20.06 31.24 115.88
N GLU A 310 -20.14 30.03 115.34
CA GLU A 310 -18.97 29.16 115.22
C GLU A 310 -18.27 29.50 113.90
N LYS A 311 -17.35 30.46 113.97
CA LYS A 311 -16.62 30.88 112.77
C LYS A 311 -15.78 29.74 112.21
N GLY A 312 -15.29 28.84 113.07
CA GLY A 312 -14.46 27.75 112.59
C GLY A 312 -15.22 26.82 111.66
N GLU A 313 -16.40 26.38 112.08
CA GLU A 313 -17.19 25.49 111.22
C GLU A 313 -17.80 26.25 110.06
N TYR A 314 -18.21 27.50 110.28
CA TYR A 314 -18.79 28.29 109.19
C TYR A 314 -17.78 28.53 108.09
N PHE A 315 -16.53 28.83 108.44
CA PHE A 315 -15.48 28.94 107.44
C PHE A 315 -15.24 27.60 106.75
N ALA A 316 -15.37 26.49 107.50
CA ALA A 316 -15.28 25.17 106.88
C ALA A 316 -16.51 24.89 106.02
N PHE A 317 -17.69 25.21 106.54
CA PHE A 317 -18.91 25.04 105.75
C PHE A 317 -18.92 25.97 104.54
N LEU A 318 -18.21 27.10 104.63
CA LEU A 318 -18.19 28.05 103.52
C LEU A 318 -17.47 27.49 102.30
N GLU A 319 -16.38 26.75 102.53
CA GLU A 319 -15.64 26.16 101.42
C GLU A 319 -16.39 25.00 100.79
N THR A 320 -17.26 24.34 101.55
CA THR A 320 -17.93 23.16 101.04
C THR A 320 -18.95 23.51 99.95
N TYR A 321 -19.74 24.56 100.16
CA TYR A 321 -20.78 24.94 99.23
C TYR A 321 -20.57 26.35 98.67
N GLY A 322 -19.35 26.88 98.74
CA GLY A 322 -19.08 28.21 98.24
C GLY A 322 -19.62 29.29 99.16
N THR A 323 -19.37 30.54 98.78
CA THR A 323 -19.82 31.69 99.54
C THR A 323 -21.20 32.17 99.12
N HIS A 324 -21.48 32.20 97.83
CA HIS A 324 -22.76 32.66 97.31
C HIS A 324 -23.09 31.89 96.04
N TYR A 325 -24.37 31.57 95.86
CA TYR A 325 -24.79 30.76 94.73
C TYR A 325 -25.18 31.66 93.55
N SER A 326 -25.50 31.03 92.43
CA SER A 326 -25.86 31.74 91.20
C SER A 326 -27.37 31.81 91.09
N SER A 327 -27.91 33.03 91.01
CA SER A 327 -29.33 33.21 90.77
C SER A 327 -29.69 32.98 89.30
N SER A 328 -28.79 33.32 88.39
CA SER A 328 -29.00 33.11 86.97
C SER A 328 -27.66 32.90 86.28
N GLY A 329 -27.58 31.88 85.45
CA GLY A 329 -26.35 31.58 84.73
C GLY A 329 -26.49 31.66 83.23
N SER A 330 -25.45 31.25 82.50
CA SER A 330 -25.47 31.26 81.05
C SER A 330 -24.58 30.13 80.57
N LEU A 331 -25.19 29.00 80.21
CA LEU A 331 -24.43 27.85 79.74
C LEU A 331 -23.87 28.13 78.35
N GLY A 332 -22.68 27.60 78.09
CA GLY A 332 -22.02 27.81 76.81
C GLY A 332 -20.52 27.67 76.87
N GLY A 333 -19.81 28.68 76.38
CA GLY A 333 -18.35 28.67 76.36
C GLY A 333 -17.79 29.83 75.57
N LEU A 334 -16.64 30.34 75.99
CA LEU A 334 -16.02 31.49 75.34
C LEU A 334 -14.52 31.25 75.18
N TYR A 335 -13.94 31.95 74.22
CA TYR A 335 -12.50 31.92 73.98
C TYR A 335 -11.98 33.34 73.85
N GLU A 336 -10.69 33.52 74.14
CA GLU A 336 -10.08 34.83 74.09
C GLU A 336 -8.64 34.69 73.62
N LEU A 337 -8.14 35.75 72.97
CA LEU A 337 -6.77 35.82 72.51
C LEU A 337 -6.23 37.21 72.75
N ILE A 338 -5.01 37.28 73.30
CA ILE A 338 -4.37 38.54 73.64
C ILE A 338 -2.93 38.52 73.11
N TYR A 339 -2.54 39.60 72.45
CA TYR A 339 -1.20 39.72 71.90
C TYR A 339 -0.65 41.12 72.20
N VAL A 340 0.64 41.19 72.50
CA VAL A 340 1.30 42.44 72.82
C VAL A 340 2.63 42.51 72.08
N LEU A 341 3.10 43.73 71.83
CA LEU A 341 4.36 43.94 71.13
C LEU A 341 4.91 45.30 71.51
N ASP A 342 6.22 45.36 71.75
CA ASP A 342 6.90 46.60 72.09
C ASP A 342 8.27 46.61 71.46
N LYS A 343 8.66 47.76 70.91
CA LYS A 343 9.93 47.93 70.23
C LYS A 343 10.59 49.22 70.69
N ALA A 344 11.91 49.18 70.89
CA ALA A 344 12.66 50.34 71.32
C ALA A 344 14.04 50.29 70.70
N SER A 345 14.55 51.46 70.29
CA SER A 345 15.87 51.56 69.68
C SER A 345 16.49 52.89 70.05
N MET A 346 17.81 52.88 70.25
CA MET A 346 18.55 54.09 70.60
C MET A 346 19.91 54.06 69.93
N LYS A 347 20.31 55.17 69.32
CA LYS A 347 21.59 55.30 68.65
C LYS A 347 22.17 56.67 68.91
N ARG A 348 23.48 56.72 69.17
CA ARG A 348 24.17 57.97 69.43
C ARG A 348 25.58 57.88 68.86
N LYS A 349 25.97 58.93 68.12
CA LYS A 349 27.27 58.97 67.47
C LYS A 349 27.96 60.30 67.78
N GLY A 350 29.21 60.23 68.18
CA GLY A 350 30.01 61.43 68.42
C GLY A 350 31.42 61.29 67.89
N VAL A 351 31.85 62.26 67.08
CA VAL A 351 33.16 62.23 66.46
C VAL A 351 33.88 63.54 66.79
N GLU A 352 35.12 63.43 67.26
CA GLU A 352 35.93 64.59 67.60
C GLU A 352 37.29 64.47 66.94
N LEU A 353 37.75 65.54 66.30
CA LEU A 353 39.05 65.58 65.66
C LEU A 353 39.74 66.87 66.03
N LYS A 354 41.01 66.79 66.43
CA LYS A 354 41.78 67.95 66.85
C LYS A 354 43.18 67.86 66.25
N ASP A 355 43.60 68.93 65.58
CA ASP A 355 44.94 69.00 64.99
C ASP A 355 45.50 70.38 65.25
N ILE A 356 46.75 70.43 65.73
CA ILE A 356 47.44 71.68 66.03
C ILE A 356 48.81 71.63 65.37
N LYS A 357 49.14 72.67 64.62
CA LYS A 357 50.44 72.79 63.97
C LYS A 357 50.96 74.19 64.20
N ARG A 358 52.24 74.30 64.55
CA ARG A 358 52.86 75.59 64.81
C ARG A 358 54.37 75.45 64.69
N CYS A 359 54.99 76.32 63.89
CA CYS A 359 56.42 76.28 63.67
C CYS A 359 57.01 77.69 63.82
N LEU A 360 58.31 77.74 64.12
CA LEU A 360 59.02 78.98 64.36
C LEU A 360 60.25 79.06 63.47
N GLY A 361 60.58 80.27 63.03
CA GLY A 361 61.74 80.49 62.19
C GLY A 361 62.53 81.74 62.58
N TYR A 362 63.86 81.65 62.56
CA TYR A 362 64.72 82.76 62.92
C TYR A 362 66.00 82.70 62.11
N HIS A 363 66.44 83.86 61.64
CA HIS A 363 67.66 83.98 60.85
C HIS A 363 68.44 85.20 61.32
N LEU A 364 69.74 85.01 61.57
CA LEU A 364 70.64 86.07 62.01
C LEU A 364 71.91 86.01 61.17
N ASP A 365 72.30 87.15 60.60
CA ASP A 365 73.52 87.25 59.80
C ASP A 365 74.17 88.60 60.06
N VAL A 366 75.43 88.57 60.50
CA VAL A 366 76.19 89.77 60.80
C VAL A 366 77.54 89.66 60.10
N SER A 367 77.94 90.72 59.40
CA SER A 367 79.22 90.75 58.70
C SER A 367 79.92 92.07 59.00
N LEU A 368 81.20 91.99 59.36
CA LEU A 368 81.99 93.15 59.70
C LEU A 368 83.29 93.13 58.91
N ALA A 369 83.74 94.32 58.50
CA ALA A 369 84.98 94.47 57.75
C ALA A 369 85.72 95.69 58.27
N PHE A 370 87.04 95.57 58.39
CA PHE A 370 87.86 96.68 58.88
C PHE A 370 89.16 96.79 58.10
N SER A 371 95.92 97.41 55.92
CA SER A 371 95.19 96.70 56.97
C SER A 371 93.87 96.14 56.44
N GLU A 372 93.63 94.86 56.69
CA GLU A 372 92.42 94.19 56.25
C GLU A 372 91.92 93.28 57.35
N ILE A 373 90.64 93.42 57.71
CA ILE A 373 90.01 92.59 58.73
C ILE A 373 88.63 92.18 58.21
N SER A 374 88.29 90.91 58.39
CA SER A 374 87.00 90.37 57.97
C SER A 374 86.38 89.59 59.11
N VAL A 375 85.13 89.91 59.44
CA VAL A 375 84.40 89.26 60.52
C VAL A 375 83.02 88.89 60.01
N GLY A 376 82.60 87.66 60.26
CA GLY A 376 81.30 87.19 59.83
C GLY A 376 80.58 86.46 60.94
N ALA A 377 79.26 86.42 60.84
CA ALA A 377 78.43 85.74 61.82
C ALA A 377 77.12 85.32 61.16
N GLU A 378 76.69 84.09 61.43
CA GLU A 378 75.45 83.57 60.88
C GLU A 378 74.82 82.61 61.90
N PHE A 379 73.66 83.00 62.42
CA PHE A 379 72.92 82.19 63.38
C PHE A 379 71.51 81.97 62.84
N ASN A 380 71.11 80.70 62.74
CA ASN A 380 69.80 80.35 62.21
C ASN A 380 69.11 79.37 63.16
N LYS A 381 67.83 79.60 63.42
CA LYS A 381 67.05 78.77 64.32
C LYS A 381 65.76 78.36 63.63
N ASP A 382 65.42 77.06 63.76
CA ASP A 382 64.20 76.52 63.17
C ASP A 382 63.62 75.48 64.13
N ASP A 383 62.33 75.61 64.40
CA ASP A 383 61.65 74.69 65.32
C ASP A 383 60.18 74.64 64.98
N CYS A 384 59.66 73.44 64.72
CA CYS A 384 58.26 73.23 64.39
C CYS A 384 57.64 72.29 65.42
N VAL A 385 56.33 72.43 65.61
CA VAL A 385 55.58 71.61 66.55
C VAL A 385 54.28 71.16 65.88
N LYS A 386 53.94 69.89 66.05
CA LYS A 386 52.72 69.31 65.50
C LYS A 386 52.00 68.51 66.57
N ARG A 387 50.67 68.63 66.60
CA ARG A 387 49.84 67.93 67.58
C ARG A 387 48.57 67.43 66.91
N GLY A 388 48.11 66.27 67.34
CA GLY A 388 46.90 65.67 66.79
C GLY A 388 46.10 64.90 67.81
N GLU A 389 44.77 64.96 67.69
CA GLU A 389 43.89 64.26 68.62
C GLU A 389 42.63 63.83 67.89
N GLY A 390 42.16 62.62 68.18
CA GLY A 390 40.94 62.11 67.59
C GLY A 390 40.10 61.32 68.57
N ARG A 391 38.77 61.45 68.47
CA ARG A 391 37.86 60.76 69.37
C ARG A 391 36.62 60.33 68.59
N ALA A 392 36.08 59.17 68.95
CA ALA A 392 34.88 58.64 68.31
C ALA A 392 34.01 57.96 69.35
N VAL A 393 32.68 58.09 69.18
CA VAL A 393 31.71 57.48 70.07
C VAL A 393 30.61 56.87 69.20
N ASN A 394 30.40 55.56 69.32
CA ASN A 394 29.43 54.84 68.50
C ASN A 394 28.75 53.81 69.39
N ILE A 395 27.49 54.10 69.76
CA ILE A 395 26.76 53.27 70.71
C ILE A 395 25.34 53.04 70.16
N THR A 396 24.98 51.77 69.98
CA THR A 396 23.65 51.39 69.52
C THR A 396 22.96 50.54 70.59
N SER A 397 21.68 50.81 70.81
CA SER A 397 20.89 50.07 71.79
C SER A 397 19.51 49.80 71.22
N GLU A 398 19.02 48.57 71.41
CA GLU A 398 17.72 48.17 70.90
C GLU A 398 17.06 47.23 71.89
N ASN A 399 15.75 47.39 72.07
CA ASN A 399 14.96 46.57 72.98
C ASN A 399 13.70 46.10 72.28
N LEU A 400 13.35 44.83 72.49
CA LEU A 400 12.18 44.21 71.88
C LEU A 400 11.41 43.44 72.94
N ILE A 401 10.09 43.63 72.96
CA ILE A 401 9.22 42.97 73.92
C ILE A 401 7.98 42.47 73.19
N ASP A 402 7.63 41.20 73.39
CA ASP A 402 6.45 40.61 72.76
C ASP A 402 5.80 39.64 73.74
N ASP A 403 4.48 39.72 73.86
CA ASP A 403 3.72 38.87 74.76
C ASP A 403 2.47 38.36 74.04
N VAL A 404 2.14 37.10 74.27
CA VAL A 404 0.97 36.47 73.66
C VAL A 404 0.30 35.57 74.69
N VAL A 405 -1.02 35.58 74.72
CA VAL A 405 -1.79 34.76 75.64
C VAL A 405 -3.15 34.46 75.01
N SER A 406 -3.71 33.31 75.37
CA SER A 406 -5.01 32.91 74.83
C SER A 406 -5.65 31.92 75.80
N LEU A 407 -6.95 31.72 75.63
CA LEU A 407 -7.70 30.80 76.48
C LEU A 407 -8.93 30.32 75.72
N ILE A 408 -9.42 29.14 76.12
CA ILE A 408 -10.60 28.55 75.50
C ILE A 408 -11.17 27.53 76.48
N ARG A 409 -12.47 27.25 76.35
CA ARG A 409 -13.14 26.30 77.23
C ARG A 409 -14.46 25.90 76.60
N GLY A 410 -14.96 24.74 77.03
CA GLY A 410 -16.25 24.25 76.58
C GLY A 410 -16.13 23.22 75.47
N GLY A 411 -17.21 22.47 75.28
CA GLY A 411 -17.27 21.46 74.24
C GLY A 411 -16.46 20.22 74.54
N THR A 412 -16.57 19.20 73.69
CA THR A 412 -15.76 18.00 73.87
C THR A 412 -14.29 18.32 73.63
N ARG A 413 -13.43 17.50 74.26
CA ARG A 413 -12.00 17.80 74.23
C ARG A 413 -11.40 17.63 72.83
N LYS A 414 -12.01 16.78 72.00
CA LYS A 414 -11.50 16.58 70.65
C LYS A 414 -11.69 17.84 69.80
N TYR A 415 -12.93 18.31 69.70
CA TYR A 415 -13.21 19.45 68.82
C TYR A 415 -12.73 20.76 69.40
N ALA A 416 -12.66 20.86 70.73
CA ALA A 416 -12.29 22.13 71.36
C ALA A 416 -10.83 22.48 71.07
N PHE A 417 -9.92 21.53 71.29
CA PHE A 417 -8.50 21.81 71.10
C PHE A 417 -8.06 21.68 69.65
N GLU A 418 -8.85 21.03 68.80
CA GLU A 418 -8.61 21.12 67.36
C GLU A 418 -8.82 22.54 66.88
N LEU A 419 -9.77 23.26 67.48
CA LEU A 419 -9.93 24.68 67.20
C LEU A 419 -8.79 25.49 67.80
N LYS A 420 -8.27 25.05 68.94
CA LYS A 420 -7.21 25.79 69.62
C LYS A 420 -5.91 25.76 68.81
N GLU A 421 -5.56 24.59 68.27
CA GLU A 421 -4.31 24.48 67.53
C GLU A 421 -4.35 25.25 66.22
N LYS A 422 -5.51 25.31 65.56
CA LYS A 422 -5.61 25.98 64.28
C LYS A 422 -5.83 27.48 64.41
N LEU A 423 -6.32 27.95 65.56
CA LEU A 423 -6.51 29.38 65.75
C LEU A 423 -5.18 30.07 66.04
N LEU A 424 -4.30 29.43 66.80
CA LEU A 424 -3.02 30.01 67.19
C LEU A 424 -2.07 29.93 65.99
N ARG A 425 -1.86 31.08 65.34
CA ARG A 425 -0.91 31.22 64.23
C ARG A 425 -1.23 30.29 63.07
N GLY A 426 -2.47 29.82 62.96
CA GLY A 426 -2.85 28.96 61.86
C GLY A 426 -3.09 29.72 60.57
N THR A 427 -3.72 30.89 60.68
CA THR A 427 -4.03 31.81 59.59
C THR A 427 -5.00 31.23 58.57
N VAL A 428 -5.52 30.03 58.78
CA VAL A 428 -6.46 29.39 57.87
C VAL A 428 -7.65 28.95 58.70
N ILE A 429 -8.69 29.78 58.77
CA ILE A 429 -9.89 29.45 59.51
C ILE A 429 -10.72 28.47 58.69
N ASP A 430 -11.04 27.32 59.29
CA ASP A 430 -11.80 26.28 58.62
C ASP A 430 -13.29 26.49 58.81
N VAL A 431 -14.08 25.90 57.92
CA VAL A 431 -15.53 25.99 58.01
C VAL A 431 -16.12 24.84 58.81
N THR A 432 -15.50 23.65 58.75
CA THR A 432 -16.07 22.48 59.41
C THR A 432 -15.79 22.45 60.91
N ASP A 433 -14.65 23.00 61.34
CA ASP A 433 -14.31 22.94 62.76
C ASP A 433 -15.23 23.83 63.59
N PHE A 434 -15.65 24.97 63.04
CA PHE A 434 -16.60 25.82 63.75
C PHE A 434 -17.96 25.16 63.85
N VAL A 435 -18.39 24.48 62.79
CA VAL A 435 -19.65 23.73 62.85
C VAL A 435 -19.52 22.56 63.82
N ASN A 436 -18.37 21.89 63.82
CA ASN A 436 -18.12 20.85 64.81
C ASN A 436 -18.09 21.43 66.22
N TRP A 437 -17.50 22.62 66.37
CA TRP A 437 -17.51 23.31 67.65
C TRP A 437 -18.93 23.63 68.11
N ALA A 438 -19.83 23.89 67.17
CA ALA A 438 -21.23 24.14 67.52
C ALA A 438 -21.86 22.90 68.14
N SER A 439 -21.68 21.74 67.49
CA SER A 439 -22.20 20.50 68.05
C SER A 439 -21.40 20.05 69.27
N SER A 440 -20.12 20.42 69.34
CA SER A 440 -19.30 20.03 70.48
C SER A 440 -19.75 20.73 71.75
N ILE A 441 -19.98 22.04 71.67
CA ILE A 441 -20.39 22.79 72.85
C ILE A 441 -21.79 22.42 73.31
N ASN A 442 -22.61 21.84 72.42
CA ASN A 442 -23.95 21.42 72.81
C ASN A 442 -23.91 20.29 73.83
N ASP A 443 -22.87 19.47 73.80
CA ASP A 443 -22.79 18.33 74.71
C ASP A 443 -22.29 18.75 76.09
N ALA A 444 -21.22 19.54 76.15
CA ALA A 444 -20.62 19.97 77.41
C ALA A 444 -20.45 21.48 77.41
N PRO A 445 -21.44 22.22 77.90
CA PRO A 445 -21.32 23.68 77.98
C PRO A 445 -20.63 24.14 79.26
N VAL A 446 -20.51 25.46 79.44
CA VAL A 446 -19.89 26.03 80.62
C VAL A 446 -20.42 27.44 80.81
N LEU A 447 -20.27 27.98 82.01
CA LEU A 447 -20.81 29.30 82.34
C LEU A 447 -20.14 30.39 81.51
N ILE A 448 -20.94 31.40 81.16
CA ILE A 448 -20.44 32.58 80.46
C ILE A 448 -20.75 33.81 81.31
N SER A 449 -22.04 34.06 81.52
CA SER A 449 -22.51 35.15 82.37
C SER A 449 -23.25 34.55 83.55
N GLN A 450 -22.96 35.06 84.75
CA GLN A 450 -23.47 34.47 85.98
C GLN A 450 -24.01 35.58 86.88
N LYS A 451 -25.32 35.55 87.14
CA LYS A 451 -25.93 36.45 88.11
C LYS A 451 -25.81 35.85 89.49
N LEU A 452 -25.41 36.67 90.46
CA LEU A 452 -25.00 36.19 91.77
C LEU A 452 -26.07 36.49 92.81
N SER A 453 -26.06 35.67 93.87
CA SER A 453 -27.03 35.79 94.96
C SER A 453 -26.44 35.17 96.21
N PRO A 454 -26.59 35.80 97.37
CA PRO A 454 -25.99 35.26 98.59
C PRO A 454 -26.64 33.96 99.03
N ILE A 455 -25.85 33.12 99.72
CA ILE A 455 -26.34 31.82 100.16
C ILE A 455 -27.30 31.97 101.34
N TYR A 456 -27.00 32.90 102.25
CA TYR A 456 -27.83 33.03 103.46
C TYR A 456 -29.27 33.39 103.13
N ASN A 457 -29.54 33.84 101.91
CA ASN A 457 -30.92 34.03 101.47
C ASN A 457 -31.57 32.73 101.00
N LEU A 458 -30.78 31.67 100.82
CA LEU A 458 -31.29 30.39 100.35
C LEU A 458 -31.63 29.43 101.48
N VAL A 459 -31.31 29.78 102.72
CA VAL A 459 -31.60 28.91 103.86
C VAL A 459 -33.10 28.68 103.96
N PRO A 460 -33.57 27.46 104.22
CA PRO A 460 -35.02 27.24 104.30
C PRO A 460 -35.65 27.96 105.49
N VAL A 461 -36.81 28.56 105.24
CA VAL A 461 -37.53 29.32 106.25
C VAL A 461 -38.23 28.36 107.20
N LYS A 462 -38.74 28.90 108.32
CA LYS A 462 -39.51 28.15 109.34
C LYS A 462 -38.82 26.83 109.71
N MET A 463 -37.49 26.87 109.81
CA MET A 463 -36.72 25.73 110.26
C MET A 463 -36.57 25.80 111.79
N LYS A 464 -35.68 24.98 112.34
CA LYS A 464 -35.44 25.00 113.78
C LYS A 464 -34.98 26.37 114.25
N ASN A 465 -33.83 26.82 113.75
CA ASN A 465 -33.25 28.12 114.09
C ASN A 465 -32.79 28.83 112.83
N ALA A 466 -33.67 28.89 111.83
CA ALA A 466 -33.30 29.38 110.51
C ALA A 466 -32.82 30.83 110.56
N HIS A 467 -33.61 31.71 111.16
CA HIS A 467 -33.30 33.15 111.12
C HIS A 467 -31.99 33.46 111.83
N LEU A 468 -31.83 32.92 113.05
CA LEU A 468 -30.61 33.19 113.80
C LEU A 468 -29.38 32.64 113.08
N LYS A 469 -29.53 31.49 112.42
CA LYS A 469 -28.45 30.97 111.59
C LYS A 469 -28.29 31.78 110.31
N LYS A 470 -29.38 32.37 109.80
CA LYS A 470 -29.30 33.18 108.59
C LYS A 470 -28.41 34.40 108.81
N GLN A 471 -28.74 35.20 109.83
CA GLN A 471 -27.90 36.35 110.16
C GLN A 471 -26.50 35.91 110.61
N ASN A 472 -26.40 34.71 111.19
CA ASN A 472 -25.10 34.21 111.61
C ASN A 472 -24.19 33.95 110.40
N LEU A 473 -24.73 33.31 109.37
CA LEU A 473 -23.97 33.16 108.13
C LEU A 473 -23.80 34.48 107.40
N GLU A 474 -24.73 35.41 107.58
CA GLU A 474 -24.58 36.75 107.00
C GLU A 474 -23.37 37.46 107.60
N ARG A 475 -23.16 37.33 108.90
CA ARG A 475 -21.94 37.83 109.51
C ARG A 475 -20.73 37.05 109.04
N ALA A 476 -20.91 35.77 108.70
CA ALA A 476 -19.79 34.96 108.24
C ALA A 476 -19.39 35.32 106.82
N ILE A 477 -20.37 35.46 105.92
CA ILE A 477 -20.06 35.79 104.54
C ILE A 477 -19.46 37.19 104.42
N GLU A 478 -19.86 38.11 105.31
CA GLU A 478 -19.26 39.44 105.32
C GLU A 478 -17.84 39.40 105.85
N ASP A 479 -17.61 38.58 106.89
CA ASP A 479 -16.25 38.45 107.43
C ASP A 479 -15.35 37.66 106.50
N TYR A 480 -15.91 36.64 105.83
CA TYR A 480 -15.10 35.79 104.95
C TYR A 480 -14.43 36.60 103.85
N ILE A 481 -15.21 37.42 103.14
CA ILE A 481 -14.64 38.21 102.05
C ILE A 481 -13.69 39.28 102.60
N ASN A 482 -13.87 39.68 103.86
CA ASN A 482 -13.03 40.70 104.48
C ASN A 482 -11.96 40.12 105.40
N GLU A 483 -11.89 38.80 105.54
CA GLU A 483 -10.88 38.20 106.41
C GLU A 483 -9.54 38.12 105.70
N PHE A 484 -9.47 37.40 104.58
CA PHE A 484 -8.24 37.23 103.82
C PHE A 484 -8.49 37.65 102.38
N SER A 485 -7.61 38.50 101.86
CA SER A 485 -7.70 39.00 100.50
C SER A 485 -6.41 39.77 100.19
N VAL A 486 -6.35 40.32 98.98
CA VAL A 486 -5.21 41.16 98.61
C VAL A 486 -5.18 42.43 99.45
N ARG A 487 -6.34 42.87 99.95
CA ARG A 487 -6.41 44.08 100.76
C ARG A 487 -5.59 43.96 102.03
N LYS A 488 -5.54 42.76 102.62
CA LYS A 488 -4.82 42.56 103.88
C LYS A 488 -3.36 42.18 103.66
N CYS A 489 -3.00 41.73 102.46
CA CYS A 489 -1.62 41.35 102.17
C CYS A 489 -0.78 42.61 101.93
N HIS A 490 0.47 42.43 101.53
CA HIS A 490 1.40 43.53 101.31
C HIS A 490 1.42 43.92 99.84
N THR A 491 1.74 45.19 99.58
CA THR A 491 1.76 45.70 98.22
C THR A 491 3.09 45.41 97.55
N CYS A 492 3.03 45.05 96.26
CA CYS A 492 4.22 44.72 95.49
C CYS A 492 4.89 46.00 95.01
N GLN A 493 5.91 45.86 94.17
CA GLN A 493 6.67 46.99 93.65
C GLN A 493 6.38 47.21 92.17
N ASN A 494 6.62 48.44 91.73
CA ASN A 494 6.46 48.84 90.33
C ASN A 494 5.03 48.59 89.85
N GLY A 495 4.05 48.81 90.73
CA GLY A 495 2.66 48.65 90.36
C GLY A 495 2.28 47.24 89.97
N GLY A 496 2.98 46.24 90.49
CA GLY A 496 2.68 44.86 90.15
C GLY A 496 1.36 44.43 90.75
N THR A 497 0.45 43.94 89.91
CA THR A 497 -0.85 43.47 90.40
C THR A 497 -0.66 42.27 91.30
N VAL A 498 -1.10 42.39 92.55
CA VAL A 498 -0.93 41.36 93.56
C VAL A 498 -2.10 40.39 93.50
N ILE A 499 -1.80 39.09 93.49
CA ILE A 499 -2.80 38.05 93.49
C ILE A 499 -2.63 37.21 94.74
N LEU A 500 -3.58 36.30 94.96
CA LEU A 500 -3.57 35.41 96.12
C LEU A 500 -4.03 34.02 95.65
N MET A 501 -3.10 33.08 95.60
CA MET A 501 -3.37 31.71 95.16
C MET A 501 -3.02 30.75 96.29
N ASP A 502 -3.98 30.53 97.19
CA ASP A 502 -3.83 29.58 98.29
C ASP A 502 -2.59 29.87 99.13
N GLY A 503 -2.60 31.05 99.75
CA GLY A 503 -1.53 31.48 100.63
C GLY A 503 -0.42 32.25 99.97
N LYS A 504 0.03 31.81 98.79
CA LYS A 504 1.10 32.47 98.06
C LYS A 504 0.61 33.83 97.57
N CYS A 505 1.08 34.90 98.22
CA CYS A 505 0.67 36.25 97.87
C CYS A 505 1.65 36.86 96.86
N LEU A 506 1.71 36.24 95.69
CA LEU A 506 2.59 36.70 94.64
C LEU A 506 1.99 37.91 93.92
N CYS A 507 2.85 38.65 93.22
CA CYS A 507 2.45 39.84 92.48
C CYS A 507 2.89 39.68 91.03
N ALA A 508 1.94 39.85 90.10
CA ALA A 508 2.25 39.78 88.69
C ALA A 508 3.02 41.02 88.26
N CYS A 509 4.25 40.84 87.82
CA CYS A 509 5.13 41.94 87.46
C CYS A 509 4.94 42.29 85.98
N PRO A 510 5.11 43.56 85.61
CA PRO A 510 4.89 43.95 84.20
C PRO A 510 5.85 43.25 83.25
N PHE A 511 5.59 43.46 81.96
CA PHE A 511 6.34 42.76 80.92
C PHE A 511 7.81 43.21 80.90
N LYS A 512 8.04 44.51 80.91
CA LYS A 512 9.40 45.06 80.82
C LYS A 512 10.21 44.82 82.09
N PHE A 513 9.63 44.22 83.13
CA PHE A 513 10.31 44.01 84.39
C PHE A 513 10.50 42.52 84.62
N GLU A 514 11.38 42.18 85.58
CA GLU A 514 11.71 40.79 85.86
C GLU A 514 10.70 40.22 86.86
N GLY A 515 11.02 39.06 87.45
CA GLY A 515 10.05 38.27 88.17
C GLY A 515 9.76 38.67 89.60
N ILE A 516 9.86 37.69 90.51
CA ILE A 516 9.35 37.82 91.87
C ILE A 516 9.85 39.09 92.54
N ALA A 517 8.95 39.71 93.32
CA ALA A 517 9.23 40.85 94.19
C ALA A 517 9.50 42.14 93.41
N CYS A 518 9.58 42.03 92.08
CA CYS A 518 9.81 43.18 91.20
C CYS A 518 10.95 44.06 91.72
N GLU A 519 12.04 43.41 92.11
CA GLU A 519 13.21 44.11 92.64
C GLU A 519 14.25 44.40 91.55
N ILE A 520 14.74 43.35 90.89
CA ILE A 520 15.72 43.50 89.82
C ILE A 520 15.00 43.94 88.55
N SER A 521 15.60 44.88 87.83
CA SER A 521 14.90 45.53 86.71
C SER A 521 14.94 44.66 85.45
N LYS A 522 16.13 44.31 84.98
CA LYS A 522 16.32 43.60 83.72
C LYS A 522 15.71 44.38 82.56
N GLN A 523 16.26 45.57 82.33
CA GLN A 523 15.77 46.45 81.27
C GLN A 523 16.25 45.97 79.90
N LYS A 524 19.38 44.97 80.93
CA LYS A 524 19.85 45.85 82.01
C LYS A 524 20.29 47.19 81.45
N ILE A 525 21.35 47.75 82.05
CA ILE A 525 21.91 49.03 81.65
C ILE A 525 23.27 48.78 81.01
N SER A 526 23.58 49.53 79.96
CA SER A 526 24.85 49.37 79.26
C SER A 526 25.97 50.06 80.02
N GLU A 527 27.11 49.37 80.13
CA GLU A 527 28.29 49.89 80.79
C GLU A 527 29.41 50.03 79.78
N GLY A 528 30.11 51.15 79.82
CA GLY A 528 31.22 51.39 78.92
C GLY A 528 32.48 51.84 79.63
N LEU A 529 33.60 51.20 79.29
CA LEU A 529 34.90 51.54 79.87
C LEU A 529 35.89 51.82 78.76
N PRO A 530 36.22 53.09 78.49
CA PRO A 530 37.19 53.40 77.44
C PRO A 530 38.63 53.30 77.94
N ALA A 531 38.81 52.66 79.09
CA ALA A 531 40.13 52.55 79.69
C ALA A 531 41.06 51.68 78.83
N LEU A 532 42.35 51.94 78.96
CA LEU A 532 43.34 51.18 78.20
C LEU A 532 43.44 49.76 78.76
N GLU A 533 43.49 48.75 77.90
CA GLU A 533 43.59 47.37 78.39
C GLU A 533 44.94 47.11 79.02
N PHE A 534 44.92 46.44 80.18
CA PHE A 534 46.17 46.15 80.89
C PHE A 534 47.02 45.14 80.12
N PRO A 535 46.40 44.10 79.59
CA PRO A 535 47.13 43.09 78.84
C PRO A 535 46.25 42.46 77.76
N SER B 18 34.63 22.68 101.66
CA SER B 18 34.67 22.49 103.10
C SER B 18 33.91 21.23 103.50
N HIS B 19 34.61 20.30 104.16
CA HIS B 19 34.01 19.04 104.61
C HIS B 19 33.22 19.30 105.89
N ILE B 20 32.04 19.89 105.71
CA ILE B 20 31.16 20.22 106.82
C ILE B 20 30.46 18.94 107.29
N ASP B 21 30.68 18.57 108.54
CA ASP B 21 30.03 17.40 109.12
C ASP B 21 28.64 17.75 109.62
N CYS B 22 27.88 16.72 110.01
CA CYS B 22 26.51 16.87 110.48
C CYS B 22 26.49 16.78 112.00
N ARG B 23 26.27 17.90 112.66
CA ARG B 23 26.04 17.93 114.11
C ARG B 23 24.57 17.59 114.35
N MET B 24 24.28 16.30 114.32
CA MET B 24 22.91 15.79 114.30
C MET B 24 22.70 14.73 115.38
N SER B 25 23.14 15.04 116.60
CA SER B 25 22.86 14.11 117.69
C SER B 25 22.58 14.80 119.03
N PRO B 26 21.60 15.72 119.11
CA PRO B 26 21.14 16.18 120.43
C PRO B 26 20.11 15.21 120.99
N TRP B 27 20.49 14.48 122.03
CA TRP B 27 19.62 13.47 122.63
C TRP B 27 18.81 14.07 123.77
N SER B 28 17.61 13.51 123.97
CA SER B 28 16.68 13.95 125.00
C SER B 28 16.52 12.88 126.06
N GLU B 29 15.69 13.18 127.07
CA GLU B 29 15.45 12.28 128.18
C GLU B 29 14.29 11.35 127.86
N TRP B 30 14.36 10.14 128.42
CA TRP B 30 13.28 9.17 128.26
C TRP B 30 12.00 9.68 128.92
N SER B 31 10.92 9.70 128.14
CA SER B 31 9.62 10.12 128.66
C SER B 31 8.90 8.94 129.29
N GLN B 32 7.64 9.17 129.69
CA GLN B 32 6.84 8.12 130.31
C GLN B 32 6.40 7.10 129.26
N CYS B 33 6.33 5.84 129.68
CA CYS B 33 5.91 4.77 128.78
C CYS B 33 4.42 4.89 128.48
N ASP B 34 4.03 4.41 127.29
CA ASP B 34 2.64 4.41 126.90
C ASP B 34 2.00 3.09 127.32
N PRO B 35 0.94 3.10 128.12
CA PRO B 35 0.33 1.83 128.56
C PRO B 35 -0.37 1.09 127.42
N CYS B 36 -1.21 1.80 126.68
CA CYS B 36 -1.98 1.15 125.62
C CYS B 36 -1.16 0.94 124.37
N LEU B 37 -0.37 1.94 123.97
CA LEU B 37 0.44 1.83 122.76
C LEU B 37 1.67 0.94 122.97
N ARG B 38 2.18 0.88 124.21
CA ARG B 38 3.34 0.05 124.55
C ARG B 38 4.56 0.48 123.74
N GLN B 39 4.97 1.73 123.94
CA GLN B 39 6.08 2.31 123.22
C GLN B 39 6.70 3.43 124.06
N MET B 40 8.00 3.64 123.87
CA MET B 40 8.72 4.71 124.54
C MET B 40 9.10 5.79 123.52
N PHE B 41 9.55 6.93 124.04
CA PHE B 41 9.72 8.15 123.26
C PHE B 41 11.08 8.78 123.52
N ARG B 42 12.15 8.00 123.36
CA ARG B 42 13.48 8.61 123.27
C ARG B 42 13.51 9.57 122.09
N SER B 43 13.67 10.85 122.38
CA SER B 43 13.52 11.90 121.38
C SER B 43 14.87 12.32 120.80
N ARG B 44 14.81 13.14 119.76
CA ARG B 44 16.00 13.61 119.06
C ARG B 44 15.60 14.82 118.23
N SER B 45 16.58 15.43 117.57
CA SER B 45 16.34 16.61 116.75
C SER B 45 17.46 16.74 115.73
N ILE B 46 17.12 17.29 114.56
CA ILE B 46 18.08 17.54 113.50
C ILE B 46 18.53 18.98 113.57
N GLU B 47 19.84 19.21 113.43
CA GLU B 47 20.41 20.54 113.54
C GLU B 47 21.16 20.98 112.29
N VAL B 48 22.05 20.14 111.76
CA VAL B 48 22.94 20.52 110.67
C VAL B 48 22.87 19.46 109.58
N PHE B 49 22.70 19.90 108.33
CA PHE B 49 22.68 19.01 107.18
C PHE B 49 24.08 18.83 106.58
N GLY B 50 24.70 19.93 106.17
CA GLY B 50 25.94 19.87 105.40
C GLY B 50 25.74 20.38 103.99
N GLN B 51 26.18 21.61 103.74
CA GLN B 51 25.89 22.29 102.48
C GLN B 51 26.78 21.81 101.33
N PHE B 52 27.89 21.14 101.62
CA PHE B 52 28.88 20.82 100.62
C PHE B 52 28.97 19.30 100.42
N ASN B 53 29.95 18.87 99.64
CA ASN B 53 30.18 17.48 99.23
C ASN B 53 30.63 16.58 100.39
N GLY B 54 30.63 17.06 101.63
CA GLY B 54 31.06 16.25 102.75
C GLY B 54 30.11 15.14 103.11
N LYS B 55 30.17 14.68 104.37
CA LYS B 55 29.39 13.55 104.83
C LYS B 55 27.88 13.81 104.73
N ARG B 56 27.20 13.08 103.87
CA ARG B 56 25.75 13.15 103.79
C ARG B 56 25.14 12.43 105.00
N CYS B 57 24.11 13.04 105.59
CA CYS B 57 23.51 12.52 106.82
C CYS B 57 21.99 12.57 106.67
N THR B 58 21.38 11.41 106.45
CA THR B 58 19.94 11.28 106.35
C THR B 58 19.32 10.64 107.59
N ASP B 59 19.99 10.76 108.74
CA ASP B 59 19.52 10.12 109.96
C ASP B 59 18.15 10.66 110.36
N ALA B 60 17.15 9.78 110.36
CA ALA B 60 15.80 10.18 110.71
C ALA B 60 15.67 10.42 112.21
N VAL B 61 14.80 11.36 112.56
CA VAL B 61 14.54 11.71 113.95
C VAL B 61 13.47 10.79 114.50
N GLY B 62 13.72 10.25 115.69
CA GLY B 62 12.77 9.38 116.36
C GLY B 62 13.37 8.05 116.79
N ASP B 63 12.83 7.49 117.86
CA ASP B 63 13.30 6.22 118.40
C ASP B 63 12.17 5.58 119.19
N ARG B 64 12.04 4.27 119.07
CA ARG B 64 11.00 3.52 119.77
C ARG B 64 11.63 2.41 120.61
N ARG B 65 10.85 1.94 121.58
CA ARG B 65 11.32 0.91 122.50
C ARG B 65 10.12 0.26 123.17
N GLN B 66 10.17 -1.06 123.34
CA GLN B 66 9.14 -1.77 124.06
C GLN B 66 9.26 -1.50 125.56
N CYS B 67 8.12 -1.33 126.22
CA CYS B 67 8.09 -1.02 127.64
C CYS B 67 6.93 -1.75 128.30
N VAL B 68 7.16 -2.23 129.52
CA VAL B 68 6.12 -2.90 130.28
C VAL B 68 5.10 -1.88 130.74
N PRO B 69 3.83 -2.02 130.37
CA PRO B 69 2.83 -1.01 130.76
C PRO B 69 2.51 -1.09 132.24
N THR B 70 2.33 0.08 132.86
CA THR B 70 1.99 0.17 134.27
C THR B 70 0.56 0.62 134.53
N GLU B 71 -0.06 1.32 133.58
CA GLU B 71 -1.45 1.73 133.72
C GLU B 71 -2.38 0.63 133.22
N PRO B 72 -3.59 0.54 133.77
CA PRO B 72 -4.50 -0.55 133.35
C PRO B 72 -5.04 -0.41 131.94
N CYS B 73 -4.91 0.77 131.32
CA CYS B 73 -5.42 1.02 129.98
C CYS B 73 -6.93 0.75 129.91
N GLU B 74 -7.68 1.51 130.72
CA GLU B 74 -9.13 1.34 130.77
C GLU B 74 -9.83 2.03 129.61
N ASP B 75 -9.25 3.11 129.09
CA ASP B 75 -9.86 3.82 127.98
C ASP B 75 -9.84 2.96 126.71
N ALA B 76 -10.99 2.89 126.04
CA ALA B 76 -11.10 2.10 124.81
C ALA B 76 -12.11 2.78 123.90
N GLU B 77 -12.10 2.37 122.64
CA GLU B 77 -12.99 2.91 121.61
C GLU B 77 -14.21 2.01 121.50
N ASP B 78 -15.36 2.52 121.93
CA ASP B 78 -16.60 1.77 121.83
C ASP B 78 -17.07 1.73 120.37
N ASP B 79 -17.96 0.78 120.08
CA ASP B 79 -18.48 0.63 118.73
C ASP B 79 -19.64 1.59 118.47
N CYS B 80 -19.41 2.88 118.75
CA CYS B 80 -20.29 3.99 118.39
C CYS B 80 -21.68 3.89 119.02
N GLY B 81 -21.93 2.82 119.78
CA GLY B 81 -23.16 2.65 120.53
C GLY B 81 -24.46 2.96 119.80
N ASN B 82 -24.45 2.90 118.47
CA ASN B 82 -25.59 3.34 117.68
C ASN B 82 -26.25 2.19 116.91
N ASP B 83 -25.51 1.48 116.08
CA ASP B 83 -26.10 0.50 115.18
C ASP B 83 -25.09 -0.61 114.93
N PHE B 84 -25.33 -1.41 113.88
CA PHE B 84 -24.48 -2.54 113.56
C PHE B 84 -23.04 -2.11 113.31
N GLN B 85 -22.13 -2.68 114.09
CA GLN B 85 -20.70 -2.40 113.90
C GLN B 85 -20.17 -3.16 112.70
N CYS B 86 -19.29 -2.51 111.94
CA CYS B 86 -18.62 -3.18 110.84
C CYS B 86 -17.48 -4.05 111.35
N SER B 87 -16.90 -4.82 110.43
CA SER B 87 -15.79 -5.71 110.76
C SER B 87 -14.47 -4.98 110.96
N THR B 88 -14.44 -3.65 110.76
CA THR B 88 -13.21 -2.89 110.89
C THR B 88 -13.28 -1.75 111.90
N GLY B 89 -14.47 -1.29 112.27
CA GLY B 89 -14.58 -0.25 113.27
C GLY B 89 -15.56 0.86 112.96
N ARG B 90 -16.04 0.91 111.71
CA ARG B 90 -17.00 1.94 111.31
C ARG B 90 -18.42 1.46 111.60
N CYS B 91 -19.39 2.35 111.38
CA CYS B 91 -20.77 2.09 111.76
C CYS B 91 -21.73 2.49 110.65
N ILE B 92 -22.83 1.75 110.54
CA ILE B 92 -23.92 2.14 109.65
C ILE B 92 -24.61 3.38 110.21
N LYS B 93 -24.85 4.36 109.34
CA LYS B 93 -25.61 5.53 109.78
C LYS B 93 -27.11 5.26 109.74
N MET B 94 -27.67 5.09 108.55
CA MET B 94 -29.07 4.71 108.44
C MET B 94 -29.36 3.61 107.43
N ARG B 95 -28.58 3.45 106.36
CA ARG B 95 -28.93 2.52 105.29
C ARG B 95 -27.72 1.78 104.73
N LEU B 96 -26.72 1.51 105.58
CA LEU B 96 -25.56 0.75 105.15
C LEU B 96 -25.80 -0.77 105.18
N ARG B 97 -27.06 -1.19 105.21
CA ARG B 97 -27.40 -2.61 105.18
C ARG B 97 -27.31 -3.15 103.76
N CYS B 98 -27.87 -4.33 103.53
CA CYS B 98 -27.76 -5.00 102.24
C CYS B 98 -28.61 -4.25 101.22
N ASN B 99 -28.08 -3.12 100.76
CA ASN B 99 -28.74 -2.26 99.78
C ASN B 99 -27.76 -1.79 98.72
N GLY B 100 -26.78 -2.62 98.38
CA GLY B 100 -25.80 -2.26 97.38
C GLY B 100 -24.89 -1.12 97.76
N ASP B 101 -24.64 -0.92 99.05
CA ASP B 101 -23.78 0.14 99.55
C ASP B 101 -22.50 -0.50 100.09
N ASN B 102 -21.45 -0.50 99.26
CA ASN B 102 -20.19 -1.14 99.60
C ASN B 102 -19.33 -0.14 100.37
N ASP B 103 -19.09 -0.43 101.65
CA ASP B 103 -18.27 0.42 102.51
C ASP B 103 -17.04 -0.27 103.05
N CYS B 104 -17.20 -1.45 103.66
CA CYS B 104 -16.11 -2.08 104.40
C CYS B 104 -15.24 -2.97 103.52
N GLY B 105 -15.83 -4.00 102.91
CA GLY B 105 -15.09 -4.91 102.08
C GLY B 105 -15.81 -5.25 100.79
N ASP B 106 -15.41 -6.35 100.14
CA ASP B 106 -16.11 -6.79 98.94
C ASP B 106 -17.54 -7.20 99.26
N PHE B 107 -17.71 -8.00 100.33
CA PHE B 107 -19.03 -8.39 100.80
C PHE B 107 -19.10 -8.36 102.32
N SER B 108 -18.33 -7.47 102.95
CA SER B 108 -18.31 -7.39 104.41
C SER B 108 -19.63 -6.84 104.94
N ASP B 109 -20.08 -5.70 104.42
CA ASP B 109 -21.35 -5.13 104.87
C ASP B 109 -22.53 -5.94 104.35
N GLU B 110 -22.46 -6.42 103.11
CA GLU B 110 -23.50 -7.23 102.51
C GLU B 110 -23.36 -8.71 102.83
N ASP B 111 -22.63 -9.06 103.90
CA ASP B 111 -22.46 -10.46 104.26
C ASP B 111 -23.80 -11.11 104.58
N ASP B 112 -24.58 -10.48 105.47
CA ASP B 112 -25.87 -11.00 105.88
C ASP B 112 -26.96 -10.22 105.13
N CYS B 113 -27.67 -10.90 104.23
CA CYS B 113 -28.74 -10.31 103.44
C CYS B 113 -30.00 -11.14 103.68
N GLU B 114 -30.84 -10.69 104.62
CA GLU B 114 -32.08 -11.39 104.91
C GLU B 114 -33.19 -10.98 103.94
N SER B 115 -33.33 -9.68 103.69
CA SER B 115 -34.32 -9.18 102.76
C SER B 115 -33.80 -9.30 101.32
N GLU B 116 -34.65 -8.94 100.37
CA GLU B 116 -34.27 -8.99 98.97
C GLU B 116 -33.20 -7.94 98.68
N PRO B 117 -32.28 -8.24 97.75
CA PRO B 117 -31.23 -7.26 97.42
C PRO B 117 -31.78 -6.06 96.66
N ARG B 118 -32.45 -5.16 97.37
CA ARG B 118 -33.04 -3.98 96.77
C ARG B 118 -31.94 -3.07 96.21
N PRO B 119 -31.95 -2.75 94.93
CA PRO B 119 -30.93 -1.86 94.37
C PRO B 119 -31.18 -0.43 94.82
N PRO B 120 -30.11 0.32 95.11
CA PRO B 120 -30.31 1.72 95.55
C PRO B 120 -30.70 2.65 94.42
N CYS B 121 -30.32 2.35 93.19
CA CYS B 121 -30.62 3.19 92.04
C CYS B 121 -30.92 2.31 90.84
N ARG B 122 -31.97 2.68 90.10
CA ARG B 122 -32.41 1.89 88.95
C ARG B 122 -31.71 2.29 87.66
N ASP B 123 -31.39 3.57 87.49
CA ASP B 123 -30.75 4.02 86.26
C ASP B 123 -29.35 3.46 86.14
N ARG B 124 -28.89 3.32 84.89
CA ARG B 124 -27.57 2.80 84.60
C ARG B 124 -26.55 3.92 84.70
N VAL B 125 -25.74 3.90 85.76
CA VAL B 125 -24.71 4.90 86.01
C VAL B 125 -23.39 4.15 86.13
N VAL B 126 -22.46 4.43 85.21
CA VAL B 126 -21.18 3.74 85.21
C VAL B 126 -20.32 4.27 86.34
N GLU B 127 -19.55 3.37 86.97
CA GLU B 127 -18.66 3.77 88.04
C GLU B 127 -17.56 4.68 87.51
N GLU B 128 -17.04 5.52 88.41
CA GLU B 128 -16.01 6.49 88.06
C GLU B 128 -14.70 5.75 87.81
N SER B 129 -14.38 5.54 86.53
CA SER B 129 -13.22 4.75 86.13
C SER B 129 -12.04 5.67 85.84
N GLU B 130 -10.99 5.56 86.65
CA GLU B 130 -9.71 6.25 86.46
C GLU B 130 -9.84 7.76 86.49
N LEU B 131 -11.01 8.28 86.87
CA LEU B 131 -11.25 9.71 86.96
C LEU B 131 -10.92 10.17 88.38
N ALA B 132 -11.39 11.36 88.77
CA ALA B 132 -11.04 11.99 90.04
C ALA B 132 -11.51 11.20 91.26
N ARG B 133 -12.09 10.01 91.04
CA ARG B 133 -12.48 9.10 92.11
C ARG B 133 -11.44 9.04 93.23
N THR B 134 -10.17 8.99 92.86
CA THR B 134 -9.08 9.06 93.84
C THR B 134 -8.74 10.52 94.07
N ALA B 135 -9.60 11.17 94.86
CA ALA B 135 -9.52 12.61 95.09
C ALA B 135 -8.62 12.97 96.27
N GLY B 136 -8.06 11.98 96.98
CA GLY B 136 -7.18 12.25 98.09
C GLY B 136 -5.73 12.40 97.63
N TYR B 137 -5.07 13.43 98.17
CA TYR B 137 -3.69 13.72 97.80
C TYR B 137 -2.95 14.25 99.02
N GLY B 138 -1.73 13.75 99.24
CA GLY B 138 -0.95 14.09 100.41
C GLY B 138 0.30 14.88 100.11
N ILE B 139 0.18 15.90 99.25
CA ILE B 139 1.34 16.67 98.80
C ILE B 139 2.12 17.20 100.01
N ASN B 140 3.44 17.18 99.89
CA ASN B 140 4.35 17.71 100.90
C ASN B 140 4.86 19.07 100.41
N ILE B 141 4.64 20.11 101.23
CA ILE B 141 5.11 21.44 100.86
C ILE B 141 6.63 21.47 100.76
N LEU B 142 7.31 20.69 101.60
CA LEU B 142 8.77 20.57 101.53
C LEU B 142 9.23 19.43 100.62
N GLY B 143 8.32 18.57 100.19
CA GLY B 143 8.69 17.40 99.42
C GLY B 143 8.50 17.53 97.92
N MET B 144 7.50 16.84 97.39
CA MET B 144 7.33 16.69 95.94
C MET B 144 5.84 16.56 95.65
N ASP B 145 5.53 16.04 94.45
CA ASP B 145 4.19 15.91 93.89
C ASP B 145 3.21 15.25 94.86
N PRO B 146 1.91 15.46 94.69
CA PRO B 146 0.93 14.92 95.65
C PRO B 146 1.01 13.40 95.79
N LEU B 147 0.45 12.91 96.88
CA LEU B 147 0.49 11.52 97.27
C LEU B 147 -0.84 10.85 96.94
N SER B 148 -1.00 9.59 97.38
CA SER B 148 -2.23 8.85 97.14
C SER B 148 -3.33 9.34 98.09
N THR B 149 -4.47 8.65 98.09
CA THR B 149 -5.59 9.08 98.91
C THR B 149 -5.42 8.63 100.35
N PRO B 150 -5.54 9.52 101.32
CA PRO B 150 -5.46 9.13 102.73
C PRO B 150 -6.78 8.65 103.33
N PHE B 151 -7.86 8.64 102.57
CA PHE B 151 -9.17 8.29 103.09
C PHE B 151 -9.92 7.44 102.07
N ASP B 152 -10.97 6.77 102.54
CA ASP B 152 -11.81 5.98 101.65
C ASP B 152 -12.68 6.90 100.80
N ASN B 153 -12.64 6.70 99.49
CA ASN B 153 -13.38 7.54 98.56
C ASN B 153 -14.39 6.75 97.73
N GLU B 154 -14.70 5.51 98.13
CA GLU B 154 -15.67 4.69 97.42
C GLU B 154 -17.03 4.64 98.09
N PHE B 155 -17.09 4.83 99.41
CA PHE B 155 -18.35 4.79 100.13
C PHE B 155 -19.26 5.93 99.71
N TYR B 156 -20.56 5.64 99.64
CA TYR B 156 -21.58 6.65 99.34
C TYR B 156 -22.71 6.51 100.34
N ASN B 157 -23.39 7.63 100.63
CA ASN B 157 -24.35 7.66 101.71
C ASN B 157 -25.71 7.11 101.28
N GLY B 158 -26.35 7.76 100.32
CA GLY B 158 -27.72 7.41 99.97
C GLY B 158 -28.03 7.34 98.49
N LEU B 159 -29.03 8.11 98.06
CA LEU B 159 -29.44 8.12 96.65
C LEU B 159 -28.32 8.66 95.77
N CYS B 160 -28.05 7.95 94.67
CA CYS B 160 -26.99 8.34 93.76
C CYS B 160 -27.19 9.77 93.28
N ASN B 161 -26.11 10.55 93.30
CA ASN B 161 -26.12 11.91 92.79
C ASN B 161 -25.60 11.88 91.36
N ARG B 162 -26.47 12.23 90.42
CA ARG B 162 -26.11 12.11 89.01
C ARG B 162 -25.01 13.10 88.64
N ASP B 163 -24.15 12.64 87.73
CA ASP B 163 -23.01 13.41 87.23
C ASP B 163 -23.07 13.46 85.70
N ARG B 164 -24.25 13.82 85.18
CA ARG B 164 -24.54 13.76 83.76
C ARG B 164 -23.78 14.88 83.04
N ASP B 165 -22.50 14.61 82.78
CA ASP B 165 -21.62 15.56 82.10
C ASP B 165 -20.41 14.80 81.59
N GLY B 166 -19.69 15.42 80.67
CA GLY B 166 -18.49 14.83 80.10
C GLY B 166 -18.49 14.93 78.59
N ASN B 167 -17.37 14.48 78.01
CA ASN B 167 -17.19 14.51 76.56
C ASN B 167 -18.22 13.62 75.88
N THR B 168 -18.29 12.35 76.28
CA THR B 168 -19.22 11.41 75.68
C THR B 168 -20.51 11.37 76.51
N LEU B 169 -21.44 10.52 76.09
CA LEU B 169 -22.73 10.36 76.77
C LEU B 169 -22.59 9.19 77.74
N THR B 170 -22.18 9.50 78.97
CA THR B 170 -22.01 8.49 80.01
C THR B 170 -22.24 9.13 81.37
N TYR B 171 -22.77 8.34 82.29
CA TYR B 171 -23.13 8.82 83.62
C TYR B 171 -22.14 8.25 84.63
N TYR B 172 -21.46 9.14 85.34
CA TYR B 172 -20.52 8.75 86.39
C TYR B 172 -21.13 8.96 87.76
N ARG B 173 -20.46 8.41 88.77
CA ARG B 173 -20.86 8.56 90.15
C ARG B 173 -19.93 9.51 90.88
N ARG B 174 -20.51 10.28 91.81
CA ARG B 174 -19.73 11.17 92.67
C ARG B 174 -19.84 10.67 94.11
N PRO B 175 -18.73 10.30 94.73
CA PRO B 175 -18.80 9.74 96.09
C PRO B 175 -19.24 10.78 97.12
N TRP B 176 -19.73 10.27 98.25
CA TRP B 176 -20.17 11.14 99.33
C TRP B 176 -19.01 11.89 99.97
N ASN B 177 -17.78 11.42 99.79
CA ASN B 177 -16.63 12.13 100.32
C ASN B 177 -16.30 13.36 99.47
N VAL B 178 -16.52 13.29 98.17
CA VAL B 178 -16.25 14.40 97.27
C VAL B 178 -17.49 15.28 97.20
N ALA B 179 -17.32 16.57 97.52
CA ALA B 179 -18.45 17.49 97.52
C ALA B 179 -18.83 17.91 96.11
N SER B 180 -17.85 18.04 95.21
CA SER B 180 -18.12 18.49 93.85
C SER B 180 -17.14 17.83 92.89
N LEU B 181 -17.56 17.71 91.64
CA LEU B 181 -16.72 17.14 90.59
C LEU B 181 -17.12 17.79 89.27
N ILE B 182 -16.36 18.79 88.85
CA ILE B 182 -16.64 19.52 87.62
C ILE B 182 -15.86 18.89 86.48
N TYR B 183 -16.41 19.02 85.27
CA TYR B 183 -15.82 18.45 84.06
C TYR B 183 -15.45 19.53 83.06
N GLU B 184 -15.16 20.73 83.54
CA GLU B 184 -14.80 21.85 82.66
C GLU B 184 -13.46 21.57 81.98
N THR B 185 -13.45 21.56 80.66
CA THR B 185 -12.25 21.31 79.87
C THR B 185 -11.57 22.63 79.48
N LYS B 186 -11.14 23.37 80.50
CA LYS B 186 -10.48 24.64 80.27
C LYS B 186 -9.15 24.44 79.57
N GLY B 187 -8.75 25.44 78.79
CA GLY B 187 -7.48 25.39 78.08
C GLY B 187 -6.91 26.77 77.81
N GLU B 188 -5.63 26.95 78.09
CA GLU B 188 -4.99 28.26 77.91
C GLU B 188 -3.50 28.04 77.65
N LYS B 189 -2.86 29.09 77.17
CA LYS B 189 -1.43 29.06 76.87
C LYS B 189 -0.90 30.48 76.86
N ASN B 190 0.41 30.61 77.08
CA ASN B 190 1.05 31.92 77.12
C ASN B 190 2.45 31.80 76.54
N PHE B 191 2.91 32.89 75.93
CA PHE B 191 4.25 32.93 75.33
C PHE B 191 4.79 34.35 75.46
N ARG B 192 6.12 34.44 75.54
CA ARG B 192 6.79 35.73 75.67
C ARG B 192 8.15 35.66 75.01
N THR B 193 8.69 36.84 74.67
CA THR B 193 9.99 36.94 74.03
C THR B 193 10.61 38.28 74.36
N GLU B 194 11.92 38.37 74.18
CA GLU B 194 12.64 39.60 74.47
C GLU B 194 13.97 39.59 73.71
N HIS B 195 14.50 40.78 73.49
CA HIS B 195 15.77 40.94 72.79
C HIS B 195 16.50 42.15 73.35
N TYR B 196 17.79 41.96 73.66
CA TYR B 196 18.64 43.02 74.17
C TYR B 196 19.82 43.23 73.24
N GLU B 197 20.29 44.47 73.16
CA GLU B 197 21.42 44.81 72.30
C GLU B 197 22.25 45.90 72.96
N GLU B 198 23.58 45.73 72.90
CA GLU B 198 24.52 46.69 73.45
C GLU B 198 25.71 46.79 72.52
N GLN B 199 26.18 48.02 72.28
CA GLN B 199 27.30 48.26 71.39
C GLN B 199 28.02 49.53 71.83
N ILE B 200 29.34 49.51 71.73
CA ILE B 200 30.16 50.67 72.05
C ILE B 200 31.42 50.62 71.20
N GLU B 201 31.86 51.79 70.71
CA GLU B 201 33.06 51.90 69.91
C GLU B 201 33.78 53.19 70.27
N ALA B 202 35.12 53.13 70.26
CA ALA B 202 35.94 54.29 70.59
C ALA B 202 37.21 54.26 69.76
N PHE B 203 37.50 55.36 69.08
CA PHE B 203 38.70 55.50 68.27
C PHE B 203 39.54 56.66 68.80
N LYS B 204 40.86 56.46 68.84
CA LYS B 204 41.78 57.49 69.30
C LYS B 204 43.03 57.47 68.43
N SER B 205 43.51 58.67 68.08
CA SER B 205 44.71 58.80 67.28
C SER B 205 45.44 60.08 67.67
N ILE B 206 46.74 59.96 67.94
CA ILE B 206 47.57 61.10 68.34
C ILE B 206 48.86 61.04 67.54
N ILE B 207 49.26 62.17 66.97
CA ILE B 207 50.48 62.27 66.18
C ILE B 207 51.25 63.51 66.60
N GLN B 208 52.57 63.39 66.67
CA GLN B 208 53.46 64.48 67.06
C GLN B 208 54.62 64.55 66.09
N GLU B 209 55.00 65.77 65.71
CA GLU B 209 56.14 65.99 64.82
C GLU B 209 56.88 67.25 65.26
N LYS B 210 58.20 67.16 65.32
CA LYS B 210 59.03 68.28 65.74
C LYS B 210 60.27 68.35 64.86
N THR B 211 60.69 69.56 64.53
CA THR B 211 61.86 69.81 63.69
C THR B 211 62.82 70.72 64.42
N SER B 212 64.12 70.48 64.26
CA SER B 212 65.14 71.31 64.88
C SER B 212 66.30 71.46 63.91
N ASN B 213 66.64 72.70 63.57
CA ASN B 213 67.72 73.00 62.66
C ASN B 213 68.47 74.23 63.16
N PHE B 214 69.81 74.17 63.13
CA PHE B 214 70.64 75.26 63.61
C PHE B 214 71.82 75.45 62.68
N ASN B 215 72.22 76.71 62.49
CA ASN B 215 73.37 77.07 61.69
C ASN B 215 74.30 77.95 62.52
N ALA B 216 75.60 77.89 62.23
CA ALA B 216 76.59 78.71 62.91
C ALA B 216 77.78 78.87 61.98
N ALA B 217 77.89 80.04 61.36
CA ALA B 217 78.97 80.35 60.43
C ALA B 217 79.65 81.64 60.86
N ILE B 218 80.95 81.57 61.12
CA ILE B 218 81.75 82.73 61.50
C ILE B 218 83.13 82.58 60.86
N SER B 219 83.61 83.66 60.23
CA SER B 219 84.89 83.67 59.55
C SER B 219 85.72 84.84 60.02
N LEU B 220 87.03 84.63 60.12
CA LEU B 220 87.96 85.66 60.56
C LEU B 220 89.13 85.73 59.58
N LYS B 221 89.51 86.94 59.20
CA LYS B 221 90.62 87.17 58.28
C LYS B 221 91.36 88.42 58.70
N PHE B 222 92.69 88.38 58.61
CA PHE B 222 93.53 89.50 58.99
C PHE B 222 94.69 89.62 58.02
N THR B 223 94.90 90.84 57.51
CA THR B 223 96.00 91.11 56.59
C THR B 223 96.39 92.58 56.73
N PRO B 224 97.49 92.87 57.43
CA PRO B 224 97.95 94.25 57.61
C PRO B 224 98.65 94.81 56.38
N SER B 242 105.61 90.51 55.35
CA SER B 242 104.28 90.13 54.90
C SER B 242 103.56 89.31 55.96
N LEU B 243 102.27 89.57 56.14
CA LEU B 243 101.46 88.87 57.13
C LEU B 243 100.06 88.67 56.56
N HIS B 244 99.55 87.44 56.66
CA HIS B 244 98.23 87.10 56.15
C HIS B 244 97.55 86.15 57.11
N GLY B 245 96.22 86.23 57.16
CA GLY B 245 95.43 85.35 58.00
C GLY B 245 94.05 85.06 57.43
N LYS B 246 93.60 83.82 57.55
CA LYS B 246 92.30 83.42 57.03
C LYS B 246 91.73 82.29 57.87
N GLY B 247 90.50 82.45 58.31
CA GLY B 247 89.83 81.42 59.09
C GLY B 247 88.34 81.45 58.83
N SER B 248 87.72 80.27 58.91
CA SER B 248 86.29 80.14 58.64
C SER B 248 85.73 79.00 59.46
N PHE B 249 84.66 79.28 60.21
CA PHE B 249 83.95 78.28 60.99
C PHE B 249 82.58 78.02 60.35
N ARG B 250 82.18 76.76 60.32
CA ARG B 250 80.88 76.37 59.77
C ARG B 250 80.27 75.31 60.66
N PHE B 251 78.95 75.36 60.82
CA PHE B 251 78.25 74.45 61.72
C PHE B 251 76.82 74.27 61.23
N SER B 252 76.31 73.05 61.37
CA SER B 252 74.94 72.73 60.96
C SER B 252 74.32 71.81 62.00
N TYR B 253 73.01 71.64 61.91
CA TYR B 253 72.28 70.79 62.84
C TYR B 253 70.95 70.39 62.22
N SER B 254 70.55 69.14 62.47
CA SER B 254 69.28 68.63 61.98
C SER B 254 68.70 67.67 63.01
N LYS B 255 67.38 67.71 63.18
CA LYS B 255 66.74 66.85 64.16
C LYS B 255 65.25 66.75 63.85
N ASN B 256 64.75 65.51 63.83
CA ASN B 256 63.33 65.21 63.74
C ASN B 256 62.98 64.08 64.69
N GLU B 257 61.96 64.28 65.51
CA GLU B 257 61.47 63.28 66.45
C GLU B 257 59.96 63.18 66.31
N THR B 258 59.50 62.20 65.53
CA THR B 258 58.10 62.03 65.21
C THR B 258 57.48 60.98 66.12
N TYR B 259 56.33 61.32 66.70
CA TYR B 259 55.58 60.42 67.58
C TYR B 259 54.23 60.14 66.96
N GLN B 260 53.74 58.91 67.15
CA GLN B 260 52.44 58.51 66.64
C GLN B 260 51.77 57.57 67.64
N LEU B 261 50.47 57.79 67.85
CA LEU B 261 49.70 57.00 68.79
C LEU B 261 48.35 56.65 68.16
N PHE B 262 47.87 55.44 68.44
CA PHE B 262 46.59 54.99 67.93
C PHE B 262 45.95 54.06 68.97
N LEU B 263 44.67 54.25 69.20
CA LEU B 263 43.93 53.45 70.17
C LEU B 263 42.52 53.21 69.66
N SER B 264 42.04 51.98 69.84
CA SER B 264 40.71 51.59 69.39
C SER B 264 40.10 50.63 70.41
N TYR B 265 38.80 50.75 70.63
CA TYR B 265 38.08 49.91 71.58
C TYR B 265 36.66 49.70 71.07
N SER B 266 36.20 48.45 71.14
CA SER B 266 34.87 48.11 70.67
C SER B 266 34.35 46.92 71.47
N SER B 267 33.08 46.99 71.86
CA SER B 267 32.45 45.91 72.62
C SER B 267 30.98 45.82 72.25
N LYS B 268 30.49 44.58 72.14
CA LYS B 268 29.11 44.32 71.79
C LYS B 268 28.53 43.25 72.71
N LYS B 269 27.30 43.46 73.16
CA LYS B 269 26.63 42.54 74.04
C LYS B 269 25.19 42.34 73.59
N GLU B 270 24.71 41.11 73.68
CA GLU B 270 23.35 40.76 73.27
C GLU B 270 22.79 39.74 74.25
N LYS B 271 21.49 39.87 74.53
CA LYS B 271 20.82 38.97 75.46
C LYS B 271 19.40 38.69 74.96
N MET B 272 18.99 37.43 75.06
CA MET B 272 17.67 37.01 74.61
C MET B 272 17.04 36.12 75.67
N PHE B 273 15.77 36.41 75.99
CA PHE B 273 15.03 35.64 76.97
C PHE B 273 13.62 35.42 76.46
N LEU B 274 13.21 34.16 76.37
CA LEU B 274 11.89 33.81 75.87
C LEU B 274 11.47 32.47 76.45
N HIS B 275 10.19 32.34 76.77
CA HIS B 275 9.65 31.11 77.32
C HIS B 275 8.16 31.03 77.00
N VAL B 276 7.62 29.82 77.11
CA VAL B 276 6.21 29.55 76.83
C VAL B 276 5.72 28.49 77.80
N LYS B 277 4.43 28.57 78.15
CA LYS B 277 3.83 27.64 79.08
C LYS B 277 2.38 27.39 78.66
N GLY B 278 1.94 26.15 78.77
CA GLY B 278 0.57 25.79 78.44
C GLY B 278 0.00 24.76 79.39
N GLU B 279 -1.29 24.90 79.71
CA GLU B 279 -1.96 24.01 80.64
C GLU B 279 -3.31 23.62 80.06
N ILE B 280 -3.51 22.32 79.82
CA ILE B 280 -4.77 21.79 79.33
C ILE B 280 -5.51 21.22 80.52
N HIS B 281 -6.47 22.00 81.03
CA HIS B 281 -7.26 21.56 82.17
C HIS B 281 -8.28 20.50 81.76
N LEU B 282 -8.47 19.51 82.61
CA LEU B 282 -9.36 18.39 82.33
C LEU B 282 -10.57 18.38 83.27
N GLY B 283 -10.34 18.35 84.58
CA GLY B 283 -11.44 18.30 85.53
C GLY B 283 -11.03 18.90 86.86
N ARG B 284 -12.04 19.22 87.66
CA ARG B 284 -11.84 19.87 88.94
C ARG B 284 -12.78 19.27 89.97
N PHE B 285 -12.29 19.14 91.20
CA PHE B 285 -13.07 18.56 92.30
C PHE B 285 -12.80 19.35 93.57
N VAL B 286 -13.74 19.25 94.50
CA VAL B 286 -13.62 19.89 95.81
C VAL B 286 -14.04 18.87 96.86
N MET B 287 -13.09 18.45 97.70
CA MET B 287 -13.39 17.51 98.76
C MET B 287 -14.23 18.17 99.84
N ARG B 288 -15.22 17.43 100.34
CA ARG B 288 -16.03 17.92 101.44
C ARG B 288 -15.17 18.06 102.70
N ASN B 289 -15.27 19.22 103.34
CA ASN B 289 -14.36 19.52 104.44
C ASN B 289 -14.69 18.70 105.68
N ARG B 290 -15.95 18.76 106.13
CA ARG B 290 -16.39 18.04 107.31
C ARG B 290 -17.45 17.02 106.93
N ASP B 291 -17.74 16.12 107.87
CA ASP B 291 -18.71 15.02 107.67
C ASP B 291 -18.28 14.14 106.50
N VAL B 292 -17.03 13.69 106.54
CA VAL B 292 -16.45 12.86 105.50
C VAL B 292 -15.98 11.56 106.13
N VAL B 293 -16.03 10.49 105.35
CA VAL B 293 -15.62 9.16 105.80
C VAL B 293 -14.15 8.95 105.48
N LEU B 294 -13.49 8.09 106.26
CA LEU B 294 -12.08 7.81 106.13
C LEU B 294 -11.87 6.32 105.88
N THR B 295 -10.66 5.97 105.48
CA THR B 295 -10.33 4.58 105.19
C THR B 295 -9.92 3.85 106.47
N THR B 296 -10.09 2.52 106.45
CA THR B 296 -9.76 1.70 107.62
C THR B 296 -8.27 1.73 107.95
N THR B 297 -7.40 1.99 106.96
CA THR B 297 -5.98 2.04 107.24
C THR B 297 -5.59 3.30 107.99
N PHE B 298 -6.15 4.44 107.59
CA PHE B 298 -5.83 5.70 108.26
C PHE B 298 -6.46 5.77 109.64
N VAL B 299 -7.70 5.28 109.77
CA VAL B 299 -8.38 5.30 111.07
C VAL B 299 -7.63 4.43 112.06
N ASP B 300 -7.14 3.27 111.63
CA ASP B 300 -6.36 2.41 112.51
C ASP B 300 -5.07 3.11 112.94
N ASP B 301 -4.48 3.91 112.06
CA ASP B 301 -3.29 4.67 112.44
C ASP B 301 -3.63 5.75 113.46
N ILE B 302 -4.77 6.42 113.29
CA ILE B 302 -5.19 7.42 114.26
C ILE B 302 -5.63 6.76 115.56
N LYS B 303 -6.21 5.55 115.47
CA LYS B 303 -6.58 4.83 116.67
C LYS B 303 -5.34 4.34 117.41
N ALA B 304 -4.38 3.75 116.69
CA ALA B 304 -3.10 3.36 117.26
C ALA B 304 -2.11 4.50 117.11
N LEU B 305 -2.34 5.56 117.91
CA LEU B 305 -1.57 6.78 117.85
C LEU B 305 -1.34 7.27 119.27
N PRO B 306 -0.13 7.75 119.57
CA PRO B 306 0.15 8.23 120.93
C PRO B 306 -0.56 9.53 121.25
N THR B 307 -0.43 9.99 122.50
CA THR B 307 -1.09 11.23 122.93
C THR B 307 -0.20 12.09 123.82
N THR B 308 1.09 11.76 123.95
CA THR B 308 2.01 12.48 124.81
C THR B 308 3.07 13.21 124.00
N TYR B 309 2.69 13.70 122.82
CA TYR B 309 3.57 14.45 121.92
C TYR B 309 4.81 13.61 121.55
N GLU B 310 4.55 12.51 120.84
CA GLU B 310 5.61 11.66 120.32
C GLU B 310 6.03 12.20 118.96
N LYS B 311 6.97 13.15 118.98
CA LYS B 311 7.47 13.73 117.74
C LYS B 311 8.11 12.68 116.85
N GLY B 312 8.72 11.64 117.44
CA GLY B 312 9.36 10.62 116.64
C GLY B 312 8.39 9.87 115.74
N GLU B 313 7.28 9.40 116.32
CA GLU B 313 6.28 8.71 115.52
C GLU B 313 5.51 9.67 114.64
N TYR B 314 5.23 10.89 115.14
CA TYR B 314 4.50 11.87 114.36
C TYR B 314 5.29 12.26 113.11
N PHE B 315 6.61 12.44 113.24
CA PHE B 315 7.44 12.68 112.06
C PHE B 315 7.43 11.49 111.13
N ALA B 316 7.36 10.27 111.69
CA ALA B 316 7.22 9.08 110.85
C ALA B 316 5.83 9.01 110.23
N PHE B 317 4.80 9.28 111.03
CA PHE B 317 3.44 9.31 110.51
C PHE B 317 3.27 10.45 109.50
N LEU B 318 4.06 11.50 109.63
CA LEU B 318 3.93 12.64 108.73
C LEU B 318 4.34 12.27 107.30
N GLU B 319 5.40 11.48 107.16
CA GLU B 319 5.85 11.08 105.83
C GLU B 319 4.92 10.06 105.19
N THR B 320 4.16 9.30 105.99
CA THR B 320 3.31 8.25 105.45
C THR B 320 2.13 8.84 104.66
N TYR B 321 1.48 9.85 105.22
CA TYR B 321 0.30 10.45 104.60
C TYR B 321 0.49 11.92 104.27
N GLY B 322 1.73 12.38 104.16
CA GLY B 322 1.99 13.77 103.85
C GLY B 322 1.72 14.68 105.05
N THR B 323 1.97 15.97 104.83
CA THR B 323 1.79 16.97 105.86
C THR B 323 0.39 17.59 105.83
N HIS B 324 -0.14 17.86 104.63
CA HIS B 324 -1.45 18.45 104.49
C HIS B 324 -2.08 17.95 103.20
N TYR B 325 -3.39 17.69 103.24
CA TYR B 325 -4.09 17.13 102.11
C TYR B 325 -4.64 18.23 101.21
N SER B 326 -5.23 17.83 100.09
CA SER B 326 -5.77 18.75 99.10
C SER B 326 -7.28 18.89 99.32
N SER B 327 -7.72 20.12 99.58
CA SER B 327 -9.15 20.38 99.67
C SER B 327 -9.80 20.45 98.30
N SER B 328 -9.08 20.93 97.29
CA SER B 328 -9.60 20.99 95.93
C SER B 328 -8.43 20.86 94.96
N GLY B 329 -8.59 19.99 93.96
CA GLY B 329 -7.56 19.79 92.97
C GLY B 329 -8.00 20.14 91.56
N SER B 330 -7.14 19.83 90.57
CA SER B 330 -7.46 20.11 89.17
C SER B 330 -6.76 19.04 88.33
N LEU B 331 -7.53 18.02 87.93
CA LEU B 331 -6.97 16.96 87.11
C LEU B 331 -6.67 17.46 85.70
N GLY B 332 -5.59 16.95 85.11
CA GLY B 332 -5.20 17.37 83.79
C GLY B 332 -3.72 17.17 83.50
N GLY B 333 -3.05 18.23 83.06
CA GLY B 333 -1.64 18.18 82.74
C GLY B 333 -1.17 19.45 82.07
N LEU B 334 0.09 19.83 82.29
CA LEU B 334 0.63 21.04 81.72
C LEU B 334 2.04 20.78 81.20
N TYR B 335 2.48 21.64 80.28
CA TYR B 335 3.83 21.60 79.74
C TYR B 335 4.41 23.01 79.76
N GLU B 336 5.75 23.07 79.79
CA GLU B 336 6.44 24.35 79.84
C GLU B 336 7.73 24.25 79.04
N LEU B 337 8.16 25.39 78.51
CA LEU B 337 9.42 25.49 77.77
C LEU B 337 10.10 26.79 78.14
N ILE B 338 11.40 26.73 78.41
CA ILE B 338 12.19 27.88 78.82
C ILE B 338 13.48 27.91 78.01
N TYR B 339 13.81 29.07 77.47
CA TYR B 339 15.02 29.26 76.67
C TYR B 339 15.71 30.54 77.09
N VAL B 340 17.04 30.50 77.15
CA VAL B 340 17.85 31.64 77.54
C VAL B 340 19.01 31.79 76.55
N LEU B 341 19.50 33.02 76.43
CA LEU B 341 20.61 33.31 75.52
C LEU B 341 21.33 34.56 76.01
N ASP B 342 22.66 34.54 75.93
CA ASP B 342 23.47 35.67 76.34
C ASP B 342 24.69 35.73 75.43
N LYS B 343 25.04 36.96 75.00
CA LYS B 343 26.16 37.19 74.11
C LYS B 343 26.99 38.36 74.62
N ALA B 344 28.31 38.22 74.57
CA ALA B 344 29.21 39.26 75.01
C ALA B 344 30.44 39.27 74.12
N SER B 345 30.95 40.46 73.81
CA SER B 345 32.12 40.61 72.97
C SER B 345 32.91 41.84 73.42
N MET B 346 34.23 41.75 73.33
CA MET B 346 35.11 42.84 73.72
C MET B 346 36.32 42.88 72.79
N LYS B 347 36.65 44.07 72.31
CA LYS B 347 37.79 44.26 71.42
C LYS B 347 38.50 45.55 71.79
N ARG B 348 39.84 45.51 71.78
CA ARG B 348 40.65 46.67 72.08
C ARG B 348 41.89 46.66 71.20
N LYS B 349 42.21 47.81 70.60
CA LYS B 349 43.36 47.93 69.70
C LYS B 349 44.17 49.15 70.08
N GLY B 350 45.48 48.97 70.17
CA GLY B 350 46.38 50.07 70.45
C GLY B 350 47.66 49.98 69.63
N VAL B 351 47.99 51.06 68.92
CA VAL B 351 49.16 51.09 68.05
C VAL B 351 50.02 52.29 68.44
N GLU B 352 51.32 52.07 68.59
CA GLU B 352 52.26 53.12 68.95
C GLU B 352 53.45 53.06 68.01
N LEU B 353 53.83 54.22 67.48
CA LEU B 353 54.99 54.33 66.60
C LEU B 353 55.82 55.53 67.02
N LYS B 354 57.13 55.32 67.14
CA LYS B 354 58.05 56.36 67.58
C LYS B 354 59.28 56.35 66.70
N ASP B 355 59.63 57.50 66.12
CA ASP B 355 60.82 57.64 65.31
C ASP B 355 61.52 58.93 65.68
N ILE B 356 62.84 58.85 65.85
CA ILE B 356 63.67 60.00 66.21
C ILE B 356 64.87 60.02 65.28
N LYS B 357 65.11 61.17 64.65
CA LYS B 357 66.26 61.38 63.79
C LYS B 357 66.93 62.69 64.16
N ARG B 358 68.26 62.67 64.22
CA ARG B 358 69.02 63.87 64.56
C ARG B 358 70.45 63.71 64.08
N CYS B 359 70.93 64.69 63.33
CA CYS B 359 72.29 64.66 62.80
C CYS B 359 72.98 65.99 63.07
N LEU B 360 74.31 65.95 63.02
CA LEU B 360 75.14 67.10 63.34
C LEU B 360 76.05 67.42 62.16
N GLY B 361 76.32 68.71 61.97
CA GLY B 361 77.22 69.16 60.92
C GLY B 361 78.18 70.24 61.39
N TYR B 362 79.46 70.06 61.10
CA TYR B 362 80.49 71.00 61.55
C TYR B 362 81.78 70.70 60.80
N HIS B 363 82.39 71.73 60.19
CA HIS B 363 83.67 71.55 59.53
C HIS B 363 84.49 72.83 59.66
N LEU B 364 85.80 72.65 59.83
CA LEU B 364 86.74 73.73 60.06
C LEU B 364 87.73 73.82 58.91
N ASP B 365 88.03 75.04 58.47
CA ASP B 365 89.02 75.29 57.43
C ASP B 365 89.79 76.55 57.77
N VAL B 366 91.12 76.43 57.85
CA VAL B 366 91.99 77.56 58.18
C VAL B 366 93.17 77.54 57.22
N SER B 367 93.47 78.70 56.64
CA SER B 367 94.60 78.85 55.71
C SER B 367 95.43 80.05 56.13
N LEU B 368 96.76 79.88 56.11
CA LEU B 368 97.69 80.93 56.50
C LEU B 368 98.80 81.05 55.48
N ALA B 369 99.22 82.29 55.21
CA ALA B 369 100.28 82.56 54.27
C ALA B 369 101.19 83.64 54.85
N PHE B 370 102.49 83.51 54.61
CA PHE B 370 103.46 84.47 55.13
C PHE B 370 104.54 84.75 54.09
N SER B 371 110.85 85.53 50.63
CA SER B 371 110.31 84.66 51.67
C SER B 371 108.87 84.25 51.35
N GLU B 372 108.61 82.95 51.40
CA GLU B 372 107.28 82.41 51.13
C GLU B 372 106.96 81.32 52.13
N ILE B 373 105.81 81.44 52.79
CA ILE B 373 105.35 80.45 53.76
C ILE B 373 103.87 80.19 53.51
N SER B 374 103.48 78.92 53.52
CA SER B 374 102.09 78.52 53.30
C SER B 374 101.69 77.53 54.38
N VAL B 375 100.58 77.81 55.05
CA VAL B 375 100.06 76.96 56.12
C VAL B 375 98.57 76.75 55.89
N GLY B 376 98.13 75.51 55.94
CA GLY B 376 96.72 75.18 55.75
C GLY B 376 96.23 74.26 56.84
N ALA B 377 94.92 74.32 57.09
CA ALA B 377 94.29 73.48 58.09
C ALA B 377 92.84 73.23 57.69
N GLU B 378 92.43 71.96 57.76
CA GLU B 378 91.05 71.59 57.40
C GLU B 378 90.60 70.46 58.32
N PHE B 379 89.58 70.72 59.13
CA PHE B 379 88.98 69.73 60.00
C PHE B 379 87.51 69.60 59.65
N ASN B 380 87.09 68.41 59.26
CA ASN B 380 85.72 68.15 58.84
C ASN B 380 85.11 67.07 59.71
N LYS B 381 83.89 67.30 60.19
CA LYS B 381 83.23 66.42 61.14
C LYS B 381 81.79 66.16 60.69
N ASP B 382 81.32 64.94 60.91
CA ASP B 382 79.96 64.56 60.57
C ASP B 382 79.50 63.46 61.53
N ASP B 383 78.27 63.58 62.03
CA ASP B 383 77.72 62.59 62.95
C ASP B 383 76.20 62.70 62.94
N CYS B 384 75.53 61.57 62.68
CA CYS B 384 74.07 61.51 62.67
C CYS B 384 73.62 60.41 63.61
N VAL B 385 72.39 60.56 64.12
CA VAL B 385 71.80 59.60 65.05
C VAL B 385 70.34 59.38 64.67
N LYS B 386 69.91 58.12 64.71
CA LYS B 386 68.52 57.77 64.42
C LYS B 386 68.03 56.76 65.45
N ARG B 387 66.75 56.89 65.84
CA ARG B 387 66.13 55.99 66.79
C ARG B 387 64.70 55.69 66.33
N GLY B 388 64.28 54.45 66.55
CA GLY B 388 62.94 54.03 66.16
C GLY B 388 62.33 53.10 67.18
N GLU B 389 61.01 53.18 67.29
CA GLU B 389 60.27 52.36 68.24
C GLU B 389 58.86 52.13 67.72
N GLY B 390 58.37 50.90 67.90
CA GLY B 390 57.01 50.56 67.49
C GLY B 390 56.32 49.63 68.48
N ARG B 391 55.02 49.82 68.66
CA ARG B 391 54.24 49.01 69.59
C ARG B 391 52.85 48.79 69.04
N ALA B 392 52.29 47.60 69.31
CA ALA B 392 50.95 47.26 68.86
C ALA B 392 50.26 46.40 69.92
N VAL B 393 48.95 46.60 70.06
CA VAL B 393 48.13 45.85 71.00
C VAL B 393 46.84 45.47 70.29
N ASN B 394 46.55 44.17 70.23
CA ASN B 394 45.38 43.65 69.53
C ASN B 394 44.81 42.51 70.35
N ILE B 395 43.67 42.74 70.99
CA ILE B 395 43.08 41.77 71.92
C ILE B 395 41.59 41.68 71.65
N THR B 396 41.11 40.49 71.32
CA THR B 396 39.70 40.22 71.08
C THR B 396 39.19 39.23 72.12
N SER B 397 37.98 39.49 72.64
CA SER B 397 37.36 38.62 73.63
C SER B 397 35.87 38.51 73.33
N GLU B 398 35.34 37.30 73.43
CA GLU B 398 33.93 37.04 73.16
C GLU B 398 33.41 35.98 74.11
N ASN B 399 32.18 36.16 74.59
CA ASN B 399 31.54 35.22 75.50
C ASN B 399 30.13 34.91 75.01
N LEU B 400 29.74 33.64 75.08
CA LEU B 400 28.43 33.19 74.64
C LEU B 400 27.84 32.27 75.70
N ILE B 401 26.55 32.48 76.00
CA ILE B 401 25.84 31.69 77.00
C ILE B 401 24.45 31.38 76.45
N ASP B 402 24.06 30.11 76.51
CA ASP B 402 22.75 29.67 76.05
C ASP B 402 22.23 28.58 76.97
N ASP B 403 20.96 28.69 77.36
CA ASP B 403 20.33 27.73 78.25
C ASP B 403 18.93 27.41 77.74
N VAL B 404 18.56 26.13 77.80
CA VAL B 404 17.24 25.67 77.35
C VAL B 404 16.75 24.61 78.32
N VAL B 405 15.46 24.65 78.62
CA VAL B 405 14.82 23.70 79.53
C VAL B 405 13.36 23.58 79.17
N SER B 406 12.78 22.41 79.45
CA SER B 406 11.39 22.15 79.14
C SER B 406 10.88 21.05 80.06
N LEU B 407 9.55 20.93 80.13
CA LEU B 407 8.92 19.92 80.96
C LEU B 407 7.54 19.60 80.40
N ILE B 408 7.06 18.39 80.69
CA ILE B 408 5.75 17.94 80.24
C ILE B 408 5.32 16.77 81.12
N ARG B 409 4.01 16.58 81.23
CA ARG B 409 3.47 15.51 82.06
C ARG B 409 2.01 15.28 81.68
N GLY B 410 1.53 14.08 81.98
CA GLY B 410 0.15 13.72 81.76
C GLY B 410 -0.04 12.90 80.49
N GLY B 411 -1.18 12.23 80.42
CA GLY B 411 -1.53 11.43 79.24
C GLY B 411 -0.77 10.13 79.16
N THR B 412 -1.11 9.29 78.18
CA THR B 412 -0.38 8.06 77.97
C THR B 412 1.04 8.35 77.51
N ARG B 413 1.95 7.42 77.78
CA ARG B 413 3.36 7.65 77.50
C ARG B 413 3.65 7.72 76.00
N LYS B 414 2.83 7.07 75.18
CA LYS B 414 3.03 7.10 73.73
C LYS B 414 2.77 8.49 73.17
N TYR B 415 1.55 9.01 73.38
CA TYR B 415 1.18 10.29 72.79
C TYR B 415 1.87 11.47 73.47
N ALA B 416 2.21 11.32 74.76
CA ALA B 416 2.79 12.45 75.48
C ALA B 416 4.18 12.80 74.95
N PHE B 417 5.07 11.80 74.84
CA PHE B 417 6.43 12.07 74.42
C PHE B 417 6.56 12.20 72.90
N GLU B 418 5.56 11.74 72.14
CA GLU B 418 5.51 12.08 70.73
C GLU B 418 5.32 13.58 70.55
N LEU B 419 4.53 14.19 71.44
CA LEU B 419 4.42 15.65 71.46
C LEU B 419 5.72 16.29 71.93
N LYS B 420 6.43 15.63 72.85
CA LYS B 420 7.66 16.19 73.40
C LYS B 420 8.76 16.27 72.35
N GLU B 421 8.93 15.21 71.55
CA GLU B 421 9.99 15.18 70.56
C GLU B 421 9.75 16.18 69.43
N LYS B 422 8.49 16.40 69.05
CA LYS B 422 8.19 17.30 67.96
C LYS B 422 8.10 18.76 68.39
N LEU B 423 7.87 19.02 69.68
CA LEU B 423 7.83 20.40 70.14
C LEU B 423 9.23 20.98 70.26
N LEU B 424 10.20 20.18 70.69
CA LEU B 424 11.57 20.64 70.88
C LEU B 424 12.26 20.73 69.52
N ARG B 425 12.43 21.96 69.03
CA ARG B 425 13.14 22.25 67.79
C ARG B 425 12.53 21.56 66.58
N GLY B 426 11.26 21.17 66.66
CA GLY B 426 10.60 20.53 65.54
C GLY B 426 10.16 21.51 64.48
N THR B 427 9.64 22.67 64.92
CA THR B 427 9.19 23.78 64.09
C THR B 427 8.00 23.43 63.21
N VAL B 428 7.45 22.22 63.31
CA VAL B 428 6.30 21.80 62.52
C VAL B 428 5.28 21.23 63.49
N ILE B 429 4.34 22.08 63.92
CA ILE B 429 3.29 21.65 64.83
C ILE B 429 2.25 20.84 64.06
N ASP B 430 1.99 19.63 64.51
CA ASP B 430 1.04 18.75 63.84
C ASP B 430 -0.37 18.97 64.38
N VAL B 431 -1.35 18.54 63.58
CA VAL B 431 -2.75 18.66 63.97
C VAL B 431 -3.22 17.39 64.69
N THR B 432 -2.71 16.22 64.30
CA THR B 432 -3.19 14.97 64.86
C THR B 432 -2.62 14.69 66.24
N ASP B 433 -1.39 15.12 66.51
CA ASP B 433 -0.78 14.82 67.80
C ASP B 433 -1.46 15.56 68.94
N PHE B 434 -1.90 16.80 68.68
CA PHE B 434 -2.62 17.54 69.71
C PHE B 434 -3.99 16.92 69.99
N VAL B 435 -4.68 16.48 68.93
CA VAL B 435 -5.94 15.77 69.12
C VAL B 435 -5.71 14.45 69.84
N ASN B 436 -4.64 13.74 69.48
CA ASN B 436 -4.28 12.53 70.21
C ASN B 436 -3.93 12.86 71.66
N TRP B 437 -3.23 13.97 71.88
CA TRP B 437 -2.93 14.42 73.24
C TRP B 437 -4.19 14.69 74.03
N ALA B 438 -5.26 15.15 73.35
CA ALA B 438 -6.52 15.38 74.03
C ALA B 438 -7.12 14.07 74.55
N SER B 439 -7.16 13.04 73.70
CA SER B 439 -7.65 11.74 74.15
C SER B 439 -6.64 11.06 75.06
N SER B 440 -5.35 11.39 74.93
CA SER B 440 -4.34 10.79 75.78
C SER B 440 -4.50 11.25 77.23
N ILE B 441 -4.63 12.57 77.44
CA ILE B 441 -4.75 13.11 78.79
C ILE B 441 -6.06 12.69 79.44
N ASN B 442 -7.06 12.31 78.66
CA ASN B 442 -8.34 11.87 79.24
C ASN B 442 -8.17 10.58 80.03
N ASP B 443 -7.20 9.74 79.65
CA ASP B 443 -7.03 8.46 80.33
C ASP B 443 -6.22 8.60 81.61
N ALA B 444 -5.11 9.34 81.57
CA ALA B 444 -4.23 9.51 82.71
C ALA B 444 -3.96 10.99 82.94
N PRO B 445 -4.79 11.66 83.76
CA PRO B 445 -4.54 13.07 84.06
C PRO B 445 -3.59 13.27 85.23
N VAL B 446 -3.36 14.53 85.60
CA VAL B 446 -2.46 14.85 86.71
C VAL B 446 -2.85 16.23 87.23
N LEU B 447 -2.42 16.54 88.46
CA LEU B 447 -2.79 17.79 89.10
C LEU B 447 -2.23 18.99 88.35
N ILE B 448 -3.00 20.08 88.35
CA ILE B 448 -2.56 21.35 87.77
C ILE B 448 -2.62 22.41 88.86
N SER B 449 -3.81 22.67 89.38
CA SER B 449 -4.03 23.61 90.48
C SER B 449 -4.56 22.82 91.68
N GLN B 450 -4.00 23.10 92.85
CA GLN B 450 -4.29 22.31 94.04
C GLN B 450 -4.55 23.25 95.21
N LYS B 451 -5.77 23.23 95.73
CA LYS B 451 -6.12 23.96 96.94
C LYS B 451 -5.76 23.11 98.16
N LEU B 452 -5.12 23.73 99.14
CA LEU B 452 -4.49 23.01 100.23
C LEU B 452 -5.31 23.14 101.51
N SER B 453 -5.15 22.14 102.39
CA SER B 453 -5.87 22.10 103.66
C SER B 453 -5.08 21.25 104.64
N PRO B 454 -4.94 21.66 105.89
CA PRO B 454 -4.15 20.89 106.85
C PRO B 454 -4.80 19.55 107.19
N ILE B 455 -3.95 18.59 107.56
CA ILE B 455 -4.44 17.25 107.85
C ILE B 455 -5.12 17.21 109.22
N TYR B 456 -4.59 17.94 110.20
CA TYR B 456 -5.15 17.89 111.54
C TYR B 456 -6.60 18.37 111.60
N ASN B 457 -7.09 19.04 110.56
CA ASN B 457 -8.50 19.35 110.45
C ASN B 457 -9.32 18.18 109.92
N LEU B 458 -8.68 17.14 109.41
CA LEU B 458 -9.35 15.99 108.84
C LEU B 458 -9.52 14.85 109.84
N VAL B 459 -8.93 14.95 111.02
CA VAL B 459 -9.04 13.88 112.03
C VAL B 459 -10.52 13.70 112.39
N PRO B 460 -11.00 12.47 112.54
CA PRO B 460 -12.42 12.29 112.88
C PRO B 460 -12.74 12.79 114.28
N VAL B 461 -13.88 13.47 114.39
CA VAL B 461 -14.32 14.08 115.64
C VAL B 461 -14.88 12.98 116.55
N LYS B 462 -15.12 13.32 117.82
CA LYS B 462 -15.71 12.43 118.83
C LYS B 462 -15.07 11.05 118.82
N MET B 463 -13.75 11.03 118.65
CA MET B 463 -12.98 9.79 118.72
C MET B 463 -12.53 9.58 120.17
N LYS B 464 -11.60 8.64 120.38
CA LYS B 464 -11.08 8.40 121.72
C LYS B 464 -10.44 9.64 122.30
N ASN B 465 -9.38 10.14 121.64
CA ASN B 465 -8.67 11.33 122.08
C ASN B 465 -8.42 12.25 120.89
N ALA B 466 -9.49 12.52 120.12
CA ALA B 466 -9.36 13.24 118.86
C ALA B 466 -8.79 14.64 119.07
N HIS B 467 -9.38 15.43 119.97
CA HIS B 467 -8.98 16.82 120.11
C HIS B 467 -7.54 16.96 120.57
N LEU B 468 -7.15 16.21 121.60
CA LEU B 468 -5.78 16.30 122.09
C LEU B 468 -4.78 15.85 121.04
N LYS B 469 -5.13 14.83 120.26
CA LYS B 469 -4.28 14.42 119.14
C LYS B 469 -4.33 15.44 118.01
N LYS B 470 -5.45 16.16 117.85
CA LYS B 470 -5.56 17.17 116.81
C LYS B 470 -4.55 18.29 117.04
N GLN B 471 -4.60 18.90 118.23
CA GLN B 471 -3.62 19.94 118.57
C GLN B 471 -2.21 19.37 118.65
N ASN B 472 -2.09 18.09 118.97
CA ASN B 472 -0.77 17.46 119.03
C ASN B 472 -0.15 17.40 117.63
N LEU B 473 -0.93 16.99 116.63
CA LEU B 473 -0.44 17.03 115.26
C LEU B 473 -0.31 18.46 114.75
N GLU B 474 -1.12 19.38 115.28
CA GLU B 474 -0.99 20.79 114.92
C GLU B 474 0.36 21.33 115.35
N ARG B 475 0.82 20.96 116.54
CA ARG B 475 2.18 21.30 116.95
C ARG B 475 3.21 20.58 116.10
N ALA B 476 2.87 19.38 115.60
CA ALA B 476 3.81 18.63 114.78
C ALA B 476 3.94 19.23 113.39
N ILE B 477 2.81 19.57 112.76
CA ILE B 477 2.86 20.14 111.41
C ILE B 477 3.53 21.51 111.42
N GLU B 478 3.38 22.27 112.51
CA GLU B 478 4.06 23.55 112.62
C GLU B 478 5.56 23.35 112.83
N ASP B 479 5.94 22.36 113.63
CA ASP B 479 7.36 22.08 113.85
C ASP B 479 7.99 21.43 112.63
N TYR B 480 7.24 20.58 111.93
CA TYR B 480 7.79 19.87 110.77
C TYR B 480 8.28 20.84 109.70
N ILE B 481 7.45 21.80 109.32
CA ILE B 481 7.84 22.76 108.29
C ILE B 481 8.95 23.68 108.80
N ASN B 482 9.06 23.85 110.11
CA ASN B 482 10.07 24.71 110.70
C ASN B 482 11.26 23.94 111.27
N GLU B 483 11.26 22.61 111.16
CA GLU B 483 12.39 21.83 111.68
C GLU B 483 13.56 21.83 110.71
N PHE B 484 13.34 21.33 109.50
CA PHE B 484 14.37 21.25 108.48
C PHE B 484 13.88 21.93 107.22
N SER B 485 14.69 22.83 106.67
CA SER B 485 14.38 23.58 105.46
C SER B 485 15.63 24.33 105.04
N VAL B 486 15.49 25.11 103.95
CA VAL B 486 16.58 25.96 103.49
C VAL B 486 16.88 27.04 104.52
N ARG B 487 15.87 27.44 105.30
CA ARG B 487 16.05 28.47 106.31
C ARG B 487 17.09 28.08 107.35
N LYS B 488 17.18 26.80 107.69
CA LYS B 488 18.12 26.34 108.70
C LYS B 488 19.48 25.96 108.12
N CYS B 489 19.56 25.73 106.81
CA CYS B 489 20.82 25.36 106.18
C CYS B 489 21.68 26.62 106.00
N HIS B 490 22.81 26.47 105.31
CA HIS B 490 23.75 27.56 105.10
C HIS B 490 23.50 28.21 103.74
N THR B 491 23.86 29.49 103.64
CA THR B 491 23.63 30.25 102.42
C THR B 491 24.78 30.02 101.44
N CYS B 492 24.43 29.91 100.16
CA CYS B 492 25.41 29.68 99.10
C CYS B 492 26.07 31.01 98.72
N GLN B 493 26.88 30.98 97.67
CA GLN B 493 27.60 32.15 97.21
C GLN B 493 27.04 32.65 95.88
N ASN B 494 27.27 33.93 95.61
CA ASN B 494 26.86 34.58 94.37
C ASN B 494 25.35 34.47 94.16
N GLY B 495 24.59 34.57 95.26
CA GLY B 495 23.15 34.53 95.17
C GLY B 495 22.59 33.24 94.63
N GLY B 496 23.31 32.12 94.81
CA GLY B 496 22.85 30.85 94.30
C GLY B 496 21.64 30.36 95.09
N THR B 497 20.54 30.07 94.39
CA THR B 497 19.34 29.56 95.05
C THR B 497 19.62 28.20 95.68
N VAL B 498 19.45 28.13 97.00
CA VAL B 498 19.76 26.92 97.75
C VAL B 498 18.53 26.02 97.78
N ILE B 499 18.72 24.74 97.48
CA ILE B 499 17.66 23.75 97.53
C ILE B 499 18.03 22.68 98.55
N LEU B 500 17.07 21.79 98.81
CA LEU B 500 17.25 20.70 99.77
C LEU B 500 16.62 19.45 99.19
N MET B 501 17.44 18.49 98.78
CA MET B 501 16.99 17.24 98.19
C MET B 501 17.51 16.08 99.04
N ASP B 502 16.73 15.73 100.08
CA ASP B 502 17.02 14.59 100.94
C ASP B 502 18.43 14.69 101.54
N GLY B 503 18.64 15.74 102.33
CA GLY B 503 19.90 15.97 103.02
C GLY B 503 20.91 16.79 102.27
N LYS B 504 21.06 16.55 100.97
CA LYS B 504 22.01 17.29 100.15
C LYS B 504 21.53 18.74 100.01
N CYS B 505 22.19 19.65 100.72
CA CYS B 505 21.82 21.06 100.69
C CYS B 505 22.62 21.80 99.62
N LEU B 506 22.39 21.40 98.37
CA LEU B 506 23.07 22.02 97.25
C LEU B 506 22.43 23.36 96.89
N CYS B 507 23.18 24.18 96.16
CA CYS B 507 22.71 25.49 95.73
C CYS B 507 22.84 25.60 94.22
N ALA B 508 21.74 25.96 93.56
CA ALA B 508 21.75 26.14 92.11
C ALA B 508 22.51 27.41 91.76
N CYS B 509 23.63 27.26 91.05
CA CYS B 509 24.49 28.38 90.70
C CYS B 509 24.04 28.99 89.38
N PRO B 510 24.22 30.30 89.21
CA PRO B 510 23.77 30.96 87.98
C PRO B 510 24.46 30.41 86.74
N PHE B 511 23.95 30.84 85.58
CA PHE B 511 24.43 30.32 84.30
C PHE B 511 25.88 30.70 84.06
N LYS B 512 26.21 31.99 84.23
CA LYS B 512 27.55 32.48 83.96
C LYS B 512 28.58 31.98 84.96
N PHE B 513 28.18 31.24 85.98
CA PHE B 513 29.09 30.77 87.02
C PHE B 513 29.21 29.25 86.94
N GLU B 514 30.22 28.73 87.63
CA GLU B 514 30.52 27.30 87.60
C GLU B 514 29.68 26.58 88.67
N GLY B 515 30.03 25.34 88.97
CA GLY B 515 29.18 24.45 89.73
C GLY B 515 29.21 24.60 91.24
N ILE B 516 29.42 23.47 91.93
CA ILE B 516 29.20 23.37 93.37
C ILE B 516 29.91 24.48 94.13
N ALA B 517 29.24 24.98 95.17
CA ALA B 517 29.76 25.94 96.14
C ALA B 517 29.96 27.33 95.56
N CYS B 518 29.77 27.46 94.25
CA CYS B 518 29.91 28.74 93.55
C CYS B 518 31.19 29.47 93.94
N GLU B 519 32.28 28.72 93.98
CA GLU B 519 33.58 29.27 94.37
C GLU B 519 34.40 29.71 93.15
N ILE B 520 34.68 28.79 92.23
CA ILE B 520 35.42 29.10 91.03
C ILE B 520 34.49 29.78 90.03
N SER B 521 35.00 30.82 89.37
CA SER B 521 34.15 31.69 88.55
C SER B 521 33.86 31.07 87.18
N LYS B 522 34.91 30.76 86.42
CA LYS B 522 34.78 30.29 85.04
C LYS B 522 34.00 31.30 84.20
N GLN B 523 34.59 32.48 84.06
CA GLN B 523 33.97 33.56 83.30
C GLN B 523 34.12 33.33 81.80
N LYS B 524 37.30 32.02 81.97
CA LYS B 524 38.03 32.67 83.05
C LYS B 524 38.44 34.08 82.67
N ILE B 525 39.63 34.48 83.10
CA ILE B 525 40.20 35.80 82.82
C ILE B 525 41.37 35.62 81.87
N SER B 526 41.50 36.53 80.92
CA SER B 526 42.58 36.46 79.92
C SER B 526 43.88 36.96 80.53
N GLU B 527 44.96 36.21 80.28
CA GLU B 527 46.29 36.57 80.76
C GLU B 527 47.21 36.85 79.57
N GLY B 528 47.96 37.93 79.66
CA GLY B 528 48.88 38.30 78.60
C GLY B 528 50.28 38.58 79.09
N LEU B 529 51.27 37.98 78.46
CA LEU B 529 52.68 38.15 78.83
C LEU B 529 53.48 38.56 77.60
N PRO B 530 53.86 39.82 77.46
CA PRO B 530 54.67 40.26 76.32
C PRO B 530 56.17 40.04 76.48
N ALA B 531 56.61 39.23 77.43
CA ALA B 531 58.02 39.03 77.67
C ALA B 531 58.67 38.28 76.50
N LEU B 532 59.97 38.48 76.36
CA LEU B 532 60.72 37.81 75.30
C LEU B 532 60.82 36.31 75.58
N GLU B 533 60.59 35.46 74.59
CA GLU B 533 60.68 34.02 74.83
C GLU B 533 62.10 33.58 75.10
N PHE B 534 62.26 32.71 76.11
CA PHE B 534 63.59 32.24 76.48
C PHE B 534 64.19 31.36 75.40
N PRO B 535 63.40 30.46 74.83
CA PRO B 535 63.89 29.58 73.79
C PRO B 535 62.77 29.19 72.82
N SER C 18 54.81 5.89 94.85
CA SER C 18 55.14 5.43 96.19
C SER C 18 54.39 4.14 96.51
N HIS C 19 55.14 3.09 96.84
CA HIS C 19 54.57 1.79 97.18
C HIS C 19 54.06 1.83 98.62
N ILE C 20 52.92 2.48 98.80
CA ILE C 20 52.32 2.60 100.13
C ILE C 20 51.64 1.29 100.49
N ASP C 21 52.04 0.70 101.62
CA ASP C 21 51.46 -0.54 102.10
C ASP C 21 50.21 -0.24 102.93
N CYS C 22 49.49 -1.30 103.28
CA CYS C 22 48.25 -1.20 104.04
C CYS C 22 48.52 -1.56 105.49
N ARG C 23 48.55 -0.55 106.36
CA ARG C 23 48.62 -0.76 107.81
C ARG C 23 47.20 -1.09 108.29
N MET C 24 46.83 -2.35 108.13
CA MET C 24 45.44 -2.80 108.31
C MET C 24 45.39 -4.02 109.21
N SER C 25 46.08 -3.97 110.35
CA SER C 25 45.96 -5.07 111.29
C SER C 25 46.00 -4.64 112.75
N PRO C 26 45.12 -3.71 113.20
CA PRO C 26 44.97 -3.49 114.65
C PRO C 26 44.01 -4.50 115.24
N TRP C 27 44.54 -5.42 116.05
CA TRP C 27 43.73 -6.48 116.62
C TRP C 27 43.21 -6.08 118.00
N SER C 28 42.05 -6.62 118.36
CA SER C 28 41.38 -6.34 119.61
C SER C 28 41.35 -7.60 120.48
N GLU C 29 40.79 -7.45 121.68
CA GLU C 29 40.70 -8.53 122.64
C GLU C 29 39.43 -9.35 122.43
N TRP C 30 39.52 -10.64 122.73
CA TRP C 30 38.36 -11.52 122.64
C TRP C 30 37.29 -11.10 123.62
N SER C 31 36.07 -10.90 123.12
CA SER C 31 34.95 -10.53 123.96
C SER C 31 34.28 -11.78 124.52
N GLN C 32 33.15 -11.58 125.21
CA GLN C 32 32.42 -12.70 125.80
C GLN C 32 31.70 -13.49 124.72
N CYS C 33 31.63 -14.80 124.91
CA CYS C 33 30.96 -15.66 123.95
C CYS C 33 29.44 -15.44 124.00
N ASP C 34 28.80 -15.68 122.86
CA ASP C 34 27.35 -15.57 122.78
C ASP C 34 26.73 -16.92 123.08
N PRO C 35 25.85 -17.02 124.09
CA PRO C 35 25.25 -18.32 124.42
C PRO C 35 24.29 -18.82 123.35
N CYS C 36 23.36 -17.96 122.93
CA CYS C 36 22.34 -18.37 121.97
C CYS C 36 22.88 -18.38 120.54
N LEU C 37 23.64 -17.35 120.17
CA LEU C 37 24.18 -17.27 118.81
C LEU C 37 25.36 -18.22 118.61
N ARG C 38 26.10 -18.53 119.68
CA ARG C 38 27.25 -19.44 119.62
C ARG C 38 28.31 -18.92 118.65
N GLN C 39 28.83 -17.74 118.97
CA GLN C 39 29.81 -17.07 118.13
C GLN C 39 30.67 -16.15 119.00
N MET C 40 31.92 -15.95 118.58
CA MET C 40 32.83 -15.04 119.25
C MET C 40 33.08 -13.81 118.39
N PHE C 41 33.70 -12.80 118.98
CA PHE C 41 33.80 -11.47 118.39
C PHE C 41 35.24 -10.95 118.46
N ARG C 42 36.19 -11.73 117.95
CA ARG C 42 37.51 -11.16 117.70
C ARG C 42 37.37 -10.00 116.72
N SER C 43 37.69 -8.79 117.18
CA SER C 43 37.41 -7.57 116.44
C SER C 43 38.64 -7.12 115.67
N ARG C 44 38.43 -6.11 114.82
CA ARG C 44 39.48 -5.57 113.96
C ARG C 44 39.01 -4.20 113.47
N SER C 45 39.89 -3.52 112.72
CA SER C 45 39.57 -2.20 112.19
C SER C 45 40.47 -1.93 111.00
N ILE C 46 39.95 -1.16 110.04
CA ILE C 46 40.68 -0.77 108.85
C ILE C 46 41.24 0.64 109.07
N GLU C 47 42.51 0.82 108.71
CA GLU C 47 43.19 2.10 108.92
C GLU C 47 43.70 2.73 107.63
N VAL C 48 44.41 1.97 106.79
CA VAL C 48 45.07 2.52 105.61
C VAL C 48 44.71 1.68 104.40
N PHE C 49 44.32 2.35 103.31
CA PHE C 49 44.00 1.68 102.06
C PHE C 49 45.22 1.57 101.15
N GLY C 50 45.84 2.69 100.81
CA GLY C 50 46.88 2.73 99.81
C GLY C 50 46.43 3.50 98.58
N GLN C 51 46.91 4.74 98.45
CA GLN C 51 46.42 5.64 97.41
C GLN C 51 47.02 5.36 96.04
N PHE C 52 48.11 4.60 95.98
CA PHE C 52 48.87 4.43 94.74
C PHE C 52 48.80 2.98 94.29
N ASN C 53 49.58 2.66 93.24
CA ASN C 53 49.61 1.36 92.57
C ASN C 53 50.21 0.25 93.43
N GLY C 54 50.50 0.49 94.71
CA GLY C 54 51.09 -0.52 95.57
C GLY C 54 50.16 -1.66 95.91
N LYS C 55 50.44 -2.33 97.03
CA LYS C 55 49.68 -3.50 97.45
C LYS C 55 48.22 -3.17 97.71
N ARG C 56 47.32 -3.72 96.89
CA ARG C 56 45.89 -3.59 97.15
C ARG C 56 45.49 -4.49 98.32
N CYS C 57 44.65 -3.97 99.20
CA CYS C 57 44.27 -4.68 100.42
C CYS C 57 42.77 -4.53 100.62
N THR C 58 42.03 -5.61 100.34
CA THR C 58 40.58 -5.66 100.52
C THR C 58 40.18 -6.49 101.73
N ASP C 59 41.08 -6.63 102.71
CA ASP C 59 40.82 -7.47 103.87
C ASP C 59 39.61 -6.96 104.64
N ALA C 60 38.56 -7.78 104.71
CA ALA C 60 37.34 -7.39 105.39
C ALA C 60 37.53 -7.43 106.91
N VAL C 61 36.83 -6.54 107.59
CA VAL C 61 36.89 -6.45 109.04
C VAL C 61 35.89 -7.41 109.65
N GLY C 62 36.33 -8.18 110.65
CA GLY C 62 35.47 -9.12 111.33
C GLY C 62 36.05 -10.52 111.39
N ASP C 63 35.69 -11.25 112.45
CA ASP C 63 36.17 -12.61 112.64
C ASP C 63 35.19 -13.34 113.55
N ARG C 64 34.94 -14.61 113.23
CA ARG C 64 34.01 -15.44 113.99
C ARG C 64 34.72 -16.69 114.49
N ARG C 65 34.11 -17.31 115.51
CA ARG C 65 34.68 -18.50 116.12
C ARG C 65 33.60 -19.22 116.90
N GLN C 66 33.60 -20.54 116.81
CA GLN C 66 32.68 -21.34 117.62
C GLN C 66 33.12 -21.36 119.07
N CYS C 67 32.16 -21.28 119.98
CA CYS C 67 32.43 -21.23 121.40
C CYS C 67 31.38 -22.02 122.16
N VAL C 68 31.81 -22.73 123.20
CA VAL C 68 30.91 -23.50 124.05
C VAL C 68 30.08 -22.53 124.88
N PRO C 69 28.75 -22.56 124.76
CA PRO C 69 27.93 -21.61 125.53
C PRO C 69 27.92 -21.95 127.00
N THR C 70 27.94 -20.91 127.84
CA THR C 70 27.91 -21.06 129.28
C THR C 70 26.59 -20.61 129.91
N GLU C 71 25.85 -19.73 129.25
CA GLU C 71 24.55 -19.31 129.75
C GLU C 71 23.46 -20.27 129.28
N PRO C 72 22.38 -20.41 130.05
CA PRO C 72 21.33 -21.36 129.66
C PRO C 72 20.53 -20.95 128.43
N CYS C 73 20.61 -19.68 128.02
CA CYS C 73 19.86 -19.17 126.86
C CYS C 73 18.35 -19.38 127.08
N GLU C 74 17.85 -18.75 128.15
CA GLU C 74 16.44 -18.88 128.47
C GLU C 74 15.56 -17.96 127.63
N ASP C 75 16.10 -16.83 127.18
CA ASP C 75 15.33 -15.90 126.37
C ASP C 75 15.03 -16.51 125.00
N ALA C 76 13.77 -16.43 124.58
CA ALA C 76 13.35 -16.97 123.30
C ALA C 76 12.23 -16.11 122.74
N GLU C 77 11.95 -16.28 121.45
CA GLU C 77 10.92 -15.52 120.75
C GLU C 77 9.63 -16.34 120.74
N ASP C 78 8.64 -15.88 121.50
CA ASP C 78 7.36 -16.56 121.52
C ASP C 78 6.59 -16.32 120.22
N ASP C 79 5.61 -17.16 119.97
CA ASP C 79 4.80 -17.04 118.75
C ASP C 79 3.69 -16.01 118.91
N CYS C 80 4.07 -14.80 119.35
CA CYS C 80 3.22 -13.61 119.39
C CYS C 80 1.98 -13.77 120.28
N GLY C 81 1.81 -14.96 120.87
CA GLY C 81 0.74 -15.22 121.82
C GLY C 81 -0.64 -14.74 121.46
N ASN C 82 -0.91 -14.56 120.16
CA ASN C 82 -2.15 -13.94 119.71
C ASN C 82 -3.04 -14.91 118.92
N ASP C 83 -2.53 -15.47 117.84
CA ASP C 83 -3.36 -16.25 116.94
C ASP C 83 -2.51 -17.34 116.29
N PHE C 84 -3.01 -17.92 115.20
CA PHE C 84 -2.34 -19.00 114.50
C PHE C 84 -0.95 -18.59 114.03
N GLN C 85 0.07 -19.31 114.49
CA GLN C 85 1.44 -19.05 114.06
C GLN C 85 1.67 -19.60 112.66
N CYS C 86 2.42 -18.85 111.85
CA CYS C 86 2.79 -19.31 110.53
C CYS C 86 3.94 -20.31 110.62
N SER C 87 4.27 -20.91 109.48
CA SER C 87 5.34 -21.88 109.41
C SER C 87 6.73 -21.26 109.46
N THR C 88 6.84 -19.93 109.47
CA THR C 88 8.13 -19.26 109.49
C THR C 88 8.34 -18.32 110.67
N GLY C 89 7.28 -17.87 111.33
CA GLY C 89 7.45 -17.02 112.51
C GLY C 89 6.51 -15.84 112.60
N ARG C 90 5.78 -15.55 111.53
CA ARG C 90 4.84 -14.44 111.52
C ARG C 90 3.48 -14.91 112.02
N CYS C 91 2.55 -13.97 112.17
CA CYS C 91 1.26 -14.25 112.79
C CYS C 91 0.13 -13.61 111.99
N ILE C 92 -1.02 -14.28 111.99
CA ILE C 92 -2.24 -13.70 111.43
C ILE C 92 -2.71 -12.57 112.33
N LYS C 93 -3.05 -11.42 111.73
CA LYS C 93 -3.61 -10.33 112.50
C LYS C 93 -5.11 -10.54 112.74
N MET C 94 -5.92 -10.46 111.67
CA MET C 94 -7.34 -10.77 111.81
C MET C 94 -7.90 -11.67 110.70
N ARG C 95 -7.36 -11.65 109.48
CA ARG C 95 -7.99 -12.35 108.37
C ARG C 95 -6.98 -13.02 107.46
N LEU C 96 -5.85 -13.49 108.01
CA LEU C 96 -4.85 -14.19 107.22
C LEU C 96 -5.20 -15.68 107.05
N ARG C 97 -6.45 -16.05 107.26
CA ARG C 97 -6.89 -17.43 107.07
C ARG C 97 -7.12 -17.71 105.58
N CYS C 98 -7.80 -18.81 105.27
CA CYS C 98 -7.99 -19.24 103.89
C CYS C 98 -8.98 -18.28 103.22
N ASN C 99 -8.46 -17.10 102.85
CA ASN C 99 -9.23 -16.06 102.20
C ASN C 99 -8.45 -15.45 101.04
N GLY C 100 -7.61 -16.25 100.39
CA GLY C 100 -6.83 -15.75 99.27
C GLY C 100 -5.78 -14.73 99.63
N ASP C 101 -5.25 -14.78 100.85
CA ASP C 101 -4.24 -13.84 101.32
C ASP C 101 -2.91 -14.59 101.42
N ASN C 102 -2.07 -14.45 100.40
CA ASN C 102 -0.79 -15.13 100.35
C ASN C 102 0.26 -14.33 101.13
N ASP C 103 0.69 -14.87 102.27
CA ASP C 103 1.70 -14.23 103.10
C ASP C 103 2.97 -15.08 103.25
N CYS C 104 2.82 -16.34 103.64
CA CYS C 104 3.98 -17.16 104.00
C CYS C 104 4.55 -17.91 102.80
N GLY C 105 3.74 -18.77 102.18
CA GLY C 105 4.20 -19.55 101.05
C GLY C 105 3.17 -19.66 99.95
N ASP C 106 3.39 -20.58 99.01
CA ASP C 106 2.41 -20.79 97.93
C ASP C 106 1.10 -21.29 98.50
N PHE C 107 1.15 -22.26 99.42
CA PHE C 107 -0.04 -22.75 100.09
C PHE C 107 0.23 -22.96 101.59
N SER C 108 1.17 -22.19 102.15
CA SER C 108 1.50 -22.34 103.57
C SER C 108 0.36 -21.85 104.45
N ASP C 109 -0.11 -20.63 104.21
CA ASP C 109 -1.21 -20.09 105.01
C ASP C 109 -2.53 -20.75 104.64
N GLU C 110 -2.75 -21.01 103.35
CA GLU C 110 -3.96 -21.65 102.86
C GLU C 110 -3.87 -23.18 102.90
N ASP C 111 -2.96 -23.74 103.71
CA ASP C 111 -2.84 -25.19 103.80
C ASP C 111 -4.13 -25.82 104.29
N ASP C 112 -4.67 -25.34 105.41
CA ASP C 112 -5.89 -25.86 105.99
C ASP C 112 -7.04 -24.92 105.63
N CYS C 113 -7.96 -25.40 104.79
CA CYS C 113 -9.12 -24.64 104.36
C CYS C 113 -10.37 -25.45 104.71
N GLU C 114 -10.97 -25.14 105.87
CA GLU C 114 -12.18 -25.85 106.28
C GLU C 114 -13.42 -25.23 105.65
N SER C 115 -13.51 -23.89 105.66
CA SER C 115 -14.63 -23.21 105.06
C SER C 115 -14.42 -23.07 103.55
N GLU C 116 -15.42 -22.51 102.87
CA GLU C 116 -15.32 -22.32 101.43
C GLU C 116 -14.25 -21.28 101.10
N PRO C 117 -13.56 -21.43 99.97
CA PRO C 117 -12.54 -20.45 99.60
C PRO C 117 -13.14 -19.11 99.19
N ARG C 118 -13.58 -18.33 100.17
CA ARG C 118 -14.19 -17.03 99.92
C ARG C 118 -13.17 -16.08 99.30
N PRO C 119 -13.41 -15.53 98.13
CA PRO C 119 -12.47 -14.59 97.53
C PRO C 119 -12.50 -13.26 98.27
N PRO C 120 -11.34 -12.62 98.44
CA PRO C 120 -11.33 -11.33 99.14
C PRO C 120 -11.87 -10.18 98.31
N CYS C 121 -11.79 -10.28 96.99
CA CYS C 121 -12.26 -9.23 96.09
C CYS C 121 -12.86 -9.85 94.85
N ARG C 122 -14.01 -9.31 94.42
CA ARG C 122 -14.73 -9.86 93.28
C ARG C 122 -14.28 -9.26 91.96
N ASP C 123 -13.90 -7.98 91.94
CA ASP C 123 -13.51 -7.33 90.70
C ASP C 123 -12.19 -7.91 90.18
N ARG C 124 -12.02 -7.83 88.87
CA ARG C 124 -10.82 -8.34 88.21
C ARG C 124 -9.71 -7.29 88.29
N VAL C 125 -8.72 -7.54 89.13
CA VAL C 125 -7.59 -6.63 89.32
C VAL C 125 -6.33 -7.43 89.04
N VAL C 126 -5.59 -7.03 88.00
CA VAL C 126 -4.39 -7.76 87.61
C VAL C 126 -3.27 -7.47 88.60
N GLU C 127 -2.47 -8.50 88.90
CA GLU C 127 -1.35 -8.35 89.81
C GLU C 127 -0.31 -7.38 89.22
N GLU C 128 0.44 -6.74 90.11
CA GLU C 128 1.45 -5.75 89.73
C GLU C 128 2.62 -6.48 89.08
N SER C 129 2.66 -6.49 87.75
CA SER C 129 3.66 -7.23 86.99
C SER C 129 4.82 -6.31 86.64
N GLU C 130 6.00 -6.60 87.18
CA GLU C 130 7.26 -5.93 86.85
C GLU C 130 7.25 -4.45 87.18
N LEU C 131 6.22 -3.96 87.85
CA LEU C 131 6.10 -2.56 88.23
C LEU C 131 6.73 -2.37 89.62
N ALA C 132 6.43 -1.25 90.29
CA ALA C 132 7.05 -0.86 91.55
C ALA C 132 6.80 -1.87 92.68
N ARG C 133 6.11 -2.97 92.38
CA ARG C 133 5.88 -4.06 93.34
C ARG C 133 7.12 -4.37 94.18
N THR C 134 8.29 -4.37 93.53
CA THR C 134 9.56 -4.53 94.24
C THR C 134 10.04 -3.14 94.66
N ALA C 135 9.41 -2.62 95.71
CA ALA C 135 9.64 -1.26 96.17
C ALA C 135 10.78 -1.15 97.17
N GLY C 136 11.39 -2.26 97.56
CA GLY C 136 12.52 -2.23 98.49
C GLY C 136 13.84 -2.06 97.77
N TYR C 137 14.68 -1.18 98.30
CA TYR C 137 15.97 -0.88 97.72
C TYR C 137 16.99 -0.62 98.82
N GLY C 138 18.17 -1.19 98.67
CA GLY C 138 19.21 -1.11 99.67
C GLY C 138 20.44 -0.32 99.26
N ILE C 139 20.21 0.85 98.66
CA ILE C 139 21.31 1.65 98.12
C ILE C 139 22.35 1.94 99.20
N ASN C 140 23.62 1.89 98.80
CA ASN C 140 24.74 2.19 99.68
C ASN C 140 25.24 3.59 99.35
N ILE C 141 25.27 4.47 100.36
CA ILE C 141 25.75 5.83 100.15
C ILE C 141 27.21 5.82 99.74
N LEU C 142 27.99 4.87 100.25
CA LEU C 142 29.39 4.72 99.86
C LEU C 142 29.58 3.75 98.70
N GLY C 143 28.53 3.01 98.32
CA GLY C 143 28.66 1.99 97.29
C GLY C 143 28.18 2.40 95.91
N MET C 144 27.05 1.87 95.50
CA MET C 144 26.58 2.01 94.12
C MET C 144 25.06 1.99 94.12
N ASP C 145 24.47 1.72 92.94
CA ASP C 145 23.04 1.74 92.67
C ASP C 145 22.23 0.93 93.69
N PRO C 146 20.93 1.21 93.84
CA PRO C 146 20.15 0.52 94.87
C PRO C 146 20.13 -0.99 94.71
N LEU C 147 19.78 -1.66 95.81
CA LEU C 147 19.80 -3.11 95.91
C LEU C 147 18.37 -3.64 95.77
N SER C 148 18.20 -4.95 96.00
CA SER C 148 16.89 -5.59 95.92
C SER C 148 16.07 -5.24 97.15
N THR C 149 14.90 -5.87 97.27
CA THR C 149 14.00 -5.56 98.37
C THR C 149 14.44 -6.27 99.65
N PRO C 150 14.58 -5.57 100.77
CA PRO C 150 14.92 -6.22 102.04
C PRO C 150 13.73 -6.75 102.81
N PHE C 151 12.51 -6.59 102.31
CA PHE C 151 11.31 -6.98 103.03
C PHE C 151 10.31 -7.60 102.06
N ASP C 152 9.33 -8.30 102.62
CA ASP C 152 8.27 -8.89 101.81
C ASP C 152 7.31 -7.80 101.34
N ASN C 153 7.04 -7.78 100.04
CA ASN C 153 6.19 -6.75 99.44
C ASN C 153 4.98 -7.34 98.73
N GLU C 154 4.67 -8.62 98.97
CA GLU C 154 3.52 -9.27 98.35
C GLU C 154 2.32 -9.37 99.28
N PHE C 155 2.55 -9.44 100.59
CA PHE C 155 1.46 -9.57 101.54
C PHE C 155 0.57 -8.33 101.54
N TYR C 156 -0.74 -8.55 101.67
CA TYR C 156 -1.71 -7.48 101.79
C TYR C 156 -2.63 -7.75 102.96
N ASN C 157 -3.14 -6.68 103.57
CA ASN C 157 -3.88 -6.81 104.83
C ASN C 157 -5.33 -7.22 104.61
N GLY C 158 -6.10 -6.38 103.93
CA GLY C 158 -7.53 -6.61 103.82
C GLY C 158 -8.14 -6.40 102.45
N LEU C 159 -9.16 -5.54 102.38
CA LEU C 159 -9.83 -5.26 101.12
C LEU C 159 -8.87 -4.60 100.13
N CYS C 160 -8.89 -5.11 98.90
CA CYS C 160 -8.00 -4.59 97.85
C CYS C 160 -8.19 -3.10 97.67
N ASN C 161 -7.08 -2.38 97.61
CA ASN C 161 -7.09 -0.94 97.37
C ASN C 161 -6.87 -0.73 95.86
N ARG C 162 -7.88 -0.19 95.20
CA ARG C 162 -7.84 -0.06 93.75
C ARG C 162 -6.76 0.94 93.32
N ASP C 163 -6.13 0.63 92.19
CA ASP C 163 -5.07 1.44 91.60
C ASP C 163 -5.43 1.78 90.16
N ARG C 164 -6.67 2.26 89.97
CA ARG C 164 -7.24 2.46 88.64
C ARG C 164 -6.57 3.67 88.00
N ASP C 165 -5.39 3.42 87.42
CA ASP C 165 -4.61 4.43 86.75
C ASP C 165 -3.57 3.74 85.88
N GLY C 166 -3.00 4.50 84.95
CA GLY C 166 -1.99 3.98 84.04
C GLY C 166 -2.27 4.35 82.60
N ASN C 167 -1.33 3.98 81.74
CA ASN C 167 -1.45 4.26 80.31
C ASN C 167 -2.67 3.57 79.71
N THR C 168 -2.75 2.24 79.88
CA THR C 168 -3.85 1.47 79.35
C THR C 168 -4.94 1.32 80.41
N LEU C 169 -6.00 0.59 80.05
CA LEU C 169 -7.12 0.35 80.96
C LEU C 169 -6.87 -0.99 81.66
N THR C 170 -6.20 -0.92 82.80
CA THR C 170 -5.90 -2.11 83.59
C THR C 170 -5.81 -1.72 85.06
N TYR C 171 -6.19 -2.65 85.93
CA TYR C 171 -6.25 -2.41 87.36
C TYR C 171 -5.11 -3.19 88.04
N TYR C 172 -4.23 -2.47 88.72
CA TYR C 172 -3.13 -3.07 89.46
C TYR C 172 -3.43 -3.09 90.95
N ARG C 173 -2.62 -3.84 91.69
CA ARG C 173 -2.74 -3.94 93.13
C ARG C 173 -1.60 -3.17 93.80
N ARG C 174 -1.91 -2.57 94.93
CA ARG C 174 -0.94 -1.87 95.76
C ARG C 174 -0.76 -2.62 97.07
N PRO C 175 0.42 -3.15 97.38
CA PRO C 175 0.59 -3.94 98.60
C PRO C 175 0.43 -3.09 99.85
N TRP C 176 0.14 -3.78 100.96
CA TRP C 176 -0.02 -3.10 102.24
C TRP C 176 1.30 -2.52 102.74
N ASN C 177 2.43 -3.00 102.24
CA ASN C 177 3.72 -2.43 102.62
C ASN C 177 3.95 -1.08 101.95
N VAL C 178 3.47 -0.91 100.73
CA VAL C 178 3.64 0.34 99.98
C VAL C 178 2.49 1.26 100.34
N ALA C 179 2.80 2.46 100.82
CA ALA C 179 1.77 3.40 101.22
C ALA C 179 1.12 4.09 100.01
N SER C 180 1.90 4.34 98.96
CA SER C 180 1.40 5.03 97.79
C SER C 180 2.12 4.53 96.55
N LEU C 181 1.45 4.65 95.41
CA LEU C 181 2.03 4.26 94.12
C LEU C 181 1.41 5.15 93.05
N ILE C 182 2.15 6.19 92.66
CA ILE C 182 1.68 7.15 91.66
C ILE C 182 2.16 6.70 90.29
N TYR C 183 1.38 7.06 89.26
CA TYR C 183 1.67 6.70 87.88
C TYR C 183 1.90 7.94 87.02
N GLU C 184 2.38 9.02 87.63
CA GLU C 184 2.63 10.26 86.88
C GLU C 184 3.78 10.06 85.90
N THR C 185 3.51 10.29 84.62
CA THR C 185 4.52 10.14 83.57
C THR C 185 5.19 11.48 83.28
N LYS C 186 5.86 12.00 84.29
CA LYS C 186 6.56 13.28 84.15
C LYS C 186 7.71 13.16 83.16
N GLY C 187 8.01 14.27 82.49
CA GLY C 187 9.10 14.31 81.53
C GLY C 187 9.71 15.69 81.40
N GLU C 188 11.03 15.77 81.43
CA GLU C 188 11.71 17.06 81.35
C GLU C 188 13.10 16.85 80.76
N LYS C 189 13.72 17.95 80.34
CA LYS C 189 15.05 17.92 79.76
C LYS C 189 15.67 19.30 79.90
N ASN C 190 17.00 19.34 79.81
CA ASN C 190 17.74 20.58 79.95
C ASN C 190 18.98 20.54 79.06
N PHE C 191 19.39 21.71 78.58
CA PHE C 191 20.57 21.81 77.72
C PHE C 191 21.23 23.15 77.97
N ARG C 192 22.55 23.18 77.78
CA ARG C 192 23.33 24.40 77.99
C ARG C 192 24.51 24.41 77.04
N THR C 193 25.05 25.61 76.81
CA THR C 193 26.19 25.78 75.92
C THR C 193 26.98 27.02 76.35
N GLU C 194 28.22 27.08 75.91
CA GLU C 194 29.09 28.19 76.25
C GLU C 194 30.22 28.27 75.23
N HIS C 195 30.79 29.47 75.10
CA HIS C 195 31.89 29.70 74.19
C HIS C 195 32.81 30.77 74.78
N TYR C 196 34.11 30.50 74.77
CA TYR C 196 35.12 31.42 75.28
C TYR C 196 36.10 31.76 74.16
N GLU C 197 36.61 32.98 74.19
CA GLU C 197 37.57 33.43 73.19
C GLU C 197 38.61 34.35 73.84
N GLU C 198 39.87 34.13 73.48
CA GLU C 198 40.97 34.94 73.97
C GLU C 198 41.98 35.14 72.85
N GLN C 199 42.47 36.37 72.73
CA GLN C 199 43.41 36.73 71.67
C GLN C 199 44.29 37.87 72.15
N ILE C 200 45.57 37.82 71.78
CA ILE C 200 46.51 38.90 72.10
C ILE C 200 47.56 38.96 70.99
N GLU C 201 47.97 40.17 70.65
CA GLU C 201 48.98 40.40 69.63
C GLU C 201 49.85 41.57 70.05
N ALA C 202 51.16 41.46 69.77
CA ALA C 202 52.11 42.50 70.12
C ALA C 202 53.19 42.58 69.06
N PHE C 203 53.39 43.77 68.50
CA PHE C 203 54.41 44.01 67.49
C PHE C 203 55.41 45.03 68.01
N LYS C 204 56.69 44.79 67.74
CA LYS C 204 57.76 45.68 68.17
C LYS C 204 58.81 45.78 67.07
N SER C 205 59.28 47.01 66.83
CA SER C 205 60.32 47.25 65.83
C SER C 205 61.18 48.41 66.28
N ILE C 206 62.50 48.21 66.29
CA ILE C 206 63.46 49.21 66.71
C ILE C 206 64.57 49.26 65.67
N ILE C 207 64.91 50.47 65.23
CA ILE C 207 65.96 50.67 64.23
C ILE C 207 66.89 51.78 64.71
N GLN C 208 68.18 51.61 64.46
CA GLN C 208 69.20 52.58 64.84
C GLN C 208 70.10 52.85 63.64
N GLU C 209 70.50 54.11 63.49
CA GLU C 209 71.35 54.52 62.37
C GLU C 209 72.30 55.61 62.84
N LYS C 210 73.59 55.40 62.60
CA LYS C 210 74.62 56.35 62.96
C LYS C 210 75.69 56.36 61.88
N THR C 211 76.16 57.55 61.53
CA THR C 211 77.19 57.72 60.51
C THR C 211 78.26 58.68 61.03
N SER C 212 79.53 58.34 60.78
CA SER C 212 80.66 59.13 61.24
C SER C 212 81.62 59.35 60.08
N ASN C 213 82.01 60.60 59.87
CA ASN C 213 82.95 60.97 58.82
C ASN C 213 83.89 62.05 59.34
N PHE C 214 85.17 61.92 59.01
CA PHE C 214 86.18 62.85 59.48
C PHE C 214 87.25 63.04 58.41
N ASN C 215 87.74 64.27 58.28
CA ASN C 215 88.82 64.60 57.36
C ASN C 215 89.87 65.40 58.11
N ALA C 216 91.07 65.46 57.53
CA ALA C 216 92.15 66.27 58.10
C ALA C 216 93.13 66.61 56.99
N ALA C 217 93.13 67.87 56.56
CA ALA C 217 94.03 68.35 55.51
C ALA C 217 94.86 69.51 56.05
N ILE C 218 96.18 69.35 56.00
CA ILE C 218 97.12 70.38 56.45
C ILE C 218 98.33 70.35 55.53
N SER C 219 98.74 71.52 55.04
CA SER C 219 99.85 71.63 54.10
C SER C 219 100.83 72.68 54.58
N LEU C 220 102.12 72.43 54.35
CA LEU C 220 103.19 73.33 54.76
C LEU C 220 104.13 73.55 53.59
N LYS C 221 104.51 74.81 53.37
CA LYS C 221 105.44 75.18 52.31
C LYS C 221 106.33 76.31 52.79
N PHE C 222 107.62 76.24 52.41
CA PHE C 222 108.59 77.25 52.81
C PHE C 222 109.54 77.51 51.64
N THR C 223 109.69 78.79 51.29
CA THR C 223 110.59 79.20 50.21
C THR C 223 111.11 80.59 50.54
N PRO C 224 112.37 80.70 51.01
CA PRO C 224 112.97 82.00 51.33
C PRO C 224 113.42 82.75 50.09
N SER C 242 119.82 78.51 46.81
CA SER C 242 118.39 78.30 46.63
C SER C 242 117.85 77.33 47.66
N LEU C 243 116.62 77.58 48.13
CA LEU C 243 115.99 76.74 49.12
C LEU C 243 114.49 76.71 48.85
N HIS C 244 113.92 75.50 48.84
CA HIS C 244 112.51 75.32 48.57
C HIS C 244 111.96 74.21 49.46
N GLY C 245 110.69 74.32 49.82
CA GLY C 245 110.04 73.32 50.64
C GLY C 245 108.55 73.20 50.36
N LYS C 246 108.05 71.97 50.28
CA LYS C 246 106.63 71.74 50.00
C LYS C 246 106.18 70.47 50.72
N GLY C 247 105.09 70.58 51.46
CA GLY C 247 104.51 69.43 52.15
C GLY C 247 103.01 69.52 52.26
N SER C 248 102.33 68.39 52.14
CA SER C 248 100.87 68.36 52.19
C SER C 248 100.41 67.08 52.86
N PHE C 249 99.55 67.21 53.87
CA PHE C 249 98.98 66.08 54.58
C PHE C 249 97.51 65.97 54.24
N ARG C 250 97.03 64.74 54.01
CA ARG C 250 95.63 64.48 53.75
C ARG C 250 95.18 63.29 54.56
N PHE C 251 93.95 63.35 55.08
CA PHE C 251 93.43 62.31 55.96
C PHE C 251 91.92 62.20 55.75
N SER C 252 91.42 60.97 55.82
CA SER C 252 90.00 60.71 55.66
C SER C 252 89.55 59.68 56.68
N TYR C 253 88.23 59.61 56.88
CA TYR C 253 87.65 58.69 57.84
C TYR C 253 86.17 58.52 57.53
N SER C 254 85.72 57.27 57.49
CA SER C 254 84.34 56.94 57.19
C SER C 254 83.86 55.81 58.07
N LYS C 255 82.61 55.89 58.51
CA LYS C 255 82.05 54.88 59.42
C LYS C 255 80.54 55.07 59.50
N ASN C 256 79.81 53.96 59.45
CA ASN C 256 78.40 53.98 59.79
C ASN C 256 78.02 52.64 60.41
N GLU C 257 77.04 52.67 61.32
CA GLU C 257 76.59 51.48 62.02
C GLU C 257 75.07 51.48 62.07
N THR C 258 74.44 50.59 61.32
CA THR C 258 72.99 50.47 61.28
C THR C 258 72.55 49.28 62.12
N TYR C 259 71.62 49.53 63.06
CA TYR C 259 71.07 48.49 63.91
C TYR C 259 69.59 48.34 63.61
N GLN C 260 69.10 47.11 63.71
CA GLN C 260 67.69 46.81 63.45
C GLN C 260 67.20 45.76 64.43
N LEU C 261 66.01 45.98 64.97
CA LEU C 261 65.40 45.07 65.92
C LEU C 261 63.93 44.88 65.56
N PHE C 262 63.43 43.66 65.71
CA PHE C 262 62.04 43.36 65.41
C PHE C 262 61.56 42.28 66.37
N LEU C 263 60.37 42.48 66.94
CA LEU C 263 59.80 41.53 67.88
C LEU C 263 58.30 41.44 67.65
N SER C 264 57.78 40.21 67.70
CA SER C 264 56.36 39.96 67.49
C SER C 264 55.91 38.85 68.43
N TYR C 265 54.67 38.99 68.94
CA TYR C 265 54.11 38.01 69.84
C TYR C 265 52.60 37.93 69.62
N SER C 266 52.08 36.72 69.56
CA SER C 266 50.65 36.51 69.34
C SER C 266 50.23 35.20 70.00
N SER C 267 49.06 35.24 70.65
CA SER C 267 48.54 34.06 71.32
C SER C 267 47.02 34.09 71.26
N LYS C 268 46.42 32.92 71.07
CA LYS C 268 44.96 32.78 70.99
C LYS C 268 44.53 31.59 71.82
N LYS C 269 43.42 31.75 72.54
CA LYS C 269 42.87 30.70 73.38
C LYS C 269 41.36 30.65 73.20
N GLU C 270 40.82 29.43 73.18
CA GLU C 270 39.39 29.21 73.01
C GLU C 270 38.96 28.06 73.91
N LYS C 271 37.75 28.16 74.45
CA LYS C 271 37.21 27.14 75.33
C LYS C 271 35.71 27.01 75.10
N MET C 272 35.24 25.77 75.07
CA MET C 272 33.82 25.47 74.85
C MET C 272 33.36 24.44 75.86
N PHE C 273 32.21 24.70 76.49
CA PHE C 273 31.63 23.79 77.46
C PHE C 273 30.13 23.72 77.24
N LEU C 274 29.63 22.50 77.03
CA LEU C 274 28.20 22.31 76.76
C LEU C 274 27.82 20.89 77.19
N HIS C 275 26.62 20.76 77.75
CA HIS C 275 26.12 19.48 78.19
C HIS C 275 24.60 19.51 78.19
N VAL C 276 24.00 18.31 78.17
CA VAL C 276 22.55 18.16 78.16
C VAL C 276 22.18 16.94 78.99
N LYS C 277 21.01 17.01 79.62
CA LYS C 277 20.53 15.91 80.45
C LYS C 277 19.01 15.83 80.35
N GLY C 278 18.50 14.61 80.36
CA GLY C 278 17.08 14.38 80.28
C GLY C 278 16.62 13.21 81.14
N GLU C 279 15.44 13.33 81.74
CA GLU C 279 14.91 12.29 82.62
C GLU C 279 13.45 12.06 82.28
N ILE C 280 13.13 10.84 81.86
CA ILE C 280 11.75 10.44 81.55
C ILE C 280 11.22 9.70 82.76
N HIS C 281 10.45 10.39 83.59
CA HIS C 281 9.87 9.79 84.78
C HIS C 281 8.72 8.87 84.42
N LEU C 282 8.63 7.74 85.11
CA LEU C 282 7.63 6.72 84.84
C LEU C 282 6.64 6.58 85.99
N GLY C 283 7.13 6.31 87.21
CA GLY C 283 6.25 6.12 88.35
C GLY C 283 6.96 6.46 89.63
N ARG C 284 6.16 6.65 90.68
CA ARG C 284 6.67 7.06 91.97
C ARG C 284 5.91 6.33 93.08
N PHE C 285 6.62 5.97 94.14
CA PHE C 285 6.03 5.25 95.26
C PHE C 285 6.60 5.80 96.56
N VAL C 286 5.88 5.54 97.65
CA VAL C 286 6.31 5.93 98.99
C VAL C 286 6.04 4.74 99.91
N MET C 287 7.11 4.14 100.43
CA MET C 287 6.97 3.03 101.35
C MET C 287 6.41 3.51 102.69
N ARG C 288 5.47 2.73 103.23
CA ARG C 288 4.95 3.03 104.56
C ARG C 288 6.04 2.91 105.59
N ASN C 289 6.19 3.93 106.44
CA ASN C 289 7.31 3.98 107.36
C ASN C 289 7.17 2.97 108.48
N ARG C 290 6.04 3.00 109.19
CA ARG C 290 5.80 2.08 110.31
C ARG C 290 4.62 1.18 109.98
N ASP C 291 4.46 0.14 110.80
CA ASP C 291 3.39 -0.86 110.63
C ASP C 291 3.50 -1.54 109.26
N VAL C 292 4.71 -2.03 108.95
CA VAL C 292 5.00 -2.68 107.68
C VAL C 292 5.50 -4.09 107.97
N VAL C 293 5.22 -5.00 107.04
CA VAL C 293 5.61 -6.39 107.18
C VAL C 293 6.97 -6.59 106.52
N LEU C 294 7.70 -7.59 106.99
CA LEU C 294 9.03 -7.91 106.51
C LEU C 294 9.08 -9.34 105.97
N THR C 295 10.15 -9.65 105.26
CA THR C 295 10.31 -10.98 104.68
C THR C 295 10.92 -11.94 105.70
N THR C 296 10.66 -13.23 105.48
CA THR C 296 11.16 -14.26 106.39
C THR C 296 12.68 -14.35 106.40
N THR C 297 13.33 -13.93 105.31
CA THR C 297 14.79 -13.99 105.27
C THR C 297 15.41 -12.91 106.13
N PHE C 298 14.86 -11.69 106.07
CA PHE C 298 15.41 -10.59 106.86
C PHE C 298 15.08 -10.75 108.33
N VAL C 299 13.86 -11.21 108.64
CA VAL C 299 13.47 -11.41 110.04
C VAL C 299 14.34 -12.47 110.69
N ASP C 300 14.64 -13.55 109.96
CA ASP C 300 15.53 -14.57 110.50
C ASP C 300 16.93 -14.02 110.75
N ASP C 301 17.38 -13.09 109.92
CA ASP C 301 18.67 -12.45 110.15
C ASP C 301 18.63 -11.56 111.39
N ILE C 302 17.52 -10.85 111.59
CA ILE C 302 17.37 -10.02 112.79
C ILE C 302 17.16 -10.91 114.02
N LYS C 303 16.48 -12.05 113.85
CA LYS C 303 16.32 -12.97 114.97
C LYS C 303 17.64 -13.63 115.33
N ALA C 304 18.38 -14.10 114.33
CA ALA C 304 19.73 -14.64 114.55
C ALA C 304 20.74 -13.51 114.38
N LEU C 305 20.75 -12.62 115.38
CA LEU C 305 21.58 -11.44 115.37
C LEU C 305 22.14 -11.22 116.77
N PRO C 306 23.42 -10.85 116.89
CA PRO C 306 23.99 -10.63 118.23
C PRO C 306 23.46 -9.39 118.90
N THR C 307 23.87 -9.16 120.15
CA THR C 307 23.41 -8.00 120.91
C THR C 307 24.52 -7.36 121.72
N THR C 308 25.77 -7.74 121.52
CA THR C 308 26.90 -7.23 122.28
C THR C 308 27.84 -6.41 121.40
N TYR C 309 27.26 -5.68 120.43
CA TYR C 309 28.00 -4.83 119.51
C TYR C 309 29.07 -5.63 118.74
N GLU C 310 28.59 -6.57 117.93
CA GLU C 310 29.46 -7.35 117.06
C GLU C 310 29.63 -6.58 115.76
N LYS C 311 30.63 -5.68 115.74
CA LYS C 311 30.91 -4.90 114.54
C LYS C 311 31.28 -5.79 113.37
N GLY C 312 31.91 -6.95 113.63
CA GLY C 312 32.30 -7.83 112.54
C GLY C 312 31.11 -8.36 111.76
N GLU C 313 30.11 -8.90 112.47
CA GLU C 313 28.91 -9.40 111.78
C GLU C 313 28.05 -8.26 111.28
N TYR C 314 27.98 -7.16 112.03
CA TYR C 314 27.18 -6.01 111.59
C TYR C 314 27.72 -5.43 110.29
N PHE C 315 29.05 -5.31 110.18
CA PHE C 315 29.64 -4.89 108.91
C PHE C 315 29.36 -5.90 107.81
N ALA C 316 29.33 -7.19 108.15
CA ALA C 316 28.95 -8.20 107.17
C ALA C 316 27.47 -8.12 106.85
N PHE C 317 26.63 -7.97 107.88
CA PHE C 317 25.19 -7.80 107.67
C PHE C 317 24.89 -6.50 106.93
N LEU C 318 25.76 -5.49 107.08
CA LEU C 318 25.53 -4.21 106.43
C LEU C 318 25.64 -4.32 104.92
N GLU C 319 26.58 -5.13 104.43
CA GLU C 319 26.74 -5.28 102.98
C GLU C 319 25.61 -6.12 102.39
N THR C 320 24.98 -6.98 103.19
CA THR C 320 23.96 -7.88 102.65
C THR C 320 22.71 -7.12 102.25
N TYR C 321 22.24 -6.20 103.11
CA TYR C 321 21.00 -5.47 102.86
C TYR C 321 21.23 -3.97 102.75
N GLY C 322 22.45 -3.54 102.45
CA GLY C 322 22.76 -2.13 102.34
C GLY C 322 22.80 -1.45 103.70
N THR C 323 23.12 -0.15 103.66
CA THR C 323 23.20 0.67 104.86
C THR C 323 21.87 1.31 105.24
N HIS C 324 21.13 1.81 104.25
CA HIS C 324 19.85 2.46 104.50
C HIS C 324 18.94 2.22 103.30
N TYR C 325 17.65 2.02 103.57
CA TYR C 325 16.69 1.69 102.53
C TYR C 325 16.06 2.96 101.97
N SER C 326 15.23 2.79 100.94
CA SER C 326 14.56 3.89 100.27
C SER C 326 13.16 4.05 100.83
N SER C 327 12.87 5.22 101.40
CA SER C 327 11.52 5.52 101.84
C SER C 327 10.60 5.84 100.67
N SER C 328 11.14 6.45 99.61
CA SER C 328 10.35 6.77 98.42
C SER C 328 11.28 6.80 97.22
N GLY C 329 10.86 6.13 96.14
CA GLY C 329 11.66 6.10 94.93
C GLY C 329 10.96 6.71 93.73
N SER C 330 11.57 6.57 92.55
CA SER C 330 10.99 7.10 91.32
C SER C 330 11.42 6.20 90.17
N LEU C 331 10.52 5.29 89.77
CA LEU C 331 10.81 4.37 88.69
C LEU C 331 10.85 5.11 87.36
N GLY C 332 11.76 4.70 86.48
CA GLY C 332 11.91 5.34 85.19
C GLY C 332 13.27 5.13 84.57
N GLY C 333 13.91 6.23 84.18
CA GLY C 333 15.22 6.19 83.56
C GLY C 333 15.65 7.55 83.05
N LEU C 334 16.95 7.83 83.06
CA LEU C 334 17.47 9.11 82.62
C LEU C 334 18.72 8.90 81.78
N TYR C 335 19.03 9.89 80.95
CA TYR C 335 20.22 9.91 80.13
C TYR C 335 20.90 11.26 80.24
N GLU C 336 22.21 11.28 80.01
CA GLU C 336 22.99 12.51 80.11
C GLU C 336 24.09 12.50 79.06
N LEU C 337 24.49 13.70 78.65
CA LEU C 337 25.56 13.89 77.69
C LEU C 337 26.40 15.08 78.13
N ILE C 338 27.72 14.91 78.10
CA ILE C 338 28.66 15.95 78.53
C ILE C 338 29.75 16.06 77.47
N TYR C 339 30.07 17.30 77.09
CA TYR C 339 31.10 17.57 76.10
C TYR C 339 31.95 18.73 76.57
N VAL C 340 33.26 18.63 76.33
CA VAL C 340 34.21 19.66 76.73
C VAL C 340 35.14 19.94 75.56
N LEU C 341 35.70 21.16 75.54
CA LEU C 341 36.61 21.57 74.50
C LEU C 341 37.51 22.68 75.02
N ASP C 342 38.78 22.62 74.67
CA ASP C 342 39.75 23.64 75.08
C ASP C 342 40.76 23.83 73.97
N LYS C 343 41.11 25.09 73.70
CA LYS C 343 42.04 25.45 72.64
C LYS C 343 43.04 26.47 73.17
N ALA C 344 44.30 26.31 72.78
CA ALA C 344 45.35 27.22 73.20
C ALA C 344 46.37 27.34 72.08
N SER C 345 46.89 28.56 71.89
CA SER C 345 47.87 28.83 70.86
C SER C 345 48.82 29.91 71.33
N MET C 346 50.08 29.81 70.94
CA MET C 346 51.11 30.78 71.31
C MET C 346 52.10 30.94 70.16
N LYS C 347 52.44 32.18 69.84
CA LYS C 347 53.38 32.49 68.78
C LYS C 347 54.24 33.67 69.20
N ARG C 348 55.54 33.59 68.88
CA ARG C 348 56.48 34.65 69.20
C ARG C 348 57.52 34.75 68.09
N LYS C 349 57.76 35.97 67.63
CA LYS C 349 58.71 36.22 66.54
C LYS C 349 59.68 37.32 66.96
N GLY C 350 60.97 37.08 66.75
CA GLY C 350 61.99 38.07 67.04
C GLY C 350 63.06 38.09 65.97
N VAL C 351 63.32 39.27 65.39
CA VAL C 351 64.28 39.42 64.31
C VAL C 351 65.27 40.50 64.70
N GLU C 352 66.57 40.21 64.51
CA GLU C 352 67.64 41.15 64.85
C GLU C 352 68.61 41.23 63.68
N LEU C 353 68.98 42.45 63.30
CA LEU C 353 69.93 42.67 62.22
C LEU C 353 70.92 43.76 62.64
N LYS C 354 72.20 43.49 62.40
CA LYS C 354 73.26 44.41 62.81
C LYS C 354 74.30 44.50 61.69
N ASP C 355 74.63 45.72 61.29
CA ASP C 355 75.60 45.95 60.23
C ASP C 355 76.47 47.16 60.61
N ILE C 356 77.78 47.00 60.47
CA ILE C 356 78.74 48.04 60.81
C ILE C 356 79.79 48.12 59.71
N LYS C 357 80.04 49.33 59.21
CA LYS C 357 81.11 49.59 58.26
C LYS C 357 81.91 50.80 58.72
N ARG C 358 83.23 50.69 58.67
CA ARG C 358 84.12 51.78 59.04
C ARG C 358 85.39 51.68 58.20
N CYS C 359 85.77 52.80 57.58
CA CYS C 359 86.95 52.81 56.73
C CYS C 359 87.81 54.03 57.06
N LEU C 360 89.11 53.90 56.77
CA LEU C 360 90.09 54.93 57.08
C LEU C 360 90.87 55.29 55.82
N GLY C 361 91.22 56.56 55.69
CA GLY C 361 91.99 57.04 54.56
C GLY C 361 93.06 58.05 54.95
N TYR C 362 94.25 57.92 54.36
CA TYR C 362 95.35 58.83 54.66
C TYR C 362 96.20 59.02 53.42
N HIS C 363 96.61 60.26 53.19
CA HIS C 363 97.45 60.62 52.05
C HIS C 363 98.56 61.56 52.50
N LEU C 364 99.79 61.22 52.16
CA LEU C 364 100.96 62.02 52.51
C LEU C 364 101.79 62.25 51.26
N ASP C 365 102.09 63.52 50.97
CA ASP C 365 102.90 63.88 49.81
C ASP C 365 103.82 65.03 50.19
N VAL C 366 105.12 64.82 50.01
CA VAL C 366 106.14 65.81 50.33
C VAL C 366 107.09 65.92 49.15
N SER C 367 107.34 67.14 48.69
CA SER C 367 108.25 67.40 47.58
C SER C 367 109.24 68.48 47.98
N LEU C 368 110.51 68.24 47.69
CA LEU C 368 111.58 69.16 48.05
C LEU C 368 112.46 69.44 46.83
N ALA C 369 112.89 70.69 46.70
CA ALA C 369 113.76 71.10 45.61
C ALA C 369 114.84 72.02 46.14
N PHE C 370 116.06 71.85 45.64
CA PHE C 370 117.18 72.66 46.09
C PHE C 370 118.07 73.08 44.92
N SER C 371 123.46 74.25 40.36
CA SER C 371 123.07 73.24 41.34
C SER C 371 121.58 72.95 41.27
N GLU C 372 121.23 71.67 41.14
CA GLU C 372 119.84 71.24 41.06
C GLU C 372 119.65 69.99 41.91
N ILE C 373 118.67 70.02 42.80
CA ILE C 373 118.34 68.88 43.65
C ILE C 373 116.83 68.72 43.68
N SER C 374 116.36 67.49 43.54
CA SER C 374 114.93 67.19 43.54
C SER C 374 114.67 66.03 44.51
N VAL C 375 113.74 66.23 45.43
CA VAL C 375 113.37 65.23 46.42
C VAL C 375 111.86 65.16 46.49
N GLY C 376 111.31 63.95 46.44
CA GLY C 376 109.88 63.75 46.52
C GLY C 376 109.54 62.63 47.48
N ALA C 377 108.30 62.66 47.95
CA ALA C 377 107.82 61.64 48.88
C ALA C 377 106.31 61.53 48.75
N GLU C 378 105.80 60.29 48.74
CA GLU C 378 104.37 60.03 48.65
C GLU C 378 104.04 58.80 49.47
N PHE C 379 103.23 58.97 50.51
CA PHE C 379 102.78 57.88 51.38
C PHE C 379 101.26 57.91 51.44
N ASN C 380 100.62 56.79 51.13
CA ASN C 380 99.18 56.70 51.14
C ASN C 380 98.74 55.48 51.93
N LYS C 381 97.70 55.65 52.74
CA LYS C 381 97.16 54.59 53.58
C LYS C 381 95.66 54.50 53.41
N ASP C 382 95.16 53.26 53.27
CA ASP C 382 93.73 53.02 53.12
C ASP C 382 93.38 51.73 53.86
N ASP C 383 92.35 51.78 54.69
CA ASP C 383 91.93 50.62 55.46
C ASP C 383 90.43 50.73 55.75
N CYS C 384 89.68 49.72 55.34
CA CYS C 384 88.24 49.67 55.56
C CYS C 384 87.90 48.45 56.40
N VAL C 385 86.82 48.54 57.17
CA VAL C 385 86.35 47.47 58.03
C VAL C 385 84.85 47.32 57.86
N LYS C 386 84.37 46.08 57.77
CA LYS C 386 82.96 45.79 57.65
C LYS C 386 82.57 44.73 58.68
N ARG C 387 81.39 44.89 59.28
CA ARG C 387 80.87 43.97 60.27
C ARG C 387 79.37 43.77 60.05
N GLY C 388 78.93 42.53 60.23
CA GLY C 388 77.53 42.20 60.04
C GLY C 388 77.04 41.12 61.00
N GLU C 389 75.79 41.23 61.43
CA GLU C 389 75.21 40.26 62.36
C GLU C 389 73.72 40.16 62.12
N GLY C 390 73.20 38.94 62.18
CA GLY C 390 71.77 38.70 62.01
C GLY C 390 71.24 37.64 62.95
N ARG C 391 70.01 37.83 63.44
CA ARG C 391 69.38 36.89 64.36
C ARG C 391 67.89 36.83 64.09
N ALA C 392 67.32 35.64 64.26
CA ALA C 392 65.89 35.44 64.05
C ALA C 392 65.37 34.43 65.06
N VAL C 393 64.14 34.64 65.52
CA VAL C 393 63.48 33.75 66.47
C VAL C 393 62.04 33.55 65.99
N ASN C 394 61.65 32.30 65.76
CA ASN C 394 60.32 31.96 65.25
C ASN C 394 59.86 30.70 65.96
N ILE C 395 58.89 30.86 66.87
CA ILE C 395 58.44 29.77 67.73
C ILE C 395 56.91 29.78 67.78
N THR C 396 56.30 28.69 67.34
CA THR C 396 54.85 28.52 67.36
C THR C 396 54.48 27.36 68.29
N SER C 397 53.44 27.57 69.09
CA SER C 397 52.96 26.55 70.02
C SER C 397 51.44 26.56 70.04
N GLU C 398 50.85 25.37 70.02
CA GLU C 398 49.40 25.22 70.03
C GLU C 398 49.01 24.01 70.86
N ASN C 399 47.92 24.13 71.62
CA ASN C 399 47.42 23.07 72.46
C ASN C 399 45.92 22.92 72.24
N LEU C 400 45.47 21.67 72.18
CA LEU C 400 44.06 21.34 71.97
C LEU C 400 43.63 20.26 72.95
N ILE C 401 42.45 20.46 73.54
CA ILE C 401 41.90 19.51 74.52
C ILE C 401 40.41 19.35 74.24
N ASP C 402 39.94 18.11 74.16
CA ASP C 402 38.54 17.82 73.92
C ASP C 402 38.14 16.60 74.73
N ASP C 403 36.99 16.68 75.39
CA ASP C 403 36.48 15.59 76.22
C ASP C 403 34.99 15.42 75.97
N VAL C 404 34.54 14.16 75.92
CA VAL C 404 33.14 13.84 75.69
C VAL C 404 32.78 12.63 76.55
N VAL C 405 31.58 12.67 77.14
CA VAL C 405 31.08 11.57 77.97
C VAL C 405 29.56 11.58 77.93
N SER C 406 28.97 10.39 78.07
CA SER C 406 27.53 10.26 78.04
C SER C 406 27.14 9.00 78.80
N LEU C 407 25.86 8.92 79.15
CA LEU C 407 25.34 7.76 79.89
C LEU C 407 23.85 7.64 79.62
N ILE C 408 23.34 6.42 79.78
CA ILE C 408 21.93 6.12 79.56
C ILE C 408 21.60 4.84 80.30
N ARG C 409 20.32 4.67 80.65
CA ARG C 409 19.87 3.49 81.38
C ARG C 409 18.36 3.39 81.27
N GLY C 410 17.86 2.17 81.47
CA GLY C 410 16.43 1.91 81.47
C GLY C 410 15.94 1.33 80.15
N GLY C 411 14.76 0.73 80.20
CA GLY C 411 14.13 0.16 79.03
C GLY C 411 14.78 -1.13 78.56
N THR C 412 14.19 -1.78 77.56
CA THR C 412 14.79 -2.97 77.00
C THR C 412 16.09 -2.62 76.30
N ARG C 413 16.98 -3.62 76.19
CA ARG C 413 18.31 -3.37 75.67
C ARG C 413 18.31 -3.04 74.18
N LYS C 414 17.28 -3.51 73.46
CA LYS C 414 17.20 -3.21 72.03
C LYS C 414 16.93 -1.74 71.78
N TYR C 415 15.82 -1.22 72.33
CA TYR C 415 15.42 0.16 72.05
C TYR C 415 16.32 1.16 72.77
N ALA C 416 16.91 0.77 73.91
CA ALA C 416 17.71 1.71 74.69
C ALA C 416 18.98 2.11 73.94
N PHE C 417 19.72 1.11 73.43
CA PHE C 417 20.99 1.41 72.79
C PHE C 417 20.82 1.80 71.32
N GLU C 418 19.66 1.52 70.72
CA GLU C 418 19.35 2.12 69.43
C GLU C 418 19.23 3.64 69.56
N LEU C 419 18.71 4.11 70.70
CA LEU C 419 18.71 5.54 70.99
C LEU C 419 20.12 6.03 71.28
N LYS C 420 20.96 5.19 71.90
CA LYS C 420 22.31 5.60 72.26
C LYS C 420 23.17 5.82 71.02
N GLU C 421 23.09 4.91 70.03
CA GLU C 421 23.92 5.02 68.85
C GLU C 421 23.53 6.22 67.98
N LYS C 422 22.25 6.54 67.93
CA LYS C 422 21.79 7.64 67.08
C LYS C 422 21.90 8.99 67.76
N LEU C 423 21.96 9.04 69.09
CA LEU C 423 22.12 10.31 69.78
C LEU C 423 23.55 10.81 69.69
N LEU C 424 24.52 9.91 69.78
CA LEU C 424 25.94 10.29 69.76
C LEU C 424 26.33 10.61 68.33
N ARG C 425 26.49 11.91 68.04
CA ARG C 425 26.95 12.41 66.75
C ARG C 425 26.06 11.99 65.59
N GLY C 426 24.80 11.62 65.87
CA GLY C 426 23.88 11.23 64.82
C GLY C 426 23.31 12.41 64.07
N THR C 427 22.99 13.48 64.80
CA THR C 427 22.45 14.74 64.29
C THR C 427 21.09 14.61 63.64
N VAL C 428 20.48 13.41 63.64
CA VAL C 428 19.16 13.18 63.04
C VAL C 428 18.32 12.49 64.11
N ILE C 429 17.56 13.27 64.87
CA ILE C 429 16.67 12.72 65.89
C ILE C 429 15.46 12.09 65.21
N ASP C 430 15.22 10.82 65.51
CA ASP C 430 14.12 10.08 64.90
C ASP C 430 12.85 10.25 65.74
N VAL C 431 11.71 10.01 65.09
CA VAL C 431 10.43 10.08 65.78
C VAL C 431 10.00 8.74 66.35
N THR C 432 10.36 7.63 65.69
CA THR C 432 9.90 6.31 66.13
C THR C 432 10.71 5.78 67.30
N ASP C 433 12.00 6.11 67.38
CA ASP C 433 12.85 5.56 68.44
C ASP C 433 12.44 6.11 69.80
N PHE C 434 12.06 7.38 69.86
CA PHE C 434 11.62 7.95 71.14
C PHE C 434 10.29 7.34 71.57
N VAL C 435 9.38 7.13 70.63
CA VAL C 435 8.13 6.45 70.95
C VAL C 435 8.39 5.01 71.37
N ASN C 436 9.32 4.34 70.69
CA ASN C 436 9.72 3.00 71.11
C ASN C 436 10.39 3.06 72.48
N TRP C 437 11.19 4.08 72.74
CA TRP C 437 11.79 4.27 74.05
C TRP C 437 10.73 4.45 75.13
N ALA C 438 9.59 5.05 74.78
CA ALA C 438 8.51 5.21 75.75
C ALA C 438 7.94 3.85 76.15
N SER C 439 7.65 3.00 75.16
CA SER C 439 7.17 1.65 75.47
C SER C 439 8.27 0.77 76.02
N SER C 440 9.53 1.06 75.67
CA SER C 440 10.65 0.27 76.18
C SER C 440 10.83 0.47 77.69
N ILE C 441 10.81 1.72 78.14
CA ILE C 441 11.02 2.01 79.55
C ILE C 441 9.85 1.53 80.41
N ASN C 442 8.67 1.32 79.80
CA ASN C 442 7.52 0.83 80.55
C ASN C 442 7.76 -0.58 81.06
N ASP C 443 8.56 -1.38 80.33
CA ASP C 443 8.77 -2.76 80.72
C ASP C 443 9.83 -2.88 81.82
N ALA C 444 10.95 -2.17 81.67
CA ALA C 444 12.06 -2.23 82.62
C ALA C 444 12.46 -0.82 83.03
N PRO C 445 11.88 -0.30 84.11
CA PRO C 445 12.28 1.03 84.59
C PRO C 445 13.47 0.99 85.53
N VAL C 446 13.88 2.14 86.06
CA VAL C 446 14.99 2.23 86.98
C VAL C 446 14.82 3.50 87.81
N LEU C 447 15.52 3.56 88.94
CA LEU C 447 15.37 4.69 89.85
C LEU C 447 15.86 5.99 89.22
N ILE C 448 15.19 7.09 89.56
CA ILE C 448 15.59 8.42 89.14
C ILE C 448 15.83 9.27 90.38
N SER C 449 14.78 9.47 91.18
CA SER C 449 14.86 10.18 92.45
C SER C 449 14.53 9.22 93.57
N GLN C 450 15.34 9.25 94.64
CA GLN C 450 15.24 8.27 95.72
C GLN C 450 15.28 8.99 97.05
N LYS C 451 14.19 8.89 97.80
CA LYS C 451 14.15 9.40 99.17
C LYS C 451 14.68 8.33 100.12
N LEU C 452 15.55 8.75 101.03
CA LEU C 452 16.34 7.82 101.82
C LEU C 452 15.81 7.75 103.25
N SER C 453 16.08 6.60 103.90
CA SER C 453 15.63 6.36 105.26
C SER C 453 16.54 5.31 105.89
N PRO C 454 16.97 5.49 107.14
CA PRO C 454 17.88 4.53 107.75
C PRO C 454 17.21 3.17 107.99
N ILE C 455 18.04 2.13 108.00
CA ILE C 455 17.53 0.77 108.16
C ILE C 455 17.13 0.52 109.61
N TYR C 456 17.91 1.03 110.57
CA TYR C 456 17.62 0.74 111.97
C TYR C 456 16.25 1.26 112.42
N ASN C 457 15.62 2.12 111.63
CA ASN C 457 14.24 2.51 111.88
C ASN C 457 13.25 1.49 111.34
N LEU C 458 13.70 0.53 110.54
CA LEU C 458 12.84 -0.47 109.94
C LEU C 458 12.78 -1.77 110.74
N VAL C 459 13.61 -1.91 111.77
CA VAL C 459 13.62 -3.13 112.58
C VAL C 459 12.25 -3.33 113.22
N PRO C 460 11.71 -4.54 113.25
CA PRO C 460 10.38 -4.74 113.85
C PRO C 460 10.40 -4.48 115.34
N VAL C 461 9.36 -3.79 115.82
CA VAL C 461 9.23 -3.42 117.22
C VAL C 461 8.78 -4.63 118.02
N LYS C 462 8.83 -4.53 119.35
CA LYS C 462 8.38 -5.56 120.30
C LYS C 462 8.91 -6.95 119.92
N MET C 463 10.17 -6.99 119.46
CA MET C 463 10.84 -8.24 119.15
C MET C 463 11.57 -8.73 120.41
N LYS C 464 12.44 -9.72 120.25
CA LYS C 464 13.21 -10.23 121.39
C LYS C 464 14.05 -9.13 122.02
N ASN C 465 14.98 -8.56 121.26
CA ASN C 465 15.86 -7.49 121.72
C ASN C 465 15.91 -6.38 120.69
N ALA C 466 14.72 -5.94 120.25
CA ALA C 466 14.64 -4.99 119.13
C ALA C 466 15.35 -3.69 119.43
N HIS C 467 15.03 -3.07 120.57
CA HIS C 467 15.55 -1.73 120.86
C HIS C 467 17.07 -1.74 121.00
N LEU C 468 17.60 -2.68 121.78
CA LEU C 468 19.05 -2.73 121.98
C LEU C 468 19.78 -3.00 120.67
N LYS C 469 19.19 -3.86 119.83
CA LYS C 469 19.76 -4.07 118.50
C LYS C 469 19.56 -2.86 117.60
N LYS C 470 18.48 -2.11 117.82
CA LYS C 470 18.24 -0.91 117.01
C LYS C 470 19.34 0.12 117.21
N GLN C 471 19.58 0.51 118.46
CA GLN C 471 20.67 1.44 118.75
C GLN C 471 22.02 0.82 118.43
N ASN C 472 22.12 -0.51 118.50
CA ASN C 472 23.37 -1.17 118.16
C ASN C 472 23.70 -1.01 116.68
N LEU C 473 22.71 -1.19 115.82
CA LEU C 473 22.91 -0.92 114.39
C LEU C 473 23.03 0.58 114.12
N GLU C 474 22.41 1.41 114.96
CA GLU C 474 22.58 2.86 114.83
C GLU C 474 24.03 3.26 115.04
N ARG C 475 24.69 2.66 116.04
CA ARG C 475 26.12 2.87 116.20
C ARG C 475 26.91 2.28 115.04
N ALA C 476 26.39 1.21 114.44
CA ALA C 476 27.09 0.57 113.32
C ALA C 476 26.97 1.41 112.05
N ILE C 477 25.77 1.90 111.74
CA ILE C 477 25.59 2.70 110.53
C ILE C 477 26.33 4.02 110.63
N GLU C 478 26.46 4.57 111.84
CA GLU C 478 27.25 5.79 112.01
C GLU C 478 28.74 5.51 111.86
N ASP C 479 29.19 4.37 112.39
CA ASP C 479 30.60 4.01 112.26
C ASP C 479 30.93 3.57 110.84
N TYR C 480 30.00 2.88 110.17
CA TYR C 480 30.24 2.39 108.82
C TYR C 480 30.59 3.51 107.86
N ILE C 481 29.76 4.56 107.83
CA ILE C 481 30.01 5.68 106.92
C ILE C 481 31.25 6.44 107.33
N ASN C 482 31.65 6.36 108.60
CA ASN C 482 32.81 7.07 109.09
C ASN C 482 34.04 6.17 109.26
N GLU C 483 33.93 4.88 108.93
CA GLU C 483 35.06 3.99 109.06
C GLU C 483 36.01 4.12 107.88
N PHE C 484 35.51 3.85 106.67
CA PHE C 484 36.31 3.94 105.45
C PHE C 484 35.62 4.85 104.46
N SER C 485 36.38 5.80 103.92
CA SER C 485 35.87 6.77 102.96
C SER C 485 37.06 7.55 102.41
N VAL C 486 36.77 8.51 101.52
CA VAL C 486 37.81 9.39 101.00
C VAL C 486 38.38 10.26 102.12
N ARG C 487 37.58 10.54 103.15
CA ARG C 487 38.04 11.37 104.25
C ARG C 487 39.24 10.76 104.96
N LYS C 488 39.30 9.43 105.06
CA LYS C 488 40.39 8.76 105.76
C LYS C 488 41.57 8.45 104.84
N CYS C 489 41.36 8.46 103.52
CA CYS C 489 42.44 8.16 102.59
C CYS C 489 43.34 9.39 102.44
N HIS C 490 44.29 9.33 101.51
CA HIS C 490 45.23 10.41 101.29
C HIS C 490 44.77 11.32 100.16
N THR C 491 45.21 12.57 100.21
CA THR C 491 44.81 13.56 99.22
C THR C 491 45.70 13.47 97.99
N CYS C 492 45.08 13.60 96.81
CA CYS C 492 45.81 13.53 95.54
C CYS C 492 46.45 14.89 95.26
N GLN C 493 47.05 15.02 94.07
CA GLN C 493 47.75 16.24 93.69
C GLN C 493 46.96 16.98 92.61
N ASN C 494 47.23 18.28 92.52
CA ASN C 494 46.61 19.16 91.51
C ASN C 494 45.09 19.14 91.61
N GLY C 495 44.58 19.06 92.84
CA GLY C 495 43.14 19.09 93.05
C GLY C 495 42.40 17.93 92.43
N GLY C 496 43.06 16.78 92.28
CA GLY C 496 42.42 15.63 91.68
C GLY C 496 41.36 15.05 92.59
N THR C 497 40.14 14.92 92.11
CA THR C 497 39.05 14.35 92.90
C THR C 497 39.36 12.89 93.22
N VAL C 498 39.44 12.58 94.50
CA VAL C 498 39.81 11.25 94.97
C VAL C 498 38.55 10.41 95.10
N ILE C 499 38.59 9.19 94.56
CA ILE C 499 37.48 8.25 94.65
C ILE C 499 37.97 7.00 95.38
N LEU C 500 37.02 6.10 95.65
CA LEU C 500 37.31 4.84 96.35
C LEU C 500 36.47 3.75 95.70
N MET C 501 37.13 2.84 94.98
CA MET C 501 36.47 1.74 94.29
C MET C 501 37.06 0.43 94.79
N ASP C 502 36.51 -0.09 95.89
CA ASP C 502 36.90 -1.39 96.45
C ASP C 502 38.40 -1.44 96.75
N GLY C 503 38.82 -0.57 97.67
CA GLY C 503 40.20 -0.51 98.11
C GLY C 503 41.10 0.43 97.33
N LYS C 504 40.98 0.42 96.01
CA LYS C 504 41.80 1.27 95.15
C LYS C 504 41.41 2.73 95.37
N CYS C 505 42.25 3.47 96.06
CA CYS C 505 41.98 4.89 96.36
C CYS C 505 42.60 5.78 95.29
N LEU C 506 42.11 5.62 94.07
CA LEU C 506 42.59 6.41 92.95
C LEU C 506 41.98 7.81 92.97
N CYS C 507 42.63 8.73 92.25
CA CYS C 507 42.19 10.11 92.16
C CYS C 507 42.02 10.49 90.69
N ALA C 508 40.84 11.00 90.35
CA ALA C 508 40.58 11.44 88.99
C ALA C 508 41.33 12.74 88.72
N CYS C 509 42.27 12.68 87.78
CA CYS C 509 43.11 13.82 87.45
C CYS C 509 42.44 14.69 86.38
N PRO C 510 42.66 16.00 86.39
CA PRO C 510 42.01 16.87 85.40
C PRO C 510 42.40 16.53 83.97
N PHE C 511 41.71 17.19 83.04
CA PHE C 511 41.90 16.89 81.62
C PHE C 511 43.31 17.26 81.15
N LYS C 512 43.75 18.49 81.45
CA LYS C 512 45.04 18.98 80.99
C LYS C 512 46.22 18.27 81.66
N PHE C 513 45.98 17.38 82.60
CA PHE C 513 47.04 16.70 83.33
C PHE C 513 47.03 15.22 82.98
N GLU C 514 48.12 14.54 83.32
CA GLU C 514 48.30 13.14 82.98
C GLU C 514 47.64 12.28 84.06
N GLY C 515 47.94 10.97 84.06
CA GLY C 515 47.20 9.99 84.83
C GLY C 515 47.54 9.87 86.29
N ILE C 516 47.80 8.63 86.72
CA ILE C 516 47.86 8.27 88.14
C ILE C 516 48.81 9.20 88.91
N ALA C 517 48.41 9.52 90.14
CA ALA C 517 49.19 10.26 91.12
C ALA C 517 49.38 11.73 90.75
N CYS C 518 48.92 12.12 89.56
CA CYS C 518 49.01 13.50 89.07
C CYS C 518 50.40 14.08 89.31
N GLU C 519 51.43 13.30 88.98
CA GLU C 519 52.81 13.73 89.18
C GLU C 519 53.39 14.36 87.92
N ILE C 520 53.40 13.61 86.82
CA ILE C 520 53.91 14.12 85.55
C ILE C 520 52.85 14.99 84.89
N SER C 521 53.28 16.12 84.34
CA SER C 521 52.34 17.14 83.87
C SER C 521 51.75 16.78 82.50
N LYS C 522 52.61 16.59 81.50
CA LYS C 522 52.19 16.38 80.11
C LYS C 522 51.32 17.55 79.63
N GLN C 523 51.95 18.72 79.58
CA GLN C 523 51.26 19.94 79.16
C GLN C 523 51.08 19.96 77.65
N LYS C 524 54.15 18.58 76.89
CA LYS C 524 55.12 18.99 77.90
C LYS C 524 55.55 20.43 77.68
N ILE C 525 56.84 20.69 77.92
CA ILE C 525 57.43 22.02 77.76
C ILE C 525 58.38 21.97 76.58
N SER C 526 58.39 23.05 75.80
CA SER C 526 59.25 23.12 74.62
C SER C 526 60.70 23.44 75.01
N GLU C 527 61.64 22.72 74.42
CA GLU C 527 63.05 22.92 74.66
C GLU C 527 63.72 23.38 73.37
N GLY C 528 64.57 24.40 73.48
CA GLY C 528 65.27 24.92 72.32
C GLY C 528 66.77 25.03 72.52
N LEU C 529 67.54 24.53 71.57
CA LEU C 529 69.00 24.59 71.63
C LEU C 529 69.53 25.22 70.36
N PRO C 530 69.96 26.50 70.40
CA PRO C 530 70.51 27.13 69.20
C PRO C 530 71.97 26.82 69.00
N ALA C 531 72.46 25.79 69.71
CA ALA C 531 73.87 25.44 69.63
C ALA C 531 74.24 24.91 68.24
N LEU C 532 75.50 25.08 67.88
CA LEU C 532 75.97 24.62 66.59
C LEU C 532 76.04 23.10 66.57
N GLU C 533 75.58 22.46 65.49
CA GLU C 533 75.63 20.99 65.45
C GLU C 533 77.06 20.49 65.34
N PHE C 534 77.37 19.46 66.13
CA PHE C 534 78.72 18.91 66.13
C PHE C 534 79.04 18.22 64.81
N PRO C 535 78.09 17.44 64.27
CA PRO C 535 78.29 16.74 63.02
C PRO C 535 76.97 16.55 62.28
N SER D 18 71.90 -10.14 81.17
CA SER D 18 72.45 -10.86 82.32
C SER D 18 71.68 -12.16 82.57
N HIS D 19 72.41 -13.28 82.55
CA HIS D 19 71.80 -14.59 82.77
C HIS D 19 71.61 -14.79 84.28
N ILE D 20 70.57 -14.15 84.80
CA ILE D 20 70.25 -14.24 86.22
C ILE D 20 69.56 -15.57 86.50
N ASP D 21 70.17 -16.38 87.35
CA ASP D 21 69.61 -17.67 87.73
C ASP D 21 68.59 -17.48 88.85
N CYS D 22 67.88 -18.56 89.17
CA CYS D 22 66.83 -18.54 90.19
C CYS D 22 67.37 -19.19 91.46
N ARG D 23 67.62 -18.37 92.48
CA ARG D 23 67.97 -18.86 93.81
C ARG D 23 66.66 -19.23 94.52
N MET D 24 66.16 -20.43 94.21
CA MET D 24 64.82 -20.85 94.60
C MET D 24 64.87 -22.21 95.27
N SER D 25 65.77 -22.39 96.22
CA SER D 25 65.77 -23.65 96.97
C SER D 25 66.15 -23.48 98.44
N PRO D 26 65.45 -22.62 99.22
CA PRO D 26 65.61 -22.66 100.68
C PRO D 26 64.71 -23.74 101.28
N TRP D 27 65.33 -24.80 101.78
CA TRP D 27 64.58 -25.92 102.32
C TRP D 27 64.39 -25.77 103.83
N SER D 28 63.28 -26.33 104.32
CA SER D 28 62.90 -26.26 105.72
C SER D 28 62.97 -27.65 106.35
N GLU D 29 62.66 -27.70 107.64
CA GLU D 29 62.70 -28.94 108.40
C GLU D 29 61.36 -29.66 108.32
N TRP D 30 61.42 -30.99 108.38
CA TRP D 30 60.21 -31.81 108.38
C TRP D 30 59.39 -31.53 109.63
N SER D 31 58.12 -31.21 109.44
CA SER D 31 57.22 -30.95 110.55
C SER D 31 56.59 -32.26 111.02
N GLN D 32 55.64 -32.15 111.96
CA GLN D 32 54.96 -33.32 112.48
C GLN D 32 53.98 -33.88 111.46
N CYS D 33 53.86 -35.21 111.43
CA CYS D 33 52.94 -35.86 110.50
C CYS D 33 51.49 -35.60 110.91
N ASP D 34 50.61 -35.60 109.91
CA ASP D 34 49.18 -35.42 110.16
C ASP D 34 48.54 -36.79 110.36
N PRO D 35 47.88 -37.05 111.49
CA PRO D 35 47.27 -38.36 111.72
C PRO D 35 46.08 -38.62 110.81
N CYS D 36 45.15 -37.67 110.75
CA CYS D 36 43.93 -37.85 109.98
C CYS D 36 44.17 -37.62 108.49
N LEU D 37 44.90 -36.56 108.14
CA LEU D 37 45.16 -36.26 106.74
C LEU D 37 46.19 -37.20 106.12
N ARG D 38 47.12 -37.73 106.94
CA ARG D 38 48.16 -38.65 106.49
C ARG D 38 49.04 -38.00 105.41
N GLN D 39 49.70 -36.91 105.81
CA GLN D 39 50.54 -36.13 104.91
C GLN D 39 51.61 -35.42 105.72
N MET D 40 52.76 -35.19 105.08
CA MET D 40 53.86 -34.45 105.69
C MET D 40 54.01 -33.09 105.02
N PHE D 41 54.82 -32.24 105.63
CA PHE D 41 54.90 -30.82 105.28
C PHE D 41 56.35 -30.37 105.14
N ARG D 42 57.12 -31.07 104.30
CA ARG D 42 58.39 -30.51 103.87
C ARG D 42 58.14 -29.19 103.16
N SER D 43 58.63 -28.10 103.75
CA SER D 43 58.30 -26.77 103.30
C SER D 43 59.39 -26.21 102.37
N ARG D 44 59.07 -25.06 101.77
CA ARG D 44 59.96 -24.40 100.83
C ARG D 44 59.51 -22.96 100.70
N SER D 45 60.25 -22.18 99.91
CA SER D 45 59.93 -20.77 99.69
C SER D 45 60.58 -20.31 98.40
N ILE D 46 59.92 -19.38 97.72
CA ILE D 46 60.44 -18.78 96.50
C ILE D 46 61.12 -17.47 96.83
N GLU D 47 62.30 -17.25 96.23
CA GLU D 47 63.10 -16.07 96.51
C GLU D 47 63.38 -15.23 95.28
N VAL D 48 63.85 -15.84 94.18
CA VAL D 48 64.31 -15.11 93.01
C VAL D 48 63.64 -15.70 91.77
N PHE D 49 63.09 -14.84 90.92
CA PHE D 49 62.48 -15.25 89.66
C PHE D 49 63.48 -15.24 88.51
N GLY D 50 64.09 -14.08 88.25
CA GLY D 50 64.91 -13.90 87.07
C GLY D 50 64.28 -12.91 86.12
N GLN D 51 64.81 -11.68 86.10
CA GLN D 51 64.18 -10.59 85.37
C GLN D 51 64.47 -10.64 83.87
N PHE D 52 65.48 -11.40 83.44
CA PHE D 52 65.94 -11.37 82.07
C PHE D 52 65.67 -12.71 81.39
N ASN D 53 66.19 -12.85 80.17
CA ASN D 53 66.00 -14.01 79.28
C ASN D 53 66.69 -15.28 79.79
N GLY D 54 67.25 -15.28 81.00
CA GLY D 54 67.92 -16.45 81.52
C GLY D 54 67.00 -17.61 81.86
N LYS D 55 67.45 -18.48 82.76
CA LYS D 55 66.72 -19.68 83.13
C LYS D 55 65.36 -19.35 83.75
N ARG D 56 64.28 -19.70 83.06
CA ARG D 56 62.95 -19.58 83.64
C ARG D 56 62.73 -20.66 84.69
N CYS D 57 62.12 -20.28 85.81
CA CYS D 57 61.96 -21.19 86.95
C CYS D 57 60.53 -21.05 87.47
N THR D 58 59.70 -22.04 87.17
CA THR D 58 58.31 -22.10 87.63
C THR D 58 58.12 -23.11 88.76
N ASP D 59 59.18 -23.44 89.48
CA ASP D 59 59.11 -24.46 90.52
C ASP D 59 58.11 -24.06 91.61
N ALA D 60 57.06 -24.85 91.74
CA ALA D 60 56.03 -24.56 92.73
C ALA D 60 56.52 -24.87 94.14
N VAL D 61 56.02 -24.10 95.09
CA VAL D 61 56.39 -24.25 96.50
C VAL D 61 55.46 -25.28 97.14
N GLY D 62 56.05 -26.23 97.85
CA GLY D 62 55.28 -27.26 98.54
C GLY D 62 55.75 -28.66 98.23
N ASP D 63 55.56 -29.57 99.19
CA ASP D 63 55.97 -30.96 99.02
C ASP D 63 55.14 -31.81 99.98
N ARG D 64 54.73 -32.99 99.52
CA ARG D 64 53.93 -33.90 100.30
C ARG D 64 54.61 -35.25 100.42
N ARG D 65 54.20 -36.03 101.41
CA ARG D 65 54.79 -37.34 101.67
C ARG D 65 53.83 -38.14 102.54
N GLN D 66 53.71 -39.43 102.23
CA GLN D 66 52.92 -40.32 103.06
C GLN D 66 53.65 -40.62 104.36
N CYS D 67 52.89 -40.67 105.46
CA CYS D 67 53.46 -40.90 106.77
C CYS D 67 52.54 -41.78 107.59
N VAL D 68 53.13 -42.68 108.38
CA VAL D 68 52.36 -43.56 109.26
C VAL D 68 51.79 -42.74 110.40
N PRO D 69 50.46 -42.71 110.57
CA PRO D 69 49.88 -41.88 111.63
C PRO D 69 50.15 -42.49 113.00
N THR D 70 50.40 -41.62 113.98
CA THR D 70 50.65 -42.04 115.36
C THR D 70 49.53 -41.66 116.32
N GLU D 71 48.74 -40.64 116.00
CA GLU D 71 47.61 -40.27 116.83
C GLU D 71 46.37 -41.09 116.43
N PRO D 72 45.46 -41.33 117.39
CA PRO D 72 44.29 -42.17 117.07
C PRO D 72 43.30 -41.51 116.13
N CYS D 73 43.38 -40.19 115.92
CA CYS D 73 42.44 -39.45 115.08
C CYS D 73 41.00 -39.65 115.56
N GLU D 74 40.77 -39.21 116.80
CA GLU D 74 39.44 -39.35 117.40
C GLU D 74 38.49 -38.26 116.93
N ASP D 75 39.00 -37.08 116.58
CA ASP D 75 38.15 -36.00 116.12
C ASP D 75 37.54 -36.34 114.77
N ALA D 76 36.22 -36.12 114.64
CA ALA D 76 35.52 -36.41 113.40
C ALA D 76 34.37 -35.43 113.26
N GLU D 77 33.83 -35.35 112.05
CA GLU D 77 32.73 -34.44 111.71
C GLU D 77 31.42 -35.20 111.84
N ASP D 78 30.63 -34.86 112.85
CA ASP D 78 29.33 -35.48 113.03
C ASP D 78 28.34 -34.98 111.99
N ASP D 79 27.26 -35.73 111.80
CA ASP D 79 26.24 -35.36 110.83
C ASP D 79 25.26 -34.34 111.40
N CYS D 80 25.80 -33.24 111.96
CA CYS D 80 25.07 -32.06 112.37
C CYS D 80 24.03 -32.33 113.46
N GLY D 81 23.90 -33.60 113.87
CA GLY D 81 23.03 -34.01 114.97
C GLY D 81 21.64 -33.41 114.98
N ASN D 82 21.12 -32.99 113.83
CA ASN D 82 19.87 -32.26 113.76
C ASN D 82 18.78 -33.02 113.02
N ASP D 83 19.01 -33.41 111.78
CA ASP D 83 17.95 -33.98 110.95
C ASP D 83 18.58 -34.95 109.96
N PHE D 84 17.83 -35.30 108.92
CA PHE D 84 18.27 -36.27 107.92
C PHE D 84 19.56 -35.82 107.25
N GLN D 85 20.60 -36.66 107.36
CA GLN D 85 21.86 -36.38 106.69
C GLN D 85 21.76 -36.66 105.20
N CYS D 86 22.38 -35.80 104.40
CA CYS D 86 22.45 -36.04 102.96
C CYS D 86 23.52 -37.08 102.64
N SER D 87 23.57 -37.47 101.37
CA SER D 87 24.54 -38.45 100.91
C SER D 87 25.95 -37.87 100.76
N THR D 88 26.14 -36.57 100.98
CA THR D 88 27.44 -35.95 100.84
C THR D 88 27.95 -35.26 102.09
N GLY D 89 27.10 -34.93 103.05
CA GLY D 89 27.56 -34.33 104.28
C GLY D 89 26.75 -33.15 104.77
N ARG D 90 25.84 -32.63 103.94
CA ARG D 90 25.02 -31.51 104.32
C ARG D 90 23.75 -32.01 105.01
N CYS D 91 22.93 -31.08 105.50
CA CYS D 91 21.78 -31.41 106.33
C CYS D 91 20.56 -30.61 105.91
N ILE D 92 19.39 -31.22 106.04
CA ILE D 92 18.13 -30.51 105.86
C ILE D 92 17.93 -29.54 107.02
N LYS D 93 17.55 -28.29 106.70
CA LYS D 93 17.24 -27.34 107.76
C LYS D 93 15.81 -27.54 108.27
N MET D 94 14.81 -27.24 107.43
CA MET D 94 13.43 -27.52 107.80
C MET D 94 12.60 -28.18 106.71
N ARG D 95 12.87 -27.96 105.42
CA ARG D 95 11.99 -28.44 104.37
C ARG D 95 12.74 -28.95 103.15
N LEU D 96 13.92 -29.55 103.37
CA LEU D 96 14.68 -30.14 102.28
C LEU D 96 14.21 -31.56 101.93
N ARG D 97 12.99 -31.92 102.34
CA ARG D 97 12.42 -33.22 102.01
C ARG D 97 11.88 -33.21 100.59
N CYS D 98 11.08 -34.22 100.25
CA CYS D 98 10.58 -34.37 98.88
C CYS D 98 9.56 -33.27 98.60
N ASN D 99 10.09 -32.07 98.35
CA ASN D 99 9.27 -30.90 98.06
C ASN D 99 9.83 -30.10 96.88
N GLY D 100 10.46 -30.78 95.92
CA GLY D 100 11.03 -30.11 94.77
C GLY D 100 12.20 -29.22 95.07
N ASP D 101 12.96 -29.51 96.13
CA ASP D 101 14.12 -28.71 96.54
C ASP D 101 15.37 -29.52 96.23
N ASN D 102 16.00 -29.22 95.09
CA ASN D 102 17.19 -29.94 94.65
C ASN D 102 18.43 -29.33 95.31
N ASP D 103 19.04 -30.09 96.22
CA ASP D 103 20.26 -29.64 96.90
C ASP D 103 21.45 -30.54 96.64
N CYS D 104 21.30 -31.86 96.84
CA CYS D 104 22.44 -32.77 96.80
C CYS D 104 22.70 -33.31 95.39
N GLY D 105 21.73 -34.01 94.82
CA GLY D 105 21.90 -34.57 93.50
C GLY D 105 20.66 -34.45 92.62
N ASP D 106 20.62 -35.19 91.52
CA ASP D 106 19.43 -35.18 90.67
C ASP D 106 18.21 -35.70 91.41
N PHE D 107 18.38 -36.82 92.12
CA PHE D 107 17.32 -37.38 92.95
C PHE D 107 17.87 -37.87 94.28
N SER D 108 18.96 -37.26 94.76
CA SER D 108 19.55 -37.69 96.02
C SER D 108 18.67 -37.33 97.20
N ASP D 109 18.25 -36.06 97.29
CA ASP D 109 17.37 -35.66 98.38
C ASP D 109 15.96 -36.20 98.20
N GLU D 110 15.46 -36.20 96.96
CA GLU D 110 14.13 -36.71 96.65
C GLU D 110 14.13 -38.22 96.39
N ASP D 111 15.14 -38.95 96.88
CA ASP D 111 15.17 -40.39 96.69
C ASP D 111 13.97 -41.06 97.33
N ASP D 112 13.70 -40.75 98.59
CA ASP D 112 12.57 -41.31 99.33
C ASP D 112 11.45 -40.29 99.36
N CYS D 113 10.36 -40.58 98.67
CA CYS D 113 9.18 -39.72 98.62
C CYS D 113 7.98 -40.54 99.08
N GLU D 114 7.64 -40.44 100.37
CA GLU D 114 6.50 -41.16 100.91
C GLU D 114 5.20 -40.39 100.70
N SER D 115 5.21 -39.08 100.95
CA SER D 115 4.03 -38.26 100.73
C SER D 115 3.95 -37.86 99.25
N GLU D 116 2.88 -37.15 98.91
CA GLU D 116 2.69 -36.69 97.54
C GLU D 116 3.74 -35.64 97.18
N PRO D 117 4.18 -35.61 95.91
CA PRO D 117 5.17 -34.60 95.51
C PRO D 117 4.59 -33.20 95.47
N ARG D 118 4.41 -32.60 96.64
CA ARG D 118 3.86 -31.27 96.75
C ARG D 118 4.81 -30.25 96.11
N PRO D 119 4.37 -29.48 95.12
CA PRO D 119 5.25 -28.47 94.51
C PRO D 119 5.44 -27.30 95.46
N PRO D 120 6.65 -26.73 95.50
CA PRO D 120 6.87 -25.59 96.41
C PRO D 120 6.27 -24.30 95.90
N CYS D 121 6.09 -24.15 94.59
CA CYS D 121 5.54 -22.94 94.00
C CYS D 121 4.65 -23.31 92.83
N ARG D 122 3.48 -22.66 92.75
CA ARG D 122 2.51 -22.97 91.71
C ARG D 122 2.72 -22.16 90.44
N ASP D 123 3.19 -20.92 90.56
CA ASP D 123 3.36 -20.06 89.40
C ASP D 123 4.50 -20.59 88.52
N ARG D 124 4.40 -20.27 87.23
CA ARG D 124 5.42 -20.69 86.26
C ARG D 124 6.58 -19.71 86.29
N VAL D 125 7.70 -20.14 86.85
CA VAL D 125 8.90 -19.32 86.96
C VAL D 125 10.03 -20.09 86.28
N VAL D 126 10.54 -19.56 85.17
CA VAL D 126 11.59 -20.23 84.41
C VAL D 126 12.90 -20.17 85.19
N GLU D 127 13.67 -21.25 85.13
CA GLU D 127 14.95 -21.29 85.81
C GLU D 127 15.92 -20.28 85.20
N GLU D 128 16.89 -19.85 86.01
CA GLU D 128 17.86 -18.85 85.59
C GLU D 128 18.83 -19.49 84.60
N SER D 129 18.61 -19.23 83.31
CA SER D 129 19.38 -19.86 82.24
C SER D 129 20.49 -18.92 81.79
N GLU D 130 21.73 -19.34 82.01
CA GLU D 130 22.93 -18.67 81.51
C GLU D 130 23.09 -17.27 82.08
N LEU D 131 22.27 -16.89 83.06
CA LEU D 131 22.34 -15.58 83.70
C LEU D 131 23.26 -15.68 84.92
N ALA D 132 23.18 -14.69 85.81
CA ALA D 132 24.10 -14.58 86.96
C ALA D 132 24.01 -15.74 87.94
N ARG D 133 23.19 -16.76 87.61
CA ARG D 133 23.08 -17.99 88.39
C ARG D 133 24.43 -18.48 88.89
N THR D 134 25.45 -18.43 88.02
CA THR D 134 26.82 -18.75 88.41
C THR D 134 27.47 -17.47 88.95
N ALA D 135 27.11 -17.14 90.18
CA ALA D 135 27.52 -15.89 90.80
C ALA D 135 28.86 -16.01 91.55
N GLY D 136 29.45 -17.19 91.59
CA GLY D 136 30.73 -17.38 92.26
C GLY D 136 31.89 -17.11 91.31
N TYR D 137 32.87 -16.36 91.81
CA TYR D 137 34.04 -15.99 91.02
C TYR D 137 35.27 -15.96 91.92
N GLY D 138 36.36 -16.53 91.44
CA GLY D 138 37.57 -16.67 92.22
C GLY D 138 38.75 -15.86 91.70
N ILE D 139 38.49 -14.59 91.34
CA ILE D 139 39.51 -13.75 90.72
C ILE D 139 40.77 -13.71 91.59
N ASN D 140 41.92 -13.73 90.92
CA ASN D 140 43.22 -13.63 91.58
C ASN D 140 43.74 -12.22 91.39
N ILE D 141 44.05 -11.54 92.51
CA ILE D 141 44.58 -10.18 92.43
C ILE D 141 45.93 -10.16 91.72
N LEU D 142 46.72 -11.23 91.88
CA LEU D 142 47.98 -11.36 91.18
C LEU D 142 47.86 -12.10 89.86
N GLY D 143 46.71 -12.71 89.58
CA GLY D 143 46.54 -13.52 88.39
C GLY D 143 45.83 -12.84 87.24
N MET D 144 44.59 -13.25 86.98
CA MET D 144 43.87 -12.84 85.78
C MET D 144 42.37 -12.81 86.11
N ASP D 145 41.55 -12.84 85.07
CA ASP D 145 40.09 -12.74 85.11
C ASP D 145 39.46 -13.69 86.12
N PRO D 146 38.25 -13.41 86.60
CA PRO D 146 37.64 -14.24 87.65
C PRO D 146 37.50 -15.70 87.25
N LEU D 147 37.31 -16.54 88.27
CA LEU D 147 37.24 -17.98 88.12
C LEU D 147 35.79 -18.44 88.19
N SER D 148 35.58 -19.75 88.22
CA SER D 148 34.24 -20.33 88.29
C SER D 148 33.70 -20.19 89.71
N THR D 149 32.54 -20.79 89.97
CA THR D 149 31.90 -20.67 91.27
C THR D 149 32.54 -21.63 92.27
N PRO D 150 32.97 -21.13 93.43
CA PRO D 150 33.51 -22.02 94.47
C PRO D 150 32.46 -22.64 95.38
N PHE D 151 31.18 -22.35 95.19
CA PHE D 151 30.13 -22.83 96.07
C PHE D 151 28.91 -23.21 95.25
N ASP D 152 28.01 -23.98 95.87
CA ASP D 152 26.77 -24.37 95.22
C ASP D 152 25.83 -23.19 95.15
N ASN D 153 25.30 -22.91 93.95
CA ASN D 153 24.43 -21.76 93.74
C ASN D 153 23.06 -22.17 93.20
N GLU D 154 22.71 -23.45 93.28
CA GLU D 154 21.42 -23.94 92.81
C GLU D 154 20.43 -24.19 93.94
N PHE D 155 20.91 -24.50 95.14
CA PHE D 155 20.02 -24.76 96.27
C PHE D 155 19.24 -23.51 96.66
N TYR D 156 17.98 -23.71 97.04
CA TYR D 156 17.13 -22.64 97.54
C TYR D 156 16.44 -23.09 98.82
N ASN D 157 16.15 -22.14 99.69
CA ASN D 157 15.68 -22.47 101.04
C ASN D 157 14.18 -22.78 101.06
N GLY D 158 13.35 -21.80 100.71
CA GLY D 158 11.92 -21.96 100.86
C GLY D 158 11.07 -21.48 99.71
N LEU D 159 10.12 -20.59 100.00
CA LEU D 159 9.22 -20.06 98.97
C LEU D 159 10.00 -19.28 97.94
N CYS D 160 9.71 -19.55 96.66
CA CYS D 160 10.40 -18.88 95.57
C CYS D 160 10.27 -17.37 95.69
N ASN D 161 11.40 -16.68 95.50
CA ASN D 161 11.44 -15.22 95.52
C ASN D 161 11.36 -14.74 94.08
N ARG D 162 10.27 -14.05 93.74
CA ARG D 162 10.04 -13.66 92.37
C ARG D 162 11.07 -12.63 91.90
N ASP D 163 11.44 -12.75 90.63
CA ASP D 163 12.41 -11.88 89.98
C ASP D 163 11.80 -11.27 88.72
N ARG D 164 10.60 -10.72 88.88
CA ARG D 164 9.78 -10.25 87.76
C ARG D 164 10.40 -8.98 87.20
N ASP D 165 11.42 -9.17 86.36
CA ASP D 165 12.12 -8.07 85.71
C ASP D 165 12.90 -8.64 84.53
N GLY D 166 13.32 -7.75 83.64
CA GLY D 166 14.08 -8.12 82.47
C GLY D 166 13.54 -7.49 81.22
N ASN D 167 14.27 -7.74 80.12
CA ASN D 167 13.88 -7.20 78.81
C ASN D 167 12.53 -7.74 78.37
N THR D 168 12.40 -9.07 78.35
CA THR D 168 11.16 -9.70 77.93
C THR D 168 10.29 -10.00 79.15
N LEU D 169 9.12 -10.60 78.92
CA LEU D 169 8.19 -10.95 79.99
C LEU D 169 8.47 -12.40 80.38
N THR D 170 9.36 -12.58 81.35
CA THR D 170 9.72 -13.90 81.84
C THR D 170 10.13 -13.80 83.30
N TYR D 171 9.87 -14.84 84.06
CA TYR D 171 10.13 -14.88 85.49
C TYR D 171 11.32 -15.80 85.76
N TYR D 172 12.36 -15.24 86.37
CA TYR D 172 13.55 -16.00 86.73
C TYR D 172 13.55 -16.29 88.23
N ARG D 173 14.44 -17.19 88.63
CA ARG D 173 14.63 -17.54 90.03
C ARG D 173 15.92 -16.96 90.56
N ARG D 174 15.90 -16.56 91.83
CA ARG D 174 17.08 -16.05 92.52
C ARG D 174 17.45 -17.03 93.62
N PRO D 175 18.64 -17.64 93.57
CA PRO D 175 19.00 -18.64 94.58
C PRO D 175 19.16 -18.03 95.96
N TRP D 176 19.03 -18.89 96.97
CA TRP D 176 19.19 -18.45 98.35
C TRP D 176 20.62 -18.02 98.66
N ASN D 177 21.59 -18.45 97.86
CA ASN D 177 22.96 -18.02 98.06
C ASN D 177 23.16 -16.57 97.60
N VAL D 178 22.45 -16.17 96.56
CA VAL D 178 22.54 -14.81 96.03
C VAL D 178 21.55 -13.92 96.78
N ALA D 179 22.06 -12.85 97.38
CA ALA D 179 21.19 -11.96 98.16
C ALA D 179 20.38 -11.04 97.26
N SER D 180 20.95 -10.63 96.12
CA SER D 180 20.26 -9.71 95.22
C SER D 180 20.66 -10.01 93.78
N LEU D 181 19.78 -9.65 92.86
CA LEU D 181 20.04 -9.84 91.43
C LEU D 181 19.29 -8.73 90.68
N ILE D 182 20.00 -7.67 90.31
CA ILE D 182 19.42 -6.54 89.62
C ILE D 182 19.58 -6.73 88.12
N TYR D 183 18.64 -6.15 87.36
CA TYR D 183 18.63 -6.27 85.91
C TYR D 183 18.78 -4.90 85.23
N GLU D 184 19.44 -3.96 85.90
CA GLU D 184 19.61 -2.62 85.35
C GLU D 184 20.53 -2.68 84.13
N THR D 185 20.04 -2.18 83.00
CA THR D 185 20.80 -2.17 81.76
C THR D 185 21.49 -0.81 81.56
N LYS D 186 22.40 -0.52 82.48
CA LYS D 186 23.14 0.73 82.43
C LYS D 186 24.05 0.76 81.21
N GLY D 187 24.30 1.96 80.69
CA GLY D 187 25.17 2.13 79.54
C GLY D 187 25.81 3.50 79.49
N GLU D 188 27.12 3.54 79.26
CA GLU D 188 27.86 4.80 79.23
C GLU D 188 29.09 4.64 78.36
N LYS D 189 29.69 5.78 78.00
CA LYS D 189 30.88 5.79 77.17
C LYS D 189 31.59 7.12 77.38
N ASN D 190 32.89 7.13 77.06
CA ASN D 190 33.71 8.32 77.22
C ASN D 190 34.73 8.39 76.09
N PHE D 191 35.11 9.60 75.74
CA PHE D 191 36.10 9.83 74.69
C PHE D 191 36.90 11.07 75.03
N ARG D 192 38.16 11.09 74.57
CA ARG D 192 39.05 12.21 74.82
C ARG D 192 40.02 12.36 73.64
N THR D 193 40.59 13.55 73.52
CA THR D 193 41.54 13.84 72.46
C THR D 193 42.46 14.96 72.90
N GLU D 194 43.60 15.07 72.24
CA GLU D 194 44.58 16.09 72.56
C GLU D 194 45.49 16.31 71.36
N HIS D 195 46.11 17.48 71.32
CA HIS D 195 47.04 17.83 70.25
C HIS D 195 48.14 18.73 70.83
N TYR D 196 49.38 18.40 70.52
CA TYR D 196 50.54 19.18 70.95
C TYR D 196 51.31 19.66 69.73
N GLU D 197 51.85 20.87 69.82
CA GLU D 197 52.62 21.44 68.71
C GLU D 197 53.81 22.21 69.26
N GLU D 198 54.97 22.01 68.63
CA GLU D 198 56.20 22.69 69.01
C GLU D 198 56.96 23.07 67.74
N GLN D 199 57.49 24.29 67.73
CA GLN D 199 58.24 24.79 66.58
C GLN D 199 59.26 25.81 67.05
N ILE D 200 60.44 25.79 66.44
CA ILE D 200 61.48 26.75 66.72
C ILE D 200 62.32 26.96 65.47
N GLU D 201 62.71 28.21 65.23
CA GLU D 201 63.52 28.57 64.07
C GLU D 201 64.53 29.63 64.49
N ALA D 202 65.74 29.54 63.94
CA ALA D 202 66.81 30.48 64.23
C ALA D 202 67.66 30.69 63.00
N PHE D 203 67.86 31.95 62.63
CA PHE D 203 68.69 32.33 61.49
C PHE D 203 69.84 33.20 61.96
N LYS D 204 71.02 32.98 61.39
CA LYS D 204 72.21 33.76 61.72
C LYS D 204 73.02 34.02 60.46
N SER D 205 73.51 35.25 60.33
CA SER D 205 74.32 35.64 59.18
C SER D 205 75.35 36.67 59.63
N ILE D 206 76.62 36.41 59.29
CA ILE D 206 77.72 37.29 59.65
C ILE D 206 78.59 37.48 58.42
N ILE D 207 78.96 38.72 58.12
CA ILE D 207 79.79 39.05 56.96
C ILE D 207 80.87 40.03 57.40
N GLN D 208 82.08 39.85 56.87
CA GLN D 208 83.22 40.68 57.18
C GLN D 208 83.95 41.04 55.89
N GLU D 209 84.39 42.29 55.79
CA GLU D 209 85.13 42.76 54.64
C GLU D 209 86.18 43.77 55.09
N LYS D 210 87.40 43.62 54.59
CA LYS D 210 88.50 44.51 54.95
C LYS D 210 89.29 44.85 53.70
N THR D 211 89.73 46.11 53.61
CA THR D 211 90.49 46.61 52.48
C THR D 211 91.81 47.19 52.99
N SER D 212 92.88 46.99 52.23
CA SER D 212 94.20 47.51 52.59
C SER D 212 94.91 47.95 51.33
N ASN D 213 95.32 49.21 51.29
CA ASN D 213 96.01 49.79 50.14
C ASN D 213 97.12 50.70 50.64
N PHE D 214 98.28 50.62 50.00
CA PHE D 214 99.43 51.41 50.40
C PHE D 214 100.18 51.89 49.16
N ASN D 215 100.72 53.11 49.23
CA ASN D 215 101.54 53.68 48.17
C ASN D 215 102.84 54.18 48.76
N ALA D 216 103.90 54.18 47.95
CA ALA D 216 105.19 54.69 48.37
C ALA D 216 105.96 55.15 47.13
N ALA D 217 106.01 56.46 46.92
CA ALA D 217 106.69 57.05 45.77
C ALA D 217 107.69 58.08 46.28
N ILE D 218 108.96 57.89 45.97
CA ILE D 218 110.03 58.80 46.37
C ILE D 218 111.04 58.89 45.23
N SER D 219 111.43 60.11 44.87
CA SER D 219 112.34 60.34 43.74
C SER D 219 113.47 61.25 44.19
N LEU D 220 114.65 61.01 43.62
CA LEU D 220 115.85 61.78 43.93
C LEU D 220 116.56 62.15 42.64
N LYS D 221 116.99 63.41 42.56
CA LYS D 221 117.71 63.92 41.40
C LYS D 221 118.76 64.92 41.86
N PHE D 222 119.94 64.87 41.23
CA PHE D 222 121.04 65.75 41.57
C PHE D 222 121.75 66.19 40.30
N THR D 223 121.95 67.50 40.16
CA THR D 223 122.64 68.06 39.00
C THR D 223 123.31 69.36 39.43
N PRO D 224 124.63 69.36 39.65
CA PRO D 224 125.37 70.56 40.05
C PRO D 224 125.61 71.52 38.89
N SER D 242 130.73 67.77 33.70
CA SER D 242 129.28 67.61 33.75
C SER D 242 128.88 66.46 34.67
N LEU D 243 127.82 66.67 35.44
CA LEU D 243 127.33 65.66 36.37
C LEU D 243 125.81 65.73 36.40
N HIS D 244 125.17 64.56 36.28
CA HIS D 244 123.72 64.47 36.27
C HIS D 244 123.27 63.24 37.05
N GLY D 245 122.12 63.35 37.70
CA GLY D 245 121.57 62.25 38.47
C GLY D 245 120.06 62.26 38.51
N LYS D 246 119.44 61.08 38.40
CA LYS D 246 117.98 60.98 38.42
C LYS D 246 117.59 59.61 38.96
N GLY D 247 116.66 59.60 39.90
CA GLY D 247 116.15 58.36 40.47
C GLY D 247 114.70 58.53 40.86
N SER D 248 113.96 57.41 40.81
CA SER D 248 112.54 57.42 41.13
C SER D 248 112.14 56.05 41.65
N PHE D 249 111.49 56.04 42.82
CA PHE D 249 111.00 54.81 43.43
C PHE D 249 109.47 54.83 43.41
N ARG D 250 108.87 53.67 43.14
CA ARG D 250 107.42 53.52 43.17
C ARG D 250 107.05 52.22 43.86
N PHE D 251 105.92 52.23 44.55
CA PHE D 251 105.49 51.09 45.33
C PHE D 251 103.96 51.12 45.47
N SER D 252 103.35 49.94 45.40
CA SER D 252 101.90 49.81 45.50
C SER D 252 101.57 48.60 46.37
N TYR D 253 100.32 48.56 46.83
CA TYR D 253 99.85 47.48 47.68
C TYR D 253 98.34 47.41 47.62
N SER D 254 97.82 46.19 47.58
CA SER D 254 96.38 45.96 47.54
C SER D 254 96.06 44.69 48.34
N LYS D 255 94.97 44.74 49.09
CA LYS D 255 94.59 43.60 49.92
C LYS D 255 93.10 43.66 50.25
N ASN D 256 92.40 42.56 50.00
CA ASN D 256 91.02 42.38 50.43
C ASN D 256 90.85 40.97 51.00
N GLU D 257 90.31 40.89 52.20
CA GLU D 257 90.05 39.62 52.88
C GLU D 257 88.60 39.62 53.36
N THR D 258 87.72 39.02 52.57
CA THR D 258 86.29 39.02 52.85
C THR D 258 85.89 37.72 53.54
N TYR D 259 85.13 37.84 54.63
CA TYR D 259 84.63 36.71 55.39
C TYR D 259 83.11 36.71 55.34
N GLN D 260 82.52 35.52 55.33
CA GLN D 260 81.08 35.36 55.32
C GLN D 260 80.68 34.16 56.16
N LEU D 261 79.63 34.33 56.97
CA LEU D 261 79.14 33.27 57.84
C LEU D 261 77.63 33.24 57.77
N PHE D 262 77.07 32.03 57.81
CA PHE D 262 75.62 31.84 57.78
C PHE D 262 75.27 30.62 58.62
N LEU D 263 74.23 30.75 59.43
CA LEU D 263 73.79 29.67 60.31
C LEU D 263 72.27 29.67 60.38
N SER D 264 71.68 28.47 60.33
CA SER D 264 70.24 28.32 60.39
C SER D 264 69.90 27.09 61.23
N TYR D 265 68.80 27.17 61.96
CA TYR D 265 68.35 26.07 62.81
C TYR D 265 66.83 26.08 62.86
N SER D 266 66.23 24.89 62.74
CA SER D 266 64.79 24.75 62.76
C SER D 266 64.41 23.38 63.29
N SER D 267 63.44 23.33 64.18
CA SER D 267 62.97 22.08 64.75
C SER D 267 61.48 22.16 65.02
N LYS D 268 60.78 21.06 64.74
CA LYS D 268 59.33 20.98 64.93
C LYS D 268 58.99 19.67 65.63
N LYS D 269 58.07 19.74 66.58
CA LYS D 269 57.63 18.57 67.34
C LYS D 269 56.11 18.61 67.48
N GLU D 270 55.49 17.44 67.33
CA GLU D 270 54.04 17.30 67.43
C GLU D 270 53.73 16.03 68.20
N LYS D 271 52.66 16.08 69.00
CA LYS D 271 52.24 14.93 69.79
C LYS D 271 50.72 14.89 69.87
N MET D 272 50.16 13.69 69.75
CA MET D 272 48.72 13.50 69.78
C MET D 272 48.39 12.31 70.67
N PHE D 273 47.41 12.48 71.55
CA PHE D 273 46.98 11.42 72.45
C PHE D 273 45.45 11.44 72.53
N LEU D 274 44.83 10.30 72.22
CA LEU D 274 43.38 10.20 72.22
C LEU D 274 42.98 8.75 72.48
N HIS D 275 41.92 8.56 73.25
CA HIS D 275 41.43 7.23 73.55
C HIS D 275 39.95 7.31 73.86
N VAL D 276 39.29 6.15 73.80
CA VAL D 276 37.86 6.05 74.07
C VAL D 276 37.58 4.73 74.77
N LYS D 277 36.56 4.73 75.64
CA LYS D 277 36.20 3.55 76.39
C LYS D 277 34.68 3.52 76.57
N GLY D 278 34.11 2.33 76.47
CA GLY D 278 32.68 2.16 76.64
C GLY D 278 32.32 0.85 77.33
N GLU D 279 31.31 0.89 78.20
CA GLU D 279 30.89 -0.28 78.95
C GLU D 279 29.38 -0.39 78.91
N ILE D 280 28.87 -1.50 78.38
CA ILE D 280 27.44 -1.79 78.33
C ILE D 280 27.12 -2.72 79.49
N HIS D 281 26.56 -2.16 80.56
CA HIS D 281 26.21 -2.94 81.73
C HIS D 281 24.95 -3.75 81.46
N LEU D 282 24.92 -4.99 81.95
CA LEU D 282 23.81 -5.90 81.73
C LEU D 282 23.07 -6.22 83.02
N GLY D 283 23.77 -6.73 84.04
CA GLY D 283 23.13 -7.09 85.29
C GLY D 283 24.11 -7.02 86.43
N ARG D 284 23.56 -6.99 87.65
CA ARG D 284 24.34 -6.85 88.86
C ARG D 284 23.77 -7.76 89.94
N PHE D 285 24.67 -8.34 90.73
CA PHE D 285 24.29 -9.24 91.80
C PHE D 285 25.14 -8.97 93.03
N VAL D 286 24.63 -9.37 94.19
CA VAL D 286 25.34 -9.27 95.46
C VAL D 286 25.19 -10.59 96.20
N MET D 287 26.29 -11.30 96.37
CA MET D 287 26.26 -12.56 97.09
C MET D 287 26.03 -12.32 98.58
N ARG D 288 25.17 -13.14 99.18
CA ARG D 288 24.94 -13.05 100.61
C ARG D 288 26.22 -13.41 101.36
N ASN D 289 26.59 -12.56 102.32
CA ASN D 289 27.89 -12.72 102.97
C ASN D 289 27.90 -13.91 103.92
N ARG D 290 26.94 -13.96 104.84
CA ARG D 290 26.86 -15.05 105.82
C ARG D 290 25.58 -15.83 105.59
N ASP D 291 25.53 -17.02 106.21
CA ASP D 291 24.39 -17.94 106.10
C ASP D 291 24.18 -18.34 104.64
N VAL D 292 25.24 -18.82 104.01
CA VAL D 292 25.23 -19.24 102.62
C VAL D 292 25.67 -20.70 102.54
N VAL D 293 25.13 -21.41 101.55
CA VAL D 293 25.44 -22.81 101.35
C VAL D 293 26.62 -22.93 100.39
N LEU D 294 27.35 -24.03 100.51
CA LEU D 294 28.53 -24.30 99.71
C LEU D 294 28.36 -25.60 98.94
N THR D 295 29.25 -25.82 97.98
CA THR D 295 29.20 -27.03 97.15
C THR D 295 29.92 -28.17 97.83
N THR D 296 29.55 -29.40 97.47
CA THR D 296 30.14 -30.58 98.07
C THR D 296 31.62 -30.73 97.73
N THR D 297 32.08 -30.15 96.62
CA THR D 297 33.49 -30.25 96.27
C THR D 297 34.35 -29.35 97.16
N PHE D 298 33.89 -28.12 97.42
CA PHE D 298 34.66 -27.20 98.25
C PHE D 298 34.62 -27.63 99.71
N VAL D 299 33.46 -28.10 100.19
CA VAL D 299 33.35 -28.53 101.58
C VAL D 299 34.26 -29.72 101.84
N ASP D 300 34.32 -30.66 100.89
CA ASP D 300 35.22 -31.80 101.03
C ASP D 300 36.68 -31.34 101.08
N ASP D 301 37.03 -30.28 100.35
CA ASP D 301 38.38 -29.75 100.41
C ASP D 301 38.65 -29.10 101.77
N ILE D 302 37.66 -28.40 102.32
CA ILE D 302 37.81 -27.80 103.64
C ILE D 302 37.78 -28.89 104.72
N LYS D 303 37.01 -29.95 104.50
CA LYS D 303 37.01 -31.06 105.45
C LYS D 303 38.33 -31.82 105.41
N ALA D 304 38.82 -32.12 104.20
CA ALA D 304 40.13 -32.75 104.03
C ALA D 304 41.18 -31.64 103.85
N LEU D 305 41.45 -30.95 104.96
CA LEU D 305 42.35 -29.81 104.98
C LEU D 305 43.19 -29.87 106.25
N PRO D 306 44.49 -29.58 106.16
CA PRO D 306 45.35 -29.63 107.34
C PRO D 306 45.04 -28.51 108.33
N THR D 307 45.71 -28.54 109.48
CA THR D 307 45.50 -27.52 110.50
C THR D 307 46.80 -27.07 111.17
N THR D 308 47.96 -27.45 110.65
CA THR D 308 49.24 -27.12 111.23
C THR D 308 50.04 -26.18 110.32
N TYR D 309 49.33 -25.29 109.63
CA TYR D 309 49.93 -24.29 108.73
C TYR D 309 50.76 -24.98 107.64
N GLU D 310 50.06 -25.74 106.80
CA GLU D 310 50.68 -26.38 105.64
C GLU D 310 50.63 -25.39 104.48
N LYS D 311 51.67 -24.54 104.41
CA LYS D 311 51.76 -23.57 103.33
C LYS D 311 51.81 -24.24 101.96
N GLY D 312 52.40 -25.43 101.88
CA GLY D 312 52.50 -26.11 100.60
C GLY D 312 51.15 -26.46 100.01
N GLU D 313 50.27 -27.08 100.82
CA GLU D 313 48.94 -27.41 100.33
C GLU D 313 48.07 -26.17 100.22
N TYR D 314 48.23 -25.22 101.14
CA TYR D 314 47.44 -23.99 101.09
C TYR D 314 47.74 -23.19 99.83
N PHE D 315 49.03 -23.10 99.46
CA PHE D 315 49.38 -22.47 98.18
C PHE D 315 48.81 -23.25 97.01
N ALA D 316 48.75 -24.58 97.11
CA ALA D 316 48.11 -25.38 96.08
C ALA D 316 46.60 -25.18 96.10
N PHE D 317 46.01 -25.20 97.30
CA PHE D 317 44.58 -24.95 97.43
C PHE D 317 44.23 -23.53 97.01
N LEU D 318 45.17 -22.59 97.14
CA LEU D 318 44.90 -21.20 96.79
C LEU D 318 44.70 -21.04 95.29
N GLU D 319 45.47 -21.75 94.48
CA GLU D 319 45.31 -21.66 93.04
C GLU D 319 44.04 -22.33 92.55
N THR D 320 43.53 -23.30 93.31
CA THR D 320 42.36 -24.06 92.86
C THR D 320 41.10 -23.20 92.88
N TYR D 321 40.88 -22.45 93.95
CA TYR D 321 39.67 -21.64 94.11
C TYR D 321 39.98 -20.15 94.22
N GLY D 322 41.14 -19.72 93.74
CA GLY D 322 41.51 -18.31 93.82
C GLY D 322 41.87 -17.89 95.24
N THR D 323 42.25 -16.62 95.34
CA THR D 323 42.65 -16.05 96.64
C THR D 323 41.47 -15.42 97.38
N HIS D 324 40.58 -14.71 96.67
CA HIS D 324 39.44 -14.06 97.28
C HIS D 324 38.29 -14.04 96.29
N TYR D 325 37.07 -14.26 96.79
CA TYR D 325 35.91 -14.36 95.93
C TYR D 325 35.26 -12.99 95.75
N SER D 326 34.23 -12.94 94.92
CA SER D 326 33.52 -11.71 94.60
C SER D 326 32.26 -11.60 95.46
N SER D 327 32.17 -10.54 96.26
CA SER D 327 30.96 -10.28 97.02
C SER D 327 29.85 -9.71 96.15
N SER D 328 30.22 -8.91 95.14
CA SER D 328 29.24 -8.34 94.23
C SER D 328 29.89 -8.15 92.86
N GLY D 329 29.20 -8.59 91.81
CA GLY D 329 29.72 -8.46 90.47
C GLY D 329 28.85 -7.62 89.56
N SER D 330 29.20 -7.57 88.27
CA SER D 330 28.44 -6.80 87.30
C SER D 330 28.57 -7.49 85.95
N LEU D 331 27.55 -8.28 85.60
CA LEU D 331 27.57 -8.99 84.33
C LEU D 331 27.39 -8.03 83.17
N GLY D 332 28.04 -8.32 82.05
CA GLY D 332 27.97 -7.47 80.89
C GLY D 332 29.17 -7.60 79.96
N GLY D 333 29.79 -6.47 79.63
CA GLY D 333 30.95 -6.44 78.75
C GLY D 333 31.35 -5.04 78.39
N LEU D 334 32.65 -4.81 78.19
CA LEU D 334 33.15 -3.48 77.87
C LEU D 334 34.18 -3.58 76.76
N TYR D 335 34.37 -2.46 76.06
CA TYR D 335 35.38 -2.34 75.02
C TYR D 335 36.16 -1.06 75.23
N GLU D 336 37.39 -1.04 74.72
CA GLU D 336 38.27 0.11 74.88
C GLU D 336 39.13 0.27 73.64
N LEU D 337 39.52 1.51 73.36
CA LEU D 337 40.40 1.83 72.25
C LEU D 337 41.39 2.90 72.70
N ILE D 338 42.66 2.70 72.36
CA ILE D 338 43.74 3.60 72.75
C ILE D 338 44.59 3.88 71.53
N TYR D 339 44.91 5.16 71.31
CA TYR D 339 45.74 5.58 70.18
C TYR D 339 46.75 6.61 70.66
N VAL D 340 47.97 6.51 70.13
CA VAL D 340 49.05 7.41 70.50
C VAL D 340 49.75 7.88 69.23
N LEU D 341 50.37 9.05 69.31
CA LEU D 341 51.09 9.62 68.18
C LEU D 341 52.14 10.59 68.69
N ASP D 342 53.33 10.55 68.07
CA ASP D 342 54.42 11.44 68.43
C ASP D 342 55.20 11.80 67.18
N LYS D 343 55.57 13.08 67.07
CA LYS D 343 56.29 13.58 65.91
C LYS D 343 57.43 14.46 66.39
N ALA D 344 58.58 14.34 65.72
CA ALA D 344 59.76 15.13 66.06
C ALA D 344 60.56 15.41 64.80
N SER D 345 61.11 16.62 64.71
CA SER D 345 61.88 17.03 63.54
C SER D 345 62.99 17.98 64.00
N MET D 346 64.15 17.88 63.35
CA MET D 346 65.29 18.73 63.67
C MET D 346 66.04 19.07 62.39
N LYS D 347 66.38 20.34 62.22
CA LYS D 347 67.10 20.82 61.05
C LYS D 347 68.09 21.90 61.47
N ARG D 348 69.29 21.85 60.92
CA ARG D 348 70.30 22.85 61.21
C ARG D 348 71.13 23.09 59.95
N LYS D 349 71.37 24.36 59.62
CA LYS D 349 72.09 24.73 58.42
C LYS D 349 73.19 25.71 58.78
N GLY D 350 74.39 25.49 58.23
CA GLY D 350 75.51 26.39 58.42
C GLY D 350 76.31 26.57 57.15
N VAL D 351 76.56 27.82 56.77
CA VAL D 351 77.29 28.14 55.55
C VAL D 351 78.42 29.09 55.90
N GLU D 352 79.62 28.76 55.41
CA GLU D 352 80.82 29.57 55.66
C GLU D 352 81.53 29.83 54.35
N LEU D 353 81.87 31.09 54.10
CA LEU D 353 82.61 31.47 52.90
C LEU D 353 83.74 32.40 53.30
N LYS D 354 84.94 32.12 52.80
CA LYS D 354 86.13 32.90 53.13
C LYS D 354 86.92 33.16 51.85
N ASP D 355 87.19 34.43 51.57
CA ASP D 355 87.97 34.83 50.42
C ASP D 355 88.98 35.89 50.83
N ILE D 356 90.25 35.67 50.46
CA ILE D 356 91.32 36.59 50.77
C ILE D 356 92.07 36.91 49.49
N LYS D 357 92.27 38.20 49.22
CA LYS D 357 93.03 38.67 48.07
C LYS D 357 94.02 39.72 48.54
N ARG D 358 95.26 39.61 48.06
CA ARG D 358 96.30 40.57 48.44
C ARG D 358 97.40 40.55 47.39
N CYS D 359 97.73 41.74 46.86
CA CYS D 359 98.75 41.86 45.84
C CYS D 359 99.76 42.93 46.22
N LEU D 360 100.94 42.86 45.60
CA LEU D 360 102.03 43.78 45.87
C LEU D 360 102.52 44.38 44.55
N GLY D 361 102.95 45.64 44.62
CA GLY D 361 103.49 46.32 43.46
C GLY D 361 104.69 47.18 43.77
N TYR D 362 105.71 47.15 42.90
CA TYR D 362 106.93 47.90 43.12
C TYR D 362 107.53 48.30 41.78
N HIS D 363 108.06 49.52 41.70
CA HIS D 363 108.69 50.03 40.49
C HIS D 363 109.93 50.82 40.87
N LEU D 364 111.04 50.53 40.18
CA LEU D 364 112.31 51.19 40.39
C LEU D 364 112.86 51.65 39.05
N ASP D 365 113.22 52.93 38.96
CA ASP D 365 113.79 53.50 37.74
C ASP D 365 114.86 54.51 38.11
N VAL D 366 116.07 54.31 37.60
CA VAL D 366 117.19 55.19 37.85
C VAL D 366 117.88 55.50 36.51
N SER D 367 118.15 56.78 36.27
CA SER D 367 118.81 57.21 35.05
C SER D 367 119.94 58.15 35.42
N LEU D 368 121.12 57.91 34.84
CA LEU D 368 122.31 58.71 35.13
C LEU D 368 122.94 59.19 33.83
N ALA D 369 123.48 60.40 33.86
CA ALA D 369 124.13 60.99 32.70
C ALA D 369 125.40 61.70 33.16
N PHE D 370 126.44 61.64 32.32
CA PHE D 370 127.71 62.26 32.67
C PHE D 370 128.33 62.94 31.44
N SER D 371 132.54 64.82 25.95
CA SER D 371 132.33 63.63 26.78
C SER D 371 130.85 63.40 27.04
N GLU D 372 130.39 62.18 26.77
CA GLU D 372 129.00 61.81 26.98
C GLU D 372 128.92 60.41 27.56
N ILE D 373 128.20 60.28 28.67
CA ILE D 373 127.98 58.99 29.32
C ILE D 373 126.52 58.89 29.71
N SER D 374 125.91 57.73 29.45
CA SER D 374 124.51 57.50 29.77
C SER D 374 124.38 56.19 30.53
N VAL D 375 123.69 56.23 31.66
CA VAL D 375 123.47 55.06 32.50
C VAL D 375 121.99 55.00 32.87
N GLY D 376 121.39 53.84 32.70
CA GLY D 376 119.99 53.65 33.00
C GLY D 376 119.77 52.41 33.84
N ALA D 377 118.65 52.40 34.57
CA ALA D 377 118.29 51.28 35.42
C ALA D 377 116.77 51.26 35.59
N GLU D 378 116.18 50.07 35.50
CA GLU D 378 114.74 49.92 35.67
C GLU D 378 114.46 48.55 36.26
N PHE D 379 113.85 48.53 37.45
CA PHE D 379 113.48 47.31 38.15
C PHE D 379 112.02 47.37 38.53
N ASN D 380 111.24 46.37 38.14
CA ASN D 380 109.81 46.31 38.43
C ASN D 380 109.48 44.99 39.08
N LYS D 381 108.69 45.04 40.15
CA LYS D 381 108.29 43.86 40.91
C LYS D 381 106.78 43.82 41.03
N ASP D 382 106.18 42.65 40.78
CA ASP D 382 104.74 42.47 40.87
C ASP D 382 104.45 41.09 41.41
N ASP D 383 103.60 41.01 42.43
CA ASP D 383 103.25 39.73 43.05
C ASP D 383 101.89 39.85 43.71
N CYS D 384 100.96 38.97 43.32
CA CYS D 384 99.62 38.94 43.87
C CYS D 384 99.37 37.59 44.52
N VAL D 385 98.52 37.58 45.54
CA VAL D 385 98.18 36.37 46.28
C VAL D 385 96.67 36.36 46.52
N LYS D 386 96.04 35.20 46.30
CA LYS D 386 94.61 35.03 46.52
C LYS D 386 94.37 33.73 47.28
N ARG D 387 93.43 33.77 48.22
CA ARG D 387 93.06 32.61 49.00
C ARG D 387 91.54 32.52 49.09
N GLY D 388 91.01 31.30 49.07
CA GLY D 388 89.58 31.09 49.13
C GLY D 388 89.25 29.87 49.96
N GLU D 389 88.10 29.93 50.64
CA GLU D 389 87.66 28.85 51.49
C GLU D 389 86.13 28.86 51.56
N GLY D 390 85.54 27.68 51.53
CA GLY D 390 84.10 27.53 51.62
C GLY D 390 83.68 26.34 52.46
N ARG D 391 82.60 26.48 53.22
CA ARG D 391 82.12 25.41 54.07
C ARG D 391 80.60 25.47 54.16
N ALA D 392 79.97 24.29 54.20
CA ALA D 392 78.53 24.19 54.27
C ALA D 392 78.15 23.09 55.26
N VAL D 393 77.03 23.29 55.95
CA VAL D 393 76.51 22.33 56.91
C VAL D 393 75.01 22.20 56.69
N ASN D 394 74.54 20.97 56.43
CA ASN D 394 73.14 20.71 56.13
C ASN D 394 72.78 19.37 56.77
N ILE D 395 71.97 19.40 57.83
CA ILE D 395 71.63 18.21 58.60
C ILE D 395 70.15 18.24 58.93
N THR D 396 69.41 17.25 58.46
CA THR D 396 67.98 17.11 58.73
C THR D 396 67.72 15.79 59.46
N SER D 397 66.86 15.86 60.48
CA SER D 397 66.49 14.67 61.25
C SER D 397 65.02 14.76 61.62
N GLU D 398 64.32 13.63 61.49
CA GLU D 398 62.90 13.55 61.79
C GLU D 398 62.60 12.21 62.45
N ASN D 399 61.73 12.24 63.46
CA ASN D 399 61.32 11.06 64.19
C ASN D 399 59.81 11.01 64.30
N LEU D 400 59.24 9.83 64.10
CA LEU D 400 57.80 9.62 64.17
C LEU D 400 57.50 8.38 65.00
N ILE D 401 56.48 8.49 65.86
CA ILE D 401 56.07 7.40 66.74
C ILE D 401 54.55 7.33 66.75
N ASP D 402 54.01 6.14 66.54
CA ASP D 402 52.56 5.92 66.55
C ASP D 402 52.26 4.60 67.22
N ASP D 403 51.26 4.59 68.10
CA ASP D 403 50.86 3.39 68.82
C ASP D 403 49.34 3.31 68.89
N VAL D 404 48.80 2.12 68.67
CA VAL D 404 47.37 1.89 68.70
C VAL D 404 47.09 0.58 69.44
N VAL D 405 46.05 0.57 70.25
CA VAL D 405 45.66 -0.61 71.01
C VAL D 405 44.16 -0.58 71.24
N SER D 406 43.55 -1.75 71.33
CA SER D 406 42.11 -1.87 71.54
C SER D 406 41.80 -3.21 72.17
N LEU D 407 40.60 -3.30 72.73
CA LEU D 407 40.15 -4.53 73.39
C LEU D 407 38.63 -4.57 73.40
N ILE D 408 38.09 -5.78 73.47
CA ILE D 408 36.64 -5.98 73.51
C ILE D 408 36.37 -7.37 74.07
N ARG D 409 35.18 -7.56 74.64
CA ARG D 409 34.81 -8.84 75.22
C ARG D 409 33.30 -8.86 75.42
N GLY D 410 32.76 -10.08 75.50
CA GLY D 410 31.36 -10.29 75.75
C GLY D 410 30.57 -10.59 74.48
N GLY D 411 29.37 -11.14 74.67
CA GLY D 411 28.49 -11.46 73.58
C GLY D 411 28.92 -12.66 72.77
N THR D 412 28.10 -13.08 71.81
CA THR D 412 28.48 -14.18 70.94
C THR D 412 29.65 -13.77 70.05
N ARG D 413 30.41 -14.78 69.61
CA ARG D 413 31.64 -14.50 68.87
C ARG D 413 31.36 -13.91 67.49
N LYS D 414 30.19 -14.19 66.92
CA LYS D 414 29.84 -13.64 65.61
C LYS D 414 29.63 -12.13 65.69
N TYR D 415 28.71 -11.70 66.56
CA TYR D 415 28.35 -10.27 66.62
C TYR D 415 29.44 -9.44 67.31
N ALA D 416 30.22 -10.05 68.21
CA ALA D 416 31.20 -9.28 68.96
C ALA D 416 32.33 -8.80 68.05
N PHE D 417 32.90 -9.70 67.26
CA PHE D 417 34.03 -9.34 66.41
C PHE D 417 33.61 -8.69 65.10
N GLU D 418 32.34 -8.81 64.72
CA GLU D 418 31.82 -7.98 63.64
C GLU D 418 31.84 -6.51 64.03
N LEU D 419 31.60 -6.23 65.31
CA LEU D 419 31.77 -4.88 65.83
C LEU D 419 33.24 -4.48 65.87
N LYS D 420 34.12 -5.45 66.15
CA LYS D 420 35.55 -5.16 66.27
C LYS D 420 36.14 -4.74 64.93
N GLU D 421 35.79 -5.45 63.86
CA GLU D 421 36.36 -5.15 62.55
C GLU D 421 35.89 -3.79 62.03
N LYS D 422 34.66 -3.41 62.32
CA LYS D 422 34.11 -2.16 61.81
C LYS D 422 34.45 -0.96 62.68
N LEU D 423 34.79 -1.18 63.96
CA LEU D 423 35.18 -0.07 64.81
C LEU D 423 36.60 0.39 64.50
N LEU D 424 37.50 -0.55 64.21
CA LEU D 424 38.90 -0.23 63.95
C LEU D 424 39.03 0.31 62.54
N ARG D 425 39.21 1.63 62.44
CA ARG D 425 39.43 2.34 61.18
C ARG D 425 38.29 2.15 60.18
N GLY D 426 37.11 1.79 60.65
CA GLY D 426 35.97 1.62 59.78
C GLY D 426 35.34 2.94 59.37
N THR D 427 35.25 3.87 60.32
CA THR D 427 34.72 5.22 60.14
C THR D 427 33.24 5.25 59.78
N VAL D 428 32.57 4.10 59.71
CA VAL D 428 31.15 4.03 59.37
C VAL D 428 30.49 3.18 60.45
N ILE D 429 29.95 3.84 61.47
CA ILE D 429 29.25 3.14 62.55
C ILE D 429 27.88 2.71 62.05
N ASP D 430 27.60 1.41 62.16
CA ASP D 430 26.34 0.86 61.71
C ASP D 430 25.28 0.92 62.81
N VAL D 431 24.02 0.83 62.39
CA VAL D 431 22.91 0.84 63.34
C VAL D 431 22.52 -0.57 63.75
N THR D 432 22.65 -1.54 62.85
CA THR D 432 22.20 -2.90 63.15
C THR D 432 23.20 -3.69 63.99
N ASP D 433 24.50 -3.39 63.84
CA ASP D 433 25.50 -4.16 64.59
C ASP D 433 25.42 -3.87 66.09
N PHE D 434 25.15 -2.62 66.46
CA PHE D 434 25.02 -2.28 67.88
C PHE D 434 23.76 -2.91 68.46
N VAL D 435 22.66 -2.94 67.70
CA VAL D 435 21.46 -3.62 68.15
C VAL D 435 21.70 -5.12 68.26
N ASN D 436 22.42 -5.69 67.29
CA ASN D 436 22.81 -7.10 67.40
C ASN D 436 23.73 -7.31 68.58
N TRP D 437 24.65 -6.38 68.82
CA TRP D 437 25.51 -6.46 70.01
C TRP D 437 24.70 -6.44 71.29
N ALA D 438 23.57 -5.74 71.30
CA ALA D 438 22.71 -5.72 72.48
C ALA D 438 22.14 -7.10 72.76
N SER D 439 21.58 -7.75 71.73
CA SER D 439 21.08 -9.11 71.90
C SER D 439 22.21 -10.12 72.05
N SER D 440 23.39 -9.81 71.50
CA SER D 440 24.51 -10.73 71.62
C SER D 440 25.02 -10.81 73.06
N ILE D 441 25.21 -9.67 73.70
CA ILE D 441 25.71 -9.64 75.07
C ILE D 441 24.70 -10.23 76.05
N ASN D 442 23.42 -10.26 75.69
CA ASN D 442 22.42 -10.84 76.57
C ASN D 442 22.63 -12.33 76.78
N ASP D 443 23.21 -13.01 75.78
CA ASP D 443 23.40 -14.46 75.89
C ASP D 443 24.64 -14.81 76.68
N ALA D 444 25.76 -14.13 76.42
CA ALA D 444 27.04 -14.42 77.07
C ALA D 444 27.63 -13.13 77.63
N PRO D 445 27.30 -12.78 78.88
CA PRO D 445 27.88 -11.58 79.49
C PRO D 445 29.23 -11.85 80.14
N VAL D 446 29.81 -10.83 80.76
CA VAL D 446 31.10 -10.95 81.44
C VAL D 446 31.20 -9.85 82.48
N LEU D 447 32.11 -10.02 83.44
CA LEU D 447 32.23 -9.08 84.54
C LEU D 447 32.69 -7.71 84.05
N ILE D 448 32.17 -6.67 84.70
CA ILE D 448 32.57 -5.29 84.43
C ILE D 448 33.13 -4.68 85.72
N SER D 449 32.29 -4.61 86.75
CA SER D 449 32.68 -4.14 88.06
C SER D 449 32.53 -5.28 89.06
N GLN D 450 33.53 -5.45 89.92
CA GLN D 450 33.58 -6.60 90.82
C GLN D 450 33.96 -6.13 92.21
N LYS D 451 33.04 -6.32 93.16
CA LYS D 451 33.33 -6.06 94.56
C LYS D 451 33.95 -7.30 95.18
N LEU D 452 35.02 -7.10 95.94
CA LEU D 452 35.88 -8.18 96.38
C LEU D 452 35.65 -8.50 97.85
N SER D 453 35.95 -9.76 98.22
CA SER D 453 35.77 -10.23 99.58
C SER D 453 36.70 -11.41 99.82
N PRO D 454 37.37 -11.48 100.97
CA PRO D 454 38.32 -12.58 101.19
C PRO D 454 37.63 -13.92 101.33
N ILE D 455 38.36 -14.98 100.97
CA ILE D 455 37.79 -16.33 101.00
C ILE D 455 37.68 -16.84 102.44
N TYR D 456 38.67 -16.54 103.28
CA TYR D 456 38.65 -17.06 104.64
C TYR D 456 37.45 -16.59 105.45
N ASN D 457 36.73 -15.58 104.97
CA ASN D 457 35.45 -15.20 105.57
C ASN D 457 34.30 -16.08 105.09
N LEU D 458 34.52 -16.89 104.06
CA LEU D 458 33.48 -17.74 103.49
C LEU D 458 33.50 -19.15 104.05
N VAL D 459 34.51 -19.50 104.84
CA VAL D 459 34.61 -20.85 105.41
C VAL D 459 33.37 -21.12 106.27
N PRO D 460 32.76 -22.31 106.20
CA PRO D 460 31.58 -22.57 107.04
C PRO D 460 31.91 -22.59 108.52
N VAL D 461 31.04 -21.96 109.31
CA VAL D 461 31.22 -21.85 110.75
C VAL D 461 30.86 -23.17 111.41
N LYS D 462 31.18 -23.31 112.69
CA LYS D 462 30.87 -24.48 113.52
C LYS D 462 31.22 -25.79 112.80
N MET D 463 32.34 -25.79 112.10
CA MET D 463 32.84 -26.99 111.44
C MET D 463 33.77 -27.73 112.41
N LYS D 464 34.54 -28.70 111.91
CA LYS D 464 35.47 -29.43 112.75
C LYS D 464 36.50 -28.50 113.37
N ASN D 465 37.29 -27.83 112.54
CA ASN D 465 38.32 -26.89 112.99
C ASN D 465 38.23 -25.60 112.17
N ALA D 466 37.03 -25.06 112.05
CA ALA D 466 36.78 -23.93 111.16
C ALA D 466 37.63 -22.71 111.55
N HIS D 467 37.60 -22.34 112.83
CA HIS D 467 38.27 -21.10 113.24
C HIS D 467 39.78 -21.18 113.03
N LEU D 468 40.40 -22.26 113.51
CA LEU D 468 41.85 -22.37 113.37
C LEU D 468 42.27 -22.44 111.91
N LYS D 469 41.47 -23.10 111.08
CA LYS D 469 41.74 -23.09 109.65
C LYS D 469 41.45 -21.73 109.03
N LYS D 470 40.50 -20.98 109.59
CA LYS D 470 40.19 -19.65 109.08
C LYS D 470 41.38 -18.72 109.21
N GLN D 471 41.89 -18.56 110.43
CA GLN D 471 43.09 -17.75 110.65
C GLN D 471 44.30 -18.35 109.94
N ASN D 472 44.30 -19.67 109.73
CA ASN D 472 45.41 -20.30 109.03
C ASN D 472 45.44 -19.87 107.57
N LEU D 473 44.28 -19.87 106.91
CA LEU D 473 44.20 -19.35 105.55
C LEU D 473 44.38 -17.83 105.53
N GLU D 474 44.01 -17.15 106.62
CA GLU D 474 44.24 -15.71 106.70
C GLU D 474 45.73 -15.40 106.67
N ARG D 475 46.53 -16.19 107.38
CA ARG D 475 47.97 -16.06 107.27
C ARG D 475 48.46 -16.47 105.88
N ALA D 476 47.76 -17.38 105.23
CA ALA D 476 48.16 -17.82 103.90
C ALA D 476 47.86 -16.75 102.85
N ILE D 477 46.65 -16.17 102.89
CA ILE D 477 46.28 -15.16 101.91
C ILE D 477 47.13 -13.91 102.07
N GLU D 478 47.55 -13.59 103.30
CA GLU D 478 48.44 -12.46 103.51
C GLU D 478 49.84 -12.76 103.00
N ASP D 479 50.31 -13.99 103.21
CA ASP D 479 51.64 -14.37 102.72
C ASP D 479 51.63 -14.54 101.21
N TYR D 480 50.53 -15.07 100.65
CA TYR D 480 50.46 -15.31 99.22
C TYR D 480 50.69 -14.03 98.41
N ILE D 481 49.95 -12.98 98.75
CA ILE D 481 50.09 -11.72 98.02
C ILE D 481 51.44 -11.08 98.27
N ASN D 482 52.09 -11.42 99.39
CA ASN D 482 53.38 -10.85 99.75
C ASN D 482 54.53 -11.81 99.49
N GLU D 483 54.26 -13.01 98.97
CA GLU D 483 55.34 -13.97 98.69
C GLU D 483 56.04 -13.64 97.38
N PHE D 484 55.29 -13.67 96.28
CA PHE D 484 55.82 -13.40 94.95
C PHE D 484 55.01 -12.29 94.30
N SER D 485 55.71 -11.28 93.78
CA SER D 485 55.08 -10.13 93.13
C SER D 485 56.19 -9.31 92.48
N VAL D 486 55.79 -8.20 91.86
CA VAL D 486 56.77 -7.27 91.29
C VAL D 486 57.61 -6.63 92.39
N ARG D 487 57.06 -6.53 93.60
CA ARG D 487 57.79 -5.92 94.71
C ARG D 487 59.07 -6.69 95.03
N LYS D 488 59.05 -8.02 94.88
CA LYS D 488 60.21 -8.83 95.21
C LYS D 488 61.15 -9.02 94.03
N CYS D 489 60.69 -8.76 92.80
CA CYS D 489 61.53 -8.91 91.61
C CYS D 489 62.47 -7.71 91.50
N HIS D 490 63.20 -7.63 90.40
CA HIS D 490 64.16 -6.57 90.17
C HIS D 490 63.54 -5.46 89.33
N THR D 491 64.05 -4.24 89.50
CA THR D 491 63.53 -3.09 88.79
C THR D 491 64.14 -2.98 87.41
N CYS D 492 63.31 -2.62 86.43
CA CYS D 492 63.76 -2.47 85.05
C CYS D 492 64.43 -1.11 84.88
N GLN D 493 64.81 -0.78 83.65
CA GLN D 493 65.50 0.46 83.34
C GLN D 493 64.58 1.42 82.59
N ASN D 494 64.91 2.70 82.67
CA ASN D 494 64.17 3.77 81.99
C ASN D 494 62.70 3.79 82.41
N GLY D 495 62.45 3.50 83.68
CA GLY D 495 61.10 3.54 84.20
C GLY D 495 60.15 2.55 83.56
N GLY D 496 60.68 1.44 83.04
CA GLY D 496 59.83 0.45 82.39
C GLY D 496 58.96 -0.26 83.40
N THR D 497 57.64 -0.25 83.19
CA THR D 497 56.72 -0.92 84.09
C THR D 497 56.98 -2.43 84.08
N VAL D 498 57.30 -2.97 85.25
CA VAL D 498 57.65 -4.39 85.39
C VAL D 498 56.38 -5.18 85.64
N ILE D 499 56.22 -6.28 84.89
CA ILE D 499 55.09 -7.18 85.06
C ILE D 499 55.62 -8.56 85.44
N LEU D 500 54.70 -9.46 85.78
CA LEU D 500 55.03 -10.83 86.16
C LEU D 500 54.01 -11.76 85.54
N MET D 501 54.43 -12.52 84.54
CA MET D 501 53.57 -13.45 83.82
C MET D 501 54.15 -14.86 83.97
N ASP D 502 53.78 -15.54 85.06
CA ASP D 502 54.15 -16.93 85.30
C ASP D 502 55.67 -17.10 85.26
N GLY D 503 56.35 -16.44 86.18
CA GLY D 503 57.80 -16.52 86.32
C GLY D 503 58.59 -15.50 85.52
N LYS D 504 58.19 -15.26 84.28
CA LYS D 504 58.88 -14.30 83.43
C LYS D 504 58.64 -12.89 83.97
N CYS D 505 59.68 -12.31 84.59
CA CYS D 505 59.58 -10.97 85.16
C CYS D 505 60.04 -9.91 84.16
N LEU D 506 59.28 -9.83 83.06
CA LEU D 506 59.59 -8.87 82.01
C LEU D 506 59.10 -7.48 82.40
N CYS D 507 59.65 -6.47 81.73
CA CYS D 507 59.30 -5.07 81.97
C CYS D 507 58.86 -4.42 80.66
N ALA D 508 57.68 -3.81 80.67
CA ALA D 508 57.18 -3.12 79.49
C ALA D 508 57.96 -1.82 79.29
N CYS D 509 58.67 -1.74 78.18
CA CYS D 509 59.52 -0.59 77.88
C CYS D 509 58.71 0.48 77.14
N PRO D 510 59.03 1.75 77.33
CA PRO D 510 58.26 2.81 76.68
C PRO D 510 58.32 2.73 75.16
N PHE D 511 57.50 3.58 74.52
CA PHE D 511 57.36 3.54 73.07
C PHE D 511 58.67 3.95 72.38
N LYS D 512 59.26 5.07 72.81
CA LYS D 512 60.46 5.59 72.17
C LYS D 512 61.70 4.74 72.44
N PHE D 513 61.58 3.68 73.23
CA PHE D 513 62.71 2.84 73.59
C PHE D 513 62.53 1.45 72.99
N GLU D 514 63.62 0.68 72.98
CA GLU D 514 63.61 -0.64 72.37
C GLU D 514 63.14 -1.67 73.40
N GLY D 515 63.36 -2.96 73.10
CA GLY D 515 62.72 -4.03 73.83
C GLY D 515 63.34 -4.45 75.14
N ILE D 516 63.59 -5.75 75.28
CA ILE D 516 63.92 -6.36 76.56
C ILE D 516 65.06 -5.62 77.26
N ALA D 517 64.95 -5.52 78.59
CA ALA D 517 65.97 -5.00 79.49
C ALA D 517 66.16 -3.49 79.36
N CYS D 518 65.50 -2.89 78.37
CA CYS D 518 65.59 -1.44 78.12
C CYS D 518 67.04 -0.95 78.15
N GLU D 519 67.91 -1.69 77.47
CA GLU D 519 69.34 -1.35 77.45
C GLU D 519 69.69 -0.53 76.22
N ILE D 520 69.41 -1.05 75.04
CA ILE D 520 69.69 -0.33 73.80
C ILE D 520 68.59 0.68 73.54
N SER D 521 68.98 1.88 73.10
CA SER D 521 68.04 2.99 73.02
C SER D 521 67.16 2.92 71.79
N LYS D 522 67.77 2.88 70.61
CA LYS D 522 67.06 2.94 69.32
C LYS D 522 66.21 4.21 69.25
N GLN D 523 66.90 5.35 69.27
CA GLN D 523 66.24 6.66 69.23
C GLN D 523 65.77 6.98 67.81
N LYS D 524 68.49 5.57 66.23
CA LYS D 524 69.67 5.77 67.05
C LYS D 524 70.15 7.22 67.01
N ILE D 525 71.47 7.39 67.00
CA ILE D 525 72.09 8.71 66.95
C ILE D 525 72.76 8.87 65.59
N SER D 526 72.66 10.08 65.04
CA SER D 526 73.24 10.36 63.73
C SER D 526 74.74 10.57 63.84
N GLU D 527 75.49 9.96 62.94
CA GLU D 527 76.94 10.08 62.88
C GLU D 527 77.34 10.75 61.57
N GLY D 528 78.23 11.74 61.67
CA GLY D 528 78.71 12.42 60.48
C GLY D 528 80.22 12.47 60.39
N LEU D 529 80.76 12.05 59.25
CA LEU D 529 82.21 12.03 59.03
C LEU D 529 82.56 12.86 57.79
N PRO D 530 83.12 14.05 57.95
CA PRO D 530 83.51 14.86 56.78
C PRO D 530 84.89 14.53 56.21
N ALA D 531 85.48 13.40 56.59
CA ALA D 531 86.81 13.06 56.12
C ALA D 531 86.80 12.76 54.61
N LEU D 532 87.94 13.00 53.98
CA LEU D 532 88.07 12.74 52.55
C LEU D 532 88.08 11.23 52.31
N GLU D 533 87.34 10.74 51.31
CA GLU D 533 87.30 9.30 51.05
C GLU D 533 88.64 8.79 50.54
N PHE D 534 89.04 7.62 51.06
CA PHE D 534 90.33 7.05 50.66
C PHE D 534 90.31 6.61 49.20
N PRO D 535 89.23 5.98 48.77
CA PRO D 535 89.11 5.51 47.39
C PRO D 535 87.67 5.50 46.92
N SER E 18 84.46 -23.80 61.41
CA SER E 18 85.18 -24.72 62.27
C SER E 18 84.39 -26.01 62.45
N HIS E 19 85.03 -27.14 62.09
CA HIS E 19 84.40 -28.45 62.21
C HIS E 19 84.51 -28.91 63.65
N ILE E 20 83.64 -28.35 64.50
CA ILE E 20 83.63 -28.69 65.91
C ILE E 20 82.92 -30.02 66.10
N ASP E 21 83.63 -31.00 66.65
CA ASP E 21 83.06 -32.31 66.90
C ASP E 21 82.32 -32.31 68.24
N CYS E 22 81.61 -33.41 68.51
CA CYS E 22 80.80 -33.54 69.72
C CYS E 22 81.54 -34.43 70.71
N ARG E 23 82.05 -33.82 71.78
CA ARG E 23 82.63 -34.56 72.90
C ARG E 23 81.47 -35.00 73.80
N MET E 24 80.83 -36.11 73.40
CA MET E 24 79.58 -36.55 73.99
C MET E 24 79.66 -38.01 74.39
N SER E 25 80.73 -38.40 75.08
CA SER E 25 80.80 -39.77 75.57
C SER E 25 81.47 -39.89 76.94
N PRO E 26 81.01 -39.16 77.99
CA PRO E 26 81.47 -39.48 79.35
C PRO E 26 80.64 -40.62 79.94
N TRP E 27 81.28 -41.77 80.09
CA TRP E 27 80.58 -42.96 80.58
C TRP E 27 80.71 -43.07 82.10
N SER E 28 79.70 -43.68 82.71
CA SER E 28 79.63 -43.86 84.16
C SER E 28 79.71 -45.35 84.50
N GLU E 29 79.68 -45.62 85.80
CA GLU E 29 79.78 -46.99 86.31
C GLU E 29 78.41 -47.63 86.40
N TRP E 30 78.39 -48.95 86.19
CA TRP E 30 77.15 -49.71 86.32
C TRP E 30 76.63 -49.65 87.76
N SER E 31 75.36 -49.24 87.90
CA SER E 31 74.74 -49.18 89.21
C SER E 31 74.13 -50.53 89.57
N GLN E 32 73.41 -50.56 90.69
CA GLN E 32 72.77 -51.79 91.13
C GLN E 32 71.56 -52.11 90.27
N CYS E 33 71.34 -53.41 90.03
CA CYS E 33 70.20 -53.84 89.23
C CYS E 33 68.89 -53.61 89.98
N ASP E 34 67.82 -53.41 89.21
CA ASP E 34 66.50 -53.24 89.79
C ASP E 34 65.82 -54.60 89.88
N PRO E 35 65.39 -55.04 91.07
CA PRO E 35 64.75 -56.35 91.18
C PRO E 35 63.38 -56.40 90.53
N CYS E 36 62.53 -55.42 90.84
CA CYS E 36 61.16 -55.41 90.32
C CYS E 36 61.10 -54.91 88.88
N LEU E 37 61.83 -53.85 88.57
CA LEU E 37 61.81 -53.29 87.22
C LEU E 37 62.63 -54.14 86.25
N ARG E 38 63.65 -54.83 86.73
CA ARG E 38 64.51 -55.69 85.92
C ARG E 38 65.20 -54.88 84.81
N GLN E 39 66.01 -53.91 85.24
CA GLN E 39 66.70 -53.02 84.32
C GLN E 39 67.97 -52.52 84.99
N MET E 40 68.97 -52.21 84.17
CA MET E 40 70.23 -51.63 84.63
C MET E 40 70.33 -50.17 84.19
N PHE E 41 71.31 -49.48 84.76
CA PHE E 41 71.40 -48.02 84.66
C PHE E 41 72.83 -47.59 84.28
N ARG E 42 73.35 -48.15 83.19
CA ARG E 42 74.54 -47.56 82.59
C ARG E 42 74.24 -46.12 82.20
N SER E 43 74.92 -45.17 82.85
CA SER E 43 74.60 -43.76 82.72
C SER E 43 75.50 -43.08 81.71
N ARG E 44 75.16 -41.83 81.40
CA ARG E 44 75.88 -41.03 80.42
C ARG E 44 75.50 -39.58 80.63
N SER E 45 76.12 -38.69 79.85
CA SER E 45 75.84 -37.27 79.95
C SER E 45 76.26 -36.59 78.65
N ILE E 46 75.55 -35.51 78.31
CA ILE E 46 75.84 -34.72 77.12
C ILE E 46 76.69 -33.52 77.52
N GLU E 47 77.72 -33.24 76.74
CA GLU E 47 78.65 -32.15 77.04
C GLU E 47 78.73 -31.11 75.93
N VAL E 48 78.91 -31.53 74.68
CA VAL E 48 79.17 -30.61 73.57
C VAL E 48 78.22 -30.94 72.43
N PHE E 49 77.56 -29.91 71.89
CA PHE E 49 76.67 -30.07 70.74
C PHE E 49 77.41 -29.88 69.42
N GLY E 50 78.04 -28.72 69.23
CA GLY E 50 78.60 -28.35 67.95
C GLY E 50 77.86 -27.18 67.35
N GLN E 51 78.46 -25.99 67.43
CA GLN E 51 77.79 -24.76 67.05
C GLN E 51 77.75 -24.55 65.54
N PHE E 52 78.58 -25.24 64.77
CA PHE E 52 78.76 -24.97 63.36
C PHE E 52 78.27 -26.15 62.53
N ASN E 53 78.52 -26.08 61.22
CA ASN E 53 78.07 -27.05 60.22
C ASN E 53 78.75 -28.40 60.33
N GLY E 54 79.54 -28.65 61.37
CA GLY E 54 80.23 -29.93 61.53
C GLY E 54 79.31 -31.08 61.85
N LYS E 55 79.87 -32.13 62.47
CA LYS E 55 79.13 -33.35 62.76
C LYS E 55 77.97 -33.11 63.71
N ARG E 56 76.74 -33.29 63.22
CA ARG E 56 75.58 -33.23 64.08
C ARG E 56 75.50 -34.47 64.95
N CYS E 57 75.17 -34.28 66.23
CA CYS E 57 75.18 -35.38 67.20
C CYS E 57 73.91 -35.28 68.04
N THR E 58 72.94 -36.14 67.75
CA THR E 58 71.69 -36.23 68.50
C THR E 58 71.66 -37.43 69.44
N ASP E 59 72.82 -37.91 69.86
CA ASP E 59 72.91 -39.10 70.68
C ASP E 59 72.18 -38.89 72.01
N ALA E 60 71.12 -39.67 72.23
CA ALA E 60 70.34 -39.55 73.44
C ALA E 60 71.10 -40.13 74.64
N VAL E 61 70.85 -39.54 75.81
CA VAL E 61 71.48 -39.96 77.04
C VAL E 61 70.64 -41.06 77.67
N GLY E 62 71.29 -42.14 78.07
CA GLY E 62 70.61 -43.26 78.72
C GLY E 62 70.91 -44.60 78.07
N ASP E 63 70.86 -45.65 78.87
CA ASP E 63 71.13 -47.00 78.39
C ASP E 63 70.46 -47.99 79.34
N ARG E 64 69.89 -49.05 78.76
CA ARG E 64 69.19 -50.07 79.53
C ARG E 64 69.80 -51.44 79.25
N ARG E 65 69.52 -52.38 80.15
CA ARG E 65 70.06 -53.73 80.05
C ARG E 65 69.26 -54.65 80.96
N GLN E 66 69.00 -55.86 80.48
CA GLN E 66 68.33 -56.86 81.30
C GLN E 66 69.30 -57.40 82.36
N CYS E 67 68.78 -57.66 83.55
CA CYS E 67 69.59 -58.14 84.66
C CYS E 67 68.78 -59.13 85.48
N VAL E 68 69.47 -60.16 85.97
CA VAL E 68 68.83 -61.17 86.82
C VAL E 68 68.57 -60.55 88.19
N PRO E 69 67.31 -60.51 88.63
CA PRO E 69 67.03 -59.88 89.93
C PRO E 69 67.53 -60.74 91.09
N THR E 70 68.04 -60.07 92.12
CA THR E 70 68.54 -60.74 93.31
C THR E 70 67.67 -60.51 94.54
N GLU E 71 66.90 -59.42 94.59
CA GLU E 71 65.99 -59.18 95.69
C GLU E 71 64.65 -59.87 95.45
N PRO E 72 63.93 -60.25 96.51
CA PRO E 72 62.66 -60.98 96.32
C PRO E 72 61.55 -60.12 95.75
N CYS E 73 61.69 -58.79 95.75
CA CYS E 73 60.65 -57.89 95.27
C CYS E 73 59.33 -58.12 96.01
N GLU E 74 59.39 -57.91 97.33
CA GLU E 74 58.21 -58.11 98.17
C GLU E 74 57.25 -56.93 98.11
N ASP E 75 57.77 -55.72 97.86
CA ASP E 75 56.92 -54.55 97.80
C ASP E 75 56.02 -54.60 96.58
N ALA E 76 54.73 -54.33 96.78
CA ALA E 76 53.77 -54.36 95.70
C ALA E 76 52.68 -53.32 95.97
N GLU E 77 51.91 -53.01 94.93
CA GLU E 77 50.84 -52.03 95.01
C GLU E 77 49.53 -52.75 95.28
N ASP E 78 49.00 -52.58 96.49
CA ASP E 78 47.72 -53.18 96.83
C ASP E 78 46.57 -52.45 96.13
N ASP E 79 45.42 -53.13 96.06
CA ASP E 79 44.26 -52.56 95.40
C ASP E 79 43.50 -51.62 96.35
N CYS E 80 44.21 -50.67 96.95
CA CYS E 80 43.67 -49.56 97.72
C CYS E 80 42.85 -50.00 98.94
N GLY E 81 42.72 -51.31 99.14
CA GLY E 81 42.07 -51.88 100.30
C GLY E 81 40.76 -51.25 100.74
N ASN E 82 40.05 -50.61 99.81
CA ASN E 82 38.86 -49.84 100.14
C ASN E 82 37.60 -50.42 99.53
N ASP E 83 37.54 -50.57 98.22
CA ASP E 83 36.29 -50.95 97.56
C ASP E 83 36.63 -51.74 96.30
N PHE E 84 35.65 -51.87 95.40
CA PHE E 84 35.81 -52.66 94.19
C PHE E 84 36.96 -52.13 93.33
N GLN E 85 37.95 -53.00 93.08
CA GLN E 85 39.05 -52.64 92.22
C GLN E 85 38.63 -52.63 90.75
N CYS E 86 39.14 -51.66 90.00
CA CYS E 86 38.89 -51.61 88.57
C CYS E 86 39.78 -52.61 87.84
N SER E 87 39.53 -52.76 86.54
CA SER E 87 40.32 -53.67 85.71
C SER E 87 41.70 -53.14 85.38
N THR E 88 42.03 -51.91 85.77
CA THR E 88 43.33 -51.32 85.44
C THR E 88 44.13 -50.88 86.66
N GLY E 89 43.51 -50.69 87.82
CA GLY E 89 44.26 -50.33 89.00
C GLY E 89 43.64 -49.26 89.87
N ARG E 90 42.64 -48.55 89.34
CA ARG E 90 41.98 -47.49 90.09
C ARG E 90 40.86 -48.09 90.94
N CYS E 91 40.22 -47.23 91.75
CA CYS E 91 39.25 -47.69 92.74
C CYS E 91 38.03 -46.78 92.74
N ILE E 92 36.87 -47.37 93.01
CA ILE E 92 35.66 -46.60 93.23
C ILE E 92 35.77 -45.86 94.56
N LYS E 93 35.42 -44.57 94.56
CA LYS E 93 35.41 -43.82 95.81
C LYS E 93 34.11 -44.05 96.57
N MET E 94 32.98 -43.57 96.02
CA MET E 94 31.69 -43.87 96.64
C MET E 94 30.60 -44.29 95.66
N ARG E 95 30.62 -43.84 94.40
CA ARG E 95 29.49 -44.08 93.50
C ARG E 95 29.95 -44.39 92.08
N LEU E 96 31.09 -45.05 91.92
CA LEU E 96 31.58 -45.45 90.60
C LEU E 96 30.94 -46.76 90.13
N ARG E 97 29.82 -47.15 90.72
CA ARG E 97 29.10 -48.36 90.30
C ARG E 97 28.28 -48.07 89.05
N CYS E 98 27.36 -48.96 88.72
CA CYS E 98 26.57 -48.85 87.49
C CYS E 98 25.59 -47.69 87.64
N ASN E 99 26.13 -46.48 87.49
CA ASN E 99 25.36 -45.24 87.59
C ASN E 99 25.74 -44.27 86.48
N GLY E 100 26.10 -44.80 85.31
CA GLY E 100 26.46 -43.95 84.18
C GLY E 100 27.73 -43.15 84.38
N ASP E 101 28.67 -43.67 85.18
CA ASP E 101 29.94 -42.98 85.45
C ASP E 101 31.05 -43.76 84.74
N ASN E 102 31.44 -43.27 83.56
CA ASN E 102 32.47 -43.93 82.76
C ASN E 102 33.85 -43.49 83.25
N ASP E 103 34.59 -44.40 83.86
CA ASP E 103 35.94 -44.14 84.33
C ASP E 103 36.98 -45.02 83.67
N CYS E 104 36.79 -46.34 83.68
CA CYS E 104 37.82 -47.27 83.23
C CYS E 104 37.74 -47.54 81.73
N GLY E 105 36.62 -48.08 81.27
CA GLY E 105 36.46 -48.40 79.86
C GLY E 105 35.08 -48.08 79.33
N ASP E 106 34.77 -48.58 78.12
CA ASP E 106 33.44 -48.38 77.56
C ASP E 106 32.37 -49.02 78.43
N PHE E 107 32.62 -50.26 78.87
CA PHE E 107 31.72 -50.95 79.79
C PHE E 107 32.50 -51.69 80.87
N SER E 108 33.69 -51.21 81.20
CA SER E 108 34.51 -51.87 82.22
C SER E 108 33.90 -51.70 83.61
N ASP E 109 33.60 -50.46 84.00
CA ASP E 109 33.00 -50.23 85.31
C ASP E 109 31.55 -50.68 85.33
N GLU E 110 30.80 -50.44 84.25
CA GLU E 110 29.42 -50.84 84.14
C GLU E 110 29.24 -52.27 83.64
N ASP E 111 30.27 -53.11 83.77
CA ASP E 111 30.16 -54.49 83.33
C ASP E 111 29.06 -55.23 84.08
N ASP E 112 29.10 -55.17 85.42
CA ASP E 112 28.12 -55.84 86.26
C ASP E 112 27.10 -54.80 86.73
N CYS E 113 25.86 -54.91 86.26
CA CYS E 113 24.78 -54.01 86.63
C CYS E 113 23.64 -54.86 87.19
N GLU E 114 23.59 -54.98 88.52
CA GLU E 114 22.53 -55.76 89.16
C GLU E 114 21.27 -54.92 89.35
N SER E 115 21.43 -53.69 89.82
CA SER E 115 20.30 -52.79 90.01
C SER E 115 19.94 -52.12 88.67
N GLU E 116 18.87 -51.33 88.69
CA GLU E 116 18.44 -50.63 87.50
C GLU E 116 19.46 -49.56 87.11
N PRO E 117 19.63 -49.31 85.80
CA PRO E 117 20.59 -48.29 85.37
C PRO E 117 20.12 -46.88 85.71
N ARG E 118 20.24 -46.50 86.98
CA ARG E 118 19.82 -45.18 87.43
C ARG E 118 20.68 -44.11 86.79
N PRO E 119 20.10 -43.15 86.06
CA PRO E 119 20.89 -42.09 85.46
C PRO E 119 21.37 -41.12 86.52
N PRO E 120 22.60 -40.61 86.40
CA PRO E 120 23.10 -39.66 87.41
C PRO E 120 22.49 -38.29 87.29
N CYS E 121 22.06 -37.88 86.09
CA CYS E 121 21.48 -36.57 85.87
C CYS E 121 20.34 -36.69 84.87
N ARG E 122 19.24 -36.00 85.16
CA ARG E 122 18.05 -36.07 84.32
C ARG E 122 18.05 -35.05 83.21
N ASP E 123 18.61 -33.86 83.44
CA ASP E 123 18.61 -32.81 82.44
C ASP E 123 19.50 -33.21 81.25
N ARG E 124 19.17 -32.65 80.09
CA ARG E 124 19.90 -32.92 78.86
C ARG E 124 21.11 -31.99 78.81
N VAL E 125 22.29 -32.56 79.03
CA VAL E 125 23.55 -31.82 79.01
C VAL E 125 24.46 -32.48 77.99
N VAL E 126 24.76 -31.77 76.90
CA VAL E 126 25.58 -32.33 75.83
C VAL E 126 27.02 -32.43 76.29
N GLU E 127 27.69 -33.51 75.88
CA GLU E 127 29.09 -33.71 76.25
C GLU E 127 29.96 -32.63 75.62
N GLU E 128 31.10 -32.38 76.26
CA GLU E 128 32.03 -31.34 75.81
C GLU E 128 32.73 -31.80 74.54
N SER E 129 32.26 -31.32 73.40
CA SER E 129 32.74 -31.78 72.09
C SER E 129 33.84 -30.83 71.61
N GLU E 130 35.06 -31.37 71.49
CA GLU E 130 36.21 -30.69 70.90
C GLU E 130 36.62 -29.43 71.66
N LEU E 131 35.99 -29.16 72.79
CA LEU E 131 36.28 -28.00 73.60
C LEU E 131 37.39 -28.35 74.60
N ALA E 132 37.57 -27.54 75.64
CA ALA E 132 38.67 -27.67 76.59
C ALA E 132 38.68 -29.00 77.35
N ARG E 133 37.74 -29.90 77.02
CA ARG E 133 37.68 -31.25 77.59
C ARG E 133 39.06 -31.88 77.70
N THR E 134 39.89 -31.71 76.66
CA THR E 134 41.27 -32.17 76.70
C THR E 134 42.14 -31.04 77.23
N ALA E 135 42.11 -30.89 78.56
CA ALA E 135 42.76 -29.77 79.23
C ALA E 135 44.19 -30.07 79.63
N GLY E 136 44.70 -31.27 79.36
CA GLY E 136 46.07 -31.61 79.69
C GLY E 136 47.02 -31.21 78.58
N TYR E 137 48.14 -30.61 78.98
CA TYR E 137 49.14 -30.14 78.03
C TYR E 137 50.53 -30.32 78.64
N GLY E 138 51.45 -30.82 77.82
CA GLY E 138 52.79 -31.14 78.28
C GLY E 138 53.89 -30.28 77.67
N ILE E 139 53.65 -28.97 77.62
CA ILE E 139 54.58 -28.06 76.96
C ILE E 139 56.00 -28.22 77.53
N ASN E 140 56.99 -28.16 76.65
CA ASN E 140 58.39 -28.22 77.01
C ASN E 140 58.97 -26.81 76.96
N ILE E 141 59.54 -26.36 78.09
CA ILE E 141 60.13 -25.04 78.14
C ILE E 141 61.31 -24.94 77.18
N LEU E 142 62.03 -26.04 76.97
CA LEU E 142 63.11 -26.08 76.01
C LEU E 142 62.67 -26.57 74.64
N GLY E 143 61.44 -27.08 74.51
CA GLY E 143 60.98 -27.64 73.26
C GLY E 143 60.10 -26.73 72.43
N MET E 144 58.80 -27.05 72.37
CA MET E 144 57.88 -26.39 71.46
C MET E 144 56.50 -26.37 72.09
N ASP E 145 55.47 -26.17 71.26
CA ASP E 145 54.07 -26.03 71.64
C ASP E 145 53.60 -27.13 72.57
N PRO E 146 52.53 -26.90 73.34
CA PRO E 146 52.09 -27.89 74.33
C PRO E 146 51.75 -29.23 73.72
N LEU E 147 51.74 -30.25 74.57
CA LEU E 147 51.54 -31.64 74.19
C LEU E 147 50.10 -32.06 74.50
N SER E 148 49.81 -33.34 74.34
CA SER E 148 48.49 -33.88 74.61
C SER E 148 48.25 -33.99 76.11
N THR E 149 47.14 -34.60 76.50
CA THR E 149 46.80 -34.69 77.91
C THR E 149 47.55 -35.84 78.58
N PRO E 150 48.23 -35.58 79.70
CA PRO E 150 48.91 -36.66 80.43
C PRO E 150 48.03 -37.41 81.42
N PHE E 151 46.76 -37.04 81.55
CA PHE E 151 45.89 -37.64 82.55
C PHE E 151 44.49 -37.83 81.95
N ASP E 152 43.70 -38.66 82.62
CA ASP E 152 42.33 -38.89 82.19
C ASP E 152 41.47 -37.68 82.55
N ASN E 153 40.76 -37.15 81.56
CA ASN E 153 39.94 -35.96 81.75
C ASN E 153 38.46 -36.22 81.46
N GLU E 154 38.05 -37.48 81.39
CA GLU E 154 36.66 -37.83 81.13
C GLU E 154 35.90 -38.24 82.39
N PHE E 155 36.60 -38.78 83.38
CA PHE E 155 35.95 -39.22 84.62
C PHE E 155 35.35 -38.04 85.38
N TYR E 156 34.19 -38.26 85.98
CA TYR E 156 33.52 -37.28 86.82
C TYR E 156 33.09 -37.95 88.11
N ASN E 157 33.04 -37.15 89.19
CA ASN E 157 32.83 -37.72 90.53
C ASN E 157 31.36 -37.99 90.81
N GLY E 158 30.54 -36.94 90.83
CA GLY E 158 29.16 -37.07 91.26
C GLY E 158 28.13 -36.36 90.41
N LEU E 159 27.33 -35.50 91.07
CA LEU E 159 26.29 -34.76 90.36
C LEU E 159 26.89 -33.82 89.33
N CYS E 160 26.33 -33.84 88.12
CA CYS E 160 26.83 -33.01 87.03
C CYS E 160 26.85 -31.55 87.44
N ASN E 161 27.95 -30.87 87.14
CA ASN E 161 28.10 -29.45 87.40
C ASN E 161 27.77 -28.71 86.11
N ARG E 162 26.69 -27.94 86.13
CA ARG E 162 26.20 -27.30 84.92
C ARG E 162 27.20 -26.24 84.43
N ASP E 163 27.29 -26.13 83.11
CA ASP E 163 28.18 -25.20 82.42
C ASP E 163 27.36 -24.35 81.45
N ARG E 164 26.26 -23.79 81.96
CA ARG E 164 25.26 -23.11 81.13
C ARG E 164 25.84 -21.78 80.66
N ASP E 165 26.64 -21.85 79.60
CA ASP E 165 27.27 -20.67 79.02
C ASP E 165 27.75 -21.04 77.62
N GLY E 166 28.05 -20.02 76.84
CA GLY E 166 28.53 -20.20 75.48
C GLY E 166 27.79 -19.31 74.49
N ASN E 167 28.25 -19.39 73.24
CA ASN E 167 27.65 -18.59 72.18
C ASN E 167 26.19 -18.99 71.96
N THR E 168 25.94 -20.27 71.73
CA THR E 168 24.60 -20.76 71.50
C THR E 168 23.98 -21.25 72.81
N LEU E 169 22.76 -21.76 72.73
CA LEU E 169 22.05 -22.28 73.91
C LEU E 169 22.30 -23.78 73.97
N THR E 170 23.33 -24.16 74.71
CA THR E 170 23.70 -25.56 74.88
C THR E 170 24.41 -25.73 76.20
N TYR E 171 24.23 -26.90 76.80
CA TYR E 171 24.77 -27.22 78.12
C TYR E 171 25.92 -28.20 77.96
N TYR E 172 27.11 -27.80 78.41
CA TYR E 172 28.28 -28.65 78.37
C TYR E 172 28.58 -29.22 79.77
N ARG E 173 29.47 -30.21 79.80
CA ARG E 173 29.91 -30.82 81.03
C ARG E 173 31.33 -30.39 81.37
N ARG E 174 31.59 -30.23 82.67
CA ARG E 174 32.92 -29.90 83.16
C ARG E 174 33.44 -31.09 83.98
N PRO E 175 34.54 -31.71 83.57
CA PRO E 175 35.02 -32.91 84.29
C PRO E 175 35.49 -32.56 85.69
N TRP E 176 35.54 -33.60 86.53
CA TRP E 176 36.01 -33.44 87.90
C TRP E 176 37.49 -33.10 87.96
N ASN E 177 38.24 -33.39 86.90
CA ASN E 177 39.65 -33.03 86.86
C ASN E 177 39.86 -31.55 86.61
N VAL E 178 38.97 -30.92 85.84
CA VAL E 178 39.06 -29.50 85.53
C VAL E 178 38.32 -28.73 86.61
N ALA E 179 39.03 -27.83 87.30
CA ALA E 179 38.42 -27.07 88.38
C ALA E 179 37.51 -25.97 87.86
N SER E 180 37.85 -25.38 86.71
CA SER E 180 37.07 -24.28 86.16
C SER E 180 37.14 -24.33 84.64
N LEU E 181 36.09 -23.81 84.00
CA LEU E 181 36.03 -23.74 82.54
C LEU E 181 35.22 -22.49 82.18
N ILE E 182 35.92 -21.40 81.90
CA ILE E 182 35.29 -20.13 81.55
C ILE E 182 35.14 -20.04 80.04
N TYR E 183 34.11 -19.31 79.61
CA TYR E 183 33.80 -19.15 78.19
C TYR E 183 33.90 -17.68 77.76
N GLU E 184 34.77 -16.92 78.41
CA GLU E 184 34.93 -15.51 78.08
C GLU E 184 35.55 -15.38 76.69
N THR E 185 34.86 -14.67 75.80
CA THR E 185 35.32 -14.46 74.43
C THR E 185 36.05 -13.12 74.30
N LYS E 186 37.14 -13.01 75.06
CA LYS E 186 37.94 -11.79 75.06
C LYS E 186 38.58 -11.58 73.69
N GLY E 187 38.79 -10.31 73.34
CA GLY E 187 39.42 -9.97 72.08
C GLY E 187 40.15 -8.64 72.14
N GLU E 188 41.39 -8.62 71.64
CA GLU E 188 42.21 -7.42 71.69
C GLU E 188 43.19 -7.43 70.52
N LYS E 189 43.78 -6.27 70.26
CA LYS E 189 44.75 -6.11 69.20
C LYS E 189 45.61 -4.90 69.49
N ASN E 190 46.79 -4.86 68.87
CA ASN E 190 47.73 -3.77 69.06
C ASN E 190 48.46 -3.49 67.77
N PHE E 191 48.87 -2.24 67.59
CA PHE E 191 49.59 -1.81 66.40
C PHE E 191 50.57 -0.72 66.77
N ARG E 192 51.69 -0.67 66.05
CA ARG E 192 52.72 0.33 66.32
C ARG E 192 53.43 0.67 65.01
N THR E 193 54.04 1.84 64.99
CA THR E 193 54.76 2.31 63.81
C THR E 193 55.85 3.27 64.25
N GLU E 194 56.84 3.46 63.37
CA GLU E 194 57.96 4.35 63.66
C GLU E 194 58.61 4.76 62.35
N HIS E 195 59.29 5.91 62.39
CA HIS E 195 59.98 6.42 61.22
C HIS E 195 61.23 7.17 61.68
N TYR E 196 62.37 6.86 61.07
CA TYR E 196 63.63 7.51 61.37
C TYR E 196 64.16 8.18 60.10
N GLU E 197 64.82 9.33 60.26
CA GLU E 197 65.37 10.07 59.14
C GLU E 197 66.69 10.68 59.54
N GLU E 198 67.68 10.58 58.65
CA GLU E 198 69.00 11.15 58.86
C GLU E 198 69.52 11.71 57.55
N GLN E 199 70.10 12.90 57.61
CA GLN E 199 70.61 13.57 56.43
C GLN E 199 71.80 14.44 56.83
N ILE E 200 72.83 14.44 55.99
CA ILE E 200 74.00 15.29 56.20
C ILE E 200 74.57 15.67 54.84
N GLU E 201 75.00 16.93 54.73
CA GLU E 201 75.59 17.46 53.51
C GLU E 201 76.70 18.44 53.87
N ALA E 202 77.76 18.45 53.07
CA ALA E 202 78.90 19.33 53.30
C ALA E 202 79.50 19.73 51.95
N PHE E 203 79.68 21.03 51.76
CA PHE E 203 80.28 21.59 50.56
C PHE E 203 81.57 22.32 50.93
N LYS E 204 82.59 22.19 50.09
CA LYS E 204 83.86 22.86 50.30
C LYS E 204 84.41 23.35 48.97
N SER E 205 84.95 24.57 48.98
CA SER E 205 85.53 25.17 47.78
C SER E 205 86.72 26.02 48.19
N ILE E 206 87.86 25.78 47.53
CA ILE E 206 89.10 26.50 47.81
C ILE E 206 89.72 26.92 46.49
N ILE E 207 90.09 28.19 46.38
CA ILE E 207 90.67 28.74 45.16
C ILE E 207 91.92 29.54 45.54
N GLN E 208 92.96 29.42 44.72
CA GLN E 208 94.21 30.14 44.90
C GLN E 208 94.60 30.80 43.59
N GLU E 209 95.24 31.97 43.69
CA GLU E 209 95.63 32.73 42.51
C GLU E 209 96.88 33.54 42.84
N LYS E 210 97.90 33.41 42.01
CA LYS E 210 99.16 34.13 42.18
C LYS E 210 99.65 34.61 40.83
N THR E 211 100.18 35.84 40.80
CA THR E 211 100.70 36.44 39.59
C THR E 211 102.09 36.99 39.87
N SER E 212 103.00 36.85 38.91
CA SER E 212 104.38 37.31 39.07
C SER E 212 104.86 37.96 37.78
N ASN E 213 105.40 39.17 37.90
CA ASN E 213 105.92 39.92 36.77
C ASN E 213 107.18 40.67 37.19
N PHE E 214 108.17 40.71 36.30
CA PHE E 214 109.44 41.35 36.58
C PHE E 214 109.97 42.04 35.33
N ASN E 215 110.63 43.18 35.52
CA ASN E 215 111.25 43.92 34.44
C ASN E 215 112.68 44.26 34.81
N ALA E 216 113.53 44.44 33.79
CA ALA E 216 114.92 44.81 34.02
C ALA E 216 115.43 45.52 32.76
N ALA E 217 115.66 46.83 32.86
CA ALA E 217 116.16 47.62 31.74
C ALA E 217 117.34 48.45 32.21
N ILE E 218 118.48 48.32 31.52
CA ILE E 218 119.68 49.08 31.80
C ILE E 218 120.35 49.42 30.48
N SER E 219 120.70 50.69 30.29
CA SER E 219 121.31 51.16 29.06
C SER E 219 122.64 51.83 29.36
N LEU E 220 123.60 51.66 28.45
CA LEU E 220 124.93 52.25 28.59
C LEU E 220 125.34 52.89 27.27
N LYS E 221 125.88 54.10 27.36
CA LYS E 221 126.33 54.85 26.18
C LYS E 221 127.58 55.63 26.56
N PHE E 222 128.52 55.70 25.63
CA PHE E 222 129.77 56.42 25.84
C PHE E 222 130.18 57.10 24.55
N THR E 223 130.46 58.41 24.65
CA THR E 223 130.91 59.20 23.49
C THR E 223 131.76 60.35 24.00
N PRO E 224 133.09 60.24 23.91
CA PRO E 224 133.99 61.30 24.37
C PRO E 224 134.06 62.47 23.39
N SER E 242 137.72 59.61 16.56
CA SER E 242 136.30 59.51 16.92
C SER E 242 136.02 58.23 17.67
N LEU E 243 135.16 58.32 18.68
CA LEU E 243 134.79 57.16 19.50
C LEU E 243 133.32 57.28 19.87
N HIS E 244 132.58 56.18 19.69
CA HIS E 244 131.16 56.16 19.99
C HIS E 244 130.80 54.81 20.60
N GLY E 245 129.82 54.82 21.50
CA GLY E 245 129.36 53.61 22.15
C GLY E 245 127.90 53.68 22.54
N LYS E 246 127.16 52.59 22.33
CA LYS E 246 125.75 52.55 22.67
C LYS E 246 125.36 51.12 23.04
N GLY E 247 124.71 50.98 24.18
CA GLY E 247 124.23 49.68 24.64
C GLY E 247 122.93 49.79 25.40
N SER E 248 122.03 48.83 25.19
CA SER E 248 120.72 48.84 25.84
C SER E 248 120.35 47.40 26.20
N PHE E 249 120.07 47.17 27.47
CA PHE E 249 119.63 45.87 27.96
C PHE E 249 118.14 45.94 28.31
N ARG E 250 117.40 44.90 27.95
CA ARG E 250 115.99 44.79 28.30
C ARG E 250 115.72 43.37 28.78
N PHE E 251 114.72 43.25 29.65
CA PHE E 251 114.39 41.96 30.25
C PHE E 251 112.94 41.97 30.70
N SER E 252 112.26 40.84 30.54
CA SER E 252 110.86 40.70 30.94
C SER E 252 110.67 39.37 31.66
N TYR E 253 109.54 39.25 32.35
CA TYR E 253 109.22 38.06 33.11
C TYR E 253 107.73 38.04 33.40
N SER E 254 107.10 36.88 33.17
CA SER E 254 105.67 36.73 33.37
C SER E 254 105.40 35.35 33.97
N LYS E 255 104.44 35.29 34.90
CA LYS E 255 104.14 34.05 35.61
C LYS E 255 102.84 34.21 36.36
N ASN E 256 101.95 33.22 36.25
CA ASN E 256 100.82 33.13 37.15
C ASN E 256 100.51 31.66 37.41
N GLU E 257 100.03 31.35 38.62
CA GLU E 257 99.70 29.99 39.02
C GLU E 257 98.40 30.02 39.82
N THR E 258 97.30 29.70 39.16
CA THR E 258 95.98 29.64 39.79
C THR E 258 95.65 28.22 40.18
N TYR E 259 95.11 28.06 41.39
CA TYR E 259 94.72 26.77 41.92
C TYR E 259 93.23 26.75 42.21
N GLN E 260 92.62 25.58 42.08
CA GLN E 260 91.20 25.40 42.35
C GLN E 260 90.97 24.08 43.06
N LEU E 261 90.15 24.13 44.10
CA LEU E 261 89.83 22.95 44.90
C LEU E 261 88.33 22.98 45.22
N PHE E 262 87.70 21.81 45.11
CA PHE E 262 86.28 21.67 45.39
C PHE E 262 86.05 20.32 46.05
N LEU E 263 85.23 20.32 47.10
CA LEU E 263 84.93 19.11 47.85
C LEU E 263 83.47 19.12 48.27
N SER E 264 82.82 17.97 48.16
CA SER E 264 81.41 17.83 48.52
C SER E 264 81.18 16.48 49.16
N TYR E 265 80.22 16.44 50.09
CA TYR E 265 79.88 15.22 50.80
C TYR E 265 78.40 15.27 51.16
N SER E 266 77.73 14.13 51.03
CA SER E 266 76.31 14.03 51.31
C SER E 266 75.96 12.60 51.68
N SER E 267 75.13 12.43 52.69
CA SER E 267 74.69 11.11 53.13
C SER E 267 73.29 11.21 53.71
N LYS E 268 72.47 10.20 53.43
CA LYS E 268 71.10 10.15 53.93
C LYS E 268 70.81 8.75 54.45
N LYS E 269 70.10 8.69 55.57
CA LYS E 269 69.73 7.42 56.18
C LYS E 269 68.29 7.47 56.65
N GLU E 270 67.58 6.37 56.47
CA GLU E 270 66.17 6.27 56.86
C GLU E 270 65.92 4.88 57.43
N LYS E 271 65.07 4.82 58.46
CA LYS E 271 64.74 3.56 59.11
C LYS E 271 63.27 3.56 59.50
N MET E 272 62.61 2.43 59.27
CA MET E 272 61.19 2.27 59.58
C MET E 272 60.97 0.96 60.31
N PHE E 273 60.21 1.01 61.39
CA PHE E 273 59.89 -0.17 62.18
C PHE E 273 58.41 -0.12 62.57
N LEU E 274 57.67 -1.17 62.22
CA LEU E 274 56.26 -1.23 62.51
C LEU E 274 55.82 -2.69 62.60
N HIS E 275 54.94 -2.99 63.53
CA HIS E 275 54.43 -4.34 63.72
C HIS E 275 53.06 -4.27 64.37
N VAL E 276 52.30 -5.36 64.22
CA VAL E 276 50.96 -5.46 64.77
C VAL E 276 50.73 -6.88 65.26
N LYS E 277 49.93 -7.01 66.31
CA LYS E 277 49.62 -8.31 66.89
C LYS E 277 48.17 -8.33 67.36
N GLY E 278 47.52 -9.48 67.20
CA GLY E 278 46.14 -9.64 67.63
C GLY E 278 45.86 -11.02 68.18
N GLU E 279 45.05 -11.09 69.23
CA GLU E 279 44.73 -12.37 69.86
C GLU E 279 43.23 -12.42 70.13
N ILE E 280 42.57 -13.40 69.53
CA ILE E 280 41.14 -13.63 69.71
C ILE E 280 40.99 -14.75 70.73
N HIS E 281 40.73 -14.38 71.98
CA HIS E 281 40.57 -15.35 73.05
C HIS E 281 39.21 -16.05 72.93
N LEU E 282 39.21 -17.36 73.20
CA LEU E 282 38.00 -18.16 73.08
C LEU E 282 37.52 -18.69 74.43
N GLY E 283 38.38 -19.40 75.16
CA GLY E 283 37.98 -19.96 76.44
C GLY E 283 39.18 -20.14 77.34
N ARG E 284 38.89 -20.31 78.63
CA ARG E 284 39.92 -20.43 79.64
C ARG E 284 39.52 -21.50 80.65
N PHE E 285 40.52 -22.24 81.12
CA PHE E 285 40.29 -23.31 82.09
C PHE E 285 41.40 -23.30 83.13
N VAL E 286 41.13 -23.93 84.27
CA VAL E 286 42.09 -24.07 85.35
C VAL E 286 42.00 -25.50 85.86
N MET E 287 43.06 -26.27 85.67
CA MET E 287 43.09 -27.64 86.17
C MET E 287 43.17 -27.66 87.69
N ARG E 288 42.42 -28.57 88.30
CA ARG E 288 42.49 -28.73 89.74
C ARG E 288 43.87 -29.25 90.14
N ASN E 289 44.48 -28.60 91.12
CA ASN E 289 45.87 -28.91 91.45
C ASN E 289 46.00 -30.25 92.15
N ARG E 290 45.23 -30.46 93.22
CA ARG E 290 45.28 -31.70 93.98
C ARG E 290 43.93 -32.40 93.91
N ASP E 291 43.91 -33.67 94.33
CA ASP E 291 42.72 -34.51 94.32
C ASP E 291 42.17 -34.65 92.90
N VAL E 292 43.06 -35.01 91.97
CA VAL E 292 42.72 -35.15 90.56
C VAL E 292 43.04 -36.58 90.13
N VAL E 293 42.26 -37.08 89.17
CA VAL E 293 42.43 -38.43 88.67
C VAL E 293 43.37 -38.41 87.47
N LEU E 294 44.03 -39.55 87.24
CA LEU E 294 45.01 -39.69 86.17
C LEU E 294 44.58 -40.83 85.24
N THR E 295 45.23 -40.90 84.08
CA THR E 295 44.92 -41.92 83.10
C THR E 295 45.69 -43.20 83.40
N THR E 296 45.15 -44.33 82.92
CA THR E 296 45.78 -45.62 83.17
C THR E 296 47.14 -45.75 82.49
N THR E 297 47.38 -45.01 81.41
CA THR E 297 48.67 -45.07 80.74
C THR E 297 49.76 -44.39 81.56
N PHE E 298 49.45 -43.22 82.11
CA PHE E 298 50.44 -42.50 82.90
C PHE E 298 50.67 -43.17 84.26
N VAL E 299 49.61 -43.68 84.88
CA VAL E 299 49.76 -44.35 86.17
C VAL E 299 50.62 -45.61 86.02
N ASP E 300 50.41 -46.37 84.93
CA ASP E 300 51.25 -47.53 84.68
C ASP E 300 52.71 -47.15 84.49
N ASP E 301 52.96 -45.98 83.88
CA ASP E 301 54.34 -45.51 83.74
C ASP E 301 54.93 -45.13 85.09
N ILE E 302 54.13 -44.51 85.96
CA ILE E 302 54.61 -44.19 87.30
C ILE E 302 54.72 -45.44 88.15
N LYS E 303 53.84 -46.42 87.94
CA LYS E 303 53.95 -47.68 88.66
C LYS E 303 55.18 -48.46 88.20
N ALA E 304 55.39 -48.55 86.89
CA ALA E 304 56.60 -49.17 86.33
C ALA E 304 57.65 -48.09 86.12
N LEU E 305 58.20 -47.62 87.24
CA LEU E 305 59.16 -46.53 87.26
C LEU E 305 60.24 -46.86 88.29
N PRO E 306 61.51 -46.60 87.98
CA PRO E 306 62.57 -46.91 88.93
C PRO E 306 62.57 -45.96 90.13
N THR E 307 63.46 -46.23 91.10
CA THR E 307 63.54 -45.40 92.30
C THR E 307 64.97 -45.15 92.73
N THR E 308 65.96 -45.44 91.90
CA THR E 308 67.37 -45.28 92.24
C THR E 308 68.03 -44.21 91.37
N TYR E 309 67.26 -43.18 91.01
CA TYR E 309 67.72 -42.06 90.19
C TYR E 309 68.26 -42.56 88.85
N GLU E 310 67.35 -43.12 88.05
CA GLU E 310 67.68 -43.56 86.70
C GLU E 310 67.47 -42.38 85.76
N LYS E 311 68.52 -41.57 85.61
CA LYS E 311 68.45 -40.42 84.73
C LYS E 311 68.19 -40.82 83.28
N GLY E 312 68.64 -42.01 82.87
CA GLY E 312 68.42 -42.44 81.51
C GLY E 312 66.96 -42.62 81.18
N GLU E 313 66.23 -43.35 82.02
CA GLU E 313 64.79 -43.54 81.79
C GLU E 313 64.01 -42.27 82.09
N TYR E 314 64.43 -41.51 83.11
CA TYR E 314 63.74 -40.27 83.45
C TYR E 314 63.83 -39.27 82.30
N PHE E 315 65.01 -39.16 81.68
CA PHE E 315 65.13 -38.31 80.49
C PHE E 315 64.28 -38.83 79.35
N ALA E 316 64.15 -40.15 79.24
CA ALA E 316 63.25 -40.73 78.24
C ALA E 316 61.80 -40.50 78.62
N PHE E 317 61.47 -40.72 79.90
CA PHE E 317 60.11 -40.44 80.37
C PHE E 317 59.79 -38.95 80.30
N LEU E 318 60.81 -38.10 80.37
CA LEU E 318 60.57 -36.66 80.33
C LEU E 318 60.07 -36.21 78.97
N GLU E 319 60.60 -36.81 77.88
CA GLU E 319 60.16 -36.42 76.55
C GLU E 319 58.75 -36.95 76.25
N THR E 320 58.34 -38.04 76.92
CA THR E 320 57.06 -38.66 76.61
C THR E 320 55.90 -37.78 77.05
N TYR E 321 55.97 -37.22 78.26
CA TYR E 321 54.88 -36.42 78.81
C TYR E 321 55.33 -34.99 79.11
N GLY E 322 56.39 -34.51 78.48
CA GLY E 322 56.86 -33.16 78.71
C GLY E 322 57.55 -33.02 80.07
N THR E 323 58.02 -31.81 80.33
CA THR E 323 58.71 -31.50 81.58
C THR E 323 57.76 -30.99 82.66
N HIS E 324 56.80 -30.15 82.29
CA HIS E 324 55.84 -29.59 83.24
C HIS E 324 54.53 -29.35 82.52
N TYR E 325 53.43 -29.61 83.22
CA TYR E 325 52.10 -29.50 82.63
C TYR E 325 51.54 -28.10 82.83
N SER E 326 50.36 -27.87 82.28
CA SER E 326 49.69 -26.57 82.34
C SER E 326 48.65 -26.59 83.45
N SER E 327 48.82 -25.70 84.43
CA SER E 327 47.82 -25.55 85.48
C SER E 327 46.60 -24.79 84.98
N SER E 328 46.79 -23.84 84.06
CA SER E 328 45.71 -23.08 83.48
C SER E 328 46.08 -22.66 82.07
N GLY E 329 45.17 -22.87 81.12
CA GLY E 329 45.41 -22.50 79.75
C GLY E 329 44.44 -21.47 79.22
N SER E 330 44.50 -21.21 77.91
CA SER E 330 43.61 -20.24 77.27
C SER E 330 43.38 -20.69 75.83
N LEU E 331 42.26 -21.35 75.59
CA LEU E 331 41.94 -21.82 74.26
C LEU E 331 41.60 -20.64 73.34
N GLY E 332 42.00 -20.75 72.08
CA GLY E 332 41.74 -19.68 71.13
C GLY E 332 42.71 -19.68 69.96
N GLY E 333 43.32 -18.52 69.71
CA GLY E 333 44.27 -18.37 68.62
C GLY E 333 44.72 -16.93 68.45
N LEU E 334 45.94 -16.72 68.00
CA LEU E 334 46.48 -15.38 67.82
C LEU E 334 47.24 -15.30 66.51
N TYR E 335 47.38 -14.08 66.01
CA TYR E 335 48.16 -13.80 64.81
C TYR E 335 49.05 -12.60 65.05
N GLU E 336 50.14 -12.52 64.31
CA GLU E 336 51.12 -11.45 64.45
C GLU E 336 51.70 -11.10 63.10
N LEU E 337 52.12 -9.84 62.97
CA LEU E 337 52.77 -9.35 61.76
C LEU E 337 53.90 -8.41 62.15
N ILE E 338 55.06 -8.59 61.53
CA ILE E 338 56.25 -7.80 61.82
C ILE E 338 56.86 -7.33 60.50
N TYR E 339 57.21 -6.06 60.44
CA TYR E 339 57.82 -5.46 59.25
C TYR E 339 58.97 -4.58 59.66
N VAL E 340 60.05 -4.62 58.89
CA VAL E 340 61.24 -3.82 59.15
C VAL E 340 61.70 -3.17 57.86
N LEU E 341 62.41 -2.04 58.00
CA LEU E 341 62.91 -1.31 56.85
C LEU E 341 64.11 -0.48 57.29
N ASP E 342 65.13 -0.44 56.43
CA ASP E 342 66.33 0.34 56.70
C ASP E 342 66.87 0.89 55.39
N LYS E 343 67.28 2.16 55.42
CA LYS E 343 67.80 2.84 54.24
C LYS E 343 69.07 3.58 54.60
N ALA E 344 70.05 3.54 53.70
CA ALA E 344 71.32 4.21 53.91
C ALA E 344 71.87 4.68 52.58
N SER E 345 72.48 5.86 52.58
CA SER E 345 73.05 6.44 51.36
C SER E 345 74.28 7.25 51.73
N MET E 346 75.25 7.28 50.81
CA MET E 346 76.49 8.01 51.01
C MET E 346 76.98 8.55 49.68
N LYS E 347 77.38 9.83 49.68
CA LYS E 347 77.89 10.49 48.49
C LYS E 347 79.02 11.43 48.88
N ARG E 348 80.07 11.45 48.07
CA ARG E 348 81.21 12.33 48.31
C ARG E 348 81.78 12.78 46.97
N LYS E 349 82.04 14.07 46.83
CA LYS E 349 82.54 14.64 45.60
C LYS E 349 83.75 15.50 45.87
N GLY E 350 84.77 15.37 45.02
CA GLY E 350 85.97 16.19 45.10
C GLY E 350 86.47 16.59 43.74
N VAL E 351 86.77 17.87 43.55
CA VAL E 351 87.24 18.39 42.27
C VAL E 351 88.50 19.21 42.52
N GLU E 352 89.54 18.94 41.73
CA GLU E 352 90.81 19.62 41.84
C GLU E 352 91.25 20.10 40.46
N LEU E 353 91.63 21.37 40.36
CA LEU E 353 92.12 21.95 39.12
C LEU E 353 93.35 22.78 39.42
N LYS E 354 94.42 22.58 38.63
CA LYS E 354 95.68 23.26 38.82
C LYS E 354 96.21 23.72 37.47
N ASP E 355 96.55 25.00 37.37
CA ASP E 355 97.08 25.57 36.14
C ASP E 355 98.18 26.57 36.48
N ILE E 356 99.31 26.44 35.79
CA ILE E 356 100.47 27.30 36.01
C ILE E 356 100.98 27.78 34.67
N LYS E 357 101.22 29.08 34.56
CA LYS E 357 101.85 29.68 33.38
C LYS E 357 103.01 30.56 33.82
N ARG E 358 104.15 30.42 33.15
CA ARG E 358 105.31 31.24 33.43
C ARG E 358 106.13 31.41 32.17
N CYS E 359 106.44 32.65 31.81
CA CYS E 359 107.18 32.95 30.59
C CYS E 359 108.30 33.93 30.89
N LEU E 360 109.32 33.90 30.03
CA LEU E 360 110.52 34.72 30.20
C LEU E 360 110.76 35.56 28.95
N GLY E 361 111.24 36.78 29.14
CA GLY E 361 111.54 37.67 28.04
C GLY E 361 112.85 38.40 28.21
N TYR E 362 113.64 38.51 27.14
CA TYR E 362 114.93 39.17 27.20
C TYR E 362 115.21 39.84 25.87
N HIS E 363 115.70 41.09 25.92
CA HIS E 363 116.03 41.85 24.72
C HIS E 363 117.39 42.52 24.94
N LEU E 364 118.33 42.24 24.06
CA LEU E 364 119.68 42.80 24.12
C LEU E 364 120.02 43.43 22.78
N ASP E 365 120.45 44.69 22.81
CA ASP E 365 120.85 45.40 21.60
C ASP E 365 122.04 46.29 21.92
N VAL E 366 123.12 46.12 21.15
CA VAL E 366 124.34 46.90 21.31
C VAL E 366 124.77 47.40 19.95
N SER E 367 125.07 48.70 19.85
CA SER E 367 125.51 49.32 18.62
C SER E 367 126.74 50.17 18.90
N LEU E 368 127.79 49.96 18.11
CA LEU E 368 129.06 50.66 18.29
C LEU E 368 129.44 51.36 16.99
N ALA E 369 130.06 52.54 17.14
CA ALA E 369 130.51 53.33 16.00
C ALA E 369 131.90 53.87 16.30
N PHE E 370 132.73 53.95 15.26
CA PHE E 370 134.09 54.44 15.42
C PHE E 370 134.48 55.35 14.26
N SER E 371 137.47 58.17 8.37
CA SER E 371 137.38 56.85 8.97
C SER E 371 135.99 56.60 9.55
N GLU E 372 135.38 55.48 9.15
CA GLU E 372 134.05 55.12 9.63
C GLU E 372 134.01 53.63 9.92
N ILE E 373 133.56 53.27 11.12
CA ILE E 373 133.42 51.88 11.53
C ILE E 373 132.09 51.74 12.26
N SER E 374 131.33 50.71 11.92
CA SER E 374 130.03 50.45 12.52
C SER E 374 129.98 49.02 13.02
N VAL E 375 129.59 48.84 14.28
CA VAL E 375 129.47 47.53 14.91
C VAL E 375 128.10 47.42 15.55
N GLY E 376 127.42 46.31 15.31
CA GLY E 376 126.10 46.09 15.86
C GLY E 376 125.99 44.74 16.53
N ALA E 377 125.02 44.63 17.43
CA ALA E 377 124.76 43.39 18.14
C ALA E 377 123.33 43.40 18.65
N GLU E 378 122.64 42.27 18.49
CA GLU E 378 121.26 42.15 18.95
C GLU E 378 120.99 40.71 19.32
N PHE E 379 120.62 40.47 20.58
CA PHE E 379 120.30 39.15 21.10
C PHE E 379 118.96 39.22 21.82
N ASN E 380 118.01 38.39 21.42
CA ASN E 380 116.68 38.39 22.03
C ASN E 380 116.30 36.96 22.40
N LYS E 381 115.83 36.78 23.63
CA LYS E 381 115.47 35.48 24.16
C LYS E 381 114.03 35.48 24.63
N ASP E 382 113.30 34.42 24.29
CA ASP E 382 111.90 34.26 24.69
C ASP E 382 111.65 32.80 25.04
N ASP E 383 111.03 32.56 26.20
CA ASP E 383 110.74 31.21 26.64
C ASP E 383 109.54 31.26 27.59
N CYS E 384 108.50 30.49 27.27
CA CYS E 384 107.31 30.41 28.08
C CYS E 384 107.10 28.97 28.53
N VAL E 385 106.48 28.80 29.70
CA VAL E 385 106.20 27.49 30.28
C VAL E 385 104.78 27.49 30.83
N LYS E 386 104.05 26.42 30.55
CA LYS E 386 102.70 26.24 31.08
C LYS E 386 102.56 24.85 31.67
N ARG E 387 101.84 24.76 32.79
CA ARG E 387 101.58 23.49 33.45
C ARG E 387 100.11 23.42 33.83
N GLY E 388 99.53 22.23 33.69
CA GLY E 388 98.13 22.03 34.01
C GLY E 388 97.85 20.69 34.69
N GLU E 389 96.88 20.68 35.60
CA GLU E 389 96.53 19.47 36.33
C GLU E 389 95.05 19.50 36.69
N GLY E 390 94.40 18.35 36.57
CA GLY E 390 92.99 18.22 36.91
C GLY E 390 92.68 16.92 37.60
N ARG E 391 91.78 16.95 38.59
CA ARG E 391 91.41 15.77 39.33
C ARG E 391 89.95 15.86 39.75
N ALA E 392 89.26 14.72 39.72
CA ALA E 392 87.85 14.66 40.11
C ALA E 392 87.61 13.42 40.95
N VAL E 393 86.67 13.53 41.89
CA VAL E 393 86.28 12.43 42.76
C VAL E 393 84.76 12.40 42.83
N ASN E 394 84.17 11.25 42.50
CA ASN E 394 82.72 11.09 42.45
C ASN E 394 82.41 9.68 42.92
N ILE E 395 81.87 9.54 44.14
CA ILE E 395 81.63 8.23 44.75
C ILE E 395 80.25 8.24 45.40
N THR E 396 79.35 7.40 44.91
CA THR E 396 78.00 7.27 45.46
C THR E 396 77.80 5.84 45.98
N SER E 397 77.19 5.73 47.15
CA SER E 397 76.90 4.45 47.76
C SER E 397 75.54 4.50 48.45
N GLU E 398 74.73 3.46 48.26
CA GLU E 398 73.40 3.38 48.85
C GLU E 398 73.13 1.96 49.29
N ASN E 399 72.50 1.82 50.46
CA ASN E 399 72.17 0.52 51.03
C ASN E 399 70.72 0.51 51.47
N LEU E 400 70.03 -0.59 51.18
CA LEU E 400 68.62 -0.76 51.54
C LEU E 400 68.42 -2.12 52.20
N ILE E 401 67.62 -2.14 53.26
CA ILE E 401 67.32 -3.36 54.00
C ILE E 401 65.84 -3.38 54.33
N ASP E 402 65.18 -4.50 54.04
CA ASP E 402 63.76 -4.66 54.32
C ASP E 402 63.51 -6.08 54.80
N ASP E 403 62.71 -6.21 55.87
CA ASP E 403 62.38 -7.51 56.45
C ASP E 403 60.91 -7.53 56.83
N VAL E 404 60.26 -8.67 56.59
CA VAL E 404 58.84 -8.85 56.90
C VAL E 404 58.64 -10.27 57.42
N VAL E 405 57.76 -10.41 58.41
CA VAL E 405 57.44 -11.71 58.99
C VAL E 405 56.02 -11.66 59.54
N SER E 406 55.37 -12.82 59.56
CA SER E 406 54.00 -12.91 60.05
C SER E 406 53.72 -14.34 60.48
N LEU E 407 52.67 -14.51 61.28
CA LEU E 407 52.27 -15.82 61.76
C LEU E 407 50.79 -15.80 62.11
N ILE E 408 50.20 -17.00 62.10
CA ILE E 408 48.77 -17.15 62.41
C ILE E 408 48.53 -18.60 62.77
N ARG E 409 47.47 -18.86 63.54
CA ARG E 409 47.13 -20.21 63.97
C ARG E 409 45.70 -20.23 64.47
N GLY E 410 45.10 -21.41 64.46
CA GLY E 410 43.77 -21.61 64.97
C GLY E 410 42.73 -21.67 63.86
N GLY E 411 41.55 -22.21 64.21
CA GLY E 411 40.45 -22.29 63.29
C GLY E 411 40.63 -23.34 62.21
N THR E 412 39.59 -23.56 61.39
CA THR E 412 39.72 -24.49 60.28
C THR E 412 40.72 -23.94 59.26
N ARG E 413 41.30 -24.86 58.48
CA ARG E 413 42.37 -24.48 57.57
C ARG E 413 41.85 -23.63 56.41
N LYS E 414 40.57 -23.76 56.06
CA LYS E 414 40.00 -22.96 54.98
C LYS E 414 39.92 -21.49 55.36
N TYR E 415 39.21 -21.19 56.46
CA TYR E 415 38.98 -19.81 56.84
C TYR E 415 40.24 -19.15 57.41
N ALA E 416 41.14 -19.94 58.01
CA ALA E 416 42.32 -19.36 58.64
C ALA E 416 43.27 -18.76 57.61
N PHE E 417 43.58 -19.51 56.55
CA PHE E 417 44.53 -19.04 55.56
C PHE E 417 43.90 -18.13 54.51
N GLU E 418 42.57 -18.15 54.39
CA GLU E 418 41.90 -17.10 53.62
C GLU E 418 42.10 -15.74 54.27
N LEU E 419 42.16 -15.70 55.61
CA LEU E 419 42.53 -14.49 56.32
C LEU E 419 44.00 -14.15 56.09
N LYS E 420 44.85 -15.18 55.98
CA LYS E 420 46.29 -14.96 55.84
C LYS E 420 46.61 -14.32 54.50
N GLU E 421 46.00 -14.81 53.42
CA GLU E 421 46.31 -14.29 52.09
C GLU E 421 45.85 -12.85 51.93
N LYS E 422 44.70 -12.49 52.52
CA LYS E 422 44.16 -11.15 52.35
C LYS E 422 44.76 -10.14 53.32
N LEU E 423 45.33 -10.60 54.44
CA LEU E 423 45.97 -9.67 55.37
C LEU E 423 47.32 -9.21 54.85
N LEU E 424 48.08 -10.11 54.22
CA LEU E 424 49.42 -9.80 53.73
C LEU E 424 49.29 -8.98 52.45
N ARG E 425 49.55 -7.68 52.55
CA ARG E 425 49.56 -6.75 51.42
C ARG E 425 48.23 -6.71 50.67
N GLY E 426 47.14 -7.11 51.32
CA GLY E 426 45.83 -7.07 50.69
C GLY E 426 45.24 -5.69 50.66
N THR E 427 45.39 -4.95 51.77
CA THR E 427 44.95 -3.57 51.96
C THR E 427 43.42 -3.42 51.92
N VAL E 428 42.68 -4.52 51.79
CA VAL E 428 41.21 -4.48 51.76
C VAL E 428 40.73 -5.49 52.80
N ILE E 429 40.46 -5.03 54.01
CA ILE E 429 39.95 -5.89 55.06
C ILE E 429 38.48 -6.20 54.80
N ASP E 430 38.15 -7.48 54.73
CA ASP E 430 36.78 -7.91 54.46
C ASP E 430 35.99 -8.03 55.76
N VAL E 431 34.66 -8.01 55.61
CA VAL E 431 33.77 -8.16 56.76
C VAL E 431 33.40 -9.62 57.00
N THR E 432 33.24 -10.40 55.93
CA THR E 432 32.79 -11.78 56.08
C THR E 432 33.89 -12.72 56.53
N ASP E 433 35.15 -12.44 56.17
CA ASP E 433 36.23 -13.35 56.52
C ASP E 433 36.48 -13.35 58.02
N PHE E 434 36.39 -12.19 58.67
CA PHE E 434 36.58 -12.13 60.12
C PHE E 434 35.42 -12.80 60.85
N VAL E 435 34.20 -12.63 60.35
CA VAL E 435 33.06 -13.32 60.94
C VAL E 435 33.19 -14.83 60.75
N ASN E 436 33.64 -15.24 59.55
CA ASN E 436 33.93 -16.65 59.33
C ASN E 436 35.07 -17.13 60.24
N TRP E 437 36.09 -16.28 60.43
CA TRP E 437 37.16 -16.60 61.36
C TRP E 437 36.64 -16.79 62.78
N ALA E 438 35.59 -16.07 63.16
CA ALA E 438 35.01 -16.24 64.48
C ALA E 438 34.40 -17.62 64.64
N SER E 439 33.60 -18.06 63.65
CA SER E 439 33.04 -19.41 63.70
C SER E 439 34.10 -20.47 63.42
N SER E 440 35.16 -20.11 62.69
CA SER E 440 36.22 -21.06 62.39
C SER E 440 37.00 -21.43 63.65
N ILE E 441 37.39 -20.42 64.43
CA ILE E 441 38.17 -20.68 65.63
C ILE E 441 37.36 -21.40 66.69
N ASN E 442 36.02 -21.32 66.62
CA ASN E 442 35.18 -22.02 67.59
C ASN E 442 35.34 -23.53 67.48
N ASP E 443 35.66 -24.02 66.28
CA ASP E 443 35.76 -25.47 66.08
C ASP E 443 37.12 -26.01 66.52
N ALA E 444 38.20 -25.33 66.15
CA ALA E 444 39.56 -25.77 66.46
C ALA E 444 40.34 -24.62 67.09
N PRO E 445 40.31 -24.52 68.43
CA PRO E 445 41.09 -23.46 69.10
C PRO E 445 42.52 -23.90 69.38
N VAL E 446 43.29 -23.02 70.03
CA VAL E 446 44.68 -23.30 70.37
C VAL E 446 45.06 -22.42 71.55
N LEU E 447 46.15 -22.78 72.23
CA LEU E 447 46.58 -22.07 73.43
C LEU E 447 47.01 -20.65 73.09
N ILE E 448 46.73 -19.73 74.02
CA ILE E 448 47.17 -18.35 73.91
C ILE E 448 48.02 -18.02 75.13
N SER E 449 47.40 -18.09 76.32
CA SER E 449 48.09 -17.88 77.58
C SER E 449 48.06 -19.18 78.38
N GLN E 450 49.19 -19.56 78.95
CA GLN E 450 49.35 -20.85 79.59
C GLN E 450 50.03 -20.67 80.93
N LYS E 451 49.32 -21.00 82.01
CA LYS E 451 49.90 -21.02 83.35
C LYS E 451 50.56 -22.38 83.58
N LEU E 452 51.76 -22.35 84.14
CA LEU E 452 52.61 -23.53 84.18
C LEU E 452 52.65 -24.12 85.59
N SER E 453 52.93 -25.42 85.65
CA SER E 453 52.99 -26.16 86.90
C SER E 453 53.88 -27.38 86.73
N PRO E 454 54.76 -27.68 87.68
CA PRO E 454 55.66 -28.83 87.50
C PRO E 454 54.92 -30.15 87.54
N ILE E 455 55.49 -31.15 86.86
CA ILE E 455 54.86 -32.46 86.78
C ILE E 455 55.01 -33.22 88.10
N TYR E 456 56.17 -33.11 88.75
CA TYR E 456 56.40 -33.87 89.97
C TYR E 456 55.42 -33.51 91.08
N ASN E 457 54.70 -32.41 90.96
CA ASN E 457 53.61 -32.10 91.88
C ASN E 457 52.32 -32.83 91.52
N LEU E 458 52.26 -33.43 90.33
CA LEU E 458 51.06 -34.12 89.87
C LEU E 458 51.09 -35.62 90.15
N VAL E 459 52.22 -36.14 90.63
CA VAL E 459 52.33 -37.58 90.92
C VAL E 459 51.29 -37.96 91.98
N PRO E 460 50.59 -39.08 91.84
CA PRO E 460 49.59 -39.45 92.85
C PRO E 460 50.23 -39.76 94.20
N VAL E 461 49.59 -39.27 95.26
CA VAL E 461 50.07 -39.43 96.62
C VAL E 461 49.77 -40.85 97.10
N LYS E 462 50.34 -41.23 98.24
CA LYS E 462 50.13 -42.53 98.89
C LYS E 462 50.22 -43.70 97.90
N MET E 463 51.16 -43.60 96.98
CA MET E 463 51.43 -44.66 96.03
C MET E 463 52.48 -45.59 96.63
N LYS E 464 53.05 -46.48 95.80
CA LYS E 464 54.09 -47.39 96.29
C LYS E 464 55.29 -46.62 96.83
N ASN E 465 55.94 -45.83 95.98
CA ASN E 465 57.09 -45.02 96.35
C ASN E 465 56.93 -43.61 95.81
N ALA E 466 55.77 -43.01 96.06
CA ALA E 466 55.42 -41.72 95.46
C ALA E 466 56.41 -40.63 95.85
N HIS E 467 56.68 -40.48 97.16
CA HIS E 467 57.50 -39.37 97.62
C HIS E 467 58.92 -39.45 97.09
N LEU E 468 59.55 -40.62 97.23
CA LEU E 468 60.94 -40.75 96.77
C LEU E 468 61.03 -40.55 95.26
N LYS E 469 60.04 -41.03 94.52
CA LYS E 469 60.00 -40.76 93.08
C LYS E 469 59.68 -39.31 92.79
N LYS E 470 58.92 -38.64 93.67
CA LYS E 470 58.60 -37.23 93.47
C LYS E 470 59.86 -36.38 93.51
N GLN E 471 60.64 -36.50 94.59
CA GLN E 471 61.90 -35.77 94.68
C GLN E 471 62.90 -36.27 93.63
N ASN E 472 62.77 -37.52 93.20
CA ASN E 472 63.66 -38.06 92.17
C ASN E 472 63.42 -37.36 90.84
N LEU E 473 62.15 -37.20 90.45
CA LEU E 473 61.84 -36.43 89.26
C LEU E 473 62.11 -34.94 89.46
N GLU E 474 62.01 -34.46 90.70
CA GLU E 474 62.36 -33.07 90.99
C GLU E 474 63.83 -32.80 90.68
N ARG E 475 64.71 -33.75 91.04
CA ARG E 475 66.11 -33.65 90.65
C ARG E 475 66.26 -33.80 89.14
N ALA E 476 65.36 -34.56 88.50
CA ALA E 476 65.45 -34.75 87.05
C ALA E 476 65.02 -33.51 86.30
N ILE E 477 63.89 -32.90 86.70
CA ILE E 477 63.41 -31.71 86.01
C ILE E 477 64.36 -30.54 86.20
N GLU E 478 65.04 -30.47 87.35
CA GLU E 478 66.03 -29.43 87.56
C GLU E 478 67.28 -29.67 86.71
N ASP E 479 67.70 -30.94 86.61
CA ASP E 479 68.85 -31.26 85.78
C ASP E 479 68.53 -31.15 84.29
N TYR E 480 67.31 -31.53 83.91
CA TYR E 480 66.92 -31.50 82.49
C TYR E 480 67.07 -30.10 81.90
N ILE E 481 66.49 -29.11 82.56
CA ILE E 481 66.56 -27.73 82.04
C ILE E 481 67.99 -27.21 82.10
N ASN E 482 68.81 -27.75 82.99
CA ASN E 482 70.20 -27.31 83.15
C ASN E 482 71.20 -28.24 82.48
N GLU E 483 70.74 -29.32 81.83
CA GLU E 483 71.67 -30.24 81.18
C GLU E 483 72.10 -29.70 79.82
N PHE E 484 71.14 -29.50 78.92
CA PHE E 484 71.41 -29.00 77.57
C PHE E 484 70.56 -27.77 77.32
N SER E 485 71.21 -26.70 76.84
CA SER E 485 70.55 -25.43 76.54
C SER E 485 71.55 -24.55 75.83
N VAL E 486 71.11 -23.32 75.52
CA VAL E 486 72.01 -22.34 74.92
C VAL E 486 73.11 -21.95 75.90
N ARG E 487 72.84 -22.07 77.21
CA ARG E 487 73.83 -21.71 78.22
C ARG E 487 75.08 -22.57 78.10
N LYS E 488 74.94 -23.84 77.75
CA LYS E 488 76.08 -24.74 77.67
C LYS E 488 76.74 -24.73 76.29
N CYS E 489 76.05 -24.24 75.26
CA CYS E 489 76.61 -24.20 73.92
C CYS E 489 77.59 -23.02 73.82
N HIS E 490 78.08 -22.75 72.62
CA HIS E 490 79.04 -21.69 72.38
C HIS E 490 78.34 -20.43 71.90
N THR E 491 78.97 -19.29 72.15
CA THR E 491 78.40 -18.00 71.79
C THR E 491 78.71 -17.65 70.34
N CYS E 492 77.74 -17.08 69.65
CA CYS E 492 77.90 -16.70 68.25
C CYS E 492 78.62 -15.35 68.17
N GLN E 493 78.73 -14.81 66.96
CA GLN E 493 79.42 -13.56 66.73
C GLN E 493 78.44 -12.45 66.38
N ASN E 494 78.87 -11.21 66.61
CA ASN E 494 78.09 -10.01 66.29
C ASN E 494 76.73 -10.03 67.01
N GLY E 495 76.73 -10.53 68.25
CA GLY E 495 75.51 -10.54 69.04
C GLY E 495 74.40 -11.38 68.46
N GLY E 496 74.73 -12.41 67.67
CA GLY E 496 73.72 -13.25 67.06
C GLY E 496 73.02 -14.09 68.12
N THR E 497 71.69 -14.00 68.17
CA THR E 497 70.92 -14.80 69.11
C THR E 497 71.06 -16.27 68.79
N VAL E 498 71.58 -17.03 69.75
CA VAL E 498 71.85 -18.46 69.56
C VAL E 498 70.60 -19.25 69.93
N ILE E 499 70.21 -20.19 69.06
CA ILE E 499 69.09 -21.07 69.30
C ILE E 499 69.58 -22.51 69.31
N LEU E 500 68.69 -23.42 69.68
CA LEU E 500 69.00 -24.84 69.74
C LEU E 500 67.81 -25.62 69.20
N MET E 501 67.96 -26.19 68.01
CA MET E 501 66.90 -26.95 67.35
C MET E 501 67.41 -28.38 67.12
N ASP E 502 67.22 -29.23 68.12
CA ASP E 502 67.54 -30.66 68.05
C ASP E 502 69.01 -30.86 67.64
N GLY E 503 69.91 -30.39 68.50
CA GLY E 503 71.34 -30.54 68.31
C GLY E 503 72.02 -29.42 67.55
N LYS E 504 71.39 -28.94 66.47
CA LYS E 504 71.95 -27.85 65.68
C LYS E 504 71.93 -26.57 66.50
N CYS E 505 73.11 -26.15 66.97
CA CYS E 505 73.24 -24.94 67.78
C CYS E 505 73.54 -23.73 66.90
N LEU E 506 72.59 -23.42 66.02
CA LEU E 506 72.75 -22.29 65.12
C LEU E 506 72.44 -20.98 65.84
N CYS E 507 72.92 -19.88 65.25
CA CYS E 507 72.72 -18.55 65.80
C CYS E 507 72.07 -17.66 64.76
N ALA E 508 70.97 -17.02 65.12
CA ALA E 508 70.29 -16.11 64.21
C ALA E 508 71.09 -14.83 64.07
N CYS E 509 71.57 -14.55 62.87
CA CYS E 509 72.40 -13.39 62.61
C CYS E 509 71.54 -12.18 62.25
N PRO E 510 71.97 -10.97 62.59
CA PRO E 510 71.16 -9.78 62.32
C PRO E 510 70.90 -9.59 60.83
N PHE E 511 70.04 -8.62 60.54
CA PHE E 511 69.60 -8.38 59.17
C PHE E 511 70.75 -7.90 58.29
N LYS E 512 71.48 -6.88 58.75
CA LYS E 512 72.56 -6.28 57.97
C LYS E 512 73.76 -7.22 57.80
N PHE E 513 73.76 -8.37 58.45
CA PHE E 513 74.88 -9.30 58.39
C PHE E 513 74.47 -10.55 57.62
N GLU E 514 75.48 -11.34 57.23
CA GLU E 514 75.25 -12.52 56.41
C GLU E 514 74.93 -13.71 57.32
N GLY E 515 74.98 -14.92 56.77
CA GLY E 515 74.43 -16.09 57.42
C GLY E 515 75.28 -16.77 58.48
N ILE E 516 75.46 -18.08 58.33
CA ILE E 516 75.99 -18.93 59.39
C ILE E 516 77.30 -18.38 59.94
N ALA E 517 77.46 -18.52 61.27
CA ALA E 517 78.68 -18.21 62.01
C ALA E 517 78.97 -16.71 62.08
N CYS E 518 78.17 -15.91 61.39
CA CYS E 518 78.31 -14.44 61.38
C CYS E 518 79.76 -14.02 61.18
N GLU E 519 80.42 -14.65 60.21
CA GLU E 519 81.82 -14.37 59.93
C GLU E 519 81.97 -13.33 58.83
N ILE E 520 81.42 -13.61 57.65
CA ILE E 520 81.49 -12.70 56.52
C ILE E 520 80.42 -11.62 56.69
N SER E 521 80.80 -10.38 56.39
CA SER E 521 79.94 -9.24 56.72
C SER E 521 78.82 -9.05 55.70
N LYS E 522 79.17 -8.89 54.42
CA LYS E 522 78.23 -8.57 53.36
C LYS E 522 77.47 -7.28 53.68
N GLN E 523 78.23 -6.19 53.75
CA GLN E 523 77.67 -4.88 54.07
C GLN E 523 76.95 -4.29 52.88
N LYS E 524 79.18 -5.48 50.56
CA LYS E 524 80.52 -5.48 51.12
C LYS E 524 81.08 -4.07 51.22
N ILE E 525 82.37 -3.93 50.96
CA ILE E 525 83.06 -2.64 51.00
C ILE E 525 83.44 -2.25 49.58
N SER E 526 83.30 -0.96 49.26
CA SER E 526 83.62 -0.48 47.93
C SER E 526 85.12 -0.32 47.76
N GLU E 527 85.63 -0.78 46.61
CA GLU E 527 87.04 -0.68 46.28
C GLU E 527 87.21 0.20 45.05
N GLY E 528 88.16 1.12 45.11
CA GLY E 528 88.43 2.01 43.99
C GLY E 528 89.89 2.02 43.59
N LEU E 529 90.16 1.80 42.31
CA LEU E 529 91.54 1.79 41.79
C LEU E 529 91.67 2.80 40.68
N PRO E 530 92.33 3.94 40.90
CA PRO E 530 92.54 4.93 39.83
C PRO E 530 93.73 4.65 38.93
N ALA E 531 94.29 3.44 38.96
CA ALA E 531 95.46 3.14 38.14
C ALA E 531 95.10 3.12 36.66
N LEU E 532 96.08 3.47 35.83
CA LEU E 532 95.88 3.46 34.40
C LEU E 532 95.75 2.03 33.89
N GLU E 533 94.78 1.76 33.02
CA GLU E 533 94.60 0.40 32.51
C GLU E 533 95.78 -0.03 31.63
N PHE E 534 96.24 -1.27 31.86
CA PHE E 534 97.37 -1.78 31.08
C PHE E 534 97.00 -1.97 29.62
N PRO E 535 95.82 -2.52 29.34
CA PRO E 535 95.38 -2.75 27.98
C PRO E 535 93.87 -2.64 27.87
N SER F 18 91.64 -33.87 37.23
CA SER F 18 92.47 -34.96 37.73
C SER F 18 91.66 -36.25 37.85
N HIS F 19 92.11 -37.30 37.16
CA HIS F 19 91.43 -38.59 37.18
C HIS F 19 91.81 -39.32 38.47
N ILE F 20 91.19 -38.90 39.57
CA ILE F 20 91.44 -39.50 40.86
C ILE F 20 90.70 -40.82 40.96
N ASP F 21 91.45 -41.90 41.16
CA ASP F 21 90.86 -43.22 41.31
C ASP F 21 90.40 -43.45 42.75
N CYS F 22 89.69 -44.55 42.96
CA CYS F 22 89.14 -44.90 44.27
C CYS F 22 90.02 -45.97 44.92
N ARG F 23 90.78 -45.57 45.94
CA ARG F 23 91.52 -46.52 46.77
C ARG F 23 90.55 -47.08 47.80
N MET F 24 89.79 -48.07 47.38
CA MET F 24 88.65 -48.59 48.14
C MET F 24 88.70 -50.11 48.25
N SER F 25 89.87 -50.65 48.61
CA SER F 25 89.94 -52.08 48.83
C SER F 25 90.88 -52.49 49.97
N PRO F 26 90.71 -51.96 51.19
CA PRO F 26 91.42 -52.54 52.35
C PRO F 26 90.65 -53.73 52.89
N TRP F 27 91.21 -54.92 52.70
CA TRP F 27 90.57 -56.15 53.12
C TRP F 27 90.99 -56.55 54.53
N SER F 28 90.09 -57.22 55.23
CA SER F 28 90.32 -57.67 56.60
C SER F 28 90.36 -59.20 56.64
N GLU F 29 90.59 -59.72 57.85
CA GLU F 29 90.69 -61.15 58.07
C GLU F 29 89.32 -61.77 58.34
N TRP F 30 89.16 -63.02 57.93
CA TRP F 30 87.93 -63.74 58.18
C TRP F 30 87.72 -63.93 59.67
N SER F 31 86.56 -63.53 60.18
CA SER F 31 86.23 -63.68 61.58
C SER F 31 85.62 -65.06 61.83
N GLN F 32 85.15 -65.28 63.06
CA GLN F 32 84.54 -66.55 63.42
C GLN F 32 83.15 -66.68 62.79
N CYS F 33 82.80 -67.89 62.38
CA CYS F 33 81.50 -68.14 61.79
C CYS F 33 80.39 -68.01 62.83
N ASP F 34 79.20 -67.63 62.36
CA ASP F 34 78.04 -67.54 63.24
C ASP F 34 77.30 -68.87 63.23
N PRO F 35 77.10 -69.51 64.38
CA PRO F 35 76.40 -70.80 64.40
C PRO F 35 74.93 -70.68 64.07
N CYS F 36 74.24 -69.75 64.72
CA CYS F 36 72.79 -69.62 64.52
C CYS F 36 72.47 -68.86 63.25
N LEU F 37 73.18 -67.77 62.98
CA LEU F 37 72.92 -66.98 61.78
C LEU F 37 73.46 -67.64 60.51
N ARG F 38 74.52 -68.45 60.65
CA ARG F 38 75.13 -69.16 59.52
C ARG F 38 75.62 -68.18 58.45
N GLN F 39 76.56 -67.33 58.85
CA GLN F 39 77.10 -66.30 57.99
C GLN F 39 78.52 -65.96 58.43
N MET F 40 79.34 -65.54 57.47
CA MET F 40 80.71 -65.10 57.75
C MET F 40 80.81 -63.59 57.56
N PHE F 41 81.93 -63.04 58.01
CA PHE F 41 82.11 -61.60 58.14
C PHE F 41 83.45 -61.14 57.55
N ARG F 42 83.69 -61.50 56.29
CA ARG F 42 84.76 -60.84 55.55
C ARG F 42 84.49 -59.35 55.50
N SER F 43 85.36 -58.57 56.14
CA SER F 43 85.11 -57.14 56.34
C SER F 43 85.82 -56.31 55.28
N ARG F 44 85.52 -55.02 55.29
CA ARG F 44 86.06 -54.07 54.32
C ARG F 44 85.84 -52.67 54.87
N SER F 45 86.35 -51.67 54.14
CA SER F 45 86.22 -50.28 54.55
C SER F 45 86.39 -49.38 53.33
N ILE F 46 85.70 -48.26 53.34
CA ILE F 46 85.78 -47.27 52.28
C ILE F 46 86.76 -46.18 52.68
N GLU F 47 87.63 -45.79 51.75
CA GLU F 47 88.67 -44.80 52.03
C GLU F 47 88.59 -43.58 51.13
N VAL F 48 88.48 -43.76 49.82
CA VAL F 48 88.56 -42.66 48.86
C VAL F 48 87.37 -42.75 47.92
N PHE F 49 86.70 -41.61 47.72
CA PHE F 49 85.57 -41.52 46.78
C PHE F 49 86.03 -41.12 45.38
N GLY F 50 86.68 -39.96 45.27
CA GLY F 50 86.98 -39.37 43.98
C GLY F 50 86.22 -38.09 43.77
N GLN F 51 86.90 -36.95 43.93
CA GLN F 51 86.24 -35.65 43.93
C GLN F 51 85.92 -35.15 42.53
N PHE F 52 86.53 -35.72 41.49
CA PHE F 52 86.42 -35.20 40.14
C PHE F 52 85.69 -36.19 39.25
N ASN F 53 85.67 -35.91 37.95
CA ASN F 53 84.97 -36.66 36.91
C ASN F 53 85.56 -38.04 36.67
N GLY F 54 86.54 -38.49 37.45
CA GLY F 54 87.15 -39.79 37.26
C GLY F 54 86.23 -40.96 37.55
N LYS F 55 86.83 -42.13 37.78
CA LYS F 55 86.07 -43.37 37.99
C LYS F 55 85.16 -43.28 39.21
N ARG F 56 83.85 -43.32 38.97
CA ARG F 56 82.90 -43.38 40.07
C ARG F 56 82.92 -44.77 40.70
N CYS F 57 82.89 -44.81 42.03
CA CYS F 57 83.02 -46.07 42.77
C CYS F 57 81.98 -46.09 43.88
N THR F 58 80.91 -46.85 43.66
CA THR F 58 79.84 -47.03 44.64
C THR F 58 79.91 -48.38 45.34
N ASP F 59 81.10 -48.99 45.39
CA ASP F 59 81.25 -50.32 45.97
C ASP F 59 80.83 -50.32 47.44
N ALA F 60 79.79 -51.08 47.75
CA ALA F 60 79.29 -51.15 49.11
C ALA F 60 80.23 -51.98 49.99
N VAL F 61 80.30 -51.60 51.26
CA VAL F 61 81.14 -52.29 52.23
C VAL F 61 80.37 -53.46 52.82
N GLY F 62 81.01 -54.62 52.88
CA GLY F 62 80.40 -55.81 53.46
C GLY F 62 80.47 -57.01 52.53
N ASP F 63 80.52 -58.19 53.14
CA ASP F 63 80.59 -59.44 52.39
C ASP F 63 80.06 -60.56 53.27
N ARG F 64 79.32 -61.48 52.66
CA ARG F 64 78.73 -62.61 53.37
C ARG F 64 79.18 -63.92 52.73
N ARG F 65 79.03 -65.00 53.49
CA ARG F 65 79.45 -66.32 53.04
C ARG F 65 78.80 -67.37 53.93
N GLN F 66 78.36 -68.46 53.30
CA GLN F 66 77.82 -69.59 54.06
C GLN F 66 78.94 -70.34 54.76
N CYS F 67 78.66 -70.80 55.97
CA CYS F 67 79.66 -71.49 56.78
C CYS F 67 78.97 -72.59 57.58
N VAL F 68 79.66 -73.73 57.71
CA VAL F 68 79.14 -74.85 58.49
C VAL F 68 79.21 -74.48 59.97
N PRO F 69 78.08 -74.48 60.68
CA PRO F 69 78.11 -74.10 62.10
C PRO F 69 78.77 -75.17 62.95
N THR F 70 79.56 -74.72 63.92
CA THR F 70 80.25 -75.62 64.84
C THR F 70 79.68 -75.60 66.26
N GLU F 71 79.01 -74.52 66.65
CA GLU F 71 78.37 -74.46 67.96
C GLU F 71 76.97 -75.06 67.89
N PRO F 72 76.46 -75.61 69.01
CA PRO F 72 75.14 -76.25 68.97
C PRO F 72 73.99 -75.27 68.82
N CYS F 73 74.22 -73.97 69.03
CA CYS F 73 73.16 -72.95 68.95
C CYS F 73 72.02 -73.28 69.91
N GLU F 74 72.37 -73.32 71.20
CA GLU F 74 71.38 -73.63 72.23
C GLU F 74 70.52 -72.44 72.59
N ASP F 75 71.05 -71.23 72.45
CA ASP F 75 70.29 -70.03 72.79
C ASP F 75 69.15 -69.84 71.80
N ALA F 76 67.95 -69.57 72.32
CA ALA F 76 66.78 -69.37 71.48
C ALA F 76 65.85 -68.37 72.17
N GLU F 77 64.91 -67.84 71.39
CA GLU F 77 63.95 -66.87 71.88
C GLU F 77 62.66 -67.59 72.29
N ASP F 78 62.41 -67.62 73.60
CA ASP F 78 61.20 -68.25 74.11
C ASP F 78 59.98 -67.36 73.81
N ASP F 79 58.80 -67.98 73.88
CA ASP F 79 57.57 -67.25 73.60
C ASP F 79 57.09 -66.50 74.84
N CYS F 80 57.97 -65.70 75.43
CA CYS F 80 57.69 -64.73 76.48
C CYS F 80 57.13 -65.36 77.74
N GLY F 81 56.94 -66.69 77.74
CA GLY F 81 56.51 -67.44 78.91
C GLY F 81 55.37 -66.87 79.71
N ASN F 82 54.53 -66.05 79.09
CA ASN F 82 53.49 -65.31 79.81
C ASN F 82 52.08 -65.74 79.40
N ASP F 83 51.74 -65.64 78.12
CA ASP F 83 50.36 -65.85 77.69
C ASP F 83 50.38 -66.41 76.28
N PHE F 84 49.23 -66.34 75.61
CA PHE F 84 49.07 -66.88 74.26
C PHE F 84 50.05 -66.24 73.29
N GLN F 85 50.89 -67.08 72.67
CA GLN F 85 51.83 -66.61 71.67
C GLN F 85 51.11 -66.31 70.36
N CYS F 86 51.52 -65.23 69.70
CA CYS F 86 50.97 -64.91 68.39
C CYS F 86 51.64 -65.78 67.32
N SER F 87 51.11 -65.67 66.10
CA SER F 87 51.62 -66.43 64.98
C SER F 87 52.93 -65.88 64.42
N THR F 88 53.43 -64.77 64.95
CA THR F 88 54.66 -64.16 64.46
C THR F 88 55.74 -63.97 65.52
N GLY F 89 55.39 -64.00 66.81
CA GLY F 89 56.40 -63.89 67.85
C GLY F 89 56.05 -62.96 68.99
N ARG F 90 55.00 -62.16 68.85
CA ARG F 90 54.59 -61.25 69.89
C ARG F 90 53.62 -61.94 70.85
N CYS F 91 53.24 -61.24 71.91
CA CYS F 91 52.47 -61.83 72.99
C CYS F 91 51.33 -60.90 73.42
N ILE F 92 50.22 -61.51 73.83
CA ILE F 92 49.13 -60.76 74.45
C ILE F 92 49.57 -60.28 75.83
N LYS F 93 49.33 -59.00 76.12
CA LYS F 93 49.62 -58.49 77.46
C LYS F 93 48.50 -58.83 78.43
N MET F 94 47.32 -58.23 78.25
CA MET F 94 46.17 -58.59 79.07
C MET F 94 44.87 -58.79 78.29
N ARG F 95 44.65 -58.11 77.15
CA ARG F 95 43.35 -58.15 76.49
C ARG F 95 43.47 -58.20 74.98
N LEU F 96 44.52 -58.86 74.46
CA LEU F 96 44.68 -59.02 73.02
C LEU F 96 43.86 -60.19 72.47
N ARG F 97 42.86 -60.66 73.21
CA ARG F 97 42.00 -61.73 72.75
C ARG F 97 40.95 -61.19 71.78
N CYS F 98 39.91 -61.99 71.51
CA CYS F 98 38.91 -61.63 70.51
C CYS F 98 38.07 -60.48 71.06
N ASN F 99 38.65 -59.28 71.00
CA ASN F 99 38.00 -58.06 71.47
C ASN F 99 38.20 -56.92 70.47
N GLY F 100 38.31 -57.25 69.19
CA GLY F 100 38.49 -56.24 68.16
C GLY F 100 39.81 -55.52 68.22
N ASP F 101 40.87 -56.17 68.69
CA ASP F 101 42.20 -55.58 68.79
C ASP F 101 43.09 -56.22 67.73
N ASN F 102 43.29 -55.51 66.62
CA ASN F 102 44.08 -56.02 65.51
C ASN F 102 45.56 -55.74 65.77
N ASP F 103 46.32 -56.79 66.07
CA ASP F 103 47.75 -56.68 66.29
C ASP F 103 48.57 -57.48 65.29
N CYS F 104 48.26 -58.76 65.10
CA CYS F 104 49.07 -59.63 64.27
C CYS F 104 48.64 -59.62 62.81
N GLY F 105 47.39 -60.02 62.56
CA GLY F 105 46.87 -60.04 61.21
C GLY F 105 45.42 -59.62 61.11
N ASP F 106 44.82 -59.78 59.94
CA ASP F 106 43.41 -59.46 59.77
C ASP F 106 42.54 -60.31 60.67
N PHE F 107 42.83 -61.62 60.74
CA PHE F 107 42.13 -62.53 61.64
C PHE F 107 43.10 -63.47 62.34
N SER F 108 44.35 -63.05 62.52
CA SER F 108 45.33 -63.89 63.19
C SER F 108 45.05 -64.00 64.68
N ASP F 109 44.95 -62.85 65.36
CA ASP F 109 44.65 -62.86 66.79
C ASP F 109 43.21 -63.25 67.05
N GLU F 110 42.29 -62.77 66.23
CA GLU F 110 40.86 -63.08 66.36
C GLU F 110 40.48 -64.38 65.67
N ASP F 111 41.44 -65.27 65.40
CA ASP F 111 41.13 -66.54 64.77
C ASP F 111 40.18 -67.38 65.62
N ASP F 112 40.51 -67.53 66.90
CA ASP F 112 39.69 -68.30 67.83
C ASP F 112 38.85 -67.34 68.66
N CYS F 113 37.55 -67.32 68.42
CA CYS F 113 36.61 -66.46 69.15
C CYS F 113 35.56 -67.37 69.79
N GLU F 114 35.79 -67.75 71.04
CA GLU F 114 34.83 -68.59 71.75
C GLU F 114 33.72 -67.76 72.37
N SER F 115 34.07 -66.64 72.99
CA SER F 115 33.09 -65.74 73.58
C SER F 115 32.49 -64.83 72.51
N GLU F 116 31.51 -64.03 72.92
CA GLU F 116 30.88 -63.11 71.99
C GLU F 116 31.87 -62.01 71.57
N PRO F 117 31.75 -61.52 70.34
CA PRO F 117 32.67 -60.45 69.89
C PRO F 117 32.38 -59.12 70.56
N ARG F 118 32.75 -59.01 71.84
CA ARG F 118 32.53 -57.79 72.60
C ARG F 118 33.31 -56.63 71.98
N PRO F 119 32.65 -55.54 71.59
CA PRO F 119 33.38 -54.39 71.04
C PRO F 119 34.14 -53.66 72.13
N PRO F 120 35.35 -53.18 71.85
CA PRO F 120 36.12 -52.49 72.89
C PRO F 120 35.62 -51.08 73.15
N CYS F 121 34.98 -50.48 72.14
CA CYS F 121 34.47 -49.12 72.24
C CYS F 121 33.15 -49.03 71.52
N ARG F 122 32.17 -48.40 72.15
CA ARG F 122 30.83 -48.29 71.59
C ARG F 122 30.66 -47.07 70.69
N ASP F 123 31.32 -45.96 71.01
CA ASP F 123 31.18 -44.75 70.23
C ASP F 123 31.77 -44.93 68.83
N ARG F 124 31.24 -44.17 67.88
CA ARG F 124 31.68 -44.22 66.50
C ARG F 124 32.91 -43.33 66.34
N VAL F 125 34.07 -43.94 66.17
CA VAL F 125 35.34 -43.24 66.00
C VAL F 125 35.96 -43.72 64.69
N VAL F 126 36.10 -42.81 63.72
CA VAL F 126 36.65 -43.18 62.42
C VAL F 126 38.14 -43.43 62.55
N GLU F 127 38.64 -44.43 61.82
CA GLU F 127 40.06 -44.74 61.83
C GLU F 127 40.86 -43.59 61.23
N GLU F 128 42.12 -43.50 61.65
CA GLU F 128 43.01 -42.42 61.20
C GLU F 128 43.39 -42.66 59.75
N SER F 129 42.72 -41.95 58.84
CA SER F 129 42.88 -42.16 57.40
C SER F 129 43.93 -41.20 56.85
N GLU F 130 45.07 -41.73 56.40
CA GLU F 130 46.11 -40.99 55.70
C GLU F 130 46.75 -39.91 56.56
N LEU F 131 46.39 -39.84 57.85
CA LEU F 131 46.92 -38.85 58.77
C LEU F 131 48.19 -39.41 59.41
N ALA F 132 48.64 -38.81 60.51
CA ALA F 132 49.89 -39.15 61.17
C ALA F 132 49.97 -40.59 61.65
N ARG F 133 48.93 -41.38 61.39
CA ARG F 133 48.91 -42.81 61.71
C ARG F 133 50.23 -43.50 61.39
N THR F 134 50.83 -43.15 60.25
CA THR F 134 52.16 -43.65 59.88
C THR F 134 53.19 -42.66 60.42
N ALA F 135 53.45 -42.76 61.72
CA ALA F 135 54.30 -41.83 62.43
C ALA F 135 55.77 -42.23 62.44
N GLY F 136 56.12 -43.38 61.88
CA GLY F 136 57.50 -43.81 61.82
C GLY F 136 58.22 -43.23 60.61
N TYR F 137 59.44 -42.76 60.85
CA TYR F 137 60.24 -42.16 59.80
C TYR F 137 61.71 -42.48 60.02
N GLY F 138 62.40 -42.84 58.95
CA GLY F 138 63.78 -43.29 59.01
C GLY F 138 64.77 -42.36 58.35
N ILE F 139 64.64 -41.06 58.61
CA ILE F 139 65.47 -40.06 57.93
C ILE F 139 66.95 -40.37 58.14
N ASN F 140 67.73 -40.17 57.09
CA ASN F 140 69.18 -40.35 57.12
C ASN F 140 69.84 -38.98 57.19
N ILE F 141 70.65 -38.77 58.22
CA ILE F 141 71.35 -37.50 58.38
C ILE F 141 72.30 -37.25 57.22
N LEU F 142 72.88 -38.32 56.67
CA LEU F 142 73.74 -38.23 55.50
C LEU F 142 72.97 -38.44 54.20
N GLY F 143 71.73 -38.87 54.26
CA GLY F 143 70.97 -39.18 53.07
C GLY F 143 70.00 -38.11 52.62
N MET F 144 68.71 -38.35 52.80
CA MET F 144 67.67 -37.49 52.25
C MET F 144 66.45 -37.55 53.17
N ASP F 145 65.29 -37.14 52.64
CA ASP F 145 64.02 -37.02 53.34
C ASP F 145 63.66 -38.28 54.13
N PRO F 146 62.79 -38.18 55.13
CA PRO F 146 62.50 -39.33 55.99
C PRO F 146 61.95 -40.51 55.22
N LEU F 147 62.04 -41.68 55.86
CA LEU F 147 61.65 -42.96 55.29
C LEU F 147 60.29 -43.38 55.84
N SER F 148 59.87 -44.60 55.53
CA SER F 148 58.60 -45.14 55.98
C SER F 148 58.70 -45.52 57.46
N THR F 149 57.65 -46.16 57.97
CA THR F 149 57.61 -46.51 59.39
C THR F 149 58.41 -47.78 59.65
N PRO F 150 59.33 -47.77 60.62
CA PRO F 150 60.07 -48.98 60.98
C PRO F 150 59.37 -49.89 61.99
N PHE F 151 58.18 -49.51 62.47
CA PHE F 151 57.51 -50.25 63.51
C PHE F 151 56.01 -50.30 63.22
N ASP F 152 55.33 -51.21 63.88
CA ASP F 152 53.88 -51.32 63.73
C ASP F 152 53.20 -50.18 64.48
N ASN F 153 52.31 -49.46 63.78
CA ASN F 153 51.64 -48.30 64.34
C ASN F 153 50.12 -48.45 64.33
N GLU F 154 49.61 -49.66 64.15
CA GLU F 154 48.17 -49.92 64.14
C GLU F 154 47.67 -50.53 65.43
N PHE F 155 48.52 -51.26 66.15
CA PHE F 155 48.11 -51.90 67.39
C PHE F 155 47.78 -50.87 68.46
N TYR F 156 46.75 -51.16 69.25
CA TYR F 156 46.36 -50.33 70.37
C TYR F 156 46.14 -51.21 71.59
N ASN F 157 46.38 -50.64 72.78
CA ASN F 157 46.42 -51.44 74.00
C ASN F 157 45.02 -51.70 74.55
N GLY F 158 44.31 -50.65 74.96
CA GLY F 158 43.05 -50.82 75.65
C GLY F 158 41.92 -49.94 75.19
N LEU F 159 41.32 -49.20 76.13
CA LEU F 159 40.21 -48.32 75.81
C LEU F 159 40.65 -47.22 74.84
N CYS F 160 39.85 -47.00 73.79
CA CYS F 160 40.17 -46.02 72.78
C CYS F 160 40.36 -44.65 73.42
N ASN F 161 41.43 -43.96 73.01
CA ASN F 161 41.71 -42.61 73.46
C ASN F 161 41.17 -41.63 72.43
N ARG F 162 40.18 -40.85 72.83
CA ARG F 162 39.49 -39.98 71.88
C ARG F 162 40.41 -38.88 71.36
N ASP F 163 40.19 -38.51 70.11
CA ASP F 163 40.97 -37.47 69.45
C ASP F 163 40.03 -36.42 68.87
N ARG F 164 39.12 -35.91 69.70
CA ARG F 164 38.04 -35.03 69.25
C ARG F 164 38.64 -33.67 68.90
N ASP F 165 39.22 -33.60 67.70
CA ASP F 165 39.80 -32.37 67.18
C ASP F 165 39.95 -32.50 65.67
N GLY F 166 40.16 -31.38 65.01
CA GLY F 166 40.32 -31.33 63.57
C GLY F 166 39.47 -30.25 62.95
N ASN F 167 39.62 -30.12 61.63
CA ASN F 167 38.87 -29.11 60.88
C ASN F 167 37.37 -29.39 60.95
N THR F 168 36.97 -30.61 60.58
CA THR F 168 35.57 -31.00 60.57
C THR F 168 35.21 -31.70 61.87
N LEU F 169 33.96 -32.16 61.95
CA LEU F 169 33.47 -32.87 63.13
C LEU F 169 33.62 -34.36 62.87
N THR F 170 34.76 -34.92 63.28
CA THR F 170 35.04 -36.33 63.10
C THR F 170 36.01 -36.78 64.18
N TYR F 171 35.86 -38.03 64.60
CA TYR F 171 36.65 -38.60 65.69
C TYR F 171 37.69 -39.56 65.10
N TYR F 172 38.95 -39.30 65.40
CA TYR F 172 40.04 -40.16 64.96
C TYR F 172 40.58 -40.97 66.12
N ARG F 173 41.40 -41.97 65.80
CA ARG F 173 42.05 -42.82 66.78
C ARG F 173 43.54 -42.49 66.86
N ARG F 174 44.09 -42.58 68.07
CA ARG F 174 45.51 -42.40 68.30
C ARG F 174 46.11 -43.72 68.75
N PRO F 175 47.06 -44.29 68.01
CA PRO F 175 47.61 -45.60 68.37
C PRO F 175 48.40 -45.54 69.67
N TRP F 176 48.52 -46.70 70.31
CA TRP F 176 49.28 -46.81 71.54
C TRP F 176 50.77 -46.55 71.33
N ASN F 177 51.26 -46.69 70.10
CA ASN F 177 52.66 -46.38 69.83
C ASN F 177 52.91 -44.89 69.83
N VAL F 178 51.94 -44.10 69.39
CA VAL F 178 52.05 -42.64 69.33
C VAL F 178 51.60 -42.07 70.68
N ALA F 179 52.48 -41.32 71.33
CA ALA F 179 52.16 -40.75 72.64
C ALA F 179 51.23 -39.54 72.52
N SER F 180 51.37 -38.76 71.45
CA SER F 180 50.57 -37.56 71.28
C SER F 180 50.32 -37.32 69.80
N LEU F 181 49.21 -36.63 69.50
CA LEU F 181 48.87 -36.28 68.13
C LEU F 181 48.07 -34.98 68.18
N ILE F 182 48.74 -33.87 67.94
CA ILE F 182 48.11 -32.56 67.96
C ILE F 182 47.66 -32.18 66.57
N TYR F 183 46.63 -31.33 66.49
CA TYR F 183 46.06 -30.90 65.22
C TYR F 183 46.18 -29.38 65.04
N GLU F 184 47.20 -28.77 65.63
CA GLU F 184 47.40 -27.33 65.52
C GLU F 184 47.72 -26.95 64.08
N THR F 185 46.91 -26.09 63.50
CA THR F 185 47.09 -25.63 62.12
C THR F 185 47.88 -24.32 62.08
N LYS F 186 49.11 -24.39 62.58
CA LYS F 186 49.97 -23.21 62.61
C LYS F 186 50.33 -22.77 61.19
N GLY F 187 50.54 -21.46 61.04
CA GLY F 187 50.92 -20.91 59.75
C GLY F 187 51.74 -19.64 59.88
N GLU F 188 52.84 -19.56 59.14
CA GLU F 188 53.72 -18.41 59.21
C GLU F 188 54.43 -18.24 57.88
N LYS F 189 55.03 -17.06 57.71
CA LYS F 189 55.77 -16.74 56.49
C LYS F 189 56.74 -15.61 56.80
N ASN F 190 57.78 -15.52 55.97
CA ASN F 190 58.81 -14.51 56.15
C ASN F 190 59.30 -14.05 54.79
N PHE F 191 59.71 -12.78 54.72
CA PHE F 191 60.23 -12.19 53.49
C PHE F 191 61.33 -11.20 53.84
N ARG F 192 62.27 -11.04 52.91
CA ARG F 192 63.39 -10.14 53.10
C ARG F 192 63.82 -9.57 51.77
N THR F 193 64.48 -8.42 51.81
CA THR F 193 64.97 -7.75 50.61
C THR F 193 66.19 -6.92 50.97
N GLU F 194 66.99 -6.62 49.95
CA GLU F 194 68.20 -5.84 50.13
C GLU F 194 68.60 -5.23 48.81
N HIS F 195 69.36 -4.13 48.88
CA HIS F 195 69.85 -3.44 47.70
C HIS F 195 71.22 -2.84 48.02
N TYR F 196 72.17 -3.06 47.12
CA TYR F 196 73.52 -2.51 47.24
C TYR F 196 73.81 -1.63 46.03
N GLU F 197 74.56 -0.55 46.26
CA GLU F 197 74.91 0.36 45.18
C GLU F 197 76.33 0.87 45.39
N GLU F 198 77.09 0.88 44.30
CA GLU F 198 78.47 1.36 44.30
C GLU F 198 78.73 2.14 43.03
N GLN F 199 79.39 3.29 43.17
CA GLN F 199 79.70 4.15 42.03
C GLN F 199 81.00 4.88 42.30
N ILE F 200 81.83 4.99 41.27
CA ILE F 200 83.09 5.73 41.37
C ILE F 200 83.39 6.34 40.01
N GLU F 201 83.85 7.60 40.02
CA GLU F 201 84.21 8.31 38.81
C GLU F 201 85.42 9.18 39.09
N ALA F 202 86.28 9.34 38.08
CA ALA F 202 87.48 10.15 38.22
C ALA F 202 87.82 10.78 36.87
N PHE F 203 88.03 12.09 36.87
CA PHE F 203 88.42 12.83 35.68
C PHE F 203 89.79 13.45 35.89
N LYS F 204 90.61 13.46 34.84
CA LYS F 204 91.94 14.04 34.89
C LYS F 204 92.23 14.77 33.59
N SER F 205 92.88 15.93 33.70
CA SER F 205 93.23 16.73 32.55
C SER F 205 94.56 17.43 32.81
N ILE F 206 95.49 17.30 31.87
CA ILE F 206 96.82 17.91 31.98
C ILE F 206 97.15 18.55 30.64
N ILE F 207 97.62 19.79 30.68
CA ILE F 207 97.97 20.53 29.47
C ILE F 207 99.32 21.22 29.69
N GLN F 208 100.15 21.21 28.65
CA GLN F 208 101.46 21.84 28.68
C GLN F 208 101.61 22.74 27.46
N GLU F 209 102.36 23.83 27.64
CA GLU F 209 102.57 24.80 26.58
C GLU F 209 103.92 25.46 26.77
N LYS F 210 104.72 25.48 25.70
CA LYS F 210 106.04 26.10 25.73
C LYS F 210 106.25 26.83 24.41
N THR F 211 106.84 28.03 24.49
CA THR F 211 107.13 28.85 23.33
C THR F 211 108.58 29.31 23.38
N SER F 212 109.25 29.30 22.23
CA SER F 212 110.66 29.68 22.15
C SER F 212 110.89 30.55 20.93
N ASN F 213 111.58 31.67 21.11
CA ASN F 213 111.92 32.59 20.04
C ASN F 213 113.30 33.18 20.30
N PHE F 214 114.07 33.38 19.24
CA PHE F 214 115.42 33.93 19.34
C PHE F 214 115.70 34.84 18.17
N ASN F 215 116.47 35.89 18.43
CA ASN F 215 116.89 36.85 17.41
C ASN F 215 118.40 37.03 17.48
N ALA F 216 119.01 37.38 16.34
CA ALA F 216 120.44 37.64 16.29
C ALA F 216 120.72 38.56 15.10
N ALA F 217 121.05 39.81 15.38
CA ALA F 217 121.35 40.79 14.35
C ALA F 217 122.65 41.50 14.68
N ILE F 218 123.58 41.51 13.72
CA ILE F 218 124.86 42.19 13.85
C ILE F 218 125.22 42.77 12.48
N SER F 219 125.59 44.05 12.46
CA SER F 219 125.94 44.76 11.23
C SER F 219 127.36 45.29 11.32
N LEU F 220 128.06 45.28 10.18
CA LEU F 220 129.43 45.75 10.09
C LEU F 220 129.59 46.68 8.90
N LYS F 221 130.28 47.80 9.11
CA LYS F 221 130.51 48.76 8.05
C LYS F 221 131.89 49.39 8.25
N PHE F 222 132.61 49.58 7.15
CA PHE F 222 133.95 50.17 7.20
C PHE F 222 134.14 51.08 6.00
N THR F 223 134.52 52.33 6.27
CA THR F 223 134.77 53.31 5.22
C THR F 223 135.80 54.31 5.74
N PRO F 224 137.07 54.17 5.33
CA PRO F 224 138.13 55.08 5.76
C PRO F 224 138.08 56.42 5.04
N SER F 242 139.95 54.85 -2.87
CA SER F 242 138.64 54.73 -2.22
C SER F 242 138.44 53.33 -1.66
N LEU F 243 137.80 53.25 -0.50
CA LEU F 243 137.54 51.98 0.15
C LEU F 243 136.21 52.05 0.88
N HIS F 244 135.36 51.04 0.67
CA HIS F 244 134.04 51.00 1.28
C HIS F 244 133.73 49.57 1.70
N GLY F 245 132.98 49.44 2.79
CA GLY F 245 132.57 48.14 3.28
C GLY F 245 131.24 48.18 4.01
N LYS F 246 130.40 47.18 3.77
CA LYS F 246 129.09 47.11 4.41
C LYS F 246 128.69 45.66 4.59
N GLY F 247 128.30 45.31 5.81
CA GLY F 247 127.84 43.96 6.11
C GLY F 247 126.75 43.96 7.16
N SER F 248 125.74 43.10 6.98
CA SER F 248 124.61 43.04 7.90
C SER F 248 124.19 41.59 8.06
N PHE F 249 124.16 41.12 9.31
CA PHE F 249 123.74 39.76 9.62
C PHE F 249 122.36 39.81 10.30
N ARG F 250 121.50 38.86 9.94
CA ARG F 250 120.19 38.74 10.55
C ARG F 250 119.91 37.26 10.81
N PHE F 251 119.12 37.00 11.84
CA PHE F 251 118.83 35.63 12.26
C PHE F 251 117.52 35.61 13.02
N SER F 252 116.75 34.54 12.83
CA SER F 252 115.45 34.38 13.49
C SER F 252 115.33 32.95 14.00
N TYR F 253 114.33 32.73 14.86
CA TYR F 253 114.09 31.43 15.45
C TYR F 253 112.69 31.40 16.04
N SER F 254 111.95 30.34 15.74
CA SER F 254 110.58 30.19 16.21
C SER F 254 110.34 28.74 16.61
N LYS F 255 109.60 28.55 17.71
CA LYS F 255 109.36 27.22 18.25
C LYS F 255 108.26 27.23 19.31
N ASN F 256 107.32 26.28 19.21
CA ASN F 256 106.43 26.01 20.33
C ASN F 256 106.08 24.53 20.37
N GLU F 257 105.89 24.00 21.57
CA GLU F 257 105.55 22.59 21.78
C GLU F 257 104.46 22.52 22.85
N THR F 258 103.22 22.37 22.41
CA THR F 258 102.08 22.24 23.31
C THR F 258 101.73 20.77 23.50
N TYR F 259 101.42 20.41 24.75
CA TYR F 259 101.04 19.05 25.10
C TYR F 259 99.64 19.05 25.70
N GLN F 260 98.94 17.93 25.52
CA GLN F 260 97.60 17.76 26.06
C GLN F 260 97.43 16.34 26.56
N LEU F 261 96.89 16.22 27.76
CA LEU F 261 96.64 14.93 28.39
C LEU F 261 95.27 14.94 29.04
N PHE F 262 94.54 13.84 28.88
CA PHE F 262 93.21 13.70 29.44
C PHE F 262 93.02 12.26 29.89
N LEU F 263 92.46 12.08 31.07
CA LEU F 263 92.23 10.77 31.65
C LEU F 263 90.90 10.74 32.37
N SER F 264 90.16 9.65 32.20
CA SER F 264 88.85 9.49 32.82
C SER F 264 88.67 8.05 33.25
N TYR F 265 87.92 7.87 34.34
CA TYR F 265 87.65 6.54 34.89
C TYR F 265 86.27 6.56 35.54
N SER F 266 85.53 5.47 35.37
CA SER F 266 84.19 5.36 35.92
C SER F 266 83.84 3.89 36.12
N SER F 267 83.19 3.59 37.23
CA SER F 267 82.76 2.22 37.52
C SER F 267 81.54 2.25 38.42
N LYS F 268 80.60 1.36 38.15
CA LYS F 268 79.37 1.26 38.91
C LYS F 268 79.08 -0.20 39.23
N LYS F 269 78.64 -0.45 40.46
CA LYS F 269 78.33 -1.81 40.91
C LYS F 269 77.03 -1.79 41.69
N GLU F 270 76.21 -2.82 41.48
CA GLU F 270 74.93 -2.96 42.15
C GLU F 270 74.70 -4.42 42.51
N LYS F 271 74.10 -4.65 43.67
CA LYS F 271 73.82 -6.01 44.13
C LYS F 271 72.47 -6.03 44.83
N MET F 272 71.70 -7.09 44.56
CA MET F 272 70.37 -7.24 45.14
C MET F 272 70.22 -8.67 45.65
N PHE F 273 69.72 -8.79 46.87
CA PHE F 273 69.50 -10.10 47.49
C PHE F 273 68.16 -10.07 48.21
N LEU F 274 67.28 -11.01 47.85
CA LEU F 274 65.94 -11.08 48.43
C LEU F 274 65.43 -12.50 48.34
N HIS F 275 64.73 -12.94 49.38
CA HIS F 275 64.16 -14.28 49.41
C HIS F 275 62.96 -14.30 50.34
N VAL F 276 62.14 -15.34 50.19
CA VAL F 276 60.94 -15.51 50.99
C VAL F 276 60.74 -16.99 51.28
N LYS F 277 60.14 -17.27 52.43
CA LYS F 277 59.90 -18.64 52.85
C LYS F 277 58.59 -18.71 53.63
N GLY F 278 57.83 -19.78 53.41
CA GLY F 278 56.57 -19.97 54.10
C GLY F 278 56.31 -21.42 54.42
N GLU F 279 55.71 -21.68 55.59
CA GLU F 279 55.43 -23.05 56.03
C GLU F 279 54.02 -23.10 56.60
N ILE F 280 53.18 -23.95 56.01
CA ILE F 280 51.81 -24.15 56.47
C ILE F 280 51.82 -25.44 57.29
N HIS F 281 51.84 -25.29 58.61
CA HIS F 281 51.84 -26.44 59.49
C HIS F 281 50.45 -27.06 59.57
N LEU F 282 50.40 -28.40 59.59
CA LEU F 282 49.15 -29.14 59.60
C LEU F 282 48.93 -29.89 60.90
N GLY F 283 49.87 -30.74 61.29
CA GLY F 283 49.72 -31.53 62.50
C GLY F 283 51.07 -31.91 63.08
N ARG F 284 51.03 -32.31 64.35
CA ARG F 284 52.25 -32.64 65.08
C ARG F 284 52.00 -33.87 65.94
N PHE F 285 53.02 -34.72 66.05
CA PHE F 285 52.92 -35.95 66.82
C PHE F 285 54.23 -36.16 67.58
N VAL F 286 54.15 -36.95 68.64
CA VAL F 286 55.31 -37.32 69.44
C VAL F 286 55.22 -38.83 69.71
N MET F 287 56.16 -39.59 69.16
CA MET F 287 56.20 -41.02 69.38
C MET F 287 56.60 -41.32 70.82
N ARG F 288 55.93 -42.31 71.42
CA ARG F 288 56.29 -42.75 72.75
C ARG F 288 57.68 -43.36 72.74
N ASN F 289 58.53 -42.93 73.67
CA ASN F 289 59.93 -43.32 73.63
C ASN F 289 60.11 -44.79 74.03
N ARG F 290 59.57 -45.17 75.19
CA ARG F 290 59.70 -46.53 75.69
C ARG F 290 58.31 -47.16 75.80
N ASP F 291 58.31 -48.50 75.96
CA ASP F 291 57.08 -49.29 76.05
C ASP F 291 56.24 -49.13 74.77
N VAL F 292 56.90 -49.32 73.63
CA VAL F 292 56.27 -49.19 72.32
C VAL F 292 56.39 -50.53 71.60
N VAL F 293 55.39 -50.83 70.76
CA VAL F 293 55.35 -52.07 70.01
C VAL F 293 56.01 -51.86 68.65
N LEU F 294 56.54 -52.95 68.10
CA LEU F 294 57.24 -52.93 66.83
C LEU F 294 56.56 -53.87 65.85
N THR F 295 56.94 -53.75 64.57
CA THR F 295 56.37 -54.56 63.51
C THR F 295 57.09 -55.89 63.40
N THR F 296 56.40 -56.89 62.86
CA THR F 296 56.97 -58.22 62.72
C THR F 296 58.15 -58.26 61.76
N THR F 297 58.22 -57.32 60.80
CA THR F 297 59.33 -57.30 59.87
C THR F 297 60.61 -56.82 60.55
N PHE F 298 60.51 -55.75 61.34
CA PHE F 298 61.68 -55.22 62.02
C PHE F 298 62.15 -56.15 63.14
N VAL F 299 61.21 -56.73 63.89
CA VAL F 299 61.57 -57.65 64.97
C VAL F 299 62.28 -58.87 64.41
N ASP F 300 61.81 -59.39 63.28
CA ASP F 300 62.48 -60.53 62.65
C ASP F 300 63.90 -60.16 62.21
N ASP F 301 64.10 -58.91 61.78
CA ASP F 301 65.44 -58.46 61.43
C ASP F 301 66.33 -58.36 62.67
N ILE F 302 65.77 -57.90 63.79
CA ILE F 302 66.54 -57.83 65.03
C ILE F 302 66.74 -59.23 65.59
N LYS F 303 65.77 -60.12 65.42
CA LYS F 303 65.95 -61.51 65.85
C LYS F 303 66.99 -62.22 65.00
N ALA F 304 66.91 -62.06 63.68
CA ALA F 304 67.93 -62.60 62.77
C ALA F 304 68.99 -61.53 62.53
N LEU F 305 69.78 -61.30 63.57
CA LEU F 305 70.81 -60.27 63.58
C LEU F 305 72.05 -60.82 64.28
N PRO F 306 73.24 -60.54 63.75
CA PRO F 306 74.46 -61.06 64.38
C PRO F 306 74.77 -60.36 65.71
N THR F 307 75.81 -60.84 66.39
CA THR F 307 76.20 -60.26 67.67
C THR F 307 77.70 -60.11 67.81
N THR F 308 78.48 -60.27 66.74
CA THR F 308 79.93 -60.18 66.80
C THR F 308 80.45 -58.99 66.01
N TYR F 309 79.71 -57.88 66.01
CA TYR F 309 80.08 -56.66 65.32
C TYR F 309 80.29 -56.92 63.83
N GLU F 310 79.20 -57.30 63.16
CA GLU F 310 79.20 -57.49 61.71
C GLU F 310 78.89 -56.15 61.06
N LYS F 311 79.94 -55.35 60.84
CA LYS F 311 79.77 -54.04 60.20
C LYS F 311 79.18 -54.17 58.80
N GLY F 312 79.46 -55.27 58.10
CA GLY F 312 78.93 -55.43 56.75
C GLY F 312 77.42 -55.50 56.72
N GLU F 313 76.84 -56.36 57.57
CA GLU F 313 75.39 -56.46 57.63
C GLU F 313 74.77 -55.25 58.31
N TYR F 314 75.45 -54.70 59.33
CA TYR F 314 74.93 -53.53 60.02
C TYR F 314 74.85 -52.34 59.09
N PHE F 315 75.87 -52.15 58.24
CA PHE F 315 75.80 -51.09 57.23
C PHE F 315 74.68 -51.38 56.23
N ALA F 316 74.45 -52.66 55.92
CA ALA F 316 73.33 -53.01 55.06
C ALA F 316 72.00 -52.82 55.79
N PHE F 317 71.94 -53.24 57.05
CA PHE F 317 70.74 -53.02 57.85
C PHE F 317 70.50 -51.54 58.10
N LEU F 318 71.57 -50.74 58.10
CA LEU F 318 71.44 -49.31 58.36
C LEU F 318 70.69 -48.61 57.23
N GLU F 319 70.94 -49.01 55.99
CA GLU F 319 70.25 -48.39 54.86
C GLU F 319 68.78 -48.80 54.79
N THR F 320 68.45 -49.97 55.33
CA THR F 320 67.07 -50.47 55.22
C THR F 320 66.10 -49.64 56.05
N TYR F 321 66.46 -49.33 57.29
CA TYR F 321 65.57 -48.61 58.20
C TYR F 321 66.16 -47.27 58.63
N GLY F 322 67.10 -46.73 57.87
CA GLY F 322 67.72 -45.46 58.23
C GLY F 322 68.67 -45.59 59.41
N THR F 323 69.28 -44.46 59.75
CA THR F 323 70.23 -44.41 60.85
C THR F 323 69.56 -44.09 62.19
N HIS F 324 68.61 -43.17 62.20
CA HIS F 324 67.92 -42.77 63.42
C HIS F 324 66.49 -42.36 63.07
N TYR F 325 65.55 -42.72 63.93
CA TYR F 325 64.14 -42.46 63.67
C TYR F 325 63.74 -41.11 64.25
N SER F 326 62.48 -40.73 64.02
CA SER F 326 61.95 -39.45 64.46
C SER F 326 61.16 -39.65 65.75
N SER F 327 61.57 -38.95 66.81
CA SER F 327 60.82 -38.98 68.05
C SER F 327 59.58 -38.09 67.98
N SER F 328 59.65 -36.99 67.22
CA SER F 328 58.51 -36.09 67.05
C SER F 328 58.60 -35.44 65.69
N GLY F 329 57.50 -35.44 64.95
CA GLY F 329 57.46 -34.85 63.63
C GLY F 329 56.47 -33.72 63.51
N SER F 330 56.29 -33.20 62.29
CA SER F 330 55.35 -32.11 62.04
C SER F 330 54.82 -32.26 60.63
N LEU F 331 53.63 -32.85 60.51
CA LEU F 331 53.01 -33.06 59.21
C LEU F 331 52.56 -31.72 58.62
N GLY F 332 52.67 -31.60 57.30
CA GLY F 332 52.30 -30.37 56.62
C GLY F 332 52.98 -30.17 55.29
N GLY F 333 53.62 -29.01 55.12
CA GLY F 333 54.31 -28.70 53.88
C GLY F 333 54.81 -27.27 53.87
N LEU F 334 55.93 -27.02 53.21
CA LEU F 334 56.52 -25.68 53.16
C LEU F 334 56.99 -25.38 51.74
N TYR F 335 57.10 -24.09 51.45
CA TYR F 335 57.62 -23.61 50.17
C TYR F 335 58.62 -22.50 50.42
N GLU F 336 59.54 -22.33 49.48
CA GLU F 336 60.58 -21.31 49.61
C GLU F 336 60.90 -20.73 48.24
N LEU F 337 61.36 -19.49 48.24
CA LEU F 337 61.78 -18.80 47.03
C LEU F 337 63.03 -17.99 47.32
N ILE F 338 64.02 -18.10 46.43
CA ILE F 338 65.30 -17.42 46.60
C ILE F 338 65.66 -16.74 45.29
N TYR F 339 66.08 -15.48 45.37
CA TYR F 339 66.47 -14.71 44.20
C TYR F 339 67.75 -13.95 44.50
N VAL F 340 68.61 -13.84 43.50
CA VAL F 340 69.89 -13.15 43.64
C VAL F 340 70.11 -12.27 42.41
N LEU F 341 70.91 -11.22 42.59
CA LEU F 341 71.22 -10.30 41.51
C LEU F 341 72.54 -9.61 41.81
N ASP F 342 73.36 -9.43 40.77
CA ASP F 342 74.64 -8.76 40.90
C ASP F 342 74.93 -7.98 39.63
N LYS F 343 75.43 -6.76 39.79
CA LYS F 343 75.72 -5.87 38.68
C LYS F 343 77.10 -5.25 38.88
N ALA F 344 77.86 -5.14 37.79
CA ALA F 344 79.19 -4.55 37.84
C ALA F 344 79.49 -3.87 36.51
N SER F 345 80.16 -2.73 36.57
CA SER F 345 80.51 -1.97 35.38
C SER F 345 81.85 -1.28 35.59
N MET F 346 82.60 -1.11 34.51
CA MET F 346 83.90 -0.46 34.56
C MET F 346 84.13 0.32 33.28
N LYS F 347 84.61 1.55 33.41
CA LYS F 347 84.91 2.42 32.27
C LYS F 347 86.16 3.22 32.56
N ARG F 348 87.02 3.35 31.56
CA ARG F 348 88.25 4.12 31.69
C ARG F 348 88.54 4.79 30.35
N LYS F 349 88.88 6.08 30.41
CA LYS F 349 89.14 6.87 29.21
C LYS F 349 90.44 7.63 29.36
N GLY F 350 91.24 7.62 28.30
CA GLY F 350 92.49 8.37 28.28
C GLY F 350 92.74 8.99 26.92
N VAL F 351 93.04 10.29 26.89
CA VAL F 351 93.26 11.03 25.66
C VAL F 351 94.60 11.75 25.76
N GLU F 352 95.42 11.59 24.72
CA GLU F 352 96.74 12.20 24.66
C GLU F 352 96.91 12.92 23.33
N LEU F 353 97.36 14.17 23.38
CA LEU F 353 97.61 14.95 22.18
C LEU F 353 98.94 15.69 22.34
N LYS F 354 99.78 15.61 21.32
CA LYS F 354 101.11 16.20 21.34
C LYS F 354 101.38 16.89 20.02
N ASP F 355 101.79 18.15 20.08
CA ASP F 355 102.09 18.93 18.88
C ASP F 355 103.31 19.80 19.14
N ILE F 356 104.26 19.76 18.20
CA ILE F 356 105.51 20.50 18.31
C ILE F 356 105.77 21.23 17.00
N LYS F 357 106.06 22.53 17.09
CA LYS F 357 106.45 23.33 15.93
C LYS F 357 107.74 24.06 16.27
N ARG F 358 108.68 24.05 15.32
CA ARG F 358 109.95 24.76 15.49
C ARG F 358 110.46 25.16 14.11
N CYS F 359 110.79 26.44 13.94
CA CYS F 359 111.27 26.95 12.67
C CYS F 359 112.50 27.82 12.87
N LEU F 360 113.32 27.91 11.82
CA LEU F 360 114.58 28.63 11.85
C LEU F 360 114.61 29.67 10.75
N GLY F 361 115.19 30.82 11.04
CA GLY F 361 115.31 31.90 10.07
C GLY F 361 116.68 32.55 10.07
N TYR F 362 117.21 32.81 8.88
CA TYR F 362 118.54 33.42 8.76
C TYR F 362 118.57 34.31 7.53
N HIS F 363 119.16 35.50 7.69
CA HIS F 363 119.27 36.47 6.60
C HIS F 363 120.68 37.06 6.63
N LEU F 364 121.39 36.93 5.51
CA LEU F 364 122.75 37.44 5.39
C LEU F 364 122.84 38.30 4.14
N ASP F 365 123.37 39.51 4.29
CA ASP F 365 123.56 40.42 3.18
C ASP F 365 124.84 41.21 3.38
N VAL F 366 125.73 41.16 2.39
CA VAL F 366 127.01 41.86 2.43
C VAL F 366 127.18 42.60 1.11
N SER F 367 127.54 43.88 1.19
CA SER F 367 127.76 44.71 0.01
C SER F 367 129.08 45.45 0.15
N LEU F 368 129.93 45.35 -0.86
CA LEU F 368 131.24 45.98 -0.84
C LEU F 368 131.39 46.90 -2.04
N ALA F 369 132.09 48.00 -1.83
CA ALA F 369 132.35 48.98 -2.88
C ALA F 369 133.81 49.42 -2.80
N PHE F 370 134.39 49.68 -3.97
CA PHE F 370 135.79 50.08 -4.04
C PHE F 370 136.00 51.19 -5.05
N SER F 371 137.85 54.94 -10.86
CA SER F 371 137.80 53.52 -10.52
C SER F 371 136.55 53.22 -9.69
N GLU F 372 135.79 52.21 -10.13
CA GLU F 372 134.57 51.80 -9.46
C GLU F 372 134.48 50.29 -9.44
N ILE F 373 134.31 49.72 -8.25
CA ILE F 373 134.15 48.28 -8.06
C ILE F 373 133.01 48.06 -7.08
N SER F 374 132.12 47.13 -7.41
CA SER F 374 130.97 46.81 -6.57
C SER F 374 130.92 45.31 -6.35
N VAL F 375 130.80 44.90 -5.09
CA VAL F 375 130.71 43.49 -4.71
C VAL F 375 129.49 43.32 -3.81
N GLY F 376 128.69 42.30 -4.12
CA GLY F 376 127.49 42.03 -3.36
C GLY F 376 127.41 40.58 -2.94
N ALA F 377 126.66 40.35 -1.87
CA ALA F 377 126.46 39.01 -1.34
C ALA F 377 125.16 38.97 -0.55
N GLU F 378 124.38 37.91 -0.75
CA GLU F 378 123.12 37.74 -0.05
C GLU F 378 122.82 36.26 0.11
N PHE F 379 122.77 35.79 1.36
CA PHE F 379 122.46 34.39 1.68
C PHE F 379 121.34 34.38 2.70
N ASN F 380 120.26 33.67 2.39
CA ASN F 380 119.11 33.59 3.29
C ASN F 380 118.71 32.14 3.47
N LYS F 381 118.53 31.73 4.73
CA LYS F 381 118.19 30.37 5.08
C LYS F 381 116.88 30.34 5.86
N ASP F 382 116.00 29.40 5.50
CA ASP F 382 114.72 29.23 6.17
C ASP F 382 114.44 27.74 6.31
N ASP F 383 114.06 27.32 7.51
CA ASP F 383 113.75 25.92 7.77
C ASP F 383 112.79 25.82 8.95
N CYS F 384 111.65 25.17 8.73
CA CYS F 384 110.65 24.97 9.76
C CYS F 384 110.42 23.47 9.96
N VAL F 385 110.09 23.09 11.19
CA VAL F 385 109.85 21.70 11.55
C VAL F 385 108.59 21.63 12.40
N LYS F 386 107.73 20.65 12.12
CA LYS F 386 106.53 20.41 12.89
C LYS F 386 106.42 18.93 13.24
N ARG F 387 105.94 18.64 14.45
CA ARG F 387 105.72 17.28 14.90
C ARG F 387 104.37 17.19 15.59
N GLY F 388 103.68 16.08 15.37
CA GLY F 388 102.37 15.89 15.95
C GLY F 388 102.18 14.46 16.40
N GLU F 389 101.43 14.29 17.49
CA GLU F 389 101.16 12.97 18.05
C GLU F 389 99.81 12.98 18.74
N GLY F 390 99.06 11.89 18.57
CA GLY F 390 97.76 11.76 19.19
C GLY F 390 97.51 10.34 19.69
N ARG F 391 96.83 10.22 20.84
CA ARG F 391 96.54 8.92 21.41
C ARG F 391 95.21 8.99 22.16
N ALA F 392 94.45 7.89 22.10
CA ALA F 392 93.17 7.80 22.79
C ALA F 392 93.01 6.42 23.40
N VAL F 393 92.31 6.37 24.53
CA VAL F 393 92.04 5.12 25.24
C VAL F 393 90.58 5.13 25.66
N ASN F 394 89.84 4.08 25.26
CA ASN F 394 88.41 3.98 25.52
C ASN F 394 88.10 2.52 25.79
N ILE F 395 87.83 2.17 27.04
CA ILE F 395 87.62 0.78 27.44
C ILE F 395 86.42 0.72 28.39
N THR F 396 85.39 -0.02 28.00
CA THR F 396 84.19 -0.20 28.79
C THR F 396 83.98 -1.69 29.08
N SER F 397 83.66 -2.00 30.34
CA SER F 397 83.40 -3.38 30.75
C SER F 397 82.23 -3.40 31.72
N GLU F 398 81.34 -4.38 31.54
CA GLU F 398 80.15 -4.52 32.37
C GLU F 398 79.85 -5.99 32.60
N ASN F 399 79.47 -6.33 33.82
CA ASN F 399 79.15 -7.70 34.20
C ASN F 399 77.82 -7.74 34.94
N LEU F 400 77.03 -8.77 34.65
CA LEU F 400 75.71 -8.94 35.26
C LEU F 400 75.56 -10.40 35.70
N ILE F 401 74.99 -10.60 36.88
CA ILE F 401 74.78 -11.93 37.44
C ILE F 401 73.39 -11.96 38.07
N ASP F 402 72.62 -13.01 37.77
CA ASP F 402 71.28 -13.18 38.32
C ASP F 402 71.04 -14.66 38.59
N ASP F 403 70.47 -14.96 39.76
CA ASP F 403 70.19 -16.34 40.15
C ASP F 403 68.83 -16.39 40.84
N VAL F 404 68.08 -17.45 40.55
CA VAL F 404 66.75 -17.65 41.13
C VAL F 404 66.56 -19.12 41.43
N VAL F 405 65.90 -19.42 42.55
CA VAL F 405 65.63 -20.79 42.96
C VAL F 405 64.35 -20.80 43.79
N SER F 406 63.65 -21.94 43.77
CA SER F 406 62.41 -22.08 44.51
C SER F 406 62.13 -23.56 44.71
N LEU F 407 61.25 -23.86 45.68
CA LEU F 407 60.89 -25.22 46.00
C LEU F 407 59.52 -25.23 46.68
N ILE F 408 58.83 -26.36 46.57
CA ILE F 408 57.52 -26.52 47.18
C ILE F 408 57.27 -28.01 47.36
N ARG F 409 56.36 -28.36 48.29
CA ARG F 409 56.04 -29.75 48.56
C ARG F 409 54.73 -29.81 49.34
N GLY F 410 54.07 -30.96 49.26
CA GLY F 410 52.85 -31.20 49.99
C GLY F 410 51.61 -30.99 49.14
N GLY F 411 50.49 -31.55 49.60
CA GLY F 411 49.22 -31.40 48.93
C GLY F 411 49.09 -32.24 47.67
N THR F 412 47.91 -32.28 47.08
CA THR F 412 47.73 -33.00 45.83
C THR F 412 48.52 -32.31 44.72
N ARG F 413 48.86 -33.10 43.69
CA ARG F 413 49.74 -32.59 42.65
C ARG F 413 49.06 -31.53 41.79
N LYS F 414 47.73 -31.56 41.70
CA LYS F 414 47.02 -30.57 40.91
C LYS F 414 47.09 -29.19 41.55
N TYR F 415 46.67 -29.08 42.81
CA TYR F 415 46.63 -27.77 43.47
C TYR F 415 48.01 -27.28 43.84
N ALA F 416 48.96 -28.19 44.12
CA ALA F 416 50.28 -27.77 44.56
C ALA F 416 51.02 -27.00 43.47
N PHE F 417 51.06 -27.55 42.26
CA PHE F 417 51.81 -26.93 41.17
C PHE F 417 51.02 -25.84 40.47
N GLU F 418 49.70 -25.78 40.65
CA GLU F 418 48.96 -24.60 40.24
C GLU F 418 49.39 -23.39 41.06
N LEU F 419 49.73 -23.61 42.33
CA LEU F 419 50.32 -22.55 43.14
C LEU F 419 51.74 -22.22 42.66
N LYS F 420 52.47 -23.23 42.19
CA LYS F 420 53.86 -23.03 41.78
C LYS F 420 53.93 -22.16 40.52
N GLU F 421 53.08 -22.42 39.54
CA GLU F 421 53.13 -21.68 38.29
C GLU F 421 52.74 -20.21 38.49
N LYS F 422 51.79 -19.94 39.37
CA LYS F 422 51.30 -18.58 39.56
C LYS F 422 52.16 -17.78 40.53
N LEU F 423 52.93 -18.45 41.40
CA LEU F 423 53.80 -17.73 42.32
C LEU F 423 55.05 -17.22 41.61
N LEU F 424 55.60 -18.02 40.69
CA LEU F 424 56.82 -17.65 39.97
C LEU F 424 56.49 -16.62 38.91
N ARG F 425 56.84 -15.36 39.18
CA ARG F 425 56.68 -14.24 38.26
C ARG F 425 55.23 -14.02 37.84
N GLY F 426 54.28 -14.51 38.62
CA GLY F 426 52.87 -14.31 38.31
C GLY F 426 52.38 -12.92 38.66
N THR F 427 52.82 -12.40 39.80
CA THR F 427 52.52 -11.07 40.32
C THR F 427 51.04 -10.88 40.65
N VAL F 428 50.20 -11.91 40.50
CA VAL F 428 48.77 -11.82 40.80
C VAL F 428 48.44 -12.99 41.72
N ILE F 429 48.46 -12.75 43.03
CA ILE F 429 48.14 -13.78 44.00
C ILE F 429 46.63 -13.99 44.02
N ASP F 430 46.20 -15.23 43.82
CA ASP F 430 44.79 -15.57 43.77
C ASP F 430 44.28 -15.90 45.17
N VAL F 431 42.96 -15.80 45.33
CA VAL F 431 42.31 -16.12 46.60
C VAL F 431 41.89 -17.58 46.65
N THR F 432 41.49 -18.15 45.52
CA THR F 432 40.97 -19.50 45.50
C THR F 432 42.07 -20.57 45.54
N ASP F 433 43.24 -20.27 44.98
CA ASP F 433 44.30 -21.27 44.94
C ASP F 433 44.86 -21.56 46.32
N PHE F 434 44.99 -20.53 47.16
CA PHE F 434 45.48 -20.74 48.52
C PHE F 434 44.46 -21.49 49.36
N VAL F 435 43.17 -21.22 49.16
CA VAL F 435 42.14 -21.97 49.84
C VAL F 435 42.13 -23.41 49.36
N ASN F 436 42.29 -23.62 48.06
CA ASN F 436 42.42 -24.98 47.54
C ASN F 436 43.68 -25.64 48.07
N TRP F 437 44.78 -24.87 48.18
CA TRP F 437 46.00 -25.40 48.78
C TRP F 437 45.77 -25.82 50.22
N ALA F 438 44.88 -25.15 50.94
CA ALA F 438 44.58 -25.54 52.31
C ALA F 438 43.92 -26.92 52.36
N SER F 439 42.91 -27.14 51.51
CA SER F 439 42.27 -28.45 51.44
C SER F 439 43.17 -29.47 50.76
N SER F 440 44.08 -29.02 49.89
CA SER F 440 44.98 -29.94 49.21
C SER F 440 45.98 -30.56 50.17
N ILE F 441 46.59 -29.73 51.03
CA ILE F 441 47.59 -30.24 51.96
C ILE F 441 46.97 -31.12 53.04
N ASN F 442 45.65 -31.00 53.27
CA ASN F 442 45.00 -31.83 54.26
C ASN F 442 45.02 -33.30 53.85
N ASP F 443 45.04 -33.58 52.54
CA ASP F 443 45.00 -34.96 52.08
C ASP F 443 46.38 -35.60 52.10
N ALA F 444 47.40 -34.89 51.64
CA ALA F 444 48.77 -35.43 51.56
C ALA F 444 49.74 -34.45 52.20
N PRO F 445 49.99 -34.58 53.50
CA PRO F 445 50.96 -33.70 54.16
C PRO F 445 52.39 -34.21 54.05
N VAL F 446 53.33 -33.49 54.66
CA VAL F 446 54.74 -33.87 54.63
C VAL F 446 55.43 -33.24 55.83
N LEU F 447 56.59 -33.75 56.19
CA LEU F 447 57.31 -33.28 57.37
C LEU F 447 57.76 -31.84 57.20
N ILE F 448 57.74 -31.10 58.30
CA ILE F 448 58.25 -29.73 58.35
C ILE F 448 59.36 -29.66 59.40
N SER F 449 58.99 -29.93 60.65
CA SER F 449 59.93 -29.98 61.76
C SER F 449 59.99 -31.41 62.28
N GLN F 450 61.19 -31.90 62.53
CA GLN F 450 61.40 -33.30 62.88
C GLN F 450 62.36 -33.39 64.05
N LYS F 451 61.88 -33.90 65.18
CA LYS F 451 62.74 -34.19 66.32
C LYS F 451 63.33 -35.59 66.16
N LEU F 452 64.61 -35.72 66.47
CA LEU F 452 65.38 -36.90 66.12
C LEU F 452 65.67 -37.75 67.36
N SER F 453 65.87 -39.04 67.12
CA SER F 453 66.15 -40.00 68.20
C SER F 453 66.88 -41.19 67.61
N PRO F 454 67.92 -41.69 68.27
CA PRO F 454 68.68 -42.82 67.70
C PRO F 454 67.88 -44.10 67.67
N ILE F 455 68.22 -44.96 66.70
CA ILE F 455 67.49 -46.21 66.53
C ILE F 455 67.86 -47.22 67.63
N TYR F 456 69.14 -47.25 68.02
CA TYR F 456 69.57 -48.25 69.00
C TYR F 456 68.88 -48.06 70.35
N ASN F 457 68.20 -46.94 70.58
CA ASN F 457 67.36 -46.80 71.76
C ASN F 457 65.97 -47.40 71.55
N LEU F 458 65.61 -47.74 70.32
CA LEU F 458 64.31 -48.30 70.01
C LEU F 458 64.30 -49.83 70.03
N VAL F 459 65.45 -50.47 70.15
CA VAL F 459 65.53 -51.93 70.17
C VAL F 459 64.71 -52.47 71.34
N PRO F 460 63.93 -53.54 71.16
CA PRO F 460 63.14 -54.06 72.29
C PRO F 460 64.02 -54.63 73.38
N VAL F 461 63.66 -54.33 74.62
CA VAL F 461 64.41 -54.77 75.79
C VAL F 461 64.10 -56.23 76.07
N LYS F 462 64.88 -56.84 76.97
CA LYS F 462 64.72 -58.24 77.41
C LYS F 462 64.51 -59.19 76.25
N MET F 463 65.25 -58.95 75.17
CA MET F 463 65.23 -59.84 74.01
C MET F 463 66.33 -60.90 74.20
N LYS F 464 66.65 -61.63 73.13
CA LYS F 464 67.70 -62.65 73.20
C LYS F 464 69.03 -62.03 73.60
N ASN F 465 69.53 -61.11 72.79
CA ASN F 465 70.80 -60.42 73.04
C ASN F 465 70.63 -58.93 72.80
N ALA F 466 69.58 -58.35 73.41
CA ALA F 466 69.22 -56.96 73.14
C ALA F 466 70.34 -56.00 73.51
N HIS F 467 70.87 -56.13 74.73
CA HIS F 467 71.84 -55.16 75.22
C HIS F 467 73.12 -55.15 74.38
N LEU F 468 73.68 -56.34 74.12
CA LEU F 468 74.92 -56.41 73.35
C LEU F 468 74.71 -55.91 71.93
N LYS F 469 73.57 -56.23 71.33
CA LYS F 469 73.25 -55.70 70.00
C LYS F 469 72.97 -54.21 70.06
N LYS F 470 72.46 -53.71 71.19
CA LYS F 470 72.20 -52.28 71.33
C LYS F 470 73.50 -51.48 71.24
N GLN F 471 74.47 -51.82 72.08
CA GLN F 471 75.77 -51.15 72.01
C GLN F 471 76.49 -51.47 70.72
N ASN F 472 76.19 -52.62 70.11
CA ASN F 472 76.81 -52.98 68.84
C ASN F 472 76.35 -52.05 67.73
N LEU F 473 75.05 -51.78 67.66
CA LEU F 473 74.55 -50.80 66.70
C LEU F 473 74.95 -49.39 67.09
N GLU F 474 75.16 -49.14 68.39
CA GLU F 474 75.65 -47.83 68.82
C GLU F 474 77.04 -47.56 68.25
N ARG F 475 77.90 -48.57 68.25
CA ARG F 475 79.19 -48.45 67.58
C ARG F 475 79.01 -48.33 66.07
N ALA F 476 77.95 -48.92 65.53
CA ALA F 476 77.72 -48.86 64.08
C ALA F 476 77.21 -47.48 63.67
N ILE F 477 76.25 -46.93 64.41
CA ILE F 477 75.71 -45.62 64.06
C ILE F 477 76.76 -44.54 64.24
N GLU F 478 77.67 -44.70 65.20
CA GLU F 478 78.74 -43.73 65.37
C GLU F 478 79.77 -43.85 64.25
N ASP F 479 80.07 -45.08 63.83
CA ASP F 479 81.01 -45.27 62.73
C ASP F 479 80.39 -44.89 61.39
N TYR F 480 79.09 -45.13 61.23
CA TYR F 480 78.42 -44.84 59.96
C TYR F 480 78.54 -43.36 59.60
N ILE F 481 78.18 -42.48 60.53
CA ILE F 481 78.24 -41.05 60.25
C ILE F 481 79.68 -40.59 60.09
N ASN F 482 80.64 -41.31 60.67
CA ASN F 482 82.04 -40.95 60.59
C ASN F 482 82.82 -41.77 59.57
N GLU F 483 82.17 -42.69 58.86
CA GLU F 483 82.86 -43.50 57.87
C GLU F 483 83.03 -42.73 56.56
N PHE F 484 81.92 -42.34 55.94
CA PHE F 484 81.94 -41.61 54.68
C PHE F 484 81.15 -40.32 54.83
N SER F 485 81.75 -39.21 54.43
CA SER F 485 81.13 -37.89 54.51
C SER F 485 82.03 -36.91 53.76
N VAL F 486 81.62 -35.64 53.78
CA VAL F 486 82.44 -34.59 53.17
C VAL F 486 83.74 -34.42 53.95
N ARG F 487 83.73 -34.75 55.23
CA ARG F 487 84.94 -34.62 56.05
C ARG F 487 86.08 -35.49 55.53
N LYS F 488 85.77 -36.66 54.99
CA LYS F 488 86.81 -37.57 54.50
C LYS F 488 87.16 -37.33 53.04
N CYS F 489 86.31 -36.63 52.29
CA CYS F 489 86.59 -36.35 50.89
C CYS F 489 87.59 -35.21 50.78
N HIS F 490 87.83 -34.74 49.56
CA HIS F 490 88.80 -33.68 49.30
C HIS F 490 88.10 -32.33 49.22
N THR F 491 88.86 -31.28 49.53
CA THR F 491 88.32 -29.92 49.53
C THR F 491 88.35 -29.33 48.13
N CYS F 492 87.27 -28.62 47.78
CA CYS F 492 87.16 -27.99 46.47
C CYS F 492 87.93 -26.66 46.48
N GLN F 493 87.82 -25.92 45.39
CA GLN F 493 88.54 -24.66 45.23
C GLN F 493 87.57 -23.48 45.30
N ASN F 494 88.13 -22.32 45.65
CA ASN F 494 87.39 -21.06 45.74
C ASN F 494 86.23 -21.17 46.72
N GLY F 495 86.44 -21.89 47.82
CA GLY F 495 85.41 -22.02 48.84
C GLY F 495 84.15 -22.71 48.38
N GLY F 496 84.25 -23.58 47.37
CA GLY F 496 83.08 -24.26 46.86
C GLY F 496 82.55 -25.27 47.87
N THR F 497 81.27 -25.14 48.23
CA THR F 497 80.66 -26.08 49.17
C THR F 497 80.63 -27.48 48.56
N VAL F 498 81.28 -28.42 49.23
CA VAL F 498 81.40 -29.78 48.73
C VAL F 498 80.22 -30.60 49.23
N ILE F 499 79.60 -31.35 48.32
CA ILE F 499 78.48 -32.22 48.64
C ILE F 499 78.87 -33.66 48.30
N LEU F 500 77.98 -34.59 48.65
CA LEU F 500 78.20 -36.01 48.40
C LEU F 500 76.86 -36.63 48.01
N MET F 501 76.74 -37.00 46.73
CA MET F 501 75.51 -37.57 46.20
C MET F 501 75.85 -38.95 45.60
N ASP F 502 75.83 -39.98 46.45
CA ASP F 502 76.03 -41.37 46.04
C ASP F 502 77.36 -41.53 45.30
N GLY F 503 78.44 -41.26 46.02
CA GLY F 503 79.79 -41.41 45.51
C GLY F 503 80.38 -40.18 44.84
N LYS F 504 79.58 -39.49 44.03
CA LYS F 504 80.05 -38.29 43.34
C LYS F 504 80.29 -37.19 44.36
N CYS F 505 81.56 -36.90 44.64
CA CYS F 505 81.94 -35.88 45.61
C CYS F 505 82.14 -34.54 44.88
N LEU F 506 81.05 -34.03 44.34
CA LEU F 506 81.08 -32.76 43.63
C LEU F 506 81.04 -31.60 44.61
N CYS F 507 81.45 -30.43 44.12
CA CYS F 507 81.47 -29.22 44.93
C CYS F 507 80.68 -28.13 44.22
N ALA F 508 79.74 -27.52 44.93
CA ALA F 508 78.95 -26.43 44.37
C ALA F 508 79.79 -25.17 44.28
N CYS F 509 80.02 -24.68 43.06
CA CYS F 509 80.86 -23.52 42.83
C CYS F 509 80.01 -22.25 42.89
N PRO F 510 80.60 -21.13 43.33
CA PRO F 510 79.82 -19.89 43.46
C PRO F 510 79.27 -19.41 42.12
N PHE F 511 78.44 -18.37 42.21
CA PHE F 511 77.74 -17.88 41.02
C PHE F 511 78.71 -17.27 40.02
N LYS F 512 79.58 -16.38 40.48
CA LYS F 512 80.52 -15.68 39.60
C LYS F 512 81.59 -16.61 39.01
N PHE F 513 81.65 -17.86 39.43
CA PHE F 513 82.67 -18.79 38.97
C PHE F 513 82.03 -19.87 38.09
N GLU F 514 82.87 -20.59 37.36
CA GLU F 514 82.40 -21.59 36.42
C GLU F 514 82.19 -22.91 37.16
N GLY F 515 82.04 -24.01 36.41
CA GLY F 515 81.55 -25.27 36.94
C GLY F 515 82.56 -26.15 37.65
N ILE F 516 82.61 -27.42 37.24
CA ILE F 516 83.30 -28.47 37.99
C ILE F 516 84.73 -28.05 38.33
N ALA F 517 85.16 -28.45 39.54
CA ALA F 517 86.53 -28.32 40.03
C ALA F 517 86.92 -26.87 40.32
N CYS F 518 86.06 -25.92 39.96
CA CYS F 518 86.29 -24.50 40.19
C CYS F 518 87.70 -24.08 39.76
N GLU F 519 88.09 -24.54 38.57
CA GLU F 519 89.42 -24.25 38.04
C GLU F 519 89.40 -23.02 37.13
N ILE F 520 88.60 -23.07 36.06
CA ILE F 520 88.49 -21.95 35.14
C ILE F 520 87.55 -20.90 35.73
N SER F 521 87.93 -19.63 35.59
CA SER F 521 87.23 -18.56 36.28
C SER F 521 85.95 -18.15 35.58
N LYS F 522 86.05 -17.78 34.30
CA LYS F 522 84.93 -17.25 33.52
C LYS F 522 84.35 -16.00 34.21
N GLN F 523 85.19 -14.97 34.31
CA GLN F 523 84.81 -13.72 34.95
C GLN F 523 83.89 -12.90 34.05
N LYS F 524 85.50 -13.71 31.14
CA LYS F 524 86.93 -13.86 31.41
C LYS F 524 87.59 -12.51 31.64
N ILE F 525 88.80 -12.35 31.13
CA ILE F 525 89.57 -11.12 31.25
C ILE F 525 89.67 -10.48 29.88
N SER F 526 89.56 -9.15 29.84
CA SER F 526 89.62 -8.42 28.57
C SER F 526 91.06 -8.29 28.10
N GLU F 527 91.28 -8.54 26.82
CA GLU F 527 92.59 -8.44 26.20
C GLU F 527 92.56 -7.34 25.15
N GLY F 528 93.58 -6.48 25.16
CA GLY F 528 93.67 -5.41 24.18
C GLY F 528 95.01 -5.38 23.47
N LEU F 529 94.98 -5.36 22.15
CA LEU F 529 96.21 -5.31 21.34
C LEU F 529 96.18 -4.11 20.41
N PRO F 530 96.95 -3.06 20.69
CA PRO F 530 96.99 -1.89 19.79
C PRO F 530 97.94 -2.03 18.61
N ALA F 531 98.41 -3.24 18.29
CA ALA F 531 99.35 -3.43 17.21
C ALA F 531 98.68 -3.15 15.86
N LEU F 532 99.49 -2.68 14.91
CA LEU F 532 98.98 -2.40 13.58
C LEU F 532 98.64 -3.72 12.87
N GLU F 533 97.49 -3.78 12.19
CA GLU F 533 97.12 -5.02 11.50
C GLU F 533 98.04 -5.31 10.33
N PHE F 534 98.45 -6.58 10.22
CA PHE F 534 99.36 -6.97 9.15
C PHE F 534 98.68 -6.89 7.79
N PRO F 535 97.43 -7.34 7.69
CA PRO F 535 96.70 -7.30 6.43
C PRO F 535 95.20 -7.12 6.67
N SER G 18 92.83 -39.55 10.70
CA SER G 18 93.66 -40.74 10.82
C SER G 18 92.79 -41.99 10.90
N HIS G 19 93.01 -42.91 9.95
CA HIS G 19 92.25 -44.17 9.89
C HIS G 19 92.84 -45.14 10.91
N ILE G 20 92.49 -44.93 12.17
CA ILE G 20 92.96 -45.77 13.25
C ILE G 20 92.15 -47.07 13.26
N ASP G 21 92.86 -48.19 13.15
CA ASP G 21 92.23 -49.49 13.16
C ASP G 21 92.05 -49.98 14.61
N CYS G 22 91.34 -51.09 14.76
CA CYS G 22 91.04 -51.65 16.08
C CYS G 22 91.95 -52.85 16.32
N ARG G 23 92.96 -52.67 17.17
CA ARG G 23 93.79 -53.77 17.63
C ARG G 23 93.03 -54.49 18.75
N MET G 24 92.12 -55.37 18.34
CA MET G 24 91.14 -55.98 19.23
C MET G 24 91.11 -57.49 19.05
N SER G 25 92.28 -58.11 19.05
CA SER G 25 92.30 -59.58 18.98
C SER G 25 93.42 -60.21 19.80
N PRO G 26 93.55 -59.92 21.12
CA PRO G 26 94.44 -60.72 21.96
C PRO G 26 93.73 -61.98 22.44
N TRP G 27 94.16 -63.13 21.93
CA TRP G 27 93.53 -64.40 22.25
C TRP G 27 94.22 -65.06 23.43
N SER G 28 93.44 -65.83 24.19
CA SER G 28 93.91 -66.54 25.37
C SER G 28 93.86 -68.04 25.14
N GLU G 29 94.30 -68.78 26.16
CA GLU G 29 94.35 -70.24 26.10
C GLU G 29 93.03 -70.84 26.56
N TRP G 30 92.70 -71.99 25.97
CA TRP G 30 91.49 -72.73 26.36
C TRP G 30 91.60 -73.19 27.80
N SER G 31 90.60 -72.84 28.61
CA SER G 31 90.57 -73.25 30.01
C SER G 31 89.92 -74.63 30.13
N GLN G 32 89.71 -75.06 31.37
CA GLN G 32 89.10 -76.36 31.62
C GLN G 32 87.61 -76.31 31.31
N CYS G 33 87.09 -77.43 30.79
CA CYS G 33 85.67 -77.52 30.46
C CYS G 33 84.82 -77.56 31.72
N ASP G 34 83.60 -77.07 31.60
CA ASP G 34 82.65 -77.10 32.71
C ASP G 34 81.84 -78.38 32.64
N PRO G 35 81.85 -79.22 33.68
CA PRO G 35 81.08 -80.47 33.61
C PRO G 35 79.57 -80.25 33.63
N CYS G 36 79.10 -79.44 34.57
CA CYS G 36 77.67 -79.24 34.72
C CYS G 36 77.13 -78.24 33.70
N LEU G 37 77.85 -77.14 33.48
CA LEU G 37 77.40 -76.13 32.53
C LEU G 37 77.62 -76.56 31.08
N ARG G 38 78.62 -77.41 30.83
CA ARG G 38 78.93 -77.92 29.49
C ARG G 38 79.25 -76.76 28.53
N GLN G 39 80.32 -76.04 28.86
CA GLN G 39 80.73 -74.89 28.09
C GLN G 39 82.23 -74.68 28.27
N MET G 40 82.87 -74.11 27.23
CA MET G 40 84.28 -73.77 27.27
C MET G 40 84.44 -72.25 27.34
N PHE G 41 85.67 -71.83 27.63
CA PHE G 41 85.98 -70.44 27.97
C PHE G 41 87.17 -69.92 27.18
N ARG G 42 87.12 -70.04 25.87
CA ARG G 42 88.06 -69.29 25.04
C ARG G 42 87.89 -67.81 25.31
N SER G 43 88.92 -67.19 25.87
CA SER G 43 88.83 -65.81 26.37
C SER G 43 89.36 -64.82 25.35
N ARG G 44 89.14 -63.54 25.65
CA ARG G 44 89.54 -62.46 24.76
C ARG G 44 89.53 -61.17 25.58
N SER G 45 89.95 -60.07 24.95
CA SER G 45 89.99 -58.78 25.62
C SER G 45 89.97 -57.68 24.57
N ILE G 46 89.38 -56.55 24.93
CA ILE G 46 89.30 -55.37 24.06
C ILE G 46 90.42 -54.41 24.44
N GLU G 47 91.09 -53.88 23.42
CA GLU G 47 92.24 -53.00 23.63
C GLU G 47 92.06 -51.63 23.01
N VAL G 48 91.66 -51.55 21.74
CA VAL G 48 91.61 -50.30 21.00
C VAL G 48 90.25 -50.16 20.34
N PHE G 49 89.62 -48.99 20.50
CA PHE G 49 88.34 -48.69 19.86
C PHE G 49 88.52 -48.05 18.49
N GLY G 50 89.20 -46.91 18.45
CA GLY G 50 89.27 -46.11 17.24
C GLY G 50 88.57 -44.77 17.43
N GLN G 51 89.36 -43.71 17.65
CA GLN G 51 88.80 -42.41 18.01
C GLN G 51 88.22 -41.65 16.83
N PHE G 52 88.56 -42.04 15.60
CA PHE G 52 88.21 -41.26 14.42
C PHE G 52 87.23 -42.05 13.55
N ASN G 53 86.96 -41.52 12.36
CA ASN G 53 86.00 -42.05 11.40
C ASN G 53 86.43 -43.38 10.78
N GLY G 54 87.51 -43.99 11.24
CA GLY G 54 87.99 -45.25 10.69
C GLY G 54 87.07 -46.43 10.96
N LYS G 55 87.62 -47.63 10.85
CA LYS G 55 86.84 -48.87 10.99
C LYS G 55 86.21 -48.98 12.37
N ARG G 56 84.88 -48.94 12.44
CA ARG G 56 84.19 -49.18 13.69
C ARG G 56 84.24 -50.67 14.04
N CYS G 57 84.49 -50.95 15.31
CA CYS G 57 84.68 -52.33 15.76
C CYS G 57 83.90 -52.54 17.06
N THR G 58 82.75 -53.20 16.96
CA THR G 58 81.91 -53.54 18.09
C THR G 58 82.03 -55.00 18.50
N ASP G 59 83.16 -55.64 18.19
CA ASP G 59 83.34 -57.05 18.48
C ASP G 59 83.25 -57.32 19.97
N ALA G 60 82.24 -58.09 20.36
CA ALA G 60 82.04 -58.41 21.77
C ALA G 60 83.08 -59.41 22.26
N VAL G 61 83.44 -59.29 23.54
CA VAL G 61 84.42 -60.17 24.16
C VAL G 61 83.71 -61.40 24.69
N GLY G 62 84.27 -62.57 24.41
CA GLY G 62 83.71 -63.83 24.89
C GLY G 62 83.50 -64.83 23.78
N ASP G 63 83.58 -66.11 24.13
CA ASP G 63 83.42 -67.20 23.18
C ASP G 63 83.01 -68.45 23.94
N ARG G 64 82.09 -69.22 23.36
CA ARG G 64 81.59 -70.44 23.96
C ARG G 64 81.81 -71.62 23.01
N ARG G 65 81.74 -72.82 23.59
CA ARG G 65 81.96 -74.04 22.83
C ARG G 65 81.45 -75.23 23.63
N GLN G 66 80.82 -76.17 22.93
CA GLN G 66 80.37 -77.40 23.58
C GLN G 66 81.56 -78.29 23.88
N CYS G 67 81.51 -78.97 25.02
CA CYS G 67 82.59 -79.83 25.46
C CYS G 67 82.02 -81.03 26.18
N VAL G 68 82.64 -82.19 25.96
CA VAL G 68 82.23 -83.43 26.62
C VAL G 68 82.62 -83.35 28.10
N PRO G 69 81.67 -83.45 29.02
CA PRO G 69 82.02 -83.34 30.44
C PRO G 69 82.77 -84.57 30.92
N THR G 70 83.78 -84.33 31.76
CA THR G 70 84.58 -85.41 32.34
C THR G 70 84.32 -85.64 33.82
N GLU G 71 83.82 -84.63 34.55
CA GLU G 71 83.48 -84.79 35.95
C GLU G 71 82.06 -85.33 36.09
N PRO G 72 81.76 -86.06 37.17
CA PRO G 72 80.42 -86.64 37.31
C PRO G 72 79.33 -85.62 37.59
N CYS G 73 79.69 -84.38 37.98
CA CYS G 73 78.72 -83.34 38.32
C CYS G 73 77.78 -83.81 39.43
N GLU G 74 78.39 -84.10 40.58
CA GLU G 74 77.63 -84.58 41.73
C GLU G 74 76.94 -83.44 42.47
N ASP G 75 77.51 -82.24 42.43
CA ASP G 75 76.91 -81.10 43.13
C ASP G 75 75.60 -80.70 42.46
N ALA G 76 74.57 -80.50 43.26
CA ALA G 76 73.26 -80.11 42.76
C ALA G 76 72.57 -79.24 43.80
N GLU G 77 71.53 -78.55 43.36
CA GLU G 77 70.76 -77.64 44.22
C GLU G 77 69.56 -78.39 44.78
N ASP G 78 69.59 -78.67 46.07
CA ASP G 78 68.46 -79.33 46.73
C ASP G 78 67.29 -78.37 46.87
N ASP G 79 66.10 -78.95 47.08
CA ASP G 79 64.90 -78.14 47.22
C ASP G 79 64.74 -77.62 48.65
N CYS G 80 65.80 -76.98 49.16
CA CYS G 80 65.81 -76.21 50.41
C CYS G 80 65.48 -77.06 51.64
N GLY G 81 65.20 -78.35 51.44
CA GLY G 81 64.99 -79.30 52.51
C GLY G 81 64.08 -78.86 53.64
N ASN G 82 63.18 -77.91 53.38
CA ASN G 82 62.38 -77.30 54.42
C ASN G 82 60.89 -77.59 54.27
N ASP G 83 60.30 -77.25 53.13
CA ASP G 83 58.85 -77.34 52.99
C ASP G 83 58.51 -77.62 51.52
N PHE G 84 57.26 -77.40 51.15
CA PHE G 84 56.78 -77.68 49.80
C PHE G 84 57.59 -76.91 48.76
N GLN G 85 58.19 -77.64 47.82
CA GLN G 85 58.93 -77.03 46.73
C GLN G 85 57.98 -76.46 45.69
N CYS G 86 58.33 -75.29 45.16
CA CYS G 86 57.56 -74.69 44.08
C CYS G 86 57.90 -75.35 42.75
N SER G 87 57.14 -75.00 41.72
CA SER G 87 57.35 -75.53 40.39
C SER G 87 58.56 -74.94 39.68
N THR G 88 59.24 -73.96 40.28
CA THR G 88 60.38 -73.32 39.64
C THR G 88 61.66 -73.37 40.46
N GLY G 89 61.59 -73.59 41.77
CA GLY G 89 62.80 -73.72 42.56
C GLY G 89 62.78 -73.00 43.90
N ARG G 90 61.76 -72.17 44.13
CA ARG G 90 61.65 -71.45 45.39
C ARG G 90 60.86 -72.29 46.40
N CYS G 91 60.76 -71.80 47.63
CA CYS G 91 60.19 -72.56 48.73
C CYS G 91 59.24 -71.71 49.55
N ILE G 92 58.20 -72.34 50.09
CA ILE G 92 57.32 -71.69 51.05
C ILE G 92 58.07 -71.49 52.36
N LYS G 93 57.98 -70.28 52.92
CA LYS G 93 58.58 -70.04 54.22
C LYS G 93 57.66 -70.53 55.35
N MET G 94 56.53 -69.87 55.53
CA MET G 94 55.55 -70.34 56.51
C MET G 94 54.10 -70.35 56.02
N ARG G 95 53.70 -69.47 55.09
CA ARG G 95 52.29 -69.35 54.74
C ARG G 95 52.09 -69.12 53.25
N LEU G 96 52.95 -69.69 52.41
CA LEU G 96 52.80 -69.58 50.97
C LEU G 96 51.80 -70.61 50.40
N ARG G 97 50.95 -71.17 51.26
CA ARG G 97 49.93 -72.12 50.81
C ARG G 97 48.75 -71.38 50.21
N CYS G 98 47.63 -72.08 50.04
CA CYS G 98 46.46 -71.51 49.36
C CYS G 98 45.84 -70.46 50.27
N ASN G 99 46.48 -69.28 50.28
CA ASN G 99 46.04 -68.14 51.08
C ASN G 99 46.10 -66.85 50.28
N GLY G 100 45.91 -66.95 48.96
CA GLY G 100 45.94 -65.77 48.11
C GLY G 100 47.29 -65.10 48.00
N ASP G 101 48.38 -65.86 48.11
CA ASP G 101 49.73 -65.34 48.05
C ASP G 101 50.34 -65.78 46.71
N ASN G 102 50.33 -64.88 45.73
CA ASN G 102 50.84 -65.18 44.39
C ASN G 102 52.36 -65.00 44.39
N ASP G 103 53.08 -66.12 44.34
CA ASP G 103 54.54 -66.10 44.25
C ASP G 103 55.06 -66.74 42.98
N CYS G 104 54.64 -67.97 42.67
CA CYS G 104 55.18 -68.71 41.54
C CYS G 104 54.41 -68.41 40.25
N GLY G 105 53.12 -68.69 40.23
CA GLY G 105 52.30 -68.44 39.07
C GLY G 105 50.90 -67.96 39.40
N ASP G 106 50.05 -67.82 38.39
CA ASP G 106 48.67 -67.43 38.63
C ASP G 106 47.94 -68.47 39.47
N PHE G 107 48.18 -69.75 39.20
CA PHE G 107 47.61 -70.83 39.99
C PHE G 107 48.65 -71.92 40.25
N SER G 108 49.93 -71.56 40.24
CA SER G 108 50.99 -72.54 40.49
C SER G 108 51.04 -72.92 41.96
N ASP G 109 51.12 -71.91 42.85
CA ASP G 109 51.16 -72.19 44.27
C ASP G 109 49.78 -72.58 44.79
N GLU G 110 48.73 -71.93 44.29
CA GLU G 110 47.35 -72.23 44.67
C GLU G 110 46.75 -73.37 43.87
N ASP G 111 47.58 -74.21 43.24
CA ASP G 111 47.06 -75.34 42.48
C ASP G 111 46.25 -76.28 43.36
N ASP G 112 46.82 -76.68 44.49
CA ASP G 112 46.15 -77.59 45.43
C ASP G 112 45.60 -76.77 46.59
N CYS G 113 44.27 -76.68 46.66
CA CYS G 113 43.58 -75.96 47.73
C CYS G 113 42.62 -76.92 48.40
N GLU G 114 43.06 -77.52 49.51
CA GLU G 114 42.23 -78.45 50.27
C GLU G 114 41.32 -77.71 51.24
N SER G 115 41.86 -76.74 51.96
CA SER G 115 41.07 -75.95 52.89
C SER G 115 40.35 -74.83 52.15
N GLU G 116 39.53 -74.08 52.88
CA GLU G 116 38.79 -72.98 52.28
C GLU G 116 39.76 -71.86 51.87
N PRO G 117 39.44 -71.14 50.79
CA PRO G 117 40.32 -70.05 50.35
C PRO G 117 40.27 -68.86 51.30
N ARG G 118 40.92 -68.98 52.44
CA ARG G 118 40.95 -67.92 53.44
C ARG G 118 41.67 -66.70 52.88
N PRO G 119 41.02 -65.53 52.85
CA PRO G 119 41.70 -64.33 52.36
C PRO G 119 42.71 -63.83 53.37
N PRO G 120 43.87 -63.35 52.92
CA PRO G 120 44.89 -62.87 53.86
C PRO G 120 44.55 -61.52 54.45
N CYS G 121 43.76 -60.73 53.73
CA CYS G 121 43.37 -59.39 54.16
C CYS G 121 41.93 -59.14 53.78
N ARG G 122 41.16 -58.59 54.71
CA ARG G 122 39.75 -58.34 54.50
C ARG G 122 39.47 -56.97 53.90
N ASP G 123 40.26 -55.96 54.26
CA ASP G 123 40.04 -54.61 53.75
C ASP G 123 40.30 -54.54 52.26
N ARG G 124 39.63 -53.59 51.60
CA ARG G 124 39.77 -53.39 50.17
C ARG G 124 40.99 -52.53 49.91
N VAL G 125 42.06 -53.16 49.39
CA VAL G 125 43.30 -52.47 49.08
C VAL G 125 43.61 -52.73 47.61
N VAL G 126 43.59 -51.68 46.80
CA VAL G 126 43.81 -51.83 45.37
C VAL G 126 45.28 -52.12 45.11
N GLU G 127 45.55 -52.99 44.14
CA GLU G 127 46.92 -53.34 43.79
C GLU G 127 47.65 -52.13 43.23
N GLU G 128 48.98 -52.15 43.37
CA GLU G 128 49.83 -51.04 42.94
C GLU G 128 49.88 -51.02 41.42
N SER G 129 49.10 -50.13 40.80
CA SER G 129 48.95 -50.08 39.36
C SER G 129 49.93 -49.06 38.78
N GLU G 130 50.90 -49.54 38.01
CA GLU G 130 51.84 -48.73 37.24
C GLU G 130 52.71 -47.83 38.12
N LEU G 131 52.62 -47.99 39.43
CA LEU G 131 53.39 -47.19 40.38
C LEU G 131 54.73 -47.89 40.63
N ALA G 132 55.43 -47.53 41.71
CA ALA G 132 56.77 -48.01 42.01
C ALA G 132 56.85 -49.52 42.21
N ARG G 133 55.73 -50.23 42.03
CA ARG G 133 55.68 -51.69 42.07
C ARG G 133 56.86 -52.32 41.34
N THR G 134 57.22 -51.77 40.19
CA THR G 134 58.40 -52.21 39.45
C THR G 134 59.59 -51.38 39.91
N ALA G 135 60.11 -51.74 41.08
CA ALA G 135 61.16 -50.98 41.74
C ALA G 135 62.57 -51.41 41.35
N GLY G 136 62.70 -52.45 40.52
CA GLY G 136 64.01 -52.91 40.08
C GLY G 136 64.48 -52.13 38.87
N TYR G 137 65.76 -51.75 38.89
CA TYR G 137 66.35 -50.97 37.82
C TYR G 137 67.81 -51.40 37.63
N GLY G 138 68.21 -51.56 36.37
CA GLY G 138 69.53 -52.06 36.05
C GLY G 138 70.43 -51.05 35.35
N ILE G 139 70.46 -49.82 35.88
CA ILE G 139 71.21 -48.74 35.23
C ILE G 139 72.68 -49.14 35.05
N ASN G 140 73.24 -48.77 33.91
CA ASN G 140 74.64 -49.00 33.59
C ASN G 140 75.40 -47.69 33.75
N ILE G 141 76.44 -47.70 34.59
CA ILE G 141 77.22 -46.49 34.81
C ILE G 141 77.93 -46.07 33.52
N LEU G 142 78.31 -47.04 32.68
CA LEU G 142 78.90 -46.74 31.38
C LEU G 142 77.87 -46.69 30.26
N GLY G 143 76.63 -47.09 30.53
CA GLY G 143 75.61 -47.12 29.51
C GLY G 143 74.66 -45.94 29.50
N MET G 144 73.42 -46.16 29.93
CA MET G 144 72.38 -45.15 29.83
C MET G 144 71.40 -45.35 30.99
N ASP G 145 70.20 -44.76 30.85
CA ASP G 145 69.13 -44.74 31.83
C ASP G 145 68.80 -46.12 32.38
N PRO G 146 68.15 -46.21 33.55
CA PRO G 146 67.95 -47.52 34.19
C PRO G 146 67.17 -48.50 33.33
N LEU G 147 67.29 -49.77 33.70
CA LEU G 147 66.68 -50.89 33.00
C LEU G 147 65.46 -51.39 33.78
N SER G 148 64.89 -52.50 33.34
CA SER G 148 63.71 -53.09 33.99
C SER G 148 64.11 -53.76 35.30
N THR G 149 63.16 -54.46 35.92
CA THR G 149 63.41 -55.06 37.21
C THR G 149 64.15 -56.39 37.05
N PRO G 150 65.25 -56.60 37.77
CA PRO G 150 65.95 -57.89 37.73
C PRO G 150 65.42 -58.95 38.68
N PHE G 151 64.41 -58.63 39.49
CA PHE G 151 63.90 -59.54 40.50
C PHE G 151 62.39 -59.47 40.56
N ASP G 152 61.79 -60.49 41.18
CA ASP G 152 60.34 -60.51 41.35
C ASP G 152 59.93 -59.51 42.42
N ASN G 153 58.96 -58.66 42.09
CA ASN G 153 58.51 -57.61 42.99
C ASN G 153 57.02 -57.71 43.30
N GLU G 154 56.39 -58.86 43.03
CA GLU G 154 54.98 -59.06 43.30
C GLU G 154 54.71 -59.89 44.55
N PHE G 155 55.62 -60.80 44.90
CA PHE G 155 55.43 -61.65 46.07
C PHE G 155 55.43 -60.83 47.35
N TYR G 156 54.55 -61.21 48.28
CA TYR G 156 54.48 -60.59 49.60
C TYR G 156 54.46 -61.68 50.66
N ASN G 157 54.99 -61.36 51.84
CA ASN G 157 55.21 -62.38 52.87
C ASN G 157 53.94 -62.68 53.65
N GLY G 158 53.42 -61.69 54.37
CA GLY G 158 52.31 -61.95 55.28
C GLY G 158 51.17 -60.96 55.23
N LEU G 159 50.84 -60.37 56.38
CA LEU G 159 49.74 -59.42 56.47
C LEU G 159 50.05 -58.18 55.63
N CYS G 160 49.07 -57.76 54.84
CA CYS G 160 49.24 -56.59 53.97
C CYS G 160 49.65 -55.37 54.79
N ASN G 161 50.65 -54.65 54.28
CA ASN G 161 51.11 -53.42 54.90
C ASN G 161 50.44 -52.25 54.20
N ARG G 162 49.61 -51.52 54.94
CA ARG G 162 48.80 -50.47 54.34
C ARG G 162 49.67 -49.33 53.82
N ASP G 163 49.22 -48.72 52.73
CA ASP G 163 49.92 -47.60 52.11
C ASP G 163 48.95 -46.43 51.95
N ARG G 164 48.27 -46.07 53.03
CA ARG G 164 47.19 -45.07 52.98
C ARG G 164 47.81 -43.70 52.75
N ASP G 165 48.12 -43.42 51.49
CA ASP G 165 48.67 -42.14 51.08
C ASP G 165 48.50 -42.01 49.57
N GLY G 166 48.64 -40.78 49.08
CA GLY G 166 48.51 -40.49 47.67
C GLY G 166 47.62 -39.29 47.43
N ASN G 167 47.49 -38.94 46.15
CA ASN G 167 46.67 -37.79 45.76
C ASN G 167 45.20 -38.03 46.12
N THR G 168 44.63 -39.12 45.63
CA THR G 168 43.24 -39.45 45.89
C THR G 168 43.12 -40.37 47.10
N LEU G 169 41.89 -40.79 47.40
CA LEU G 169 41.62 -41.68 48.52
C LEU G 169 41.60 -43.12 47.99
N THR G 170 42.74 -43.78 48.04
CA THR G 170 42.87 -45.14 47.57
C THR G 170 44.01 -45.82 48.32
N TYR G 171 43.88 -47.13 48.52
CA TYR G 171 44.83 -47.91 49.29
C TYR G 171 45.65 -48.78 48.33
N TYR G 172 46.97 -48.62 48.38
CA TYR G 172 47.89 -49.40 47.57
C TYR G 172 48.59 -50.44 48.43
N ARG G 173 49.26 -51.38 47.76
CA ARG G 173 50.04 -52.41 48.42
C ARG G 173 51.53 -52.15 48.22
N ARG G 174 52.30 -52.49 49.24
CA ARG G 174 53.76 -52.40 49.17
C ARG G 174 54.34 -53.80 49.24
N PRO G 175 55.07 -54.25 48.22
CA PRO G 175 55.60 -55.62 48.22
C PRO G 175 56.64 -55.83 49.30
N TRP G 176 56.83 -57.09 49.66
CA TRP G 176 57.82 -57.45 50.67
C TRP G 176 59.24 -57.21 50.19
N ASN G 177 59.45 -57.13 48.88
CA ASN G 177 60.79 -56.83 48.37
C ASN G 177 61.14 -55.36 48.58
N VAL G 178 60.16 -54.47 48.48
CA VAL G 178 60.38 -53.03 48.66
C VAL G 178 60.24 -52.70 50.13
N ALA G 179 61.30 -52.11 50.71
CA ALA G 179 61.28 -51.79 52.14
C ALA G 179 60.44 -50.55 52.44
N SER G 180 60.42 -49.58 51.53
CA SER G 180 59.68 -48.34 51.76
C SER G 180 59.14 -47.83 50.44
N LEU G 181 58.04 -47.06 50.53
CA LEU G 181 57.43 -46.44 49.36
C LEU G 181 56.76 -45.15 49.82
N ILE G 182 57.45 -44.03 49.61
CA ILE G 182 56.95 -42.72 50.01
C ILE G 182 56.25 -42.07 48.82
N TYR G 183 55.26 -41.22 49.12
CA TYR G 183 54.47 -40.54 48.11
C TYR G 183 54.65 -39.02 48.18
N GLU G 184 55.83 -38.57 48.63
CA GLU G 184 56.09 -37.15 48.73
C GLU G 184 56.13 -36.49 47.36
N THR G 185 55.29 -35.50 47.15
CA THR G 185 55.20 -34.78 45.88
C THR G 185 56.05 -33.51 45.90
N LYS G 186 57.36 -33.72 46.07
CA LYS G 186 58.29 -32.60 46.10
C LYS G 186 58.35 -31.92 44.74
N GLY G 187 58.64 -30.62 44.76
CA GLY G 187 58.76 -29.85 43.55
C GLY G 187 59.65 -28.63 43.70
N GLU G 188 60.60 -28.46 42.78
CA GLU G 188 61.55 -27.36 42.87
C GLU G 188 62.00 -26.98 41.46
N LYS G 189 62.61 -25.81 41.36
CA LYS G 189 63.12 -25.32 40.09
C LYS G 189 64.19 -24.27 40.37
N ASN G 190 65.05 -24.05 39.38
CA ASN G 190 66.14 -23.09 39.50
C ASN G 190 66.35 -22.40 38.17
N PHE G 191 66.84 -21.15 38.23
CA PHE G 191 67.13 -20.38 37.04
C PHE G 191 68.35 -19.50 37.30
N ARG G 192 69.09 -19.22 36.23
CA ARG G 192 70.29 -18.41 36.33
C ARG G 192 70.44 -17.60 35.05
N THR G 193 71.19 -16.49 35.17
CA THR G 193 71.45 -15.63 34.03
C THR G 193 72.77 -14.90 34.25
N GLU G 194 73.36 -14.45 33.14
CA GLU G 194 74.63 -13.74 33.20
C GLU G 194 74.79 -12.92 31.94
N HIS G 195 75.61 -11.87 32.06
CA HIS G 195 75.89 -10.99 30.92
C HIS G 195 77.33 -10.49 31.04
N TYR G 196 78.07 -10.61 29.93
CA TYR G 196 79.44 -10.13 29.86
C TYR G 196 79.54 -9.06 28.78
N GLU G 197 80.38 -8.06 29.02
CA GLU G 197 80.55 -6.97 28.07
C GLU G 197 82.00 -6.53 28.04
N GLU G 198 82.53 -6.34 26.84
CA GLU G 198 83.90 -5.90 26.63
C GLU G 198 83.93 -4.89 25.50
N GLN G 199 84.67 -3.80 25.69
CA GLN G 199 84.78 -2.75 24.69
C GLN G 199 86.16 -2.10 24.80
N ILE G 200 86.77 -1.85 23.65
CA ILE G 200 88.07 -1.18 23.60
C ILE G 200 88.13 -0.35 22.33
N GLU G 201 88.65 0.88 22.45
CA GLU G 201 88.81 1.78 21.33
C GLU G 201 90.10 2.56 21.49
N ALA G 202 90.77 2.84 20.37
CA ALA G 202 92.02 3.58 20.38
C ALA G 202 92.12 4.42 19.11
N PHE G 203 92.40 5.71 19.28
CA PHE G 203 92.58 6.64 18.17
C PHE G 203 94.02 7.17 18.19
N LYS G 204 94.59 7.36 17.00
CA LYS G 204 95.93 7.89 16.86
C LYS G 204 95.99 8.85 15.69
N SER G 205 96.72 9.95 15.87
CA SER G 205 96.87 10.95 14.82
C SER G 205 98.26 11.54 14.89
N ILE G 206 98.96 11.55 13.76
CA ILE G 206 100.32 12.07 13.68
C ILE G 206 100.42 12.94 12.42
N ILE G 207 100.97 14.14 12.58
CA ILE G 207 101.13 15.08 11.47
C ILE G 207 102.55 15.64 11.51
N GLN G 208 103.17 15.78 10.35
CA GLN G 208 104.50 16.32 10.21
C GLN G 208 104.51 17.39 9.13
N GLU G 209 105.27 18.45 9.35
CA GLU G 209 105.34 19.57 8.42
C GLU G 209 106.74 20.16 8.44
N LYS G 210 107.30 20.38 7.25
CA LYS G 210 108.62 20.98 7.11
C LYS G 210 108.60 21.95 5.94
N THR G 211 109.30 23.07 6.10
CA THR G 211 109.37 24.11 5.08
C THR G 211 110.82 24.54 4.89
N SER G 212 111.23 24.73 3.64
CA SER G 212 112.60 25.10 3.33
C SER G 212 112.62 26.16 2.24
N ASN G 213 113.38 27.23 2.47
CA ASN G 213 113.53 28.31 1.52
C ASN G 213 114.97 28.83 1.57
N PHE G 214 115.51 29.18 0.41
CA PHE G 214 116.88 29.65 0.31
C PHE G 214 116.98 30.76 -0.73
N ASN G 215 117.87 31.72 -0.47
CA ASN G 215 118.13 32.83 -1.38
C ASN G 215 119.62 32.94 -1.63
N ALA G 216 119.98 33.48 -2.80
CA ALA G 216 121.38 33.70 -3.13
C ALA G 216 121.46 34.79 -4.19
N ALA G 217 121.97 35.96 -3.80
CA ALA G 217 122.12 37.09 -4.71
C ALA G 217 123.49 37.71 -4.54
N ILE G 218 124.23 37.83 -5.64
CA ILE G 218 125.55 38.45 -5.68
C ILE G 218 125.65 39.29 -6.95
N SER G 219 126.09 40.54 -6.80
CA SER G 219 126.23 41.45 -7.91
C SER G 219 127.67 41.92 -8.04
N LEU G 220 128.09 42.16 -9.28
CA LEU G 220 129.46 42.60 -9.57
C LEU G 220 129.43 43.73 -10.58
N LYS G 221 130.26 44.75 -10.35
CA LYS G 221 130.35 45.89 -11.24
C LYS G 221 131.79 46.39 -11.24
N PHE G 222 132.27 46.78 -12.41
CA PHE G 222 133.63 47.28 -12.56
C PHE G 222 133.65 48.41 -13.58
N THR G 223 134.18 49.56 -13.19
CA THR G 223 134.28 50.72 -14.07
C THR G 223 135.49 51.55 -13.64
N PRO G 224 136.62 51.44 -14.34
CA PRO G 224 137.83 52.20 -14.01
C PRO G 224 137.74 53.67 -14.44
N SER G 242 137.56 53.68 -22.69
CA SER G 242 136.40 53.46 -21.83
C SER G 242 136.23 51.98 -21.51
N LEU G 243 135.91 51.68 -20.25
CA LEU G 243 135.71 50.31 -19.81
C LEU G 243 134.59 50.29 -18.78
N HIS G 244 133.64 49.38 -18.97
CA HIS G 244 132.50 49.25 -18.08
C HIS G 244 132.17 47.78 -17.86
N GLY G 245 131.67 47.47 -16.68
CA GLY G 245 131.29 46.11 -16.34
C GLY G 245 130.15 46.04 -15.35
N LYS G 246 129.23 45.09 -15.56
CA LYS G 246 128.09 44.94 -14.67
C LYS G 246 127.64 43.48 -14.67
N GLY G 247 127.49 42.91 -13.47
CA GLY G 247 127.01 41.56 -13.33
C GLY G 247 126.13 41.40 -12.11
N SER G 248 125.07 40.59 -12.23
CA SER G 248 124.14 40.39 -11.13
C SER G 248 123.64 38.96 -11.16
N PHE G 249 123.82 38.24 -10.04
CA PHE G 249 123.38 36.87 -9.90
C PHE G 249 122.18 36.83 -8.98
N ARG G 250 121.21 35.97 -9.31
CA ARG G 250 120.03 35.78 -8.48
C ARG G 250 119.71 34.29 -8.40
N PHE G 251 119.14 33.89 -7.27
CA PHE G 251 118.86 32.48 -7.01
C PHE G 251 117.73 32.38 -5.99
N SER G 252 116.86 31.40 -6.17
CA SER G 252 115.74 31.17 -5.26
C SER G 252 115.62 29.67 -5.00
N TYR G 253 114.82 29.34 -3.99
CA TYR G 253 114.61 27.96 -3.59
C TYR G 253 113.36 27.86 -2.74
N SER G 254 112.50 26.90 -3.07
CA SER G 254 111.25 26.70 -2.36
C SER G 254 110.99 25.21 -2.18
N LYS G 255 110.52 24.83 -0.99
CA LYS G 255 110.28 23.43 -0.67
C LYS G 255 109.46 23.27 0.60
N ASN G 256 108.48 22.37 0.59
CA ASN G 256 107.83 21.97 1.83
C ASN G 256 107.34 20.53 1.68
N GLU G 257 107.34 19.79 2.79
CA GLU G 257 106.91 18.41 2.82
C GLU G 257 106.01 18.19 4.02
N THR G 258 104.71 18.00 3.77
CA THR G 258 103.74 17.77 4.83
C THR G 258 103.41 16.28 4.90
N TYR G 259 103.52 15.71 6.09
CA TYR G 259 103.19 14.31 6.33
C TYR G 259 101.99 14.22 7.26
N GLN G 260 101.16 13.22 7.05
CA GLN G 260 99.97 13.01 7.86
C GLN G 260 99.77 11.52 8.12
N LEU G 261 99.47 11.19 9.36
CA LEU G 261 99.24 9.81 9.77
C LEU G 261 98.01 9.75 10.67
N PHE G 262 97.21 8.70 10.51
CA PHE G 262 96.03 8.50 11.31
C PHE G 262 95.81 7.02 11.52
N LEU G 263 95.51 6.64 12.76
CA LEU G 263 95.31 5.25 13.12
C LEU G 263 94.15 5.14 14.10
N SER G 264 93.31 4.12 13.90
CA SER G 264 92.15 3.90 14.75
C SER G 264 91.96 2.40 14.95
N TYR G 265 91.47 2.04 16.14
CA TYR G 265 91.24 0.65 16.50
C TYR G 265 90.04 0.59 17.43
N SER G 266 89.19 -0.41 17.23
CA SER G 266 87.99 -0.58 18.04
C SER G 266 87.60 -2.05 18.05
N SER G 267 87.18 -2.55 19.22
CA SER G 267 86.75 -3.93 19.35
C SER G 267 85.73 -4.02 20.48
N LYS G 268 84.70 -4.84 20.27
CA LYS G 268 83.65 -5.03 21.25
C LYS G 268 83.33 -6.52 21.36
N LYS G 269 83.15 -6.98 22.59
CA LYS G 269 82.85 -8.38 22.86
C LYS G 269 81.75 -8.49 23.90
N GLU G 270 80.81 -9.41 23.69
CA GLU G 270 79.69 -9.63 24.58
C GLU G 270 79.45 -11.13 24.73
N LYS G 271 79.09 -11.56 25.93
CA LYS G 271 78.83 -12.96 26.20
C LYS G 271 77.65 -13.08 27.15
N MET G 272 76.77 -14.04 26.89
CA MET G 272 75.58 -14.26 27.70
C MET G 272 75.45 -15.75 27.99
N PHE G 273 75.18 -16.09 29.25
CA PHE G 273 75.01 -17.48 29.66
C PHE G 273 73.84 -17.55 30.64
N LEU G 274 72.85 -18.38 30.32
CA LEU G 274 71.67 -18.52 31.15
C LEU G 274 71.05 -19.89 30.92
N HIS G 275 70.59 -20.51 32.00
CA HIS G 275 69.97 -21.82 31.92
C HIS G 275 68.98 -21.97 33.07
N VAL G 276 68.06 -22.92 32.91
CA VAL G 276 67.04 -23.20 33.91
C VAL G 276 66.77 -24.70 33.95
N LYS G 277 66.41 -25.19 35.13
CA LYS G 277 66.14 -26.61 35.32
C LYS G 277 65.03 -26.77 36.34
N GLY G 278 64.18 -27.77 36.13
CA GLY G 278 63.09 -28.05 37.04
C GLY G 278 62.81 -29.53 37.17
N GLU G 279 62.46 -29.97 38.38
CA GLU G 279 62.21 -31.39 38.65
C GLU G 279 60.95 -31.51 39.49
N ILE G 280 59.95 -32.19 38.94
CA ILE G 280 58.69 -32.45 39.65
C ILE G 280 58.78 -33.87 40.20
N HIS G 281 59.09 -33.97 41.49
CA HIS G 281 59.20 -35.27 42.14
C HIS G 281 57.82 -35.85 42.42
N LEU G 282 57.68 -37.16 42.22
CA LEU G 282 56.41 -37.85 42.38
C LEU G 282 56.42 -38.83 43.54
N GLY G 283 57.37 -39.75 43.56
CA GLY G 283 57.42 -40.75 44.62
C GLY G 283 58.82 -41.28 44.80
N ARG G 284 59.03 -41.92 45.95
CA ARG G 284 60.34 -42.43 46.33
C ARG G 284 60.19 -43.79 46.99
N PHE G 285 61.15 -44.67 46.72
CA PHE G 285 61.15 -46.02 47.26
C PHE G 285 62.56 -46.40 47.67
N VAL G 286 62.64 -47.40 48.55
CA VAL G 286 63.92 -47.96 49.00
C VAL G 286 63.78 -49.47 49.00
N MET G 287 64.53 -50.15 48.13
CA MET G 287 64.50 -51.60 48.08
C MET G 287 65.18 -52.18 49.32
N ARG G 288 64.58 -53.23 49.88
CA ARG G 288 65.19 -53.92 51.00
C ARG G 288 66.50 -54.57 50.57
N ASN G 289 67.55 -54.34 51.34
CA ASN G 289 68.88 -54.78 50.92
C ASN G 289 69.03 -56.29 51.02
N ARG G 290 68.74 -56.85 52.20
CA ARG G 290 68.87 -58.28 52.44
C ARG G 290 67.50 -58.88 52.71
N ASP G 291 67.44 -60.22 52.63
CA ASP G 291 66.20 -60.97 52.84
C ASP G 291 65.14 -60.55 51.83
N VAL G 292 65.52 -60.55 50.55
CA VAL G 292 64.64 -60.15 49.46
C VAL G 292 64.51 -61.33 48.50
N VAL G 293 63.34 -61.42 47.86
CA VAL G 293 63.05 -62.50 46.94
C VAL G 293 63.42 -62.07 45.52
N LEU G 294 63.74 -63.05 44.68
CA LEU G 294 64.16 -62.80 43.31
C LEU G 294 63.21 -63.52 42.35
N THR G 295 63.33 -63.16 41.07
CA THR G 295 62.49 -63.75 40.03
C THR G 295 63.08 -65.06 39.53
N THR G 296 62.20 -65.91 38.98
CA THR G 296 62.63 -67.21 38.48
C THR G 296 63.59 -67.10 37.31
N THR G 297 63.53 -66.00 36.55
CA THR G 297 64.43 -65.85 35.41
C THR G 297 65.84 -65.54 35.86
N PHE G 298 65.99 -64.65 36.85
CA PHE G 298 67.33 -64.29 37.33
C PHE G 298 67.94 -65.42 38.14
N VAL G 299 67.14 -66.11 38.96
CA VAL G 299 67.65 -67.22 39.75
C VAL G 299 68.15 -68.34 38.84
N ASP G 300 67.40 -68.63 37.77
CA ASP G 300 67.85 -69.65 36.82
C ASP G 300 69.16 -69.24 36.15
N ASP G 301 69.36 -67.95 35.92
CA ASP G 301 70.63 -67.48 35.36
C ASP G 301 71.76 -67.64 36.37
N ILE G 302 71.50 -67.36 37.65
CA ILE G 302 72.51 -67.55 38.67
C ILE G 302 72.73 -69.04 38.92
N LYS G 303 71.68 -69.85 38.81
CA LYS G 303 71.84 -71.29 38.94
C LYS G 303 72.63 -71.87 37.77
N ALA G 304 72.29 -71.47 36.55
CA ALA G 304 73.05 -71.86 35.37
C ALA G 304 74.12 -70.80 35.09
N LEU G 305 75.12 -70.79 35.95
CA LEU G 305 76.20 -69.80 35.91
C LEU G 305 77.51 -70.51 36.21
N PRO G 306 78.58 -70.18 35.49
CA PRO G 306 79.87 -70.84 35.74
C PRO G 306 80.50 -70.40 37.05
N THR G 307 81.63 -71.02 37.41
CA THR G 307 82.31 -70.70 38.65
C THR G 307 83.83 -70.64 38.48
N THR G 308 84.34 -70.63 37.27
CA THR G 308 85.78 -70.62 36.99
C THR G 308 86.21 -69.32 36.33
N TYR G 309 85.55 -68.22 36.70
CA TYR G 309 85.84 -66.88 36.18
C TYR G 309 85.71 -66.85 34.65
N GLU G 310 84.48 -67.08 34.19
CA GLU G 310 84.17 -66.99 32.77
C GLU G 310 83.82 -65.53 32.46
N LYS G 311 84.85 -64.74 32.14
CA LYS G 311 84.65 -63.34 31.80
C LYS G 311 83.76 -63.18 30.57
N GLY G 312 83.81 -64.13 29.64
CA GLY G 312 82.99 -64.02 28.44
C GLY G 312 81.51 -64.03 28.75
N GLU G 313 81.05 -65.02 29.53
CA GLU G 313 79.64 -65.08 29.88
C GLU G 313 79.28 -64.00 30.89
N TYR G 314 80.19 -63.68 31.81
CA TYR G 314 79.92 -62.64 32.80
C TYR G 314 79.73 -61.29 32.13
N PHE G 315 80.56 -60.98 31.13
CA PHE G 315 80.36 -59.76 30.36
C PHE G 315 79.04 -59.81 29.58
N ALA G 316 78.66 -61.00 29.11
CA ALA G 316 77.36 -61.17 28.47
C ALA G 316 76.23 -61.07 29.49
N PHE G 317 76.40 -61.72 30.65
CA PHE G 317 75.41 -61.61 31.71
C PHE G 317 75.34 -60.20 32.27
N LEU G 318 76.43 -59.45 32.18
CA LEU G 318 76.45 -58.08 32.71
C LEU G 318 75.53 -57.17 31.92
N GLU G 319 75.49 -57.34 30.60
CA GLU G 319 74.62 -56.49 29.77
C GLU G 319 73.15 -56.84 29.95
N THR G 320 72.85 -58.08 30.34
CA THR G 320 71.46 -58.51 30.44
C THR G 320 70.74 -57.82 31.60
N TYR G 321 71.38 -57.76 32.76
CA TYR G 321 70.76 -57.19 33.96
C TYR G 321 71.52 -55.99 34.49
N GLY G 322 72.32 -55.33 33.65
CA GLY G 322 73.08 -54.17 34.08
C GLY G 322 74.25 -54.55 34.97
N THR G 323 74.99 -53.52 35.38
CA THR G 323 76.15 -53.70 36.25
C THR G 323 75.80 -53.62 37.74
N HIS G 324 74.94 -52.67 38.11
CA HIS G 324 74.55 -52.48 39.50
C HIS G 324 73.11 -51.97 39.55
N TYR G 325 72.35 -52.45 40.53
CA TYR G 325 70.95 -52.11 40.63
C TYR G 325 70.76 -50.87 41.51
N SER G 326 69.52 -50.43 41.64
CA SER G 326 69.16 -49.25 42.41
C SER G 326 68.67 -49.65 43.79
N SER G 327 69.35 -49.16 44.83
CA SER G 327 68.87 -49.40 46.19
C SER G 327 67.72 -48.47 46.55
N SER G 328 67.72 -47.25 46.01
CA SER G 328 66.64 -46.29 46.26
C SER G 328 66.49 -45.41 45.04
N GLY G 329 65.25 -45.24 44.58
CA GLY G 329 64.99 -44.42 43.42
C GLY G 329 64.07 -43.25 43.71
N SER G 330 63.66 -42.54 42.66
CA SER G 330 62.77 -41.38 42.81
C SER G 330 61.92 -41.29 41.53
N LEU G 331 60.70 -41.80 41.60
CA LEU G 331 59.80 -41.74 40.46
C LEU G 331 59.34 -40.31 40.23
N GLY G 332 59.18 -39.94 38.96
CA GLY G 332 58.76 -38.60 38.61
C GLY G 332 59.16 -38.17 37.21
N GLY G 333 59.82 -37.03 37.11
CA GLY G 333 60.26 -36.50 35.84
C GLY G 333 60.86 -35.11 35.98
N LEU G 334 61.83 -34.77 35.13
CA LEU G 334 62.48 -33.48 35.20
C LEU G 334 62.67 -32.92 33.79
N TYR G 335 62.79 -31.60 33.71
CA TYR G 335 63.06 -30.90 32.46
C TYR G 335 64.15 -29.88 32.69
N GLU G 336 64.88 -29.56 31.63
CA GLU G 336 66.00 -28.62 31.69
C GLU G 336 66.07 -27.81 30.41
N LEU G 337 66.60 -26.60 30.53
CA LEU G 337 66.79 -25.71 29.38
C LEU G 337 68.13 -25.02 29.53
N ILE G 338 68.90 -24.98 28.44
CA ILE G 338 70.23 -24.39 28.42
C ILE G 338 70.35 -23.49 27.20
N TYR G 339 70.88 -22.29 27.41
CA TYR G 339 71.06 -21.32 26.33
C TYR G 339 72.42 -20.65 26.49
N VAL G 340 73.08 -20.42 25.36
CA VAL G 340 74.40 -19.79 25.34
C VAL G 340 74.41 -18.71 24.26
N LEU G 341 75.30 -17.73 24.44
CA LEU G 341 75.44 -16.64 23.49
C LEU G 341 76.83 -16.05 23.60
N ASP G 342 77.41 -15.71 22.46
CA ASP G 342 78.75 -15.11 22.41
C ASP G 342 78.80 -14.11 21.28
N LYS G 343 79.42 -12.97 21.55
CA LYS G 343 79.53 -11.89 20.57
C LYS G 343 80.95 -11.35 20.57
N ALA G 344 81.48 -11.10 19.37
CA ALA G 344 82.83 -10.58 19.22
C ALA G 344 82.88 -9.66 18.01
N SER G 345 83.63 -8.57 18.13
CA SER G 345 83.77 -7.60 17.05
C SER G 345 85.16 -6.98 17.09
N MET G 346 85.68 -6.64 15.92
CA MET G 346 87.00 -6.04 15.80
C MET G 346 87.00 -5.05 14.64
N LYS G 347 87.60 -3.88 14.87
CA LYS G 347 87.70 -2.83 13.88
C LYS G 347 89.05 -2.14 14.00
N ARG G 348 89.67 -1.86 12.86
CA ARG G 348 90.96 -1.17 12.84
C ARG G 348 91.01 -0.27 11.62
N LYS G 349 91.43 0.98 11.83
CA LYS G 349 91.49 1.97 10.76
C LYS G 349 92.84 2.65 10.75
N GLY G 350 93.42 2.79 9.57
CA GLY G 350 94.67 3.50 9.40
C GLY G 350 94.67 4.37 8.16
N VAL G 351 95.05 5.63 8.31
CA VAL G 351 95.05 6.58 7.21
C VAL G 351 96.43 7.23 7.12
N GLU G 352 97.00 7.24 5.92
CA GLU G 352 98.31 7.82 5.68
C GLU G 352 98.24 8.77 4.50
N LEU G 353 98.77 9.98 4.69
CA LEU G 353 98.82 10.99 3.64
C LEU G 353 100.21 11.61 3.62
N LYS G 354 100.80 11.69 2.43
CA LYS G 354 102.15 12.20 2.27
C LYS G 354 102.19 13.13 1.06
N ASP G 355 102.68 14.35 1.27
CA ASP G 355 102.78 15.34 0.20
C ASP G 355 104.10 16.08 0.34
N ILE G 356 104.82 16.22 -0.78
CA ILE G 356 106.12 16.88 -0.80
C ILE G 356 106.15 17.83 -1.99
N LYS G 357 106.58 19.07 -1.74
CA LYS G 357 106.81 20.06 -2.79
C LYS G 357 108.22 20.60 -2.67
N ARG G 358 108.88 20.79 -3.81
CA ARG G 358 110.21 21.38 -3.83
C ARG G 358 110.42 22.05 -5.18
N CYS G 359 110.86 23.31 -5.16
CA CYS G 359 111.06 24.07 -6.37
C CYS G 359 112.42 24.79 -6.33
N LEU G 360 112.95 25.08 -7.50
CA LEU G 360 114.24 25.72 -7.65
C LEU G 360 114.12 26.93 -8.56
N GLY G 361 114.82 28.00 -8.21
CA GLY G 361 114.80 29.21 -9.02
C GLY G 361 116.16 29.85 -9.15
N TYR G 362 116.52 30.25 -10.36
CA TYR G 362 117.82 30.84 -10.62
C TYR G 362 117.69 31.90 -11.70
N HIS G 363 118.39 33.02 -11.53
CA HIS G 363 118.38 34.12 -12.48
C HIS G 363 119.80 34.62 -12.69
N LEU G 364 120.24 34.67 -13.94
CA LEU G 364 121.56 35.14 -14.31
C LEU G 364 121.41 36.33 -15.25
N ASP G 365 122.15 37.40 -14.98
CA ASP G 365 122.11 38.60 -15.82
C ASP G 365 123.49 39.25 -15.79
N VAL G 366 124.08 39.44 -16.97
CA VAL G 366 125.37 40.08 -17.12
C VAL G 366 125.28 41.09 -18.27
N SER G 367 125.73 42.30 -18.04
CA SER G 367 125.72 43.35 -19.06
C SER G 367 127.07 44.06 -19.05
N LEU G 368 127.67 44.18 -20.23
CA LEU G 368 128.99 44.79 -20.38
C LEU G 368 128.91 45.93 -21.40
N ALA G 369 129.67 46.99 -21.13
CA ALA G 369 129.74 48.15 -22.01
C ALA G 369 131.20 48.52 -22.22
N PHE G 370 131.52 48.97 -23.44
CA PHE G 370 132.89 49.33 -23.77
C PHE G 370 132.93 50.61 -24.60
N SER G 371 134.00 55.19 -29.99
CA SER G 371 133.90 53.74 -29.90
C SER G 371 132.91 53.32 -28.83
N GLU G 372 132.06 52.34 -29.17
CA GLU G 372 131.06 51.85 -28.24
C GLU G 372 130.79 50.37 -28.54
N ILE G 373 130.96 49.53 -27.52
CA ILE G 373 130.70 48.10 -27.62
C ILE G 373 129.84 47.69 -26.43
N SER G 374 128.80 46.91 -26.70
CA SER G 374 127.88 46.47 -25.66
C SER G 374 127.74 44.96 -25.71
N VAL G 375 127.80 44.34 -24.54
CA VAL G 375 127.68 42.88 -24.40
C VAL G 375 126.62 42.61 -23.34
N GLY G 376 125.69 41.71 -23.65
CA GLY G 376 124.62 41.36 -22.73
C GLY G 376 124.49 39.86 -22.58
N ALA G 377 123.93 39.46 -21.44
CA ALA G 377 123.74 38.06 -21.14
C ALA G 377 122.67 37.92 -20.06
N GLU G 378 121.78 36.95 -20.22
CA GLU G 378 120.72 36.71 -19.25
C GLU G 378 120.29 35.24 -19.33
N PHE G 379 120.33 34.55 -18.20
CA PHE G 379 119.92 33.15 -18.11
C PHE G 379 118.96 33.01 -16.93
N ASN G 380 117.76 32.52 -17.20
CA ASN G 380 116.74 32.32 -16.17
C ASN G 380 116.41 30.84 -16.06
N LYS G 381 116.44 30.31 -14.84
CA LYS G 381 116.20 28.91 -14.58
C LYS G 381 115.09 28.75 -13.55
N ASP G 382 114.13 27.88 -13.83
CA ASP G 382 113.03 27.63 -12.92
C ASP G 382 112.63 26.17 -13.03
N ASP G 383 112.48 25.51 -11.88
CA ASP G 383 112.12 24.09 -11.86
C ASP G 383 111.47 23.77 -10.52
N CYS G 384 110.24 23.26 -10.56
CA CYS G 384 109.50 22.88 -9.37
C CYS G 384 109.15 21.41 -9.44
N VAL G 385 109.12 20.76 -8.28
CA VAL G 385 108.82 19.33 -8.18
C VAL G 385 107.83 19.12 -7.04
N LYS G 386 106.83 18.28 -7.28
CA LYS G 386 105.85 17.92 -6.27
C LYS G 386 105.70 16.40 -6.22
N ARG G 387 105.52 15.88 -5.00
CA ARG G 387 105.31 14.46 -4.79
C ARG G 387 104.15 14.26 -3.82
N GLY G 388 103.31 13.28 -4.10
CA GLY G 388 102.16 13.00 -3.25
C GLY G 388 101.98 11.52 -3.05
N GLU G 389 101.47 11.16 -1.88
CA GLU G 389 101.23 9.77 -1.53
C GLU G 389 100.06 9.68 -0.56
N GLY G 390 99.19 8.69 -0.78
CA GLY G 390 98.05 8.47 0.09
C GLY G 390 97.78 7.00 0.33
N ARG G 391 97.39 6.66 1.56
CA ARG G 391 97.12 5.27 1.92
C ARG G 391 96.05 5.22 2.99
N ALA G 392 95.18 4.22 2.91
CA ALA G 392 94.12 4.04 3.89
C ALA G 392 93.98 2.56 4.24
N VAL G 393 93.54 2.31 5.47
CA VAL G 393 93.33 0.95 5.97
C VAL G 393 92.00 0.92 6.70
N ASN G 394 91.12 0.00 6.29
CA ASN G 394 89.77 -0.11 6.85
C ASN G 394 89.44 -1.60 6.92
N ILE G 395 89.41 -2.16 8.11
CA ILE G 395 89.19 -3.60 8.31
C ILE G 395 88.25 -3.81 9.47
N THR G 396 87.09 -4.42 9.21
CA THR G 396 86.08 -4.72 10.22
C THR G 396 85.85 -6.22 10.27
N SER G 397 85.76 -6.75 11.49
CA SER G 397 85.49 -8.17 11.70
C SER G 397 84.57 -8.34 12.89
N GLU G 398 83.57 -9.22 12.75
CA GLU G 398 82.60 -9.48 13.80
C GLU G 398 82.22 -10.95 13.78
N ASN G 399 82.09 -11.53 14.98
CA ASN G 399 81.75 -12.94 15.15
C ASN G 399 80.62 -13.08 16.16
N LEU G 400 79.71 -14.01 15.89
CA LEU G 400 78.56 -14.27 16.76
C LEU G 400 78.41 -15.77 16.94
N ILE G 401 78.08 -16.18 18.17
CA ILE G 401 77.90 -17.58 18.51
C ILE G 401 76.68 -17.71 19.41
N ASP G 402 75.79 -18.66 19.10
CA ASP G 402 74.60 -18.91 19.89
C ASP G 402 74.34 -20.40 19.96
N ASP G 403 73.97 -20.88 21.15
CA ASP G 403 73.68 -22.29 21.36
C ASP G 403 72.50 -22.44 22.29
N VAL G 404 71.68 -23.46 22.05
CA VAL G 404 70.49 -23.73 22.85
C VAL G 404 70.33 -25.24 23.00
N VAL G 405 69.82 -25.68 24.14
CA VAL G 405 69.59 -27.09 24.42
C VAL G 405 68.46 -27.20 25.42
N SER G 406 67.74 -28.33 25.36
CA SER G 406 66.62 -28.56 26.25
C SER G 406 66.30 -30.05 26.28
N LEU G 407 65.57 -30.47 27.30
CA LEU G 407 65.19 -31.86 27.47
C LEU G 407 63.98 -31.95 28.39
N ILE G 408 63.25 -33.05 28.28
CA ILE G 408 62.06 -33.29 29.09
C ILE G 408 61.78 -34.77 29.10
N ARG G 409 61.07 -35.24 30.13
CA ARG G 409 60.74 -36.65 30.26
C ARG G 409 59.62 -36.81 31.29
N GLY G 410 58.88 -37.91 31.14
CA GLY G 410 57.81 -38.24 32.06
C GLY G 410 56.45 -37.82 31.53
N GLY G 411 55.41 -38.41 32.13
CA GLY G 411 54.04 -38.09 31.78
C GLY G 411 53.60 -38.67 30.45
N THR G 412 52.31 -38.55 30.13
CA THR G 412 51.82 -39.02 28.84
C THR G 412 52.42 -38.17 27.72
N ARG G 413 52.49 -38.76 26.53
CA ARG G 413 53.18 -38.09 25.43
C ARG G 413 52.41 -36.88 24.92
N LYS G 414 51.09 -36.86 25.12
CA LYS G 414 50.31 -35.71 24.67
C LYS G 414 50.61 -34.48 25.51
N TYR G 415 50.45 -34.59 26.83
CA TYR G 415 50.64 -33.42 27.70
C TYR G 415 52.11 -33.06 27.85
N ALA G 416 53.02 -34.03 27.72
CA ALA G 416 54.44 -33.75 27.93
C ALA G 416 54.97 -32.81 26.85
N PHE G 417 54.75 -33.15 25.59
CA PHE G 417 55.30 -32.34 24.49
C PHE G 417 54.46 -31.12 24.19
N GLU G 418 53.21 -31.07 24.66
CA GLU G 418 52.48 -29.80 24.64
C GLU G 418 53.14 -28.78 25.54
N LEU G 419 53.74 -29.23 26.65
CA LEU G 419 54.55 -28.35 27.48
C LEU G 419 55.84 -27.98 26.77
N LYS G 420 56.38 -28.90 25.96
CA LYS G 420 57.66 -28.65 25.28
C LYS G 420 57.53 -27.56 24.24
N GLU G 421 56.46 -27.60 23.42
CA GLU G 421 56.29 -26.63 22.35
C GLU G 421 56.06 -25.23 22.90
N LYS G 422 55.31 -25.11 24.00
CA LYS G 422 54.97 -23.80 24.54
C LYS G 422 56.08 -23.22 25.41
N LEU G 423 56.97 -24.05 25.95
CA LEU G 423 58.07 -23.54 26.76
C LEU G 423 59.17 -22.95 25.89
N LEU G 424 59.46 -23.58 24.75
CA LEU G 424 60.54 -23.14 23.87
C LEU G 424 60.06 -21.90 23.11
N ARG G 425 60.55 -20.73 23.52
CA ARG G 425 60.28 -19.45 22.86
C ARG G 425 58.80 -19.11 22.82
N GLY G 426 58.00 -19.71 23.71
CA GLY G 426 56.58 -19.42 23.75
C GLY G 426 56.26 -18.11 24.44
N THR G 427 56.97 -17.83 25.53
CA THR G 427 56.88 -16.61 26.33
C THR G 427 55.52 -16.44 27.01
N VAL G 428 54.61 -17.40 26.87
CA VAL G 428 53.28 -17.31 27.48
C VAL G 428 53.07 -18.63 28.23
N ILE G 429 53.39 -18.62 29.52
CA ILE G 429 53.20 -19.82 30.36
C ILE G 429 51.71 -19.98 30.67
N ASP G 430 51.16 -21.12 30.30
CA ASP G 430 49.75 -21.40 30.52
C ASP G 430 49.52 -21.97 31.92
N VAL G 431 48.27 -21.89 32.36
CA VAL G 431 47.88 -22.43 33.66
C VAL G 431 47.41 -23.88 33.54
N THR G 432 46.71 -24.21 32.46
CA THR G 432 46.12 -25.54 32.32
C THR G 432 47.14 -26.59 31.94
N ASP G 433 48.19 -26.22 31.19
CA ASP G 433 49.15 -27.21 30.72
C ASP G 433 49.97 -27.77 31.88
N PHE G 434 50.34 -26.92 32.85
CA PHE G 434 51.09 -27.39 34.00
C PHE G 434 50.21 -28.25 34.90
N VAL G 435 48.94 -27.90 35.04
CA VAL G 435 48.01 -28.74 35.79
C VAL G 435 47.79 -30.08 35.08
N ASN G 436 47.67 -30.04 33.76
CA ASN G 436 47.60 -31.28 33.00
C ASN G 436 48.90 -32.07 33.13
N TRP G 437 50.04 -31.38 33.12
CA TRP G 437 51.32 -32.04 33.34
C TRP G 437 51.37 -32.72 34.70
N ALA G 438 50.69 -32.16 35.70
CA ALA G 438 50.64 -32.79 37.02
C ALA G 438 49.92 -34.12 36.97
N SER G 439 48.74 -34.15 36.35
CA SER G 439 48.02 -35.41 36.20
C SER G 439 48.68 -36.33 35.17
N SER G 440 49.41 -35.75 34.22
CA SER G 440 50.08 -36.55 33.21
C SER G 440 51.21 -37.37 33.82
N ILE G 441 52.03 -36.75 34.64
CA ILE G 441 53.18 -37.45 35.23
C ILE G 441 52.74 -38.51 36.23
N ASN G 442 51.52 -38.39 36.77
CA ASN G 442 51.02 -39.38 37.71
C ASN G 442 50.85 -40.74 37.05
N ASP G 443 50.60 -40.76 35.74
CA ASP G 443 50.36 -42.02 35.05
C ASP G 443 51.66 -42.71 34.66
N ALA G 444 52.63 -41.97 34.13
CA ALA G 444 53.89 -42.52 33.66
C ALA G 444 55.05 -41.71 34.23
N PRO G 445 55.57 -42.09 35.40
CA PRO G 445 56.71 -41.36 35.97
C PRO G 445 58.04 -41.90 35.46
N VAL G 446 59.15 -41.32 35.95
CA VAL G 446 60.49 -41.74 35.55
C VAL G 446 61.45 -41.36 36.65
N LEU G 447 62.63 -41.97 36.64
CA LEU G 447 63.62 -41.74 37.69
C LEU G 447 64.13 -40.30 37.69
N ILE G 448 64.39 -39.78 38.89
CA ILE G 448 64.98 -38.47 39.06
C ILE G 448 66.28 -38.61 39.83
N SER G 449 66.20 -39.12 41.06
CA SER G 449 67.35 -39.39 41.89
C SER G 449 67.41 -40.89 42.15
N GLN G 450 68.60 -41.47 42.03
CA GLN G 450 68.77 -42.91 42.09
C GLN G 450 69.96 -43.24 42.98
N LYS G 451 69.70 -43.92 44.09
CA LYS G 451 70.76 -44.44 44.95
C LYS G 451 71.19 -45.80 44.42
N LEU G 452 72.50 -46.03 44.40
CA LEU G 452 73.08 -47.15 43.68
C LEU G 452 73.57 -48.21 44.66
N SER G 453 73.61 -49.46 44.16
CA SER G 453 74.03 -50.61 44.96
C SER G 453 74.53 -51.69 44.01
N PRO G 454 75.65 -52.35 44.32
CA PRO G 454 76.20 -53.35 43.40
C PRO G 454 75.31 -54.59 43.32
N ILE G 455 75.39 -55.27 42.18
CA ILE G 455 74.56 -56.46 41.96
C ILE G 455 75.08 -57.65 42.75
N TYR G 456 76.41 -57.80 42.85
CA TYR G 456 76.95 -58.97 43.52
C TYR G 456 76.59 -59.03 45.00
N ASN G 457 76.05 -57.94 45.56
CA ASN G 457 75.48 -57.98 46.90
C ASN G 457 74.04 -58.50 46.91
N LEU G 458 73.42 -58.61 45.75
CA LEU G 458 72.03 -59.07 45.63
C LEU G 458 71.93 -60.56 45.38
N VAL G 459 73.04 -61.25 45.14
CA VAL G 459 73.02 -62.70 44.88
C VAL G 459 72.42 -63.42 46.08
N PRO G 460 71.55 -64.40 45.89
CA PRO G 460 70.97 -65.11 47.04
C PRO G 460 72.02 -65.91 47.81
N VAL G 461 71.94 -65.83 49.13
CA VAL G 461 72.89 -66.50 50.02
C VAL G 461 72.54 -67.99 50.08
N LYS G 462 73.45 -68.78 50.67
CA LYS G 462 73.29 -70.22 50.89
C LYS G 462 72.77 -70.93 49.63
N MET G 463 73.29 -70.53 48.48
CA MET G 463 72.98 -71.17 47.21
C MET G 463 74.01 -72.28 46.96
N LYS G 464 74.04 -72.80 45.74
CA LYS G 464 75.00 -73.85 45.40
C LYS G 464 76.44 -73.36 45.61
N ASN G 465 76.82 -72.32 44.88
CA ASN G 465 78.15 -71.73 44.97
C ASN G 465 78.04 -70.21 45.05
N ALA G 466 77.19 -69.73 45.95
CA ALA G 466 76.87 -68.30 46.02
C ALA G 466 78.11 -67.47 46.32
N HIS G 467 78.90 -67.88 47.32
CA HIS G 467 80.03 -67.05 47.76
C HIS G 467 81.08 -66.92 46.66
N LEU G 468 81.50 -68.04 46.07
CA LEU G 468 82.54 -67.99 45.04
C LEU G 468 82.07 -67.23 43.82
N LYS G 469 80.79 -67.39 43.46
CA LYS G 469 80.23 -66.60 42.36
C LYS G 469 80.09 -65.13 42.73
N LYS G 470 79.87 -64.83 44.02
CA LYS G 470 79.75 -63.45 44.45
C LYS G 470 81.06 -62.69 44.21
N GLN G 471 82.16 -63.21 44.76
CA GLN G 471 83.45 -62.58 44.52
C GLN G 471 83.86 -62.68 43.06
N ASN G 472 83.36 -63.69 42.35
CA ASN G 472 83.68 -63.82 40.92
C ASN G 472 83.05 -62.67 40.12
N LEU G 473 81.78 -62.37 40.38
CA LEU G 473 81.16 -61.21 39.74
C LEU G 473 81.73 -59.91 40.29
N GLU G 474 82.22 -59.92 41.53
CA GLU G 474 82.88 -58.74 42.07
C GLU G 474 84.13 -58.40 41.27
N ARG G 475 84.91 -59.42 40.90
CA ARG G 475 86.03 -59.21 39.99
C ARG G 475 85.55 -58.79 38.60
N ALA G 476 84.36 -59.25 38.20
CA ALA G 476 83.83 -58.90 36.89
C ALA G 476 83.35 -57.46 36.85
N ILE G 477 82.60 -57.03 37.87
CA ILE G 477 82.09 -55.66 37.89
C ILE G 477 83.23 -54.66 38.02
N GLU G 478 84.31 -55.03 38.72
CA GLU G 478 85.46 -54.15 38.81
C GLU G 478 86.21 -54.09 37.48
N ASP G 479 86.34 -55.22 36.80
CA ASP G 479 87.00 -55.24 35.50
C ASP G 479 86.14 -54.58 34.43
N TYR G 480 84.82 -54.75 34.51
CA TYR G 480 83.92 -54.20 33.50
C TYR G 480 84.06 -52.69 33.39
N ILE G 481 83.98 -51.99 34.52
CA ILE G 481 84.08 -50.53 34.49
C ILE G 481 85.48 -50.09 34.10
N ASN G 482 86.49 -50.94 34.31
CA ASN G 482 87.88 -50.62 33.99
C ASN G 482 88.36 -51.26 32.69
N GLU G 483 87.49 -52.00 32.00
CA GLU G 483 87.91 -52.63 30.75
C GLU G 483 87.85 -51.64 29.58
N PHE G 484 86.67 -51.11 29.31
CA PHE G 484 86.46 -50.16 28.23
C PHE G 484 85.81 -48.90 28.77
N SER G 485 86.39 -47.75 28.45
CA SER G 485 85.90 -46.45 28.89
C SER G 485 86.68 -45.37 28.15
N VAL G 486 86.37 -44.12 28.47
CA VAL G 486 87.12 -42.99 27.91
C VAL G 486 88.57 -43.01 28.39
N ARG G 487 88.80 -43.57 29.58
CA ARG G 487 90.16 -43.64 30.12
C ARG G 487 91.11 -44.42 29.22
N LYS G 488 90.61 -45.47 28.56
CA LYS G 488 91.45 -46.29 27.70
C LYS G 488 91.51 -45.78 26.26
N CYS G 489 90.57 -44.94 25.85
CA CYS G 489 90.56 -44.41 24.50
C CYS G 489 91.59 -43.30 24.37
N HIS G 490 91.60 -42.62 23.22
CA HIS G 490 92.57 -41.57 22.95
C HIS G 490 91.96 -40.21 23.25
N THR G 491 92.83 -39.25 23.58
CA THR G 491 92.39 -37.92 23.95
C THR G 491 92.16 -37.07 22.71
N CYS G 492 91.09 -36.27 22.73
CA CYS G 492 90.76 -35.40 21.61
C CYS G 492 91.61 -34.14 21.68
N GLN G 493 91.34 -33.19 20.78
CA GLN G 493 92.11 -31.95 20.70
C GLN G 493 91.27 -30.78 21.18
N ASN G 494 91.97 -29.72 21.59
CA ASN G 494 91.34 -28.47 22.07
C ASN G 494 90.40 -28.73 23.25
N GLY G 495 90.80 -29.65 24.13
CA GLY G 495 90.00 -29.94 25.31
C GLY G 495 88.63 -30.48 25.01
N GLY G 496 88.45 -31.16 23.88
CA GLY G 496 87.15 -31.70 23.52
C GLY G 496 86.78 -32.85 24.42
N THR G 497 85.61 -32.76 25.08
CA THR G 497 85.15 -33.84 25.94
C THR G 497 84.89 -35.10 25.13
N VAL G 498 85.60 -36.16 25.46
CA VAL G 498 85.52 -37.42 24.73
C VAL G 498 84.41 -38.27 25.32
N ILE G 499 83.56 -38.81 24.44
CA ILE G 499 82.47 -39.70 24.85
C ILE G 499 82.68 -41.05 24.17
N LEU G 500 81.82 -42.01 24.55
CA LEU G 500 81.87 -43.37 24.01
C LEU G 500 80.45 -43.85 23.82
N MET G 501 80.03 -43.98 22.56
CA MET G 501 78.67 -44.41 22.21
C MET G 501 78.77 -45.64 21.32
N ASP G 502 78.85 -46.81 21.97
CA ASP G 502 78.86 -48.11 21.28
C ASP G 502 80.00 -48.19 20.25
N GLY G 503 81.22 -48.09 20.76
CA GLY G 503 82.42 -48.19 19.94
C GLY G 503 82.94 -46.88 19.39
N LYS G 504 82.05 -46.03 18.91
CA LYS G 504 82.45 -44.73 18.35
C LYS G 504 82.97 -43.85 19.47
N CYS G 505 84.29 -43.65 19.50
CA CYS G 505 84.94 -42.83 20.53
C CYS G 505 85.08 -41.39 20.05
N LEU G 506 83.93 -40.75 19.81
CA LEU G 506 83.91 -39.38 19.36
C LEU G 506 84.15 -38.42 20.52
N CYS G 507 84.54 -37.19 20.18
CA CYS G 507 84.80 -36.14 21.16
C CYS G 507 83.96 -34.92 20.83
N ALA G 508 83.24 -34.42 21.83
CA ALA G 508 82.42 -33.22 21.66
C ALA G 508 83.32 -31.99 21.61
N CYS G 509 83.32 -31.29 20.48
CA CYS G 509 84.17 -30.13 20.28
C CYS G 509 83.46 -28.87 20.77
N PRO G 510 84.20 -27.88 21.25
CA PRO G 510 83.55 -26.66 21.77
C PRO G 510 82.77 -25.92 20.69
N PHE G 511 82.04 -24.89 21.15
CA PHE G 511 81.14 -24.16 20.26
C PHE G 511 81.92 -23.40 19.18
N LYS G 512 82.94 -22.64 19.59
CA LYS G 512 83.71 -21.82 18.66
C LYS G 512 84.56 -22.64 17.69
N PHE G 513 84.61 -23.96 17.86
CA PHE G 513 85.44 -24.81 17.02
C PHE G 513 84.56 -25.68 16.13
N GLU G 514 85.17 -26.27 15.11
CA GLU G 514 84.43 -27.08 14.14
C GLU G 514 84.31 -28.50 14.65
N GLY G 515 83.92 -29.42 13.77
CA GLY G 515 83.47 -30.75 14.17
C GLY G 515 84.55 -31.77 14.48
N ILE G 516 84.42 -32.94 13.84
CA ILE G 516 85.18 -34.13 14.23
C ILE G 516 86.68 -33.84 14.31
N ALA G 517 87.33 -34.46 15.30
CA ALA G 517 88.77 -34.47 15.49
C ALA G 517 89.31 -33.12 15.94
N CYS G 518 88.45 -32.09 15.96
CA CYS G 518 88.84 -30.74 16.38
C CYS G 518 90.13 -30.29 15.72
N GLU G 519 90.24 -30.52 14.42
CA GLU G 519 91.44 -30.17 13.67
C GLU G 519 91.31 -28.79 13.01
N ILE G 520 90.31 -28.62 12.17
CA ILE G 520 90.07 -27.35 11.50
C ILE G 520 89.35 -26.41 12.46
N SER G 521 89.77 -25.14 12.46
CA SER G 521 89.31 -24.20 13.48
C SER G 521 87.93 -23.64 13.14
N LYS G 522 87.79 -23.04 11.96
CA LYS G 522 86.56 -22.34 11.56
C LYS G 522 86.24 -21.23 12.55
N GLN G 523 87.14 -20.26 12.64
CA GLN G 523 86.99 -19.13 13.55
C GLN G 523 85.97 -18.13 13.02
N LYS G 524 86.91 -18.46 9.73
CA LYS G 524 88.35 -18.71 9.67
C LYS G 524 89.12 -17.45 10.00
N ILE G 525 90.22 -17.22 9.27
CA ILE G 525 91.07 -16.06 9.45
C ILE G 525 90.92 -15.17 8.22
N SER G 526 90.89 -13.86 8.45
CA SER G 526 90.74 -12.90 7.36
C SER G 526 92.06 -12.74 6.61
N GLU G 527 91.98 -12.74 5.28
CA GLU G 527 93.13 -12.55 4.42
C GLU G 527 92.97 -11.26 3.62
N GLY G 528 94.02 -10.45 3.57
CA GLY G 528 93.98 -9.22 2.81
C GLY G 528 95.13 -9.10 1.84
N LEU G 529 94.83 -8.82 0.57
CA LEU G 529 95.84 -8.67 -0.46
C LEU G 529 95.71 -7.31 -1.12
N PRO G 530 96.60 -6.36 -0.85
CA PRO G 530 96.53 -5.04 -1.50
C PRO G 530 97.18 -4.99 -2.88
N ALA G 531 97.46 -6.13 -3.49
CA ALA G 531 98.10 -6.15 -4.80
C ALA G 531 97.17 -5.59 -5.88
N LEU G 532 97.77 -4.99 -6.90
CA LEU G 532 97.00 -4.44 -7.99
C LEU G 532 96.44 -5.58 -8.85
N GLU G 533 95.18 -5.50 -9.26
CA GLU G 533 94.59 -6.58 -10.07
C GLU G 533 95.22 -6.64 -11.45
N PHE G 534 95.52 -7.86 -11.89
CA PHE G 534 96.15 -8.05 -13.20
C PHE G 534 95.20 -7.68 -14.33
N PRO G 535 93.94 -8.09 -14.24
CA PRO G 535 92.97 -7.79 -15.27
C PRO G 535 91.56 -7.65 -14.68
N SER H 18 87.63 -40.11 -15.88
CA SER H 18 88.41 -41.30 -16.22
C SER H 18 87.53 -42.54 -16.19
N HIS H 19 87.48 -43.26 -17.32
CA HIS H 19 86.69 -44.48 -17.45
C HIS H 19 87.42 -45.64 -16.79
N ILE H 20 87.37 -45.66 -15.46
CA ILE H 20 88.02 -46.71 -14.68
C ILE H 20 87.17 -47.97 -14.72
N ASP H 21 87.75 -49.06 -15.20
CA ASP H 21 87.04 -50.33 -15.26
C ASP H 21 87.14 -51.06 -13.91
N CYS H 22 86.40 -52.15 -13.80
CA CYS H 22 86.35 -52.94 -12.56
C CYS H 22 87.21 -54.18 -12.73
N ARG H 23 88.38 -54.17 -12.10
CA ARG H 23 89.23 -55.36 -12.03
C ARG H 23 88.68 -56.25 -10.92
N MET H 24 87.66 -57.03 -11.27
CA MET H 24 86.85 -57.77 -10.31
C MET H 24 86.69 -59.23 -10.74
N SER H 25 87.79 -59.87 -11.12
CA SER H 25 87.71 -61.29 -11.43
C SER H 25 88.93 -62.09 -11.02
N PRO H 26 89.37 -62.06 -9.74
CA PRO H 26 90.36 -63.02 -9.27
C PRO H 26 89.70 -64.34 -8.88
N TRP H 27 89.93 -65.37 -9.68
CA TRP H 27 89.29 -66.66 -9.45
C TRP H 27 90.17 -67.56 -8.59
N SER H 28 89.53 -68.43 -7.83
CA SER H 28 90.20 -69.36 -6.92
C SER H 28 89.99 -70.80 -7.39
N GLU H 29 90.60 -71.72 -6.66
CA GLU H 29 90.54 -73.14 -7.00
C GLU H 29 89.31 -73.79 -6.40
N TRP H 30 88.79 -74.80 -7.11
CA TRP H 30 87.65 -75.57 -6.62
C TRP H 30 88.02 -76.32 -5.35
N SER H 31 87.26 -76.09 -4.28
CA SER H 31 87.50 -76.74 -3.01
C SER H 31 86.80 -78.10 -2.97
N GLN H 32 86.84 -78.74 -1.80
CA GLN H 32 86.21 -80.05 -1.64
C GLN H 32 84.69 -79.91 -1.59
N CYS H 33 84.00 -80.88 -2.16
CA CYS H 33 82.54 -80.86 -2.18
C CYS H 33 82.00 -81.15 -0.78
N ASP H 34 80.82 -80.59 -0.51
CA ASP H 34 80.16 -80.85 0.77
C ASP H 34 79.27 -82.08 0.64
N PRO H 35 79.44 -83.09 1.48
CA PRO H 35 78.62 -84.30 1.35
C PRO H 35 77.15 -84.06 1.70
N CYS H 36 76.91 -83.43 2.85
CA CYS H 36 75.54 -83.22 3.30
C CYS H 36 74.89 -82.04 2.59
N LEU H 37 75.62 -80.94 2.42
CA LEU H 37 75.05 -79.76 1.78
C LEU H 37 74.95 -79.92 0.27
N ARG H 38 75.81 -80.75 -0.33
CA ARG H 38 75.79 -81.03 -1.76
C ARG H 38 75.96 -79.75 -2.59
N GLN H 39 77.10 -79.10 -2.37
CA GLN H 39 77.40 -77.81 -2.98
C GLN H 39 78.90 -77.69 -3.16
N MET H 40 79.31 -76.84 -4.10
CA MET H 40 80.71 -76.54 -4.35
C MET H 40 80.99 -75.08 -3.99
N PHE H 41 82.28 -74.76 -3.91
CA PHE H 41 82.76 -73.47 -3.37
C PHE H 41 83.81 -72.86 -4.30
N ARG H 42 83.48 -72.75 -5.59
CA ARG H 42 84.27 -71.89 -6.46
C ARG H 42 84.26 -70.48 -5.90
N SER H 43 85.43 -69.98 -5.50
CA SER H 43 85.54 -68.74 -4.75
C SER H 43 85.90 -67.57 -5.66
N ARG H 44 85.82 -66.37 -5.09
CA ARG H 44 86.08 -65.14 -5.82
C ARG H 44 86.33 -64.04 -4.80
N SER H 45 86.66 -62.84 -5.30
CA SER H 45 86.92 -61.70 -4.42
C SER H 45 86.74 -60.43 -5.23
N ILE H 46 86.33 -59.37 -4.54
CA ILE H 46 86.15 -58.05 -5.15
C ILE H 46 87.37 -57.19 -4.87
N GLU H 47 87.86 -56.51 -5.90
CA GLU H 47 89.08 -55.73 -5.80
C GLU H 47 88.88 -54.25 -6.11
N VAL H 48 88.21 -53.93 -7.22
CA VAL H 48 88.09 -52.56 -7.70
C VAL H 48 86.62 -52.28 -8.02
N PHE H 49 86.11 -51.16 -7.51
CA PHE H 49 84.75 -50.72 -7.79
C PHE H 49 84.68 -49.83 -9.03
N GLY H 50 85.42 -48.72 -9.01
CA GLY H 50 85.30 -47.71 -10.04
C GLY H 50 84.74 -46.42 -9.46
N GLN H 51 85.61 -45.43 -9.24
CA GLN H 51 85.23 -44.22 -8.53
C GLN H 51 84.46 -43.23 -9.40
N PHE H 52 84.51 -43.39 -10.72
CA PHE H 52 83.97 -42.40 -11.64
C PHE H 52 82.78 -42.98 -12.40
N ASN H 53 82.31 -42.22 -13.39
CA ASN H 53 81.13 -42.52 -14.21
C ASN H 53 81.33 -43.73 -15.14
N GLY H 54 82.44 -44.45 -15.04
CA GLY H 54 82.69 -45.59 -15.89
C GLY H 54 81.77 -46.77 -15.65
N LYS H 55 82.18 -47.95 -16.10
CA LYS H 55 81.37 -49.15 -16.00
C LYS H 55 81.04 -49.51 -14.56
N ARG H 56 79.76 -49.44 -14.19
CA ARG H 56 79.33 -49.89 -12.87
C ARG H 56 79.36 -51.41 -12.81
N CYS H 57 79.86 -51.94 -11.70
CA CYS H 57 80.05 -53.37 -11.55
C CYS H 57 79.57 -53.78 -10.15
N THR H 58 78.40 -54.41 -10.09
CA THR H 58 77.82 -54.91 -8.86
C THR H 58 77.90 -56.43 -8.76
N ASP H 59 78.89 -57.03 -9.42
CA ASP H 59 79.01 -58.48 -9.46
C ASP H 59 79.22 -59.04 -8.05
N ALA H 60 78.27 -59.84 -7.60
CA ALA H 60 78.35 -60.42 -6.26
C ALA H 60 79.43 -61.50 -6.21
N VAL H 61 80.04 -61.63 -5.03
CA VAL H 61 81.10 -62.61 -4.80
C VAL H 61 80.46 -63.93 -4.38
N GLY H 62 80.88 -65.02 -5.01
CA GLY H 62 80.37 -66.34 -4.67
C GLY H 62 79.85 -67.14 -5.85
N ASP H 63 79.93 -68.45 -5.76
CA ASP H 63 79.46 -69.34 -6.82
C ASP H 63 79.12 -70.69 -6.21
N ARG H 64 78.05 -71.30 -6.72
CA ARG H 64 77.59 -72.60 -6.24
C ARG H 64 77.53 -73.59 -7.41
N ARG H 65 77.54 -74.87 -7.06
CA ARG H 65 77.51 -75.94 -8.06
C ARG H 65 77.13 -77.25 -7.39
N GLN H 66 76.32 -78.04 -8.07
CA GLN H 66 75.93 -79.35 -7.58
C GLN H 66 77.11 -80.33 -7.67
N CYS H 67 77.16 -81.28 -6.74
CA CYS H 67 78.26 -82.23 -6.69
C CYS H 67 77.75 -83.57 -6.16
N VAL H 68 78.26 -84.66 -6.70
CA VAL H 68 77.94 -86.00 -6.20
C VAL H 68 78.66 -86.19 -4.87
N PRO H 69 77.94 -86.41 -3.77
CA PRO H 69 78.62 -86.53 -2.47
C PRO H 69 79.36 -87.85 -2.34
N THR H 70 80.54 -87.78 -1.71
CA THR H 70 81.39 -88.95 -1.53
C THR H 70 81.44 -89.45 -0.10
N GLU H 71 81.16 -88.59 0.89
CA GLU H 71 81.13 -89.03 2.27
C GLU H 71 79.72 -89.54 2.62
N PRO H 72 79.62 -90.47 3.57
CA PRO H 72 78.30 -91.02 3.91
C PRO H 72 77.37 -90.04 4.60
N CYS H 73 77.89 -88.92 5.11
CA CYS H 73 77.09 -87.93 5.85
C CYS H 73 76.38 -88.58 7.03
N GLU H 74 77.19 -89.12 7.94
CA GLU H 74 76.65 -89.80 9.12
C GLU H 74 76.22 -88.80 10.20
N ASP H 75 76.85 -87.64 10.25
CA ASP H 75 76.50 -86.64 11.25
C ASP H 75 75.10 -86.08 10.97
N ALA H 76 74.27 -86.02 12.02
CA ALA H 76 72.91 -85.50 11.89
C ALA H 76 72.53 -84.83 13.20
N GLU H 77 71.46 -84.04 13.13
CA GLU H 77 70.95 -83.29 14.28
C GLU H 77 69.85 -84.10 14.95
N ASP H 78 70.14 -84.62 16.15
CA ASP H 78 69.14 -85.36 16.90
C ASP H 78 68.10 -84.42 17.46
N ASP H 79 66.94 -84.99 17.84
CA ASP H 79 65.85 -84.19 18.39
C ASP H 79 66.04 -83.95 19.88
N CYS H 80 67.23 -83.45 20.25
CA CYS H 80 67.55 -82.95 21.59
C CYS H 80 67.43 -84.01 22.68
N GLY H 81 67.02 -85.22 22.31
CA GLY H 81 66.97 -86.36 23.22
C GLY H 81 66.35 -86.10 24.59
N ASN H 82 65.50 -85.08 24.70
CA ASN H 82 64.98 -84.66 26.00
C ASN H 82 63.49 -84.90 26.13
N ASP H 83 62.68 -84.35 25.24
CA ASP H 83 61.23 -84.37 25.41
C ASP H 83 60.58 -84.38 24.03
N PHE H 84 59.28 -84.06 23.99
CA PHE H 84 58.51 -84.07 22.75
C PHE H 84 59.13 -83.16 21.70
N GLN H 85 59.45 -83.72 20.55
CA GLN H 85 59.98 -82.93 19.44
C GLN H 85 58.88 -82.14 18.76
N CYS H 86 59.20 -80.91 18.37
CA CYS H 86 58.26 -80.10 17.62
C CYS H 86 58.27 -80.48 16.14
N SER H 87 57.34 -79.91 15.40
CA SER H 87 57.22 -80.19 13.97
C SER H 87 58.29 -79.50 13.13
N THR H 88 59.14 -78.66 13.73
CA THR H 88 60.15 -77.94 12.99
C THR H 88 61.57 -78.17 13.48
N GLY H 89 61.77 -78.65 14.70
CA GLY H 89 63.10 -78.94 15.18
C GLY H 89 63.40 -78.50 16.60
N ARG H 90 62.53 -77.68 17.18
CA ARG H 90 62.72 -77.21 18.54
C ARG H 90 62.13 -78.22 19.53
N CYS H 91 62.31 -77.94 20.82
CA CYS H 91 61.96 -78.90 21.87
C CYS H 91 61.25 -78.19 23.02
N ILE H 92 60.33 -78.91 23.66
CA ILE H 92 59.72 -78.44 24.89
C ILE H 92 60.73 -78.50 26.02
N LYS H 93 60.83 -77.43 26.80
CA LYS H 93 61.72 -77.45 27.97
C LYS H 93 61.03 -78.12 29.15
N MET H 94 60.00 -77.48 29.70
CA MET H 94 59.23 -78.11 30.76
C MET H 94 57.72 -77.99 30.62
N ARG H 95 57.18 -76.93 29.98
CA ARG H 95 55.74 -76.71 29.98
C ARG H 95 55.24 -76.20 28.63
N LEU H 96 55.86 -76.63 27.53
CA LEU H 96 55.41 -76.25 26.20
C LEU H 96 54.27 -77.12 25.70
N ARG H 97 53.58 -77.82 26.60
CA ARG H 97 52.43 -78.64 26.23
C ARG H 97 51.19 -77.77 26.03
N CYS H 98 50.01 -78.40 25.99
CA CYS H 98 48.77 -77.69 25.70
C CYS H 98 48.43 -76.80 26.89
N ASN H 99 49.13 -75.67 26.98
CA ASN H 99 48.94 -74.69 28.05
C ASN H 99 48.92 -73.27 27.50
N GLY H 100 48.45 -73.12 26.26
CA GLY H 100 48.37 -71.80 25.65
C GLY H 100 49.71 -71.14 25.38
N ASP H 101 50.74 -71.94 25.08
CA ASP H 101 52.08 -71.44 24.81
C ASP H 101 52.37 -71.63 23.33
N ASN H 102 52.22 -70.55 22.55
CA ASN H 102 52.43 -70.61 21.11
C ASN H 102 53.92 -70.49 20.81
N ASP H 103 54.53 -71.59 20.41
CA ASP H 103 55.94 -71.61 20.01
C ASP H 103 56.13 -72.03 18.56
N CYS H 104 55.56 -73.16 18.15
CA CYS H 104 55.78 -73.70 16.81
C CYS H 104 54.79 -73.14 15.80
N GLY H 105 53.50 -73.34 16.03
CA GLY H 105 52.47 -72.84 15.14
C GLY H 105 51.21 -72.40 15.86
N ASP H 106 50.19 -72.02 15.11
CA ASP H 106 48.92 -71.65 15.73
C ASP H 106 48.31 -72.84 16.47
N PHE H 107 48.42 -74.04 15.89
CA PHE H 107 47.96 -75.25 16.57
C PHE H 107 48.95 -76.39 16.42
N SER H 108 50.23 -76.09 16.18
CA SER H 108 51.23 -77.15 16.03
C SER H 108 51.56 -77.79 17.37
N ASP H 109 51.91 -76.96 18.37
CA ASP H 109 52.22 -77.50 19.69
C ASP H 109 50.95 -77.93 20.41
N GLU H 110 49.87 -77.17 20.27
CA GLU H 110 48.59 -77.49 20.89
C GLU H 110 47.75 -78.44 20.05
N ASP H 111 48.36 -79.17 19.13
CA ASP H 111 47.61 -80.12 18.31
C ASP H 111 46.97 -81.20 19.17
N ASP H 112 47.75 -81.83 20.05
CA ASP H 112 47.26 -82.89 20.93
C ASP H 112 47.00 -82.29 22.30
N CYS H 113 45.73 -82.18 22.68
CA CYS H 113 45.33 -81.66 23.99
C CYS H 113 44.46 -82.73 24.66
N GLU H 114 45.10 -83.53 25.51
CA GLU H 114 44.38 -84.57 26.26
C GLU H 114 43.75 -84.02 27.52
N SER H 115 44.50 -83.22 28.28
CA SER H 115 43.97 -82.60 29.49
C SER H 115 43.18 -81.35 29.13
N GLU H 116 42.58 -80.73 30.16
CA GLU H 116 41.81 -79.52 29.95
C GLU H 116 42.73 -78.36 29.54
N PRO H 117 42.24 -77.44 28.70
CA PRO H 117 43.07 -76.31 28.29
C PRO H 117 43.31 -75.32 29.42
N ARG H 118 44.18 -75.68 30.35
CA ARG H 118 44.49 -74.82 31.49
C ARG H 118 45.15 -73.52 31.01
N PRO H 119 44.58 -72.36 31.31
CA PRO H 119 45.21 -71.10 30.90
C PRO H 119 46.44 -70.81 31.75
N PRO H 120 47.50 -70.28 31.15
CA PRO H 120 48.71 -69.99 31.94
C PRO H 120 48.60 -68.73 32.78
N CYS H 121 47.73 -67.79 32.41
CA CYS H 121 47.57 -66.54 33.14
C CYS H 121 46.11 -66.16 33.16
N ARG H 122 45.61 -65.81 34.34
CA ARG H 122 44.19 -65.49 34.51
C ARG H 122 43.88 -64.02 34.25
N ASP H 123 44.80 -63.11 34.58
CA ASP H 123 44.54 -61.69 34.40
C ASP H 123 44.48 -61.35 32.91
N ARG H 124 43.74 -60.28 32.60
CA ARG H 124 43.58 -59.82 31.23
C ARG H 124 44.78 -58.96 30.86
N VAL H 125 45.67 -59.50 30.01
CA VAL H 125 46.86 -58.81 29.56
C VAL H 125 46.83 -58.80 28.04
N VAL H 126 46.70 -57.61 27.45
CA VAL H 126 46.61 -57.48 26.00
C VAL H 126 47.97 -57.77 25.38
N GLU H 127 47.96 -58.46 24.24
CA GLU H 127 49.19 -58.78 23.54
C GLU H 127 49.88 -57.50 23.04
N GLU H 128 51.19 -57.60 22.89
CA GLU H 128 52.01 -56.45 22.48
C GLU H 128 51.75 -56.16 21.01
N SER H 129 50.92 -55.15 20.75
CA SER H 129 50.47 -54.82 19.39
C SER H 129 51.38 -53.74 18.81
N GLU H 130 52.14 -54.11 17.78
CA GLU H 130 52.95 -53.19 16.97
C GLU H 130 54.04 -52.49 17.79
N LEU H 131 54.22 -52.89 19.05
CA LEU H 131 55.21 -52.29 19.93
C LEU H 131 56.53 -53.05 19.77
N ALA H 132 57.45 -52.89 20.71
CA ALA H 132 58.81 -53.45 20.62
C ALA H 132 58.84 -54.97 20.52
N ARG H 133 57.67 -55.61 20.47
CA ARG H 133 57.55 -57.06 20.27
C ARG H 133 58.50 -57.55 19.18
N THR H 134 58.62 -56.80 18.09
CA THR H 134 59.57 -57.11 17.03
C THR H 134 60.90 -56.44 17.36
N ALA H 135 61.61 -57.02 18.31
CA ALA H 135 62.84 -56.45 18.86
C ALA H 135 64.08 -56.84 18.08
N GLY H 136 63.94 -57.66 17.04
CA GLY H 136 65.09 -58.07 16.24
C GLY H 136 65.34 -57.08 15.11
N TYR H 137 66.61 -56.76 14.90
CA TYR H 137 67.01 -55.81 13.87
C TYR H 137 68.34 -56.22 13.28
N GLY H 138 68.45 -56.12 11.96
CA GLY H 138 69.63 -56.59 11.24
C GLY H 138 70.43 -55.49 10.59
N ILE H 139 70.67 -54.39 11.30
CA ILE H 139 71.35 -53.24 10.74
C ILE H 139 72.70 -53.63 10.16
N ASN H 140 73.04 -53.05 9.02
CA ASN H 140 74.32 -53.25 8.36
C ASN H 140 75.18 -52.02 8.59
N ILE H 141 76.36 -52.21 9.18
CA ILE H 141 77.26 -51.09 9.42
C ILE H 141 77.71 -50.45 8.11
N LEU H 142 77.83 -51.26 7.05
CA LEU H 142 78.14 -50.74 5.72
C LEU H 142 76.90 -50.45 4.89
N GLY H 143 75.72 -50.84 5.37
CA GLY H 143 74.50 -50.67 4.61
C GLY H 143 73.66 -49.47 5.03
N MET H 144 72.53 -49.72 5.66
CA MET H 144 71.55 -48.68 5.96
C MET H 144 70.81 -49.06 7.24
N ASP H 145 69.65 -48.44 7.45
CA ASP H 145 68.80 -48.58 8.63
C ASP H 145 68.52 -50.04 8.97
N PRO H 146 68.16 -50.35 10.22
CA PRO H 146 68.04 -51.75 10.64
C PRO H 146 67.01 -52.53 9.84
N LEU H 147 67.13 -53.86 9.92
CA LEU H 147 66.30 -54.80 9.18
C LEU H 147 65.26 -55.40 10.12
N SER H 148 64.53 -56.40 9.64
CA SER H 148 63.48 -57.06 10.41
C SER H 148 64.10 -57.98 11.46
N THR H 149 63.26 -58.75 12.15
CA THR H 149 63.74 -59.60 13.23
C THR H 149 64.33 -60.89 12.67
N PRO H 150 65.54 -61.28 13.09
CA PRO H 150 66.12 -62.55 12.65
C PRO H 150 65.73 -63.76 13.50
N PHE H 151 64.93 -63.58 14.54
CA PHE H 151 64.62 -64.65 15.47
C PHE H 151 63.15 -64.57 15.87
N ASP H 152 62.64 -65.67 16.42
CA ASP H 152 61.27 -65.69 16.91
C ASP H 152 61.17 -64.91 18.21
N ASN H 153 60.24 -63.97 18.27
CA ASN H 153 60.07 -63.09 19.43
C ASN H 153 58.68 -63.21 20.04
N GLU H 154 57.96 -64.28 19.72
CA GLU H 154 56.61 -64.49 20.24
C GLU H 154 56.56 -65.54 21.35
N PHE H 155 57.46 -66.52 21.33
CA PHE H 155 57.46 -67.57 22.33
C PHE H 155 57.79 -67.01 23.71
N TYR H 156 57.11 -67.54 24.73
CA TYR H 156 57.36 -67.18 26.11
C TYR H 156 57.49 -68.45 26.95
N ASN H 157 58.28 -68.36 28.02
CA ASN H 157 58.63 -69.56 28.79
C ASN H 157 57.53 -69.97 29.75
N GLY H 158 57.22 -69.11 30.73
CA GLY H 158 56.31 -69.49 31.79
C GLY H 158 55.25 -68.47 32.15
N LEU H 159 55.20 -68.08 33.42
CA LEU H 159 54.20 -67.13 33.90
C LEU H 159 54.41 -65.77 33.25
N CYS H 160 53.31 -65.19 32.77
CA CYS H 160 53.38 -63.88 32.12
C CYS H 160 54.02 -62.85 33.03
N ASN H 161 54.95 -62.08 32.48
CA ASN H 161 55.62 -61.01 33.21
C ASN H 161 54.90 -59.71 32.91
N ARG H 162 54.28 -59.12 33.93
CA ARG H 162 53.44 -57.95 33.74
C ARG H 162 54.26 -56.75 33.25
N ASP H 163 53.63 -55.95 32.40
CA ASP H 163 54.25 -54.76 31.84
C ASP H 163 53.36 -53.55 32.08
N ARG H 164 52.94 -53.36 33.34
CA ARG H 164 51.95 -52.34 33.70
C ARG H 164 52.59 -50.97 33.58
N ASP H 165 52.66 -50.48 32.34
CA ASP H 165 53.19 -49.16 32.04
C ASP H 165 52.70 -48.75 30.66
N GLY H 166 52.84 -47.46 30.36
CA GLY H 166 52.42 -46.91 29.09
C GLY H 166 51.56 -45.68 29.26
N ASN H 167 51.19 -45.10 28.11
CA ASN H 167 50.37 -43.89 28.11
C ASN H 167 49.01 -44.16 28.74
N THR H 168 48.29 -45.16 28.23
CA THR H 168 46.97 -45.49 28.73
C THR H 168 47.06 -46.60 29.79
N LEU H 169 45.90 -47.03 30.28
CA LEU H 169 45.83 -48.09 31.28
C LEU H 169 45.58 -49.40 30.53
N THR H 170 46.67 -50.10 30.20
CA THR H 170 46.58 -51.36 29.49
C THR H 170 47.81 -52.20 29.82
N TYR H 171 47.62 -53.52 29.86
CA TYR H 171 48.67 -54.46 30.23
C TYR H 171 49.21 -55.13 28.98
N TYR H 172 50.52 -55.01 28.78
CA TYR H 172 51.20 -55.63 27.66
C TYR H 172 52.02 -56.84 28.14
N ARG H 173 52.46 -57.64 27.18
CA ARG H 173 53.29 -58.80 27.45
C ARG H 173 54.71 -58.54 26.97
N ARG H 174 55.67 -59.09 27.71
CA ARG H 174 57.09 -59.03 27.34
C ARG H 174 57.58 -60.43 27.02
N PRO H 175 58.03 -60.70 25.80
CA PRO H 175 58.44 -62.05 25.44
C PRO H 175 59.68 -62.49 26.21
N TRP H 176 59.87 -63.82 26.26
CA TRP H 176 61.02 -64.38 26.94
C TRP H 176 62.33 -64.08 26.22
N ASN H 177 62.27 -63.75 24.93
CA ASN H 177 63.48 -63.37 24.20
C ASN H 177 63.95 -61.98 24.58
N VAL H 178 63.03 -61.07 24.86
CA VAL H 178 63.37 -59.70 25.24
C VAL H 178 63.56 -59.65 26.75
N ALA H 179 64.75 -59.23 27.18
CA ALA H 179 65.06 -59.18 28.60
C ALA H 179 64.42 -57.99 29.29
N SER H 180 64.26 -56.87 28.59
CA SER H 180 63.69 -55.67 29.19
C SER H 180 62.86 -54.93 28.16
N LEU H 181 61.86 -54.20 28.65
CA LEU H 181 61.00 -53.39 27.78
C LEU H 181 60.54 -52.18 28.59
N ILE H 182 61.25 -51.06 28.42
CA ILE H 182 60.94 -49.83 29.14
C ILE H 182 60.08 -48.94 28.27
N TYR H 183 59.26 -48.11 28.91
CA TYR H 183 58.35 -47.21 28.22
C TYR H 183 58.66 -45.75 28.55
N GLU H 184 59.93 -45.43 28.78
CA GLU H 184 60.34 -44.08 29.11
C GLU H 184 60.09 -43.14 27.93
N THR H 185 59.31 -42.09 28.16
CA THR H 185 58.96 -41.13 27.12
C THR H 185 59.89 -39.92 27.16
N LYS H 186 61.18 -40.18 26.94
CA LYS H 186 62.16 -39.11 26.94
C LYS H 186 61.97 -38.19 25.74
N GLY H 187 62.37 -36.93 25.91
CA GLY H 187 62.27 -35.96 24.83
C GLY H 187 63.25 -34.81 24.99
N GLU H 188 63.99 -34.51 23.93
CA GLU H 188 64.99 -33.45 24.00
C GLU H 188 65.13 -32.82 22.62
N LYS H 189 65.77 -31.65 22.60
CA LYS H 189 66.01 -30.92 21.36
C LYS H 189 67.17 -29.96 21.58
N ASN H 190 67.82 -29.59 20.48
CA ASN H 190 68.97 -28.70 20.54
C ASN H 190 68.96 -27.80 19.31
N PHE H 191 69.52 -26.61 19.48
CA PHE H 191 69.60 -25.64 18.38
C PHE H 191 70.90 -24.85 18.53
N ARG H 192 71.43 -24.41 17.40
CA ARG H 192 72.67 -23.65 17.38
C ARG H 192 72.61 -22.62 16.27
N THR H 193 73.42 -21.57 16.43
CA THR H 193 73.48 -20.50 15.45
C THR H 193 74.84 -19.83 15.54
N GLU H 194 75.25 -19.21 14.43
CA GLU H 194 76.54 -18.52 14.37
C GLU H 194 76.50 -17.52 13.23
N HIS H 195 77.39 -16.52 13.32
CA HIS H 195 77.51 -15.50 12.30
C HIS H 195 78.97 -15.09 12.18
N TYR H 196 79.44 -15.00 10.94
CA TYR H 196 80.79 -14.55 10.64
C TYR H 196 80.71 -13.30 9.77
N GLU H 197 81.63 -12.36 10.00
CA GLU H 197 81.66 -11.11 9.25
C GLU H 197 83.09 -10.70 8.99
N GLU H 198 83.36 -10.27 7.75
CA GLU H 198 84.68 -9.82 7.35
C GLU H 198 84.52 -8.62 6.42
N GLN H 199 85.36 -7.61 6.64
CA GLN H 199 85.33 -6.39 5.84
C GLN H 199 86.74 -5.84 5.74
N ILE H 200 87.13 -5.44 4.53
CA ILE H 200 88.45 -4.84 4.30
C ILE H 200 88.32 -3.80 3.20
N GLU H 201 88.90 -2.62 3.43
CA GLU H 201 88.89 -1.53 2.47
C GLU H 201 90.23 -0.82 2.49
N ALA H 202 90.63 -0.30 1.33
CA ALA H 202 91.89 0.42 1.21
C ALA H 202 91.75 1.49 0.14
N PHE H 203 92.17 2.71 0.47
CA PHE H 203 92.15 3.84 -0.45
C PHE H 203 93.57 4.34 -0.66
N LYS H 204 93.87 4.75 -1.89
CA LYS H 204 95.19 5.27 -2.23
C LYS H 204 95.04 6.44 -3.19
N SER H 205 95.88 7.46 -3.01
CA SER H 205 95.87 8.63 -3.86
C SER H 205 97.30 9.15 -4.01
N ILE H 206 97.72 9.37 -5.26
CA ILE H 206 99.06 9.85 -5.57
C ILE H 206 98.94 10.94 -6.62
N ILE H 207 99.59 12.08 -6.37
CA ILE H 207 99.59 13.21 -7.28
C ILE H 207 101.01 13.72 -7.46
N GLN H 208 101.36 14.09 -8.69
CA GLN H 208 102.69 14.60 -9.01
C GLN H 208 102.54 15.87 -9.82
N GLU H 209 103.45 16.81 -9.60
CA GLU H 209 103.41 18.10 -10.29
C GLU H 209 104.84 18.59 -10.52
N LYS H 210 105.12 19.03 -11.74
CA LYS H 210 106.43 19.57 -12.09
C LYS H 210 106.23 20.78 -13.00
N THR H 211 107.04 21.82 -12.78
CA THR H 211 106.98 23.05 -13.55
C THR H 211 108.38 23.46 -13.94
N SER H 212 108.54 23.89 -15.19
CA SER H 212 109.84 24.30 -15.73
C SER H 212 109.68 25.53 -16.58
N ASN H 213 110.56 26.51 -16.39
CA ASN H 213 110.53 27.77 -17.14
C ASN H 213 111.95 28.23 -17.42
N PHE H 214 112.15 28.83 -18.59
CA PHE H 214 113.46 29.29 -19.01
C PHE H 214 113.30 30.57 -19.83
N ASN H 215 114.10 31.59 -19.51
CA ASN H 215 114.11 32.84 -20.25
C ASN H 215 115.54 33.29 -20.46
N ALA H 216 115.80 33.91 -21.62
CA ALA H 216 117.16 34.34 -21.96
C ALA H 216 117.07 35.47 -22.97
N ALA H 217 117.50 36.67 -22.57
CA ALA H 217 117.54 37.83 -23.45
C ALA H 217 118.96 38.38 -23.50
N ILE H 218 119.45 38.61 -24.71
CA ILE H 218 120.79 39.17 -24.91
C ILE H 218 120.71 40.22 -26.01
N SER H 219 121.30 41.39 -25.75
CA SER H 219 121.30 42.51 -26.68
C SER H 219 122.71 42.85 -27.10
N LEU H 220 122.85 43.36 -28.32
CA LEU H 220 124.14 43.72 -28.89
C LEU H 220 124.05 45.13 -29.48
N LYS H 221 125.08 45.92 -29.23
CA LYS H 221 125.14 47.29 -29.73
C LYS H 221 126.59 47.64 -30.06
N PHE H 222 126.78 48.32 -31.18
CA PHE H 222 128.12 48.71 -31.62
C PHE H 222 128.01 49.98 -32.45
N THR H 223 128.68 51.04 -32.01
CA THR H 223 128.67 52.32 -32.71
C THR H 223 129.99 53.03 -32.43
N PRO H 224 130.95 52.99 -33.36
CA PRO H 224 132.23 53.69 -33.19
C PRO H 224 132.12 55.18 -33.47
N SER H 242 130.28 56.62 -41.11
CA SER H 242 129.33 56.26 -40.07
C SER H 242 129.16 54.75 -39.99
N LEU H 243 129.04 54.23 -38.76
CA LEU H 243 128.88 52.81 -38.53
C LEU H 243 128.01 52.61 -37.30
N HIS H 244 127.00 51.75 -37.42
CA HIS H 244 126.07 51.48 -36.34
C HIS H 244 125.75 50.00 -36.30
N GLY H 245 125.45 49.51 -35.08
CA GLY H 245 125.09 48.13 -34.90
C GLY H 245 124.08 47.94 -33.79
N LYS H 246 123.03 47.15 -34.04
CA LYS H 246 121.99 46.90 -33.06
C LYS H 246 121.49 45.48 -33.22
N GLY H 247 121.56 44.70 -32.13
CA GLY H 247 121.06 43.34 -32.13
C GLY H 247 120.43 42.99 -30.80
N SER H 248 119.30 42.27 -30.82
CA SER H 248 118.60 41.90 -29.60
C SER H 248 118.02 40.50 -29.78
N PHE H 249 118.40 39.58 -28.90
CA PHE H 249 117.91 38.22 -28.94
C PHE H 249 116.93 37.99 -27.80
N ARG H 250 115.89 37.22 -28.06
CA ARG H 250 114.89 36.88 -27.05
C ARG H 250 114.60 35.40 -27.10
N PHE H 251 114.30 34.82 -25.92
CA PHE H 251 114.05 33.40 -25.80
C PHE H 251 113.10 33.16 -24.64
N SER H 252 112.18 32.21 -24.81
CA SER H 252 111.21 31.88 -23.79
C SER H 252 111.00 30.37 -23.75
N TYR H 253 110.39 29.91 -22.66
CA TYR H 253 110.17 28.48 -22.46
C TYR H 253 109.11 28.29 -21.38
N SER H 254 108.24 27.30 -21.58
CA SER H 254 107.20 26.98 -20.62
C SER H 254 106.90 25.49 -20.70
N LYS H 255 106.68 24.88 -19.53
CA LYS H 255 106.44 23.44 -19.46
C LYS H 255 105.93 23.09 -18.07
N ASN H 256 104.91 22.23 -18.02
CA ASN H 256 104.51 21.62 -16.77
C ASN H 256 103.90 20.25 -17.07
N GLU H 257 104.06 19.32 -16.13
CA GLU H 257 103.53 17.97 -16.26
C GLU H 257 102.92 17.54 -14.94
N THR H 258 101.60 17.44 -14.89
CA THR H 258 100.89 17.03 -13.70
C THR H 258 100.47 15.56 -13.83
N TYR H 259 100.79 14.77 -12.82
CA TYR H 259 100.42 13.36 -12.78
C TYR H 259 99.45 13.13 -11.63
N GLN H 260 98.51 12.21 -11.84
CA GLN H 260 97.52 11.88 -10.84
C GLN H 260 97.27 10.38 -10.83
N LEU H 261 97.22 9.80 -9.63
CA LEU H 261 96.99 8.38 -9.45
C LEU H 261 95.99 8.17 -8.34
N PHE H 262 95.10 7.19 -8.52
CA PHE H 262 94.09 6.88 -7.52
C PHE H 262 93.84 5.38 -7.54
N LEU H 263 93.84 4.76 -6.35
CA LEU H 263 93.64 3.33 -6.22
C LEU H 263 92.72 3.06 -5.04
N SER H 264 91.77 2.15 -5.23
CA SER H 264 90.80 1.81 -4.19
C SER H 264 90.54 0.31 -4.22
N TYR H 265 90.31 -0.26 -3.04
CA TYR H 265 90.03 -1.68 -2.92
C TYR H 265 89.06 -1.89 -1.75
N SER H 266 88.11 -2.81 -1.94
CA SER H 266 87.12 -3.11 -0.93
C SER H 266 86.66 -4.55 -1.07
N SER H 267 86.44 -5.20 0.06
CA SER H 267 85.97 -6.58 0.06
C SER H 267 85.22 -6.86 1.34
N LYS H 268 84.12 -7.60 1.24
CA LYS H 268 83.30 -7.96 2.39
C LYS H 268 82.94 -9.43 2.31
N LYS H 269 82.99 -10.12 3.44
CA LYS H 269 82.67 -11.53 3.52
C LYS H 269 81.80 -11.81 4.74
N GLU H 270 80.81 -12.67 4.57
CA GLU H 270 79.89 -13.03 5.64
C GLU H 270 79.59 -14.51 5.55
N LYS H 271 79.42 -15.15 6.71
CA LYS H 271 79.13 -16.58 6.78
C LYS H 271 78.19 -16.84 7.93
N MET H 272 77.21 -17.72 7.71
CA MET H 272 76.23 -18.07 8.71
C MET H 272 76.07 -19.58 8.77
N PHE H 273 76.08 -20.15 9.97
CA PHE H 273 75.90 -21.58 10.17
C PHE H 273 74.96 -21.80 11.33
N LEU H 274 73.88 -22.54 11.09
CA LEU H 274 72.88 -22.81 12.12
C LEU H 274 72.15 -24.10 11.79
N HIS H 275 71.85 -24.87 12.82
CA HIS H 275 71.15 -26.14 12.65
C HIS H 275 70.41 -26.47 13.94
N VAL H 276 69.44 -27.38 13.82
CA VAL H 276 68.63 -27.81 14.96
C VAL H 276 68.31 -29.29 14.80
N LYS H 277 68.19 -29.98 15.94
CA LYS H 277 67.89 -31.39 15.94
C LYS H 277 67.03 -31.72 17.15
N GLY H 278 66.10 -32.64 16.97
CA GLY H 278 65.23 -33.05 18.05
C GLY H 278 64.87 -34.52 17.92
N GLU H 279 64.72 -35.18 19.06
CA GLU H 279 64.42 -36.61 19.10
C GLU H 279 63.35 -36.86 20.16
N ILE H 280 62.22 -37.41 19.73
CA ILE H 280 61.13 -37.77 20.63
C ILE H 280 61.25 -39.27 20.90
N HIS H 281 61.79 -39.61 22.06
CA HIS H 281 61.97 -41.01 22.45
C HIS H 281 60.65 -41.60 22.91
N LEU H 282 60.41 -42.87 22.54
CA LEU H 282 59.16 -43.55 22.85
C LEU H 282 59.37 -44.73 23.81
N GLY H 283 60.23 -45.67 23.45
CA GLY H 283 60.44 -46.84 24.28
C GLY H 283 61.81 -47.43 24.06
N ARG H 284 62.19 -48.33 24.97
CA ARG H 284 63.51 -48.93 24.97
C ARG H 284 63.39 -50.40 25.34
N PHE H 285 64.27 -51.21 24.75
CA PHE H 285 64.29 -52.65 24.99
C PHE H 285 65.73 -53.12 24.99
N VAL H 286 65.95 -54.28 25.64
CA VAL H 286 67.25 -54.93 25.67
C VAL H 286 67.02 -56.42 25.43
N MET H 287 67.51 -56.93 24.30
CA MET H 287 67.38 -58.34 24.01
C MET H 287 68.26 -59.17 24.93
N ARG H 288 67.72 -60.28 25.44
CA ARG H 288 68.51 -61.18 26.26
C ARG H 288 69.64 -61.77 25.44
N ASN H 289 70.86 -61.70 25.98
CA ASN H 289 72.04 -62.08 25.20
C ASN H 289 72.11 -63.58 25.01
N ARG H 290 72.02 -64.35 26.10
CA ARG H 290 72.10 -65.80 26.04
C ARG H 290 70.79 -66.41 26.50
N ASP H 291 70.62 -67.71 26.21
CA ASP H 291 69.42 -68.45 26.54
C ASP H 291 68.19 -67.83 25.89
N VAL H 292 68.29 -67.60 24.58
CA VAL H 292 67.24 -66.98 23.79
C VAL H 292 66.83 -67.95 22.69
N VAL H 293 65.54 -67.89 22.33
CA VAL H 293 64.99 -68.77 21.30
C VAL H 293 65.09 -68.07 19.95
N LEU H 294 65.14 -68.88 18.89
CA LEU H 294 65.28 -68.39 17.53
C LEU H 294 64.10 -68.88 16.68
N THR H 295 63.96 -68.30 15.50
CA THR H 295 62.89 -68.66 14.58
C THR H 295 63.28 -69.87 13.75
N THR H 296 62.26 -70.58 13.26
CA THR H 296 62.50 -71.79 12.47
C THR H 296 63.18 -71.47 11.15
N THR H 297 63.02 -70.25 10.63
CA THR H 297 63.64 -69.89 9.37
C THR H 297 65.15 -69.70 9.55
N PHE H 298 65.56 -69.02 10.62
CA PHE H 298 67.00 -68.79 10.84
C PHE H 298 67.69 -70.07 11.27
N VAL H 299 67.03 -70.88 12.11
CA VAL H 299 67.64 -72.14 12.55
C VAL H 299 67.87 -73.08 11.37
N ASP H 300 66.89 -73.14 10.46
CA ASP H 300 67.06 -73.97 9.26
C ASP H 300 68.22 -73.47 8.42
N ASP H 301 68.45 -72.15 8.37
CA ASP H 301 69.60 -71.62 7.65
C ASP H 301 70.90 -72.00 8.33
N ILE H 302 70.93 -71.98 9.68
CA ILE H 302 72.12 -72.39 10.40
C ILE H 302 72.30 -73.89 10.33
N LYS H 303 71.19 -74.65 10.29
CA LYS H 303 71.30 -76.09 10.13
C LYS H 303 71.77 -76.45 8.73
N ALA H 304 71.19 -75.83 7.71
CA ALA H 304 71.65 -76.00 6.32
C ALA H 304 72.70 -74.93 6.01
N LEU H 305 73.88 -75.11 6.61
CA LEU H 305 74.96 -74.16 6.52
C LEU H 305 76.27 -74.93 6.39
N PRO H 306 77.18 -74.49 5.51
CA PRO H 306 78.45 -75.20 5.35
C PRO H 306 79.37 -75.05 6.55
N THR H 307 80.51 -75.75 6.52
CA THR H 307 81.46 -75.69 7.62
C THR H 307 82.91 -75.62 7.15
N THR H 308 83.16 -75.41 5.86
CA THR H 308 84.50 -75.38 5.29
C THR H 308 84.85 -73.99 4.78
N TYR H 309 84.38 -72.96 5.48
CA TYR H 309 84.64 -71.56 5.14
C TYR H 309 84.18 -71.25 3.72
N GLU H 310 82.87 -71.34 3.52
CA GLU H 310 82.25 -70.97 2.24
C GLU H 310 81.95 -69.48 2.27
N LYS H 311 82.93 -68.67 1.86
CA LYS H 311 82.76 -67.23 1.83
C LYS H 311 81.64 -66.81 0.88
N GLY H 312 81.41 -67.59 -0.18
CA GLY H 312 80.36 -67.24 -1.12
C GLY H 312 78.98 -67.26 -0.51
N GLU H 313 78.64 -68.36 0.17
CA GLU H 313 77.34 -68.45 0.82
C GLU H 313 77.28 -67.56 2.06
N TYR H 314 78.39 -67.46 2.80
CA TYR H 314 78.41 -66.62 3.99
C TYR H 314 78.18 -65.15 3.64
N PHE H 315 78.76 -64.69 2.54
CA PHE H 315 78.48 -63.33 2.07
C PHE H 315 77.03 -63.20 1.62
N ALA H 316 76.47 -64.27 1.05
CA ALA H 316 75.05 -64.26 0.69
C ALA H 316 74.19 -64.34 1.95
N PHE H 317 74.55 -65.21 2.88
CA PHE H 317 73.83 -65.29 4.15
C PHE H 317 73.97 -64.00 4.94
N LEU H 318 75.07 -63.27 4.75
CA LEU H 318 75.29 -62.03 5.50
C LEU H 318 74.29 -60.96 5.11
N GLU H 319 73.94 -60.88 3.82
CA GLU H 319 72.98 -59.87 3.37
C GLU H 319 71.57 -60.21 3.81
N THR H 320 71.28 -61.49 4.03
CA THR H 320 69.91 -61.90 4.35
C THR H 320 69.50 -61.43 5.75
N TYR H 321 70.38 -61.61 6.74
CA TYR H 321 70.07 -61.26 8.13
C TYR H 321 70.99 -60.19 8.68
N GLY H 322 71.63 -59.41 7.82
CA GLY H 322 72.53 -58.37 8.27
C GLY H 322 73.84 -58.95 8.79
N THR H 323 74.72 -58.04 9.21
CA THR H 323 76.03 -58.40 9.74
C THR H 323 76.01 -58.58 11.26
N HIS H 324 75.30 -57.71 11.97
CA HIS H 324 75.23 -57.77 13.43
C HIS H 324 73.88 -57.24 13.88
N TYR H 325 73.31 -57.87 14.91
CA TYR H 325 71.99 -57.52 15.38
C TYR H 325 72.08 -56.47 16.48
N SER H 326 70.92 -56.03 16.97
CA SER H 326 70.83 -55.01 18.00
C SER H 326 70.60 -55.66 19.36
N SER H 327 71.53 -55.43 20.29
CA SER H 327 71.34 -55.89 21.66
C SER H 327 70.38 -55.00 22.43
N SER H 328 70.35 -53.71 22.13
CA SER H 328 69.46 -52.77 22.79
C SER H 328 69.09 -51.66 21.81
N GLY H 329 67.79 -51.41 21.68
CA GLY H 329 67.32 -50.38 20.76
C GLY H 329 66.56 -49.27 21.45
N SER H 330 65.99 -48.36 20.66
CA SER H 330 65.23 -47.23 21.20
C SER H 330 64.14 -46.87 20.20
N LEU H 331 62.93 -47.36 20.45
CA LEU H 331 61.81 -47.06 19.56
C LEU H 331 61.40 -45.61 19.70
N GLY H 332 61.00 -45.00 18.58
CA GLY H 332 60.61 -43.61 18.57
C GLY H 332 60.73 -42.94 17.22
N GLY H 333 61.43 -41.81 17.18
CA GLY H 333 61.62 -41.06 15.96
C GLY H 333 62.32 -39.74 16.20
N LEU H 334 63.09 -39.27 15.23
CA LEU H 334 63.82 -38.02 15.38
C LEU H 334 63.74 -37.22 14.09
N TYR H 335 63.94 -35.90 14.21
CA TYR H 335 63.98 -34.99 13.08
C TYR H 335 65.17 -34.06 13.23
N GLU H 336 65.66 -33.57 12.09
CA GLU H 336 66.82 -32.69 12.09
C GLU H 336 66.68 -31.66 10.98
N LEU H 337 67.30 -30.50 11.20
CA LEU H 337 67.29 -29.42 10.21
C LEU H 337 68.67 -28.78 10.19
N ILE H 338 69.19 -28.55 8.98
CA ILE H 338 70.52 -27.99 8.79
C ILE H 338 70.44 -26.88 7.75
N TYR H 339 71.06 -25.75 8.06
CA TYR H 339 71.08 -24.59 7.17
C TYR H 339 72.48 -24.01 7.11
N VAL H 340 72.89 -23.59 5.91
CA VAL H 340 74.21 -23.01 5.69
C VAL H 340 74.05 -21.75 4.86
N LEU H 341 75.03 -20.85 5.00
CA LEU H 341 75.03 -19.59 4.28
C LEU H 341 76.46 -19.07 4.17
N ASP H 342 76.80 -18.54 2.99
CA ASP H 342 78.12 -17.97 2.75
C ASP H 342 77.98 -16.76 1.85
N LYS H 343 78.74 -15.71 2.16
CA LYS H 343 78.71 -14.46 1.41
C LYS H 343 80.13 -13.98 1.18
N ALA H 344 80.39 -13.49 -0.02
CA ALA H 344 81.71 -12.98 -0.38
C ALA H 344 81.54 -11.84 -1.38
N SER H 345 82.39 -10.82 -1.24
CA SER H 345 82.34 -9.66 -2.12
C SER H 345 83.74 -9.10 -2.28
N MET H 346 84.01 -8.55 -3.47
CA MET H 346 85.31 -7.97 -3.77
C MET H 346 85.13 -6.78 -4.71
N LYS H 347 85.83 -5.70 -4.42
CA LYS H 347 85.78 -4.48 -5.22
C LYS H 347 87.16 -3.88 -5.30
N ARG H 348 87.55 -3.45 -6.51
CA ARG H 348 88.85 -2.81 -6.72
C ARG H 348 88.67 -1.67 -7.71
N LYS H 349 89.26 -0.52 -7.40
CA LYS H 349 89.14 0.67 -8.23
C LYS H 349 90.52 1.29 -8.45
N GLY H 350 90.82 1.62 -9.69
CA GLY H 350 92.06 2.30 -10.02
C GLY H 350 91.87 3.38 -11.05
N VAL H 351 92.32 4.60 -10.74
CA VAL H 351 92.15 5.76 -11.62
C VAL H 351 93.52 6.36 -11.88
N GLU H 352 93.82 6.64 -13.15
CA GLU H 352 95.09 7.22 -13.56
C GLU H 352 94.83 8.39 -14.50
N LEU H 353 95.47 9.52 -14.22
CA LEU H 353 95.35 10.72 -15.04
C LEU H 353 96.74 11.30 -15.27
N LYS H 354 97.07 11.59 -16.52
CA LYS H 354 98.38 12.10 -16.88
C LYS H 354 98.22 13.24 -17.87
N ASP H 355 98.81 14.39 -17.54
CA ASP H 355 98.74 15.57 -18.40
C ASP H 355 100.10 16.23 -18.46
N ILE H 356 100.56 16.58 -19.66
CA ILE H 356 101.85 17.19 -19.88
C ILE H 356 101.68 18.34 -20.86
N LYS H 357 102.22 19.51 -20.51
CA LYS H 357 102.24 20.67 -21.39
C LYS H 357 103.67 21.19 -21.48
N ARG H 358 104.10 21.51 -22.70
CA ARG H 358 105.42 22.08 -22.92
C ARG H 358 105.37 23.00 -24.13
N CYS H 359 105.85 24.22 -23.99
CA CYS H 359 105.84 25.19 -25.08
C CYS H 359 107.19 25.89 -25.15
N LEU H 360 107.57 26.29 -26.37
CA LEU H 360 108.84 26.95 -26.63
C LEU H 360 108.59 28.25 -27.36
N GLY H 361 109.32 29.29 -26.97
CA GLY H 361 109.20 30.59 -27.60
C GLY H 361 110.53 31.24 -27.89
N TYR H 362 110.70 31.77 -29.09
CA TYR H 362 111.95 32.40 -29.50
C TYR H 362 111.64 33.63 -30.35
N HIS H 363 112.40 34.69 -30.12
CA HIS H 363 112.26 35.94 -30.87
C HIS H 363 113.63 36.44 -31.27
N LEU H 364 113.79 36.77 -32.55
CA LEU H 364 115.04 37.25 -33.10
C LEU H 364 114.78 38.56 -33.84
N ASP H 365 115.52 39.60 -33.49
CA ASP H 365 115.38 40.91 -34.12
C ASP H 365 116.75 41.55 -34.24
N VAL H 366 117.17 41.85 -35.46
CA VAL H 366 118.44 42.49 -35.74
C VAL H 366 118.20 43.62 -36.72
N SER H 367 118.71 44.81 -36.41
CA SER H 367 118.56 45.98 -37.26
C SER H 367 119.90 46.70 -37.36
N LEU H 368 120.31 47.00 -38.60
CA LEU H 368 121.58 47.65 -38.86
C LEU H 368 121.35 48.88 -39.72
N ALA H 369 122.09 49.94 -39.41
CA ALA H 369 122.01 51.20 -40.16
C ALA H 369 123.41 51.72 -40.41
N PHE H 370 123.64 52.24 -41.61
CA PHE H 370 124.96 52.73 -41.97
C PHE H 370 124.85 54.05 -42.74
N SER H 371 125.42 59.11 -48.01
CA SER H 371 125.46 57.65 -47.94
C SER H 371 124.57 57.13 -46.83
N GLU H 372 123.69 56.19 -47.16
CA GLU H 372 122.78 55.60 -46.19
C GLU H 372 122.55 54.14 -46.54
N ILE H 373 122.63 53.28 -45.52
CA ILE H 373 122.38 51.85 -45.68
C ILE H 373 121.51 51.39 -44.51
N SER H 374 120.48 50.60 -44.81
CA SER H 374 119.55 50.11 -43.80
C SER H 374 119.41 48.60 -43.94
N VAL H 375 119.52 47.90 -42.82
CA VAL H 375 119.40 46.44 -42.78
C VAL H 375 118.47 46.08 -41.63
N GLY H 376 117.50 45.22 -41.91
CA GLY H 376 116.54 44.80 -40.91
C GLY H 376 116.34 43.29 -40.92
N ALA H 377 116.02 42.76 -39.75
CA ALA H 377 115.78 41.33 -39.61
C ALA H 377 114.90 41.10 -38.38
N GLU H 378 113.88 40.25 -38.52
CA GLU H 378 113.01 39.89 -37.41
C GLU H 378 112.53 38.46 -37.61
N PHE H 379 112.82 37.60 -36.65
CA PHE H 379 112.40 36.20 -36.67
C PHE H 379 111.69 35.86 -35.37
N ASN H 380 110.51 35.25 -35.48
CA ASN H 380 109.72 34.87 -34.31
C ASN H 380 109.39 33.38 -34.39
N LYS H 381 109.58 32.68 -33.27
CA LYS H 381 109.34 31.25 -33.21
C LYS H 381 108.43 30.94 -32.03
N ASP H 382 107.41 30.13 -32.26
CA ASP H 382 106.47 29.75 -31.21
C ASP H 382 105.96 28.34 -31.48
N ASP H 383 106.02 27.47 -30.47
CA ASP H 383 105.56 26.11 -30.61
C ASP H 383 105.22 25.56 -29.23
N CYS H 384 103.99 25.10 -29.05
CA CYS H 384 103.52 24.55 -27.78
C CYS H 384 103.03 23.13 -28.02
N VAL H 385 103.28 22.26 -27.03
CA VAL H 385 102.90 20.85 -27.12
C VAL H 385 102.22 20.45 -25.82
N LYS H 386 101.12 19.70 -25.93
CA LYS H 386 100.40 19.17 -24.79
C LYS H 386 100.22 17.66 -24.96
N ARG H 387 100.29 16.93 -23.85
CA ARG H 387 100.07 15.49 -23.83
C ARG H 387 99.06 15.15 -22.74
N GLY H 388 98.16 14.21 -23.04
CA GLY H 388 97.13 13.83 -22.09
C GLY H 388 96.86 12.33 -22.08
N GLU H 389 96.66 11.78 -20.88
CA GLU H 389 96.41 10.36 -20.73
C GLU H 389 95.45 10.13 -19.56
N GLY H 390 94.46 9.26 -19.78
CA GLY H 390 93.51 8.92 -18.74
C GLY H 390 93.14 7.46 -18.74
N ARG H 391 93.09 6.85 -17.55
CA ARG H 391 92.77 5.44 -17.43
C ARG H 391 91.98 5.21 -16.15
N ALA H 392 91.04 4.27 -16.20
CA ALA H 392 90.21 3.95 -15.05
C ALA H 392 90.05 2.44 -14.96
N VAL H 393 89.91 1.95 -13.72
CA VAL H 393 89.72 0.52 -13.45
C VAL H 393 88.59 0.41 -12.44
N ASN H 394 87.55 -0.34 -12.79
CA ASN H 394 86.36 -0.50 -11.95
C ASN H 394 85.89 -1.94 -12.09
N ILE H 395 86.12 -2.75 -11.06
CA ILE H 395 85.81 -4.18 -11.10
C ILE H 395 85.16 -4.59 -9.78
N THR H 396 83.96 -5.15 -9.86
CA THR H 396 83.23 -5.63 -8.71
C THR H 396 82.96 -7.12 -8.84
N SER H 397 83.13 -7.85 -7.73
CA SER H 397 82.88 -9.28 -7.70
C SER H 397 82.16 -9.64 -6.40
N GLU H 398 81.16 -10.50 -6.51
CA GLU H 398 80.38 -10.91 -5.35
C GLU H 398 79.95 -12.36 -5.54
N ASN H 399 79.98 -13.13 -4.44
CA ASN H 399 79.61 -14.53 -4.45
C ASN H 399 78.68 -14.83 -3.28
N LEU H 400 77.68 -15.68 -3.52
CA LEU H 400 76.71 -16.06 -2.50
C LEU H 400 76.50 -17.56 -2.55
N ILE H 401 76.46 -18.19 -1.37
CA ILE H 401 76.28 -19.63 -1.25
C ILE H 401 75.31 -19.90 -0.11
N ASP H 402 74.32 -20.76 -0.36
CA ASP H 402 73.34 -21.13 0.65
C ASP H 402 72.97 -22.60 0.49
N ASP H 403 72.85 -23.30 1.62
CA ASP H 403 72.52 -24.71 1.63
C ASP H 403 71.54 -25.00 2.76
N VAL H 404 70.60 -25.92 2.51
CA VAL H 404 69.60 -26.30 3.49
C VAL H 404 69.33 -27.79 3.36
N VAL H 405 69.08 -28.45 4.49
CA VAL H 405 68.79 -29.88 4.52
C VAL H 405 67.94 -30.18 5.74
N SER H 406 67.12 -31.22 5.65
CA SER H 406 66.25 -31.60 6.75
C SER H 406 65.81 -33.05 6.55
N LEU H 407 65.36 -33.67 7.64
CA LEU H 407 64.92 -35.06 7.62
C LEU H 407 63.97 -35.29 8.78
N ILE H 408 63.14 -36.32 8.63
CA ILE H 408 62.16 -36.68 9.66
C ILE H 408 61.79 -38.15 9.47
N ARG H 409 61.29 -38.76 10.53
CA ARG H 409 60.90 -40.17 10.48
C ARG H 409 60.02 -40.49 11.67
N GLY H 410 59.20 -41.52 11.52
CA GLY H 410 58.33 -41.99 12.57
C GLY H 410 56.92 -41.46 12.45
N GLY H 411 55.99 -42.12 13.15
CA GLY H 411 54.60 -41.71 13.16
C GLY H 411 53.85 -42.04 11.89
N THR H 412 52.54 -41.84 11.90
CA THR H 412 51.76 -42.05 10.69
C THR H 412 52.14 -41.03 9.63
N ARG H 413 51.92 -41.39 8.36
CA ARG H 413 52.40 -40.55 7.27
C ARG H 413 51.62 -39.24 7.17
N LYS H 414 50.38 -39.22 7.66
CA LYS H 414 49.58 -38.00 7.60
C LYS H 414 50.15 -36.94 8.55
N TYR H 415 50.26 -37.27 9.84
CA TYR H 415 50.70 -36.29 10.83
C TYR H 415 52.19 -35.98 10.71
N ALA H 416 52.98 -36.93 10.21
CA ALA H 416 54.42 -36.73 10.14
C ALA H 416 54.77 -35.63 9.15
N PHE H 417 54.22 -35.69 7.94
CA PHE H 417 54.56 -34.72 6.91
C PHE H 417 53.76 -33.42 7.03
N GLU H 418 52.66 -33.44 7.79
CA GLU H 418 52.02 -32.18 8.16
C GLU H 418 52.95 -31.37 9.07
N LEU H 419 53.73 -32.05 9.89
CA LEU H 419 54.77 -31.37 10.66
C LEU H 419 55.90 -30.89 9.75
N LYS H 420 56.20 -31.66 8.70
CA LYS H 420 57.30 -31.32 7.81
C LYS H 420 57.01 -30.04 7.03
N GLU H 421 55.79 -29.93 6.49
CA GLU H 421 55.45 -28.77 5.67
C GLU H 421 55.42 -27.49 6.49
N LYS H 422 54.98 -27.57 7.74
CA LYS H 422 54.84 -26.38 8.57
C LYS H 422 56.13 -25.98 9.27
N LEU H 423 57.07 -26.93 9.43
CA LEU H 423 58.35 -26.60 10.06
C LEU H 423 59.28 -25.87 9.09
N LEU H 424 59.27 -26.28 7.82
CA LEU H 424 60.16 -25.69 6.81
C LEU H 424 59.61 -24.32 6.42
N ARG H 425 60.26 -23.27 6.92
CA ARG H 425 59.94 -21.88 6.59
C ARG H 425 58.51 -21.50 6.94
N GLY H 426 57.87 -22.24 7.86
CA GLY H 426 56.53 -21.92 8.27
C GLY H 426 56.46 -20.77 9.24
N THR H 427 57.40 -20.72 10.18
CA THR H 427 57.56 -19.68 11.20
C THR H 427 56.40 -19.59 12.16
N VAL H 428 55.40 -20.47 12.04
CA VAL H 428 54.23 -20.46 12.93
C VAL H 428 54.09 -21.89 13.46
N ILE H 429 54.66 -22.16 14.63
CA ILE H 429 54.56 -23.48 15.24
C ILE H 429 53.17 -23.65 15.82
N ASP H 430 52.49 -24.72 15.43
CA ASP H 430 51.14 -25.00 15.90
C ASP H 430 51.18 -25.80 17.19
N VAL H 431 50.08 -25.73 17.94
CA VAL H 431 49.97 -26.49 19.18
C VAL H 431 49.37 -27.86 18.93
N THR H 432 48.50 -28.00 17.94
CA THR H 432 47.80 -29.26 17.71
C THR H 432 48.64 -30.25 16.91
N ASP H 433 49.52 -29.77 16.03
CA ASP H 433 50.28 -30.69 15.19
C ASP H 433 51.30 -31.49 16.01
N PHE H 434 51.92 -30.86 17.00
CA PHE H 434 52.86 -31.59 17.84
C PHE H 434 52.14 -32.57 18.76
N VAL H 435 50.95 -32.20 19.23
CA VAL H 435 50.15 -33.14 20.02
C VAL H 435 49.70 -34.30 19.15
N ASN H 436 49.28 -34.02 17.91
CA ASN H 436 48.97 -35.09 16.97
C ASN H 436 50.20 -35.92 16.67
N TRP H 437 51.36 -35.27 16.54
CA TRP H 437 52.61 -36.00 16.34
C TRP H 437 52.92 -36.92 17.52
N ALA H 438 52.51 -36.53 18.73
CA ALA H 438 52.72 -37.38 19.89
C ALA H 438 51.92 -38.68 19.77
N SER H 439 50.64 -38.57 19.42
CA SER H 439 49.83 -39.76 19.22
C SER H 439 50.20 -40.48 17.93
N SER H 440 50.74 -39.75 16.95
CA SER H 440 51.13 -40.37 15.68
C SER H 440 52.30 -41.32 15.87
N ILE H 441 53.33 -40.88 16.59
CA ILE H 441 54.51 -41.72 16.78
C ILE H 441 54.23 -42.93 17.66
N ASN H 442 53.16 -42.88 18.46
CA ASN H 442 52.82 -44.02 19.31
C ASN H 442 52.40 -45.22 18.47
N ASP H 443 51.88 -44.99 17.27
CA ASP H 443 51.41 -46.10 16.43
C ASP H 443 52.55 -46.74 15.66
N ALA H 444 53.43 -45.93 15.06
CA ALA H 444 54.54 -46.43 14.24
C ALA H 444 55.83 -45.76 14.67
N PRO H 445 56.58 -46.36 15.60
CA PRO H 445 57.86 -45.79 16.01
C PRO H 445 59.02 -46.23 15.12
N VAL H 446 60.23 -45.79 15.45
CA VAL H 446 61.42 -46.16 14.68
C VAL H 446 62.62 -46.01 15.60
N LEU H 447 63.74 -46.63 15.23
CA LEU H 447 64.93 -46.64 16.06
C LEU H 447 65.52 -45.23 16.19
N ILE H 448 66.06 -44.96 17.38
CA ILE H 448 66.77 -43.70 17.64
C ILE H 448 68.19 -44.03 18.06
N SER H 449 68.33 -44.74 19.17
CA SER H 449 69.62 -45.20 19.68
C SER H 449 69.64 -46.72 19.64
N GLN H 450 70.74 -47.29 19.15
CA GLN H 450 70.83 -48.72 18.91
C GLN H 450 72.17 -49.24 19.43
N LYS H 451 72.10 -50.11 20.43
CA LYS H 451 73.29 -50.80 20.91
C LYS H 451 73.51 -52.06 20.09
N LEU H 452 74.76 -52.31 19.72
CA LEU H 452 75.09 -53.29 18.70
C LEU H 452 75.69 -54.54 19.33
N SER H 453 75.54 -55.68 18.63
CA SER H 453 76.04 -56.95 19.10
C SER H 453 76.27 -57.86 17.89
N PRO H 454 77.38 -58.58 17.82
CA PRO H 454 77.64 -59.41 16.65
C PRO H 454 76.69 -60.59 16.55
N ILE H 455 76.49 -61.05 15.31
CA ILE H 455 75.55 -62.15 15.07
C ILE H 455 76.15 -63.48 15.51
N TYR H 456 77.44 -63.68 15.27
CA TYR H 456 78.06 -64.97 15.59
C TYR H 456 78.00 -65.30 17.08
N ASN H 457 77.67 -64.32 17.94
CA ASN H 457 77.40 -64.60 19.34
C ASN H 457 75.96 -65.08 19.57
N LEU H 458 75.10 -64.97 18.56
CA LEU H 458 73.70 -65.36 18.68
C LEU H 458 73.44 -66.78 18.19
N VAL H 459 74.43 -67.43 17.58
CA VAL H 459 74.25 -68.80 17.07
C VAL H 459 73.88 -69.72 18.23
N PRO H 460 72.93 -70.63 18.07
CA PRO H 460 72.56 -71.53 19.18
C PRO H 460 73.69 -72.48 19.53
N VAL H 461 73.91 -72.65 20.83
CA VAL H 461 74.97 -73.49 21.36
C VAL H 461 74.56 -74.96 21.23
N LYS H 462 75.52 -75.87 21.46
CA LYS H 462 75.31 -77.32 21.45
C LYS H 462 74.50 -77.77 20.24
N MET H 463 74.78 -77.16 19.09
CA MET H 463 74.16 -77.55 17.83
C MET H 463 75.03 -78.62 17.17
N LYS H 464 74.78 -78.91 15.89
CA LYS H 464 75.57 -79.89 15.16
C LYS H 464 77.05 -79.48 15.12
N ASN H 465 77.33 -78.32 14.52
CA ASN H 465 78.68 -77.79 14.41
C ASN H 465 78.69 -76.31 14.78
N ALA H 466 78.09 -75.99 15.93
CA ALA H 466 77.89 -74.60 16.32
C ALA H 466 79.22 -73.87 16.47
N HIS H 467 80.17 -74.47 17.20
CA HIS H 467 81.42 -73.77 17.51
C HIS H 467 82.21 -73.46 16.24
N LEU H 468 82.42 -74.46 15.39
CA LEU H 468 83.23 -74.25 14.19
C LEU H 468 82.54 -73.26 13.24
N LYS H 469 81.21 -73.32 13.15
CA LYS H 469 80.49 -72.33 12.37
C LYS H 469 80.52 -70.95 13.02
N LYS H 470 80.60 -70.90 14.34
CA LYS H 470 80.67 -69.61 15.04
C LYS H 470 81.94 -68.85 14.65
N GLN H 471 83.10 -69.49 14.84
CA GLN H 471 84.36 -68.86 14.45
C GLN H 471 84.43 -68.69 12.94
N ASN H 472 83.73 -69.53 12.18
CA ASN H 472 83.72 -69.40 10.72
C ASN H 472 83.02 -68.12 10.30
N LEU H 473 81.86 -67.83 10.90
CA LEU H 473 81.19 -66.56 10.64
C LEU H 473 81.95 -65.39 11.27
N GLU H 474 82.69 -65.64 12.35
CA GLU H 474 83.53 -64.60 12.93
C GLU H 474 84.60 -64.15 11.95
N ARG H 475 85.21 -65.10 11.23
CA ARG H 475 86.13 -64.74 10.15
C ARG H 475 85.39 -64.07 9.01
N ALA H 476 84.12 -64.41 8.81
CA ALA H 476 83.34 -63.81 7.72
C ALA H 476 82.97 -62.37 8.05
N ILE H 477 82.47 -62.13 9.26
CA ILE H 477 82.08 -60.78 9.64
C ILE H 477 83.28 -59.84 9.70
N GLU H 478 84.45 -60.37 10.06
CA GLU H 478 85.66 -59.54 10.05
C GLU H 478 86.11 -59.25 8.62
N ASP H 479 86.00 -60.24 7.73
CA ASP H 479 86.38 -60.02 6.34
C ASP H 479 85.35 -59.16 5.62
N TYR H 480 84.07 -59.31 5.96
CA TYR H 480 83.01 -58.57 5.29
C TYR H 480 83.22 -57.06 5.42
N ILE H 481 83.42 -56.59 6.65
CA ILE H 481 83.60 -55.16 6.88
C ILE H 481 84.92 -54.68 6.28
N ASN H 482 85.89 -55.58 6.09
CA ASN H 482 87.19 -55.23 5.54
C ASN H 482 87.34 -55.62 4.07
N GLU H 483 86.31 -56.21 3.46
CA GLU H 483 86.40 -56.60 2.06
C GLU H 483 86.16 -55.41 1.14
N PHE H 484 84.99 -54.80 1.23
CA PHE H 484 84.62 -53.66 0.40
C PHE H 484 84.18 -52.51 1.29
N SER H 485 84.75 -51.33 1.05
CA SER H 485 84.45 -50.13 1.82
C SER H 485 85.13 -48.95 1.13
N VAL H 486 84.98 -47.77 1.74
CA VAL H 486 85.66 -46.58 1.22
C VAL H 486 87.17 -46.72 1.37
N ARG H 487 87.62 -47.53 2.33
CA ARG H 487 89.05 -47.72 2.55
C ARG H 487 89.73 -48.33 1.34
N LYS H 488 89.03 -49.22 0.62
CA LYS H 488 89.62 -49.89 -0.53
C LYS H 488 89.39 -49.13 -1.83
N CYS H 489 88.45 -48.20 -1.86
CA CYS H 489 88.17 -47.42 -3.06
C CYS H 489 89.23 -46.32 -3.21
N HIS H 490 89.05 -45.45 -4.20
CA HIS H 490 89.99 -44.38 -4.48
C HIS H 490 89.55 -43.08 -3.81
N THR H 491 90.53 -42.24 -3.51
CA THR H 491 90.26 -40.98 -2.82
C THR H 491 89.83 -39.90 -3.81
N CYS H 492 88.84 -39.10 -3.41
CA CYS H 492 88.34 -38.03 -4.25
C CYS H 492 89.26 -36.81 -4.15
N GLN H 493 88.88 -35.71 -4.78
CA GLN H 493 89.68 -34.50 -4.80
C GLN H 493 89.03 -33.42 -3.93
N ASN H 494 89.87 -32.47 -3.50
CA ASN H 494 89.44 -31.33 -2.69
C ASN H 494 88.76 -31.79 -1.39
N GLY H 495 89.27 -32.88 -0.83
CA GLY H 495 88.73 -33.38 0.44
C GLY H 495 87.29 -33.81 0.37
N GLY H 496 86.82 -34.24 -0.80
CA GLY H 496 85.45 -34.67 -0.94
C GLY H 496 85.19 -35.96 -0.20
N THR H 497 84.21 -35.97 0.70
CA THR H 497 83.87 -37.17 1.44
C THR H 497 83.35 -38.25 0.48
N VAL H 498 84.04 -39.39 0.47
CA VAL H 498 83.73 -40.48 -0.46
C VAL H 498 82.73 -41.41 0.20
N ILE H 499 81.69 -41.77 -0.55
CA ILE H 499 80.67 -42.70 -0.09
C ILE H 499 80.63 -43.90 -1.03
N LEU H 500 79.81 -44.88 -0.66
CA LEU H 500 79.66 -46.11 -1.44
C LEU H 500 78.20 -46.52 -1.40
N MET H 501 77.51 -46.39 -2.53
CA MET H 501 76.08 -46.72 -2.65
C MET H 501 75.92 -47.77 -3.75
N ASP H 502 76.06 -49.04 -3.36
CA ASP H 502 75.86 -50.17 -4.27
C ASP H 502 76.75 -50.07 -5.50
N GLY H 503 78.05 -50.09 -5.26
CA GLY H 503 79.05 -50.05 -6.32
C GLY H 503 79.52 -48.67 -6.72
N LYS H 504 78.60 -47.72 -6.82
CA LYS H 504 78.94 -46.35 -7.20
C LYS H 504 79.76 -45.70 -6.08
N CYS H 505 81.06 -45.56 -6.31
CA CYS H 505 81.96 -44.97 -5.32
C CYS H 505 82.09 -43.46 -5.57
N LEU H 506 80.96 -42.77 -5.39
CA LEU H 506 80.92 -41.33 -5.59
C LEU H 506 81.47 -40.61 -4.35
N CYS H 507 81.85 -39.36 -4.55
CA CYS H 507 82.39 -38.52 -3.49
C CYS H 507 81.58 -37.24 -3.39
N ALA H 508 81.10 -36.93 -2.19
CA ALA H 508 80.35 -35.71 -1.97
C ALA H 508 81.29 -34.51 -1.96
N CYS H 509 81.11 -33.62 -2.94
CA CYS H 509 81.97 -32.45 -3.11
C CYS H 509 81.46 -31.29 -2.26
N PRO H 510 82.35 -30.42 -1.79
CA PRO H 510 81.92 -29.30 -0.94
C PRO H 510 80.97 -28.35 -1.66
N PHE H 511 80.43 -27.41 -0.88
CA PHE H 511 79.41 -26.49 -1.40
C PHE H 511 80.00 -25.57 -2.47
N LYS H 512 81.14 -24.94 -2.17
CA LYS H 512 81.75 -23.98 -3.08
C LYS H 512 82.33 -24.62 -4.34
N PHE H 513 82.30 -25.94 -4.44
CA PHE H 513 82.87 -26.64 -5.58
C PHE H 513 81.76 -27.31 -6.38
N GLU H 514 82.09 -27.72 -7.60
CA GLU H 514 81.11 -28.30 -8.50
C GLU H 514 81.02 -29.81 -8.25
N GLY H 515 80.39 -30.55 -9.16
CA GLY H 515 79.97 -31.91 -8.93
C GLY H 515 81.02 -32.99 -9.06
N ILE H 516 80.70 -34.02 -9.86
CA ILE H 516 81.45 -35.26 -9.88
C ILE H 516 82.94 -35.03 -10.08
N ALA H 517 83.75 -35.84 -9.40
CA ALA H 517 85.20 -35.91 -9.52
C ALA H 517 85.90 -34.68 -8.97
N CYS H 518 85.13 -33.67 -8.56
CA CYS H 518 85.66 -32.43 -7.99
C CYS H 518 86.83 -31.90 -8.82
N GLU H 519 86.63 -31.84 -10.13
CA GLU H 519 87.67 -31.37 -11.06
C GLU H 519 87.47 -29.90 -11.43
N ILE H 520 86.31 -29.56 -11.97
CA ILE H 520 86.01 -28.19 -12.34
C ILE H 520 85.56 -27.42 -11.09
N SER H 521 86.04 -26.19 -10.96
CA SER H 521 85.87 -25.45 -9.72
C SER H 521 84.49 -24.79 -9.63
N LYS H 522 84.14 -23.98 -10.63
CA LYS H 522 82.90 -23.20 -10.63
C LYS H 522 82.85 -22.29 -9.40
N GLN H 523 83.81 -21.37 -9.35
CA GLN H 523 83.91 -20.43 -8.23
C GLN H 523 82.85 -19.34 -8.35
N LYS H 524 83.12 -19.07 -11.74
CA LYS H 524 84.50 -19.31 -12.16
C LYS H 524 85.40 -18.13 -11.80
N ILE H 525 86.32 -17.81 -12.70
CA ILE H 525 87.26 -16.71 -12.52
C ILE H 525 86.89 -15.62 -13.51
N SER H 526 86.98 -14.36 -13.08
CA SER H 526 86.63 -13.23 -13.93
C SER H 526 87.80 -12.92 -14.86
N GLU H 527 87.48 -12.73 -16.14
CA GLU H 527 88.46 -12.40 -17.16
C GLU H 527 88.20 -10.99 -17.68
N GLY H 528 89.26 -10.19 -17.80
CA GLY H 528 89.13 -8.84 -18.31
C GLY H 528 90.06 -8.55 -19.47
N LEU H 529 89.51 -8.04 -20.55
CA LEU H 529 90.30 -7.72 -21.75
C LEU H 529 90.11 -6.25 -22.11
N PRO H 530 91.11 -5.39 -21.87
CA PRO H 530 90.98 -3.98 -22.25
C PRO H 530 91.32 -3.67 -23.70
N ALA H 531 91.39 -4.69 -24.57
CA ALA H 531 91.75 -4.48 -25.95
C ALA H 531 90.65 -3.71 -26.69
N LEU H 532 91.07 -2.93 -27.69
CA LEU H 532 90.12 -2.17 -28.48
C LEU H 532 89.30 -3.11 -29.36
N GLU H 533 88.00 -2.92 -29.46
CA GLU H 533 87.18 -3.81 -30.29
C GLU H 533 87.48 -3.63 -31.77
N PHE H 534 87.60 -4.77 -32.47
CA PHE H 534 87.91 -4.73 -33.90
C PHE H 534 86.77 -4.12 -34.70
N PRO H 535 85.54 -4.50 -34.40
CA PRO H 535 84.38 -4.00 -35.12
C PRO H 535 83.15 -3.95 -34.22
N SER I 18 76.58 -35.54 -40.59
CA SER I 18 77.18 -36.68 -41.26
C SER I 18 76.24 -37.88 -41.26
N HIS I 19 75.90 -38.37 -42.45
CA HIS I 19 75.00 -39.52 -42.59
C HIS I 19 75.79 -40.80 -42.32
N ILE I 20 76.03 -41.05 -41.04
CA ILE I 20 76.78 -42.23 -40.62
C ILE I 20 75.87 -43.45 -40.68
N ASP I 21 76.24 -44.43 -41.48
CA ASP I 21 75.47 -45.66 -41.61
C ASP I 21 75.84 -46.63 -40.49
N CYS I 22 75.08 -47.71 -40.40
CA CYS I 22 75.27 -48.73 -39.37
C CYS I 22 75.99 -49.94 -39.97
N ARG I 23 77.27 -50.11 -39.61
CA ARG I 23 78.02 -51.31 -39.97
C ARG I 23 77.67 -52.38 -38.95
N MET I 24 76.54 -53.04 -39.18
CA MET I 24 75.93 -53.94 -38.20
C MET I 24 75.59 -55.27 -38.84
N SER I 25 76.54 -55.85 -39.58
CA SER I 25 76.30 -57.18 -40.11
C SER I 25 77.54 -58.07 -40.14
N PRO I 26 78.24 -58.28 -39.01
CA PRO I 26 79.25 -59.35 -38.96
C PRO I 26 78.61 -60.69 -38.66
N TRP I 27 78.60 -61.56 -39.66
CA TRP I 27 77.94 -62.86 -39.52
C TRP I 27 78.93 -63.92 -39.05
N SER I 28 78.40 -64.90 -38.32
CA SER I 28 79.20 -65.98 -37.76
C SER I 28 78.83 -67.31 -38.43
N GLU I 29 79.55 -68.36 -38.04
CA GLU I 29 79.36 -69.68 -38.60
C GLU I 29 78.25 -70.44 -37.86
N TRP I 30 77.56 -71.30 -38.60
CA TRP I 30 76.52 -72.13 -38.02
C TRP I 30 77.12 -73.10 -37.00
N SER I 31 76.59 -73.07 -35.78
CA SER I 31 77.06 -73.95 -34.72
C SER I 31 76.31 -75.28 -34.77
N GLN I 32 76.55 -76.12 -33.77
CA GLN I 32 75.89 -77.42 -33.71
C GLN I 32 74.44 -77.26 -33.28
N CYS I 33 73.57 -78.10 -33.84
CA CYS I 33 72.16 -78.05 -33.49
C CYS I 33 71.92 -78.58 -32.09
N ASP I 34 70.88 -78.07 -31.45
CA ASP I 34 70.48 -78.53 -30.13
C ASP I 34 69.52 -79.71 -30.28
N PRO I 35 69.81 -80.86 -29.69
CA PRO I 35 68.89 -82.01 -29.84
C PRO I 35 67.57 -81.81 -29.14
N CYS I 36 67.61 -81.40 -27.86
CA CYS I 36 66.39 -81.25 -27.09
C CYS I 36 65.67 -79.96 -27.41
N LEU I 37 66.42 -78.85 -27.54
CA LEU I 37 65.80 -77.57 -27.81
C LEU I 37 65.34 -77.45 -29.26
N ARG I 38 66.01 -78.16 -30.18
CA ARG I 38 65.65 -78.19 -31.59
C ARG I 38 65.72 -76.78 -32.19
N GLN I 39 66.92 -76.21 -32.14
CA GLN I 39 67.17 -74.84 -32.57
C GLN I 39 68.61 -74.72 -33.07
N MET I 40 68.84 -73.72 -33.91
CA MET I 40 70.16 -73.40 -34.41
C MET I 40 70.61 -72.04 -33.88
N PHE I 41 71.91 -71.77 -34.02
CA PHE I 41 72.55 -70.61 -33.39
C PHE I 41 73.41 -69.86 -34.40
N ARG I 42 72.83 -69.51 -35.55
CA ARG I 42 73.47 -68.51 -36.41
C ARG I 42 73.63 -67.22 -35.62
N SER I 43 74.88 -66.80 -35.42
CA SER I 43 75.19 -65.72 -34.50
C SER I 43 75.42 -64.42 -35.27
N ARG I 44 75.57 -63.33 -34.50
CA ARG I 44 75.74 -61.99 -35.05
C ARG I 44 76.29 -61.10 -33.94
N SER I 45 76.56 -59.84 -34.28
CA SER I 45 77.09 -58.89 -33.32
C SER I 45 76.79 -57.48 -33.82
N ILE I 46 76.61 -56.57 -32.87
CA ILE I 46 76.37 -55.16 -33.17
C ILE I 46 77.68 -54.40 -33.02
N GLU I 47 77.97 -53.53 -34.00
CA GLU I 47 79.23 -52.80 -34.04
C GLU I 47 79.04 -51.30 -34.03
N VAL I 48 78.17 -50.76 -34.88
CA VAL I 48 78.03 -49.32 -35.06
C VAL I 48 76.56 -48.96 -34.98
N PHE I 49 76.23 -47.94 -34.17
CA PHE I 49 74.87 -47.43 -34.05
C PHE I 49 74.58 -46.33 -35.06
N GLY I 50 75.38 -45.26 -35.02
CA GLY I 50 75.08 -44.06 -35.79
C GLY I 50 74.76 -42.90 -34.88
N GLN I 51 75.72 -41.99 -34.69
CA GLN I 51 75.58 -40.93 -33.71
C GLN I 51 74.69 -39.79 -34.18
N PHE I 52 74.43 -39.69 -35.48
CA PHE I 52 73.74 -38.53 -36.05
C PHE I 52 72.39 -38.94 -36.61
N ASN I 53 71.74 -37.99 -37.29
CA ASN I 53 70.39 -38.10 -37.84
C ASN I 53 70.29 -39.09 -39.00
N GLY I 54 71.35 -39.84 -39.32
CA GLY I 54 71.31 -40.78 -40.42
C GLY I 54 70.43 -41.99 -40.18
N LYS I 55 70.71 -43.08 -40.89
CA LYS I 55 69.90 -44.30 -40.82
C LYS I 55 69.88 -44.90 -39.42
N ARG I 56 68.72 -44.88 -38.78
CA ARG I 56 68.56 -45.55 -37.50
C ARG I 56 68.51 -47.07 -37.72
N CYS I 57 69.21 -47.81 -36.86
CA CYS I 57 69.34 -49.25 -37.01
C CYS I 57 69.14 -49.91 -35.64
N THR I 58 67.97 -50.52 -35.46
CA THR I 58 67.64 -51.24 -34.23
C THR I 58 67.66 -52.75 -34.43
N ASP I 59 68.43 -53.23 -35.40
CA ASP I 59 68.46 -54.66 -35.72
C ASP I 59 68.96 -55.46 -34.52
N ALA I 60 68.09 -56.32 -33.99
CA ALA I 60 68.45 -57.12 -32.83
C ALA I 60 69.42 -58.24 -33.22
N VAL I 61 70.29 -58.59 -32.28
CA VAL I 61 71.28 -59.63 -32.49
C VAL I 61 70.66 -60.98 -32.15
N GLY I 62 70.86 -61.96 -33.03
CA GLY I 62 70.34 -63.31 -32.80
C GLY I 62 69.53 -63.83 -33.96
N ASP I 63 69.55 -65.16 -34.12
CA ASP I 63 68.83 -65.83 -35.19
C ASP I 63 68.56 -67.26 -34.79
N ARG I 64 67.37 -67.77 -35.13
CA ARG I 64 66.98 -69.12 -34.82
C ARG I 64 66.59 -69.87 -36.09
N ARG I 65 66.60 -71.21 -36.00
CA ARG I 65 66.27 -72.05 -37.13
C ARG I 65 65.95 -73.46 -36.63
N GLN I 66 64.94 -74.08 -37.24
CA GLN I 66 64.59 -75.44 -36.91
C GLN I 66 65.65 -76.41 -37.44
N CYS I 67 65.87 -77.50 -36.71
CA CYS I 67 66.87 -78.49 -37.07
C CYS I 67 66.39 -79.89 -36.70
N VAL I 68 66.72 -80.86 -37.54
CA VAL I 68 66.43 -82.26 -37.23
C VAL I 68 67.42 -82.72 -36.16
N PRO I 69 66.96 -83.13 -34.98
CA PRO I 69 67.89 -83.49 -33.91
C PRO I 69 68.57 -84.83 -34.19
N THR I 70 69.85 -84.90 -33.84
CA THR I 70 70.65 -86.09 -34.07
C THR I 70 70.99 -86.86 -32.80
N GLU I 71 70.99 -86.19 -31.64
CA GLU I 71 71.24 -86.88 -30.39
C GLU I 71 69.93 -87.42 -29.82
N PRO I 72 69.99 -88.51 -29.04
CA PRO I 72 68.74 -89.09 -28.51
C PRO I 72 68.06 -88.25 -27.46
N CYS I 73 68.73 -87.25 -26.89
CA CYS I 73 68.18 -86.39 -25.84
C CYS I 73 67.73 -87.24 -24.65
N GLU I 74 68.69 -87.96 -24.06
CA GLU I 74 68.38 -88.82 -22.93
C GLU I 74 68.27 -88.04 -21.62
N ASP I 75 68.95 -86.90 -21.51
CA ASP I 75 68.89 -86.10 -20.30
C ASP I 75 67.51 -85.47 -20.15
N ALA I 76 66.95 -85.59 -18.95
CA ALA I 76 65.64 -85.03 -18.67
C ALA I 76 65.58 -84.61 -17.20
N GLU I 77 64.58 -83.80 -16.88
CA GLU I 77 64.39 -83.27 -15.53
C GLU I 77 63.43 -84.17 -14.78
N ASP I 78 63.93 -84.91 -13.80
CA ASP I 78 63.09 -85.76 -12.98
C ASP I 78 62.26 -84.92 -12.02
N ASP I 79 61.19 -85.53 -11.50
CA ASP I 79 60.30 -84.83 -10.58
C ASP I 79 60.84 -84.88 -9.16
N CYS I 80 62.10 -84.49 -8.98
CA CYS I 80 62.76 -84.24 -7.70
C CYS I 80 62.81 -85.48 -6.81
N GLY I 81 62.26 -86.60 -7.28
CA GLY I 81 62.34 -87.88 -6.60
C GLY I 81 62.06 -87.88 -5.11
N ASN I 82 61.33 -86.89 -4.62
CA ASN I 82 61.14 -86.71 -3.19
C ASN I 82 59.69 -86.93 -2.75
N ASP I 83 58.75 -86.21 -3.32
CA ASP I 83 57.37 -86.23 -2.83
C ASP I 83 56.43 -85.97 -4.00
N PHE I 84 55.18 -85.62 -3.68
CA PHE I 84 54.14 -85.39 -4.68
C PHE I 84 54.57 -84.30 -5.66
N GLN I 85 54.58 -84.66 -6.95
CA GLN I 85 54.90 -83.69 -7.99
C GLN I 85 53.73 -82.75 -8.24
N CYS I 86 54.03 -81.48 -8.47
CA CYS I 86 52.99 -80.52 -8.83
C CYS I 86 52.66 -80.62 -10.32
N SER I 87 51.61 -79.90 -10.72
CA SER I 87 51.17 -79.90 -12.10
C SER I 87 52.06 -79.08 -13.03
N THR I 88 53.07 -78.39 -12.49
CA THR I 88 53.94 -77.56 -13.31
C THR I 88 55.42 -77.90 -13.21
N GLY I 89 55.85 -78.61 -12.17
CA GLY I 89 57.24 -79.01 -12.08
C GLY I 89 57.87 -78.86 -10.71
N ARG I 90 57.20 -78.14 -9.81
CA ARG I 90 57.72 -77.94 -8.46
C ARG I 90 57.31 -79.11 -7.57
N CYS I 91 57.80 -79.09 -6.32
CA CYS I 91 57.62 -80.21 -5.41
C CYS I 91 57.24 -79.73 -4.02
N ILE I 92 56.43 -80.53 -3.32
CA ILE I 92 56.15 -80.28 -1.92
C ILE I 92 57.39 -80.58 -1.09
N LYS I 93 57.72 -79.67 -0.17
CA LYS I 93 58.84 -79.93 0.73
C LYS I 93 58.41 -80.79 1.90
N MET I 94 57.56 -80.24 2.78
CA MET I 94 57.00 -81.04 3.87
C MET I 94 55.51 -80.87 4.10
N ARG I 95 54.92 -79.71 3.80
CA ARG I 95 53.52 -79.46 4.17
C ARG I 95 52.76 -78.70 3.08
N LEU I 96 53.11 -78.92 1.82
CA LEU I 96 52.39 -78.29 0.72
C LEU I 96 51.11 -79.04 0.34
N ARG I 97 50.60 -79.88 1.24
CA ARG I 97 49.35 -80.59 1.00
C ARG I 97 48.16 -79.68 1.26
N CYS I 98 46.97 -80.26 1.37
CA CYS I 98 45.74 -79.49 1.51
C CYS I 98 45.72 -78.83 2.89
N ASN I 99 46.49 -77.74 3.02
CA ASN I 99 46.61 -76.99 4.25
C ASN I 99 46.55 -75.49 3.98
N GLY I 100 45.83 -75.09 2.93
CA GLY I 100 45.68 -73.69 2.60
C GLY I 100 46.97 -73.02 2.15
N ASP I 101 47.87 -73.77 1.51
CA ASP I 101 49.14 -73.25 1.02
C ASP I 101 49.06 -73.17 -0.49
N ASN I 102 48.82 -71.97 -1.01
CA ASN I 102 48.68 -71.75 -2.45
C ASN I 102 50.07 -71.60 -3.07
N ASP I 103 50.52 -72.62 -3.80
CA ASP I 103 51.79 -72.59 -4.50
C ASP I 103 51.63 -72.73 -6.00
N CYS I 104 50.91 -73.75 -6.47
CA CYS I 104 50.80 -74.04 -7.90
C CYS I 104 49.65 -73.27 -8.54
N GLY I 105 48.43 -73.51 -8.07
CA GLY I 105 47.27 -72.83 -8.61
C GLY I 105 46.24 -72.49 -7.55
N ASP I 106 45.09 -71.95 -7.98
CA ASP I 106 44.01 -71.67 -7.04
C ASP I 106 43.52 -72.94 -6.36
N PHE I 107 43.41 -74.03 -7.13
CA PHE I 107 43.04 -75.33 -6.57
C PHE I 107 43.90 -76.45 -7.14
N SER I 108 45.10 -76.15 -7.63
CA SER I 108 45.96 -77.19 -8.19
C SER I 108 46.53 -78.08 -7.08
N ASP I 109 47.19 -77.47 -6.08
CA ASP I 109 47.74 -78.24 -4.98
C ASP I 109 46.65 -78.78 -4.07
N GLU I 110 45.62 -77.98 -3.82
CA GLU I 110 44.48 -78.38 -3.00
C GLU I 110 43.42 -79.14 -3.78
N ASP I 111 43.77 -79.70 -4.94
CA ASP I 111 42.81 -80.47 -5.73
C ASP I 111 42.30 -81.67 -4.95
N ASP I 112 43.20 -82.47 -4.39
CA ASP I 112 42.84 -83.65 -3.62
C ASP I 112 42.95 -83.32 -2.13
N CYS I 113 41.80 -83.28 -1.45
CA CYS I 113 41.74 -83.01 -0.01
C CYS I 113 41.01 -84.16 0.66
N GLU I 114 41.76 -85.12 1.17
CA GLU I 114 41.19 -86.26 1.86
C GLU I 114 40.89 -85.94 3.33
N SER I 115 41.83 -85.31 4.01
CA SER I 115 41.64 -84.92 5.40
C SER I 115 40.86 -83.60 5.47
N GLU I 116 40.54 -83.18 6.70
CA GLU I 116 39.82 -81.94 6.90
C GLU I 116 40.68 -80.74 6.49
N PRO I 117 40.07 -79.68 5.97
CA PRO I 117 40.85 -78.49 5.58
C PRO I 117 41.40 -77.74 6.78
N ARG I 118 42.42 -78.29 7.41
CA ARG I 118 43.04 -77.67 8.57
C ARG I 118 43.66 -76.32 8.19
N PRO I 119 43.23 -75.22 8.79
CA PRO I 119 43.82 -73.93 8.47
C PRO I 119 45.21 -73.81 9.05
N PRO I 120 46.15 -73.21 8.32
CA PRO I 120 47.52 -73.08 8.84
C PRO I 120 47.68 -71.99 9.89
N CYS I 121 46.82 -70.96 9.88
CA CYS I 121 46.92 -69.86 10.82
C CYS I 121 45.52 -69.47 11.26
N ARG I 122 45.33 -69.35 12.58
CA ARG I 122 44.01 -69.05 13.13
C ARG I 122 43.73 -67.55 13.23
N ASP I 123 44.74 -66.75 13.50
CA ASP I 123 44.53 -65.31 13.64
C ASP I 123 44.16 -64.69 12.30
N ARG I 124 43.46 -63.56 12.37
CA ARG I 124 43.02 -62.84 11.19
C ARG I 124 44.16 -61.95 10.69
N VAL I 125 44.79 -62.34 9.59
CA VAL I 125 45.89 -61.61 9.00
C VAL I 125 45.52 -61.32 7.56
N VAL I 126 45.35 -60.02 7.23
CA VAL I 126 44.95 -59.63 5.89
C VAL I 126 46.12 -59.84 4.93
N GLU I 127 45.80 -60.30 3.71
CA GLU I 127 46.82 -60.51 2.70
C GLU I 127 47.46 -59.18 2.30
N GLU I 128 48.70 -59.26 1.83
CA GLU I 128 49.47 -58.07 1.46
C GLU I 128 48.90 -57.50 0.16
N SER I 129 48.09 -56.45 0.29
CA SER I 129 47.37 -55.86 -0.84
C SER I 129 48.18 -54.70 -1.42
N GLU I 130 48.68 -54.88 -2.64
CA GLU I 130 49.34 -53.84 -3.43
C GLU I 130 50.63 -53.33 -2.79
N LEU I 131 51.05 -53.96 -1.69
CA LEU I 131 52.26 -53.56 -0.99
C LEU I 131 53.46 -54.31 -1.59
N ALA I 132 54.58 -54.35 -0.86
CA ALA I 132 55.83 -54.90 -1.36
C ALA I 132 55.76 -56.38 -1.73
N ARG I 133 54.56 -56.98 -1.62
CA ARG I 133 54.31 -58.35 -2.04
C ARG I 133 54.96 -58.66 -3.39
N THR I 134 54.88 -57.72 -4.33
CA THR I 134 55.55 -57.85 -5.62
C THR I 134 56.95 -57.26 -5.48
N ALA I 135 57.83 -58.03 -4.84
CA ALA I 135 59.17 -57.58 -4.50
C ALA I 135 60.19 -57.85 -5.60
N GLY I 136 59.79 -58.49 -6.69
CA GLY I 136 60.69 -58.75 -7.80
C GLY I 136 60.75 -57.58 -8.76
N TYR I 137 61.96 -57.24 -9.19
CA TYR I 137 62.18 -56.11 -10.09
C TYR I 137 63.33 -56.44 -11.03
N GLY I 138 63.15 -56.12 -12.30
CA GLY I 138 64.10 -56.46 -13.34
C GLY I 138 64.80 -55.28 -13.97
N ILE I 139 65.24 -54.33 -13.14
CA ILE I 139 65.84 -53.10 -13.66
C ILE I 139 67.01 -53.40 -14.59
N ASN I 140 67.11 -52.63 -15.67
CA ASN I 140 68.20 -52.73 -16.63
C ASN I 140 69.16 -51.58 -16.39
N ILE I 141 70.43 -51.91 -16.15
CA ILE I 141 71.44 -50.87 -15.92
C ILE I 141 71.61 -50.00 -17.16
N LEU I 142 71.45 -50.58 -18.35
CA LEU I 142 71.49 -49.84 -19.60
C LEU I 142 70.12 -49.36 -20.06
N GLY I 143 69.05 -49.83 -19.42
CA GLY I 143 67.71 -49.49 -19.84
C GLY I 143 67.06 -48.39 -19.04
N MET I 144 66.09 -48.75 -18.21
CA MET I 144 65.26 -47.78 -17.51
C MET I 144 64.82 -48.38 -16.17
N ASP I 145 63.79 -47.80 -15.58
CA ASP I 145 63.23 -48.13 -14.27
C ASP I 145 62.95 -49.62 -14.11
N PRO I 146 62.83 -50.12 -12.87
CA PRO I 146 62.69 -51.57 -12.67
C PRO I 146 61.46 -52.16 -13.35
N LEU I 147 61.52 -53.48 -13.53
CA LEU I 147 60.50 -54.24 -14.21
C LEU I 147 59.64 -55.00 -13.18
N SER I 148 58.78 -55.88 -13.66
CA SER I 148 57.89 -56.65 -12.81
C SER I 148 58.67 -57.77 -12.10
N THR I 149 57.96 -58.64 -11.40
CA THR I 149 58.62 -59.69 -10.63
C THR I 149 58.98 -60.86 -11.53
N PRO I 150 60.22 -61.34 -11.49
CA PRO I 150 60.61 -62.52 -12.28
C PRO I 150 60.35 -63.85 -11.59
N PHE I 151 59.83 -63.85 -10.38
CA PHE I 151 59.65 -65.09 -9.62
C PHE I 151 58.32 -65.04 -8.87
N ASP I 152 57.88 -66.21 -8.42
CA ASP I 152 56.65 -66.30 -7.64
C ASP I 152 56.90 -65.77 -6.24
N ASN I 153 56.05 -64.83 -5.80
CA ASN I 153 56.21 -64.18 -4.50
C ASN I 153 54.99 -64.38 -3.62
N GLU I 154 54.14 -65.36 -3.94
CA GLU I 154 52.94 -65.65 -3.16
C GLU I 154 53.08 -66.88 -2.28
N PHE I 155 53.89 -67.85 -2.69
CA PHE I 155 54.05 -69.08 -1.91
C PHE I 155 54.71 -68.79 -0.57
N TYR I 156 54.25 -69.48 0.46
CA TYR I 156 54.83 -69.39 1.80
C TYR I 156 55.06 -70.80 2.34
N ASN I 157 56.06 -70.94 3.21
CA ASN I 157 56.49 -72.26 3.65
C ASN I 157 55.59 -72.81 4.76
N GLY I 158 55.56 -72.15 5.90
CA GLY I 158 54.86 -72.69 7.06
C GLY I 158 53.97 -71.72 7.81
N LEU I 159 54.22 -71.58 9.11
CA LEU I 159 53.40 -70.71 9.95
C LEU I 159 53.57 -69.25 9.53
N CYS I 160 52.43 -68.56 9.39
CA CYS I 160 52.44 -67.16 8.99
C CYS I 160 53.33 -66.33 9.91
N ASN I 161 54.19 -65.51 9.32
CA ASN I 161 55.06 -64.62 10.06
C ASN I 161 54.37 -63.26 10.19
N ARG I 162 54.04 -62.87 11.42
CA ARG I 162 53.26 -61.68 11.64
C ARG I 162 54.02 -60.42 11.21
N ASP I 163 53.28 -59.46 10.67
CA ASP I 163 53.85 -58.21 10.20
C ASP I 163 53.10 -57.03 10.85
N ARG I 164 52.96 -57.07 12.18
CA ARG I 164 52.12 -56.12 12.90
C ARG I 164 52.81 -54.75 12.88
N ASP I 165 52.61 -54.04 11.78
CA ASP I 165 53.15 -52.69 11.60
C ASP I 165 52.41 -52.03 10.45
N GLY I 166 52.56 -50.72 10.36
CA GLY I 166 51.91 -49.93 9.34
C GLY I 166 51.20 -48.73 9.91
N ASN I 167 50.61 -47.95 9.01
CA ASN I 167 49.90 -46.74 9.42
C ASN I 167 48.71 -47.09 10.30
N THR I 168 47.83 -47.97 9.82
CA THR I 168 46.63 -48.36 10.55
C THR I 168 46.90 -49.65 11.33
N LEU I 169 45.86 -50.15 11.99
CA LEU I 169 45.94 -51.38 12.77
C LEU I 169 45.45 -52.53 11.88
N THR I 170 46.39 -53.17 11.20
CA THR I 170 46.07 -54.28 10.32
C THR I 170 47.28 -55.20 10.22
N TYR I 171 47.01 -56.49 10.04
CA TYR I 171 48.05 -57.51 9.99
C TYR I 171 48.28 -57.95 8.56
N TYR I 172 49.51 -57.80 8.09
CA TYR I 172 49.90 -58.23 6.75
C TYR I 172 50.72 -59.50 6.81
N ARG I 173 50.91 -60.12 5.64
CA ARG I 173 51.71 -61.32 5.50
C ARG I 173 52.99 -61.02 4.76
N ARG I 174 54.07 -61.70 5.14
CA ARG I 174 55.35 -61.59 4.47
C ARG I 174 55.67 -62.92 3.80
N PRO I 175 55.82 -62.94 2.48
CA PRO I 175 56.07 -64.22 1.79
C PRO I 175 57.42 -64.82 2.15
N TRP I 176 57.51 -66.13 1.95
CA TRP I 176 58.75 -66.86 2.24
C TRP I 176 59.88 -66.45 1.31
N ASN I 177 59.56 -65.89 0.13
CA ASN I 177 60.60 -65.40 -0.77
C ASN I 177 61.22 -64.12 -0.26
N VAL I 178 60.45 -63.27 0.42
CA VAL I 178 60.94 -62.01 0.96
C VAL I 178 61.49 -62.26 2.36
N ALA I 179 62.77 -61.92 2.55
CA ALA I 179 63.41 -62.16 3.84
C ALA I 179 62.99 -61.12 4.87
N SER I 180 62.75 -59.87 4.44
CA SER I 180 62.40 -58.80 5.34
C SER I 180 61.41 -57.84 4.67
N LEU I 181 60.61 -57.18 5.50
CA LEU I 181 59.63 -56.20 5.00
C LEU I 181 59.45 -55.16 6.11
N ILE I 182 60.14 -54.02 5.96
CA ILE I 182 60.08 -52.95 6.94
C ILE I 182 59.09 -51.89 6.45
N TYR I 183 58.48 -51.19 7.41
CA TYR I 183 57.48 -50.16 7.13
C TYR I 183 57.93 -48.80 7.62
N GLU I 184 59.23 -48.54 7.63
CA GLU I 184 59.76 -47.27 8.10
C GLU I 184 59.32 -46.13 7.18
N THR I 185 58.68 -45.12 7.76
CA THR I 185 58.18 -43.97 7.01
C THR I 185 59.17 -42.82 7.06
N LYS I 186 60.36 -43.06 6.52
CA LYS I 186 61.40 -42.04 6.49
C LYS I 186 61.01 -40.91 5.53
N GLY I 187 61.50 -39.71 5.83
CA GLY I 187 61.25 -38.56 4.99
C GLY I 187 62.30 -37.47 5.14
N GLU I 188 62.81 -36.98 4.02
CA GLU I 188 63.86 -35.97 4.03
C GLU I 188 63.74 -35.11 2.80
N LYS I 189 64.42 -33.97 2.83
CA LYS I 189 64.44 -33.03 1.71
C LYS I 189 65.68 -32.16 1.83
N ASN I 190 66.10 -31.61 0.68
CA ASN I 190 67.28 -30.78 0.63
C ASN I 190 67.07 -29.67 -0.39
N PHE I 191 67.73 -28.54 -0.16
CA PHE I 191 67.65 -27.40 -1.06
C PHE I 191 68.97 -26.66 -1.04
N ARG I 192 69.29 -26.03 -2.17
CA ARG I 192 70.53 -25.30 -2.31
C ARG I 192 70.30 -24.08 -3.20
N THR I 193 71.17 -23.08 -3.05
CA THR I 193 71.08 -21.86 -3.82
C THR I 193 72.46 -21.22 -3.90
N GLU I 194 72.65 -20.39 -4.94
CA GLU I 194 73.92 -19.71 -5.14
C GLU I 194 73.70 -18.51 -6.04
N HIS I 195 74.64 -17.57 -5.99
CA HIS I 195 74.59 -16.37 -6.81
C HIS I 195 76.00 -15.98 -7.22
N TYR I 196 76.17 -15.65 -8.49
CA TYR I 196 77.44 -15.20 -9.04
C TYR I 196 77.26 -13.80 -9.62
N GLU I 197 78.26 -12.95 -9.44
CA GLU I 197 78.21 -11.59 -9.93
C GLU I 197 79.58 -11.16 -10.44
N GLU I 198 79.60 -10.50 -11.59
CA GLU I 198 80.83 -10.01 -12.19
C GLU I 198 80.56 -8.65 -12.82
N GLN I 199 81.50 -7.72 -12.60
CA GLN I 199 81.38 -6.37 -13.13
C GLN I 199 82.76 -5.84 -13.45
N ILE I 200 82.89 -5.20 -14.61
CA ILE I 200 84.16 -4.60 -15.03
C ILE I 200 83.85 -3.35 -15.84
N GLU I 201 84.63 -2.30 -15.59
CA GLU I 201 84.47 -1.03 -16.30
C GLU I 201 85.84 -0.41 -16.53
N ALA I 202 85.95 0.33 -17.64
CA ALA I 202 87.21 1.00 -17.98
C ALA I 202 86.89 2.29 -18.72
N PHE I 203 87.50 3.39 -18.28
CA PHE I 203 87.33 4.70 -18.90
C PHE I 203 88.68 5.20 -19.38
N LYS I 204 88.69 5.81 -20.57
CA LYS I 204 89.91 6.36 -21.16
C LYS I 204 89.59 7.69 -21.84
N SER I 205 90.51 8.64 -21.69
CA SER I 205 90.35 9.96 -22.31
C SER I 205 91.72 10.51 -22.64
N ILE I 206 91.89 10.98 -23.88
CA ILE I 206 93.16 11.52 -24.35
C ILE I 206 92.86 12.79 -25.13
N ILE I 207 93.63 13.85 -24.86
CA ILE I 207 93.48 15.14 -25.53
C ILE I 207 94.86 15.65 -25.91
N GLN I 208 94.95 16.33 -27.05
CA GLN I 208 96.20 16.88 -27.54
C GLN I 208 95.99 18.34 -27.90
N GLU I 209 97.05 19.13 -27.72
CA GLU I 209 97.00 20.57 -27.98
C GLU I 209 98.35 21.03 -28.50
N LYS I 210 98.34 21.72 -29.65
CA LYS I 210 99.55 22.23 -30.27
C LYS I 210 99.21 23.53 -30.99
N THR I 211 100.01 24.57 -30.75
CA THR I 211 99.83 25.87 -31.39
C THR I 211 101.19 26.37 -31.87
N SER I 212 101.23 26.88 -33.11
CA SER I 212 102.46 27.37 -33.71
C SER I 212 102.18 28.70 -34.40
N ASN I 213 103.10 29.65 -34.23
CA ASN I 213 102.96 30.97 -34.82
C ASN I 213 104.32 31.45 -35.33
N PHE I 214 104.30 32.21 -36.42
CA PHE I 214 105.52 32.71 -37.03
C PHE I 214 105.27 34.12 -37.55
N ASN I 215 106.18 35.04 -37.21
CA ASN I 215 106.12 36.42 -37.68
C ASN I 215 107.51 36.87 -38.09
N ALA I 216 107.57 37.64 -39.17
CA ALA I 216 108.85 38.12 -39.71
C ALA I 216 108.61 39.40 -40.49
N ALA I 217 109.10 40.51 -39.98
CA ALA I 217 108.97 41.81 -40.62
C ALA I 217 110.35 42.40 -40.88
N ILE I 218 110.57 42.87 -42.10
CA ILE I 218 111.83 43.50 -42.50
C ILE I 218 111.51 44.72 -43.34
N SER I 219 112.17 45.84 -43.04
CA SER I 219 111.94 47.10 -43.72
C SER I 219 113.25 47.64 -44.27
N LEU I 220 113.15 48.34 -45.40
CA LEU I 220 114.31 48.90 -46.09
C LEU I 220 114.07 50.38 -46.36
N LYS I 221 115.12 51.18 -46.16
CA LYS I 221 115.07 52.61 -46.41
C LYS I 221 116.40 53.06 -46.97
N PHE I 222 116.35 53.76 -48.10
CA PHE I 222 117.56 54.22 -48.78
C PHE I 222 117.35 55.63 -49.29
N THR I 223 118.23 56.54 -48.88
CA THR I 223 118.18 57.93 -49.34
C THR I 223 119.58 58.53 -49.27
N PRO I 224 120.28 58.65 -50.41
CA PRO I 224 121.62 59.25 -50.44
C PRO I 224 121.57 60.79 -50.42
N SER I 242 118.12 63.50 -57.50
CA SER I 242 117.46 62.93 -56.33
C SER I 242 117.33 61.41 -56.44
N LEU I 243 117.43 60.73 -55.30
CA LEU I 243 117.33 59.28 -55.26
C LEU I 243 116.74 58.87 -53.92
N HIS I 244 115.81 57.91 -53.95
CA HIS I 244 115.15 57.44 -52.74
C HIS I 244 114.86 55.96 -52.88
N GLY I 245 114.77 55.29 -51.73
CA GLY I 245 114.45 53.87 -51.70
C GLY I 245 113.67 53.49 -50.46
N LYS I 246 112.57 52.76 -50.64
CA LYS I 246 111.74 52.35 -49.52
C LYS I 246 111.13 50.99 -49.82
N GLY I 247 111.33 50.04 -48.90
CA GLY I 247 110.76 48.71 -49.04
C GLY I 247 110.41 48.11 -47.70
N SER I 248 109.26 47.46 -47.60
CA SER I 248 108.80 46.86 -46.35
C SER I 248 108.15 45.52 -46.63
N PHE I 249 108.63 44.47 -45.97
CA PHE I 249 108.08 43.13 -46.10
C PHE I 249 107.35 42.77 -44.80
N ARG I 250 106.23 42.09 -44.94
CA ARG I 250 105.45 41.64 -43.78
C ARG I 250 105.04 40.19 -43.97
N PHE I 251 105.03 39.43 -42.89
CA PHE I 251 104.72 38.00 -42.95
C PHE I 251 104.04 37.58 -41.66
N SER I 252 103.02 36.73 -41.79
CA SER I 252 102.28 36.22 -40.65
C SER I 252 101.97 34.74 -40.87
N TYR I 253 101.57 34.06 -39.80
CA TYR I 253 101.37 32.62 -39.85
C TYR I 253 100.53 32.18 -38.65
N SER I 254 99.68 31.18 -38.86
CA SER I 254 98.83 30.65 -37.80
C SER I 254 98.49 29.21 -38.08
N LYS I 255 98.45 28.40 -37.03
CA LYS I 255 98.11 26.99 -37.15
C LYS I 255 97.87 26.41 -35.77
N ASN I 256 96.69 25.84 -35.54
CA ASN I 256 96.43 25.10 -34.31
C ASN I 256 95.82 23.77 -34.70
N GLU I 257 96.16 22.72 -33.96
CA GLU I 257 95.68 21.38 -34.25
C GLU I 257 95.41 20.66 -32.92
N THR I 258 94.15 20.62 -32.51
CA THR I 258 93.77 19.94 -31.29
C THR I 258 93.19 18.56 -31.61
N TYR I 259 93.52 17.59 -30.75
CA TYR I 259 93.03 16.23 -30.88
C TYR I 259 92.24 15.85 -29.64
N GLN I 260 91.27 14.96 -29.83
CA GLN I 260 90.46 14.48 -28.71
C GLN I 260 90.18 12.99 -28.91
N LEU I 261 90.36 12.23 -27.82
CA LEU I 261 90.14 10.79 -27.84
C LEU I 261 89.37 10.38 -26.59
N PHE I 262 88.43 9.45 -26.76
CA PHE I 262 87.63 8.95 -25.65
C PHE I 262 87.33 7.48 -25.88
N LEU I 263 87.46 6.69 -24.82
CA LEU I 263 87.21 5.26 -24.88
C LEU I 263 86.57 4.79 -23.59
N SER I 264 85.58 3.91 -23.71
CA SER I 264 84.86 3.38 -22.55
C SER I 264 84.51 1.93 -22.80
N TYR I 265 84.54 1.14 -21.73
CA TYR I 265 84.22 -0.28 -21.81
C TYR I 265 83.57 -0.71 -20.50
N SER I 266 82.52 -1.52 -20.60
CA SER I 266 81.81 -1.99 -19.42
C SER I 266 81.18 -3.35 -19.72
N SER I 267 81.27 -4.26 -18.76
CA SER I 267 80.68 -5.58 -18.92
C SER I 267 80.22 -6.08 -17.56
N LYS I 268 79.07 -6.77 -17.55
CA LYS I 268 78.49 -7.31 -16.33
C LYS I 268 77.99 -8.72 -16.60
N LYS I 269 78.26 -9.63 -15.65
CA LYS I 269 77.85 -11.02 -15.77
C LYS I 269 77.26 -11.49 -14.45
N GLU I 270 76.20 -12.28 -14.53
CA GLU I 270 75.52 -12.82 -13.36
C GLU I 270 75.12 -14.26 -13.64
N LYS I 271 75.21 -15.11 -12.62
CA LYS I 271 74.86 -16.51 -12.73
C LYS I 271 74.19 -16.97 -11.45
N MET I 272 73.15 -17.79 -11.60
CA MET I 272 72.38 -18.29 -10.47
C MET I 272 72.12 -19.77 -10.68
N PHE I 273 72.34 -20.57 -9.63
CA PHE I 273 72.10 -22.00 -9.67
C PHE I 273 71.45 -22.43 -8.36
N LEU I 274 70.28 -23.07 -8.46
CA LEU I 274 69.54 -23.51 -7.29
C LEU I 274 68.66 -24.69 -7.66
N HIS I 275 68.58 -25.66 -6.76
CA HIS I 275 67.76 -26.84 -6.98
C HIS I 275 67.32 -27.39 -5.63
N VAL I 276 66.29 -28.24 -5.67
CA VAL I 276 65.74 -28.86 -4.48
C VAL I 276 65.29 -30.28 -4.82
N LYS I 277 65.38 -31.16 -3.83
CA LYS I 277 65.00 -32.55 -4.01
C LYS I 277 64.42 -33.08 -2.71
N GLY I 278 63.42 -33.94 -2.82
CA GLY I 278 62.78 -34.53 -1.66
C GLY I 278 62.32 -35.93 -1.97
N GLU I 279 62.39 -36.80 -0.95
CA GLU I 279 62.02 -38.20 -1.10
C GLU I 279 61.21 -38.63 0.11
N ILE I 280 59.97 -39.06 -0.12
CA ILE I 280 59.10 -39.56 0.93
C ILE I 280 59.18 -41.09 0.89
N HIS I 281 59.95 -41.66 1.82
CA HIS I 281 60.13 -43.10 1.90
C HIS I 281 58.90 -43.74 2.54
N LEU I 282 58.50 -44.90 2.01
CA LEU I 282 57.31 -45.60 2.48
C LEU I 282 57.65 -46.94 3.13
N GLY I 283 58.34 -47.81 2.41
CA GLY I 283 58.65 -49.13 2.95
C GLY I 283 59.91 -49.69 2.32
N ARG I 284 60.42 -50.74 2.95
CA ARG I 284 61.66 -51.36 2.53
C ARG I 284 61.55 -52.88 2.66
N PHE I 285 62.20 -53.58 1.73
CA PHE I 285 62.20 -55.04 1.72
C PHE I 285 63.58 -55.54 1.31
N VAL I 286 63.86 -56.79 1.69
CA VAL I 286 65.10 -57.47 1.31
C VAL I 286 64.73 -58.88 0.87
N MET I 287 64.94 -59.17 -0.41
CA MET I 287 64.66 -60.50 -0.93
C MET I 287 65.67 -61.51 -0.39
N ARG I 288 65.18 -62.68 0.00
CA ARG I 288 66.07 -63.75 0.44
C ARG I 288 66.94 -64.21 -0.72
N ASN I 289 68.24 -64.27 -0.49
CA ASN I 289 69.17 -64.52 -1.58
C ASN I 289 69.11 -65.98 -2.03
N ARG I 290 69.27 -66.91 -1.10
CA ARG I 290 69.25 -68.34 -1.42
C ARG I 290 68.03 -68.98 -0.78
N ASP I 291 67.71 -70.19 -1.26
CA ASP I 291 66.56 -70.97 -0.79
C ASP I 291 65.27 -70.19 -1.04
N VAL I 292 65.09 -69.74 -2.27
CA VAL I 292 63.92 -68.95 -2.67
C VAL I 292 63.22 -69.70 -3.80
N VAL I 293 61.89 -69.55 -3.85
CA VAL I 293 61.07 -70.20 -4.86
C VAL I 293 60.90 -69.28 -6.05
N LEU I 294 60.67 -69.87 -7.22
CA LEU I 294 60.53 -69.14 -8.47
C LEU I 294 59.18 -69.44 -9.09
N THR I 295 58.81 -68.64 -10.09
CA THR I 295 57.54 -68.80 -10.77
C THR I 295 57.64 -69.85 -11.88
N THR I 296 56.50 -70.43 -12.23
CA THR I 296 56.46 -71.46 -13.26
C THR I 296 56.85 -70.93 -14.63
N THR I 297 56.67 -69.63 -14.87
CA THR I 297 57.03 -69.07 -16.17
C THR I 297 58.54 -68.94 -16.32
N PHE I 298 59.22 -68.48 -15.26
CA PHE I 298 60.67 -68.32 -15.32
C PHE I 298 61.37 -69.67 -15.29
N VAL I 299 60.87 -70.61 -14.49
CA VAL I 299 61.48 -71.94 -14.42
C VAL I 299 61.37 -72.65 -15.77
N ASP I 300 60.22 -72.52 -16.43
CA ASP I 300 60.07 -73.11 -17.76
C ASP I 300 61.04 -72.48 -18.76
N ASP I 301 61.34 -71.19 -18.60
CA ASP I 301 62.33 -70.55 -19.47
C ASP I 301 63.72 -71.09 -19.19
N ILE I 302 64.06 -71.30 -17.92
CA ILE I 302 65.35 -71.87 -17.57
C ILE I 302 65.42 -73.33 -17.96
N LYS I 303 64.29 -74.04 -17.87
CA LYS I 303 64.25 -75.43 -18.30
C LYS I 303 64.37 -75.53 -19.82
N ALA I 304 63.63 -74.71 -20.55
CA ALA I 304 63.75 -74.63 -22.01
C ALA I 304 64.77 -73.54 -22.36
N LEU I 305 66.03 -73.87 -22.08
CA LEU I 305 67.14 -72.93 -22.26
C LEU I 305 68.32 -73.71 -22.82
N PRO I 306 69.04 -73.13 -23.80
CA PRO I 306 70.20 -73.84 -24.36
C PRO I 306 71.37 -73.92 -23.41
N THR I 307 72.42 -74.62 -23.82
CA THR I 307 73.60 -74.79 -22.98
C THR I 307 74.91 -74.67 -23.75
N THR I 308 74.86 -74.21 -25.00
CA THR I 308 76.05 -74.10 -25.85
C THR I 308 76.36 -72.64 -26.17
N TYR I 309 76.11 -71.76 -25.19
CA TYR I 309 76.38 -70.33 -25.31
C TYR I 309 75.65 -69.73 -26.52
N GLU I 310 74.31 -69.76 -26.43
CA GLU I 310 73.46 -69.15 -27.46
C GLU I 310 73.27 -67.69 -27.09
N LYS I 311 74.18 -66.84 -27.57
CA LYS I 311 74.09 -65.41 -27.30
C LYS I 311 72.81 -64.80 -27.88
N GLY I 312 72.30 -65.37 -28.97
CA GLY I 312 71.09 -64.83 -29.57
C GLY I 312 69.89 -64.94 -28.65
N GLU I 313 69.64 -66.13 -28.12
CA GLU I 313 68.52 -66.30 -27.20
C GLU I 313 68.80 -65.67 -25.85
N TYR I 314 70.05 -65.73 -25.39
CA TYR I 314 70.39 -65.12 -24.11
C TYR I 314 70.18 -63.62 -24.14
N PHE I 315 70.53 -62.96 -25.25
CA PHE I 315 70.23 -61.55 -25.39
C PHE I 315 68.73 -61.32 -25.47
N ALA I 316 68.00 -62.25 -26.08
CA ALA I 316 66.54 -62.17 -26.09
C ALA I 316 65.96 -62.44 -24.71
N PHE I 317 66.49 -63.47 -24.03
CA PHE I 317 66.06 -63.76 -22.67
C PHE I 317 66.45 -62.64 -21.71
N LEU I 318 67.51 -61.91 -22.03
CA LEU I 318 67.98 -60.85 -21.14
C LEU I 318 66.98 -59.69 -21.09
N GLU I 319 66.36 -59.36 -22.23
CA GLU I 319 65.40 -58.27 -22.26
C GLU I 319 64.09 -58.65 -21.57
N THR I 320 63.78 -59.95 -21.52
CA THR I 320 62.49 -60.38 -20.96
C THR I 320 62.44 -60.17 -19.46
N TYR I 321 63.51 -60.56 -18.74
CA TYR I 321 63.53 -60.47 -17.28
C TYR I 321 64.63 -59.54 -16.78
N GLY I 322 65.10 -58.61 -17.61
CA GLY I 322 66.15 -57.70 -17.21
C GLY I 322 67.51 -58.39 -17.11
N THR I 323 68.51 -57.59 -16.75
CA THR I 323 69.87 -58.08 -16.61
C THR I 323 70.18 -58.53 -15.19
N HIS I 324 69.69 -57.81 -14.19
CA HIS I 324 69.96 -58.14 -12.79
C HIS I 324 68.78 -57.67 -11.95
N TYR I 325 68.42 -58.47 -10.95
CA TYR I 325 67.26 -58.19 -10.12
C TYR I 325 67.67 -57.37 -8.89
N SER I 326 66.68 -57.00 -8.09
CA SER I 326 66.88 -56.18 -6.89
C SER I 326 66.93 -57.07 -5.66
N SER I 327 68.04 -57.03 -4.94
CA SER I 327 68.13 -57.75 -3.67
C SER I 327 67.42 -57.01 -2.55
N SER I 328 67.41 -55.68 -2.59
CA SER I 328 66.74 -54.87 -1.59
C SER I 328 66.24 -53.59 -2.24
N GLY I 329 64.96 -53.28 -2.03
CA GLY I 329 64.38 -52.09 -2.62
C GLY I 329 63.86 -51.11 -1.59
N SER I 330 63.16 -50.07 -2.04
CA SER I 330 62.61 -49.06 -1.15
C SER I 330 61.35 -48.49 -1.81
N LEU I 331 60.20 -49.00 -1.39
CA LEU I 331 58.93 -48.52 -1.93
C LEU I 331 58.65 -47.10 -1.44
N GLY I 332 58.05 -46.29 -2.32
CA GLY I 332 57.74 -44.92 -1.98
C GLY I 332 57.60 -44.01 -3.18
N GLY I 333 58.34 -42.90 -3.18
CA GLY I 333 58.30 -41.94 -4.27
C GLY I 333 59.11 -40.71 -3.95
N LEU I 334 59.68 -40.07 -4.98
CA LEU I 334 60.50 -38.89 -4.78
C LEU I 334 60.17 -37.86 -5.85
N TYR I 335 60.48 -36.60 -5.55
CA TYR I 335 60.32 -35.50 -6.48
C TYR I 335 61.56 -34.63 -6.45
N GLU I 336 61.82 -33.94 -7.56
CA GLU I 336 63.00 -33.10 -7.69
C GLU I 336 62.67 -31.88 -8.52
N LEU I 337 63.39 -30.79 -8.25
CA LEU I 337 63.24 -29.55 -8.99
C LEU I 337 64.62 -28.94 -9.22
N ILE I 338 64.87 -28.51 -10.46
CA ILE I 338 66.16 -27.95 -10.86
C ILE I 338 65.90 -26.65 -11.62
N TYR I 339 66.65 -25.61 -11.27
CA TYR I 339 66.53 -24.31 -11.92
C TYR I 339 67.93 -23.75 -12.19
N VAL I 340 68.08 -23.12 -13.35
CA VAL I 340 69.35 -22.53 -13.76
C VAL I 340 69.10 -21.14 -14.29
N LEU I 341 70.14 -20.30 -14.21
CA LEU I 341 70.06 -18.92 -14.69
C LEU I 341 71.45 -18.43 -15.03
N ASP I 342 71.55 -17.69 -16.13
CA ASP I 342 72.82 -17.12 -16.58
C ASP I 342 72.57 -15.76 -17.20
N LYS I 343 73.43 -14.80 -16.88
CA LYS I 343 73.31 -13.43 -17.38
C LYS I 343 74.68 -12.94 -17.84
N ALA I 344 74.69 -12.22 -18.96
CA ALA I 344 75.93 -11.67 -19.50
C ALA I 344 75.62 -10.37 -20.21
N SER I 345 76.53 -9.41 -20.10
CA SER I 345 76.36 -8.10 -20.72
C SER I 345 77.72 -7.54 -21.10
N MET I 346 77.77 -6.81 -22.21
CA MET I 346 79.01 -6.20 -22.68
C MET I 346 78.69 -4.85 -23.33
N LYS I 347 79.51 -3.85 -23.01
CA LYS I 347 79.35 -2.51 -23.55
C LYS I 347 80.72 -1.92 -23.84
N ARG I 348 80.86 -1.26 -24.98
CA ARG I 348 82.11 -0.62 -25.37
C ARG I 348 81.80 0.69 -26.10
N LYS I 349 82.49 1.76 -25.71
CA LYS I 349 82.28 3.08 -26.27
C LYS I 349 83.60 3.70 -26.66
N GLY I 350 83.64 4.30 -27.86
CA GLY I 350 84.81 4.99 -28.33
C GLY I 350 84.45 6.25 -29.10
N VAL I 351 85.05 7.38 -28.72
CA VAL I 351 84.75 8.67 -29.34
C VAL I 351 86.07 9.29 -29.78
N GLU I 352 86.09 9.79 -31.02
CA GLU I 352 87.28 10.40 -31.61
C GLU I 352 86.89 11.72 -32.25
N LEU I 353 87.65 12.77 -31.95
CA LEU I 353 87.41 14.10 -32.51
C LEU I 353 88.73 14.70 -32.93
N LYS I 354 88.79 15.26 -34.14
CA LYS I 354 90.00 15.84 -34.69
C LYS I 354 89.66 17.14 -35.39
N ASP I 355 90.36 18.21 -35.02
CA ASP I 355 90.16 19.52 -35.64
C ASP I 355 91.52 20.18 -35.85
N ILE I 356 91.74 20.68 -37.07
CA ILE I 356 93.00 21.31 -37.45
C ILE I 356 92.69 22.61 -38.15
N LYS I 357 93.35 23.69 -37.73
CA LYS I 357 93.20 24.99 -38.37
C LYS I 357 94.57 25.58 -38.64
N ARG I 358 94.81 25.98 -39.88
CA ARG I 358 96.08 26.56 -40.29
C ARG I 358 95.82 27.64 -41.30
N CYS I 359 96.41 28.82 -41.08
CA CYS I 359 96.24 29.96 -41.97
C CYS I 359 97.58 30.64 -42.22
N LEU I 360 97.70 31.25 -43.40
CA LEU I 360 98.92 31.94 -43.80
C LEU I 360 98.59 33.37 -44.19
N GLY I 361 99.44 34.31 -43.78
CA GLY I 361 99.27 35.70 -44.11
C GLY I 361 100.55 36.37 -44.57
N TYR I 362 100.47 37.12 -45.66
CA TYR I 362 101.64 37.78 -46.23
C TYR I 362 101.24 39.16 -46.74
N HIS I 363 102.10 40.15 -46.48
CA HIS I 363 101.87 41.52 -46.91
C HIS I 363 103.15 42.06 -47.54
N LEU I 364 103.03 42.63 -48.73
CA LEU I 364 104.15 43.21 -49.46
C LEU I 364 103.78 44.61 -49.90
N ASP I 365 104.64 45.57 -49.58
CA ASP I 365 104.43 46.97 -49.96
C ASP I 365 105.78 47.58 -50.29
N VAL I 366 105.92 48.07 -51.52
CA VAL I 366 107.15 48.70 -51.99
C VAL I 366 106.77 50.01 -52.67
N SER I 367 107.44 51.09 -52.27
CA SER I 367 107.19 52.42 -52.83
C SER I 367 108.52 53.09 -53.12
N LEU I 368 108.64 53.65 -54.32
CA LEU I 368 109.86 54.31 -54.75
C LEU I 368 109.53 55.67 -55.33
N ALA I 369 110.35 56.67 -55.00
CA ALA I 369 110.18 58.02 -55.50
C ALA I 369 111.53 58.55 -55.96
N PHE I 370 111.51 59.30 -57.06
CA PHE I 370 112.75 59.84 -57.62
C PHE I 370 112.56 61.27 -58.08
N SER I 371 112.24 67.15 -62.42
CA SER I 371 112.19 65.71 -62.62
C SER I 371 111.53 65.01 -61.43
N GLU I 372 110.56 64.16 -61.72
CA GLU I 372 109.85 63.43 -60.67
C GLU I 372 109.46 62.06 -61.21
N ILE I 373 109.69 61.02 -60.40
CA ILE I 373 109.32 59.65 -60.74
C ILE I 373 108.69 59.02 -59.52
N SER I 374 107.59 58.31 -59.72
CA SER I 374 106.86 57.66 -58.63
C SER I 374 106.64 56.19 -58.99
N VAL I 375 106.93 55.31 -58.04
CA VAL I 375 106.76 53.87 -58.20
C VAL I 375 106.05 53.34 -56.98
N GLY I 376 105.02 52.54 -57.18
CA GLY I 376 104.26 51.96 -56.09
C GLY I 376 104.02 50.49 -56.30
N ALA I 377 103.93 49.76 -55.19
CA ALA I 377 103.67 48.33 -55.24
C ALA I 377 103.06 47.89 -53.91
N GLU I 378 102.03 47.07 -53.99
CA GLU I 378 101.39 46.53 -52.79
C GLU I 378 100.81 45.17 -53.11
N PHE I 379 101.25 44.14 -52.40
CA PHE I 379 100.77 42.77 -52.56
C PHE I 379 100.33 42.23 -51.22
N ASN I 380 99.12 41.70 -51.17
CA ASN I 380 98.55 41.14 -49.95
C ASN I 380 98.10 39.72 -50.20
N LYS I 381 98.52 38.80 -49.34
CA LYS I 381 98.19 37.38 -49.48
C LYS I 381 97.58 36.87 -48.18
N ASP I 382 96.46 36.16 -48.30
CA ASP I 382 95.77 35.61 -47.15
C ASP I 382 95.12 34.28 -47.55
N ASP I 383 95.41 33.23 -46.78
CA ASP I 383 94.86 31.90 -47.05
C ASP I 383 94.78 31.13 -45.74
N CYS I 384 93.57 30.67 -45.39
CA CYS I 384 93.34 29.91 -44.18
C CYS I 384 92.72 28.57 -44.55
N VAL I 385 93.09 27.53 -43.80
CA VAL I 385 92.63 26.16 -44.04
C VAL I 385 92.09 25.58 -42.75
N LYS I 386 90.95 24.89 -42.82
CA LYS I 386 90.35 24.21 -41.68
C LYS I 386 90.15 22.75 -42.00
N ARG I 387 90.36 21.89 -41.01
CA ARG I 387 90.15 20.46 -41.14
C ARG I 387 89.40 19.94 -39.93
N GLY I 388 88.47 19.02 -40.18
CA GLY I 388 87.67 18.45 -39.10
C GLY I 388 87.38 16.98 -39.28
N GLU I 389 87.40 16.22 -38.18
CA GLU I 389 87.15 14.79 -38.21
C GLU I 389 86.44 14.36 -36.93
N GLY I 390 85.42 13.53 -37.08
CA GLY I 390 84.68 13.03 -35.93
C GLY I 390 84.23 11.58 -36.11
N ARG I 391 84.39 10.77 -35.06
CA ARG I 391 84.01 9.37 -35.12
C ARG I 391 83.53 8.93 -33.74
N ALA I 392 82.55 8.02 -33.74
CA ALA I 392 81.98 7.50 -32.50
C ALA I 392 81.77 6.00 -32.63
N VAL I 393 81.87 5.31 -31.49
CA VAL I 393 81.67 3.87 -31.42
C VAL I 393 80.77 3.57 -30.23
N ASN I 394 79.64 2.93 -30.48
CA ASN I 394 78.65 2.63 -29.44
C ASN I 394 78.08 1.25 -29.73
N ILE I 395 78.48 0.27 -28.93
CA ILE I 395 78.10 -1.14 -29.15
C ILE I 395 77.74 -1.77 -27.82
N THR I 396 76.51 -2.26 -27.71
CA THR I 396 76.01 -2.93 -26.51
C THR I 396 75.64 -4.36 -26.84
N SER I 397 76.00 -5.29 -25.96
CA SER I 397 75.68 -6.70 -26.14
C SER I 397 75.25 -7.29 -24.80
N GLU I 398 74.19 -8.08 -24.82
CA GLU I 398 73.66 -8.70 -23.61
C GLU I 398 73.10 -10.08 -23.95
N ASN I 399 73.33 -11.04 -23.05
CA ASN I 399 72.87 -12.40 -23.23
C ASN I 399 72.20 -12.89 -21.95
N LEU I 400 71.14 -13.68 -22.10
CA LEU I 400 70.40 -14.22 -20.97
C LEU I 400 70.09 -15.70 -21.24
N ILE I 401 70.27 -16.53 -20.21
CA ILE I 401 70.03 -17.96 -20.30
C ILE I 401 69.32 -18.41 -19.04
N ASP I 402 68.25 -19.18 -19.20
CA ASP I 402 67.49 -19.70 -18.07
C ASP I 402 67.00 -21.11 -18.40
N ASP I 403 67.11 -22.01 -17.42
CA ASP I 403 66.71 -23.40 -17.58
C ASP I 403 66.00 -23.88 -16.32
N VAL I 404 64.97 -24.71 -16.50
CA VAL I 404 64.20 -25.24 -15.39
C VAL I 404 63.80 -26.68 -15.73
N VAL I 405 63.78 -27.54 -14.71
CA VAL I 405 63.39 -28.94 -14.89
C VAL I 405 62.82 -29.44 -13.57
N SER I 406 61.93 -30.43 -13.65
CA SER I 406 61.31 -31.00 -12.46
C SER I 406 60.76 -32.38 -12.81
N LEU I 407 60.52 -33.16 -11.77
CA LEU I 407 60.00 -34.52 -11.94
C LEU I 407 59.32 -34.95 -10.65
N ILE I 408 58.41 -35.91 -10.78
CA ILE I 408 57.67 -36.45 -9.64
C ILE I 408 57.18 -37.84 -10.00
N ARG I 409 56.88 -38.64 -8.97
CA ARG I 409 56.41 -40.01 -9.19
C ARG I 409 55.80 -40.53 -7.89
N GLY I 410 54.91 -41.50 -8.05
CA GLY I 410 54.28 -42.15 -6.92
C GLY I 410 52.90 -41.57 -6.60
N GLY I 411 52.12 -42.34 -5.85
CA GLY I 411 50.80 -41.92 -5.43
C GLY I 411 49.76 -41.97 -6.54
N THR I 412 48.50 -41.76 -6.19
CA THR I 412 47.46 -41.71 -7.20
C THR I 412 47.66 -40.50 -8.12
N ARG I 413 47.14 -40.62 -9.33
CA ARG I 413 47.41 -39.59 -10.34
C ARG I 413 46.71 -38.28 -10.02
N LYS I 414 45.61 -38.33 -9.27
CA LYS I 414 44.90 -37.10 -8.91
C LYS I 414 45.72 -36.25 -7.94
N TYR I 415 46.11 -36.84 -6.80
CA TYR I 415 46.82 -36.08 -5.78
C TYR I 415 48.26 -35.78 -6.19
N ALA I 416 48.85 -36.62 -7.03
CA ALA I 416 50.26 -36.44 -7.39
C ALA I 416 50.45 -35.17 -8.23
N PHE I 417 49.61 -35.00 -9.25
CA PHE I 417 49.76 -33.85 -10.14
C PHE I 417 49.09 -32.59 -9.61
N GLU I 418 48.18 -32.73 -8.63
CA GLU I 418 47.73 -31.55 -7.90
C GLU I 418 48.87 -30.94 -7.12
N LEU I 419 49.79 -31.78 -6.62
CA LEU I 419 51.02 -31.28 -6.01
C LEU I 419 51.93 -30.67 -7.06
N LYS I 420 51.94 -31.24 -8.27
CA LYS I 420 52.83 -30.76 -9.33
C LYS I 420 52.44 -29.36 -9.79
N GLU I 421 51.14 -29.13 -9.98
CA GLU I 421 50.69 -27.84 -10.51
C GLU I 421 50.93 -26.72 -9.51
N LYS I 422 50.82 -27.02 -8.21
CA LYS I 422 50.95 -25.99 -7.19
C LYS I 422 52.40 -25.77 -6.75
N LEU I 423 53.27 -26.75 -6.97
CA LEU I 423 54.67 -26.58 -6.61
C LEU I 423 55.40 -25.70 -7.61
N LEU I 424 55.08 -25.85 -8.90
CA LEU I 424 55.75 -25.10 -9.96
C LEU I 424 55.23 -23.68 -9.95
N ARG I 425 56.04 -22.75 -9.45
CA ARG I 425 55.76 -21.32 -9.43
C ARG I 425 54.47 -20.98 -8.68
N GLY I 426 54.02 -21.86 -7.80
CA GLY I 426 52.82 -21.61 -7.03
C GLY I 426 53.05 -20.63 -5.90
N THR I 427 54.17 -20.79 -5.19
CA THR I 427 54.63 -19.96 -4.08
C THR I 427 53.71 -20.02 -2.87
N VAL I 428 52.65 -20.83 -2.90
CA VAL I 428 51.72 -20.97 -1.78
C VAL I 428 51.59 -22.46 -1.51
N ILE I 429 52.39 -22.97 -0.58
CA ILE I 429 52.35 -24.38 -0.21
C ILE I 429 51.12 -24.63 0.64
N ASP I 430 50.30 -25.61 0.24
CA ASP I 430 49.08 -25.94 0.95
C ASP I 430 49.36 -26.95 2.05
N VAL I 431 48.46 -27.00 3.03
CA VAL I 431 48.59 -27.97 4.11
C VAL I 431 47.87 -29.28 3.77
N THR I 432 46.79 -29.20 2.98
CA THR I 432 46.00 -30.40 2.71
C THR I 432 46.58 -31.24 1.58
N ASP I 433 47.27 -30.62 0.62
CA ASP I 433 47.77 -31.37 -0.53
C ASP I 433 48.89 -32.34 -0.11
N PHE I 434 49.75 -31.91 0.81
CA PHE I 434 50.81 -32.81 1.28
C PHE I 434 50.25 -33.93 2.14
N VAL I 435 49.21 -33.64 2.92
CA VAL I 435 48.54 -34.68 3.69
C VAL I 435 47.83 -35.65 2.75
N ASN I 436 47.18 -35.12 1.71
CA ASN I 436 46.59 -35.99 0.69
C ASN I 436 47.68 -36.78 -0.03
N TRP I 437 48.83 -36.15 -0.31
CA TRP I 437 49.95 -36.86 -0.90
C TRP I 437 50.45 -37.99 -0.01
N ALA I 438 50.34 -37.82 1.31
CA ALA I 438 50.73 -38.88 2.23
C ALA I 438 49.86 -40.12 2.04
N SER I 439 48.54 -39.93 2.04
CA SER I 439 47.64 -41.05 1.82
C SER I 439 47.67 -41.51 0.37
N SER I 440 48.03 -40.62 -0.56
CA SER I 440 48.08 -41.00 -1.97
C SER I 440 49.20 -41.99 -2.23
N ILE I 441 50.41 -41.71 -1.71
CA ILE I 441 51.55 -42.58 -1.96
C ILE I 441 51.38 -43.94 -1.26
N ASN I 442 50.53 -44.01 -0.24
CA ASN I 442 50.30 -45.28 0.44
C ASN I 442 49.64 -46.31 -0.49
N ASP I 443 48.88 -45.83 -1.48
CA ASP I 443 48.17 -46.76 -2.36
C ASP I 443 49.07 -47.27 -3.48
N ALA I 444 49.84 -46.39 -4.11
CA ALA I 444 50.71 -46.75 -5.23
C ALA I 444 52.11 -46.20 -5.01
N PRO I 445 52.99 -46.98 -4.38
CA PRO I 445 54.38 -46.52 -4.19
C PRO I 445 55.27 -46.81 -5.38
N VAL I 446 56.56 -46.46 -5.27
CA VAL I 446 57.52 -46.71 -6.33
C VAL I 446 58.90 -46.76 -5.70
N LEU I 447 59.87 -47.32 -6.43
CA LEU I 447 61.22 -47.49 -5.91
C LEU I 447 61.89 -46.15 -5.66
N ILE I 448 62.71 -46.11 -4.60
CA ILE I 448 63.52 -44.93 -4.30
C ILE I 448 64.99 -45.35 -4.28
N SER I 449 65.33 -46.28 -3.38
CA SER I 449 66.67 -46.84 -3.28
C SER I 449 66.59 -48.33 -3.59
N GLN I 450 67.51 -48.81 -4.42
CA GLN I 450 67.46 -50.18 -4.93
C GLN I 450 68.84 -50.80 -4.82
N LYS I 451 68.95 -51.85 -4.00
CA LYS I 451 70.16 -52.64 -3.94
C LYS I 451 70.12 -53.72 -5.01
N LEU I 452 71.24 -53.94 -5.68
CA LEU I 452 71.27 -54.71 -6.91
C LEU I 452 71.94 -56.07 -6.67
N SER I 453 71.57 -57.05 -7.51
CA SER I 453 72.09 -58.39 -7.41
C SER I 453 71.97 -59.06 -8.77
N PRO I 454 73.00 -59.80 -9.22
CA PRO I 454 72.93 -60.41 -10.55
C PRO I 454 71.91 -61.52 -10.64
N ILE I 455 71.41 -61.74 -11.86
CA ILE I 455 70.38 -62.75 -12.08
C ILE I 455 70.97 -64.15 -12.02
N TYR I 456 72.16 -64.35 -12.60
CA TYR I 456 72.73 -65.70 -12.65
C TYR I 456 73.00 -66.28 -11.27
N ASN I 457 72.92 -65.47 -10.21
CA ASN I 457 72.96 -65.99 -8.85
C ASN I 457 71.59 -66.46 -8.39
N LEU I 458 70.53 -66.16 -9.13
CA LEU I 458 69.17 -66.53 -8.77
C LEU I 458 68.71 -67.83 -9.43
N VAL I 459 69.50 -68.37 -10.36
CA VAL I 459 69.13 -69.62 -11.05
C VAL I 459 68.97 -70.73 -10.02
N PRO I 460 67.94 -71.58 -10.11
CA PRO I 460 67.78 -72.65 -9.13
C PRO I 460 68.90 -73.69 -9.22
N VAL I 461 69.38 -74.10 -8.06
CA VAL I 461 70.48 -75.05 -7.95
C VAL I 461 69.96 -76.45 -8.23
N LYS I 462 70.88 -77.41 -8.40
CA LYS I 462 70.58 -78.83 -8.63
C LYS I 462 69.49 -79.04 -9.68
N MET I 463 69.55 -78.22 -10.74
CA MET I 463 68.65 -78.36 -11.87
C MET I 463 69.28 -79.31 -12.89
N LYS I 464 68.73 -79.34 -14.11
CA LYS I 464 69.28 -80.19 -15.15
C LYS I 464 70.73 -79.82 -15.45
N ASN I 465 70.96 -78.59 -15.90
CA ASN I 465 72.30 -78.08 -16.21
C ASN I 465 72.47 -76.70 -15.59
N ALA I 466 72.14 -76.58 -14.31
CA ALA I 466 72.13 -75.28 -13.65
C ALA I 466 73.52 -74.63 -13.66
N HIS I 467 74.54 -75.39 -13.28
CA HIS I 467 75.88 -74.80 -13.15
C HIS I 467 76.39 -74.27 -14.47
N LEU I 468 76.35 -75.09 -15.53
CA LEU I 468 76.90 -74.65 -16.81
C LEU I 468 76.10 -73.47 -17.38
N LYS I 469 74.77 -73.49 -17.17
CA LYS I 469 73.96 -72.36 -17.60
C LYS I 469 74.22 -71.13 -16.75
N LYS I 470 74.58 -71.31 -15.48
CA LYS I 470 74.89 -70.18 -14.60
C LYS I 470 76.08 -69.39 -15.14
N GLN I 471 77.22 -70.06 -15.30
CA GLN I 471 78.39 -69.40 -15.86
C GLN I 471 78.14 -68.96 -17.30
N ASN I 472 77.25 -69.64 -18.01
CA ASN I 472 76.91 -69.25 -19.38
C ASN I 472 76.22 -67.89 -19.40
N LEU I 473 75.23 -67.70 -18.52
CA LEU I 473 74.59 -66.40 -18.40
C LEU I 473 75.53 -65.37 -17.77
N GLU I 474 76.49 -65.83 -16.97
CA GLU I 474 77.49 -64.92 -16.41
C GLU I 474 78.34 -64.31 -17.52
N ARG I 475 78.71 -65.12 -18.52
CA ARG I 475 79.37 -64.59 -19.70
C ARG I 475 78.44 -63.69 -20.51
N ALA I 476 77.13 -63.97 -20.45
CA ALA I 476 76.18 -63.16 -21.20
C ALA I 476 75.97 -61.80 -20.55
N ILE I 477 75.78 -61.78 -19.23
CA ILE I 477 75.56 -60.51 -18.53
C ILE I 477 76.80 -59.64 -18.59
N GLU I 478 77.99 -60.25 -18.61
CA GLU I 478 79.21 -59.46 -18.75
C GLU I 478 79.35 -58.91 -20.17
N ASP I 479 78.98 -59.72 -21.17
CA ASP I 479 79.05 -59.24 -22.55
C ASP I 479 77.95 -58.24 -22.85
N TYR I 480 76.77 -58.43 -22.24
CA TYR I 480 75.64 -57.54 -22.51
C TYR I 480 75.98 -56.09 -22.17
N ILE I 481 76.50 -55.86 -20.96
CA ILE I 481 76.83 -54.50 -20.55
C ILE I 481 78.00 -53.93 -21.36
N ASN I 482 78.85 -54.79 -21.92
CA ASN I 482 79.99 -54.36 -22.70
C ASN I 482 79.78 -54.48 -24.20
N GLU I 483 78.60 -54.93 -24.64
CA GLU I 483 78.34 -55.06 -26.07
C GLU I 483 77.95 -53.72 -26.68
N PHE I 484 76.87 -53.12 -26.20
CA PHE I 484 76.39 -51.84 -26.70
C PHE I 484 76.24 -50.87 -25.53
N SER I 485 76.82 -49.68 -25.69
CA SER I 485 76.76 -48.64 -24.67
C SER I 485 77.34 -47.36 -25.27
N VAL I 486 77.39 -46.31 -24.45
CA VAL I 486 78.00 -45.06 -24.89
C VAL I 486 79.49 -45.25 -25.11
N ARG I 487 80.11 -46.20 -24.42
CA ARG I 487 81.54 -46.44 -24.57
C ARG I 487 81.90 -46.85 -26.00
N LYS I 488 81.03 -47.58 -26.67
CA LYS I 488 81.30 -48.04 -28.02
C LYS I 488 80.85 -47.05 -29.09
N CYS I 489 79.97 -46.12 -28.75
CA CYS I 489 79.49 -45.13 -29.70
C CYS I 489 80.55 -44.04 -29.90
N HIS I 490 80.20 -43.00 -30.65
CA HIS I 490 81.12 -41.92 -30.96
C HIS I 490 80.91 -40.75 -29.99
N THR I 491 81.98 -39.99 -29.78
CA THR I 491 81.96 -38.88 -28.84
C THR I 491 81.39 -37.63 -29.50
N CYS I 492 80.57 -36.89 -28.75
CA CYS I 492 79.96 -35.67 -29.26
C CYS I 492 80.95 -34.51 -29.17
N GLN I 493 80.49 -33.30 -29.46
CA GLN I 493 81.32 -32.12 -29.47
C GLN I 493 80.97 -31.21 -28.29
N ASN I 494 81.94 -30.38 -27.91
CA ASN I 494 81.77 -29.40 -26.82
C ASN I 494 81.39 -30.07 -25.51
N GLY I 495 81.95 -31.25 -25.26
CA GLY I 495 81.68 -31.96 -24.02
C GLY I 495 80.23 -32.36 -23.83
N GLY I 496 79.50 -32.56 -24.92
CA GLY I 496 78.10 -32.93 -24.82
C GLY I 496 77.95 -34.34 -24.28
N THR I 497 77.19 -34.50 -23.20
CA THR I 497 76.96 -35.82 -22.62
C THR I 497 76.18 -36.69 -23.61
N VAL I 498 76.78 -37.81 -24.00
CA VAL I 498 76.20 -38.69 -25.00
C VAL I 498 75.31 -39.70 -24.31
N ILE I 499 74.10 -39.89 -24.83
CA ILE I 499 73.15 -40.86 -24.31
C ILE I 499 72.83 -41.88 -25.40
N LEU I 500 72.07 -42.90 -25.03
CA LEU I 500 71.68 -43.96 -25.95
C LEU I 500 70.24 -44.35 -25.65
N MET I 501 69.32 -43.98 -26.55
CA MET I 501 67.90 -44.27 -26.39
C MET I 501 67.43 -45.08 -27.59
N ASP I 502 67.56 -46.41 -27.49
CA ASP I 502 67.07 -47.34 -28.50
C ASP I 502 67.68 -47.03 -29.87
N GLY I 503 69.00 -47.15 -29.94
CA GLY I 503 69.75 -46.95 -31.18
C GLY I 503 70.19 -45.53 -31.44
N LYS I 504 69.32 -44.56 -31.16
CA LYS I 504 69.66 -43.15 -31.36
C LYS I 504 70.74 -42.73 -30.38
N CYS I 505 71.95 -42.56 -30.87
CA CYS I 505 73.09 -42.17 -30.03
C CYS I 505 73.26 -40.65 -30.02
N LEU I 506 72.24 -39.98 -29.49
CA LEU I 506 72.26 -38.53 -29.41
C LEU I 506 73.11 -38.07 -28.24
N CYS I 507 73.51 -36.80 -28.29
CA CYS I 507 74.33 -36.19 -27.25
C CYS I 507 73.64 -34.94 -26.73
N ALA I 508 73.48 -34.85 -25.41
CA ALA I 508 72.87 -33.68 -24.80
C ALA I 508 73.85 -32.52 -24.82
N CYS I 509 73.49 -31.45 -25.54
CA CYS I 509 74.36 -30.30 -25.70
C CYS I 509 74.12 -29.30 -24.56
N PRO I 510 75.15 -28.55 -24.15
CA PRO I 510 74.98 -27.61 -23.04
C PRO I 510 73.95 -26.53 -23.34
N PHE I 511 73.65 -25.74 -22.31
CA PHE I 511 72.61 -24.72 -22.41
C PHE I 511 72.99 -23.63 -23.40
N LYS I 512 74.20 -23.08 -23.25
CA LYS I 512 74.65 -21.98 -24.10
C LYS I 512 74.88 -22.39 -25.55
N PHE I 513 74.75 -23.66 -25.88
CA PHE I 513 75.01 -24.15 -27.22
C PHE I 513 73.71 -24.64 -27.85
N GLU I 514 73.75 -24.82 -29.17
CA GLU I 514 72.56 -25.20 -29.93
C GLU I 514 72.43 -26.73 -29.91
N GLY I 515 71.57 -27.27 -30.78
CA GLY I 515 71.12 -28.64 -30.68
C GLY I 515 72.05 -29.70 -31.25
N ILE I 516 71.49 -30.56 -32.11
CA ILE I 516 72.14 -31.80 -32.51
C ILE I 516 73.56 -31.56 -33.01
N ALA I 517 74.45 -32.50 -32.69
CA ALA I 517 75.83 -32.57 -33.17
C ALA I 517 76.72 -31.47 -32.58
N CYS I 518 76.11 -30.53 -31.85
CA CYS I 518 76.84 -29.43 -31.21
C CYS I 518 77.81 -28.76 -32.19
N GLU I 519 77.33 -28.49 -33.40
CA GLU I 519 78.15 -27.88 -34.43
C GLU I 519 78.00 -26.37 -34.46
N ILE I 520 76.77 -25.90 -34.67
CA ILE I 520 76.49 -24.47 -34.71
C ILE I 520 76.37 -23.94 -33.28
N SER I 521 76.96 -22.77 -33.03
CA SER I 521 77.11 -22.27 -31.67
C SER I 521 75.83 -21.63 -31.15
N LYS I 522 75.30 -20.64 -31.89
CA LYS I 522 74.15 -19.85 -31.46
C LYS I 522 74.43 -19.18 -30.10
N GLN I 523 75.44 -18.31 -30.11
CA GLN I 523 75.84 -17.60 -28.90
C GLN I 523 74.86 -16.48 -28.56
N LYS I 524 74.36 -15.57 -31.82
CA LYS I 524 75.59 -15.76 -32.59
C LYS I 524 76.62 -14.70 -32.25
N ILE I 525 77.34 -14.24 -33.26
CA ILE I 525 78.36 -13.20 -33.12
C ILE I 525 77.87 -11.94 -33.80
N SER I 526 78.11 -10.80 -33.17
CA SER I 526 77.67 -9.52 -33.71
C SER I 526 78.60 -9.06 -34.82
N GLU I 527 78.01 -8.58 -35.91
CA GLU I 527 78.76 -8.07 -37.06
C GLU I 527 78.47 -6.59 -37.23
N GLY I 528 79.53 -5.81 -37.43
CA GLY I 528 79.38 -4.38 -37.64
C GLY I 528 80.05 -3.90 -38.91
N LEU I 529 79.30 -3.20 -39.76
CA LEU I 529 79.82 -2.69 -41.03
C LEU I 529 79.63 -1.18 -41.09
N PRO I 530 80.70 -0.40 -40.95
CA PRO I 530 80.58 1.07 -41.04
C PRO I 530 80.60 1.63 -42.45
N ALA I 531 80.41 0.80 -43.48
CA ALA I 531 80.47 1.27 -44.85
C ALA I 531 79.28 2.18 -45.17
N LEU I 532 79.51 3.13 -46.07
CA LEU I 532 78.46 4.04 -46.47
C LEU I 532 77.41 3.30 -47.30
N GLU I 533 76.12 3.53 -47.05
CA GLU I 533 75.09 2.81 -47.81
C GLU I 533 75.07 3.26 -49.27
N PHE I 534 74.94 2.28 -50.16
CA PHE I 534 74.93 2.58 -51.59
C PHE I 534 73.67 3.33 -51.99
N PRO I 535 72.52 2.92 -51.48
CA PRO I 535 71.26 3.58 -51.81
C PRO I 535 70.28 3.48 -50.65
N SER J 18 60.89 -26.32 -60.85
CA SER J 18 61.25 -27.32 -61.84
C SER J 18 60.26 -28.48 -61.84
N HIS J 19 59.65 -28.74 -62.99
CA HIS J 19 58.67 -29.82 -63.14
C HIS J 19 59.42 -31.13 -63.29
N ILE J 20 59.93 -31.63 -62.17
CA ILE J 20 60.67 -32.89 -62.15
C ILE J 20 59.68 -34.05 -62.22
N ASP J 21 59.85 -34.92 -63.21
CA ASP J 21 59.01 -36.08 -63.37
C ASP J 21 59.53 -37.24 -62.54
N CYS J 22 58.77 -38.33 -62.50
CA CYS J 22 59.10 -39.50 -61.71
C CYS J 22 59.60 -40.60 -62.65
N ARG J 23 60.92 -40.83 -62.64
CA ARG J 23 61.52 -41.95 -63.35
C ARG J 23 61.35 -43.19 -62.46
N MET J 24 60.17 -43.78 -62.56
CA MET J 24 59.73 -44.84 -61.64
C MET J 24 59.17 -46.03 -62.41
N SER J 25 59.91 -46.49 -63.42
CA SER J 25 59.47 -47.69 -64.11
C SER J 25 60.63 -48.58 -64.57
N PRO J 26 61.54 -49.01 -63.67
CA PRO J 26 62.49 -50.08 -64.03
C PRO J 26 61.85 -51.45 -63.85
N TRP J 27 61.57 -52.13 -64.95
CA TRP J 27 60.89 -53.42 -64.91
C TRP J 27 61.91 -54.56 -64.88
N SER J 28 61.52 -55.64 -64.23
CA SER J 28 62.35 -56.83 -64.06
C SER J 28 61.76 -58.00 -64.85
N GLU J 29 62.46 -59.13 -64.81
CA GLU J 29 62.07 -60.33 -65.54
C GLU J 29 61.10 -61.17 -64.71
N TRP J 30 60.20 -61.85 -65.41
CA TRP J 30 59.26 -62.76 -64.77
C TRP J 30 60.01 -63.91 -64.09
N SER J 31 59.78 -64.09 -62.79
CA SER J 31 60.41 -65.15 -62.05
C SER J 31 59.59 -66.44 -62.15
N GLN J 32 60.01 -67.47 -61.41
CA GLN J 32 59.31 -68.74 -61.42
C GLN J 32 57.99 -68.64 -60.66
N CYS J 33 56.98 -69.34 -61.15
CA CYS J 33 55.67 -69.33 -60.51
C CYS J 33 55.72 -70.10 -59.19
N ASP J 34 54.86 -69.69 -58.26
CA ASP J 34 54.75 -70.40 -56.99
C ASP J 34 53.71 -71.50 -57.12
N PRO J 35 54.06 -72.75 -56.82
CA PRO J 35 53.08 -73.84 -56.96
C PRO J 35 51.95 -73.75 -55.94
N CYS J 36 52.30 -73.58 -54.66
CA CYS J 36 51.29 -73.56 -53.62
C CYS J 36 50.59 -72.21 -53.53
N LEU J 37 51.35 -71.12 -53.65
CA LEU J 37 50.75 -69.79 -53.54
C LEU J 37 50.00 -69.40 -54.80
N ARG J 38 50.41 -69.94 -55.96
CA ARG J 38 49.75 -69.69 -57.23
C ARG J 38 49.77 -68.20 -57.59
N GLN J 39 50.98 -67.67 -57.69
CA GLN J 39 51.20 -66.25 -57.91
C GLN J 39 52.50 -66.06 -58.69
N MET J 40 52.60 -64.92 -59.38
CA MET J 40 53.80 -64.54 -60.09
C MET J 40 54.43 -63.31 -59.44
N PHE J 41 55.68 -63.03 -59.83
CA PHE J 41 56.51 -62.02 -59.19
C PHE J 41 57.16 -61.10 -60.22
N ARG J 42 56.35 -60.54 -61.12
CA ARG J 42 56.84 -59.42 -61.91
C ARG J 42 57.26 -58.29 -60.98
N SER J 43 58.55 -57.97 -60.99
CA SER J 43 59.14 -57.08 -60.00
C SER J 43 59.27 -55.66 -60.55
N ARG J 44 59.63 -54.75 -59.65
CA ARG J 44 59.75 -53.33 -59.98
C ARG J 44 60.57 -52.67 -58.87
N SER J 45 60.84 -51.38 -59.04
CA SER J 45 61.61 -50.62 -58.06
C SER J 45 61.30 -49.14 -58.22
N ILE J 46 61.39 -48.41 -57.12
CA ILE J 46 61.17 -46.97 -57.11
C ILE J 46 62.52 -46.26 -57.14
N GLU J 47 62.64 -45.25 -57.99
CA GLU J 47 63.90 -44.54 -58.19
C GLU J 47 63.81 -43.06 -57.88
N VAL J 48 62.81 -42.36 -58.40
CA VAL J 48 62.72 -40.91 -58.29
C VAL J 48 61.32 -40.54 -57.82
N PHE J 49 61.24 -39.68 -56.80
CA PHE J 49 59.96 -39.19 -56.29
C PHE J 49 59.53 -37.91 -57.00
N GLY J 50 60.36 -36.88 -56.95
CA GLY J 50 59.98 -35.55 -57.42
C GLY J 50 59.92 -34.57 -56.27
N GLN J 51 60.95 -33.73 -56.14
CA GLN J 51 61.09 -32.85 -54.99
C GLN J 51 60.18 -31.63 -55.05
N PHE J 52 59.66 -31.29 -56.22
CA PHE J 52 58.95 -30.03 -56.41
C PHE J 52 57.48 -30.30 -56.72
N ASN J 53 56.76 -29.25 -57.08
CA ASN J 53 55.32 -29.24 -57.34
C ASN J 53 54.93 -30.01 -58.60
N GLY J 54 55.86 -30.72 -59.26
CA GLY J 54 55.55 -31.47 -60.45
C GLY J 54 54.65 -32.67 -60.22
N LYS J 55 54.65 -33.60 -61.18
CA LYS J 55 53.78 -34.77 -61.12
C LYS J 55 54.04 -35.63 -59.90
N ARG J 56 53.05 -35.71 -59.01
CA ARG J 56 53.15 -36.60 -57.86
C ARG J 56 52.97 -38.05 -58.33
N CYS J 57 53.78 -38.94 -57.79
CA CYS J 57 53.80 -40.34 -58.23
C CYS J 57 53.87 -41.23 -57.00
N THR J 58 52.73 -41.82 -56.62
CA THR J 58 52.64 -42.75 -55.50
C THR J 58 52.53 -44.19 -55.96
N ASP J 59 53.06 -44.50 -57.15
CA ASP J 59 52.94 -45.84 -57.72
C ASP J 59 53.64 -46.85 -56.81
N ALA J 60 52.85 -47.79 -56.28
CA ALA J 60 53.39 -48.81 -55.38
C ALA J 60 54.20 -49.84 -56.16
N VAL J 61 55.22 -50.37 -55.51
CA VAL J 61 56.11 -51.37 -56.11
C VAL J 61 55.50 -52.76 -55.88
N GLY J 62 55.43 -53.55 -56.94
CA GLY J 62 54.92 -54.90 -56.85
C GLY J 62 53.83 -55.20 -57.86
N ASP J 63 53.74 -56.47 -58.26
CA ASP J 63 52.76 -56.92 -59.23
C ASP J 63 52.51 -58.41 -59.04
N ARG J 64 51.26 -58.81 -59.19
CA ARG J 64 50.86 -60.21 -59.03
C ARG J 64 50.17 -60.70 -60.30
N ARG J 65 50.11 -62.03 -60.43
CA ARG J 65 49.50 -62.66 -61.59
C ARG J 65 49.22 -64.13 -61.30
N GLN J 66 48.07 -64.60 -61.76
CA GLN J 66 47.73 -66.01 -61.60
C GLN J 66 48.58 -66.87 -62.52
N CYS J 67 48.88 -68.09 -62.08
CA CYS J 67 49.73 -69.00 -62.82
C CYS J 67 49.28 -70.44 -62.59
N VAL J 68 49.36 -71.26 -63.64
CA VAL J 68 49.08 -72.69 -63.52
C VAL J 68 50.24 -73.35 -62.80
N PRO J 69 50.02 -73.95 -61.63
CA PRO J 69 51.14 -74.53 -60.88
C PRO J 69 51.66 -75.80 -61.53
N THR J 70 52.98 -75.96 -61.50
CA THR J 70 53.64 -77.10 -62.12
C THR J 70 54.21 -78.09 -61.10
N GLU J 71 54.50 -77.65 -59.88
CA GLU J 71 54.97 -78.56 -58.85
C GLU J 71 53.78 -79.17 -58.11
N PRO J 72 53.94 -80.38 -57.57
CA PRO J 72 52.80 -81.04 -56.89
C PRO J 72 52.41 -80.38 -55.57
N CYS J 73 53.27 -79.52 -55.00
CA CYS J 73 53.00 -78.87 -53.73
C CYS J 73 52.76 -79.90 -52.62
N GLU J 74 53.78 -80.73 -52.40
CA GLU J 74 53.69 -81.79 -51.41
C GLU J 74 53.90 -81.26 -49.99
N ASP J 75 54.66 -80.19 -49.84
CA ASP J 75 54.91 -79.63 -48.51
C ASP J 75 53.63 -79.01 -47.95
N ALA J 76 53.34 -79.32 -46.70
CA ALA J 76 52.14 -78.80 -46.04
C ALA J 76 52.44 -78.66 -44.55
N GLU J 77 51.58 -77.90 -43.87
CA GLU J 77 51.73 -77.63 -42.45
C GLU J 77 50.88 -78.63 -41.66
N ASP J 78 51.56 -79.55 -40.97
CA ASP J 78 50.86 -80.51 -40.14
C ASP J 78 50.30 -79.85 -38.88
N ASP J 79 49.34 -80.51 -38.26
CA ASP J 79 48.72 -79.98 -37.06
C ASP J 79 49.54 -80.31 -35.81
N CYS J 80 50.84 -79.97 -35.85
CA CYS J 80 51.77 -79.99 -34.73
C CYS J 80 51.93 -81.38 -34.12
N GLY J 81 51.22 -82.37 -34.63
CA GLY J 81 51.37 -83.76 -34.23
C GLY J 81 51.42 -84.03 -32.74
N ASN J 82 50.87 -83.13 -31.93
CA ASN J 82 51.01 -83.21 -30.48
C ASN J 82 49.69 -83.48 -29.78
N ASP J 83 48.67 -82.65 -29.99
CA ASP J 83 47.45 -82.75 -29.21
C ASP J 83 46.29 -82.26 -30.08
N PHE J 84 45.16 -81.95 -29.42
CA PHE J 84 43.95 -81.52 -30.12
C PHE J 84 44.21 -80.29 -30.98
N GLN J 85 43.91 -80.40 -32.27
CA GLN J 85 44.05 -79.28 -33.18
C GLN J 85 42.91 -78.29 -33.01
N CYS J 86 43.24 -77.00 -33.07
CA CYS J 86 42.22 -75.97 -33.01
C CYS J 86 41.57 -75.80 -34.38
N SER J 87 40.51 -74.99 -34.40
CA SER J 87 39.77 -74.73 -35.63
C SER J 87 40.49 -73.77 -36.57
N THR J 88 41.62 -73.20 -36.17
CA THR J 88 42.34 -72.24 -37.00
C THR J 88 43.78 -72.62 -37.30
N GLY J 89 44.39 -73.52 -36.51
CA GLY J 89 45.75 -73.95 -36.81
C GLY J 89 46.66 -74.05 -35.61
N ARG J 90 46.25 -73.51 -34.46
CA ARG J 90 47.06 -73.56 -33.26
C ARG J 90 46.78 -74.86 -32.51
N CYS J 91 47.52 -75.08 -31.42
CA CYS J 91 47.49 -76.35 -30.70
C CYS J 91 47.44 -76.12 -29.20
N ILE J 92 46.76 -77.02 -28.50
CA ILE J 92 46.79 -77.03 -27.03
C ILE J 92 48.16 -77.50 -26.57
N LYS J 93 48.74 -76.77 -25.60
CA LYS J 93 50.01 -77.21 -25.03
C LYS J 93 49.78 -78.27 -23.95
N MET J 94 49.18 -77.87 -22.83
CA MET J 94 48.82 -78.85 -21.80
C MET J 94 47.42 -78.70 -21.22
N ARG J 95 46.85 -77.49 -21.18
CA ARG J 95 45.58 -77.28 -20.48
C ARG J 95 44.66 -76.32 -21.21
N LEU J 96 44.70 -76.32 -22.55
CA LEU J 96 43.81 -75.49 -23.34
C LEU J 96 42.43 -76.13 -23.54
N ARG J 97 42.08 -77.11 -22.71
CA ARG J 97 40.77 -77.74 -22.78
C ARG J 97 39.71 -76.87 -22.10
N CYS J 98 38.55 -77.45 -21.83
CA CYS J 98 37.42 -76.69 -21.29
C CYS J 98 37.73 -76.30 -19.85
N ASN J 99 38.58 -75.27 -19.72
CA ASN J 99 39.00 -74.74 -18.43
C ASN J 99 38.97 -73.22 -18.42
N GLY J 100 38.06 -72.63 -19.19
CA GLY J 100 37.95 -71.18 -19.23
C GLY J 100 39.14 -70.47 -19.83
N ASP J 101 39.81 -71.09 -20.80
CA ASP J 101 40.98 -70.51 -21.45
C ASP J 101 40.59 -70.16 -22.89
N ASN J 102 40.30 -68.87 -23.11
CA ASN J 102 39.87 -68.39 -24.42
C ASN J 102 41.10 -68.15 -25.30
N ASP J 103 41.32 -69.05 -26.26
CA ASP J 103 42.42 -68.90 -27.22
C ASP J 103 41.93 -68.79 -28.65
N CYS J 104 41.09 -69.73 -29.10
CA CYS J 104 40.64 -69.76 -30.49
C CYS J 104 39.43 -68.88 -30.72
N GLY J 105 38.33 -69.15 -30.01
CA GLY J 105 37.12 -68.37 -30.16
C GLY J 105 36.36 -68.23 -28.86
N ASP J 106 35.17 -67.62 -28.92
CA ASP J 106 34.33 -67.50 -27.74
C ASP J 106 33.93 -68.87 -27.20
N PHE J 107 33.59 -69.80 -28.10
CA PHE J 107 33.27 -71.17 -27.72
C PHE J 107 33.92 -72.16 -28.67
N SER J 108 35.01 -71.78 -29.32
CA SER J 108 35.69 -72.69 -30.25
C SER J 108 36.43 -73.78 -29.50
N ASP J 109 37.31 -73.39 -28.57
CA ASP J 109 38.04 -74.38 -27.79
C ASP J 109 37.16 -75.05 -26.75
N GLU J 110 36.25 -74.28 -26.15
CA GLU J 110 35.31 -74.80 -25.16
C GLU J 110 34.05 -75.39 -25.79
N ASP J 111 34.10 -75.74 -27.08
CA ASP J 111 32.93 -76.33 -27.73
C ASP J 111 32.54 -77.65 -27.06
N ASP J 112 33.51 -78.54 -26.88
CA ASP J 112 33.28 -79.85 -26.27
C ASP J 112 33.71 -79.78 -24.82
N CYS J 113 32.74 -79.83 -23.90
CA CYS J 113 33.00 -79.81 -22.46
C CYS J 113 32.35 -81.05 -21.85
N GLU J 114 33.13 -82.12 -21.71
CA GLU J 114 32.61 -83.35 -21.12
C GLU J 114 32.67 -83.29 -19.59
N SER J 115 33.78 -82.81 -19.04
CA SER J 115 33.93 -82.67 -17.61
C SER J 115 33.26 -81.39 -17.12
N GLU J 116 33.25 -81.19 -15.81
CA GLU J 116 32.66 -80.00 -15.24
C GLU J 116 33.48 -78.76 -15.60
N PRO J 117 32.83 -77.61 -15.78
CA PRO J 117 33.58 -76.40 -16.12
C PRO J 117 34.41 -75.88 -14.95
N ARG J 118 35.53 -76.54 -14.69
CA ARG J 118 36.42 -76.16 -13.61
C ARG J 118 37.01 -74.78 -13.87
N PRO J 119 36.79 -73.79 -13.00
CA PRO J 119 37.37 -72.47 -13.21
C PRO J 119 38.86 -72.49 -12.95
N PRO J 120 39.66 -71.77 -13.75
CA PRO J 120 41.10 -71.76 -13.53
C PRO J 120 41.55 -70.90 -12.37
N CYS J 121 40.78 -69.87 -12.00
CA CYS J 121 41.14 -68.97 -10.93
C CYS J 121 39.88 -68.64 -10.13
N ARG J 122 39.97 -68.76 -8.80
CA ARG J 122 38.83 -68.56 -7.93
C ARG J 122 38.66 -67.10 -7.50
N ASP J 123 39.75 -66.37 -7.32
CA ASP J 123 39.67 -64.98 -6.88
C ASP J 123 39.05 -64.12 -7.98
N ARG J 124 38.45 -63.01 -7.55
CA ARG J 124 37.80 -62.08 -8.47
C ARG J 124 38.86 -61.14 -9.03
N VAL J 125 39.22 -61.34 -10.30
CA VAL J 125 40.22 -60.52 -10.99
C VAL J 125 39.56 -59.97 -12.25
N VAL J 126 39.39 -58.64 -12.30
CA VAL J 126 38.74 -58.01 -13.43
C VAL J 126 39.66 -58.06 -14.65
N GLU J 127 39.08 -58.29 -15.82
CA GLU J 127 39.85 -58.33 -17.05
C GLU J 127 40.46 -56.96 -17.34
N GLU J 128 41.56 -56.98 -18.09
CA GLU J 128 42.30 -55.76 -18.40
C GLU J 128 41.50 -54.94 -19.41
N SER J 129 40.80 -53.92 -18.92
CA SER J 129 39.89 -53.13 -19.74
C SER J 129 40.61 -51.89 -20.26
N GLU J 130 40.82 -51.84 -21.58
CA GLU J 130 41.35 -50.68 -22.29
C GLU J 130 42.78 -50.34 -21.89
N LEU J 131 43.40 -51.15 -21.04
CA LEU J 131 44.75 -50.92 -20.56
C LEU J 131 45.74 -51.57 -21.54
N ALA J 132 46.99 -51.76 -21.11
CA ALA J 132 48.06 -52.23 -21.97
C ALA J 132 47.82 -53.61 -22.57
N ARG J 133 46.64 -54.20 -22.30
CA ARG J 133 46.23 -55.47 -22.90
C ARG J 133 46.55 -55.52 -24.38
N THR J 134 46.32 -54.43 -25.09
CA THR J 134 46.68 -54.32 -26.51
C THR J 134 48.12 -53.78 -26.58
N ALA J 135 49.07 -54.68 -26.33
CA ALA J 135 50.47 -54.33 -26.23
C ALA J 135 51.22 -54.39 -27.55
N GLY J 136 50.55 -54.81 -28.64
CA GLY J 136 51.18 -54.88 -29.94
C GLY J 136 51.09 -53.55 -30.66
N TYR J 137 52.21 -53.15 -31.27
CA TYR J 137 52.29 -51.89 -31.99
C TYR J 137 53.20 -52.05 -33.19
N GLY J 138 52.78 -51.51 -34.33
CA GLY J 138 53.48 -51.68 -35.59
C GLY J 138 54.08 -50.40 -36.14
N ILE J 139 54.74 -49.61 -35.28
CA ILE J 139 55.26 -48.32 -35.69
C ILE J 139 56.18 -48.47 -36.90
N ASN J 140 56.07 -47.52 -37.82
CA ASN J 140 56.93 -47.46 -39.01
C ASN J 140 57.99 -46.38 -38.79
N ILE J 141 59.25 -46.76 -38.89
CA ILE J 141 60.34 -45.79 -38.72
C ILE J 141 60.28 -44.73 -39.80
N LEU J 142 59.82 -45.08 -41.00
CA LEU J 142 59.63 -44.13 -42.08
C LEU J 142 58.22 -43.56 -42.12
N GLY J 143 57.29 -44.12 -41.35
CA GLY J 143 55.91 -43.68 -41.40
C GLY J 143 55.51 -42.74 -40.29
N MET J 144 54.71 -43.23 -39.35
CA MET J 144 54.09 -42.38 -38.33
C MET J 144 53.92 -43.20 -37.06
N ASP J 145 53.03 -42.73 -36.16
CA ASP J 145 52.75 -43.28 -34.85
C ASP J 145 52.47 -44.78 -34.88
N PRO J 146 52.63 -45.48 -33.76
CA PRO J 146 52.49 -46.95 -33.77
C PRO J 146 51.12 -47.42 -34.26
N LEU J 147 51.09 -48.68 -34.67
CA LEU J 147 49.92 -49.31 -35.25
C LEU J 147 49.24 -50.21 -34.21
N SER J 148 48.25 -50.98 -34.64
CA SER J 148 47.51 -51.87 -33.75
C SER J 148 48.36 -53.11 -33.44
N THR J 149 47.75 -54.07 -32.76
CA THR J 149 48.49 -55.27 -32.35
C THR J 149 48.58 -56.26 -33.49
N PRO J 150 49.78 -56.76 -33.81
CA PRO J 150 49.93 -57.78 -34.86
C PRO J 150 49.74 -59.21 -34.37
N PHE J 151 49.49 -59.43 -33.09
CA PHE J 151 49.41 -60.77 -32.53
C PHE J 151 48.26 -60.83 -31.53
N ASP J 152 47.86 -62.06 -31.19
CA ASP J 152 46.84 -62.27 -30.19
C ASP J 152 47.40 -62.01 -28.80
N ASN J 153 46.74 -61.16 -28.04
CA ASN J 153 47.20 -60.76 -26.72
C ASN J 153 46.20 -61.09 -25.62
N GLU J 154 45.26 -62.00 -25.91
CA GLU J 154 44.23 -62.40 -24.94
C GLU J 154 44.50 -63.77 -24.34
N PHE J 155 45.13 -64.67 -25.08
CA PHE J 155 45.40 -66.01 -24.58
C PHE J 155 46.35 -65.98 -23.39
N TYR J 156 46.08 -66.84 -22.40
CA TYR J 156 46.93 -67.01 -21.25
C TYR J 156 47.19 -68.50 -21.02
N ASN J 157 48.34 -68.81 -20.43
CA ASN J 157 48.78 -70.19 -20.34
C ASN J 157 48.12 -70.93 -19.17
N GLY J 158 48.37 -70.48 -17.95
CA GLY J 158 47.91 -71.20 -16.78
C GLY J 158 47.26 -70.37 -15.69
N LEU J 159 47.78 -70.47 -14.47
CA LEU J 159 47.21 -69.76 -13.34
C LEU J 159 47.36 -68.25 -13.52
N CYS J 160 46.28 -67.52 -13.29
CA CYS J 160 46.29 -66.07 -13.43
C CYS J 160 47.40 -65.45 -12.60
N ASN J 161 48.15 -64.55 -13.22
CA ASN J 161 49.22 -63.81 -12.54
C ASN J 161 48.64 -62.50 -12.04
N ARG J 162 48.60 -62.34 -10.72
CA ARG J 162 47.94 -61.19 -10.12
C ARG J 162 48.66 -59.89 -10.48
N ASP J 163 47.88 -58.82 -10.65
CA ASP J 163 48.41 -57.51 -11.00
C ASP J 163 47.90 -56.47 -10.01
N ARG J 164 48.05 -56.75 -8.72
CA ARG J 164 47.45 -55.94 -7.66
C ARG J 164 48.20 -54.60 -7.59
N ASP J 165 47.81 -53.70 -8.48
CA ASP J 165 48.38 -52.35 -8.53
C ASP J 165 47.45 -51.48 -9.35
N GLY J 166 47.64 -50.16 -9.23
CA GLY J 166 46.84 -49.20 -9.93
C GLY J 166 46.33 -48.11 -9.00
N ASN J 167 45.61 -47.16 -9.59
CA ASN J 167 45.06 -46.04 -8.82
C ASN J 167 44.05 -46.54 -7.79
N THR J 168 43.04 -47.30 -8.23
CA THR J 168 42.01 -47.80 -7.36
C THR J 168 42.36 -49.22 -6.90
N LEU J 169 41.47 -49.81 -6.11
CA LEU J 169 41.65 -51.16 -5.60
C LEU J 169 40.91 -52.11 -6.55
N THR J 170 41.64 -52.64 -7.53
CA THR J 170 41.07 -53.55 -8.51
C THR J 170 42.18 -54.45 -9.03
N TYR J 171 41.82 -55.69 -9.36
CA TYR J 171 42.77 -56.70 -9.80
C TYR J 171 42.66 -56.87 -11.31
N TYR J 172 43.76 -56.64 -12.02
CA TYR J 172 43.82 -56.82 -13.46
C TYR J 172 44.55 -58.11 -13.81
N ARG J 173 44.44 -58.50 -15.07
CA ARG J 173 45.12 -59.67 -15.60
C ARG J 173 46.24 -59.25 -16.54
N ARG J 174 47.32 -60.04 -16.53
CA ARG J 174 48.44 -59.83 -17.45
C ARG J 174 48.52 -61.02 -18.39
N PRO J 175 48.39 -60.82 -19.70
CA PRO J 175 48.38 -61.95 -20.63
C PRO J 175 49.74 -62.64 -20.68
N TRP J 176 49.71 -63.89 -21.16
CA TRP J 176 50.94 -64.67 -21.30
C TRP J 176 51.86 -64.11 -22.37
N ASN J 177 51.32 -63.34 -23.32
CA ASN J 177 52.17 -62.71 -24.33
C ASN J 177 52.96 -61.55 -23.76
N VAL J 178 52.39 -60.83 -22.80
CA VAL J 178 53.06 -59.68 -22.18
C VAL J 178 53.89 -60.19 -21.00
N ALA J 179 55.19 -59.91 -21.03
CA ALA J 179 56.07 -60.39 -19.97
C ALA J 179 55.95 -59.55 -18.71
N SER J 180 55.68 -58.25 -18.86
CA SER J 180 55.59 -57.36 -17.70
C SER J 180 54.57 -56.28 -17.98
N LEU J 181 54.00 -55.74 -16.89
CA LEU J 181 53.03 -54.65 -16.99
C LEU J 181 53.14 -53.83 -15.70
N ILE J 182 53.88 -52.72 -15.78
CA ILE J 182 54.10 -51.84 -14.64
C ILE J 182 53.09 -50.70 -14.69
N TYR J 183 52.73 -50.19 -13.50
CA TYR J 183 51.75 -49.12 -13.36
C TYR J 183 52.38 -47.86 -12.76
N GLU J 184 53.67 -47.65 -13.00
CA GLU J 184 54.36 -46.49 -12.44
C GLU J 184 53.80 -45.21 -13.03
N THR J 185 53.36 -44.30 -12.16
CA THR J 185 52.77 -43.03 -12.58
C THR J 185 53.82 -41.91 -12.55
N LYS J 186 54.84 -42.08 -13.37
CA LYS J 186 55.91 -41.08 -13.45
C LYS J 186 55.38 -39.79 -14.07
N GLY J 187 56.00 -38.67 -13.69
CA GLY J 187 55.63 -37.38 -14.21
C GLY J 187 56.74 -36.36 -14.14
N GLU J 188 57.02 -35.67 -15.24
CA GLU J 188 58.10 -34.70 -15.29
C GLU J 188 57.78 -33.63 -16.31
N LYS J 189 58.52 -32.53 -16.23
CA LYS J 189 58.35 -31.42 -17.16
C LYS J 189 59.63 -30.60 -17.18
N ASN J 190 59.82 -29.85 -18.26
CA ASN J 190 61.01 -29.04 -18.43
C ASN J 190 60.63 -27.74 -19.15
N PHE J 191 61.40 -26.69 -18.87
CA PHE J 191 61.19 -25.40 -19.49
C PHE J 191 62.53 -24.69 -19.66
N ARG J 192 62.62 -23.86 -20.69
CA ARG J 192 63.84 -23.13 -20.97
C ARG J 192 63.49 -21.78 -21.57
N THR J 193 64.43 -20.84 -21.45
CA THR J 193 64.24 -19.50 -21.98
C THR J 193 65.60 -18.88 -22.25
N GLU J 194 65.62 -17.88 -23.14
CA GLU J 194 66.85 -17.20 -23.50
C GLU J 194 66.51 -15.85 -24.11
N HIS J 195 67.49 -14.96 -24.11
CA HIS J 195 67.33 -13.63 -24.68
C HIS J 195 68.64 -13.20 -25.30
N TYR J 196 68.55 -12.62 -26.51
CA TYR J 196 69.69 -12.09 -27.22
C TYR J 196 69.47 -10.60 -27.49
N GLU J 197 70.55 -9.82 -27.41
CA GLU J 197 70.47 -8.39 -27.63
C GLU J 197 71.72 -7.91 -28.35
N GLU J 198 71.53 -7.05 -29.35
CA GLU J 198 72.62 -6.48 -30.13
C GLU J 198 72.31 -5.02 -30.42
N GLN J 199 73.31 -4.17 -30.27
CA GLN J 199 73.15 -2.74 -30.51
C GLN J 199 74.47 -2.18 -31.03
N ILE J 200 74.38 -1.35 -32.07
CA ILE J 200 75.55 -0.70 -32.65
C ILE J 200 75.15 0.69 -33.13
N GLU J 201 76.03 1.66 -32.89
CA GLU J 201 75.79 3.03 -33.31
C GLU J 201 77.11 3.66 -33.75
N ALA J 202 77.02 4.58 -34.71
CA ALA J 202 78.20 5.28 -35.22
C ALA J 202 77.81 6.70 -35.61
N PHE J 203 78.57 7.68 -35.13
CA PHE J 203 78.35 9.08 -35.43
C PHE J 203 79.60 9.65 -36.10
N LYS J 204 79.38 10.48 -37.12
CA LYS J 204 80.46 11.11 -37.86
C LYS J 204 80.09 12.54 -38.22
N SER J 205 81.06 13.44 -38.13
CA SER J 205 80.84 14.85 -38.48
C SER J 205 82.14 15.43 -39.00
N ILE J 206 82.06 16.11 -40.15
CA ILE J 206 83.22 16.71 -40.78
C ILE J 206 82.83 18.11 -41.26
N ILE J 207 83.68 19.09 -40.97
CA ILE J 207 83.44 20.48 -41.37
C ILE J 207 84.73 21.06 -41.93
N GLN J 208 84.59 21.90 -42.95
CA GLN J 208 85.71 22.51 -43.64
C GLN J 208 85.46 24.01 -43.80
N GLU J 209 86.54 24.80 -43.75
CA GLU J 209 86.44 26.24 -43.91
C GLU J 209 87.72 26.76 -44.55
N LYS J 210 87.58 27.70 -45.48
CA LYS J 210 88.72 28.29 -46.16
C LYS J 210 88.44 29.77 -46.40
N THR J 211 89.46 30.60 -46.19
CA THR J 211 89.35 32.03 -46.36
C THR J 211 90.47 32.50 -47.29
N SER J 212 90.13 33.33 -48.27
CA SER J 212 91.09 33.84 -49.23
C SER J 212 90.78 35.30 -49.53
N ASN J 213 91.78 36.16 -49.40
CA ASN J 213 91.62 37.59 -49.63
C ASN J 213 92.86 38.13 -50.34
N PHE J 214 92.64 39.09 -51.24
CA PHE J 214 93.72 39.68 -52.02
C PHE J 214 93.47 41.16 -52.20
N ASN J 215 94.47 41.98 -51.89
CA ASN J 215 94.40 43.42 -52.08
C ASN J 215 95.69 43.92 -52.70
N ALA J 216 95.57 44.86 -53.64
CA ALA J 216 96.73 45.38 -54.35
C ALA J 216 96.40 46.79 -54.83
N ALA J 217 97.05 47.79 -54.23
CA ALA J 217 96.86 49.19 -54.57
C ALA J 217 98.17 49.79 -55.04
N ILE J 218 98.13 50.48 -56.19
CA ILE J 218 99.30 51.15 -56.75
C ILE J 218 98.87 52.52 -57.24
N SER J 219 99.67 53.54 -56.92
CA SER J 219 99.37 54.91 -57.29
C SER J 219 100.55 55.51 -58.05
N LEU J 220 100.24 56.40 -58.99
CA LEU J 220 101.24 57.05 -59.83
C LEU J 220 101.03 58.55 -59.80
N LYS J 221 102.13 59.29 -59.68
CA LYS J 221 102.10 60.75 -59.66
C LYS J 221 103.31 61.28 -60.41
N PHE J 222 103.06 62.14 -61.40
CA PHE J 222 104.12 62.68 -62.24
C PHE J 222 103.86 64.17 -62.46
N THR J 223 104.83 65.00 -62.08
CA THR J 223 104.73 66.45 -62.28
C THR J 223 106.15 66.99 -62.39
N PRO J 224 106.61 67.28 -63.60
CA PRO J 224 107.96 67.83 -63.82
C PRO J 224 108.03 69.33 -63.54
N SER J 242 103.37 73.35 -69.06
CA SER J 242 102.94 72.59 -67.88
C SER J 242 102.68 71.13 -68.23
N LEU J 243 102.95 70.25 -67.29
CA LEU J 243 102.76 68.82 -67.48
C LEU J 243 102.45 68.17 -66.15
N HIS J 244 101.49 67.25 -66.15
CA HIS J 244 101.05 66.59 -64.93
C HIS J 244 100.66 65.14 -65.25
N GLY J 245 100.74 64.29 -64.23
CA GLY J 245 100.35 62.90 -64.37
C GLY J 245 99.82 62.31 -63.08
N LYS J 246 98.71 61.57 -63.16
CA LYS J 246 98.10 60.99 -61.96
C LYS J 246 97.40 59.69 -62.34
N GLY J 247 97.73 58.62 -61.63
CA GLY J 247 97.10 57.33 -61.85
C GLY J 247 97.02 56.50 -60.58
N SER J 248 95.90 55.81 -60.38
CA SER J 248 95.68 55.01 -59.19
C SER J 248 94.88 53.77 -59.53
N PHE J 249 95.38 52.61 -59.14
CA PHE J 249 94.70 51.34 -59.36
C PHE J 249 94.25 50.76 -58.03
N ARG J 250 93.09 50.10 -58.04
CA ARG J 250 92.55 49.45 -56.84
C ARG J 250 92.04 48.07 -57.20
N PHE J 251 92.20 47.14 -56.26
CA PHE J 251 91.82 45.75 -56.49
C PHE J 251 91.42 45.13 -55.16
N SER J 252 90.41 44.27 -55.18
CA SER J 252 89.91 43.60 -53.99
C SER J 252 89.55 42.17 -54.34
N TYR J 253 89.40 41.34 -53.31
CA TYR J 253 89.07 39.93 -53.49
C TYR J 253 88.54 39.37 -52.19
N SER J 254 87.56 38.47 -52.31
CA SER J 254 86.98 37.78 -51.17
C SER J 254 86.50 36.41 -51.61
N LYS J 255 86.68 35.41 -50.75
CA LYS J 255 86.29 34.05 -51.10
C LYS J 255 86.10 33.22 -49.83
N ASN J 256 84.98 32.52 -49.76
CA ASN J 256 84.71 31.53 -48.73
C ASN J 256 84.04 30.32 -49.35
N GLU J 257 84.56 29.13 -49.04
CA GLU J 257 83.98 27.86 -49.50
C GLU J 257 83.91 26.92 -48.30
N THR J 258 82.74 26.87 -47.67
CA THR J 258 82.55 26.10 -46.45
C THR J 258 81.91 24.76 -46.78
N TYR J 259 82.48 23.69 -46.24
CA TYR J 259 81.97 22.34 -46.42
C TYR J 259 81.53 21.77 -45.09
N GLN J 260 80.49 20.94 -45.12
CA GLN J 260 79.96 20.30 -43.92
C GLN J 260 79.51 18.89 -44.27
N LEU J 261 79.84 17.94 -43.39
CA LEU J 261 79.50 16.54 -43.59
C LEU J 261 79.00 15.96 -42.28
N PHE J 262 77.98 15.11 -42.38
CA PHE J 262 77.40 14.46 -41.21
C PHE J 262 76.96 13.06 -41.61
N LEU J 263 77.31 12.08 -40.78
CA LEU J 263 76.97 10.68 -41.05
C LEU J 263 76.58 10.01 -39.74
N SER J 264 75.53 9.20 -39.79
CA SER J 264 75.04 8.50 -38.62
C SER J 264 74.56 7.11 -39.02
N TYR J 265 74.79 6.14 -38.15
CA TYR J 265 74.39 4.76 -38.40
C TYR J 265 74.02 4.11 -37.08
N SER J 266 72.93 3.35 -37.08
CA SER J 266 72.45 2.68 -35.87
C SER J 266 71.70 1.43 -36.26
N SER J 267 71.92 0.35 -35.50
CA SER J 267 71.25 -0.91 -35.75
C SER J 267 71.06 -1.65 -34.44
N LYS J 268 69.90 -2.29 -34.29
CA LYS J 268 69.58 -3.04 -33.08
C LYS J 268 68.95 -4.38 -33.47
N LYS J 269 69.37 -5.44 -32.78
CA LYS J 269 68.88 -6.79 -33.05
C LYS J 269 68.57 -7.48 -31.74
N GLU J 270 67.46 -8.22 -31.72
CA GLU J 270 67.02 -8.94 -30.53
C GLU J 270 66.50 -10.31 -30.96
N LYS J 271 66.77 -11.32 -30.15
CA LYS J 271 66.32 -12.68 -30.44
C LYS J 271 65.91 -13.37 -29.14
N MET J 272 64.81 -14.11 -29.19
CA MET J 272 64.28 -14.81 -28.02
C MET J 272 63.89 -16.22 -28.43
N PHE J 273 64.29 -17.19 -27.61
CA PHE J 273 63.97 -18.59 -27.85
C PHE J 273 63.59 -19.25 -26.53
N LEU J 274 62.41 -19.84 -26.47
CA LEU J 274 61.92 -20.48 -25.26
C LEU J 274 60.92 -21.56 -25.63
N HIS J 275 60.96 -22.67 -24.89
CA HIS J 275 60.06 -23.78 -25.14
C HIS J 275 59.90 -24.57 -23.85
N VAL J 276 58.82 -25.36 -23.80
CA VAL J 276 58.51 -26.18 -22.63
C VAL J 276 57.89 -27.49 -23.11
N LYS J 277 58.14 -28.55 -22.35
CA LYS J 277 57.63 -29.87 -22.69
C LYS J 277 57.32 -30.63 -21.40
N GLY J 278 56.24 -31.40 -21.43
CA GLY J 278 55.85 -32.19 -20.27
C GLY J 278 55.28 -33.52 -20.70
N GLU J 279 55.52 -34.54 -19.89
CA GLU J 279 55.07 -35.90 -20.17
C GLU J 279 54.53 -36.52 -18.90
N ILE J 280 53.26 -36.91 -18.93
CA ILE J 280 52.61 -37.58 -17.81
C ILE J 280 52.59 -39.08 -18.13
N HIS J 281 53.51 -39.81 -17.52
CA HIS J 281 53.60 -41.25 -17.73
C HIS J 281 52.53 -41.97 -16.95
N LEU J 282 51.94 -43.00 -17.58
CA LEU J 282 50.85 -43.76 -16.98
C LEU J 282 51.25 -45.20 -16.67
N GLY J 283 51.71 -45.95 -17.67
CA GLY J 283 52.06 -47.34 -17.46
C GLY J 283 53.11 -47.79 -18.43
N ARG J 284 53.67 -48.97 -18.15
CA ARG J 284 54.77 -49.51 -18.94
C ARG J 284 54.60 -51.02 -19.05
N PHE J 285 55.02 -51.56 -20.20
CA PHE J 285 54.92 -52.99 -20.46
C PHE J 285 56.14 -53.43 -21.26
N VAL J 286 56.44 -54.73 -21.19
CA VAL J 286 57.52 -55.34 -21.97
C VAL J 286 56.98 -56.63 -22.56
N MET J 287 56.88 -56.69 -23.88
CA MET J 287 56.42 -57.89 -24.55
C MET J 287 57.46 -59.00 -24.44
N ARG J 288 56.99 -60.21 -24.16
CA ARG J 288 57.89 -61.36 -24.11
C ARG J 288 58.46 -61.61 -25.50
N ASN J 289 59.79 -61.73 -25.57
CA ASN J 289 60.45 -61.78 -26.87
C ASN J 289 60.21 -63.11 -27.57
N ARG J 290 60.46 -64.21 -26.87
CA ARG J 290 60.28 -65.55 -27.42
C ARG J 290 59.21 -66.30 -26.63
N ASP J 291 58.74 -67.41 -27.21
CA ASP J 291 57.70 -68.24 -26.63
C ASP J 291 56.42 -67.42 -26.44
N VAL J 292 56.00 -66.76 -27.51
CA VAL J 292 54.82 -65.91 -27.51
C VAL J 292 53.84 -66.42 -28.57
N VAL J 293 52.55 -66.25 -28.30
CA VAL J 293 51.49 -66.69 -29.19
C VAL J 293 51.13 -65.56 -30.14
N LEU J 294 50.63 -65.92 -31.31
CA LEU J 294 50.25 -64.96 -32.34
C LEU J 294 48.78 -65.12 -32.70
N THR J 295 48.26 -64.14 -33.44
CA THR J 295 46.86 -64.16 -33.84
C THR J 295 46.68 -64.98 -35.10
N THR J 296 45.44 -65.47 -35.29
CA THR J 296 45.14 -66.30 -36.45
C THR J 296 45.25 -65.52 -37.76
N THR J 297 45.09 -64.20 -37.73
CA THR J 297 45.20 -63.42 -38.95
C THR J 297 46.65 -63.30 -39.41
N PHE J 298 47.56 -63.05 -38.47
CA PHE J 298 48.97 -62.90 -38.82
C PHE J 298 49.59 -64.24 -39.18
N VAL J 299 49.22 -65.32 -38.47
CA VAL J 299 49.75 -66.64 -38.76
C VAL J 299 49.32 -67.09 -40.15
N ASP J 300 48.06 -66.82 -40.51
CA ASP J 300 47.60 -67.15 -41.86
C ASP J 300 48.37 -66.37 -42.92
N ASP J 301 48.76 -65.13 -42.61
CA ASP J 301 49.57 -64.37 -43.55
C ASP J 301 50.97 -64.96 -43.68
N ILE J 302 51.54 -65.43 -42.57
CA ILE J 302 52.85 -66.07 -42.62
C ILE J 302 52.75 -67.45 -43.26
N LYS J 303 51.62 -68.14 -43.06
CA LYS J 303 51.42 -69.43 -43.70
C LYS J 303 51.21 -69.26 -45.21
N ALA J 304 50.36 -68.30 -45.60
CA ALA J 304 50.19 -67.96 -47.01
C ALA J 304 51.15 -66.83 -47.38
N LEU J 305 52.43 -67.22 -47.45
CA LEU J 305 53.52 -66.29 -47.71
C LEU J 305 54.51 -66.94 -48.66
N PRO J 306 55.03 -66.21 -49.63
CA PRO J 306 55.99 -66.80 -50.57
C PRO J 306 57.34 -67.09 -49.93
N THR J 307 58.24 -67.71 -50.69
CA THR J 307 59.56 -68.06 -50.18
C THR J 307 60.67 -67.81 -51.19
N THR J 308 60.39 -67.15 -52.31
CA THR J 308 61.36 -66.91 -53.36
C THR J 308 61.68 -65.42 -53.48
N TYR J 309 61.71 -64.73 -52.35
CA TYR J 309 62.03 -63.29 -52.29
C TYR J 309 61.06 -62.48 -53.16
N GLU J 310 59.80 -62.51 -52.78
CA GLU J 310 58.77 -61.71 -53.45
C GLU J 310 58.74 -60.33 -52.79
N LYS J 311 59.58 -59.42 -53.31
CA LYS J 311 59.63 -58.07 -52.79
C LYS J 311 58.28 -57.35 -52.95
N GLY J 312 57.52 -57.70 -53.99
CA GLY J 312 56.24 -57.04 -54.20
C GLY J 312 55.26 -57.30 -53.08
N GLU J 313 55.06 -58.56 -52.71
CA GLU J 313 54.15 -58.89 -51.62
C GLU J 313 54.75 -58.51 -50.27
N TYR J 314 56.06 -58.67 -50.11
CA TYR J 314 56.71 -58.31 -48.85
C TYR J 314 56.57 -56.83 -48.57
N PHE J 315 56.75 -55.98 -49.59
CA PHE J 315 56.50 -54.56 -49.42
C PHE J 315 55.04 -54.29 -49.11
N ALA J 316 54.13 -55.08 -49.70
CA ALA J 316 52.71 -54.95 -49.36
C ALA J 316 52.44 -55.47 -47.97
N PHE J 317 53.02 -56.63 -47.62
CA PHE J 317 52.88 -57.16 -46.27
C PHE J 317 53.54 -56.25 -45.25
N LEU J 318 54.56 -55.49 -45.66
CA LEU J 318 55.26 -54.62 -44.73
C LEU J 318 54.37 -53.47 -44.26
N GLU J 319 53.55 -52.92 -45.15
CA GLU J 319 52.66 -51.83 -44.77
C GLU J 319 51.51 -52.31 -43.89
N THR J 320 51.14 -53.58 -43.98
CA THR J 320 49.99 -54.07 -43.24
C THR J 320 50.27 -54.13 -41.75
N TYR J 321 51.42 -54.70 -41.36
CA TYR J 321 51.77 -54.88 -39.96
C TYR J 321 52.99 -54.07 -39.55
N GLY J 322 53.34 -53.04 -40.31
CA GLY J 322 54.50 -52.23 -40.00
C GLY J 322 55.80 -52.95 -40.32
N THR J 323 56.90 -52.23 -40.06
CA THR J 323 58.24 -52.76 -40.32
C THR J 323 58.83 -53.47 -39.11
N HIS J 324 58.62 -52.93 -37.92
CA HIS J 324 59.16 -53.52 -36.69
C HIS J 324 58.21 -53.20 -35.54
N TYR J 325 58.03 -54.17 -34.66
CA TYR J 325 57.09 -54.04 -33.56
C TYR J 325 57.79 -53.46 -32.33
N SER J 326 57.00 -53.22 -31.28
CA SER J 326 57.49 -52.62 -30.04
C SER J 326 57.74 -53.73 -29.02
N SER J 327 58.98 -53.82 -28.55
CA SER J 327 59.30 -54.76 -27.48
C SER J 327 58.90 -54.23 -26.11
N SER J 328 58.99 -52.91 -25.91
CA SER J 328 58.60 -52.30 -24.64
C SER J 328 58.03 -50.91 -24.93
N GLY J 329 56.86 -50.63 -24.38
CA GLY J 329 56.22 -49.35 -24.59
C GLY J 329 56.00 -48.56 -23.31
N SER J 330 55.30 -47.43 -23.42
CA SER J 330 55.02 -46.59 -22.26
C SER J 330 53.68 -45.89 -22.51
N LEU J 331 52.62 -46.45 -21.92
CA LEU J 331 51.30 -45.85 -22.07
C LEU J 331 51.21 -44.54 -21.29
N GLY J 332 50.48 -43.58 -21.86
CA GLY J 332 50.35 -42.28 -21.23
C GLY J 332 50.00 -41.17 -22.20
N GLY J 333 50.78 -40.09 -22.17
CA GLY J 333 50.56 -38.95 -23.04
C GLY J 333 51.49 -37.80 -22.70
N LEU J 334 51.86 -37.01 -23.70
CA LEU J 334 52.76 -35.89 -23.49
C LEU J 334 52.28 -34.67 -24.28
N TYR J 335 52.71 -33.50 -23.84
CA TYR J 335 52.40 -32.25 -24.51
C TYR J 335 53.68 -31.42 -24.63
N GLU J 336 53.71 -30.55 -25.62
CA GLU J 336 54.89 -29.72 -25.87
C GLU J 336 54.46 -28.35 -26.36
N LEU J 337 55.30 -27.36 -26.09
CA LEU J 337 55.07 -25.98 -26.53
C LEU J 337 56.39 -25.38 -26.97
N ILE J 338 56.38 -24.71 -28.12
CA ILE J 338 57.57 -24.11 -28.70
C ILE J 338 57.23 -22.70 -29.15
N TYR J 339 58.11 -21.75 -28.81
CA TYR J 339 57.92 -20.35 -29.18
C TYR J 339 59.25 -19.78 -29.64
N VAL J 340 59.20 -18.94 -30.68
CA VAL J 340 60.38 -18.32 -31.25
C VAL J 340 60.11 -16.84 -31.46
N LEU J 341 61.18 -16.05 -31.48
CA LEU J 341 61.07 -14.61 -31.66
C LEU J 341 62.38 -14.07 -32.22
N ASP J 342 62.29 -13.15 -33.18
CA ASP J 342 63.45 -12.54 -33.79
C ASP J 342 63.15 -11.08 -34.09
N LYS J 343 64.12 -10.21 -33.81
CA LYS J 343 63.98 -8.78 -34.02
C LYS J 343 65.23 -8.23 -34.67
N ALA J 344 65.05 -7.32 -35.63
CA ALA J 344 66.17 -6.71 -36.33
C ALA J 344 65.79 -5.29 -36.72
N SER J 345 66.76 -4.37 -36.63
CA SER J 345 66.53 -2.98 -36.97
C SER J 345 67.80 -2.39 -37.54
N MET J 346 67.65 -1.46 -38.48
CA MET J 346 68.78 -0.80 -39.12
C MET J 346 68.41 0.64 -39.43
N LYS J 347 69.34 1.56 -39.14
CA LYS J 347 69.16 2.98 -39.39
C LYS J 347 70.46 3.58 -39.87
N ARG J 348 70.38 4.42 -40.90
CA ARG J 348 71.54 5.10 -41.46
C ARG J 348 71.17 6.52 -41.84
N LYS J 349 71.98 7.49 -41.44
CA LYS J 349 71.71 8.89 -41.69
C LYS J 349 72.96 9.56 -42.26
N GLY J 350 72.76 10.34 -43.32
CA GLY J 350 73.85 11.10 -43.92
C GLY J 350 73.40 12.48 -44.34
N VAL J 351 74.13 13.50 -43.89
CA VAL J 351 73.80 14.90 -44.18
C VAL J 351 75.02 15.56 -44.79
N GLU J 352 74.81 16.28 -45.90
CA GLU J 352 75.88 16.98 -46.60
C GLU J 352 75.43 18.40 -46.91
N LEU J 353 76.27 19.37 -46.57
CA LEU J 353 75.99 20.78 -46.84
C LEU J 353 77.23 21.40 -47.47
N LYS J 354 77.03 22.14 -48.57
CA LYS J 354 78.13 22.76 -49.29
C LYS J 354 77.73 24.18 -49.65
N ASP J 355 78.56 25.14 -49.25
CA ASP J 355 78.34 26.55 -49.56
C ASP J 355 79.65 27.17 -50.01
N ILE J 356 79.61 27.88 -51.14
CA ILE J 356 80.78 28.53 -51.71
C ILE J 356 80.41 29.97 -52.03
N LYS J 357 81.22 30.91 -51.55
CA LYS J 357 81.02 32.33 -51.83
C LYS J 357 82.33 32.92 -52.30
N ARG J 358 82.28 33.66 -53.41
CA ARG J 358 83.47 34.28 -53.96
C ARG J 358 83.06 35.53 -54.73
N CYS J 359 83.71 36.65 -54.43
CA CYS J 359 83.43 37.91 -55.08
C CYS J 359 84.72 38.60 -55.49
N LEU J 360 84.63 39.44 -56.52
CA LEU J 360 85.78 40.17 -57.05
C LEU J 360 85.46 41.65 -57.12
N GLY J 361 86.46 42.48 -56.80
CA GLY J 361 86.31 43.92 -56.84
C GLY J 361 87.48 44.62 -57.50
N TYR J 362 87.19 45.59 -58.37
CA TYR J 362 88.22 46.34 -59.07
C TYR J 362 87.77 47.78 -59.23
N HIS J 363 88.72 48.71 -59.04
CA HIS J 363 88.46 50.14 -59.18
C HIS J 363 89.59 50.78 -59.97
N LEU J 364 89.22 51.58 -60.96
CA LEU J 364 90.19 52.26 -61.82
C LEU J 364 89.80 53.72 -61.94
N ASP J 365 90.76 54.61 -61.66
CA ASP J 365 90.53 56.05 -61.75
C ASP J 365 91.81 56.70 -62.24
N VAL J 366 91.73 57.41 -63.37
CA VAL J 366 92.87 58.09 -63.96
C VAL J 366 92.43 59.51 -64.33
N SER J 367 93.21 60.49 -63.90
CA SER J 367 92.92 61.90 -64.17
C SER J 367 94.20 62.60 -64.63
N LEU J 368 94.09 63.37 -65.71
CA LEU J 368 95.21 64.09 -66.26
C LEU J 368 94.82 65.55 -66.51
N ALA J 369 95.74 66.47 -66.19
CA ALA J 369 95.51 67.88 -66.38
C ALA J 369 96.75 68.51 -66.99
N PHE J 370 96.56 69.35 -68.00
CA PHE J 370 97.68 69.97 -68.70
C PHE J 370 97.44 71.46 -68.90
N SER J 371 96.55 78.01 -72.00
CA SER J 371 96.43 76.61 -72.40
C SER J 371 95.97 75.75 -71.23
N GLU J 372 94.89 74.98 -71.45
CA GLU J 372 94.34 74.13 -70.43
C GLU J 372 93.80 72.86 -71.08
N ILE J 373 94.13 71.71 -70.47
CA ILE J 373 93.66 70.42 -70.95
C ILE J 373 93.24 69.60 -69.73
N SER J 374 92.09 68.94 -69.84
CA SER J 374 91.55 68.13 -68.76
C SER J 374 91.19 66.75 -69.27
N VAL J 375 91.60 65.72 -68.54
CA VAL J 375 91.34 64.33 -68.90
C VAL J 375 90.87 63.60 -67.64
N GLY J 376 89.77 62.89 -67.76
CA GLY J 376 89.22 62.13 -66.63
C GLY J 376 88.82 60.74 -67.03
N ALA J 377 88.99 59.80 -66.11
CA ALA J 377 88.63 58.41 -66.34
C ALA J 377 88.34 57.74 -65.02
N GLU J 378 87.25 56.97 -64.97
CA GLU J 378 86.87 56.24 -63.77
C GLU J 378 86.16 54.96 -64.18
N PHE J 379 86.74 53.81 -63.81
CA PHE J 379 86.18 52.50 -64.11
C PHE J 379 86.00 51.73 -62.81
N ASN J 380 84.82 51.17 -62.62
CA ASN J 380 84.49 50.39 -61.43
C ASN J 380 83.98 49.01 -61.85
N LYS J 381 84.53 47.97 -61.24
CA LYS J 381 84.14 46.59 -61.56
C LYS J 381 83.78 45.86 -60.27
N ASP J 382 82.63 45.20 -60.28
CA ASP J 382 82.16 44.45 -59.12
C ASP J 382 81.38 43.24 -59.60
N ASP J 383 81.72 42.06 -59.07
CA ASP J 383 81.05 40.82 -59.45
C ASP J 383 81.21 39.81 -58.31
N CYS J 384 80.09 39.34 -57.78
CA CYS J 384 80.10 38.36 -56.69
C CYS J 384 79.39 37.09 -57.15
N VAL J 385 79.86 35.95 -56.65
CA VAL J 385 79.32 34.64 -57.02
C VAL J 385 79.06 33.86 -55.74
N LYS J 386 77.89 33.20 -55.68
CA LYS J 386 77.52 32.36 -54.55
C LYS J 386 77.11 30.98 -55.06
N ARG J 387 77.43 29.96 -54.28
CA ARG J 387 77.08 28.58 -54.62
C ARG J 387 76.60 27.86 -53.37
N GLY J 388 75.59 27.01 -53.54
CA GLY J 388 75.03 26.27 -52.43
C GLY J 388 74.59 24.87 -52.80
N GLU J 389 74.81 23.91 -51.90
CA GLU J 389 74.43 22.53 -52.15
C GLU J 389 74.06 21.87 -50.83
N GLY J 390 72.95 21.12 -50.84
CA GLY J 390 72.49 20.42 -49.66
C GLY J 390 71.87 19.08 -49.98
N ARG J 391 72.22 18.04 -49.20
CA ARG J 391 71.69 16.71 -49.42
C ARG J 391 71.54 16.01 -48.07
N ALA J 392 70.54 15.15 -47.98
CA ALA J 392 70.26 14.41 -46.75
C ALA J 392 69.97 12.95 -47.09
N VAL J 393 70.27 12.07 -46.14
CA VAL J 393 70.02 10.64 -46.28
C VAL J 393 69.36 10.15 -45.00
N ASN J 394 68.17 9.57 -45.13
CA ASN J 394 67.39 9.10 -43.99
C ASN J 394 66.73 7.79 -44.39
N ILE J 395 67.22 6.67 -43.86
CA ILE J 395 66.73 5.35 -44.24
C ILE J 395 66.64 4.48 -42.99
N THR J 396 65.44 4.00 -42.68
CA THR J 396 65.19 3.13 -41.54
C THR J 396 64.66 1.79 -42.03
N SER J 397 65.18 0.71 -41.44
CA SER J 397 64.75 -0.65 -41.79
C SER J 397 64.59 -1.45 -40.51
N GLU J 398 63.51 -2.23 -40.43
CA GLU J 398 63.22 -3.04 -39.26
C GLU J 398 62.53 -4.32 -39.70
N ASN J 399 62.89 -5.43 -39.05
CA ASN J 399 62.33 -6.74 -39.35
C ASN J 399 61.93 -7.44 -38.06
N LEU J 400 60.81 -8.15 -38.10
CA LEU J 400 60.30 -8.87 -36.95
C LEU J 400 59.84 -10.26 -37.38
N ILE J 401 60.20 -11.27 -36.59
CA ILE J 401 59.87 -12.67 -36.88
C ILE J 401 59.43 -13.33 -35.58
N ASP J 402 58.31 -14.04 -35.62
CA ASP J 402 57.79 -14.76 -34.47
C ASP J 402 57.16 -16.06 -34.92
N ASP J 403 57.44 -17.14 -34.17
CA ASP J 403 56.90 -18.46 -34.48
C ASP J 403 56.47 -19.15 -33.20
N VAL J 404 55.37 -19.90 -33.29
CA VAL J 404 54.82 -20.62 -32.15
C VAL J 404 54.31 -21.97 -32.62
N VAL J 405 54.48 -22.99 -31.78
CA VAL J 405 54.03 -24.34 -32.09
C VAL J 405 53.70 -25.06 -30.78
N SER J 406 52.78 -26.02 -30.86
CA SER J 406 52.36 -26.76 -29.68
C SER J 406 51.70 -28.06 -30.13
N LEU J 407 51.61 -29.01 -29.20
CA LEU J 407 51.01 -30.30 -29.47
C LEU J 407 50.58 -30.94 -28.16
N ILE J 408 49.63 -31.87 -28.26
CA ILE J 408 49.11 -32.57 -27.09
C ILE J 408 48.46 -33.86 -27.56
N ARG J 409 48.36 -34.83 -26.66
CA ARG J 409 47.76 -36.12 -27.00
C ARG J 409 47.43 -36.86 -25.71
N GLY J 410 46.47 -37.78 -25.82
CA GLY J 410 46.06 -38.61 -24.71
C GLY J 410 44.82 -38.08 -24.00
N GLY J 411 44.19 -38.96 -23.24
CA GLY J 411 43.03 -38.62 -22.46
C GLY J 411 41.78 -38.46 -23.31
N THR J 412 40.65 -38.28 -22.62
CA THR J 412 39.40 -38.04 -23.33
C THR J 412 39.46 -36.69 -24.03
N ARG J 413 38.69 -36.57 -25.11
CA ARG J 413 38.79 -35.39 -25.97
C ARG J 413 38.25 -34.15 -25.29
N LYS J 414 37.33 -34.30 -24.35
CA LYS J 414 36.77 -33.15 -23.65
C LYS J 414 37.81 -32.49 -22.75
N TYR J 415 38.40 -33.27 -21.84
CA TYR J 415 39.36 -32.70 -20.90
C TYR J 415 40.69 -32.37 -21.56
N ALA J 416 41.05 -33.07 -22.63
CA ALA J 416 42.35 -32.85 -23.26
C ALA J 416 42.44 -31.46 -23.89
N PHE J 417 41.46 -31.10 -24.72
CA PHE J 417 41.50 -29.82 -25.41
C PHE J 417 41.02 -28.67 -24.55
N GLU J 418 40.33 -28.95 -23.46
CA GLU J 418 40.09 -27.90 -22.45
C GLU J 418 41.41 -27.45 -21.83
N LEU J 419 42.37 -28.37 -21.70
CA LEU J 419 43.71 -28.00 -21.28
C LEU J 419 44.43 -27.23 -22.37
N LYS J 420 44.15 -27.56 -23.64
CA LYS J 420 44.83 -26.92 -24.76
C LYS J 420 44.47 -25.45 -24.86
N GLU J 421 43.17 -25.13 -24.72
CA GLU J 421 42.73 -23.75 -24.87
C GLU J 421 43.26 -22.87 -23.75
N LYS J 422 43.30 -23.40 -22.52
CA LYS J 422 43.71 -22.60 -21.37
C LYS J 422 45.23 -22.49 -21.24
N LEU J 423 45.98 -23.42 -21.82
CA LEU J 423 47.43 -23.33 -21.77
C LEU J 423 47.98 -22.31 -22.77
N LEU J 424 47.38 -22.23 -23.95
CA LEU J 424 47.84 -21.32 -24.99
C LEU J 424 47.39 -19.90 -24.64
N ARG J 425 48.34 -19.09 -24.18
CA ARG J 425 48.13 -17.67 -23.85
C ARG J 425 47.04 -17.46 -22.80
N GLY J 426 46.75 -18.49 -22.01
CA GLY J 426 45.75 -18.35 -20.97
C GLY J 426 46.26 -17.62 -19.74
N THR J 427 47.51 -17.91 -19.36
CA THR J 427 48.24 -17.30 -18.25
C THR J 427 47.61 -17.59 -16.89
N VAL J 428 46.54 -18.38 -16.84
CA VAL J 428 45.87 -18.72 -15.57
C VAL J 428 45.74 -20.24 -15.54
N ILE J 429 46.71 -20.91 -14.92
CA ILE J 429 46.67 -22.35 -14.80
C ILE J 429 45.65 -22.74 -13.72
N ASP J 430 44.70 -23.58 -14.10
CA ASP J 430 43.65 -24.01 -13.18
C ASP J 430 44.11 -25.21 -12.37
N VAL J 431 43.42 -25.43 -11.25
CA VAL J 431 43.73 -26.59 -10.41
C VAL J 431 42.90 -27.79 -10.81
N THR J 432 41.68 -27.57 -11.28
CA THR J 432 40.77 -28.69 -11.58
C THR J 432 41.04 -29.30 -12.94
N ASP J 433 41.53 -28.53 -13.91
CA ASP J 433 41.73 -29.05 -15.25
C ASP J 433 42.86 -30.10 -15.27
N PHE J 434 43.93 -29.86 -14.50
CA PHE J 434 45.01 -30.83 -14.44
C PHE J 434 44.57 -32.09 -13.69
N VAL J 435 43.74 -31.93 -12.65
CA VAL J 435 43.20 -33.09 -11.97
C VAL J 435 42.25 -33.85 -12.89
N ASN J 436 41.42 -33.13 -13.65
CA ASN J 436 40.58 -33.78 -14.65
C ASN J 436 41.44 -34.45 -15.72
N TRP J 437 42.53 -33.79 -16.12
CA TRP J 437 43.46 -34.41 -17.07
C TRP J 437 44.07 -35.69 -16.52
N ALA J 438 44.26 -35.76 -15.20
CA ALA J 438 44.78 -36.98 -14.59
C ALA J 438 43.81 -38.15 -14.78
N SER J 439 42.54 -37.93 -14.45
CA SER J 439 41.53 -38.97 -14.66
C SER J 439 41.23 -39.16 -16.15
N SER J 440 41.44 -38.13 -16.95
CA SER J 440 41.17 -38.23 -18.39
C SER J 440 42.15 -39.19 -19.06
N ILE J 441 43.45 -39.05 -18.76
CA ILE J 441 44.45 -39.89 -19.40
C ILE J 441 44.36 -41.34 -18.93
N ASN J 442 43.73 -41.59 -17.78
CA ASN J 442 43.60 -42.96 -17.29
C ASN J 442 42.71 -43.79 -18.21
N ASP J 443 41.77 -43.14 -18.90
CA ASP J 443 40.84 -43.89 -19.75
C ASP J 443 41.44 -44.19 -21.12
N ALA J 444 42.10 -43.21 -21.74
CA ALA J 444 42.66 -43.35 -23.09
C ALA J 444 44.11 -42.89 -23.09
N PRO J 445 45.06 -43.78 -22.82
CA PRO J 445 46.48 -43.38 -22.86
C PRO J 445 47.07 -43.48 -24.26
N VAL J 446 48.37 -43.19 -24.38
CA VAL J 446 49.06 -43.24 -25.66
C VAL J 446 50.54 -43.44 -25.38
N LEU J 447 51.28 -43.88 -26.40
CA LEU J 447 52.70 -44.17 -26.24
C LEU J 447 53.50 -42.91 -25.92
N ILE J 448 54.53 -43.08 -25.08
CA ILE J 448 55.46 -42.00 -24.76
C ILE J 448 56.85 -42.44 -25.16
N SER J 449 57.33 -43.51 -24.53
CA SER J 449 58.63 -44.11 -24.84
C SER J 449 58.40 -45.51 -25.38
N GLN J 450 59.08 -45.85 -26.46
CA GLN J 450 58.84 -47.10 -27.18
C GLN J 450 60.17 -47.76 -27.49
N LYS J 451 60.40 -48.95 -26.92
CA LYS J 451 61.55 -49.76 -27.27
C LYS J 451 61.21 -50.62 -28.47
N LEU J 452 62.13 -50.69 -29.42
CA LEU J 452 61.86 -51.23 -30.74
C LEU J 452 62.48 -52.61 -30.90
N SER J 453 61.88 -53.42 -31.78
CA SER J 453 62.34 -54.77 -32.04
C SER J 453 61.90 -55.18 -33.44
N PRO J 454 62.77 -55.82 -34.23
CA PRO J 454 62.39 -56.17 -35.60
C PRO J 454 61.31 -57.24 -35.65
N ILE J 455 60.52 -57.21 -36.73
CA ILE J 455 59.41 -58.15 -36.86
C ILE J 455 59.91 -59.54 -37.22
N TYR J 456 60.94 -59.63 -38.07
CA TYR J 456 61.42 -60.94 -38.51
C TYR J 456 61.93 -61.80 -37.35
N ASN J 457 62.17 -61.21 -36.18
CA ASN J 457 62.46 -62.00 -34.98
C ASN J 457 61.20 -62.55 -34.32
N LEU J 458 60.03 -62.05 -34.71
CA LEU J 458 58.76 -62.47 -34.13
C LEU J 458 58.10 -63.62 -34.90
N VAL J 459 58.66 -64.00 -36.04
CA VAL J 459 58.08 -65.09 -36.84
C VAL J 459 58.06 -66.37 -36.02
N PRO J 460 56.98 -67.16 -36.05
CA PRO J 460 56.96 -68.40 -35.25
C PRO J 460 57.98 -69.41 -35.76
N VAL J 461 58.69 -70.02 -34.81
CA VAL J 461 59.74 -70.99 -35.10
C VAL J 461 59.09 -72.32 -35.48
N LYS J 462 59.92 -73.25 -36.01
CA LYS J 462 59.49 -74.61 -36.39
C LYS J 462 58.20 -74.61 -37.20
N MET J 463 58.07 -73.63 -38.08
CA MET J 463 56.93 -73.55 -38.99
C MET J 463 57.29 -74.29 -40.27
N LYS J 464 56.49 -74.11 -41.33
CA LYS J 464 56.75 -74.77 -42.61
C LYS J 464 58.12 -74.36 -43.15
N ASN J 465 58.28 -73.06 -43.44
CA ASN J 465 59.52 -72.52 -43.97
C ASN J 465 59.91 -71.26 -43.19
N ALA J 466 59.89 -71.37 -41.86
CA ALA J 466 60.06 -70.20 -41.00
C ALA J 466 61.42 -69.54 -41.23
N HIS J 467 62.50 -70.32 -41.19
CA HIS J 467 63.83 -69.73 -41.26
C HIS J 467 64.08 -69.01 -42.59
N LEU J 468 63.80 -69.70 -43.70
CA LEU J 468 64.04 -69.09 -45.01
C LEU J 468 63.19 -67.84 -45.20
N LYS J 469 61.97 -67.84 -44.68
CA LYS J 469 61.15 -66.64 -44.71
C LYS J 469 61.65 -65.60 -43.72
N LYS J 470 62.27 -66.02 -42.63
CA LYS J 470 62.81 -65.08 -41.65
C LYS J 470 63.92 -64.23 -42.26
N GLN J 471 64.94 -64.88 -42.82
CA GLN J 471 66.00 -64.14 -43.50
C GLN J 471 65.48 -63.43 -44.73
N ASN J 472 64.40 -63.94 -45.34
CA ASN J 472 63.82 -63.29 -46.51
C ASN J 472 63.21 -61.94 -46.12
N LEU J 473 62.47 -61.90 -45.02
CA LEU J 473 61.96 -60.63 -44.52
C LEU J 473 63.08 -59.76 -43.95
N GLU J 474 64.16 -60.38 -43.45
CA GLU J 474 65.31 -59.62 -43.00
C GLU J 474 65.94 -58.84 -44.15
N ARG J 475 66.04 -59.47 -45.33
CA ARG J 475 66.47 -58.73 -46.51
C ARG J 475 65.44 -57.70 -46.93
N ALA J 476 64.17 -57.95 -46.65
CA ALA J 476 63.12 -57.00 -47.01
C ALA J 476 63.14 -55.77 -46.10
N ILE J 477 63.24 -55.99 -44.78
CA ILE J 477 63.24 -54.87 -43.85
C ILE J 477 64.48 -54.01 -44.03
N GLU J 478 65.61 -54.63 -44.42
CA GLU J 478 66.81 -53.85 -44.69
C GLU J 478 66.67 -53.06 -45.99
N ASP J 479 66.05 -53.67 -47.01
CA ASP J 479 65.84 -52.96 -48.27
C ASP J 479 64.76 -51.90 -48.13
N TYR J 480 63.72 -52.18 -47.33
CA TYR J 480 62.61 -51.24 -47.18
C TYR J 480 63.09 -49.89 -46.66
N ILE J 481 63.85 -49.89 -45.57
CA ILE J 481 64.33 -48.63 -45.01
C ILE J 481 65.33 -47.96 -45.94
N ASN J 482 65.99 -48.73 -46.81
CA ASN J 482 66.97 -48.19 -47.72
C ASN J 482 66.45 -48.02 -49.15
N GLU J 483 65.18 -48.36 -49.39
CA GLU J 483 64.62 -48.21 -50.74
C GLU J 483 64.21 -46.77 -51.00
N PHE J 484 63.29 -46.25 -50.20
CA PHE J 484 62.79 -44.88 -50.36
C PHE J 484 62.94 -44.14 -49.04
N SER J 485 63.54 -42.95 -49.10
CA SER J 485 63.77 -42.11 -47.93
C SER J 485 64.27 -40.77 -48.42
N VAL J 486 64.57 -39.88 -47.46
CA VAL J 486 65.15 -38.58 -47.80
C VAL J 486 66.54 -38.75 -48.40
N ARG J 487 67.23 -39.84 -48.04
CA ARG J 487 68.57 -40.08 -48.56
C ARG J 487 68.58 -40.21 -50.08
N LYS J 488 67.53 -40.79 -50.66
CA LYS J 488 67.48 -41.00 -52.10
C LYS J 488 66.86 -39.82 -52.85
N CYS J 489 66.14 -38.95 -52.14
CA CYS J 489 65.52 -37.79 -52.78
C CYS J 489 66.57 -36.70 -53.01
N HIS J 490 66.13 -35.53 -53.46
CA HIS J 490 67.02 -34.44 -53.76
C HIS J 490 67.10 -33.47 -52.59
N THR J 491 68.23 -32.77 -52.49
CA THR J 491 68.47 -31.85 -51.38
C THR J 491 67.84 -30.50 -51.66
N CYS J 492 67.25 -29.90 -50.63
CA CYS J 492 66.61 -28.60 -50.76
C CYS J 492 67.67 -27.51 -50.69
N GLN J 493 67.24 -26.25 -50.68
CA GLN J 493 68.13 -25.10 -50.66
C GLN J 493 68.09 -24.41 -49.30
N ASN J 494 69.16 -23.68 -49.00
CA ASN J 494 69.29 -22.91 -47.77
C ASN J 494 69.14 -23.80 -46.53
N GLY J 495 69.68 -25.02 -46.61
CA GLY J 495 69.64 -25.93 -45.49
C GLY J 495 68.25 -26.33 -45.06
N GLY J 496 67.30 -26.33 -45.98
CA GLY J 496 65.93 -26.69 -45.64
C GLY J 496 65.82 -28.17 -45.34
N THR J 497 65.31 -28.50 -44.16
CA THR J 497 65.13 -29.91 -43.78
C THR J 497 64.11 -30.56 -44.70
N VAL J 498 64.55 -31.60 -45.41
CA VAL J 498 63.71 -32.28 -46.39
C VAL J 498 62.93 -33.39 -45.69
N ILE J 499 61.63 -33.45 -45.95
CA ILE J 499 60.76 -34.48 -45.41
C ILE J 499 60.16 -35.28 -46.57
N LEU J 500 59.43 -36.33 -46.22
CA LEU J 500 58.79 -37.20 -47.21
C LEU J 500 57.42 -37.61 -46.66
N MET J 501 56.36 -37.09 -47.26
CA MET J 501 54.99 -37.36 -46.83
C MET J 501 54.22 -37.94 -48.02
N ASP J 502 54.31 -39.27 -48.17
CA ASP J 502 53.56 -40.00 -49.20
C ASP J 502 53.86 -39.46 -50.59
N GLY J 503 55.12 -39.57 -50.98
CA GLY J 503 55.58 -39.15 -52.30
C GLY J 503 56.04 -37.71 -52.41
N LYS J 504 55.32 -36.79 -51.76
CA LYS J 504 55.69 -35.38 -51.80
C LYS J 504 56.98 -35.16 -51.02
N CYS J 505 58.08 -34.93 -51.74
CA CYS J 505 59.38 -34.73 -51.12
C CYS J 505 59.63 -33.24 -50.88
N LEU J 506 58.78 -32.66 -50.03
CA LEU J 506 58.90 -31.25 -49.70
C LEU J 506 60.02 -31.02 -48.68
N CYS J 507 60.47 -29.78 -48.59
CA CYS J 507 61.53 -29.38 -47.67
C CYS J 507 61.03 -28.22 -46.80
N ALA J 508 61.17 -28.37 -45.49
CA ALA J 508 60.78 -27.32 -44.56
C ALA J 508 61.81 -26.20 -44.61
N CYS J 509 61.35 -25.00 -45.01
CA CYS J 509 62.24 -23.86 -45.15
C CYS J 509 62.31 -23.08 -43.84
N PRO J 510 63.44 -22.44 -43.55
CA PRO J 510 63.58 -21.71 -42.28
C PRO J 510 62.57 -20.57 -42.16
N PHE J 511 62.56 -19.97 -40.97
CA PHE J 511 61.56 -18.94 -40.66
C PHE J 511 61.78 -17.68 -41.49
N LYS J 512 63.03 -17.20 -41.53
CA LYS J 512 63.35 -15.96 -42.25
C LYS J 512 63.24 -16.11 -43.77
N PHE J 513 62.96 -17.30 -44.28
CA PHE J 513 62.90 -17.53 -45.71
C PHE J 513 61.47 -17.87 -46.11
N GLU J 514 61.20 -17.81 -47.41
CA GLU J 514 59.86 -18.05 -47.93
C GLU J 514 59.65 -19.54 -48.15
N GLY J 515 58.60 -19.90 -48.88
CA GLY J 515 58.11 -21.27 -48.94
C GLY J 515 58.83 -22.22 -49.86
N ILE J 516 58.04 -22.90 -50.71
CA ILE J 516 58.53 -24.05 -51.47
C ILE J 516 59.81 -23.74 -52.22
N ALA J 517 60.70 -24.74 -52.26
CA ALA J 517 61.94 -24.75 -53.04
C ALA J 517 62.99 -23.78 -52.50
N CYS J 518 62.61 -22.98 -51.50
CA CYS J 518 63.52 -22.03 -50.85
C CYS J 518 64.30 -21.21 -51.88
N GLU J 519 63.58 -20.72 -52.89
CA GLU J 519 64.20 -19.94 -53.96
C GLU J 519 64.11 -18.44 -53.69
N ILE J 520 62.90 -17.93 -53.53
CA ILE J 520 62.70 -16.50 -53.25
C ILE J 520 62.92 -16.26 -51.76
N SER J 521 63.61 -15.16 -51.46
CA SER J 521 64.07 -14.92 -50.09
C SER J 521 62.96 -14.36 -49.20
N LYS J 522 62.35 -13.25 -49.62
CA LYS J 522 61.36 -12.53 -48.81
C LYS J 522 61.96 -12.12 -47.46
N GLN J 523 62.98 -11.29 -47.54
CA GLN J 523 63.67 -10.81 -46.35
C GLN J 523 62.84 -9.76 -45.62
N LYS J 524 61.74 -8.26 -48.48
CA LYS J 524 62.76 -8.32 -49.52
C LYS J 524 63.90 -7.35 -49.23
N ILE J 525 64.42 -6.73 -50.29
CA ILE J 525 65.50 -5.76 -50.19
C ILE J 525 64.93 -4.39 -50.53
N SER J 526 65.37 -3.38 -49.76
CA SER J 526 64.88 -2.02 -49.98
C SER J 526 65.59 -1.38 -51.17
N GLU J 527 64.82 -0.70 -52.00
CA GLU J 527 65.33 -0.01 -53.18
C GLU J 527 65.11 1.49 -53.02
N GLY J 528 66.14 2.28 -53.32
CA GLY J 528 66.03 3.72 -53.23
C GLY J 528 66.44 4.42 -54.51
N LEU J 529 65.56 5.26 -55.03
CA LEU J 529 65.81 5.99 -56.28
C LEU J 529 65.72 7.49 -56.03
N PRO J 530 66.83 8.21 -55.99
CA PRO J 530 66.79 9.67 -55.80
C PRO J 530 66.54 10.48 -57.06
N ALA J 531 66.08 9.84 -58.14
CA ALA J 531 65.85 10.55 -59.39
C ALA J 531 64.68 11.51 -59.27
N LEU J 532 64.77 12.60 -60.02
CA LEU J 532 63.70 13.60 -60.02
C LEU J 532 62.47 13.04 -60.71
N GLU J 533 61.27 13.24 -60.13
CA GLU J 533 60.06 12.71 -60.76
C GLU J 533 59.75 13.42 -62.08
N PHE J 534 59.39 12.62 -63.08
CA PHE J 534 59.09 13.18 -64.40
C PHE J 534 57.82 14.02 -64.38
N PRO J 535 56.78 13.54 -63.70
CA PRO J 535 55.52 14.27 -63.62
C PRO J 535 54.80 13.98 -62.31
N SER K 18 41.19 -13.28 -74.91
CA SER K 18 41.26 -14.05 -76.14
C SER K 18 40.24 -15.18 -76.14
N HIS K 19 39.38 -15.19 -77.16
CA HIS K 19 38.34 -16.22 -77.29
C HIS K 19 38.96 -17.50 -77.85
N ILE K 20 39.68 -18.20 -76.98
CA ILE K 20 40.35 -19.44 -77.35
C ILE K 20 39.32 -20.57 -77.40
N ASP K 21 39.19 -21.22 -78.55
CA ASP K 21 38.27 -22.33 -78.71
C ASP K 21 38.92 -23.63 -78.23
N CYS K 22 38.13 -24.69 -78.15
CA CYS K 22 38.59 -25.99 -77.68
C CYS K 22 38.82 -26.90 -78.88
N ARG K 23 40.08 -27.13 -79.22
CA ARG K 23 40.45 -28.12 -80.23
C ARG K 23 40.41 -29.49 -79.55
N MET K 24 39.21 -30.05 -79.48
CA MET K 24 38.94 -31.24 -78.69
C MET K 24 38.16 -32.27 -79.50
N SER K 25 38.63 -32.55 -80.73
CA SER K 25 37.99 -33.60 -81.50
C SER K 25 38.96 -34.40 -82.36
N PRO K 26 40.03 -35.01 -81.79
CA PRO K 26 40.80 -36.00 -82.55
C PRO K 26 40.14 -37.36 -82.46
N TRP K 27 39.58 -37.82 -83.58
CA TRP K 27 38.85 -39.07 -83.60
C TRP K 27 39.77 -40.22 -84.00
N SER K 28 39.44 -41.42 -83.50
CA SER K 28 40.22 -42.63 -83.75
C SER K 28 39.40 -43.62 -84.55
N GLU K 29 40.04 -44.74 -84.89
CA GLU K 29 39.42 -45.77 -85.70
C GLU K 29 38.63 -46.75 -84.84
N TRP K 30 37.55 -47.29 -85.41
CA TRP K 30 36.74 -48.30 -84.73
C TRP K 30 37.56 -49.55 -84.49
N SER K 31 37.64 -49.97 -83.23
CA SER K 31 38.39 -51.17 -82.87
C SER K 31 37.50 -52.40 -83.00
N GLN K 32 38.03 -53.54 -82.57
CA GLN K 32 37.28 -54.79 -82.64
C GLN K 32 36.19 -54.82 -81.58
N CYS K 33 35.04 -55.38 -81.94
CA CYS K 33 33.92 -55.47 -81.00
C CYS K 33 34.21 -56.48 -79.91
N ASP K 34 33.62 -56.25 -78.75
CA ASP K 34 33.76 -57.18 -77.64
C ASP K 34 32.66 -58.23 -77.71
N PRO K 35 33.00 -59.51 -77.73
CA PRO K 35 31.95 -60.55 -77.82
C PRO K 35 31.08 -60.63 -76.58
N CYS K 36 31.71 -60.69 -75.41
CA CYS K 36 30.95 -60.83 -74.17
C CYS K 36 30.37 -59.51 -73.71
N LEU K 37 31.15 -58.42 -73.79
CA LEU K 37 30.67 -57.12 -73.34
C LEU K 37 29.68 -56.49 -74.32
N ARG K 38 29.77 -56.86 -75.60
CA ARG K 38 28.85 -56.39 -76.64
C ARG K 38 28.88 -54.86 -76.74
N GLN K 39 30.06 -54.34 -77.09
CA GLN K 39 30.29 -52.91 -77.13
C GLN K 39 31.34 -52.59 -78.19
N MET K 40 31.34 -51.35 -78.65
CA MET K 40 32.36 -50.83 -79.55
C MET K 40 33.18 -49.77 -78.83
N PHE K 41 34.34 -49.44 -79.41
CA PHE K 41 35.34 -48.60 -78.78
C PHE K 41 35.83 -47.51 -79.73
N ARG K 42 34.89 -46.76 -80.32
CA ARG K 42 35.27 -45.51 -80.96
C ARG K 42 35.94 -44.61 -79.94
N SER K 43 37.20 -44.28 -80.18
CA SER K 43 38.03 -43.60 -79.19
C SER K 43 38.11 -42.10 -79.48
N ARG K 44 38.73 -41.38 -78.55
CA ARG K 44 38.84 -39.93 -78.63
C ARG K 44 39.93 -39.50 -77.65
N SER K 45 40.22 -38.19 -77.64
CA SER K 45 41.23 -37.64 -76.76
C SER K 45 40.97 -36.15 -76.58
N ILE K 46 41.38 -35.63 -75.42
CA ILE K 46 41.25 -34.21 -75.10
C ILE K 46 42.61 -33.54 -75.33
N GLU K 47 42.58 -32.39 -75.99
CA GLU K 47 43.80 -31.68 -76.35
C GLU K 47 43.88 -30.28 -75.76
N VAL K 48 42.82 -29.48 -75.91
CA VAL K 48 42.83 -28.07 -75.52
C VAL K 48 41.60 -27.78 -74.68
N PHE K 49 41.80 -27.12 -73.54
CA PHE K 49 40.71 -26.70 -72.66
C PHE K 49 40.20 -25.32 -73.01
N GLY K 50 41.07 -24.32 -72.99
CA GLY K 50 40.68 -22.93 -73.11
C GLY K 50 40.94 -22.18 -71.82
N GLN K 51 42.00 -21.38 -71.80
CA GLN K 51 42.45 -20.74 -70.57
C GLN K 51 41.63 -19.51 -70.20
N PHE K 52 40.87 -18.96 -71.14
CA PHE K 52 40.20 -17.68 -70.94
C PHE K 52 38.68 -17.88 -70.96
N ASN K 53 37.96 -16.76 -70.95
CA ASN K 53 36.50 -16.68 -70.86
C ASN K 53 35.79 -17.21 -72.11
N GLY K 54 36.51 -17.81 -73.07
CA GLY K 54 35.88 -18.32 -74.27
C GLY K 54 34.97 -19.51 -74.04
N LYS K 55 34.71 -20.26 -75.12
CA LYS K 55 33.77 -21.39 -75.05
C LYS K 55 34.27 -22.45 -74.08
N ARG K 56 33.53 -22.67 -73.01
CA ARG K 56 33.83 -23.76 -72.09
C ARG K 56 33.47 -25.10 -72.73
N CYS K 57 34.36 -26.08 -72.57
CA CYS K 57 34.19 -27.37 -73.23
C CYS K 57 34.51 -28.47 -72.23
N THR K 58 33.47 -29.14 -71.73
CA THR K 58 33.60 -30.25 -70.79
C THR K 58 33.31 -31.60 -71.46
N ASP K 59 33.52 -31.68 -72.78
CA ASP K 59 33.20 -32.90 -73.51
C ASP K 59 34.02 -34.07 -73.00
N ALA K 60 33.33 -35.08 -72.46
CA ALA K 60 34.00 -36.25 -71.92
C ALA K 60 34.56 -37.13 -73.05
N VAL K 61 35.66 -37.80 -72.75
CA VAL K 61 36.32 -38.67 -73.71
C VAL K 61 35.70 -40.06 -73.60
N GLY K 62 35.37 -40.65 -74.75
CA GLY K 62 34.80 -41.98 -74.77
C GLY K 62 33.51 -42.09 -75.56
N ASP K 63 33.26 -43.27 -76.13
CA ASP K 63 32.06 -43.52 -76.92
C ASP K 63 31.75 -45.01 -76.91
N ARG K 64 30.47 -45.34 -76.86
CA ARG K 64 30.02 -46.73 -76.85
C ARG K 64 29.03 -46.97 -77.99
N ARG K 65 28.89 -48.23 -78.36
CA ARG K 65 27.99 -48.62 -79.45
C ARG K 65 27.73 -50.12 -79.37
N GLN K 66 26.48 -50.50 -79.64
CA GLN K 66 26.11 -51.91 -79.66
C GLN K 66 26.71 -52.60 -80.88
N CYS K 67 27.00 -53.90 -80.74
CA CYS K 67 27.62 -54.67 -81.81
C CYS K 67 27.14 -56.11 -81.74
N VAL K 68 26.94 -56.72 -82.91
CA VAL K 68 26.60 -58.14 -82.97
C VAL K 68 27.86 -58.94 -82.67
N PRO K 69 27.89 -59.74 -81.60
CA PRO K 69 29.11 -60.45 -81.24
C PRO K 69 29.40 -61.60 -82.21
N THR K 70 30.69 -61.78 -82.50
CA THR K 70 31.13 -62.80 -83.44
C THR K 70 31.85 -63.98 -82.77
N GLU K 71 32.44 -63.76 -81.60
CA GLU K 71 33.08 -64.86 -80.88
C GLU K 71 32.05 -65.56 -79.99
N PRO K 72 32.26 -66.86 -79.72
CA PRO K 72 31.28 -67.60 -78.92
C PRO K 72 31.23 -67.19 -77.45
N CYS K 73 32.24 -66.46 -76.96
CA CYS K 73 32.31 -66.06 -75.56
C CYS K 73 32.27 -67.27 -74.64
N GLU K 74 33.27 -68.14 -74.82
CA GLU K 74 33.33 -69.37 -74.02
C GLU K 74 33.89 -69.12 -72.63
N ASP K 75 34.73 -68.10 -72.47
CA ASP K 75 35.30 -67.80 -71.17
C ASP K 75 34.22 -67.28 -70.21
N ALA K 76 34.20 -67.83 -69.01
CA ALA K 76 33.23 -67.42 -68.01
C ALA K 76 33.86 -67.55 -66.63
N GLU K 77 33.22 -66.92 -65.64
CA GLU K 77 33.69 -66.93 -64.27
C GLU K 77 33.00 -68.04 -63.50
N ASP K 78 33.75 -69.08 -63.15
CA ASP K 78 33.20 -70.17 -62.37
C ASP K 78 33.00 -69.74 -60.92
N ASP K 79 32.16 -70.50 -60.21
CA ASP K 79 31.87 -70.17 -58.81
C ASP K 79 32.93 -70.74 -57.88
N CYS K 80 34.20 -70.44 -58.18
CA CYS K 80 35.37 -70.68 -57.33
C CYS K 80 35.59 -72.16 -57.01
N GLY K 81 34.72 -73.02 -57.52
CA GLY K 81 34.86 -74.47 -57.41
C GLY K 81 35.24 -75.01 -56.04
N ASN K 82 34.95 -74.26 -54.98
CA ASN K 82 35.41 -74.60 -53.64
C ASN K 82 34.27 -74.99 -52.71
N ASP K 83 33.28 -74.13 -52.52
CA ASP K 83 32.26 -74.35 -51.51
C ASP K 83 30.96 -73.71 -51.98
N PHE K 84 30.03 -73.50 -51.04
CA PHE K 84 28.71 -72.95 -51.34
C PHE K 84 28.84 -71.60 -52.04
N GLN K 85 28.25 -71.50 -53.23
CA GLN K 85 28.24 -70.24 -53.96
C GLN K 85 27.26 -69.26 -53.34
N CYS K 86 27.66 -68.00 -53.26
CA CYS K 86 26.77 -66.95 -52.77
C CYS K 86 25.81 -66.51 -53.87
N SER K 87 24.84 -65.69 -53.48
CA SER K 87 23.83 -65.19 -54.41
C SER K 87 24.35 -64.10 -55.33
N THR K 88 25.58 -63.60 -55.12
CA THR K 88 26.12 -62.52 -55.92
C THR K 88 27.44 -62.85 -56.63
N GLY K 89 28.17 -63.86 -56.18
CA GLY K 89 29.40 -64.24 -56.85
C GLY K 89 30.56 -64.57 -55.95
N ARG K 90 30.44 -64.25 -54.66
CA ARG K 90 31.51 -64.54 -53.71
C ARG K 90 31.35 -65.96 -53.17
N CYS K 91 32.28 -66.37 -52.31
CA CYS K 91 32.34 -67.75 -51.83
C CYS K 91 32.65 -67.81 -50.36
N ILE K 92 32.09 -68.81 -49.68
CA ILE K 92 32.45 -69.09 -48.30
C ILE K 92 33.86 -69.66 -48.24
N LYS K 93 34.68 -69.14 -47.33
CA LYS K 93 36.02 -69.70 -47.15
C LYS K 93 35.97 -70.94 -46.25
N MET K 94 35.66 -70.74 -44.97
CA MET K 94 35.49 -71.89 -44.07
C MET K 94 34.26 -71.81 -43.17
N ARG K 95 33.78 -70.63 -42.78
CA ARG K 95 32.72 -70.54 -41.78
C ARG K 95 31.71 -69.45 -42.11
N LEU K 96 31.46 -69.20 -43.40
CA LEU K 96 30.45 -68.23 -43.80
C LEU K 96 29.04 -68.82 -43.80
N ARG K 97 28.83 -69.92 -43.08
CA ARG K 97 27.51 -70.54 -42.97
C ARG K 97 26.67 -69.78 -41.94
N CYS K 98 25.57 -70.39 -41.50
CA CYS K 98 24.63 -69.74 -40.59
C CYS K 98 25.29 -69.60 -39.22
N ASN K 99 26.18 -68.61 -39.12
CA ASN K 99 26.90 -68.34 -37.89
C ASN K 99 26.96 -66.84 -37.60
N GLY K 100 25.94 -66.10 -38.03
CA GLY K 100 25.90 -64.67 -37.79
C GLY K 100 26.95 -63.87 -38.52
N ASP K 101 27.36 -64.32 -39.71
CA ASP K 101 28.39 -63.65 -40.51
C ASP K 101 27.70 -63.01 -41.71
N ASN K 102 27.43 -61.71 -41.61
CA ASN K 102 26.74 -60.98 -42.66
C ASN K 102 27.73 -60.59 -43.76
N ASP K 103 27.71 -61.32 -44.86
CA ASP K 103 28.56 -61.03 -46.01
C ASP K 103 27.75 -60.70 -47.27
N CYS K 104 26.82 -61.58 -47.65
CA CYS K 104 26.08 -61.42 -48.89
C CYS K 104 24.85 -60.52 -48.71
N GLY K 105 23.96 -60.89 -47.80
CA GLY K 105 22.79 -60.09 -47.53
C GLY K 105 22.35 -60.18 -46.08
N ASP K 106 21.17 -59.64 -45.76
CA ASP K 106 20.64 -59.74 -44.40
C ASP K 106 20.41 -61.20 -44.02
N PHE K 107 19.87 -62.00 -44.95
CA PHE K 107 19.67 -63.43 -44.73
C PHE K 107 20.03 -64.23 -45.97
N SER K 108 20.88 -63.67 -46.84
CA SER K 108 21.27 -64.38 -48.06
C SER K 108 22.13 -65.60 -47.73
N ASP K 109 23.20 -65.40 -46.96
CA ASP K 109 24.04 -66.52 -46.57
C ASP K 109 23.36 -67.40 -45.53
N GLU K 110 22.59 -66.77 -44.63
CA GLU K 110 21.84 -67.49 -43.60
C GLU K 110 20.47 -67.94 -44.08
N ASP K 111 20.26 -68.08 -45.38
CA ASP K 111 18.98 -68.53 -45.90
C ASP K 111 18.61 -69.90 -45.35
N ASP K 112 19.55 -70.84 -45.39
CA ASP K 112 19.35 -72.20 -44.89
C ASP K 112 20.10 -72.35 -43.57
N CYS K 113 19.35 -72.47 -42.49
CA CYS K 113 19.92 -72.66 -41.15
C CYS K 113 19.34 -73.96 -40.59
N GLU K 114 20.06 -75.06 -40.81
CA GLU K 114 19.63 -76.35 -40.29
C GLU K 114 20.06 -76.54 -38.84
N SER K 115 21.30 -76.18 -38.52
CA SER K 115 21.79 -76.28 -37.16
C SER K 115 21.31 -75.09 -36.33
N GLU K 116 21.62 -75.13 -35.04
CA GLU K 116 21.23 -74.06 -34.14
C GLU K 116 22.01 -72.78 -34.48
N PRO K 117 21.39 -71.62 -34.29
CA PRO K 117 22.10 -70.36 -34.60
C PRO K 117 23.21 -70.07 -33.60
N ARG K 118 24.32 -70.77 -33.73
CA ARG K 118 25.46 -70.59 -32.85
C ARG K 118 26.04 -69.19 -33.01
N PRO K 119 26.08 -68.37 -31.96
CA PRO K 119 26.66 -67.04 -32.07
C PRO K 119 28.18 -67.11 -32.18
N PRO K 120 28.80 -66.28 -33.01
CA PRO K 120 30.25 -66.33 -33.15
C PRO K 120 31.00 -65.68 -32.00
N CYS K 121 30.37 -64.76 -31.27
CA CYS K 121 31.02 -64.06 -30.17
C CYS K 121 30.00 -63.87 -29.04
N ARG K 122 30.39 -64.25 -27.83
CA ARG K 122 29.48 -64.19 -26.68
C ARG K 122 29.50 -62.84 -25.98
N ASP K 123 30.66 -62.20 -25.89
CA ASP K 123 30.76 -60.93 -25.20
C ASP K 123 29.98 -59.84 -25.93
N ARG K 124 29.52 -58.85 -25.18
CA ARG K 124 28.74 -57.75 -25.75
C ARG K 124 29.72 -56.75 -26.37
N VAL K 125 29.80 -56.76 -27.70
CA VAL K 125 30.67 -55.85 -28.44
C VAL K 125 29.79 -55.08 -29.41
N VAL K 126 29.65 -53.78 -29.18
CA VAL K 126 28.79 -52.94 -30.02
C VAL K 126 29.43 -52.78 -31.40
N GLU K 127 28.59 -52.78 -32.43
CA GLU K 127 29.08 -52.58 -33.79
C GLU K 127 29.71 -51.21 -33.94
N GLU K 128 30.58 -51.08 -34.95
CA GLU K 128 31.29 -49.84 -35.18
C GLU K 128 30.35 -48.78 -35.78
N SER K 129 29.78 -47.94 -34.90
CA SER K 129 28.75 -46.99 -35.32
C SER K 129 29.40 -45.70 -35.79
N GLU K 130 29.27 -45.42 -37.09
CA GLU K 130 29.66 -44.16 -37.71
C GLU K 130 31.16 -43.89 -37.61
N LEU K 131 31.94 -44.85 -37.13
CA LEU K 131 33.37 -44.70 -36.96
C LEU K 131 34.07 -45.15 -38.25
N ALA K 132 35.38 -45.40 -38.18
CA ALA K 132 36.20 -45.68 -39.36
C ALA K 132 35.78 -46.93 -40.13
N ARG K 133 34.69 -47.58 -39.71
CA ARG K 133 34.10 -48.72 -40.40
C ARG K 133 34.07 -48.49 -41.91
N THR K 134 33.70 -47.29 -42.33
CA THR K 134 33.74 -46.92 -43.74
C THR K 134 35.13 -46.38 -44.05
N ALA K 135 36.07 -47.32 -44.23
CA ALA K 135 37.48 -47.01 -44.39
C ALA K 135 37.90 -46.84 -45.84
N GLY K 136 36.98 -47.02 -46.78
CA GLY K 136 37.30 -46.86 -48.20
C GLY K 136 37.15 -45.42 -48.62
N TYR K 137 38.13 -44.92 -49.37
CA TYR K 137 38.12 -43.54 -49.84
C TYR K 137 38.76 -43.48 -51.22
N GLY K 138 38.12 -42.77 -52.14
CA GLY K 138 38.54 -42.72 -53.52
C GLY K 138 39.05 -41.38 -53.99
N ILE K 139 39.90 -40.74 -53.17
CA ILE K 139 40.38 -39.40 -53.47
C ILE K 139 40.99 -39.33 -54.86
N ASN K 140 40.72 -38.23 -55.56
CA ASN K 140 41.26 -37.96 -56.88
C ASN K 140 42.40 -36.96 -56.74
N ILE K 141 43.60 -37.35 -57.20
CA ILE K 141 44.75 -36.46 -57.11
C ILE K 141 44.52 -35.20 -57.95
N LEU K 142 43.81 -35.33 -59.07
CA LEU K 142 43.44 -34.19 -59.89
C LEU K 142 42.10 -33.58 -59.49
N GLY K 143 41.33 -34.25 -58.63
CA GLY K 143 40.01 -33.79 -58.28
C GLY K 143 39.91 -33.07 -56.95
N MET K 144 39.33 -33.72 -55.96
CA MET K 144 38.98 -33.07 -54.69
C MET K 144 39.05 -34.11 -53.58
N ASP K 145 38.42 -33.79 -52.44
CA ASP K 145 38.42 -34.56 -51.20
C ASP K 145 38.09 -36.04 -51.42
N PRO K 146 38.46 -36.91 -50.48
CA PRO K 146 38.25 -38.36 -50.69
C PRO K 146 36.78 -38.71 -50.93
N LEU K 147 36.60 -39.88 -51.54
CA LEU K 147 35.31 -40.36 -51.97
C LEU K 147 34.79 -41.42 -50.99
N SER K 148 33.68 -42.07 -51.35
CA SER K 148 33.08 -43.09 -50.50
C SER K 148 33.89 -44.39 -50.59
N THR K 149 33.37 -45.45 -49.98
CA THR K 149 34.11 -46.72 -49.95
C THR K 149 33.86 -47.50 -51.23
N PRO K 150 34.91 -47.98 -51.89
CA PRO K 150 34.75 -48.80 -53.10
C PRO K 150 34.58 -50.29 -52.85
N PHE K 151 34.63 -50.73 -51.59
CA PHE K 151 34.60 -52.15 -51.27
C PHE K 151 33.72 -52.38 -50.05
N ASP K 152 33.33 -53.64 -49.85
CA ASP K 152 32.55 -54.03 -48.68
C ASP K 152 33.45 -54.06 -47.46
N ASN K 153 33.02 -53.38 -46.40
CA ASN K 153 33.83 -53.26 -45.18
C ASN K 153 33.08 -53.79 -43.96
N GLU K 154 32.08 -54.63 -44.17
CA GLU K 154 31.29 -55.20 -43.07
C GLU K 154 31.63 -56.66 -42.80
N PHE K 155 32.00 -57.42 -43.82
CA PHE K 155 32.29 -58.83 -43.66
C PHE K 155 33.50 -59.04 -42.74
N TYR K 156 33.39 -60.05 -41.87
CA TYR K 156 34.48 -60.44 -40.99
C TYR K 156 34.70 -61.94 -41.09
N ASN K 157 35.93 -62.37 -40.83
CA ASN K 157 36.29 -63.77 -41.06
C ASN K 157 35.85 -64.68 -39.92
N GLY K 158 36.39 -64.45 -38.72
CA GLY K 158 36.15 -65.36 -37.61
C GLY K 158 35.81 -64.70 -36.29
N LEU K 159 36.58 -65.05 -35.25
CA LEU K 159 36.34 -64.51 -33.92
C LEU K 159 36.54 -63.00 -33.89
N CYS K 160 35.57 -62.29 -33.30
CA CYS K 160 35.64 -60.84 -33.22
C CYS K 160 36.94 -60.39 -32.56
N ASN K 161 37.60 -59.42 -33.19
CA ASN K 161 38.82 -58.83 -32.65
C ASN K 161 38.45 -57.61 -31.83
N ARG K 162 38.71 -57.69 -30.52
CA ARG K 162 38.26 -56.65 -29.60
C ARG K 162 38.97 -55.33 -29.89
N ASP K 163 38.22 -54.23 -29.73
CA ASP K 163 38.74 -52.89 -29.96
C ASP K 163 38.49 -52.04 -28.72
N ARG K 164 38.88 -52.54 -27.56
CA ARG K 164 38.55 -51.92 -26.27
C ARG K 164 39.36 -50.63 -26.12
N ASP K 165 38.84 -49.57 -26.74
CA ASP K 165 39.45 -48.25 -26.67
C ASP K 165 38.41 -47.23 -27.09
N GLY K 166 38.68 -45.97 -26.79
CA GLY K 166 37.79 -44.87 -27.11
C GLY K 166 37.58 -43.96 -25.93
N ASN K 167 36.80 -42.90 -26.16
CA ASN K 167 36.52 -41.94 -25.11
C ASN K 167 35.74 -42.58 -23.96
N THR K 168 34.64 -43.25 -24.28
CA THR K 168 33.81 -43.89 -23.27
C THR K 168 34.20 -45.36 -23.14
N LEU K 169 33.46 -46.08 -22.29
CA LEU K 169 33.68 -47.50 -22.05
C LEU K 169 32.71 -48.28 -22.93
N THR K 170 33.17 -48.64 -24.13
CA THR K 170 32.36 -49.39 -25.07
C THR K 170 33.28 -50.20 -25.98
N TYR K 171 32.78 -51.35 -26.43
CA TYR K 171 33.56 -52.28 -27.24
C TYR K 171 33.12 -52.17 -28.69
N TYR K 172 34.05 -51.84 -29.57
CA TYR K 172 33.80 -51.75 -31.00
C TYR K 172 34.35 -52.98 -31.72
N ARG K 173 33.94 -53.12 -32.98
CA ARG K 173 34.43 -54.19 -33.84
C ARG K 173 35.30 -53.62 -34.94
N ARG K 174 36.32 -54.40 -35.33
CA ARG K 174 37.20 -54.03 -36.43
C ARG K 174 37.00 -55.03 -37.57
N PRO K 175 36.57 -54.59 -38.75
CA PRO K 175 36.30 -55.53 -39.84
C PRO K 175 37.57 -56.23 -40.33
N TRP K 176 37.36 -57.36 -40.99
CA TRP K 176 38.47 -58.13 -41.54
C TRP K 176 39.16 -57.40 -42.68
N ASN K 177 38.49 -56.44 -43.33
CA ASN K 177 39.12 -55.66 -44.39
C ASN K 177 40.06 -54.60 -43.83
N VAL K 178 39.75 -54.05 -42.66
CA VAL K 178 40.59 -53.04 -42.03
C VAL K 178 41.64 -53.74 -41.17
N ALA K 179 42.91 -53.49 -41.49
CA ALA K 179 43.99 -54.16 -40.76
C ALA K 179 44.22 -53.55 -39.38
N SER K 180 44.00 -52.25 -39.23
CA SER K 180 44.25 -51.58 -37.96
C SER K 180 43.23 -50.46 -37.76
N LEU K 181 42.95 -50.16 -36.49
CA LEU K 181 42.03 -49.09 -36.13
C LEU K 181 42.50 -48.50 -34.80
N ILE K 182 43.26 -47.41 -34.89
CA ILE K 182 43.80 -46.74 -33.71
C ILE K 182 42.87 -45.59 -33.33
N TYR K 183 42.80 -45.30 -32.04
CA TYR K 183 41.94 -44.25 -31.50
C TYR K 183 42.74 -43.14 -30.85
N GLU K 184 43.95 -42.89 -31.34
CA GLU K 184 44.81 -41.85 -30.76
C GLU K 184 44.18 -40.48 -30.96
N THR K 185 43.98 -39.76 -29.87
CA THR K 185 43.37 -38.43 -29.90
C THR K 185 44.44 -37.34 -29.91
N LYS K 186 45.26 -37.36 -30.96
CA LYS K 186 46.32 -36.38 -31.10
C LYS K 186 45.75 -34.99 -31.35
N GLY K 187 46.50 -33.97 -30.93
CA GLY K 187 46.09 -32.60 -31.14
C GLY K 187 47.25 -31.62 -31.14
N GLU K 188 47.32 -30.76 -32.14
CA GLU K 188 48.43 -29.83 -32.27
C GLU K 188 47.94 -28.57 -32.97
N LYS K 189 48.75 -27.51 -32.88
CA LYS K 189 48.44 -26.25 -33.51
C LYS K 189 49.73 -25.46 -33.69
N ASN K 190 49.70 -24.51 -34.63
CA ASN K 190 50.87 -23.71 -34.92
C ASN K 190 50.43 -22.29 -35.29
N PHE K 191 51.29 -21.33 -35.01
CA PHE K 191 51.02 -19.93 -35.33
C PHE K 191 52.33 -19.24 -35.67
N ARG K 192 52.23 -18.22 -36.53
CA ARG K 192 53.41 -17.47 -36.96
C ARG K 192 53.01 -16.03 -37.21
N THR K 193 53.99 -15.15 -37.15
CA THR K 193 53.77 -13.72 -37.39
C THR K 193 55.06 -13.09 -37.86
N GLU K 194 54.94 -11.95 -38.53
CA GLU K 194 56.09 -11.23 -39.05
C GLU K 194 55.69 -9.79 -39.32
N HIS K 195 56.71 -8.93 -39.39
CA HIS K 195 56.49 -7.51 -39.66
C HIS K 195 57.64 -6.98 -40.49
N TYR K 196 57.31 -6.18 -41.51
CA TYR K 196 58.28 -5.55 -42.37
C TYR K 196 58.11 -4.04 -42.30
N GLU K 197 59.21 -3.30 -42.36
CA GLU K 197 59.15 -1.85 -42.27
C GLU K 197 60.24 -1.26 -43.16
N GLU K 198 59.88 -0.21 -43.90
CA GLU K 198 60.81 0.48 -44.78
C GLU K 198 60.51 1.97 -44.74
N GLN K 199 61.57 2.77 -44.67
CA GLN K 199 61.43 4.23 -44.61
C GLN K 199 62.62 4.86 -45.33
N ILE K 200 62.34 5.86 -46.16
CA ILE K 200 63.38 6.57 -46.88
C ILE K 200 62.97 8.04 -47.01
N GLU K 201 63.94 8.93 -46.83
CA GLU K 201 63.70 10.37 -46.94
C GLU K 201 64.92 11.03 -47.57
N ALA K 202 64.67 12.12 -48.30
CA ALA K 202 65.73 12.87 -48.96
C ALA K 202 65.35 14.35 -48.99
N PHE K 203 66.26 15.20 -48.51
CA PHE K 203 66.06 16.65 -48.49
C PHE K 203 67.14 17.32 -49.33
N LYS K 204 66.75 18.33 -50.10
CA LYS K 204 67.67 19.06 -50.95
C LYS K 204 67.30 20.54 -50.94
N SER K 205 68.31 21.41 -50.91
CA SER K 205 68.10 22.85 -50.92
C SER K 205 69.28 23.51 -51.62
N ILE K 206 68.98 24.40 -52.57
CA ILE K 206 70.00 25.11 -53.34
C ILE K 206 69.60 26.57 -53.44
N ILE K 207 70.54 27.47 -53.19
CA ILE K 207 70.31 28.91 -53.26
C ILE K 207 71.45 29.55 -54.02
N GLN K 208 71.13 30.60 -54.78
CA GLN K 208 72.11 31.32 -55.60
C GLN K 208 71.93 32.82 -55.39
N GLU K 209 73.03 33.55 -55.40
CA GLU K 209 73.02 35.00 -55.25
C GLU K 209 74.16 35.60 -56.06
N LYS K 210 73.87 36.69 -56.76
CA LYS K 210 74.87 37.37 -57.57
C LYS K 210 74.61 38.87 -57.51
N THR K 211 75.69 39.64 -57.44
CA THR K 211 75.63 41.09 -57.36
C THR K 211 76.54 41.70 -58.40
N SER K 212 76.03 42.68 -59.15
CA SER K 212 76.79 43.35 -60.20
C SER K 212 76.46 44.83 -60.18
N ASN K 213 77.51 45.66 -60.14
CA ASN K 213 77.35 47.11 -60.11
C ASN K 213 78.43 47.75 -60.95
N PHE K 214 78.07 48.84 -61.63
CA PHE K 214 79.01 49.54 -62.51
C PHE K 214 78.81 51.05 -62.36
N ASN K 215 79.92 51.75 -62.12
CA ASN K 215 79.91 53.21 -62.02
C ASN K 215 81.08 53.77 -62.82
N ALA K 216 80.83 54.87 -63.53
CA ALA K 216 81.85 55.50 -64.36
C ALA K 216 81.51 56.98 -64.48
N ALA K 217 82.30 57.83 -63.84
CA ALA K 217 82.09 59.28 -63.86
C ALA K 217 83.28 59.95 -64.52
N ILE K 218 83.01 60.81 -65.49
CA ILE K 218 84.04 61.58 -66.19
C ILE K 218 83.55 63.01 -66.35
N SER K 219 84.42 63.97 -66.08
CA SER K 219 84.10 65.39 -66.17
C SER K 219 85.15 66.12 -66.99
N LEU K 220 84.71 67.14 -67.72
CA LEU K 220 85.58 67.92 -68.58
C LEU K 220 85.36 69.40 -68.32
N LYS K 221 86.47 70.14 -68.20
CA LYS K 221 86.42 71.58 -67.98
C LYS K 221 87.53 72.23 -68.80
N PHE K 222 87.18 73.26 -69.57
CA PHE K 222 88.13 73.94 -70.43
C PHE K 222 87.83 75.43 -70.44
N THR K 223 88.84 76.24 -70.13
CA THR K 223 88.72 77.69 -70.15
C THR K 223 90.08 78.32 -70.44
N PRO K 224 90.32 78.78 -71.67
CA PRO K 224 91.60 79.42 -72.03
C PRO K 224 91.69 80.86 -71.54
N SER K 242 86.43 85.50 -75.34
CA SER K 242 86.22 84.60 -74.21
C SER K 242 85.74 83.23 -74.69
N LEU K 243 86.23 82.17 -74.06
CA LEU K 243 85.86 80.81 -74.40
C LEU K 243 85.74 79.98 -73.13
N HIS K 244 84.73 79.11 -73.09
CA HIS K 244 84.47 78.28 -71.93
C HIS K 244 83.99 76.91 -72.36
N GLY K 245 84.31 75.90 -71.55
CA GLY K 245 83.87 74.55 -71.82
C GLY K 245 83.57 73.76 -70.56
N LYS K 246 82.43 73.05 -70.54
CA LYS K 246 82.02 72.29 -69.38
C LYS K 246 81.30 71.03 -69.83
N GLY K 247 81.68 69.89 -69.27
CA GLY K 247 81.05 68.63 -69.59
C GLY K 247 81.18 67.61 -68.47
N SER K 248 80.12 66.85 -68.22
CA SER K 248 80.13 65.86 -67.14
C SER K 248 79.20 64.72 -67.52
N PHE K 249 79.69 63.48 -67.35
CA PHE K 249 78.92 62.29 -67.65
C PHE K 249 78.68 61.50 -66.36
N ARG K 250 77.50 60.88 -66.26
CA ARG K 250 77.15 60.08 -65.10
C ARG K 250 76.51 58.78 -65.56
N PHE K 251 76.84 57.68 -64.88
CA PHE K 251 76.36 56.37 -65.24
C PHE K 251 76.26 55.52 -63.99
N SER K 252 75.20 54.70 -63.92
CA SER K 252 74.97 53.83 -62.78
C SER K 252 74.48 52.47 -63.28
N TYR K 253 74.53 51.48 -62.39
CA TYR K 253 74.11 50.14 -62.74
C TYR K 253 73.78 49.35 -61.48
N SER K 254 72.77 48.50 -61.56
CA SER K 254 72.38 47.64 -60.46
C SER K 254 71.71 46.40 -61.02
N LYS K 255 72.02 45.25 -60.42
CA LYS K 255 71.48 43.99 -60.91
C LYS K 255 71.53 42.94 -59.80
N ASN K 256 70.42 42.22 -59.62
CA ASN K 256 70.35 41.06 -58.75
C ASN K 256 69.51 39.98 -59.42
N GLU K 257 70.03 38.76 -59.42
CA GLU K 257 69.34 37.59 -59.96
C GLU K 257 69.46 36.45 -58.94
N THR K 258 68.44 36.30 -58.10
CA THR K 258 68.47 35.35 -57.01
C THR K 258 67.73 34.08 -57.41
N TYR K 259 68.36 32.93 -57.20
CA TYR K 259 67.79 31.63 -57.51
C TYR K 259 67.62 30.84 -56.22
N GLN K 260 66.55 30.05 -56.15
CA GLN K 260 66.28 29.22 -54.99
C GLN K 260 65.67 27.90 -55.45
N LEU K 261 66.16 26.81 -54.87
CA LEU K 261 65.71 25.47 -55.23
C LEU K 261 65.48 24.66 -53.96
N PHE K 262 64.42 23.86 -53.98
CA PHE K 262 64.08 23.00 -52.85
C PHE K 262 63.48 21.71 -53.37
N LEU K 263 63.92 20.59 -52.80
CA LEU K 263 63.45 19.28 -53.22
C LEU K 263 63.33 18.38 -51.98
N SER K 264 62.23 17.62 -51.94
CA SER K 264 61.97 16.72 -50.83
C SER K 264 61.34 15.44 -51.36
N TYR K 265 61.73 14.31 -50.77
CA TYR K 265 61.21 13.02 -51.17
C TYR K 265 61.14 12.11 -49.94
N SER K 266 60.02 11.40 -49.79
CA SER K 266 59.82 10.52 -48.65
C SER K 266 58.92 9.37 -49.06
N SER K 267 59.24 8.17 -48.59
CA SER K 267 58.46 6.99 -48.90
C SER K 267 58.54 6.01 -47.72
N LYS K 268 57.42 5.37 -47.42
CA LYS K 268 57.33 4.41 -46.32
C LYS K 268 56.57 3.18 -46.80
N LYS K 269 57.07 2.00 -46.42
CA LYS K 269 56.45 0.74 -46.79
C LYS K 269 56.41 -0.19 -45.59
N GLU K 270 55.30 -0.90 -45.44
CA GLU K 270 55.10 -1.83 -44.34
C GLU K 270 54.41 -3.08 -44.87
N LYS K 271 54.80 -4.24 -44.33
CA LYS K 271 54.23 -5.51 -44.74
C LYS K 271 54.11 -6.41 -43.53
N MET K 272 52.97 -7.10 -43.43
CA MET K 272 52.68 -8.01 -42.32
C MET K 272 52.14 -9.32 -42.86
N PHE K 273 52.65 -10.42 -42.35
CA PHE K 273 52.21 -11.75 -42.75
C PHE K 273 52.11 -12.64 -41.52
N LEU K 274 50.92 -13.21 -41.30
CA LEU K 274 50.69 -14.05 -40.14
C LEU K 274 49.57 -15.03 -40.45
N HIS K 275 49.71 -16.26 -39.95
CA HIS K 275 48.70 -17.29 -40.16
C HIS K 275 48.79 -18.30 -39.02
N VAL K 276 47.71 -19.08 -38.88
CA VAL K 276 47.62 -20.10 -37.84
C VAL K 276 46.87 -21.30 -38.39
N LYS K 277 47.23 -22.48 -37.89
CA LYS K 277 46.60 -23.71 -38.33
C LYS K 277 46.58 -24.69 -37.18
N GLY K 278 45.50 -25.47 -37.09
CA GLY K 278 45.36 -26.46 -36.04
C GLY K 278 44.61 -27.67 -36.55
N GLU K 279 44.95 -28.83 -36.02
CA GLU K 279 44.34 -30.09 -36.43
C GLU K 279 44.05 -30.93 -35.19
N ILE K 280 42.77 -31.25 -35.00
CA ILE K 280 42.34 -32.11 -33.90
C ILE K 280 42.17 -33.51 -34.46
N HIS K 281 43.15 -34.37 -34.21
CA HIS K 281 43.12 -35.74 -34.70
C HIS K 281 42.21 -36.59 -33.82
N LEU K 282 41.45 -37.48 -34.46
CA LEU K 282 40.49 -38.33 -33.77
C LEU K 282 40.88 -39.80 -33.82
N GLY K 283 41.05 -40.36 -35.01
CA GLY K 283 41.36 -41.77 -35.15
C GLY K 283 42.13 -42.04 -36.42
N ARG K 284 42.73 -43.22 -36.47
CA ARG K 284 43.58 -43.62 -37.58
C ARG K 284 43.33 -45.09 -37.91
N PHE K 285 43.41 -45.41 -39.20
CA PHE K 285 43.18 -46.77 -39.67
C PHE K 285 44.17 -47.08 -40.80
N VAL K 286 44.38 -48.38 -41.02
CA VAL K 286 45.21 -48.87 -42.11
C VAL K 286 44.47 -50.01 -42.78
N MET K 287 44.07 -49.82 -44.03
CA MET K 287 43.40 -50.88 -44.78
C MET K 287 44.38 -52.00 -45.11
N ARG K 288 43.92 -53.24 -44.94
CA ARG K 288 44.73 -54.39 -45.32
C ARG K 288 44.97 -54.39 -46.83
N ASN K 289 46.24 -54.51 -47.22
CA ASN K 289 46.59 -54.35 -48.62
C ASN K 289 46.13 -55.52 -49.47
N ARG K 290 46.46 -56.75 -49.04
CA ARG K 290 46.08 -57.95 -49.77
C ARG K 290 45.18 -58.82 -48.91
N ASP K 291 44.54 -59.79 -49.55
CA ASP K 291 43.60 -60.70 -48.89
C ASP K 291 42.44 -59.92 -48.27
N VAL K 292 41.82 -59.06 -49.08
CA VAL K 292 40.72 -58.21 -48.66
C VAL K 292 39.51 -58.50 -49.53
N VAL K 293 38.33 -58.40 -48.93
CA VAL K 293 37.08 -58.66 -49.63
C VAL K 293 36.56 -57.36 -50.22
N LEU K 294 35.80 -57.48 -51.30
CA LEU K 294 35.26 -56.34 -52.04
C LEU K 294 33.74 -56.42 -52.07
N THR K 295 33.13 -55.31 -52.48
CA THR K 295 31.67 -55.24 -52.54
C THR K 295 31.16 -55.81 -53.84
N THR K 296 29.89 -56.25 -53.82
CA THR K 296 29.28 -56.84 -55.00
C THR K 296 29.14 -55.84 -56.15
N THR K 297 29.09 -54.54 -55.85
CA THR K 297 28.97 -53.54 -56.91
C THR K 297 30.28 -53.38 -57.65
N PHE K 298 31.40 -53.30 -56.93
CA PHE K 298 32.69 -53.13 -57.56
C PHE K 298 33.13 -54.39 -58.29
N VAL K 299 32.87 -55.56 -57.70
CA VAL K 299 33.24 -56.82 -58.34
C VAL K 299 32.48 -56.99 -59.65
N ASP K 300 31.19 -56.65 -59.66
CA ASP K 300 30.43 -56.71 -60.90
C ASP K 300 30.98 -55.75 -61.95
N ASP K 301 31.52 -54.61 -61.53
CA ASP K 301 32.15 -53.69 -62.46
C ASP K 301 33.42 -54.28 -63.03
N ILE K 302 34.22 -54.94 -62.20
CA ILE K 302 35.44 -55.58 -62.69
C ILE K 302 35.11 -56.82 -63.51
N LYS K 303 34.01 -57.51 -63.17
CA LYS K 303 33.59 -58.64 -63.97
C LYS K 303 33.05 -58.20 -65.33
N ALA K 304 32.19 -57.17 -65.33
CA ALA K 304 31.71 -56.56 -66.57
C ALA K 304 32.63 -55.40 -66.96
N LEU K 305 33.83 -55.78 -67.39
CA LEU K 305 34.89 -54.84 -67.72
C LEU K 305 35.60 -55.32 -68.98
N PRO K 306 35.92 -54.42 -69.90
CA PRO K 306 36.61 -54.83 -71.13
C PRO K 306 38.05 -55.26 -70.88
N THR K 307 38.72 -55.75 -71.93
CA THR K 307 40.09 -56.20 -71.80
C THR K 307 40.96 -55.80 -72.98
N THR K 308 40.47 -54.93 -73.87
CA THR K 308 41.20 -54.52 -75.06
C THR K 308 41.57 -53.03 -74.99
N TYR K 309 41.89 -52.55 -73.79
CA TYR K 309 42.30 -51.17 -73.55
C TYR K 309 41.22 -50.20 -74.02
N GLU K 310 40.06 -50.27 -73.35
CA GLU K 310 38.97 -49.34 -73.63
C GLU K 310 39.16 -48.11 -72.75
N LYS K 311 39.89 -47.13 -73.30
CA LYS K 311 40.12 -45.88 -72.58
C LYS K 311 38.83 -45.13 -72.29
N GLY K 312 37.81 -45.29 -73.14
CA GLY K 312 36.56 -44.60 -72.92
C GLY K 312 35.87 -45.03 -71.64
N GLU K 313 35.68 -46.34 -71.48
CA GLU K 313 35.03 -46.85 -70.27
C GLU K 313 35.95 -46.73 -69.06
N TYR K 314 37.25 -46.94 -69.26
CA TYR K 314 38.20 -46.83 -68.15
C TYR K 314 38.23 -45.42 -67.58
N PHE K 315 38.16 -44.41 -68.45
CA PHE K 315 38.05 -43.03 -67.98
C PHE K 315 36.72 -42.82 -67.27
N ALA K 316 35.66 -43.44 -67.76
CA ALA K 316 34.38 -43.38 -67.07
C ALA K 316 34.41 -44.15 -65.76
N PHE K 317 34.99 -45.35 -65.78
CA PHE K 317 35.16 -46.12 -64.55
C PHE K 317 36.10 -45.43 -63.58
N LEU K 318 37.02 -44.61 -64.09
CA LEU K 318 37.97 -43.93 -63.23
C LEU K 318 37.27 -42.89 -62.34
N GLU K 319 36.31 -42.16 -62.92
CA GLU K 319 35.57 -41.17 -62.14
C GLU K 319 34.61 -41.81 -61.15
N THR K 320 34.18 -43.05 -61.41
CA THR K 320 33.19 -43.69 -60.56
C THR K 320 33.77 -44.03 -59.18
N TYR K 321 34.96 -44.61 -59.15
CA TYR K 321 35.59 -45.02 -57.90
C TYR K 321 36.92 -44.33 -57.64
N GLY K 322 37.14 -43.16 -58.26
CA GLY K 322 38.39 -42.44 -58.08
C GLY K 322 39.54 -43.10 -58.82
N THR K 323 40.70 -42.45 -58.73
CA THR K 323 41.91 -42.95 -59.38
C THR K 323 42.71 -43.89 -58.49
N HIS K 324 42.83 -43.57 -57.20
CA HIS K 324 43.59 -44.40 -56.28
C HIS K 324 42.96 -44.28 -54.89
N TYR K 325 42.93 -45.41 -54.17
CA TYR K 325 42.26 -45.47 -52.88
C TYR K 325 43.25 -45.13 -51.77
N SER K 326 42.74 -45.08 -50.54
CA SER K 326 43.53 -44.74 -49.36
C SER K 326 43.95 -46.02 -48.66
N SER K 327 45.27 -46.21 -48.51
CA SER K 327 45.77 -47.34 -47.73
C SER K 327 45.71 -47.06 -46.24
N SER K 328 45.88 -45.80 -45.83
CA SER K 328 45.82 -45.42 -44.43
C SER K 328 45.30 -44.00 -44.34
N GLY K 329 44.30 -43.79 -43.47
CA GLY K 329 43.72 -42.47 -43.30
C GLY K 329 43.85 -41.94 -41.89
N SER K 330 43.19 -40.81 -41.62
CA SER K 330 43.24 -40.19 -40.28
C SER K 330 41.93 -39.46 -40.07
N LEU K 331 41.00 -40.10 -39.35
CA LEU K 331 39.71 -39.48 -39.08
C LEU K 331 39.88 -38.33 -38.09
N GLY K 332 39.09 -37.28 -38.28
CA GLY K 332 39.18 -36.11 -37.42
C GLY K 332 38.68 -34.83 -38.08
N GLY K 333 39.51 -33.80 -38.05
CA GLY K 333 39.16 -32.51 -38.62
C GLY K 333 40.21 -31.45 -38.33
N LEU K 334 40.37 -30.50 -39.23
CA LEU K 334 41.37 -29.45 -39.07
C LEU K 334 40.77 -28.11 -39.47
N TYR K 335 41.38 -27.04 -38.95
CA TYR K 335 41.00 -25.67 -39.27
C TYR K 335 42.25 -24.84 -39.51
N GLU K 336 42.11 -23.81 -40.33
CA GLU K 336 43.24 -22.96 -40.67
C GLU K 336 42.77 -21.52 -40.82
N LEU K 337 43.70 -20.58 -40.61
CA LEU K 337 43.43 -19.16 -40.77
C LEU K 337 44.65 -18.50 -41.37
N ILE K 338 44.42 -17.64 -42.37
CA ILE K 338 45.49 -16.96 -43.09
C ILE K 338 45.14 -15.48 -43.19
N TYR K 339 46.11 -14.62 -42.89
CA TYR K 339 45.93 -13.18 -42.95
C TYR K 339 47.14 -12.54 -43.61
N VAL K 340 46.90 -11.50 -44.41
CA VAL K 340 47.95 -10.79 -45.12
C VAL K 340 47.72 -9.30 -44.98
N LEU K 341 48.81 -8.53 -45.11
CA LEU K 341 48.74 -7.08 -45.00
C LEU K 341 49.93 -6.48 -45.74
N ASP K 342 49.66 -5.40 -46.48
CA ASP K 342 50.69 -4.70 -47.24
C ASP K 342 50.41 -3.21 -47.20
N LYS K 343 51.46 -2.41 -47.01
CA LYS K 343 51.34 -0.96 -46.92
C LYS K 343 52.45 -0.31 -47.75
N ALA K 344 52.10 0.75 -48.46
CA ALA K 344 53.05 1.48 -49.28
C ALA K 344 52.67 2.95 -49.30
N SER K 345 53.69 3.81 -49.29
CA SER K 345 53.47 5.26 -49.30
C SER K 345 54.62 5.92 -50.04
N MET K 346 54.30 7.01 -50.75
CA MET K 346 55.29 7.76 -51.51
C MET K 346 54.95 9.24 -51.47
N LYS K 347 55.97 10.07 -51.25
CA LYS K 347 55.81 11.52 -51.19
C LYS K 347 57.00 12.18 -51.87
N ARG K 348 56.73 13.19 -52.70
CA ARG K 348 57.76 13.93 -53.40
C ARG K 348 57.39 15.40 -53.44
N LYS K 349 58.32 16.26 -53.04
CA LYS K 349 58.07 17.70 -52.98
C LYS K 349 59.19 18.44 -53.69
N GLY K 350 58.81 19.41 -54.52
CA GLY K 350 59.78 20.25 -55.20
C GLY K 350 59.34 21.69 -55.26
N VAL K 351 60.20 22.60 -54.81
CA VAL K 351 59.90 24.02 -54.76
C VAL K 351 60.99 24.79 -55.51
N GLU K 352 60.58 25.70 -56.39
CA GLU K 352 61.51 26.50 -57.19
C GLU K 352 61.07 27.96 -57.13
N LEU K 353 62.03 28.84 -56.82
CA LEU K 353 61.78 30.28 -56.77
C LEU K 353 62.87 30.98 -57.55
N LYS K 354 62.47 31.93 -58.40
CA LYS K 354 63.41 32.66 -59.24
C LYS K 354 63.01 34.13 -59.26
N ASP K 355 63.96 35.01 -58.94
CA ASP K 355 63.74 36.44 -58.96
C ASP K 355 64.93 37.13 -59.59
N ILE K 356 64.67 38.01 -60.54
CA ILE K 356 65.71 38.75 -61.25
C ILE K 356 65.32 40.22 -61.26
N LYS K 357 66.23 41.08 -60.81
CA LYS K 357 66.02 42.52 -60.80
C LYS K 357 67.24 43.19 -61.41
N ARG K 358 66.99 44.11 -62.34
CA ARG K 358 68.07 44.82 -63.02
C ARG K 358 67.56 46.19 -63.44
N CYS K 359 68.30 47.24 -63.07
CA CYS K 359 67.94 48.60 -63.41
C CYS K 359 69.16 49.34 -63.92
N LEU K 360 68.93 50.35 -64.76
CA LEU K 360 69.99 51.14 -65.36
C LEU K 360 69.75 52.62 -65.10
N GLY K 361 70.84 53.35 -64.90
CA GLY K 361 70.76 54.79 -64.66
C GLY K 361 71.79 55.58 -65.44
N TYR K 362 71.36 56.69 -66.04
CA TYR K 362 72.24 57.54 -66.82
C TYR K 362 71.82 59.00 -66.63
N HIS K 363 72.82 59.88 -66.52
CA HIS K 363 72.57 61.30 -66.34
C HIS K 363 73.55 62.08 -67.21
N LEU K 364 73.04 63.07 -67.94
CA LEU K 364 73.85 63.90 -68.83
C LEU K 364 73.47 65.36 -68.64
N ASP K 365 74.47 66.19 -68.38
CA ASP K 365 74.26 67.63 -68.22
C ASP K 365 75.45 68.36 -68.82
N VAL K 366 75.20 69.20 -69.82
CA VAL K 366 76.23 69.97 -70.49
C VAL K 366 75.78 71.42 -70.58
N SER K 367 76.63 72.34 -70.14
CA SER K 367 76.33 73.76 -70.14
C SER K 367 77.51 74.54 -70.70
N LEU K 368 77.21 75.48 -71.58
CA LEU K 368 78.22 76.31 -72.21
C LEU K 368 77.83 77.77 -72.12
N ALA K 369 78.80 78.63 -71.81
CA ALA K 369 78.57 80.06 -71.68
C ALA K 369 79.71 80.80 -72.39
N PHE K 370 79.36 81.75 -73.24
CA PHE K 370 80.34 82.51 -73.99
C PHE K 370 80.13 84.01 -73.85
N SER K 371 78.67 90.95 -75.76
CA SER K 371 78.51 89.59 -76.25
C SER K 371 78.18 88.63 -75.11
N GLU K 372 77.00 88.02 -75.17
CA GLU K 372 76.56 87.08 -74.15
C GLU K 372 75.91 85.89 -74.83
N ILE K 373 76.39 84.69 -74.52
CA ILE K 373 75.87 83.45 -75.08
C ILE K 373 75.71 82.45 -73.94
N SER K 374 74.55 81.80 -73.87
CA SER K 374 74.25 80.81 -72.84
C SER K 374 73.68 79.57 -73.49
N VAL K 375 74.20 78.40 -73.11
CA VAL K 375 73.76 77.12 -73.64
C VAL K 375 73.55 76.17 -72.46
N GLY K 376 72.40 75.52 -72.42
CA GLY K 376 72.10 74.58 -71.36
C GLY K 376 71.46 73.32 -71.90
N ALA K 377 71.89 72.18 -71.38
CA ALA K 377 71.38 70.89 -71.80
C ALA K 377 71.39 69.94 -70.61
N GLU K 378 70.30 69.17 -70.46
CA GLU K 378 70.16 68.20 -69.39
C GLU K 378 69.39 67.01 -69.90
N PHE K 379 70.02 65.82 -69.84
CA PHE K 379 69.41 64.58 -70.29
C PHE K 379 69.36 63.60 -69.13
N ASN K 380 68.19 63.03 -68.89
CA ASN K 380 67.98 62.08 -67.80
C ASN K 380 67.43 60.78 -68.37
N LYS K 381 68.00 59.66 -67.95
CA LYS K 381 67.59 58.34 -68.39
C LYS K 381 67.50 57.40 -67.19
N ASP K 382 66.39 56.68 -67.09
CA ASP K 382 66.17 55.74 -66.00
C ASP K 382 65.23 54.64 -66.46
N ASP K 383 65.62 53.38 -66.24
CA ASP K 383 64.81 52.24 -66.63
C ASP K 383 65.18 51.05 -65.75
N CYS K 384 64.18 50.45 -65.12
CA CYS K 384 64.38 49.30 -64.23
C CYS K 384 63.54 48.13 -64.73
N VAL K 385 64.04 46.92 -64.48
CA VAL K 385 63.38 45.69 -64.89
C VAL K 385 63.32 44.74 -63.70
N LYS K 386 62.17 44.09 -63.51
CA LYS K 386 61.97 43.10 -62.47
C LYS K 386 61.36 41.84 -63.07
N ARG K 387 61.80 40.68 -62.59
CA ARG K 387 61.29 39.39 -63.05
C ARG K 387 61.13 38.46 -61.86
N GLY K 388 60.09 37.64 -61.91
CA GLY K 388 59.82 36.70 -60.84
C GLY K 388 59.22 35.39 -61.32
N GLU K 389 59.61 34.28 -60.70
CA GLU K 389 59.13 32.96 -61.10
C GLU K 389 59.02 32.08 -59.87
N GLY K 390 57.91 31.34 -59.78
CA GLY K 390 57.68 30.44 -58.67
C GLY K 390 56.92 29.18 -59.08
N ARG K 391 57.38 28.03 -58.61
CA ARG K 391 56.75 26.76 -58.94
C ARG K 391 56.86 25.82 -57.75
N ALA K 392 55.84 24.96 -57.59
CA ALA K 392 55.79 24.02 -56.49
C ALA K 392 55.36 22.66 -57.00
N VAL K 393 55.80 21.61 -56.31
CA VAL K 393 55.45 20.23 -56.63
C VAL K 393 55.02 19.53 -55.34
N ASN K 394 53.80 19.01 -55.33
CA ASN K 394 53.21 18.38 -54.14
C ASN K 394 52.42 17.17 -54.62
N ILE K 395 52.99 15.98 -54.45
CA ILE K 395 52.39 14.73 -54.93
C ILE K 395 52.56 13.67 -53.86
N THR K 396 51.45 13.16 -53.34
CA THR K 396 51.44 12.10 -52.34
C THR K 396 50.74 10.86 -52.91
N SER K 397 51.33 9.69 -52.68
CA SER K 397 50.77 8.43 -53.13
C SER K 397 50.87 7.41 -52.01
N GLU K 398 49.77 6.68 -51.78
CA GLU K 398 49.72 5.66 -50.74
C GLU K 398 48.92 4.47 -51.24
N ASN K 399 49.37 3.26 -50.88
CA ASN K 399 48.73 2.03 -51.28
C ASN K 399 48.58 1.12 -50.07
N LEU K 400 47.42 0.45 -49.98
CA LEU K 400 47.11 -0.44 -48.87
C LEU K 400 46.52 -1.73 -49.43
N ILE K 401 47.01 -2.86 -48.95
CA ILE K 401 46.54 -4.18 -49.39
C ILE K 401 46.39 -5.07 -48.16
N ASP K 402 45.24 -5.72 -48.03
CA ASP K 402 44.97 -6.63 -46.93
C ASP K 402 44.15 -7.81 -47.42
N ASP K 403 44.53 -9.01 -46.99
CA ASP K 403 43.86 -10.24 -47.39
C ASP K 403 43.69 -11.14 -46.17
N VAL K 404 42.55 -11.83 -46.11
CA VAL K 404 42.23 -12.73 -45.00
C VAL K 404 41.51 -13.95 -45.56
N VAL K 405 41.81 -15.11 -45.00
CA VAL K 405 41.19 -16.36 -45.42
C VAL K 405 41.18 -17.32 -44.23
N SER K 406 40.24 -18.25 -44.23
CA SER K 406 40.11 -19.22 -43.17
C SER K 406 39.37 -20.45 -43.68
N LEU K 407 39.47 -21.54 -42.93
CA LEU K 407 38.80 -22.79 -43.29
C LEU K 407 38.59 -23.61 -42.04
N ILE K 408 37.60 -24.51 -42.11
CA ILE K 408 37.28 -25.39 -41.00
C ILE K 408 36.46 -26.56 -41.54
N ARG K 409 36.52 -27.69 -40.84
CA ARG K 409 35.80 -28.88 -41.25
C ARG K 409 35.73 -29.85 -40.09
N GLY K 410 34.75 -30.74 -40.14
CA GLY K 410 34.58 -31.78 -39.14
C GLY K 410 33.53 -31.43 -38.10
N GLY K 411 33.05 -32.47 -37.42
CA GLY K 411 32.08 -32.30 -36.36
C GLY K 411 30.69 -31.96 -36.84
N THR K 412 29.72 -31.95 -35.93
CA THR K 412 28.36 -31.54 -36.29
C THR K 412 28.37 -30.07 -36.70
N ARG K 413 27.42 -29.71 -37.58
CA ARG K 413 27.44 -28.39 -38.18
C ARG K 413 27.10 -27.30 -37.17
N LYS K 414 26.35 -27.64 -36.13
CA LYS K 414 25.97 -26.64 -35.12
C LYS K 414 27.20 -26.15 -34.36
N TYR K 415 27.92 -27.06 -33.72
CA TYR K 415 29.08 -26.67 -32.92
C TYR K 415 30.27 -26.26 -33.77
N ALA K 416 30.33 -26.71 -35.03
CA ALA K 416 31.49 -26.41 -35.87
C ALA K 416 31.55 -24.92 -36.21
N PHE K 417 30.44 -24.36 -36.67
CA PHE K 417 30.43 -22.97 -37.12
C PHE K 417 30.26 -21.97 -35.98
N GLU K 418 29.84 -22.43 -34.80
CA GLU K 418 29.93 -21.57 -33.62
C GLU K 418 31.39 -21.27 -33.30
N LEU K 419 32.27 -22.24 -33.52
CA LEU K 419 33.71 -22.01 -33.40
C LEU K 419 34.20 -21.07 -34.49
N LYS K 420 33.56 -21.09 -35.66
CA LYS K 420 34.04 -20.31 -36.80
C LYS K 420 33.88 -18.81 -36.55
N GLU K 421 32.66 -18.36 -36.23
CA GLU K 421 32.40 -16.95 -36.07
C GLU K 421 33.11 -16.37 -34.86
N LYS K 422 33.22 -17.15 -33.78
CA LYS K 422 33.85 -16.65 -32.57
C LYS K 422 35.37 -16.59 -32.69
N LEU K 423 35.96 -17.36 -33.61
CA LEU K 423 37.39 -17.27 -33.84
C LEU K 423 37.75 -16.10 -34.73
N LEU K 424 36.93 -15.83 -35.74
CA LEU K 424 37.18 -14.75 -36.69
C LEU K 424 36.86 -13.42 -36.02
N ARG K 425 37.91 -12.68 -35.65
CA ARG K 425 37.82 -11.35 -35.05
C ARG K 425 37.00 -11.34 -33.76
N GLY K 426 36.86 -12.50 -33.11
CA GLY K 426 36.13 -12.58 -31.86
C GLY K 426 36.93 -12.08 -30.67
N THR K 427 38.21 -12.47 -30.62
CA THR K 427 39.19 -12.09 -29.60
C THR K 427 38.82 -12.60 -28.21
N VAL K 428 37.74 -13.35 -28.06
CA VAL K 428 37.32 -13.88 -26.76
C VAL K 428 37.10 -15.38 -26.96
N ILE K 429 38.12 -16.17 -26.68
CA ILE K 429 38.02 -17.62 -26.82
C ILE K 429 37.25 -18.18 -25.64
N ASP K 430 36.19 -18.92 -25.92
CA ASP K 430 35.35 -19.51 -24.89
C ASP K 430 35.91 -20.84 -24.44
N VAL K 431 35.55 -21.24 -23.22
CA VAL K 431 35.98 -22.53 -22.71
C VAL K 431 35.01 -23.65 -23.11
N THR K 432 33.73 -23.32 -23.30
CA THR K 432 32.74 -24.34 -23.57
C THR K 432 32.66 -24.72 -25.05
N ASP K 433 32.97 -23.78 -25.95
CA ASP K 433 32.82 -24.05 -27.37
C ASP K 433 33.83 -25.08 -27.85
N PHE K 434 35.07 -25.03 -27.33
CA PHE K 434 36.07 -26.02 -27.71
C PHE K 434 35.74 -27.39 -27.13
N VAL K 435 35.19 -27.41 -25.91
CA VAL K 435 34.76 -28.68 -25.33
C VAL K 435 33.58 -29.24 -26.11
N ASN K 436 32.64 -28.38 -26.51
CA ASN K 436 31.57 -28.82 -27.40
C ASN K 436 32.12 -29.26 -28.75
N TRP K 437 33.14 -28.57 -29.25
CA TRP K 437 33.80 -28.99 -30.48
C TRP K 437 34.45 -30.36 -30.32
N ALA K 438 34.91 -30.69 -29.12
CA ALA K 438 35.50 -32.00 -28.88
C ALA K 438 34.46 -33.11 -29.04
N SER K 439 33.30 -32.94 -28.41
CA SER K 439 32.22 -33.92 -28.57
C SER K 439 31.59 -33.83 -29.95
N SER K 440 31.67 -32.66 -30.60
CA SER K 440 31.12 -32.51 -31.94
C SER K 440 31.86 -33.37 -32.95
N ILE K 441 33.19 -33.32 -32.92
CA ILE K 441 33.98 -34.06 -33.91
C ILE K 441 33.90 -35.56 -33.69
N ASN K 442 33.54 -36.00 -32.47
CA ASN K 442 33.42 -37.42 -32.21
C ASN K 442 32.30 -38.06 -33.02
N ASP K 443 31.25 -37.29 -33.34
CA ASP K 443 30.12 -37.84 -34.06
C ASP K 443 30.36 -37.85 -35.57
N ALA K 444 31.00 -36.81 -36.11
CA ALA K 444 31.25 -36.69 -37.54
C ALA K 444 32.69 -36.27 -37.78
N PRO K 445 33.60 -37.23 -37.93
CA PRO K 445 34.99 -36.89 -38.24
C PRO K 445 35.25 -36.72 -39.73
N VAL K 446 36.49 -36.42 -40.11
CA VAL K 446 36.85 -36.25 -41.51
C VAL K 446 38.35 -36.51 -41.63
N LEU K 447 38.80 -36.75 -42.85
CA LEU K 447 40.20 -37.09 -43.10
C LEU K 447 41.11 -35.90 -42.77
N ILE K 448 42.30 -36.22 -42.25
CA ILE K 448 43.34 -35.23 -41.99
C ILE K 448 44.58 -35.61 -42.77
N SER K 449 45.14 -36.78 -42.46
CA SER K 449 46.29 -37.33 -43.15
C SER K 449 45.85 -38.61 -43.86
N GLN K 450 46.27 -38.75 -45.12
CA GLN K 450 45.80 -39.84 -45.98
C GLN K 450 46.99 -40.46 -46.70
N LYS K 451 47.27 -41.72 -46.41
CA LYS K 451 48.28 -42.48 -47.15
C LYS K 451 47.61 -43.09 -48.38
N LEU K 452 48.31 -43.02 -49.51
CA LEU K 452 47.73 -43.32 -50.81
C LEU K 452 48.22 -44.66 -51.34
N SER K 453 47.39 -45.27 -52.19
CA SER K 453 47.68 -46.57 -52.78
C SER K 453 46.92 -46.70 -54.09
N PRO K 454 47.54 -47.20 -55.15
CA PRO K 454 46.84 -47.29 -56.44
C PRO K 454 45.71 -48.32 -56.42
N ILE K 455 44.71 -48.07 -57.25
CA ILE K 455 43.53 -48.95 -57.30
C ILE K 455 43.86 -50.25 -57.99
N TYR K 456 44.67 -50.21 -59.06
CA TYR K 456 44.96 -51.43 -59.81
C TYR K 456 45.69 -52.47 -58.98
N ASN K 457 46.20 -52.10 -57.81
CA ASN K 457 46.72 -53.09 -56.87
C ASN K 457 45.62 -53.73 -56.03
N LEU K 458 44.40 -53.19 -56.07
CA LEU K 458 43.28 -53.69 -55.29
C LEU K 458 42.41 -54.66 -56.07
N VAL K 459 42.64 -54.81 -57.37
CA VAL K 459 41.82 -55.73 -58.18
C VAL K 459 41.95 -57.15 -57.62
N PRO K 460 40.86 -57.91 -57.51
CA PRO K 460 40.97 -59.27 -56.96
C PRO K 460 41.78 -60.19 -57.87
N VAL K 461 42.65 -60.99 -57.25
CA VAL K 461 43.54 -61.89 -57.95
C VAL K 461 42.74 -63.11 -58.41
N LYS K 462 43.36 -63.93 -59.28
CA LYS K 462 42.79 -65.18 -59.79
C LYS K 462 41.34 -65.01 -60.25
N MET K 463 41.07 -63.88 -60.90
CA MET K 463 39.77 -63.62 -61.48
C MET K 463 39.77 -64.11 -62.94
N LYS K 464 38.76 -63.73 -63.72
CA LYS K 464 38.70 -64.14 -65.11
C LYS K 464 39.92 -63.65 -65.88
N ASN K 465 40.10 -62.33 -65.96
CA ASN K 465 41.24 -61.72 -66.65
C ASN K 465 41.85 -60.65 -65.76
N ALA K 466 42.12 -61.01 -64.50
CA ALA K 466 42.58 -60.04 -63.51
C ALA K 466 43.89 -59.39 -63.92
N HIS K 467 44.89 -60.19 -64.31
CA HIS K 467 46.22 -59.65 -64.57
C HIS K 467 46.20 -58.69 -65.75
N LEU K 468 45.61 -59.10 -66.88
CA LEU K 468 45.60 -58.25 -68.06
C LEU K 468 44.82 -56.97 -67.80
N LYS K 469 43.72 -57.05 -67.05
CA LYS K 469 42.99 -55.85 -66.67
C LYS K 469 43.77 -55.01 -65.67
N LYS K 470 44.59 -55.65 -64.84
CA LYS K 470 45.40 -54.91 -63.86
C LYS K 470 46.37 -53.98 -64.56
N GLN K 471 47.21 -54.52 -65.45
CA GLN K 471 48.13 -53.68 -66.20
C GLN K 471 47.39 -52.75 -67.15
N ASN K 472 46.18 -53.14 -67.57
CA ASN K 472 45.38 -52.28 -68.45
C ASN K 472 44.95 -51.02 -67.70
N LEU K 473 44.46 -51.16 -66.47
CA LEU K 473 44.15 -49.99 -65.66
C LEU K 473 45.41 -49.27 -65.21
N GLU K 474 46.54 -49.98 -65.10
CA GLU K 474 47.80 -49.33 -64.80
C GLU K 474 48.19 -48.34 -65.90
N ARG K 475 47.99 -48.74 -67.17
CA ARG K 475 48.18 -47.81 -68.27
C ARG K 475 47.14 -46.70 -68.24
N ALA K 476 45.95 -46.99 -67.72
CA ALA K 476 44.89 -45.98 -67.66
C ALA K 476 45.18 -44.94 -66.57
N ILE K 477 45.57 -45.40 -65.38
CA ILE K 477 45.84 -44.48 -64.28
C ILE K 477 47.07 -43.62 -64.60
N GLU K 478 48.04 -44.17 -65.34
CA GLU K 478 49.19 -43.37 -65.74
C GLU K 478 48.81 -42.35 -66.81
N ASP K 479 47.94 -42.74 -67.75
CA ASP K 479 47.49 -41.81 -68.78
C ASP K 479 46.53 -40.78 -68.21
N TYR K 480 45.71 -41.18 -67.23
CA TYR K 480 44.71 -40.27 -66.66
C TYR K 480 45.39 -39.04 -66.05
N ILE K 481 46.38 -39.24 -65.19
CA ILE K 481 47.06 -38.12 -64.55
C ILE K 481 47.87 -37.31 -65.56
N ASN K 482 48.23 -37.89 -66.70
CA ASN K 482 49.00 -37.20 -67.72
C ASN K 482 48.17 -36.77 -68.92
N GLU K 483 46.86 -37.04 -68.90
CA GLU K 483 46.01 -36.65 -70.03
C GLU K 483 45.62 -35.18 -69.93
N PHE K 484 44.93 -34.81 -68.85
CA PHE K 484 44.49 -33.44 -68.64
C PHE K 484 44.97 -32.95 -67.28
N SER K 485 45.60 -31.78 -67.27
CA SER K 485 46.14 -31.18 -66.06
C SER K 485 46.59 -29.76 -66.39
N VAL K 486 47.14 -29.07 -65.39
CA VAL K 486 47.69 -27.75 -65.61
C VAL K 486 48.90 -27.82 -66.53
N ARG K 487 49.60 -28.96 -66.55
CA ARG K 487 50.78 -29.12 -67.39
C ARG K 487 50.45 -28.98 -68.86
N LYS K 488 49.26 -29.41 -69.29
CA LYS K 488 48.88 -29.35 -70.69
C LYS K 488 48.18 -28.05 -71.06
N CYS K 489 47.68 -27.30 -70.07
CA CYS K 489 47.00 -26.05 -70.34
C CYS K 489 48.03 -24.96 -70.61
N HIS K 490 47.57 -23.72 -70.73
CA HIS K 490 48.43 -22.59 -71.04
C HIS K 490 48.83 -21.86 -69.76
N THR K 491 49.99 -21.21 -69.81
CA THR K 491 50.52 -20.52 -68.64
C THR K 491 49.92 -19.11 -68.54
N CYS K 492 49.61 -18.70 -67.31
CA CYS K 492 49.03 -17.40 -67.05
C CYS K 492 50.14 -16.35 -67.04
N GLN K 493 49.79 -15.11 -66.70
CA GLN K 493 50.73 -14.00 -66.69
C GLN K 493 51.03 -13.58 -65.26
N ASN K 494 52.18 -12.92 -65.09
CA ASN K 494 52.62 -12.40 -63.79
C ASN K 494 52.72 -13.51 -62.75
N GLY K 495 53.14 -14.70 -63.18
CA GLY K 495 53.32 -15.81 -62.27
C GLY K 495 52.04 -16.26 -61.58
N GLY K 496 50.89 -16.06 -62.22
CA GLY K 496 49.64 -16.45 -61.61
C GLY K 496 49.51 -17.96 -61.56
N THR K 497 49.26 -18.51 -60.37
CA THR K 497 49.10 -19.95 -60.22
C THR K 497 47.86 -20.41 -60.98
N VAL K 498 48.06 -21.31 -61.93
CA VAL K 498 46.99 -21.79 -62.79
C VAL K 498 46.33 -23.00 -62.16
N ILE K 499 44.99 -23.00 -62.12
CA ILE K 499 44.21 -24.12 -61.60
C ILE K 499 43.33 -24.67 -62.72
N LEU K 500 42.64 -25.76 -62.41
CA LEU K 500 41.75 -26.42 -63.35
C LEU K 500 40.52 -26.90 -62.59
N MET K 501 39.38 -26.26 -62.83
CA MET K 501 38.13 -26.58 -62.16
C MET K 501 37.09 -26.90 -63.23
N ASP K 502 37.04 -28.17 -63.66
CA ASP K 502 36.05 -28.67 -64.61
C ASP K 502 36.08 -27.87 -65.91
N GLY K 503 37.22 -27.94 -66.59
CA GLY K 503 37.41 -27.29 -67.88
C GLY K 503 37.92 -25.85 -67.81
N LYS K 504 37.40 -25.08 -66.86
CA LYS K 504 37.81 -23.69 -66.71
C LYS K 504 39.26 -23.64 -66.22
N CYS K 505 40.17 -23.29 -67.12
CA CYS K 505 41.60 -23.22 -66.79
C CYS K 505 41.98 -21.81 -66.34
N LEU K 506 41.38 -21.39 -65.23
CA LEU K 506 41.64 -20.07 -64.69
C LEU K 506 42.96 -20.06 -63.92
N CYS K 507 43.49 -18.86 -63.72
CA CYS K 507 44.75 -18.66 -63.01
C CYS K 507 44.54 -17.68 -61.86
N ALA K 508 44.92 -18.10 -60.66
CA ALA K 508 44.82 -17.23 -59.49
C ALA K 508 45.87 -16.14 -59.56
N CYS K 509 45.42 -14.89 -59.67
CA CYS K 509 46.29 -13.74 -59.82
C CYS K 509 46.70 -13.21 -58.45
N PRO K 510 47.91 -12.64 -58.33
CA PRO K 510 48.36 -12.15 -57.02
C PRO K 510 47.47 -11.05 -56.46
N PHE K 511 47.77 -10.67 -55.22
CA PHE K 511 46.94 -9.71 -54.50
C PHE K 511 47.02 -8.33 -55.15
N LYS K 512 48.25 -7.86 -55.40
CA LYS K 512 48.47 -6.52 -55.94
C LYS K 512 48.01 -6.38 -57.39
N PHE K 513 47.56 -7.46 -58.03
CA PHE K 513 47.16 -7.43 -59.43
C PHE K 513 45.66 -7.67 -59.53
N GLU K 514 45.11 -7.37 -60.70
CA GLU K 514 43.67 -7.49 -60.93
C GLU K 514 43.34 -8.93 -61.35
N GLY K 515 42.13 -9.13 -61.87
CA GLY K 515 41.57 -10.45 -62.05
C GLY K 515 42.00 -11.22 -63.29
N ILE K 516 41.01 -11.71 -64.04
CA ILE K 516 41.23 -12.71 -65.08
C ILE K 516 42.34 -12.28 -66.04
N ALA K 517 43.13 -13.27 -66.46
CA ALA K 517 44.16 -13.15 -67.50
C ALA K 517 45.35 -12.33 -67.04
N CYS K 518 45.27 -11.73 -65.85
CA CYS K 518 46.35 -10.93 -65.27
C CYS K 518 46.93 -9.96 -66.29
N GLU K 519 46.04 -9.25 -66.99
CA GLU K 519 46.44 -8.30 -68.02
C GLU K 519 46.48 -6.87 -67.49
N ILE K 520 45.37 -6.38 -66.96
CA ILE K 520 45.31 -5.04 -66.40
C ILE K 520 45.89 -5.06 -64.99
N SER K 521 46.68 -4.03 -64.67
CA SER K 521 47.46 -4.05 -63.44
C SER K 521 46.61 -3.66 -62.22
N LYS K 522 45.98 -2.49 -62.28
CA LYS K 522 45.25 -1.93 -61.14
C LYS K 522 46.16 -1.78 -59.92
N GLN K 523 47.18 -0.95 -60.08
CA GLN K 523 48.15 -0.72 -59.02
C GLN K 523 47.57 0.17 -57.92
N LYS K 524 45.95 2.26 -60.12
CA LYS K 524 46.70 2.38 -61.37
C LYS K 524 47.92 3.27 -61.19
N ILE K 525 48.21 4.07 -62.22
CA ILE K 525 49.34 5.00 -62.20
C ILE K 525 48.78 6.41 -62.16
N SER K 526 49.44 7.27 -61.36
CA SER K 526 49.00 8.65 -61.22
C SER K 526 49.45 9.48 -62.41
N GLU K 527 48.54 10.31 -62.92
CA GLU K 527 48.80 11.19 -64.05
C GLU K 527 48.69 12.63 -63.59
N GLY K 528 49.66 13.45 -63.99
CA GLY K 528 49.66 14.86 -63.64
C GLY K 528 49.77 15.77 -64.83
N LEU K 529 48.88 16.75 -64.94
CA LEU K 529 48.87 17.71 -66.04
C LEU K 529 48.94 19.12 -65.47
N PRO K 530 50.09 19.80 -65.57
CA PRO K 530 50.17 21.18 -65.08
C PRO K 530 49.68 22.18 -66.10
N ALA K 531 48.95 21.71 -67.11
CA ALA K 531 48.46 22.57 -68.17
C ALA K 531 47.43 23.56 -67.65
N LEU K 532 47.40 24.73 -68.26
CA LEU K 532 46.45 25.75 -67.87
C LEU K 532 45.03 25.34 -68.29
N GLU K 533 44.04 25.52 -67.42
CA GLU K 533 42.67 25.14 -67.79
C GLU K 533 42.11 26.05 -68.86
N PHE K 534 41.45 25.44 -69.85
CA PHE K 534 40.88 26.20 -70.96
C PHE K 534 39.72 27.06 -70.48
N PRO K 535 38.82 26.48 -69.69
CA PRO K 535 37.66 27.22 -69.18
C PRO K 535 37.25 26.70 -67.80
N SER L 18 18.88 2.46 -81.23
CA SER L 18 18.59 1.94 -82.57
C SER L 18 17.56 0.82 -82.50
N HIS L 19 16.47 0.99 -83.25
CA HIS L 19 15.38 0.01 -83.29
C HIS L 19 15.79 -1.14 -84.22
N ILE L 20 16.67 -1.99 -83.70
CA ILE L 20 17.16 -3.15 -84.45
C ILE L 20 16.09 -4.25 -84.42
N ASP L 21 15.65 -4.67 -85.61
CA ASP L 21 14.68 -5.74 -85.72
C ASP L 21 15.36 -7.10 -85.65
N CYS L 22 14.56 -8.15 -85.56
CA CYS L 22 15.06 -9.52 -85.46
C CYS L 22 14.93 -10.19 -86.82
N ARG L 23 16.06 -10.33 -87.53
CA ARG L 23 16.11 -11.10 -88.76
C ARG L 23 16.20 -12.58 -88.38
N MET L 24 15.04 -13.15 -88.09
CA MET L 24 14.93 -14.48 -87.49
C MET L 24 13.93 -15.33 -88.25
N SER L 25 14.05 -15.37 -89.58
CA SER L 25 13.17 -16.25 -90.35
C SER L 25 13.85 -16.87 -91.57
N PRO L 26 15.01 -17.56 -91.42
CA PRO L 26 15.51 -18.39 -92.52
C PRO L 26 14.84 -19.74 -92.53
N TRP L 27 13.98 -19.99 -93.51
CA TRP L 27 13.22 -21.22 -93.58
C TRP L 27 13.95 -22.26 -94.43
N SER L 28 13.73 -23.53 -94.09
CA SER L 28 14.35 -24.65 -94.76
C SER L 28 13.29 -25.48 -95.48
N GLU L 29 13.75 -26.53 -96.16
CA GLU L 29 12.85 -27.40 -96.92
C GLU L 29 12.25 -28.48 -96.04
N TRP L 30 11.01 -28.86 -96.36
CA TRP L 30 10.35 -29.94 -95.65
C TRP L 30 11.11 -31.24 -95.83
N SER L 31 11.48 -31.87 -94.72
CA SER L 31 12.26 -33.10 -94.75
C SER L 31 11.32 -34.32 -94.87
N GLN L 32 11.92 -35.51 -94.83
CA GLN L 32 11.14 -36.73 -94.95
C GLN L 32 10.38 -37.00 -93.66
N CYS L 33 9.18 -37.56 -93.79
CA CYS L 33 8.34 -37.85 -92.64
C CYS L 33 8.85 -39.09 -91.91
N ASP L 34 8.60 -39.11 -90.60
CA ASP L 34 8.99 -40.24 -89.76
C ASP L 34 7.85 -41.25 -89.71
N PRO L 35 8.08 -42.51 -90.09
CA PRO L 35 7.00 -43.49 -90.07
C PRO L 35 6.54 -43.84 -88.66
N CYS L 36 7.48 -44.16 -87.78
CA CYS L 36 7.13 -44.57 -86.42
C CYS L 36 6.76 -43.40 -85.54
N LEU L 37 7.52 -42.30 -85.62
CA LEU L 37 7.25 -41.15 -84.78
C LEU L 37 6.04 -40.35 -85.27
N ARG L 38 5.79 -40.35 -86.59
CA ARG L 38 4.67 -39.64 -87.20
C ARG L 38 4.73 -38.14 -86.87
N GLN L 39 5.81 -37.50 -87.34
CA GLN L 39 6.04 -36.09 -87.09
C GLN L 39 6.83 -35.52 -88.25
N MET L 40 6.63 -34.22 -88.52
CA MET L 40 7.30 -33.53 -89.61
C MET L 40 8.34 -32.57 -89.03
N PHE L 41 9.27 -32.16 -89.89
CA PHE L 41 10.49 -31.47 -89.47
C PHE L 41 10.74 -30.23 -90.34
N ARG L 42 9.74 -29.36 -90.47
CA ARG L 42 10.00 -28.03 -91.00
C ARG L 42 11.03 -27.33 -90.10
N SER L 43 12.18 -27.01 -90.67
CA SER L 43 13.31 -26.53 -89.90
C SER L 43 13.38 -25.01 -89.89
N ARG L 44 14.25 -24.47 -89.04
CA ARG L 44 14.41 -23.04 -88.87
C ARG L 44 15.74 -22.81 -88.16
N SER L 45 16.10 -21.52 -88.04
CA SER L 45 17.35 -21.15 -87.38
C SER L 45 17.23 -19.70 -86.91
N ILE L 46 17.91 -19.40 -85.81
CA ILE L 46 17.94 -18.05 -85.24
C ILE L 46 19.21 -17.36 -85.69
N GLU L 47 19.08 -16.08 -86.09
CA GLU L 47 20.21 -15.32 -86.60
C GLU L 47 20.48 -14.05 -85.79
N VAL L 48 19.46 -13.25 -85.52
CA VAL L 48 19.63 -11.94 -84.91
C VAL L 48 18.68 -11.81 -83.72
N PHE L 49 19.21 -11.36 -82.58
CA PHE L 49 18.41 -11.13 -81.39
C PHE L 49 17.87 -9.70 -81.33
N GLY L 50 18.77 -8.72 -81.36
CA GLY L 50 18.41 -7.34 -81.11
C GLY L 50 19.01 -6.83 -79.82
N GLN L 51 20.09 -6.05 -79.93
CA GLN L 51 20.86 -5.64 -78.75
C GLN L 51 20.20 -4.50 -77.98
N PHE L 52 19.26 -3.79 -78.58
CA PHE L 52 18.71 -2.57 -78.00
C PHE L 52 17.24 -2.77 -77.67
N ASN L 53 16.58 -1.68 -77.29
CA ASN L 53 15.18 -1.62 -76.83
C ASN L 53 14.17 -1.93 -77.92
N GLY L 54 14.58 -2.35 -79.11
CA GLY L 54 13.65 -2.65 -80.19
C GLY L 54 12.76 -3.85 -79.93
N LYS L 55 12.18 -4.39 -81.00
CA LYS L 55 11.23 -5.49 -80.88
C LYS L 55 11.91 -6.73 -80.30
N ARG L 56 11.47 -7.15 -79.12
CA ARG L 56 11.95 -8.40 -78.54
C ARG L 56 11.36 -9.58 -79.30
N CYS L 57 12.21 -10.58 -79.56
CA CYS L 57 11.81 -11.73 -80.37
C CYS L 57 12.31 -13.00 -79.68
N THR L 58 11.39 -13.70 -79.01
CA THR L 58 11.68 -14.95 -78.32
C THR L 58 11.08 -16.15 -79.05
N ASP L 59 10.93 -16.05 -80.37
CA ASP L 59 10.34 -17.13 -81.16
C ASP L 59 11.22 -18.36 -81.11
N ALA L 60 10.62 -19.48 -80.68
CA ALA L 60 11.36 -20.73 -80.59
C ALA L 60 11.67 -21.29 -81.98
N VAL L 61 12.82 -21.94 -82.09
CA VAL L 61 13.25 -22.55 -83.34
C VAL L 61 12.68 -23.95 -83.43
N GLY L 62 12.05 -24.26 -84.57
CA GLY L 62 11.49 -25.58 -84.78
C GLY L 62 10.01 -25.56 -85.12
N ASP L 63 9.56 -26.56 -85.86
CA ASP L 63 8.16 -26.67 -86.26
C ASP L 63 7.82 -28.13 -86.48
N ARG L 64 6.60 -28.51 -86.07
CA ARG L 64 6.13 -29.88 -86.20
C ARG L 64 4.82 -29.91 -86.97
N ARG L 65 4.48 -31.09 -87.48
CA ARG L 65 3.29 -31.29 -88.29
C ARG L 65 3.02 -32.78 -88.41
N GLN L 66 1.74 -33.13 -88.44
CA GLN L 66 1.33 -34.52 -88.60
C GLN L 66 1.52 -34.96 -90.04
N CYS L 67 1.95 -36.21 -90.23
CA CYS L 67 2.23 -36.74 -91.56
C CYS L 67 1.76 -38.19 -91.63
N VAL L 68 1.21 -38.57 -92.78
CA VAL L 68 0.79 -39.95 -93.02
C VAL L 68 2.05 -40.80 -93.23
N PRO L 69 2.25 -41.84 -92.43
CA PRO L 69 3.46 -42.67 -92.59
C PRO L 69 3.40 -43.53 -93.83
N THR L 70 4.55 -43.70 -94.46
CA THR L 70 4.67 -44.53 -95.66
C THR L 70 5.48 -45.79 -95.46
N GLU L 71 6.37 -45.83 -94.47
CA GLU L 71 7.13 -47.03 -94.18
C GLU L 71 6.35 -47.93 -93.22
N PRO L 72 6.58 -49.24 -93.27
CA PRO L 72 5.80 -50.15 -92.41
C PRO L 72 6.13 -50.04 -90.93
N CYS L 73 7.25 -49.42 -90.57
CA CYS L 73 7.69 -49.29 -89.18
C CYS L 73 7.84 -50.68 -88.54
N GLU L 74 8.73 -51.48 -89.12
CA GLU L 74 8.97 -52.84 -88.62
C GLU L 74 9.87 -52.84 -87.41
N ASP L 75 10.76 -51.86 -87.28
CA ASP L 75 11.66 -51.79 -86.13
C ASP L 75 10.87 -51.48 -84.87
N ALA L 76 11.15 -52.23 -83.81
CA ALA L 76 10.48 -52.04 -82.54
C ALA L 76 11.43 -52.41 -81.41
N GLU L 77 11.07 -51.98 -80.20
CA GLU L 77 11.88 -52.22 -79.01
C GLU L 77 11.35 -53.45 -78.31
N ASP L 78 12.12 -54.54 -78.34
CA ASP L 78 11.74 -55.76 -77.66
C ASP L 78 11.90 -55.59 -76.15
N ASP L 79 11.22 -56.47 -75.40
CA ASP L 79 11.28 -56.41 -73.94
C ASP L 79 12.52 -57.13 -73.41
N CYS L 80 13.68 -56.76 -73.94
CA CYS L 80 15.00 -57.14 -73.45
C CYS L 80 15.26 -58.65 -73.52
N GLY L 81 14.26 -59.42 -73.94
CA GLY L 81 14.37 -60.85 -74.16
C GLY L 81 15.06 -61.64 -73.07
N ASN L 82 15.08 -61.12 -71.83
CA ASN L 82 15.84 -61.72 -70.75
C ASN L 82 14.95 -62.25 -69.63
N ASP L 83 14.12 -61.40 -69.03
CA ASP L 83 13.36 -61.80 -67.85
C ASP L 83 12.05 -61.02 -67.83
N PHE L 84 11.40 -61.01 -66.67
CA PHE L 84 10.09 -60.36 -66.51
C PHE L 84 10.17 -58.87 -66.80
N GLN L 85 9.36 -58.42 -67.75
CA GLN L 85 9.26 -56.99 -68.05
C GLN L 85 8.33 -56.30 -67.06
N CYS L 86 8.69 -55.09 -66.66
CA CYS L 86 7.84 -54.30 -65.79
C CYS L 86 6.73 -53.64 -66.61
N SER L 87 5.85 -52.92 -65.92
CA SER L 87 4.73 -52.27 -66.57
C SER L 87 5.13 -51.03 -67.37
N THR L 88 6.41 -50.68 -67.41
CA THR L 88 6.87 -49.49 -68.12
C THR L 88 7.88 -49.77 -69.23
N GLY L 89 8.56 -50.90 -69.20
CA GLY L 89 9.50 -51.22 -70.25
C GLY L 89 10.86 -51.70 -69.79
N ARG L 90 11.14 -51.60 -68.50
CA ARG L 90 12.41 -52.03 -67.96
C ARG L 90 12.34 -53.52 -67.59
N CYS L 91 13.47 -54.07 -67.15
CA CYS L 91 13.59 -55.50 -66.92
C CYS L 91 14.31 -55.78 -65.61
N ILE L 92 13.90 -56.88 -64.96
CA ILE L 92 14.62 -57.39 -63.80
C ILE L 92 15.98 -57.93 -64.22
N LYS L 93 17.03 -57.55 -63.48
CA LYS L 93 18.34 -58.13 -63.76
C LYS L 93 18.48 -59.50 -63.11
N MET L 94 18.50 -59.55 -61.77
CA MET L 94 18.52 -60.84 -61.08
C MET L 94 17.55 -60.94 -59.90
N ARG L 95 17.23 -59.85 -59.20
CA ARG L 95 16.47 -59.94 -57.96
C ARG L 95 15.45 -58.82 -57.81
N LEU L 96 14.89 -58.35 -58.93
CA LEU L 96 13.85 -57.33 -58.88
C LEU L 96 12.47 -57.91 -58.59
N ARG L 97 12.40 -59.14 -58.09
CA ARG L 97 11.14 -59.76 -57.72
C ARG L 97 10.69 -59.23 -56.37
N CYS L 98 9.71 -59.89 -55.75
CA CYS L 98 9.09 -59.41 -54.51
C CYS L 98 10.10 -59.58 -53.37
N ASN L 99 11.07 -58.65 -53.34
CA ASN L 99 12.12 -58.66 -52.31
C ASN L 99 12.35 -57.25 -51.78
N GLY L 100 11.31 -56.43 -51.72
CA GLY L 100 11.45 -55.07 -51.22
C GLY L 100 12.25 -54.15 -52.11
N ASP L 101 12.30 -54.42 -53.41
CA ASP L 101 13.04 -53.61 -54.38
C ASP L 101 12.03 -52.85 -55.24
N ASN L 102 11.76 -51.61 -54.85
CA ASN L 102 10.80 -50.77 -55.56
C ASN L 102 11.50 -50.05 -56.71
N ASP L 103 11.09 -50.35 -57.94
CA ASP L 103 11.74 -49.80 -59.12
C ASP L 103 10.80 -48.93 -59.96
N CYS L 104 9.63 -49.45 -60.33
CA CYS L 104 8.77 -48.76 -61.31
C CYS L 104 7.82 -47.77 -60.65
N GLY L 105 6.94 -48.26 -59.77
CA GLY L 105 5.95 -47.45 -59.11
C GLY L 105 5.89 -47.74 -57.62
N ASP L 106 4.71 -47.53 -57.05
CA ASP L 106 4.52 -47.83 -55.64
C ASP L 106 4.55 -49.33 -55.40
N PHE L 107 3.76 -50.09 -56.16
CA PHE L 107 3.73 -51.55 -56.04
C PHE L 107 3.68 -52.22 -57.41
N SER L 108 4.29 -51.60 -58.43
CA SER L 108 4.25 -52.16 -59.77
C SER L 108 5.05 -53.46 -59.85
N ASP L 109 6.30 -53.43 -59.39
CA ASP L 109 7.12 -54.64 -59.44
C ASP L 109 6.69 -55.64 -58.37
N GLU L 110 6.36 -55.17 -57.17
CA GLU L 110 5.92 -56.02 -56.08
C GLU L 110 4.43 -56.37 -56.17
N ASP L 111 3.79 -56.17 -57.32
CA ASP L 111 2.38 -56.50 -57.46
C ASP L 111 2.13 -57.98 -57.23
N ASP L 112 2.93 -58.83 -57.87
CA ASP L 112 2.79 -60.28 -57.77
C ASP L 112 3.83 -60.79 -56.78
N CYS L 113 3.37 -61.29 -55.63
CA CYS L 113 4.24 -61.84 -54.59
C CYS L 113 3.79 -63.26 -54.30
N GLU L 114 4.46 -64.24 -54.91
CA GLU L 114 4.14 -65.64 -54.67
C GLU L 114 4.86 -66.18 -53.44
N SER L 115 6.14 -65.89 -53.31
CA SER L 115 6.92 -66.33 -52.16
C SER L 115 6.72 -65.37 -50.98
N GLU L 116 7.33 -65.70 -49.86
CA GLU L 116 7.22 -64.86 -48.68
C GLU L 116 7.92 -63.53 -48.90
N PRO L 117 7.41 -62.44 -48.31
CA PRO L 117 8.06 -61.13 -48.48
C PRO L 117 9.39 -61.03 -47.75
N ARG L 118 10.41 -61.69 -48.30
CA ARG L 118 11.74 -61.68 -47.69
C ARG L 118 12.31 -60.27 -47.71
N PRO L 119 12.68 -59.71 -46.56
CA PRO L 119 13.26 -58.36 -46.56
C PRO L 119 14.68 -58.38 -47.11
N PRO L 120 15.06 -57.37 -47.88
CA PRO L 120 16.41 -57.34 -48.45
C PRO L 120 17.46 -56.94 -47.42
N CYS L 121 17.06 -56.13 -46.43
CA CYS L 121 17.97 -55.64 -45.41
C CYS L 121 17.25 -55.64 -44.07
N ARG L 122 17.91 -56.17 -43.04
CA ARG L 122 17.29 -56.32 -41.73
C ARG L 122 17.56 -55.14 -40.81
N ASP L 123 18.75 -54.53 -40.89
CA ASP L 123 19.08 -53.42 -40.02
C ASP L 123 18.20 -52.20 -40.33
N ARG L 124 18.03 -51.36 -39.32
CA ARG L 124 17.21 -50.16 -39.45
C ARG L 124 18.02 -49.07 -40.13
N VAL L 125 17.72 -48.79 -41.40
CA VAL L 125 18.40 -47.77 -42.18
C VAL L 125 17.35 -46.81 -42.69
N VAL L 126 17.40 -45.56 -42.22
CA VAL L 126 16.39 -44.58 -42.59
C VAL L 126 16.60 -44.15 -44.04
N GLU L 127 15.50 -43.94 -44.75
CA GLU L 127 15.57 -43.52 -46.14
C GLU L 127 16.15 -42.11 -46.24
N GLU L 128 16.79 -41.84 -47.37
CA GLU L 128 17.44 -40.55 -47.62
C GLU L 128 16.38 -39.49 -47.87
N SER L 129 15.99 -38.77 -46.82
CA SER L 129 14.90 -37.80 -46.89
C SER L 129 15.46 -36.41 -47.19
N GLU L 130 15.10 -35.86 -48.35
CA GLU L 130 15.42 -34.51 -48.78
C GLU L 130 16.92 -34.27 -48.90
N LEU L 131 17.74 -35.32 -48.78
CA LEU L 131 19.18 -35.24 -48.91
C LEU L 131 19.55 -35.49 -50.37
N ALA L 132 20.82 -35.80 -50.64
CA ALA L 132 21.35 -35.92 -51.99
C ALA L 132 20.66 -37.01 -52.83
N ARG L 133 19.66 -37.68 -52.26
CA ARG L 133 18.85 -38.65 -52.98
C ARG L 133 18.44 -38.14 -54.36
N THR L 134 18.08 -36.85 -54.44
CA THR L 134 17.78 -36.20 -55.72
C THR L 134 19.08 -35.62 -56.26
N ALA L 135 19.92 -36.50 -56.82
CA ALA L 135 21.25 -36.15 -57.28
C ALA L 135 21.29 -35.76 -58.76
N GLY L 136 20.17 -35.83 -59.46
CA GLY L 136 20.13 -35.45 -60.86
C GLY L 136 19.87 -33.96 -61.01
N TYR L 137 20.59 -33.36 -61.96
CA TYR L 137 20.49 -31.92 -62.19
C TYR L 137 20.67 -31.64 -63.67
N GLY L 138 19.88 -30.69 -64.18
CA GLY L 138 19.88 -30.35 -65.58
C GLY L 138 20.40 -28.96 -65.88
N ILE L 139 21.51 -28.59 -65.23
CA ILE L 139 22.03 -27.23 -65.35
C ILE L 139 22.30 -26.88 -66.80
N ASN L 140 22.00 -25.64 -67.17
CA ASN L 140 22.23 -25.11 -68.50
C ASN L 140 23.42 -24.16 -68.44
N ILE L 141 24.44 -24.43 -69.25
CA ILE L 141 25.63 -23.57 -69.28
C ILE L 141 25.25 -22.17 -69.76
N LEU L 142 24.26 -22.07 -70.65
CA LEU L 142 23.78 -20.79 -71.14
C LEU L 142 22.56 -20.28 -70.37
N GLY L 143 21.99 -21.11 -69.49
CA GLY L 143 20.77 -20.74 -68.80
C GLY L 143 20.95 -20.27 -67.37
N MET L 144 20.55 -21.08 -66.41
CA MET L 144 20.51 -20.68 -65.01
C MET L 144 20.78 -21.91 -64.14
N ASP L 145 20.39 -21.83 -62.86
CA ASP L 145 20.61 -22.84 -61.85
C ASP L 145 20.15 -24.23 -62.31
N PRO L 146 20.68 -25.30 -61.72
CA PRO L 146 20.35 -26.65 -62.20
C PRO L 146 18.86 -26.96 -62.10
N LEU L 147 18.41 -27.86 -62.97
CA LEU L 147 17.02 -28.25 -63.08
C LEU L 147 16.79 -29.54 -62.28
N SER L 148 15.62 -30.15 -62.46
CA SER L 148 15.26 -31.35 -61.72
C SER L 148 16.09 -32.54 -62.20
N THR L 149 15.83 -33.70 -61.60
CA THR L 149 16.61 -34.89 -61.90
C THR L 149 16.16 -35.51 -63.23
N PRO L 150 17.09 -35.86 -64.11
CA PRO L 150 16.74 -36.49 -65.38
C PRO L 150 16.63 -38.01 -65.34
N PHE L 151 16.90 -38.64 -64.21
CA PHE L 151 16.93 -40.10 -64.13
C PHE L 151 16.34 -40.56 -62.80
N ASP L 152 16.02 -41.85 -62.73
CA ASP L 152 15.51 -42.45 -61.52
C ASP L 152 16.64 -42.66 -60.52
N ASN L 153 16.44 -42.20 -59.29
CA ASN L 153 17.47 -42.28 -58.25
C ASN L 153 16.99 -43.02 -57.02
N GLU L 154 15.91 -43.80 -57.12
CA GLU L 154 15.39 -44.56 -56.00
C GLU L 154 15.68 -46.05 -56.08
N PHE L 155 15.79 -46.59 -57.30
CA PHE L 155 16.04 -48.02 -57.47
C PHE L 155 17.42 -48.40 -56.95
N TYR L 156 17.50 -49.58 -56.33
CA TYR L 156 18.76 -50.13 -55.85
C TYR L 156 18.86 -51.59 -56.28
N ASN L 157 20.09 -52.07 -56.42
CA ASN L 157 20.32 -53.39 -56.98
C ASN L 157 20.16 -54.50 -55.95
N GLY L 158 20.99 -54.49 -54.91
CA GLY L 158 21.01 -55.60 -53.97
C GLY L 158 21.06 -55.22 -52.51
N LEU L 159 22.06 -55.72 -51.79
CA LEU L 159 22.20 -55.46 -50.36
C LEU L 159 22.48 -53.97 -50.13
N CYS L 160 21.72 -53.38 -49.20
CA CYS L 160 21.87 -51.96 -48.90
C CYS L 160 23.29 -51.63 -48.51
N ASN L 161 23.85 -50.61 -49.16
CA ASN L 161 25.20 -50.13 -48.84
C ASN L 161 25.06 -49.04 -47.78
N ARG L 162 25.58 -49.33 -46.59
CA ARG L 162 25.40 -48.43 -45.46
C ARG L 162 26.13 -47.11 -45.68
N ASP L 163 25.52 -46.04 -45.17
CA ASP L 163 26.03 -44.68 -45.26
C ASP L 163 26.11 -44.07 -43.86
N ARG L 164 26.73 -44.81 -42.95
CA ARG L 164 26.72 -44.48 -41.52
C ARG L 164 27.61 -43.26 -41.29
N ASP L 165 27.04 -42.09 -41.55
CA ASP L 165 27.72 -40.82 -41.39
C ASP L 165 26.68 -39.72 -41.36
N GLY L 166 27.11 -38.53 -40.93
CA GLY L 166 26.25 -37.37 -40.86
C GLY L 166 26.40 -36.66 -39.54
N ASN L 167 25.54 -35.65 -39.35
CA ASN L 167 25.57 -34.86 -38.13
C ASN L 167 25.15 -35.68 -36.93
N THR L 168 23.97 -36.29 -37.00
CA THR L 168 23.44 -37.10 -35.91
C THR L 168 23.73 -38.57 -36.16
N LEU L 169 23.21 -39.44 -35.30
CA LEU L 169 23.38 -40.89 -35.41
C LEU L 169 22.19 -41.45 -36.18
N THR L 170 22.35 -41.61 -37.49
CA THR L 170 21.29 -42.13 -38.34
C THR L 170 21.92 -42.77 -39.57
N TYR L 171 21.26 -43.79 -40.10
CA TYR L 171 21.76 -44.57 -41.22
C TYR L 171 20.95 -44.23 -42.47
N TYR L 172 21.63 -43.76 -43.50
CA TYR L 172 21.02 -43.44 -44.78
C TYR L 172 21.36 -44.50 -45.82
N ARG L 173 20.65 -44.45 -46.94
CA ARG L 173 20.87 -45.35 -48.06
C ARG L 173 21.47 -44.59 -49.24
N ARG L 174 22.31 -45.29 -49.99
CA ARG L 174 22.88 -44.75 -51.22
C ARG L 174 22.35 -45.54 -52.41
N PRO L 175 21.60 -44.93 -53.31
CA PRO L 175 21.01 -45.68 -54.42
C PRO L 175 22.06 -46.21 -55.37
N TRP L 176 21.65 -47.21 -56.15
CA TRP L 176 22.54 -47.84 -57.12
C TRP L 176 22.92 -46.88 -58.25
N ASN L 177 22.14 -45.84 -58.46
CA ASN L 177 22.48 -44.84 -59.46
C ASN L 177 23.59 -43.90 -58.99
N VAL L 178 23.63 -43.60 -57.70
CA VAL L 178 24.64 -42.71 -57.13
C VAL L 178 25.84 -43.56 -56.69
N ALA L 179 27.00 -43.26 -57.27
CA ALA L 179 28.19 -44.04 -56.96
C ALA L 179 28.77 -43.70 -55.59
N SER L 180 28.61 -42.45 -55.14
CA SER L 180 29.19 -42.03 -53.88
C SER L 180 28.30 -40.98 -53.23
N LEU L 181 28.42 -40.86 -51.91
CA LEU L 181 27.66 -39.87 -51.15
C LEU L 181 28.49 -39.51 -49.92
N ILE L 182 29.23 -38.40 -50.00
CA ILE L 182 30.08 -37.94 -48.91
C ILE L 182 29.31 -36.94 -48.06
N TYR L 183 29.62 -36.92 -46.76
CA TYR L 183 28.95 -36.06 -45.80
C TYR L 183 29.92 -35.10 -45.13
N GLU L 184 30.99 -34.72 -45.83
CA GLU L 184 31.99 -33.81 -45.27
C GLU L 184 31.38 -32.43 -45.07
N THR L 185 31.48 -31.91 -43.85
CA THR L 185 30.94 -30.59 -43.52
C THR L 185 32.04 -29.52 -43.62
N LYS L 186 32.60 -29.41 -44.82
CA LYS L 186 33.66 -28.44 -45.06
C LYS L 186 33.13 -27.02 -44.96
N GLY L 187 34.01 -26.09 -44.60
CA GLY L 187 33.65 -24.69 -44.50
C GLY L 187 34.85 -23.77 -44.62
N GLU L 188 34.71 -22.70 -45.40
CA GLU L 188 35.81 -21.78 -45.62
C GLU L 188 35.25 -20.40 -45.97
N LYS L 189 36.11 -19.40 -45.90
CA LYS L 189 35.74 -18.03 -46.21
C LYS L 189 36.99 -17.25 -46.57
N ASN L 190 36.79 -16.12 -47.24
CA ASN L 190 37.89 -15.27 -47.67
C ASN L 190 37.45 -13.82 -47.64
N PHE L 191 38.41 -12.92 -47.43
CA PHE L 191 38.14 -11.50 -47.38
C PHE L 191 39.35 -10.75 -47.94
N ARG L 192 39.09 -9.58 -48.52
CA ARG L 192 40.13 -8.76 -49.09
C ARG L 192 39.74 -7.29 -48.97
N THR L 193 40.76 -6.43 -49.02
CA THR L 193 40.53 -4.99 -48.92
C THR L 193 41.69 -4.27 -49.60
N GLU L 194 41.43 -3.01 -49.97
CA GLU L 194 42.44 -2.21 -50.65
C GLU L 194 42.07 -0.74 -50.50
N HIS L 195 43.06 0.12 -50.69
CA HIS L 195 42.87 1.56 -50.60
C HIS L 195 43.80 2.26 -51.59
N TYR L 196 43.27 3.25 -52.29
CA TYR L 196 44.02 4.04 -53.25
C TYR L 196 43.95 5.51 -52.87
N GLU L 197 45.04 6.24 -53.08
CA GLU L 197 45.11 7.64 -52.74
C GLU L 197 45.94 8.39 -53.78
N GLU L 198 45.46 9.57 -54.16
CA GLU L 198 46.15 10.43 -55.13
C GLU L 198 45.97 11.88 -54.72
N GLN L 199 47.04 12.65 -54.81
CA GLN L 199 47.02 14.06 -54.44
C GLN L 199 48.02 14.82 -55.28
N ILE L 200 47.62 16.00 -55.76
CA ILE L 200 48.48 16.85 -56.56
C ILE L 200 48.12 18.30 -56.28
N GLU L 201 49.15 19.16 -56.21
CA GLU L 201 48.96 20.58 -55.96
C GLU L 201 49.96 21.37 -56.80
N ALA L 202 49.53 22.53 -57.28
CA ALA L 202 50.38 23.40 -58.09
C ALA L 202 50.07 24.84 -57.78
N PHE L 203 51.11 25.60 -57.39
CA PHE L 203 50.98 27.02 -57.08
C PHE L 203 51.87 27.82 -58.02
N LYS L 204 51.34 28.95 -58.50
CA LYS L 204 52.06 29.83 -59.41
C LYS L 204 51.76 31.28 -59.06
N SER L 205 52.79 32.11 -59.08
CA SER L 205 52.64 33.53 -58.80
C SER L 205 53.64 34.31 -59.65
N ILE L 206 53.14 35.34 -60.33
CA ILE L 206 53.96 36.17 -61.21
C ILE L 206 53.65 37.63 -60.94
N ILE L 207 54.68 38.45 -60.75
CA ILE L 207 54.53 39.87 -60.49
C ILE L 207 55.55 40.62 -61.34
N GLN L 208 55.18 41.82 -61.79
CA GLN L 208 56.05 42.66 -62.60
C GLN L 208 56.08 44.07 -62.02
N GLU L 209 57.24 44.72 -62.15
CA GLU L 209 57.44 46.05 -61.59
C GLU L 209 58.31 46.86 -62.53
N LYS L 210 57.81 48.01 -62.96
CA LYS L 210 58.53 48.90 -63.87
C LYS L 210 58.05 50.33 -63.65
N THR L 211 58.99 51.25 -63.52
CA THR L 211 58.67 52.66 -63.35
C THR L 211 59.57 53.48 -64.28
N SER L 212 58.98 54.46 -64.97
CA SER L 212 59.69 55.30 -65.91
C SER L 212 59.42 56.76 -65.58
N ASN L 213 60.49 57.55 -65.49
CA ASN L 213 60.41 58.97 -65.18
C ASN L 213 61.39 59.74 -66.06
N PHE L 214 60.98 60.92 -66.50
CA PHE L 214 61.81 61.75 -67.37
C PHE L 214 61.63 63.21 -67.01
N ASN L 215 62.75 63.94 -66.94
CA ASN L 215 62.77 65.38 -66.70
C ASN L 215 63.73 66.05 -67.66
N ALA L 216 63.34 67.25 -68.11
CA ALA L 216 64.18 68.02 -69.04
C ALA L 216 63.84 69.50 -68.85
N ALA L 217 64.73 70.22 -68.19
CA ALA L 217 64.56 71.64 -67.91
C ALA L 217 65.63 72.43 -68.63
N ILE L 218 65.21 73.44 -69.40
CA ILE L 218 66.13 74.31 -70.14
C ILE L 218 65.61 75.74 -70.04
N SER L 219 66.53 76.69 -69.87
CA SER L 219 66.19 78.10 -69.76
C SER L 219 67.26 78.94 -70.43
N LEU L 220 66.85 80.05 -71.03
CA LEU L 220 67.75 80.95 -71.73
C LEU L 220 67.41 82.38 -71.39
N LYS L 221 68.44 83.19 -71.14
CA LYS L 221 68.28 84.60 -70.84
C LYS L 221 69.39 85.38 -71.53
N PHE L 222 69.02 86.47 -72.21
CA PHE L 222 69.97 87.29 -72.94
C PHE L 222 69.57 88.75 -72.82
N THR L 223 70.55 89.61 -72.51
CA THR L 223 70.32 91.05 -72.41
C THR L 223 71.54 91.79 -72.92
N PRO L 224 71.47 92.40 -74.12
CA PRO L 224 72.59 93.15 -74.68
C PRO L 224 72.74 94.54 -74.05
N SER L 242 67.12 99.68 -75.46
CA SER L 242 67.17 98.57 -74.50
C SER L 242 66.50 97.33 -75.06
N LEU L 243 67.08 96.17 -74.78
CA LEU L 243 66.56 94.89 -75.24
C LEU L 243 66.71 93.86 -74.13
N HIS L 244 65.68 93.05 -73.94
CA HIS L 244 65.67 92.03 -72.90
C HIS L 244 65.08 90.74 -73.46
N GLY L 245 65.62 89.62 -72.99
CA GLY L 245 65.13 88.32 -73.40
C GLY L 245 65.10 87.32 -72.26
N LYS L 246 63.96 86.66 -72.07
CA LYS L 246 63.79 85.70 -70.99
C LYS L 246 62.97 84.53 -71.49
N GLY L 247 63.47 83.31 -71.25
CA GLY L 247 62.76 82.11 -71.65
C GLY L 247 63.07 80.94 -70.73
N SER L 248 62.04 80.20 -70.34
CA SER L 248 62.20 79.05 -69.45
C SER L 248 61.25 77.95 -69.87
N PHE L 249 61.78 76.75 -70.05
CA PHE L 249 61.00 75.57 -70.42
C PHE L 249 61.01 74.58 -69.26
N ARG L 250 59.85 73.99 -69.00
CA ARG L 250 59.72 73.00 -67.92
C ARG L 250 58.92 71.82 -68.43
N PHE L 251 59.38 70.62 -68.09
CA PHE L 251 58.73 69.39 -68.54
C PHE L 251 58.93 68.30 -67.50
N SER L 252 57.88 67.50 -67.30
CA SER L 252 57.91 66.39 -66.36
C SER L 252 57.20 65.20 -66.99
N TYR L 253 57.37 64.03 -66.37
CA TYR L 253 56.85 62.79 -66.93
C TYR L 253 56.68 61.76 -65.83
N SER L 254 55.61 60.98 -65.91
CA SER L 254 55.32 59.95 -64.91
C SER L 254 54.47 58.84 -65.53
N LYS L 255 54.79 57.59 -65.18
CA LYS L 255 54.04 56.44 -65.67
C LYS L 255 54.54 55.20 -64.94
N ASN L 256 53.66 54.51 -64.23
CA ASN L 256 54.02 53.24 -63.62
C ASN L 256 52.98 52.22 -64.04
N GLU L 257 53.40 50.96 -64.15
CA GLU L 257 52.50 49.90 -64.60
C GLU L 257 52.91 48.60 -63.92
N THR L 258 52.16 48.19 -62.90
CA THR L 258 52.42 46.97 -62.17
C THR L 258 51.53 45.84 -62.69
N TYR L 259 52.09 44.63 -62.73
CA TYR L 259 51.36 43.45 -63.15
C TYR L 259 51.36 42.42 -62.02
N GLN L 260 50.28 41.66 -61.92
CA GLN L 260 50.19 40.61 -60.92
C GLN L 260 49.44 39.42 -61.50
N LEU L 261 49.97 38.22 -61.24
CA LEU L 261 49.37 36.99 -61.72
C LEU L 261 49.41 35.94 -60.62
N PHE L 262 48.35 35.14 -60.53
CA PHE L 262 48.27 34.07 -59.55
C PHE L 262 47.52 32.89 -60.13
N LEU L 263 48.01 31.69 -59.88
CA LEU L 263 47.40 30.47 -60.38
C LEU L 263 47.54 29.37 -59.34
N SER L 264 46.47 28.59 -59.18
CA SER L 264 46.45 27.49 -58.22
C SER L 264 45.66 26.32 -58.80
N TYR L 265 46.14 25.10 -58.54
CA TYR L 265 45.48 23.90 -59.02
C TYR L 265 45.70 22.78 -58.01
N SER L 266 44.64 22.04 -57.71
CA SER L 266 44.71 20.94 -56.77
C SER L 266 43.67 19.89 -57.14
N SER L 267 44.06 18.62 -57.02
CA SER L 267 43.17 17.52 -57.33
C SER L 267 43.49 16.35 -56.41
N LYS L 268 42.43 15.68 -55.94
CA LYS L 268 42.57 14.54 -55.05
C LYS L 268 41.65 13.42 -55.51
N LYS L 269 42.16 12.18 -55.51
CA LYS L 269 41.40 11.02 -55.93
C LYS L 269 41.61 9.89 -54.93
N GLU L 270 40.55 9.15 -54.65
CA GLU L 270 40.59 8.03 -53.72
C GLU L 270 39.71 6.90 -54.26
N LYS L 271 40.17 5.66 -54.08
CA LYS L 271 39.45 4.49 -54.54
C LYS L 271 39.59 3.37 -53.53
N MET L 272 38.49 2.66 -53.28
CA MET L 272 38.47 1.57 -52.32
C MET L 272 37.75 0.37 -52.93
N PHE L 273 38.33 -0.81 -52.78
CA PHE L 273 37.75 -2.05 -53.29
C PHE L 273 37.93 -3.14 -52.25
N LEU L 274 36.82 -3.76 -51.85
CA LEU L 274 36.86 -4.81 -50.84
C LEU L 274 35.66 -5.72 -51.03
N HIS L 275 35.85 -7.01 -50.79
CA HIS L 275 34.79 -7.99 -50.93
C HIS L 275 35.11 -9.20 -50.07
N VAL L 276 34.08 -9.98 -49.78
CA VAL L 276 34.21 -11.18 -48.96
C VAL L 276 33.24 -12.24 -49.48
N LYS L 277 33.64 -13.50 -49.34
CA LYS L 277 32.82 -14.62 -49.80
C LYS L 277 33.04 -15.81 -48.89
N GLY L 278 31.99 -16.56 -48.64
CA GLY L 278 32.07 -17.74 -47.81
C GLY L 278 31.15 -18.83 -48.33
N GLU L 279 31.57 -20.08 -48.13
CA GLU L 279 30.81 -21.24 -48.61
C GLU L 279 30.76 -22.28 -47.51
N ILE L 280 29.55 -22.63 -47.08
CA ILE L 280 29.33 -23.66 -46.09
C ILE L 280 28.96 -24.94 -46.84
N HIS L 281 29.92 -25.84 -46.97
CA HIS L 281 29.70 -27.10 -47.65
C HIS L 281 28.96 -28.07 -46.76
N LEU L 282 28.02 -28.82 -47.34
CA LEU L 282 27.20 -29.77 -46.61
C LEU L 282 27.46 -31.21 -47.03
N GLY L 283 27.32 -31.52 -48.32
CA GLY L 283 27.50 -32.89 -48.78
C GLY L 283 28.00 -32.91 -50.21
N ARG L 284 28.55 -34.06 -50.59
CA ARG L 284 29.14 -34.23 -51.91
C ARG L 284 28.81 -35.64 -52.42
N PHE L 285 28.58 -35.73 -53.73
CA PHE L 285 28.23 -37.00 -54.36
C PHE L 285 28.89 -37.07 -55.73
N VAL L 286 29.01 -38.29 -56.24
CA VAL L 286 29.52 -38.55 -57.58
C VAL L 286 28.57 -39.54 -58.25
N MET L 287 27.88 -39.10 -59.30
CA MET L 287 26.99 -39.98 -60.02
C MET L 287 27.77 -41.03 -60.79
N ARG L 288 27.28 -42.27 -60.74
CA ARG L 288 27.88 -43.34 -61.52
C ARG L 288 27.73 -43.06 -63.00
N ASN L 289 28.85 -43.09 -63.73
CA ASN L 289 28.84 -42.66 -65.13
C ASN L 289 28.14 -43.68 -66.01
N ARG L 290 28.54 -44.95 -65.93
CA ARG L 290 27.96 -46.00 -66.75
C ARG L 290 27.31 -47.05 -65.85
N ASP L 291 26.50 -47.91 -66.47
CA ASP L 291 25.75 -48.96 -65.79
C ASP L 291 24.82 -48.34 -64.74
N VAL L 292 24.06 -47.34 -65.16
CA VAL L 292 23.13 -46.61 -64.29
C VAL L 292 21.73 -46.75 -64.85
N VAL L 293 20.75 -46.82 -63.96
CA VAL L 293 19.36 -46.97 -64.35
C VAL L 293 18.75 -45.59 -64.59
N LEU L 294 17.77 -45.55 -65.49
CA LEU L 294 17.09 -44.31 -65.85
C LEU L 294 15.62 -44.40 -65.51
N THR L 295 14.96 -43.25 -65.48
CA THR L 295 13.54 -43.17 -65.15
C THR L 295 12.69 -43.33 -66.41
N THR L 296 11.44 -43.76 -66.20
CA THR L 296 10.51 -43.89 -67.31
C THR L 296 10.19 -42.54 -67.94
N THR L 297 10.44 -41.45 -67.22
CA THR L 297 10.21 -40.12 -67.80
C THR L 297 11.20 -39.84 -68.92
N PHE L 298 12.49 -40.09 -68.69
CA PHE L 298 13.50 -39.81 -69.69
C PHE L 298 13.56 -40.89 -70.77
N VAL L 299 13.36 -42.15 -70.38
CA VAL L 299 13.44 -43.24 -71.35
C VAL L 299 12.34 -43.12 -72.40
N ASP L 300 11.14 -42.71 -71.98
CA ASP L 300 10.04 -42.55 -72.93
C ASP L 300 10.37 -41.52 -73.99
N ASP L 301 11.04 -40.43 -73.60
CA ASP L 301 11.44 -39.43 -74.57
C ASP L 301 12.53 -39.97 -75.50
N ILE L 302 13.45 -40.79 -74.97
CA ILE L 302 14.49 -41.37 -75.79
C ILE L 302 13.90 -42.45 -76.71
N LYS L 303 12.92 -43.20 -76.23
CA LYS L 303 12.27 -44.19 -77.08
C LYS L 303 11.43 -43.52 -78.16
N ALA L 304 10.65 -42.51 -77.78
CA ALA L 304 9.88 -41.71 -78.74
C ALA L 304 10.73 -40.50 -79.16
N LEU L 305 11.78 -40.78 -79.94
CA LEU L 305 12.73 -39.79 -80.36
C LEU L 305 13.05 -40.01 -81.83
N PRO L 306 13.16 -38.94 -82.62
CA PRO L 306 13.48 -39.11 -84.04
C PRO L 306 14.91 -39.57 -84.28
N THR L 307 15.24 -39.85 -85.53
CA THR L 307 16.58 -40.32 -85.87
C THR L 307 17.14 -39.68 -87.13
N THR L 308 16.51 -38.61 -87.64
CA THR L 308 16.94 -37.95 -88.87
C THR L 308 17.39 -36.51 -88.60
N TYR L 309 18.00 -36.27 -87.43
CA TYR L 309 18.49 -34.95 -87.05
C TYR L 309 17.37 -33.93 -87.05
N GLU L 310 16.39 -34.15 -86.16
CA GLU L 310 15.28 -33.22 -85.98
C GLU L 310 15.72 -32.17 -84.98
N LYS L 311 16.38 -31.12 -85.49
CA LYS L 311 16.85 -30.04 -84.63
C LYS L 311 15.70 -29.34 -83.91
N GLY L 312 14.52 -29.28 -84.54
CA GLY L 312 13.39 -28.61 -83.91
C GLY L 312 12.97 -29.29 -82.63
N GLU L 313 12.77 -30.61 -82.67
CA GLU L 313 12.39 -31.33 -81.46
C GLU L 313 13.56 -31.47 -80.50
N TYR L 314 14.79 -31.61 -81.02
CA TYR L 314 15.95 -31.72 -80.16
C TYR L 314 16.16 -30.44 -79.36
N PHE L 315 15.93 -29.29 -79.97
CA PHE L 315 16.06 -28.02 -79.25
C PHE L 315 15.03 -27.91 -78.13
N ALA L 316 13.82 -28.43 -78.37
CA ALA L 316 12.82 -28.47 -77.31
C ALA L 316 13.16 -29.53 -76.28
N PHE L 317 13.63 -30.70 -76.74
CA PHE L 317 14.09 -31.73 -75.82
C PHE L 317 15.31 -31.27 -75.02
N LEU L 318 16.10 -30.37 -75.60
CA LEU L 318 17.31 -29.89 -74.92
C LEU L 318 16.94 -29.02 -73.71
N GLU L 319 15.89 -28.22 -73.83
CA GLU L 319 15.46 -27.38 -72.72
C GLU L 319 14.72 -28.15 -71.64
N THR L 320 14.14 -29.32 -71.99
CA THR L 320 13.36 -30.07 -71.01
C THR L 320 14.24 -30.67 -69.93
N TYR L 321 15.41 -31.20 -70.30
CA TYR L 321 16.31 -31.84 -69.34
C TYR L 321 17.67 -31.16 -69.29
N GLY L 322 17.77 -29.92 -69.74
CA GLY L 322 19.04 -29.22 -69.75
C GLY L 322 19.97 -29.71 -70.84
N THR L 323 21.13 -29.05 -70.98
CA THR L 323 22.07 -29.45 -72.02
C THR L 323 23.01 -30.55 -71.54
N HIS L 324 23.44 -30.50 -70.28
CA HIS L 324 24.34 -31.50 -69.74
C HIS L 324 24.11 -31.61 -68.24
N TYR L 325 24.19 -32.85 -67.73
CA TYR L 325 23.89 -33.13 -66.33
C TYR L 325 25.17 -33.02 -65.49
N SER L 326 25.02 -33.23 -64.19
CA SER L 326 26.11 -33.14 -63.24
C SER L 326 26.63 -34.53 -62.92
N SER L 327 27.92 -34.77 -63.19
CA SER L 327 28.54 -36.03 -62.80
C SER L 327 28.88 -36.05 -61.32
N SER L 328 29.17 -34.89 -60.74
CA SER L 328 29.48 -34.79 -59.31
C SER L 328 29.07 -33.41 -58.82
N GLY L 329 28.32 -33.37 -57.73
CA GLY L 329 27.86 -32.11 -57.17
C GLY L 329 28.37 -31.84 -55.78
N SER L 330 27.89 -30.77 -55.16
CA SER L 330 28.30 -30.41 -53.81
C SER L 330 27.11 -29.71 -53.14
N LEU L 331 26.36 -30.46 -52.34
CA LEU L 331 25.21 -29.90 -51.64
C LEU L 331 25.67 -28.94 -50.55
N GLY L 332 24.91 -27.87 -50.37
CA GLY L 332 25.25 -26.88 -49.36
C GLY L 332 24.68 -25.51 -49.64
N GLY L 333 25.54 -24.50 -49.62
CA GLY L 333 25.13 -23.12 -49.85
C GLY L 333 26.27 -22.15 -49.65
N LEU L 334 26.23 -21.01 -50.33
CA LEU L 334 27.29 -20.01 -50.21
C LEU L 334 26.69 -18.62 -50.24
N TYR L 335 27.42 -17.68 -49.66
CA TYR L 335 27.04 -16.27 -49.66
C TYR L 335 28.23 -15.43 -50.07
N GLU L 336 27.96 -14.26 -50.64
CA GLU L 336 29.00 -13.36 -51.12
C GLU L 336 28.58 -11.92 -50.89
N LEU L 337 29.58 -11.07 -50.68
CA LEU L 337 29.37 -9.64 -50.49
C LEU L 337 30.45 -8.87 -51.25
N ILE L 338 30.04 -7.85 -51.98
CA ILE L 338 30.95 -7.05 -52.79
C ILE L 338 30.65 -5.58 -52.54
N TYR L 339 31.70 -4.79 -52.33
CA TYR L 339 31.56 -3.37 -52.08
C TYR L 339 32.61 -2.61 -52.89
N VAL L 340 32.21 -1.47 -53.44
CA VAL L 340 33.09 -0.63 -54.25
C VAL L 340 32.95 0.81 -53.80
N LEU L 341 33.99 1.60 -54.06
CA LEU L 341 34.02 3.01 -53.68
C LEU L 341 34.99 3.74 -54.59
N ASP L 342 34.60 4.94 -55.00
CA ASP L 342 35.42 5.78 -55.86
C ASP L 342 35.23 7.24 -55.47
N LYS L 343 36.33 7.99 -55.41
CA LYS L 343 36.32 9.39 -55.03
C LYS L 343 37.17 10.20 -55.99
N ALA L 344 36.69 11.38 -56.35
CA ALA L 344 37.41 12.26 -57.26
C ALA L 344 37.17 13.70 -56.87
N SER L 345 38.20 14.53 -56.99
CA SER L 345 38.11 15.94 -56.65
C SER L 345 39.06 16.73 -57.53
N MET L 346 38.63 17.92 -57.95
CA MET L 346 39.44 18.79 -58.78
C MET L 346 39.18 20.24 -58.40
N LYS L 347 40.26 21.02 -58.31
CA LYS L 347 40.18 22.44 -57.95
C LYS L 347 41.18 23.21 -58.79
N ARG L 348 40.75 24.35 -59.32
CA ARG L 348 41.60 25.21 -60.14
C ARG L 348 41.28 26.66 -59.83
N LYS L 349 42.31 27.45 -59.52
CA LYS L 349 42.14 28.84 -59.13
C LYS L 349 43.10 29.71 -59.93
N GLY L 350 42.57 30.81 -60.47
CA GLY L 350 43.38 31.76 -61.21
C GLY L 350 42.99 33.19 -60.90
N VAL L 351 43.98 34.01 -60.53
CA VAL L 351 43.75 35.40 -60.14
C VAL L 351 44.65 36.29 -60.99
N GLU L 352 44.07 37.35 -61.55
CA GLU L 352 44.80 38.29 -62.39
C GLU L 352 44.47 39.71 -61.96
N LEU L 353 45.50 40.53 -61.78
CA LEU L 353 45.34 41.92 -61.39
C LEU L 353 46.26 42.78 -62.24
N LYS L 354 45.71 43.86 -62.79
CA LYS L 354 46.46 44.75 -63.66
C LYS L 354 46.11 46.20 -63.33
N ASP L 355 47.13 47.02 -63.12
CA ASP L 355 46.95 48.44 -62.82
C ASP L 355 47.98 49.25 -63.57
N ILE L 356 47.54 50.31 -64.23
CA ILE L 356 48.41 51.18 -65.03
C ILE L 356 48.07 52.63 -64.70
N LYS L 357 49.08 53.41 -64.37
CA LYS L 357 48.90 54.83 -64.08
C LYS L 357 49.97 55.63 -64.80
N ARG L 358 49.56 56.64 -65.56
CA ARG L 358 50.46 57.49 -66.32
C ARG L 358 49.91 58.91 -66.34
N CYS L 359 50.75 59.86 -65.95
CA CYS L 359 50.38 61.27 -65.93
C CYS L 359 51.48 62.11 -66.54
N LEU L 360 51.08 63.15 -67.27
CA LEU L 360 52.01 64.04 -67.95
C LEU L 360 51.82 65.47 -67.47
N GLY L 361 52.92 66.19 -67.30
CA GLY L 361 52.86 67.57 -66.84
C GLY L 361 53.79 68.49 -67.61
N TYR L 362 53.28 69.63 -68.04
CA TYR L 362 54.05 70.60 -68.80
C TYR L 362 53.72 72.00 -68.30
N HIS L 363 54.75 72.81 -68.07
CA HIS L 363 54.60 74.17 -67.58
C HIS L 363 55.46 75.09 -68.43
N LEU L 364 54.88 76.21 -68.86
CA LEU L 364 55.56 77.18 -69.69
C LEU L 364 55.30 78.58 -69.14
N ASP L 365 56.36 79.38 -69.03
CA ASP L 365 56.25 80.76 -68.56
C ASP L 365 57.27 81.60 -69.30
N VAL L 366 56.79 82.59 -70.04
CA VAL L 366 57.64 83.49 -70.82
C VAL L 366 57.21 84.92 -70.53
N SER L 367 58.18 85.77 -70.17
CA SER L 367 57.91 87.16 -69.86
C SER L 367 58.96 88.03 -70.52
N LEU L 368 58.53 89.11 -71.16
CA LEU L 368 59.42 90.03 -71.84
C LEU L 368 59.08 91.46 -71.45
N ALA L 369 60.11 92.26 -71.19
CA ALA L 369 59.95 93.66 -70.81
C ALA L 369 60.94 94.51 -71.59
N PHE L 370 60.45 95.58 -72.19
CA PHE L 370 61.29 96.44 -73.01
C PHE L 370 61.20 97.90 -72.53
N SER L 371 59.44 105.22 -72.80
CA SER L 371 59.13 103.94 -73.43
C SER L 371 59.03 102.84 -72.37
N GLU L 372 57.87 102.20 -72.30
CA GLU L 372 57.63 101.12 -71.34
C GLU L 372 56.81 100.04 -72.02
N ILE L 373 57.35 98.82 -72.05
CA ILE L 373 56.69 97.67 -72.67
C ILE L 373 56.79 96.50 -71.71
N SER L 374 55.65 95.85 -71.45
CA SER L 374 55.60 94.70 -70.56
C SER L 374 54.74 93.61 -71.19
N VAL L 375 55.30 92.41 -71.30
CA VAL L 375 54.63 91.26 -71.90
C VAL L 375 54.78 90.07 -70.96
N GLY L 376 53.66 89.40 -70.67
CA GLY L 376 53.69 88.25 -69.79
C GLY L 376 52.82 87.11 -70.29
N ALA L 377 53.34 85.89 -70.21
CA ALA L 377 52.61 84.71 -70.66
C ALA L 377 52.91 83.53 -69.74
N GLU L 378 51.89 82.75 -69.42
CA GLU L 378 52.03 81.59 -68.55
C GLU L 378 51.10 80.49 -69.05
N PHE L 379 51.68 79.33 -69.36
CA PHE L 379 50.92 78.18 -69.85
C PHE L 379 51.07 77.02 -68.86
N ASN L 380 49.95 76.46 -68.43
CA ASN L 380 49.92 75.35 -67.50
C ASN L 380 49.16 74.19 -68.11
N LYS L 381 49.74 73.00 -68.07
CA LYS L 381 49.12 71.80 -68.62
C LYS L 381 49.32 70.64 -67.67
N ASP L 382 48.26 69.87 -67.43
CA ASP L 382 48.33 68.71 -66.56
C ASP L 382 47.27 67.71 -66.99
N ASP L 383 47.66 66.44 -67.10
CA ASP L 383 46.75 65.38 -67.52
C ASP L 383 47.28 64.05 -66.99
N CYS L 384 46.42 63.32 -66.28
CA CYS L 384 46.78 62.03 -65.71
C CYS L 384 45.79 60.97 -66.18
N VAL L 385 46.28 59.73 -66.28
CA VAL L 385 45.48 58.60 -66.74
C VAL L 385 45.61 57.46 -65.74
N LYS L 386 44.50 56.81 -65.44
CA LYS L 386 44.44 55.69 -64.51
C LYS L 386 43.69 54.53 -65.14
N ARG L 387 44.21 53.32 -64.94
CA ARG L 387 43.60 52.12 -65.48
C ARG L 387 43.74 50.96 -64.50
N GLY L 388 42.72 50.12 -64.43
CA GLY L 388 42.74 48.97 -63.54
C GLY L 388 42.01 47.80 -64.16
N GLU L 389 42.48 46.60 -63.84
CA GLU L 389 41.90 45.38 -64.36
C GLU L 389 42.02 44.27 -63.32
N GLY L 390 40.94 43.52 -63.14
CA GLY L 390 40.93 42.42 -62.19
C GLY L 390 40.04 41.26 -62.62
N ARG L 391 40.52 40.03 -62.43
CA ARG L 391 39.77 38.84 -62.82
C ARG L 391 40.13 37.70 -61.88
N ALA L 392 39.15 36.82 -61.66
CA ALA L 392 39.34 35.68 -60.77
C ALA L 392 38.70 34.45 -61.39
N VAL L 393 39.22 33.28 -61.02
CA VAL L 393 38.72 31.98 -61.50
C VAL L 393 38.57 31.07 -60.29
N ASN L 394 37.36 30.57 -60.07
CA ASN L 394 37.04 29.74 -58.90
C ASN L 394 36.10 28.63 -59.38
N ILE L 395 36.63 27.44 -59.58
CA ILE L 395 35.88 26.31 -60.10
C ILE L 395 36.30 25.05 -59.37
N THR L 396 35.36 24.42 -58.65
CA THR L 396 35.61 23.19 -57.91
C THR L 396 34.78 22.06 -58.53
N SER L 397 35.40 20.89 -58.64
CA SER L 397 34.74 19.70 -59.18
C SER L 397 34.99 18.52 -58.26
N GLU L 398 33.94 17.74 -58.01
CA GLU L 398 34.02 16.58 -57.13
C GLU L 398 33.10 15.49 -57.65
N ASN L 399 33.57 14.24 -57.55
CA ASN L 399 32.80 13.09 -57.99
C ASN L 399 32.90 12.00 -56.93
N LEU L 400 31.77 11.34 -56.68
CA LEU L 400 31.70 10.26 -55.70
C LEU L 400 30.92 9.09 -56.29
N ILE L 401 31.48 7.90 -56.19
CA ILE L 401 30.85 6.69 -56.73
C ILE L 401 31.00 5.58 -55.70
N ASP L 402 29.89 4.90 -55.39
CA ASP L 402 29.88 3.80 -54.45
C ASP L 402 28.94 2.71 -54.96
N ASP L 403 29.39 1.46 -54.86
CA ASP L 403 28.62 0.32 -55.31
C ASP L 403 28.70 -0.80 -54.28
N VAL L 404 27.57 -1.45 -54.03
CA VAL L 404 27.49 -2.54 -53.06
C VAL L 404 26.50 -3.58 -53.60
N VAL L 405 26.86 -4.86 -53.43
CA VAL L 405 26.01 -5.96 -53.88
C VAL L 405 26.30 -7.17 -53.01
N SER L 406 25.28 -8.01 -52.83
CA SER L 406 25.41 -9.21 -52.00
C SER L 406 24.35 -10.21 -52.42
N LEU L 407 24.59 -11.47 -52.08
CA LEU L 407 23.66 -12.55 -52.41
C LEU L 407 23.86 -13.69 -51.43
N ILE L 408 22.83 -14.52 -51.30
CA ILE L 408 22.86 -15.67 -50.40
C ILE L 408 21.85 -16.68 -50.91
N ARG L 409 22.04 -17.94 -50.51
CA ARG L 409 21.14 -19.01 -50.95
C ARG L 409 21.28 -20.18 -49.98
N GLY L 410 20.25 -21.01 -49.95
CA GLY L 410 20.24 -22.20 -49.11
C GLY L 410 19.56 -21.96 -47.77
N GLY L 411 19.18 -23.06 -47.13
CA GLY L 411 18.55 -23.02 -45.84
C GLY L 411 17.09 -22.61 -45.91
N THR L 412 16.42 -22.72 -44.75
CA THR L 412 15.02 -22.33 -44.66
C THR L 412 14.87 -20.82 -44.82
N ARG L 413 13.62 -20.39 -45.06
CA ARG L 413 13.36 -18.98 -45.30
C ARG L 413 13.55 -18.14 -44.05
N LYS L 414 13.23 -18.70 -42.89
CA LYS L 414 13.31 -17.92 -41.64
C LYS L 414 14.76 -17.59 -41.30
N TYR L 415 15.61 -18.60 -41.19
CA TYR L 415 16.98 -18.38 -40.72
C TYR L 415 17.84 -17.70 -41.78
N ALA L 416 17.57 -17.93 -43.06
CA ALA L 416 18.40 -17.35 -44.11
C ALA L 416 18.22 -15.84 -44.20
N PHE L 417 16.97 -15.38 -44.22
CA PHE L 417 16.72 -13.95 -44.32
C PHE L 417 17.07 -13.22 -43.03
N GLU L 418 17.01 -13.91 -41.89
CA GLU L 418 17.49 -13.34 -40.64
C GLU L 418 18.99 -13.10 -40.70
N LEU L 419 19.73 -14.03 -41.32
CA LEU L 419 21.16 -13.85 -41.52
C LEU L 419 21.44 -12.71 -42.50
N LYS L 420 20.58 -12.56 -43.51
CA LYS L 420 20.80 -11.56 -44.54
C LYS L 420 20.65 -10.14 -43.98
N GLU L 421 19.55 -9.90 -43.26
CA GLU L 421 19.30 -8.55 -42.75
C GLU L 421 20.30 -8.14 -41.68
N LYS L 422 20.86 -9.10 -40.94
CA LYS L 422 21.79 -8.77 -39.88
C LYS L 422 23.23 -8.64 -40.39
N LEU L 423 23.55 -9.30 -41.50
CA LEU L 423 24.91 -9.21 -42.04
C LEU L 423 25.14 -7.88 -42.74
N LEU L 424 24.12 -7.35 -43.42
CA LEU L 424 24.26 -6.11 -44.16
C LEU L 424 24.31 -4.94 -43.19
N ARG L 425 25.50 -4.35 -43.03
CA ARG L 425 25.72 -3.18 -42.18
C ARG L 425 25.33 -3.40 -40.73
N GLY L 426 25.26 -4.66 -40.29
CA GLY L 426 24.91 -4.95 -38.92
C GLY L 426 26.07 -4.74 -37.96
N THR L 427 27.25 -5.21 -38.34
CA THR L 427 28.51 -5.09 -37.60
C THR L 427 28.48 -5.80 -36.25
N VAL L 428 27.40 -6.48 -35.89
CA VAL L 428 27.29 -7.21 -34.63
C VAL L 428 26.84 -8.62 -34.97
N ILE L 429 27.81 -9.53 -35.11
CA ILE L 429 27.51 -10.92 -35.42
C ILE L 429 27.02 -11.62 -34.17
N ASP L 430 25.87 -12.26 -34.26
CA ASP L 430 25.28 -12.98 -33.13
C ASP L 430 25.86 -14.38 -33.03
N VAL L 431 25.86 -14.92 -31.82
CA VAL L 431 26.36 -16.28 -31.61
C VAL L 431 25.36 -17.33 -32.08
N THR L 432 24.09 -16.97 -32.18
CA THR L 432 23.05 -17.96 -32.49
C THR L 432 22.67 -17.99 -33.96
N ASP L 433 22.91 -16.92 -34.72
CA ASP L 433 22.43 -16.87 -36.09
C ASP L 433 23.13 -17.90 -36.98
N PHE L 434 24.45 -18.05 -36.82
CA PHE L 434 25.16 -19.05 -37.61
C PHE L 434 24.85 -20.46 -37.14
N VAL L 435 24.60 -20.63 -35.84
CA VAL L 435 24.20 -21.93 -35.32
C VAL L 435 22.84 -22.33 -35.90
N ASN L 436 21.91 -21.37 -35.95
CA ASN L 436 20.63 -21.64 -36.60
C ASN L 436 20.81 -21.86 -38.09
N TRP L 437 21.69 -21.07 -38.73
CA TRP L 437 22.00 -21.27 -40.14
C TRP L 437 22.61 -22.65 -40.38
N ALA L 438 23.30 -23.20 -39.40
CA ALA L 438 23.88 -24.54 -39.55
C ALA L 438 22.79 -25.60 -39.69
N SER L 439 21.79 -25.56 -38.80
CA SER L 439 20.68 -26.50 -38.90
C SER L 439 19.73 -26.13 -40.04
N SER L 440 19.71 -24.85 -40.41
CA SER L 440 18.82 -24.42 -41.49
C SER L 440 19.24 -25.02 -42.82
N ILE L 441 20.54 -24.97 -43.13
CA ILE L 441 21.02 -25.48 -44.41
C ILE L 441 20.90 -27.00 -44.49
N ASN L 442 20.82 -27.68 -43.35
CA ASN L 442 20.67 -29.13 -43.36
C ASN L 442 19.33 -29.56 -43.93
N ASP L 443 18.31 -28.69 -43.83
CA ASP L 443 16.99 -29.04 -44.34
C ASP L 443 16.94 -28.94 -45.86
N ALA L 444 17.42 -27.83 -46.42
CA ALA L 444 17.37 -27.60 -47.86
C ALA L 444 18.71 -27.04 -48.33
N PRO L 445 19.63 -27.91 -48.78
CA PRO L 445 20.91 -27.42 -49.31
C PRO L 445 20.82 -27.01 -50.77
N VAL L 446 21.95 -26.59 -51.35
CA VAL L 446 22.00 -26.18 -52.74
C VAL L 446 23.41 -26.44 -53.26
N LEU L 447 23.56 -26.44 -54.59
CA LEU L 447 24.84 -26.74 -55.19
C LEU L 447 25.87 -25.67 -54.89
N ILE L 448 27.12 -26.10 -54.73
CA ILE L 448 28.25 -25.19 -54.57
C ILE L 448 29.26 -25.44 -55.68
N SER L 449 29.79 -26.65 -55.73
CA SER L 449 30.69 -27.08 -56.79
C SER L 449 30.01 -28.20 -57.57
N GLN L 450 30.02 -28.09 -58.89
CA GLN L 450 29.27 -29.00 -59.75
C GLN L 450 30.17 -29.47 -60.89
N LYS L 451 30.53 -30.75 -60.87
CA LYS L 451 31.30 -31.34 -61.97
C LYS L 451 30.33 -31.72 -63.09
N LEU L 452 30.73 -31.41 -64.32
CA LEU L 452 29.83 -31.45 -65.46
C LEU L 452 30.12 -32.66 -66.34
N SER L 453 29.09 -33.11 -67.06
CA SER L 453 29.21 -34.26 -67.94
C SER L 453 28.13 -34.17 -69.01
N PRO L 454 28.44 -34.46 -70.27
CA PRO L 454 27.44 -34.33 -71.34
C PRO L 454 26.32 -35.35 -71.19
N ILE L 455 25.15 -34.98 -71.73
CA ILE L 455 23.98 -35.85 -71.61
C ILE L 455 24.08 -37.02 -72.58
N TYR L 456 24.57 -36.77 -73.80
CA TYR L 456 24.60 -37.84 -74.80
C TYR L 456 25.47 -39.01 -74.40
N ASN L 457 26.30 -38.86 -73.35
CA ASN L 457 27.00 -40.00 -72.77
C ASN L 457 26.13 -40.80 -71.80
N LEU L 458 24.96 -40.27 -71.44
CA LEU L 458 24.05 -40.93 -70.50
C LEU L 458 22.96 -41.74 -71.20
N VAL L 459 22.85 -41.64 -72.52
CA VAL L 459 21.81 -42.38 -73.25
C VAL L 459 22.00 -43.87 -73.02
N PRO L 460 20.94 -44.64 -72.78
CA PRO L 460 21.12 -46.07 -72.53
C PRO L 460 21.62 -46.80 -73.77
N VAL L 461 22.59 -47.69 -73.55
CA VAL L 461 23.23 -48.43 -74.63
C VAL L 461 22.30 -49.57 -75.07
N LYS L 462 22.65 -50.21 -76.20
CA LYS L 462 21.92 -51.36 -76.75
C LYS L 462 20.41 -51.12 -76.80
N MET L 463 20.03 -49.89 -77.12
CA MET L 463 18.62 -49.54 -77.29
C MET L 463 18.25 -49.74 -78.76
N LYS L 464 17.09 -49.23 -79.17
CA LYS L 464 16.65 -49.36 -80.56
C LYS L 464 17.65 -48.73 -81.51
N ASN L 465 17.85 -47.42 -81.40
CA ASN L 465 18.79 -46.67 -82.23
C ASN L 465 19.67 -45.78 -81.35
N ALA L 466 20.23 -46.37 -80.30
CA ALA L 466 20.97 -45.60 -79.31
C ALA L 466 22.19 -44.91 -79.92
N HIS L 467 22.97 -45.64 -80.71
CA HIS L 467 24.22 -45.09 -81.23
C HIS L 467 23.98 -43.90 -82.14
N LEU L 468 23.10 -44.06 -83.13
CA LEU L 468 22.86 -42.97 -84.07
C LEU L 468 22.25 -41.76 -83.38
N LYS L 469 21.35 -42.00 -82.42
CA LYS L 469 20.79 -40.90 -81.65
C LYS L 469 21.82 -40.27 -80.73
N LYS L 470 22.81 -41.05 -80.29
CA LYS L 470 23.87 -40.50 -79.43
C LYS L 470 24.67 -39.44 -80.17
N GLN L 471 25.23 -39.80 -81.33
CA GLN L 471 25.95 -38.82 -82.14
C GLN L 471 25.03 -37.73 -82.67
N ASN L 472 23.74 -38.05 -82.82
CA ASN L 472 22.78 -37.04 -83.27
C ASN L 472 22.61 -35.94 -82.23
N LEU L 473 22.45 -36.34 -80.96
CA LEU L 473 22.39 -35.34 -79.89
C LEU L 473 23.74 -34.69 -79.66
N GLU L 474 24.84 -35.39 -80.00
CA GLU L 474 26.16 -34.78 -79.91
C GLU L 474 26.28 -33.61 -80.87
N ARG L 475 25.77 -33.77 -82.10
CA ARG L 475 25.70 -32.65 -83.02
C ARG L 475 24.76 -31.56 -82.52
N ALA L 476 23.73 -31.95 -81.76
CA ALA L 476 22.77 -30.97 -81.25
C ALA L 476 23.38 -30.17 -80.10
N ILE L 477 24.03 -30.84 -79.15
CA ILE L 477 24.61 -30.13 -78.01
C ILE L 477 25.76 -29.25 -78.46
N GLU L 478 26.49 -29.64 -79.52
CA GLU L 478 27.54 -28.79 -80.05
C GLU L 478 26.96 -27.58 -80.77
N ASP L 479 25.88 -27.78 -81.51
CA ASP L 479 25.23 -26.66 -82.20
C ASP L 479 24.49 -25.76 -81.22
N TYR L 480 23.91 -26.35 -80.16
CA TYR L 480 23.14 -25.56 -79.20
C TYR L 480 23.98 -24.45 -78.57
N ILE L 481 25.16 -24.82 -78.05
CA ILE L 481 26.03 -23.83 -77.41
C ILE L 481 26.59 -22.84 -78.43
N ASN L 482 26.62 -23.20 -79.71
CA ASN L 482 27.15 -22.33 -80.76
C ASN L 482 26.04 -21.70 -81.60
N GLU L 483 24.77 -21.97 -81.30
CA GLU L 483 23.69 -21.38 -82.07
C GLU L 483 23.40 -19.95 -81.61
N PHE L 484 23.03 -19.79 -80.35
CA PHE L 484 22.72 -18.49 -79.79
C PHE L 484 23.56 -18.27 -78.54
N SER L 485 24.23 -17.12 -78.48
CA SER L 485 25.09 -16.76 -77.35
C SER L 485 25.50 -15.30 -77.53
N VAL L 486 26.32 -14.81 -76.59
CA VAL L 486 26.85 -13.47 -76.70
C VAL L 486 27.80 -13.36 -77.89
N ARG L 487 28.43 -14.47 -78.27
CA ARG L 487 29.37 -14.46 -79.39
C ARG L 487 28.69 -14.06 -80.70
N LYS L 488 27.42 -14.43 -80.88
CA LYS L 488 26.71 -14.11 -82.11
C LYS L 488 25.98 -12.77 -82.05
N CYS L 489 25.77 -12.23 -80.85
CA CYS L 489 25.09 -10.95 -80.70
C CYS L 489 26.05 -9.82 -81.02
N HIS L 490 25.62 -8.58 -80.80
CA HIS L 490 26.41 -7.40 -81.11
C HIS L 490 27.15 -6.91 -79.86
N THR L 491 28.29 -6.26 -80.10
CA THR L 491 29.13 -5.78 -79.00
C THR L 491 28.64 -4.44 -78.49
N CYS L 492 28.68 -4.27 -77.17
CA CYS L 492 28.25 -3.03 -76.54
C CYS L 492 29.36 -1.99 -76.62
N GLN L 493 29.17 -0.86 -75.95
CA GLN L 493 30.12 0.24 -75.97
C GLN L 493 30.79 0.39 -74.60
N ASN L 494 31.97 1.01 -74.62
CA ASN L 494 32.75 1.29 -73.42
C ASN L 494 33.07 0.02 -72.65
N GLY L 495 33.33 -1.07 -73.38
CA GLY L 495 33.68 -2.33 -72.75
C GLY L 495 32.59 -2.92 -71.88
N GLY L 496 31.33 -2.61 -72.17
CA GLY L 496 30.24 -3.10 -71.36
C GLY L 496 30.05 -4.61 -71.56
N THR L 497 30.07 -5.37 -70.48
CA THR L 497 29.88 -6.81 -70.56
C THR L 497 28.47 -7.12 -71.04
N VAL L 498 28.38 -7.85 -72.15
CA VAL L 498 27.09 -8.16 -72.77
C VAL L 498 26.56 -9.47 -72.20
N ILE L 499 25.28 -9.48 -71.86
CA ILE L 499 24.61 -10.67 -71.35
C ILE L 499 23.43 -11.00 -72.27
N LEU L 500 22.80 -12.14 -71.99
CA LEU L 500 21.65 -12.61 -72.78
C LEU L 500 20.65 -13.23 -71.82
N MET L 501 19.51 -12.57 -71.63
CA MET L 501 18.46 -13.02 -70.72
C MET L 501 17.17 -13.16 -71.52
N ASP L 502 16.97 -14.34 -72.12
CA ASP L 502 15.76 -14.68 -72.87
C ASP L 502 15.47 -13.65 -73.97
N GLY L 503 16.41 -13.57 -74.91
CA GLY L 503 16.29 -12.68 -76.06
C GLY L 503 16.87 -11.30 -75.88
N LYS L 504 16.67 -10.69 -74.72
CA LYS L 504 17.19 -9.35 -74.45
C LYS L 504 18.71 -9.41 -74.36
N CYS L 505 19.38 -8.90 -75.39
CA CYS L 505 20.85 -8.90 -75.44
C CYS L 505 21.37 -7.58 -74.89
N LEU L 506 21.12 -7.38 -73.59
CA LEU L 506 21.57 -6.17 -72.92
C LEU L 506 23.04 -6.29 -72.53
N CYS L 507 23.65 -5.14 -72.26
CA CYS L 507 25.05 -5.06 -71.87
C CYS L 507 25.17 -4.31 -70.55
N ALA L 508 25.86 -4.91 -69.59
CA ALA L 508 26.07 -4.28 -68.30
C ALA L 508 27.13 -3.18 -68.44
N CYS L 509 26.71 -1.94 -68.15
CA CYS L 509 27.60 -0.79 -68.30
C CYS L 509 28.37 -0.54 -67.01
N PRO L 510 29.59 -0.02 -67.11
CA PRO L 510 30.40 0.21 -65.90
C PRO L 510 29.74 1.19 -64.94
N PHE L 511 30.35 1.31 -63.77
CA PHE L 511 29.79 2.14 -62.69
C PHE L 511 29.78 3.62 -63.09
N LYS L 512 30.93 4.13 -63.53
CA LYS L 512 31.07 5.55 -63.85
C LYS L 512 30.26 5.97 -65.08
N PHE L 513 29.61 5.03 -65.77
CA PHE L 513 28.86 5.34 -66.97
C PHE L 513 27.38 5.10 -66.73
N GLU L 514 26.56 5.63 -67.63
CA GLU L 514 25.11 5.55 -67.47
C GLU L 514 24.60 4.23 -68.06
N GLY L 515 23.30 4.12 -68.27
CA GLY L 515 22.66 2.85 -68.54
C GLY L 515 22.71 2.34 -69.97
N ILE L 516 21.55 1.99 -70.51
CA ILE L 516 21.45 1.22 -71.75
C ILE L 516 22.28 1.84 -72.87
N ALA L 517 22.89 0.96 -73.68
CA ALA L 517 23.62 1.30 -74.90
C ALA L 517 24.94 2.01 -74.63
N CYS L 518 25.20 2.34 -73.36
CA CYS L 518 26.44 3.01 -72.94
C CYS L 518 26.79 4.16 -73.88
N GLU L 519 25.80 5.00 -74.16
CA GLU L 519 25.96 6.14 -75.05
C GLU L 519 26.19 7.45 -74.29
N ILE L 520 25.28 7.79 -73.39
CA ILE L 520 25.40 9.01 -72.61
C ILE L 520 26.31 8.72 -71.40
N SER L 521 27.18 9.68 -71.10
CA SER L 521 28.24 9.45 -70.12
C SER L 521 27.74 9.58 -68.69
N LYS L 522 27.16 10.73 -68.34
CA LYS L 522 26.75 11.04 -66.97
C LYS L 522 27.95 10.95 -66.02
N GLN L 523 28.91 11.85 -66.24
CA GLN L 523 30.12 11.89 -65.42
C GLN L 523 29.85 12.57 -64.09
N LYS L 524 27.90 14.93 -65.54
CA LYS L 524 28.31 15.28 -66.90
C LYS L 524 29.58 16.12 -66.88
N ILE L 525 29.65 17.10 -67.77
CA ILE L 525 30.79 18.01 -67.89
C ILE L 525 30.34 19.39 -67.42
N SER L 526 31.21 20.08 -66.69
CA SER L 526 30.90 21.40 -66.18
C SER L 526 31.07 22.44 -67.28
N GLU L 527 30.10 23.35 -67.40
CA GLU L 527 30.12 24.42 -68.37
C GLU L 527 30.18 25.75 -67.65
N GLY L 528 31.06 26.64 -68.11
CA GLY L 528 31.19 27.96 -67.51
C GLY L 528 31.09 29.07 -68.53
N LEU L 529 30.23 30.04 -68.28
CA LEU L 529 30.03 31.18 -69.19
C LEU L 529 30.27 32.48 -68.44
N PRO L 530 31.36 33.19 -68.71
CA PRO L 530 31.63 34.47 -68.04
C PRO L 530 30.94 35.68 -68.69
N ALA L 531 29.96 35.46 -69.56
CA ALA L 531 29.30 36.56 -70.23
C ALA L 531 28.45 37.37 -69.25
N LEU L 532 28.31 38.66 -69.54
CA LEU L 532 27.53 39.53 -68.69
C LEU L 532 26.04 39.22 -68.86
N GLU L 533 25.27 39.19 -67.77
CA GLU L 533 23.84 38.89 -67.90
C GLU L 533 23.09 40.01 -68.60
N PHE L 534 22.20 39.62 -69.51
CA PHE L 534 21.43 40.60 -70.27
C PHE L 534 20.43 41.32 -69.38
N PRO L 535 19.70 40.57 -68.55
CA PRO L 535 18.70 41.16 -67.66
C PRO L 535 18.55 40.34 -66.39
N SER M 18 -67.92 72.44 9.22
CA SER M 18 -69.27 72.96 9.38
C SER M 18 -70.21 71.88 9.92
N HIS M 19 -70.83 72.17 11.07
CA HIS M 19 -71.76 71.24 11.72
C HIS M 19 -73.11 71.34 11.01
N ILE M 20 -73.18 70.73 9.83
CA ILE M 20 -74.41 70.73 9.04
C ILE M 20 -75.38 69.71 9.62
N ASP M 21 -76.57 70.20 10.00
CA ASP M 21 -77.61 69.33 10.55
C ASP M 21 -78.43 68.72 9.41
N CYS M 22 -79.30 67.78 9.78
CA CYS M 22 -80.14 67.07 8.82
C CYS M 22 -81.55 67.64 8.86
N ARG M 23 -81.93 68.37 7.82
CA ARG M 23 -83.30 68.83 7.63
C ARG M 23 -84.09 67.68 7.02
N MET M 24 -84.52 66.76 7.88
CA MET M 24 -85.08 65.48 7.46
C MET M 24 -86.41 65.22 8.15
N SER M 25 -87.30 66.22 8.15
CA SER M 25 -88.63 65.98 8.71
C SER M 25 -89.75 66.70 7.95
N PRO M 26 -89.88 66.53 6.63
CA PRO M 26 -91.11 66.99 5.95
C PRO M 26 -92.22 65.95 6.08
N TRP M 27 -93.23 66.28 6.87
CA TRP M 27 -94.32 65.34 7.13
C TRP M 27 -95.46 65.55 6.14
N SER M 28 -96.17 64.45 5.85
CA SER M 28 -97.27 64.44 4.91
C SER M 28 -98.59 64.19 5.64
N GLU M 29 -99.68 64.23 4.88
CA GLU M 29 -101.02 64.05 5.41
C GLU M 29 -101.38 62.57 5.47
N TRP M 30 -102.21 62.24 6.47
CA TRP M 30 -102.69 60.87 6.62
C TRP M 30 -103.56 60.46 5.43
N SER M 31 -103.20 59.35 4.79
CA SER M 31 -103.95 58.84 3.65
C SER M 31 -105.08 57.93 4.14
N GLN M 32 -105.79 57.32 3.19
CA GLN M 32 -106.88 56.42 3.52
C GLN M 32 -106.35 55.10 4.06
N CYS M 33 -107.08 54.54 5.02
CA CYS M 33 -106.68 53.27 5.61
C CYS M 33 -106.88 52.12 4.61
N ASP M 34 -106.04 51.10 4.75
CA ASP M 34 -106.17 49.90 3.93
C ASP M 34 -107.12 48.92 4.61
N PRO M 35 -108.19 48.50 3.95
CA PRO M 35 -109.13 47.56 4.60
C PRO M 35 -108.52 46.19 4.83
N CYS M 36 -107.93 45.61 3.79
CA CYS M 36 -107.38 44.26 3.89
C CYS M 36 -106.04 44.25 4.61
N LEU M 37 -105.17 45.21 4.28
CA LEU M 37 -103.84 45.23 4.89
C LEU M 37 -103.88 45.75 6.32
N ARG M 38 -104.89 46.58 6.65
CA ARG M 38 -105.07 47.11 8.00
C ARG M 38 -103.84 47.90 8.45
N GLN M 39 -103.56 48.97 7.70
CA GLN M 39 -102.36 49.78 7.92
C GLN M 39 -102.64 51.21 7.44
N MET M 40 -101.90 52.16 8.00
CA MET M 40 -101.95 53.55 7.60
C MET M 40 -100.64 53.94 6.92
N PHE M 41 -100.66 55.09 6.25
CA PHE M 41 -99.57 55.55 5.39
C PHE M 41 -99.21 57.00 5.69
N ARG M 42 -98.96 57.31 6.96
CA ARG M 42 -98.30 58.57 7.26
C ARG M 42 -96.94 58.59 6.57
N SER M 43 -96.75 59.55 5.66
CA SER M 43 -95.61 59.54 4.76
C SER M 43 -94.53 60.51 5.25
N ARG M 44 -93.39 60.48 4.58
CA ARG M 44 -92.23 61.29 4.94
C ARG M 44 -91.29 61.33 3.74
N SER M 45 -90.19 62.06 3.88
CA SER M 45 -89.22 62.18 2.80
C SER M 45 -87.89 62.62 3.40
N ILE M 46 -86.80 62.21 2.76
CA ILE M 46 -85.45 62.58 3.18
C ILE M 46 -84.96 63.71 2.28
N GLU M 47 -84.37 64.74 2.90
CA GLU M 47 -83.94 65.93 2.17
C GLU M 47 -82.45 66.19 2.30
N VAL M 48 -81.91 66.17 3.53
CA VAL M 48 -80.52 66.56 3.78
C VAL M 48 -79.85 65.48 4.59
N PHE M 49 -78.66 65.05 4.15
CA PHE M 49 -77.86 64.07 4.88
C PHE M 49 -76.91 64.73 5.87
N GLY M 50 -76.04 65.61 5.37
CA GLY M 50 -74.96 66.16 6.18
C GLY M 50 -73.61 65.69 5.67
N GLN M 51 -72.91 66.57 4.95
CA GLN M 51 -71.69 66.18 4.26
C GLN M 51 -70.49 66.09 5.19
N PHE M 52 -70.55 66.65 6.39
CA PHE M 52 -69.40 66.77 7.26
C PHE M 52 -69.60 65.93 8.52
N ASN M 53 -68.68 66.09 9.47
CA ASN M 53 -68.60 65.33 10.72
C ASN M 53 -69.73 65.65 11.69
N GLY M 54 -70.73 66.44 11.30
CA GLY M 54 -71.82 66.78 12.18
C GLY M 54 -72.76 65.63 12.50
N LYS M 55 -74.00 65.96 12.87
CA LYS M 55 -74.98 64.97 13.29
C LYS M 55 -75.30 63.98 12.18
N ARG M 56 -74.93 62.72 12.37
CA ARG M 56 -75.32 61.68 11.43
C ARG M 56 -76.80 61.35 11.62
N CYS M 57 -77.51 61.18 10.50
CA CYS M 57 -78.97 60.98 10.53
C CYS M 57 -79.32 59.85 9.58
N THR M 58 -79.59 58.67 10.14
CA THR M 58 -80.01 57.51 9.37
C THR M 58 -81.51 57.26 9.48
N ASP M 59 -82.29 58.29 9.77
CA ASP M 59 -83.73 58.14 9.97
C ASP M 59 -84.40 57.63 8.71
N ALA M 60 -84.93 56.42 8.78
CA ALA M 60 -85.58 55.81 7.62
C ALA M 60 -86.92 56.47 7.33
N VAL M 61 -87.28 56.49 6.06
CA VAL M 61 -88.53 57.09 5.60
C VAL M 61 -89.63 56.04 5.68
N GLY M 62 -90.76 56.42 6.26
CA GLY M 62 -91.91 55.53 6.37
C GLY M 62 -92.47 55.44 7.78
N ASP M 63 -93.77 55.18 7.86
CA ASP M 63 -94.46 55.06 9.15
C ASP M 63 -95.72 54.23 8.94
N ARG M 64 -96.04 53.39 9.93
CA ARG M 64 -97.21 52.53 9.89
C ARG M 64 -98.07 52.75 11.11
N ARG M 65 -99.34 52.34 11.00
CA ARG M 65 -100.29 52.49 12.10
C ARG M 65 -101.48 51.57 11.86
N GLN M 66 -101.95 50.94 12.93
CA GLN M 66 -103.14 50.09 12.86
C GLN M 66 -104.39 50.95 12.66
N CYS M 67 -105.35 50.41 11.92
CA CYS M 67 -106.58 51.13 11.61
C CYS M 67 -107.76 50.17 11.57
N VAL M 68 -108.90 50.62 12.05
CA VAL M 68 -110.14 49.83 11.96
C VAL M 68 -110.60 49.86 10.51
N PRO M 69 -110.69 48.70 9.84
CA PRO M 69 -111.06 48.71 8.42
C PRO M 69 -112.53 49.03 8.21
N THR M 70 -112.81 49.81 7.16
CA THR M 70 -114.16 50.23 6.85
C THR M 70 -114.74 49.55 5.61
N GLU M 71 -113.90 49.07 4.69
CA GLU M 71 -114.40 48.34 3.54
C GLU M 71 -114.55 46.86 3.87
N PRO M 72 -115.47 46.16 3.19
CA PRO M 72 -115.68 44.73 3.52
C PRO M 72 -114.53 43.83 3.10
N CYS M 73 -113.61 44.31 2.25
CA CYS M 73 -112.48 43.51 1.76
C CYS M 73 -113.00 42.24 1.07
N GLU M 74 -113.78 42.44 0.01
CA GLU M 74 -114.34 41.32 -0.72
C GLU M 74 -113.34 40.70 -1.67
N ASP M 75 -112.39 41.48 -2.17
CA ASP M 75 -111.38 40.95 -3.09
C ASP M 75 -110.47 39.97 -2.37
N ALA M 76 -110.24 38.80 -2.99
CA ALA M 76 -109.39 37.79 -2.42
C ALA M 76 -108.70 37.03 -3.54
N GLU M 77 -107.66 36.28 -3.18
CA GLU M 77 -106.87 35.50 -4.14
C GLU M 77 -107.41 34.08 -4.17
N ASP M 78 -108.05 33.71 -5.28
CA ASP M 78 -108.55 32.35 -5.43
C ASP M 78 -107.40 31.39 -5.68
N ASP M 79 -107.68 30.10 -5.46
CA ASP M 79 -106.66 29.07 -5.64
C ASP M 79 -106.55 28.65 -7.10
N CYS M 80 -106.39 29.63 -7.99
CA CYS M 80 -106.06 29.45 -9.40
C CYS M 80 -107.11 28.66 -10.17
N GLY M 81 -108.16 28.19 -9.49
CA GLY M 81 -109.29 27.53 -10.11
C GLY M 81 -108.98 26.46 -11.13
N ASN M 82 -107.78 25.86 -11.06
CA ASN M 82 -107.31 24.94 -12.08
C ASN M 82 -107.15 23.53 -11.57
N ASP M 83 -106.34 23.32 -10.52
CA ASP M 83 -105.99 21.97 -10.10
C ASP M 83 -105.73 22.00 -8.60
N PHE M 84 -105.08 20.94 -8.09
CA PHE M 84 -104.81 20.80 -6.66
C PHE M 84 -104.03 21.98 -6.12
N GLN M 85 -104.59 22.64 -5.11
CA GLN M 85 -103.90 23.76 -4.46
C GLN M 85 -102.82 23.24 -3.53
N CYS M 86 -101.68 23.94 -3.50
CA CYS M 86 -100.62 23.61 -2.58
C CYS M 86 -100.92 24.17 -1.20
N SER M 87 -100.08 23.80 -0.23
CA SER M 87 -100.24 24.24 1.14
C SER M 87 -99.81 25.68 1.36
N THR M 88 -99.26 26.36 0.34
CA THR M 88 -98.79 27.72 0.49
C THR M 88 -99.41 28.71 -0.48
N GLY M 89 -99.98 28.26 -1.59
CA GLY M 89 -100.65 29.17 -2.51
C GLY M 89 -100.38 28.93 -3.98
N ARG M 90 -99.42 28.06 -4.29
CA ARG M 90 -99.09 27.75 -5.67
C ARG M 90 -99.96 26.59 -6.16
N CYS M 91 -99.82 26.25 -7.45
CA CYS M 91 -100.71 25.29 -8.08
C CYS M 91 -99.91 24.33 -8.97
N ILE M 92 -100.37 23.09 -9.03
CA ILE M 92 -99.84 22.13 -9.99
C ILE M 92 -100.23 22.53 -11.40
N LYS M 93 -99.26 22.52 -12.32
CA LYS M 93 -99.59 22.80 -13.72
C LYS M 93 -100.12 21.54 -14.40
N MET M 94 -99.27 20.54 -14.59
CA MET M 94 -99.73 19.26 -15.13
C MET M 94 -99.21 18.03 -14.41
N ARG M 95 -98.02 18.06 -13.80
CA ARG M 95 -97.42 16.84 -13.25
C ARG M 95 -96.72 17.09 -11.92
N LEU M 96 -97.24 18.02 -11.11
CA LEU M 96 -96.68 18.28 -9.79
C LEU M 96 -97.19 17.29 -8.74
N ARG M 97 -97.73 16.16 -9.16
CA ARG M 97 -98.20 15.13 -8.23
C ARG M 97 -97.03 14.32 -7.72
N CYS M 98 -97.31 13.17 -7.10
CA CYS M 98 -96.28 12.34 -6.47
C CYS M 98 -95.42 11.71 -7.56
N ASN M 99 -94.53 12.53 -8.12
CA ASN M 99 -93.61 12.11 -9.18
C ASN M 99 -92.21 12.64 -8.92
N GLY M 100 -91.83 12.77 -7.65
CA GLY M 100 -90.50 13.24 -7.30
C GLY M 100 -90.22 14.68 -7.67
N ASP M 101 -91.25 15.53 -7.69
CA ASP M 101 -91.11 16.94 -8.03
C ASP M 101 -91.30 17.76 -6.76
N ASN M 102 -90.19 18.20 -6.17
CA ASN M 102 -90.22 18.97 -4.94
C ASN M 102 -90.45 20.44 -5.27
N ASP M 103 -91.64 20.95 -4.95
CA ASP M 103 -91.97 22.35 -5.15
C ASP M 103 -92.32 23.07 -3.86
N CYS M 104 -93.23 22.53 -3.06
CA CYS M 104 -93.73 23.23 -1.88
C CYS M 104 -92.87 22.96 -0.65
N GLY M 105 -92.76 21.71 -0.24
CA GLY M 105 -91.98 21.35 0.93
C GLY M 105 -91.23 20.04 0.77
N ASP M 106 -90.66 19.55 1.87
CA ASP M 106 -89.96 18.27 1.82
C ASP M 106 -90.91 17.14 1.44
N PHE M 107 -92.11 17.14 2.02
CA PHE M 107 -93.14 16.16 1.68
C PHE M 107 -94.51 16.83 1.58
N SER M 108 -94.54 18.12 1.25
CA SER M 108 -95.81 18.83 1.14
C SER M 108 -96.58 18.40 -0.10
N ASP M 109 -95.93 18.43 -1.25
CA ASP M 109 -96.60 18.01 -2.48
C ASP M 109 -96.74 16.50 -2.56
N GLU M 110 -95.72 15.76 -2.12
CA GLU M 110 -95.74 14.31 -2.11
C GLU M 110 -96.38 13.73 -0.85
N ASP M 111 -97.20 14.52 -0.14
CA ASP M 111 -97.85 14.02 1.06
C ASP M 111 -98.77 12.85 0.74
N ASP M 112 -99.62 13.00 -0.27
CA ASP M 112 -100.56 11.95 -0.67
C ASP M 112 -100.02 11.28 -1.92
N CYS M 113 -99.62 10.01 -1.78
CA CYS M 113 -99.09 9.21 -2.88
C CYS M 113 -99.93 7.94 -2.99
N GLU M 114 -100.93 7.97 -3.87
CA GLU M 114 -101.79 6.81 -4.08
C GLU M 114 -101.17 5.83 -5.07
N SER M 115 -100.64 6.33 -6.18
CA SER M 115 -99.98 5.48 -7.16
C SER M 115 -98.54 5.20 -6.73
N GLU M 116 -97.86 4.37 -7.52
CA GLU M 116 -96.48 4.03 -7.22
C GLU M 116 -95.58 5.26 -7.41
N PRO M 117 -94.51 5.37 -6.61
CA PRO M 117 -93.61 6.52 -6.75
C PRO M 117 -92.79 6.45 -8.03
N ARG M 118 -93.42 6.76 -9.16
CA ARG M 118 -92.74 6.74 -10.44
C ARG M 118 -91.64 7.79 -10.48
N PRO M 119 -90.39 7.41 -10.69
CA PRO M 119 -89.31 8.41 -10.78
C PRO M 119 -89.39 9.17 -12.08
N PRO M 120 -89.13 10.49 -12.05
CA PRO M 120 -89.21 11.27 -13.29
C PRO M 120 -88.01 11.09 -14.21
N CYS M 121 -86.85 10.69 -13.68
CA CYS M 121 -85.65 10.52 -14.47
C CYS M 121 -84.89 9.30 -13.97
N ARG M 122 -84.52 8.42 -14.89
CA ARG M 122 -83.85 7.17 -14.53
C ARG M 122 -82.34 7.32 -14.41
N ASP M 123 -81.73 8.17 -15.22
CA ASP M 123 -80.29 8.33 -15.19
C ASP M 123 -79.85 9.00 -13.88
N ARG M 124 -78.60 8.73 -13.50
CA ARG M 124 -78.02 9.28 -12.28
C ARG M 124 -77.50 10.68 -12.56
N VAL M 125 -78.21 11.69 -12.07
CA VAL M 125 -77.84 13.09 -12.26
C VAL M 125 -77.72 13.71 -10.88
N VAL M 126 -76.50 14.12 -10.51
CA VAL M 126 -76.27 14.69 -9.18
C VAL M 126 -76.87 16.08 -9.11
N GLU M 127 -77.44 16.41 -7.95
CA GLU M 127 -78.01 17.74 -7.75
C GLU M 127 -76.92 18.81 -7.79
N GLU M 128 -77.33 20.02 -8.16
CA GLU M 128 -76.41 21.15 -8.30
C GLU M 128 -75.96 21.59 -6.91
N SER M 129 -74.76 21.17 -6.52
CA SER M 129 -74.25 21.42 -5.17
C SER M 129 -73.38 22.67 -5.18
N GLU M 130 -73.84 23.71 -4.48
CA GLU M 130 -73.10 24.95 -4.24
C GLU M 130 -72.79 25.71 -5.52
N LEU M 131 -73.32 25.28 -6.64
CA LEU M 131 -73.09 25.92 -7.93
C LEU M 131 -74.18 26.96 -8.15
N ALA M 132 -74.35 27.42 -9.39
CA ALA M 132 -75.25 28.52 -9.73
C ALA M 132 -76.72 28.24 -9.41
N ARG M 133 -77.00 27.08 -8.79
CA ARG M 133 -78.34 26.73 -8.34
C ARG M 133 -79.06 27.90 -7.67
N THR M 134 -78.33 28.66 -6.86
CA THR M 134 -78.86 29.90 -6.27
C THR M 134 -78.54 31.05 -7.21
N ALA M 135 -79.34 31.14 -8.27
CA ALA M 135 -79.11 32.10 -9.34
C ALA M 135 -79.77 33.45 -9.10
N GLY M 136 -80.48 33.62 -7.98
CA GLY M 136 -81.13 34.88 -7.67
C GLY M 136 -80.19 35.81 -6.92
N TYR M 137 -80.17 37.07 -7.33
CA TYR M 137 -79.31 38.07 -6.72
C TYR M 137 -80.03 39.42 -6.72
N GLY M 138 -79.96 40.12 -5.59
CA GLY M 138 -80.69 41.35 -5.40
C GLY M 138 -79.80 42.58 -5.27
N ILE M 139 -78.79 42.69 -6.13
CA ILE M 139 -77.82 43.78 -6.03
C ILE M 139 -78.51 45.13 -5.99
N ASN M 140 -77.99 46.01 -5.13
CA ASN M 140 -78.47 47.39 -5.01
C ASN M 140 -77.51 48.30 -5.78
N ILE M 141 -78.05 49.05 -6.74
CA ILE M 141 -77.22 49.97 -7.51
C ILE M 141 -76.64 51.06 -6.62
N LEU M 142 -77.36 51.44 -5.58
CA LEU M 142 -76.87 52.40 -4.60
C LEU M 142 -76.19 51.74 -3.41
N GLY M 143 -76.31 50.41 -3.28
CA GLY M 143 -75.77 49.72 -2.13
C GLY M 143 -74.43 49.05 -2.34
N MET M 144 -74.45 47.72 -2.41
CA MET M 144 -73.21 46.94 -2.43
C MET M 144 -73.46 45.66 -3.23
N ASP M 145 -72.60 44.65 -3.01
CA ASP M 145 -72.58 43.37 -3.70
C ASP M 145 -73.96 42.71 -3.75
N PRO M 146 -74.20 41.79 -4.69
CA PRO M 146 -75.54 41.21 -4.84
C PRO M 146 -76.03 40.50 -3.59
N LEU M 147 -77.34 40.29 -3.56
CA LEU M 147 -78.04 39.71 -2.42
C LEU M 147 -78.37 38.24 -2.70
N SER M 148 -79.14 37.62 -1.81
CA SER M 148 -79.52 36.23 -1.96
C SER M 148 -80.62 36.10 -3.02
N THR M 149 -81.18 34.91 -3.16
CA THR M 149 -82.17 34.67 -4.20
C THR M 149 -83.54 35.15 -3.74
N PRO M 150 -84.24 35.95 -4.54
CA PRO M 150 -85.60 36.39 -4.20
C PRO M 150 -86.70 35.43 -4.61
N PHE M 151 -86.37 34.30 -5.25
CA PHE M 151 -87.37 33.39 -5.78
C PHE M 151 -86.92 31.96 -5.54
N ASP M 152 -87.87 31.04 -5.66
CA ASP M 152 -87.56 29.62 -5.54
C ASP M 152 -86.83 29.13 -6.79
N ASN M 153 -85.68 28.49 -6.59
CA ASN M 153 -84.84 28.04 -7.69
C ASN M 153 -84.63 26.52 -7.66
N GLU M 154 -85.46 25.80 -6.93
CA GLU M 154 -85.35 24.34 -6.83
C GLU M 154 -86.40 23.61 -7.64
N PHE M 155 -87.56 24.22 -7.84
CA PHE M 155 -88.64 23.57 -8.59
C PHE M 155 -88.25 23.37 -10.05
N TYR M 156 -88.66 22.22 -10.60
CA TYR M 156 -88.46 21.91 -12.01
C TYR M 156 -89.76 21.39 -12.60
N ASN M 157 -89.94 21.62 -13.90
CA ASN M 157 -91.23 21.33 -14.54
C ASN M 157 -91.37 19.86 -14.90
N GLY M 158 -90.52 19.36 -15.80
CA GLY M 158 -90.70 18.02 -16.34
C GLY M 158 -89.46 17.17 -16.40
N LEU M 159 -89.15 16.65 -17.59
CA LEU M 159 -87.99 15.79 -17.76
C LEU M 159 -86.70 16.56 -17.50
N CYS M 160 -85.81 15.95 -16.71
CA CYS M 160 -84.55 16.57 -16.36
C CYS M 160 -83.77 16.95 -17.62
N ASN M 161 -83.26 18.19 -17.64
CA ASN M 161 -82.45 18.69 -18.73
C ASN M 161 -80.99 18.46 -18.38
N ARG M 162 -80.32 17.61 -19.16
CA ARG M 162 -78.96 17.20 -18.84
C ARG M 162 -77.99 18.37 -18.95
N ASP M 163 -76.98 18.36 -18.08
CA ASP M 163 -75.96 19.40 -18.04
C ASP M 163 -74.58 18.76 -18.12
N ARG M 164 -74.38 17.89 -19.10
CA ARG M 164 -73.17 17.07 -19.21
C ARG M 164 -72.00 17.97 -19.60
N ASP M 165 -71.46 18.66 -18.61
CA ASP M 165 -70.32 19.55 -18.80
C ASP M 165 -69.69 19.80 -17.44
N GLY M 166 -68.46 20.33 -17.46
CA GLY M 166 -67.73 20.63 -16.25
C GLY M 166 -66.35 20.02 -16.28
N ASN M 167 -65.60 20.31 -15.21
CA ASN M 167 -64.23 19.80 -15.09
C ASN M 167 -64.21 18.28 -15.03
N THR M 168 -64.91 17.71 -14.06
CA THR M 168 -64.95 16.27 -13.90
C THR M 168 -66.14 15.67 -14.66
N LEU M 169 -66.29 14.36 -14.57
CA LEU M 169 -67.38 13.65 -15.24
C LEU M 169 -68.52 13.50 -14.23
N THR M 170 -69.44 14.46 -14.26
CA THR M 170 -70.58 14.47 -13.36
C THR M 170 -71.73 15.21 -14.03
N TYR M 171 -72.95 14.76 -13.73
CA TYR M 171 -74.16 15.31 -14.34
C TYR M 171 -74.88 16.18 -13.32
N TYR M 172 -75.07 17.45 -13.65
CA TYR M 172 -75.79 18.39 -12.82
C TYR M 172 -77.19 18.64 -13.37
N ARG M 173 -78.03 19.26 -12.54
CA ARG M 173 -79.39 19.62 -12.93
C ARG M 173 -79.50 21.13 -13.13
N ARG M 174 -80.33 21.52 -14.09
CA ARG M 174 -80.63 22.92 -14.32
C ARG M 174 -82.09 23.19 -14.00
N PRO M 175 -82.39 24.05 -13.04
CA PRO M 175 -83.79 24.25 -12.64
C PRO M 175 -84.61 24.91 -13.73
N TRP M 176 -85.92 24.76 -13.62
CA TRP M 176 -86.85 25.36 -14.58
C TRP M 176 -86.86 26.88 -14.49
N ASN M 177 -86.42 27.45 -13.35
CA ASN M 177 -86.32 28.89 -13.23
C ASN M 177 -85.13 29.46 -13.98
N VAL M 178 -84.04 28.70 -14.07
CA VAL M 178 -82.84 29.14 -14.78
C VAL M 178 -82.95 28.71 -16.23
N ALA M 179 -82.89 29.68 -17.14
CA ALA M 179 -83.03 29.37 -18.56
C ALA M 179 -81.77 28.71 -19.11
N SER M 180 -80.60 29.09 -18.60
CA SER M 180 -79.34 28.56 -19.10
C SER M 180 -78.32 28.48 -17.98
N LEU M 181 -77.41 27.53 -18.09
CA LEU M 181 -76.32 27.35 -17.12
C LEU M 181 -75.10 26.86 -17.89
N ILE M 182 -74.22 27.78 -18.25
CA ILE M 182 -73.02 27.44 -19.01
C ILE M 182 -71.86 27.23 -18.04
N TYR M 183 -70.89 26.42 -18.47
CA TYR M 183 -69.73 26.07 -17.66
C TYR M 183 -68.43 26.55 -18.31
N GLU M 184 -68.51 27.60 -19.13
CA GLU M 184 -67.32 28.15 -19.76
C GLU M 184 -66.41 28.77 -18.71
N THR M 185 -65.23 28.19 -18.53
CA THR M 185 -64.28 28.66 -17.53
C THR M 185 -63.24 29.57 -18.18
N LYS M 186 -63.71 30.73 -18.60
CA LYS M 186 -62.84 31.73 -19.21
C LYS M 186 -61.81 32.24 -18.19
N GLY M 187 -60.67 32.69 -18.69
CA GLY M 187 -59.62 33.21 -17.83
C GLY M 187 -58.89 34.40 -18.43
N GLU M 188 -58.73 35.45 -17.63
CA GLU M 188 -58.06 36.67 -18.09
C GLU M 188 -57.45 37.37 -16.89
N LYS M 189 -56.75 38.47 -17.16
CA LYS M 189 -56.07 39.24 -16.13
C LYS M 189 -55.87 40.66 -16.66
N ASN M 190 -55.09 41.46 -15.92
CA ASN M 190 -54.81 42.82 -16.33
C ASN M 190 -53.48 43.26 -15.72
N PHE M 191 -52.77 44.12 -16.44
CA PHE M 191 -51.50 44.66 -15.98
C PHE M 191 -51.18 45.92 -16.76
N ARG M 192 -50.57 46.90 -16.10
CA ARG M 192 -50.19 48.14 -16.75
C ARG M 192 -49.07 48.79 -15.96
N THR M 193 -48.38 49.73 -16.61
CA THR M 193 -47.28 50.44 -15.99
C THR M 193 -47.09 51.77 -16.71
N GLU M 194 -46.49 52.73 -16.01
CA GLU M 194 -46.23 54.04 -16.57
C GLU M 194 -45.15 54.73 -15.74
N HIS M 195 -44.50 55.71 -16.36
CA HIS M 195 -43.44 56.47 -15.71
C HIS M 195 -43.43 57.88 -16.29
N TYR M 196 -43.36 58.87 -15.40
CA TYR M 196 -43.23 60.27 -15.79
C TYR M 196 -41.96 60.84 -15.17
N GLU M 197 -41.37 61.81 -15.85
CA GLU M 197 -40.14 62.43 -15.37
C GLU M 197 -40.11 63.89 -15.79
N GLU M 198 -39.61 64.74 -14.90
CA GLU M 198 -39.46 66.16 -15.17
C GLU M 198 -38.23 66.68 -14.45
N GLN M 199 -37.45 67.50 -15.14
CA GLN M 199 -36.22 68.05 -14.59
C GLN M 199 -36.01 69.44 -15.16
N ILE M 200 -35.57 70.37 -14.31
CA ILE M 200 -35.29 71.73 -14.73
C ILE M 200 -34.16 72.29 -13.88
N GLU M 201 -33.25 73.02 -14.52
CA GLU M 201 -32.11 73.64 -13.86
C GLU M 201 -31.85 75.01 -14.46
N ALA M 202 -31.32 75.92 -13.64
CA ALA M 202 -31.03 77.27 -14.09
C ALA M 202 -29.83 77.83 -13.32
N PHE M 203 -28.85 78.36 -14.05
CA PHE M 203 -27.67 78.97 -13.48
C PHE M 203 -27.56 80.41 -13.96
N LYS M 204 -27.13 81.30 -13.07
CA LYS M 204 -26.97 82.71 -13.39
C LYS M 204 -25.75 83.27 -12.67
N SER M 205 -25.07 84.22 -13.31
CA SER M 205 -23.90 84.86 -12.73
C SER M 205 -23.81 86.30 -13.23
N ILE M 206 -23.51 87.21 -12.30
CA ILE M 206 -23.41 88.64 -12.61
C ILE M 206 -22.22 89.21 -11.84
N ILE M 207 -21.37 89.98 -12.52
CA ILE M 207 -20.21 90.59 -11.91
C ILE M 207 -20.10 92.03 -12.39
N GLN M 208 -19.69 92.93 -11.49
CA GLN M 208 -19.53 94.34 -11.80
C GLN M 208 -18.23 94.84 -11.20
N GLU M 209 -17.64 95.83 -11.85
CA GLU M 209 -16.38 96.41 -11.37
C GLU M 209 -16.29 97.86 -11.83
N LYS M 210 -15.79 98.72 -10.95
CA LYS M 210 -15.61 100.13 -11.25
C LYS M 210 -14.34 100.64 -10.61
N THR M 211 -13.60 101.48 -11.34
CA THR M 211 -12.34 102.04 -10.88
C THR M 211 -12.31 103.54 -11.18
N SER M 212 -11.86 104.32 -10.22
CA SER M 212 -11.79 105.78 -10.35
C SER M 212 -10.51 106.29 -9.70
N ASN M 213 -9.79 107.15 -10.41
CA ASN M 213 -8.52 107.68 -9.93
C ASN M 213 -8.42 109.16 -10.30
N PHE M 214 -7.90 109.95 -9.38
CA PHE M 214 -7.75 111.40 -9.60
C PHE M 214 -6.41 111.84 -9.03
N ASN M 215 -5.65 112.59 -9.84
CA ASN M 215 -4.37 113.15 -9.43
C ASN M 215 -4.28 114.61 -9.87
N ALA M 216 -3.68 115.44 -9.02
CA ALA M 216 -3.57 116.87 -9.30
C ALA M 216 -2.36 117.42 -8.57
N ALA M 217 -1.33 117.81 -9.31
CA ALA M 217 -0.13 118.40 -8.75
C ALA M 217 0.09 119.78 -9.36
N ILE M 218 0.29 120.78 -8.51
CA ILE M 218 0.52 122.15 -8.93
C ILE M 218 1.65 122.74 -8.10
N SER M 219 2.60 123.40 -8.76
CA SER M 219 3.75 124.01 -8.12
C SER M 219 3.73 125.52 -8.36
N LEU M 220 4.22 126.26 -7.36
CA LEU M 220 4.25 127.72 -7.41
C LEU M 220 5.69 128.19 -7.17
N LYS M 221 6.13 129.15 -7.98
CA LYS M 221 7.47 129.71 -7.86
C LYS M 221 7.38 131.22 -8.03
N PHE M 222 8.05 131.95 -7.14
CA PHE M 222 8.05 133.42 -7.19
C PHE M 222 9.38 133.92 -6.64
N THR M 223 10.17 134.55 -7.50
CA THR M 223 11.46 135.11 -7.09
C THR M 223 11.77 136.27 -8.03
N PRO M 224 11.51 137.52 -7.59
CA PRO M 224 11.79 138.70 -8.41
C PRO M 224 13.27 139.06 -8.43
N SER M 242 15.68 141.13 -0.74
CA SER M 242 15.44 139.79 -1.27
C SER M 242 13.98 139.38 -1.09
N LEU M 243 13.47 138.58 -2.03
CA LEU M 243 12.10 138.12 -1.98
C LEU M 243 12.01 136.78 -2.70
N HIS M 244 11.33 135.82 -2.07
CA HIS M 244 11.21 134.47 -2.61
C HIS M 244 9.83 133.92 -2.31
N GLY M 245 9.39 132.98 -3.14
CA GLY M 245 8.11 132.32 -2.95
C GLY M 245 8.09 130.91 -3.52
N LYS M 246 7.59 129.95 -2.74
CA LYS M 246 7.57 128.56 -3.16
C LYS M 246 6.33 127.88 -2.61
N GLY M 247 5.57 127.22 -3.50
CA GLY M 247 4.40 126.48 -3.10
C GLY M 247 4.15 125.27 -3.97
N SER M 248 3.67 124.18 -3.38
CA SER M 248 3.43 122.96 -4.13
C SER M 248 2.27 122.20 -3.50
N PHE M 249 1.28 121.86 -4.32
CA PHE M 249 0.11 121.10 -3.86
C PHE M 249 0.16 119.69 -4.45
N ARG M 250 -0.33 118.73 -3.68
CA ARG M 250 -0.40 117.34 -4.12
C ARG M 250 -1.75 116.76 -3.75
N PHE M 251 -2.26 115.88 -4.62
CA PHE M 251 -3.58 115.30 -4.44
C PHE M 251 -3.61 113.93 -5.09
N SER M 252 -4.29 112.98 -4.45
CA SER M 252 -4.40 111.63 -4.96
C SER M 252 -5.79 111.08 -4.67
N TYR M 253 -6.16 110.02 -5.37
CA TYR M 253 -7.47 109.42 -5.21
C TYR M 253 -7.45 108.00 -5.76
N SER M 254 -8.21 107.11 -5.11
CA SER M 254 -8.35 105.74 -5.55
C SER M 254 -9.71 105.22 -5.14
N LYS M 255 -10.33 104.42 -6.01
CA LYS M 255 -11.67 103.91 -5.73
C LYS M 255 -11.90 102.62 -6.50
N ASN M 256 -12.41 101.60 -5.80
CA ASN M 256 -12.87 100.36 -6.40
C ASN M 256 -14.10 99.87 -5.66
N GLU M 257 -15.16 99.58 -6.42
CA GLU M 257 -16.39 99.00 -5.87
C GLU M 257 -16.80 97.85 -6.77
N THR M 258 -16.47 96.63 -6.36
CA THR M 258 -16.73 95.43 -7.13
C THR M 258 -18.01 94.77 -6.64
N TYR M 259 -18.89 94.42 -7.58
CA TYR M 259 -20.13 93.74 -7.29
C TYR M 259 -20.12 92.36 -7.92
N GLN M 260 -20.77 91.41 -7.24
CA GLN M 260 -20.84 90.04 -7.72
C GLN M 260 -22.20 89.45 -7.34
N LEU M 261 -22.81 88.75 -8.29
CA LEU M 261 -24.11 88.13 -8.09
C LEU M 261 -24.11 86.74 -8.69
N PHE M 262 -24.76 85.81 -8.00
CA PHE M 262 -24.85 84.42 -8.45
C PHE M 262 -26.23 83.88 -8.09
N LEU M 263 -26.88 83.24 -9.04
CA LEU M 263 -28.22 82.69 -8.85
C LEU M 263 -28.29 81.31 -9.48
N SER M 264 -28.91 80.37 -8.75
CA SER M 264 -29.04 79.00 -9.20
C SER M 264 -30.42 78.47 -8.83
N TYR M 265 -30.99 77.69 -9.73
CA TYR M 265 -32.31 77.12 -9.52
C TYR M 265 -32.35 75.74 -10.17
N SER M 266 -32.95 74.78 -9.46
CA SER M 266 -33.04 73.41 -9.95
C SER M 266 -34.25 72.73 -9.34
N SER M 267 -34.94 71.92 -10.14
CA SER M 267 -36.11 71.19 -9.68
C SER M 267 -36.26 69.92 -10.50
N LYS M 268 -36.70 68.86 -9.85
CA LYS M 268 -36.89 67.56 -10.49
C LYS M 268 -38.21 66.96 -10.03
N LYS M 269 -38.93 66.34 -10.97
CA LYS M 269 -40.21 65.72 -10.69
C LYS M 269 -40.29 64.36 -11.38
N GLU M 270 -40.93 63.40 -10.70
CA GLU M 270 -41.08 62.06 -11.22
C GLU M 270 -42.43 61.51 -10.78
N LYS M 271 -43.06 60.71 -11.63
CA LYS M 271 -44.35 60.12 -11.34
C LYS M 271 -44.43 58.73 -11.93
N MET M 272 -45.00 57.79 -11.17
CA MET M 272 -45.16 56.41 -11.60
C MET M 272 -46.60 55.96 -11.35
N PHE M 273 -47.17 55.29 -12.33
CA PHE M 273 -48.52 54.76 -12.23
C PHE M 273 -48.56 53.36 -12.83
N LEU M 274 -49.05 52.40 -12.04
CA LEU M 274 -49.12 51.02 -12.49
C LEU M 274 -50.22 50.30 -11.73
N HIS M 275 -51.01 49.50 -12.45
CA HIS M 275 -52.08 48.74 -11.84
C HIS M 275 -52.20 47.39 -12.54
N VAL M 276 -52.70 46.40 -11.80
CA VAL M 276 -52.87 45.05 -12.31
C VAL M 276 -54.15 44.46 -11.75
N LYS M 277 -54.78 43.60 -12.54
CA LYS M 277 -56.03 42.97 -12.13
C LYS M 277 -56.09 41.56 -12.69
N GLY M 278 -56.99 40.76 -12.13
CA GLY M 278 -57.18 39.40 -12.59
C GLY M 278 -58.63 38.97 -12.54
N GLU M 279 -59.08 38.21 -13.53
CA GLU M 279 -60.47 37.75 -13.59
C GLU M 279 -60.48 36.29 -13.99
N ILE M 280 -60.77 35.41 -13.04
CA ILE M 280 -60.90 33.98 -13.28
C ILE M 280 -62.39 33.66 -13.34
N HIS M 281 -62.91 33.54 -14.56
CA HIS M 281 -64.31 33.23 -14.76
C HIS M 281 -64.56 31.73 -14.59
N LEU M 282 -65.67 31.38 -13.93
CA LEU M 282 -66.00 30.00 -13.63
C LEU M 282 -67.23 29.52 -14.37
N GLY M 283 -68.36 30.21 -14.22
CA GLY M 283 -69.59 29.79 -14.85
C GLY M 283 -70.49 30.99 -15.14
N ARG M 284 -71.46 30.75 -16.02
CA ARG M 284 -72.37 31.80 -16.46
C ARG M 284 -73.78 31.23 -16.57
N PHE M 285 -74.77 32.06 -16.22
CA PHE M 285 -76.16 31.65 -16.27
C PHE M 285 -77.01 32.83 -16.74
N VAL M 286 -78.20 32.51 -17.22
CA VAL M 286 -79.18 33.51 -17.63
C VAL M 286 -80.52 33.10 -17.05
N MET M 287 -81.05 33.90 -16.12
CA MET M 287 -82.34 33.62 -15.52
C MET M 287 -83.45 33.81 -16.56
N ARG M 288 -84.40 32.87 -16.56
CA ARG M 288 -85.56 32.99 -17.42
C ARG M 288 -86.39 34.20 -17.00
N ASN M 289 -86.66 35.09 -17.97
CA ASN M 289 -87.29 36.36 -17.64
C ASN M 289 -88.75 36.17 -17.25
N ARG M 290 -89.53 35.51 -18.09
CA ARG M 290 -90.94 35.28 -17.83
C ARG M 290 -91.21 33.79 -17.72
N ASP M 291 -92.40 33.46 -17.23
CA ASP M 291 -92.81 32.06 -16.99
C ASP M 291 -91.86 31.39 -16.01
N VAL M 292 -91.59 32.07 -14.90
CA VAL M 292 -90.69 31.60 -13.86
C VAL M 292 -91.46 31.52 -12.54
N VAL M 293 -91.08 30.55 -11.72
CA VAL M 293 -91.71 30.34 -10.42
C VAL M 293 -90.99 31.15 -9.36
N LEU M 294 -91.72 31.50 -8.30
CA LEU M 294 -91.20 32.32 -7.22
C LEU M 294 -91.32 31.56 -5.91
N THR M 295 -90.65 32.06 -4.88
CA THR M 295 -90.66 31.43 -3.58
C THR M 295 -91.88 31.86 -2.77
N THR M 296 -92.27 31.01 -1.82
CA THR M 296 -93.44 31.30 -1.00
C THR M 296 -93.26 32.53 -0.13
N THR M 297 -92.02 32.89 0.20
CA THR M 297 -91.79 34.08 1.02
C THR M 297 -92.02 35.35 0.23
N PHE M 298 -91.51 35.40 -1.01
CA PHE M 298 -91.69 36.59 -1.83
C PHE M 298 -93.13 36.75 -2.31
N VAL M 299 -93.78 35.65 -2.66
CA VAL M 299 -95.17 35.70 -3.10
C VAL M 299 -96.07 36.21 -1.98
N ASP M 300 -95.81 35.75 -0.74
CA ASP M 300 -96.60 36.24 0.39
C ASP M 300 -96.38 37.73 0.62
N ASP M 301 -95.17 38.23 0.34
CA ASP M 301 -94.92 39.66 0.45
C ASP M 301 -95.67 40.43 -0.62
N ILE M 302 -95.71 39.90 -1.85
CA ILE M 302 -96.47 40.56 -2.91
C ILE M 302 -97.97 40.42 -2.67
N LYS M 303 -98.39 39.30 -2.06
CA LYS M 303 -99.80 39.15 -1.72
C LYS M 303 -100.20 40.10 -0.59
N ALA M 304 -99.38 40.17 0.46
CA ALA M 304 -99.59 41.13 1.55
C ALA M 304 -98.82 42.40 1.24
N LEU M 305 -99.34 43.14 0.25
CA LEU M 305 -98.71 44.34 -0.26
C LEU M 305 -99.78 45.38 -0.52
N PRO M 306 -99.53 46.65 -0.17
CA PRO M 306 -100.53 47.69 -0.40
C PRO M 306 -100.72 48.02 -1.87
N THR M 307 -101.69 48.89 -2.17
CA THR M 307 -101.96 49.26 -3.55
C THR M 307 -102.25 50.75 -3.71
N THR M 308 -102.03 51.56 -2.67
CA THR M 308 -102.33 52.99 -2.70
C THR M 308 -101.06 53.82 -2.62
N TYR M 309 -99.99 53.33 -3.24
CA TYR M 309 -98.69 54.01 -3.29
C TYR M 309 -98.16 54.27 -1.88
N GLU M 310 -97.89 53.17 -1.16
CA GLU M 310 -97.29 53.26 0.17
C GLU M 310 -95.77 53.27 0.00
N LYS M 311 -95.23 54.48 -0.13
CA LYS M 311 -93.78 54.65 -0.28
C LYS M 311 -93.04 54.15 0.97
N GLY M 312 -93.67 54.23 2.14
CA GLY M 312 -93.01 53.79 3.35
C GLY M 312 -92.70 52.31 3.35
N GLU M 313 -93.70 51.48 3.05
CA GLU M 313 -93.48 50.03 3.01
C GLU M 313 -92.68 49.64 1.78
N TYR M 314 -92.90 50.32 0.65
CA TYR M 314 -92.16 50.00 -0.57
C TYR M 314 -90.67 50.27 -0.39
N PHE M 315 -90.32 51.38 0.26
CA PHE M 315 -88.92 51.62 0.58
C PHE M 315 -88.39 50.56 1.55
N ALA M 316 -89.24 50.10 2.46
CA ALA M 316 -88.85 49.00 3.34
C ALA M 316 -88.76 47.69 2.57
N PHE M 317 -89.76 47.41 1.73
CA PHE M 317 -89.71 46.22 0.89
C PHE M 317 -88.56 46.28 -0.11
N LEU M 318 -88.13 47.49 -0.47
CA LEU M 318 -87.05 47.64 -1.44
C LEU M 318 -85.73 47.13 -0.87
N GLU M 319 -85.46 47.41 0.41
CA GLU M 319 -84.22 46.96 1.02
C GLU M 319 -84.22 45.46 1.29
N THR M 320 -85.39 44.84 1.42
CA THR M 320 -85.46 43.42 1.75
C THR M 320 -84.97 42.55 0.61
N TYR M 321 -85.40 42.85 -0.62
CA TYR M 321 -85.05 42.04 -1.79
C TYR M 321 -84.27 42.85 -2.83
N GLY M 322 -83.65 43.96 -2.44
CA GLY M 322 -82.91 44.76 -3.37
C GLY M 322 -83.80 45.57 -4.30
N THR M 323 -83.19 46.40 -5.15
CA THR M 323 -83.93 47.23 -6.08
C THR M 323 -84.20 46.53 -7.41
N HIS M 324 -83.23 45.78 -7.92
CA HIS M 324 -83.37 45.08 -9.18
C HIS M 324 -82.55 43.81 -9.14
N TYR M 325 -83.08 42.76 -9.76
CA TYR M 325 -82.44 41.45 -9.73
C TYR M 325 -81.51 41.27 -10.93
N SER M 326 -80.81 40.15 -10.92
CA SER M 326 -79.84 39.82 -11.97
C SER M 326 -80.50 38.89 -12.99
N SER M 327 -80.58 39.36 -14.24
CA SER M 327 -81.06 38.49 -15.32
C SER M 327 -80.00 37.50 -15.76
N SER M 328 -78.72 37.88 -15.68
CA SER M 328 -77.63 36.99 -16.06
C SER M 328 -76.41 37.35 -15.22
N GLY M 329 -75.78 36.34 -14.63
CA GLY M 329 -74.61 36.55 -13.81
C GLY M 329 -73.37 35.85 -14.33
N SER M 330 -72.30 35.88 -13.54
CA SER M 330 -71.03 35.24 -13.93
C SER M 330 -70.34 34.77 -12.66
N LEU M 331 -70.49 33.50 -12.34
CA LEU M 331 -69.87 32.94 -11.15
C LEU M 331 -68.36 32.86 -11.33
N GLY M 332 -67.62 33.11 -10.24
CA GLY M 332 -66.18 33.08 -10.30
C GLY M 332 -65.51 33.91 -9.22
N GLY M 333 -64.60 34.79 -9.62
CA GLY M 333 -63.88 35.64 -8.70
C GLY M 333 -62.87 36.52 -9.41
N LEU M 334 -62.60 37.70 -8.85
CA LEU M 334 -61.66 38.63 -9.45
C LEU M 334 -60.77 39.24 -8.38
N TYR M 335 -59.57 39.63 -8.78
CA TYR M 335 -58.63 40.32 -7.91
C TYR M 335 -57.99 41.46 -8.69
N GLU M 336 -57.56 42.49 -7.97
CA GLU M 336 -56.98 43.67 -8.58
C GLU M 336 -55.93 44.27 -7.65
N LEU M 337 -54.98 44.98 -8.25
CA LEU M 337 -53.93 45.67 -7.50
C LEU M 337 -53.64 47.00 -8.17
N ILE M 338 -53.54 48.05 -7.36
CA ILE M 338 -53.31 49.41 -7.85
C ILE M 338 -52.14 50.01 -7.08
N TYR M 339 -51.23 50.66 -7.81
CA TYR M 339 -50.06 51.30 -7.22
C TYR M 339 -49.86 52.68 -7.83
N VAL M 340 -49.48 53.64 -6.99
CA VAL M 340 -49.26 55.00 -7.42
C VAL M 340 -47.97 55.51 -6.79
N LEU M 341 -47.33 56.46 -7.46
CA LEU M 341 -46.09 57.05 -6.97
C LEU M 341 -45.93 58.44 -7.57
N ASP M 342 -45.45 59.38 -6.75
CA ASP M 342 -45.23 60.75 -7.18
C ASP M 342 -43.99 61.30 -6.47
N LYS M 343 -43.15 61.99 -7.23
CA LYS M 343 -41.91 62.55 -6.72
C LYS M 343 -41.78 64.01 -7.16
N ALA M 344 -41.30 64.85 -6.27
CA ALA M 344 -41.13 66.27 -6.55
C ALA M 344 -39.91 66.79 -5.79
N SER M 345 -39.18 67.70 -6.41
CA SER M 345 -37.99 68.29 -5.79
C SER M 345 -37.82 69.71 -6.30
N MET M 346 -37.29 70.58 -5.45
CA MET M 346 -37.05 71.97 -5.81
C MET M 346 -35.81 72.47 -5.08
N LYS M 347 -34.98 73.23 -5.79
CA LYS M 347 -33.76 73.80 -5.23
C LYS M 347 -33.56 75.20 -5.81
N ARG M 348 -33.16 76.14 -4.95
CA ARG M 348 -32.91 77.51 -5.37
C ARG M 348 -31.72 78.06 -4.59
N LYS M 349 -30.75 78.63 -5.30
CA LYS M 349 -29.54 79.15 -4.70
C LYS M 349 -29.27 80.56 -5.19
N GLY M 350 -28.94 81.45 -4.26
CA GLY M 350 -28.59 82.82 -4.60
C GLY M 350 -27.42 83.32 -3.77
N VAL M 351 -26.39 83.83 -4.45
CA VAL M 351 -25.19 84.31 -3.78
C VAL M 351 -24.95 85.76 -4.18
N GLU M 352 -24.68 86.62 -3.20
CA GLU M 352 -24.44 88.03 -3.43
C GLU M 352 -23.16 88.44 -2.71
N LEU M 353 -22.28 89.14 -3.43
CA LEU M 353 -21.04 89.64 -2.87
C LEU M 353 -20.85 91.08 -3.31
N LYS M 354 -20.61 91.97 -2.34
CA LYS M 354 -20.45 93.40 -2.61
C LYS M 354 -19.27 93.93 -1.81
N ASP M 355 -18.30 94.52 -2.50
CA ASP M 355 -17.14 95.11 -1.86
C ASP M 355 -16.92 96.50 -2.44
N ILE M 356 -16.68 97.47 -1.57
CA ILE M 356 -16.46 98.86 -1.96
C ILE M 356 -15.19 99.34 -1.26
N LYS M 357 -14.26 99.89 -2.03
CA LYS M 357 -13.01 100.43 -1.50
C LYS M 357 -12.74 101.78 -2.14
N ARG M 358 -12.47 102.78 -1.31
CA ARG M 358 -12.21 104.12 -1.79
C ARG M 358 -11.34 104.85 -0.77
N CYS M 359 -10.23 105.42 -1.24
CA CYS M 359 -9.30 106.14 -0.38
C CYS M 359 -8.96 107.48 -1.00
N LEU M 360 -8.60 108.44 -0.15
CA LEU M 360 -8.27 109.80 -0.56
C LEU M 360 -6.89 110.17 -0.06
N GLY M 361 -6.15 110.93 -0.86
CA GLY M 361 -4.83 111.38 -0.49
C GLY M 361 -4.58 112.84 -0.83
N TYR M 362 -3.99 113.58 0.11
CA TYR M 362 -3.69 114.99 -0.09
C TYR M 362 -2.40 115.34 0.64
N HIS M 363 -1.57 116.16 0.01
CA HIS M 363 -0.31 116.59 0.59
C HIS M 363 -0.12 118.07 0.33
N LEU M 364 0.24 118.82 1.38
CA LEU M 364 0.44 120.26 1.29
C LEU M 364 1.78 120.62 1.91
N ASP M 365 2.61 121.34 1.15
CA ASP M 365 3.92 121.78 1.61
C ASP M 365 4.20 123.15 1.03
N VAL M 366 4.39 124.14 1.90
CA VAL M 366 4.68 125.52 1.50
C VAL M 366 5.86 126.00 2.32
N SER M 367 6.87 126.56 1.63
CA SER M 367 8.06 127.08 2.28
C SER M 367 8.39 128.45 1.73
N LEU M 368 8.69 129.39 2.62
CA LEU M 368 9.01 130.76 2.25
C LEU M 368 10.31 131.18 2.92
N ALA M 369 11.16 131.89 2.18
CA ALA M 369 12.42 132.37 2.70
C ALA M 369 12.62 133.82 2.24
N PHE M 370 13.06 134.67 3.16
CA PHE M 370 13.27 136.08 2.85
C PHE M 370 14.59 136.58 3.43
N SER M 371 19.39 140.55 7.22
CA SER M 371 17.98 140.20 7.26
C SER M 371 17.76 138.76 6.78
N GLU M 372 17.17 137.95 7.65
CA GLU M 372 16.89 136.55 7.33
C GLU M 372 15.53 136.17 7.86
N ILE M 373 14.69 135.58 7.02
CA ILE M 373 13.36 135.12 7.40
C ILE M 373 13.14 133.75 6.79
N SER M 374 12.59 132.83 7.58
CA SER M 374 12.32 131.47 7.14
C SER M 374 10.91 131.08 7.55
N VAL M 375 10.19 130.45 6.63
CA VAL M 375 8.82 130.00 6.86
C VAL M 375 8.67 128.59 6.30
N GLY M 376 8.10 127.69 7.09
CA GLY M 376 7.89 126.33 6.66
C GLY M 376 6.52 125.79 7.02
N ALA M 377 5.92 125.02 6.13
CA ALA M 377 4.60 124.45 6.37
C ALA M 377 4.49 123.11 5.66
N GLU M 378 3.96 122.11 6.35
CA GLU M 378 3.78 120.78 5.80
C GLU M 378 2.50 120.19 6.36
N PHE M 379 1.52 119.95 5.48
CA PHE M 379 0.24 119.37 5.86
C PHE M 379 0.02 118.09 5.07
N ASN M 380 -0.31 117.00 5.77
CA ASN M 380 -0.54 115.71 5.16
C ASN M 380 -1.95 115.23 5.49
N LYS M 381 -2.64 114.70 4.48
CA LYS M 381 -4.00 114.20 4.64
C LYS M 381 -4.12 112.83 3.99
N ASP M 382 -4.63 111.86 4.74
CA ASP M 382 -4.80 110.51 4.24
C ASP M 382 -6.01 109.88 4.92
N ASP M 383 -6.91 109.31 4.11
CA ASP M 383 -8.13 108.70 4.64
C ASP M 383 -8.63 107.68 3.63
N CYS M 384 -8.79 106.43 4.09
CA CYS M 384 -9.26 105.35 3.24
C CYS M 384 -10.55 104.78 3.81
N VAL M 385 -11.41 104.27 2.93
CA VAL M 385 -12.69 103.70 3.31
C VAL M 385 -12.83 102.33 2.67
N LYS M 386 -13.29 101.35 3.45
CA LYS M 386 -13.50 100.00 2.97
C LYS M 386 -14.90 99.53 3.35
N ARG M 387 -15.55 98.80 2.46
CA ARG M 387 -16.90 98.29 2.69
C ARG M 387 -17.02 96.90 2.09
N GLY M 388 -17.77 96.04 2.79
CA GLY M 388 -17.98 94.67 2.32
C GLY M 388 -19.36 94.14 2.65
N GLU M 389 -19.95 93.37 1.74
CA GLU M 389 -21.27 92.81 1.93
C GLU M 389 -21.33 91.43 1.29
N GLY M 390 -21.92 90.48 2.01
CA GLY M 390 -22.07 89.12 1.51
C GLY M 390 -23.37 88.47 1.94
N ARG M 391 -24.05 87.80 1.00
CA ARG M 391 -25.32 87.15 1.29
C ARG M 391 -25.40 85.85 0.51
N ALA M 392 -26.09 84.87 1.09
CA ALA M 392 -26.25 83.56 0.48
C ALA M 392 -27.68 83.09 0.65
N VAL M 393 -28.14 82.27 -0.31
CA VAL M 393 -29.48 81.71 -0.30
C VAL M 393 -29.37 80.23 -0.65
N ASN M 394 -29.85 79.37 0.25
CA ASN M 394 -29.76 77.92 0.07
C ASN M 394 -31.04 77.31 0.60
N ILE M 395 -31.94 76.90 -0.31
CA ILE M 395 -33.25 76.37 0.06
C ILE M 395 -33.55 75.17 -0.83
N THR M 396 -33.70 74.00 -0.21
CA THR M 396 -34.04 72.77 -0.90
C THR M 396 -35.41 72.27 -0.45
N SER M 397 -36.22 71.85 -1.41
CA SER M 397 -37.55 71.32 -1.12
C SER M 397 -37.76 70.04 -1.92
N GLU M 398 -38.34 69.03 -1.27
CA GLU M 398 -38.57 67.75 -1.91
C GLU M 398 -39.87 67.15 -1.37
N ASN M 399 -40.64 66.53 -2.27
CA ASN M 399 -41.90 65.92 -1.92
C ASN M 399 -41.97 64.50 -2.50
N LEU M 400 -42.51 63.57 -1.71
CA LEU M 400 -42.63 62.18 -2.12
C LEU M 400 -44.03 61.69 -1.77
N ILE M 401 -44.69 61.05 -2.74
CA ILE M 401 -46.05 60.54 -2.57
C ILE M 401 -46.11 59.14 -3.18
N ASP M 402 -46.67 58.19 -2.42
CA ASP M 402 -46.81 56.82 -2.89
C ASP M 402 -48.10 56.24 -2.34
N ASP M 403 -48.83 55.53 -3.21
CA ASP M 403 -50.10 54.92 -2.84
C ASP M 403 -50.18 53.52 -3.43
N VAL M 404 -50.73 52.59 -2.65
CA VAL M 404 -50.88 51.21 -3.08
C VAL M 404 -52.20 50.67 -2.54
N VAL M 405 -52.88 49.87 -3.35
CA VAL M 405 -54.16 49.27 -2.96
C VAL M 405 -54.34 47.97 -3.74
N SER M 406 -55.06 47.03 -3.14
CA SER M 406 -55.30 45.74 -3.77
C SER M 406 -56.52 45.10 -3.14
N LEU M 407 -57.09 44.13 -3.85
CA LEU M 407 -58.28 43.42 -3.38
C LEU M 407 -58.35 42.08 -4.07
N ILE M 408 -59.08 41.15 -3.43
CA ILE M 408 -59.25 39.80 -3.96
C ILE M 408 -60.53 39.23 -3.35
N ARG M 409 -61.10 38.22 -4.02
CA ARG M 409 -62.31 37.58 -3.55
C ARG M 409 -62.46 36.23 -4.24
N GLY M 410 -63.25 35.36 -3.61
CA GLY M 410 -63.54 34.05 -4.15
C GLY M 410 -62.64 32.96 -3.58
N GLY M 411 -63.07 31.72 -3.77
CA GLY M 411 -62.31 30.57 -3.31
C GLY M 411 -62.36 30.37 -1.81
N THR M 412 -61.82 29.25 -1.33
CA THR M 412 -61.75 29.02 0.10
C THR M 412 -60.80 30.01 0.76
N ARG M 413 -61.00 30.26 2.05
CA ARG M 413 -60.24 31.29 2.74
C ARG M 413 -58.77 30.91 2.88
N LYS M 414 -58.47 29.61 2.91
CA LYS M 414 -57.08 29.18 3.03
C LYS M 414 -56.27 29.51 1.78
N TYR M 415 -56.74 29.05 0.62
CA TYR M 415 -55.98 29.24 -0.61
C TYR M 415 -56.06 30.68 -1.11
N ALA M 416 -57.16 31.38 -0.84
CA ALA M 416 -57.33 32.74 -1.34
C ALA M 416 -56.31 33.69 -0.73
N PHE M 417 -56.19 33.67 0.60
CA PHE M 417 -55.29 34.60 1.27
C PHE M 417 -53.84 34.12 1.28
N GLU M 418 -53.61 32.82 1.04
CA GLU M 418 -52.25 32.36 0.77
C GLU M 418 -51.74 32.97 -0.54
N LEU M 419 -52.64 33.14 -1.52
CA LEU M 419 -52.29 33.86 -2.73
C LEU M 419 -52.10 35.34 -2.45
N LYS M 420 -52.89 35.89 -1.51
CA LYS M 420 -52.81 37.32 -1.21
C LYS M 420 -51.49 37.69 -0.55
N GLU M 421 -51.04 36.88 0.41
CA GLU M 421 -49.82 37.18 1.12
C GLU M 421 -48.59 37.08 0.22
N LYS M 422 -48.64 36.20 -0.79
CA LYS M 422 -47.49 36.00 -1.68
C LYS M 422 -47.51 36.93 -2.88
N LEU M 423 -48.68 37.43 -3.28
CA LEU M 423 -48.73 38.34 -4.42
C LEU M 423 -48.21 39.73 -4.05
N LEU M 424 -48.51 40.19 -2.84
CA LEU M 424 -48.11 41.52 -2.41
C LEU M 424 -46.62 41.53 -2.09
N ARG M 425 -45.82 42.12 -2.99
CA ARG M 425 -44.38 42.29 -2.81
C ARG M 425 -43.65 40.97 -2.63
N GLY M 426 -44.23 39.87 -3.08
CA GLY M 426 -43.58 38.57 -2.97
C GLY M 426 -42.49 38.37 -4.01
N THR M 427 -42.76 38.82 -5.23
CA THR M 427 -41.85 38.78 -6.38
C THR M 427 -41.53 37.35 -6.83
N VAL M 428 -42.12 36.33 -6.21
CA VAL M 428 -41.88 34.93 -6.59
C VAL M 428 -43.26 34.30 -6.77
N ILE M 429 -43.75 34.29 -8.02
CA ILE M 429 -45.03 33.68 -8.33
C ILE M 429 -44.88 32.17 -8.31
N ASP M 430 -45.69 31.50 -7.50
CA ASP M 430 -45.63 30.05 -7.38
C ASP M 430 -46.52 29.39 -8.43
N VAL M 431 -46.22 28.11 -8.69
CA VAL M 431 -47.02 27.35 -9.65
C VAL M 431 -48.16 26.60 -8.96
N THR M 432 -47.96 26.13 -7.74
CA THR M 432 -48.96 25.31 -7.06
C THR M 432 -50.09 26.15 -6.48
N ASP M 433 -49.82 27.38 -6.08
CA ASP M 433 -50.85 28.20 -5.46
C ASP M 433 -51.93 28.59 -6.47
N PHE M 434 -51.55 28.88 -7.71
CA PHE M 434 -52.54 29.18 -8.73
C PHE M 434 -53.36 27.95 -9.08
N VAL M 435 -52.73 26.77 -9.09
CA VAL M 435 -53.48 25.54 -9.30
C VAL M 435 -54.40 25.27 -8.13
N ASN M 436 -53.91 25.51 -6.91
CA ASN M 436 -54.78 25.41 -5.73
C ASN M 436 -55.89 26.44 -5.79
N TRP M 437 -55.58 27.65 -6.26
CA TRP M 437 -56.61 28.67 -6.45
C TRP M 437 -57.67 28.22 -7.44
N ALA M 438 -57.28 27.43 -8.44
CA ALA M 438 -58.24 26.92 -9.40
C ALA M 438 -59.27 26.01 -8.74
N SER M 439 -58.79 25.04 -7.96
CA SER M 439 -59.71 24.14 -7.25
C SER M 439 -60.40 24.87 -6.10
N SER M 440 -59.76 25.91 -5.56
CA SER M 440 -60.36 26.65 -4.44
C SER M 440 -61.61 27.41 -4.91
N ILE M 441 -61.52 28.10 -6.05
CA ILE M 441 -62.65 28.89 -6.53
C ILE M 441 -63.78 28.01 -7.03
N ASN M 442 -63.50 26.74 -7.36
CA ASN M 442 -64.55 25.84 -7.79
C ASN M 442 -65.55 25.56 -6.68
N ASP M 443 -65.11 25.68 -5.42
CA ASP M 443 -65.99 25.39 -4.29
C ASP M 443 -66.92 26.55 -3.99
N ALA M 444 -66.36 27.77 -3.89
CA ALA M 444 -67.14 28.96 -3.54
C ALA M 444 -66.83 30.07 -4.53
N PRO M 445 -67.64 30.21 -5.58
CA PRO M 445 -67.42 31.31 -6.54
C PRO M 445 -68.11 32.60 -6.13
N VAL M 446 -68.02 33.62 -6.97
CA VAL M 446 -68.65 34.92 -6.70
C VAL M 446 -68.87 35.61 -8.03
N LEU M 447 -69.75 36.62 -8.03
CA LEU M 447 -70.11 37.31 -9.26
C LEU M 447 -68.93 38.07 -9.85
N ILE M 448 -68.87 38.10 -11.18
CA ILE M 448 -67.87 38.89 -11.90
C ILE M 448 -68.58 39.88 -12.80
N SER M 449 -69.37 39.37 -13.74
CA SER M 449 -70.18 40.18 -14.63
C SER M 449 -71.65 39.88 -14.37
N GLN M 450 -72.46 40.92 -14.27
CA GLN M 450 -73.85 40.79 -13.85
C GLN M 450 -74.74 41.60 -14.78
N LYS M 451 -75.62 40.91 -15.51
CA LYS M 451 -76.63 41.57 -16.31
C LYS M 451 -77.84 41.86 -15.44
N LEU M 452 -78.39 43.06 -15.57
CA LEU M 452 -79.36 43.59 -14.62
C LEU M 452 -80.76 43.60 -15.23
N SER M 453 -81.76 43.54 -14.34
CA SER M 453 -83.16 43.52 -14.75
C SER M 453 -84.01 44.04 -13.61
N PRO M 454 -84.97 44.93 -13.85
CA PRO M 454 -85.76 45.48 -12.75
C PRO M 454 -86.67 44.44 -12.12
N ILE M 455 -86.96 44.65 -10.83
CA ILE M 455 -87.76 43.68 -10.08
C ILE M 455 -89.23 43.75 -10.48
N TYR M 456 -89.73 44.96 -10.76
CA TYR M 456 -91.15 45.10 -11.06
C TYR M 456 -91.57 44.31 -12.30
N ASN M 457 -90.61 43.92 -13.14
CA ASN M 457 -90.89 43.02 -14.25
C ASN M 457 -91.00 41.56 -13.82
N LEU M 458 -90.60 41.26 -12.59
CA LEU M 458 -90.61 39.88 -12.07
C LEU M 458 -91.88 39.56 -11.29
N VAL M 459 -92.74 40.55 -11.04
CA VAL M 459 -93.97 40.30 -10.28
C VAL M 459 -94.82 39.27 -11.02
N PRO M 460 -95.43 38.31 -10.34
CA PRO M 460 -96.23 37.30 -11.04
C PRO M 460 -97.47 37.92 -11.68
N VAL M 461 -97.76 37.49 -12.91
CA VAL M 461 -98.89 37.99 -13.69
C VAL M 461 -100.17 37.36 -13.18
N LYS M 462 -101.31 37.88 -13.62
CA LYS M 462 -102.66 37.39 -13.29
C LYS M 462 -102.82 37.14 -11.79
N MET M 463 -102.22 38.02 -10.99
CA MET M 463 -102.36 37.97 -9.55
C MET M 463 -103.58 38.81 -9.14
N LYS M 464 -103.71 39.08 -7.84
CA LYS M 464 -104.83 39.89 -7.35
C LYS M 464 -104.80 41.29 -7.96
N ASN M 465 -103.74 42.04 -7.68
CA ASN M 465 -103.57 43.40 -8.17
C ASN M 465 -102.15 43.59 -8.71
N ALA M 466 -101.71 42.66 -9.56
CA ALA M 466 -100.33 42.61 -10.00
C ALA M 466 -99.91 43.90 -10.69
N HIS M 467 -100.65 44.30 -11.73
CA HIS M 467 -100.23 45.45 -12.53
C HIS M 467 -100.22 46.74 -11.72
N LEU M 468 -101.30 47.01 -10.98
CA LEU M 468 -101.36 48.23 -10.20
C LEU M 468 -100.25 48.27 -9.15
N LYS M 469 -99.82 47.11 -8.66
CA LYS M 469 -98.64 47.05 -7.81
C LYS M 469 -97.35 47.10 -8.63
N LYS M 470 -97.38 46.57 -9.86
CA LYS M 470 -96.20 46.63 -10.73
C LYS M 470 -95.83 48.07 -11.06
N GLN M 471 -96.79 48.83 -11.59
CA GLN M 471 -96.55 50.25 -11.84
C GLN M 471 -96.26 51.00 -10.54
N ASN M 472 -96.82 50.53 -9.43
CA ASN M 472 -96.58 51.19 -8.14
C ASN M 472 -95.12 51.02 -7.71
N LEU M 473 -94.59 49.80 -7.82
CA LEU M 473 -93.17 49.60 -7.55
C LEU M 473 -92.30 50.23 -8.63
N GLU M 474 -92.81 50.34 -9.85
CA GLU M 474 -92.07 51.04 -10.90
C GLU M 474 -91.88 52.50 -10.55
N ARG M 475 -92.93 53.15 -10.03
CA ARG M 475 -92.78 54.49 -9.51
C ARG M 475 -91.87 54.53 -8.29
N ALA M 476 -91.83 53.42 -7.53
CA ALA M 476 -90.98 53.37 -6.35
C ALA M 476 -89.52 53.22 -6.72
N ILE M 477 -89.22 52.31 -7.65
CA ILE M 477 -87.83 52.09 -8.03
C ILE M 477 -87.25 53.31 -8.74
N GLU M 478 -88.09 54.06 -9.47
CA GLU M 478 -87.64 55.29 -10.09
C GLU M 478 -87.40 56.37 -9.04
N ASP M 479 -88.26 56.43 -8.01
CA ASP M 479 -88.07 57.40 -6.95
C ASP M 479 -86.94 57.00 -6.01
N TYR M 480 -86.76 55.69 -5.77
CA TYR M 480 -85.74 55.22 -4.85
C TYR M 480 -84.35 55.67 -5.28
N ILE M 481 -83.99 55.39 -6.53
CA ILE M 481 -82.66 55.77 -7.02
C ILE M 481 -82.53 57.29 -7.11
N ASN M 482 -83.65 58.00 -7.24
CA ASN M 482 -83.63 59.45 -7.35
C ASN M 482 -83.96 60.15 -6.04
N GLU M 483 -84.22 59.41 -4.97
CA GLU M 483 -84.53 60.04 -3.68
C GLU M 483 -83.25 60.47 -2.97
N PHE M 484 -82.36 59.53 -2.67
CA PHE M 484 -81.12 59.81 -1.97
C PHE M 484 -79.95 59.29 -2.80
N SER M 485 -78.96 60.15 -3.02
CA SER M 485 -77.78 59.81 -3.80
C SER M 485 -76.78 60.95 -3.63
N VAL M 486 -75.64 60.84 -4.34
CA VAL M 486 -74.66 61.90 -4.35
C VAL M 486 -75.22 63.15 -5.02
N ARG M 487 -76.18 62.97 -5.93
CA ARG M 487 -76.77 64.10 -6.64
C ARG M 487 -77.45 65.08 -5.68
N LYS M 488 -78.08 64.58 -4.62
CA LYS M 488 -78.81 65.43 -3.69
C LYS M 488 -77.93 65.94 -2.55
N CYS M 489 -76.77 65.33 -2.33
CA CYS M 489 -75.86 65.76 -1.27
C CYS M 489 -75.09 66.99 -1.74
N HIS M 490 -74.12 67.44 -0.95
CA HIS M 490 -73.33 68.61 -1.25
C HIS M 490 -72.01 68.22 -1.90
N THR M 491 -71.46 69.12 -2.70
CA THR M 491 -70.23 68.87 -3.42
C THR M 491 -69.02 69.15 -2.54
N CYS M 492 -68.01 68.28 -2.63
CA CYS M 492 -66.79 68.42 -1.85
C CYS M 492 -65.88 69.45 -2.51
N GLN M 493 -64.67 69.61 -1.97
CA GLN M 493 -63.72 70.59 -2.48
C GLN M 493 -62.56 69.89 -3.17
N ASN M 494 -61.88 70.64 -4.05
CA ASN M 494 -60.71 70.16 -4.79
C ASN M 494 -61.04 68.93 -5.61
N GLY M 495 -62.25 68.88 -6.16
CA GLY M 495 -62.66 67.78 -7.01
C GLY M 495 -62.70 66.44 -6.32
N GLY M 496 -62.90 66.43 -5.00
CA GLY M 496 -62.94 65.18 -4.26
C GLY M 496 -64.18 64.38 -4.60
N THR M 497 -63.99 63.13 -5.03
CA THR M 497 -65.12 62.27 -5.37
C THR M 497 -65.96 62.00 -4.12
N VAL M 498 -67.24 62.38 -4.19
CA VAL M 498 -68.15 62.27 -3.05
C VAL M 498 -68.81 60.90 -3.09
N ILE M 499 -68.82 60.22 -1.95
CA ILE M 499 -69.46 58.92 -1.80
C ILE M 499 -70.56 59.04 -0.74
N LEU M 500 -71.34 57.97 -0.62
CA LEU M 500 -72.43 57.90 0.35
C LEU M 500 -72.44 56.51 0.97
N MET M 501 -72.06 56.42 2.23
CA MET M 501 -72.00 55.15 2.96
C MET M 501 -72.92 55.25 4.17
N ASP M 502 -74.19 54.94 3.97
CA ASP M 502 -75.19 54.88 5.04
C ASP M 502 -75.26 56.21 5.80
N GLY M 503 -75.63 57.26 5.09
CA GLY M 503 -75.79 58.58 5.66
C GLY M 503 -74.56 59.46 5.63
N LYS M 504 -73.39 58.89 5.93
CA LYS M 504 -72.15 59.66 5.92
C LYS M 504 -71.79 60.03 4.49
N CYS M 505 -71.97 61.30 4.14
CA CYS M 505 -71.69 61.80 2.80
C CYS M 505 -70.27 62.33 2.71
N LEU M 506 -69.31 61.43 2.92
CA LEU M 506 -67.91 61.78 2.85
C LEU M 506 -67.44 61.88 1.40
N CYS M 507 -66.31 62.56 1.22
CA CYS M 507 -65.72 62.76 -0.10
C CYS M 507 -64.28 62.29 -0.09
N ALA M 508 -63.94 61.41 -1.03
CA ALA M 508 -62.57 60.91 -1.14
C ALA M 508 -61.67 62.00 -1.69
N CYS M 509 -60.71 62.44 -0.88
CA CYS M 509 -59.82 63.52 -1.25
C CYS M 509 -58.60 62.98 -1.99
N PRO M 510 -58.04 63.74 -2.93
CA PRO M 510 -56.89 63.24 -3.71
C PRO M 510 -55.70 62.92 -2.83
N PHE M 511 -54.70 62.30 -3.46
CA PHE M 511 -53.52 61.82 -2.73
C PHE M 511 -52.73 62.98 -2.15
N LYS M 512 -52.43 64.00 -2.98
CA LYS M 512 -51.61 65.12 -2.56
C LYS M 512 -52.30 66.02 -1.56
N PHE M 513 -53.56 65.77 -1.21
CA PHE M 513 -54.31 66.61 -0.31
C PHE M 513 -54.62 65.83 0.97
N GLU M 514 -55.03 66.56 2.01
CA GLU M 514 -55.29 65.96 3.30
C GLU M 514 -56.73 65.44 3.35
N GLY M 515 -57.22 65.13 4.54
CA GLY M 515 -58.44 64.36 4.70
C GLY M 515 -59.75 65.12 4.59
N ILE M 516 -60.61 64.95 5.60
CA ILE M 516 -62.01 65.36 5.52
C ILE M 516 -62.15 66.81 5.07
N ALA M 517 -63.18 67.06 4.27
CA ALA M 517 -63.61 68.39 3.82
C ALA M 517 -62.64 69.02 2.83
N CYS M 518 -61.49 68.38 2.60
CA CYS M 518 -60.48 68.86 1.65
C CYS M 518 -60.20 70.35 1.84
N GLU M 519 -60.02 70.76 3.10
CA GLU M 519 -59.78 72.16 3.43
C GLU M 519 -58.29 72.45 3.61
N ILE M 520 -57.63 71.73 4.50
CA ILE M 520 -56.20 71.92 4.73
C ILE M 520 -55.42 71.14 3.68
N SER M 521 -54.36 71.76 3.15
CA SER M 521 -53.66 71.21 2.00
C SER M 521 -52.71 70.09 2.39
N LYS M 522 -51.78 70.36 3.31
CA LYS M 522 -50.72 69.43 3.69
C LYS M 522 -49.88 69.04 2.47
N GLN M 523 -49.24 70.04 1.89
CA GLN M 523 -48.40 69.84 0.71
C GLN M 523 -47.08 69.18 1.09
N LYS M 524 -46.69 71.07 3.92
CA LYS M 524 -47.26 72.40 3.78
C LYS M 524 -46.37 73.28 2.90
N ILE M 525 -46.26 74.56 3.27
CA ILE M 525 -45.45 75.52 2.56
C ILE M 525 -44.25 75.90 3.43
N SER M 526 -43.09 76.05 2.81
CA SER M 526 -41.88 76.39 3.53
C SER M 526 -41.84 77.88 3.84
N GLU M 527 -41.45 78.21 5.07
CA GLU M 527 -41.34 79.59 5.53
C GLU M 527 -39.89 79.89 5.86
N GLY M 528 -39.42 81.06 5.44
CA GLY M 528 -38.05 81.47 5.72
C GLY M 528 -37.97 82.82 6.39
N LEU M 529 -37.23 82.89 7.49
CA LEU M 529 -37.04 84.13 8.24
C LEU M 529 -35.55 84.42 8.37
N PRO M 530 -35.01 85.35 7.59
CA PRO M 530 -33.58 85.69 7.72
C PRO M 530 -33.33 86.69 8.83
N ALA M 531 -34.31 86.86 9.71
CA ALA M 531 -34.18 87.82 10.79
C ALA M 531 -33.10 87.40 11.78
N LEU M 532 -32.49 88.39 12.42
CA LEU M 532 -31.45 88.12 13.39
C LEU M 532 -32.06 87.53 14.66
N GLU M 533 -31.46 86.49 15.23
CA GLU M 533 -32.01 85.90 16.45
C GLU M 533 -31.88 86.84 17.64
N PHE M 534 -32.95 86.94 18.42
CA PHE M 534 -32.96 87.83 19.58
C PHE M 534 -32.01 87.32 20.66
N PRO M 535 -32.06 86.02 20.94
CA PRO M 535 -31.20 85.43 21.97
C PRO M 535 -30.87 83.97 21.64
N SER N 18 -59.59 74.69 35.26
CA SER N 18 -60.84 75.26 35.78
C SER N 18 -61.75 74.16 36.33
N HIS N 19 -62.11 74.27 37.62
CA HIS N 19 -62.97 73.29 38.27
C HIS N 19 -64.42 73.58 37.88
N ILE N 20 -64.77 73.19 36.66
CA ILE N 20 -66.12 73.39 36.15
C ILE N 20 -67.05 72.36 36.76
N ASP N 21 -68.09 72.82 37.44
CA ASP N 21 -69.08 71.95 38.04
C ASP N 21 -70.16 71.59 37.02
N CYS N 22 -71.03 70.65 37.41
CA CYS N 22 -72.10 70.16 36.54
C CYS N 22 -73.42 70.81 36.96
N ARG N 23 -73.92 71.73 36.13
CA ARG N 23 -75.26 72.29 36.31
C ARG N 23 -76.25 71.31 35.70
N MET N 24 -76.59 70.28 36.47
CA MET N 24 -77.33 69.13 35.98
C MET N 24 -78.51 68.83 36.89
N SER N 25 -79.29 69.85 37.22
CA SER N 25 -80.50 69.60 37.99
C SER N 25 -81.67 70.51 37.61
N PRO N 26 -82.09 70.58 36.32
CA PRO N 26 -83.37 71.21 36.00
C PRO N 26 -84.51 70.23 36.19
N TRP N 27 -85.33 70.47 37.21
CA TRP N 27 -86.42 69.57 37.54
C TRP N 27 -87.72 70.00 36.85
N SER N 28 -88.56 69.02 36.56
CA SER N 28 -89.83 69.24 35.88
C SER N 28 -90.99 68.93 36.81
N GLU N 29 -92.20 69.17 36.32
CA GLU N 29 -93.43 68.97 37.08
C GLU N 29 -93.90 67.52 36.97
N TRP N 30 -94.54 67.04 38.04
CA TRP N 30 -95.11 65.70 38.05
C TRP N 30 -96.22 65.60 37.01
N SER N 31 -96.12 64.59 36.14
CA SER N 31 -97.14 64.34 35.14
C SER N 31 -98.21 63.42 35.70
N GLN N 32 -99.14 63.02 34.83
CA GLN N 32 -100.23 62.15 35.26
C GLN N 32 -99.72 60.72 35.49
N CYS N 33 -100.31 60.06 36.47
CA CYS N 33 -99.94 58.69 36.78
C CYS N 33 -100.40 57.74 35.68
N ASP N 34 -99.67 56.64 35.52
CA ASP N 34 -100.02 55.61 34.56
C ASP N 34 -100.91 54.57 35.23
N PRO N 35 -102.13 54.33 34.74
CA PRO N 35 -103.00 53.34 35.39
C PRO N 35 -102.50 51.91 35.24
N CYS N 36 -102.18 51.52 34.00
CA CYS N 36 -101.77 50.15 33.74
C CYS N 36 -100.31 49.91 34.13
N LEU N 37 -99.42 50.85 33.80
CA LEU N 37 -98.01 50.68 34.12
C LEU N 37 -97.72 50.94 35.59
N ARG N 38 -98.53 51.77 36.25
CA ARG N 38 -98.38 52.09 37.68
C ARG N 38 -97.01 52.72 37.94
N GLN N 39 -96.79 53.87 37.32
CA GLN N 39 -95.52 54.58 37.43
C GLN N 39 -95.76 56.07 37.19
N MET N 40 -94.93 56.90 37.81
CA MET N 40 -94.96 58.34 37.62
C MET N 40 -93.74 58.79 36.82
N PHE N 41 -93.77 60.04 36.38
CA PHE N 41 -92.82 60.55 35.40
C PHE N 41 -92.25 61.90 35.85
N ARG N 42 -91.71 61.97 37.06
CA ARG N 42 -90.87 63.11 37.41
C ARG N 42 -89.69 63.16 36.45
N SER N 43 -89.61 64.24 35.68
CA SER N 43 -88.67 64.34 34.58
C SER N 43 -87.43 65.13 34.98
N ARG N 44 -86.45 65.15 34.09
CA ARG N 44 -85.18 65.83 34.33
C ARG N 44 -84.49 66.02 32.99
N SER N 45 -83.34 66.68 33.01
CA SER N 45 -82.57 66.94 31.80
C SER N 45 -81.13 67.20 32.17
N ILE N 46 -80.22 66.81 31.27
CA ILE N 46 -78.79 67.03 31.45
C ILE N 46 -78.38 68.28 30.67
N GLU N 47 -77.58 69.13 31.30
CA GLU N 47 -77.18 70.39 30.69
C GLU N 47 -75.67 70.53 30.56
N VAL N 48 -74.90 70.27 31.61
CA VAL N 48 -73.47 70.53 31.63
C VAL N 48 -72.75 69.28 32.12
N PHE N 49 -71.70 68.87 31.39
CA PHE N 49 -70.87 67.73 31.77
C PHE N 49 -69.69 68.16 32.65
N GLY N 50 -68.85 69.06 32.14
CA GLY N 50 -67.60 69.39 32.77
C GLY N 50 -66.41 68.94 31.94
N GLN N 51 -65.78 69.88 31.24
CA GLN N 51 -64.75 69.53 30.28
C GLN N 51 -63.40 69.22 30.92
N PHE N 52 -63.18 69.65 32.16
CA PHE N 52 -61.88 69.55 32.80
C PHE N 52 -61.91 68.50 33.90
N ASN N 53 -60.82 68.41 34.65
CA ASN N 53 -60.58 67.43 35.72
C ASN N 53 -61.47 67.64 36.94
N GLY N 54 -62.43 68.55 36.90
CA GLY N 54 -63.30 68.80 38.03
C GLY N 54 -64.27 67.68 38.35
N LYS N 55 -65.37 68.02 39.02
CA LYS N 55 -66.34 67.03 39.48
C LYS N 55 -66.98 66.28 38.32
N ARG N 56 -66.71 64.97 38.23
CA ARG N 56 -67.40 64.14 37.25
C ARG N 56 -68.84 63.89 37.69
N CYS N 57 -69.76 63.94 36.74
CA CYS N 57 -71.18 63.82 37.04
C CYS N 57 -71.82 62.89 36.01
N THR N 58 -72.11 61.66 36.42
CA THR N 58 -72.78 60.68 35.58
C THR N 58 -74.24 60.48 35.96
N ASP N 59 -74.86 61.49 36.57
CA ASP N 59 -76.24 61.37 37.03
C ASP N 59 -77.18 61.10 35.88
N ALA N 60 -77.82 59.94 35.90
CA ALA N 60 -78.73 59.56 34.82
C ALA N 60 -80.03 60.36 34.90
N VAL N 61 -80.62 60.61 33.74
CA VAL N 61 -81.86 61.35 33.64
C VAL N 61 -83.02 60.38 33.77
N GLY N 62 -84.00 60.74 34.59
CA GLY N 62 -85.19 59.92 34.78
C GLY N 62 -85.46 59.62 36.24
N ASP N 63 -86.74 59.43 36.56
CA ASP N 63 -87.16 59.13 37.92
C ASP N 63 -88.51 58.43 37.86
N ARG N 64 -88.71 57.47 38.75
CA ARG N 64 -89.93 56.69 38.81
C ARG N 64 -90.51 56.73 40.22
N ARG N 65 -91.80 56.41 40.31
CA ARG N 65 -92.51 56.44 41.57
C ARG N 65 -93.79 55.62 41.45
N GLN N 66 -94.09 54.85 42.50
CA GLN N 66 -95.34 54.11 42.54
C GLN N 66 -96.51 55.06 42.77
N CYS N 67 -97.63 54.80 42.09
CA CYS N 67 -98.80 55.65 42.17
C CYS N 67 -100.05 54.79 42.13
N VAL N 68 -101.05 55.18 42.92
CA VAL N 68 -102.33 54.48 42.95
C VAL N 68 -103.06 54.75 41.65
N PRO N 69 -103.39 53.73 40.86
CA PRO N 69 -104.06 53.97 39.59
C PRO N 69 -105.51 54.43 39.78
N THR N 70 -105.92 55.39 38.96
CA THR N 70 -107.28 55.92 39.01
C THR N 70 -108.14 55.50 37.83
N GLU N 71 -107.53 55.14 36.70
CA GLU N 71 -108.29 54.66 35.56
C GLU N 71 -108.51 53.15 35.67
N PRO N 72 -109.60 52.63 35.08
CA PRO N 72 -109.88 51.19 35.22
C PRO N 72 -108.92 50.30 34.44
N CYS N 73 -108.14 50.86 33.52
CA CYS N 73 -107.21 50.08 32.68
C CYS N 73 -107.96 48.98 31.93
N GLU N 74 -108.90 49.42 31.09
CA GLU N 74 -109.70 48.47 30.31
C GLU N 74 -108.95 47.96 29.09
N ASP N 75 -108.04 48.76 28.53
CA ASP N 75 -107.29 48.34 27.35
C ASP N 75 -106.35 47.20 27.70
N ALA N 76 -106.35 46.16 26.88
CA ALA N 76 -105.50 45.00 27.10
C ALA N 76 -105.12 44.40 25.75
N GLU N 77 -104.10 43.55 25.77
CA GLU N 77 -103.59 42.91 24.56
C GLU N 77 -104.25 41.53 24.42
N ASP N 78 -105.12 41.39 23.43
CA ASP N 78 -105.76 40.11 23.18
C ASP N 78 -104.77 39.14 22.56
N ASP N 79 -105.11 37.85 22.63
CA ASP N 79 -104.25 36.81 22.09
C ASP N 79 -104.46 36.63 20.60
N CYS N 80 -104.39 37.74 19.85
CA CYS N 80 -104.35 37.79 18.38
C CYS N 80 -105.60 37.20 17.73
N GLY N 81 -106.54 36.69 18.54
CA GLY N 81 -107.82 36.21 18.07
C GLY N 81 -107.81 35.31 16.85
N ASN N 82 -106.68 34.64 16.60
CA ASN N 82 -106.50 33.89 15.36
C ASN N 82 -106.37 32.39 15.61
N ASP N 83 -105.40 31.96 16.41
CA ASP N 83 -105.10 30.54 16.54
C ASP N 83 -104.55 30.29 17.95
N PHE N 84 -103.92 29.14 18.14
CA PHE N 84 -103.39 28.73 19.44
C PHE N 84 -102.40 29.76 19.97
N GLN N 85 -102.68 30.27 21.17
CA GLN N 85 -101.78 31.22 21.83
C GLN N 85 -100.59 30.49 22.45
N CYS N 86 -99.41 31.08 22.33
CA CYS N 86 -98.22 30.54 22.97
C CYS N 86 -98.22 30.87 24.46
N SER N 87 -97.26 30.29 25.17
CA SER N 87 -97.12 30.51 26.61
C SER N 87 -96.51 31.87 26.95
N THR N 88 -96.13 32.66 25.95
CA THR N 88 -95.51 33.96 26.20
C THR N 88 -96.24 35.13 25.55
N GLY N 89 -97.05 34.90 24.52
CA GLY N 89 -97.80 35.98 23.92
C GLY N 89 -97.84 35.98 22.40
N ARG N 90 -97.03 35.14 21.77
CA ARG N 90 -97.00 35.06 20.32
C ARG N 90 -98.04 34.04 19.84
N CYS N 91 -98.19 33.93 18.52
CA CYS N 91 -99.26 33.13 17.92
C CYS N 91 -98.73 32.30 16.77
N ILE N 92 -99.32 31.12 16.60
CA ILE N 92 -99.05 30.30 15.41
C ILE N 92 -99.66 30.97 14.19
N LYS N 93 -98.90 31.06 13.10
CA LYS N 93 -99.46 31.59 11.87
C LYS N 93 -100.22 30.51 11.12
N MET N 94 -99.51 29.49 10.60
CA MET N 94 -100.19 28.36 9.97
C MET N 94 -99.65 27.00 10.37
N ARG N 95 -98.37 26.85 10.73
CA ARG N 95 -97.79 25.53 10.95
C ARG N 95 -96.82 25.51 12.13
N LEU N 96 -97.09 26.31 13.17
CA LEU N 96 -96.27 26.31 14.36
C LEU N 96 -96.66 25.18 15.34
N ARG N 97 -97.37 24.17 14.86
CA ARG N 97 -97.74 23.03 15.68
C ARG N 97 -96.57 22.07 15.81
N CYS N 98 -96.84 20.85 16.28
CA CYS N 98 -95.79 19.87 16.55
C CYS N 98 -95.22 19.39 15.23
N ASN N 99 -94.37 20.24 14.63
CA ASN N 99 -93.71 19.95 13.37
C ASN N 99 -92.24 20.34 13.41
N GLY N 100 -91.62 20.23 14.59
CA GLY N 100 -90.21 20.57 14.73
C GLY N 100 -89.89 22.03 14.54
N ASP N 101 -90.82 22.93 14.86
CA ASP N 101 -90.63 24.37 14.72
C ASP N 101 -90.49 24.98 16.11
N ASN N 102 -89.25 25.22 16.53
CA ASN N 102 -88.97 25.77 17.85
C ASN N 102 -89.11 27.29 17.80
N ASP N 103 -90.16 27.80 18.43
CA ASP N 103 -90.40 29.23 18.53
C ASP N 103 -90.40 29.75 19.96
N CYS N 104 -91.18 29.13 20.85
CA CYS N 104 -91.37 29.64 22.20
C CYS N 104 -90.33 29.10 23.17
N GLY N 105 -90.27 27.79 23.34
CA GLY N 105 -89.32 27.18 24.25
C GLY N 105 -88.74 25.87 23.73
N ASP N 106 -88.05 25.15 24.60
CA ASP N 106 -87.51 23.85 24.21
C ASP N 106 -88.62 22.88 23.83
N PHE N 107 -89.68 22.83 24.65
CA PHE N 107 -90.85 22.01 24.35
C PHE N 107 -92.14 22.77 24.64
N SER N 108 -92.11 24.10 24.56
CA SER N 108 -93.30 24.90 24.83
C SER N 108 -94.35 24.71 23.74
N ASP N 109 -93.97 24.95 22.49
CA ASP N 109 -94.91 24.76 21.39
C ASP N 109 -95.16 23.29 21.11
N GLU N 110 -94.13 22.46 21.22
CA GLU N 110 -94.25 21.03 21.02
C GLU N 110 -94.71 20.28 22.27
N ASP N 111 -95.30 20.98 23.23
CA ASP N 111 -95.78 20.32 24.44
C ASP N 111 -96.86 19.29 24.11
N ASP N 112 -97.86 19.68 23.34
CA ASP N 112 -98.96 18.80 22.96
C ASP N 112 -98.70 18.30 21.54
N CYS N 113 -98.40 17.01 21.42
CA CYS N 113 -98.15 16.37 20.12
C CYS N 113 -99.09 15.18 20.00
N GLU N 114 -100.24 15.40 19.35
CA GLU N 114 -101.21 14.35 19.14
C GLU N 114 -100.89 13.51 17.91
N SER N 115 -100.54 14.17 16.80
CA SER N 115 -100.16 13.47 15.59
C SER N 115 -98.70 13.04 15.67
N GLU N 116 -98.25 12.32 14.63
CA GLU N 116 -96.88 11.86 14.58
C GLU N 116 -95.93 13.04 14.42
N PRO N 117 -94.72 12.96 15.00
CA PRO N 117 -93.75 14.06 14.85
C PRO N 117 -93.20 14.16 13.44
N ARG N 118 -94.00 14.69 12.53
CA ARG N 118 -93.60 14.83 11.13
C ARG N 118 -92.43 15.81 11.03
N PRO N 119 -91.29 15.40 10.49
CA PRO N 119 -90.16 16.33 10.33
C PRO N 119 -90.45 17.33 9.22
N PRO N 120 -90.07 18.59 9.41
CA PRO N 120 -90.35 19.60 8.38
C PRO N 120 -89.42 19.48 7.19
N CYS N 121 -88.22 18.91 7.41
CA CYS N 121 -87.24 18.77 6.35
C CYS N 121 -86.52 17.44 6.53
N ARG N 122 -86.34 16.72 5.42
CA ARG N 122 -85.72 15.39 5.46
C ARG N 122 -84.21 15.44 5.30
N ASP N 123 -83.70 16.38 4.52
CA ASP N 123 -82.26 16.46 4.28
C ASP N 123 -81.52 16.86 5.55
N ARG N 124 -80.25 16.47 5.63
CA ARG N 124 -79.40 16.77 6.77
C ARG N 124 -78.81 18.16 6.59
N VAL N 125 -79.32 19.11 7.38
CA VAL N 125 -78.86 20.49 7.34
C VAL N 125 -78.43 20.86 8.75
N VAL N 126 -77.14 21.15 8.93
CA VAL N 126 -76.59 21.46 10.24
C VAL N 126 -77.02 22.86 10.65
N GLU N 127 -77.32 23.02 11.94
CA GLU N 127 -77.73 24.32 12.46
C GLU N 127 -76.58 25.31 12.36
N GLU N 128 -76.95 26.60 12.29
CA GLU N 128 -75.98 27.68 12.14
C GLU N 128 -75.23 27.85 13.46
N SER N 129 -74.02 27.30 13.53
CA SER N 129 -73.22 27.29 14.75
C SER N 129 -72.24 28.46 14.73
N GLU N 130 -72.42 29.39 15.67
CA GLU N 130 -71.49 30.51 15.92
C GLU N 130 -71.37 31.45 14.71
N LEU N 131 -72.19 31.26 13.68
CA LEU N 131 -72.16 32.10 12.50
C LEU N 131 -73.16 33.25 12.68
N ALA N 132 -73.53 33.92 11.60
CA ALA N 132 -74.35 35.13 11.63
C ALA N 132 -75.73 34.90 12.24
N ARG N 133 -76.03 33.69 12.70
CA ARG N 133 -77.27 33.35 13.39
C ARG N 133 -77.71 34.45 14.36
N THR N 134 -76.75 35.01 15.11
CA THR N 134 -77.02 36.16 15.98
C THR N 134 -76.82 37.43 15.16
N ALA N 135 -77.80 37.72 14.32
CA ALA N 135 -77.73 38.82 13.37
C ALA N 135 -78.23 40.14 13.94
N GLY N 136 -78.72 40.15 15.18
CA GLY N 136 -79.18 41.38 15.80
C GLY N 136 -78.04 42.12 16.48
N TYR N 137 -78.00 43.43 16.26
CA TYR N 137 -76.96 44.27 16.83
C TYR N 137 -77.54 45.64 17.18
N GLY N 138 -77.18 46.13 18.36
CA GLY N 138 -77.74 47.37 18.88
C GLY N 138 -76.74 48.50 19.01
N ILE N 139 -75.90 48.69 17.98
CA ILE N 139 -74.84 49.67 18.04
C ILE N 139 -75.38 51.05 18.43
N ASN N 140 -74.62 51.74 19.27
CA ASN N 140 -74.94 53.11 19.69
C ASN N 140 -74.06 54.07 18.91
N ILE N 141 -74.69 55.01 18.19
CA ILE N 141 -73.94 56.00 17.43
C ILE N 141 -73.11 56.88 18.35
N LEU N 142 -73.59 57.12 19.57
CA LEU N 142 -72.84 57.86 20.57
C LEU N 142 -72.02 56.96 21.49
N GLY N 143 -72.22 55.65 21.43
CA GLY N 143 -71.55 54.74 22.32
C GLY N 143 -70.35 54.04 21.73
N MET N 144 -70.48 52.74 21.46
CA MET N 144 -69.35 51.91 21.07
C MET N 144 -69.87 50.79 20.16
N ASP N 145 -69.08 49.72 20.04
CA ASP N 145 -69.31 48.58 19.16
C ASP N 145 -70.72 48.01 19.31
N PRO N 146 -71.23 47.28 18.31
CA PRO N 146 -72.62 46.82 18.35
C PRO N 146 -72.92 45.94 19.56
N LEU N 147 -74.22 45.80 19.83
CA LEU N 147 -74.74 45.10 20.98
C LEU N 147 -75.23 43.71 20.55
N SER N 148 -75.88 43.00 21.48
CA SER N 148 -76.41 41.67 21.21
C SER N 148 -77.68 41.78 20.37
N THR N 149 -78.37 40.66 20.17
CA THR N 149 -79.56 40.64 19.34
C THR N 149 -80.77 41.13 20.12
N PRO N 150 -81.52 42.10 19.60
CA PRO N 150 -82.75 42.55 20.28
C PRO N 150 -83.99 41.74 19.95
N PHE N 151 -83.89 40.72 19.10
CA PHE N 151 -85.05 39.97 18.65
C PHE N 151 -84.69 38.49 18.56
N ASP N 152 -85.73 37.66 18.51
CA ASP N 152 -85.52 36.22 18.36
C ASP N 152 -85.09 35.90 16.92
N ASN N 153 -83.99 35.18 16.79
CA ASN N 153 -83.43 34.86 15.48
C ASN N 153 -83.37 33.35 15.22
N GLU N 154 -84.07 32.55 16.02
CA GLU N 154 -84.08 31.11 15.86
C GLU N 154 -85.34 30.58 15.17
N PHE N 155 -86.46 31.28 15.33
CA PHE N 155 -87.72 30.82 14.73
C PHE N 155 -87.64 30.87 13.20
N TYR N 156 -88.24 29.86 12.57
CA TYR N 156 -88.34 29.78 11.12
C TYR N 156 -89.78 29.45 10.74
N ASN N 157 -90.18 29.93 9.56
CA ASN N 157 -91.59 29.86 9.17
C ASN N 157 -91.97 28.49 8.61
N GLY N 158 -91.36 28.09 7.49
CA GLY N 158 -91.79 26.89 6.81
C GLY N 158 -90.68 25.97 6.34
N LEU N 159 -90.69 25.64 5.05
CA LEU N 159 -89.68 24.75 4.48
C LEU N 159 -88.29 25.36 4.58
N CYS N 160 -87.34 24.55 5.04
CA CYS N 160 -85.97 25.02 5.22
C CYS N 160 -85.42 25.59 3.92
N ASN N 161 -84.81 26.77 4.02
CA ASN N 161 -84.17 27.41 2.88
C ASN N 161 -82.69 27.04 2.89
N ARG N 162 -82.25 26.30 1.87
CA ARG N 162 -80.91 25.76 1.85
C ARG N 162 -79.87 26.87 1.75
N ASP N 163 -78.72 26.64 2.38
CA ASP N 163 -77.62 27.59 2.38
C ASP N 163 -76.35 26.88 1.90
N ARG N 164 -76.44 26.21 0.76
CA ARG N 164 -75.36 25.36 0.27
C ARG N 164 -74.22 26.25 -0.22
N ASP N 165 -73.42 26.71 0.73
CA ASP N 165 -72.26 27.54 0.46
C ASP N 165 -71.34 27.50 1.67
N GLY N 166 -70.10 27.93 1.47
CA GLY N 166 -69.11 27.96 2.53
C GLY N 166 -67.81 27.30 2.12
N ASN N 167 -66.85 27.37 3.04
CA ASN N 167 -65.53 26.80 2.78
C ASN N 167 -65.61 25.28 2.62
N THR N 168 -66.20 24.61 3.60
CA THR N 168 -66.32 23.16 3.57
C THR N 168 -67.68 22.76 2.98
N LEU N 169 -67.92 21.45 2.92
CA LEU N 169 -69.16 20.91 2.39
C LEU N 169 -70.10 20.67 3.57
N THR N 170 -70.91 21.67 3.88
CA THR N 170 -71.85 21.59 4.98
C THR N 170 -73.03 22.51 4.69
N TYR N 171 -74.21 22.12 5.16
CA TYR N 171 -75.45 22.84 4.90
C TYR N 171 -75.89 23.55 6.17
N TYR N 172 -76.02 24.88 6.10
CA TYR N 172 -76.48 25.68 7.22
C TYR N 172 -77.93 26.10 7.00
N ARG N 173 -78.53 26.64 8.06
CA ARG N 173 -79.89 27.14 8.02
C ARG N 173 -79.88 28.68 8.07
N ARG N 174 -80.84 29.27 7.37
CA ARG N 174 -81.04 30.72 7.39
C ARG N 174 -82.39 31.02 8.05
N PRO N 175 -82.41 31.73 9.18
CA PRO N 175 -83.68 31.96 9.87
C PRO N 175 -84.61 32.84 9.06
N TRP N 176 -85.90 32.74 9.40
CA TRP N 176 -86.92 33.54 8.73
C TRP N 176 -86.78 35.02 9.05
N ASN N 177 -86.08 35.37 10.13
CA ASN N 177 -85.84 36.77 10.46
C ASN N 177 -84.76 37.38 9.57
N VAL N 178 -83.78 36.60 9.15
CA VAL N 178 -82.70 37.08 8.30
C VAL N 178 -83.10 36.89 6.85
N ALA N 179 -83.11 37.99 6.09
CA ALA N 179 -83.53 37.92 4.69
C ALA N 179 -82.46 37.29 3.80
N SER N 180 -81.19 37.53 4.12
CA SER N 180 -80.10 37.01 3.30
C SER N 180 -78.91 36.69 4.19
N LEU N 181 -78.07 35.76 3.71
CA LEU N 181 -76.85 35.37 4.42
C LEU N 181 -75.84 34.93 3.38
N ILE N 182 -74.92 35.82 3.02
CA ILE N 182 -73.93 35.55 2.01
C ILE N 182 -72.64 35.09 2.68
N TYR N 183 -71.86 34.29 1.96
CA TYR N 183 -70.60 33.73 2.46
C TYR N 183 -69.40 34.22 1.64
N GLU N 184 -69.53 35.38 1.02
CA GLU N 184 -68.44 35.94 0.22
C GLU N 184 -67.25 36.28 1.11
N THR N 185 -66.10 35.67 0.80
CA THR N 185 -64.87 35.89 1.56
C THR N 185 -63.99 36.94 0.88
N LYS N 186 -64.49 38.17 0.86
CA LYS N 186 -63.75 39.28 0.26
C LYS N 186 -62.50 39.59 1.07
N GLY N 187 -61.48 40.10 0.38
CA GLY N 187 -60.23 40.47 1.02
C GLY N 187 -59.52 41.59 0.31
N GLU N 188 -59.05 42.58 1.06
CA GLU N 188 -58.40 43.74 0.49
C GLU N 188 -57.44 44.33 1.52
N LYS N 189 -56.55 45.19 1.02
CA LYS N 189 -55.58 45.86 1.88
C LYS N 189 -55.10 47.12 1.18
N ASN N 190 -54.58 48.05 1.97
CA ASN N 190 -54.10 49.32 1.45
C ASN N 190 -52.92 49.80 2.28
N PHE N 191 -52.01 50.53 1.63
CA PHE N 191 -50.84 51.09 2.30
C PHE N 191 -50.45 52.38 1.61
N ARG N 192 -49.85 53.29 2.37
CA ARG N 192 -49.44 54.58 1.85
C ARG N 192 -48.22 55.06 2.62
N THR N 193 -47.45 55.95 1.98
CA THR N 193 -46.25 56.50 2.60
C THR N 193 -45.96 57.86 1.97
N GLU N 194 -45.19 58.67 2.69
CA GLU N 194 -44.83 59.99 2.23
C GLU N 194 -43.59 60.46 2.99
N HIS N 195 -42.95 61.48 2.45
CA HIS N 195 -41.74 62.04 3.05
C HIS N 195 -41.69 63.54 2.78
N TYR N 196 -41.26 64.30 3.79
CA TYR N 196 -41.10 65.73 3.69
C TYR N 196 -39.65 66.10 4.04
N GLU N 197 -39.14 67.14 3.38
CA GLU N 197 -37.77 67.58 3.60
C GLU N 197 -37.71 69.09 3.47
N GLU N 198 -36.96 69.72 4.38
CA GLU N 198 -36.76 71.16 4.36
C GLU N 198 -35.35 71.48 4.82
N GLN N 199 -34.69 72.39 4.12
CA GLN N 199 -33.32 72.77 4.44
C GLN N 199 -33.11 74.23 4.06
N ILE N 200 -32.45 74.98 4.94
CA ILE N 200 -32.17 76.39 4.70
C ILE N 200 -30.83 76.72 5.34
N GLU N 201 -30.06 77.59 4.67
CA GLU N 201 -28.76 78.01 5.14
C GLU N 201 -28.55 79.49 4.78
N ALA N 202 -27.87 80.22 5.67
CA ALA N 202 -27.59 81.63 5.45
C ALA N 202 -26.24 81.96 6.04
N PHE N 203 -25.35 82.51 5.21
CA PHE N 203 -24.00 82.91 5.64
C PHE N 203 -23.83 84.40 5.43
N LYS N 204 -23.21 85.07 6.39
CA LYS N 204 -22.96 86.50 6.33
C LYS N 204 -21.59 86.81 6.92
N SER N 205 -20.88 87.74 6.28
CA SER N 205 -19.56 88.16 6.74
C SER N 205 -19.34 89.62 6.36
N ILE N 206 -18.93 90.42 7.34
CA ILE N 206 -18.69 91.85 7.15
C ILE N 206 -17.36 92.20 7.79
N ILE N 207 -16.52 92.94 7.06
CA ILE N 207 -15.21 93.36 7.55
C ILE N 207 -15.01 94.83 7.21
N GLN N 208 -14.29 95.53 8.09
CA GLN N 208 -14.02 96.95 7.93
C GLN N 208 -12.54 97.23 8.18
N GLU N 209 -11.98 98.14 7.40
CA GLU N 209 -10.58 98.53 7.54
C GLU N 209 -10.43 100.01 7.22
N LYS N 210 -9.67 100.72 8.05
CA LYS N 210 -9.48 102.16 7.88
C LYS N 210 -8.11 102.53 8.40
N THR N 211 -7.45 103.46 7.70
CA THR N 211 -6.12 103.91 8.06
C THR N 211 -6.10 105.43 8.16
N SER N 212 -5.50 105.95 9.23
CA SER N 212 -5.39 107.38 9.44
C SER N 212 -4.00 107.72 9.96
N ASN N 213 -3.32 108.62 9.26
CA ASN N 213 -1.97 109.03 9.62
C ASN N 213 -1.82 110.52 9.35
N PHE N 214 -1.04 111.19 10.20
CA PHE N 214 -0.82 112.63 10.09
C PHE N 214 0.61 112.97 10.43
N ASN N 215 1.25 113.76 9.58
CA ASN N 215 2.60 114.25 9.81
C ASN N 215 2.67 115.73 9.45
N ALA N 216 3.41 116.48 10.27
CA ALA N 216 3.56 117.92 10.05
C ALA N 216 4.89 118.36 10.65
N ALA N 217 5.86 118.68 9.81
CA ALA N 217 7.18 119.08 10.24
C ALA N 217 7.41 120.55 9.90
N ILE N 218 7.81 121.33 10.89
CA ILE N 218 8.11 122.75 10.72
C ILE N 218 9.35 123.08 11.53
N SER N 219 10.26 123.86 10.93
CA SER N 219 11.51 124.23 11.57
C SER N 219 11.81 125.69 11.27
N LEU N 220 12.46 126.36 12.22
CA LEU N 220 12.80 127.76 12.10
C LEU N 220 14.24 127.99 12.53
N LYS N 221 14.97 128.78 11.73
CA LYS N 221 16.36 129.12 12.02
C LYS N 221 16.58 130.57 11.65
N PHE N 222 17.18 131.33 12.56
CA PHE N 222 17.41 132.76 12.35
C PHE N 222 18.75 133.16 12.94
N THR N 223 19.55 133.88 12.16
CA THR N 223 20.84 134.38 12.61
C THR N 223 21.18 135.67 11.89
N PRO N 224 21.07 136.84 12.55
CA PRO N 224 21.38 138.13 11.94
C PRO N 224 22.87 138.41 11.89
N SER N 242 26.04 139.32 19.12
CA SER N 242 25.69 138.08 18.41
C SER N 242 24.30 137.60 18.81
N LEU N 243 23.55 137.11 17.82
CA LEU N 243 22.19 136.63 18.05
C LEU N 243 21.97 135.37 17.20
N HIS N 244 21.27 134.40 17.77
CA HIS N 244 21.00 133.14 17.08
C HIS N 244 19.60 132.66 17.44
N GLY N 245 19.00 131.90 16.53
CA GLY N 245 17.69 131.33 16.75
C GLY N 245 17.51 129.98 16.09
N LYS N 246 16.97 129.01 16.84
CA LYS N 246 16.79 127.66 16.32
C LYS N 246 15.53 127.06 16.94
N GLY N 247 14.68 126.47 16.10
CA GLY N 247 13.47 125.82 16.56
C GLY N 247 13.00 124.74 15.62
N SER N 248 12.53 123.62 16.16
CA SER N 248 12.07 122.50 15.35
C SER N 248 10.91 121.80 16.04
N PHE N 249 9.84 121.55 15.30
CA PHE N 249 8.66 120.87 15.80
C PHE N 249 8.49 119.54 15.07
N ARG N 250 8.05 118.52 15.81
CA ARG N 250 7.83 117.19 15.25
C ARG N 250 6.52 116.63 15.78
N PHE N 251 5.78 115.95 14.90
CA PHE N 251 4.48 115.41 15.25
C PHE N 251 4.22 114.16 14.42
N SER N 252 3.54 113.19 15.02
CA SER N 252 3.22 111.94 14.35
C SER N 252 1.81 111.49 14.76
N TYR N 253 1.27 110.55 14.00
CA TYR N 253 -0.06 110.05 14.27
C TYR N 253 -0.22 108.67 13.63
N SER N 254 -0.91 107.77 14.35
CA SER N 254 -1.19 106.43 13.85
C SER N 254 -2.49 105.95 14.47
N LYS N 255 -3.33 105.29 13.67
CA LYS N 255 -4.62 104.83 14.14
C LYS N 255 -5.14 103.74 13.23
N ASN N 256 -5.63 102.65 13.84
CA ASN N 256 -6.34 101.58 13.15
C ASN N 256 -7.53 101.15 13.98
N GLU N 257 -8.68 101.02 13.33
CA GLU N 257 -9.91 100.55 13.97
C GLU N 257 -10.54 99.50 13.06
N THR N 258 -10.25 98.23 13.33
CA THR N 258 -10.68 97.14 12.47
C THR N 258 -11.94 96.50 13.04
N TYR N 259 -12.93 96.30 12.18
CA TYR N 259 -14.20 95.68 12.55
C TYR N 259 -14.39 94.39 11.76
N GLN N 260 -14.98 93.40 12.40
CA GLN N 260 -15.25 92.11 11.76
C GLN N 260 -16.57 91.57 12.26
N LEU N 261 -17.38 91.06 11.33
CA LEU N 261 -18.70 90.53 11.65
C LEU N 261 -18.90 89.21 10.92
N PHE N 262 -19.57 88.27 11.58
CA PHE N 262 -19.84 86.97 11.00
C PHE N 262 -21.18 86.47 11.52
N LEU N 263 -22.00 85.94 10.63
CA LEU N 263 -23.32 85.44 10.98
C LEU N 263 -23.61 84.18 10.17
N SER N 264 -24.19 83.18 10.83
CA SER N 264 -24.54 81.92 10.20
C SER N 264 -25.86 81.42 10.75
N TYR N 265 -26.69 80.87 9.87
CA TYR N 265 -27.99 80.35 10.26
C TYR N 265 -28.33 79.15 9.39
N SER N 266 -28.83 78.09 10.02
CA SER N 266 -29.18 76.87 9.31
C SER N 266 -30.31 76.17 10.06
N SER N 267 -31.27 75.65 9.29
CA SER N 267 -32.40 74.93 9.88
C SER N 267 -32.82 73.82 8.94
N LYS N 268 -33.15 72.66 9.52
CA LYS N 268 -33.58 71.50 8.74
C LYS N 268 -34.80 70.89 9.40
N LYS N 269 -35.78 70.52 8.56
CA LYS N 269 -37.03 69.93 9.04
C LYS N 269 -37.39 68.75 8.16
N GLU N 270 -37.87 67.67 8.80
CA GLU N 270 -38.27 66.47 8.11
C GLU N 270 -39.55 65.93 8.73
N LYS N 271 -40.43 65.40 7.90
CA LYS N 271 -41.70 64.85 8.36
C LYS N 271 -42.04 63.60 7.54
N MET N 272 -42.51 62.58 8.22
CA MET N 272 -42.87 61.30 7.61
C MET N 272 -44.22 60.85 8.12
N PHE N 273 -45.09 60.43 7.20
CA PHE N 273 -46.42 59.93 7.54
C PHE N 273 -46.73 58.73 6.68
N LEU N 274 -47.05 57.61 7.33
CA LEU N 274 -47.34 56.37 6.62
C LEU N 274 -48.24 55.50 7.49
N HIS N 275 -49.18 54.82 6.85
CA HIS N 275 -50.09 53.94 7.57
C HIS N 275 -50.58 52.86 6.61
N VAL N 276 -51.11 51.78 7.18
CA VAL N 276 -51.62 50.65 6.42
C VAL N 276 -52.82 50.07 7.14
N LYS N 277 -53.79 49.58 6.36
CA LYS N 277 -55.01 49.01 6.90
C LYS N 277 -55.43 47.83 6.04
N GLY N 278 -55.98 46.80 6.70
CA GLY N 278 -56.45 45.62 6.00
C GLY N 278 -57.69 45.03 6.63
N GLU N 279 -58.59 44.49 5.83
CA GLU N 279 -59.84 43.91 6.31
C GLU N 279 -60.11 42.61 5.59
N ILE N 280 -60.20 41.52 6.34
CA ILE N 280 -60.51 40.20 5.80
C ILE N 280 -62.01 39.97 6.01
N HIS N 281 -62.78 40.15 4.95
CA HIS N 281 -64.23 39.95 5.04
C HIS N 281 -64.55 38.47 5.07
N LEU N 282 -65.53 38.10 5.89
CA LEU N 282 -65.91 36.71 6.08
C LEU N 282 -67.32 36.41 5.56
N GLY N 283 -68.32 37.16 6.03
CA GLY N 283 -69.69 36.92 5.61
C GLY N 283 -70.52 38.17 5.74
N ARG N 284 -71.68 38.14 5.08
CA ARG N 284 -72.57 39.29 5.03
C ARG N 284 -74.00 38.82 5.15
N PHE N 285 -74.81 39.61 5.86
CA PHE N 285 -76.22 39.30 6.07
C PHE N 285 -77.03 40.58 5.95
N VAL N 286 -78.31 40.41 5.65
CA VAL N 286 -79.26 41.53 5.56
C VAL N 286 -80.53 41.11 6.30
N MET N 287 -80.81 41.77 7.41
CA MET N 287 -82.01 41.48 8.18
C MET N 287 -83.25 41.91 7.41
N ARG N 288 -84.28 41.06 7.43
CA ARG N 288 -85.56 41.42 6.82
C ARG N 288 -86.16 42.61 7.55
N ASN N 289 -86.57 43.61 6.79
CA ASN N 289 -87.01 44.87 7.39
C ASN N 289 -88.36 44.70 8.08
N ARG N 290 -89.36 44.23 7.36
CA ARG N 290 -90.70 44.06 7.90
C ARG N 290 -91.08 42.58 7.86
N ASP N 291 -92.17 42.25 8.57
CA ASP N 291 -92.65 40.87 8.70
C ASP N 291 -91.58 39.99 9.36
N VAL N 292 -91.06 40.46 10.49
CA VAL N 292 -90.01 39.77 11.23
C VAL N 292 -90.53 39.51 12.64
N VAL N 293 -90.07 38.40 13.23
CA VAL N 293 -90.47 38.00 14.56
C VAL N 293 -89.48 38.58 15.58
N LEU N 294 -89.97 38.77 16.80
CA LEU N 294 -89.18 39.35 17.89
C LEU N 294 -89.12 38.38 19.05
N THR N 295 -88.23 38.66 19.99
CA THR N 295 -88.03 37.82 21.16
C THR N 295 -89.03 38.19 22.25
N THR N 296 -89.31 37.21 23.13
CA THR N 296 -90.26 37.42 24.21
C THR N 296 -89.79 38.48 25.21
N THR N 297 -88.48 38.71 25.31
CA THR N 297 -87.98 39.71 26.24
C THR N 297 -88.25 41.12 25.72
N PHE N 298 -87.99 41.36 24.43
CA PHE N 298 -88.19 42.69 23.87
C PHE N 298 -89.69 43.00 23.73
N VAL N 299 -90.49 42.01 23.35
CA VAL N 299 -91.94 42.23 23.22
C VAL N 299 -92.55 42.58 24.56
N ASP N 300 -92.11 41.90 25.63
CA ASP N 300 -92.59 42.23 26.97
C ASP N 300 -92.21 43.65 27.36
N ASP N 301 -91.03 44.12 26.92
CA ASP N 301 -90.63 45.49 27.20
C ASP N 301 -91.50 46.48 26.42
N ILE N 302 -91.85 46.15 25.18
CA ILE N 302 -92.73 47.02 24.40
C ILE N 302 -94.16 46.92 24.92
N LYS N 303 -94.56 45.76 25.44
CA LYS N 303 -95.88 45.63 26.04
C LYS N 303 -95.97 46.39 27.35
N ALA N 304 -94.96 46.24 28.21
CA ALA N 304 -94.86 47.01 29.44
C ALA N 304 -94.05 48.27 29.18
N LEU N 305 -94.68 49.20 28.45
CA LEU N 305 -94.05 50.42 28.01
C LEU N 305 -95.07 51.55 28.13
N PRO N 306 -94.64 52.72 28.61
CA PRO N 306 -95.57 53.85 28.76
C PRO N 306 -96.00 54.43 27.41
N THR N 307 -96.93 55.39 27.45
CA THR N 307 -97.42 56.01 26.23
C THR N 307 -97.59 57.52 26.36
N THR N 308 -97.11 58.13 27.43
CA THR N 308 -97.27 59.56 27.69
C THR N 308 -95.92 60.28 27.63
N TYR N 309 -95.04 59.83 26.74
CA TYR N 309 -93.72 60.42 26.54
C TYR N 309 -92.91 60.42 27.84
N GLU N 310 -92.61 59.22 28.32
CA GLU N 310 -91.77 59.04 29.50
C GLU N 310 -90.31 59.00 29.05
N LYS N 311 -89.71 60.19 28.96
CA LYS N 311 -88.30 60.29 28.57
C LYS N 311 -87.40 59.55 29.55
N GLY N 312 -87.79 59.48 30.81
CA GLY N 312 -86.95 58.80 31.81
C GLY N 312 -86.78 57.33 31.51
N GLU N 313 -87.90 56.63 31.30
CA GLU N 313 -87.82 55.20 30.98
C GLU N 313 -87.30 54.97 29.57
N TYR N 314 -87.68 55.84 28.64
CA TYR N 314 -87.21 55.69 27.26
C TYR N 314 -85.70 55.83 27.17
N PHE N 315 -85.12 56.79 27.89
CA PHE N 315 -83.67 56.90 27.95
C PHE N 315 -83.06 55.68 28.62
N ALA N 316 -83.76 55.11 29.61
CA ALA N 316 -83.31 53.86 30.21
C ALA N 316 -83.49 52.70 29.25
N PHE N 317 -84.65 52.62 28.59
CA PHE N 317 -84.88 51.59 27.59
C PHE N 317 -83.94 51.75 26.40
N LEU N 318 -83.49 52.98 26.14
CA LEU N 318 -82.60 53.22 25.00
C LEU N 318 -81.25 52.55 25.20
N GLU N 319 -80.71 52.61 26.42
CA GLU N 319 -79.42 51.98 26.70
C GLU N 319 -79.51 50.46 26.71
N THR N 320 -80.68 49.90 26.98
CA THR N 320 -80.80 48.44 27.10
C THR N 320 -80.63 47.76 25.74
N TYR N 321 -81.28 48.30 24.70
CA TYR N 321 -81.25 47.69 23.37
C TYR N 321 -80.63 48.62 22.33
N GLY N 322 -79.85 49.60 22.74
CA GLY N 322 -79.24 50.53 21.81
C GLY N 322 -80.25 51.52 21.25
N THR N 323 -79.73 52.41 20.40
CA THR N 323 -80.55 53.44 19.77
C THR N 323 -81.12 53.00 18.42
N HIS N 324 -80.32 52.31 17.62
CA HIS N 324 -80.76 51.86 16.30
C HIS N 324 -80.05 50.55 15.97
N TYR N 325 -80.78 49.63 15.34
CA TYR N 325 -80.25 48.31 15.05
C TYR N 325 -79.58 48.29 13.68
N SER N 326 -79.02 47.13 13.32
CA SER N 326 -78.32 46.96 12.07
C SER N 326 -79.23 46.27 11.05
N SER N 327 -79.47 46.93 9.93
CA SER N 327 -80.23 46.30 8.85
C SER N 327 -79.36 45.32 8.05
N SER N 328 -78.06 45.58 7.95
CA SER N 328 -77.15 44.70 7.26
C SER N 328 -75.77 44.82 7.86
N GLY N 329 -75.14 43.69 8.16
CA GLY N 329 -73.81 43.68 8.75
C GLY N 329 -72.78 42.99 7.89
N SER N 330 -71.57 42.83 8.43
CA SER N 330 -70.47 42.18 7.69
C SER N 330 -69.58 41.49 8.72
N LEU N 331 -69.79 40.18 8.90
CA LEU N 331 -68.99 39.42 9.85
C LEU N 331 -67.56 39.27 9.33
N GLY N 332 -66.61 39.29 10.26
CA GLY N 332 -65.20 39.17 9.89
C GLY N 332 -64.26 39.77 10.91
N GLY N 333 -63.37 40.64 10.46
CA GLY N 333 -62.40 41.29 11.32
C GLY N 333 -61.36 42.06 10.53
N LEU N 334 -60.89 43.18 11.09
CA LEU N 334 -59.92 44.02 10.40
C LEU N 334 -58.83 44.46 11.37
N TYR N 335 -57.69 44.85 10.81
CA TYR N 335 -56.58 45.38 11.57
C TYR N 335 -56.07 46.64 10.90
N GLU N 336 -55.42 47.50 11.69
CA GLU N 336 -54.92 48.77 11.20
C GLU N 336 -53.62 49.11 11.90
N LEU N 337 -52.77 49.86 11.19
CA LEU N 337 -51.50 50.32 11.73
C LEU N 337 -51.25 51.75 11.27
N ILE N 338 -50.85 52.60 12.21
CA ILE N 338 -50.61 54.01 11.95
C ILE N 338 -49.28 54.40 12.56
N TYR N 339 -48.46 55.12 11.78
CA TYR N 339 -47.16 55.57 12.24
C TYR N 339 -46.95 57.01 11.80
N VAL N 340 -46.31 57.80 12.67
CA VAL N 340 -46.04 59.21 12.41
C VAL N 340 -44.60 59.52 12.81
N LEU N 341 -44.05 60.56 12.18
CA LEU N 341 -42.69 60.98 12.45
C LEU N 341 -42.55 62.46 12.13
N ASP N 342 -41.82 63.18 12.99
CA ASP N 342 -41.59 64.60 12.80
C ASP N 342 -40.18 64.94 13.25
N LYS N 343 -39.49 65.77 12.47
CA LYS N 343 -38.12 66.16 12.76
C LYS N 343 -37.97 67.66 12.54
N ALA N 344 -37.25 68.31 13.46
CA ALA N 344 -37.02 69.75 13.37
C ALA N 344 -35.63 70.05 13.92
N SER N 345 -34.95 70.99 13.28
CA SER N 345 -33.60 71.39 13.69
C SER N 345 -33.40 72.86 13.37
N MET N 346 -32.69 73.57 14.26
CA MET N 346 -32.41 74.98 14.08
C MET N 346 -31.00 75.28 14.60
N LYS N 347 -30.25 76.06 13.83
CA LYS N 347 -28.88 76.44 14.18
C LYS N 347 -28.66 77.90 13.81
N ARG N 348 -28.06 78.66 14.72
CA ARG N 348 -27.76 80.06 14.48
C ARG N 348 -26.40 80.39 15.08
N LYS N 349 -25.53 81.00 14.29
CA LYS N 349 -24.17 81.32 14.72
C LYS N 349 -23.86 82.78 14.41
N GLY N 350 -23.30 83.49 15.39
CA GLY N 350 -22.91 84.87 15.21
C GLY N 350 -21.57 85.16 15.87
N VAL N 351 -20.63 85.73 15.12
CA VAL N 351 -19.29 86.02 15.60
C VAL N 351 -19.01 87.50 15.35
N GLU N 352 -18.49 88.17 16.38
CA GLU N 352 -18.16 89.59 16.30
C GLU N 352 -16.77 89.82 16.88
N LEU N 353 -15.93 90.53 16.13
CA LEU N 353 -14.58 90.87 16.56
C LEU N 353 -14.33 92.34 16.31
N LYS N 354 -13.78 93.02 17.32
CA LYS N 354 -13.52 94.45 17.25
C LYS N 354 -12.15 94.74 17.83
N ASP N 355 -11.32 95.45 17.08
CA ASP N 355 -10.00 95.85 17.53
C ASP N 355 -9.73 97.28 17.10
N ILE N 356 -9.27 98.10 18.04
CA ILE N 356 -8.96 99.51 17.80
C ILE N 356 -7.59 99.81 18.37
N LYS N 357 -6.72 100.39 17.55
CA LYS N 357 -5.38 100.78 17.97
C LYS N 357 -5.13 102.22 17.53
N ARG N 358 -4.62 103.03 18.45
CA ARG N 358 -4.35 104.43 18.17
C ARG N 358 -3.21 104.90 19.07
N CYS N 359 -2.19 105.50 18.46
CA CYS N 359 -1.04 106.00 19.20
C CYS N 359 -0.68 107.39 18.71
N LEU N 360 -0.10 108.19 19.60
CA LEU N 360 0.28 109.56 19.31
C LEU N 360 1.75 109.78 19.64
N GLY N 361 2.41 110.59 18.81
CA GLY N 361 3.80 110.91 19.01
C GLY N 361 4.12 112.39 18.83
N TYR N 362 4.92 112.94 19.73
CA TYR N 362 5.30 114.35 19.67
C TYR N 362 6.74 114.52 20.14
N HIS N 363 7.48 115.35 19.43
CA HIS N 363 8.88 115.62 19.76
C HIS N 363 9.13 117.13 19.67
N LEU N 364 9.80 117.67 20.68
CA LEU N 364 10.12 119.09 20.75
C LEU N 364 11.56 119.27 21.18
N ASP N 365 12.33 120.02 20.39
CA ASP N 365 13.73 120.30 20.70
C ASP N 365 14.03 121.73 20.31
N VAL N 366 14.45 122.54 21.27
CA VAL N 366 14.78 123.94 21.05
C VAL N 366 16.13 124.21 21.70
N SER N 367 17.05 124.80 20.93
CA SER N 367 18.39 125.11 21.41
C SER N 367 18.75 126.52 20.98
N LEU N 368 19.29 127.30 21.92
CA LEU N 368 19.69 128.68 21.68
C LEU N 368 21.10 128.90 22.21
N ALA N 369 21.91 129.61 21.42
CA ALA N 369 23.29 129.91 21.79
C ALA N 369 23.57 131.37 21.46
N PHE N 370 24.13 132.10 22.43
CA PHE N 370 24.41 133.52 22.24
C PHE N 370 25.84 133.85 22.65
N SER N 371 31.52 136.94 25.95
CA SER N 371 30.12 136.64 26.24
C SER N 371 29.71 135.29 25.63
N GLU N 372 29.14 134.44 26.47
CA GLU N 372 28.70 133.11 26.04
C GLU N 372 27.41 132.75 26.75
N ILE N 373 26.42 132.28 25.99
CA ILE N 373 25.14 131.86 26.54
C ILE N 373 24.73 130.57 25.84
N SER N 374 24.24 129.61 26.62
CA SER N 374 23.81 128.32 26.10
C SER N 374 22.43 128.00 26.65
N VAL N 375 21.52 127.59 25.77
CA VAL N 375 20.15 127.25 26.14
C VAL N 375 19.78 125.95 25.43
N GLY N 376 19.25 124.99 26.20
CA GLY N 376 18.86 123.72 25.64
C GLY N 376 17.50 123.25 26.12
N ALA N 377 16.72 122.64 25.24
CA ALA N 377 15.40 122.14 25.60
C ALA N 377 15.08 120.93 24.74
N GLU N 378 14.55 119.87 25.37
CA GLU N 378 14.15 118.66 24.67
C GLU N 378 12.94 118.07 25.35
N PHE N 379 11.82 118.01 24.62
CA PHE N 379 10.57 117.46 25.12
C PHE N 379 10.13 116.30 24.24
N ASN N 380 9.88 115.16 24.85
CA ASN N 380 9.47 113.94 24.16
C ASN N 380 8.15 113.45 24.73
N LYS N 381 7.19 113.17 23.85
CA LYS N 381 5.86 112.70 24.24
C LYS N 381 5.50 111.48 23.42
N ASP N 382 5.03 110.44 24.09
CA ASP N 382 4.61 109.21 23.42
C ASP N 382 3.52 108.55 24.23
N ASP N 383 2.42 108.19 23.57
CA ASP N 383 1.29 107.55 24.22
C ASP N 383 0.51 106.75 23.19
N CYS N 384 0.31 105.45 23.46
CA CYS N 384 -0.41 104.56 22.57
C CYS N 384 -1.60 103.96 23.30
N VAL N 385 -2.66 103.66 22.55
CA VAL N 385 -3.89 103.10 23.10
C VAL N 385 -4.27 101.88 22.27
N LYS N 386 -4.68 100.81 22.96
CA LYS N 386 -5.11 99.57 22.31
C LYS N 386 -6.48 99.17 22.86
N ARG N 387 -7.32 98.63 21.99
CA ARG N 387 -8.66 98.20 22.38
C ARG N 387 -9.01 96.90 21.64
N GLY N 388 -9.73 96.02 22.33
CA GLY N 388 -10.13 94.76 21.76
C GLY N 388 -11.48 94.27 22.26
N GLU N 389 -12.26 93.67 21.37
CA GLU N 389 -13.58 93.17 21.73
C GLU N 389 -13.90 91.94 20.90
N GLY N 390 -14.45 90.92 21.54
CA GLY N 390 -14.82 89.68 20.86
C GLY N 390 -16.03 89.01 21.47
N ARG N 391 -16.96 88.55 20.63
CA ARG N 391 -18.18 87.90 21.09
C ARG N 391 -18.56 86.81 20.10
N ALA N 392 -19.21 85.77 20.62
CA ALA N 392 -19.63 84.63 19.80
C ALA N 392 -21.05 84.22 20.19
N VAL N 393 -21.75 83.63 19.24
CA VAL N 393 -23.12 83.13 19.44
C VAL N 393 -23.19 81.72 18.87
N ASN N 394 -23.55 80.76 19.71
CA ASN N 394 -23.60 79.34 19.32
C ASN N 394 -24.84 78.74 20.00
N ILE N 395 -25.90 78.54 19.22
CA ILE N 395 -27.17 78.05 19.74
C ILE N 395 -27.74 77.03 18.76
N THR N 396 -27.89 75.79 19.20
CA THR N 396 -28.46 74.71 18.40
C THR N 396 -29.75 74.23 19.04
N SER N 397 -30.78 74.02 18.22
CA SER N 397 -32.07 73.54 18.69
C SER N 397 -32.56 72.43 17.77
N GLU N 398 -33.05 71.34 18.37
CA GLU N 398 -33.52 70.19 17.61
C GLU N 398 -34.74 69.59 18.31
N ASN N 399 -35.72 69.16 17.53
CA ASN N 399 -36.94 68.56 18.04
C ASN N 399 -37.25 67.28 17.26
N LEU N 400 -37.70 66.26 17.97
CA LEU N 400 -38.04 64.98 17.38
C LEU N 400 -39.37 64.50 17.95
N ILE N 401 -40.28 64.10 17.06
CA ILE N 401 -41.60 63.62 17.45
C ILE N 401 -41.93 62.38 16.64
N ASP N 402 -42.37 61.31 17.32
CA ASP N 402 -42.73 60.07 16.67
C ASP N 402 -43.96 59.48 17.37
N ASP N 403 -44.91 59.00 16.57
CA ASP N 403 -46.13 58.41 17.09
C ASP N 403 -46.44 57.12 16.33
N VAL N 404 -46.90 56.11 17.06
CA VAL N 404 -47.24 54.82 16.47
C VAL N 404 -48.48 54.28 17.18
N VAL N 405 -49.39 53.68 16.41
CA VAL N 405 -50.61 53.10 16.94
C VAL N 405 -51.06 51.98 16.02
N SER N 406 -51.74 50.99 16.61
CA SER N 406 -52.21 49.85 15.85
C SER N 406 -53.34 49.17 16.62
N LEU N 407 -54.13 48.38 15.91
CA LEU N 407 -55.25 47.67 16.51
C LEU N 407 -55.59 46.45 15.66
N ILE N 408 -56.24 45.48 16.29
CA ILE N 408 -56.64 44.25 15.62
C ILE N 408 -57.81 43.66 16.39
N ARG N 409 -58.59 42.82 15.71
CA ARG N 409 -59.76 42.18 16.33
C ARG N 409 -60.17 40.98 15.50
N GLY N 410 -60.86 40.05 16.15
CA GLY N 410 -61.37 38.87 15.49
C GLY N 410 -60.47 37.66 15.67
N GLY N 411 -61.04 36.49 15.39
CA GLY N 411 -60.30 35.25 15.49
C GLY N 411 -60.07 34.79 16.91
N THR N 412 -59.57 33.56 17.08
CA THR N 412 -59.25 33.09 18.42
C THR N 412 -58.09 33.90 19.01
N ARG N 413 -58.04 33.93 20.34
CA ARG N 413 -57.06 34.78 21.01
C ARG N 413 -55.63 34.30 20.80
N LYS N 414 -55.44 33.01 20.56
CA LYS N 414 -54.10 32.48 20.34
C LYS N 414 -53.53 32.97 19.01
N TYR N 415 -54.26 32.75 17.92
CA TYR N 415 -53.74 33.12 16.60
C TYR N 415 -53.79 34.62 16.35
N ALA N 416 -54.75 35.32 16.97
CA ALA N 416 -54.89 36.76 16.72
C ALA N 416 -53.68 37.54 17.25
N PHE N 417 -53.31 37.31 18.50
CA PHE N 417 -52.21 38.06 19.11
C PHE N 417 -50.85 37.49 18.75
N GLU N 418 -50.78 36.24 18.28
CA GLU N 418 -49.54 35.76 17.67
C GLU N 418 -49.24 36.53 16.40
N LEU N 419 -50.28 36.91 15.65
CA LEU N 419 -50.10 37.80 14.51
C LEU N 419 -49.74 39.21 14.97
N LYS N 420 -50.27 39.63 16.12
CA LYS N 420 -50.02 40.99 16.60
C LYS N 420 -48.56 41.16 17.03
N GLU N 421 -48.02 40.18 17.75
CA GLU N 421 -46.64 40.29 18.22
C GLU N 421 -45.64 40.27 17.07
N LYS N 422 -45.96 39.58 15.98
CA LYS N 422 -45.06 39.46 14.85
C LYS N 422 -45.21 40.59 13.83
N LEU N 423 -46.39 41.24 13.78
CA LEU N 423 -46.58 42.34 12.85
C LEU N 423 -45.87 43.60 13.32
N LEU N 424 -45.89 43.86 14.63
CA LEU N 424 -45.29 45.07 15.19
C LEU N 424 -43.77 44.92 15.19
N ARG N 425 -43.11 45.60 14.26
CA ARG N 425 -41.65 45.64 14.15
C ARG N 425 -41.03 44.26 13.98
N GLY N 426 -41.79 43.30 13.48
CA GLY N 426 -41.26 41.97 13.26
C GLY N 426 -40.42 41.86 12.01
N THR N 427 -40.86 42.54 10.95
CA THR N 427 -40.20 42.63 9.65
C THR N 427 -40.11 41.28 8.93
N VAL N 428 -40.68 40.21 9.48
CA VAL N 428 -40.66 38.89 8.86
C VAL N 428 -42.10 38.40 8.84
N ILE N 429 -42.80 38.62 7.74
CA ILE N 429 -44.18 38.18 7.59
C ILE N 429 -44.18 36.68 7.30
N ASP N 430 -44.91 35.93 8.12
CA ASP N 430 -44.99 34.48 7.97
C ASP N 430 -46.11 34.10 7.03
N VAL N 431 -45.97 32.92 6.41
CA VAL N 431 -47.02 32.43 5.53
C VAL N 431 -48.03 31.59 6.30
N THR N 432 -47.61 30.93 7.38
CA THR N 432 -48.49 30.02 8.10
C THR N 432 -49.44 30.76 9.04
N ASP N 433 -49.00 31.86 9.65
CA ASP N 433 -49.86 32.57 10.59
C ASP N 433 -51.05 33.22 9.90
N PHE N 434 -50.86 33.73 8.67
CA PHE N 434 -51.98 34.28 7.92
C PHE N 434 -52.99 33.20 7.56
N VAL N 435 -52.51 32.02 7.21
CA VAL N 435 -53.41 30.90 6.96
C VAL N 435 -54.09 30.47 8.26
N ASN N 436 -53.34 30.46 9.36
CA ASN N 436 -53.95 30.19 10.66
C ASN N 436 -54.95 31.28 11.02
N TRP N 437 -54.63 32.54 10.71
CA TRP N 437 -55.58 33.64 10.92
C TRP N 437 -56.85 33.44 10.11
N ALA N 438 -56.74 32.82 8.93
CA ALA N 438 -57.93 32.56 8.12
C ALA N 438 -58.86 31.59 8.82
N SER N 439 -58.32 30.48 9.33
CA SER N 439 -59.13 29.53 10.07
C SER N 439 -59.52 30.07 11.45
N SER N 440 -58.70 30.96 12.00
CA SER N 440 -59.01 31.53 13.31
C SER N 440 -60.22 32.44 13.25
N ILE N 441 -60.27 33.32 12.24
CA ILE N 441 -61.38 34.26 12.12
C ILE N 441 -62.67 33.56 11.76
N ASN N 442 -62.60 32.36 11.18
CA ASN N 442 -63.80 31.62 10.85
C ASN N 442 -64.59 31.22 12.10
N ASP N 443 -63.90 31.05 13.23
CA ASP N 443 -64.56 30.62 14.44
C ASP N 443 -65.26 31.78 15.15
N ALA N 444 -64.58 32.90 15.31
CA ALA N 444 -65.11 34.07 16.01
C ALA N 444 -64.93 35.31 15.15
N PRO N 445 -65.93 35.64 14.33
CA PRO N 445 -65.83 36.86 13.51
C PRO N 445 -66.31 38.10 14.25
N VAL N 446 -66.31 39.25 13.57
CA VAL N 446 -66.75 40.51 14.16
C VAL N 446 -67.17 41.43 13.01
N LEU N 447 -67.94 42.47 13.35
CA LEU N 447 -68.47 43.37 12.34
C LEU N 447 -67.35 44.14 11.65
N ILE N 448 -67.56 44.39 10.35
CA ILE N 448 -66.65 45.21 9.56
C ILE N 448 -67.42 46.38 8.98
N SER N 449 -68.43 46.09 8.18
CA SER N 449 -69.32 47.10 7.60
C SER N 449 -70.73 46.84 8.13
N GLN N 450 -71.41 47.91 8.54
CA GLN N 450 -72.70 47.79 9.21
C GLN N 450 -73.66 48.81 8.62
N LYS N 451 -74.73 48.32 8.00
CA LYS N 451 -75.81 49.18 7.54
C LYS N 451 -76.80 49.40 8.67
N LEU N 452 -77.23 50.64 8.84
CA LEU N 452 -77.96 51.06 10.03
C LEU N 452 -79.44 51.23 9.73
N SER N 453 -80.26 51.08 10.78
CA SER N 453 -81.71 51.20 10.66
C SER N 453 -82.27 51.57 12.02
N PRO N 454 -83.21 52.53 12.09
CA PRO N 454 -83.74 52.94 13.40
C PRO N 454 -84.58 51.85 14.04
N ILE N 455 -84.61 51.87 15.37
CA ILE N 455 -85.32 50.85 16.12
C ILE N 455 -86.83 51.07 16.06
N TYR N 456 -87.27 52.33 16.08
CA TYR N 456 -88.70 52.61 16.11
C TYR N 456 -89.41 52.07 14.87
N ASN N 457 -88.67 51.75 13.81
CA ASN N 457 -89.25 51.07 12.66
C ASN N 457 -89.39 49.56 12.88
N LEU N 458 -88.80 49.03 13.94
CA LEU N 458 -88.84 47.61 14.23
C LEU N 458 -89.96 47.22 15.20
N VAL N 459 -90.66 48.20 15.77
CA VAL N 459 -91.74 47.90 16.71
C VAL N 459 -92.81 47.09 16.00
N PRO N 460 -93.38 46.05 16.63
CA PRO N 460 -94.40 45.25 15.94
C PRO N 460 -95.67 46.04 15.70
N VAL N 461 -96.24 45.86 14.50
CA VAL N 461 -97.44 46.57 14.07
C VAL N 461 -98.65 45.94 14.74
N LYS N 462 -99.80 46.61 14.63
CA LYS N 462 -101.09 46.14 15.16
C LYS N 462 -100.97 45.63 16.60
N MET N 463 -100.17 46.32 17.39
CA MET N 463 -100.04 46.01 18.81
C MET N 463 -101.06 46.83 19.59
N LYS N 464 -100.93 46.88 20.91
CA LYS N 464 -101.85 47.66 21.74
C LYS N 464 -101.82 49.13 21.36
N ASN N 465 -100.66 49.76 21.51
CA ASN N 465 -100.47 51.18 21.20
C ASN N 465 -99.18 51.37 20.41
N ALA N 466 -99.01 50.56 19.36
CA ALA N 466 -97.75 50.50 18.63
C ALA N 466 -97.38 51.86 18.03
N HIS N 467 -98.31 52.45 17.26
CA HIS N 467 -97.98 53.67 16.52
C HIS N 467 -97.65 54.82 17.47
N LEU N 468 -98.50 55.04 18.47
CA LEU N 468 -98.24 56.14 19.41
C LEU N 468 -96.93 55.96 20.14
N LYS N 469 -96.57 54.70 20.44
CA LYS N 469 -95.26 54.43 21.01
C LYS N 469 -94.17 54.52 19.95
N LYS N 470 -94.50 54.23 18.69
CA LYS N 470 -93.51 54.33 17.61
C LYS N 470 -93.03 55.78 17.45
N GLN N 471 -93.97 56.71 17.26
CA GLN N 471 -93.60 58.12 17.18
C GLN N 471 -93.03 58.62 18.50
N ASN N 472 -93.43 58.01 19.62
CA ASN N 472 -92.91 58.41 20.91
C ASN N 472 -91.41 58.09 21.02
N LEU N 473 -91.02 56.89 20.60
CA LEU N 473 -89.60 56.55 20.54
C LEU N 473 -88.89 57.33 19.43
N GLU N 474 -89.62 57.69 18.38
CA GLU N 474 -89.03 58.53 17.33
C GLU N 474 -88.63 59.90 17.89
N ARG N 475 -89.48 60.49 18.72
CA ARG N 475 -89.09 61.71 19.42
C ARG N 475 -87.97 61.45 20.41
N ALA N 476 -87.91 60.23 20.96
CA ALA N 476 -86.86 59.90 21.92
C ALA N 476 -85.51 59.72 21.22
N ILE N 477 -85.48 58.98 20.11
CA ILE N 477 -84.22 58.75 19.41
C ILE N 477 -83.68 60.05 18.83
N GLU N 478 -84.56 60.97 18.43
CA GLU N 478 -84.10 62.26 17.95
C GLU N 478 -83.56 63.11 19.08
N ASP N 479 -84.22 63.06 20.24
CA ASP N 479 -83.75 63.82 21.40
C ASP N 479 -82.48 63.20 21.98
N TYR N 480 -82.40 61.87 21.98
CA TYR N 480 -81.25 61.19 22.58
C TYR N 480 -79.95 61.62 21.93
N ILE N 481 -79.88 61.57 20.60
CA ILE N 481 -78.66 61.94 19.89
C ILE N 481 -78.39 63.44 20.04
N ASN N 482 -79.42 64.24 20.30
CA ASN N 482 -79.29 65.68 20.44
C ASN N 482 -79.30 66.14 21.88
N GLU N 483 -79.41 65.23 22.85
CA GLU N 483 -79.42 65.62 24.26
C GLU N 483 -78.00 65.86 24.77
N PHE N 484 -77.16 64.83 24.71
CA PHE N 484 -75.78 64.92 25.18
C PHE N 484 -74.84 64.47 24.08
N SER N 485 -73.84 65.29 23.79
CA SER N 485 -72.86 65.01 22.76
C SER N 485 -71.74 66.04 22.88
N VAL N 486 -70.77 65.96 21.97
CA VAL N 486 -69.70 66.95 21.92
C VAL N 486 -70.25 68.32 21.55
N ARG N 487 -71.38 68.35 20.82
CA ARG N 487 -71.97 69.62 20.40
C ARG N 487 -72.37 70.47 21.60
N LYS N 488 -72.86 69.83 22.67
CA LYS N 488 -73.31 70.56 23.83
C LYS N 488 -72.20 70.84 24.84
N CYS N 489 -71.08 70.12 24.75
CA CYS N 489 -69.97 70.32 25.65
C CYS N 489 -69.17 71.56 25.24
N HIS N 490 -68.05 71.80 25.90
CA HIS N 490 -67.22 72.97 25.63
C HIS N 490 -66.09 72.62 24.68
N THR N 491 -65.61 73.62 23.95
CA THR N 491 -64.56 73.42 22.96
C THR N 491 -63.19 73.46 23.62
N CYS N 492 -62.30 72.58 23.18
CA CYS N 492 -60.95 72.51 23.72
C CYS N 492 -60.08 73.59 23.05
N GLN N 493 -58.79 73.59 23.36
CA GLN N 493 -57.87 74.58 22.83
C GLN N 493 -56.93 73.95 21.81
N ASN N 494 -56.38 74.80 20.94
CA ASN N 494 -55.42 74.38 19.91
C ASN N 494 -56.02 73.32 18.99
N GLY N 495 -57.30 73.45 18.69
CA GLY N 495 -57.95 72.52 17.77
C GLY N 495 -57.99 71.10 18.26
N GLY N 496 -57.95 70.88 19.57
CA GLY N 496 -57.96 69.54 20.12
C GLY N 496 -59.32 68.88 19.91
N THR N 497 -59.32 67.71 19.27
CA THR N 497 -60.56 66.99 19.04
C THR N 497 -61.18 66.56 20.36
N VAL N 498 -62.40 67.02 20.62
CA VAL N 498 -63.08 66.76 21.88
C VAL N 498 -63.86 65.46 21.77
N ILE N 499 -63.72 64.59 22.76
CA ILE N 499 -64.44 63.33 22.83
C ILE N 499 -65.29 63.33 24.09
N LEU N 500 -66.12 62.28 24.22
CA LEU N 500 -67.01 62.12 25.36
C LEU N 500 -67.03 60.65 25.74
N MET N 501 -66.43 60.32 26.89
CA MET N 501 -66.35 58.95 27.37
C MET N 501 -66.98 58.89 28.76
N ASP N 502 -68.30 58.69 28.80
CA ASP N 502 -69.06 58.50 30.03
C ASP N 502 -68.84 59.66 31.00
N GLY N 503 -69.25 60.84 30.57
CA GLY N 503 -69.15 62.04 31.39
C GLY N 503 -67.89 62.86 31.21
N LYS N 504 -66.73 62.20 31.19
CA LYS N 504 -65.47 62.91 30.99
C LYS N 504 -65.42 63.48 29.58
N CYS N 505 -65.53 64.80 29.48
CA CYS N 505 -65.49 65.48 28.18
C CYS N 505 -64.06 65.93 27.87
N LEU N 506 -63.16 64.95 27.76
CA LEU N 506 -61.77 65.22 27.47
C LEU N 506 -61.58 65.55 25.99
N CYS N 507 -60.47 66.21 25.69
CA CYS N 507 -60.12 66.60 24.34
C CYS N 507 -58.74 66.04 23.98
N ALA N 508 -58.67 65.33 22.86
CA ALA N 508 -57.40 64.78 22.40
C ALA N 508 -56.53 65.89 21.85
N CYS N 509 -55.38 66.11 22.48
CA CYS N 509 -54.48 67.19 22.10
C CYS N 509 -53.48 66.70 21.06
N PRO N 510 -53.03 67.57 20.15
CA PRO N 510 -52.11 67.13 19.09
C PRO N 510 -50.80 66.60 19.65
N PHE N 511 -50.00 66.05 18.75
CA PHE N 511 -48.74 65.40 19.14
C PHE N 511 -47.75 66.40 19.71
N LYS N 512 -47.52 67.50 19.01
CA LYS N 512 -46.54 68.49 19.42
C LYS N 512 -46.95 69.26 20.69
N PHE N 513 -48.14 69.01 21.21
CA PHE N 513 -48.63 69.74 22.38
C PHE N 513 -48.75 68.78 23.55
N GLU N 514 -48.90 69.34 24.75
CA GLU N 514 -48.96 68.55 25.97
C GLU N 514 -50.41 68.11 26.21
N GLY N 515 -50.70 67.62 27.42
CA GLY N 515 -51.93 66.91 27.70
C GLY N 515 -53.15 67.75 27.97
N ILE N 516 -53.82 67.46 29.09
CA ILE N 516 -55.16 67.96 29.36
C ILE N 516 -55.24 69.48 29.18
N ALA N 517 -56.39 69.92 28.66
CA ALA N 517 -56.78 71.33 28.53
C ALA N 517 -55.95 72.07 27.48
N CYS N 518 -54.93 71.40 26.93
CA CYS N 518 -54.07 71.98 25.90
C CYS N 518 -53.62 73.40 26.26
N GLU N 519 -53.20 73.57 27.51
CA GLU N 519 -52.77 74.88 28.00
C GLU N 519 -51.26 75.05 27.88
N ILE N 520 -50.50 74.17 28.53
CA ILE N 520 -49.04 74.23 28.47
C ILE N 520 -48.56 73.60 27.17
N SER N 521 -47.57 74.24 26.54
CA SER N 521 -47.16 73.85 25.20
C SER N 521 -46.25 72.62 25.20
N LYS N 522 -45.15 72.68 25.95
CA LYS N 522 -44.12 71.65 25.95
C LYS N 522 -43.57 71.43 24.54
N GLN N 523 -42.97 72.48 24.00
CA GLN N 523 -42.40 72.43 22.66
C GLN N 523 -41.10 71.64 22.64
N LYS N 524 -39.98 72.98 25.59
CA LYS N 524 -40.43 74.35 25.78
C LYS N 524 -39.66 75.32 24.90
N ILE N 525 -39.36 76.49 25.43
CA ILE N 525 -38.62 77.53 24.73
C ILE N 525 -37.24 77.66 25.38
N SER N 526 -36.21 77.85 24.56
CA SER N 526 -34.85 77.99 25.07
C SER N 526 -34.62 79.39 25.60
N GLU N 527 -33.98 79.47 26.77
CA GLU N 527 -33.67 80.74 27.42
C GLU N 527 -32.15 80.88 27.51
N GLY N 528 -31.65 82.07 27.17
CA GLY N 528 -30.23 82.33 27.22
C GLY N 528 -29.89 83.56 28.04
N LEU N 529 -28.95 83.42 28.97
CA LEU N 529 -28.51 84.52 29.82
C LEU N 529 -27.01 84.69 29.68
N PRO N 530 -26.53 85.72 28.98
CA PRO N 530 -25.09 85.93 28.87
C PRO N 530 -24.52 86.70 30.05
N ALA N 531 -25.30 86.79 31.13
CA ALA N 531 -24.89 87.54 32.31
C ALA N 531 -23.69 86.89 32.98
N LEU N 532 -22.87 87.72 33.62
CA LEU N 532 -21.70 87.23 34.32
C LEU N 532 -22.11 86.47 35.58
N GLU N 533 -21.51 85.31 35.84
CA GLU N 533 -21.87 84.54 37.04
C GLU N 533 -21.43 85.26 38.31
N PHE N 534 -22.32 85.30 39.29
CA PHE N 534 -22.02 85.96 40.55
C PHE N 534 -20.93 85.23 41.32
N PRO N 535 -21.05 83.90 41.41
CA PRO N 535 -20.06 83.10 42.13
C PRO N 535 -19.94 81.71 41.52
N SER O 18 -46.37 71.90 59.05
CA SER O 18 -47.44 72.43 59.88
C SER O 18 -48.32 71.32 60.42
N HIS O 19 -48.42 71.23 61.75
CA HIS O 19 -49.23 70.21 62.41
C HIS O 19 -50.70 70.65 62.37
N ILE O 20 -51.31 70.48 61.21
CA ILE O 20 -52.70 70.86 61.00
C ILE O 20 -53.59 69.78 61.62
N ASP O 21 -54.41 70.18 62.60
CA ASP O 21 -55.33 69.26 63.24
C ASP O 21 -56.61 69.15 62.42
N CYS O 22 -57.47 68.20 62.82
CA CYS O 22 -58.72 67.93 62.12
C CYS O 22 -59.88 68.56 62.90
N ARG O 23 -60.44 69.63 62.35
CA ARG O 23 -61.67 70.22 62.88
C ARG O 23 -62.85 69.42 62.34
N MET O 24 -63.11 68.29 62.99
CA MET O 24 -64.04 67.28 62.49
C MET O 24 -65.05 66.90 63.56
N SER O 25 -65.65 67.89 64.21
CA SER O 25 -66.71 67.57 65.15
C SER O 25 -67.85 68.59 65.18
N PRO O 26 -68.50 68.90 64.03
CA PRO O 26 -69.76 69.65 64.08
C PRO O 26 -70.93 68.72 64.35
N TRP O 27 -71.51 68.82 65.54
CA TRP O 27 -72.59 67.94 65.94
C TRP O 27 -73.95 68.55 65.59
N SER O 28 -74.92 67.69 65.33
CA SER O 28 -76.26 68.08 64.96
C SER O 28 -77.24 67.68 66.06
N GLU O 29 -78.51 68.05 65.86
CA GLU O 29 -79.56 67.79 66.83
C GLU O 29 -80.18 66.41 66.60
N TRP O 30 -80.63 65.79 67.68
CA TRP O 30 -81.30 64.50 67.59
C TRP O 30 -82.60 64.63 66.80
N SER O 31 -82.76 63.78 65.78
CA SER O 31 -83.96 63.77 64.98
C SER O 31 -84.99 62.82 65.61
N GLN O 32 -86.10 62.62 64.89
CA GLN O 32 -87.16 61.75 65.38
C GLN O 32 -86.75 60.29 65.28
N CYS O 33 -87.18 59.49 66.25
CA CYS O 33 -86.87 58.07 66.26
C CYS O 33 -87.62 57.35 65.13
N ASP O 34 -87.03 56.26 64.65
CA ASP O 34 -87.66 55.44 63.64
C ASP O 34 -88.49 54.35 64.31
N PRO O 35 -89.79 54.26 64.05
CA PRO O 35 -90.61 53.23 64.70
C PRO O 35 -90.27 51.82 64.23
N CYS O 36 -90.22 51.62 62.91
CA CYS O 36 -89.99 50.30 62.36
C CYS O 36 -88.51 49.91 62.39
N LEU O 37 -87.63 50.85 62.04
CA LEU O 37 -86.20 50.55 62.03
C LEU O 37 -85.61 50.54 63.44
N ARG O 38 -86.20 51.29 64.36
CA ARG O 38 -85.75 51.35 65.76
C ARG O 38 -84.31 51.85 65.83
N GLN O 39 -84.11 53.08 65.37
CA GLN O 39 -82.79 53.69 65.33
C GLN O 39 -82.93 55.20 65.38
N MET O 40 -81.93 55.87 65.94
CA MET O 40 -81.87 57.32 65.99
C MET O 40 -80.79 57.83 65.04
N PHE O 41 -80.79 59.14 64.81
CA PHE O 41 -80.01 59.77 63.76
C PHE O 41 -79.25 61.00 64.29
N ARG O 42 -78.48 60.81 65.35
CA ARG O 42 -77.50 61.82 65.71
C ARG O 42 -76.53 62.00 64.54
N SER O 43 -76.53 63.17 63.94
CA SER O 43 -75.82 63.40 62.70
C SER O 43 -74.47 64.06 62.96
N ARG O 44 -73.67 64.18 61.91
CA ARG O 44 -72.33 64.74 61.99
C ARG O 44 -71.89 65.12 60.58
N SER O 45 -70.70 65.70 60.47
CA SER O 45 -70.17 66.12 59.19
C SER O 45 -68.65 66.24 59.30
N ILE O 46 -67.98 65.96 58.18
CA ILE O 46 -66.52 66.07 58.09
C ILE O 46 -66.17 67.42 57.46
N GLU O 47 -65.19 68.11 58.03
CA GLU O 47 -64.79 69.42 57.56
C GLU O 47 -63.34 69.50 57.14
N VAL O 48 -62.41 69.02 57.97
CA VAL O 48 -60.98 69.20 57.73
C VAL O 48 -60.29 67.84 57.85
N PHE O 49 -59.44 67.52 56.88
CA PHE O 49 -58.66 66.29 56.89
C PHE O 49 -57.30 66.49 57.55
N GLY O 50 -56.50 67.42 57.03
CA GLY O 50 -55.12 67.57 57.45
C GLY O 50 -54.17 67.21 56.32
N GLN O 51 -53.60 68.23 55.68
CA GLN O 51 -52.81 68.02 54.47
C GLN O 51 -51.39 67.52 54.76
N PHE O 52 -50.92 67.64 55.99
CA PHE O 52 -49.53 67.36 56.32
C PHE O 52 -49.44 66.16 57.26
N ASN O 53 -48.23 65.91 57.75
CA ASN O 53 -47.87 64.76 58.58
C ASN O 53 -48.49 64.82 59.98
N GLY O 54 -49.37 65.77 60.26
CA GLY O 54 -49.99 65.87 61.57
C GLY O 54 -50.97 64.76 61.90
N LYS O 55 -51.89 65.04 62.82
CA LYS O 55 -52.84 64.05 63.30
C LYS O 55 -53.74 63.52 62.19
N ARG O 56 -53.60 62.24 61.84
CA ARG O 56 -54.51 61.62 60.89
C ARG O 56 -55.86 61.37 61.57
N CYS O 57 -56.93 61.64 60.84
CA CYS O 57 -58.28 61.55 61.39
C CYS O 57 -59.19 60.85 60.39
N THR O 58 -59.50 59.59 60.66
CA THR O 58 -60.40 58.80 59.84
C THR O 58 -61.77 58.62 60.48
N ASP O 59 -62.18 59.55 61.34
CA ASP O 59 -63.44 59.42 62.06
C ASP O 59 -64.61 59.41 61.09
N ALA O 60 -65.33 58.29 61.06
CA ALA O 60 -66.47 58.15 60.15
C ALA O 60 -67.65 58.98 60.62
N VAL O 61 -68.43 59.47 59.66
CA VAL O 61 -69.60 60.28 59.94
C VAL O 61 -70.80 59.37 60.15
N GLY O 62 -71.55 59.63 61.22
CA GLY O 62 -72.74 58.85 61.51
C GLY O 62 -72.76 58.32 62.94
N ASP O 63 -73.96 58.15 63.49
CA ASP O 63 -74.13 57.64 64.84
C ASP O 63 -75.52 57.04 64.95
N ARG O 64 -75.61 55.92 65.66
CA ARG O 64 -76.87 55.20 65.84
C ARG O 64 -77.15 55.03 67.33
N ARG O 65 -78.42 54.78 67.63
CA ARG O 65 -78.87 54.63 69.01
C ARG O 65 -80.22 53.91 69.02
N GLN O 66 -80.39 53.01 69.97
CA GLN O 66 -81.67 52.33 70.15
C GLN O 66 -82.68 53.30 70.77
N CYS O 67 -83.93 53.22 70.28
CA CYS O 67 -84.98 54.11 70.75
C CYS O 67 -86.29 53.33 70.83
N VAL O 68 -87.07 53.64 71.87
CA VAL O 68 -88.38 53.01 72.04
C VAL O 68 -89.33 53.54 70.97
N PRO O 69 -89.90 52.69 70.13
CA PRO O 69 -90.78 53.18 69.07
C PRO O 69 -92.11 53.67 69.64
N THR O 70 -92.60 54.77 69.07
CA THR O 70 -93.86 55.36 69.48
C THR O 70 -94.97 55.20 68.45
N GLU O 71 -94.62 55.01 67.18
CA GLU O 71 -95.63 54.77 66.16
C GLU O 71 -95.95 53.28 66.07
N PRO O 72 -97.17 52.93 65.64
CA PRO O 72 -97.54 51.51 65.61
C PRO O 72 -96.83 50.71 64.52
N CYS O 73 -96.20 51.37 63.55
CA CYS O 73 -95.53 50.70 62.44
C CYS O 73 -96.49 49.79 61.68
N GLU O 74 -97.53 50.41 61.13
CA GLU O 74 -98.55 49.66 60.40
C GLU O 74 -98.11 49.33 58.98
N ASP O 75 -97.25 50.15 58.39
CA ASP O 75 -96.79 49.90 57.03
C ASP O 75 -95.89 48.67 56.99
N ALA O 76 -96.15 47.78 56.04
CA ALA O 76 -95.37 46.57 55.90
C ALA O 76 -95.32 46.19 54.42
N GLU O 77 -94.39 45.28 54.10
CA GLU O 77 -94.18 44.83 52.73
C GLU O 77 -94.96 43.54 52.52
N ASP O 78 -96.01 43.62 51.70
CA ASP O 78 -96.80 42.44 51.39
C ASP O 78 -96.04 41.52 50.44
N ASP O 79 -96.48 40.26 50.39
CA ASP O 79 -95.83 39.29 49.52
C ASP O 79 -96.33 39.38 48.09
N CYS O 80 -96.31 40.59 47.52
CA CYS O 80 -96.54 40.88 46.11
C CYS O 80 -97.94 40.49 45.64
N GLY O 81 -98.75 39.90 46.54
CA GLY O 81 -100.14 39.58 46.27
C GLY O 81 -100.44 38.90 44.95
N ASN O 82 -99.44 38.22 44.37
CA ASN O 82 -99.57 37.67 43.02
C ASN O 82 -99.52 36.15 43.00
N ASP O 83 -98.45 35.55 43.50
CA ASP O 83 -98.26 34.12 43.35
C ASP O 83 -97.48 33.60 44.56
N PHE O 84 -96.92 32.39 44.43
CA PHE O 84 -96.18 31.75 45.51
C PHE O 84 -95.02 32.62 45.98
N GLN O 85 -95.01 32.93 47.28
CA GLN O 85 -93.93 33.68 47.88
C GLN O 85 -92.72 32.79 48.12
N CYS O 86 -91.54 33.34 47.87
CA CYS O 86 -90.30 32.62 48.16
C CYS O 86 -89.98 32.70 49.65
N SER O 87 -88.95 31.96 50.05
CA SER O 87 -88.54 31.94 51.46
C SER O 87 -87.77 33.20 51.86
N THR O 88 -87.49 34.12 50.92
CA THR O 88 -86.73 35.32 51.24
C THR O 88 -87.47 36.61 50.94
N GLY O 89 -88.50 36.59 50.10
CA GLY O 89 -89.27 37.80 49.84
C GLY O 89 -89.60 38.04 48.37
N ARG O 90 -88.96 37.30 47.47
CA ARG O 90 -89.22 37.46 46.05
C ARG O 90 -90.42 36.60 45.63
N CYS O 91 -90.84 36.74 44.37
CA CYS O 91 -92.06 36.11 43.90
C CYS O 91 -91.84 35.47 42.54
N ILE O 92 -92.54 34.36 42.31
CA ILE O 92 -92.58 33.75 40.98
C ILE O 92 -93.37 34.65 40.03
N LYS O 93 -92.81 34.88 38.84
CA LYS O 93 -93.56 35.64 37.84
C LYS O 93 -94.55 34.75 37.10
N MET O 94 -94.04 33.80 36.30
CA MET O 94 -94.91 32.84 35.65
C MET O 94 -94.43 31.39 35.72
N ARG O 95 -93.11 31.12 35.78
CA ARG O 95 -92.62 29.75 35.66
C ARG O 95 -91.46 29.47 36.61
N LEU O 96 -91.44 30.11 37.78
CA LEU O 96 -90.41 29.85 38.77
C LEU O 96 -90.70 28.60 39.62
N ARG O 97 -91.58 27.73 39.14
CA ARG O 97 -91.88 26.48 39.83
C ARG O 97 -90.80 25.45 39.55
N CYS O 98 -91.08 24.19 39.87
CA CYS O 98 -90.09 23.12 39.77
C CYS O 98 -89.83 22.83 38.28
N ASN O 99 -89.05 23.73 37.67
CA ASN O 99 -88.70 23.63 36.26
C ASN O 99 -87.22 23.92 36.03
N GLY O 100 -86.37 23.58 37.01
CA GLY O 100 -84.94 23.82 36.88
C GLY O 100 -84.54 25.27 36.88
N ASP O 101 -85.33 26.15 37.51
CA ASP O 101 -85.06 27.57 37.58
C ASP O 101 -84.62 27.91 39.00
N ASN O 102 -83.31 28.00 39.21
CA ASN O 102 -82.75 28.26 40.54
C ASN O 102 -82.73 29.77 40.78
N ASP O 103 -83.56 30.23 41.71
CA ASP O 103 -83.62 31.65 42.06
C ASP O 103 -83.28 31.90 43.51
N CYS O 104 -83.93 31.20 44.45
CA CYS O 104 -83.81 31.54 45.87
C CYS O 104 -82.63 30.83 46.53
N GLY O 105 -82.65 29.49 46.54
CA GLY O 105 -81.58 28.74 47.16
C GLY O 105 -81.16 27.53 46.35
N ASP O 106 -80.46 26.59 46.98
CA ASP O 106 -80.07 25.36 46.29
C ASP O 106 -81.29 24.55 45.90
N PHE O 107 -82.24 24.39 46.84
CA PHE O 107 -83.50 23.71 46.56
C PHE O 107 -84.67 24.45 47.22
N SER O 108 -84.54 25.76 47.40
CA SER O 108 -85.61 26.53 48.04
C SER O 108 -86.84 26.61 47.15
N ASP O 109 -86.66 27.02 45.89
CA ASP O 109 -87.79 27.11 44.97
C ASP O 109 -88.26 25.73 44.55
N GLU O 110 -87.32 24.81 44.31
CA GLU O 110 -87.64 23.44 43.92
C GLU O 110 -87.89 22.52 45.11
N ASP O 111 -88.22 23.08 46.27
CA ASP O 111 -88.50 22.26 47.45
C ASP O 111 -89.68 21.33 47.21
N ASP O 112 -90.79 21.89 46.73
CA ASP O 112 -92.00 21.12 46.46
C ASP O 112 -92.09 20.86 44.97
N CYS O 113 -91.92 19.60 44.56
CA CYS O 113 -91.99 19.20 43.17
C CYS O 113 -93.05 18.10 43.05
N GLU O 114 -94.27 18.50 42.71
CA GLU O 114 -95.36 17.54 42.54
C GLU O 114 -95.36 16.92 41.15
N SER O 115 -95.17 17.73 40.11
CA SER O 115 -95.10 17.23 38.75
C SER O 115 -93.69 16.70 38.45
N GLU O 116 -93.52 16.15 37.26
CA GLU O 116 -92.23 15.63 36.85
C GLU O 116 -91.22 16.76 36.69
N PRO O 117 -89.94 16.52 36.99
CA PRO O 117 -88.93 17.58 36.82
C PRO O 117 -88.66 17.89 35.36
N ARG O 118 -89.56 18.61 34.72
CA ARG O 118 -89.41 18.97 33.32
C ARG O 118 -88.20 19.88 33.13
N PRO O 119 -87.24 19.52 32.29
CA PRO O 119 -86.09 20.39 32.06
C PRO O 119 -86.49 21.60 31.23
N PRO O 120 -85.96 22.78 31.53
CA PRO O 120 -86.33 23.98 30.77
C PRO O 120 -85.68 24.02 29.40
N CYS O 121 -84.53 23.37 29.25
CA CYS O 121 -83.79 23.34 28.00
C CYS O 121 -83.17 21.97 27.81
N ARG O 122 -83.30 21.42 26.61
CA ARG O 122 -82.80 20.08 26.31
C ARG O 122 -81.36 20.08 25.86
N ASP O 123 -80.91 21.11 25.15
CA ASP O 123 -79.56 21.14 24.64
C ASP O 123 -78.56 21.28 25.78
N ARG O 124 -77.34 20.81 25.53
CA ARG O 124 -76.26 20.86 26.51
C ARG O 124 -75.59 22.23 26.44
N VAL O 125 -75.84 23.06 27.45
CA VAL O 125 -75.27 24.40 27.53
C VAL O 125 -74.53 24.50 28.86
N VAL O 126 -73.21 24.67 28.79
CA VAL O 126 -72.40 24.73 30.01
C VAL O 126 -72.62 26.06 30.71
N GLU O 127 -72.65 26.01 32.05
CA GLU O 127 -72.85 27.22 32.84
C GLU O 127 -71.66 28.17 32.66
N GLU O 128 -71.92 29.46 32.87
CA GLU O 128 -70.91 30.49 32.69
C GLU O 128 -69.90 30.41 33.84
N SER O 129 -68.75 29.79 33.56
CA SER O 129 -67.73 29.53 34.57
C SER O 129 -66.68 30.63 34.53
N GLU O 130 -66.58 31.40 35.63
CA GLU O 130 -65.54 32.40 35.84
C GLU O 130 -65.57 33.52 34.81
N LEU O 131 -66.58 33.56 33.96
CA LEU O 131 -66.73 34.57 32.94
C LEU O 131 -67.55 35.74 33.51
N ALA O 132 -68.07 36.61 32.65
CA ALA O 132 -68.76 37.83 33.05
C ALA O 132 -70.03 37.58 33.87
N ARG O 133 -70.31 36.31 34.19
CA ARG O 133 -71.43 35.93 35.05
C ARG O 133 -71.58 36.87 36.25
N THR O 134 -70.46 37.25 36.86
CA THR O 134 -70.47 38.24 37.94
C THR O 134 -70.31 39.63 37.30
N ALA O 135 -71.41 40.11 36.74
CA ALA O 135 -71.42 41.35 35.98
C ALA O 135 -71.68 42.58 36.85
N GLY O 136 -71.92 42.40 38.15
CA GLY O 136 -72.14 43.53 39.04
C GLY O 136 -70.84 44.07 39.58
N TYR O 137 -70.72 45.40 39.57
CA TYR O 137 -69.52 46.08 40.03
C TYR O 137 -69.90 47.39 40.69
N GLY O 138 -69.29 47.65 41.84
CA GLY O 138 -69.62 48.81 42.65
C GLY O 138 -68.52 49.84 42.75
N ILE O 139 -67.89 50.17 41.62
CA ILE O 139 -66.75 51.07 41.61
C ILE O 139 -67.08 52.39 42.30
N ASN O 140 -66.12 52.90 43.06
CA ASN O 140 -66.24 54.17 43.75
C ASN O 140 -65.46 55.22 42.97
N ILE O 141 -66.13 56.29 42.55
CA ILE O 141 -65.46 57.36 41.82
C ILE O 141 -64.38 58.02 42.67
N LEU O 142 -64.60 58.08 43.99
CA LEU O 142 -63.61 58.61 44.91
C LEU O 142 -62.70 57.52 45.48
N GLY O 143 -63.02 56.25 45.27
CA GLY O 143 -62.27 55.16 45.86
C GLY O 143 -61.26 54.50 44.94
N MET O 144 -61.56 53.28 44.51
CA MET O 144 -60.61 52.45 43.78
C MET O 144 -61.38 51.54 42.83
N ASP O 145 -60.73 50.46 42.39
CA ASP O 145 -61.22 49.50 41.41
C ASP O 145 -62.63 49.00 41.75
N PRO O 146 -63.37 48.49 40.76
CA PRO O 146 -64.76 48.10 41.01
C PRO O 146 -64.91 47.05 42.10
N LEU O 147 -66.14 46.92 42.60
CA LEU O 147 -66.49 46.06 43.70
C LEU O 147 -67.16 44.78 43.16
N SER O 148 -67.69 43.97 44.06
CA SER O 148 -68.37 42.74 43.70
C SER O 148 -69.78 43.05 43.18
N THR O 149 -70.57 42.01 42.97
CA THR O 149 -71.91 42.21 42.40
C THR O 149 -72.89 42.61 43.49
N PRO O 150 -73.65 43.70 43.29
CA PRO O 150 -74.67 44.10 44.27
C PRO O 150 -76.02 43.42 44.08
N PHE O 151 -76.18 42.56 43.08
CA PHE O 151 -77.46 41.95 42.76
C PHE O 151 -77.25 40.50 42.37
N ASP O 152 -78.34 39.74 42.40
CA ASP O 152 -78.29 38.34 41.99
C ASP O 152 -78.19 38.26 40.46
N ASN O 153 -77.19 37.51 39.99
CA ASN O 153 -76.93 37.38 38.56
C ASN O 153 -77.05 35.95 38.07
N GLU O 154 -77.64 35.06 38.86
CA GLU O 154 -77.81 33.66 38.48
C GLU O 154 -79.23 33.34 38.00
N PHE O 155 -80.22 34.06 38.48
CA PHE O 155 -81.61 33.80 38.09
C PHE O 155 -81.82 34.08 36.61
N TYR O 156 -82.62 33.23 35.97
CA TYR O 156 -83.00 33.41 34.57
C TYR O 156 -84.52 33.24 34.44
N ASN O 157 -85.09 33.92 33.46
CA ASN O 157 -86.55 34.00 33.36
C ASN O 157 -87.14 32.76 32.70
N GLY O 158 -86.79 32.52 31.43
CA GLY O 158 -87.45 31.47 30.67
C GLY O 158 -86.53 30.60 29.83
N LEU O 159 -86.82 30.52 28.53
CA LEU O 159 -86.03 29.70 27.63
C LEU O 159 -84.60 30.20 27.54
N CYS O 160 -83.64 29.29 27.66
CA CYS O 160 -82.23 29.63 27.61
C CYS O 160 -81.90 30.39 26.33
N ASN O 161 -81.19 31.51 26.48
CA ASN O 161 -80.74 32.31 25.35
C ASN O 161 -79.33 31.85 25.00
N ARG O 162 -79.18 31.25 23.81
CA ARG O 162 -77.91 30.67 23.43
C ARG O 162 -76.83 31.73 23.29
N ASP O 163 -75.61 31.37 23.66
CA ASP O 163 -74.43 32.23 23.61
C ASP O 163 -73.33 31.55 22.81
N ARG O 164 -73.69 31.05 21.64
CA ARG O 164 -72.82 30.21 20.82
C ARG O 164 -71.71 31.06 20.23
N ASP O 165 -70.69 31.31 21.05
CA ASP O 165 -69.54 32.11 20.65
C ASP O 165 -68.41 31.84 21.62
N GLY O 166 -67.21 32.22 21.23
CA GLY O 166 -66.03 32.06 22.05
C GLY O 166 -64.90 31.41 21.29
N ASN O 167 -63.76 31.27 21.98
CA ASN O 167 -62.58 30.67 21.36
C ASN O 167 -62.83 29.22 20.98
N THR O 168 -63.24 28.41 21.94
CA THR O 168 -63.49 26.99 21.71
C THR O 168 -64.96 26.78 21.37
N LEU O 169 -65.33 25.52 21.14
CA LEU O 169 -66.71 25.15 20.80
C LEU O 169 -67.41 24.76 22.10
N THR O 170 -68.06 25.74 22.72
CA THR O 170 -68.78 25.53 23.96
C THR O 170 -69.91 26.55 24.06
N TYR O 171 -71.01 26.15 24.68
CA TYR O 171 -72.20 26.99 24.81
C TYR O 171 -72.32 27.47 26.24
N TYR O 172 -72.37 28.79 26.42
CA TYR O 172 -72.53 29.40 27.73
C TYR O 172 -73.95 29.94 27.88
N ARG O 173 -74.29 30.31 29.11
CA ARG O 173 -75.58 30.89 29.42
C ARG O 173 -75.43 32.38 29.73
N ARG O 174 -76.44 33.15 29.33
CA ARG O 174 -76.50 34.57 29.63
C ARG O 174 -77.68 34.82 30.57
N PRO O 175 -77.43 35.32 31.78
CA PRO O 175 -78.52 35.50 32.73
C PRO O 175 -79.52 36.55 32.29
N TRP O 176 -80.72 36.47 32.86
CA TRP O 176 -81.77 37.44 32.55
C TRP O 176 -81.43 38.84 33.05
N ASN O 177 -80.52 38.96 34.01
CA ASN O 177 -80.08 40.26 34.49
C ASN O 177 -79.15 40.95 33.51
N VAL O 178 -78.33 40.19 32.79
CA VAL O 178 -77.39 40.73 31.83
C VAL O 178 -78.09 40.83 30.47
N ALA O 179 -78.17 42.04 29.93
CA ALA O 179 -78.85 42.24 28.66
C ALA O 179 -78.03 41.75 27.49
N SER O 180 -76.70 41.89 27.56
CA SER O 180 -75.82 41.50 26.47
C SER O 180 -74.54 40.91 27.03
N LEU O 181 -73.92 40.01 26.26
CA LEU O 181 -72.65 39.41 26.64
C LEU O 181 -71.89 39.11 25.35
N ILE O 182 -71.00 40.02 24.97
CA ILE O 182 -70.22 39.88 23.73
C ILE O 182 -68.88 39.24 24.06
N TYR O 183 -68.32 38.54 23.06
CA TYR O 183 -67.06 37.83 23.20
C TYR O 183 -66.00 38.38 22.25
N GLU O 184 -66.11 39.66 21.89
CA GLU O 184 -65.16 40.28 20.97
C GLU O 184 -63.79 40.37 21.63
N THR O 185 -62.78 39.79 20.97
CA THR O 185 -61.41 39.80 21.48
C THR O 185 -60.60 40.91 20.82
N LYS O 186 -60.97 42.15 21.11
CA LYS O 186 -60.27 43.30 20.55
C LYS O 186 -58.85 43.39 21.12
N GLY O 187 -57.96 43.98 20.33
CA GLY O 187 -56.58 44.15 20.75
C GLY O 187 -55.90 45.34 20.09
N GLU O 188 -55.21 46.16 20.88
CA GLU O 188 -54.56 47.35 20.36
C GLU O 188 -53.38 47.71 21.25
N LYS O 189 -52.52 48.58 20.74
CA LYS O 189 -51.36 49.06 21.47
C LYS O 189 -50.92 50.39 20.89
N ASN O 190 -50.17 51.15 21.70
CA ASN O 190 -49.70 52.45 21.29
C ASN O 190 -48.35 52.72 21.93
N PHE O 191 -47.52 53.49 21.22
CA PHE O 191 -46.20 53.86 21.71
C PHE O 191 -45.84 55.24 21.16
N ARG O 192 -45.03 55.96 21.93
CA ARG O 192 -44.61 57.31 21.54
C ARG O 192 -43.22 57.58 22.11
N THR O 193 -42.53 58.52 21.47
CA THR O 193 -41.19 58.90 21.89
C THR O 193 -40.91 60.33 21.46
N GLU O 194 -39.94 60.96 22.12
CA GLU O 194 -39.57 62.32 21.81
C GLU O 194 -38.17 62.59 22.37
N HIS O 195 -37.55 63.63 21.83
CA HIS O 195 -36.21 64.01 22.26
C HIS O 195 -36.07 65.53 22.21
N TYR O 196 -35.41 66.08 23.22
CA TYR O 196 -35.14 67.50 23.32
C TYR O 196 -33.63 67.74 23.42
N GLU O 197 -33.18 68.85 22.87
CA GLU O 197 -31.76 69.18 22.87
C GLU O 197 -31.59 70.69 22.97
N GLU O 198 -30.63 71.11 23.79
CA GLU O 198 -30.31 72.52 23.96
C GLU O 198 -28.81 72.67 24.15
N GLN O 199 -28.24 73.69 23.49
CA GLN O 199 -26.81 73.94 23.56
C GLN O 199 -26.56 75.42 23.38
N ILE O 200 -25.68 75.97 24.21
CA ILE O 200 -25.33 77.39 24.14
C ILE O 200 -23.85 77.54 24.53
N GLU O 201 -23.16 78.45 23.86
CA GLU O 201 -21.76 78.72 24.11
C GLU O 201 -21.49 80.21 23.95
N ALA O 202 -20.59 80.74 24.77
CA ALA O 202 -20.21 82.15 24.72
C ALA O 202 -18.75 82.30 25.07
N PHE O 203 -17.99 82.95 24.18
CA PHE O 203 -16.57 83.20 24.38
C PHE O 203 -16.31 84.69 24.37
N LYS O 204 -15.47 85.15 25.30
CA LYS O 204 -15.13 86.55 25.42
C LYS O 204 -13.65 86.69 25.77
N SER O 205 -13.00 87.67 25.15
CA SER O 205 -11.58 87.93 25.39
C SER O 205 -11.32 89.42 25.22
N ILE O 206 -10.63 90.02 26.20
CA ILE O 206 -10.31 91.44 26.20
C ILE O 206 -8.86 91.61 26.60
N ILE O 207 -8.12 92.42 25.85
CA ILE O 207 -6.72 92.68 26.13
C ILE O 207 -6.45 94.18 25.98
N GLN O 208 -5.53 94.69 26.79
CA GLN O 208 -5.17 96.10 26.80
C GLN O 208 -3.66 96.25 26.80
N GLU O 209 -3.17 97.25 26.08
CA GLU O 209 -1.75 97.53 26.00
C GLU O 209 -1.54 99.04 25.90
N LYS O 210 -0.60 99.55 26.68
CA LYS O 210 -0.32 100.99 26.70
C LYS O 210 1.17 101.19 26.97
N THR O 211 1.75 102.19 26.31
CA THR O 211 3.16 102.49 26.42
C THR O 211 3.33 103.96 26.76
N SER O 212 4.18 104.25 27.74
CA SER O 212 4.45 105.61 28.18
C SER O 212 5.94 105.78 28.42
N ASN O 213 6.55 106.74 27.73
CA ASN O 213 7.98 107.00 27.86
C ASN O 213 8.21 108.51 27.80
N PHE O 214 9.18 108.98 28.58
CA PHE O 214 9.48 110.40 28.66
C PHE O 214 10.99 110.60 28.75
N ASN O 215 11.53 111.48 27.91
CA ASN O 215 12.94 111.83 27.93
C ASN O 215 13.08 113.33 27.77
N ALA O 216 14.00 113.92 28.54
CA ALA O 216 14.23 115.36 28.51
C ALA O 216 15.67 115.62 28.95
N ALA O 217 16.51 116.03 28.00
CA ALA O 217 17.91 116.30 28.25
C ALA O 217 18.19 117.80 28.06
N ILE O 218 18.84 118.39 29.05
CA ILE O 218 19.23 119.80 29.00
C ILE O 218 20.62 119.94 29.59
N SER O 219 21.48 120.70 28.91
CA SER O 219 22.86 120.89 29.34
C SER O 219 23.21 122.38 29.28
N LEU O 220 24.09 122.79 30.18
CA LEU O 220 24.51 124.18 30.29
C LEU O 220 26.02 124.26 30.32
N LYS O 221 26.58 125.21 29.58
CA LYS O 221 28.02 125.44 29.53
C LYS O 221 28.28 126.94 29.43
N PHE O 222 29.17 127.45 30.27
CA PHE O 222 29.46 128.87 30.32
C PHE O 222 30.95 129.07 30.60
N THR O 223 31.60 129.92 29.80
CA THR O 223 33.00 130.25 29.97
C THR O 223 33.28 131.64 29.40
N PRO O 224 33.44 132.66 30.26
CA PRO O 224 33.74 134.02 29.80
C PRO O 224 35.21 134.22 29.45
N SER O 242 39.85 133.61 36.00
CA SER O 242 39.27 132.54 35.22
C SER O 242 37.92 132.09 35.80
N LEU O 243 36.96 131.84 34.91
CA LEU O 243 35.63 131.42 35.32
C LEU O 243 35.12 130.37 34.33
N HIS O 244 34.45 129.34 34.86
CA HIS O 244 33.92 128.27 34.05
C HIS O 244 32.59 127.79 34.63
N GLY O 245 31.75 127.25 33.75
CA GLY O 245 30.46 126.72 34.17
C GLY O 245 30.03 125.53 33.34
N LYS O 246 29.53 124.48 34.00
CA LYS O 246 29.12 123.27 33.31
C LYS O 246 28.02 122.58 34.11
N GLY O 247 26.94 122.21 33.42
CA GLY O 247 25.84 121.51 34.04
C GLY O 247 25.09 120.62 33.06
N SER O 248 24.67 119.44 33.52
CA SER O 248 23.97 118.49 32.66
C SER O 248 22.87 117.80 33.44
N PHE O 249 21.66 117.79 32.87
CA PHE O 249 20.50 117.14 33.47
C PHE O 249 20.07 115.98 32.59
N ARG O 250 19.72 114.85 33.21
CA ARG O 250 19.26 113.67 32.50
C ARG O 250 18.05 113.09 33.21
N PHE O 251 17.09 112.60 32.42
CA PHE O 251 15.86 112.05 32.95
C PHE O 251 15.35 110.96 32.02
N SER O 252 14.73 109.94 32.61
CA SER O 252 14.21 108.81 31.84
C SER O 252 12.88 108.37 32.45
N TYR O 253 12.12 107.61 31.67
CA TYR O 253 10.82 107.13 32.13
C TYR O 253 10.43 105.91 31.31
N SER O 254 9.83 104.92 31.99
CA SER O 254 9.34 103.72 31.35
C SER O 254 8.14 103.19 32.14
N LYS O 255 7.11 102.76 31.42
CA LYS O 255 5.90 102.29 32.06
C LYS O 255 5.12 101.39 31.11
N ASN O 256 4.68 100.24 31.63
CA ASN O 256 3.76 99.35 30.94
C ASN O 256 2.72 98.82 31.92
N GLU O 257 1.45 98.87 31.52
CA GLU O 257 0.34 98.36 32.32
C GLU O 257 -0.55 97.52 31.41
N THR O 258 -0.33 96.21 31.42
CA THR O 258 -1.01 95.30 30.51
C THR O 258 -2.19 94.64 31.22
N TYR O 259 -3.34 94.65 30.56
CA TYR O 259 -4.56 94.06 31.09
C TYR O 259 -5.01 92.92 30.15
N GLN O 260 -5.55 91.86 30.75
CA GLN O 260 -6.05 90.73 29.99
C GLN O 260 -7.30 90.17 30.66
N LEU O 261 -8.30 89.86 29.85
CA LEU O 261 -9.57 89.35 30.34
C LEU O 261 -10.03 88.20 29.47
N PHE O 262 -10.64 87.20 30.09
CA PHE O 262 -11.13 86.03 29.38
C PHE O 262 -12.39 85.52 30.08
N LEU O 263 -13.41 85.21 29.28
CA LEU O 263 -14.68 84.73 29.80
C LEU O 263 -15.23 83.65 28.88
N SER O 264 -15.76 82.59 29.48
CA SER O 264 -16.34 81.48 28.74
C SER O 264 -17.57 80.97 29.47
N TYR O 265 -18.60 80.60 28.70
CA TYR O 265 -19.84 80.10 29.26
C TYR O 265 -20.44 79.07 28.31
N SER O 266 -20.89 77.95 28.86
CA SER O 266 -21.47 76.88 28.07
C SER O 266 -22.50 76.13 28.91
N SER O 267 -23.62 75.78 28.28
CA SER O 267 -24.68 75.05 28.97
C SER O 267 -25.37 74.13 27.97
N LYS O 268 -25.68 72.91 28.42
CA LYS O 268 -26.33 71.92 27.58
C LYS O 268 -27.46 71.27 28.37
N LYS O 269 -28.61 71.11 27.72
CA LYS O 269 -29.78 70.52 28.33
C LYS O 269 -30.41 69.53 27.38
N GLU O 270 -30.85 68.38 27.92
CA GLU O 270 -31.48 67.33 27.14
C GLU O 270 -32.66 66.77 27.92
N LYS O 271 -33.73 66.44 27.21
CA LYS O 271 -34.93 65.89 27.82
C LYS O 271 -35.51 64.82 26.92
N MET O 272 -35.94 63.71 27.52
CA MET O 272 -36.51 62.59 26.79
C MET O 272 -37.78 62.13 27.49
N PHE O 273 -38.84 61.92 26.72
CA PHE O 273 -40.11 61.45 27.25
C PHE O 273 -40.69 60.41 26.29
N LEU O 274 -40.96 59.22 26.81
CA LEU O 274 -41.50 58.14 25.99
C LEU O 274 -42.28 57.18 26.88
N HIS O 275 -43.38 56.66 26.34
CA HIS O 275 -44.22 55.72 27.09
C HIS O 275 -44.97 54.85 26.10
N VAL O 276 -45.45 53.70 26.59
CA VAL O 276 -46.19 52.75 25.79
C VAL O 276 -47.30 52.15 26.63
N LYS O 277 -48.43 51.84 25.99
CA LYS O 277 -49.58 51.28 26.67
C LYS O 277 -50.25 50.27 25.75
N GLY O 278 -50.76 49.19 26.35
CA GLY O 278 -51.44 48.15 25.59
C GLY O 278 -52.59 47.54 26.37
N GLU O 279 -53.68 47.19 25.66
CA GLU O 279 -54.86 46.62 26.30
C GLU O 279 -55.37 45.47 25.45
N ILE O 280 -55.39 44.27 26.03
CA ILE O 280 -55.90 43.07 25.37
C ILE O 280 -57.33 42.88 25.85
N HIS O 281 -58.29 43.27 25.02
CA HIS O 281 -59.70 43.13 25.37
C HIS O 281 -60.14 41.68 25.23
N LEU O 282 -60.99 41.25 26.17
CA LEU O 282 -61.46 39.87 26.22
C LEU O 282 -62.95 39.76 25.94
N GLY O 283 -63.78 40.47 26.70
CA GLY O 283 -65.22 40.39 26.52
C GLY O 283 -65.89 41.64 27.02
N ARG O 284 -67.16 41.78 26.63
CA ARG O 284 -67.95 42.96 26.96
C ARG O 284 -69.36 42.55 27.31
N PHE O 285 -69.94 43.24 28.28
CA PHE O 285 -71.31 42.98 28.73
C PHE O 285 -72.02 44.30 28.98
N VAL O 286 -73.34 44.26 28.92
CA VAL O 286 -74.19 45.41 29.20
C VAL O 286 -75.32 44.94 30.11
N MET O 287 -75.33 45.42 31.35
CA MET O 287 -76.39 45.07 32.28
C MET O 287 -77.71 45.69 31.85
N ARG O 288 -78.78 44.90 31.96
CA ARG O 288 -80.12 45.43 31.68
C ARG O 288 -80.46 46.51 32.71
N ASN O 289 -80.92 47.65 32.21
CA ASN O 289 -81.12 48.81 33.08
C ASN O 289 -82.33 48.61 34.00
N ARG O 290 -83.50 48.33 33.42
CA ARG O 290 -84.71 48.14 34.19
C ARG O 290 -85.21 46.71 34.01
N ASP O 291 -86.16 46.32 34.86
CA ASP O 291 -86.73 44.97 34.87
C ASP O 291 -85.64 43.93 35.14
N VAL O 292 -84.88 44.17 36.20
CA VAL O 292 -83.77 43.31 36.59
C VAL O 292 -84.02 42.82 38.01
N VAL O 293 -83.54 41.62 38.30
CA VAL O 293 -83.70 41.01 39.62
C VAL O 293 -82.50 41.35 40.48
N LEU O 294 -82.72 41.36 41.79
CA LEU O 294 -81.69 41.70 42.77
C LEU O 294 -81.48 40.54 43.73
N THR O 295 -80.40 40.62 44.50
CA THR O 295 -80.06 39.59 45.46
C THR O 295 -80.79 39.81 46.77
N THR O 296 -80.96 38.71 47.52
CA THR O 296 -81.68 38.79 48.79
C THR O 296 -80.94 39.63 49.83
N THR O 297 -79.62 39.77 49.70
CA THR O 297 -78.87 40.57 50.66
C THR O 297 -79.11 42.06 50.43
N PHE O 298 -79.10 42.50 49.18
CA PHE O 298 -79.29 43.91 48.87
C PHE O 298 -80.74 44.33 49.10
N VAL O 299 -81.69 43.46 48.74
CA VAL O 299 -83.11 43.78 48.94
C VAL O 299 -83.41 43.92 50.42
N ASP O 300 -82.84 43.05 51.26
CA ASP O 300 -83.03 43.17 52.70
C ASP O 300 -82.45 44.47 53.22
N ASP O 301 -81.35 44.95 52.64
CA ASP O 301 -80.79 46.23 53.04
C ASP O 301 -81.71 47.38 52.62
N ILE O 302 -82.29 47.29 51.43
CA ILE O 302 -83.23 48.32 50.99
C ILE O 302 -84.54 48.22 51.78
N LYS O 303 -84.93 47.01 52.16
CA LYS O 303 -86.13 46.85 52.99
C LYS O 303 -85.89 47.38 54.39
N ALA O 304 -84.75 47.02 55.00
CA ALA O 304 -84.35 47.56 56.30
C ALA O 304 -83.50 48.82 56.08
N LEU O 305 -84.18 49.87 55.64
CA LEU O 305 -83.55 51.13 55.28
C LEU O 305 -84.41 52.28 55.79
N PRO O 306 -83.79 53.33 56.35
CA PRO O 306 -84.59 54.46 56.86
C PRO O 306 -85.21 55.28 55.74
N THR O 307 -86.02 56.27 56.11
CA THR O 307 -86.69 57.11 55.13
C THR O 307 -86.70 58.59 55.53
N THR O 308 -85.97 58.98 56.57
CA THR O 308 -85.96 60.35 57.07
C THR O 308 -84.59 60.99 56.86
N TYR O 309 -83.94 60.66 55.74
CA TYR O 309 -82.63 61.21 55.38
C TYR O 309 -81.59 60.94 56.47
N GLU O 310 -81.32 59.65 56.67
CA GLU O 310 -80.27 59.23 57.62
C GLU O 310 -78.94 59.19 56.87
N LYS O 311 -78.26 60.34 56.85
CA LYS O 311 -76.97 60.43 56.19
C LYS O 311 -75.95 59.50 56.83
N GLY O 312 -76.08 59.24 58.13
CA GLY O 312 -75.12 58.37 58.80
C GLY O 312 -75.16 56.95 58.26
N GLU O 313 -76.34 56.35 58.18
CA GLU O 313 -76.45 55.00 57.64
C GLU O 313 -76.25 54.98 56.14
N TYR O 314 -76.72 56.02 55.44
CA TYR O 314 -76.55 56.08 53.99
C TYR O 314 -75.07 56.15 53.62
N PHE O 315 -74.30 56.93 54.36
CA PHE O 315 -72.85 56.95 54.14
C PHE O 315 -72.24 55.59 54.45
N ALA O 316 -72.77 54.89 55.46
CA ALA O 316 -72.32 53.54 55.75
C ALA O 316 -72.79 52.57 54.67
N PHE O 317 -74.05 52.69 54.27
CA PHE O 317 -74.56 51.86 53.17
C PHE O 317 -73.85 52.17 51.86
N LEU O 318 -73.34 53.40 51.72
CA LEU O 318 -72.68 53.79 50.48
C LEU O 318 -71.38 53.02 50.29
N GLU O 319 -70.61 52.83 51.37
CA GLU O 319 -69.36 52.10 51.26
C GLU O 319 -69.57 50.60 51.06
N THR O 320 -70.72 50.07 51.47
CA THR O 320 -70.95 48.63 51.38
C THR O 320 -71.10 48.18 49.93
N TYR O 321 -71.89 48.93 49.14
CA TYR O 321 -72.17 48.56 47.75
C TYR O 321 -71.69 49.62 46.77
N GLY O 322 -70.75 50.46 47.15
CA GLY O 322 -70.25 51.50 46.28
C GLY O 322 -71.25 52.63 46.09
N THR O 323 -70.84 53.63 45.32
CA THR O 323 -71.67 54.79 45.04
C THR O 323 -72.52 54.62 43.79
N HIS O 324 -71.97 54.02 42.75
CA HIS O 324 -72.69 53.81 41.49
C HIS O 324 -72.18 52.55 40.82
N TYR O 325 -73.09 51.79 40.22
CA TYR O 325 -72.73 50.52 39.62
C TYR O 325 -72.36 50.71 38.15
N SER O 326 -71.97 49.61 37.50
CA SER O 326 -71.55 49.60 36.12
C SER O 326 -72.68 49.14 35.22
N SER O 327 -73.07 49.99 34.27
CA SER O 327 -74.07 49.59 33.29
C SER O 327 -73.47 48.72 32.19
N SER O 328 -72.20 48.96 31.86
CA SER O 328 -71.51 48.16 30.84
C SER O 328 -70.03 48.11 31.17
N GLY O 329 -69.47 46.90 31.17
CA GLY O 329 -68.07 46.73 31.47
C GLY O 329 -67.27 46.13 30.33
N SER O 330 -66.00 45.82 30.57
CA SER O 330 -65.14 45.24 29.55
C SER O 330 -64.13 44.34 30.25
N LEU O 331 -64.41 43.04 30.26
CA LEU O 331 -63.50 42.08 30.89
C LEU O 331 -62.22 41.94 30.07
N GLY O 332 -61.11 41.76 30.78
CA GLY O 332 -59.83 41.62 30.11
C GLY O 332 -58.66 41.99 31.00
N GLY O 333 -57.80 42.88 30.51
CA GLY O 333 -56.62 43.31 31.24
C GLY O 333 -55.70 44.16 30.39
N LEU O 334 -55.04 45.14 31.00
CA LEU O 334 -54.15 46.03 30.28
C LEU O 334 -52.86 46.24 31.06
N TYR O 335 -51.81 46.66 30.33
CA TYR O 335 -50.53 46.98 30.91
C TYR O 335 -50.06 48.32 30.36
N GLU O 336 -49.20 48.98 31.13
CA GLU O 336 -48.68 50.29 30.74
C GLU O 336 -47.25 50.43 31.21
N LEU O 337 -46.48 51.25 30.47
CA LEU O 337 -45.10 51.54 30.81
C LEU O 337 -44.83 53.01 30.54
N ILE O 338 -44.17 53.66 31.50
CA ILE O 338 -43.88 55.09 31.43
C ILE O 338 -42.41 55.30 31.80
N TYR O 339 -41.71 56.09 31.00
CA TYR O 339 -40.29 56.38 31.24
C TYR O 339 -40.06 57.87 31.01
N VAL O 340 -39.22 58.45 31.87
CA VAL O 340 -38.89 59.87 31.80
C VAL O 340 -37.38 60.04 31.92
N LEU O 341 -36.88 61.13 31.36
CA LEU O 341 -35.45 61.43 31.40
C LEU O 341 -35.25 62.93 31.26
N ASP O 342 -34.32 63.47 32.06
CA ASP O 342 -34.01 64.89 32.03
C ASP O 342 -32.51 65.07 32.25
N LYS O 343 -31.90 65.96 31.48
CA LYS O 343 -30.48 66.23 31.56
C LYS O 343 -30.24 67.74 31.55
N ALA O 344 -29.32 68.18 32.39
CA ALA O 344 -28.98 69.60 32.48
C ALA O 344 -27.50 69.74 32.78
N SER O 345 -26.87 70.74 32.18
CA SER O 345 -25.44 70.99 32.36
C SER O 345 -25.18 72.48 32.24
N MET O 346 -24.24 72.97 33.05
CA MET O 346 -23.87 74.38 33.04
C MET O 346 -22.37 74.51 33.29
N LYS O 347 -21.72 75.37 32.51
CA LYS O 347 -20.30 75.62 32.63
C LYS O 347 -20.02 77.10 32.44
N ARG O 348 -19.13 77.65 33.27
CA ARG O 348 -18.76 79.05 33.18
C ARG O 348 -17.29 79.20 33.54
N LYS O 349 -16.53 79.89 32.69
CA LYS O 349 -15.10 80.07 32.90
C LYS O 349 -14.75 81.55 32.79
N GLY O 350 -13.94 82.03 33.72
CA GLY O 350 -13.47 83.40 33.70
C GLY O 350 -12.02 83.51 34.12
N VAL O 351 -11.19 84.15 33.29
CA VAL O 351 -9.76 84.28 33.54
C VAL O 351 -9.40 85.76 33.49
N GLU O 352 -8.65 86.22 34.49
CA GLU O 352 -8.23 87.61 34.57
C GLU O 352 -6.74 87.66 34.87
N LEU O 353 -6.00 88.46 34.09
CA LEU O 353 -4.57 88.64 34.29
C LEU O 353 -4.25 90.12 34.23
N LYS O 354 -3.46 90.59 35.19
CA LYS O 354 -3.10 92.01 35.29
C LYS O 354 -1.63 92.12 35.61
N ASP O 355 -0.90 92.89 34.80
CA ASP O 355 0.52 93.14 35.01
C ASP O 355 0.80 94.62 34.79
N ILE O 356 1.51 95.23 35.72
CA ILE O 356 1.87 96.64 35.65
C ILE O 356 3.36 96.77 35.93
N LYS O 357 4.06 97.45 35.03
CA LYS O 357 5.49 97.70 35.17
C LYS O 357 5.75 99.17 34.94
N ARG O 358 6.53 99.77 35.84
CA ARG O 358 6.85 101.19 35.73
C ARG O 358 8.16 101.46 36.46
N CYS O 359 9.11 102.09 35.77
CA CYS O 359 10.41 102.40 36.34
C CYS O 359 10.76 103.86 36.05
N LEU O 360 11.60 104.43 36.92
CA LEU O 360 12.03 105.81 36.81
C LEU O 360 13.56 105.88 36.84
N GLY O 361 14.11 106.80 36.06
CA GLY O 361 15.55 106.99 36.01
C GLY O 361 15.94 108.46 35.99
N TYR O 362 16.95 108.82 36.77
CA TYR O 362 17.42 110.20 36.85
C TYR O 362 18.93 110.22 36.99
N HIS O 363 19.58 111.14 36.27
CA HIS O 363 21.03 111.29 36.31
C HIS O 363 21.38 112.76 36.40
N LEU O 364 22.24 113.11 37.33
CA LEU O 364 22.68 114.48 37.55
C LEU O 364 24.20 114.51 37.68
N ASP O 365 24.84 115.37 36.90
CA ASP O 365 26.29 115.51 36.93
C ASP O 365 26.64 116.98 36.73
N VAL O 366 27.36 117.55 37.70
CA VAL O 366 27.77 118.95 37.67
C VAL O 366 29.25 119.02 38.01
N SER O 367 30.03 119.69 37.17
CA SER O 367 31.46 119.83 37.36
C SER O 367 31.86 121.29 37.14
N LEU O 368 32.65 121.83 38.06
CA LEU O 368 33.11 123.20 37.98
C LEU O 368 34.61 123.25 38.22
N ALA O 369 35.29 124.12 37.47
CA ALA O 369 36.73 124.28 37.58
C ALA O 369 37.06 125.77 37.48
N PHE O 370 37.91 126.24 38.39
CA PHE O 370 38.28 127.65 38.41
C PHE O 370 39.79 127.83 38.53
N SER O 371 46.10 129.91 40.96
CA SER O 371 44.77 129.61 41.48
C SER O 371 44.14 128.43 40.75
N GLU O 372 43.69 127.44 41.51
CA GLU O 372 43.07 126.25 40.94
C GLU O 372 41.96 125.77 41.86
N ILE O 373 40.79 125.52 41.29
CA ILE O 373 39.63 125.04 42.04
C ILE O 373 38.98 123.91 41.25
N SER O 374 38.62 122.83 41.95
CA SER O 374 37.99 121.67 41.33
C SER O 374 36.73 121.33 42.11
N VAL O 375 35.60 121.28 41.41
CA VAL O 375 34.30 120.99 42.02
C VAL O 375 33.63 119.89 41.20
N GLY O 376 33.15 118.87 41.88
CA GLY O 376 32.47 117.77 41.21
C GLY O 376 31.18 117.42 41.90
N ALA O 377 30.21 116.95 41.12
CA ALA O 377 28.91 116.55 41.65
C ALA O 377 28.30 115.50 40.72
N GLU O 378 27.81 114.41 41.30
CA GLU O 378 27.17 113.35 40.55
C GLU O 378 26.04 112.76 41.39
N PHE O 379 24.83 112.81 40.86
CA PHE O 379 23.65 112.24 41.52
C PHE O 379 22.96 111.29 40.56
N ASN O 380 22.88 110.02 40.94
CA ASN O 380 22.29 108.97 40.12
C ASN O 380 21.13 108.33 40.88
N LYS O 381 19.95 108.35 40.28
CA LYS O 381 18.74 107.82 40.90
C LYS O 381 18.11 106.79 39.98
N ASP O 382 17.70 105.66 40.55
CA ASP O 382 17.06 104.58 39.80
C ASP O 382 16.07 103.86 40.70
N ASP O 383 14.86 103.65 40.19
CA ASP O 383 13.82 102.98 40.96
C ASP O 383 12.78 102.41 40.00
N CYS O 384 12.54 101.11 40.09
CA CYS O 384 11.59 100.42 39.22
C CYS O 384 10.50 99.77 40.08
N VAL O 385 9.30 99.67 39.52
CA VAL O 385 8.15 99.08 40.20
C VAL O 385 7.45 98.13 39.24
N LYS O 386 7.06 96.97 39.76
CA LYS O 386 6.32 95.96 39.00
C LYS O 386 5.16 95.44 39.84
N ARG O 387 4.03 95.19 39.18
CA ARG O 387 2.85 94.66 39.84
C ARG O 387 2.24 93.55 39.01
N GLY O 388 1.69 92.54 39.68
CA GLY O 388 1.10 91.40 39.01
C GLY O 388 -0.15 90.88 39.69
N GLU O 389 -1.15 90.50 38.91
CA GLU O 389 -2.41 90.00 39.45
C GLU O 389 -2.99 88.95 38.52
N GLY O 390 -3.48 87.86 39.10
CA GLY O 390 -4.08 86.79 38.34
C GLY O 390 -5.27 86.18 39.03
N ARG O 391 -6.34 85.91 38.28
CA ARG O 391 -7.55 85.33 38.84
C ARG O 391 -8.18 84.39 37.82
N ALA O 392 -8.78 83.31 38.32
CA ALA O 392 -9.43 82.32 37.47
C ALA O 392 -10.75 81.92 38.08
N VAL O 393 -11.71 81.56 37.20
CA VAL O 393 -13.03 81.11 37.62
C VAL O 393 -13.36 79.86 36.82
N ASN O 394 -13.63 78.75 37.51
CA ASN O 394 -13.89 77.46 36.88
C ASN O 394 -14.99 76.78 37.67
N ILE O 395 -16.22 76.80 37.12
CA ILE O 395 -17.40 76.28 37.81
C ILE O 395 -18.21 75.45 36.83
N THR O 396 -18.36 74.16 37.12
CA THR O 396 -19.15 73.25 36.30
C THR O 396 -20.31 72.69 37.12
N SER O 397 -21.49 72.65 36.51
CA SER O 397 -22.68 72.13 37.15
C SER O 397 -23.43 71.23 36.19
N GLU O 398 -23.93 70.11 36.70
CA GLU O 398 -24.66 69.14 35.89
C GLU O 398 -25.74 68.49 36.73
N ASN O 399 -26.91 68.30 36.12
CA ASN O 399 -28.05 67.69 36.79
C ASN O 399 -28.64 66.60 35.90
N LEU O 400 -29.03 65.48 36.50
CA LEU O 400 -29.60 64.35 35.80
C LEU O 400 -30.83 63.87 36.53
N ILE O 401 -31.92 63.64 35.78
CA ILE O 401 -33.19 63.19 36.35
C ILE O 401 -33.73 62.09 35.45
N ASP O 402 -34.13 60.96 36.06
CA ASP O 402 -34.69 59.84 35.32
C ASP O 402 -35.80 59.21 36.14
N ASP O 403 -36.93 58.93 35.50
CA ASP O 403 -38.08 58.33 36.16
C ASP O 403 -38.66 57.23 35.29
N VAL O 404 -39.04 56.12 35.91
CA VAL O 404 -39.62 54.97 35.20
C VAL O 404 -40.73 54.38 36.06
N VAL O 405 -41.83 53.99 35.41
CA VAL O 405 -42.96 53.39 36.10
C VAL O 405 -43.69 52.48 35.11
N SER O 406 -44.33 51.45 35.65
CA SER O 406 -45.05 50.49 34.83
C SER O 406 -46.09 49.79 35.68
N LEU O 407 -47.05 49.14 35.01
CA LEU O 407 -48.11 48.43 35.70
C LEU O 407 -48.66 47.35 34.78
N ILE O 408 -49.29 46.35 35.38
CA ILE O 408 -49.87 45.23 34.65
C ILE O 408 -50.91 44.57 35.55
N ARG O 409 -51.86 43.88 34.94
CA ARG O 409 -52.92 43.21 35.68
C ARG O 409 -53.61 42.19 34.77
N GLY O 410 -54.24 41.21 35.39
CA GLY O 410 -55.00 40.21 34.68
C GLY O 410 -54.22 38.91 34.49
N GLY O 411 -54.96 37.85 34.19
CA GLY O 411 -54.36 36.55 33.95
C GLY O 411 -53.89 35.86 35.20
N THR O 412 -53.46 34.60 35.08
CA THR O 412 -52.92 33.89 36.22
C THR O 412 -51.60 34.53 36.66
N ARG O 413 -51.27 34.34 37.94
CA ARG O 413 -50.11 35.03 38.51
C ARG O 413 -48.80 34.52 37.92
N LYS O 414 -48.77 33.26 37.47
CA LYS O 414 -47.55 32.71 36.88
C LYS O 414 -47.21 33.40 35.56
N TYR O 415 -48.13 33.36 34.60
CA TYR O 415 -47.86 33.90 33.27
C TYR O 415 -47.83 35.43 33.28
N ALA O 416 -48.56 36.07 34.20
CA ALA O 416 -48.63 37.53 34.20
C ALA O 416 -47.29 38.16 34.56
N PHE O 417 -46.70 37.72 35.68
CA PHE O 417 -45.45 38.32 36.14
C PHE O 417 -44.23 37.75 35.42
N GLU O 418 -44.36 36.60 34.77
CA GLU O 418 -43.32 36.16 33.85
C GLU O 418 -43.21 37.12 32.67
N LEU O 419 -44.33 37.69 32.24
CA LEU O 419 -44.31 38.75 31.24
C LEU O 419 -43.75 40.04 31.83
N LYS O 420 -44.01 40.30 33.11
CA LYS O 420 -43.55 41.53 33.73
C LYS O 420 -42.03 41.56 33.87
N GLU O 421 -41.42 40.45 34.28
CA GLU O 421 -39.98 40.41 34.47
C GLU O 421 -39.24 40.53 33.15
N LYS O 422 -39.81 40.03 32.06
CA LYS O 422 -39.15 40.07 30.76
C LYS O 422 -39.42 41.35 29.99
N LEU O 423 -40.51 42.05 30.30
CA LEU O 423 -40.79 43.31 29.61
C LEU O 423 -39.90 44.42 30.13
N LEU O 424 -39.64 44.46 31.43
CA LEU O 424 -38.84 45.52 32.05
C LEU O 424 -37.37 45.27 31.73
N ARG O 425 -36.83 46.06 30.79
CA ARG O 425 -35.42 46.03 30.42
C ARG O 425 -34.97 44.66 29.92
N GLY O 426 -35.90 43.84 29.44
CA GLY O 426 -35.55 42.53 28.92
C GLY O 426 -34.96 42.59 27.52
N THR O 427 -35.53 43.47 26.68
CA THR O 427 -35.12 43.73 25.31
C THR O 427 -35.28 42.53 24.39
N VAL O 428 -35.83 41.41 24.87
CA VAL O 428 -36.03 40.22 24.06
C VAL O 428 -37.50 39.80 24.26
N ILE O 429 -38.37 40.26 23.37
CA ILE O 429 -39.78 39.91 23.44
C ILE O 429 -39.97 38.50 22.91
N ASP O 430 -40.57 37.63 23.73
CA ASP O 430 -40.79 36.24 23.36
C ASP O 430 -42.12 36.08 22.64
N VAL O 431 -42.23 35.00 21.88
CA VAL O 431 -43.47 34.70 21.17
C VAL O 431 -44.40 33.82 22.00
N THR O 432 -43.85 32.93 22.83
CA THR O 432 -44.67 31.98 23.57
C THR O 432 -45.32 32.61 24.80
N ASP O 433 -44.66 33.59 25.42
CA ASP O 433 -45.21 34.18 26.63
C ASP O 433 -46.47 35.01 26.32
N PHE O 434 -46.49 35.68 25.17
CA PHE O 434 -47.68 36.41 24.78
C PHE O 434 -48.84 35.47 24.46
N VAL O 435 -48.54 34.33 23.84
CA VAL O 435 -49.57 33.32 23.61
C VAL O 435 -50.02 32.72 24.93
N ASN O 436 -49.08 32.48 25.85
CA ASN O 436 -49.45 32.04 27.19
C ASN O 436 -50.26 33.11 27.91
N TRP O 437 -49.88 34.38 27.73
CA TRP O 437 -50.67 35.48 28.29
C TRP O 437 -52.08 35.50 27.73
N ALA O 438 -52.26 35.08 26.48
CA ALA O 438 -53.60 35.03 25.90
C ALA O 438 -54.47 34.01 26.62
N SER O 439 -53.94 32.80 26.82
CA SER O 439 -54.69 31.78 27.57
C SER O 439 -54.75 32.11 29.06
N SER O 440 -53.76 32.85 29.57
CA SER O 440 -53.76 33.21 30.98
C SER O 440 -54.89 34.19 31.30
N ILE O 441 -55.03 35.23 30.47
CA ILE O 441 -56.07 36.23 30.72
C ILE O 441 -57.47 35.66 30.51
N ASN O 442 -57.59 34.57 29.77
CA ASN O 442 -58.89 33.95 29.56
C ASN O 442 -59.46 33.40 30.87
N ASP O 443 -58.60 32.99 31.78
CA ASP O 443 -59.06 32.39 33.03
C ASP O 443 -59.50 33.45 34.04
N ALA O 444 -58.69 34.49 34.22
CA ALA O 444 -58.97 35.55 35.20
C ALA O 444 -58.86 36.91 34.52
N PRO O 445 -59.96 37.43 33.99
CA PRO O 445 -59.92 38.77 33.37
C PRO O 445 -60.13 39.89 34.38
N VAL O 446 -60.17 41.13 33.89
CA VAL O 446 -60.38 42.29 34.76
C VAL O 446 -60.93 43.41 33.89
N LEU O 447 -61.53 44.41 34.53
CA LEU O 447 -62.17 45.50 33.81
C LEU O 447 -61.16 46.33 33.02
N ILE O 448 -61.58 46.81 31.85
CA ILE O 448 -60.77 47.69 31.03
C ILE O 448 -61.53 49.00 30.83
N SER O 449 -62.70 48.91 30.20
CA SER O 449 -63.59 50.04 29.99
C SER O 449 -64.88 49.78 30.75
N GLN O 450 -65.37 50.80 31.45
CA GLN O 450 -66.52 50.64 32.34
C GLN O 450 -67.48 51.79 32.13
N LYS O 451 -68.68 51.47 31.66
CA LYS O 451 -69.76 52.45 31.57
C LYS O 451 -70.49 52.52 32.90
N LEU O 452 -70.79 53.74 33.35
CA LEU O 452 -71.23 53.98 34.71
C LEU O 452 -72.72 54.27 34.75
N SER O 453 -73.33 53.98 35.91
CA SER O 453 -74.75 54.19 36.12
C SER O 453 -75.03 54.35 37.62
N PRO O 454 -75.85 55.32 38.01
CA PRO O 454 -76.08 55.54 39.44
C PRO O 454 -76.87 54.41 40.08
N ILE O 455 -76.64 54.21 41.38
CA ILE O 455 -77.28 53.11 42.10
C ILE O 455 -78.75 53.43 42.36
N TYR O 456 -79.07 54.69 42.65
CA TYR O 456 -80.45 55.04 43.00
C TYR O 456 -81.42 54.75 41.86
N ASN O 457 -80.92 54.55 40.63
CA ASN O 457 -81.75 54.11 39.53
C ASN O 457 -81.98 52.60 39.54
N LEU O 458 -81.25 51.87 40.38
CA LEU O 458 -81.34 50.42 40.45
C LEU O 458 -82.29 49.94 41.55
N VAL O 459 -82.77 50.84 42.40
CA VAL O 459 -83.68 50.45 43.49
C VAL O 459 -84.94 49.82 42.89
N PRO O 460 -85.46 48.74 43.45
CA PRO O 460 -86.67 48.12 42.88
C PRO O 460 -87.88 49.03 43.02
N VAL O 461 -88.68 49.10 41.96
CA VAL O 461 -89.86 49.93 41.91
C VAL O 461 -90.99 49.27 42.69
N LYS O 462 -92.07 50.01 42.94
CA LYS O 462 -93.27 49.54 43.63
C LYS O 462 -92.94 48.77 44.92
N MET O 463 -91.93 49.26 45.62
CA MET O 463 -91.56 48.70 46.92
C MET O 463 -92.34 49.44 48.01
N LYS O 464 -91.95 49.24 49.27
CA LYS O 464 -92.61 49.92 50.39
C LYS O 464 -92.53 51.43 50.24
N ASN O 465 -91.31 51.97 50.25
CA ASN O 465 -91.06 53.40 50.12
C ASN O 465 -89.93 53.65 49.13
N ALA O 466 -90.04 53.02 47.95
CA ALA O 466 -88.95 53.02 46.98
C ALA O 466 -88.59 54.43 46.53
N HIS O 467 -89.59 55.20 46.07
CA HIS O 467 -89.29 56.51 45.48
C HIS O 467 -88.70 57.47 46.51
N LEU O 468 -89.31 57.55 47.70
CA LEU O 468 -88.79 58.46 48.71
C LEU O 468 -87.38 58.08 49.13
N LYS O 469 -87.09 56.78 49.17
CA LYS O 469 -85.72 56.33 49.41
C LYS O 469 -84.84 56.55 48.18
N LYS O 470 -85.43 56.51 46.98
CA LYS O 470 -84.65 56.74 45.76
C LYS O 470 -84.09 58.16 45.74
N GLN O 471 -84.96 59.17 45.88
CA GLN O 471 -84.51 60.54 45.94
C GLN O 471 -83.65 60.78 47.18
N ASN O 472 -83.88 60.01 48.25
CA ASN O 472 -83.09 60.15 49.46
C ASN O 472 -81.64 59.74 49.21
N LEU O 473 -81.45 58.60 48.52
CA LEU O 473 -80.10 58.21 48.12
C LEU O 473 -79.55 59.12 47.03
N GLU O 474 -80.43 59.70 46.21
CA GLU O 474 -79.98 60.67 45.21
C GLU O 474 -79.37 61.90 45.87
N ARG O 475 -79.99 62.37 46.96
CA ARG O 475 -79.37 63.43 47.74
C ARG O 475 -78.10 62.95 48.43
N ALA O 476 -78.03 61.65 48.75
CA ALA O 476 -76.85 61.11 49.41
C ALA O 476 -75.68 60.99 48.44
N ILE O 477 -75.94 60.45 47.24
CA ILE O 477 -74.86 60.27 46.26
C ILE O 477 -74.33 61.62 45.79
N GLU O 478 -75.20 62.64 45.73
CA GLU O 478 -74.73 63.97 45.38
C GLU O 478 -73.92 64.59 46.50
N ASP O 479 -74.34 64.37 47.75
CA ASP O 479 -73.59 64.89 48.89
C ASP O 479 -72.30 64.11 49.11
N TYR O 480 -72.32 62.79 48.86
CA TYR O 480 -71.15 61.96 49.09
C TYR O 480 -69.96 62.44 48.27
N ILE O 481 -70.16 62.61 46.96
CA ILE O 481 -69.07 63.05 46.10
C ILE O 481 -68.65 64.48 46.41
N ASN O 482 -69.54 65.29 47.00
CA ASN O 482 -69.25 66.67 47.33
C ASN O 482 -68.92 66.88 48.80
N GLU O 483 -68.94 65.82 49.62
CA GLU O 483 -68.64 65.96 51.04
C GLU O 483 -67.14 66.03 51.28
N PHE O 484 -66.42 64.98 50.90
CA PHE O 484 -64.98 64.90 51.09
C PHE O 484 -64.31 64.60 49.76
N SER O 485 -63.31 65.40 49.42
CA SER O 485 -62.57 65.26 48.16
C SER O 485 -61.37 66.19 48.22
N VAL O 486 -60.61 66.22 47.12
CA VAL O 486 -59.48 67.14 47.01
C VAL O 486 -59.99 68.59 46.97
N ARG O 487 -61.22 68.79 46.51
CA ARG O 487 -61.77 70.13 46.41
C ARG O 487 -61.87 70.80 47.79
N LYS O 488 -62.16 70.01 48.82
CA LYS O 488 -62.31 70.56 50.16
C LYS O 488 -61.01 70.60 50.94
N CYS O 489 -60.00 69.85 50.52
CA CYS O 489 -58.71 69.83 51.20
C CYS O 489 -57.92 71.09 50.84
N HIS O 490 -56.67 71.16 51.28
CA HIS O 490 -55.82 72.30 51.04
C HIS O 490 -54.92 72.05 49.82
N THR O 491 -54.53 73.14 49.16
CA THR O 491 -53.71 73.05 47.96
C THR O 491 -52.23 72.93 48.33
N CYS O 492 -51.53 72.08 47.59
CA CYS O 492 -50.11 71.85 47.82
C CYS O 492 -49.31 72.97 47.16
N GLN O 493 -47.98 72.85 47.19
CA GLN O 493 -47.09 73.86 46.66
C GLN O 493 -46.42 73.36 45.38
N ASN O 494 -45.97 74.32 44.56
CA ASN O 494 -45.27 74.04 43.31
C ASN O 494 -46.12 73.19 42.36
N GLY O 495 -47.43 73.43 42.37
CA GLY O 495 -48.33 72.71 41.49
C GLY O 495 -48.39 71.22 41.72
N GLY O 496 -48.09 70.77 42.94
CA GLY O 496 -48.12 69.36 43.24
C GLY O 496 -49.53 68.81 43.22
N THR O 497 -49.77 67.78 42.41
CA THR O 497 -51.09 67.17 42.34
C THR O 497 -51.48 66.57 43.67
N VAL O 498 -52.58 67.04 44.25
CA VAL O 498 -53.03 66.62 45.57
C VAL O 498 -53.93 65.39 45.41
N ILE O 499 -53.66 64.36 46.22
CA ILE O 499 -54.46 63.15 46.23
C ILE O 499 -55.07 62.98 47.63
N LEU O 500 -55.95 61.99 47.74
CA LEU O 500 -56.62 61.69 49.01
C LEU O 500 -56.69 60.18 49.16
N MET O 501 -55.90 59.63 50.07
CA MET O 501 -55.84 58.18 50.31
C MET O 501 -56.24 57.93 51.77
N ASP O 502 -57.53 57.80 52.02
CA ASP O 502 -58.08 57.46 53.33
C ASP O 502 -57.59 58.43 54.41
N GLY O 503 -57.96 59.69 54.24
CA GLY O 503 -57.63 60.74 55.19
C GLY O 503 -56.34 61.48 54.91
N LYS O 504 -55.28 60.76 54.54
CA LYS O 504 -54.00 61.37 54.25
C LYS O 504 -54.11 62.19 52.97
N CYS O 505 -54.14 63.52 53.11
CA CYS O 505 -54.27 64.42 51.96
C CYS O 505 -52.88 64.84 51.46
N LEU O 506 -52.13 63.85 50.99
CA LEU O 506 -50.79 64.10 50.47
C LEU O 506 -50.88 64.66 49.05
N CYS O 507 -49.77 65.28 48.63
CA CYS O 507 -49.67 65.87 47.30
C CYS O 507 -48.45 65.31 46.59
N ALA O 508 -48.66 64.78 45.39
CA ALA O 508 -47.56 64.25 44.59
C ALA O 508 -46.71 65.40 44.05
N CYS O 509 -45.45 65.46 44.49
CA CYS O 509 -44.55 66.54 44.11
C CYS O 509 -43.82 66.17 42.81
N PRO O 510 -43.48 67.17 41.99
CA PRO O 510 -42.82 66.87 40.71
C PRO O 510 -41.48 66.18 40.90
N PHE O 511 -40.91 65.75 39.76
CA PHE O 511 -39.67 64.97 39.79
C PHE O 511 -38.51 65.80 40.29
N LYS O 512 -38.34 67.00 39.74
CA LYS O 512 -37.21 67.86 40.11
C LYS O 512 -37.30 68.42 41.52
N PHE O 513 -38.39 68.16 42.25
CA PHE O 513 -38.59 68.69 43.58
C PHE O 513 -38.56 67.54 44.59
N GLU O 514 -38.41 67.91 45.86
CA GLU O 514 -38.30 66.93 46.93
C GLU O 514 -39.70 66.53 47.40
N GLY O 515 -39.78 65.86 48.55
CA GLY O 515 -40.99 65.17 48.97
C GLY O 515 -42.07 66.01 49.62
N ILE O 516 -42.51 65.57 50.80
CA ILE O 516 -43.73 66.08 51.42
C ILE O 516 -43.73 67.60 51.49
N ALA O 517 -44.92 68.18 51.29
CA ALA O 517 -45.22 69.60 51.45
C ALA O 517 -44.56 70.47 50.38
N CYS O 518 -43.71 69.87 49.54
CA CYS O 518 -43.03 70.57 48.45
C CYS O 518 -42.42 71.89 48.93
N GLU O 519 -41.73 71.82 50.07
CA GLU O 519 -41.11 73.00 50.67
C GLU O 519 -39.63 73.11 50.32
N ILE O 520 -38.85 72.08 50.63
CA ILE O 520 -37.43 72.08 50.30
C ILE O 520 -37.25 71.69 48.84
N SER O 521 -36.34 72.39 48.15
CA SER O 521 -36.22 72.26 46.71
C SER O 521 -35.45 71.02 46.30
N LYS O 522 -34.21 70.89 46.78
CA LYS O 522 -33.30 69.81 46.37
C LYS O 522 -33.10 69.82 44.86
N GLN O 523 -32.51 70.92 44.38
CA GLN O 523 -32.27 71.08 42.95
C GLN O 523 -31.06 70.27 42.51
N LYS O 524 -29.24 70.92 45.35
CA LYS O 524 -29.50 72.25 45.87
C LYS O 524 -28.83 73.32 45.02
N ILE O 525 -28.33 74.36 45.68
CA ILE O 525 -27.64 75.47 45.03
C ILE O 525 -26.17 75.42 45.40
N SER O 526 -25.31 75.68 44.42
CA SER O 526 -23.87 75.64 44.67
C SER O 526 -23.41 76.91 45.36
N GLU O 527 -22.56 76.75 46.36
CA GLU O 527 -22.01 77.87 47.12
C GLU O 527 -20.50 77.92 46.91
N GLY O 528 -19.98 79.12 46.67
CA GLY O 528 -18.56 79.30 46.47
C GLY O 528 -17.96 80.34 47.40
N LEU O 529 -16.87 79.98 48.08
CA LEU O 529 -16.19 80.89 49.01
C LEU O 529 -14.74 80.99 48.60
N PRO O 530 -14.32 82.09 47.97
CA PRO O 530 -12.90 82.24 47.59
C PRO O 530 -12.06 82.78 48.75
N ALA O 531 -12.61 82.72 49.96
CA ALA O 531 -11.92 83.24 51.13
C ALA O 531 -10.67 82.43 51.43
N LEU O 532 -9.68 83.09 52.02
CA LEU O 532 -8.43 82.43 52.37
C LEU O 532 -8.67 81.49 53.55
N GLU O 533 -8.13 80.26 53.49
CA GLU O 533 -8.32 79.33 54.61
C GLU O 533 -7.58 79.79 55.86
N PHE O 534 -8.27 79.69 57.00
CA PHE O 534 -7.68 80.11 58.27
C PHE O 534 -6.52 79.20 58.67
N PRO O 535 -6.72 77.89 58.56
CA PRO O 535 -5.69 76.93 58.92
C PRO O 535 -5.80 75.66 58.07
N SER P 18 -29.08 64.69 78.78
CA SER P 18 -29.90 65.12 79.90
C SER P 18 -30.75 63.97 80.44
N HIS P 19 -30.57 63.68 81.73
CA HIS P 19 -31.31 62.59 82.38
C HIS P 19 -32.71 63.09 82.72
N ILE P 20 -33.55 63.16 81.70
CA ILE P 20 -34.93 63.61 81.87
C ILE P 20 -35.75 62.48 82.48
N ASP P 21 -36.37 62.77 83.63
CA ASP P 21 -37.21 61.80 84.31
C ASP P 21 -38.63 61.85 83.76
N CYS P 22 -39.46 60.89 84.18
CA CYS P 22 -40.83 60.78 83.72
C CYS P 22 -41.77 61.33 84.80
N ARG P 23 -42.32 62.52 84.56
CA ARG P 23 -43.36 63.08 85.41
C ARG P 23 -44.68 62.44 85.00
N MET P 24 -44.92 61.24 85.52
CA MET P 24 -46.00 60.37 85.06
C MET P 24 -46.80 59.84 86.24
N SER P 25 -47.20 60.73 87.15
CA SER P 25 -48.07 60.29 88.24
C SER P 25 -49.10 61.34 88.66
N PRO P 26 -49.93 61.87 87.74
CA PRO P 26 -51.09 62.66 88.17
C PRO P 26 -52.26 61.76 88.53
N TRP P 27 -52.57 61.68 89.82
CA TRP P 27 -53.63 60.80 90.29
C TRP P 27 -54.96 61.53 90.36
N SER P 28 -56.03 60.77 90.18
CA SER P 28 -57.40 61.29 90.17
C SER P 28 -58.16 60.75 91.38
N GLU P 29 -59.42 61.18 91.49
CA GLU P 29 -60.27 60.79 92.60
C GLU P 29 -61.02 59.50 92.28
N TRP P 30 -61.29 58.71 93.32
CA TRP P 30 -62.06 57.49 93.17
C TRP P 30 -63.48 57.80 92.70
N SER P 31 -63.90 57.16 91.61
CA SER P 31 -65.24 57.34 91.08
C SER P 31 -66.21 56.35 91.75
N GLN P 32 -67.44 56.34 91.26
CA GLN P 32 -68.45 55.45 91.82
C GLN P 32 -68.18 54.01 91.39
N CYS P 33 -68.48 53.07 92.29
CA CYS P 33 -68.30 51.66 92.00
C CYS P 33 -69.31 51.18 90.98
N ASP P 34 -68.91 50.16 90.21
CA ASP P 34 -69.79 49.56 89.22
C ASP P 34 -70.55 48.41 89.88
N PRO P 35 -71.88 48.42 89.88
CA PRO P 35 -72.63 47.33 90.52
C PRO P 35 -72.52 46.01 89.75
N CYS P 36 -72.75 46.05 88.45
CA CYS P 36 -72.74 44.82 87.65
C CYS P 36 -71.32 44.38 87.32
N LEU P 37 -70.45 45.32 86.94
CA LEU P 37 -69.08 44.97 86.57
C LEU P 37 -68.22 44.67 87.80
N ARG P 38 -68.55 45.28 88.95
CA ARG P 38 -67.82 45.08 90.21
C ARG P 38 -66.36 45.49 90.05
N GLN P 39 -66.16 46.77 89.75
CA GLN P 39 -64.82 47.32 89.51
C GLN P 39 -64.84 48.81 89.84
N MET P 40 -63.69 49.32 90.27
CA MET P 40 -63.51 50.74 90.54
C MET P 40 -62.60 51.36 89.49
N PHE P 41 -62.54 52.69 89.48
CA PHE P 41 -61.93 53.46 88.41
C PHE P 41 -61.00 54.54 88.97
N ARG P 42 -60.05 54.13 89.81
CA ARG P 42 -58.94 55.02 90.11
C ARG P 42 -58.21 55.36 88.81
N SER P 43 -58.24 56.63 88.43
CA SER P 43 -57.77 57.07 87.13
C SER P 43 -56.34 57.60 87.21
N ARG P 44 -55.77 57.84 86.04
CA ARG P 44 -54.40 58.32 85.91
C ARG P 44 -54.23 58.90 84.51
N SER P 45 -53.04 59.45 84.25
CA SER P 45 -52.75 60.04 82.96
C SER P 45 -51.24 60.08 82.76
N ILE P 46 -50.82 59.98 81.50
CA ILE P 46 -49.41 60.05 81.13
C ILE P 46 -49.09 61.46 80.67
N GLU P 47 -47.96 62.00 81.14
CA GLU P 47 -47.56 63.37 80.82
C GLU P 47 -46.21 63.45 80.12
N VAL P 48 -45.18 62.79 80.63
CA VAL P 48 -43.82 62.94 80.14
C VAL P 48 -43.23 61.56 79.89
N PHE P 49 -42.62 61.37 78.72
CA PHE P 49 -41.96 60.12 78.37
C PHE P 49 -40.48 60.14 78.77
N GLY P 50 -39.73 61.10 78.24
CA GLY P 50 -38.28 61.12 78.39
C GLY P 50 -37.61 60.92 77.04
N GLN P 51 -37.10 62.01 76.47
CA GLN P 51 -36.58 61.97 75.11
C GLN P 51 -35.18 61.37 75.01
N PHE P 52 -34.46 61.26 76.12
CA PHE P 52 -33.06 60.87 76.11
C PHE P 52 -32.87 59.52 76.80
N ASN P 53 -31.61 59.14 76.99
CA ASN P 53 -31.18 57.85 77.54
C ASN P 53 -31.53 57.69 79.02
N GLY P 54 -32.26 58.61 79.63
CA GLY P 54 -32.59 58.51 81.04
C GLY P 54 -33.57 57.40 81.37
N LYS P 55 -34.26 57.54 82.50
CA LYS P 55 -35.17 56.52 83.00
C LYS P 55 -36.31 56.24 82.03
N ARG P 56 -36.34 55.03 81.46
CA ARG P 56 -37.47 54.63 80.65
C ARG P 56 -38.67 54.32 81.53
N CYS P 57 -39.85 54.77 81.11
CA CYS P 57 -41.06 54.64 81.92
C CYS P 57 -42.20 54.18 81.02
N THR P 58 -42.54 52.89 81.11
CA THR P 58 -43.65 52.29 80.38
C THR P 58 -44.87 52.08 81.25
N ASP P 59 -45.02 52.86 82.31
CA ASP P 59 -46.12 52.68 83.25
C ASP P 59 -47.46 52.88 82.55
N ALA P 60 -48.26 51.82 82.50
CA ALA P 60 -49.55 51.89 81.84
C ALA P 60 -50.56 52.66 82.67
N VAL P 61 -51.47 53.34 81.99
CA VAL P 61 -52.50 54.15 82.64
C VAL P 61 -53.69 53.26 82.95
N GLY P 62 -54.20 53.36 84.18
CA GLY P 62 -55.37 52.59 84.59
C GLY P 62 -55.13 51.82 85.88
N ASP P 63 -56.22 51.63 86.63
CA ASP P 63 -56.16 50.90 87.89
C ASP P 63 -57.54 50.35 88.19
N ARG P 64 -57.58 49.12 88.72
CA ARG P 64 -58.83 48.46 89.06
C ARG P 64 -58.83 48.05 90.52
N ARG P 65 -60.04 47.81 91.04
CA ARG P 65 -60.22 47.45 92.44
C ARG P 65 -61.58 46.80 92.61
N GLN P 66 -61.62 45.75 93.43
CA GLN P 66 -62.88 45.11 93.76
C GLN P 66 -63.67 46.00 94.72
N CYS P 67 -64.99 46.06 94.50
CA CYS P 67 -65.86 46.91 95.32
C CYS P 67 -67.19 46.20 95.54
N VAL P 68 -67.73 46.34 96.75
CA VAL P 68 -69.02 45.75 97.10
C VAL P 68 -70.11 46.51 96.35
N PRO P 69 -70.90 45.83 95.52
CA PRO P 69 -71.94 46.54 94.76
C PRO P 69 -73.08 46.99 95.66
N THR P 70 -73.58 48.19 95.39
CA THR P 70 -74.69 48.76 96.15
C THR P 70 -75.99 48.82 95.36
N GLU P 71 -75.92 48.85 94.03
CA GLU P 71 -77.12 48.83 93.21
C GLU P 71 -77.58 47.39 92.96
N PRO P 72 -78.88 47.17 92.75
CA PRO P 72 -79.37 45.80 92.57
C PRO P 72 -78.96 45.17 91.24
N CYS P 73 -78.48 45.96 90.28
CA CYS P 73 -78.09 45.46 88.96
C CYS P 73 -79.26 44.74 88.29
N GLU P 74 -80.35 45.49 88.07
CA GLU P 74 -81.54 44.92 87.46
C GLU P 74 -81.41 44.82 85.95
N ASP P 75 -80.63 45.70 85.33
CA ASP P 75 -80.46 45.67 83.88
C ASP P 75 -79.70 44.42 83.47
N ALA P 76 -80.21 43.73 82.45
CA ALA P 76 -79.57 42.52 81.95
C ALA P 76 -79.84 42.40 80.46
N GLU P 77 -79.07 41.53 79.81
CA GLU P 77 -79.18 41.31 78.37
C GLU P 77 -80.08 40.11 78.12
N ASP P 78 -81.27 40.37 77.58
CA ASP P 78 -82.20 39.31 77.25
C ASP P 78 -81.71 38.53 76.03
N ASP P 79 -82.25 37.32 75.87
CA ASP P 79 -81.86 36.48 74.74
C ASP P 79 -82.64 36.84 73.48
N CYS P 80 -82.62 38.13 73.13
CA CYS P 80 -83.12 38.67 71.86
C CYS P 80 -84.61 38.41 71.64
N GLY P 81 -85.26 37.74 72.57
CA GLY P 81 -86.70 37.51 72.55
C GLY P 81 -87.30 37.08 71.24
N ASN P 82 -86.50 36.49 70.35
CA ASN P 82 -86.94 36.18 68.99
C ASN P 82 -87.02 34.68 68.72
N ASP P 83 -85.93 33.96 68.90
CA ASP P 83 -85.87 32.57 68.47
C ASP P 83 -84.91 31.82 69.39
N PHE P 84 -84.48 30.64 68.95
CA PHE P 84 -83.60 29.78 69.74
C PHE P 84 -82.29 30.49 70.08
N GLN P 85 -82.02 30.61 71.39
CA GLN P 85 -80.78 31.20 71.84
C GLN P 85 -79.63 30.23 71.67
N CYS P 86 -78.47 30.75 71.27
CA CYS P 86 -77.27 29.93 71.18
C CYS P 86 -76.65 29.73 72.56
N SER P 87 -75.64 28.87 72.61
CA SER P 87 -74.94 28.58 73.87
C SER P 87 -74.01 29.69 74.31
N THR P 88 -73.85 30.76 73.52
CA THR P 88 -72.95 31.84 73.85
C THR P 88 -73.61 33.21 73.93
N GLY P 89 -74.77 33.41 73.31
CA GLY P 89 -75.46 34.67 73.42
C GLY P 89 -76.07 35.20 72.13
N ARG P 90 -75.71 34.58 71.00
CA ARG P 90 -76.25 35.01 69.72
C ARG P 90 -77.56 34.28 69.43
N CYS P 91 -78.21 34.64 68.32
CA CYS P 91 -79.56 34.16 68.02
C CYS P 91 -79.66 33.75 66.56
N ILE P 92 -80.47 32.73 66.30
CA ILE P 92 -80.82 32.36 64.93
C ILE P 92 -81.72 33.44 64.33
N LYS P 93 -81.40 33.86 63.10
CA LYS P 93 -82.26 34.82 62.41
C LYS P 93 -83.45 34.10 61.76
N MET P 94 -83.19 33.29 60.73
CA MET P 94 -84.24 32.49 60.13
C MET P 94 -83.87 31.03 59.87
N ARG P 95 -82.60 30.70 59.61
CA ARG P 95 -82.25 29.35 59.17
C ARG P 95 -80.95 28.87 59.80
N LEU P 96 -80.65 29.28 61.03
CA LEU P 96 -79.46 28.81 61.72
C LEU P 96 -79.67 27.45 62.40
N ARG P 97 -80.70 26.72 61.98
CA ARG P 97 -80.95 25.39 62.52
C ARG P 97 -80.03 24.36 61.87
N CYS P 98 -80.33 23.07 62.04
CA CYS P 98 -79.47 21.99 61.56
C CYS P 98 -79.54 21.96 60.03
N ASN P 99 -78.83 22.91 59.41
CA ASN P 99 -78.76 23.04 57.96
C ASN P 99 -77.33 23.30 57.50
N GLY P 100 -76.36 22.76 58.23
CA GLY P 100 -74.96 22.94 57.86
C GLY P 100 -74.45 24.37 57.98
N ASP P 101 -75.00 25.14 58.91
CA ASP P 101 -74.60 26.53 59.12
C ASP P 101 -73.86 26.61 60.46
N ASN P 102 -72.53 26.61 60.38
CA ASN P 102 -71.69 26.65 61.58
C ASN P 102 -71.52 28.09 62.03
N ASP P 103 -72.13 28.42 63.17
CA ASP P 103 -72.03 29.76 63.76
C ASP P 103 -71.39 29.74 65.14
N CYS P 104 -71.88 28.91 66.05
CA CYS P 104 -71.45 28.96 67.44
C CYS P 104 -70.25 28.06 67.71
N GLY P 105 -70.39 26.76 67.48
CA GLY P 105 -69.30 25.83 67.71
C GLY P 105 -69.20 24.75 66.65
N ASP P 106 -68.42 23.71 66.93
CA ASP P 106 -68.30 22.60 65.99
C ASP P 106 -69.64 21.89 65.81
N PHE P 107 -70.33 21.63 66.92
CA PHE P 107 -71.67 21.05 66.88
C PHE P 107 -72.61 21.73 67.88
N SER P 108 -72.34 23.00 68.19
CA SER P 108 -73.18 23.72 69.15
C SER P 108 -74.56 24.00 68.57
N ASP P 109 -74.61 24.62 67.39
CA ASP P 109 -75.91 24.91 66.76
C ASP P 109 -76.55 23.65 66.23
N GLU P 110 -75.76 22.75 65.64
CA GLU P 110 -76.24 21.49 65.10
C GLU P 110 -76.33 20.39 66.15
N ASP P 111 -76.37 20.74 67.44
CA ASP P 111 -76.47 19.74 68.49
C ASP P 111 -77.76 18.93 68.35
N ASP P 112 -78.88 19.61 68.23
CA ASP P 112 -80.19 18.96 68.10
C ASP P 112 -80.58 18.97 66.62
N CYS P 113 -80.57 17.79 66.00
CA CYS P 113 -80.96 17.63 64.60
C CYS P 113 -82.09 16.62 64.54
N GLU P 114 -83.33 17.13 64.51
CA GLU P 114 -84.50 16.27 64.42
C GLU P 114 -84.84 15.91 62.99
N SER P 115 -84.79 16.87 62.08
CA SER P 115 -85.04 16.62 60.67
C SER P 115 -83.78 16.09 60.00
N GLU P 116 -83.91 15.75 58.72
CA GLU P 116 -82.77 15.24 57.96
C GLU P 116 -81.72 16.34 57.79
N PRO P 117 -80.44 15.97 57.75
CA PRO P 117 -79.39 16.99 57.57
C PRO P 117 -79.37 17.55 56.17
N ARG P 118 -80.35 18.39 55.85
CA ARG P 118 -80.44 18.99 54.53
C ARG P 118 -79.22 19.88 54.25
N PRO P 119 -78.46 19.63 53.20
CA PRO P 119 -77.31 20.47 52.88
C PRO P 119 -77.77 21.82 52.36
N PRO P 120 -77.07 22.91 52.72
CA PRO P 120 -77.48 24.22 52.23
C PRO P 120 -77.12 24.46 50.77
N CYS P 121 -76.11 23.78 50.26
CA CYS P 121 -75.66 23.95 48.88
C CYS P 121 -75.20 22.61 48.34
N ARG P 122 -75.61 22.30 47.10
CA ARG P 122 -75.28 21.02 46.49
C ARG P 122 -73.95 21.04 45.75
N ASP P 123 -73.59 22.16 45.14
CA ASP P 123 -72.35 22.23 44.38
C ASP P 123 -71.14 22.12 45.29
N ARG P 124 -70.04 21.65 44.73
CA ARG P 124 -68.78 21.48 45.47
C ARG P 124 -68.04 22.81 45.49
N VAL P 125 -68.02 23.47 46.65
CA VAL P 125 -67.35 24.74 46.82
C VAL P 125 -66.37 24.57 47.98
N VAL P 126 -65.07 24.69 47.68
CA VAL P 126 -64.03 24.49 48.68
C VAL P 126 -64.00 25.69 49.62
N GLU P 127 -63.76 25.40 50.91
CA GLU P 127 -63.69 26.46 51.90
C GLU P 127 -62.48 27.37 51.64
N GLU P 128 -62.61 28.62 52.08
CA GLU P 128 -61.57 29.63 51.87
C GLU P 128 -60.37 29.29 52.75
N SER P 129 -59.35 28.68 52.16
CA SER P 129 -58.18 28.20 52.89
C SER P 129 -57.06 29.24 52.81
N GLU P 130 -56.70 29.81 53.96
CA GLU P 130 -55.56 30.71 54.12
C GLU P 130 -55.70 31.99 53.30
N LEU P 131 -56.85 32.22 52.71
CA LEU P 131 -57.11 33.41 51.90
C LEU P 131 -57.70 34.49 52.82
N ALA P 132 -58.32 35.52 52.23
CA ALA P 132 -58.81 36.68 52.95
C ALA P 132 -59.91 36.35 53.96
N ARG P 133 -60.23 35.06 54.13
CA ARG P 133 -61.18 34.59 55.13
C ARG P 133 -61.01 35.31 56.47
N THR P 134 -59.76 35.53 56.89
CA THR P 134 -59.47 36.32 58.09
C THR P 134 -59.34 37.78 57.66
N ALA P 135 -60.48 38.41 57.43
CA ALA P 135 -60.55 39.77 56.89
C ALA P 135 -60.53 40.83 57.97
N GLY P 136 -60.52 40.45 59.25
CA GLY P 136 -60.47 41.41 60.34
C GLY P 136 -59.04 41.79 60.68
N TYR P 137 -58.82 43.09 60.86
CA TYR P 137 -57.50 43.62 61.16
C TYR P 137 -57.64 44.80 62.11
N GLY P 138 -56.77 44.84 63.13
CA GLY P 138 -56.84 45.84 64.17
C GLY P 138 -55.67 46.79 64.19
N ILE P 139 -55.26 47.28 63.02
CA ILE P 139 -54.08 48.12 62.92
C ILE P 139 -54.17 49.31 63.86
N ASN P 140 -53.03 49.64 64.47
CA ASN P 140 -52.91 50.79 65.36
C ASN P 140 -52.23 51.92 64.61
N ILE P 141 -52.89 53.08 64.53
CA ILE P 141 -52.30 54.22 63.84
C ILE P 141 -51.03 54.68 64.55
N LEU P 142 -50.97 54.52 65.87
CA LEU P 142 -49.77 54.83 66.63
C LEU P 142 -48.87 53.64 66.83
N GLY P 143 -49.33 52.43 66.49
CA GLY P 143 -48.56 51.23 66.73
C GLY P 143 -47.81 50.69 65.52
N MET P 144 -48.29 49.58 64.97
CA MET P 144 -47.56 48.85 63.94
C MET P 144 -48.57 48.16 63.03
N ASP P 145 -48.11 47.13 62.29
CA ASP P 145 -48.86 46.38 61.31
C ASP P 145 -50.21 45.88 61.85
N PRO P 146 -51.16 45.57 60.97
CA PRO P 146 -52.51 45.21 61.44
C PRO P 146 -52.50 43.99 62.35
N LEU P 147 -53.62 43.83 63.08
CA LEU P 147 -53.80 42.81 64.07
C LEU P 147 -54.68 41.69 63.50
N SER P 148 -55.06 40.74 64.35
CA SER P 148 -55.91 39.62 63.94
C SER P 148 -57.35 40.09 63.79
N THR P 149 -58.27 39.16 63.57
CA THR P 149 -59.66 39.51 63.33
C THR P 149 -60.38 39.77 64.65
N PRO P 150 -61.06 40.90 64.80
CA PRO P 150 -61.85 41.16 66.01
C PRO P 150 -63.26 40.59 66.00
N PHE P 151 -63.67 39.93 64.92
CA PHE P 151 -65.04 39.45 64.79
C PHE P 151 -65.04 38.08 64.14
N ASP P 152 -66.16 37.38 64.27
CA ASP P 152 -66.30 36.08 63.64
C ASP P 152 -66.50 36.25 62.15
N ASN P 153 -65.69 35.54 61.35
CA ASN P 153 -65.73 35.66 59.89
C ASN P 153 -66.07 34.33 59.21
N GLU P 154 -66.56 33.34 59.97
CA GLU P 154 -66.91 32.05 59.42
C GLU P 154 -68.40 31.87 59.20
N PHE P 155 -69.24 32.56 59.98
CA PHE P 155 -70.68 32.43 59.85
C PHE P 155 -71.16 32.96 58.50
N TYR P 156 -72.15 32.27 57.93
CA TYR P 156 -72.79 32.70 56.69
C TYR P 156 -74.29 32.64 56.86
N ASN P 157 -75.00 33.50 56.15
CA ASN P 157 -76.44 33.67 56.38
C ASN P 157 -77.25 32.60 55.66
N GLY P 158 -77.19 32.57 54.33
CA GLY P 158 -78.08 31.71 53.57
C GLY P 158 -77.43 30.95 52.43
N LEU P 159 -77.98 31.12 51.22
CA LEU P 159 -77.47 30.43 50.04
C LEU P 159 -76.04 30.86 49.74
N CYS P 160 -75.17 29.89 49.49
CA CYS P 160 -73.76 30.18 49.21
C CYS P 160 -73.63 31.13 48.04
N ASN P 161 -72.82 32.17 48.21
CA ASN P 161 -72.53 33.13 47.16
C ASN P 161 -71.26 32.68 46.46
N ARG P 162 -71.38 32.32 45.19
CA ARG P 162 -70.26 31.74 44.46
C ARG P 162 -69.15 32.76 44.26
N ASP P 163 -67.91 32.28 44.31
CA ASP P 163 -66.70 33.06 44.15
C ASP P 163 -65.84 32.47 43.04
N ARG P 164 -66.47 32.21 41.90
CA ARG P 164 -65.85 31.47 40.80
C ARG P 164 -64.82 32.36 40.13
N ASP P 165 -63.64 32.42 40.74
CA ASP P 165 -62.53 33.22 40.23
C ASP P 165 -61.25 32.72 40.89
N GLY P 166 -60.13 33.10 40.30
CA GLY P 166 -58.82 32.73 40.81
C GLY P 166 -57.92 32.19 39.72
N ASN P 167 -56.67 31.92 40.12
CA ASN P 167 -55.68 31.39 39.20
C ASN P 167 -56.10 30.02 38.66
N THR P 168 -56.39 29.08 39.56
CA THR P 168 -56.79 27.74 39.17
C THR P 168 -58.32 27.66 39.10
N LEU P 169 -58.82 26.47 38.77
CA LEU P 169 -60.27 26.23 38.67
C LEU P 169 -60.73 25.67 40.01
N THR P 170 -61.13 26.56 40.91
CA THR P 170 -61.61 26.18 42.23
C THR P 170 -62.60 27.22 42.71
N TYR P 171 -63.58 26.76 43.48
CA TYR P 171 -64.67 27.61 43.98
C TYR P 171 -64.47 27.84 45.47
N TYR P 172 -64.35 29.11 45.85
CA TYR P 172 -64.21 29.49 47.24
C TYR P 172 -65.53 30.05 47.78
N ARG P 173 -65.58 30.21 49.10
CA ARG P 173 -66.74 30.78 49.77
C ARG P 173 -66.42 32.18 50.26
N ARG P 174 -67.44 33.05 50.21
CA ARG P 174 -67.33 34.40 50.74
C ARG P 174 -68.27 34.54 51.93
N PRO P 175 -67.76 34.81 53.12
CA PRO P 175 -68.61 34.87 54.31
C PRO P 175 -69.59 36.03 54.25
N TRP P 176 -70.66 35.91 55.04
CA TRP P 176 -71.67 36.96 55.12
C TRP P 176 -71.12 38.23 55.75
N ASN P 177 -70.04 38.13 56.52
CA ASN P 177 -69.42 39.31 57.11
C ASN P 177 -68.64 40.13 56.08
N VAL P 178 -68.04 39.47 55.10
CA VAL P 178 -67.28 40.15 54.05
C VAL P 178 -68.22 40.50 52.91
N ALA P 179 -68.29 41.79 52.58
CA ALA P 179 -69.20 42.24 51.54
C ALA P 179 -68.67 41.90 50.14
N SER P 180 -67.35 41.93 49.97
CA SER P 180 -66.76 41.67 48.67
C SER P 180 -65.40 40.99 48.84
N LEU P 181 -65.00 40.23 47.83
CA LEU P 181 -63.70 39.56 47.83
C LEU P 181 -63.26 39.43 46.37
N ILE P 182 -62.40 40.35 45.93
CA ILE P 182 -61.91 40.38 44.56
C ILE P 182 -60.59 39.62 44.49
N TYR P 183 -60.29 39.08 43.31
CA TYR P 183 -59.09 38.30 43.07
C TYR P 183 -58.20 38.95 42.02
N GLU P 184 -58.28 40.27 41.89
CA GLU P 184 -57.47 40.98 40.90
C GLU P 184 -56.00 40.89 41.26
N THR P 185 -55.19 40.39 40.34
CA THR P 185 -53.75 40.23 40.55
C THR P 185 -52.99 41.40 39.91
N LYS P 186 -53.22 42.58 40.48
CA LYS P 186 -52.55 43.78 40.00
C LYS P 186 -51.04 43.71 40.29
N GLY P 187 -50.27 44.37 39.43
CA GLY P 187 -48.83 44.41 39.59
C GLY P 187 -48.21 45.66 39.00
N GLU P 188 -47.33 46.31 39.75
CA GLU P 188 -46.72 47.55 39.31
C GLU P 188 -45.38 47.73 40.01
N LYS P 189 -44.56 48.61 39.46
CA LYS P 189 -43.25 48.91 40.02
C LYS P 189 -42.82 50.29 39.54
N ASN P 190 -41.89 50.89 40.28
CA ASN P 190 -41.39 52.23 39.95
C ASN P 190 -39.92 52.31 40.31
N PHE P 191 -39.20 53.15 39.58
CA PHE P 191 -37.78 53.36 39.82
C PHE P 191 -37.42 54.80 39.46
N ARG P 192 -36.40 55.33 40.14
CA ARG P 192 -35.96 56.69 39.92
C ARG P 192 -34.46 56.78 40.19
N THR P 193 -33.84 57.82 39.63
CA THR P 193 -32.42 58.05 39.79
C THR P 193 -32.12 59.52 39.60
N GLU P 194 -30.97 59.95 40.12
CA GLU P 194 -30.56 61.35 40.01
C GLU P 194 -29.05 61.43 40.23
N HIS P 195 -28.47 62.54 39.78
CA HIS P 195 -27.04 62.78 39.92
C HIS P 195 -26.80 64.27 40.08
N TYR P 196 -25.93 64.62 41.02
CA TYR P 196 -25.54 65.99 41.28
C TYR P 196 -24.04 66.15 41.11
N GLU P 197 -23.62 67.33 40.65
CA GLU P 197 -22.21 67.60 40.43
C GLU P 197 -21.91 69.05 40.76
N GLU P 198 -20.79 69.29 41.43
CA GLU P 198 -20.35 70.63 41.78
C GLU P 198 -18.84 70.69 41.69
N GLN P 199 -18.31 71.77 41.12
CA GLN P 199 -16.88 71.94 40.95
C GLN P 199 -16.55 73.43 40.96
N ILE P 200 -15.50 73.80 41.68
CA ILE P 200 -15.04 75.18 41.75
C ILE P 200 -13.53 75.19 41.82
N GLU P 201 -12.91 76.15 41.13
CA GLU P 201 -11.47 76.30 41.10
C GLU P 201 -11.10 77.77 41.09
N ALA P 202 -10.02 78.13 41.78
CA ALA P 202 -9.56 79.50 41.85
C ALA P 202 -8.03 79.53 41.91
N PHE P 203 -7.42 80.27 40.99
CA PHE P 203 -5.98 80.42 40.93
C PHE P 203 -5.61 81.89 41.13
N LYS P 204 -4.56 82.14 41.91
CA LYS P 204 -4.09 83.49 42.17
C LYS P 204 -2.58 83.50 42.21
N SER P 205 -1.98 84.55 41.64
CA SER P 205 -0.53 84.71 41.62
C SER P 205 -0.20 86.20 41.65
N ILE P 206 0.68 86.59 42.56
CA ILE P 206 1.09 87.97 42.72
C ILE P 206 2.61 88.02 42.84
N ILE P 207 3.24 88.91 42.08
CA ILE P 207 4.69 89.07 42.08
C ILE P 207 5.01 90.55 42.14
N GLN P 208 6.07 90.90 42.86
CA GLN P 208 6.51 92.28 43.01
C GLN P 208 8.00 92.37 42.70
N GLU P 209 8.39 93.48 42.08
CA GLU P 209 9.77 93.68 41.64
C GLU P 209 10.15 95.15 41.80
N LYS P 210 11.25 95.39 42.50
CA LYS P 210 11.73 96.74 42.76
C LYS P 210 13.25 96.72 42.89
N THR P 211 13.91 97.66 42.22
CA THR P 211 15.36 97.78 42.27
C THR P 211 15.73 99.24 42.49
N SER P 212 16.66 99.48 43.41
CA SER P 212 17.10 100.84 43.75
C SER P 212 18.62 100.88 43.73
N ASN P 213 19.17 101.91 43.08
CA ASN P 213 20.61 102.08 42.96
C ASN P 213 20.95 103.56 43.09
N PHE P 214 22.09 103.84 43.72
CA PHE P 214 22.54 105.21 43.93
C PHE P 214 24.06 105.27 43.80
N ASN P 215 24.54 106.26 43.04
CA ASN P 215 25.97 106.50 42.88
C ASN P 215 26.25 107.99 42.97
N ALA P 216 27.36 108.35 43.61
CA ALA P 216 27.71 109.74 43.82
C ALA P 216 29.23 109.85 43.93
N ALA P 217 29.84 110.57 42.99
CA ALA P 217 31.28 110.78 42.96
C ALA P 217 31.58 112.28 42.98
N ILE P 218 32.51 112.67 43.85
CA ILE P 218 32.94 114.06 43.96
C ILE P 218 34.44 114.07 44.25
N SER P 219 35.18 114.93 43.55
CA SER P 219 36.62 115.02 43.67
C SER P 219 37.04 116.46 43.91
N LEU P 220 38.18 116.63 44.57
CA LEU P 220 38.72 117.94 44.91
C LEU P 220 40.19 118.01 44.54
N LYS P 221 40.58 119.12 43.92
CA LYS P 221 41.97 119.34 43.52
C LYS P 221 42.32 120.81 43.73
N PHE P 222 43.44 121.06 44.39
CA PHE P 222 43.88 122.42 44.70
C PHE P 222 45.39 122.49 44.60
N THR P 223 45.88 123.42 43.78
CA THR P 223 47.32 123.65 43.63
C THR P 223 47.57 125.10 43.22
N PRO P 224 48.04 125.95 44.15
CA PRO P 224 48.34 127.35 43.84
C PRO P 224 49.67 127.51 43.12
N SER P 242 55.73 125.48 48.38
CA SER P 242 54.85 124.63 47.58
C SER P 242 53.62 124.21 48.38
N LEU P 243 52.48 124.11 47.69
CA LEU P 243 51.23 123.72 48.30
C LEU P 243 50.42 122.91 47.31
N HIS P 244 49.78 121.84 47.80
CA HIS P 244 48.99 120.96 46.95
C HIS P 244 47.79 120.46 47.74
N GLY P 245 46.73 120.11 47.00
CA GLY P 245 45.54 119.55 47.60
C GLY P 245 44.86 118.56 46.68
N LYS P 246 44.50 117.39 47.21
CA LYS P 246 43.88 116.36 46.39
C LYS P 246 42.90 115.58 47.26
N GLY P 247 41.67 115.44 46.78
CA GLY P 247 40.65 114.68 47.48
C GLY P 247 39.67 114.05 46.52
N SER P 248 39.24 112.82 46.82
CA SER P 248 38.32 112.10 45.95
C SER P 248 37.36 111.30 46.83
N PHE P 249 36.06 111.55 46.68
CA PHE P 249 35.03 110.83 47.41
C PHE P 249 34.24 109.96 46.45
N ARG P 250 33.93 108.74 46.87
CA ARG P 250 33.16 107.81 46.06
C ARG P 250 32.10 107.14 46.92
N PHE P 251 30.94 106.85 46.31
CA PHE P 251 29.85 106.24 47.03
C PHE P 251 29.04 105.36 46.08
N SER P 252 28.60 104.21 46.59
CA SER P 252 27.81 103.27 45.81
C SER P 252 26.71 102.71 46.69
N TYR P 253 25.71 102.09 46.05
CA TYR P 253 24.53 101.62 46.76
C TYR P 253 23.86 100.53 45.93
N SER P 254 23.31 99.53 46.63
CA SER P 254 22.62 98.43 45.97
C SER P 254 21.54 97.86 46.88
N LYS P 255 20.40 97.52 46.29
CA LYS P 255 19.29 96.95 47.03
C LYS P 255 18.25 96.43 46.05
N ASN P 256 17.80 95.19 46.23
CA ASN P 256 16.67 94.70 45.46
C ASN P 256 15.81 93.85 46.39
N GLU P 257 14.50 93.99 46.27
CA GLU P 257 13.54 93.28 47.11
C GLU P 257 12.41 92.75 46.24
N THR P 258 12.44 91.46 45.93
CA THR P 258 11.41 90.82 45.13
C THR P 258 10.42 90.09 46.02
N TYR P 259 9.15 90.12 45.65
CA TYR P 259 8.08 89.45 46.37
C TYR P 259 7.40 88.46 45.44
N GLN P 260 6.86 87.39 46.02
CA GLN P 260 6.14 86.38 45.25
C GLN P 260 5.00 85.84 46.10
N LEU P 261 3.83 85.70 45.48
CA LEU P 261 2.64 85.18 46.15
C LEU P 261 1.91 84.24 45.22
N PHE P 262 1.38 83.16 45.80
CA PHE P 262 0.64 82.16 45.03
C PHE P 262 -0.49 81.63 45.90
N LEU P 263 -1.67 81.48 45.30
CA LEU P 263 -2.85 80.98 46.00
C LEU P 263 -3.66 80.10 45.06
N SER P 264 -4.17 78.99 45.58
CA SER P 264 -4.97 78.06 44.82
C SER P 264 -6.07 77.48 45.70
N TYR P 265 -7.25 77.30 45.12
CA TYR P 265 -8.39 76.74 45.85
C TYR P 265 -9.23 75.93 44.89
N SER P 266 -9.65 74.75 45.33
CA SER P 266 -10.46 73.85 44.50
C SER P 266 -11.33 73.00 45.41
N SER P 267 -12.59 72.83 45.02
CA SER P 267 -13.53 72.02 45.78
C SER P 267 -14.49 71.33 44.82
N LYS P 268 -14.82 70.08 45.11
CA LYS P 268 -15.73 69.29 44.29
C LYS P 268 -16.74 68.58 45.18
N LYS P 269 -17.99 68.53 44.73
CA LYS P 269 -19.06 67.89 45.47
C LYS P 269 -19.95 67.10 44.52
N GLU P 270 -20.36 65.92 44.97
CA GLU P 270 -21.21 65.04 44.18
C GLU P 270 -22.25 64.41 45.08
N LYS P 271 -23.46 64.24 44.56
CA LYS P 271 -24.56 63.64 45.32
C LYS P 271 -25.39 62.77 44.39
N MET P 272 -25.78 61.61 44.89
CA MET P 272 -26.58 60.65 44.12
C MET P 272 -27.72 60.14 44.99
N PHE P 273 -28.93 60.12 44.43
CA PHE P 273 -30.11 59.63 45.13
C PHE P 273 -30.94 58.81 44.17
N LEU P 274 -31.21 57.56 44.54
CA LEU P 274 -31.97 56.66 43.68
C LEU P 274 -32.65 55.60 44.55
N HIS P 275 -33.87 55.23 44.18
CA HIS P 275 -34.61 54.23 44.92
C HIS P 275 -35.62 53.56 43.99
N VAL P 276 -36.10 52.40 44.40
CA VAL P 276 -37.07 51.63 43.63
C VAL P 276 -38.04 50.94 44.58
N LYS P 277 -39.27 50.77 44.13
CA LYS P 277 -40.31 50.14 44.93
C LYS P 277 -41.21 49.32 44.02
N GLY P 278 -41.66 48.17 44.53
CA GLY P 278 -42.56 47.32 43.78
C GLY P 278 -43.58 46.63 44.67
N GLU P 279 -44.80 46.50 44.17
CA GLU P 279 -45.89 45.89 44.95
C GLU P 279 -46.65 44.92 44.06
N ILE P 280 -46.64 43.65 44.44
CA ILE P 280 -47.37 42.61 43.72
C ILE P 280 -48.69 42.39 44.46
N HIS P 281 -49.75 42.98 43.92
CA HIS P 281 -51.06 42.84 44.53
C HIS P 281 -51.64 41.46 44.26
N LEU P 282 -52.30 40.89 45.27
CA LEU P 282 -52.85 39.54 45.19
C LEU P 282 -54.38 39.54 45.21
N GLY P 283 -54.97 40.12 46.26
CA GLY P 283 -56.42 40.13 46.38
C GLY P 283 -56.89 41.30 47.19
N ARG P 284 -58.19 41.57 47.09
CA ARG P 284 -58.80 42.72 47.74
C ARG P 284 -60.16 42.33 48.29
N PHE P 285 -60.49 42.89 49.46
CA PHE P 285 -61.75 42.61 50.12
C PHE P 285 -62.30 43.91 50.71
N VAL P 286 -63.61 43.93 50.94
CA VAL P 286 -64.29 45.05 51.57
C VAL P 286 -65.25 44.48 52.61
N MET P 287 -64.98 44.75 53.88
CA MET P 287 -65.85 44.29 54.95
C MET P 287 -67.17 45.04 54.93
N ARG P 288 -68.26 44.30 55.11
CA ARG P 288 -69.57 44.91 55.21
C ARG P 288 -69.63 45.81 56.44
N ASN P 289 -70.09 47.05 56.25
CA ASN P 289 -70.03 48.05 57.32
C ASN P 289 -71.04 47.74 58.42
N ARG P 290 -72.31 47.62 58.06
CA ARG P 290 -73.37 47.36 59.02
C ARG P 290 -73.99 46.00 58.72
N ASP P 291 -74.79 45.51 59.69
CA ASP P 291 -75.44 44.20 59.60
C ASP P 291 -74.41 43.09 59.47
N VAL P 292 -73.43 43.11 60.37
CA VAL P 292 -72.34 42.15 60.37
C VAL P 292 -72.33 41.44 61.72
N VAL P 293 -71.90 40.18 61.70
CA VAL P 293 -71.86 39.36 62.91
C VAL P 293 -70.48 39.49 63.55
N LEU P 294 -70.44 39.28 64.86
CA LEU P 294 -69.21 39.40 65.64
C LEU P 294 -68.92 38.08 66.35
N THR P 295 -67.69 37.97 66.86
CA THR P 295 -67.25 36.77 67.56
C THR P 295 -67.68 36.80 69.02
N THR P 296 -67.80 35.60 69.61
CA THR P 296 -68.23 35.49 70.99
C THR P 296 -67.24 36.11 71.97
N THR P 297 -65.96 36.20 71.59
CA THR P 297 -64.97 36.79 72.50
C THR P 297 -65.12 38.30 72.56
N PHE P 298 -65.32 38.94 71.41
CA PHE P 298 -65.46 40.40 71.38
C PHE P 298 -66.80 40.83 71.97
N VAL P 299 -67.87 40.08 71.69
CA VAL P 299 -69.18 40.42 72.23
C VAL P 299 -69.18 40.32 73.75
N ASP P 300 -68.52 39.29 74.28
CA ASP P 300 -68.41 39.17 75.74
C ASP P 300 -67.64 40.34 76.34
N ASP P 301 -66.64 40.85 75.62
CA ASP P 301 -65.92 42.02 76.10
C ASP P 301 -66.81 43.27 76.07
N ILE P 302 -67.62 43.42 75.02
CA ILE P 302 -68.54 44.54 74.96
C ILE P 302 -69.67 44.37 75.97
N LYS P 303 -70.08 43.13 76.23
CA LYS P 303 -71.09 42.88 77.25
C LYS P 303 -70.54 43.15 78.65
N ALA P 304 -69.33 42.65 78.93
CA ALA P 304 -68.65 42.94 80.19
C ALA P 304 -67.76 44.17 80.00
N LEU P 305 -68.42 45.32 79.90
CA LEU P 305 -67.78 46.59 79.63
C LEU P 305 -68.43 47.66 80.47
N PRO P 306 -67.64 48.58 81.05
CA PRO P 306 -68.22 49.64 81.88
C PRO P 306 -68.98 50.66 81.06
N THR P 307 -69.63 51.61 81.76
CA THR P 307 -70.41 52.65 81.08
C THR P 307 -70.22 54.03 81.71
N THR P 308 -69.26 54.19 82.62
CA THR P 308 -69.04 55.45 83.32
C THR P 308 -67.71 56.07 82.93
N TYR P 309 -67.31 55.88 81.66
CA TYR P 309 -66.07 56.42 81.12
C TYR P 309 -64.86 55.94 81.91
N GLU P 310 -64.65 54.61 81.86
CA GLU P 310 -63.48 54.00 82.48
C GLU P 310 -62.34 54.03 81.48
N LYS P 311 -61.58 55.14 81.50
CA LYS P 311 -60.45 55.28 80.59
C LYS P 311 -59.39 54.20 80.86
N GLY P 312 -59.27 53.74 82.10
CA GLY P 312 -58.28 52.73 82.40
C GLY P 312 -58.53 51.42 81.67
N GLU P 313 -59.76 50.91 81.75
CA GLU P 313 -60.07 49.67 81.04
C GLU P 313 -60.18 49.91 79.54
N TYR P 314 -60.69 51.07 79.13
CA TYR P 314 -60.81 51.36 77.71
C TYR P 314 -59.44 51.43 77.04
N PHE P 315 -58.47 52.06 77.71
CA PHE P 315 -57.10 52.04 77.20
C PHE P 315 -56.54 50.62 77.17
N ALA P 316 -56.91 49.79 78.15
CA ALA P 316 -56.52 48.38 78.12
C ALA P 316 -57.27 47.64 77.02
N PHE P 317 -58.58 47.88 76.91
CA PHE P 317 -59.36 47.27 75.83
C PHE P 317 -58.90 47.77 74.47
N LEU P 318 -58.35 48.98 74.41
CA LEU P 318 -57.91 49.56 73.14
C LEU P 318 -56.74 48.78 72.56
N GLU P 319 -55.81 48.34 73.42
CA GLU P 319 -54.66 47.58 72.95
C GLU P 319 -55.03 46.15 72.53
N THR P 320 -56.10 45.60 73.09
CA THR P 320 -56.45 44.21 72.81
C THR P 320 -56.92 44.04 71.37
N TYR P 321 -57.79 44.93 70.90
CA TYR P 321 -58.36 44.83 69.56
C TYR P 321 -58.02 46.02 68.68
N GLY P 322 -56.95 46.75 69.01
CA GLY P 322 -56.56 47.90 68.22
C GLY P 322 -57.49 49.08 68.43
N THR P 323 -57.15 50.18 67.75
CA THR P 323 -57.94 51.41 67.85
C THR P 323 -59.03 51.48 66.80
N HIS P 324 -58.74 51.07 65.56
CA HIS P 324 -59.72 51.12 64.48
C HIS P 324 -59.44 49.97 63.52
N TYR P 325 -60.52 49.37 63.01
CA TYR P 325 -60.39 48.20 62.16
C TYR P 325 -60.29 48.60 60.69
N SER P 326 -60.12 47.61 59.83
CA SER P 326 -59.97 47.83 58.39
C SER P 326 -61.30 47.59 57.70
N SER P 327 -61.81 48.61 57.03
CA SER P 327 -63.02 48.44 56.23
C SER P 327 -62.73 47.75 54.91
N SER P 328 -61.53 47.94 54.35
CA SER P 328 -61.14 47.30 53.11
C SER P 328 -59.62 47.14 53.10
N GLY P 329 -59.17 45.93 52.76
CA GLY P 329 -57.73 45.67 52.72
C GLY P 329 -57.24 45.25 51.34
N SER P 330 -55.98 44.83 51.27
CA SER P 330 -55.39 44.41 50.01
C SER P 330 -54.33 43.35 50.33
N LEU P 331 -54.71 42.08 50.18
CA LEU P 331 -53.78 40.99 50.45
C LEU P 331 -52.70 40.94 49.37
N GLY P 332 -51.48 40.59 49.78
CA GLY P 332 -50.37 40.52 48.86
C GLY P 332 -49.02 40.67 49.52
N GLY P 333 -48.22 41.61 49.01
CA GLY P 333 -46.89 41.86 49.54
C GLY P 333 -46.11 42.81 48.67
N LEU P 334 -45.24 43.63 49.28
CA LEU P 334 -44.45 44.61 48.54
C LEU P 334 -43.03 44.62 49.05
N TYR P 335 -42.13 45.09 48.20
CA TYR P 335 -40.72 45.25 48.54
C TYR P 335 -40.25 46.63 48.11
N GLU P 336 -39.21 47.12 48.78
CA GLU P 336 -38.68 48.44 48.51
C GLU P 336 -37.17 48.44 48.68
N LEU P 337 -36.50 49.32 47.94
CA LEU P 337 -35.06 49.49 48.02
C LEU P 337 -34.73 50.97 47.95
N ILE P 338 -33.86 51.43 48.84
CA ILE P 338 -33.46 52.83 48.93
C ILE P 338 -31.95 52.90 49.03
N TYR P 339 -31.36 53.79 48.23
CA TYR P 339 -29.92 53.98 48.22
C TYR P 339 -29.61 55.47 48.19
N VAL P 340 -28.55 55.87 48.90
CA VAL P 340 -28.13 57.26 48.98
C VAL P 340 -26.62 57.33 48.82
N LEU P 341 -26.15 58.47 48.35
CA LEU P 341 -24.73 58.70 48.15
C LEU P 341 -24.44 60.19 48.23
N ASP P 342 -23.32 60.53 48.87
CA ASP P 342 -22.91 61.92 49.02
C ASP P 342 -21.39 61.98 48.96
N LYS P 343 -20.88 62.99 48.24
CA LYS P 343 -19.45 63.17 48.05
C LYS P 343 -19.10 64.64 48.24
N ALA P 344 -17.98 64.90 48.90
CA ALA P 344 -17.51 66.26 49.15
C ALA P 344 -15.99 66.27 49.15
N SER P 345 -15.42 67.34 48.60
CA SER P 345 -13.97 67.48 48.54
C SER P 345 -13.62 68.96 48.60
N MET P 346 -12.50 69.25 49.26
CA MET P 346 -12.02 70.63 49.40
C MET P 346 -10.49 70.65 49.37
N LYS P 347 -9.94 71.60 48.62
CA LYS P 347 -8.50 71.76 48.49
C LYS P 347 -8.16 73.24 48.47
N ARG P 348 -7.10 73.60 49.19
CA ARG P 348 -6.64 74.99 49.25
C ARG P 348 -5.12 75.00 49.30
N LYS P 349 -4.50 75.80 48.43
CA LYS P 349 -3.05 75.88 48.32
C LYS P 349 -2.61 77.34 48.37
N GLY P 350 -1.60 77.62 49.20
CA GLY P 350 -1.04 78.95 49.29
C GLY P 350 0.47 78.92 49.42
N VAL P 351 1.17 79.66 48.55
CA VAL P 351 2.62 79.68 48.53
C VAL P 351 3.08 81.14 48.62
N GLU P 352 4.04 81.39 49.51
CA GLU P 352 4.59 82.72 49.72
C GLU P 352 6.11 82.66 49.70
N LEU P 353 6.74 83.55 48.93
CA LEU P 353 8.18 83.63 48.83
C LEU P 353 8.61 85.08 48.92
N LYS P 354 9.63 85.35 49.76
CA LYS P 354 10.11 86.71 49.98
C LYS P 354 11.62 86.69 50.03
N ASP P 355 12.25 87.55 49.23
CA ASP P 355 13.70 87.67 49.20
C ASP P 355 14.08 89.14 49.11
N ILE P 356 15.01 89.56 49.95
CA ILE P 356 15.48 90.95 50.00
C ILE P 356 16.99 90.94 50.04
N LYS P 357 17.61 91.73 49.18
CA LYS P 357 19.06 91.88 49.16
C LYS P 357 19.43 93.34 49.03
N ARG P 358 20.33 93.80 49.89
CA ARG P 358 20.76 95.19 49.90
C ARG P 358 22.20 95.25 50.36
N CYS P 359 23.05 95.93 49.59
CA CYS P 359 24.47 96.06 49.90
C CYS P 359 24.90 97.50 49.75
N LEU P 360 25.89 97.90 50.55
CA LEU P 360 26.41 99.26 50.55
C LEU P 360 27.91 99.25 50.32
N GLY P 361 28.39 100.21 49.53
CA GLY P 361 29.81 100.34 49.25
C GLY P 361 30.29 101.78 49.33
N TYR P 362 31.47 101.97 49.89
CA TYR P 362 32.02 103.31 50.06
C TYR P 362 33.52 103.28 49.80
N HIS P 363 34.00 104.32 49.10
CA HIS P 363 35.42 104.47 48.79
C HIS P 363 35.88 105.86 49.19
N LEU P 364 36.98 105.93 49.92
CA LEU P 364 37.54 107.20 50.40
C LEU P 364 39.05 107.16 50.23
N ASP P 365 39.57 108.10 49.45
CA ASP P 365 41.02 108.19 49.21
C ASP P 365 41.42 109.66 49.21
N VAL P 366 42.32 110.03 50.12
CA VAL P 366 42.81 111.39 50.24
C VAL P 366 44.33 111.35 50.30
N SER P 367 44.99 112.12 49.43
CA SER P 367 46.43 112.17 49.35
C SER P 367 46.90 113.62 49.30
N LEU P 368 47.92 113.93 50.08
CA LEU P 368 48.49 115.27 50.14
C LEU P 368 50.00 115.19 50.02
N ALA P 369 50.58 116.13 49.27
CA ALA P 369 52.03 116.17 49.06
C ALA P 369 52.48 117.62 49.11
N PHE P 370 53.46 117.92 49.96
CA PHE P 370 53.94 119.28 50.12
C PHE P 370 55.44 119.35 49.94
N SER P 371 62.33 120.75 51.28
CA SER P 371 61.11 120.43 52.00
C SER P 371 60.27 119.41 51.21
N GLU P 372 59.92 118.31 51.87
CA GLU P 372 59.12 117.26 51.26
C GLU P 372 58.19 116.66 52.29
N ILE P 373 56.90 116.59 51.96
CA ILE P 373 55.88 116.04 52.85
C ILE P 373 54.98 115.13 52.02
N SER P 374 54.65 113.97 52.58
CA SER P 374 53.80 113.00 51.91
C SER P 374 52.72 112.55 52.87
N VAL P 375 51.45 112.67 52.46
CA VAL P 375 50.31 112.30 53.28
C VAL P 375 49.39 111.42 52.43
N GLY P 376 48.95 110.30 53.00
CA GLY P 376 48.07 109.39 52.30
C GLY P 376 46.95 108.87 53.17
N ALA P 377 45.79 108.60 52.57
CA ALA P 377 44.65 108.07 53.30
C ALA P 377 43.80 107.23 52.36
N GLU P 378 43.40 106.05 52.82
CA GLU P 378 42.52 105.17 52.04
C GLU P 378 41.56 104.48 53.00
N PHE P 379 40.28 104.83 52.91
CA PHE P 379 39.23 104.24 53.73
C PHE P 379 38.20 103.62 52.80
N ASN P 380 37.97 102.32 52.94
CA ASN P 380 37.03 101.60 52.10
C ASN P 380 36.08 100.80 52.97
N LYS P 381 34.78 100.95 52.70
CA LYS P 381 33.73 100.29 53.47
C LYS P 381 32.85 99.47 52.54
N ASP P 382 32.51 98.25 52.96
CA ASP P 382 31.66 97.37 52.18
C ASP P 382 30.80 96.55 53.13
N ASP P 383 29.49 96.55 52.89
CA ASP P 383 28.56 95.82 53.73
C ASP P 383 27.34 95.43 52.92
N CYS P 384 27.02 94.13 52.91
CA CYS P 384 25.88 93.61 52.17
C CYS P 384 24.93 92.89 53.14
N VAL P 385 23.64 92.90 52.80
CA VAL P 385 22.61 92.28 53.62
C VAL P 385 21.73 91.43 52.72
N LYS P 386 21.40 90.22 53.20
CA LYS P 386 20.54 89.29 52.48
C LYS P 386 19.44 88.80 53.41
N ARG P 387 18.23 88.68 52.85
CA ARG P 387 17.07 88.22 53.61
C ARG P 387 16.23 87.30 52.74
N GLY P 388 15.67 86.26 53.35
CA GLY P 388 14.84 85.32 52.63
C GLY P 388 13.71 84.76 53.47
N GLU P 389 12.55 84.54 52.85
CA GLU P 389 11.39 84.04 53.56
C GLU P 389 10.58 83.14 52.63
N GLY P 390 10.13 82.00 53.15
CA GLY P 390 9.32 81.08 52.38
C GLY P 390 8.23 80.41 53.20
N ARG P 391 7.04 80.29 52.63
CA ARG P 391 5.92 79.68 53.33
C ARG P 391 5.04 78.95 52.32
N ALA P 392 4.42 77.85 52.77
CA ALA P 392 3.55 77.05 51.93
C ALA P 392 2.34 76.61 52.73
N VAL P 393 1.22 76.43 52.03
CA VAL P 393 -0.04 75.97 52.62
C VAL P 393 -0.60 74.89 51.72
N ASN P 394 -0.81 73.69 52.27
CA ASN P 394 -1.27 72.53 51.50
C ASN P 394 -2.25 71.77 52.39
N ILE P 395 -3.54 71.93 52.12
CA ILE P 395 -4.59 71.33 52.96
C ILE P 395 -5.65 70.73 52.05
N THR P 396 -5.86 69.42 52.17
CA THR P 396 -6.87 68.69 51.40
C THR P 396 -7.89 68.08 52.34
N SER P 397 -9.17 68.21 51.99
CA SER P 397 -10.26 67.67 52.79
C SER P 397 -11.27 66.98 51.86
N GLU P 398 -11.71 65.79 52.26
CA GLU P 398 -12.65 65.02 51.47
C GLU P 398 -13.62 64.30 52.41
N ASN P 399 -14.89 64.25 52.01
CA ASN P 399 -15.93 63.60 52.79
C ASN P 399 -16.75 62.69 51.88
N LEU P 400 -17.11 61.51 52.39
CA LEU P 400 -17.90 60.54 51.65
C LEU P 400 -19.00 60.00 52.55
N ILE P 401 -20.22 59.94 52.01
CA ILE P 401 -21.38 59.44 52.75
C ILE P 401 -22.20 58.56 51.83
N ASP P 402 -22.54 57.36 52.30
CA ASP P 402 -23.35 56.42 51.54
C ASP P 402 -24.32 55.72 52.47
N ASP P 403 -25.57 55.59 52.02
CA ASP P 403 -26.63 54.96 52.79
C ASP P 403 -27.44 54.04 51.89
N VAL P 404 -27.78 52.86 52.40
CA VAL P 404 -28.57 51.88 51.67
C VAL P 404 -29.53 51.20 52.63
N VAL P 405 -30.76 50.96 52.17
CA VAL P 405 -31.78 50.31 52.97
C VAL P 405 -32.76 49.61 52.03
N SER P 406 -33.35 48.52 52.52
CA SER P 406 -34.30 47.75 51.72
C SER P 406 -35.20 46.96 52.67
N LEU P 407 -36.31 46.49 52.13
CA LEU P 407 -37.27 45.71 52.91
C LEU P 407 -38.09 44.85 51.97
N ILE P 408 -38.64 43.76 52.51
CA ILE P 408 -39.48 42.85 51.75
C ILE P 408 -40.36 42.08 52.73
N ARG P 409 -41.47 41.56 52.22
CA ARG P 409 -42.41 40.81 53.06
C ARG P 409 -43.34 40.01 52.17
N GLY P 410 -43.92 38.96 52.74
CA GLY P 410 -44.88 38.13 52.06
C GLY P 410 -44.26 36.85 51.51
N GLY P 411 -45.13 35.88 51.21
CA GLY P 411 -44.71 34.62 50.63
C GLY P 411 -44.04 33.69 51.64
N THR P 412 -43.73 32.48 51.22
CA THR P 412 -43.02 31.56 52.09
C THR P 412 -41.59 32.06 52.34
N ARG P 413 -41.03 31.63 53.47
CA ARG P 413 -39.73 32.16 53.88
C ARG P 413 -38.61 31.69 52.96
N LYS P 414 -38.77 30.54 52.30
CA LYS P 414 -37.74 30.04 51.40
C LYS P 414 -37.61 30.93 50.16
N TYR P 415 -38.72 31.12 49.44
CA TYR P 415 -38.67 31.88 48.19
C TYR P 415 -38.52 33.37 48.43
N ALA P 416 -39.00 33.88 49.56
CA ALA P 416 -38.95 35.31 49.82
C ALA P 416 -37.52 35.80 50.00
N PHE P 417 -36.74 35.13 50.85
CA PHE P 417 -35.39 35.57 51.12
C PHE P 417 -34.39 35.09 50.09
N GLU P 418 -34.74 34.08 49.30
CA GLU P 418 -33.94 33.77 48.12
C GLU P 418 -33.99 34.90 47.11
N LEU P 419 -35.13 35.59 47.02
CA LEU P 419 -35.23 36.80 46.22
C LEU P 419 -34.46 37.95 46.88
N LYS P 420 -34.45 37.99 48.21
CA LYS P 420 -33.77 39.08 48.92
C LYS P 420 -32.26 39.02 48.74
N GLU P 421 -31.68 37.82 48.84
CA GLU P 421 -30.23 37.69 48.72
C GLU P 421 -29.75 38.02 47.31
N LYS P 422 -30.55 37.71 46.29
CA LYS P 422 -30.15 37.94 44.91
C LYS P 422 -30.47 39.34 44.42
N LEU P 423 -31.42 40.03 45.06
CA LEU P 423 -31.74 41.40 44.64
C LEU P 423 -30.68 42.38 45.13
N LEU P 424 -30.16 42.18 46.33
CA LEU P 424 -29.18 43.09 46.92
C LEU P 424 -27.83 42.84 46.27
N ARG P 425 -27.42 43.76 45.38
CA ARG P 425 -26.12 43.73 44.71
C ARG P 425 -25.88 42.45 43.92
N GLY P 426 -26.96 41.77 43.52
CA GLY P 426 -26.82 40.55 42.74
C GLY P 426 -26.53 40.82 41.28
N THR P 427 -27.19 41.84 40.73
CA THR P 427 -27.05 42.32 39.35
C THR P 427 -27.49 41.29 38.31
N VAL P 428 -28.00 40.14 38.72
CA VAL P 428 -28.46 39.09 37.80
C VAL P 428 -29.87 38.71 38.24
N ILE P 429 -30.86 39.33 37.61
CA ILE P 429 -32.26 39.03 37.92
C ILE P 429 -32.64 37.72 37.26
N ASP P 430 -33.13 36.78 38.07
CA ASP P 430 -33.51 35.47 37.57
C ASP P 430 -34.96 35.46 37.10
N VAL P 431 -35.27 34.51 36.22
CA VAL P 431 -36.64 34.38 35.73
C VAL P 431 -37.46 33.44 36.61
N THR P 432 -36.81 32.41 37.18
CA THR P 432 -37.56 31.40 37.94
C THR P 432 -37.91 31.87 39.35
N ASP P 433 -37.09 32.72 39.95
CA ASP P 433 -37.35 33.15 41.32
C ASP P 433 -38.58 34.05 41.39
N PHE P 434 -38.78 34.89 40.38
CA PHE P 434 -39.98 35.73 40.36
C PHE P 434 -41.24 34.90 40.15
N VAL P 435 -41.15 33.86 39.30
CA VAL P 435 -42.28 32.94 39.15
C VAL P 435 -42.51 32.16 40.43
N ASN P 436 -41.43 31.73 41.09
CA ASN P 436 -41.57 31.10 42.40
C ASN P 436 -42.14 32.07 43.42
N TRP P 437 -41.71 33.34 43.36
CA TRP P 437 -42.29 34.36 44.23
C TRP P 437 -43.77 34.54 43.98
N ALA P 438 -44.23 34.33 42.75
CA ALA P 438 -45.66 34.43 42.45
C ALA P 438 -46.44 33.34 43.17
N SER P 439 -45.97 32.09 43.08
CA SER P 439 -46.63 31.01 43.80
C SER P 439 -46.37 31.09 45.29
N SER P 440 -45.25 31.69 45.71
CA SER P 440 -44.94 31.82 47.12
C SER P 440 -45.91 32.77 47.81
N ILE P 441 -46.14 33.95 47.21
CA ILE P 441 -47.02 34.93 47.81
C ILE P 441 -48.47 34.46 47.82
N ASN P 442 -48.83 33.51 46.96
CA ASN P 442 -50.19 32.99 46.95
C ASN P 442 -50.52 32.26 48.24
N ASP P 443 -49.52 31.66 48.88
CA ASP P 443 -49.77 30.88 50.09
C ASP P 443 -49.91 31.78 51.31
N ALA P 444 -48.99 32.74 51.49
CA ALA P 444 -48.99 33.64 52.64
C ALA P 444 -48.90 35.08 52.17
N PRO P 445 -50.05 35.73 51.97
CA PRO P 445 -50.03 37.15 51.58
C PRO P 445 -49.95 38.10 52.77
N VAL P 446 -49.98 39.40 52.51
CA VAL P 446 -49.92 40.41 53.56
C VAL P 446 -50.54 41.68 53.02
N LEU P 447 -50.92 42.59 53.93
CA LEU P 447 -51.60 43.81 53.54
C LEU P 447 -50.71 44.72 52.70
N ILE P 448 -51.32 45.41 51.74
CA ILE P 448 -50.64 46.39 50.91
C ILE P 448 -51.32 47.74 51.09
N SER P 449 -52.60 47.80 50.70
CA SER P 449 -53.42 49.00 50.88
C SER P 449 -54.56 48.65 51.83
N GLN P 450 -54.82 49.54 52.79
CA GLN P 450 -55.77 49.26 53.87
C GLN P 450 -56.67 50.47 54.05
N LYS P 451 -57.96 50.30 53.78
CA LYS P 451 -58.95 51.33 54.07
C LYS P 451 -59.39 51.20 55.52
N LEU P 452 -59.48 52.33 56.21
CA LEU P 452 -59.63 52.37 57.65
C LEU P 452 -61.05 52.73 58.05
N SER P 453 -61.44 52.28 59.24
CA SER P 453 -62.78 52.54 59.77
C SER P 453 -62.72 52.45 61.29
N PRO P 454 -63.36 53.37 62.02
CA PRO P 454 -63.27 53.34 63.48
C PRO P 454 -64.01 52.15 64.07
N ILE P 455 -63.53 51.70 65.24
CA ILE P 455 -64.10 50.53 65.89
C ILE P 455 -65.46 50.86 66.50
N TYR P 456 -65.62 52.07 67.06
CA TYR P 456 -66.87 52.41 67.73
C TYR P 456 -68.07 52.39 66.79
N ASN P 457 -67.85 52.38 65.48
CA ASN P 457 -68.93 52.17 64.53
C ASN P 457 -69.27 50.69 64.35
N LEU P 458 -68.44 49.79 64.88
CA LEU P 458 -68.64 48.36 64.74
C LEU P 458 -69.39 47.74 65.92
N VAL P 459 -69.61 48.50 66.98
CA VAL P 459 -70.32 47.97 68.16
C VAL P 459 -71.72 47.52 67.75
N PRO P 460 -72.20 46.38 68.23
CA PRO P 460 -73.54 45.92 67.82
C PRO P 460 -74.63 46.85 68.37
N VAL P 461 -75.61 47.12 67.51
CA VAL P 461 -76.72 48.02 67.84
C VAL P 461 -77.70 47.27 68.74
N LYS P 462 -78.66 48.01 69.32
CA LYS P 462 -79.72 47.49 70.17
C LYS P 462 -79.20 46.50 71.21
N MET P 463 -78.04 46.80 71.77
CA MET P 463 -77.46 46.02 72.85
C MET P 463 -77.95 46.58 74.18
N LYS P 464 -77.33 46.15 75.28
CA LYS P 464 -77.71 46.65 76.60
C LYS P 464 -77.53 48.16 76.69
N ASN P 465 -76.30 48.64 76.53
CA ASN P 465 -75.97 50.06 76.58
C ASN P 465 -75.06 50.43 75.42
N ALA P 466 -75.47 50.01 74.21
CA ALA P 466 -74.61 50.14 73.04
C ALA P 466 -74.23 51.59 72.75
N HIS P 467 -75.24 52.47 72.66
CA HIS P 467 -74.97 53.84 72.23
C HIS P 467 -74.10 54.58 73.24
N LEU P 468 -74.43 54.48 74.53
CA LEU P 468 -73.65 55.19 75.54
C LEU P 468 -72.22 54.67 75.58
N LYS P 469 -72.03 53.37 75.35
CA LYS P 469 -70.69 52.82 75.23
C LYS P 469 -70.05 53.21 73.89
N LYS P 470 -70.87 53.41 72.86
CA LYS P 470 -70.34 53.82 71.56
C LYS P 470 -69.67 55.19 71.64
N GLN P 471 -70.42 56.19 72.12
CA GLN P 471 -69.85 57.52 72.31
C GLN P 471 -68.75 57.50 73.37
N ASN P 472 -68.82 56.56 74.32
CA ASN P 472 -67.80 56.45 75.34
C ASN P 472 -66.47 56.03 74.73
N LEU P 473 -66.50 55.02 73.86
CA LEU P 473 -65.29 54.64 73.13
C LEU P 473 -64.90 55.69 72.10
N GLU P 474 -65.87 56.46 71.59
CA GLU P 474 -65.55 57.55 70.68
C GLU P 474 -64.72 58.62 71.39
N ARG P 475 -65.08 58.94 72.64
CA ARG P 475 -64.23 59.82 73.44
C ARG P 475 -62.90 59.16 73.77
N ALA P 476 -62.88 57.83 73.86
CA ALA P 476 -61.64 57.12 74.17
C ALA P 476 -60.70 57.11 72.97
N ILE P 477 -61.22 56.79 71.78
CA ILE P 477 -60.38 56.74 70.59
C ILE P 477 -59.85 58.12 70.24
N GLU P 478 -60.62 59.17 70.51
CA GLU P 478 -60.14 60.52 70.28
C GLU P 478 -59.05 60.90 71.28
N ASP P 479 -59.24 60.50 72.54
CA ASP P 479 -58.24 60.80 73.56
C ASP P 479 -57.00 59.93 73.38
N TYR P 480 -57.18 58.68 72.96
CA TYR P 480 -56.05 57.76 72.80
C TYR P 480 -55.01 58.31 71.82
N ILE P 481 -55.46 58.72 70.63
CA ILE P 481 -54.53 59.24 69.63
C ILE P 481 -53.94 60.57 70.07
N ASN P 482 -54.64 61.29 70.95
CA ASN P 482 -54.18 62.59 71.43
C ASN P 482 -53.56 62.54 72.82
N GLU P 483 -53.49 61.35 73.44
CA GLU P 483 -52.91 61.24 74.77
C GLU P 483 -51.38 61.20 74.70
N PHE P 484 -50.83 60.20 74.01
CA PHE P 484 -49.39 60.04 73.89
C PHE P 484 -49.03 59.94 72.41
N SER P 485 -48.06 60.75 71.99
CA SER P 485 -47.59 60.78 70.61
C SER P 485 -46.34 61.64 70.56
N VAL P 486 -45.81 61.83 69.35
CA VAL P 486 -44.66 62.71 69.16
C VAL P 486 -45.04 64.15 69.46
N ARG P 487 -46.32 64.49 69.31
CA ARG P 487 -46.77 65.86 69.55
C ARG P 487 -46.54 66.27 71.00
N LYS P 488 -46.69 65.33 71.93
CA LYS P 488 -46.53 65.64 73.36
C LYS P 488 -45.10 65.49 73.84
N CYS P 489 -44.25 64.79 73.10
CA CYS P 489 -42.86 64.60 73.49
C CYS P 489 -42.06 65.85 73.16
N HIS P 490 -40.75 65.78 73.33
CA HIS P 490 -39.87 66.92 73.10
C HIS P 490 -39.25 66.85 71.71
N THR P 491 -38.91 68.01 71.16
CA THR P 491 -38.37 68.09 69.82
C THR P 491 -36.87 67.83 69.84
N CYS P 492 -36.38 67.09 68.84
CA CYS P 492 -34.97 66.76 68.73
C CYS P 492 -34.23 67.95 68.10
N GLN P 493 -32.94 67.77 67.84
CA GLN P 493 -32.09 68.82 67.28
C GLN P 493 -31.75 68.50 65.83
N ASN P 494 -31.40 69.57 65.10
CA ASN P 494 -30.99 69.47 63.70
C ASN P 494 -32.08 68.84 62.84
N GLY P 495 -33.34 69.13 63.16
CA GLY P 495 -34.44 68.61 62.39
C GLY P 495 -34.57 67.11 62.39
N GLY P 496 -34.08 66.45 63.43
CA GLY P 496 -34.15 65.00 63.51
C GLY P 496 -35.58 64.53 63.69
N THR P 497 -36.05 63.66 62.81
CA THR P 497 -37.40 63.14 62.91
C THR P 497 -37.56 62.32 64.19
N VAL P 498 -38.48 62.74 65.04
CA VAL P 498 -38.69 62.11 66.34
C VAL P 498 -39.69 60.97 66.19
N ILE P 499 -39.37 59.81 66.75
CA ILE P 499 -40.24 58.65 66.74
C ILE P 499 -40.56 58.27 68.18
N LEU P 500 -41.45 57.30 68.32
CA LEU P 500 -41.87 56.81 69.63
C LEU P 500 -42.04 55.30 69.55
N MET P 501 -41.14 54.56 70.18
CA MET P 501 -41.15 53.09 70.18
C MET P 501 -41.25 52.61 71.62
N ASP P 502 -42.48 52.51 72.12
CA ASP P 502 -42.76 51.97 73.44
C ASP P 502 -42.00 52.73 74.53
N GLY P 503 -42.31 54.02 74.64
CA GLY P 503 -41.72 54.88 75.65
C GLY P 503 -40.46 55.61 75.23
N LYS P 504 -39.55 54.92 74.53
CA LYS P 504 -38.31 55.52 74.08
C LYS P 504 -38.62 56.55 73.00
N CYS P 505 -38.52 57.83 73.35
CA CYS P 505 -38.81 58.92 72.43
C CYS P 505 -37.52 59.37 71.73
N LEU P 506 -36.97 58.44 70.94
CA LEU P 506 -35.75 58.71 70.20
C LEU P 506 -36.05 59.51 68.94
N CYS P 507 -35.02 60.14 68.40
CA CYS P 507 -35.12 60.95 67.19
C CYS P 507 -34.12 60.46 66.16
N ALA P 508 -34.60 60.16 64.96
CA ALA P 508 -33.71 59.73 63.88
C ALA P 508 -32.92 60.91 63.37
N CYS P 509 -31.59 60.84 63.53
CA CYS P 509 -30.71 61.93 63.14
C CYS P 509 -30.28 61.76 61.68
N PRO P 510 -30.03 62.86 60.97
CA PRO P 510 -29.66 62.77 59.55
C PRO P 510 -28.36 62.00 59.35
N PHE P 511 -28.07 61.75 58.07
CA PHE P 511 -26.92 60.93 57.70
C PHE P 511 -25.61 61.61 58.09
N LYS P 512 -25.44 62.88 57.70
CA LYS P 512 -24.20 63.60 57.94
C LYS P 512 -23.97 63.90 59.41
N PHE P 513 -24.91 63.57 60.30
CA PHE P 513 -24.79 63.88 61.72
C PHE P 513 -24.65 62.57 62.51
N GLU P 514 -24.26 62.71 63.77
CA GLU P 514 -24.01 61.56 64.62
C GLU P 514 -25.32 61.14 65.31
N GLY P 515 -25.22 60.29 66.32
CA GLY P 515 -26.36 59.60 66.88
C GLY P 515 -27.23 60.36 67.85
N ILE P 516 -27.48 59.75 69.01
CA ILE P 516 -28.51 60.19 69.94
C ILE P 516 -28.36 61.68 70.26
N ALA P 517 -29.52 62.34 70.39
CA ALA P 517 -29.65 63.73 70.85
C ALA P 517 -29.15 64.73 69.81
N CYS P 518 -28.53 64.25 68.73
CA CYS P 518 -28.01 65.08 67.65
C CYS P 518 -27.22 66.27 68.21
N GLU P 519 -26.34 65.97 69.17
CA GLU P 519 -25.52 67.01 69.81
C GLU P 519 -24.16 67.13 69.14
N ILE P 520 -23.40 66.04 69.12
CA ILE P 520 -22.08 66.04 68.50
C ILE P 520 -22.23 65.87 66.99
N SER P 521 -21.45 66.64 66.24
CA SER P 521 -21.64 66.74 64.79
C SER P 521 -21.05 65.54 64.05
N LYS P 522 -19.76 65.30 64.25
CA LYS P 522 -19.02 64.27 63.51
C LYS P 522 -19.10 64.52 62.00
N GLN P 523 -18.54 65.66 61.59
CA GLN P 523 -18.56 66.05 60.19
C GLN P 523 -17.53 65.26 59.39
N LYS P 524 -15.14 65.34 61.85
CA LYS P 524 -15.20 66.58 62.61
C LYS P 524 -14.62 67.74 61.81
N ILE P 525 -13.92 68.64 62.51
CA ILE P 525 -13.30 69.81 61.90
C ILE P 525 -11.79 69.63 61.95
N SER P 526 -11.11 70.04 60.87
CA SER P 526 -9.66 69.91 60.79
C SER P 526 -8.97 71.01 61.58
N GLU P 527 -7.97 70.64 62.35
CA GLU P 527 -7.19 71.57 63.16
C GLU P 527 -5.76 71.60 62.66
N GLY P 528 -5.19 72.80 62.51
CA GLY P 528 -3.84 72.95 62.05
C GLY P 528 -2.98 73.78 62.99
N LEU P 529 -1.81 73.26 63.36
CA LEU P 529 -0.89 73.96 64.24
C LEU P 529 0.47 74.06 63.56
N PRO P 530 0.83 75.24 63.03
CA PRO P 530 2.15 75.38 62.40
C PRO P 530 3.24 75.68 63.42
N ALA P 531 2.96 75.44 64.70
CA ALA P 531 3.91 75.74 65.75
C ALA P 531 5.13 74.83 65.65
N LEU P 532 6.26 75.34 66.15
CA LEU P 532 7.49 74.58 66.13
C LEU P 532 7.41 73.43 67.14
N GLU P 533 7.85 72.23 66.77
CA GLU P 533 7.80 71.11 67.71
C GLU P 533 8.80 71.31 68.85
N PHE P 534 8.34 71.02 70.07
CA PHE P 534 9.19 71.19 71.24
C PHE P 534 10.33 70.17 71.24
N PRO P 535 10.02 68.91 70.95
CA PRO P 535 11.04 67.87 70.93
C PRO P 535 10.67 66.78 69.92
N SER Q 18 -8.82 53.32 93.13
CA SER Q 18 -9.37 53.58 94.45
C SER Q 18 -10.16 52.40 94.97
N HIS Q 19 -9.76 51.86 96.13
CA HIS Q 19 -10.43 50.72 96.74
C HIS Q 19 -11.70 51.22 97.45
N ILE Q 20 -12.72 51.49 96.65
CA ILE Q 20 -14.00 51.98 97.18
C ILE Q 20 -14.77 50.80 97.75
N ASP Q 21 -15.12 50.90 99.04
CA ASP Q 21 -15.89 49.87 99.71
C ASP Q 21 -17.38 50.10 99.49
N CYS Q 22 -18.18 49.12 99.91
CA CYS Q 22 -19.63 49.18 99.74
C CYS Q 22 -20.28 49.55 101.07
N ARG Q 23 -20.80 50.78 101.15
CA ARG Q 23 -21.61 51.20 102.29
C ARG Q 23 -23.02 50.69 102.07
N MET Q 24 -23.23 49.43 102.41
CA MET Q 24 -24.45 48.70 102.05
C MET Q 24 -25.04 48.02 103.28
N SER Q 25 -25.16 48.76 104.38
CA SER Q 25 -25.83 48.18 105.54
C SER Q 25 -26.66 49.19 106.33
N PRO Q 26 -27.61 49.92 105.70
CA PRO Q 26 -28.60 50.67 106.49
C PRO Q 26 -29.74 49.77 106.93
N TRP Q 27 -29.79 49.49 108.22
CA TRP Q 27 -30.80 48.57 108.75
C TRP Q 27 -32.04 49.34 109.21
N SER Q 28 -33.18 48.67 109.13
CA SER Q 28 -34.48 49.24 109.48
C SER Q 28 -35.02 48.54 110.74
N GLU Q 29 -36.20 49.00 111.17
CA GLU Q 29 -36.84 48.48 112.37
C GLU Q 29 -37.71 47.27 112.04
N TRP Q 30 -37.80 46.35 113.00
CA TRP Q 30 -38.63 45.17 112.84
C TRP Q 30 -40.10 45.56 112.73
N SER Q 31 -40.76 45.10 111.67
CA SER Q 31 -42.16 45.41 111.43
C SER Q 31 -43.06 44.36 112.08
N GLN Q 32 -44.37 44.51 111.85
CA GLN Q 32 -45.34 43.60 112.43
C GLN Q 32 -45.33 42.27 111.70
N CYS Q 33 -45.67 41.20 112.43
CA CYS Q 33 -45.72 39.87 111.83
C CYS Q 33 -46.90 39.74 110.88
N ASP Q 34 -46.75 38.85 109.90
CA ASP Q 34 -47.86 38.46 109.05
C ASP Q 34 -48.52 37.22 109.64
N PRO Q 35 -49.79 37.28 110.02
CA PRO Q 35 -50.43 36.11 110.66
C PRO Q 35 -50.59 34.93 109.72
N CYS Q 36 -51.13 35.18 108.53
CA CYS Q 36 -51.39 34.11 107.58
C CYS Q 36 -50.11 33.65 106.90
N LEU Q 37 -49.26 34.60 106.49
CA LEU Q 37 -48.02 34.23 105.80
C LEU Q 37 -46.97 33.71 106.78
N ARG Q 38 -47.03 34.14 108.05
CA ARG Q 38 -46.09 33.70 109.09
C ARG Q 38 -44.65 34.05 108.70
N GLN Q 39 -44.38 35.36 108.65
CA GLN Q 39 -43.07 35.86 108.24
C GLN Q 39 -42.80 37.20 108.92
N MET Q 40 -41.52 37.47 109.17
CA MET Q 40 -41.08 38.75 109.68
C MET Q 40 -40.34 39.50 108.57
N PHE Q 41 -40.24 40.82 108.73
CA PHE Q 41 -39.87 41.72 107.64
C PHE Q 41 -38.78 42.69 108.09
N ARG Q 42 -37.68 42.17 108.59
CA ARG Q 42 -36.48 42.99 108.73
C ARG Q 42 -36.10 43.55 107.37
N SER Q 43 -36.09 44.88 107.26
CA SER Q 43 -35.87 45.54 105.98
C SER Q 43 -34.42 45.99 105.85
N ARG Q 44 -34.07 46.45 104.65
CA ARG Q 44 -32.72 46.87 104.33
C ARG Q 44 -32.76 47.69 103.05
N SER Q 45 -31.61 48.21 102.64
CA SER Q 45 -31.51 49.03 101.45
C SER Q 45 -30.08 49.02 100.94
N ILE Q 46 -29.92 49.13 99.63
CA ILE Q 46 -28.61 49.20 98.99
C ILE Q 46 -28.28 50.66 98.69
N GLU Q 47 -27.05 51.06 98.99
CA GLU Q 47 -26.62 52.44 98.82
C GLU Q 47 -25.45 52.60 97.87
N VAL Q 48 -24.38 51.82 98.05
CA VAL Q 48 -23.14 51.99 97.30
C VAL Q 48 -22.71 50.65 96.72
N PHE Q 49 -22.37 50.64 95.44
CA PHE Q 49 -21.87 49.46 94.76
C PHE Q 49 -20.35 49.35 94.83
N GLY Q 50 -19.65 50.37 94.33
CA GLY Q 50 -18.22 50.31 94.16
C GLY Q 50 -17.84 50.31 92.68
N GLN Q 51 -17.37 51.46 92.20
CA GLN Q 51 -17.14 51.63 90.76
C GLN Q 51 -15.84 50.98 90.29
N PHE Q 52 -14.93 50.65 91.18
CA PHE Q 52 -13.59 50.22 90.80
C PHE Q 52 -13.37 48.76 91.22
N ASN Q 53 -12.13 48.30 91.05
CA ASN Q 53 -11.70 46.92 91.29
C ASN Q 53 -11.72 46.52 92.76
N GLY Q 54 -12.24 47.35 93.65
CA GLY Q 54 -12.29 47.02 95.06
C GLY Q 54 -13.26 45.91 95.42
N LYS Q 55 -13.70 45.89 96.68
CA LYS Q 55 -14.57 44.84 97.18
C LYS Q 55 -15.91 44.79 96.44
N ARG Q 56 -16.14 43.70 95.70
CA ARG Q 56 -17.44 43.49 95.08
C ARG Q 56 -18.46 43.10 96.13
N CYS Q 57 -19.66 43.66 96.02
CA CYS Q 57 -20.70 43.45 97.04
C CYS Q 57 -22.03 43.19 96.33
N THR Q 58 -22.45 41.93 96.32
CA THR Q 58 -23.72 41.51 95.73
C THR Q 58 -24.77 41.19 96.79
N ASP Q 59 -24.63 41.76 97.98
CA ASP Q 59 -25.53 41.46 99.08
C ASP Q 59 -26.96 41.85 98.73
N ALA Q 60 -27.85 40.86 98.66
CA ALA Q 60 -29.23 41.11 98.30
C ALA Q 60 -29.98 41.79 99.44
N VAL Q 61 -30.94 42.62 99.08
CA VAL Q 61 -31.75 43.36 100.04
C VAL Q 61 -32.93 42.49 100.46
N GLY Q 62 -33.17 42.41 101.76
CA GLY Q 62 -34.28 41.64 102.28
C GLY Q 62 -33.87 40.63 103.34
N ASP Q 63 -34.78 40.35 104.26
CA ASP Q 63 -34.55 39.39 105.33
C ASP Q 63 -35.88 38.86 105.81
N ARG Q 64 -35.92 37.56 106.10
CA ARG Q 64 -37.12 36.89 106.57
C ARG Q 64 -36.87 36.24 107.92
N ARG Q 65 -37.95 35.94 108.63
CA ARG Q 65 -37.86 35.35 109.95
C ARG Q 65 -39.21 34.75 110.32
N GLN Q 66 -39.16 33.57 110.97
CA GLN Q 66 -40.37 32.94 111.45
C GLN Q 66 -40.90 33.67 112.68
N CYS Q 67 -42.22 33.83 112.73
CA CYS Q 67 -42.88 34.53 113.83
C CYS Q 67 -44.14 33.79 114.23
N VAL Q 68 -44.41 33.75 115.53
CA VAL Q 68 -45.65 33.18 116.06
C VAL Q 68 -46.79 34.12 115.69
N PRO Q 69 -47.79 33.66 114.94
CA PRO Q 69 -48.87 34.57 114.55
C PRO Q 69 -49.77 34.90 115.73
N THR Q 70 -50.25 36.14 115.75
CA THR Q 70 -51.13 36.61 116.81
C THR Q 70 -52.56 36.85 116.36
N GLU Q 71 -52.78 37.10 115.06
CA GLU Q 71 -54.13 37.28 114.55
C GLU Q 71 -54.74 35.93 114.18
N PRO Q 72 -56.07 35.81 114.24
CA PRO Q 72 -56.70 34.51 113.95
C PRO Q 72 -56.63 34.11 112.49
N CYS Q 73 -56.30 35.03 111.57
CA CYS Q 73 -56.24 34.75 110.14
C CYS Q 73 -57.57 34.21 109.63
N GLU Q 74 -58.60 35.04 109.76
CA GLU Q 74 -59.94 34.64 109.32
C GLU Q 74 -60.11 34.79 107.81
N ASP Q 75 -59.39 35.73 107.20
CA ASP Q 75 -59.50 35.94 105.76
C ASP Q 75 -58.93 34.75 105.00
N ALA Q 76 -59.69 34.27 104.01
CA ALA Q 76 -59.26 33.12 103.20
C ALA Q 76 -59.82 33.29 101.81
N GLU Q 77 -59.27 32.51 100.87
CA GLU Q 77 -59.67 32.55 99.47
C GLU Q 77 -60.70 31.45 99.23
N ASP Q 78 -61.95 31.86 98.99
CA ASP Q 78 -63.00 30.91 98.69
C ASP Q 78 -62.84 30.35 97.28
N ASP Q 79 -63.49 29.22 97.04
CA ASP Q 79 -63.40 28.57 95.73
C ASP Q 79 -64.38 29.18 94.74
N CYS Q 80 -64.34 30.51 94.61
CA CYS Q 80 -65.04 31.29 93.59
C CYS Q 80 -66.56 31.14 93.64
N GLY Q 81 -67.06 30.32 94.57
CA GLY Q 81 -68.48 30.17 94.81
C GLY Q 81 -69.37 30.02 93.59
N ASN Q 82 -68.81 29.54 92.48
CA ASN Q 82 -69.54 29.50 91.22
C ASN Q 82 -69.78 28.08 90.72
N ASP Q 83 -68.73 27.29 90.55
CA ASP Q 83 -68.87 25.99 89.90
C ASP Q 83 -67.81 25.05 90.47
N PHE Q 84 -67.56 23.95 89.76
CA PHE Q 84 -66.61 22.93 90.20
C PHE Q 84 -65.22 23.50 90.38
N GLN Q 85 -64.68 23.39 91.59
CA GLN Q 85 -63.33 23.84 91.87
C GLN Q 85 -62.31 22.85 91.31
N CYS Q 86 -61.23 23.38 90.76
CA CYS Q 86 -60.14 22.55 90.29
C CYS Q 86 -59.28 22.08 91.46
N SER Q 87 -58.34 21.18 91.16
CA SER Q 87 -57.44 20.67 92.19
C SER Q 87 -56.35 21.65 92.59
N THR Q 88 -56.26 22.81 91.94
CA THR Q 88 -55.23 23.79 92.26
C THR Q 88 -55.76 25.15 92.69
N GLY Q 89 -57.02 25.48 92.40
CA GLY Q 89 -57.58 26.74 92.85
C GLY Q 89 -58.37 27.49 91.81
N ARG Q 90 -58.29 27.09 90.55
CA ARG Q 90 -59.03 27.75 89.49
C ARG Q 90 -60.44 27.15 89.38
N CYS Q 91 -61.26 27.74 88.50
CA CYS Q 91 -62.66 27.38 88.42
C CYS Q 91 -63.08 27.23 86.95
N ILE Q 92 -64.02 26.31 86.71
CA ILE Q 92 -64.66 26.20 85.40
C ILE Q 92 -65.57 27.40 85.19
N LYS Q 93 -65.46 28.01 84.00
CA LYS Q 93 -66.38 29.11 83.67
C LYS Q 93 -67.71 28.58 83.18
N MET Q 94 -67.72 27.95 82.00
CA MET Q 94 -68.94 27.31 81.51
C MET Q 94 -68.75 25.91 80.94
N ARG Q 95 -67.58 25.57 80.37
CA ARG Q 95 -67.43 24.30 79.66
C ARG Q 95 -66.07 23.66 79.90
N LEU Q 96 -65.50 23.84 81.09
CA LEU Q 96 -64.23 23.20 81.44
C LEU Q 96 -64.41 21.76 81.91
N ARG Q 97 -65.56 21.15 81.60
CA ARG Q 97 -65.81 19.76 81.96
C ARG Q 97 -65.12 18.83 80.97
N CYS Q 98 -65.48 17.55 81.00
CA CYS Q 98 -64.83 16.54 80.16
C CYS Q 98 -65.21 16.77 78.70
N ASN Q 99 -64.59 17.79 78.10
CA ASN Q 99 -64.81 18.17 76.72
C ASN Q 99 -63.50 18.45 76.00
N GLY Q 100 -62.44 17.75 76.38
CA GLY Q 100 -61.15 17.94 75.76
C GLY Q 100 -60.51 19.29 76.03
N ASP Q 101 -60.83 19.91 77.15
CA ASP Q 101 -60.28 21.22 77.53
C ASP Q 101 -59.31 21.01 78.69
N ASN Q 102 -58.02 20.95 78.36
CA ASN Q 102 -56.98 20.68 79.35
C ASN Q 102 -56.55 22.00 79.99
N ASP Q 103 -56.87 22.17 81.27
CA ASP Q 103 -56.51 23.38 82.00
C ASP Q 103 -55.59 23.11 83.19
N CYS Q 104 -55.96 22.17 84.07
CA CYS Q 104 -55.25 22.01 85.33
C CYS Q 104 -54.06 21.06 85.21
N GLY Q 105 -54.31 19.81 84.85
CA GLY Q 105 -53.25 18.83 84.73
C GLY Q 105 -53.35 17.99 83.47
N ASP Q 106 -52.68 16.84 83.46
CA ASP Q 106 -52.82 15.93 82.32
C ASP Q 106 -54.23 15.38 82.22
N PHE Q 107 -54.79 14.94 83.34
CA PHE Q 107 -56.18 14.49 83.39
C PHE Q 107 -56.87 14.97 84.66
N SER Q 108 -56.46 16.13 85.18
CA SER Q 108 -57.04 16.66 86.41
C SER Q 108 -58.49 17.10 86.17
N ASP Q 109 -58.72 17.92 85.15
CA ASP Q 109 -60.08 18.38 84.86
C ASP Q 109 -60.92 17.24 84.27
N GLU Q 110 -60.33 16.43 83.40
CA GLU Q 110 -61.00 15.30 82.80
C GLU Q 110 -60.95 14.04 83.65
N ASP Q 111 -60.69 14.17 84.95
CA ASP Q 111 -60.65 13.00 85.83
C ASP Q 111 -61.98 12.27 85.84
N ASP Q 112 -63.07 13.00 86.06
CA ASP Q 112 -64.41 12.43 86.10
C ASP Q 112 -65.11 12.71 84.78
N CYS Q 113 -65.34 11.67 83.99
CA CYS Q 113 -66.01 11.77 82.70
C CYS Q 113 -67.23 10.84 82.73
N GLU Q 114 -68.39 11.40 83.05
CA GLU Q 114 -69.63 10.63 83.08
C GLU Q 114 -70.27 10.52 81.71
N SER Q 115 -70.33 11.62 80.97
CA SER Q 115 -70.88 11.62 79.63
C SER Q 115 -69.80 11.16 78.63
N GLU Q 116 -70.20 11.05 77.37
CA GLU Q 116 -69.28 10.64 76.33
C GLU Q 116 -68.22 11.72 76.10
N PRO Q 117 -66.99 11.32 75.76
CA PRO Q 117 -65.93 12.32 75.52
C PRO Q 117 -66.16 13.10 74.23
N ARG Q 118 -67.09 14.04 74.28
CA ARG Q 118 -67.41 14.86 73.12
C ARG Q 118 -66.21 15.73 72.74
N PRO Q 119 -65.70 15.63 71.52
CA PRO Q 119 -64.58 16.47 71.11
C PRO Q 119 -65.04 17.91 70.89
N PRO Q 120 -64.22 18.90 71.27
CA PRO Q 120 -64.63 20.29 71.08
C PRO Q 120 -64.55 20.75 69.64
N CYS Q 121 -63.67 20.14 68.83
CA CYS Q 121 -63.50 20.53 67.45
C CYS Q 121 -63.25 19.28 66.60
N ARG Q 122 -63.91 19.21 65.45
CA ARG Q 122 -63.82 18.04 64.59
C ARG Q 122 -62.67 18.13 63.60
N ASP Q 123 -62.35 19.33 63.11
CA ASP Q 123 -61.29 19.48 62.14
C ASP Q 123 -59.93 19.17 62.75
N ARG Q 124 -59.00 18.73 61.91
CA ARG Q 124 -57.65 18.39 62.34
C ARG Q 124 -56.81 19.66 62.42
N VAL Q 125 -56.49 20.08 63.65
CA VAL Q 125 -55.70 21.28 63.89
C VAL Q 125 -54.52 20.86 64.75
N VAL Q 126 -53.31 20.99 64.21
CA VAL Q 126 -52.09 20.59 64.91
C VAL Q 126 -51.79 21.58 66.01
N GLU Q 127 -51.32 21.07 67.15
CA GLU Q 127 -50.96 21.93 68.27
C GLU Q 127 -49.78 22.82 67.91
N GLU Q 128 -49.71 23.98 68.57
CA GLU Q 128 -48.67 24.96 68.32
C GLU Q 128 -47.35 24.43 68.86
N SER Q 129 -46.51 23.89 67.97
CA SER Q 129 -45.26 23.25 68.35
C SER Q 129 -44.11 24.23 68.22
N GLU Q 130 -43.48 24.57 69.33
CA GLU Q 130 -42.26 25.38 69.40
C GLU Q 130 -42.45 26.78 68.85
N LEU Q 131 -43.68 27.17 68.55
CA LEU Q 131 -44.00 28.49 68.03
C LEU Q 131 -44.32 29.42 69.21
N ALA Q 132 -44.95 30.57 68.94
CA ALA Q 132 -45.20 31.60 69.94
C ALA Q 132 -46.09 31.15 71.08
N ARG Q 133 -46.48 29.87 71.10
CA ARG Q 133 -47.25 29.27 72.18
C ARG Q 133 -46.77 29.73 73.56
N THR Q 134 -45.45 29.82 73.74
CA THR Q 134 -44.87 30.37 74.96
C THR Q 134 -44.70 31.87 74.77
N ALA Q 135 -45.82 32.59 74.89
CA ALA Q 135 -45.89 34.01 74.61
C ALA Q 135 -45.57 34.88 75.83
N GLY Q 136 -45.34 34.27 76.99
CA GLY Q 136 -45.00 35.02 78.19
C GLY Q 136 -43.51 35.28 78.28
N TYR Q 137 -43.16 36.52 78.62
CA TYR Q 137 -41.78 36.94 78.72
C TYR Q 137 -41.62 37.94 79.85
N GLY Q 138 -40.58 37.75 80.66
CA GLY Q 138 -40.36 38.57 81.84
C GLY Q 138 -39.12 39.45 81.77
N ILE Q 139 -38.93 40.12 80.62
CA ILE Q 139 -37.71 40.90 80.41
C ILE Q 139 -37.52 41.91 81.53
N ASN Q 140 -36.27 42.09 81.93
CA ASN Q 140 -35.87 43.06 82.95
C ASN Q 140 -35.26 44.26 82.25
N ILE Q 141 -35.84 45.44 82.47
CA ILE Q 141 -35.32 46.66 81.86
C ILE Q 141 -33.90 46.93 82.36
N LEU Q 142 -33.59 46.55 83.59
CA LEU Q 142 -32.23 46.68 84.13
C LEU Q 142 -31.41 45.42 83.94
N GLY Q 143 -32.02 44.31 83.53
CA GLY Q 143 -31.32 43.05 83.43
C GLY Q 143 -30.86 42.67 82.03
N MET Q 144 -31.53 41.69 81.44
CA MET Q 144 -31.08 41.08 80.19
C MET Q 144 -32.31 40.60 79.42
N ASP Q 145 -32.09 39.69 78.46
CA ASP Q 145 -33.07 39.16 77.52
C ASP Q 145 -34.34 38.66 78.24
N PRO Q 146 -35.46 38.58 77.53
CA PRO Q 146 -36.73 38.19 78.19
C PRO Q 146 -36.65 36.84 78.86
N LEU Q 147 -37.60 36.63 79.78
CA LEU Q 147 -37.67 35.44 80.61
C LEU Q 147 -38.73 34.48 80.07
N SER Q 148 -39.00 33.42 80.82
CA SER Q 148 -40.00 32.43 80.43
C SER Q 148 -41.40 32.99 80.65
N THR Q 149 -42.41 32.14 80.47
CA THR Q 149 -43.79 32.60 80.59
C THR Q 149 -44.21 32.65 82.06
N PRO Q 150 -44.76 33.77 82.52
CA PRO Q 150 -45.26 33.86 83.90
C PRO Q 150 -46.68 33.36 84.09
N PHE Q 151 -47.35 32.92 83.03
CA PHE Q 151 -48.75 32.51 83.11
C PHE Q 151 -48.98 31.27 82.26
N ASP Q 152 -50.10 30.61 82.50
CA ASP Q 152 -50.47 29.45 81.72
C ASP Q 152 -50.95 29.88 80.34
N ASN Q 153 -50.35 29.30 79.30
CA ASN Q 153 -50.68 29.66 77.92
C ASN Q 153 -51.23 28.50 77.12
N GLU Q 154 -51.63 27.41 77.79
CA GLU Q 154 -52.18 26.25 77.11
C GLU Q 154 -53.70 26.17 77.19
N PHE Q 155 -54.30 26.74 78.23
CA PHE Q 155 -55.75 26.70 78.39
C PHE Q 155 -56.45 27.48 77.27
N TYR Q 156 -57.59 26.95 76.83
CA TYR Q 156 -58.43 27.62 75.85
C TYR Q 156 -59.87 27.59 76.32
N ASN Q 157 -60.63 28.61 75.91
CA ASN Q 157 -61.97 28.79 76.46
C ASN Q 157 -63.01 27.91 75.78
N GLY Q 158 -63.22 28.10 74.47
CA GLY Q 158 -64.30 27.42 73.79
C GLY Q 158 -63.96 26.84 72.42
N LEU Q 159 -64.73 27.24 71.41
CA LEU Q 159 -64.51 26.75 70.06
C LEU Q 159 -63.15 27.18 69.53
N CYS Q 160 -62.42 26.23 68.95
CA CYS Q 160 -61.08 26.50 68.42
C CYS Q 160 -61.13 27.65 67.42
N ASN Q 161 -60.19 28.58 67.56
CA ASN Q 161 -60.04 29.69 66.64
C ASN Q 161 -58.98 29.32 65.62
N ARG Q 162 -59.39 29.17 64.37
CA ARG Q 162 -58.49 28.70 63.33
C ARG Q 162 -57.35 29.70 63.08
N ASP Q 163 -56.18 29.15 62.78
CA ASP Q 163 -54.96 29.91 62.50
C ASP Q 163 -54.40 29.49 61.16
N ARG Q 164 -55.27 29.47 60.15
CA ARG Q 164 -54.94 28.91 58.84
C ARG Q 164 -54.00 29.87 58.12
N ASP Q 165 -52.72 29.76 58.46
CA ASP Q 165 -51.67 30.60 57.87
C ASP Q 165 -50.33 29.94 58.16
N GLY Q 166 -49.31 30.38 57.43
CA GLY Q 166 -47.97 29.86 57.59
C GLY Q 166 -47.35 29.47 56.27
N ASN Q 167 -46.07 29.07 56.36
CA ASN Q 167 -45.32 28.68 55.17
C ASN Q 167 -45.94 27.44 54.51
N THR Q 168 -46.12 26.38 55.29
CA THR Q 168 -46.69 25.15 54.78
C THR Q 168 -48.21 25.14 55.02
N LEU Q 169 -48.86 24.05 54.61
CA LEU Q 169 -50.29 23.88 54.77
C LEU Q 169 -50.53 23.12 56.06
N THR Q 170 -50.69 23.85 57.16
CA THR Q 170 -50.91 23.25 58.46
C THR Q 170 -51.71 24.24 59.31
N TYR Q 171 -52.55 23.70 60.19
CA TYR Q 171 -53.43 24.49 61.03
C TYR Q 171 -52.94 24.45 62.47
N TYR Q 172 -52.63 25.62 63.03
CA TYR Q 172 -52.19 25.75 64.41
C TYR Q 172 -53.32 26.27 65.28
N ARG Q 173 -53.10 26.19 66.59
CA ARG Q 173 -54.06 26.69 67.58
C ARG Q 173 -53.54 27.97 68.20
N ARG Q 174 -54.46 28.87 68.51
CA ARG Q 174 -54.15 30.11 69.21
C ARG Q 174 -54.81 30.08 70.58
N PRO Q 175 -54.04 30.13 71.67
CA PRO Q 175 -54.64 30.02 73.01
C PRO Q 175 -55.50 31.22 73.35
N TRP Q 176 -56.43 31.00 74.28
CA TRP Q 176 -57.31 32.08 74.74
C TRP Q 176 -56.55 33.18 75.46
N ASN Q 177 -55.35 32.89 75.97
CA ASN Q 177 -54.54 33.92 76.61
C ASN Q 177 -53.95 34.88 75.58
N VAL Q 178 -53.60 34.38 74.41
CA VAL Q 178 -53.01 35.19 73.35
C VAL Q 178 -54.14 35.78 72.51
N ALA Q 179 -54.17 37.10 72.40
CA ALA Q 179 -55.22 37.76 71.63
C ALA Q 179 -55.00 37.66 70.13
N SER Q 180 -53.74 37.67 69.68
CA SER Q 180 -53.44 37.62 68.26
C SER Q 180 -52.15 36.87 68.03
N LEU Q 181 -52.02 36.29 66.83
CA LEU Q 181 -50.80 35.57 66.45
C LEU Q 181 -50.67 35.69 64.94
N ILE Q 182 -49.82 36.62 64.50
CA ILE Q 182 -49.60 36.86 63.08
C ILE Q 182 -48.39 36.07 62.61
N TYR Q 183 -48.38 35.74 61.32
CA TYR Q 183 -47.32 34.95 60.71
C TYR Q 183 -46.60 35.72 59.62
N GLU Q 184 -46.60 37.06 59.71
CA GLU Q 184 -45.96 37.89 58.70
C GLU Q 184 -44.45 37.68 58.72
N THR Q 185 -43.88 37.31 57.57
CA THR Q 185 -42.45 37.04 57.46
C THR Q 185 -41.74 38.28 56.89
N LYS Q 186 -41.78 39.35 57.68
CA LYS Q 186 -41.13 40.60 57.28
C LYS Q 186 -39.62 40.43 57.23
N GLY Q 187 -38.99 41.19 56.34
CA GLY Q 187 -37.54 41.15 56.20
C GLY Q 187 -36.96 42.45 55.70
N GLU Q 188 -35.90 42.92 56.34
CA GLU Q 188 -35.28 44.20 55.96
C GLU Q 188 -33.82 44.18 56.39
N LYS Q 189 -33.06 45.13 55.84
CA LYS Q 189 -31.64 45.26 56.16
C LYS Q 189 -31.21 46.68 55.84
N ASN Q 190 -30.10 47.10 56.47
CA ASN Q 190 -29.58 48.44 56.28
C ASN Q 190 -28.06 48.40 56.33
N PHE Q 191 -27.44 49.32 55.60
CA PHE Q 191 -25.98 49.42 55.58
C PHE Q 191 -25.59 50.88 55.39
N ARG Q 192 -24.42 51.23 55.92
CA ARG Q 192 -23.92 52.59 55.82
C ARG Q 192 -22.40 52.57 55.80
N THR Q 193 -21.83 53.65 55.26
CA THR Q 193 -20.38 53.77 55.17
C THR Q 193 -20.02 55.24 55.11
N GLU Q 194 -18.76 55.54 55.46
CA GLU Q 194 -18.28 56.91 55.46
C GLU Q 194 -16.75 56.89 55.40
N HIS Q 195 -16.19 58.02 54.99
CA HIS Q 195 -14.73 58.17 54.90
C HIS Q 195 -14.36 59.60 55.25
N TYR Q 196 -13.29 59.74 56.03
CA TYR Q 196 -12.76 61.04 56.43
C TYR Q 196 -11.32 61.16 55.98
N GLU Q 197 -10.90 62.38 55.65
CA GLU Q 197 -9.55 62.63 55.19
C GLU Q 197 -9.09 64.00 55.68
N GLU Q 198 -7.83 64.07 56.12
CA GLU Q 198 -7.23 65.30 56.58
C GLU Q 198 -5.76 65.32 56.20
N GLN Q 199 -5.29 66.45 55.69
CA GLN Q 199 -3.91 66.60 55.26
C GLN Q 199 -3.48 68.04 55.44
N ILE Q 200 -2.26 68.22 55.95
CA ILE Q 200 -1.69 69.56 56.13
C ILE Q 200 -0.19 69.49 55.88
N GLU Q 201 0.36 70.52 55.24
CA GLU Q 201 1.77 70.60 54.95
C GLU Q 201 2.23 72.05 55.12
N ALA Q 202 3.46 72.22 55.61
CA ALA Q 202 4.03 73.54 55.82
C ALA Q 202 5.53 73.49 55.58
N PHE Q 203 6.01 74.37 54.70
CA PHE Q 203 7.43 74.46 54.37
C PHE Q 203 7.94 75.86 54.71
N LYS Q 204 9.14 75.92 55.29
CA LYS Q 204 9.74 77.19 55.66
C LYS Q 204 11.24 77.13 55.39
N SER Q 205 11.79 78.25 54.89
CA SER Q 205 13.21 78.35 54.59
C SER Q 205 13.66 79.78 54.78
N ILE Q 206 14.75 79.97 55.53
CA ILE Q 206 15.30 81.29 55.81
C ILE Q 206 16.82 81.23 55.62
N ILE Q 207 17.37 82.20 54.91
CA ILE Q 207 18.80 82.26 54.63
C ILE Q 207 19.28 83.70 54.81
N GLN Q 208 20.49 83.85 55.33
CA GLN Q 208 21.09 85.15 55.59
C GLN Q 208 22.52 85.17 55.06
N GLU Q 209 22.94 86.33 54.57
CA GLU Q 209 24.30 86.50 54.06
C GLU Q 209 24.75 87.93 54.33
N LYS Q 210 26.00 88.08 54.78
CA LYS Q 210 26.54 89.40 55.09
C LYS Q 210 28.03 89.41 54.74
N THR Q 211 28.50 90.54 54.23
CA THR Q 211 29.88 90.72 53.83
C THR Q 211 30.44 91.98 54.48
N SER Q 212 31.67 91.89 54.98
CA SER Q 212 32.32 93.02 55.63
C SER Q 212 33.78 93.05 55.24
N ASN Q 213 34.22 94.17 54.69
CA ASN Q 213 35.60 94.37 54.27
C ASN Q 213 36.02 95.81 54.54
N PHE Q 214 37.27 95.98 54.95
CA PHE Q 214 37.79 97.31 55.28
C PHE Q 214 39.23 97.44 54.79
N ASN Q 215 39.59 98.65 54.41
CA ASN Q 215 40.94 98.96 53.94
C ASN Q 215 41.47 100.17 54.71
N ALA Q 216 42.80 100.19 54.90
CA ALA Q 216 43.44 101.31 55.60
C ALA Q 216 44.89 101.37 55.12
N ALA Q 217 45.19 102.33 54.24
CA ALA Q 217 46.52 102.51 53.68
C ALA Q 217 46.94 103.96 53.87
N ILE Q 218 48.09 104.16 54.51
CA ILE Q 218 48.65 105.49 54.74
C ILE Q 218 50.16 105.38 54.68
N SER Q 219 50.79 106.29 53.93
CA SER Q 219 52.23 106.28 53.74
C SER Q 219 52.81 107.65 54.09
N LEU Q 220 54.07 107.65 54.52
CA LEU Q 220 54.76 108.85 54.93
C LEU Q 220 56.15 108.89 54.29
N LYS Q 221 56.54 110.06 53.78
CA LYS Q 221 57.84 110.26 53.17
C LYS Q 221 58.34 111.65 53.51
N PHE Q 222 59.57 111.74 54.01
CA PHE Q 222 60.15 113.01 54.42
C PHE Q 222 61.63 113.02 54.06
N THR Q 223 62.03 114.03 53.28
CA THR Q 223 63.43 114.20 52.88
C THR Q 223 63.73 115.67 52.64
N PRO Q 224 64.41 116.35 53.59
CA PRO Q 224 64.76 117.76 53.43
C PRO Q 224 65.95 117.97 52.51
N SER Q 242 72.55 114.80 55.93
CA SER Q 242 71.50 114.10 55.20
C SER Q 242 70.43 113.57 56.14
N LEU Q 243 69.18 113.65 55.72
CA LEU Q 243 68.04 113.20 56.51
C LEU Q 243 66.99 112.60 55.60
N HIS Q 244 66.43 111.47 56.02
CA HIS Q 244 65.42 110.77 55.24
C HIS Q 244 64.37 110.17 56.16
N GLY Q 245 63.16 110.02 55.63
CA GLY Q 245 62.08 109.41 56.38
C GLY Q 245 61.11 108.66 55.49
N LYS Q 246 60.73 107.45 55.89
CA LYS Q 246 59.82 106.63 55.10
C LYS Q 246 59.00 105.74 56.02
N GLY Q 247 57.69 105.73 55.81
CA GLY Q 247 56.79 104.88 56.58
C GLY Q 247 55.56 104.49 55.80
N SER Q 248 55.09 103.25 55.97
CA SER Q 248 53.94 102.75 55.24
C SER Q 248 53.12 101.84 56.14
N PHE Q 249 51.82 102.07 56.19
CA PHE Q 249 50.90 101.27 56.98
C PHE Q 249 49.94 100.53 56.05
N ARG Q 250 49.62 99.29 56.39
CA ARG Q 250 48.68 98.48 55.60
C ARG Q 250 47.75 97.73 56.54
N PHE Q 251 46.51 97.55 56.10
CA PHE Q 251 45.48 96.92 56.91
C PHE Q 251 44.44 96.28 56.01
N SER Q 252 43.92 95.14 56.43
CA SER Q 252 42.92 94.40 55.66
C SER Q 252 41.87 93.85 56.62
N TYR Q 253 40.73 93.44 56.06
CA TYR Q 253 39.65 92.90 56.85
C TYR Q 253 38.76 92.03 55.98
N SER Q 254 38.31 90.91 56.54
CA SER Q 254 37.42 90.00 55.83
C SER Q 254 36.51 89.32 56.85
N LYS Q 255 35.23 89.20 56.51
CA LYS Q 255 34.28 88.59 57.41
C LYS Q 255 33.06 88.12 56.64
N ASN Q 256 32.63 86.88 56.90
CA ASN Q 256 31.38 86.32 56.41
C ASN Q 256 30.69 85.55 57.52
N GLU Q 257 29.39 85.80 57.70
CA GLU Q 257 28.58 85.12 58.70
C GLU Q 257 27.27 84.69 58.02
N THR Q 258 27.24 83.45 57.55
CA THR Q 258 26.11 82.94 56.78
C THR Q 258 25.18 82.14 57.69
N TYR Q 259 23.88 82.44 57.60
CA TYR Q 259 22.85 81.76 58.38
C TYR Q 259 21.90 81.05 57.43
N GLN Q 260 21.42 79.88 57.84
CA GLN Q 260 20.49 79.10 57.06
C GLN Q 260 19.50 78.41 57.99
N LEU Q 261 18.22 78.46 57.62
CA LEU Q 261 17.15 77.87 58.42
C LEU Q 261 16.20 77.12 57.50
N PHE Q 262 15.70 75.99 57.99
CA PHE Q 262 14.76 75.17 57.24
C PHE Q 262 13.78 74.52 58.21
N LEU Q 263 12.50 74.54 57.86
CA LEU Q 263 11.46 73.97 58.69
C LEU Q 263 10.41 73.32 57.81
N SER Q 264 9.98 72.12 58.21
CA SER Q 264 8.97 71.37 57.47
C SER Q 264 8.04 70.68 58.46
N TYR Q 265 6.75 70.66 58.12
CA TYR Q 265 5.74 70.06 58.98
C TYR Q 265 4.65 69.46 58.10
N SER Q 266 4.24 68.23 58.42
CA SER Q 266 3.21 67.54 57.67
C SER Q 266 2.46 66.58 58.58
N SER Q 267 1.15 66.56 58.45
CA SER Q 267 0.31 65.68 59.26
C SER Q 267 -0.88 65.21 58.42
N LYS Q 268 -1.20 63.93 58.56
CA LYS Q 268 -2.32 63.32 57.82
C LYS Q 268 -3.17 62.52 58.78
N LYS Q 269 -4.49 62.63 58.62
CA LYS Q 269 -5.44 61.90 59.46
C LYS Q 269 -6.55 61.33 58.59
N GLU Q 270 -6.95 60.11 58.91
CA GLU Q 270 -8.01 59.42 58.18
C GLU Q 270 -8.89 58.68 59.18
N LYS Q 271 -10.20 58.66 58.90
CA LYS Q 271 -11.16 58.00 59.76
C LYS Q 271 -12.23 57.33 58.91
N MET Q 272 -12.63 56.12 59.29
CA MET Q 272 -13.63 55.36 58.57
C MET Q 272 -14.61 54.75 59.56
N PHE Q 273 -15.90 54.88 59.27
CA PHE Q 273 -16.95 54.32 60.10
C PHE Q 273 -18.02 53.71 59.21
N LEU Q 274 -18.30 52.42 59.42
CA LEU Q 274 -19.29 51.72 58.61
C LEU Q 274 -19.84 50.56 59.42
N HIS Q 275 -21.15 50.30 59.26
CA HIS Q 275 -21.80 49.21 59.96
C HIS Q 275 -23.02 48.78 59.16
N VAL Q 276 -23.51 47.57 59.47
CA VAL Q 276 -24.67 47.00 58.80
C VAL Q 276 -25.48 46.21 59.82
N LYS Q 277 -26.80 46.18 59.61
CA LYS Q 277 -27.71 45.47 60.50
C LYS Q 277 -28.82 44.84 59.68
N GLY Q 278 -29.25 43.65 60.09
CA GLY Q 278 -30.32 42.95 59.42
C GLY Q 278 -31.20 42.19 60.38
N GLU Q 279 -32.51 42.17 60.12
CA GLU Q 279 -33.47 41.49 60.99
C GLU Q 279 -34.47 40.73 60.13
N ILE Q 280 -34.51 39.41 60.30
CA ILE Q 280 -35.45 38.55 59.58
C ILE Q 280 -36.60 38.27 60.54
N HIS Q 281 -37.72 38.97 60.33
CA HIS Q 281 -38.88 38.79 61.17
C HIS Q 281 -39.60 37.50 60.82
N LEU Q 282 -40.10 36.80 61.85
CA LEU Q 282 -40.75 35.51 61.66
C LEU Q 282 -42.23 35.57 62.01
N GLY Q 283 -42.57 36.01 63.23
CA GLY Q 283 -43.96 36.05 63.64
C GLY Q 283 -44.16 37.09 64.72
N ARG Q 284 -45.42 37.42 64.95
CA ARG Q 284 -45.80 38.46 65.89
C ARG Q 284 -47.04 38.03 66.66
N PHE Q 285 -47.08 38.38 67.95
CA PHE Q 285 -48.20 38.04 68.81
C PHE Q 285 -48.51 39.23 69.70
N VAL Q 286 -49.75 39.27 70.19
CA VAL Q 286 -50.21 40.30 71.11
C VAL Q 286 -50.98 39.60 72.22
N MET Q 287 -50.45 39.63 73.43
CA MET Q 287 -51.13 39.03 74.58
C MET Q 287 -52.37 39.84 74.94
N ARG Q 288 -53.46 39.14 75.24
CA ARG Q 288 -54.67 39.80 75.70
C ARG Q 288 -54.40 40.47 77.04
N ASN Q 289 -54.81 41.75 77.15
CA ASN Q 289 -54.46 42.53 78.32
C ASN Q 289 -55.24 42.10 79.55
N ARG Q 290 -56.56 42.05 79.45
CA ARG Q 290 -57.42 41.67 80.56
C ARG Q 290 -58.20 40.40 80.20
N ASP Q 291 -58.81 39.80 81.22
CA ASP Q 291 -59.56 38.55 81.08
C ASP Q 291 -58.66 37.43 80.54
N VAL Q 292 -57.53 37.25 81.21
CA VAL Q 292 -56.54 36.25 80.83
C VAL Q 292 -56.32 35.31 82.01
N VAL Q 293 -56.00 34.05 81.70
CA VAL Q 293 -55.78 33.04 82.71
C VAL Q 293 -54.29 32.99 83.06
N LEU Q 294 -54.00 32.55 84.28
CA LEU Q 294 -52.64 32.49 84.80
C LEU Q 294 -52.31 31.06 85.20
N THR Q 295 -51.02 30.81 85.43
CA THR Q 295 -50.55 29.48 85.80
C THR Q 295 -50.68 29.26 87.31
N THR Q 296 -50.74 28.00 87.71
CA THR Q 296 -50.89 27.66 89.12
C THR Q 296 -49.69 28.06 89.95
N THR Q 297 -48.50 28.16 89.33
CA THR Q 297 -47.31 28.55 90.10
C THR Q 297 -47.33 30.03 90.43
N PHE Q 298 -47.72 30.87 89.47
CA PHE Q 298 -47.74 32.31 89.72
C PHE Q 298 -48.90 32.69 90.63
N VAL Q 299 -50.06 32.05 90.46
CA VAL Q 299 -51.21 32.35 91.31
C VAL Q 299 -50.91 31.99 92.76
N ASP Q 300 -50.25 30.84 92.97
CA ASP Q 300 -49.86 30.46 94.33
C ASP Q 300 -48.89 31.47 94.93
N ASP Q 301 -48.03 32.06 94.11
CA ASP Q 301 -47.12 33.10 94.61
C ASP Q 301 -47.90 34.37 94.97
N ILE Q 302 -48.90 34.73 94.16
CA ILE Q 302 -49.72 35.89 94.47
C ILE Q 302 -50.64 35.59 95.66
N LYS Q 303 -51.08 34.34 95.79
CA LYS Q 303 -51.88 33.96 96.95
C LYS Q 303 -51.04 33.95 98.22
N ALA Q 304 -49.86 33.36 98.16
CA ALA Q 304 -48.91 33.40 99.27
C ALA Q 304 -47.99 34.61 99.10
N LEU Q 305 -48.56 35.79 99.33
CA LEU Q 305 -47.88 37.05 99.13
C LEU Q 305 -48.27 37.99 100.27
N PRO Q 306 -47.32 38.75 100.81
CA PRO Q 306 -47.64 39.66 101.91
C PRO Q 306 -48.47 40.86 101.45
N THR Q 307 -48.88 41.70 102.41
CA THR Q 307 -49.69 42.87 102.07
C THR Q 307 -49.29 44.10 102.86
N THR Q 308 -48.15 44.07 103.58
CA THR Q 308 -47.70 45.18 104.40
C THR Q 308 -46.42 45.78 103.86
N TYR Q 309 -46.30 45.83 102.53
CA TYR Q 309 -45.14 46.40 101.84
C TYR Q 309 -43.84 45.71 102.26
N GLU Q 310 -43.76 44.42 101.94
CA GLU Q 310 -42.56 43.64 102.21
C GLU Q 310 -41.61 43.81 101.02
N LYS Q 311 -40.77 44.84 101.09
CA LYS Q 311 -39.80 45.11 100.03
C LYS Q 311 -38.83 43.95 99.85
N GLY Q 312 -38.51 43.24 100.93
CA GLY Q 312 -37.55 42.15 100.83
C GLY Q 312 -38.06 41.02 99.93
N GLU Q 313 -39.29 40.56 100.18
CA GLU Q 313 -39.84 39.49 99.36
C GLU Q 313 -40.23 40.00 97.98
N TYR Q 314 -40.71 41.25 97.90
CA TYR Q 314 -41.09 41.80 96.60
C TYR Q 314 -39.88 41.93 95.69
N PHE Q 315 -38.73 42.37 96.24
CA PHE Q 315 -37.51 42.38 95.46
C PHE Q 315 -37.09 40.97 95.07
N ALA Q 316 -37.31 40.00 95.95
CA ALA Q 316 -37.05 38.61 95.60
C ALA Q 316 -38.06 38.10 94.57
N PHE Q 317 -39.34 38.41 94.77
CA PHE Q 317 -40.37 38.03 93.81
C PHE Q 317 -40.16 38.75 92.48
N LEU Q 318 -39.53 39.93 92.51
CA LEU Q 318 -39.32 40.69 91.28
C LEU Q 318 -38.34 39.99 90.35
N GLU Q 319 -37.29 39.37 90.92
CA GLU Q 319 -36.32 38.65 90.10
C GLU Q 319 -36.86 37.35 89.55
N THR Q 320 -37.85 36.74 90.22
CA THR Q 320 -38.36 35.44 89.80
C THR Q 320 -39.13 35.54 88.49
N TYR Q 321 -40.00 36.54 88.37
CA TYR Q 321 -40.85 36.69 87.18
C TYR Q 321 -40.59 38.00 86.45
N GLY Q 322 -39.42 38.62 86.64
CA GLY Q 322 -39.11 39.87 85.99
C GLY Q 322 -39.88 41.04 86.58
N THR Q 323 -39.60 42.22 86.03
CA THR Q 323 -40.25 43.45 86.48
C THR Q 323 -41.52 43.76 85.71
N HIS Q 324 -41.52 43.56 84.40
CA HIS Q 324 -42.68 43.84 83.57
C HIS Q 324 -42.69 42.87 82.39
N TYR Q 325 -43.89 42.41 82.03
CA TYR Q 325 -44.03 41.40 80.98
C TYR Q 325 -44.20 42.07 79.62
N SER Q 326 -44.29 41.24 78.59
CA SER Q 326 -44.41 41.70 77.20
C SER Q 326 -45.87 41.63 76.77
N SER Q 327 -46.43 42.79 76.40
CA SER Q 327 -47.78 42.81 75.85
C SER Q 327 -47.81 42.34 74.40
N SER Q 328 -46.74 42.61 73.64
CA SER Q 328 -46.65 42.18 72.26
C SER Q 328 -45.18 41.93 71.91
N GLY Q 329 -44.90 40.79 71.30
CA GLY Q 329 -43.54 40.45 70.93
C GLY Q 329 -43.36 40.25 69.43
N SER Q 330 -42.17 39.81 69.03
CA SER Q 330 -41.87 39.59 67.61
C SER Q 330 -40.86 38.45 67.54
N LEU Q 331 -41.34 37.24 67.28
CA LEU Q 331 -40.45 36.08 67.17
C LEU Q 331 -39.61 36.18 65.90
N GLY Q 332 -38.38 35.70 65.98
CA GLY Q 332 -37.48 35.74 64.85
C GLY Q 332 -36.02 35.71 65.22
N GLY Q 333 -35.26 36.67 64.71
CA GLY Q 333 -33.83 36.77 64.99
C GLY Q 333 -33.16 37.81 64.13
N LEU Q 334 -32.14 38.48 64.66
CA LEU Q 334 -31.45 39.53 63.94
C LEU Q 334 -29.94 39.38 64.13
N TYR Q 335 -29.18 39.97 63.21
CA TYR Q 335 -27.74 40.02 63.28
C TYR Q 335 -27.26 41.44 63.00
N GLU Q 336 -26.07 41.75 63.50
CA GLU Q 336 -25.51 43.09 63.35
C GLU Q 336 -24.01 42.99 63.18
N LEU Q 337 -23.44 43.96 62.48
CA LEU Q 337 -22.00 44.05 62.28
C LEU Q 337 -21.57 45.50 62.38
N ILE Q 338 -20.50 45.75 63.13
CA ILE Q 338 -19.99 47.10 63.37
C ILE Q 338 -18.48 47.09 63.14
N TYR Q 339 -17.99 48.07 62.40
CA TYR Q 339 -16.57 48.21 62.10
C TYR Q 339 -16.17 49.66 62.25
N VAL Q 340 -14.97 49.87 62.81
CA VAL Q 340 -14.44 51.21 63.03
C VAL Q 340 -12.99 51.25 62.56
N LEU Q 341 -12.53 52.45 62.21
CA LEU Q 341 -11.16 52.64 61.75
C LEU Q 341 -10.75 54.09 61.98
N ASP Q 342 -9.52 54.27 62.45
CA ASP Q 342 -8.97 55.58 62.72
C ASP Q 342 -7.50 55.60 62.35
N LYS Q 343 -7.06 56.67 61.70
CA LYS Q 343 -5.69 56.82 61.26
C LYS Q 343 -5.19 58.21 61.60
N ALA Q 344 -3.94 58.29 62.04
CA ALA Q 344 -3.32 59.57 62.41
C ALA Q 344 -1.84 59.52 62.09
N SER Q 345 -1.31 60.64 61.61
CA SER Q 345 0.11 60.73 61.26
C SER Q 345 0.58 62.16 61.50
N MET Q 346 1.82 62.29 61.94
CA MET Q 346 2.43 63.59 62.21
C MET Q 346 3.91 63.55 61.85
N LYS Q 347 4.36 64.59 61.15
CA LYS Q 347 5.75 64.70 60.73
C LYS Q 347 6.20 66.16 60.88
N ARG Q 348 7.40 66.35 61.41
CA ARG Q 348 7.97 67.67 61.60
C ARG Q 348 9.47 67.61 61.34
N LYS Q 349 9.96 68.53 60.51
CA LYS Q 349 11.37 68.56 60.13
C LYS Q 349 11.91 69.96 60.33
N GLY Q 350 13.08 70.05 60.99
CA GLY Q 350 13.75 71.32 61.18
C GLY Q 350 15.24 71.21 60.97
N VAL Q 351 15.80 72.05 60.10
CA VAL Q 351 17.21 72.01 59.75
C VAL Q 351 17.79 73.40 59.98
N GLU Q 352 18.94 73.46 60.67
CA GLU Q 352 19.62 74.71 60.97
C GLU Q 352 21.09 74.58 60.62
N LEU Q 353 21.62 75.55 59.88
CA LEU Q 353 23.02 75.58 59.52
C LEU Q 353 23.57 76.97 59.79
N LYS Q 354 24.74 77.04 60.43
CA LYS Q 354 25.37 78.31 60.78
C LYS Q 354 26.85 78.23 60.49
N ASP Q 355 27.35 79.19 59.73
CA ASP Q 355 28.77 79.28 59.41
C ASP Q 355 29.23 80.73 59.54
N ILE Q 356 30.34 80.94 60.24
CA ILE Q 356 30.89 82.28 60.47
C ILE Q 356 32.38 82.22 60.13
N LYS Q 357 32.82 83.14 59.28
CA LYS Q 357 34.22 83.25 58.90
C LYS Q 357 34.63 84.71 58.99
N ARG Q 358 35.80 84.95 59.58
CA ARG Q 358 36.31 86.32 59.73
C ARG Q 358 37.82 86.26 59.93
N CYS Q 359 38.55 87.01 59.11
CA CYS Q 359 40.00 87.04 59.19
C CYS Q 359 40.49 88.49 59.20
N LEU Q 360 41.66 88.69 59.81
CA LEU Q 360 42.25 90.01 59.94
C LEU Q 360 43.68 89.99 59.40
N GLY Q 361 44.07 91.09 58.78
CA GLY Q 361 45.42 91.23 58.23
C GLY Q 361 46.04 92.58 58.47
N TYR Q 362 47.31 92.61 58.84
CA TYR Q 362 48.02 93.85 59.12
C TYR Q 362 49.44 93.76 58.57
N HIS Q 363 49.98 94.91 58.18
CA HIS Q 363 51.33 95.00 57.64
C HIS Q 363 51.95 96.32 58.06
N LEU Q 364 53.17 96.26 58.56
CA LEU Q 364 53.91 97.46 58.97
C LEU Q 364 55.32 97.36 58.44
N ASP Q 365 55.75 98.39 57.69
CA ASP Q 365 57.08 98.43 57.11
C ASP Q 365 57.61 99.85 57.19
N VAL Q 366 58.73 100.02 57.89
CA VAL Q 366 59.37 101.33 58.06
C VAL Q 366 60.84 101.18 57.72
N SER Q 367 61.33 102.07 56.85
CA SER Q 367 62.73 102.05 56.41
C SER Q 367 63.31 103.45 56.58
N LEU Q 368 64.49 103.53 57.21
CA LEU Q 368 65.16 104.79 57.45
C LEU Q 368 66.61 104.70 56.99
N ALA Q 369 67.10 105.76 56.36
CA ALA Q 369 68.47 105.81 55.87
C ALA Q 369 69.04 107.19 56.17
N PHE Q 370 70.26 107.22 56.68
CA PHE Q 370 70.91 108.47 57.04
C PHE Q 370 72.36 108.51 56.57
N SER Q 371 79.47 109.19 56.37
CA SER Q 371 78.41 108.81 57.29
C SER Q 371 77.32 108.01 56.56
N GLU Q 372 77.06 106.80 57.03
CA GLU Q 372 76.06 105.93 56.44
C GLU Q 372 75.29 105.22 57.54
N ILE Q 373 73.97 105.31 57.49
CA ILE Q 373 73.09 104.67 58.47
C ILE Q 373 71.92 104.05 57.72
N SER Q 374 71.57 102.82 58.09
CA SER Q 374 70.47 102.10 57.46
C SER Q 374 69.62 101.47 58.55
N VAL Q 375 68.32 101.78 58.55
CA VAL Q 375 67.36 101.27 59.53
C VAL Q 375 66.16 100.73 58.78
N GLY Q 376 65.75 99.52 59.12
CA GLY Q 376 64.60 98.90 58.47
C GLY Q 376 63.71 98.22 59.50
N ALA Q 377 62.43 98.17 59.19
CA ALA Q 377 61.44 97.52 60.05
C ALA Q 377 60.39 96.86 59.19
N GLU Q 378 59.96 95.66 59.60
CA GLU Q 378 58.93 94.92 58.88
C GLU Q 378 58.11 94.12 59.89
N PHE Q 379 56.86 94.52 60.08
CA PHE Q 379 55.94 93.84 60.98
C PHE Q 379 54.71 93.39 60.19
N ASN Q 380 54.38 92.10 60.30
CA ASN Q 380 53.24 91.52 59.61
C ASN Q 380 52.39 90.75 60.60
N LYS Q 381 51.08 90.97 60.55
CA LYS Q 381 50.12 90.30 61.42
C LYS Q 381 49.03 89.65 60.57
N ASP Q 382 48.71 88.40 60.88
CA ASP Q 382 47.67 87.68 60.16
C ASP Q 382 46.95 86.75 61.13
N ASP Q 383 45.62 86.82 61.13
CA ASP Q 383 44.82 85.99 62.04
C ASP Q 383 43.43 85.80 61.45
N CYS Q 384 43.04 84.54 61.26
CA CYS Q 384 41.73 84.20 60.71
C CYS Q 384 40.95 83.40 61.75
N VAL Q 385 39.62 83.49 61.66
CA VAL Q 385 38.71 82.79 62.56
C VAL Q 385 37.61 82.13 61.73
N LYS Q 386 37.30 80.88 62.06
CA LYS Q 386 36.25 80.13 61.38
C LYS Q 386 35.35 79.47 62.40
N ARG Q 387 34.05 79.48 62.14
CA ARG Q 387 33.06 78.89 63.04
C ARG Q 387 31.99 78.18 62.22
N GLY Q 388 31.52 77.05 62.73
CA GLY Q 388 30.49 76.28 62.06
C GLY Q 388 29.51 75.63 63.02
N GLU Q 389 28.23 75.59 62.64
CA GLU Q 389 27.20 75.00 63.48
C GLU Q 389 26.13 74.38 62.61
N GLY Q 390 25.66 73.20 63.01
CA GLY Q 390 24.61 72.50 62.29
C GLY Q 390 23.65 71.78 63.20
N ARG Q 391 22.36 71.82 62.86
CA ARG Q 391 21.33 71.18 63.67
C ARG Q 391 20.25 70.61 62.76
N ALA Q 392 19.67 69.48 63.16
CA ALA Q 392 18.63 68.82 62.41
C ALA Q 392 17.57 68.28 63.36
N VAL Q 393 16.33 68.28 62.89
CA VAL Q 393 15.19 67.76 63.65
C VAL Q 393 14.36 66.88 62.73
N ASN Q 394 14.18 65.62 63.10
CA ASN Q 394 13.47 64.64 62.27
C ASN Q 394 12.63 63.77 63.21
N ILE Q 395 11.34 64.07 63.28
CA ILE Q 395 10.43 63.40 64.21
C ILE Q 395 9.16 63.01 63.45
N THR Q 396 8.89 61.71 63.39
CA THR Q 396 7.69 61.17 62.74
C THR Q 396 6.84 60.44 63.76
N SER Q 397 5.54 60.67 63.71
CA SER Q 397 4.59 60.02 64.62
C SER Q 397 3.39 59.55 63.83
N GLU Q 398 2.93 58.33 64.12
CA GLU Q 398 1.79 57.74 63.44
C GLU Q 398 0.97 56.94 64.44
N ASN Q 399 -0.36 57.01 64.30
CA ASN Q 399 -1.28 56.29 65.16
C ASN Q 399 -2.35 55.62 64.32
N LEU Q 400 -2.68 54.38 64.67
CA LEU Q 400 -3.68 53.60 63.95
C LEU Q 400 -4.61 52.95 64.97
N ILE Q 401 -5.92 53.03 64.70
CA ILE Q 401 -6.94 52.46 65.57
C ILE Q 401 -7.98 51.77 64.71
N ASP Q 402 -8.33 50.53 65.06
CA ASP Q 402 -9.33 49.77 64.32
C ASP Q 402 -10.13 48.94 65.31
N ASP Q 403 -11.45 48.94 65.15
CA ASP Q 403 -12.36 48.19 66.01
C ASP Q 403 -13.42 47.51 65.17
N VAL Q 404 -13.72 46.26 65.52
CA VAL Q 404 -14.72 45.46 64.81
C VAL Q 404 -15.52 44.67 65.83
N VAL Q 405 -16.84 44.58 65.60
CA VAL Q 405 -17.74 43.84 66.47
C VAL Q 405 -18.93 43.36 65.66
N SER Q 406 -19.51 42.24 66.09
CA SER Q 406 -20.65 41.66 65.40
C SER Q 406 -21.41 40.78 66.38
N LEU Q 407 -22.65 40.44 66.00
CA LEU Q 407 -23.50 39.61 66.83
C LEU Q 407 -24.54 38.94 65.95
N ILE Q 408 -25.06 37.81 66.44
CA ILE Q 408 -26.08 37.05 65.73
C ILE Q 408 -26.80 36.17 66.73
N ARG Q 409 -28.03 35.79 66.40
CA ARG Q 409 -28.84 34.96 67.28
C ARG Q 409 -29.99 34.36 66.49
N GLY Q 410 -30.53 33.27 67.02
CA GLY Q 410 -31.67 32.61 66.42
C GLY Q 410 -31.28 31.42 65.55
N GLY Q 411 -32.27 30.57 65.29
CA GLY Q 411 -32.06 29.40 64.45
C GLY Q 411 -31.29 28.30 65.12
N THR Q 412 -31.16 27.15 64.46
CA THR Q 412 -30.36 26.07 65.00
C THR Q 412 -28.88 26.45 65.01
N ARG Q 413 -28.14 25.81 65.91
CA ARG Q 413 -26.74 26.20 66.11
C ARG Q 413 -25.88 25.86 64.90
N LYS Q 414 -26.26 24.85 64.13
CA LYS Q 414 -25.48 24.46 62.96
C LYS Q 414 -25.53 25.54 61.89
N TYR Q 415 -26.74 25.88 61.43
CA TYR Q 415 -26.88 26.83 60.34
C TYR Q 415 -26.57 28.26 60.76
N ALA Q 416 -26.77 28.58 62.05
CA ALA Q 416 -26.57 29.96 62.51
C ALA Q 416 -25.10 30.34 62.45
N PHE Q 417 -24.22 29.53 63.03
CA PHE Q 417 -22.81 29.87 63.09
C PHE Q 417 -22.06 29.53 61.80
N GLU Q 418 -22.64 28.69 60.93
CA GLU Q 418 -22.12 28.55 59.58
C GLU Q 418 -22.27 29.86 58.82
N LEU Q 419 -23.37 30.58 59.07
CA LEU Q 419 -23.52 31.92 58.50
C LEU Q 419 -22.56 32.90 59.17
N LYS Q 420 -22.28 32.70 60.46
CA LYS Q 420 -21.41 33.61 61.19
C LYS Q 420 -19.97 33.54 60.68
N GLU Q 421 -19.46 32.33 60.45
CA GLU Q 421 -18.07 32.17 60.02
C GLU Q 421 -17.86 32.71 58.60
N LYS Q 422 -18.87 32.61 57.74
CA LYS Q 422 -18.74 33.04 56.36
C LYS Q 422 -19.04 34.53 56.17
N LEU Q 423 -19.78 35.14 57.09
CA LEU Q 423 -20.07 36.58 56.97
C LEU Q 423 -18.86 37.40 57.39
N LEU Q 424 -18.13 36.97 58.42
CA LEU Q 424 -16.99 37.71 58.94
C LEU Q 424 -15.81 37.51 57.98
N ARG Q 425 -15.51 38.54 57.20
CA ARG Q 425 -14.37 38.58 56.28
C ARG Q 425 -14.40 37.46 55.26
N GLY Q 426 -15.57 36.88 55.00
CA GLY Q 426 -15.68 35.83 54.01
C GLY Q 426 -15.68 36.33 52.59
N THR Q 427 -16.35 37.47 52.37
CA THR Q 427 -16.45 38.17 51.08
C THR Q 427 -17.17 37.37 50.01
N VAL Q 428 -17.68 36.18 50.32
CA VAL Q 428 -18.38 35.33 49.36
C VAL Q 428 -19.71 34.94 50.01
N ILE Q 429 -20.76 35.70 49.72
CA ILE Q 429 -22.08 35.41 50.26
C ILE Q 429 -22.69 34.26 49.49
N ASP Q 430 -23.09 33.21 50.20
CA ASP Q 430 -23.66 32.02 49.59
C ASP Q 430 -25.17 32.16 49.43
N VAL Q 431 -25.73 31.38 48.52
CA VAL Q 431 -27.18 31.38 48.32
C VAL Q 431 -27.89 30.35 49.17
N THR Q 432 -27.25 29.20 49.43
CA THR Q 432 -27.91 28.13 50.15
C THR Q 432 -27.92 28.35 51.65
N ASP Q 433 -26.91 29.04 52.20
CA ASP Q 433 -26.86 29.24 53.64
C ASP Q 433 -27.97 30.18 54.12
N PHE Q 434 -28.31 31.18 53.31
CA PHE Q 434 -29.42 32.06 53.67
C PHE Q 434 -30.75 31.32 53.61
N VAL Q 435 -30.91 30.44 52.62
CA VAL Q 435 -32.12 29.62 52.56
C VAL Q 435 -32.15 28.64 53.73
N ASN Q 436 -30.99 28.06 54.07
CA ASN Q 436 -30.91 27.21 55.26
C ASN Q 436 -31.18 28.02 56.51
N TRP Q 437 -30.69 29.26 56.56
CA TRP Q 437 -30.99 30.14 57.69
C TRP Q 437 -32.49 30.42 57.80
N ALA Q 438 -33.19 30.45 56.66
CA ALA Q 438 -34.64 30.65 56.69
C ALA Q 438 -35.34 29.48 57.38
N SER Q 439 -34.98 28.25 57.00
CA SER Q 439 -35.56 27.08 57.65
C SER Q 439 -35.00 26.90 59.06
N SER Q 440 -33.78 27.37 59.32
CA SER Q 440 -33.20 27.25 60.65
C SER Q 440 -33.93 28.11 61.66
N ILE Q 441 -34.18 29.38 61.32
CA ILE Q 441 -34.85 30.29 62.23
C ILE Q 441 -36.30 29.89 62.47
N ASN Q 442 -36.89 29.12 61.54
CA ASN Q 442 -38.27 28.67 61.73
C ASN Q 442 -38.39 27.73 62.91
N ASP Q 443 -37.33 26.99 63.23
CA ASP Q 443 -37.41 26.02 64.33
C ASP Q 443 -37.23 26.69 65.69
N ALA Q 444 -36.23 27.55 65.82
CA ALA Q 444 -35.92 28.23 67.08
C ALA Q 444 -35.81 29.72 66.85
N PRO Q 445 -36.92 30.46 67.01
CA PRO Q 445 -36.87 31.92 66.85
C PRO Q 445 -36.49 32.63 68.14
N VAL Q 446 -36.47 33.96 68.10
CA VAL Q 446 -36.12 34.77 69.26
C VAL Q 446 -36.74 36.15 69.07
N LEU Q 447 -36.87 36.89 70.17
CA LEU Q 447 -37.52 38.20 70.13
C LEU Q 447 -36.73 39.19 69.28
N ILE Q 448 -37.46 40.06 68.59
CA ILE Q 448 -36.87 41.14 67.81
C ILE Q 448 -37.41 42.47 68.34
N SER Q 449 -38.72 42.66 68.25
CA SER Q 449 -39.40 43.83 68.77
C SER Q 449 -40.34 43.38 69.88
N GLN Q 450 -40.33 44.10 70.99
CA GLN Q 450 -41.06 43.70 72.18
C GLN Q 450 -41.80 44.91 72.75
N LYS Q 451 -43.13 44.84 72.75
CA LYS Q 451 -43.95 45.85 73.41
C LYS Q 451 -44.10 45.48 74.89
N LEU Q 452 -43.99 46.49 75.75
CA LEU Q 452 -43.83 46.27 77.18
C LEU Q 452 -45.11 46.61 77.92
N SER Q 453 -45.30 45.98 79.08
CA SER Q 453 -46.47 46.19 79.91
C SER Q 453 -46.14 45.84 81.34
N PRO Q 454 -46.55 46.64 82.33
CA PRO Q 454 -46.20 46.36 83.71
C PRO Q 454 -46.88 45.10 84.24
N ILE Q 455 -46.22 44.46 85.21
CA ILE Q 455 -46.73 43.22 85.76
C ILE Q 455 -47.92 43.48 86.69
N TYR Q 456 -47.87 44.56 87.47
CA TYR Q 456 -48.94 44.82 88.43
C TYR Q 456 -50.29 45.02 87.77
N ASN Q 457 -50.34 45.24 86.46
CA ASN Q 457 -51.59 45.25 85.73
C ASN Q 457 -52.07 43.85 85.38
N LEU Q 458 -51.23 42.83 85.56
CA LEU Q 458 -51.56 41.45 85.23
C LEU Q 458 -52.10 40.67 86.42
N VAL Q 459 -52.05 41.24 87.62
CA VAL Q 459 -52.53 40.54 88.82
C VAL Q 459 -54.01 40.22 88.65
N PRO Q 460 -54.48 39.03 89.02
CA PRO Q 460 -55.90 38.71 88.86
C PRO Q 460 -56.79 39.57 89.76
N VAL Q 461 -57.90 40.04 89.19
CA VAL Q 461 -58.84 40.91 89.88
C VAL Q 461 -59.69 40.06 90.83
N LYS Q 462 -60.44 40.74 91.71
CA LYS Q 462 -61.36 40.12 92.67
C LYS Q 462 -60.72 38.93 93.40
N MET Q 463 -59.45 39.09 93.75
CA MET Q 463 -58.74 38.09 94.53
C MET Q 463 -58.90 38.43 96.02
N LYS Q 464 -58.11 37.79 96.88
CA LYS Q 464 -58.18 38.06 98.31
C LYS Q 464 -57.88 39.52 98.61
N ASN Q 465 -56.67 39.97 98.26
CA ASN Q 465 -56.24 41.35 98.49
C ASN Q 465 -55.55 41.88 97.23
N ALA Q 466 -56.22 41.71 96.08
CA ALA Q 466 -55.60 42.01 94.80
C ALA Q 466 -55.20 43.47 94.69
N HIS Q 467 -56.13 44.39 94.95
CA HIS Q 467 -55.85 45.80 94.71
C HIS Q 467 -54.74 46.32 95.62
N LEU Q 468 -54.81 46.01 96.91
CA LEU Q 468 -53.78 46.49 97.83
C LEU Q 468 -52.41 45.91 97.48
N LYS Q 469 -52.38 44.66 97.00
CA LYS Q 469 -51.14 44.09 96.51
C LYS Q 469 -50.75 44.68 95.16
N LYS Q 470 -51.73 45.10 94.36
CA LYS Q 470 -51.44 45.70 93.06
C LYS Q 470 -50.67 47.00 93.23
N GLN Q 471 -51.22 47.94 94.01
CA GLN Q 471 -50.51 49.18 94.29
C GLN Q 471 -49.24 48.93 95.08
N ASN Q 472 -49.20 47.86 95.87
CA ASN Q 472 -48.00 47.52 96.63
C ASN Q 472 -46.85 47.15 95.69
N LEU Q 473 -47.13 46.32 94.70
CA LEU Q 473 -46.12 46.01 93.68
C LEU Q 473 -45.86 47.22 92.78
N GLU Q 474 -46.86 48.10 92.62
CA GLU Q 474 -46.64 49.32 91.85
C GLU Q 474 -45.61 50.21 92.53
N ARG Q 475 -45.67 50.31 93.86
CA ARG Q 475 -44.61 51.00 94.60
C ARG Q 475 -43.29 50.24 94.51
N ALA Q 476 -43.35 48.92 94.39
CA ALA Q 476 -42.14 48.12 94.30
C ALA Q 476 -41.46 48.28 92.94
N ILE Q 477 -42.25 48.20 91.86
CA ILE Q 477 -41.67 48.32 90.52
C ILE Q 477 -41.11 49.72 90.29
N GLU Q 478 -41.73 50.74 90.90
CA GLU Q 478 -41.20 52.08 90.79
C GLU Q 478 -39.91 52.24 91.60
N ASP Q 479 -39.86 51.63 92.78
CA ASP Q 479 -38.66 51.69 93.60
C ASP Q 479 -37.55 50.82 93.02
N TYR Q 480 -37.91 49.67 92.44
CA TYR Q 480 -36.91 48.75 91.90
C TYR Q 480 -36.05 49.41 90.84
N ILE Q 481 -36.69 50.05 89.85
CA ILE Q 481 -35.94 50.70 88.77
C ILE Q 481 -35.18 51.90 89.29
N ASN Q 482 -35.62 52.49 90.41
CA ASN Q 482 -34.98 53.65 90.99
C ASN Q 482 -34.11 53.32 92.19
N GLU Q 483 -34.01 52.04 92.58
CA GLU Q 483 -33.18 51.67 93.72
C GLU Q 483 -31.71 51.58 93.33
N PHE Q 484 -31.39 50.69 92.38
CA PHE Q 484 -30.03 50.49 91.93
C PHE Q 484 -29.98 50.64 90.42
N SER Q 485 -29.04 51.46 89.94
CA SER Q 485 -28.86 51.73 88.51
C SER Q 485 -27.58 52.51 88.35
N VAL Q 486 -27.27 52.88 87.10
CA VAL Q 486 -26.12 53.72 86.81
C VAL Q 486 -26.31 55.11 87.41
N ARG Q 487 -27.58 55.54 87.56
CA ARG Q 487 -27.86 56.85 88.12
C ARG Q 487 -27.33 57.01 89.54
N LYS Q 488 -27.35 55.93 90.32
CA LYS Q 488 -26.89 55.99 91.71
C LYS Q 488 -25.41 55.70 91.86
N CYS Q 489 -24.78 55.09 90.86
CA CYS Q 489 -23.36 54.77 90.92
C CYS Q 489 -22.55 56.03 90.64
N HIS Q 490 -21.23 55.88 90.53
CA HIS Q 490 -20.33 56.99 90.31
C HIS Q 490 -20.01 57.13 88.82
N THR Q 491 -19.70 58.36 88.41
CA THR Q 491 -19.42 58.65 87.01
C THR Q 491 -17.97 58.34 86.68
N CYS Q 492 -17.75 57.78 85.50
CA CYS Q 492 -16.41 57.41 85.05
C CYS Q 492 -15.70 58.64 84.48
N GLN Q 493 -14.53 58.44 83.90
CA GLN Q 493 -13.72 59.52 83.36
C GLN Q 493 -13.70 59.47 81.84
N ASN Q 494 -13.43 60.63 81.23
CA ASN Q 494 -13.31 60.77 79.78
C ASN Q 494 -14.60 60.33 79.07
N GLY Q 495 -15.74 60.64 79.68
CA GLY Q 495 -17.02 60.31 79.07
C GLY Q 495 -17.27 58.83 78.87
N GLY Q 496 -16.63 57.98 79.68
CA GLY Q 496 -16.80 56.56 79.54
C GLY Q 496 -18.20 56.12 79.94
N THR Q 497 -18.90 55.44 79.05
CA THR Q 497 -20.25 54.96 79.35
C THR Q 497 -20.21 53.94 80.48
N VAL Q 498 -20.90 54.24 81.57
CA VAL Q 498 -20.88 53.40 82.75
C VAL Q 498 -21.99 52.35 82.63
N ILE Q 499 -21.64 51.10 82.92
CA ILE Q 499 -22.59 50.00 82.90
C ILE Q 499 -22.64 49.38 84.29
N LEU Q 500 -23.59 48.45 84.47
CA LEU Q 500 -23.79 47.78 85.75
C LEU Q 500 -24.09 46.31 85.45
N MET Q 501 -23.14 45.43 85.77
CA MET Q 501 -23.26 44.00 85.53
C MET Q 501 -23.09 43.28 86.87
N ASP Q 502 -24.19 43.13 87.60
CA ASP Q 502 -24.24 42.37 88.85
C ASP Q 502 -23.21 42.91 89.86
N GLY Q 503 -23.40 44.16 90.24
CA GLY Q 503 -22.56 44.82 91.22
C GLY Q 503 -21.34 45.55 90.66
N LYS Q 504 -20.67 44.94 89.70
CA LYS Q 504 -19.50 45.56 89.09
C LYS Q 504 -19.93 46.78 88.27
N CYS Q 505 -19.65 47.97 88.79
CA CYS Q 505 -20.03 49.22 88.13
C CYS Q 505 -18.89 49.72 87.25
N LEU Q 506 -18.56 48.92 86.24
CA LEU Q 506 -17.49 49.26 85.32
C LEU Q 506 -17.99 50.29 84.30
N CYS Q 507 -17.02 50.96 83.66
CA CYS Q 507 -17.32 51.97 82.65
C CYS Q 507 -16.59 51.63 81.37
N ALA Q 508 -17.33 51.56 80.26
CA ALA Q 508 -16.72 51.28 78.96
C ALA Q 508 -15.94 52.50 78.49
N CYS Q 509 -14.63 52.34 78.35
CA CYS Q 509 -13.76 53.44 77.96
C CYS Q 509 -13.64 53.51 76.44
N PRO Q 510 -13.45 54.71 75.88
CA PRO Q 510 -13.38 54.84 74.42
C PRO Q 510 -12.22 54.05 73.82
N PHE Q 511 -12.21 54.02 72.49
CA PHE Q 511 -11.21 53.22 71.76
C PHE Q 511 -9.81 53.77 71.98
N LYS Q 512 -9.62 55.07 71.77
CA LYS Q 512 -8.31 55.70 71.87
C LYS Q 512 -7.76 55.72 73.29
N PHE Q 513 -8.54 55.29 74.28
CA PHE Q 513 -8.12 55.33 75.67
C PHE Q 513 -7.93 53.92 76.20
N GLU Q 514 -7.26 53.82 77.35
CA GLU Q 514 -6.94 52.52 77.94
C GLU Q 514 -8.12 52.05 78.80
N GLY Q 515 -7.88 51.03 79.63
CA GLY Q 515 -8.96 50.30 80.28
C GLY Q 515 -9.56 50.92 81.53
N ILE Q 516 -9.62 50.12 82.60
CA ILE Q 516 -10.40 50.44 83.78
C ILE Q 516 -10.10 51.84 84.29
N ALA Q 517 -11.14 52.52 84.77
CA ALA Q 517 -11.08 53.81 85.46
C ALA Q 517 -10.71 54.95 84.53
N CYS Q 518 -10.35 54.64 83.28
CA CYS Q 518 -9.99 55.63 82.27
C CYS Q 518 -9.01 56.66 82.84
N GLU Q 519 -7.99 56.17 83.54
CA GLU Q 519 -6.99 57.03 84.16
C GLU Q 519 -5.77 57.22 83.26
N ILE Q 520 -5.11 56.13 82.90
CA ILE Q 520 -3.94 56.18 82.05
C ILE Q 520 -4.39 56.31 80.59
N SER Q 521 -3.70 57.18 79.84
CA SER Q 521 -4.16 57.55 78.51
C SER Q 521 -3.84 56.48 77.47
N LYS Q 522 -2.56 56.14 77.33
CA LYS Q 522 -2.09 55.22 76.28
C LYS Q 522 -2.48 55.75 74.89
N GLN Q 523 -1.93 56.92 74.56
CA GLN Q 523 -2.21 57.56 73.29
C GLN Q 523 -1.43 56.89 72.16
N LYS Q 524 1.43 56.38 73.99
CA LYS Q 524 1.63 57.46 74.94
C LYS Q 524 2.13 58.73 74.26
N ILE Q 525 3.02 59.45 74.94
CA ILE Q 525 3.62 60.68 74.41
C ILE Q 525 5.08 60.41 74.13
N SER Q 526 5.58 60.98 73.03
CA SER Q 526 6.97 60.79 72.64
C SER Q 526 7.88 61.71 73.45
N GLU Q 527 8.99 61.15 73.93
CA GLU Q 527 9.98 61.89 74.70
C GLU Q 527 11.29 61.94 73.93
N GLY Q 528 11.90 63.12 73.90
CA GLY Q 528 13.15 63.30 73.20
C GLY Q 528 14.24 63.92 74.06
N LEU Q 529 15.42 63.31 74.05
CA LEU Q 529 16.57 63.81 74.81
C LEU Q 529 17.75 64.00 73.88
N PRO Q 530 18.07 65.23 73.47
CA PRO Q 530 19.24 65.43 72.61
C PRO Q 530 20.54 65.53 73.40
N ALA Q 531 20.50 65.09 74.66
CA ALA Q 531 21.66 65.18 75.53
C ALA Q 531 22.78 64.26 75.05
N LEU Q 532 24.01 64.63 75.40
CA LEU Q 532 25.17 63.84 75.00
C LEU Q 532 25.19 62.53 75.78
N GLU Q 533 25.46 61.40 75.13
CA GLU Q 533 25.51 60.13 75.85
C GLU Q 533 26.71 60.06 76.80
N PHE Q 534 26.45 59.59 78.02
CA PHE Q 534 27.53 59.49 79.01
C PHE Q 534 28.56 58.44 78.62
N PRO Q 535 28.11 57.29 78.13
CA PRO Q 535 29.02 56.23 77.73
C PRO Q 535 28.41 55.40 76.60
N SER R 18 -70.43 65.59 -16.54
CA SER R 18 -71.82 65.97 -16.76
C SER R 18 -72.77 64.89 -16.27
N HIS R 19 -73.63 65.25 -15.32
CA HIS R 19 -74.60 64.32 -14.73
C HIS R 19 -75.78 64.18 -15.70
N ILE R 20 -75.57 63.39 -16.74
CA ILE R 20 -76.59 63.18 -17.77
C ILE R 20 -77.62 62.19 -17.23
N ASP R 21 -78.87 62.65 -17.14
CA ASP R 21 -79.96 61.79 -16.70
C ASP R 21 -80.51 60.97 -17.86
N CYS R 22 -81.36 60.00 -17.53
CA CYS R 22 -81.93 59.10 -18.53
C CYS R 22 -83.36 59.54 -18.82
N ARG R 23 -83.58 60.04 -20.04
CA ARG R 23 -84.92 60.33 -20.53
C ARG R 23 -85.51 59.03 -21.08
N MET R 24 -86.06 58.23 -20.17
CA MET R 24 -86.45 56.86 -20.47
C MET R 24 -87.89 56.60 -20.01
N SER R 25 -88.80 57.49 -20.37
CA SER R 25 -90.20 57.23 -20.07
C SER R 25 -91.17 57.72 -21.15
N PRO R 26 -91.01 57.32 -22.43
CA PRO R 26 -92.08 57.55 -23.41
C PRO R 26 -93.13 56.46 -23.33
N TRP R 27 -94.31 56.82 -22.84
CA TRP R 27 -95.39 55.86 -22.66
C TRP R 27 -96.29 55.80 -23.89
N SER R 28 -96.89 54.63 -24.09
CA SER R 28 -97.77 54.38 -25.23
C SER R 28 -99.20 54.11 -24.74
N GLU R 29 -100.09 53.93 -25.70
CA GLU R 29 -101.50 53.70 -25.42
C GLU R 29 -101.78 52.22 -25.19
N TRP R 30 -102.77 51.95 -24.35
CA TRP R 30 -103.19 50.58 -24.08
C TRP R 30 -103.78 49.95 -25.34
N SER R 31 -103.27 48.78 -25.70
CA SER R 31 -103.76 48.04 -26.86
C SER R 31 -104.90 47.11 -26.46
N GLN R 32 -105.33 46.28 -27.40
CA GLN R 32 -106.41 45.35 -27.15
C GLN R 32 -105.93 44.18 -26.29
N CYS R 33 -106.81 43.70 -25.41
CA CYS R 33 -106.47 42.59 -24.55
C CYS R 33 -106.37 41.30 -25.36
N ASP R 34 -105.53 40.38 -24.87
CA ASP R 34 -105.39 39.07 -25.48
C ASP R 34 -106.40 38.12 -24.86
N PRO R 35 -107.29 37.50 -25.64
CA PRO R 35 -108.29 36.59 -25.05
C PRO R 35 -107.67 35.33 -24.47
N CYS R 36 -106.82 34.66 -25.24
CA CYS R 36 -106.25 33.39 -24.80
C CYS R 36 -105.09 33.61 -23.84
N LEU R 37 -104.22 34.58 -24.15
CA LEU R 37 -103.06 34.82 -23.29
C LEU R 37 -103.44 35.56 -22.01
N ARG R 38 -104.55 36.30 -22.03
CA ARG R 38 -105.06 37.02 -20.86
C ARG R 38 -104.01 38.01 -20.32
N GLN R 39 -103.66 38.97 -21.18
CA GLN R 39 -102.61 39.92 -20.88
C GLN R 39 -102.88 41.22 -21.62
N MET R 40 -102.31 42.32 -21.10
CA MET R 40 -102.38 43.62 -21.74
C MET R 40 -100.97 44.03 -22.19
N PHE R 41 -100.93 45.07 -23.03
CA PHE R 41 -99.71 45.48 -23.73
C PHE R 41 -99.51 46.99 -23.62
N ARG R 42 -99.53 47.52 -22.40
CA ARG R 42 -99.00 48.86 -22.19
C ARG R 42 -97.52 48.87 -22.60
N SER R 43 -97.20 49.72 -23.58
CA SER R 43 -95.88 49.68 -24.21
C SER R 43 -94.99 50.80 -23.67
N ARG R 44 -93.72 50.76 -24.09
CA ARG R 44 -92.72 51.72 -23.64
C ARG R 44 -91.55 51.67 -24.62
N SER R 45 -90.53 52.49 -24.36
CA SER R 45 -89.36 52.53 -25.21
C SER R 45 -88.20 53.16 -24.44
N ILE R 46 -86.98 52.77 -24.80
CA ILE R 46 -85.77 53.31 -24.20
C ILE R 46 -85.16 54.33 -25.15
N GLU R 47 -84.76 55.48 -24.62
CA GLU R 47 -84.24 56.57 -25.44
C GLU R 47 -82.82 56.98 -25.07
N VAL R 48 -82.54 57.18 -23.79
CA VAL R 48 -81.26 57.73 -23.34
C VAL R 48 -80.71 56.86 -22.21
N PHE R 49 -79.45 56.48 -22.32
CA PHE R 49 -78.76 55.71 -21.28
C PHE R 49 -78.08 56.62 -20.26
N GLY R 50 -77.18 57.48 -20.73
CA GLY R 50 -76.32 58.24 -19.84
C GLY R 50 -74.87 57.81 -20.00
N GLN R 51 -74.08 58.63 -20.70
CA GLN R 51 -72.72 58.25 -21.06
C GLN R 51 -71.73 58.37 -19.91
N PHE R 52 -72.06 59.17 -18.89
CA PHE R 52 -71.11 59.49 -17.83
C PHE R 52 -71.50 58.79 -16.53
N ASN R 53 -70.78 59.12 -15.46
CA ASN R 53 -70.91 58.54 -14.13
C ASN R 53 -72.24 58.88 -13.44
N GLY R 54 -73.17 59.56 -14.13
CA GLY R 54 -74.43 59.94 -13.54
C GLY R 54 -75.37 58.80 -13.25
N LYS R 55 -76.67 59.10 -13.19
CA LYS R 55 -77.69 58.12 -12.83
C LYS R 55 -77.75 56.96 -13.82
N ARG R 56 -77.34 55.77 -13.37
CA ARG R 56 -77.49 54.58 -14.19
C ARG R 56 -78.94 54.15 -14.23
N CYS R 57 -79.41 53.73 -15.41
CA CYS R 57 -80.81 53.40 -15.61
C CYS R 57 -80.90 52.10 -16.40
N THR R 58 -81.31 51.03 -15.72
CA THR R 58 -81.46 49.71 -16.34
C THR R 58 -82.93 49.33 -16.54
N ASP R 59 -83.82 50.31 -16.55
CA ASP R 59 -85.25 50.05 -16.66
C ASP R 59 -85.58 49.36 -17.98
N ALA R 60 -86.05 48.12 -17.89
CA ALA R 60 -86.37 47.34 -19.07
C ALA R 60 -87.68 47.80 -19.69
N VAL R 61 -87.83 47.56 -20.99
CA VAL R 61 -89.02 47.93 -21.72
C VAL R 61 -90.03 46.79 -21.64
N GLY R 62 -91.28 47.12 -21.36
CA GLY R 62 -92.35 46.13 -21.28
C GLY R 62 -93.20 46.26 -20.05
N ASP R 63 -94.47 45.90 -20.18
CA ASP R 63 -95.42 45.96 -19.07
C ASP R 63 -96.58 45.02 -19.37
N ARG R 64 -97.03 44.31 -18.34
CA ARG R 64 -98.12 43.36 -18.46
C ARG R 64 -99.23 43.68 -17.46
N ARG R 65 -100.43 43.18 -17.76
CA ARG R 65 -101.60 43.41 -16.92
C ARG R 65 -102.66 42.36 -17.23
N GLN R 66 -103.29 41.84 -16.18
CA GLN R 66 -104.38 40.88 -16.34
C GLN R 66 -105.61 41.56 -16.91
N CYS R 67 -106.36 40.83 -17.74
CA CYS R 67 -107.54 41.37 -18.40
C CYS R 67 -108.60 40.29 -18.52
N VAL R 68 -109.86 40.68 -18.31
CA VAL R 68 -110.98 39.78 -18.52
C VAL R 68 -111.14 39.54 -20.02
N PRO R 69 -111.00 38.30 -20.50
CA PRO R 69 -111.06 38.06 -21.94
C PRO R 69 -112.47 38.20 -22.48
N THR R 70 -112.57 38.81 -23.66
CA THR R 70 -113.86 39.05 -24.31
C THR R 70 -114.12 38.14 -25.50
N GLU R 71 -113.08 37.61 -26.14
CA GLU R 71 -113.26 36.68 -27.23
C GLU R 71 -113.38 35.25 -26.70
N PRO R 72 -114.09 34.37 -27.42
CA PRO R 72 -114.28 33.01 -26.91
C PRO R 72 -113.01 32.16 -26.94
N CYS R 73 -111.96 32.59 -27.65
CA CYS R 73 -110.72 31.84 -27.77
C CYS R 73 -110.98 30.43 -28.32
N GLU R 74 -111.59 30.40 -29.52
CA GLU R 74 -111.92 29.14 -30.16
C GLU R 74 -110.70 28.48 -30.80
N ASP R 75 -109.72 29.27 -31.22
CA ASP R 75 -108.52 28.71 -31.83
C ASP R 75 -107.70 27.93 -30.80
N ALA R 76 -107.28 26.72 -31.17
CA ALA R 76 -106.50 25.88 -30.29
C ALA R 76 -105.56 25.04 -31.13
N GLU R 77 -104.57 24.46 -30.46
CA GLU R 77 -103.55 23.63 -31.10
C GLU R 77 -103.98 22.17 -30.99
N ASP R 78 -104.35 21.57 -32.12
CA ASP R 78 -104.71 20.16 -32.14
C ASP R 78 -103.47 19.29 -32.02
N ASP R 79 -103.69 18.03 -31.63
CA ASP R 79 -102.58 17.09 -31.47
C ASP R 79 -102.18 16.48 -32.80
N CYS R 80 -101.92 17.33 -33.80
CA CYS R 80 -101.33 16.98 -35.09
C CYS R 80 -102.15 15.97 -35.88
N GLY R 81 -103.26 15.51 -35.32
CA GLY R 81 -104.20 14.63 -36.01
C GLY R 81 -103.61 13.46 -36.75
N ASN R 82 -102.41 13.02 -36.37
CA ASN R 82 -101.68 12.01 -37.11
C ASN R 82 -101.53 10.70 -36.35
N ASP R 83 -100.96 10.73 -35.16
CA ASP R 83 -100.62 9.50 -34.44
C ASP R 83 -100.69 9.77 -32.95
N PHE R 84 -100.10 8.88 -32.16
CA PHE R 84 -100.14 8.97 -30.70
C PHE R 84 -99.57 10.29 -30.21
N GLN R 85 -100.38 11.02 -29.45
CA GLN R 85 -99.94 12.28 -28.86
C GLN R 85 -99.04 12.03 -27.66
N CYS R 86 -97.97 12.82 -27.55
CA CYS R 86 -97.09 12.73 -26.40
C CYS R 86 -97.69 13.49 -25.22
N SER R 87 -97.05 13.34 -24.07
CA SER R 87 -97.50 14.00 -22.84
C SER R 87 -97.18 15.48 -22.80
N THR R 88 -96.45 16.01 -23.79
CA THR R 88 -96.07 17.41 -23.80
C THR R 88 -96.56 18.18 -25.02
N GLY R 89 -96.94 17.51 -26.10
CA GLY R 89 -97.46 18.20 -27.25
C GLY R 89 -96.88 17.78 -28.58
N ARG R 90 -95.79 17.01 -28.56
CA ARG R 90 -95.17 16.54 -29.79
C ARG R 90 -95.84 15.24 -30.25
N CYS R 91 -95.42 14.75 -31.41
CA CYS R 91 -96.09 13.62 -32.05
C CYS R 91 -95.08 12.62 -32.58
N ILE R 92 -95.45 11.33 -32.49
CA ILE R 92 -94.68 10.28 -33.13
C ILE R 92 -94.83 10.39 -34.64
N LYS R 93 -93.72 10.23 -35.36
CA LYS R 93 -93.81 10.17 -36.82
C LYS R 93 -94.21 8.77 -37.26
N MET R 94 -93.33 7.78 -37.06
CA MET R 94 -93.73 6.39 -37.21
C MET R 94 -93.23 5.46 -36.11
N ARG R 95 -92.09 5.73 -35.47
CA ARG R 95 -91.44 4.75 -34.60
C ARG R 95 -90.96 5.36 -33.29
N LEU R 96 -91.72 6.31 -32.73
CA LEU R 96 -91.44 6.82 -31.40
C LEU R 96 -92.04 5.93 -30.31
N ARG R 97 -92.43 4.70 -30.66
CA ARG R 97 -92.99 3.76 -29.71
C ARG R 97 -91.89 3.10 -28.90
N CYS R 98 -92.22 2.00 -28.21
CA CYS R 98 -91.28 1.34 -27.30
C CYS R 98 -90.18 0.68 -28.12
N ASN R 99 -89.27 1.51 -28.64
CA ASN R 99 -88.14 1.05 -29.45
C ASN R 99 -86.85 1.74 -29.03
N GLY R 100 -86.76 2.14 -27.76
CA GLY R 100 -85.56 2.79 -27.27
C GLY R 100 -85.31 4.18 -27.83
N ASP R 101 -86.38 4.92 -28.13
CA ASP R 101 -86.27 6.28 -28.68
C ASP R 101 -86.76 7.26 -27.61
N ASN R 102 -85.81 7.88 -26.91
CA ASN R 102 -86.12 8.81 -25.83
C ASN R 102 -86.38 10.20 -26.42
N ASP R 103 -87.65 10.62 -26.44
CA ASP R 103 -88.02 11.94 -26.92
C ASP R 103 -88.68 12.79 -25.84
N CYS R 104 -89.73 12.27 -25.19
CA CYS R 104 -90.53 13.06 -24.26
C CYS R 104 -89.95 13.03 -22.84
N GLY R 105 -89.84 11.84 -22.26
CA GLY R 105 -89.29 11.70 -20.92
C GLY R 105 -88.43 10.46 -20.75
N ASP R 106 -88.04 10.16 -19.52
CA ASP R 106 -87.26 8.96 -19.26
C ASP R 106 -88.04 7.71 -19.63
N PHE R 107 -89.33 7.67 -19.29
CA PHE R 107 -90.20 6.57 -19.68
C PHE R 107 -91.56 7.08 -20.13
N SER R 108 -91.61 8.31 -20.64
CA SER R 108 -92.89 8.87 -21.09
C SER R 108 -93.36 8.21 -22.38
N ASP R 109 -92.50 8.16 -23.40
CA ASP R 109 -92.87 7.52 -24.66
C ASP R 109 -92.91 6.01 -24.51
N GLU R 110 -91.96 5.43 -23.78
CA GLU R 110 -91.90 4.00 -23.54
C GLU R 110 -92.75 3.56 -22.35
N ASP R 111 -93.74 4.37 -21.95
CA ASP R 111 -94.60 4.00 -20.83
C ASP R 111 -95.35 2.70 -21.13
N ASP R 112 -95.97 2.61 -22.30
CA ASP R 112 -96.73 1.43 -22.71
C ASP R 112 -95.88 0.61 -23.67
N CYS R 113 -95.41 -0.55 -23.22
CA CYS R 113 -94.61 -1.46 -24.02
C CYS R 113 -95.37 -2.79 -24.11
N GLU R 114 -96.13 -2.96 -25.20
CA GLU R 114 -96.87 -4.19 -25.41
C GLU R 114 -96.02 -5.26 -26.08
N SER R 115 -95.29 -4.88 -27.13
CA SER R 115 -94.40 -5.81 -27.81
C SER R 115 -93.08 -5.90 -27.06
N GLU R 116 -92.19 -6.77 -27.55
CA GLU R 116 -90.88 -6.93 -26.95
C GLU R 116 -90.05 -5.67 -27.14
N PRO R 117 -89.19 -5.34 -26.18
CA PRO R 117 -88.34 -4.14 -26.32
C PRO R 117 -87.27 -4.32 -27.39
N ARG R 118 -87.69 -4.23 -28.65
CA ARG R 118 -86.75 -4.39 -29.76
C ARG R 118 -85.74 -3.26 -29.77
N PRO R 119 -84.44 -3.54 -29.67
CA PRO R 119 -83.45 -2.47 -29.72
C PRO R 119 -83.33 -1.92 -31.12
N PRO R 120 -83.14 -0.61 -31.27
CA PRO R 120 -83.04 -0.04 -32.62
C PRO R 120 -81.71 -0.35 -33.30
N CYS R 121 -80.65 -0.55 -32.52
CA CYS R 121 -79.33 -0.81 -33.08
C CYS R 121 -78.61 -1.83 -32.20
N ARG R 122 -77.96 -2.81 -32.85
CA ARG R 122 -77.28 -3.88 -32.14
C ARG R 122 -75.85 -3.52 -31.75
N ASP R 123 -75.16 -2.71 -32.55
CA ASP R 123 -73.79 -2.36 -32.28
C ASP R 123 -73.69 -1.48 -31.03
N ARG R 124 -72.54 -1.56 -30.37
CA ARG R 124 -72.29 -0.78 -29.15
C ARG R 124 -71.76 0.59 -29.54
N VAL R 125 -72.57 1.62 -29.31
CA VAL R 125 -72.20 3.00 -29.61
C VAL R 125 -72.43 3.81 -28.35
N VAL R 126 -71.34 4.37 -27.80
CA VAL R 126 -71.44 5.15 -26.57
C VAL R 126 -72.12 6.48 -26.84
N GLU R 127 -72.93 6.93 -25.89
CA GLU R 127 -73.61 8.21 -26.03
C GLU R 127 -72.60 9.35 -26.04
N GLU R 128 -73.00 10.45 -26.68
CA GLU R 128 -72.12 11.61 -26.86
C GLU R 128 -71.97 12.32 -25.51
N SER R 129 -70.83 12.09 -24.85
CA SER R 129 -70.58 12.60 -23.50
C SER R 129 -69.81 13.91 -23.59
N GLU R 130 -70.46 15.00 -23.19
CA GLU R 130 -69.87 16.33 -23.04
C GLU R 130 -69.36 16.90 -24.37
N LEU R 131 -69.59 16.21 -25.48
CA LEU R 131 -69.16 16.66 -26.79
C LEU R 131 -70.26 17.54 -27.39
N ALA R 132 -70.22 17.77 -28.70
CA ALA R 132 -71.12 18.70 -29.38
C ALA R 132 -72.60 18.33 -29.27
N ARG R 133 -72.91 17.27 -28.51
CA ARG R 133 -74.29 16.86 -28.23
C ARG R 133 -75.18 18.05 -27.93
N THR R 134 -74.67 19.02 -27.15
CA THR R 134 -75.38 20.27 -26.90
C THR R 134 -74.93 21.29 -27.94
N ALA R 135 -75.48 21.14 -29.14
CA ALA R 135 -75.08 21.95 -30.29
C ALA R 135 -75.84 23.25 -30.41
N GLY R 136 -76.82 23.50 -29.53
CA GLY R 136 -77.58 24.74 -29.55
C GLY R 136 -76.86 25.83 -28.76
N TYR R 137 -76.80 27.02 -29.35
CA TYR R 137 -76.14 28.15 -28.72
C TYR R 137 -76.90 29.43 -29.06
N GLY R 138 -77.11 30.27 -28.06
CA GLY R 138 -77.93 31.46 -28.20
C GLY R 138 -77.16 32.76 -28.08
N ILE R 139 -75.99 32.84 -28.75
CA ILE R 139 -75.12 34.00 -28.62
C ILE R 139 -75.88 35.29 -28.91
N ASN R 140 -75.57 36.31 -28.11
CA ASN R 140 -76.15 37.65 -28.28
C ASN R 140 -75.10 38.52 -28.96
N ILE R 141 -75.41 39.00 -30.17
CA ILE R 141 -74.47 39.84 -30.90
C ILE R 141 -74.21 41.14 -30.14
N LEU R 142 -75.21 41.66 -29.44
CA LEU R 142 -75.05 42.81 -28.57
C LEU R 142 -74.62 42.43 -27.16
N GLY R 143 -74.64 41.15 -26.82
CA GLY R 143 -74.32 40.71 -25.48
C GLY R 143 -72.94 40.11 -25.30
N MET R 144 -72.88 38.79 -25.16
CA MET R 144 -71.64 38.11 -24.79
C MET R 144 -71.65 36.71 -25.40
N ASP R 145 -70.80 35.83 -24.87
CA ASP R 145 -70.54 34.48 -25.34
C ASP R 145 -71.82 33.66 -25.55
N PRO R 146 -71.78 32.60 -26.35
CA PRO R 146 -73.01 31.85 -26.66
C PRO R 146 -73.70 31.30 -25.43
N LEU R 147 -74.98 30.99 -25.61
CA LEU R 147 -75.86 30.51 -24.56
C LEU R 147 -76.06 29.00 -24.69
N SER R 148 -76.97 28.44 -23.89
CA SER R 148 -77.24 27.01 -23.90
C SER R 148 -78.10 26.66 -25.12
N THR R 149 -78.56 25.42 -25.19
CA THR R 149 -79.33 24.97 -26.35
C THR R 149 -80.78 25.41 -26.22
N PRO R 150 -81.35 26.04 -27.24
CA PRO R 150 -82.77 26.41 -27.22
C PRO R 150 -83.73 25.31 -27.67
N PHE R 151 -83.22 24.14 -28.04
CA PHE R 151 -84.05 23.08 -28.60
C PHE R 151 -83.58 21.74 -28.05
N ASP R 152 -84.41 20.72 -28.23
CA ASP R 152 -84.06 19.37 -27.81
C ASP R 152 -83.02 18.79 -28.77
N ASN R 153 -81.91 18.32 -28.22
CA ASN R 153 -80.82 17.78 -29.03
C ASN R 153 -80.52 16.32 -28.72
N GLU R 154 -81.43 15.64 -28.01
CA GLU R 154 -81.25 14.23 -27.67
C GLU R 154 -82.08 13.29 -28.53
N PHE R 155 -83.25 13.74 -29.00
CA PHE R 155 -84.13 12.90 -29.80
C PHE R 155 -83.47 12.54 -31.13
N TYR R 156 -83.68 11.30 -31.55
CA TYR R 156 -83.23 10.83 -32.85
C TYR R 156 -84.37 10.13 -33.57
N ASN R 157 -84.35 10.19 -34.90
CA ASN R 157 -85.49 9.73 -35.68
C ASN R 157 -85.52 8.22 -35.85
N GLY R 158 -84.49 7.65 -36.49
CA GLY R 158 -84.52 6.24 -36.83
C GLY R 158 -83.24 5.49 -36.59
N LEU R 159 -82.73 4.84 -37.65
CA LEU R 159 -81.51 4.05 -37.55
C LEU R 159 -80.34 4.92 -37.10
N CYS R 160 -79.63 4.46 -36.07
CA CYS R 160 -78.49 5.20 -35.53
C CYS R 160 -77.49 5.51 -36.62
N ASN R 161 -77.13 6.79 -36.73
CA ASN R 161 -76.11 7.24 -37.67
C ASN R 161 -74.77 7.26 -36.97
N ARG R 162 -73.83 6.46 -37.45
CA ARG R 162 -72.55 6.30 -36.77
C ARG R 162 -71.70 7.56 -36.91
N ASP R 163 -70.89 7.82 -35.89
CA ASP R 163 -69.94 8.92 -35.83
C ASP R 163 -68.55 8.38 -35.53
N ARG R 164 -68.17 7.34 -36.27
CA ARG R 164 -66.98 6.55 -35.99
C ARG R 164 -65.73 7.36 -36.36
N ASP R 165 -65.30 8.21 -35.43
CA ASP R 165 -64.10 9.01 -35.60
C ASP R 165 -63.70 9.53 -34.22
N GLY R 166 -62.50 10.09 -34.15
CA GLY R 166 -61.98 10.65 -32.92
C GLY R 166 -60.57 10.18 -32.63
N ASN R 167 -60.01 10.74 -31.56
CA ASN R 167 -58.66 10.39 -31.14
C ASN R 167 -58.56 8.93 -30.72
N THR R 168 -59.39 8.54 -29.76
CA THR R 168 -59.39 7.17 -29.25
C THR R 168 -60.40 6.32 -30.03
N LEU R 169 -60.51 5.05 -29.63
CA LEU R 169 -61.42 4.12 -30.27
C LEU R 169 -62.72 4.12 -29.48
N THR R 170 -63.63 5.01 -29.85
CA THR R 170 -64.92 5.12 -29.20
C THR R 170 -65.95 5.60 -30.22
N TYR R 171 -67.17 5.09 -30.09
CA TYR R 171 -68.24 5.35 -31.06
C TYR R 171 -69.25 6.30 -30.42
N TYR R 172 -69.49 7.43 -31.07
CA TYR R 172 -70.45 8.43 -30.61
C TYR R 172 -71.67 8.43 -31.51
N ARG R 173 -72.72 9.12 -31.04
CA ARG R 173 -73.96 9.26 -31.79
C ARG R 173 -74.12 10.72 -32.24
N ARG R 174 -74.84 10.89 -33.35
CA ARG R 174 -75.17 12.20 -33.87
C ARG R 174 -76.68 12.37 -33.85
N PRO R 175 -77.22 13.38 -33.15
CA PRO R 175 -78.67 13.53 -33.07
C PRO R 175 -79.27 13.94 -34.41
N TRP R 176 -80.55 13.62 -34.58
CA TRP R 176 -81.26 13.97 -35.80
C TRP R 176 -81.46 15.47 -35.94
N ASN R 177 -81.35 16.23 -34.85
CA ASN R 177 -81.47 17.67 -34.94
C ASN R 177 -80.26 18.31 -35.63
N VAL R 178 -79.10 17.68 -35.51
CA VAL R 178 -77.87 18.17 -36.12
C VAL R 178 -77.67 17.45 -37.44
N ALA R 179 -77.34 18.20 -38.50
CA ALA R 179 -77.12 17.60 -39.81
C ALA R 179 -75.89 16.72 -39.81
N SER R 180 -74.77 17.23 -39.30
CA SER R 180 -73.54 16.46 -39.25
C SER R 180 -72.59 17.10 -38.23
N LEU R 181 -71.71 16.27 -37.67
CA LEU R 181 -70.73 16.72 -36.68
C LEU R 181 -69.40 16.06 -37.03
N ILE R 182 -68.52 16.81 -37.68
CA ILE R 182 -67.21 16.31 -38.06
C ILE R 182 -66.25 16.46 -36.89
N TYR R 183 -65.14 15.74 -36.96
CA TYR R 183 -64.12 15.74 -35.91
C TYR R 183 -62.80 16.30 -36.43
N GLU R 184 -62.87 17.39 -37.19
CA GLU R 184 -61.67 18.02 -37.72
C GLU R 184 -60.84 18.62 -36.60
N THR R 185 -59.70 18.01 -36.29
CA THR R 185 -58.86 18.42 -35.17
C THR R 185 -57.74 19.35 -35.64
N LYS R 186 -58.13 20.48 -36.23
CA LYS R 186 -57.19 21.47 -36.71
C LYS R 186 -56.57 22.23 -35.54
N GLY R 187 -55.38 22.77 -35.77
CA GLY R 187 -54.70 23.57 -34.76
C GLY R 187 -53.59 24.43 -35.32
N GLU R 188 -53.58 25.71 -34.95
CA GLU R 188 -52.58 26.66 -35.45
C GLU R 188 -52.41 27.79 -34.44
N LYS R 189 -51.54 28.72 -34.78
CA LYS R 189 -51.26 29.87 -33.91
C LYS R 189 -50.74 31.01 -34.77
N ASN R 190 -50.53 32.17 -34.14
CA ASN R 190 -50.06 33.35 -34.84
C ASN R 190 -49.17 34.15 -33.91
N PHE R 191 -48.38 35.04 -34.52
CA PHE R 191 -47.47 35.90 -33.77
C PHE R 191 -47.28 37.21 -34.53
N ARG R 192 -46.83 38.23 -33.80
CA ARG R 192 -46.58 39.54 -34.40
C ARG R 192 -45.66 40.33 -33.48
N THR R 193 -44.94 41.27 -34.08
CA THR R 193 -44.04 42.14 -33.33
C THR R 193 -44.04 43.54 -33.96
N GLU R 194 -44.09 44.56 -33.11
CA GLU R 194 -44.10 45.95 -33.55
C GLU R 194 -43.06 46.73 -32.76
N HIS R 195 -42.35 47.62 -33.44
CA HIS R 195 -41.34 48.44 -32.79
C HIS R 195 -41.24 49.77 -33.53
N TYR R 196 -40.75 50.78 -32.81
CA TYR R 196 -40.59 52.12 -33.36
C TYR R 196 -39.64 52.89 -32.45
N GLU R 197 -38.83 53.76 -33.06
CA GLU R 197 -37.86 54.56 -32.33
C GLU R 197 -37.77 55.93 -32.95
N GLU R 198 -37.55 56.94 -32.11
CA GLU R 198 -37.45 58.33 -32.54
C GLU R 198 -36.38 59.03 -31.72
N GLN R 199 -35.60 59.88 -32.38
CA GLN R 199 -34.54 60.61 -31.71
C GLN R 199 -34.21 61.85 -32.53
N ILE R 200 -34.01 62.97 -31.83
CA ILE R 200 -33.66 64.23 -32.48
C ILE R 200 -32.80 65.03 -31.52
N GLU R 201 -31.86 65.82 -32.08
CA GLU R 201 -30.97 66.65 -31.31
C GLU R 201 -30.75 67.97 -32.04
N ALA R 202 -30.56 69.03 -31.27
CA ALA R 202 -30.34 70.36 -31.85
C ALA R 202 -29.39 71.14 -30.94
N PHE R 203 -28.35 71.73 -31.53
CA PHE R 203 -27.39 72.55 -30.82
C PHE R 203 -27.29 73.92 -31.47
N LYS R 204 -27.09 74.94 -30.64
CA LYS R 204 -26.94 76.31 -31.11
C LYS R 204 -25.90 77.02 -30.25
N SER R 205 -25.09 77.87 -30.89
CA SER R 205 -24.06 78.63 -30.19
C SER R 205 -23.85 79.96 -30.90
N ILE R 206 -23.87 81.05 -30.13
CA ILE R 206 -23.70 82.39 -30.67
C ILE R 206 -22.83 83.19 -29.71
N ILE R 207 -21.86 83.91 -30.27
CA ILE R 207 -20.96 84.76 -29.49
C ILE R 207 -20.82 86.09 -30.20
N GLN R 208 -20.79 87.19 -29.43
CA GLN R 208 -20.72 88.53 -29.98
C GLN R 208 -19.75 89.36 -29.15
N GLU R 209 -18.90 90.13 -29.83
CA GLU R 209 -17.94 91.01 -29.18
C GLU R 209 -17.79 92.29 -30.00
N LYS R 210 -17.50 93.39 -29.29
CA LYS R 210 -17.33 94.68 -29.94
C LYS R 210 -16.35 95.52 -29.13
N THR R 211 -15.17 95.78 -29.70
CA THR R 211 -14.15 96.59 -29.06
C THR R 211 -14.36 98.07 -29.41
N SER R 212 -13.65 98.94 -28.69
CA SER R 212 -13.69 100.37 -28.94
C SER R 212 -12.52 101.03 -28.23
N ASN R 213 -11.86 101.95 -28.93
CA ASN R 213 -10.74 102.70 -28.38
C ASN R 213 -10.73 104.09 -29.03
N PHE R 214 -10.38 105.10 -28.24
CA PHE R 214 -10.44 106.48 -28.72
C PHE R 214 -9.37 107.30 -27.99
N ASN R 215 -8.21 107.47 -28.64
CA ASN R 215 -7.15 108.29 -28.09
C ASN R 215 -7.46 109.77 -28.28
N ALA R 216 -6.72 110.61 -27.55
CA ALA R 216 -6.76 112.06 -27.76
C ALA R 216 -5.45 112.63 -27.23
N ALA R 217 -4.53 112.97 -28.14
CA ALA R 217 -3.23 113.52 -27.78
C ALA R 217 -3.08 114.87 -28.44
N ILE R 218 -3.26 115.94 -27.66
CA ILE R 218 -3.17 117.31 -28.15
C ILE R 218 -2.45 118.15 -27.09
N SER R 219 -1.41 118.88 -27.51
CA SER R 219 -0.61 119.70 -26.62
C SER R 219 -0.43 121.08 -27.21
N LEU R 220 -0.35 122.08 -26.34
CA LEU R 220 -0.19 123.47 -26.73
C LEU R 220 1.04 124.04 -26.05
N LYS R 221 1.90 124.68 -26.84
CA LYS R 221 3.12 125.30 -26.32
C LYS R 221 3.45 126.51 -27.18
N PHE R 222 3.53 127.68 -26.56
CA PHE R 222 3.80 128.91 -27.27
C PHE R 222 4.73 129.80 -26.47
N THR R 223 5.71 130.38 -27.15
CA THR R 223 6.66 131.30 -26.53
C THR R 223 7.14 132.31 -27.57
N PRO R 224 6.76 133.59 -27.44
CA PRO R 224 7.19 134.64 -28.37
C PRO R 224 8.60 135.13 -28.09
N SER R 242 8.45 139.36 -20.84
CA SER R 242 8.50 137.96 -21.25
C SER R 242 7.11 137.34 -21.24
N LEU R 243 6.89 136.36 -22.12
CA LEU R 243 5.61 135.69 -22.23
C LEU R 243 5.85 134.22 -22.52
N HIS R 244 5.04 133.34 -21.91
CA HIS R 244 5.18 131.90 -22.09
C HIS R 244 3.81 131.26 -22.00
N GLY R 245 3.66 130.14 -22.72
CA GLY R 245 2.42 129.39 -22.71
C GLY R 245 2.62 127.91 -22.95
N LYS R 246 1.97 127.08 -22.15
CA LYS R 246 2.10 125.63 -22.29
C LYS R 246 0.85 124.95 -21.78
N GLY R 247 0.31 124.01 -22.57
CA GLY R 247 -0.85 123.24 -22.19
C GLY R 247 -0.87 121.87 -22.84
N SER R 248 -1.31 120.86 -22.10
CA SER R 248 -1.33 119.49 -22.60
C SER R 248 -2.69 118.87 -22.30
N PHE R 249 -3.36 118.39 -23.35
CA PHE R 249 -4.65 117.72 -23.21
C PHE R 249 -4.47 116.24 -23.57
N ARG R 250 -4.93 115.36 -22.69
CA ARG R 250 -4.83 113.93 -22.91
C ARG R 250 -6.16 113.26 -22.54
N PHE R 251 -6.53 112.24 -23.32
CA PHE R 251 -7.80 111.55 -23.12
C PHE R 251 -7.70 110.16 -23.74
N SER R 252 -8.36 109.19 -23.11
CA SER R 252 -8.32 107.81 -23.55
C SER R 252 -9.70 107.18 -23.40
N TYR R 253 -9.86 106.04 -24.05
CA TYR R 253 -11.14 105.34 -24.03
C TYR R 253 -10.92 103.88 -24.38
N SER R 254 -11.67 103.00 -23.72
CA SER R 254 -11.62 101.57 -23.97
C SER R 254 -12.95 100.95 -23.56
N LYS R 255 -13.44 100.02 -24.39
CA LYS R 255 -14.76 99.45 -24.18
C LYS R 255 -14.84 98.11 -24.89
N ASN R 256 -15.34 97.09 -24.18
CA ASN R 256 -15.65 95.80 -24.77
C ASN R 256 -16.93 95.24 -24.17
N GLU R 257 -17.82 94.78 -25.06
CA GLU R 257 -19.11 94.21 -24.68
C GLU R 257 -19.19 92.81 -25.28
N THR R 258 -18.96 91.79 -24.45
CA THR R 258 -18.94 90.42 -24.90
C THR R 258 -20.29 89.76 -24.65
N TYR R 259 -20.85 89.16 -25.70
CA TYR R 259 -22.12 88.45 -25.63
C TYR R 259 -21.88 86.98 -25.96
N GLN R 260 -22.68 86.11 -25.36
CA GLN R 260 -22.60 84.68 -25.62
C GLN R 260 -23.98 84.06 -25.51
N LEU R 261 -24.32 83.20 -26.46
CA LEU R 261 -25.60 82.54 -26.49
C LEU R 261 -25.40 81.06 -26.80
N PHE R 262 -26.18 80.21 -26.12
CA PHE R 262 -26.11 78.77 -26.32
C PHE R 262 -27.51 78.20 -26.16
N LEU R 263 -27.90 77.32 -27.07
CA LEU R 263 -29.24 76.73 -27.06
C LEU R 263 -29.15 75.29 -27.52
N SER R 264 -29.91 74.42 -26.87
CA SER R 264 -29.91 73.00 -27.19
C SER R 264 -31.33 72.44 -27.08
N TYR R 265 -31.55 71.33 -27.78
CA TYR R 265 -32.86 70.68 -27.77
C TYR R 265 -32.68 69.21 -28.13
N SER R 266 -33.47 68.35 -27.51
CA SER R 266 -33.40 66.92 -27.77
C SER R 266 -34.72 66.26 -27.40
N SER R 267 -35.05 65.18 -28.10
CA SER R 267 -36.28 64.45 -27.85
C SER R 267 -36.11 63.01 -28.33
N LYS R 268 -36.67 62.07 -27.57
CA LYS R 268 -36.60 60.65 -27.90
C LYS R 268 -37.95 60.00 -27.64
N LYS R 269 -38.37 59.12 -28.56
CA LYS R 269 -39.63 58.41 -28.42
C LYS R 269 -39.46 56.98 -28.90
N GLU R 270 -40.21 56.08 -28.28
CA GLU R 270 -40.17 54.66 -28.62
C GLU R 270 -41.56 54.06 -28.38
N LYS R 271 -41.99 53.19 -29.29
CA LYS R 271 -43.31 52.58 -29.20
C LYS R 271 -43.23 51.14 -29.72
N MET R 272 -43.94 50.25 -29.04
CA MET R 272 -43.99 48.84 -29.42
C MET R 272 -45.39 48.31 -29.17
N PHE R 273 -45.89 47.50 -30.11
CA PHE R 273 -47.23 46.93 -30.05
C PHE R 273 -47.22 45.47 -30.45
N LEU R 274 -46.24 44.72 -29.94
CA LEU R 274 -46.15 43.29 -30.26
C LEU R 274 -47.30 42.52 -29.64
N HIS R 275 -47.81 41.53 -30.36
CA HIS R 275 -48.91 40.71 -29.89
C HIS R 275 -48.85 39.35 -30.56
N VAL R 276 -49.57 38.39 -29.98
CA VAL R 276 -49.62 37.03 -30.49
C VAL R 276 -50.99 36.45 -30.20
N LYS R 277 -51.39 35.46 -31.00
CA LYS R 277 -52.70 34.84 -30.83
C LYS R 277 -52.59 33.36 -31.22
N GLY R 278 -53.46 32.55 -30.64
CA GLY R 278 -53.49 31.14 -30.92
C GLY R 278 -54.90 30.61 -30.91
N GLU R 279 -55.13 29.57 -31.70
CA GLU R 279 -56.45 28.94 -31.82
C GLU R 279 -56.26 27.44 -31.87
N ILE R 280 -56.66 26.75 -30.81
CA ILE R 280 -56.60 25.29 -30.74
C ILE R 280 -58.01 24.77 -30.97
N HIS R 281 -58.26 24.31 -32.20
CA HIS R 281 -59.58 23.82 -32.58
C HIS R 281 -59.73 22.35 -32.24
N LEU R 282 -60.97 21.96 -31.94
CA LEU R 282 -61.28 20.57 -31.58
C LEU R 282 -62.17 19.90 -32.62
N GLY R 283 -63.33 20.49 -32.91
CA GLY R 283 -64.25 19.87 -33.85
C GLY R 283 -65.30 20.86 -34.32
N ARG R 284 -65.96 20.50 -35.42
CA ARG R 284 -66.97 21.34 -36.04
C ARG R 284 -68.25 20.54 -36.23
N PHE R 285 -69.38 21.25 -36.17
CA PHE R 285 -70.68 20.63 -36.36
C PHE R 285 -71.54 21.54 -37.23
N VAL R 286 -72.52 20.94 -37.89
CA VAL R 286 -73.45 21.64 -38.77
C VAL R 286 -74.86 21.28 -38.35
N MET R 287 -75.57 22.23 -37.75
CA MET R 287 -76.95 21.99 -37.36
C MET R 287 -77.87 21.99 -38.58
N ARG R 288 -78.79 21.04 -38.61
CA ARG R 288 -79.76 20.97 -39.70
C ARG R 288 -80.68 22.18 -39.66
N ASN R 289 -80.91 22.78 -40.82
CA ASN R 289 -81.69 24.02 -40.90
C ASN R 289 -83.19 23.74 -40.76
N ARG R 290 -83.73 22.91 -41.64
CA ARG R 290 -85.15 22.63 -41.68
C ARG R 290 -85.41 21.18 -41.23
N ASP R 291 -86.66 20.94 -40.83
CA ASP R 291 -87.11 19.63 -40.34
C ASP R 291 -86.30 19.21 -39.11
N VAL R 292 -86.35 20.07 -38.10
CA VAL R 292 -85.62 19.87 -36.84
C VAL R 292 -86.63 19.85 -35.70
N VAL R 293 -86.30 19.10 -34.65
CA VAL R 293 -87.16 18.97 -33.48
C VAL R 293 -86.73 20.00 -32.43
N LEU R 294 -87.67 20.39 -31.59
CA LEU R 294 -87.45 21.40 -30.56
C LEU R 294 -87.76 20.81 -29.19
N THR R 295 -87.34 21.54 -28.15
CA THR R 295 -87.58 21.09 -26.79
C THR R 295 -88.96 21.52 -26.31
N THR R 296 -89.45 20.84 -25.27
CA THR R 296 -90.80 21.10 -24.78
C THR R 296 -90.92 22.51 -24.22
N THR R 297 -89.87 23.05 -23.62
CA THR R 297 -89.94 24.39 -23.03
C THR R 297 -90.05 25.45 -24.12
N PHE R 298 -89.23 25.33 -25.18
CA PHE R 298 -89.31 26.29 -26.27
C PHE R 298 -90.63 26.19 -27.01
N VAL R 299 -91.15 24.97 -27.19
CA VAL R 299 -92.45 24.80 -27.84
C VAL R 299 -93.56 25.41 -26.99
N ASP R 300 -93.49 25.24 -25.67
CA ASP R 300 -94.49 25.85 -24.79
C ASP R 300 -94.38 27.37 -24.82
N ASP R 301 -93.17 27.90 -24.92
CA ASP R 301 -93.00 29.35 -24.99
C ASP R 301 -93.55 29.91 -26.30
N ILE R 302 -93.32 29.22 -27.41
CA ILE R 302 -93.84 29.68 -28.68
C ILE R 302 -95.36 29.53 -28.72
N LYS R 303 -95.90 28.49 -28.06
CA LYS R 303 -97.35 28.34 -28.00
C LYS R 303 -97.97 29.42 -27.11
N ALA R 304 -97.39 29.65 -25.94
CA ALA R 304 -97.84 30.73 -25.06
C ALA R 304 -97.10 32.02 -25.44
N LEU R 305 -97.49 32.56 -26.59
CA LEU R 305 -96.85 33.73 -27.18
C LEU R 305 -97.92 34.57 -27.86
N PRO R 306 -97.89 35.89 -27.67
CA PRO R 306 -98.93 36.74 -28.27
C PRO R 306 -98.82 36.86 -29.78
N THR R 307 -99.75 37.58 -30.40
CA THR R 307 -99.75 37.75 -31.83
C THR R 307 -100.08 39.18 -32.26
N THR R 308 -100.09 40.15 -31.33
CA THR R 308 -100.44 41.52 -31.63
C THR R 308 -99.25 42.46 -31.44
N TYR R 309 -98.03 41.98 -31.74
CA TYR R 309 -96.80 42.75 -31.64
C TYR R 309 -96.61 43.29 -30.23
N GLU R 310 -96.44 42.36 -29.29
CA GLU R 310 -96.15 42.71 -27.90
C GLU R 310 -94.64 42.87 -27.75
N LYS R 311 -94.17 44.12 -27.84
CA LYS R 311 -92.74 44.40 -27.77
C LYS R 311 -92.14 43.96 -26.44
N GLY R 312 -92.89 44.06 -25.34
CA GLY R 312 -92.38 43.71 -24.04
C GLY R 312 -92.08 42.22 -23.88
N GLU R 313 -93.09 41.38 -24.11
CA GLU R 313 -92.87 39.94 -24.00
C GLU R 313 -91.89 39.44 -25.05
N TYR R 314 -91.88 40.06 -26.24
CA TYR R 314 -90.91 39.66 -27.25
C TYR R 314 -89.48 40.02 -26.83
N PHE R 315 -89.30 41.20 -26.24
CA PHE R 315 -87.98 41.58 -25.73
C PHE R 315 -87.55 40.67 -24.59
N ALA R 316 -88.51 40.24 -23.76
CA ALA R 316 -88.20 39.29 -22.70
C ALA R 316 -87.76 37.95 -23.27
N PHE R 317 -88.53 37.42 -24.22
CA PHE R 317 -88.17 36.16 -24.87
C PHE R 317 -86.83 36.27 -25.60
N LEU R 318 -86.51 37.45 -26.13
CA LEU R 318 -85.25 37.64 -26.83
C LEU R 318 -84.06 37.53 -25.87
N GLU R 319 -84.18 38.12 -24.68
CA GLU R 319 -83.13 37.96 -23.68
C GLU R 319 -83.11 36.56 -23.09
N THR R 320 -84.26 35.88 -23.11
CA THR R 320 -84.33 34.54 -22.52
C THR R 320 -83.55 33.52 -23.33
N TYR R 321 -83.68 33.55 -24.66
CA TYR R 321 -83.06 32.55 -25.52
C TYR R 321 -82.12 33.17 -26.55
N GLY R 322 -81.57 34.35 -26.27
CA GLY R 322 -80.64 35.00 -27.18
C GLY R 322 -81.34 35.62 -28.38
N THR R 323 -80.54 36.32 -29.18
CA THR R 323 -81.08 37.02 -30.35
C THR R 323 -81.17 36.11 -31.57
N HIS R 324 -80.17 35.26 -31.77
CA HIS R 324 -80.15 34.34 -32.90
C HIS R 324 -79.21 33.19 -32.58
N TYR R 325 -79.59 31.99 -33.03
CA TYR R 325 -78.88 30.78 -32.68
C TYR R 325 -77.75 30.51 -33.68
N SER R 326 -77.02 29.43 -33.44
CA SER R 326 -75.85 29.07 -34.23
C SER R 326 -76.22 28.00 -35.25
N SER R 327 -75.98 28.30 -36.53
CA SER R 327 -76.19 27.29 -37.56
C SER R 327 -75.04 26.27 -37.56
N SER R 328 -73.82 26.73 -37.30
CA SER R 328 -72.65 25.85 -37.24
C SER R 328 -71.62 26.48 -36.32
N GLY R 329 -71.12 25.69 -35.38
CA GLY R 329 -70.13 26.14 -34.42
C GLY R 329 -68.77 25.49 -34.62
N SER R 330 -67.88 25.77 -33.67
CA SER R 330 -66.51 25.24 -33.72
C SER R 330 -66.05 25.06 -32.28
N LEU R 331 -66.15 23.85 -31.76
CA LEU R 331 -65.72 23.56 -30.41
C LEU R 331 -64.20 23.56 -30.33
N GLY R 332 -63.67 24.02 -29.20
CA GLY R 332 -62.23 24.10 -29.02
C GLY R 332 -61.81 25.13 -27.98
N GLY R 333 -60.90 26.01 -28.38
CA GLY R 333 -60.42 27.05 -27.48
C GLY R 333 -59.41 27.92 -28.20
N LEU R 334 -59.20 29.12 -27.63
CA LEU R 334 -58.27 30.08 -28.19
C LEU R 334 -57.59 30.86 -27.07
N TYR R 335 -56.38 31.30 -27.35
CA TYR R 335 -55.62 32.14 -26.42
C TYR R 335 -54.79 33.14 -27.20
N GLU R 336 -54.40 34.22 -26.52
CA GLU R 336 -53.63 35.28 -27.17
C GLU R 336 -52.81 35.99 -26.11
N LEU R 337 -51.97 36.92 -26.57
CA LEU R 337 -51.14 37.71 -25.67
C LEU R 337 -50.84 39.03 -26.37
N ILE R 338 -51.63 40.06 -26.05
CA ILE R 338 -51.49 41.39 -26.64
C ILE R 338 -50.66 42.25 -25.69
N TYR R 339 -49.65 42.92 -26.24
CA TYR R 339 -48.76 43.77 -25.46
C TYR R 339 -48.60 45.11 -26.16
N VAL R 340 -48.36 46.15 -25.35
CA VAL R 340 -48.18 47.50 -25.86
C VAL R 340 -47.12 48.20 -25.02
N LEU R 341 -46.42 49.15 -25.65
CA LEU R 341 -45.37 49.91 -24.98
C LEU R 341 -45.23 51.26 -25.66
N ASP R 342 -45.03 52.31 -24.85
CA ASP R 342 -44.86 53.66 -25.36
C ASP R 342 -43.82 54.38 -24.52
N LYS R 343 -42.94 55.12 -25.20
CA LYS R 343 -41.88 55.86 -24.53
C LYS R 343 -41.78 57.25 -25.15
N ALA R 344 -41.45 58.23 -24.31
CA ALA R 344 -41.31 59.61 -24.76
C ALA R 344 -40.26 60.31 -23.92
N SER R 345 -39.54 61.24 -24.55
CA SER R 345 -38.50 62.00 -23.86
C SER R 345 -38.37 63.37 -24.49
N MET R 346 -38.01 64.36 -23.68
CA MET R 346 -37.83 65.72 -24.14
C MET R 346 -36.69 66.38 -23.38
N LYS R 347 -35.79 67.04 -24.09
CA LYS R 347 -34.65 67.72 -23.49
C LYS R 347 -34.39 69.02 -24.22
N ARG R 348 -34.08 70.08 -23.46
CA ARG R 348 -33.77 71.38 -24.04
C ARG R 348 -32.84 72.12 -23.09
N LYS R 349 -31.85 72.81 -23.66
CA LYS R 349 -30.87 73.56 -22.88
C LYS R 349 -30.68 74.94 -23.50
N GLY R 350 -30.53 75.94 -22.64
CA GLY R 350 -30.24 77.30 -23.09
C GLY R 350 -29.31 78.03 -22.15
N VAL R 351 -28.20 78.53 -22.68
CA VAL R 351 -27.19 79.21 -21.87
C VAL R 351 -26.92 80.58 -22.47
N GLU R 352 -26.89 81.61 -21.63
CA GLU R 352 -26.65 82.98 -22.06
C GLU R 352 -25.60 83.61 -21.16
N LEU R 353 -24.61 84.25 -21.77
CA LEU R 353 -23.56 84.95 -21.02
C LEU R 353 -23.35 86.31 -21.65
N LYS R 354 -23.30 87.35 -20.82
CA LYS R 354 -23.16 88.72 -21.29
C LYS R 354 -22.19 89.46 -20.39
N ASP R 355 -21.12 89.99 -20.97
CA ASP R 355 -20.16 90.80 -20.24
C ASP R 355 -19.95 92.11 -20.98
N ILE R 356 -19.85 93.21 -20.23
CA ILE R 356 -19.57 94.53 -20.78
C ILE R 356 -18.48 95.16 -19.95
N LYS R 357 -17.45 95.67 -20.62
CA LYS R 357 -16.34 96.37 -19.97
C LYS R 357 -16.15 97.73 -20.63
N ARG R 358 -15.79 98.72 -19.83
CA ARG R 358 -15.59 100.07 -20.33
C ARG R 358 -14.52 100.78 -19.50
N CYS R 359 -13.73 101.63 -20.14
CA CYS R 359 -12.69 102.39 -19.47
C CYS R 359 -12.70 103.82 -20.00
N LEU R 360 -12.46 104.77 -19.10
CA LEU R 360 -12.44 106.18 -19.46
C LEU R 360 -11.29 106.85 -18.74
N GLY R 361 -10.48 107.60 -19.49
CA GLY R 361 -9.35 108.29 -18.91
C GLY R 361 -9.12 109.67 -19.51
N TYR R 362 -8.78 110.65 -18.68
CA TYR R 362 -8.56 112.02 -19.13
C TYR R 362 -7.44 112.63 -18.30
N HIS R 363 -6.57 113.38 -18.98
CA HIS R 363 -5.45 114.06 -18.34
C HIS R 363 -5.37 115.50 -18.83
N LEU R 364 -5.13 116.41 -17.89
CA LEU R 364 -5.03 117.83 -18.17
C LEU R 364 -3.81 118.39 -17.47
N ASP R 365 -2.97 119.13 -18.20
CA ASP R 365 -1.77 119.73 -17.64
C ASP R 365 -1.53 121.08 -18.30
N VAL R 366 -1.46 122.13 -17.49
CA VAL R 366 -1.19 123.48 -17.97
C VAL R 366 -0.12 124.09 -17.06
N SER R 367 0.93 124.62 -17.68
CA SER R 367 2.04 125.22 -16.94
C SER R 367 2.41 126.56 -17.56
N LEU R 368 2.49 127.59 -16.72
CA LEU R 368 2.87 128.92 -17.17
C LEU R 368 4.02 129.43 -16.31
N ALA R 369 4.99 130.06 -16.94
CA ALA R 369 6.16 130.61 -16.24
C ALA R 369 6.50 131.94 -16.88
N PHE R 370 6.23 133.03 -16.17
CA PHE R 370 6.47 134.37 -16.69
C PHE R 370 7.70 135.00 -16.04
N SER R 371 11.74 140.11 -12.10
CA SER R 371 10.34 139.69 -12.08
C SER R 371 10.19 138.25 -12.55
N GLU R 372 9.40 137.47 -11.81
CA GLU R 372 9.18 136.06 -12.14
C GLU R 372 7.80 135.65 -11.66
N ILE R 373 7.04 134.98 -12.52
CA ILE R 373 5.70 134.49 -12.21
C ILE R 373 5.58 133.07 -12.71
N SER R 374 4.98 132.20 -11.91
CA SER R 374 4.79 130.81 -12.28
C SER R 374 3.36 130.40 -11.98
N VAL R 375 2.75 129.69 -12.93
CA VAL R 375 1.38 129.19 -12.80
C VAL R 375 1.37 127.73 -13.23
N GLY R 376 0.78 126.88 -12.42
CA GLY R 376 0.71 125.46 -12.71
C GLY R 376 -0.70 124.94 -12.59
N ALA R 377 -0.96 123.84 -13.30
CA ALA R 377 -2.27 123.20 -13.28
C ALA R 377 -2.14 121.80 -13.84
N GLU R 378 -2.77 120.83 -13.16
CA GLU R 378 -2.73 119.44 -13.57
C GLU R 378 -3.99 118.74 -13.09
N PHE R 379 -4.75 118.17 -14.02
CA PHE R 379 -5.98 117.44 -13.71
C PHE R 379 -5.91 116.07 -14.37
N ASN R 380 -6.13 115.02 -13.56
CA ASN R 380 -6.10 113.64 -14.03
C ASN R 380 -7.42 112.97 -13.70
N LYS R 381 -8.08 112.43 -14.72
CA LYS R 381 -9.38 111.79 -14.57
C LYS R 381 -9.30 110.35 -15.08
N ASP R 382 -9.85 109.42 -14.31
CA ASP R 382 -9.87 108.01 -14.68
C ASP R 382 -11.20 107.40 -14.28
N ASP R 383 -11.75 106.57 -15.18
CA ASP R 383 -13.04 105.93 -14.93
C ASP R 383 -13.05 104.57 -15.62
N CYS R 384 -13.66 103.59 -14.95
CA CYS R 384 -13.78 102.24 -15.49
C CYS R 384 -15.16 101.69 -15.15
N VAL R 385 -15.75 100.97 -16.09
CA VAL R 385 -17.08 100.39 -15.91
C VAL R 385 -17.05 98.96 -16.43
N LYS R 386 -17.49 98.03 -15.60
CA LYS R 386 -17.57 96.61 -15.96
C LYS R 386 -18.96 96.08 -15.62
N ARG R 387 -19.55 95.34 -16.56
CA ARG R 387 -20.88 94.77 -16.38
C ARG R 387 -20.86 93.31 -16.82
N GLY R 388 -21.56 92.47 -16.08
CA GLY R 388 -21.60 91.05 -16.39
C GLY R 388 -23.00 90.51 -16.20
N GLU R 389 -23.34 89.52 -17.02
CA GLU R 389 -24.65 88.87 -16.94
C GLU R 389 -24.52 87.43 -17.42
N GLY R 390 -25.13 86.50 -16.68
CA GLY R 390 -25.12 85.11 -17.05
C GLY R 390 -26.48 84.46 -16.87
N ARG R 391 -26.82 83.52 -17.74
CA ARG R 391 -28.11 82.84 -17.68
C ARG R 391 -27.98 81.44 -18.24
N ALA R 392 -28.64 80.49 -17.60
CA ALA R 392 -28.65 79.11 -18.05
C ALA R 392 -30.05 78.53 -17.88
N VAL R 393 -30.43 77.66 -18.83
CA VAL R 393 -31.74 77.03 -18.83
C VAL R 393 -31.54 75.56 -19.20
N ASN R 394 -32.01 74.65 -18.34
CA ASN R 394 -31.91 73.22 -18.55
C ASN R 394 -33.26 72.60 -18.21
N ILE R 395 -33.77 71.77 -19.12
CA ILE R 395 -35.08 71.14 -18.89
C ILE R 395 -35.12 69.77 -19.54
N THR R 396 -35.40 68.74 -18.74
CA THR R 396 -35.49 67.36 -19.20
C THR R 396 -36.84 66.77 -18.80
N SER R 397 -37.44 66.00 -19.71
CA SER R 397 -38.71 65.34 -19.44
C SER R 397 -38.72 63.99 -20.14
N GLU R 398 -39.34 63.01 -19.50
CA GLU R 398 -39.41 61.66 -20.04
C GLU R 398 -40.72 61.02 -19.63
N ASN R 399 -41.31 60.24 -20.55
CA ASN R 399 -42.59 59.57 -20.32
C ASN R 399 -42.50 58.13 -20.81
N LEU R 400 -43.05 57.20 -20.03
CA LEU R 400 -43.04 55.79 -20.35
C LEU R 400 -44.43 55.20 -20.13
N ILE R 401 -44.85 54.33 -21.05
CA ILE R 401 -46.19 53.72 -20.99
C ILE R 401 -46.08 52.29 -21.49
N ASP R 402 -46.75 51.37 -20.80
CA ASP R 402 -46.82 49.97 -21.20
C ASP R 402 -48.17 49.41 -20.82
N ASP R 403 -48.68 48.48 -21.63
CA ASP R 403 -50.01 47.90 -21.39
C ASP R 403 -50.08 46.50 -21.99
N VAL R 404 -50.37 45.51 -21.14
CA VAL R 404 -50.61 44.14 -21.56
C VAL R 404 -51.38 43.45 -20.44
N VAL R 405 -52.44 42.71 -20.77
CA VAL R 405 -53.29 42.19 -19.72
C VAL R 405 -53.32 40.66 -19.70
N SER R 406 -53.98 40.06 -20.69
CA SER R 406 -54.08 38.60 -20.82
C SER R 406 -55.00 38.28 -21.99
N LEU R 407 -55.00 37.01 -22.38
CA LEU R 407 -56.05 36.45 -23.23
C LEU R 407 -56.00 34.92 -23.17
N ILE R 408 -57.10 34.29 -22.73
CA ILE R 408 -57.15 32.84 -22.60
C ILE R 408 -58.59 32.38 -22.40
N ARG R 409 -58.88 31.14 -22.81
CA ARG R 409 -60.17 30.50 -22.57
C ARG R 409 -60.07 29.04 -22.97
N GLY R 410 -60.95 28.23 -22.40
CA GLY R 410 -61.07 26.83 -22.77
C GLY R 410 -60.33 25.91 -21.81
N GLY R 411 -60.67 24.62 -21.89
CA GLY R 411 -60.01 23.60 -21.11
C GLY R 411 -60.37 23.63 -19.62
N THR R 412 -60.06 22.54 -18.92
CA THR R 412 -60.29 22.51 -17.48
C THR R 412 -59.43 23.57 -16.78
N ARG R 413 -59.86 23.95 -15.58
CA ARG R 413 -59.28 25.12 -14.93
C ARG R 413 -57.81 24.89 -14.56
N LYS R 414 -57.48 23.71 -14.02
CA LYS R 414 -56.15 23.45 -13.52
C LYS R 414 -55.09 23.59 -14.62
N TYR R 415 -55.22 22.77 -15.67
CA TYR R 415 -54.21 22.79 -16.73
C TYR R 415 -54.20 24.10 -17.50
N ALA R 416 -55.39 24.68 -17.72
CA ALA R 416 -55.47 25.96 -18.42
C ALA R 416 -54.71 27.04 -17.67
N PHE R 417 -54.95 27.17 -16.36
CA PHE R 417 -54.26 28.20 -15.60
C PHE R 417 -52.79 27.84 -15.35
N GLU R 418 -52.42 26.56 -15.37
CA GLU R 418 -51.01 26.22 -15.33
C GLU R 418 -50.30 26.69 -16.59
N LEU R 419 -50.89 26.43 -17.76
CA LEU R 419 -50.33 26.96 -19.00
C LEU R 419 -50.32 28.49 -19.00
N LYS R 420 -51.33 29.10 -18.38
CA LYS R 420 -51.39 30.55 -18.31
C LYS R 420 -50.26 31.12 -17.47
N GLU R 421 -50.02 30.54 -16.29
CA GLU R 421 -48.96 31.03 -15.42
C GLU R 421 -47.58 30.71 -15.99
N LYS R 422 -47.46 29.64 -16.79
CA LYS R 422 -46.18 29.33 -17.41
C LYS R 422 -45.92 30.14 -18.67
N LEU R 423 -46.97 30.65 -19.32
CA LEU R 423 -46.80 31.42 -20.54
C LEU R 423 -46.44 32.88 -20.25
N LEU R 424 -47.07 33.47 -19.24
CA LEU R 424 -46.86 34.88 -18.91
C LEU R 424 -45.46 35.04 -18.32
N ARG R 425 -44.55 35.57 -19.14
CA ARG R 425 -43.17 35.87 -18.75
C ARG R 425 -42.42 34.62 -18.25
N GLY R 426 -42.90 33.43 -18.62
CA GLY R 426 -42.23 32.21 -18.20
C GLY R 426 -40.99 31.91 -19.04
N THR R 427 -41.10 32.15 -20.35
CA THR R 427 -39.99 31.99 -21.29
C THR R 427 -39.52 30.53 -21.37
N VAL R 428 -40.26 29.62 -20.76
CA VAL R 428 -39.91 28.20 -20.73
C VAL R 428 -41.14 27.44 -21.22
N ILE R 429 -41.19 27.15 -22.52
CA ILE R 429 -42.28 26.39 -23.11
C ILE R 429 -41.93 24.91 -23.05
N ASP R 430 -42.82 24.12 -22.44
CA ASP R 430 -42.62 22.69 -22.28
C ASP R 430 -43.61 21.92 -23.15
N VAL R 431 -43.36 20.62 -23.27
CA VAL R 431 -44.27 19.75 -24.01
C VAL R 431 -45.29 19.06 -23.09
N THR R 432 -44.92 18.79 -21.84
CA THR R 432 -45.81 18.09 -20.93
C THR R 432 -47.04 18.94 -20.61
N ASP R 433 -46.84 20.23 -20.33
CA ASP R 433 -47.99 21.10 -20.09
C ASP R 433 -48.82 21.28 -21.34
N PHE R 434 -48.21 21.18 -22.53
CA PHE R 434 -48.98 21.25 -23.76
C PHE R 434 -49.86 20.01 -23.93
N VAL R 435 -49.33 18.83 -23.61
CA VAL R 435 -50.15 17.62 -23.67
C VAL R 435 -51.26 17.68 -22.62
N ASN R 436 -50.96 18.22 -21.45
CA ASN R 436 -51.98 18.41 -20.42
C ASN R 436 -53.08 19.34 -20.91
N TRP R 437 -52.71 20.45 -21.54
CA TRP R 437 -53.69 21.36 -22.10
C TRP R 437 -54.51 20.70 -23.21
N ALA R 438 -53.87 19.84 -24.00
CA ALA R 438 -54.59 19.11 -25.03
C ALA R 438 -55.65 18.21 -24.42
N SER R 439 -55.27 17.41 -23.43
CA SER R 439 -56.24 16.55 -22.75
C SER R 439 -57.33 17.37 -22.08
N SER R 440 -56.96 18.52 -21.51
CA SER R 440 -57.94 19.38 -20.84
C SER R 440 -58.97 19.93 -21.82
N ILE R 441 -58.52 20.45 -22.96
CA ILE R 441 -59.45 20.99 -23.93
C ILE R 441 -60.25 19.87 -24.59
N ASN R 442 -59.69 18.66 -24.65
CA ASN R 442 -60.47 17.52 -25.10
C ASN R 442 -61.56 17.17 -24.10
N ASP R 443 -61.31 17.43 -22.81
CA ASP R 443 -62.33 17.18 -21.79
C ASP R 443 -63.45 18.20 -21.88
N ALA R 444 -63.11 19.49 -22.00
CA ALA R 444 -64.08 20.57 -22.05
C ALA R 444 -63.66 21.61 -23.06
N PRO R 445 -64.21 21.57 -24.29
CA PRO R 445 -63.88 22.60 -25.28
C PRO R 445 -64.77 23.82 -25.18
N VAL R 446 -64.59 24.78 -26.08
CA VAL R 446 -65.40 26.00 -26.11
C VAL R 446 -65.46 26.50 -27.54
N LEU R 447 -66.42 27.38 -27.82
CA LEU R 447 -66.64 27.86 -29.17
C LEU R 447 -65.46 28.72 -29.65
N ILE R 448 -65.18 28.61 -30.95
CA ILE R 448 -64.17 29.45 -31.61
C ILE R 448 -64.82 30.21 -32.74
N SER R 449 -65.35 29.48 -33.73
CA SER R 449 -66.05 30.05 -34.87
C SER R 449 -67.50 29.64 -34.81
N GLN R 450 -68.40 30.56 -35.16
CA GLN R 450 -69.83 30.34 -35.01
C GLN R 450 -70.56 30.90 -36.22
N LYS R 451 -71.29 30.04 -36.92
CA LYS R 451 -72.14 30.48 -38.01
C LYS R 451 -73.45 31.03 -37.45
N LEU R 452 -73.98 32.04 -38.12
CA LEU R 452 -75.14 32.76 -37.63
C LEU R 452 -76.43 32.26 -38.29
N SER R 453 -77.52 32.31 -37.54
CA SER R 453 -78.82 31.88 -38.03
C SER R 453 -79.93 32.49 -37.18
N PRO R 454 -80.95 33.10 -37.78
CA PRO R 454 -81.99 33.77 -37.01
C PRO R 454 -82.88 32.78 -36.26
N ILE R 455 -83.37 33.23 -35.11
CA ILE R 455 -84.23 32.37 -34.28
C ILE R 455 -85.62 32.23 -34.90
N TYR R 456 -86.16 33.32 -35.44
CA TYR R 456 -87.49 33.25 -36.04
C TYR R 456 -87.56 32.26 -37.20
N ASN R 457 -86.42 31.92 -37.80
CA ASN R 457 -86.39 30.86 -38.80
C ASN R 457 -86.45 29.48 -38.16
N LEU R 458 -86.20 29.37 -36.86
CA LEU R 458 -86.22 28.10 -36.14
C LEU R 458 -87.61 27.76 -35.60
N VAL R 459 -88.58 28.64 -35.75
CA VAL R 459 -89.94 28.38 -35.25
C VAL R 459 -90.50 27.15 -35.96
N PRO R 460 -91.22 26.27 -35.26
CA PRO R 460 -91.79 25.10 -35.94
C PRO R 460 -92.89 25.49 -36.92
N VAL R 461 -92.91 24.78 -38.05
CA VAL R 461 -93.86 25.04 -39.12
C VAL R 461 -95.21 24.43 -38.75
N LYS R 462 -96.25 24.78 -39.52
CA LYS R 462 -97.61 24.25 -39.37
C LYS R 462 -98.09 24.29 -37.92
N MET R 463 -97.73 25.36 -37.22
CA MET R 463 -98.17 25.57 -35.85
C MET R 463 -99.48 26.36 -35.86
N LYS R 464 -99.90 26.86 -34.70
CA LYS R 464 -101.14 27.62 -34.61
C LYS R 464 -101.06 28.89 -35.47
N ASN R 465 -100.10 29.74 -35.20
CA ASN R 465 -99.91 31.01 -35.90
C ASN R 465 -98.46 31.17 -36.33
N ALA R 466 -97.92 30.12 -36.96
CA ALA R 466 -96.49 30.06 -37.26
C ALA R 466 -96.02 31.25 -38.08
N HIS R 467 -96.73 31.56 -39.18
CA HIS R 467 -96.28 32.61 -40.08
C HIS R 467 -96.33 33.98 -39.43
N LEU R 468 -97.47 34.32 -38.82
CA LEU R 468 -97.62 35.65 -38.23
C LEU R 468 -96.68 35.83 -37.04
N LYS R 469 -96.54 34.80 -36.20
CA LYS R 469 -95.59 34.88 -35.10
C LYS R 469 -94.15 34.96 -35.59
N LYS R 470 -93.83 34.30 -36.70
CA LYS R 470 -92.48 34.38 -37.26
C LYS R 470 -92.19 35.79 -37.74
N GLN R 471 -93.11 36.38 -38.52
CA GLN R 471 -92.92 37.75 -38.97
C GLN R 471 -92.90 38.73 -37.80
N ASN R 472 -93.67 38.44 -36.74
CA ASN R 472 -93.70 39.32 -35.57
C ASN R 472 -92.37 39.28 -34.83
N LEU R 473 -91.79 38.08 -34.66
CA LEU R 473 -90.48 37.98 -34.05
C LEU R 473 -89.40 38.58 -34.94
N GLU R 474 -89.58 38.51 -36.26
CA GLU R 474 -88.66 39.19 -37.17
C GLU R 474 -88.67 40.70 -36.94
N ARG R 475 -89.86 41.28 -36.90
CA ARG R 475 -89.97 42.71 -36.61
C ARG R 475 -89.42 43.03 -35.22
N ALA R 476 -89.64 42.13 -34.26
CA ALA R 476 -89.18 42.36 -32.89
C ALA R 476 -87.64 42.39 -32.83
N ILE R 477 -86.98 41.43 -33.48
CA ILE R 477 -85.53 41.42 -33.46
C ILE R 477 -84.96 42.57 -34.28
N GLU R 478 -85.65 42.96 -35.37
CA GLU R 478 -85.20 44.12 -36.14
C GLU R 478 -85.26 45.39 -35.30
N ASP R 479 -86.32 45.56 -34.52
CA ASP R 479 -86.40 46.70 -33.62
C ASP R 479 -85.40 46.59 -32.48
N TYR R 480 -85.16 45.38 -31.98
CA TYR R 480 -84.24 45.18 -30.87
C TYR R 480 -82.83 45.57 -31.25
N ILE R 481 -82.33 45.07 -32.37
CA ILE R 481 -80.96 45.35 -32.77
C ILE R 481 -80.77 46.82 -33.11
N ASN R 482 -81.86 47.56 -33.33
CA ASN R 482 -81.81 49.00 -33.57
C ASN R 482 -82.36 49.81 -32.41
N GLU R 483 -82.82 49.17 -31.33
CA GLU R 483 -83.40 49.91 -30.22
C GLU R 483 -82.32 50.59 -29.38
N PHE R 484 -81.42 49.79 -28.80
CA PHE R 484 -80.35 50.31 -27.96
C PHE R 484 -79.03 49.73 -28.40
N SER R 485 -78.03 50.59 -28.56
CA SER R 485 -76.68 50.20 -28.97
C SER R 485 -75.76 51.40 -28.77
N VAL R 486 -74.52 51.24 -29.20
CA VAL R 486 -73.56 52.35 -29.13
C VAL R 486 -73.97 53.45 -30.10
N ARG R 487 -74.64 53.10 -31.20
CA ARG R 487 -75.03 54.09 -32.19
C ARG R 487 -75.98 55.13 -31.62
N LYS R 488 -76.87 54.73 -30.70
CA LYS R 488 -77.83 55.65 -30.12
C LYS R 488 -77.27 56.42 -28.92
N CYS R 489 -76.17 55.95 -28.35
CA CYS R 489 -75.57 56.62 -27.20
C CYS R 489 -74.79 57.84 -27.68
N HIS R 490 -74.06 58.49 -26.78
CA HIS R 490 -73.31 59.69 -27.10
C HIS R 490 -71.84 59.34 -27.38
N THR R 491 -71.21 60.16 -28.20
CA THR R 491 -69.82 59.92 -28.60
C THR R 491 -68.86 60.44 -27.55
N CYS R 492 -67.79 59.68 -27.31
CA CYS R 492 -66.77 60.05 -26.34
C CYS R 492 -65.81 61.05 -26.97
N GLN R 493 -64.72 61.36 -26.25
CA GLN R 493 -63.74 62.33 -26.70
C GLN R 493 -62.42 61.64 -27.04
N ASN R 494 -61.62 62.32 -27.87
CA ASN R 494 -60.30 61.84 -28.27
C ASN R 494 -60.38 60.47 -28.94
N GLY R 495 -61.43 60.26 -29.73
CA GLY R 495 -61.59 59.01 -30.46
C GLY R 495 -61.71 57.79 -29.59
N GLY R 496 -62.18 57.95 -28.35
CA GLY R 496 -62.31 56.82 -27.44
C GLY R 496 -63.41 55.88 -27.90
N THR R 497 -63.08 54.61 -28.08
CA THR R 497 -64.07 53.62 -28.49
C THR R 497 -65.13 53.47 -27.40
N VAL R 498 -66.38 53.74 -27.77
CA VAL R 498 -67.50 53.69 -26.83
C VAL R 498 -68.06 52.28 -26.78
N ILE R 499 -68.27 51.76 -25.57
CA ILE R 499 -68.85 50.45 -25.36
C ILE R 499 -70.15 50.61 -24.57
N LEU R 500 -70.88 49.50 -24.45
CA LEU R 500 -72.14 49.47 -23.71
C LEU R 500 -72.19 48.19 -22.89
N MET R 501 -72.03 48.31 -21.58
CA MET R 501 -72.01 47.17 -20.66
C MET R 501 -73.14 47.36 -19.66
N ASP R 502 -74.33 46.88 -20.02
CA ASP R 502 -75.50 46.88 -19.13
C ASP R 502 -75.82 48.29 -18.63
N GLY R 503 -76.15 49.16 -19.58
CA GLY R 503 -76.54 50.53 -19.30
C GLY R 503 -75.39 51.52 -19.23
N LYS R 504 -74.29 51.14 -18.60
CA LYS R 504 -73.13 52.02 -18.49
C LYS R 504 -72.50 52.21 -19.86
N CYS R 505 -72.69 53.40 -20.43
CA CYS R 505 -72.17 53.71 -21.76
C CYS R 505 -70.78 54.36 -21.64
N LEU R 506 -69.84 53.58 -21.12
CA LEU R 506 -68.48 54.06 -20.96
C LEU R 506 -67.73 54.01 -22.29
N CYS R 507 -66.64 54.77 -22.37
CA CYS R 507 -65.81 54.83 -23.56
C CYS R 507 -64.38 54.46 -23.20
N ALA R 508 -63.82 53.49 -23.91
CA ALA R 508 -62.44 53.09 -23.68
C ALA R 508 -61.50 54.16 -24.20
N CYS R 509 -60.77 54.80 -23.30
CA CYS R 509 -59.88 55.89 -23.65
C CYS R 509 -58.51 55.34 -24.06
N PRO R 510 -57.80 56.02 -24.97
CA PRO R 510 -56.50 55.52 -25.42
C PRO R 510 -55.50 55.38 -24.29
N PHE R 511 -54.37 54.74 -24.61
CA PHE R 511 -53.36 54.42 -23.60
C PHE R 511 -52.72 55.68 -23.04
N LYS R 512 -52.26 56.57 -23.91
CA LYS R 512 -51.55 57.78 -23.49
C LYS R 512 -52.48 58.80 -22.84
N PHE R 513 -53.77 58.52 -22.71
CA PHE R 513 -54.73 59.44 -22.14
C PHE R 513 -55.26 58.88 -20.82
N GLU R 514 -55.93 59.73 -20.05
CA GLU R 514 -56.44 59.35 -18.75
C GLU R 514 -57.81 58.70 -18.92
N GLY R 515 -58.54 58.53 -17.81
CA GLY R 515 -59.72 57.69 -17.78
C GLY R 515 -61.01 58.30 -18.27
N ILE R 516 -62.05 58.22 -17.42
CA ILE R 516 -63.42 58.50 -17.83
C ILE R 516 -63.55 59.84 -18.54
N ALA R 517 -64.41 59.86 -19.56
CA ALA R 517 -64.81 61.06 -20.31
C ALA R 517 -63.69 61.64 -21.17
N CYS R 518 -62.49 61.08 -21.05
CA CYS R 518 -61.33 61.51 -21.84
C CYS R 518 -61.19 63.04 -21.83
N GLU R 519 -61.35 63.62 -20.64
CA GLU R 519 -61.27 65.08 -20.51
C GLU R 519 -59.87 65.54 -20.11
N ILE R 520 -59.38 65.04 -18.98
CA ILE R 520 -58.05 65.40 -18.51
C ILE R 520 -57.01 64.57 -19.26
N SER R 521 -55.90 65.22 -19.63
CA SER R 521 -54.94 64.59 -20.55
C SER R 521 -54.02 63.62 -19.80
N LYS R 522 -53.31 64.12 -18.79
CA LYS R 522 -52.28 63.34 -18.09
C LYS R 522 -51.21 62.84 -19.06
N GLN R 523 -50.53 63.80 -19.68
CA GLN R 523 -49.48 63.49 -20.65
C GLN R 523 -48.21 63.02 -19.95
N LYS R 524 -48.55 65.29 -17.40
CA LYS R 524 -49.14 66.55 -17.83
C LYS R 524 -48.15 67.37 -18.64
N ILE R 525 -48.19 68.69 -18.45
CA ILE R 525 -47.31 69.62 -19.13
C ILE R 525 -46.35 70.21 -18.11
N SER R 526 -45.08 70.38 -18.51
CA SER R 526 -44.07 70.92 -17.62
C SER R 526 -44.18 72.43 -17.53
N GLU R 527 -44.08 72.96 -16.31
CA GLU R 527 -44.14 74.38 -16.06
C GLU R 527 -42.81 74.85 -15.50
N GLY R 528 -42.32 75.98 -16.02
CA GLY R 528 -41.06 76.53 -15.56
C GLY R 528 -41.17 77.98 -15.13
N LEU R 529 -40.71 78.28 -13.92
CA LEU R 529 -40.75 79.64 -13.39
C LEU R 529 -39.35 80.09 -13.02
N PRO R 530 -38.71 80.96 -13.81
CA PRO R 530 -37.37 81.43 -13.46
C PRO R 530 -37.41 82.59 -12.47
N ALA R 531 -38.55 82.79 -11.83
CA ALA R 531 -38.72 83.89 -10.91
C ALA R 531 -37.84 83.70 -9.67
N LEU R 532 -37.39 84.82 -9.10
CA LEU R 532 -36.55 84.77 -7.92
C LEU R 532 -37.39 84.35 -6.71
N GLU R 533 -36.88 83.45 -5.88
CA GLU R 533 -37.66 83.00 -4.71
C GLU R 533 -37.81 84.13 -3.69
N PHE R 534 -39.02 84.27 -3.17
CA PHE R 534 -39.29 85.32 -2.19
C PHE R 534 -38.57 85.05 -0.88
N PRO R 535 -38.63 83.83 -0.39
CA PRO R 535 -37.97 83.46 0.86
C PRO R 535 -37.52 82.01 0.84
N TYR S 5 -61.55 -36.29 -78.26
CA TYR S 5 -61.43 -37.42 -79.17
C TYR S 5 -61.42 -38.75 -78.40
N VAL S 6 -62.58 -39.39 -78.33
CA VAL S 6 -62.73 -40.65 -77.62
C VAL S 6 -62.65 -41.79 -78.62
N ILE S 7 -61.65 -42.65 -78.47
CA ILE S 7 -61.45 -43.81 -79.33
C ILE S 7 -61.72 -45.06 -78.50
N SER S 8 -62.71 -45.83 -78.90
CA SER S 8 -63.10 -47.06 -78.21
C SER S 8 -62.64 -48.26 -79.03
N ALA S 9 -61.91 -49.17 -78.38
CA ALA S 9 -61.37 -50.35 -79.02
C ALA S 9 -61.40 -51.52 -78.05
N PRO S 10 -61.48 -52.75 -78.56
CA PRO S 10 -61.45 -53.91 -77.67
C PRO S 10 -60.11 -54.01 -76.94
N LYS S 11 -60.14 -54.64 -75.76
CA LYS S 11 -58.94 -54.74 -74.94
C LYS S 11 -57.92 -55.69 -75.56
N ILE S 12 -58.37 -56.83 -76.05
CA ILE S 12 -57.50 -57.85 -76.62
C ILE S 12 -57.91 -58.09 -78.06
N PHE S 13 -57.05 -57.73 -79.01
CA PHE S 13 -57.32 -57.97 -80.42
C PHE S 13 -57.05 -59.43 -80.77
N ARG S 14 -57.64 -59.87 -81.88
CA ARG S 14 -57.53 -61.24 -82.35
C ARG S 14 -56.85 -61.25 -83.71
N VAL S 15 -55.83 -62.10 -83.85
CA VAL S 15 -55.12 -62.22 -85.13
C VAL S 15 -56.02 -62.93 -86.13
N GLY S 16 -56.08 -62.39 -87.34
CA GLY S 16 -56.93 -62.95 -88.38
C GLY S 16 -58.40 -62.74 -88.13
N ALA S 17 -58.77 -61.57 -87.62
CA ALA S 17 -60.16 -61.27 -87.28
C ALA S 17 -60.46 -59.82 -87.59
N SER S 18 -61.73 -59.53 -87.84
CA SER S 18 -62.18 -58.18 -88.16
C SER S 18 -62.55 -57.48 -86.86
N GLU S 19 -61.69 -56.57 -86.40
CA GLU S 19 -61.92 -55.81 -85.18
C GLU S 19 -62.33 -54.39 -85.56
N ASN S 20 -63.58 -54.05 -85.25
CA ASN S 20 -64.11 -52.73 -85.60
C ASN S 20 -63.63 -51.69 -84.60
N ILE S 21 -62.97 -50.64 -85.10
CA ILE S 21 -62.44 -49.56 -84.28
C ILE S 21 -63.25 -48.31 -84.55
N VAL S 22 -63.89 -47.78 -83.51
CA VAL S 22 -64.75 -46.61 -83.63
C VAL S 22 -64.03 -45.40 -83.04
N ILE S 23 -64.36 -44.22 -83.56
CA ILE S 23 -63.79 -42.96 -83.09
C ILE S 23 -64.90 -41.93 -83.01
N GLN S 24 -64.83 -41.06 -82.00
CA GLN S 24 -65.81 -40.00 -81.79
C GLN S 24 -65.10 -38.67 -81.60
N VAL S 25 -65.74 -37.61 -82.07
CA VAL S 25 -65.21 -36.26 -81.98
C VAL S 25 -66.21 -35.41 -81.21
N TYR S 26 -65.70 -34.44 -80.45
CA TYR S 26 -66.55 -33.57 -79.65
C TYR S 26 -67.47 -32.70 -80.50
N GLY S 27 -67.16 -32.52 -81.78
CA GLY S 27 -68.02 -31.77 -82.67
C GLY S 27 -67.50 -30.39 -83.03
N TYR S 28 -67.59 -30.02 -84.29
CA TYR S 28 -67.14 -28.72 -84.77
C TYR S 28 -67.85 -28.40 -86.07
N THR S 29 -67.98 -27.11 -86.35
CA THR S 29 -68.63 -26.64 -87.56
C THR S 29 -67.79 -26.97 -88.80
N ALA S 31 -65.72 -30.77 -90.45
CA ALA S 31 -65.72 -32.00 -91.25
C ALA S 31 -64.31 -32.36 -91.70
N PHE S 32 -63.52 -32.90 -90.79
CA PHE S 32 -62.15 -33.32 -91.07
C PHE S 32 -62.05 -34.84 -91.03
N ASP S 33 -61.25 -35.38 -91.95
CA ASP S 33 -61.09 -36.83 -92.05
C ASP S 33 -60.14 -37.34 -90.97
N ALA S 34 -60.19 -38.65 -90.75
CA ALA S 34 -59.33 -39.31 -89.78
C ALA S 34 -58.80 -40.60 -90.39
N THR S 35 -57.66 -41.06 -89.87
CA THR S 35 -56.99 -42.25 -90.37
C THR S 35 -56.37 -43.01 -89.22
N ILE S 36 -56.62 -44.31 -89.16
CA ILE S 36 -56.04 -45.18 -88.15
C ILE S 36 -55.30 -46.31 -88.84
N SER S 37 -54.22 -46.77 -88.22
CA SER S 37 -53.37 -47.81 -88.79
C SER S 37 -52.96 -48.79 -87.71
N ILE S 38 -52.49 -49.95 -88.15
CA ILE S 38 -52.03 -51.03 -87.27
C ILE S 38 -50.55 -51.25 -87.55
N LYS S 39 -49.71 -50.91 -86.59
CA LYS S 39 -48.26 -51.05 -86.72
C LYS S 39 -47.74 -52.07 -85.72
N SER S 40 -46.65 -52.74 -86.10
CA SER S 40 -46.03 -53.74 -85.25
C SER S 40 -45.15 -53.06 -84.21
N TYR S 41 -44.43 -53.87 -83.43
CA TYR S 41 -43.47 -53.33 -82.47
C TYR S 41 -42.43 -52.40 -83.12
N PRO S 42 -41.89 -52.68 -84.30
CA PRO S 42 -41.09 -51.65 -84.99
C PRO S 42 -41.98 -50.47 -85.36
N ASP S 43 -41.49 -49.26 -85.09
CA ASP S 43 -42.36 -48.08 -85.17
C ASP S 43 -42.64 -47.65 -86.61
N LYS S 44 -41.62 -47.34 -87.44
CA LYS S 44 -40.16 -47.64 -87.48
C LYS S 44 -39.79 -49.12 -87.35
N LYS S 45 -40.12 -49.93 -88.36
CA LYS S 45 -40.77 -49.48 -89.58
C LYS S 45 -41.66 -50.59 -90.18
N PHE S 46 -42.91 -50.63 -89.74
CA PHE S 46 -43.83 -51.69 -90.14
C PHE S 46 -45.25 -51.18 -90.00
N SER S 47 -46.16 -51.79 -90.76
CA SER S 47 -47.57 -51.41 -90.71
C SER S 47 -48.39 -52.57 -91.25
N TYR S 48 -49.30 -53.10 -90.44
CA TYR S 48 -50.13 -54.22 -90.87
C TYR S 48 -51.21 -53.77 -91.83
N SER S 49 -52.08 -52.87 -91.39
CA SER S 49 -53.17 -52.36 -92.22
C SER S 49 -53.40 -50.90 -91.89
N SER S 50 -54.07 -50.21 -92.81
CA SER S 50 -54.37 -48.79 -92.65
C SER S 50 -55.82 -48.55 -93.05
N GLY S 51 -56.62 -48.07 -92.10
CA GLY S 51 -58.02 -47.78 -92.33
C GLY S 51 -58.27 -46.30 -92.39
N HIS S 52 -59.30 -45.90 -93.12
CA HIS S 52 -59.67 -44.50 -93.28
C HIS S 52 -61.18 -44.34 -93.10
N VAL S 53 -61.56 -43.27 -92.40
CA VAL S 53 -62.96 -42.98 -92.13
C VAL S 53 -63.27 -41.58 -92.64
N HIS S 54 -64.56 -41.25 -92.65
CA HIS S 54 -65.03 -39.94 -93.10
C HIS S 54 -65.99 -39.38 -92.06
N LEU S 55 -65.81 -38.12 -91.71
CA LEU S 55 -66.61 -37.45 -90.69
C LEU S 55 -67.41 -36.32 -91.32
N SER S 56 -68.69 -36.25 -90.99
CA SER S 56 -69.57 -35.22 -91.52
C SER S 56 -70.71 -35.00 -90.55
N SER S 57 -71.55 -33.99 -90.86
CA SER S 57 -72.70 -33.70 -90.02
C SER S 57 -73.73 -34.83 -90.07
N GLU S 58 -73.80 -35.56 -91.19
CA GLU S 58 -74.74 -36.67 -91.28
C GLU S 58 -74.37 -37.79 -90.33
N ASN S 59 -73.09 -38.13 -90.25
CA ASN S 59 -72.61 -39.14 -89.31
C ASN S 59 -72.38 -38.60 -87.92
N LYS S 60 -72.60 -37.30 -87.70
CA LYS S 60 -72.44 -36.65 -86.39
C LYS S 60 -71.03 -36.83 -85.84
N PHE S 61 -70.05 -36.95 -86.73
CA PHE S 61 -68.62 -36.98 -86.37
C PHE S 61 -68.27 -38.23 -85.57
N GLN S 62 -68.89 -39.36 -85.91
CA GLN S 62 -68.48 -40.66 -85.40
C GLN S 62 -68.51 -41.68 -86.53
N ASN S 63 -67.55 -42.61 -86.52
CA ASN S 63 -67.47 -43.63 -87.54
C ASN S 63 -66.64 -44.78 -87.01
N SER S 64 -66.84 -45.95 -87.61
CA SER S 64 -66.16 -47.16 -87.18
C SER S 64 -65.66 -47.92 -88.40
N ALA S 65 -64.40 -48.35 -88.36
CA ALA S 65 -63.78 -49.08 -89.45
C ALA S 65 -63.20 -50.39 -88.92
N ILE S 66 -63.40 -51.46 -89.68
CA ILE S 66 -62.92 -52.78 -89.28
C ILE S 66 -61.43 -52.90 -89.59
N LEU S 67 -60.70 -53.52 -88.68
CA LEU S 67 -59.27 -53.75 -88.84
C LEU S 67 -58.96 -55.23 -88.68
N THR S 68 -57.95 -55.70 -89.39
CA THR S 68 -57.54 -57.09 -89.37
C THR S 68 -56.06 -57.20 -89.02
N ILE S 69 -55.70 -58.31 -88.38
CA ILE S 69 -54.32 -58.61 -88.02
C ILE S 69 -53.95 -59.89 -88.76
N GLN S 70 -53.17 -59.76 -89.82
CA GLN S 70 -52.80 -60.87 -90.69
C GLN S 70 -51.40 -61.36 -90.34
N PRO S 71 -51.04 -62.59 -90.77
CA PRO S 71 -49.71 -63.12 -90.42
C PRO S 71 -48.58 -62.39 -91.11
N LYS S 72 -48.39 -61.11 -90.76
CA LYS S 72 -47.27 -60.32 -91.24
C LYS S 72 -46.13 -60.27 -90.23
N GLN S 73 -46.29 -60.89 -89.07
CA GLN S 73 -45.27 -60.87 -88.03
C GLN S 73 -43.98 -61.51 -88.52
N LEU S 74 -42.88 -61.14 -87.86
CA LEU S 74 -41.57 -61.66 -88.24
C LEU S 74 -41.51 -63.17 -87.98
N PRO S 75 -41.05 -63.97 -88.95
CA PRO S 75 -40.95 -65.41 -88.71
C PRO S 75 -39.92 -65.72 -87.64
N GLY S 76 -40.25 -66.68 -86.78
CA GLY S 76 -39.34 -67.04 -85.70
C GLY S 76 -39.29 -65.96 -84.64
N GLY S 77 -38.10 -65.77 -84.06
CA GLY S 77 -37.90 -64.78 -83.03
C GLY S 77 -38.10 -65.35 -81.62
N GLN S 78 -37.76 -64.52 -80.63
CA GLN S 78 -37.92 -64.94 -79.25
C GLN S 78 -39.38 -64.96 -78.83
N ASN S 79 -40.19 -64.06 -79.37
CA ASN S 79 -41.62 -64.06 -79.13
C ASN S 79 -42.33 -63.48 -80.35
N PRO S 80 -43.33 -64.18 -80.89
CA PRO S 80 -44.05 -63.67 -82.06
C PRO S 80 -45.21 -62.73 -81.76
N VAL S 81 -45.31 -62.19 -80.55
CA VAL S 81 -46.48 -61.42 -80.17
C VAL S 81 -46.43 -60.03 -80.80
N SER S 82 -45.46 -59.22 -80.38
CA SER S 82 -45.33 -57.83 -80.83
C SER S 82 -46.70 -57.16 -80.90
N TYR S 83 -47.35 -57.09 -79.74
CA TYR S 83 -48.80 -57.09 -79.64
C TYR S 83 -49.50 -56.17 -80.65
N VAL S 84 -49.37 -54.86 -80.48
CA VAL S 84 -49.84 -53.90 -81.47
C VAL S 84 -49.34 -52.51 -81.08
N TYR S 85 -49.19 -51.63 -82.07
CA TYR S 85 -49.02 -50.20 -81.84
C TYR S 85 -50.09 -49.49 -82.66
N LEU S 86 -51.04 -48.85 -81.97
CA LEU S 86 -52.19 -48.24 -82.60
C LEU S 86 -51.98 -46.72 -82.67
N GLU S 87 -52.16 -46.17 -83.87
CA GLU S 87 -52.00 -44.74 -84.09
C GLU S 87 -53.25 -44.20 -84.75
N VAL S 88 -53.50 -42.91 -84.54
CA VAL S 88 -54.64 -42.21 -85.13
C VAL S 88 -54.10 -40.97 -85.84
N VAL S 89 -54.41 -40.84 -87.12
CA VAL S 89 -53.99 -39.70 -87.93
C VAL S 89 -55.19 -38.78 -88.09
N SER S 90 -55.14 -37.62 -87.45
CA SER S 90 -56.22 -36.65 -87.51
C SER S 90 -55.63 -35.26 -87.68
N LYS S 91 -56.49 -34.32 -88.09
CA LYS S 91 -56.05 -32.96 -88.33
C LYS S 91 -55.76 -32.23 -87.02
N HIS S 92 -56.56 -32.49 -85.99
CA HIS S 92 -56.47 -31.76 -84.73
C HIS S 92 -55.74 -32.51 -83.62
N PHE S 93 -55.64 -33.84 -83.71
CA PHE S 93 -55.06 -34.61 -82.61
C PHE S 93 -54.28 -35.80 -83.16
N SER S 94 -53.37 -36.31 -82.33
CA SER S 94 -52.55 -37.46 -82.66
C SER S 94 -52.08 -38.11 -81.37
N LYS S 95 -52.30 -39.42 -81.25
CA LYS S 95 -51.90 -40.16 -80.06
C LYS S 95 -51.66 -41.61 -80.43
N SER S 96 -50.79 -42.26 -79.65
CA SER S 96 -50.44 -43.66 -79.86
C SER S 96 -50.51 -44.41 -78.54
N LYS S 97 -50.82 -45.70 -78.63
CA LYS S 97 -50.91 -46.55 -77.45
C LYS S 97 -50.78 -48.00 -77.86
N ARG S 98 -50.13 -48.80 -77.01
CA ARG S 98 -50.02 -50.23 -77.22
C ARG S 98 -51.22 -50.94 -76.59
N MET S 99 -51.57 -52.10 -77.15
CA MET S 99 -52.68 -52.91 -76.66
C MET S 99 -52.29 -54.37 -76.77
N PRO S 100 -52.49 -55.16 -75.73
CA PRO S 100 -52.15 -56.59 -75.80
C PRO S 100 -53.06 -57.33 -76.76
N ILE S 101 -52.48 -58.29 -77.49
CA ILE S 101 -53.23 -59.13 -78.42
C ILE S 101 -52.95 -60.59 -78.07
N THR S 102 -53.72 -61.48 -78.70
CA THR S 102 -53.58 -62.91 -78.50
C THR S 102 -54.00 -63.62 -79.77
N TYR S 103 -53.27 -64.69 -80.11
CA TYR S 103 -53.62 -65.52 -81.26
C TYR S 103 -54.88 -66.35 -81.04
N ASP S 104 -55.60 -66.12 -79.94
CA ASP S 104 -56.83 -66.84 -79.63
C ASP S 104 -57.91 -66.38 -80.60
N ASN S 105 -58.13 -67.18 -81.65
CA ASN S 105 -59.10 -66.84 -82.69
C ASN S 105 -59.88 -68.09 -83.06
N GLY S 106 -61.21 -67.97 -83.06
CA GLY S 106 -62.06 -69.08 -83.44
C GLY S 106 -62.30 -70.05 -82.29
N PHE S 107 -62.97 -71.15 -82.64
CA PHE S 107 -63.32 -72.17 -81.68
C PHE S 107 -63.21 -73.54 -82.34
N LEU S 108 -62.99 -74.56 -81.52
CA LEU S 108 -62.83 -75.94 -81.99
C LEU S 108 -63.81 -76.82 -81.24
N PHE S 109 -64.76 -77.41 -81.98
CA PHE S 109 -65.77 -78.31 -81.43
C PHE S 109 -65.49 -79.70 -81.98
N ILE S 110 -64.90 -80.55 -81.14
CA ILE S 110 -64.59 -81.92 -81.52
C ILE S 110 -65.80 -82.79 -81.19
N HIS S 111 -66.37 -83.43 -82.21
CA HIS S 111 -67.57 -84.25 -82.07
C HIS S 111 -67.21 -85.70 -82.35
N THR S 112 -67.36 -86.55 -81.34
CA THR S 112 -67.11 -87.98 -81.48
C THR S 112 -68.43 -88.75 -81.57
N ASP S 113 -68.38 -89.91 -82.20
CA ASP S 113 -69.58 -90.71 -82.37
C ASP S 113 -69.97 -91.44 -81.09
N LYS S 114 -69.00 -91.86 -80.29
CA LYS S 114 -69.27 -92.64 -79.08
C LYS S 114 -68.34 -92.19 -77.96
N PRO S 115 -68.84 -92.15 -76.72
CA PRO S 115 -67.96 -91.88 -75.58
C PRO S 115 -67.22 -93.10 -75.07
N VAL S 116 -67.67 -94.31 -75.43
CA VAL S 116 -67.07 -95.55 -74.98
C VAL S 116 -66.59 -96.33 -76.20
N TYR S 117 -65.33 -96.76 -76.17
CA TYR S 117 -64.72 -97.51 -77.26
C TYR S 117 -64.18 -98.84 -76.74
N THR S 118 -64.23 -99.85 -77.61
CA THR S 118 -63.65 -101.15 -77.37
C THR S 118 -62.40 -101.35 -78.20
N PRO S 119 -61.52 -102.27 -77.81
CA PRO S 119 -60.34 -102.56 -78.64
C PRO S 119 -60.74 -103.03 -80.03
N ASP S 120 -59.90 -102.66 -81.01
CA ASP S 120 -60.13 -102.98 -82.43
C ASP S 120 -61.48 -102.42 -82.90
N GLN S 121 -61.60 -101.10 -82.84
CA GLN S 121 -62.81 -100.40 -83.24
C GLN S 121 -62.44 -99.08 -83.90
N SER S 122 -63.17 -98.73 -84.95
CA SER S 122 -62.90 -97.49 -85.68
C SER S 122 -63.33 -96.29 -84.85
N VAL S 123 -62.61 -95.18 -85.05
CA VAL S 123 -62.85 -93.94 -84.33
C VAL S 123 -63.29 -92.90 -85.34
N LYS S 124 -64.60 -92.69 -85.45
CA LYS S 124 -65.15 -91.66 -86.32
C LYS S 124 -65.26 -90.35 -85.54
N VAL S 125 -64.55 -89.34 -86.00
CA VAL S 125 -64.50 -88.05 -85.31
C VAL S 125 -64.43 -86.94 -86.35
N ARG S 126 -65.06 -85.81 -86.03
CA ARG S 126 -65.02 -84.64 -86.89
C ARG S 126 -64.83 -83.39 -86.02
N VAL S 127 -64.14 -82.40 -86.58
CA VAL S 127 -63.83 -81.16 -85.89
C VAL S 127 -64.54 -80.02 -86.61
N TYR S 128 -65.18 -79.14 -85.84
CA TYR S 128 -65.90 -78.00 -86.38
C TYR S 128 -65.01 -76.76 -86.24
N SER S 129 -64.49 -76.28 -87.36
CA SER S 129 -63.69 -75.07 -87.38
C SER S 129 -64.59 -73.85 -87.51
N LEU S 130 -64.32 -72.83 -86.70
CA LEU S 130 -65.13 -71.62 -86.66
C LEU S 130 -64.24 -70.40 -86.52
N ASN S 131 -64.78 -69.26 -86.91
CA ASN S 131 -64.11 -67.97 -86.74
C ASN S 131 -64.78 -67.21 -85.61
N ASP S 132 -64.37 -65.95 -85.42
CA ASP S 132 -65.02 -65.11 -84.41
C ASP S 132 -66.40 -64.67 -84.88
N ASP S 133 -66.58 -64.45 -86.18
CA ASP S 133 -67.85 -64.06 -86.76
C ASP S 133 -68.73 -65.27 -87.10
N LEU S 134 -68.48 -66.41 -86.47
CA LEU S 134 -69.22 -67.66 -86.65
C LEU S 134 -69.05 -68.24 -88.06
N LYS S 135 -68.14 -67.70 -88.86
CA LYS S 135 -67.89 -68.22 -90.19
C LYS S 135 -67.10 -69.53 -90.12
N PRO S 136 -67.15 -70.33 -91.18
CA PRO S 136 -66.38 -71.60 -91.15
C PRO S 136 -64.88 -71.39 -90.96
N ALA S 137 -64.29 -70.41 -91.64
CA ALA S 137 -62.86 -70.11 -91.56
C ALA S 137 -62.02 -71.36 -91.87
N LYS S 138 -62.17 -71.81 -93.11
CA LYS S 138 -61.48 -73.00 -93.60
C LYS S 138 -59.99 -72.94 -93.36
N ARG S 139 -59.48 -73.79 -92.48
CA ARG S 139 -58.06 -73.81 -92.12
C ARG S 139 -57.63 -75.26 -91.91
N GLU S 140 -56.33 -75.50 -92.09
CA GLU S 140 -55.78 -76.82 -91.83
C GLU S 140 -55.73 -77.08 -90.33
N THR S 141 -55.92 -78.34 -89.95
CA THR S 141 -55.99 -78.72 -88.55
C THR S 141 -55.32 -80.07 -88.34
N VAL S 142 -54.48 -80.15 -87.31
CA VAL S 142 -53.83 -81.40 -86.92
C VAL S 142 -54.53 -81.95 -85.68
N LEU S 143 -54.57 -83.28 -85.56
CA LEU S 143 -55.24 -83.94 -84.45
C LEU S 143 -54.26 -84.92 -83.81
N THR S 144 -54.03 -84.74 -82.52
CA THR S 144 -53.14 -85.61 -81.75
C THR S 144 -53.92 -86.41 -80.72
N PHE S 145 -53.45 -87.62 -80.45
CA PHE S 145 -54.04 -88.51 -79.47
C PHE S 145 -53.02 -88.78 -78.36
N ILE S 146 -53.50 -88.75 -77.12
CA ILE S 146 -52.64 -88.91 -75.95
C ILE S 146 -53.14 -90.07 -75.10
N ASP S 147 -52.23 -90.97 -74.76
CA ASP S 147 -52.58 -92.08 -73.88
C ASP S 147 -52.94 -91.55 -72.48
N PRO S 148 -53.90 -92.19 -71.81
CA PRO S 148 -54.26 -91.73 -70.45
C PRO S 148 -53.10 -91.77 -69.48
N GLU S 149 -52.11 -92.63 -69.70
CA GLU S 149 -50.94 -92.68 -68.83
C GLU S 149 -49.98 -91.53 -69.06
N GLY S 150 -50.17 -90.75 -70.12
CA GLY S 150 -49.30 -89.62 -70.41
C GLY S 150 -49.14 -89.36 -71.89
N GLU S 152 -48.31 -89.34 -76.02
CA GLU S 152 -48.91 -89.16 -77.33
C GLU S 152 -48.94 -90.48 -78.09
N VAL S 153 -49.97 -90.67 -78.93
CA VAL S 153 -50.18 -91.91 -79.66
C VAL S 153 -49.98 -91.72 -81.16
N ASP S 154 -50.77 -90.83 -81.78
CA ASP S 154 -50.68 -90.62 -83.21
C ASP S 154 -51.12 -89.19 -83.53
N MET S 155 -50.52 -88.63 -84.58
CA MET S 155 -50.87 -87.29 -85.06
C MET S 155 -51.20 -87.36 -86.54
N VAL S 156 -52.21 -86.60 -86.94
CA VAL S 156 -52.65 -86.57 -88.34
C VAL S 156 -53.20 -85.18 -88.64
N GLU S 157 -52.83 -84.66 -89.82
CA GLU S 157 -53.28 -83.34 -90.26
C GLU S 157 -54.07 -83.48 -91.55
N GLU S 158 -55.06 -82.60 -91.71
CA GLU S 158 -55.90 -82.61 -92.90
C GLU S 158 -56.30 -81.18 -93.23
N ILE S 159 -56.28 -80.85 -94.52
CA ILE S 159 -56.63 -79.52 -95.00
C ILE S 159 -58.15 -79.45 -95.18
N ASP S 160 -58.75 -78.36 -94.71
CA ASP S 160 -60.19 -78.17 -94.83
C ASP S 160 -60.53 -77.36 -96.08
N ILE S 162 -65.29 -76.35 -96.72
CA ILE S 162 -66.54 -76.97 -96.33
C ILE S 162 -67.01 -76.42 -94.99
N GLY S 163 -66.17 -76.53 -93.98
CA GLY S 163 -66.48 -76.11 -92.62
C GLY S 163 -66.49 -77.25 -91.62
N ILE S 164 -66.66 -78.50 -92.07
CA ILE S 164 -66.65 -79.66 -91.22
C ILE S 164 -65.46 -80.52 -91.62
N ILE S 165 -64.45 -80.56 -90.77
CA ILE S 165 -63.19 -81.25 -91.08
C ILE S 165 -63.39 -82.74 -90.83
N SER S 166 -63.29 -83.54 -91.89
CA SER S 166 -63.41 -84.99 -91.80
C SER S 166 -62.05 -85.61 -91.59
N PHE S 167 -61.96 -86.54 -90.63
CA PHE S 167 -60.72 -87.20 -90.29
C PHE S 167 -60.82 -88.70 -90.54
N PRO S 168 -59.71 -89.35 -90.90
CA PRO S 168 -59.75 -90.81 -91.11
C PRO S 168 -60.04 -91.55 -89.82
N ASP S 169 -60.62 -92.73 -89.96
CA ASP S 169 -60.99 -93.54 -88.80
C ASP S 169 -59.74 -94.08 -88.12
N PHE S 170 -59.56 -93.73 -86.86
CA PHE S 170 -58.43 -94.23 -86.08
C PHE S 170 -58.68 -95.66 -85.64
N LYS S 171 -57.60 -96.38 -85.35
CA LYS S 171 -57.66 -97.78 -84.97
C LYS S 171 -57.02 -97.97 -83.61
N ILE S 172 -57.67 -98.76 -82.77
CA ILE S 172 -57.16 -99.00 -81.40
C ILE S 172 -56.01 -100.00 -81.48
N PRO S 173 -54.89 -99.74 -80.80
CA PRO S 173 -53.77 -100.69 -80.84
C PRO S 173 -54.14 -102.03 -80.25
N SER S 174 -53.28 -103.03 -80.50
CA SER S 174 -53.55 -104.38 -80.02
C SER S 174 -53.50 -104.46 -78.51
N ASN S 175 -52.74 -103.59 -77.85
CA ASN S 175 -52.63 -103.55 -76.39
C ASN S 175 -53.15 -102.19 -75.91
N PRO S 176 -54.46 -102.05 -75.76
CA PRO S 176 -55.02 -100.76 -75.32
C PRO S 176 -54.74 -100.51 -73.85
N ARG S 177 -54.88 -99.24 -73.47
CA ARG S 177 -54.75 -98.80 -72.08
C ARG S 177 -56.08 -98.22 -71.64
N TYR S 178 -56.80 -98.96 -70.80
CA TYR S 178 -58.11 -98.52 -70.35
C TYR S 178 -57.99 -97.27 -69.47
N GLY S 179 -58.90 -96.34 -69.67
CA GLY S 179 -58.89 -95.10 -68.92
C GLY S 179 -59.48 -93.98 -69.76
N MET S 180 -59.31 -92.76 -69.26
CA MET S 180 -59.82 -91.56 -69.91
C MET S 180 -58.76 -91.01 -70.85
N TRP S 181 -59.00 -91.13 -72.15
CA TRP S 181 -58.06 -90.66 -73.16
C TRP S 181 -58.17 -89.15 -73.33
N THR S 182 -57.37 -88.61 -74.24
CA THR S 182 -57.33 -87.17 -74.48
C THR S 182 -57.19 -86.92 -75.97
N ILE S 183 -57.95 -85.95 -76.48
CA ILE S 183 -57.93 -85.56 -77.88
C ILE S 183 -57.73 -84.05 -77.95
N LYS S 184 -56.64 -83.63 -78.57
CA LYS S 184 -56.36 -82.21 -78.79
C LYS S 184 -56.24 -81.94 -80.28
N ALA S 185 -56.66 -80.73 -80.68
CA ALA S 185 -56.65 -80.32 -82.08
C ALA S 185 -56.02 -78.94 -82.19
N LYS S 186 -55.09 -78.78 -83.14
CA LYS S 186 -54.43 -77.51 -83.38
C LYS S 186 -54.37 -77.26 -84.88
N TYR S 187 -54.21 -75.99 -85.24
CA TYR S 187 -54.04 -75.63 -86.64
C TYR S 187 -52.60 -75.84 -87.10
N LYS S 188 -51.65 -75.76 -86.17
CA LYS S 188 -50.26 -76.17 -86.37
C LYS S 188 -49.47 -75.21 -87.26
N GLU S 189 -50.13 -74.23 -87.86
CA GLU S 189 -49.41 -73.22 -88.63
C GLU S 189 -49.18 -71.95 -87.80
N ASP S 190 -50.25 -71.24 -87.48
CA ASP S 190 -50.16 -70.09 -86.56
C ASP S 190 -51.56 -69.84 -86.02
N PHE S 191 -51.78 -70.18 -84.75
CA PHE S 191 -53.09 -70.03 -84.13
C PHE S 191 -52.96 -70.34 -82.65
N SER S 192 -54.09 -70.27 -81.94
CA SER S 192 -54.16 -70.60 -80.52
C SER S 192 -55.51 -71.28 -80.30
N THR S 193 -55.91 -71.37 -79.02
CA THR S 193 -57.21 -71.93 -78.62
C THR S 193 -57.31 -73.41 -79.01
N THR S 194 -56.39 -74.20 -78.45
CA THR S 194 -56.43 -75.64 -78.66
C THR S 194 -57.67 -76.22 -77.99
N GLY S 195 -58.38 -77.08 -78.72
CA GLY S 195 -59.56 -77.74 -78.20
C GLY S 195 -59.21 -79.10 -77.60
N THR S 196 -59.96 -79.48 -76.57
CA THR S 196 -59.71 -80.71 -75.83
C THR S 196 -60.97 -81.54 -75.77
N ALA S 197 -60.87 -82.81 -76.16
CA ALA S 197 -61.98 -83.74 -76.11
C ALA S 197 -61.56 -84.99 -75.35
N TYR S 198 -62.52 -85.63 -74.70
CA TYR S 198 -62.28 -86.80 -73.87
C TYR S 198 -63.14 -87.97 -74.33
N PHE S 199 -62.58 -89.17 -74.25
CA PHE S 199 -63.34 -90.38 -74.51
C PHE S 199 -62.70 -91.53 -73.73
N GLU S 200 -63.54 -92.39 -73.17
CA GLU S 200 -63.07 -93.51 -72.36
C GLU S 200 -63.16 -94.80 -73.14
N VAL S 201 -62.19 -95.69 -72.94
CA VAL S 201 -62.17 -97.01 -73.56
C VAL S 201 -62.59 -98.02 -72.51
N LYS S 202 -63.73 -98.68 -72.73
CA LYS S 202 -64.26 -99.66 -71.79
C LYS S 202 -65.09 -100.66 -72.59
N GLU S 203 -65.78 -101.55 -71.87
CA GLU S 203 -66.55 -102.63 -72.48
C GLU S 203 -68.03 -102.28 -72.39
N TYR S 204 -68.61 -101.82 -73.51
CA TYR S 204 -70.03 -101.55 -73.62
C TYR S 204 -70.79 -102.70 -74.27
N VAL S 205 -70.33 -103.94 -74.06
CA VAL S 205 -70.83 -105.09 -74.81
C VAL S 205 -72.36 -105.14 -74.80
N LEU S 206 -72.95 -105.13 -73.62
CA LEU S 206 -74.40 -105.20 -73.56
C LEU S 206 -74.96 -104.48 -72.35
N PRO S 207 -75.52 -103.28 -72.52
CA PRO S 207 -76.28 -102.65 -71.44
C PRO S 207 -77.73 -103.11 -71.45
N HIS S 208 -78.20 -103.69 -70.35
CA HIS S 208 -79.53 -104.29 -70.34
C HIS S 208 -80.62 -103.26 -70.08
N PHE S 209 -80.45 -102.43 -69.06
CA PHE S 209 -81.42 -101.39 -68.74
C PHE S 209 -80.77 -100.35 -67.85
N SER S 210 -81.12 -99.09 -68.07
CA SER S 210 -80.53 -97.98 -67.31
C SER S 210 -81.13 -97.94 -65.92
N VAL S 211 -80.27 -97.81 -64.91
CA VAL S 211 -80.66 -97.73 -63.51
C VAL S 211 -80.33 -96.33 -63.03
N SER S 212 -81.36 -95.52 -62.76
CA SER S 212 -81.19 -94.15 -62.30
C SER S 212 -81.45 -94.09 -60.80
N ILE S 213 -80.55 -93.44 -60.07
CA ILE S 213 -80.66 -93.28 -58.62
C ILE S 213 -80.94 -91.80 -58.35
N GLU S 214 -82.18 -91.48 -58.03
CA GLU S 214 -82.59 -90.11 -57.74
C GLU S 214 -83.03 -90.00 -56.29
N PRO S 215 -82.13 -89.61 -55.37
CA PRO S 215 -82.53 -89.46 -53.97
C PRO S 215 -83.49 -88.31 -53.78
N GLU S 216 -84.24 -88.38 -52.68
CA GLU S 216 -85.18 -87.31 -52.36
C GLU S 216 -84.46 -86.00 -52.09
N TYR S 217 -83.32 -86.07 -51.41
CA TYR S 217 -82.48 -84.91 -51.14
C TYR S 217 -81.09 -85.14 -51.70
N ASN S 218 -80.44 -84.05 -52.12
CA ASN S 218 -79.10 -84.14 -52.69
C ASN S 218 -78.11 -84.70 -51.66
N PHE S 219 -77.93 -84.00 -50.55
CA PHE S 219 -77.01 -84.39 -49.51
C PHE S 219 -77.76 -84.55 -48.18
N ILE S 220 -77.40 -85.58 -47.43
CA ILE S 220 -78.07 -85.87 -46.17
C ILE S 220 -77.76 -84.77 -45.15
N GLY S 221 -78.80 -84.19 -44.58
CA GLY S 221 -78.62 -83.15 -43.58
C GLY S 221 -78.97 -83.62 -42.18
N TYR S 222 -79.34 -82.69 -41.30
CA TYR S 222 -79.70 -83.07 -39.94
C TYR S 222 -81.05 -83.77 -39.89
N LYS S 223 -82.03 -83.28 -40.66
CA LYS S 223 -83.34 -83.90 -40.67
C LYS S 223 -83.30 -85.27 -41.33
N ASN S 224 -82.41 -85.48 -42.29
CA ASN S 224 -82.29 -86.75 -42.98
C ASN S 224 -81.37 -87.74 -42.28
N PHE S 225 -80.84 -87.38 -41.11
CA PHE S 225 -79.96 -88.30 -40.38
C PHE S 225 -80.75 -89.44 -39.76
N LYS S 226 -81.91 -89.13 -39.17
CA LYS S 226 -82.73 -90.17 -38.54
C LYS S 226 -83.47 -90.98 -39.59
N ASN S 227 -83.91 -90.35 -40.67
CA ASN S 227 -84.64 -91.04 -41.73
C ASN S 227 -84.27 -90.42 -43.07
N PHE S 228 -83.67 -91.22 -43.95
CA PHE S 228 -83.30 -90.79 -45.29
C PHE S 228 -83.87 -91.79 -46.29
N GLU S 229 -84.81 -91.34 -47.11
CA GLU S 229 -85.46 -92.18 -48.10
C GLU S 229 -84.90 -91.87 -49.48
N ILE S 230 -84.50 -92.91 -50.21
CA ILE S 230 -83.88 -92.78 -51.51
C ILE S 230 -84.70 -93.56 -52.53
N THR S 231 -84.80 -93.02 -53.74
CA THR S 231 -85.57 -93.63 -54.82
C THR S 231 -84.62 -94.23 -55.85
N ILE S 232 -84.82 -95.51 -56.15
CA ILE S 232 -84.05 -96.23 -57.15
C ILE S 232 -85.02 -96.67 -58.24
N LYS S 233 -84.84 -96.13 -59.45
CA LYS S 233 -85.71 -96.44 -60.57
C LYS S 233 -84.88 -97.00 -61.73
N ALA S 234 -85.33 -98.12 -62.28
CA ALA S 234 -84.70 -98.75 -63.43
C ALA S 234 -85.67 -98.74 -64.60
N ARG S 235 -85.20 -98.24 -65.75
CA ARG S 235 -86.03 -98.13 -66.93
C ARG S 235 -85.27 -98.66 -68.15
N TYR S 236 -86.02 -99.22 -69.10
CA TYR S 236 -85.41 -99.71 -70.32
C TYR S 236 -84.98 -98.54 -71.21
N PHE S 237 -84.22 -98.88 -72.25
CA PHE S 237 -83.69 -97.86 -73.16
C PHE S 237 -84.69 -97.41 -74.22
N TYR S 238 -85.79 -98.14 -74.42
CA TYR S 238 -86.78 -97.78 -75.42
C TYR S 238 -87.97 -97.02 -74.80
N ASN S 239 -87.71 -96.25 -73.75
CA ASN S 239 -88.62 -95.30 -73.10
C ASN S 239 -89.69 -96.00 -72.25
N LYS S 240 -89.64 -97.32 -72.10
CA LYS S 240 -90.60 -98.05 -71.29
C LYS S 240 -89.98 -98.44 -69.95
N VAL S 241 -90.77 -98.32 -68.88
CA VAL S 241 -90.27 -98.69 -67.55
C VAL S 241 -90.20 -100.20 -67.42
N VAL S 242 -89.46 -100.64 -66.41
CA VAL S 242 -89.33 -102.07 -66.12
C VAL S 242 -90.52 -102.52 -65.28
N THR S 243 -91.17 -103.60 -65.70
CA THR S 243 -92.35 -104.09 -65.00
C THR S 243 -92.01 -104.52 -63.58
N GLU S 244 -91.19 -105.55 -63.44
CA GLU S 244 -90.81 -106.08 -62.13
C GLU S 244 -89.38 -106.57 -62.17
N ALA S 245 -88.64 -106.29 -61.11
CA ALA S 245 -87.26 -106.73 -61.00
C ALA S 245 -86.83 -106.69 -59.54
N ASP S 246 -85.94 -107.60 -59.17
CA ASP S 246 -85.40 -107.64 -57.82
C ASP S 246 -84.22 -106.69 -57.71
N VAL S 247 -84.27 -105.79 -56.72
CA VAL S 247 -83.26 -104.75 -56.55
C VAL S 247 -82.54 -105.01 -55.23
N TYR S 248 -81.22 -105.16 -55.30
CA TYR S 248 -80.37 -105.35 -54.13
C TYR S 248 -79.60 -104.06 -53.86
N ILE S 249 -79.73 -103.55 -52.64
CA ILE S 249 -79.11 -102.30 -52.24
C ILE S 249 -77.89 -102.60 -51.37
N THR S 250 -76.79 -101.90 -51.62
CA THR S 250 -75.57 -102.04 -50.85
C THR S 250 -75.07 -100.66 -50.45
N PHE S 251 -74.79 -100.47 -49.16
CA PHE S 251 -74.35 -99.19 -48.64
C PHE S 251 -72.87 -99.27 -48.28
N GLY S 252 -72.27 -98.10 -48.10
CA GLY S 252 -70.87 -98.02 -47.75
C GLY S 252 -70.46 -96.61 -47.40
N ILE S 253 -69.32 -96.50 -46.73
CA ILE S 253 -68.75 -95.23 -46.32
C ILE S 253 -67.35 -95.11 -46.89
N ARG S 254 -67.09 -94.03 -47.62
CA ARG S 254 -65.79 -93.77 -48.22
C ARG S 254 -65.24 -92.46 -47.69
N GLU S 255 -63.92 -92.43 -47.49
CA GLU S 255 -63.29 -91.21 -46.95
C GLU S 255 -63.17 -90.12 -48.00
N ASP S 256 -62.87 -90.48 -49.24
CA ASP S 256 -62.73 -89.52 -50.32
C ASP S 256 -63.20 -90.16 -51.62
N LEU S 257 -63.40 -89.31 -52.64
CA LEU S 257 -63.81 -89.81 -53.95
C LEU S 257 -62.69 -90.55 -54.66
N LYS S 258 -61.43 -90.32 -54.26
CA LYS S 258 -60.31 -91.01 -54.90
C LYS S 258 -60.19 -92.46 -54.44
N ASP S 259 -60.56 -92.74 -53.19
CA ASP S 259 -60.49 -94.09 -52.66
C ASP S 259 -61.72 -94.88 -53.11
N ASP S 260 -61.49 -95.97 -53.84
CA ASP S 260 -62.58 -96.77 -54.39
C ASP S 260 -62.93 -97.99 -53.53
N GLN S 261 -62.05 -98.41 -52.64
CA GLN S 261 -62.28 -99.59 -51.81
C GLN S 261 -62.31 -99.18 -50.35
N LYS S 262 -63.43 -99.47 -49.68
CA LYS S 262 -63.60 -99.14 -48.27
C LYS S 262 -64.47 -100.20 -47.61
N GLU S 263 -64.31 -100.35 -46.31
CA GLU S 263 -65.16 -101.27 -45.54
C GLU S 263 -66.58 -100.77 -45.51
N MET S 264 -67.53 -101.70 -45.35
CA MET S 264 -68.94 -101.35 -45.40
C MET S 264 -69.76 -102.45 -44.74
N MET S 265 -70.98 -102.08 -44.36
CA MET S 265 -71.96 -103.05 -43.89
C MET S 265 -72.34 -104.00 -45.03
N GLN S 266 -72.41 -105.32 -44.78
CA GLN S 266 -72.26 -106.10 -43.53
C GLN S 266 -73.46 -105.92 -42.58
N THR S 267 -74.46 -105.15 -43.00
CA THR S 267 -75.75 -105.20 -42.32
C THR S 267 -76.86 -105.34 -43.36
N ALA S 268 -76.63 -104.83 -44.57
CA ALA S 268 -77.60 -104.85 -45.66
C ALA S 268 -76.90 -104.38 -46.92
N MET S 269 -77.17 -105.00 -48.08
CA MET S 269 -77.99 -106.21 -48.32
C MET S 269 -79.47 -106.09 -47.97
N GLN S 270 -80.14 -105.08 -48.51
CA GLN S 270 -81.59 -104.97 -48.46
C GLN S 270 -82.18 -105.41 -49.80
N ASN S 271 -83.24 -106.22 -49.74
CA ASN S 271 -83.88 -106.76 -50.94
C ASN S 271 -85.23 -106.09 -51.12
N THR S 272 -85.38 -105.30 -52.18
CA THR S 272 -86.62 -104.66 -52.54
C THR S 272 -87.02 -105.03 -53.96
N MET S 273 -88.30 -104.90 -54.26
CA MET S 273 -88.86 -105.26 -55.55
C MET S 273 -89.23 -104.01 -56.34
N LEU S 274 -88.80 -103.96 -57.59
CA LEU S 274 -89.11 -102.85 -58.47
C LEU S 274 -90.55 -102.99 -58.98
N ILE S 275 -91.35 -101.93 -58.82
CA ILE S 275 -92.74 -101.93 -59.23
C ILE S 275 -92.98 -100.76 -60.18
N ASN S 276 -93.45 -101.08 -61.38
CA ASN S 276 -93.79 -100.08 -62.40
C ASN S 276 -92.59 -99.19 -62.74
N GLY S 277 -91.38 -99.73 -62.65
CA GLY S 277 -90.19 -99.00 -62.99
C GLY S 277 -89.72 -98.00 -61.96
N ILE S 278 -90.26 -98.04 -60.74
CA ILE S 278 -89.87 -97.12 -59.68
C ILE S 278 -89.87 -97.88 -58.36
N ALA S 279 -88.83 -97.64 -57.56
CA ALA S 279 -88.71 -98.27 -56.25
C ALA S 279 -88.11 -97.26 -55.28
N GLN S 280 -88.54 -97.35 -54.02
CA GLN S 280 -88.10 -96.41 -53.00
C GLN S 280 -88.02 -97.15 -51.66
N VAL S 281 -86.95 -96.88 -50.91
CA VAL S 281 -86.72 -97.55 -49.64
C VAL S 281 -86.18 -96.54 -48.64
N THR S 282 -86.53 -96.74 -47.37
CA THR S 282 -86.09 -95.88 -46.28
C THR S 282 -84.84 -96.47 -45.64
N PHE S 283 -83.80 -95.64 -45.51
CA PHE S 283 -82.54 -96.06 -44.92
C PHE S 283 -82.14 -95.07 -43.84
N ASP S 284 -82.06 -95.54 -42.60
CA ASP S 284 -81.63 -94.70 -41.49
C ASP S 284 -80.12 -94.75 -41.34
N SER S 285 -79.53 -93.58 -41.03
CA SER S 285 -78.09 -93.49 -40.89
C SER S 285 -77.60 -93.88 -39.51
N GLU S 286 -78.48 -93.89 -38.50
CA GLU S 286 -78.06 -94.19 -37.14
C GLU S 286 -77.59 -95.63 -37.01
N THR S 287 -78.36 -96.58 -37.54
CA THR S 287 -77.97 -97.99 -37.44
C THR S 287 -76.68 -98.26 -38.19
N ALA S 288 -76.53 -97.67 -39.39
CA ALA S 288 -75.31 -97.86 -40.16
C ALA S 288 -74.10 -97.27 -39.45
N VAL S 289 -74.25 -96.06 -38.91
CA VAL S 289 -73.13 -95.40 -38.25
C VAL S 289 -72.80 -96.06 -36.90
N LYS S 290 -73.76 -96.76 -36.29
CA LYS S 290 -73.50 -97.44 -35.04
C LYS S 290 -72.94 -98.84 -35.22
N GLU S 291 -73.33 -99.54 -36.30
CA GLU S 291 -72.93 -100.93 -36.50
C GLU S 291 -71.59 -101.05 -37.21
N LEU S 292 -71.48 -100.48 -38.42
CA LEU S 292 -70.30 -100.68 -39.25
C LEU S 292 -69.28 -99.56 -39.11
N SER S 293 -69.72 -98.32 -38.89
CA SER S 293 -68.80 -97.19 -38.84
C SER S 293 -67.92 -97.18 -37.60
N TYR S 294 -68.23 -98.00 -36.59
CA TYR S 294 -67.49 -98.15 -35.34
C TYR S 294 -67.60 -96.93 -34.42
N TYR S 295 -68.27 -95.86 -34.86
CA TYR S 295 -68.54 -94.71 -34.01
C TYR S 295 -69.83 -94.06 -34.48
N SER S 296 -70.74 -93.79 -33.54
CA SER S 296 -72.09 -93.32 -33.85
C SER S 296 -72.20 -91.86 -33.45
N LEU S 297 -71.94 -90.97 -34.42
CA LEU S 297 -72.10 -89.53 -34.25
C LEU S 297 -71.96 -88.89 -35.62
N GLU S 298 -72.78 -87.85 -35.86
CA GLU S 298 -72.77 -87.19 -37.16
C GLU S 298 -71.62 -86.21 -37.30
N ASP S 299 -71.03 -85.74 -36.20
CA ASP S 299 -69.89 -84.84 -36.27
C ASP S 299 -68.57 -85.57 -36.44
N LEU S 300 -68.49 -86.84 -36.01
CA LEU S 300 -67.24 -87.57 -36.10
C LEU S 300 -66.90 -87.94 -37.54
N ASN S 301 -67.90 -88.32 -38.33
CA ASN S 301 -67.70 -88.79 -39.69
C ASN S 301 -67.97 -87.65 -40.66
N ASN S 302 -66.91 -87.13 -41.28
CA ASN S 302 -67.00 -86.15 -42.36
C ASN S 302 -66.35 -86.77 -43.59
N LYS S 303 -67.15 -87.54 -44.34
CA LYS S 303 -66.64 -88.29 -45.48
C LYS S 303 -67.81 -88.80 -46.30
N TYR S 304 -67.51 -89.15 -47.55
CA TYR S 304 -68.55 -89.52 -48.51
C TYR S 304 -69.26 -90.80 -48.08
N LEU S 305 -70.44 -91.02 -48.68
CA LEU S 305 -71.24 -92.21 -48.47
C LEU S 305 -71.48 -92.87 -49.83
N TYR S 306 -70.95 -94.07 -50.01
CA TYR S 306 -71.06 -94.80 -51.27
C TYR S 306 -72.20 -95.81 -51.17
N ILE S 307 -73.11 -95.77 -52.15
CA ILE S 307 -74.24 -96.69 -52.23
C ILE S 307 -74.15 -97.45 -53.54
N ALA S 308 -74.27 -98.78 -53.47
CA ALA S 308 -74.26 -99.64 -54.63
C ALA S 308 -75.63 -100.29 -54.80
N VAL S 309 -76.10 -100.34 -56.04
CA VAL S 309 -77.42 -100.88 -56.36
C VAL S 309 -77.25 -101.95 -57.43
N THR S 310 -77.71 -103.16 -57.14
CA THR S 310 -77.67 -104.27 -58.09
C THR S 310 -79.11 -104.69 -58.38
N VAL S 311 -79.55 -104.49 -59.62
CA VAL S 311 -80.92 -104.77 -60.03
C VAL S 311 -80.90 -105.99 -60.93
N ILE S 312 -81.61 -107.04 -60.53
CA ILE S 312 -81.73 -108.27 -61.30
C ILE S 312 -83.20 -108.51 -61.60
N GLU S 313 -83.50 -109.07 -62.76
CA GLU S 313 -84.86 -109.35 -63.17
C GLU S 313 -85.29 -110.71 -62.64
N SER S 314 -86.50 -110.77 -62.07
CA SER S 314 -87.01 -112.03 -61.55
C SER S 314 -87.54 -112.93 -62.66
N THR S 315 -88.01 -112.35 -63.76
CA THR S 315 -88.56 -113.13 -64.86
C THR S 315 -87.50 -113.62 -65.85
N GLY S 316 -86.28 -113.10 -65.77
CA GLY S 316 -85.22 -113.53 -66.67
C GLY S 316 -83.88 -113.15 -66.13
N GLY S 317 -82.86 -113.93 -66.49
CA GLY S 317 -81.52 -113.70 -65.99
C GLY S 317 -80.86 -112.46 -66.57
N PHE S 318 -80.74 -111.42 -65.75
CA PHE S 318 -80.11 -110.17 -66.16
C PHE S 318 -79.62 -109.45 -64.91
N SER S 319 -78.65 -108.55 -65.11
CA SER S 319 -78.08 -107.80 -64.00
C SER S 319 -77.55 -106.47 -64.50
N GLU S 320 -77.86 -105.41 -63.76
CA GLU S 320 -77.35 -104.08 -64.04
C GLU S 320 -77.02 -103.39 -62.73
N GLU S 321 -75.95 -102.60 -62.74
CA GLU S 321 -75.45 -101.95 -61.53
C GLU S 321 -75.35 -100.46 -61.75
N ALA S 322 -75.53 -99.71 -60.65
CA ALA S 322 -75.38 -98.26 -60.64
C ALA S 322 -74.70 -97.86 -59.34
N GLU S 323 -74.29 -96.59 -59.28
CA GLU S 323 -73.56 -96.11 -58.11
C GLU S 323 -73.68 -94.59 -58.02
N ILE S 324 -73.42 -94.08 -56.83
CA ILE S 324 -73.43 -92.64 -56.55
C ILE S 324 -72.03 -92.24 -56.12
N PRO S 325 -71.49 -91.12 -56.61
CA PRO S 325 -70.12 -90.73 -56.21
C PRO S 325 -69.93 -90.62 -54.70
N GLY S 326 -70.80 -89.89 -54.01
CA GLY S 326 -70.68 -89.78 -52.57
C GLY S 326 -71.50 -88.68 -51.95
N ILE S 327 -71.87 -88.86 -50.68
CA ILE S 327 -72.61 -87.87 -49.91
C ILE S 327 -71.95 -87.78 -48.54
N LYS S 328 -71.29 -86.65 -48.27
CA LYS S 328 -70.53 -86.46 -47.04
C LYS S 328 -71.36 -85.72 -46.01
N TYR S 329 -71.23 -86.15 -44.75
CA TYR S 329 -71.90 -85.49 -43.63
C TYR S 329 -71.05 -84.30 -43.20
N VAL S 330 -71.50 -83.10 -43.51
CA VAL S 330 -70.77 -81.87 -43.19
C VAL S 330 -71.60 -81.05 -42.22
N LEU S 331 -70.98 -80.66 -41.10
CA LEU S 331 -71.67 -79.81 -40.14
C LEU S 331 -71.89 -78.40 -40.70
N SER S 332 -70.93 -77.90 -41.48
CA SER S 332 -71.08 -76.59 -42.08
C SER S 332 -72.13 -76.65 -43.19
N PRO S 333 -73.08 -75.72 -43.24
CA PRO S 333 -74.11 -75.75 -44.29
C PRO S 333 -73.54 -75.47 -45.67
N TYR S 334 -74.40 -75.47 -46.67
CA TYR S 334 -73.97 -75.24 -48.05
C TYR S 334 -73.47 -73.81 -48.23
N LYS S 335 -72.63 -73.62 -49.24
CA LYS S 335 -71.98 -72.34 -49.46
C LYS S 335 -72.82 -71.44 -50.36
N LEU S 336 -72.63 -70.14 -50.21
CA LEU S 336 -73.34 -69.13 -50.97
C LEU S 336 -72.39 -68.44 -51.95
N ASN S 337 -72.96 -67.98 -53.07
CA ASN S 337 -72.20 -67.23 -54.06
C ASN S 337 -73.16 -66.36 -54.86
N LEU S 338 -72.61 -65.34 -55.50
CA LEU S 338 -73.37 -64.39 -56.30
C LEU S 338 -73.09 -64.62 -57.78
N VAL S 339 -74.16 -64.64 -58.58
CA VAL S 339 -74.06 -64.80 -60.03
C VAL S 339 -74.92 -63.74 -60.70
N ALA S 340 -74.41 -63.18 -61.80
CA ALA S 340 -75.10 -62.14 -62.56
C ALA S 340 -75.51 -60.96 -61.66
N THR S 341 -74.69 -60.68 -60.65
CA THR S 341 -74.96 -59.62 -59.69
C THR S 341 -73.75 -58.71 -59.58
N PRO S 342 -73.81 -57.51 -60.16
CA PRO S 342 -72.68 -56.58 -60.02
C PRO S 342 -72.53 -56.13 -58.56
N LEU S 343 -71.33 -56.32 -58.03
CA LEU S 343 -71.03 -55.92 -56.65
C LEU S 343 -70.68 -54.43 -56.58
N PHE S 344 -71.64 -53.61 -57.00
CA PHE S 344 -71.46 -52.18 -57.05
C PHE S 344 -72.80 -51.51 -56.73
N LEU S 345 -72.74 -50.20 -56.49
CA LEU S 345 -73.87 -49.45 -55.96
C LEU S 345 -74.23 -48.29 -56.88
N LYS S 346 -75.52 -48.02 -57.00
CA LYS S 346 -76.03 -46.85 -57.70
C LYS S 346 -76.88 -46.03 -56.75
N PRO S 347 -76.48 -44.81 -56.40
CA PRO S 347 -77.24 -44.04 -55.41
C PRO S 347 -78.62 -43.65 -55.91
N GLY S 348 -79.61 -43.74 -55.01
CA GLY S 348 -80.96 -43.34 -55.32
C GLY S 348 -81.78 -44.34 -56.11
N ILE S 349 -81.13 -45.29 -56.77
CA ILE S 349 -81.80 -46.25 -57.64
C ILE S 349 -81.83 -47.60 -56.92
N PRO S 350 -82.96 -48.31 -56.90
CA PRO S 350 -83.00 -49.63 -56.25
C PRO S 350 -82.02 -50.59 -56.88
N TYR S 351 -81.16 -51.18 -56.05
CA TYR S 351 -80.13 -52.10 -56.51
C TYR S 351 -80.60 -53.54 -56.29
N PRO S 352 -80.87 -54.29 -57.35
CA PRO S 352 -81.27 -55.69 -57.16
C PRO S 352 -80.12 -56.54 -56.65
N ILE S 353 -80.47 -57.56 -55.87
CA ILE S 353 -79.51 -58.50 -55.31
C ILE S 353 -79.95 -59.91 -55.66
N LYS S 354 -79.13 -60.61 -56.45
CA LYS S 354 -79.41 -61.98 -56.87
C LYS S 354 -78.32 -62.89 -56.31
N VAL S 355 -78.69 -63.71 -55.33
CA VAL S 355 -77.75 -64.63 -54.68
C VAL S 355 -78.15 -66.06 -55.01
N GLN S 356 -77.16 -66.94 -55.07
CA GLN S 356 -77.37 -68.35 -55.38
C GLN S 356 -76.74 -69.21 -54.30
N VAL S 357 -77.42 -70.30 -53.98
CA VAL S 357 -76.93 -71.29 -53.00
C VAL S 357 -76.57 -72.56 -53.74
N LYS S 358 -75.30 -72.96 -53.64
CA LYS S 358 -74.82 -74.19 -54.23
C LYS S 358 -74.46 -75.19 -53.14
N ASP S 359 -74.52 -76.47 -53.48
CA ASP S 359 -74.23 -77.53 -52.52
C ASP S 359 -72.72 -77.68 -52.34
N SER S 360 -72.31 -78.79 -51.72
CA SER S 360 -70.88 -79.01 -51.49
C SER S 360 -70.14 -79.22 -52.81
N LEU S 361 -70.75 -79.92 -53.76
CA LEU S 361 -70.10 -80.25 -55.03
C LEU S 361 -70.92 -79.66 -56.17
N ASP S 362 -70.66 -78.41 -56.50
CA ASP S 362 -71.03 -77.76 -57.77
C ASP S 362 -72.45 -78.13 -58.22
N GLN S 363 -73.43 -77.77 -57.40
CA GLN S 363 -74.83 -77.97 -57.78
C GLN S 363 -75.70 -77.03 -56.97
N LEU S 364 -76.62 -76.34 -57.65
CA LEU S 364 -77.49 -75.37 -56.99
C LEU S 364 -78.47 -76.07 -56.06
N VAL S 365 -78.89 -75.34 -55.03
CA VAL S 365 -79.86 -75.83 -54.05
C VAL S 365 -81.07 -74.93 -54.07
N GLY S 366 -82.25 -75.53 -53.87
CA GLY S 366 -83.48 -74.78 -53.86
C GLY S 366 -84.32 -75.10 -52.64
N GLY S 367 -85.23 -74.18 -52.32
CA GLY S 367 -86.09 -74.34 -51.18
C GLY S 367 -85.46 -74.01 -49.84
N VAL S 368 -84.41 -73.21 -49.82
CA VAL S 368 -83.71 -72.83 -48.60
C VAL S 368 -83.96 -71.33 -48.38
N PRO S 369 -84.68 -70.95 -47.33
CA PRO S 369 -84.88 -69.52 -47.05
C PRO S 369 -83.58 -68.85 -46.64
N VAL S 370 -83.36 -67.63 -47.16
CA VAL S 370 -82.16 -66.87 -46.88
C VAL S 370 -82.55 -65.43 -46.57
N THR S 371 -81.76 -64.78 -45.72
CA THR S 371 -81.96 -63.39 -45.38
C THR S 371 -80.61 -62.69 -45.35
N LEU S 372 -80.64 -61.36 -45.39
CA LEU S 372 -79.43 -60.55 -45.44
C LEU S 372 -79.59 -59.33 -44.54
N ASN S 373 -78.45 -58.85 -44.04
CA ASN S 373 -78.39 -57.64 -43.22
C ASN S 373 -77.50 -56.62 -43.92
N ALA S 374 -78.05 -55.44 -44.17
CA ALA S 374 -77.35 -54.40 -44.91
C ALA S 374 -77.28 -53.12 -44.09
N GLN S 375 -76.20 -52.37 -44.28
CA GLN S 375 -75.98 -51.10 -43.59
C GLN S 375 -75.69 -50.03 -44.63
N THR S 376 -76.66 -49.14 -44.84
CA THR S 376 -76.51 -48.04 -45.78
C THR S 376 -75.75 -46.90 -45.09
N ILE S 377 -74.51 -46.66 -45.51
CA ILE S 377 -73.64 -45.67 -44.87
C ILE S 377 -73.73 -44.36 -45.64
N ASP S 378 -73.65 -43.25 -44.90
CA ASP S 378 -73.65 -41.93 -45.49
C ASP S 378 -72.23 -41.46 -45.78
N VAL S 379 -72.09 -40.64 -46.82
CA VAL S 379 -70.78 -40.13 -47.19
C VAL S 379 -70.32 -39.05 -46.21
N ASN S 380 -71.27 -38.40 -45.53
CA ASN S 380 -70.94 -37.23 -44.70
C ASN S 380 -70.77 -37.58 -43.23
N GLN S 381 -71.68 -38.39 -42.67
CA GLN S 381 -71.72 -38.56 -41.22
C GLN S 381 -72.15 -40.00 -40.92
N GLU S 382 -72.60 -40.23 -39.68
CA GLU S 382 -72.94 -41.56 -39.20
C GLU S 382 -74.06 -42.18 -40.05
N THR S 383 -74.26 -43.47 -39.85
CA THR S 383 -75.17 -44.28 -40.65
C THR S 383 -76.25 -44.91 -39.77
N SER S 384 -77.12 -45.70 -40.41
CA SER S 384 -78.16 -46.44 -39.73
C SER S 384 -78.29 -47.80 -40.38
N ASP S 385 -78.93 -48.73 -39.65
CA ASP S 385 -79.08 -50.11 -40.12
C ASP S 385 -80.33 -50.22 -40.98
N LEU S 386 -80.15 -50.79 -42.18
CA LEU S 386 -81.27 -51.00 -43.09
C LEU S 386 -82.06 -52.22 -42.66
N ASP S 387 -83.37 -52.18 -42.92
CA ASP S 387 -84.26 -53.25 -42.48
C ASP S 387 -83.94 -54.55 -43.23
N PRO S 388 -83.79 -55.66 -42.53
CA PRO S 388 -83.47 -56.92 -43.22
C PRO S 388 -84.65 -57.42 -44.06
N SER S 389 -84.32 -58.26 -45.03
CA SER S 389 -85.30 -58.88 -45.91
C SER S 389 -84.99 -60.36 -46.05
N LYS S 390 -86.03 -61.18 -46.04
CA LYS S 390 -85.89 -62.63 -46.13
C LYS S 390 -86.73 -63.16 -47.28
N SER S 391 -86.17 -64.11 -48.03
CA SER S 391 -86.86 -64.73 -49.15
C SER S 391 -86.35 -66.15 -49.32
N VAL S 392 -87.06 -66.93 -50.13
CA VAL S 392 -86.71 -68.31 -50.41
C VAL S 392 -86.20 -68.43 -51.84
N THR S 393 -85.37 -69.44 -52.07
CA THR S 393 -84.83 -69.71 -53.39
C THR S 393 -85.67 -70.76 -54.10
N ARG S 394 -85.99 -70.50 -55.37
CA ARG S 394 -86.83 -71.40 -56.14
C ARG S 394 -86.01 -72.55 -56.71
N VAL S 395 -86.63 -73.71 -56.81
CA VAL S 395 -85.93 -74.89 -57.32
C VAL S 395 -85.73 -74.80 -58.83
N ASP S 396 -86.66 -74.16 -59.54
CA ASP S 396 -86.53 -74.06 -60.99
C ASP S 396 -85.57 -72.93 -61.39
N ASP S 397 -85.62 -71.80 -60.69
CA ASP S 397 -84.72 -70.69 -61.01
C ASP S 397 -83.34 -70.90 -60.39
N GLY S 398 -83.29 -71.30 -59.13
CA GLY S 398 -82.03 -71.56 -58.45
C GLY S 398 -81.36 -70.33 -57.87
N VAL S 399 -81.85 -69.13 -58.14
CA VAL S 399 -81.26 -67.89 -57.66
C VAL S 399 -82.31 -67.12 -56.89
N ALA S 400 -81.96 -66.66 -55.69
CA ALA S 400 -82.86 -65.86 -54.88
C ALA S 400 -82.80 -64.40 -55.29
N SER S 401 -83.96 -63.75 -55.33
CA SER S 401 -84.08 -62.37 -55.78
C SER S 401 -84.31 -61.45 -54.60
N PHE S 402 -83.59 -60.33 -54.59
CA PHE S 402 -83.73 -59.31 -53.57
C PHE S 402 -83.60 -57.94 -54.20
N VAL S 403 -84.27 -56.96 -53.60
CA VAL S 403 -84.24 -55.58 -54.07
C VAL S 403 -84.15 -54.66 -52.86
N LEU S 404 -83.22 -53.70 -52.90
CA LEU S 404 -83.02 -52.75 -51.82
C LEU S 404 -82.93 -51.34 -52.40
N ASN S 405 -83.71 -50.42 -51.83
CA ASN S 405 -83.68 -49.02 -52.22
C ASN S 405 -82.82 -48.23 -51.24
N LEU S 406 -81.89 -47.44 -51.79
CA LEU S 406 -80.96 -46.68 -50.98
C LEU S 406 -81.06 -45.20 -51.30
N PRO S 407 -80.78 -44.33 -50.33
CA PRO S 407 -80.80 -42.88 -50.58
C PRO S 407 -79.72 -42.48 -51.57
N SER S 408 -79.78 -41.22 -52.00
CA SER S 408 -78.84 -40.69 -52.97
C SER S 408 -77.47 -40.36 -52.36
N GLY S 409 -77.36 -40.35 -51.03
CA GLY S 409 -76.12 -39.97 -50.40
C GLY S 409 -75.32 -41.12 -49.83
N VAL S 410 -75.46 -42.31 -50.43
CA VAL S 410 -74.75 -43.51 -49.98
C VAL S 410 -73.54 -43.72 -50.87
N THR S 411 -72.42 -44.14 -50.26
CA THR S 411 -71.19 -44.43 -50.99
C THR S 411 -71.01 -45.92 -51.24
N VAL S 412 -71.02 -46.73 -50.17
CA VAL S 412 -70.85 -48.17 -50.27
C VAL S 412 -71.92 -48.86 -49.43
N LEU S 413 -72.05 -50.17 -49.63
CA LEU S 413 -72.97 -50.98 -48.84
C LEU S 413 -72.32 -52.34 -48.57
N GLU S 414 -72.62 -52.89 -47.40
CA GLU S 414 -72.17 -54.23 -47.02
C GLU S 414 -73.38 -55.06 -46.61
N PHE S 415 -73.49 -56.25 -47.20
CA PHE S 415 -74.62 -57.14 -46.95
C PHE S 415 -74.08 -58.51 -46.52
N ASN S 416 -74.67 -59.06 -45.46
CA ASN S 416 -74.29 -60.37 -44.94
C ASN S 416 -75.44 -61.33 -45.18
N VAL S 417 -75.36 -62.08 -46.27
CA VAL S 417 -76.41 -63.03 -46.63
C VAL S 417 -76.20 -64.31 -45.82
N LYS S 418 -77.20 -64.67 -45.02
CA LYS S 418 -77.16 -65.87 -44.21
C LYS S 418 -78.37 -66.73 -44.52
N THR S 419 -78.23 -68.03 -44.25
CA THR S 419 -79.29 -69.00 -44.50
C THR S 419 -80.13 -69.21 -43.26
N ASP S 420 -81.43 -69.42 -43.47
CA ASP S 420 -82.38 -69.65 -42.38
C ASP S 420 -83.11 -70.95 -42.64
N ALA S 421 -82.99 -71.90 -41.73
CA ALA S 421 -83.62 -73.21 -41.86
C ALA S 421 -83.90 -73.75 -40.47
N PRO S 422 -84.97 -74.53 -40.30
CA PRO S 422 -85.26 -75.08 -38.96
C PRO S 422 -84.18 -76.02 -38.45
N ASP S 423 -83.52 -76.76 -39.33
CA ASP S 423 -82.50 -77.71 -38.90
C ASP S 423 -81.12 -77.09 -38.73
N LEU S 424 -80.81 -76.04 -39.48
CA LEU S 424 -79.50 -75.41 -39.40
C LEU S 424 -79.39 -74.57 -38.13
N PRO S 425 -78.46 -74.87 -37.23
CA PRO S 425 -78.32 -74.09 -35.99
C PRO S 425 -77.62 -72.76 -36.28
N GLU S 426 -77.44 -71.98 -35.21
CA GLU S 426 -76.74 -70.71 -35.34
C GLU S 426 -75.23 -70.89 -35.36
N GLU S 427 -74.71 -71.88 -34.63
CA GLU S 427 -73.27 -72.13 -34.64
C GLU S 427 -72.82 -72.64 -36.00
N ASN S 428 -73.53 -73.60 -36.57
CA ASN S 428 -73.25 -74.13 -37.89
C ASN S 428 -74.20 -73.45 -38.87
N GLN S 429 -73.78 -72.31 -39.40
CA GLN S 429 -74.59 -71.53 -40.32
C GLN S 429 -73.70 -71.01 -41.44
N ALA S 430 -74.31 -70.66 -42.56
CA ALA S 430 -73.61 -70.20 -43.75
C ALA S 430 -73.80 -68.69 -43.88
N ARG S 431 -72.70 -67.94 -43.78
CA ARG S 431 -72.74 -66.50 -43.89
C ARG S 431 -71.56 -66.03 -44.73
N GLU S 432 -71.82 -65.16 -45.70
CA GLU S 432 -70.80 -64.65 -46.59
C GLU S 432 -70.98 -63.14 -46.74
N GLY S 433 -70.00 -62.38 -46.26
CA GLY S 433 -70.06 -60.92 -46.34
C GLY S 433 -69.41 -60.41 -47.62
N TYR S 434 -70.00 -59.35 -48.16
CA TYR S 434 -69.51 -58.71 -49.38
C TYR S 434 -69.69 -57.21 -49.26
N ARG S 435 -69.05 -56.48 -50.17
CA ARG S 435 -69.11 -55.03 -50.19
C ARG S 435 -69.29 -54.55 -51.62
N ALA S 436 -70.11 -53.52 -51.80
CA ALA S 436 -70.40 -52.94 -53.10
C ALA S 436 -70.03 -51.47 -53.07
N ILE S 437 -69.16 -51.06 -54.00
CA ILE S 437 -68.67 -49.69 -54.07
C ILE S 437 -69.34 -49.00 -55.25
N ALA S 438 -69.83 -47.78 -55.02
CA ALA S 438 -70.47 -47.02 -56.08
C ALA S 438 -69.42 -46.43 -57.04
N TYR S 439 -69.91 -45.77 -58.08
CA TYR S 439 -69.05 -45.15 -59.07
C TYR S 439 -68.29 -43.97 -58.48
N SER S 441 -66.07 -40.50 -58.79
CA SER S 441 -66.11 -39.54 -59.89
C SER S 441 -65.65 -38.16 -59.45
N LEU S 442 -64.77 -37.54 -60.26
CA LEU S 442 -64.28 -36.21 -59.93
C LEU S 442 -65.29 -35.12 -60.28
N SER S 443 -66.04 -35.30 -61.36
CA SER S 443 -67.03 -34.34 -61.79
C SER S 443 -68.41 -34.58 -61.19
N GLN S 444 -68.54 -35.57 -60.30
CA GLN S 444 -69.78 -35.92 -59.61
C GLN S 444 -70.88 -36.38 -60.56
N SER S 445 -70.57 -36.63 -61.83
CA SER S 445 -71.55 -37.10 -62.79
C SER S 445 -71.66 -38.62 -62.75
N TYR S 446 -72.87 -39.11 -63.01
CA TYR S 446 -73.15 -40.53 -62.96
C TYR S 446 -73.94 -40.95 -64.20
N LEU S 447 -74.15 -42.26 -64.32
CA LEU S 447 -74.89 -42.84 -65.44
C LEU S 447 -75.39 -44.20 -65.02
N TYR S 448 -76.57 -44.57 -65.52
CA TYR S 448 -77.20 -45.82 -65.12
C TYR S 448 -78.08 -46.35 -66.24
N ILE S 449 -78.09 -47.69 -66.38
CA ILE S 449 -79.01 -48.40 -67.25
C ILE S 449 -79.74 -49.43 -66.40
N ASP S 450 -81.01 -49.66 -66.72
CA ASP S 450 -81.93 -50.30 -65.79
C ASP S 450 -82.39 -51.66 -66.30
N TRP S 451 -83.29 -52.27 -65.53
CA TRP S 451 -84.03 -53.50 -65.74
C TRP S 451 -83.19 -54.77 -65.52
N THR S 452 -81.87 -54.65 -65.32
CA THR S 452 -81.00 -55.73 -64.85
C THR S 452 -81.31 -57.11 -65.42
N ASP S 453 -81.72 -57.19 -66.68
CA ASP S 453 -81.96 -58.43 -67.42
C ASP S 453 -83.04 -59.31 -66.78
N ASN S 454 -83.89 -58.76 -65.90
CA ASN S 454 -84.92 -59.55 -65.25
C ASN S 454 -86.18 -59.70 -66.08
N HIS S 455 -86.08 -59.55 -67.41
CA HIS S 455 -87.27 -59.53 -68.27
C HIS S 455 -88.14 -60.79 -68.12
N LYS S 456 -87.59 -62.00 -68.25
CA LYS S 456 -86.18 -62.39 -68.39
C LYS S 456 -85.69 -62.43 -69.83
N ALA S 457 -84.50 -63.01 -70.02
CA ALA S 457 -83.67 -62.82 -71.21
C ALA S 457 -84.50 -62.81 -72.49
N LEU S 458 -84.13 -61.91 -73.40
CA LEU S 458 -84.95 -61.53 -74.53
C LEU S 458 -84.60 -62.37 -75.76
N LEU S 459 -85.45 -62.27 -76.78
CA LEU S 459 -85.29 -62.96 -78.04
C LEU S 459 -84.81 -61.98 -79.11
N VAL S 460 -84.75 -62.47 -80.35
CA VAL S 460 -84.30 -61.68 -81.49
C VAL S 460 -85.51 -61.27 -82.31
N GLY S 461 -85.55 -59.99 -82.70
CA GLY S 461 -86.61 -59.45 -83.53
C GLY S 461 -87.49 -58.44 -82.83
N GLU S 462 -87.45 -58.36 -81.50
CA GLU S 462 -88.27 -57.43 -80.75
C GLU S 462 -87.41 -56.29 -80.22
N HIS S 463 -87.92 -55.07 -80.33
CA HIS S 463 -87.18 -53.88 -79.91
C HIS S 463 -87.32 -53.67 -78.41
N LEU S 464 -86.22 -53.31 -77.75
CA LEU S 464 -86.19 -53.10 -76.32
C LEU S 464 -85.84 -51.65 -76.00
N ASN S 465 -86.49 -51.10 -74.98
CA ASN S 465 -86.23 -49.74 -74.51
C ASN S 465 -85.46 -49.79 -73.20
N ILE S 466 -84.47 -48.91 -73.07
CA ILE S 466 -83.62 -48.84 -71.88
C ILE S 466 -83.57 -47.39 -71.43
N ILE S 467 -83.80 -47.17 -70.13
CA ILE S 467 -83.83 -45.83 -69.55
C ILE S 467 -82.44 -45.47 -69.06
N VAL S 468 -81.98 -44.28 -69.44
CA VAL S 468 -80.70 -43.75 -68.98
C VAL S 468 -80.95 -42.44 -68.24
N THR S 469 -80.05 -42.12 -67.31
CA THR S 469 -80.21 -40.92 -66.51
C THR S 469 -78.87 -40.28 -66.20
N PRO S 470 -78.59 -39.08 -66.73
CA PRO S 470 -77.35 -38.36 -66.37
C PRO S 470 -77.52 -37.54 -65.09
N LYS S 471 -77.54 -38.24 -63.96
CA LYS S 471 -77.78 -37.59 -62.68
C LYS S 471 -76.61 -36.70 -62.30
N SER S 472 -76.91 -35.45 -61.93
CA SER S 472 -75.94 -34.44 -61.51
C SER S 472 -74.84 -34.27 -62.56
N PRO S 473 -75.16 -33.71 -63.72
CA PRO S 473 -74.12 -33.49 -64.74
C PRO S 473 -73.29 -32.25 -64.44
N TYR S 474 -72.21 -32.10 -65.20
CA TYR S 474 -71.37 -30.92 -65.07
C TYR S 474 -72.13 -29.66 -65.48
N ILE S 475 -72.98 -29.77 -66.51
CA ILE S 475 -73.78 -28.66 -66.99
C ILE S 475 -75.14 -29.19 -67.41
N ASP S 476 -76.14 -28.31 -67.36
CA ASP S 476 -77.50 -28.71 -67.73
C ASP S 476 -77.60 -29.08 -69.19
N LYS S 477 -76.76 -28.50 -70.04
CA LYS S 477 -76.79 -28.78 -71.47
C LYS S 477 -75.79 -29.89 -71.81
N ILE S 478 -76.29 -30.94 -72.45
CA ILE S 478 -75.45 -32.07 -72.88
C ILE S 478 -75.48 -32.13 -74.40
N THR S 479 -74.31 -32.35 -75.00
CA THR S 479 -74.19 -32.35 -76.45
C THR S 479 -75.02 -33.47 -77.09
N HIS S 480 -74.65 -34.72 -76.82
CA HIS S 480 -75.31 -35.86 -77.43
C HIS S 480 -75.14 -37.07 -76.53
N TYR S 481 -75.96 -38.09 -76.79
CA TYR S 481 -75.87 -39.37 -76.11
C TYR S 481 -75.08 -40.36 -76.99
N ASN S 482 -74.19 -41.11 -76.34
CA ASN S 482 -73.36 -42.10 -77.03
C ASN S 482 -73.44 -43.41 -76.27
N TYR S 483 -73.76 -44.49 -76.98
CA TYR S 483 -73.81 -45.82 -76.39
C TYR S 483 -73.33 -46.84 -77.40
N LEU S 484 -72.63 -47.86 -76.93
CA LEU S 484 -72.05 -48.89 -77.79
C LEU S 484 -72.41 -50.26 -77.25
N ILE S 485 -72.99 -51.09 -78.10
CA ILE S 485 -73.31 -52.48 -77.77
C ILE S 485 -72.24 -53.37 -78.38
N LEU S 486 -71.67 -54.26 -77.56
CA LEU S 486 -70.63 -55.17 -78.02
C LEU S 486 -71.01 -56.60 -77.66
N SER S 487 -70.37 -57.54 -78.35
CA SER S 487 -70.59 -58.96 -78.11
C SER S 487 -69.39 -59.73 -78.66
N LYS S 488 -68.99 -60.76 -77.93
CA LYS S 488 -67.84 -61.61 -78.29
C LYS S 488 -66.57 -60.79 -78.44
N GLY S 489 -66.44 -59.72 -77.65
CA GLY S 489 -65.26 -58.88 -77.71
C GLY S 489 -65.18 -57.97 -78.91
N LYS S 490 -66.26 -57.82 -79.67
CA LYS S 490 -66.29 -56.97 -80.85
C LYS S 490 -67.49 -56.02 -80.77
N ILE S 491 -67.35 -54.87 -81.41
CA ILE S 491 -68.41 -53.86 -81.44
C ILE S 491 -69.30 -54.15 -82.65
N ILE S 492 -70.51 -54.62 -82.39
CA ILE S 492 -71.42 -54.96 -83.48
C ILE S 492 -72.11 -53.71 -84.01
N HIS S 493 -72.45 -52.77 -83.13
CA HIS S 493 -73.13 -51.55 -83.52
C HIS S 493 -72.78 -50.43 -82.56
N PHE S 494 -72.86 -49.20 -83.04
CA PHE S 494 -72.63 -48.01 -82.24
C PHE S 494 -73.87 -47.11 -82.32
N GLY S 495 -74.39 -46.72 -81.16
CA GLY S 495 -75.58 -45.90 -81.10
C GLY S 495 -75.29 -44.44 -80.79
N THR S 496 -76.32 -43.61 -81.01
CA THR S 496 -76.22 -42.18 -80.77
C THR S 496 -77.62 -41.61 -80.63
N ARG S 497 -77.78 -40.70 -79.66
CA ARG S 497 -79.05 -40.04 -79.41
C ARG S 497 -78.79 -38.59 -79.01
N GLU S 498 -79.86 -37.81 -78.95
CA GLU S 498 -79.81 -36.41 -78.57
C GLU S 498 -80.49 -36.21 -77.23
N LYS S 499 -80.04 -35.20 -76.50
CA LYS S 499 -80.56 -34.88 -75.17
C LYS S 499 -81.42 -33.63 -75.24
N PHE S 500 -82.66 -33.73 -74.76
CA PHE S 500 -83.60 -32.63 -74.71
C PHE S 500 -84.02 -32.39 -73.26
N SER S 501 -84.59 -31.21 -73.03
CA SER S 501 -85.06 -30.81 -71.70
C SER S 501 -86.49 -31.26 -71.42
N ASP S 502 -87.03 -32.18 -72.23
CA ASP S 502 -88.40 -32.63 -72.03
C ASP S 502 -88.56 -33.40 -70.73
N ALA S 503 -87.54 -34.18 -70.37
CA ALA S 503 -87.59 -34.99 -69.15
C ALA S 503 -86.17 -35.18 -68.62
N SER S 504 -86.09 -35.73 -67.41
CA SER S 504 -84.79 -35.97 -66.79
C SER S 504 -84.18 -37.29 -67.24
N TYR S 505 -85.00 -38.25 -67.63
CA TYR S 505 -84.52 -39.56 -68.08
C TYR S 505 -85.13 -39.86 -69.45
N GLN S 506 -84.29 -40.33 -70.36
CA GLN S 506 -84.70 -40.66 -71.72
C GLN S 506 -84.54 -42.15 -71.96
N SER S 507 -85.50 -42.74 -72.67
CA SER S 507 -85.49 -44.15 -73.01
C SER S 507 -84.97 -44.32 -74.43
N ILE S 508 -83.94 -45.15 -74.60
CA ILE S 508 -83.33 -45.42 -75.90
C ILE S 508 -83.80 -46.78 -76.39
N ASN S 509 -84.08 -46.86 -77.70
CA ASN S 509 -84.52 -48.10 -78.33
C ASN S 509 -83.34 -48.71 -79.07
N ILE S 510 -83.06 -49.98 -78.79
CA ILE S 510 -81.92 -50.69 -79.36
C ILE S 510 -82.44 -51.94 -80.08
N PRO S 511 -82.30 -52.03 -81.40
CA PRO S 511 -82.73 -53.24 -82.11
C PRO S 511 -81.76 -54.39 -81.88
N VAL S 512 -82.33 -55.56 -81.62
CA VAL S 512 -81.53 -56.77 -81.40
C VAL S 512 -81.36 -57.49 -82.73
N THR S 513 -80.22 -58.17 -82.88
CA THR S 513 -79.88 -58.89 -84.10
C THR S 513 -79.58 -60.34 -83.79
N GLN S 514 -79.43 -61.13 -84.86
CA GLN S 514 -79.15 -62.55 -84.72
C GLN S 514 -77.73 -62.83 -84.22
N ASN S 515 -76.83 -61.86 -84.33
CA ASN S 515 -75.45 -62.05 -83.88
C ASN S 515 -75.30 -61.92 -82.36
N MET S 516 -76.36 -61.59 -81.64
CA MET S 516 -76.31 -61.35 -80.19
C MET S 516 -77.09 -62.39 -79.40
N VAL S 517 -77.19 -63.63 -79.90
CA VAL S 517 -77.93 -64.65 -79.18
C VAL S 517 -77.20 -65.13 -77.92
N PRO S 518 -75.89 -65.48 -77.95
CA PRO S 518 -75.30 -66.08 -76.73
C PRO S 518 -75.25 -65.10 -75.57
N SER S 519 -74.68 -63.91 -75.79
CA SER S 519 -74.55 -62.90 -74.75
C SER S 519 -74.10 -61.61 -75.42
N SER S 520 -74.15 -60.53 -74.65
CA SER S 520 -73.76 -59.21 -75.15
C SER S 520 -73.47 -58.28 -73.98
N ARG S 521 -72.93 -57.12 -74.32
CA ARG S 521 -72.67 -56.06 -73.35
C ARG S 521 -72.92 -54.72 -74.03
N LEU S 522 -73.40 -53.75 -73.25
CA LEU S 522 -73.60 -52.40 -73.75
C LEU S 522 -73.05 -51.41 -72.74
N LEU S 523 -72.40 -50.35 -73.25
CA LEU S 523 -71.83 -49.30 -72.42
C LEU S 523 -72.30 -47.95 -72.93
N VAL S 524 -72.69 -47.09 -72.01
CA VAL S 524 -73.23 -45.76 -72.32
C VAL S 524 -72.30 -44.74 -71.68
N TYR S 525 -71.64 -43.92 -72.51
CA TYR S 525 -70.75 -42.89 -72.03
C TYR S 525 -71.09 -41.57 -72.72
N TYR S 526 -71.05 -40.48 -71.94
CA TYR S 526 -71.30 -39.14 -72.45
C TYR S 526 -70.18 -38.21 -72.00
N ILE S 527 -69.75 -37.35 -72.91
CA ILE S 527 -68.66 -36.43 -72.65
C ILE S 527 -69.22 -35.04 -72.36
N VAL S 528 -68.55 -34.30 -71.49
CA VAL S 528 -68.92 -32.95 -71.13
C VAL S 528 -67.71 -32.04 -71.32
N THR S 529 -67.99 -30.73 -71.41
CA THR S 529 -66.96 -29.72 -71.60
C THR S 529 -66.75 -28.99 -70.29
N GLY S 530 -65.60 -29.21 -69.65
CA GLY S 530 -65.29 -28.56 -68.40
C GLY S 530 -64.63 -27.20 -68.59
N GLU S 531 -64.56 -26.45 -67.48
CA GLU S 531 -63.92 -25.14 -67.53
C GLU S 531 -62.40 -25.26 -67.69
N GLN S 532 -61.79 -26.25 -67.06
CA GLN S 532 -60.36 -26.49 -67.18
C GLN S 532 -60.05 -27.81 -67.87
N THR S 533 -60.60 -28.92 -67.37
CA THR S 533 -60.38 -30.23 -67.95
C THR S 533 -61.72 -30.96 -68.07
N ALA S 534 -61.81 -31.85 -69.06
CA ALA S 534 -63.00 -32.63 -69.29
C ALA S 534 -62.94 -33.95 -68.54
N GLU S 535 -64.12 -34.55 -68.35
CA GLU S 535 -64.22 -35.84 -67.67
C GLU S 535 -65.51 -36.52 -68.12
N LEU S 536 -65.39 -37.73 -68.65
CA LEU S 536 -66.52 -38.49 -69.14
C LEU S 536 -66.86 -39.62 -68.17
N VAL S 537 -68.15 -39.97 -68.12
CA VAL S 537 -68.66 -41.01 -67.24
C VAL S 537 -69.32 -42.09 -68.07
N SER S 538 -69.05 -43.35 -67.71
CA SER S 538 -69.58 -44.50 -68.43
C SER S 538 -70.15 -45.50 -67.45
N ASP S 539 -70.88 -46.48 -68.00
CA ASP S 539 -71.49 -47.54 -67.20
C ASP S 539 -71.88 -48.67 -68.13
N SER S 540 -71.91 -49.88 -67.58
CA SER S 540 -72.24 -51.06 -68.38
C SER S 540 -72.93 -52.10 -67.50
N VAL S 541 -73.84 -52.86 -68.10
CA VAL S 541 -74.56 -53.93 -67.43
C VAL S 541 -74.65 -55.10 -68.40
N TRP S 542 -74.56 -56.32 -67.86
CA TRP S 542 -74.64 -57.54 -68.66
C TRP S 542 -75.92 -57.58 -69.48
N LEU S 543 -75.89 -58.36 -70.55
CA LEU S 543 -77.04 -58.55 -71.44
C LEU S 543 -77.25 -60.05 -71.63
N ASN S 544 -78.37 -60.56 -71.14
CA ASN S 544 -78.74 -61.96 -71.31
C ASN S 544 -79.80 -62.09 -72.40
N ILE S 545 -79.70 -63.15 -73.20
CA ILE S 545 -80.62 -63.40 -74.29
C ILE S 545 -80.92 -64.90 -74.35
N GLU S 546 -81.85 -65.26 -75.22
CA GLU S 546 -82.22 -66.65 -75.42
C GLU S 546 -81.25 -67.32 -76.38
N GLU S 547 -81.57 -68.54 -76.81
CA GLU S 547 -80.72 -69.31 -77.73
C GLU S 547 -81.56 -69.71 -78.93
N LYS S 548 -81.51 -68.90 -79.99
CA LYS S 548 -82.24 -69.16 -81.22
C LYS S 548 -81.25 -69.23 -82.37
N CYS S 549 -81.35 -70.29 -83.18
CA CYS S 549 -80.45 -70.45 -84.31
C CYS S 549 -80.82 -69.50 -85.44
N GLY S 550 -79.80 -69.02 -86.15
CA GLY S 550 -80.01 -68.17 -87.31
C GLY S 550 -80.45 -68.96 -88.52
N ASN S 551 -79.81 -70.11 -88.75
CA ASN S 551 -80.20 -70.97 -89.87
C ASN S 551 -81.50 -71.69 -89.59
N GLN S 552 -81.83 -71.91 -88.31
CA GLN S 552 -83.05 -72.60 -87.90
C GLN S 552 -83.12 -74.01 -88.50
N LEU S 553 -82.14 -74.83 -88.11
CA LEU S 553 -82.04 -76.19 -88.60
C LEU S 553 -82.86 -77.11 -87.69
N GLN S 554 -83.80 -77.84 -88.29
CA GLN S 554 -84.65 -78.79 -87.57
C GLN S 554 -84.72 -80.09 -88.33
N VAL S 555 -84.59 -81.20 -87.62
CA VAL S 555 -84.62 -82.54 -88.21
C VAL S 555 -85.90 -83.23 -87.78
N HIS S 556 -86.56 -83.88 -88.75
CA HIS S 556 -87.81 -84.59 -88.47
C HIS S 556 -87.98 -85.70 -89.50
N LEU S 557 -88.37 -86.87 -89.04
CA LEU S 557 -88.61 -88.00 -89.93
C LEU S 557 -89.95 -87.87 -90.62
N SER S 558 -90.02 -88.29 -91.88
CA SER S 558 -91.28 -88.19 -92.62
C SER S 558 -92.37 -89.08 -92.03
N PRO S 559 -92.13 -90.36 -91.74
CA PRO S 559 -93.16 -91.15 -91.06
C PRO S 559 -93.34 -90.69 -89.62
N ASP S 560 -94.58 -90.45 -89.23
CA ASP S 560 -94.91 -89.96 -87.89
C ASP S 560 -95.58 -91.10 -87.12
N ALA S 561 -94.82 -91.72 -86.21
CA ALA S 561 -95.34 -92.80 -85.38
C ALA S 561 -94.53 -92.87 -84.10
N ASP S 562 -95.18 -93.39 -83.05
CA ASP S 562 -94.51 -93.50 -81.76
C ASP S 562 -93.46 -94.60 -81.77
N ALA S 563 -93.70 -95.67 -82.52
CA ALA S 563 -92.78 -96.80 -82.58
C ALA S 563 -92.56 -97.19 -84.03
N TYR S 564 -91.34 -97.61 -84.34
CA TYR S 564 -90.95 -98.02 -85.68
C TYR S 564 -90.56 -99.49 -85.68
N SER S 565 -90.92 -100.20 -86.74
CA SER S 565 -90.56 -101.60 -86.86
C SER S 565 -89.10 -101.74 -87.29
N PRO S 566 -88.41 -102.79 -86.82
CA PRO S 566 -87.02 -102.99 -87.24
C PRO S 566 -86.91 -103.25 -88.73
N GLY S 567 -85.98 -102.54 -89.38
CA GLY S 567 -85.77 -102.67 -90.80
C GLY S 567 -86.67 -101.83 -91.67
N GLN S 568 -87.55 -101.02 -91.08
CA GLN S 568 -88.45 -100.18 -91.86
C GLN S 568 -87.69 -99.04 -92.52
N THR S 569 -87.93 -98.86 -93.82
CA THR S 569 -87.31 -97.75 -94.55
C THR S 569 -87.90 -96.43 -94.09
N VAL S 570 -87.05 -95.54 -93.58
CA VAL S 570 -87.49 -94.25 -93.07
C VAL S 570 -86.80 -93.15 -93.86
N SER S 571 -87.44 -91.98 -93.91
CA SER S 571 -86.90 -90.81 -94.57
C SER S 571 -86.76 -89.67 -93.57
N LEU S 572 -85.65 -88.95 -93.65
CA LEU S 572 -85.38 -87.83 -92.76
C LEU S 572 -85.33 -86.54 -93.58
N ASN S 573 -86.04 -85.53 -93.10
CA ASN S 573 -86.18 -84.26 -93.82
C ASN S 573 -85.54 -83.15 -93.00
N MET S 574 -84.60 -82.43 -93.62
CA MET S 574 -83.96 -81.28 -93.00
C MET S 574 -84.61 -80.00 -93.49
N ALA S 575 -84.80 -79.06 -92.57
CA ALA S 575 -85.41 -77.76 -92.89
C ALA S 575 -84.53 -76.66 -92.33
N THR S 576 -83.98 -75.84 -93.21
CA THR S 576 -83.11 -74.74 -92.82
C THR S 576 -83.60 -73.45 -93.47
N GLY S 577 -83.18 -72.33 -92.89
CA GLY S 577 -83.52 -71.02 -93.43
C GLY S 577 -82.67 -70.66 -94.63
N MET S 578 -81.37 -70.97 -94.55
CA MET S 578 -80.43 -70.71 -95.62
C MET S 578 -79.64 -71.98 -95.92
N ASP S 579 -78.84 -71.92 -96.99
CA ASP S 579 -78.01 -73.06 -97.37
C ASP S 579 -76.96 -73.32 -96.31
N SER S 580 -76.87 -74.57 -95.86
CA SER S 580 -75.94 -74.94 -94.80
C SER S 580 -75.49 -76.38 -94.98
N TRP S 581 -74.34 -76.69 -94.41
CA TRP S 581 -73.81 -78.05 -94.40
C TRP S 581 -74.24 -78.75 -93.12
N VAL S 582 -74.72 -79.98 -93.25
CA VAL S 582 -75.21 -80.76 -92.13
C VAL S 582 -74.19 -81.84 -91.80
N ALA S 583 -74.19 -82.28 -90.55
CA ALA S 583 -73.36 -83.38 -90.08
C ALA S 583 -74.23 -84.29 -89.21
N LEU S 584 -74.73 -85.38 -89.79
CA LEU S 584 -75.65 -86.26 -89.11
C LEU S 584 -74.89 -87.33 -88.33
N ALA S 585 -75.44 -87.72 -87.18
CA ALA S 585 -74.85 -88.75 -86.35
C ALA S 585 -75.96 -89.44 -85.57
N ALA S 586 -76.15 -90.73 -85.84
CA ALA S 586 -77.18 -91.53 -85.18
C ALA S 586 -76.51 -92.32 -84.05
N VAL S 587 -76.58 -91.80 -82.83
CA VAL S 587 -75.94 -92.40 -81.68
C VAL S 587 -77.00 -93.12 -80.85
N ASP S 588 -76.71 -94.35 -80.45
CA ASP S 588 -77.65 -95.13 -79.67
C ASP S 588 -77.80 -94.52 -78.27
N SER S 589 -79.00 -94.69 -77.70
CA SER S 589 -79.25 -94.22 -76.35
C SER S 589 -78.70 -95.16 -75.29
N ALA S 590 -78.32 -96.39 -75.68
CA ALA S 590 -77.78 -97.36 -74.75
C ALA S 590 -76.27 -97.28 -74.61
N VAL S 591 -75.59 -96.52 -75.48
CA VAL S 591 -74.15 -96.38 -75.36
C VAL S 591 -73.76 -95.57 -74.13
N TYR S 592 -74.70 -94.83 -73.55
CA TYR S 592 -74.41 -94.02 -72.37
C TYR S 592 -74.28 -94.90 -71.12
N GLY S 593 -73.06 -95.34 -70.84
CA GLY S 593 -72.80 -96.09 -69.63
C GLY S 593 -72.94 -95.23 -68.38
N VAL S 594 -72.52 -95.79 -67.26
CA VAL S 594 -72.50 -95.04 -66.01
C VAL S 594 -71.64 -93.79 -66.17
N GLN S 595 -70.33 -93.99 -66.38
CA GLN S 595 -69.37 -92.93 -66.69
C GLN S 595 -69.58 -91.66 -65.87
N ARG S 596 -69.89 -91.83 -64.58
CA ARG S 596 -70.20 -90.70 -63.70
C ARG S 596 -71.33 -89.85 -64.28
N GLY S 597 -72.32 -90.50 -64.89
CA GLY S 597 -73.48 -89.86 -65.46
C GLY S 597 -73.56 -89.92 -66.97
N ALA S 598 -72.42 -89.88 -67.66
CA ALA S 598 -72.36 -89.88 -69.13
C ALA S 598 -73.24 -88.78 -69.70
N LYS S 599 -72.86 -87.53 -69.38
CA LYS S 599 -73.66 -86.35 -69.64
C LYS S 599 -74.21 -86.27 -71.07
N LYS S 600 -73.33 -86.09 -72.05
CA LYS S 600 -73.72 -85.95 -73.45
C LYS S 600 -72.49 -85.83 -74.34
N PRO S 601 -72.63 -85.97 -75.68
CA PRO S 601 -71.49 -85.71 -76.56
C PRO S 601 -70.96 -84.28 -76.45
N LEU S 602 -71.80 -83.29 -76.76
CA LEU S 602 -71.41 -81.89 -76.63
C LEU S 602 -72.27 -81.15 -75.61
N GLU S 603 -73.59 -81.09 -75.83
CA GLU S 603 -74.55 -80.52 -74.90
C GLU S 603 -74.37 -79.01 -74.69
N ARG S 604 -73.33 -78.44 -75.31
CA ARG S 604 -72.98 -77.04 -75.08
C ARG S 604 -72.42 -76.46 -76.36
N VAL S 605 -73.12 -75.47 -76.92
CA VAL S 605 -72.68 -74.75 -78.10
C VAL S 605 -72.52 -73.25 -77.81
N PHE S 606 -73.47 -72.68 -77.07
CA PHE S 606 -73.38 -71.28 -76.69
C PHE S 606 -72.60 -71.07 -75.39
N GLN S 607 -72.68 -72.03 -74.46
CA GLN S 607 -71.96 -71.89 -73.20
C GLN S 607 -70.46 -71.90 -73.42
N PHE S 608 -69.98 -72.75 -74.32
CA PHE S 608 -68.57 -72.74 -74.68
C PHE S 608 -68.22 -71.59 -75.61
N LEU S 609 -69.19 -71.06 -76.35
CA LEU S 609 -68.96 -69.89 -77.19
C LEU S 609 -68.85 -68.61 -76.37
N GLU S 610 -69.40 -68.61 -75.15
CA GLU S 610 -69.35 -67.42 -74.30
C GLU S 610 -67.93 -67.05 -73.90
N LYS S 611 -66.98 -67.97 -74.04
CA LYS S 611 -65.59 -67.70 -73.67
C LYS S 611 -64.95 -66.62 -74.52
N SER S 612 -65.58 -66.23 -75.63
CA SER S 612 -65.02 -65.16 -76.47
C SER S 612 -65.06 -63.81 -75.78
N ASP S 613 -65.90 -63.65 -74.77
CA ASP S 613 -65.96 -62.38 -74.04
C ASP S 613 -64.64 -62.12 -73.31
N LEU S 614 -64.05 -60.96 -73.58
CA LEU S 614 -62.77 -60.62 -72.97
C LEU S 614 -62.92 -60.25 -71.50
N GLY S 615 -63.86 -59.36 -71.19
CA GLY S 615 -64.08 -58.96 -69.82
C GLY S 615 -64.87 -60.00 -69.03
N CYS S 616 -64.86 -59.80 -67.70
CA CYS S 616 -65.57 -60.67 -66.78
C CYS S 616 -66.58 -59.86 -65.98
N GLY S 617 -67.39 -60.57 -65.21
CA GLY S 617 -68.42 -59.92 -64.41
C GLY S 617 -69.61 -59.50 -65.23
N ALA S 618 -70.59 -58.92 -64.54
CA ALA S 618 -71.80 -58.46 -65.21
C ALA S 618 -71.62 -57.06 -65.79
N GLY S 619 -71.15 -56.13 -64.98
CA GLY S 619 -70.93 -54.77 -65.45
C GLY S 619 -70.87 -53.80 -64.28
N GLY S 620 -70.61 -52.54 -64.63
CA GLY S 620 -70.49 -51.50 -63.64
C GLY S 620 -69.22 -51.60 -62.82
N GLY S 621 -68.80 -50.50 -62.20
CA GLY S 621 -67.59 -50.56 -61.39
C GLY S 621 -67.09 -49.18 -61.00
N LEU S 622 -65.77 -49.07 -60.92
CA LEU S 622 -65.09 -47.84 -60.53
C LEU S 622 -65.02 -46.90 -61.73
N ASN S 623 -64.15 -45.90 -61.66
CA ASN S 623 -64.01 -44.87 -62.70
C ASN S 623 -63.83 -45.48 -64.08
N ASN S 624 -64.04 -44.66 -65.13
CA ASN S 624 -64.21 -45.16 -66.49
C ASN S 624 -63.13 -46.18 -66.89
N ALA S 625 -61.90 -45.97 -66.43
CA ALA S 625 -60.83 -46.90 -66.76
C ALA S 625 -61.12 -48.30 -66.23
N ASN S 626 -61.47 -48.40 -64.95
CA ASN S 626 -61.70 -49.71 -64.34
C ASN S 626 -62.93 -50.39 -64.95
N VAL S 627 -64.00 -49.64 -65.20
CA VAL S 627 -65.21 -50.26 -65.75
C VAL S 627 -64.99 -50.68 -67.20
N PHE S 628 -64.18 -49.94 -67.96
CA PHE S 628 -63.89 -50.35 -69.33
C PHE S 628 -62.96 -51.54 -69.37
N HIS S 629 -62.02 -51.64 -68.42
CA HIS S 629 -61.19 -52.84 -68.34
C HIS S 629 -62.00 -54.05 -67.89
N LEU S 630 -62.98 -53.85 -67.02
CA LEU S 630 -63.84 -54.95 -66.59
C LEU S 630 -64.80 -55.37 -67.70
N ALA S 631 -65.22 -54.43 -68.55
CA ALA S 631 -66.08 -54.77 -69.68
C ALA S 631 -65.32 -55.34 -70.87
N GLY S 632 -63.99 -55.26 -70.85
CA GLY S 632 -63.19 -55.81 -71.94
C GLY S 632 -62.82 -54.83 -73.02
N LEU S 633 -62.65 -53.55 -72.69
CA LEU S 633 -62.32 -52.53 -73.66
C LEU S 633 -61.18 -51.67 -73.14
N THR S 634 -60.57 -50.91 -74.06
CA THR S 634 -59.54 -49.94 -73.73
C THR S 634 -59.83 -48.66 -74.52
N PHE S 635 -59.98 -47.55 -73.81
CA PHE S 635 -60.37 -46.30 -74.42
C PHE S 635 -59.15 -45.40 -74.64
N LEU S 636 -59.27 -44.50 -75.62
CA LEU S 636 -58.25 -43.51 -75.93
C LEU S 636 -58.93 -42.14 -76.00
N THR S 637 -58.70 -41.31 -74.98
CA THR S 637 -59.23 -39.96 -74.96
C THR S 637 -58.23 -39.03 -74.30
N ASN S 638 -58.44 -37.73 -74.53
CA ASN S 638 -57.53 -36.74 -73.96
C ASN S 638 -57.76 -36.57 -72.46
N ALA S 639 -59.01 -36.68 -72.02
CA ALA S 639 -59.34 -36.45 -70.61
C ALA S 639 -58.66 -37.49 -69.71
N ASN S 640 -59.02 -38.75 -69.87
CA ASN S 640 -58.58 -39.81 -68.96
C ASN S 640 -57.76 -40.85 -69.71
N ALA S 641 -56.96 -41.59 -68.95
CA ALA S 641 -56.18 -42.71 -69.44
C ALA S 641 -56.67 -44.01 -68.83
N ASP S 642 -56.19 -45.12 -69.39
CA ASP S 642 -56.56 -46.46 -68.95
C ASP S 642 -55.31 -47.20 -68.50
N ASP S 643 -55.35 -47.75 -67.29
CA ASP S 643 -54.25 -48.55 -66.75
C ASP S 643 -54.49 -50.03 -67.01
N SER S 644 -53.45 -50.71 -67.47
CA SER S 644 -53.56 -52.13 -67.82
C SER S 644 -53.58 -53.05 -66.61
N GLN S 645 -53.22 -52.54 -65.43
CA GLN S 645 -53.19 -53.33 -64.20
C GLN S 645 -52.33 -54.59 -64.34
N ARG S 670 -70.94 -106.96 -87.68
CA ARG S 670 -72.03 -107.22 -88.60
C ARG S 670 -73.39 -107.01 -87.93
N SER S 671 -74.45 -107.20 -88.70
CA SER S 671 -75.80 -107.04 -88.20
C SER S 671 -76.18 -108.20 -87.29
N TYR S 672 -76.99 -107.93 -86.26
CA TYR S 672 -77.51 -106.58 -85.97
C TYR S 672 -77.54 -106.32 -84.46
N PHE S 673 -77.09 -105.14 -84.03
CA PHE S 673 -76.51 -104.11 -84.89
C PHE S 673 -75.51 -103.29 -84.09
N PRO S 674 -74.33 -103.04 -84.66
CA PRO S 674 -73.32 -102.27 -83.94
C PRO S 674 -73.55 -100.77 -84.07
N GLU S 675 -73.13 -100.04 -83.04
CA GLU S 675 -73.23 -98.59 -82.98
C GLU S 675 -71.82 -97.99 -83.00
N SER S 676 -71.69 -96.81 -83.61
CA SER S 676 -72.81 -96.08 -84.19
C SER S 676 -72.79 -96.11 -85.72
N TRP S 677 -73.84 -95.54 -86.31
CA TRP S 677 -74.02 -95.50 -87.76
C TRP S 677 -74.42 -94.08 -88.17
N LEU S 678 -74.63 -93.91 -89.47
CA LEU S 678 -75.03 -92.63 -90.06
C LEU S 678 -74.00 -91.53 -89.76
N TRP S 679 -72.79 -91.74 -90.29
CA TRP S 679 -71.71 -90.77 -90.17
C TRP S 679 -71.48 -90.19 -91.57
N GLU S 680 -72.24 -89.14 -91.90
CA GLU S 680 -72.20 -88.55 -93.23
C GLU S 680 -72.30 -87.03 -93.11
N VAL S 681 -71.87 -86.35 -94.18
CA VAL S 681 -71.95 -84.90 -94.30
C VAL S 681 -72.53 -84.57 -95.66
N HIS S 682 -73.68 -83.90 -95.66
CA HIS S 682 -74.39 -83.59 -96.90
C HIS S 682 -74.70 -82.09 -96.97
N LEU S 683 -74.84 -81.60 -98.19
CA LEU S 683 -75.27 -80.23 -98.42
C LEU S 683 -76.78 -80.15 -98.29
N VAL S 684 -77.27 -79.11 -97.60
CA VAL S 684 -78.70 -79.00 -97.30
C VAL S 684 -79.25 -77.68 -97.82
N PRO S 685 -80.06 -77.70 -98.87
CA PRO S 685 -80.81 -76.49 -99.26
C PRO S 685 -81.94 -76.20 -98.30
N ARG S 686 -82.77 -75.19 -98.60
CA ARG S 686 -83.86 -74.80 -97.72
C ARG S 686 -84.70 -76.00 -97.27
N ARG S 687 -84.94 -76.95 -98.17
CA ARG S 687 -85.60 -78.20 -97.82
C ARG S 687 -84.90 -79.34 -98.53
N LYS S 688 -84.26 -80.21 -97.76
CA LYS S 688 -83.57 -81.38 -98.28
C LYS S 688 -84.01 -82.63 -97.52
N GLN S 689 -84.18 -83.72 -98.25
CA GLN S 689 -84.65 -84.97 -97.67
C GLN S 689 -83.84 -86.13 -98.22
N LEU S 690 -83.46 -87.06 -97.35
CA LEU S 690 -82.69 -88.24 -97.72
C LEU S 690 -83.42 -89.49 -97.26
N GLN S 691 -83.12 -90.61 -97.92
CA GLN S 691 -83.77 -91.89 -97.64
C GLN S 691 -82.72 -92.92 -97.26
N PHE S 692 -83.02 -93.70 -96.24
CA PHE S 692 -82.15 -94.77 -95.77
C PHE S 692 -83.01 -95.82 -95.07
N ALA S 693 -82.36 -96.78 -94.44
CA ALA S 693 -83.03 -97.90 -93.78
C ALA S 693 -82.67 -97.93 -92.30
N LEU S 694 -83.68 -98.15 -91.45
CA LEU S 694 -83.44 -98.24 -90.02
C LEU S 694 -82.81 -99.59 -89.68
N PRO S 695 -81.86 -99.62 -88.75
CA PRO S 695 -81.27 -100.89 -88.34
C PRO S 695 -82.20 -101.68 -87.44
N ASP S 696 -81.79 -102.90 -87.13
CA ASP S 696 -82.55 -103.81 -86.28
C ASP S 696 -81.96 -103.78 -84.88
N SER S 697 -82.64 -103.10 -83.96
CA SER S 697 -82.19 -103.00 -82.58
C SER S 697 -83.37 -102.64 -81.69
N LEU S 698 -83.34 -103.13 -80.45
CA LEU S 698 -84.42 -102.87 -79.53
C LEU S 698 -84.30 -101.51 -78.87
N THR S 699 -83.09 -100.98 -78.74
CA THR S 699 -82.89 -99.68 -78.11
C THR S 699 -83.31 -98.54 -79.04
N THR S 700 -83.51 -97.37 -78.46
CA THR S 700 -83.91 -96.18 -79.20
C THR S 700 -82.68 -95.48 -79.75
N TRP S 701 -82.71 -95.17 -81.04
CA TRP S 701 -81.61 -94.47 -81.69
C TRP S 701 -81.83 -92.97 -81.60
N GLU S 702 -80.79 -92.25 -81.16
CA GLU S 702 -80.84 -90.81 -80.98
C GLU S 702 -80.02 -90.15 -82.09
N ILE S 703 -80.69 -89.53 -83.05
CA ILE S 703 -80.03 -88.85 -84.15
C ILE S 703 -79.75 -87.41 -83.75
N GLN S 704 -78.64 -86.88 -84.27
CA GLN S 704 -78.22 -85.52 -83.95
C GLN S 704 -77.51 -84.93 -85.16
N GLY S 705 -77.75 -83.65 -85.40
CA GLY S 705 -77.15 -82.98 -86.54
C GLY S 705 -76.67 -81.58 -86.16
N VAL S 706 -75.60 -81.16 -86.84
CA VAL S 706 -75.02 -79.84 -86.64
C VAL S 706 -74.96 -79.14 -87.99
N GLY S 707 -75.29 -77.85 -87.98
CA GLY S 707 -75.33 -77.05 -89.20
C GLY S 707 -74.22 -76.02 -89.21
N ILE S 708 -73.59 -75.86 -90.38
CA ILE S 708 -72.52 -74.90 -90.58
C ILE S 708 -72.89 -74.01 -91.77
N SER S 709 -72.95 -72.71 -91.54
CA SER S 709 -73.31 -71.76 -92.59
C SER S 709 -72.69 -70.41 -92.26
N ASN S 710 -72.91 -69.44 -93.15
CA ASN S 710 -72.39 -68.09 -92.93
C ASN S 710 -73.07 -67.43 -91.73
N THR S 711 -74.30 -67.82 -91.42
CA THR S 711 -74.99 -67.23 -90.27
C THR S 711 -74.36 -67.66 -88.96
N GLY S 712 -74.03 -68.94 -88.83
CA GLY S 712 -73.40 -69.43 -87.62
C GLY S 712 -73.60 -70.93 -87.47
N ILE S 713 -73.15 -71.43 -86.33
CA ILE S 713 -73.26 -72.85 -86.01
C ILE S 713 -74.56 -73.10 -85.26
N CYS S 714 -75.17 -74.25 -85.52
CA CYS S 714 -76.42 -74.62 -84.87
C CYS S 714 -76.48 -76.14 -84.73
N VAL S 715 -76.77 -76.61 -83.52
CA VAL S 715 -76.94 -78.02 -83.24
C VAL S 715 -78.44 -78.31 -83.13
N ALA S 716 -78.91 -79.33 -83.83
CA ALA S 716 -80.32 -79.69 -83.81
C ALA S 716 -80.67 -80.42 -82.52
N ASP S 717 -81.94 -80.33 -82.14
CA ASP S 717 -82.41 -81.03 -80.96
C ASP S 717 -82.39 -82.53 -81.20
N THR S 718 -81.90 -83.28 -80.21
CA THR S 718 -81.80 -84.73 -80.34
C THR S 718 -83.18 -85.35 -80.44
N VAL S 719 -83.47 -85.98 -81.57
CA VAL S 719 -84.74 -86.63 -81.81
C VAL S 719 -84.57 -88.12 -81.57
N LYS S 720 -85.40 -88.68 -80.68
CA LYS S 720 -85.31 -90.09 -80.32
C LYS S 720 -86.11 -90.91 -81.31
N ALA S 721 -85.43 -91.76 -82.07
CA ALA S 721 -86.07 -92.65 -83.04
C ALA S 721 -86.30 -94.00 -82.37
N LYS S 722 -87.55 -94.25 -81.97
CA LYS S 722 -87.88 -95.47 -81.23
C LYS S 722 -88.07 -96.62 -82.20
N VAL S 723 -87.29 -97.68 -82.02
CA VAL S 723 -87.43 -98.91 -82.80
C VAL S 723 -87.95 -99.98 -81.85
N PHE S 724 -89.22 -100.36 -82.01
CA PHE S 724 -89.89 -101.25 -81.09
C PHE S 724 -90.35 -102.51 -81.83
N LYS S 725 -90.38 -103.62 -81.10
CA LYS S 725 -90.82 -104.90 -81.63
C LYS S 725 -91.68 -105.59 -80.59
N ASP S 726 -92.71 -106.30 -81.05
CA ASP S 726 -93.63 -106.96 -80.13
C ASP S 726 -92.95 -108.09 -79.38
N VAL S 727 -92.37 -109.04 -80.11
CA VAL S 727 -91.70 -110.20 -79.51
C VAL S 727 -90.27 -110.23 -80.02
N PHE S 728 -89.32 -110.15 -79.09
CA PHE S 728 -87.91 -110.17 -79.43
C PHE S 728 -87.14 -110.91 -78.33
N LEU S 729 -85.90 -111.28 -78.63
CA LEU S 729 -85.06 -112.03 -77.71
C LEU S 729 -83.73 -111.31 -77.52
N GLU S 730 -83.29 -111.24 -76.27
CA GLU S 730 -82.02 -110.62 -75.92
C GLU S 730 -81.36 -111.44 -74.82
N MET S 731 -80.03 -111.51 -74.89
CA MET S 731 -79.25 -112.32 -73.95
C MET S 731 -78.11 -111.50 -73.38
N ASN S 732 -77.43 -112.07 -72.39
CA ASN S 732 -76.35 -111.37 -71.70
C ASN S 732 -75.15 -111.16 -72.62
N ILE S 733 -74.88 -112.12 -73.50
CA ILE S 733 -73.71 -112.17 -74.39
C ILE S 733 -72.47 -111.59 -73.72
N PRO S 734 -71.93 -112.23 -72.68
CA PRO S 734 -70.76 -111.67 -71.99
C PRO S 734 -69.56 -111.60 -72.91
N TYR S 735 -68.74 -110.56 -72.71
CA TYR S 735 -67.55 -110.34 -73.49
C TYR S 735 -66.31 -110.77 -72.71
N SER S 736 -65.26 -111.14 -73.45
CA SER S 736 -63.99 -111.57 -72.87
C SER S 736 -64.17 -112.77 -71.95
N VAL S 737 -64.96 -113.75 -72.41
CA VAL S 737 -65.18 -114.96 -71.63
C VAL S 737 -63.94 -115.84 -71.68
N VAL S 738 -63.60 -116.45 -70.55
CA VAL S 738 -62.43 -117.32 -70.48
C VAL S 738 -62.71 -118.59 -71.27
N ARG S 739 -61.78 -118.96 -72.14
CA ARG S 739 -61.92 -120.16 -72.95
C ARG S 739 -61.61 -121.40 -72.11
N GLY S 740 -62.37 -122.46 -72.33
CA GLY S 740 -62.21 -123.69 -71.60
C GLY S 740 -63.18 -123.88 -70.46
N GLU S 741 -63.87 -122.83 -70.02
CA GLU S 741 -64.85 -122.91 -68.95
C GLU S 741 -66.24 -122.64 -69.49
N GLN S 742 -67.22 -123.35 -68.96
CA GLN S 742 -68.59 -123.18 -69.41
C GLN S 742 -69.18 -121.88 -68.86
N ILE S 743 -70.18 -121.37 -69.56
CA ILE S 743 -70.86 -120.13 -69.18
C ILE S 743 -72.34 -120.44 -68.95
N GLN S 744 -73.01 -119.53 -68.24
CA GLN S 744 -74.42 -119.73 -67.94
C GLN S 744 -75.31 -119.33 -69.12
N LEU S 745 -74.96 -118.24 -69.80
CA LEU S 745 -75.70 -117.76 -70.97
C LEU S 745 -77.19 -117.61 -70.65
N LYS S 746 -77.47 -116.71 -69.72
CA LYS S 746 -78.84 -116.46 -69.26
C LYS S 746 -79.50 -115.42 -70.14
N GLY S 747 -80.73 -115.68 -70.54
CA GLY S 747 -81.49 -114.76 -71.36
C GLY S 747 -82.97 -115.01 -71.22
N THR S 748 -83.76 -114.02 -71.63
CA THR S 748 -85.21 -114.12 -71.58
C THR S 748 -85.82 -113.49 -72.82
N VAL S 749 -87.01 -113.97 -73.17
CA VAL S 749 -87.77 -113.44 -74.30
C VAL S 749 -88.92 -112.60 -73.75
N TYR S 750 -89.14 -111.43 -74.34
CA TYR S 750 -90.17 -110.51 -73.90
C TYR S 750 -91.44 -110.71 -74.71
N ASN S 751 -92.57 -110.81 -74.02
CA ASN S 751 -93.89 -110.96 -74.63
C ASN S 751 -94.72 -109.75 -74.23
N TYR S 752 -95.05 -108.91 -75.21
CA TYR S 752 -95.81 -107.69 -74.97
C TYR S 752 -97.23 -107.75 -75.51
N ARG S 753 -97.63 -108.86 -76.11
CA ARG S 753 -98.99 -109.01 -76.58
C ARG S 753 -99.95 -109.24 -75.42
N THR S 754 -101.19 -108.78 -75.58
CA THR S 754 -102.19 -108.92 -74.53
C THR S 754 -102.53 -110.39 -74.29
N SER S 755 -102.60 -111.18 -75.36
CA SER S 755 -102.93 -112.59 -75.25
C SER S 755 -101.69 -113.43 -75.02
N GLY S 756 -101.85 -114.54 -74.32
CA GLY S 756 -100.75 -115.45 -74.07
C GLY S 756 -100.37 -116.24 -75.31
N MET S 757 -99.20 -116.88 -75.22
CA MET S 757 -98.67 -117.65 -76.34
C MET S 757 -97.66 -118.66 -75.80
N GLN S 758 -97.29 -119.61 -76.66
CA GLN S 758 -96.27 -120.60 -76.36
C GLN S 758 -95.07 -120.38 -77.28
N PHE S 759 -93.87 -120.47 -76.72
CA PHE S 759 -92.65 -120.16 -77.45
C PHE S 759 -91.77 -121.40 -77.57
N CYS S 760 -90.94 -121.40 -78.62
CA CYS S 760 -89.94 -122.42 -78.84
C CYS S 760 -88.65 -121.75 -79.27
N VAL S 761 -87.57 -122.02 -78.54
CA VAL S 761 -86.27 -121.40 -78.80
C VAL S 761 -85.24 -122.51 -78.95
N LYS S 762 -84.55 -122.52 -80.09
CA LYS S 762 -83.46 -123.45 -80.34
C LYS S 762 -82.19 -122.69 -80.65
N MET S 763 -81.05 -123.31 -80.36
CA MET S 763 -79.75 -122.68 -80.51
C MET S 763 -78.93 -123.42 -81.56
N SER S 764 -78.20 -122.66 -82.37
CA SER S 764 -77.29 -123.23 -83.37
C SER S 764 -75.92 -122.59 -83.21
N ALA S 765 -74.90 -123.42 -83.02
CA ALA S 765 -73.55 -122.96 -82.77
C ALA S 765 -72.62 -123.44 -83.89
N VAL S 766 -71.74 -122.54 -84.34
CA VAL S 766 -70.78 -122.88 -85.38
C VAL S 766 -69.63 -123.70 -84.77
N GLU S 767 -68.91 -124.39 -85.65
CA GLU S 767 -67.78 -125.22 -85.21
C GLU S 767 -66.66 -124.33 -84.69
N GLY S 768 -66.19 -124.62 -83.48
CA GLY S 768 -66.71 -125.73 -82.71
C GLY S 768 -66.92 -125.39 -81.23
N ILE S 769 -68.12 -125.68 -80.74
CA ILE S 769 -68.48 -125.45 -79.34
C ILE S 769 -69.23 -126.68 -78.84
N CYS S 770 -68.83 -127.18 -77.68
CA CYS S 770 -69.48 -128.36 -77.11
C CYS S 770 -70.94 -128.05 -76.76
N THR S 771 -71.85 -128.82 -77.36
CA THR S 771 -73.27 -128.66 -77.15
C THR S 771 -73.85 -129.89 -76.46
N SER S 772 -74.92 -129.68 -75.71
CA SER S 772 -75.53 -130.74 -74.91
C SER S 772 -76.78 -131.34 -75.57
N GLU S 773 -76.87 -131.29 -76.89
CA GLU S 773 -78.02 -131.86 -77.59
C GLU S 773 -77.77 -133.31 -77.98
N SER S 774 -76.70 -133.56 -78.77
CA SER S 774 -76.22 -134.90 -79.05
C SER S 774 -77.31 -135.85 -79.56
N PRO S 775 -77.70 -135.75 -80.85
CA PRO S 775 -77.16 -134.92 -81.92
C PRO S 775 -78.02 -133.72 -82.31
N VAL S 776 -77.68 -133.11 -83.45
CA VAL S 776 -78.43 -132.00 -84.01
C VAL S 776 -79.53 -132.54 -84.92
N ILE S 777 -80.60 -131.77 -85.04
CA ILE S 777 -81.75 -132.13 -85.88
C ILE S 777 -82.27 -130.87 -86.55
N ASP S 778 -82.44 -130.91 -87.87
CA ASP S 778 -82.06 -132.08 -88.67
C ASP S 778 -80.73 -131.85 -89.39
N HIS S 779 -80.58 -130.66 -89.96
CA HIS S 779 -79.37 -130.33 -90.71
C HIS S 779 -78.16 -130.31 -89.80
N GLN S 780 -76.97 -130.35 -90.42
CA GLN S 780 -75.73 -130.33 -89.65
C GLN S 780 -75.54 -128.99 -88.94
N GLY S 781 -76.02 -127.90 -89.54
CA GLY S 781 -75.91 -126.59 -88.93
C GLY S 781 -77.00 -126.30 -87.92
N THR S 782 -78.24 -126.64 -88.28
CA THR S 782 -79.37 -126.41 -87.39
C THR S 782 -79.37 -127.43 -86.26
N LYS S 783 -79.34 -126.93 -85.03
CA LYS S 783 -79.30 -127.78 -83.84
C LYS S 783 -80.63 -127.65 -83.10
N SER S 784 -81.37 -128.76 -83.01
CA SER S 784 -82.65 -128.76 -82.32
C SER S 784 -82.42 -128.85 -80.81
N SER S 785 -83.13 -128.02 -80.06
CA SER S 785 -83.02 -128.01 -78.60
C SER S 785 -84.10 -128.84 -77.93
N LYS S 786 -84.94 -129.54 -78.69
CA LYS S 786 -86.07 -130.30 -78.15
C LYS S 786 -86.95 -129.42 -77.27
N CYS S 787 -87.37 -128.29 -77.85
CA CYS S 787 -88.11 -127.29 -77.09
C CYS S 787 -89.47 -127.82 -76.64
N VAL S 788 -89.85 -127.47 -75.43
CA VAL S 788 -91.18 -127.73 -74.90
C VAL S 788 -91.91 -126.40 -74.83
N ARG S 789 -93.03 -126.29 -75.54
CA ARG S 789 -93.77 -125.04 -75.59
C ARG S 789 -94.29 -124.66 -74.21
N GLN S 790 -93.76 -123.58 -73.65
CA GLN S 790 -94.15 -123.10 -72.34
C GLN S 790 -95.01 -121.84 -72.47
N LYS S 791 -96.04 -121.74 -71.65
CA LYS S 791 -96.94 -120.60 -71.71
C LYS S 791 -96.27 -119.36 -71.12
N VAL S 792 -96.54 -118.21 -71.72
CA VAL S 792 -96.03 -116.92 -71.26
C VAL S 792 -97.21 -115.97 -71.14
N GLU S 793 -97.43 -115.44 -69.94
CA GLU S 793 -98.54 -114.53 -69.70
C GLU S 793 -98.31 -113.20 -70.42
N GLY S 794 -99.37 -112.41 -70.52
CA GLY S 794 -99.27 -111.11 -71.15
C GLY S 794 -98.42 -110.17 -70.33
N SER S 795 -97.56 -109.41 -71.02
CA SER S 795 -96.62 -108.47 -70.39
C SER S 795 -95.73 -109.20 -69.38
N SER S 796 -95.25 -110.38 -69.76
CA SER S 796 -94.39 -111.19 -68.91
C SER S 796 -93.25 -111.74 -69.76
N SER S 797 -92.42 -112.58 -69.15
CA SER S 797 -91.27 -113.15 -69.83
C SER S 797 -90.97 -114.52 -69.22
N HIS S 798 -90.10 -115.27 -69.89
CA HIS S 798 -89.69 -116.59 -69.45
C HIS S 798 -88.18 -116.73 -69.58
N LEU S 799 -87.60 -117.54 -68.69
CA LEU S 799 -86.15 -117.71 -68.63
C LEU S 799 -85.69 -118.80 -69.59
N VAL S 800 -84.61 -118.53 -70.32
CA VAL S 800 -84.02 -119.47 -71.26
C VAL S 800 -82.52 -119.48 -71.05
N THR S 801 -81.94 -120.66 -70.83
CA THR S 801 -80.52 -120.81 -70.57
C THR S 801 -79.92 -121.85 -71.50
N PHE S 802 -78.62 -121.72 -71.74
CA PHE S 802 -77.88 -122.65 -72.58
C PHE S 802 -76.49 -122.86 -72.00
N THR S 803 -76.08 -124.11 -71.86
CA THR S 803 -74.76 -124.47 -71.36
C THR S 803 -73.84 -124.72 -72.54
N VAL S 804 -72.85 -123.85 -72.72
CA VAL S 804 -71.90 -123.96 -73.81
C VAL S 804 -70.49 -123.71 -73.28
N LEU S 805 -69.51 -124.31 -73.95
CA LEU S 805 -68.10 -124.16 -73.60
C LEU S 805 -67.29 -123.92 -74.87
N PRO S 806 -66.70 -122.73 -75.05
CA PRO S 806 -65.94 -122.47 -76.26
C PRO S 806 -64.66 -123.30 -76.32
N LEU S 807 -64.28 -123.70 -77.53
CA LEU S 807 -63.07 -124.48 -77.75
C LEU S 807 -62.04 -123.79 -78.63
N GLU S 808 -62.38 -122.69 -79.29
CA GLU S 808 -61.48 -121.99 -80.18
C GLU S 808 -61.49 -120.49 -79.87
N ILE S 809 -60.51 -119.79 -80.42
CA ILE S 809 -60.39 -118.36 -80.19
C ILE S 809 -61.49 -117.62 -80.95
N GLY S 810 -61.83 -116.42 -80.47
CA GLY S 810 -62.86 -115.63 -81.10
C GLY S 810 -62.43 -115.06 -82.44
N LEU S 811 -63.40 -114.58 -83.20
CA LEU S 811 -64.80 -114.59 -82.77
C LEU S 811 -65.60 -115.60 -83.58
N HIS S 812 -66.62 -116.19 -82.96
CA HIS S 812 -67.47 -117.19 -83.59
C HIS S 812 -68.92 -116.73 -83.52
N ASN S 813 -69.64 -116.90 -84.63
CA ASN S 813 -71.04 -116.52 -84.71
C ASN S 813 -71.91 -117.68 -84.23
N ILE S 814 -72.88 -117.36 -83.38
CA ILE S 814 -73.81 -118.35 -82.84
C ILE S 814 -75.23 -117.91 -83.19
N ASN S 815 -76.03 -118.86 -83.67
CA ASN S 815 -77.39 -118.58 -84.12
C ASN S 815 -78.38 -118.93 -83.02
N PHE S 816 -79.42 -118.09 -82.90
CA PHE S 816 -80.50 -118.30 -81.93
C PHE S 816 -81.82 -118.18 -82.67
N SER S 817 -82.50 -119.31 -82.88
CA SER S 817 -83.77 -119.34 -83.58
C SER S 817 -84.91 -119.36 -82.55
N LEU S 818 -85.91 -118.51 -82.76
CA LEU S 818 -87.06 -118.40 -81.87
C LEU S 818 -88.32 -118.68 -82.68
N GLU S 819 -88.86 -119.89 -82.52
CA GLU S 819 -90.10 -120.28 -83.20
C GLU S 819 -91.27 -120.01 -82.27
N THR S 820 -92.06 -119.00 -82.61
CA THR S 820 -93.17 -118.57 -81.76
C THR S 820 -94.31 -118.10 -82.65
N TRP S 821 -95.50 -118.01 -82.06
CA TRP S 821 -96.66 -117.53 -82.77
C TRP S 821 -96.50 -116.05 -83.14
N PHE S 822 -97.41 -115.58 -84.00
CA PHE S 822 -97.39 -114.20 -84.49
C PHE S 822 -96.08 -113.88 -85.20
N GLY S 823 -95.60 -114.83 -85.98
CA GLY S 823 -94.35 -114.67 -86.69
C GLY S 823 -93.14 -115.13 -85.88
N LYS S 824 -92.06 -115.40 -86.60
CA LYS S 824 -90.82 -115.86 -85.98
C LYS S 824 -89.65 -115.11 -86.61
N GLU S 825 -88.55 -115.03 -85.85
CA GLU S 825 -87.37 -114.31 -86.30
C GLU S 825 -86.14 -114.93 -85.65
N ILE S 826 -85.03 -114.91 -86.37
CA ILE S 826 -83.75 -115.45 -85.91
C ILE S 826 -82.78 -114.30 -85.73
N LEU S 827 -82.05 -114.31 -84.62
CA LEU S 827 -81.04 -113.31 -84.33
C LEU S 827 -79.66 -113.96 -84.25
N VAL S 828 -78.65 -113.24 -84.74
CA VAL S 828 -77.27 -113.71 -84.77
C VAL S 828 -76.46 -112.87 -83.79
N LYS S 829 -75.68 -113.55 -82.94
CA LYS S 829 -74.87 -112.88 -81.93
C LYS S 829 -73.41 -113.34 -82.06
N THR S 830 -72.50 -112.43 -81.75
CA THR S 830 -71.07 -112.69 -81.81
C THR S 830 -70.52 -112.93 -80.41
N LEU S 831 -69.66 -113.94 -80.29
CA LEU S 831 -69.04 -114.31 -79.02
C LEU S 831 -67.53 -114.23 -79.15
N ARG S 832 -66.92 -113.45 -78.26
CA ARG S 832 -65.47 -113.28 -78.22
C ARG S 832 -64.92 -113.88 -76.93
N VAL S 833 -63.82 -114.61 -77.04
CA VAL S 833 -63.20 -115.27 -75.91
C VAL S 833 -61.78 -114.75 -75.73
N VAL S 834 -61.23 -114.99 -74.54
CA VAL S 834 -59.89 -114.54 -74.18
C VAL S 834 -59.15 -115.72 -73.55
N PRO S 835 -57.89 -115.95 -73.90
CA PRO S 835 -57.13 -117.05 -73.28
C PRO S 835 -57.00 -116.87 -71.78
N GLU S 836 -56.57 -117.96 -71.12
CA GLU S 836 -56.51 -117.97 -69.67
C GLU S 836 -55.51 -116.94 -69.14
N GLY S 837 -54.24 -117.11 -69.48
CA GLY S 837 -53.21 -116.23 -68.96
C GLY S 837 -52.92 -115.05 -69.87
N VAL S 838 -52.59 -113.93 -69.24
CA VAL S 838 -52.24 -112.69 -69.94
C VAL S 838 -51.04 -112.07 -69.24
N LYS S 839 -49.94 -111.92 -69.97
CA LYS S 839 -48.71 -111.35 -69.41
C LYS S 839 -48.07 -110.45 -70.47
N ARG S 840 -48.01 -109.16 -70.19
CA ARG S 840 -47.41 -108.19 -71.11
C ARG S 840 -45.99 -107.86 -70.66
N GLU S 841 -45.07 -107.84 -71.63
CA GLU S 841 -43.66 -107.57 -71.36
C GLU S 841 -43.08 -106.79 -72.52
N SER S 842 -42.57 -105.58 -72.24
CA SER S 842 -41.90 -104.80 -73.28
C SER S 842 -40.64 -105.52 -73.75
N TYR S 843 -39.65 -105.67 -72.85
CA TYR S 843 -38.51 -106.56 -73.03
C TYR S 843 -37.53 -106.06 -74.10
N SER S 844 -37.87 -104.98 -74.80
CA SER S 844 -37.02 -104.54 -75.90
C SER S 844 -37.26 -103.06 -76.18
N GLY S 845 -36.20 -102.40 -76.62
CA GLY S 845 -36.26 -101.00 -77.01
C GLY S 845 -34.89 -100.38 -77.16
N VAL S 846 -34.69 -99.59 -78.22
CA VAL S 846 -33.40 -98.97 -78.51
C VAL S 846 -33.65 -97.58 -79.08
N THR S 847 -32.62 -96.73 -78.99
CA THR S 847 -32.64 -95.40 -79.56
C THR S 847 -31.77 -95.39 -80.81
N LEU S 848 -32.39 -95.12 -81.96
CA LEU S 848 -31.67 -95.09 -83.22
C LEU S 848 -30.85 -93.81 -83.31
N ASP S 849 -29.54 -93.97 -83.53
CA ASP S 849 -28.61 -92.84 -83.60
C ASP S 849 -28.03 -92.77 -85.01
N PRO S 850 -28.48 -91.83 -85.85
CA PRO S 850 -27.99 -91.76 -87.23
C PRO S 850 -26.50 -91.48 -87.34
N ARG S 851 -26.05 -90.38 -86.74
CA ARG S 851 -24.67 -89.93 -86.87
C ARG S 851 -23.79 -90.36 -85.72
N GLY S 852 -24.30 -91.16 -84.79
CA GLY S 852 -23.51 -91.63 -83.67
C GLY S 852 -23.23 -90.57 -82.64
N ILE S 853 -24.27 -89.85 -82.22
CA ILE S 853 -24.10 -88.79 -81.22
C ILE S 853 -23.72 -89.39 -79.88
N TYR S 854 -24.58 -90.26 -79.33
CA TYR S 854 -24.35 -90.88 -78.03
C TYR S 854 -23.63 -92.21 -78.23
N GLY S 855 -22.36 -92.26 -77.84
CA GLY S 855 -21.61 -93.49 -77.96
C GLY S 855 -21.36 -93.86 -79.41
N THR S 856 -21.50 -95.15 -79.71
CA THR S 856 -21.28 -95.65 -81.05
C THR S 856 -22.52 -95.42 -81.92
N ILE S 857 -22.34 -95.61 -83.23
CA ILE S 857 -23.44 -95.44 -84.17
C ILE S 857 -24.43 -96.59 -84.01
N SER S 858 -25.73 -96.26 -83.98
CA SER S 858 -26.79 -97.25 -83.83
C SER S 858 -27.90 -96.91 -84.82
N ARG S 859 -27.90 -97.59 -85.97
CA ARG S 859 -28.91 -97.39 -86.99
C ARG S 859 -29.72 -98.64 -87.29
N ARG S 860 -29.09 -99.80 -87.30
CA ARG S 860 -29.76 -101.07 -87.56
C ARG S 860 -29.78 -101.90 -86.29
N LYS S 861 -30.96 -102.39 -85.90
CA LYS S 861 -31.11 -103.20 -84.70
C LYS S 861 -32.05 -104.35 -85.00
N GLU S 862 -31.64 -105.56 -84.61
CA GLU S 862 -32.42 -106.77 -84.83
C GLU S 862 -33.05 -107.20 -83.52
N PHE S 863 -34.38 -107.33 -83.51
CA PHE S 863 -35.11 -107.81 -82.35
C PHE S 863 -35.51 -109.27 -82.58
N PRO S 864 -34.82 -110.24 -81.98
CA PRO S 864 -35.17 -111.65 -82.23
C PRO S 864 -36.53 -112.00 -81.68
N TYR S 865 -37.20 -112.92 -82.36
CA TYR S 865 -38.50 -113.42 -81.95
C TYR S 865 -38.32 -114.73 -81.19
N ARG S 866 -38.67 -114.74 -79.91
CA ARG S 866 -38.55 -115.91 -79.06
C ARG S 866 -39.91 -116.33 -78.55
N ILE S 867 -40.05 -117.62 -78.27
CA ILE S 867 -41.29 -118.19 -77.76
C ILE S 867 -41.05 -118.76 -76.37
N PRO S 868 -41.62 -118.19 -75.32
CA PRO S 868 -41.42 -118.73 -73.97
C PRO S 868 -42.03 -120.13 -73.84
N LEU S 869 -41.49 -120.89 -72.88
CA LEU S 869 -41.97 -122.24 -72.64
C LEU S 869 -43.31 -122.27 -71.92
N ASP S 870 -43.80 -121.13 -71.42
CA ASP S 870 -45.08 -121.06 -70.74
C ASP S 870 -46.21 -120.62 -71.68
N LEU S 871 -46.00 -120.70 -73.00
CA LEU S 871 -47.00 -120.26 -73.94
C LEU S 871 -48.26 -121.11 -73.85
N VAL S 872 -49.41 -120.45 -73.85
CA VAL S 872 -50.69 -121.16 -73.84
C VAL S 872 -50.90 -121.81 -75.20
N PRO S 873 -51.40 -123.05 -75.26
CA PRO S 873 -51.68 -123.66 -76.56
C PRO S 873 -52.71 -122.85 -77.34
N LYS S 874 -52.53 -122.81 -78.66
CA LYS S 874 -53.42 -122.08 -79.57
C LYS S 874 -53.45 -120.58 -79.24
N THR S 875 -52.29 -120.04 -78.90
CA THR S 875 -52.13 -118.62 -78.63
C THR S 875 -51.05 -118.04 -79.52
N GLU S 876 -51.29 -116.82 -80.02
CA GLU S 876 -50.39 -116.15 -80.93
C GLU S 876 -49.75 -114.94 -80.24
N ILE S 877 -48.43 -114.83 -80.35
CA ILE S 877 -47.72 -113.71 -79.73
C ILE S 877 -47.93 -112.46 -80.57
N LYS S 878 -48.34 -111.38 -79.92
CA LYS S 878 -48.61 -110.11 -80.58
C LYS S 878 -47.57 -109.07 -80.16
N ARG S 879 -47.10 -108.29 -81.13
CA ARG S 879 -46.12 -107.24 -80.89
C ARG S 879 -46.57 -105.95 -81.55
N ILE S 880 -46.33 -104.83 -80.88
CA ILE S 880 -46.69 -103.51 -81.37
C ILE S 880 -45.43 -102.65 -81.37
N LEU S 881 -45.21 -101.93 -82.47
CA LEU S 881 -44.02 -101.10 -82.64
C LEU S 881 -44.43 -99.65 -82.88
N SER S 882 -43.65 -98.73 -82.32
CA SER S 882 -43.91 -97.31 -82.47
C SER S 882 -42.62 -96.55 -82.17
N VAL S 883 -42.64 -95.25 -82.49
CA VAL S 883 -41.50 -94.37 -82.26
C VAL S 883 -41.95 -93.22 -81.37
N LYS S 884 -40.97 -92.52 -80.80
CA LYS S 884 -41.23 -91.46 -79.83
C LYS S 884 -40.92 -90.06 -80.34
N GLY S 885 -39.74 -89.84 -80.91
CA GLY S 885 -39.34 -88.49 -81.28
C GLY S 885 -39.16 -87.62 -80.06
N LEU S 886 -38.14 -87.93 -79.25
CA LEU S 886 -37.96 -87.37 -77.91
C LEU S 886 -38.04 -85.84 -77.88
N LEU S 887 -37.14 -85.16 -78.56
CA LEU S 887 -37.06 -83.70 -78.49
C LEU S 887 -36.16 -83.19 -79.61
N VAL S 888 -36.05 -81.87 -79.70
CA VAL S 888 -35.22 -81.20 -80.69
C VAL S 888 -34.34 -80.17 -79.99
N GLY S 889 -33.29 -79.74 -80.70
CA GLY S 889 -32.35 -78.79 -80.13
C GLY S 889 -32.86 -77.36 -80.19
N GLU S 890 -32.33 -76.54 -79.27
CA GLU S 890 -32.73 -75.14 -79.18
C GLU S 890 -31.89 -74.28 -80.11
N ILE S 891 -32.55 -73.42 -80.88
CA ILE S 891 -31.89 -72.51 -81.81
C ILE S 891 -31.85 -71.11 -81.21
N LEU S 892 -31.85 -71.05 -79.86
CA LEU S 892 -31.99 -69.80 -79.12
C LEU S 892 -31.12 -68.67 -79.65
N SER S 893 -29.80 -68.84 -79.62
CA SER S 893 -28.91 -67.75 -79.98
C SER S 893 -27.56 -68.30 -80.42
N ALA S 894 -27.04 -67.75 -81.52
CA ALA S 894 -25.70 -68.06 -82.01
C ALA S 894 -25.27 -66.92 -82.91
N VAL S 895 -24.37 -66.08 -82.44
CA VAL S 895 -23.96 -64.88 -83.17
C VAL S 895 -22.44 -64.78 -83.13
N LEU S 896 -21.83 -64.49 -84.28
CA LEU S 896 -20.39 -64.27 -84.38
C LEU S 896 -20.12 -63.50 -85.66
N SER S 897 -19.62 -62.28 -85.53
CA SER S 897 -19.38 -61.42 -86.68
C SER S 897 -18.35 -60.37 -86.32
N GLN S 898 -18.00 -59.55 -87.31
CA GLN S 898 -17.06 -58.43 -87.23
C GLN S 898 -15.63 -58.87 -87.01
N GLU S 899 -15.35 -60.18 -86.91
CA GLU S 899 -13.98 -60.62 -86.73
C GLU S 899 -13.18 -60.54 -88.02
N GLY S 900 -13.80 -60.86 -89.15
CA GLY S 900 -13.10 -60.82 -90.41
C GLY S 900 -12.77 -59.41 -90.88
N ILE S 901 -13.61 -58.43 -90.52
CA ILE S 901 -13.36 -57.06 -90.94
C ILE S 901 -12.36 -56.39 -89.99
N ASN S 902 -12.45 -56.68 -88.70
CA ASN S 902 -11.60 -56.01 -87.73
C ASN S 902 -10.19 -56.56 -87.75
N ILE S 903 -10.03 -57.86 -87.48
CA ILE S 903 -8.72 -58.49 -87.37
C ILE S 903 -8.69 -59.65 -88.35
N LEU S 904 -8.22 -59.39 -89.57
CA LEU S 904 -7.89 -60.43 -90.53
C LEU S 904 -6.41 -60.41 -90.91
N THR S 905 -5.91 -59.25 -91.33
CA THR S 905 -4.48 -59.04 -91.55
C THR S 905 -3.94 -57.81 -90.84
N HIS S 906 -4.79 -56.83 -90.52
CA HIS S 906 -4.39 -55.62 -89.81
C HIS S 906 -3.25 -54.90 -90.51
N ALA S 912 5.38 -58.66 -82.32
CA ALA S 912 6.57 -59.43 -82.65
C ALA S 912 6.32 -60.92 -82.48
N GLU S 913 6.26 -61.38 -81.24
CA GLU S 913 6.02 -62.78 -80.95
C GLU S 913 4.54 -63.16 -80.95
N ALA S 914 3.65 -62.17 -81.02
CA ALA S 914 2.21 -62.42 -80.98
C ALA S 914 1.62 -62.69 -82.37
N GLU S 915 2.46 -63.01 -83.35
CA GLU S 915 1.92 -63.44 -84.64
C GLU S 915 1.09 -64.70 -84.49
N LEU S 916 1.49 -65.60 -83.59
CA LEU S 916 0.67 -66.77 -83.29
C LEU S 916 -0.68 -66.36 -82.71
N MET S 917 -0.66 -65.46 -81.72
CA MET S 917 -1.90 -64.96 -81.14
C MET S 917 -2.79 -64.32 -82.18
N SER S 918 -2.20 -63.70 -83.20
CA SER S 918 -2.99 -63.07 -84.25
C SER S 918 -3.58 -64.09 -85.23
N VAL S 919 -2.80 -65.09 -85.62
CA VAL S 919 -3.22 -66.01 -86.67
C VAL S 919 -4.04 -67.20 -86.16
N VAL S 920 -3.97 -67.52 -84.87
CA VAL S 920 -4.70 -68.69 -84.35
C VAL S 920 -6.21 -68.53 -84.46
N PRO S 921 -6.82 -67.43 -84.02
CA PRO S 921 -8.30 -67.36 -84.06
C PRO S 921 -8.88 -67.41 -85.46
N VAL S 922 -8.07 -67.19 -86.50
CA VAL S 922 -8.58 -67.29 -87.86
C VAL S 922 -9.00 -68.73 -88.17
N PHE S 923 -8.23 -69.71 -87.67
CA PHE S 923 -8.59 -71.10 -87.86
C PHE S 923 -9.96 -71.41 -87.26
N TYR S 924 -10.19 -70.95 -86.02
CA TYR S 924 -11.47 -71.20 -85.36
C TYR S 924 -12.61 -70.44 -86.02
N VAL S 925 -12.34 -69.23 -86.53
CA VAL S 925 -13.37 -68.50 -87.25
C VAL S 925 -13.76 -69.24 -88.53
N PHE S 926 -12.76 -69.75 -89.26
CA PHE S 926 -13.06 -70.53 -90.46
C PHE S 926 -13.82 -71.81 -90.13
N HIS S 927 -13.45 -72.45 -89.01
CA HIS S 927 -14.16 -73.66 -88.59
C HIS S 927 -15.61 -73.36 -88.25
N TYR S 928 -15.86 -72.24 -87.55
CA TYR S 928 -17.23 -71.85 -87.22
C TYR S 928 -18.02 -71.52 -88.47
N LEU S 929 -17.39 -70.85 -89.44
CA LEU S 929 -18.08 -70.51 -90.67
C LEU S 929 -18.40 -71.75 -91.49
N GLU S 930 -17.51 -72.75 -91.46
CA GLU S 930 -17.77 -73.99 -92.19
C GLU S 930 -18.85 -74.82 -91.50
N THR S 931 -18.88 -74.81 -90.17
CA THR S 931 -19.89 -75.58 -89.45
C THR S 931 -21.28 -74.94 -89.58
N GLY S 932 -21.37 -73.64 -89.34
CA GLY S 932 -22.65 -72.96 -89.43
C GLY S 932 -23.23 -72.88 -90.82
N ASN S 933 -22.39 -72.98 -91.85
CA ASN S 933 -22.83 -72.96 -93.25
C ASN S 933 -23.59 -71.67 -93.58
N HIS S 934 -23.13 -70.56 -93.03
CA HIS S 934 -23.74 -69.25 -93.25
C HIS S 934 -22.70 -68.30 -93.84
N TRP S 935 -22.79 -68.07 -95.16
CA TRP S 935 -21.93 -67.12 -95.85
C TRP S 935 -22.69 -66.04 -96.60
N ASN S 936 -24.02 -66.12 -96.67
CA ASN S 936 -24.82 -65.15 -97.41
C ASN S 936 -25.00 -63.83 -96.67
N ILE S 937 -24.44 -63.69 -95.47
CA ILE S 937 -24.58 -62.45 -94.72
C ILE S 937 -23.82 -61.31 -95.40
N PHE S 938 -22.73 -61.62 -96.07
CA PHE S 938 -21.95 -60.61 -96.79
C PHE S 938 -22.37 -60.53 -98.25
N HIS S 939 -22.18 -59.36 -98.85
CA HIS S 939 -22.54 -59.17 -100.25
C HIS S 939 -21.57 -59.87 -101.19
N SER S 940 -20.33 -60.06 -100.75
CA SER S 940 -19.32 -60.71 -101.58
C SER S 940 -19.66 -62.19 -101.78
N ASP S 941 -19.06 -62.78 -102.81
CA ASP S 941 -19.30 -64.18 -103.10
C ASP S 941 -18.63 -65.05 -102.03
N PRO S 942 -19.26 -66.16 -101.64
CA PRO S 942 -18.64 -67.02 -100.62
C PRO S 942 -17.34 -67.67 -101.08
N LEU S 943 -17.18 -67.88 -102.38
CA LEU S 943 -15.97 -68.55 -102.87
C LEU S 943 -14.73 -67.68 -102.69
N ILE S 944 -14.85 -66.37 -102.96
CA ILE S 944 -13.72 -65.48 -102.80
C ILE S 944 -13.31 -65.38 -101.33
N GLU S 945 -14.30 -65.28 -100.43
CA GLU S 945 -14.00 -65.24 -99.01
C GLU S 945 -13.38 -66.55 -98.54
N LYS S 946 -13.86 -67.68 -99.06
CA LYS S 946 -13.28 -68.96 -98.69
C LYS S 946 -11.84 -69.07 -99.16
N GLN S 947 -11.55 -68.58 -100.37
CA GLN S 947 -10.17 -68.62 -100.87
C GLN S 947 -9.26 -67.70 -100.07
N LYS S 948 -9.77 -66.52 -99.68
CA LYS S 948 -8.97 -65.63 -98.85
C LYS S 948 -8.71 -66.24 -97.48
N LEU S 949 -9.71 -66.91 -96.90
CA LEU S 949 -9.50 -67.58 -95.62
C LEU S 949 -8.53 -68.75 -95.76
N LYS S 950 -8.56 -69.45 -96.90
CA LYS S 950 -7.59 -70.52 -97.11
C LYS S 950 -6.17 -69.97 -97.24
N LYS S 951 -6.02 -68.83 -97.92
CA LYS S 951 -4.71 -68.20 -98.00
C LYS S 951 -4.22 -67.75 -96.63
N LYS S 952 -5.12 -67.20 -95.81
CA LYS S 952 -4.72 -66.83 -94.46
C LYS S 952 -4.38 -68.04 -93.60
N LEU S 953 -5.08 -69.16 -93.80
CA LEU S 953 -4.74 -70.39 -93.10
C LEU S 953 -3.38 -70.92 -93.54
N LYS S 954 -3.06 -70.77 -94.82
CA LYS S 954 -1.72 -71.16 -95.29
C LYS S 954 -0.65 -70.27 -94.68
N GLU S 955 -0.91 -68.97 -94.58
CA GLU S 955 0.03 -68.07 -93.92
C GLU S 955 0.21 -68.43 -92.45
N GLY S 956 -0.89 -68.80 -91.78
CA GLY S 956 -0.79 -69.23 -90.40
C GLY S 956 -0.04 -70.54 -90.24
N MET S 957 -0.19 -71.45 -91.20
CA MET S 957 0.57 -72.69 -91.17
C MET S 957 2.06 -72.42 -91.35
N LEU S 958 2.42 -71.51 -92.26
CA LEU S 958 3.81 -71.12 -92.40
C LEU S 958 4.34 -70.47 -91.11
N SER S 959 3.51 -69.66 -90.47
CA SER S 959 3.92 -69.02 -89.22
C SER S 959 4.16 -70.03 -88.12
N ILE S 960 3.23 -70.99 -87.96
CA ILE S 960 3.40 -72.01 -86.93
C ILE S 960 4.54 -72.97 -87.28
N MET S 961 4.87 -73.11 -88.56
CA MET S 961 6.06 -73.86 -88.93
C MET S 961 7.33 -73.09 -88.58
N SER S 962 7.28 -71.75 -88.63
CA SER S 962 8.43 -70.95 -88.24
C SER S 962 8.71 -71.04 -86.74
N TYR S 963 7.73 -71.41 -85.93
CA TYR S 963 7.90 -71.54 -84.49
C TYR S 963 8.39 -72.92 -84.08
N ARG S 964 8.72 -73.78 -85.02
CA ARG S 964 9.18 -75.14 -84.73
C ARG S 964 10.70 -75.14 -84.63
N ASN S 965 11.22 -75.59 -83.49
CA ASN S 965 12.65 -75.66 -83.26
C ASN S 965 13.22 -76.94 -83.85
N ALA S 966 14.55 -77.07 -83.76
CA ALA S 966 15.21 -78.26 -84.28
C ALA S 966 14.88 -79.51 -83.46
N ASP S 967 14.58 -79.33 -82.17
CA ASP S 967 14.20 -80.43 -81.30
C ASP S 967 12.73 -80.81 -81.43
N TYR S 968 12.04 -80.30 -82.45
CA TYR S 968 10.62 -80.53 -82.71
C TYR S 968 9.71 -79.94 -81.63
N SER S 969 10.27 -79.18 -80.68
CA SER S 969 9.47 -78.53 -79.67
C SER S 969 8.95 -77.19 -80.19
N TYR S 970 8.16 -76.51 -79.36
CA TYR S 970 7.52 -75.25 -79.74
C TYR S 970 7.83 -74.21 -78.68
N SER S 971 8.42 -73.10 -79.10
CA SER S 971 8.82 -72.02 -78.20
C SER S 971 8.28 -70.69 -78.72
N VAL S 972 8.34 -69.68 -77.86
CA VAL S 972 7.77 -68.37 -78.17
C VAL S 972 8.85 -67.39 -78.62
N TRP S 973 9.91 -67.22 -77.83
CA TRP S 973 10.94 -66.21 -78.10
C TRP S 973 12.21 -66.89 -78.58
N LYS S 974 12.36 -67.01 -79.90
CA LYS S 974 13.58 -67.44 -80.58
C LYS S 974 14.01 -68.85 -80.22
N GLY S 975 13.20 -69.59 -79.47
CA GLY S 975 13.56 -70.94 -79.09
C GLY S 975 14.62 -71.03 -78.01
N GLY S 976 14.70 -70.04 -77.12
CA GLY S 976 15.68 -70.10 -76.05
C GLY S 976 15.31 -71.13 -74.99
N SER S 977 14.05 -71.15 -74.59
CA SER S 977 13.54 -72.12 -73.62
C SER S 977 12.34 -72.83 -74.22
N ALA S 978 12.12 -74.07 -73.76
CA ALA S 978 11.02 -74.90 -74.24
C ALA S 978 9.83 -74.77 -73.31
N SER S 979 8.65 -74.59 -73.90
CA SER S 979 7.41 -74.43 -73.14
C SER S 979 6.39 -75.46 -73.62
N THR S 980 5.77 -76.15 -72.67
CA THR S 980 4.77 -77.16 -73.02
C THR S 980 3.41 -76.56 -73.27
N TRP S 981 3.10 -75.41 -72.65
CA TRP S 981 1.81 -74.76 -72.86
C TRP S 981 1.64 -74.34 -74.32
N LEU S 982 2.61 -73.60 -74.85
CA LEU S 982 2.54 -73.18 -76.25
C LEU S 982 2.63 -74.39 -77.18
N THR S 983 3.35 -75.43 -76.77
CA THR S 983 3.43 -76.64 -77.58
C THR S 983 2.06 -77.29 -77.73
N ALA S 984 1.32 -77.42 -76.61
CA ALA S 984 -0.02 -77.99 -76.69
C ALA S 984 -0.99 -77.06 -77.40
N PHE S 985 -0.79 -75.75 -77.28
CA PHE S 985 -1.62 -74.80 -78.02
C PHE S 985 -1.43 -74.99 -79.53
N ALA S 986 -0.18 -75.10 -79.97
CA ALA S 986 0.09 -75.34 -81.38
C ALA S 986 -0.40 -76.72 -81.82
N LEU S 987 -0.37 -77.70 -80.91
CA LEU S 987 -0.94 -79.01 -81.24
C LEU S 987 -2.45 -78.91 -81.45
N ARG S 988 -3.13 -78.11 -80.63
CA ARG S 988 -4.56 -77.86 -80.85
C ARG S 988 -4.78 -77.21 -82.20
N VAL S 989 -3.97 -76.21 -82.54
CA VAL S 989 -4.11 -75.52 -83.82
C VAL S 989 -3.91 -76.50 -84.98
N LEU S 990 -2.90 -77.37 -84.87
CA LEU S 990 -2.62 -78.32 -85.94
C LEU S 990 -3.71 -79.39 -86.03
N GLY S 991 -4.29 -79.78 -84.90
CA GLY S 991 -5.42 -80.69 -84.95
C GLY S 991 -6.65 -80.06 -85.57
N GLN S 992 -6.84 -78.76 -85.37
CA GLN S 992 -7.91 -78.05 -86.07
C GLN S 992 -7.64 -77.98 -87.56
N VAL S 993 -6.38 -77.79 -87.95
CA VAL S 993 -6.02 -77.73 -89.36
C VAL S 993 -6.18 -79.10 -90.02
N ASN S 994 -5.95 -80.18 -89.27
CA ASN S 994 -6.01 -81.53 -89.81
C ASN S 994 -7.31 -81.82 -90.54
N LYS S 995 -8.41 -81.20 -90.11
CA LYS S 995 -9.71 -81.53 -90.66
C LYS S 995 -10.01 -80.88 -92.01
N TYR S 996 -9.18 -79.92 -92.45
CA TYR S 996 -9.52 -79.13 -93.63
C TYR S 996 -8.58 -79.36 -94.81
N VAL S 997 -7.28 -79.15 -94.65
CA VAL S 997 -6.41 -79.21 -95.83
C VAL S 997 -5.46 -80.39 -95.76
N GLU S 998 -4.50 -80.35 -94.82
CA GLU S 998 -3.49 -81.38 -94.68
C GLU S 998 -2.56 -81.00 -93.53
N GLN S 999 -1.89 -82.01 -92.97
CA GLN S 999 -0.81 -81.83 -92.01
C GLN S 999 0.06 -83.07 -92.04
N ASN S 1000 1.38 -82.86 -91.99
CA ASN S 1000 2.31 -83.98 -92.01
C ASN S 1000 2.23 -84.77 -90.70
N GLN S 1001 1.98 -86.08 -90.83
CA GLN S 1001 1.78 -86.91 -89.64
C GLN S 1001 3.09 -87.15 -88.91
N ASN S 1002 4.19 -87.33 -89.65
CA ASN S 1002 5.47 -87.63 -89.03
C ASN S 1002 5.96 -86.48 -88.16
N SER S 1003 5.61 -85.24 -88.50
CA SER S 1003 6.02 -84.10 -87.70
C SER S 1003 5.18 -83.95 -86.43
N ILE S 1004 4.04 -84.64 -86.35
CA ILE S 1004 3.20 -84.60 -85.16
C ILE S 1004 3.44 -85.80 -84.25
N CYS S 1005 3.71 -86.96 -84.83
CA CYS S 1005 3.94 -88.15 -84.02
C CYS S 1005 5.19 -88.01 -83.16
N ASN S 1006 6.29 -87.57 -83.76
CA ASN S 1006 7.50 -87.35 -82.98
C ASN S 1006 7.36 -86.18 -82.01
N SER S 1007 6.56 -85.18 -82.38
CA SER S 1007 6.33 -84.07 -81.46
C SER S 1007 5.59 -84.53 -80.22
N LEU S 1008 4.62 -85.44 -80.38
CA LEU S 1008 3.92 -86.00 -79.23
C LEU S 1008 4.82 -86.95 -78.45
N LEU S 1009 5.66 -87.71 -79.14
CA LEU S 1009 6.59 -88.61 -78.46
C LEU S 1009 7.59 -87.83 -77.61
N TRP S 1010 8.00 -86.66 -78.07
CA TRP S 1010 8.90 -85.81 -77.28
C TRP S 1010 8.27 -85.48 -75.93
N LEU S 1011 7.02 -85.02 -75.94
CA LEU S 1011 6.33 -84.70 -74.69
C LEU S 1011 6.13 -85.94 -73.83
N VAL S 1012 5.72 -87.05 -74.45
CA VAL S 1012 5.50 -88.29 -73.70
C VAL S 1012 6.78 -88.74 -73.02
N GLU S 1013 7.93 -88.54 -73.68
CA GLU S 1013 9.20 -88.99 -73.12
C GLU S 1013 9.73 -88.04 -72.05
N ASN S 1014 9.59 -86.72 -72.26
CA ASN S 1014 10.24 -85.76 -71.39
C ASN S 1014 9.29 -85.15 -70.35
N TYR S 1015 8.17 -84.58 -70.78
CA TYR S 1015 7.32 -83.79 -69.91
C TYR S 1015 6.23 -84.60 -69.24
N GLN S 1016 6.22 -85.91 -69.39
CA GLN S 1016 5.23 -86.77 -68.75
C GLN S 1016 5.84 -87.37 -67.49
N LEU S 1017 5.28 -87.01 -66.34
CA LEU S 1017 5.70 -87.59 -65.08
C LEU S 1017 5.21 -89.03 -64.97
N ASP S 1018 5.92 -89.84 -64.18
CA ASP S 1018 5.52 -91.23 -63.99
C ASP S 1018 4.16 -91.33 -63.31
N ASN S 1019 3.77 -90.31 -62.55
CA ASN S 1019 2.45 -90.30 -61.93
C ASN S 1019 1.35 -89.94 -62.92
N GLY S 1020 1.69 -89.32 -64.04
CA GLY S 1020 0.73 -88.83 -65.01
C GLY S 1020 0.68 -87.33 -65.13
N SER S 1021 1.42 -86.60 -64.29
CA SER S 1021 1.42 -85.15 -64.34
C SER S 1021 2.24 -84.64 -65.52
N PHE S 1022 2.05 -83.36 -65.83
CA PHE S 1022 2.77 -82.70 -66.91
C PHE S 1022 3.25 -81.33 -66.43
N LYS S 1023 4.42 -80.91 -66.91
CA LYS S 1023 5.02 -79.65 -66.50
C LYS S 1023 5.66 -79.00 -67.73
N GLU S 1024 6.21 -77.81 -67.52
CA GLU S 1024 6.88 -77.06 -68.58
C GLU S 1024 8.25 -76.60 -68.08
N ASN S 1025 9.18 -76.46 -69.03
CA ASN S 1025 10.53 -76.03 -68.68
C ASN S 1025 10.61 -74.51 -68.56
N SER S 1026 9.98 -73.78 -69.49
CA SER S 1026 10.01 -72.33 -69.45
C SER S 1026 9.19 -71.81 -68.29
N GLN S 1027 9.78 -70.93 -67.49
CA GLN S 1027 9.10 -70.36 -66.34
C GLN S 1027 8.86 -68.86 -66.53
N LEU S 1037 1.55 -71.14 -49.58
CA LEU S 1037 0.58 -71.72 -50.50
C LEU S 1037 1.17 -72.93 -51.24
N PRO S 1038 1.32 -74.05 -50.53
CA PRO S 1038 1.89 -75.24 -51.17
C PRO S 1038 0.96 -75.88 -52.19
N VAL S 1039 -0.35 -75.76 -52.00
CA VAL S 1039 -1.31 -76.38 -52.92
C VAL S 1039 -1.36 -75.70 -54.27
N GLU S 1040 -0.82 -74.49 -54.39
CA GLU S 1040 -0.80 -73.81 -55.69
C GLU S 1040 0.09 -74.55 -56.68
N ALA S 1041 1.14 -75.21 -56.20
CA ALA S 1041 1.97 -76.02 -57.08
C ALA S 1041 1.19 -77.18 -57.67
N ARG S 1042 0.42 -77.88 -56.83
CA ARG S 1042 -0.41 -78.97 -57.33
C ARG S 1042 -1.51 -78.45 -58.26
N GLU S 1043 -2.04 -77.26 -57.96
CA GLU S 1043 -3.05 -76.68 -58.84
C GLU S 1043 -2.48 -76.39 -60.23
N ASN S 1044 -1.29 -75.78 -60.27
CA ASN S 1044 -0.65 -75.50 -61.55
C ASN S 1044 -0.28 -76.80 -62.27
N SER S 1045 0.14 -77.81 -61.51
CA SER S 1045 0.45 -79.10 -62.12
C SER S 1045 -0.77 -79.73 -62.77
N LEU S 1046 -1.92 -79.69 -62.08
CA LEU S 1046 -3.14 -80.23 -62.65
C LEU S 1046 -3.61 -79.40 -63.85
N TYR S 1047 -3.41 -78.09 -63.80
CA TYR S 1047 -3.75 -77.24 -64.95
C TYR S 1047 -2.92 -77.63 -66.17
N LEU S 1048 -1.61 -77.73 -66.00
CA LEU S 1048 -0.75 -78.11 -67.11
C LEU S 1048 -1.08 -79.52 -67.60
N THR S 1049 -1.40 -80.43 -66.67
CA THR S 1049 -1.76 -81.79 -67.07
C THR S 1049 -3.03 -81.81 -67.91
N ALA S 1050 -4.05 -81.06 -67.50
CA ALA S 1050 -5.28 -80.99 -68.27
C ALA S 1050 -5.04 -80.35 -69.64
N PHE S 1051 -4.21 -79.31 -69.68
CA PHE S 1051 -3.91 -78.68 -70.96
C PHE S 1051 -3.21 -79.66 -71.91
N THR S 1052 -2.24 -80.41 -71.39
CA THR S 1052 -1.54 -81.40 -72.21
C THR S 1052 -2.46 -82.53 -72.62
N VAL S 1053 -3.40 -82.92 -71.75
CA VAL S 1053 -4.36 -83.96 -72.10
C VAL S 1053 -5.24 -83.48 -73.26
N ILE S 1054 -5.71 -82.24 -73.19
CA ILE S 1054 -6.52 -81.67 -74.27
C ILE S 1054 -5.72 -81.68 -75.57
N GLY S 1055 -4.46 -81.22 -75.50
CA GLY S 1055 -3.64 -81.17 -76.71
C GLY S 1055 -3.41 -82.55 -77.31
N ILE S 1056 -3.07 -83.53 -76.47
CA ILE S 1056 -2.76 -84.86 -76.97
C ILE S 1056 -4.02 -85.55 -77.50
N ARG S 1057 -5.16 -85.29 -76.87
CA ARG S 1057 -6.41 -85.85 -77.38
C ARG S 1057 -6.80 -85.23 -78.71
N LYS S 1058 -6.53 -83.93 -78.88
CA LYS S 1058 -6.81 -83.30 -80.17
C LYS S 1058 -5.87 -83.80 -81.25
N ALA S 1059 -4.62 -84.07 -80.91
CA ALA S 1059 -3.64 -84.53 -81.88
C ALA S 1059 -3.56 -86.06 -81.98
N PHE S 1060 -4.42 -86.78 -81.27
CA PHE S 1060 -4.34 -88.24 -81.25
C PHE S 1060 -5.09 -88.89 -82.41
N ASP S 1061 -6.18 -88.27 -82.87
CA ASP S 1061 -7.00 -88.88 -83.91
C ASP S 1061 -6.24 -89.03 -85.22
N ILE S 1062 -5.22 -88.19 -85.44
CA ILE S 1062 -4.46 -88.26 -86.68
C ILE S 1062 -3.23 -89.17 -86.57
N CYS S 1063 -2.71 -89.36 -85.36
CA CYS S 1063 -1.54 -90.21 -85.13
C CYS S 1063 -1.85 -91.21 -84.02
N PRO S 1064 -2.56 -92.29 -84.33
CA PRO S 1064 -2.83 -93.32 -83.32
C PRO S 1064 -1.56 -94.12 -83.03
N LEU S 1065 -1.20 -94.19 -81.74
CA LEU S 1065 -0.03 -94.93 -81.31
C LEU S 1065 -0.32 -95.60 -79.97
N VAL S 1066 0.35 -96.73 -79.74
CA VAL S 1066 0.18 -97.44 -78.47
C VAL S 1066 0.80 -96.65 -77.32
N LYS S 1067 1.95 -96.03 -77.56
CA LYS S 1067 2.60 -95.23 -76.51
C LYS S 1067 1.77 -93.99 -76.17
N ILE S 1068 1.18 -93.36 -77.19
CA ILE S 1068 0.32 -92.21 -76.93
C ILE S 1068 -0.92 -92.64 -76.16
N ASP S 1069 -1.47 -93.81 -76.46
CA ASP S 1069 -2.60 -94.32 -75.72
C ASP S 1069 -2.23 -94.61 -74.27
N THR S 1070 -1.03 -95.16 -74.04
CA THR S 1070 -0.56 -95.39 -72.68
C THR S 1070 -0.41 -94.08 -71.92
N ALA S 1071 0.14 -93.06 -72.58
CA ALA S 1071 0.28 -91.76 -71.96
C ALA S 1071 -1.09 -91.17 -71.62
N LEU S 1072 -2.05 -91.31 -72.52
CA LEU S 1072 -3.40 -90.81 -72.26
C LEU S 1072 -4.03 -91.54 -71.08
N ILE S 1073 -3.84 -92.87 -70.99
CA ILE S 1073 -4.39 -93.63 -69.88
C ILE S 1073 -3.77 -93.17 -68.57
N LYS S 1074 -2.45 -93.00 -68.55
CA LYS S 1074 -1.77 -92.56 -67.32
C LYS S 1074 -2.23 -91.17 -66.91
N ALA S 1075 -2.37 -90.25 -67.87
CA ALA S 1075 -2.80 -88.89 -67.55
C ALA S 1075 -4.25 -88.87 -67.06
N ASP S 1076 -5.11 -89.69 -67.67
CA ASP S 1076 -6.49 -89.78 -67.21
C ASP S 1076 -6.56 -90.35 -65.80
N ASN S 1077 -5.73 -91.35 -65.50
CA ASN S 1077 -5.67 -91.88 -64.14
C ASN S 1077 -5.22 -90.81 -63.15
N PHE S 1078 -4.19 -90.04 -63.52
CA PHE S 1078 -3.73 -88.95 -62.68
C PHE S 1078 -4.84 -87.95 -62.39
N LEU S 1079 -5.55 -87.52 -63.46
CA LEU S 1079 -6.60 -86.53 -63.29
C LEU S 1079 -7.77 -87.09 -62.49
N LEU S 1080 -8.11 -88.37 -62.65
CA LEU S 1080 -9.21 -88.94 -61.90
C LEU S 1080 -8.84 -89.15 -60.44
N GLU S 1081 -7.57 -89.39 -60.15
CA GLU S 1081 -7.15 -89.61 -58.77
C GLU S 1081 -7.00 -88.29 -58.01
N ASN S 1082 -6.48 -87.25 -58.67
CA ASN S 1082 -6.11 -86.02 -57.97
C ASN S 1082 -7.19 -84.94 -58.01
N THR S 1083 -8.31 -85.17 -58.69
CA THR S 1083 -9.40 -84.20 -58.72
C THR S 1083 -10.46 -84.46 -57.66
N LEU S 1084 -10.18 -85.34 -56.69
CA LEU S 1084 -11.15 -85.60 -55.64
C LEU S 1084 -11.45 -84.37 -54.78
N PRO S 1085 -10.47 -83.62 -54.27
CA PRO S 1085 -10.80 -82.42 -53.50
C PRO S 1085 -11.22 -81.28 -54.40
N ALA S 1086 -12.06 -80.40 -53.84
CA ALA S 1086 -12.49 -79.20 -54.53
C ALA S 1086 -11.42 -78.12 -54.37
N GLN S 1087 -10.64 -77.89 -55.43
CA GLN S 1087 -9.52 -76.96 -55.38
C GLN S 1087 -9.88 -75.60 -55.99
N SER S 1088 -10.31 -75.59 -57.24
CA SER S 1088 -10.65 -74.35 -57.92
C SER S 1088 -11.64 -74.64 -59.03
N THR S 1089 -12.52 -73.66 -59.29
CA THR S 1089 -13.52 -73.83 -60.33
C THR S 1089 -12.88 -73.95 -61.71
N PHE S 1090 -11.87 -73.12 -61.99
CA PHE S 1090 -11.20 -73.17 -63.28
C PHE S 1090 -10.47 -74.49 -63.47
N THR S 1091 -9.74 -74.93 -62.44
CA THR S 1091 -9.04 -76.20 -62.52
C THR S 1091 -10.01 -77.37 -62.67
N LEU S 1092 -11.10 -77.34 -61.89
CA LEU S 1092 -12.11 -78.39 -62.00
C LEU S 1092 -12.71 -78.44 -63.39
N ALA S 1093 -13.00 -77.27 -63.98
CA ALA S 1093 -13.60 -77.23 -65.30
C ALA S 1093 -12.64 -77.72 -66.37
N ILE S 1094 -11.37 -77.28 -66.31
CA ILE S 1094 -10.42 -77.72 -67.32
C ILE S 1094 -10.14 -79.22 -67.19
N SER S 1095 -10.13 -79.74 -65.96
CA SER S 1095 -9.96 -81.18 -65.80
C SER S 1095 -11.16 -81.95 -66.31
N ALA S 1096 -12.37 -81.43 -66.05
CA ALA S 1096 -13.57 -82.08 -66.56
C ALA S 1096 -13.59 -82.09 -68.08
N TYR S 1097 -13.14 -81.00 -68.72
CA TYR S 1097 -13.10 -80.98 -70.18
C TYR S 1097 -12.03 -81.92 -70.72
N ALA S 1098 -10.86 -81.95 -70.08
CA ALA S 1098 -9.80 -82.85 -70.53
C ALA S 1098 -10.22 -84.31 -70.37
N LEU S 1099 -11.03 -84.62 -69.37
CA LEU S 1099 -11.52 -85.99 -69.21
C LEU S 1099 -12.70 -86.29 -70.12
N SER S 1100 -13.49 -85.28 -70.48
CA SER S 1100 -14.60 -85.46 -71.40
C SER S 1100 -14.15 -85.62 -72.84
N LEU S 1101 -12.98 -85.06 -73.20
CA LEU S 1101 -12.43 -85.30 -74.52
C LEU S 1101 -12.08 -86.77 -74.73
N GLY S 1102 -11.90 -87.53 -73.65
CA GLY S 1102 -11.66 -88.96 -73.73
C GLY S 1102 -12.89 -89.76 -73.32
N ASP S 1103 -12.74 -90.60 -72.31
CA ASP S 1103 -13.86 -91.38 -71.81
C ASP S 1103 -14.88 -90.48 -71.11
N LYS S 1104 -16.13 -90.55 -71.54
CA LYS S 1104 -17.18 -89.70 -71.02
C LYS S 1104 -18.11 -90.40 -70.02
N THR S 1105 -17.92 -91.69 -69.78
CA THR S 1105 -18.80 -92.46 -68.90
C THR S 1105 -18.02 -93.12 -67.77
N HIS S 1106 -16.97 -92.46 -67.28
CA HIS S 1106 -16.20 -92.98 -66.16
C HIS S 1106 -16.88 -92.60 -64.85
N PRO S 1107 -16.81 -93.48 -63.83
CA PRO S 1107 -17.43 -93.14 -62.54
C PRO S 1107 -16.87 -91.86 -61.92
N GLN S 1108 -15.55 -91.76 -61.79
CA GLN S 1108 -14.97 -90.55 -61.21
C GLN S 1108 -15.19 -89.34 -62.11
N PHE S 1109 -15.24 -89.54 -63.43
CA PHE S 1109 -15.57 -88.44 -64.32
C PHE S 1109 -16.98 -87.93 -64.07
N ARG S 1110 -17.94 -88.85 -63.88
CA ARG S 1110 -19.30 -88.43 -63.58
C ARG S 1110 -19.39 -87.76 -62.22
N SER S 1111 -18.59 -88.22 -61.25
CA SER S 1111 -18.55 -87.54 -59.95
C SER S 1111 -18.01 -86.11 -60.10
N ILE S 1112 -16.98 -85.94 -60.92
CA ILE S 1112 -16.42 -84.61 -61.16
C ILE S 1112 -17.44 -83.72 -61.87
N VAL S 1113 -18.18 -84.29 -62.81
CA VAL S 1113 -19.21 -83.52 -63.52
C VAL S 1113 -20.32 -83.10 -62.56
N SER S 1114 -20.72 -84.00 -61.66
CA SER S 1114 -21.72 -83.66 -60.66
C SER S 1114 -21.23 -82.57 -59.72
N ALA S 1115 -19.96 -82.64 -59.31
CA ALA S 1115 -19.40 -81.62 -58.45
C ALA S 1115 -19.35 -80.27 -59.16
N LEU S 1116 -19.00 -80.28 -60.44
CA LEU S 1116 -18.96 -79.03 -61.20
C LEU S 1116 -20.36 -78.44 -61.39
N LYS S 1117 -21.36 -79.31 -61.59
CA LYS S 1117 -22.74 -78.83 -61.67
C LYS S 1117 -23.21 -78.27 -60.34
N ARG S 1118 -22.75 -78.86 -59.23
CA ARG S 1118 -23.08 -78.31 -57.92
C ARG S 1118 -22.41 -76.96 -57.69
N GLU S 1119 -21.18 -76.78 -58.21
CA GLU S 1119 -20.45 -75.53 -58.09
C GLU S 1119 -20.89 -74.49 -59.11
N ALA S 1120 -21.94 -74.76 -59.88
CA ALA S 1120 -22.39 -73.82 -60.91
C ALA S 1120 -23.20 -72.70 -60.28
N LEU S 1121 -23.20 -71.56 -60.96
CA LEU S 1121 -23.96 -70.38 -60.55
C LEU S 1121 -25.10 -70.14 -61.53
N VAL S 1122 -26.28 -69.87 -61.00
CA VAL S 1122 -27.48 -69.68 -61.80
C VAL S 1122 -28.11 -68.34 -61.44
N LYS S 1123 -28.99 -67.88 -62.33
CA LYS S 1123 -29.73 -66.63 -62.14
C LYS S 1123 -31.16 -66.83 -62.61
N GLY S 1124 -32.09 -66.93 -61.67
CA GLY S 1124 -33.49 -67.08 -61.98
C GLY S 1124 -33.98 -68.50 -61.74
N ASN S 1125 -35.31 -68.62 -61.73
CA ASN S 1125 -35.98 -69.91 -61.55
C ASN S 1125 -37.14 -69.99 -62.54
N PRO S 1126 -36.99 -70.76 -63.63
CA PRO S 1126 -35.82 -71.56 -64.02
C PRO S 1126 -34.60 -70.73 -64.39
N PRO S 1127 -33.41 -71.30 -64.24
CA PRO S 1127 -32.18 -70.55 -64.54
C PRO S 1127 -32.12 -70.13 -65.99
N ILE S 1128 -32.08 -68.82 -66.22
CA ILE S 1128 -31.95 -68.30 -67.58
C ILE S 1128 -30.47 -68.23 -67.98
N TYR S 1129 -29.60 -67.90 -67.04
CA TYR S 1129 -28.17 -67.83 -67.27
C TYR S 1129 -27.45 -68.74 -66.28
N ARG S 1130 -26.46 -69.48 -66.78
CA ARG S 1130 -25.69 -70.40 -65.97
C ARG S 1130 -24.21 -70.15 -66.23
N PHE S 1131 -23.46 -69.88 -65.16
CA PHE S 1131 -22.04 -69.60 -65.27
C PHE S 1131 -21.32 -70.17 -64.05
N TRP S 1132 -19.99 -70.06 -64.07
CA TRP S 1132 -19.13 -70.57 -63.01
C TRP S 1132 -18.17 -69.48 -62.56
N LYS S 1133 -18.03 -69.31 -61.26
CA LYS S 1133 -17.15 -68.31 -60.67
C LYS S 1133 -15.95 -69.01 -60.04
N ASP S 1134 -14.75 -68.54 -60.38
CA ASP S 1134 -13.53 -69.12 -59.81
C ASP S 1134 -13.37 -68.70 -58.35
N ASN S 1135 -13.28 -67.40 -58.10
CA ASN S 1135 -13.14 -66.90 -56.75
C ASN S 1135 -14.47 -66.95 -56.02
N LEU S 1136 -14.42 -67.34 -54.74
CA LEU S 1136 -15.61 -67.47 -53.91
C LEU S 1136 -15.71 -66.27 -52.98
N GLN S 1137 -16.87 -65.61 -53.00
CA GLN S 1137 -17.14 -64.43 -52.16
C GLN S 1137 -16.10 -63.34 -52.43
N HIS S 1138 -15.86 -63.06 -53.70
CA HIS S 1138 -14.91 -62.03 -54.10
C HIS S 1138 -15.52 -60.64 -53.99
N GLY S 1147 -10.99 -56.35 -68.56
CA GLY S 1147 -9.80 -57.08 -68.12
C GLY S 1147 -9.95 -57.68 -66.74
N THR S 1148 -11.11 -57.47 -66.12
CA THR S 1148 -11.39 -57.99 -64.79
C THR S 1148 -12.22 -59.26 -64.80
N ALA S 1149 -12.71 -59.68 -65.96
CA ALA S 1149 -13.52 -60.89 -66.08
C ALA S 1149 -12.61 -62.08 -66.30
N ARG S 1150 -12.41 -62.88 -65.25
CA ARG S 1150 -11.57 -64.06 -65.32
C ARG S 1150 -12.35 -65.36 -65.31
N MET S 1151 -13.64 -65.33 -64.97
CA MET S 1151 -14.45 -66.53 -64.94
C MET S 1151 -14.90 -66.99 -66.32
N VAL S 1152 -14.64 -66.20 -67.36
CA VAL S 1152 -15.08 -66.59 -68.71
C VAL S 1152 -14.37 -67.85 -69.15
N GLU S 1153 -13.12 -68.05 -68.73
CA GLU S 1153 -12.39 -69.25 -69.10
C GLU S 1153 -13.06 -70.50 -68.53
N THR S 1154 -13.38 -70.50 -67.24
CA THR S 1154 -14.00 -71.67 -66.64
C THR S 1154 -15.42 -71.86 -67.15
N THR S 1155 -16.14 -70.77 -67.47
CA THR S 1155 -17.46 -70.93 -68.07
C THR S 1155 -17.36 -71.58 -69.44
N ALA S 1156 -16.37 -71.19 -70.24
CA ALA S 1156 -16.20 -71.80 -71.56
C ALA S 1156 -15.79 -73.27 -71.44
N TYR S 1157 -14.93 -73.59 -70.47
CA TYR S 1157 -14.55 -74.99 -70.26
C TYR S 1157 -15.75 -75.83 -69.83
N ALA S 1158 -16.58 -75.30 -68.94
CA ALA S 1158 -17.77 -76.04 -68.52
C ALA S 1158 -18.77 -76.16 -69.67
N LEU S 1159 -18.85 -75.14 -70.53
CA LEU S 1159 -19.70 -75.23 -71.71
C LEU S 1159 -19.23 -76.34 -72.65
N LEU S 1160 -17.91 -76.42 -72.87
CA LEU S 1160 -17.38 -77.48 -73.72
C LEU S 1160 -17.62 -78.85 -73.09
N THR S 1161 -17.47 -78.95 -71.77
CA THR S 1161 -17.73 -80.21 -71.09
C THR S 1161 -19.19 -80.63 -71.23
N SER S 1162 -20.11 -79.68 -71.09
CA SER S 1162 -21.53 -80.00 -71.24
C SER S 1162 -21.88 -80.34 -72.68
N LEU S 1163 -21.23 -79.68 -73.65
CA LEU S 1163 -21.44 -80.02 -75.05
C LEU S 1163 -20.91 -81.41 -75.37
N ASN S 1164 -19.85 -81.84 -74.69
CA ASN S 1164 -19.38 -83.21 -74.83
C ASN S 1164 -20.39 -84.22 -74.30
N LEU S 1165 -21.27 -83.80 -73.38
CA LEU S 1165 -22.30 -84.67 -72.85
C LEU S 1165 -23.61 -84.60 -73.63
N LYS S 1166 -23.72 -83.69 -74.59
CA LYS S 1166 -24.88 -83.58 -75.46
C LYS S 1166 -26.17 -83.31 -74.69
N ASP S 1167 -26.14 -82.26 -73.87
CA ASP S 1167 -27.29 -81.85 -73.06
C ASP S 1167 -27.68 -80.43 -73.50
N ILE S 1168 -28.73 -80.34 -74.31
CA ILE S 1168 -29.15 -79.03 -74.82
C ILE S 1168 -29.71 -78.16 -73.71
N ASN S 1169 -30.52 -78.75 -72.82
CA ASN S 1169 -31.14 -77.98 -71.75
C ASN S 1169 -30.11 -77.38 -70.81
N TYR S 1170 -28.99 -78.07 -70.59
CA TYR S 1170 -27.94 -77.56 -69.72
C TYR S 1170 -27.00 -76.61 -70.46
N VAL S 1171 -26.93 -76.70 -71.78
CA VAL S 1171 -26.02 -75.85 -72.55
C VAL S 1171 -26.67 -74.50 -72.85
N ASN S 1172 -27.98 -74.48 -73.08
CA ASN S 1172 -28.68 -73.24 -73.43
C ASN S 1172 -28.42 -72.08 -72.47
N PRO S 1173 -28.48 -72.24 -71.14
CA PRO S 1173 -28.20 -71.08 -70.28
C PRO S 1173 -26.77 -70.57 -70.40
N VAL S 1174 -25.80 -71.47 -70.59
CA VAL S 1174 -24.42 -71.02 -70.76
C VAL S 1174 -24.25 -70.27 -72.08
N ILE S 1175 -24.98 -70.71 -73.12
CA ILE S 1175 -24.94 -69.99 -74.39
C ILE S 1175 -25.55 -68.60 -74.23
N LYS S 1176 -26.67 -68.50 -73.50
CA LYS S 1176 -27.27 -67.20 -73.25
C LYS S 1176 -26.35 -66.32 -72.42
N TRP S 1177 -25.57 -66.92 -71.52
CA TRP S 1177 -24.63 -66.15 -70.71
C TRP S 1177 -23.49 -65.61 -71.57
N LEU S 1178 -22.89 -66.47 -72.39
CA LEU S 1178 -21.78 -66.06 -73.25
C LEU S 1178 -22.21 -65.19 -74.41
N SER S 1179 -23.52 -65.12 -74.71
CA SER S 1179 -23.98 -64.25 -75.78
C SER S 1179 -23.90 -62.79 -75.39
N GLU S 1180 -24.46 -62.43 -74.23
CA GLU S 1180 -24.40 -61.06 -73.73
C GLU S 1180 -24.38 -61.10 -72.21
N GLU S 1181 -23.37 -60.44 -71.63
CA GLU S 1181 -23.18 -60.43 -70.18
C GLU S 1181 -22.19 -59.31 -69.86
N GLN S 1182 -21.71 -59.28 -68.62
CA GLN S 1182 -20.81 -58.25 -68.12
C GLN S 1182 -19.36 -58.45 -68.56
N ARG S 1183 -19.10 -59.30 -69.57
CA ARG S 1183 -17.75 -59.51 -70.05
C ARG S 1183 -17.22 -58.26 -70.75
N TYR S 1184 -17.87 -57.89 -71.87
CA TYR S 1184 -17.79 -56.64 -72.63
C TYR S 1184 -16.69 -56.39 -73.69
N GLY S 1185 -15.68 -57.25 -73.93
CA GLY S 1185 -15.12 -58.27 -73.07
C GLY S 1185 -13.63 -58.34 -73.37
N GLY S 1186 -12.82 -58.82 -72.44
CA GLY S 1186 -13.28 -59.34 -71.17
C GLY S 1186 -12.81 -60.76 -70.93
N GLY S 1187 -11.69 -61.13 -71.55
CA GLY S 1187 -11.20 -62.49 -71.44
C GLY S 1187 -9.69 -62.56 -71.57
N PHE S 1188 -9.16 -63.72 -71.16
CA PHE S 1188 -7.75 -64.04 -71.25
C PHE S 1188 -7.59 -65.36 -71.99
N TYR S 1189 -6.46 -65.59 -72.65
CA TYR S 1189 -5.20 -64.85 -72.52
C TYR S 1189 -5.14 -63.39 -72.98
N SER S 1190 -5.66 -63.01 -74.16
CA SER S 1190 -6.34 -63.85 -75.15
C SER S 1190 -5.30 -64.47 -76.09
N THR S 1191 -5.65 -65.51 -76.86
CA THR S 1191 -7.01 -66.02 -77.06
C THR S 1191 -7.27 -67.38 -76.43
N GLN S 1192 -6.75 -67.59 -75.22
CA GLN S 1192 -6.96 -68.86 -74.53
C GLN S 1192 -8.46 -69.13 -74.34
N ASP S 1193 -9.23 -68.08 -74.05
CA ASP S 1193 -10.67 -68.21 -73.89
C ASP S 1193 -11.45 -67.86 -75.15
N THR S 1194 -10.91 -67.01 -76.03
CA THR S 1194 -11.64 -66.64 -77.24
C THR S 1194 -11.84 -67.84 -78.15
N ILE S 1195 -10.78 -68.62 -78.37
CA ILE S 1195 -10.91 -69.80 -79.21
C ILE S 1195 -11.78 -70.84 -78.53
N ASN S 1196 -11.76 -70.91 -77.20
CA ASN S 1196 -12.63 -71.85 -76.50
C ASN S 1196 -14.10 -71.48 -76.67
N ALA S 1197 -14.41 -70.18 -76.59
CA ALA S 1197 -15.79 -69.75 -76.79
C ALA S 1197 -16.23 -69.95 -78.23
N ILE S 1198 -15.32 -69.72 -79.19
CA ILE S 1198 -15.65 -69.97 -80.59
C ILE S 1198 -15.93 -71.45 -80.82
N GLU S 1199 -15.09 -72.32 -80.23
CA GLU S 1199 -15.31 -73.76 -80.36
C GLU S 1199 -16.61 -74.18 -79.66
N GLY S 1200 -16.94 -73.54 -78.55
CA GLY S 1200 -18.21 -73.85 -77.89
C GLY S 1200 -19.41 -73.47 -78.73
N LEU S 1201 -19.39 -72.27 -79.33
CA LEU S 1201 -20.47 -71.87 -80.22
C LEU S 1201 -20.54 -72.79 -81.44
N THR S 1202 -19.38 -73.21 -81.95
CA THR S 1202 -19.35 -74.12 -83.09
C THR S 1202 -19.97 -75.47 -82.73
N GLU S 1203 -19.60 -76.02 -81.57
CA GLU S 1203 -20.18 -77.29 -81.15
C GLU S 1203 -21.68 -77.15 -80.86
N TYR S 1204 -22.10 -76.01 -80.33
CA TYR S 1204 -23.53 -75.78 -80.11
C TYR S 1204 -24.29 -75.78 -81.44
N SER S 1205 -23.78 -75.05 -82.43
CA SER S 1205 -24.43 -75.04 -83.75
C SER S 1205 -24.41 -76.41 -84.38
N LEU S 1206 -23.31 -77.16 -84.21
CA LEU S 1206 -23.21 -78.49 -84.79
C LEU S 1206 -24.22 -79.44 -84.14
N LEU S 1207 -24.38 -79.37 -82.82
CA LEU S 1207 -25.33 -80.24 -82.14
C LEU S 1207 -26.77 -79.83 -82.46
N VAL S 1208 -27.02 -78.54 -82.70
CA VAL S 1208 -28.34 -78.11 -83.16
C VAL S 1208 -28.62 -78.68 -84.55
N LYS S 1209 -27.61 -78.67 -85.42
CA LYS S 1209 -27.76 -79.29 -86.73
C LYS S 1209 -27.93 -80.80 -86.63
N GLN S 1210 -27.37 -81.41 -85.57
CA GLN S 1210 -27.52 -82.85 -85.38
C GLN S 1210 -28.96 -83.25 -85.13
N LEU S 1211 -29.74 -82.39 -84.47
CA LEU S 1211 -31.12 -82.70 -84.12
C LEU S 1211 -32.03 -82.11 -85.20
N ARG S 1212 -32.12 -82.82 -86.31
CA ARG S 1212 -32.99 -82.44 -87.42
C ARG S 1212 -34.16 -83.38 -87.62
N LEU S 1213 -34.07 -84.62 -87.13
CA LEU S 1213 -35.15 -85.61 -87.22
C LEU S 1213 -35.53 -85.88 -88.67
N SER S 1214 -34.52 -86.11 -89.51
CA SER S 1214 -34.70 -86.50 -90.89
C SER S 1214 -34.61 -88.01 -91.08
N MET S 1215 -34.77 -88.77 -90.00
CA MET S 1215 -34.62 -90.22 -90.06
C MET S 1215 -35.73 -90.85 -90.91
N ASP S 1216 -35.35 -91.84 -91.70
CA ASP S 1216 -36.28 -92.60 -92.53
C ASP S 1216 -36.26 -94.05 -92.03
N ILE S 1217 -37.23 -94.41 -91.19
CA ILE S 1217 -37.27 -95.72 -90.56
C ILE S 1217 -38.03 -96.68 -91.45
N ASP S 1218 -37.39 -97.80 -91.78
CA ASP S 1218 -38.00 -98.87 -92.57
C ASP S 1218 -37.81 -100.17 -91.81
N VAL S 1219 -38.84 -100.59 -91.08
CA VAL S 1219 -38.80 -101.82 -90.30
C VAL S 1219 -39.24 -102.97 -91.18
N SER S 1220 -38.44 -104.04 -91.21
CA SER S 1220 -38.70 -105.18 -92.08
C SER S 1220 -38.37 -106.47 -91.33
N TYR S 1221 -38.80 -107.58 -91.90
CA TYR S 1221 -38.52 -108.89 -91.33
C TYR S 1221 -37.22 -109.45 -91.91
N LYS S 1222 -36.64 -110.41 -91.18
CA LYS S 1222 -35.35 -110.94 -91.57
C LYS S 1222 -35.44 -111.75 -92.86
N HIS S 1223 -36.36 -112.72 -92.91
CA HIS S 1223 -36.48 -113.62 -94.05
C HIS S 1223 -37.74 -113.36 -94.87
N LYS S 1224 -38.50 -112.32 -94.56
CA LYS S 1224 -39.73 -112.01 -95.27
C LYS S 1224 -39.74 -110.54 -95.66
N GLY S 1225 -40.85 -110.11 -96.26
CA GLY S 1225 -40.97 -108.76 -96.76
C GLY S 1225 -41.05 -107.71 -95.66
N ALA S 1226 -41.04 -106.46 -96.09
CA ALA S 1226 -41.10 -105.34 -95.16
C ALA S 1226 -42.50 -105.17 -94.59
N LEU S 1227 -42.59 -104.81 -93.32
CA LEU S 1227 -43.86 -104.62 -92.64
C LEU S 1227 -44.39 -103.20 -92.81
N HIS S 1228 -43.57 -102.19 -92.48
CA HIS S 1228 -44.01 -100.80 -92.55
C HIS S 1228 -42.77 -99.93 -92.68
N ASN S 1229 -43.00 -98.68 -93.11
CA ASN S 1229 -41.93 -97.70 -93.28
C ASN S 1229 -42.37 -96.37 -92.68
N TYR S 1230 -41.52 -95.80 -91.83
CA TYR S 1230 -41.79 -94.53 -91.16
C TYR S 1230 -40.97 -93.43 -91.79
N LYS S 1231 -41.60 -92.29 -92.05
CA LYS S 1231 -40.93 -91.10 -92.57
C LYS S 1231 -41.00 -90.03 -91.49
N MET S 1232 -39.90 -89.84 -90.77
CA MET S 1232 -39.85 -88.92 -89.65
C MET S 1232 -39.39 -87.54 -90.13
N THR S 1233 -40.15 -86.50 -89.78
CA THR S 1233 -39.83 -85.13 -90.12
C THR S 1233 -40.04 -84.26 -88.88
N ASP S 1234 -39.87 -82.94 -89.05
CA ASP S 1234 -40.07 -82.03 -87.94
C ASP S 1234 -41.54 -81.87 -87.62
N LYS S 1235 -42.40 -81.81 -88.65
CA LYS S 1235 -43.83 -81.68 -88.41
C LYS S 1235 -44.41 -82.96 -87.83
N ASN S 1236 -43.97 -84.10 -88.32
CA ASN S 1236 -44.45 -85.41 -87.86
C ASN S 1236 -43.32 -86.06 -87.07
N PHE S 1237 -43.32 -85.85 -85.76
CA PHE S 1237 -42.32 -86.42 -84.86
C PHE S 1237 -42.84 -87.66 -84.14
N LEU S 1238 -43.99 -88.19 -84.54
CA LEU S 1238 -44.60 -89.33 -83.89
C LEU S 1238 -44.91 -90.39 -84.93
N GLY S 1239 -45.15 -91.61 -84.46
CA GLY S 1239 -45.42 -92.73 -85.35
C GLY S 1239 -46.67 -93.49 -84.93
N ARG S 1240 -47.29 -94.13 -85.92
CA ARG S 1240 -48.51 -94.90 -85.70
C ARG S 1240 -48.17 -96.33 -85.29
N PRO S 1241 -48.82 -96.88 -84.28
CA PRO S 1241 -48.54 -98.26 -83.87
C PRO S 1241 -48.93 -99.25 -84.95
N VAL S 1242 -48.04 -100.22 -85.19
CA VAL S 1242 -48.24 -101.26 -86.20
C VAL S 1242 -48.19 -102.61 -85.50
N GLU S 1243 -49.18 -103.45 -85.75
CA GLU S 1243 -49.26 -104.76 -85.13
C GLU S 1243 -48.36 -105.76 -85.87
N VAL S 1244 -47.75 -106.67 -85.11
CA VAL S 1244 -46.88 -107.71 -85.66
C VAL S 1244 -47.60 -109.05 -85.43
N LEU S 1245 -48.13 -109.61 -86.51
CA LEU S 1245 -48.86 -110.88 -86.44
C LEU S 1245 -48.00 -112.06 -86.88
N LEU S 1246 -47.43 -111.99 -88.08
CA LEU S 1246 -46.61 -113.09 -88.58
C LEU S 1246 -45.38 -113.28 -87.72
N ASN S 1247 -45.08 -114.54 -87.40
CA ASN S 1247 -43.97 -114.88 -86.51
C ASN S 1247 -42.68 -114.92 -87.31
N ASP S 1248 -41.83 -113.91 -87.11
CA ASP S 1248 -40.53 -113.85 -87.78
C ASP S 1248 -39.68 -112.82 -87.06
N ASP S 1249 -38.36 -112.93 -87.23
CA ASP S 1249 -37.45 -111.97 -86.64
C ASP S 1249 -37.65 -110.59 -87.24
N LEU S 1250 -37.84 -109.59 -86.38
CA LEU S 1250 -38.11 -108.22 -86.80
C LEU S 1250 -36.84 -107.40 -86.74
N ILE S 1251 -36.54 -106.69 -87.83
CA ILE S 1251 -35.32 -105.88 -87.94
C ILE S 1251 -35.72 -104.46 -88.31
N VAL S 1252 -35.41 -103.51 -87.42
CA VAL S 1252 -35.65 -102.09 -87.68
C VAL S 1252 -34.33 -101.46 -88.11
N SER S 1253 -34.38 -100.71 -89.22
CA SER S 1253 -33.19 -100.08 -89.76
C SER S 1253 -33.58 -98.76 -90.43
N THR S 1254 -32.57 -97.95 -90.70
CA THR S 1254 -32.78 -96.66 -91.35
C THR S 1254 -31.58 -96.37 -92.23
N GLY S 1255 -31.71 -95.34 -93.06
CA GLY S 1255 -30.63 -94.93 -93.94
C GLY S 1255 -29.60 -94.09 -93.22
N PHE S 1256 -29.10 -93.04 -93.88
CA PHE S 1256 -28.16 -92.13 -93.22
C PHE S 1256 -28.84 -91.34 -92.11
N GLY S 1257 -29.86 -90.56 -92.47
CA GLY S 1257 -30.65 -89.83 -91.51
C GLY S 1257 -29.91 -88.74 -90.74
N SER S 1258 -30.67 -87.95 -89.98
CA SER S 1258 -30.09 -86.89 -89.16
C SER S 1258 -31.10 -86.52 -88.09
N GLY S 1259 -30.77 -86.77 -86.84
CA GLY S 1259 -31.67 -86.48 -85.74
C GLY S 1259 -31.42 -87.45 -84.59
N LEU S 1260 -32.49 -87.71 -83.83
CA LEU S 1260 -32.42 -88.62 -82.70
C LEU S 1260 -33.81 -89.10 -82.37
N ALA S 1261 -34.04 -90.40 -82.46
CA ALA S 1261 -35.35 -90.98 -82.18
C ALA S 1261 -35.15 -92.38 -81.60
N THR S 1262 -36.10 -92.77 -80.74
CA THR S 1262 -36.06 -94.08 -80.09
C THR S 1262 -37.32 -94.86 -80.48
N VAL S 1263 -37.15 -96.15 -80.75
CA VAL S 1263 -38.24 -97.04 -81.14
C VAL S 1263 -38.65 -97.87 -79.94
N HIS S 1264 -39.96 -98.04 -79.76
CA HIS S 1264 -40.52 -98.82 -78.67
C HIS S 1264 -41.33 -99.97 -79.24
N VAL S 1265 -41.06 -101.18 -78.74
CA VAL S 1265 -41.74 -102.39 -79.20
C VAL S 1265 -41.96 -103.29 -77.99
N THR S 1266 -43.21 -103.68 -77.76
CA THR S 1266 -43.58 -104.55 -76.66
C THR S 1266 -44.06 -105.89 -77.18
N THR S 1267 -43.98 -106.90 -76.31
CA THR S 1267 -44.37 -108.27 -76.64
C THR S 1267 -45.53 -108.68 -75.76
N VAL S 1268 -46.70 -108.90 -76.36
CA VAL S 1268 -47.88 -109.35 -75.66
C VAL S 1268 -48.05 -110.84 -75.96
N VAL S 1269 -47.85 -111.67 -74.93
CA VAL S 1269 -47.89 -113.12 -75.07
C VAL S 1269 -48.76 -113.70 -73.96
N HIS S 1270 -49.68 -114.59 -74.33
CA HIS S 1270 -50.51 -115.27 -73.36
C HIS S 1270 -49.73 -116.42 -72.73
N LYS S 1271 -49.50 -116.35 -71.43
CA LYS S 1271 -48.69 -117.34 -70.71
C LYS S 1271 -49.47 -117.84 -69.51
N THR S 1272 -49.67 -119.15 -69.44
CA THR S 1272 -50.36 -119.77 -68.32
C THR S 1272 -49.44 -119.89 -67.11
N SER S 1273 -49.95 -119.56 -65.91
CA SER S 1273 -51.28 -119.01 -65.55
C SER S 1273 -52.50 -119.81 -66.03
N PRO T 8 -61.60 35.02 -70.82
CA PRO T 8 -61.54 35.16 -72.28
C PRO T 8 -61.42 33.81 -72.99
N ILE T 9 -61.03 32.78 -72.23
CA ILE T 9 -60.84 31.44 -72.76
C ILE T 9 -61.79 30.48 -72.06
N ASP T 10 -62.97 30.99 -71.68
CA ASP T 10 -63.96 30.20 -70.96
C ASP T 10 -64.25 28.88 -71.69
N CYS T 11 -64.61 27.87 -70.91
CA CYS T 11 -64.88 26.55 -71.46
C CYS T 11 -66.05 26.58 -72.44
N GLU T 12 -65.89 25.87 -73.55
CA GLU T 12 -66.93 25.74 -74.56
C GLU T 12 -66.91 24.31 -75.10
N LEU T 13 -68.08 23.66 -75.09
CA LEU T 13 -68.21 22.32 -75.62
C LEU T 13 -68.79 22.36 -77.03
N SER T 14 -68.44 21.34 -77.82
CA SER T 14 -68.94 21.25 -79.18
C SER T 14 -70.45 21.00 -79.18
N SER T 15 -71.04 21.09 -80.38
CA SER T 15 -72.46 20.84 -80.52
C SER T 15 -72.78 19.38 -80.23
N TRP T 16 -74.06 19.12 -79.96
CA TRP T 16 -74.50 17.76 -79.66
C TRP T 16 -74.37 16.88 -80.88
N SER T 17 -73.77 15.70 -80.69
CA SER T 17 -73.58 14.77 -81.80
C SER T 17 -74.91 14.23 -82.30
N SER T 18 -74.88 13.67 -83.50
CA SER T 18 -76.08 13.11 -84.10
C SER T 18 -76.62 11.95 -83.26
N TRP T 19 -77.93 11.78 -83.27
CA TRP T 19 -78.56 10.71 -82.51
C TRP T 19 -78.13 9.35 -83.06
N THR T 20 -77.69 8.48 -82.16
CA THR T 20 -77.35 7.11 -82.51
C THR T 20 -78.57 6.21 -82.40
N THR T 21 -78.50 5.06 -83.05
CA THR T 21 -79.60 4.10 -82.99
C THR T 21 -79.80 3.60 -81.57
N CYS T 22 -81.04 3.26 -81.25
CA CYS T 22 -81.37 2.79 -79.91
C CYS T 22 -80.72 1.43 -79.66
N ASP T 23 -79.92 1.34 -78.62
CA ASP T 23 -79.21 0.10 -78.31
C ASP T 23 -80.23 -0.98 -77.94
N PRO T 24 -80.24 -2.12 -78.64
CA PRO T 24 -81.17 -3.19 -78.25
C PRO T 24 -80.96 -3.70 -76.84
N CYS T 25 -79.70 -3.88 -76.44
CA CYS T 25 -79.40 -4.45 -75.13
C CYS T 25 -79.65 -3.45 -74.00
N GLN T 26 -79.16 -2.23 -74.16
CA GLN T 26 -79.29 -1.20 -73.13
C GLN T 26 -80.57 -0.38 -73.24
N LYS T 27 -81.43 -0.70 -74.22
CA LYS T 27 -82.72 -0.06 -74.46
C LYS T 27 -82.67 1.46 -74.31
N LYS T 28 -81.57 2.08 -74.73
CA LYS T 28 -81.41 3.51 -74.63
C LYS T 28 -80.60 4.02 -75.81
N ARG T 29 -80.82 5.28 -76.17
CA ARG T 29 -80.05 5.97 -77.18
C ARG T 29 -79.17 7.02 -76.52
N TYR T 30 -78.04 7.33 -77.16
CA TYR T 30 -77.02 8.17 -76.55
C TYR T 30 -76.55 9.25 -77.52
N ARG T 31 -76.18 10.40 -76.95
CA ARG T 31 -75.53 11.46 -77.70
C ARG T 31 -74.53 12.13 -76.77
N TYR T 32 -73.50 12.74 -77.36
CA TYR T 32 -72.39 13.26 -76.56
C TYR T 32 -71.80 14.48 -77.23
N ALA T 33 -70.89 15.14 -76.50
CA ALA T 33 -70.10 16.24 -77.01
C ALA T 33 -68.70 16.16 -76.40
N TYR T 34 -67.73 16.74 -77.09
CA TYR T 34 -66.35 16.70 -76.66
C TYR T 34 -65.82 18.11 -76.45
N LEU T 35 -64.76 18.20 -75.64
CA LEU T 35 -64.20 19.49 -75.26
C LEU T 35 -63.44 20.13 -76.41
N LEU T 36 -63.68 21.41 -76.64
CA LEU T 36 -62.96 22.19 -77.65
C LEU T 36 -61.95 23.16 -77.05
N GLN T 37 -62.26 23.75 -75.90
CA GLN T 37 -61.37 24.73 -75.28
C GLN T 37 -61.49 24.65 -73.76
N PRO T 38 -60.39 24.40 -73.06
CA PRO T 38 -60.46 24.28 -71.59
C PRO T 38 -60.49 25.64 -70.91
N SER T 39 -61.19 25.68 -69.78
CA SER T 39 -61.30 26.90 -68.99
C SER T 39 -60.05 27.10 -68.14
N GLN T 40 -59.75 28.37 -67.88
CA GLN T 40 -58.58 28.73 -67.08
C GLN T 40 -58.77 30.15 -66.57
N PHE T 41 -57.98 30.49 -65.55
CA PHE T 41 -58.00 31.83 -64.93
C PHE T 41 -59.37 32.13 -64.34
N HIS T 42 -59.91 31.15 -63.60
CA HIS T 42 -61.21 31.26 -62.94
C HIS T 42 -62.33 31.58 -63.93
N GLY T 43 -62.17 31.13 -65.17
CA GLY T 43 -63.18 31.37 -66.19
C GLY T 43 -64.42 30.53 -65.97
N GLU T 44 -65.41 30.77 -66.82
CA GLU T 44 -66.66 30.03 -66.76
C GLU T 44 -66.45 28.61 -67.29
N PRO T 45 -66.60 27.59 -66.46
CA PRO T 45 -66.40 26.21 -66.92
C PRO T 45 -67.63 25.69 -67.65
N CYS T 46 -67.54 24.42 -68.07
CA CYS T 46 -68.66 23.74 -68.71
C CYS T 46 -69.41 22.95 -67.64
N ASN T 47 -70.31 23.65 -66.96
CA ASN T 47 -70.99 23.10 -65.79
C ASN T 47 -72.30 22.42 -66.18
N PHE T 48 -72.20 21.44 -67.07
CA PHE T 48 -73.34 20.61 -67.43
C PHE T 48 -72.82 19.27 -67.95
N SER T 49 -73.75 18.33 -68.11
CA SER T 49 -73.39 16.98 -68.52
C SER T 49 -72.91 16.96 -69.96
N ASP T 50 -71.81 16.24 -70.20
CA ASP T 50 -71.25 16.11 -71.54
C ASP T 50 -71.91 15.02 -72.36
N LYS T 51 -73.01 14.44 -71.87
CA LYS T 51 -73.74 13.41 -72.61
C LYS T 51 -75.20 13.46 -72.20
N GLU T 52 -76.05 12.86 -73.03
CA GLU T 52 -77.48 12.79 -72.77
C GLU T 52 -77.97 11.38 -73.05
N VAL T 53 -78.96 10.93 -72.27
CA VAL T 53 -79.53 9.60 -72.40
C VAL T 53 -81.04 9.73 -72.54
N GLU T 54 -81.62 8.87 -73.37
CA GLU T 54 -83.06 8.85 -73.59
C GLU T 54 -83.54 7.41 -73.65
N ASP T 55 -84.81 7.21 -73.26
CA ASP T 55 -85.41 5.89 -73.27
C ASP T 55 -85.93 5.55 -74.67
N CYS T 56 -85.76 4.29 -75.08
CA CYS T 56 -86.20 3.80 -76.36
C CYS T 56 -87.12 2.60 -76.19
N VAL T 57 -87.67 2.13 -77.30
CA VAL T 57 -88.47 0.91 -77.35
C VAL T 57 -87.82 0.01 -78.40
N THR T 58 -86.86 -0.81 -77.96
CA THR T 58 -86.07 -1.63 -78.87
C THR T 58 -86.64 -3.04 -78.93
N ASN T 59 -86.84 -3.55 -80.15
CA ASN T 59 -87.28 -4.92 -80.39
C ASN T 59 -86.20 -5.60 -81.24
N ARG T 60 -85.20 -6.15 -80.56
CA ARG T 60 -84.07 -6.81 -81.21
C ARG T 60 -83.44 -7.81 -80.26
N PRO T 61 -83.44 -9.10 -80.60
CA PRO T 61 -82.86 -10.11 -79.72
C PRO T 61 -81.40 -9.81 -79.36
N CYS T 62 -81.12 -9.78 -78.07
CA CYS T 62 -79.80 -9.47 -77.55
C CYS T 62 -79.30 -10.61 -76.68
N ARG T 63 -77.98 -10.84 -76.74
CA ARG T 63 -77.34 -11.86 -75.91
C ARG T 63 -76.74 -11.18 -74.67
N SER T 64 -77.64 -10.69 -73.82
CA SER T 64 -77.23 -9.98 -72.61
C SER T 64 -76.57 -10.92 -71.61
N GLN T 65 -77.27 -12.01 -71.26
CA GLN T 65 -76.75 -12.95 -70.29
C GLN T 65 -75.65 -13.82 -70.90
N VAL T 66 -74.68 -14.19 -70.07
CA VAL T 66 -73.56 -15.02 -70.49
C VAL T 66 -73.63 -16.35 -69.74
N ARG T 67 -73.20 -17.40 -70.42
CA ARG T 67 -73.22 -18.73 -69.83
C ARG T 67 -72.13 -18.89 -68.77
N CYS T 68 -72.28 -19.93 -67.97
CA CYS T 68 -71.31 -20.24 -66.91
C CYS T 68 -71.32 -21.73 -66.66
N GLU T 69 -70.12 -22.33 -66.67
CA GLU T 69 -70.00 -23.76 -66.42
C GLU T 69 -70.12 -24.08 -64.94
N GLY T 70 -69.38 -23.38 -64.10
CA GLY T 70 -69.38 -23.61 -62.67
C GLY T 70 -70.62 -23.05 -62.00
N PHE T 71 -70.54 -22.98 -60.67
CA PHE T 71 -71.64 -22.44 -59.88
C PHE T 71 -71.74 -20.93 -60.05
N VAL T 72 -72.97 -20.44 -60.23
CA VAL T 72 -73.23 -19.01 -60.37
C VAL T 72 -73.41 -18.42 -58.98
N CYS T 73 -72.60 -17.41 -58.65
CA CYS T 73 -72.66 -16.80 -57.34
C CYS T 73 -73.97 -16.04 -57.16
N ALA T 74 -74.46 -16.01 -55.92
CA ALA T 74 -75.79 -15.49 -55.65
C ALA T 74 -75.82 -13.96 -55.62
N GLN T 75 -74.72 -13.31 -55.24
CA GLN T 75 -74.70 -11.87 -55.09
C GLN T 75 -74.01 -11.17 -56.26
N THR T 76 -72.76 -11.53 -56.54
CA THR T 76 -72.00 -10.89 -57.60
C THR T 76 -72.24 -11.52 -58.97
N GLY T 77 -72.74 -12.74 -59.02
CA GLY T 77 -72.94 -13.41 -60.30
C GLY T 77 -71.64 -13.80 -60.98
N ARG T 78 -70.70 -14.35 -60.22
CA ARG T 78 -69.40 -14.75 -60.75
C ARG T 78 -69.40 -16.22 -61.09
N CYS T 79 -68.57 -16.60 -62.08
CA CYS T 79 -68.51 -17.98 -62.54
C CYS T 79 -67.41 -18.74 -61.82
N VAL T 80 -67.58 -18.84 -60.50
CA VAL T 80 -66.61 -19.52 -59.65
C VAL T 80 -66.85 -21.03 -59.70
N ASN T 81 -65.77 -21.79 -59.85
CA ASN T 81 -65.87 -23.24 -59.87
C ASN T 81 -66.19 -23.77 -58.47
N ARG T 82 -66.75 -24.97 -58.43
CA ARG T 82 -67.11 -25.58 -57.15
C ARG T 82 -65.88 -25.94 -56.32
N ARG T 83 -64.71 -26.06 -56.95
CA ARG T 83 -63.49 -26.39 -56.22
C ARG T 83 -63.08 -25.29 -55.25
N LEU T 84 -63.62 -24.08 -55.40
CA LEU T 84 -63.32 -22.97 -54.49
C LEU T 84 -64.40 -22.78 -53.42
N LEU T 85 -65.40 -23.64 -53.38
CA LEU T 85 -66.47 -23.55 -52.39
C LEU T 85 -66.13 -24.37 -51.16
N CYS T 86 -66.60 -23.88 -50.01
CA CYS T 86 -66.42 -24.56 -48.72
C CYS T 86 -64.94 -24.78 -48.39
N ASN T 87 -64.13 -23.74 -48.64
CA ASN T 87 -62.70 -23.80 -48.38
C ASN T 87 -62.25 -22.74 -47.37
N GLY T 88 -63.18 -22.10 -46.68
CA GLY T 88 -62.84 -21.06 -45.73
C GLY T 88 -62.45 -19.73 -46.33
N ASP T 89 -62.56 -19.59 -47.65
CA ASP T 89 -62.21 -18.36 -48.35
C ASP T 89 -63.46 -17.68 -48.89
N ASN T 90 -63.35 -16.37 -49.10
CA ASN T 90 -64.46 -15.55 -49.60
C ASN T 90 -64.21 -15.30 -51.08
N ASP T 91 -64.84 -16.11 -51.93
CA ASP T 91 -64.58 -16.10 -53.36
C ASP T 91 -65.74 -15.54 -54.19
N CYS T 92 -66.98 -15.92 -53.88
CA CYS T 92 -68.15 -15.51 -54.67
C CYS T 92 -68.61 -14.09 -54.38
N GLY T 93 -67.80 -13.27 -53.70
CA GLY T 93 -68.15 -11.88 -53.44
C GLY T 93 -68.09 -11.58 -51.95
N ASP T 94 -69.07 -10.79 -51.49
CA ASP T 94 -69.13 -10.40 -50.08
C ASP T 94 -69.28 -11.62 -49.17
N GLN T 95 -70.43 -12.31 -49.25
CA GLN T 95 -70.61 -13.53 -48.48
C GLN T 95 -71.43 -14.59 -49.23
N SER T 96 -71.52 -14.50 -50.55
CA SER T 96 -72.31 -15.48 -51.30
C SER T 96 -71.63 -16.84 -51.38
N ASP T 97 -70.33 -16.91 -51.07
CA ASP T 97 -69.63 -18.18 -50.97
C ASP T 97 -69.78 -18.74 -49.55
N GLU T 98 -69.25 -19.94 -49.35
CA GLU T 98 -69.22 -20.62 -48.05
C GLU T 98 -70.62 -20.85 -47.48
N ALA T 99 -71.64 -20.88 -48.35
CA ALA T 99 -73.01 -21.08 -47.90
C ALA T 99 -73.35 -22.56 -47.86
N ASN T 100 -73.99 -22.98 -46.77
CA ASN T 100 -74.42 -24.37 -46.59
C ASN T 100 -73.24 -25.35 -46.73
N CYS T 101 -72.19 -25.09 -45.97
CA CYS T 101 -70.99 -25.91 -45.98
C CYS T 101 -70.95 -26.79 -44.74
N ARG T 102 -70.72 -28.09 -44.94
CA ARG T 102 -70.60 -29.01 -43.82
C ARG T 102 -69.28 -28.80 -43.08
N ARG T 103 -68.17 -28.96 -43.78
CA ARG T 103 -66.85 -28.79 -43.20
C ARG T 103 -66.00 -27.87 -44.10
N ILE T 104 -65.00 -27.27 -43.48
CA ILE T 104 -64.09 -26.36 -44.18
C ILE T 104 -62.66 -26.90 -44.05
N TYR T 105 -61.87 -26.69 -45.09
CA TYR T 105 -60.49 -27.16 -45.12
C TYR T 105 -59.75 -26.38 -46.21
N LYS T 106 -58.55 -26.86 -46.55
CA LYS T 106 -57.68 -26.30 -47.60
C LYS T 106 -57.18 -24.90 -47.30
N LYS T 107 -57.38 -24.40 -46.07
CA LYS T 107 -56.88 -23.10 -45.69
C LYS T 107 -55.58 -23.22 -44.93
N CYS T 108 -54.71 -22.22 -45.10
CA CYS T 108 -53.45 -22.20 -44.38
C CYS T 108 -53.68 -22.01 -42.89
N GLN T 109 -52.75 -22.55 -42.09
CA GLN T 109 -52.85 -22.49 -40.64
C GLN T 109 -52.28 -21.20 -40.07
N HIS T 110 -51.12 -20.76 -40.59
CA HIS T 110 -50.47 -19.57 -40.08
C HIS T 110 -51.24 -18.29 -40.37
N GLU T 111 -52.30 -18.36 -41.19
CA GLU T 111 -53.11 -17.19 -41.55
C GLU T 111 -52.24 -16.11 -42.19
N MET T 112 -51.64 -16.45 -43.31
CA MET T 112 -50.77 -15.52 -44.01
C MET T 112 -51.56 -14.33 -44.54
N ASP T 113 -51.03 -13.12 -44.31
CA ASP T 113 -51.69 -11.91 -44.76
C ASP T 113 -51.35 -11.61 -46.21
N GLN T 114 -52.02 -10.60 -46.76
CA GLN T 114 -51.81 -10.21 -48.14
C GLN T 114 -50.50 -9.43 -48.28
N TYR T 115 -50.06 -9.28 -49.53
CA TYR T 115 -48.83 -8.55 -49.81
C TYR T 115 -48.96 -7.10 -49.39
N TRP T 116 -47.85 -6.55 -48.88
CA TRP T 116 -47.84 -5.17 -48.41
C TRP T 116 -47.91 -4.20 -49.59
N GLY T 117 -48.99 -3.42 -49.65
CA GLY T 117 -49.17 -2.47 -50.73
C GLY T 117 -49.72 -3.04 -52.01
N ILE T 118 -50.25 -4.27 -51.99
CA ILE T 118 -50.78 -4.87 -53.21
C ILE T 118 -52.09 -4.22 -53.64
N GLY T 119 -52.77 -3.51 -52.74
CA GLY T 119 -54.03 -2.87 -53.11
C GLY T 119 -53.85 -1.79 -54.16
N SER T 120 -52.77 -1.00 -54.04
CA SER T 120 -52.53 0.06 -55.00
C SER T 120 -52.15 -0.49 -56.36
N LEU T 121 -51.48 -1.63 -56.41
CA LEU T 121 -51.06 -2.25 -57.66
C LEU T 121 -52.19 -2.95 -58.39
N ALA T 122 -53.40 -2.99 -57.81
CA ALA T 122 -54.54 -3.64 -58.43
C ALA T 122 -55.57 -2.65 -58.96
N SER T 123 -55.33 -1.35 -58.82
CA SER T 123 -56.26 -0.32 -59.26
C SER T 123 -55.85 0.22 -60.62
N GLY T 124 -56.82 0.77 -61.33
CA GLY T 124 -56.55 1.35 -62.63
C GLY T 124 -55.77 2.66 -62.51
N ILE T 125 -54.96 2.93 -63.53
CA ILE T 125 -54.10 4.11 -63.56
C ILE T 125 -54.32 4.84 -64.88
N ASN T 126 -54.28 6.17 -64.82
CA ASN T 126 -54.41 7.02 -66.01
C ASN T 126 -53.00 7.44 -66.41
N LEU T 127 -52.48 6.81 -67.46
CA LEU T 127 -51.13 7.11 -67.93
C LEU T 127 -51.01 8.53 -68.47
N PHE T 128 -52.10 9.12 -68.96
CA PHE T 128 -52.05 10.45 -69.55
C PHE T 128 -52.03 11.56 -68.51
N THR T 129 -52.49 11.28 -67.28
CA THR T 129 -52.50 12.26 -66.21
C THR T 129 -51.74 11.81 -64.97
N ASN T 130 -51.22 10.58 -64.96
CA ASN T 130 -50.45 10.03 -63.85
C ASN T 130 -51.28 9.95 -62.55
N SER T 131 -52.60 9.92 -62.68
CA SER T 131 -53.49 9.85 -61.52
C SER T 131 -54.00 8.42 -61.34
N PHE T 132 -54.21 8.05 -60.09
CA PHE T 132 -54.73 6.73 -59.75
C PHE T 132 -56.25 6.71 -59.82
N GLU T 133 -56.80 5.55 -60.19
CA GLU T 133 -58.24 5.41 -60.36
C GLU T 133 -58.77 4.20 -59.60
N GLY T 134 -60.03 3.85 -59.85
CA GLY T 134 -60.68 2.76 -59.16
C GLY T 134 -60.05 1.41 -59.46
N PRO T 135 -60.43 0.39 -58.68
CA PRO T 135 -59.83 -0.94 -58.86
C PRO T 135 -60.35 -1.62 -60.11
N VAL T 136 -59.42 -2.10 -60.93
CA VAL T 136 -59.77 -2.81 -62.15
C VAL T 136 -59.52 -4.31 -62.07
N LEU T 137 -58.62 -4.77 -61.18
CA LEU T 137 -58.32 -6.17 -61.02
C LEU T 137 -58.73 -6.65 -59.64
N ASP T 138 -59.09 -7.92 -59.54
CA ASP T 138 -59.52 -8.53 -58.28
C ASP T 138 -58.31 -9.17 -57.61
N HIS T 139 -57.70 -8.44 -56.68
CA HIS T 139 -56.55 -8.91 -55.93
C HIS T 139 -56.94 -9.67 -54.66
N ARG T 140 -58.14 -10.24 -54.63
CA ARG T 140 -58.60 -10.93 -53.43
C ARG T 140 -57.74 -12.16 -53.12
N TYR T 141 -58.02 -12.76 -51.97
CA TYR T 141 -57.22 -13.88 -51.48
C TYR T 141 -57.26 -15.07 -52.43
N TYR T 142 -58.44 -15.64 -52.62
CA TYR T 142 -58.62 -16.84 -53.44
C TYR T 142 -57.71 -17.98 -52.99
N CYS T 146 -53.32 -22.34 -50.85
CA CYS T 146 -52.42 -21.26 -50.48
C CYS T 146 -50.98 -21.74 -50.40
N SER T 147 -50.16 -21.30 -51.36
CA SER T 147 -48.76 -21.69 -51.42
C SER T 147 -47.94 -20.89 -50.41
N PRO T 148 -47.01 -21.54 -49.72
CA PRO T 148 -46.19 -20.81 -48.72
C PRO T 148 -45.25 -19.83 -49.40
N HIS T 149 -45.21 -18.61 -48.86
CA HIS T 149 -44.31 -17.57 -49.35
C HIS T 149 -43.86 -16.73 -48.17
N TYR T 150 -42.56 -16.75 -47.89
CA TYR T 150 -42.00 -16.04 -46.74
C TYR T 150 -41.11 -14.91 -47.22
N ILE T 151 -41.35 -13.71 -46.70
CA ILE T 151 -40.55 -12.53 -46.99
C ILE T 151 -40.19 -11.90 -45.65
N LEU T 152 -38.89 -11.90 -45.31
CA LEU T 152 -38.39 -11.34 -44.06
C LEU T 152 -39.06 -12.00 -42.85
N ASN T 153 -39.07 -13.34 -42.86
CA ASN T 153 -39.63 -14.14 -41.76
C ASN T 153 -41.09 -13.80 -41.50
N THR T 154 -41.84 -13.47 -42.55
CA THR T 154 -43.26 -13.14 -42.44
C THR T 154 -44.03 -14.02 -43.41
N ARG T 155 -45.12 -14.62 -42.92
CA ARG T 155 -45.93 -15.53 -43.72
C ARG T 155 -46.82 -14.74 -44.65
N PHE T 156 -46.54 -14.82 -45.96
CA PHE T 156 -47.34 -14.17 -46.98
C PHE T 156 -48.06 -15.21 -47.83
N ARG T 157 -49.13 -14.76 -48.49
CA ARG T 157 -49.93 -15.61 -49.36
C ARG T 157 -50.10 -14.91 -50.69
N LYS T 158 -49.66 -15.56 -51.77
CA LYS T 158 -49.76 -14.95 -53.10
C LYS T 158 -51.20 -15.06 -53.60
N PRO T 159 -51.83 -13.95 -53.96
CA PRO T 159 -53.20 -14.02 -54.49
C PRO T 159 -53.21 -14.62 -55.89
N TYR T 160 -54.43 -14.86 -56.38
CA TYR T 160 -54.61 -15.47 -57.69
C TYR T 160 -54.36 -14.51 -58.85
N ASN T 161 -54.26 -13.21 -58.58
CA ASN T 161 -54.05 -12.22 -59.64
C ASN T 161 -52.59 -11.85 -59.84
N VAL T 162 -51.73 -12.09 -58.86
CA VAL T 162 -50.32 -11.71 -58.93
C VAL T 162 -49.51 -12.91 -59.37
N GLU T 163 -48.60 -12.69 -60.32
CA GLU T 163 -47.77 -13.78 -60.84
C GLU T 163 -46.54 -14.00 -59.97
N SER T 164 -45.82 -12.93 -59.64
CA SER T 164 -44.61 -13.04 -58.84
C SER T 164 -44.34 -11.71 -58.16
N TYR T 165 -43.95 -11.78 -56.88
CA TYR T 165 -43.65 -10.58 -56.08
C TYR T 165 -42.40 -10.90 -55.26
N THR T 166 -41.23 -10.55 -55.82
CA THR T 166 -39.97 -10.88 -55.18
C THR T 166 -39.28 -9.62 -54.65
N PRO T 167 -38.72 -9.68 -53.44
CA PRO T 167 -38.01 -8.50 -52.91
C PRO T 167 -36.71 -8.26 -53.65
N GLN T 168 -36.37 -6.98 -53.81
CA GLN T 168 -35.15 -6.57 -54.49
C GLN T 168 -34.54 -5.39 -53.75
N THR T 169 -33.21 -5.42 -53.57
CA THR T 169 -32.54 -4.33 -52.89
C THR T 169 -32.51 -3.08 -53.77
N GLN T 170 -31.83 -3.16 -54.91
CA GLN T 170 -31.82 -2.13 -55.95
C GLN T 170 -31.67 -0.72 -55.36
N GLY T 171 -30.55 -0.51 -54.68
CA GLY T 171 -30.28 0.77 -54.07
C GLY T 171 -29.36 1.65 -54.88
N LYS T 172 -29.91 2.75 -55.42
CA LYS T 172 -29.14 3.68 -56.24
C LYS T 172 -29.51 5.09 -55.83
N TYR T 173 -28.58 5.80 -55.21
CA TYR T 173 -28.79 7.17 -54.75
C TYR T 173 -27.77 8.09 -55.40
N GLU T 174 -28.19 9.33 -55.65
CA GLU T 174 -27.34 10.34 -56.26
C GLU T 174 -27.28 11.58 -55.39
N PHE T 175 -26.17 12.30 -55.49
CA PHE T 175 -25.97 13.53 -54.71
C PHE T 175 -25.05 14.44 -55.50
N ILE T 176 -25.53 15.62 -55.87
CA ILE T 176 -24.78 16.58 -56.68
C ILE T 176 -24.69 17.88 -55.90
N LEU T 177 -23.46 18.38 -55.74
CA LEU T 177 -23.21 19.64 -55.05
C LEU T 177 -22.34 20.52 -55.94
N LYS T 178 -22.75 21.78 -56.10
CA LYS T 178 -22.02 22.74 -56.91
C LYS T 178 -21.90 24.06 -56.16
N GLU T 179 -20.75 24.72 -56.31
CA GLU T 179 -20.48 25.99 -55.67
C GLU T 179 -19.94 26.98 -56.69
N TYR T 180 -20.15 28.27 -56.41
CA TYR T 180 -19.69 29.32 -57.30
C TYR T 180 -19.46 30.59 -56.49
N GLU T 181 -18.32 31.23 -56.71
CA GLU T 181 -17.96 32.47 -56.03
C GLU T 181 -17.20 33.37 -56.98
N SER T 182 -17.48 34.67 -56.91
CA SER T 182 -16.83 35.65 -57.78
C SER T 182 -16.52 36.90 -56.97
N TYR T 183 -15.32 37.42 -57.11
CA TYR T 183 -14.87 38.62 -56.42
C TYR T 183 -14.51 39.70 -57.45
N SER T 184 -14.88 40.94 -57.13
CA SER T 184 -14.59 42.07 -58.02
C SER T 184 -14.35 43.30 -57.16
N ASP T 185 -13.19 43.93 -57.34
CA ASP T 185 -12.81 45.11 -56.57
C ASP T 185 -12.25 46.17 -57.51
N PHE T 186 -12.59 47.43 -57.24
CA PHE T 186 -12.12 48.56 -58.04
C PHE T 186 -11.79 49.71 -57.10
N GLU T 187 -10.63 50.33 -57.30
CA GLU T 187 -10.19 51.45 -56.48
C GLU T 187 -9.50 52.48 -57.35
N ARG T 188 -9.78 53.75 -57.08
CA ARG T 188 -9.19 54.85 -57.83
C ARG T 188 -9.12 56.08 -56.93
N ASN T 189 -7.95 56.74 -56.92
CA ASN T 189 -7.81 58.00 -56.19
C ASN T 189 -6.77 58.84 -56.92
N VAL T 190 -7.23 59.95 -57.50
CA VAL T 190 -6.38 60.84 -58.29
C VAL T 190 -6.22 62.15 -57.54
N THR T 191 -4.97 62.58 -57.38
CA THR T 191 -4.63 63.81 -56.68
C THR T 191 -4.00 64.79 -57.66
N GLU T 192 -4.46 66.04 -57.62
CA GLU T 192 -3.95 67.09 -58.49
C GLU T 192 -3.83 68.39 -57.70
N LYS T 193 -2.71 69.10 -57.89
CA LYS T 193 -2.45 70.33 -57.18
C LYS T 193 -1.74 71.31 -58.11
N MET T 194 -2.18 72.57 -58.06
CA MET T 194 -1.59 73.62 -58.88
C MET T 194 -1.50 74.91 -58.06
N ALA T 195 -0.37 75.59 -58.16
CA ALA T 195 -0.14 76.83 -57.44
C ALA T 195 0.64 77.79 -58.31
N SER T 196 0.33 79.09 -58.20
CA SER T 196 1.00 80.12 -58.96
C SER T 196 1.17 81.36 -58.10
N LYS T 197 2.36 81.95 -58.16
CA LYS T 197 2.68 83.15 -57.41
C LYS T 197 3.48 84.10 -58.29
N SER T 198 3.10 85.38 -58.30
CA SER T 198 3.76 86.38 -59.12
C SER T 198 3.80 87.70 -58.37
N GLY T 199 4.95 88.38 -58.44
CA GLY T 199 5.11 89.67 -57.80
C GLY T 199 5.97 90.62 -58.60
N PHE T 200 5.56 91.89 -58.67
CA PHE T 200 6.28 92.89 -59.44
C PHE T 200 6.31 94.20 -58.67
N SER T 201 7.47 94.83 -58.62
CA SER T 201 7.64 96.10 -57.93
C SER T 201 8.52 97.03 -58.77
N PHE T 202 8.12 98.29 -58.86
CA PHE T 202 8.85 99.27 -59.64
C PHE T 202 8.92 100.58 -58.88
N GLY T 203 10.12 101.17 -58.82
CA GLY T 203 10.30 102.43 -58.15
C GLY T 203 11.28 103.34 -58.86
N PHE T 204 10.91 104.61 -59.04
CA PHE T 204 11.74 105.58 -59.74
C PHE T 204 11.65 106.91 -59.04
N LYS T 205 12.81 107.55 -58.83
CA LYS T 205 12.87 108.84 -58.17
C LYS T 205 13.96 109.68 -58.82
N ILE T 206 13.65 110.94 -59.12
CA ILE T 206 14.61 111.85 -59.73
C ILE T 206 14.47 113.23 -59.11
N PRO T 207 15.56 113.82 -58.62
CA PRO T 207 15.48 115.17 -58.03
C PRO T 207 15.55 116.26 -59.08
N GLY T 208 14.80 117.33 -58.84
CA GLY T 208 14.76 118.45 -59.75
C GLY T 208 15.67 119.59 -59.33
CA ILE T 209 12.52 116.25 -55.03
C ILE T 209 11.23 115.51 -55.34
N PHE T 210 11.35 114.39 -56.05
CA PHE T 210 10.21 113.57 -56.42
C PHE T 210 10.57 112.10 -56.27
N GLU T 211 9.66 111.33 -55.68
CA GLU T 211 9.87 109.90 -55.46
C GLU T 211 8.56 109.16 -55.72
N LEU T 212 8.67 108.01 -56.37
CA LEU T 212 7.50 107.20 -56.70
C LEU T 212 7.88 105.73 -56.63
N GLY T 213 7.02 104.95 -55.95
CA GLY T 213 7.24 103.51 -55.85
C GLY T 213 5.95 102.73 -55.89
N ILE T 214 5.89 101.73 -56.77
CA ILE T 214 4.69 100.92 -56.95
C ILE T 214 5.09 99.44 -56.88
N SER T 215 4.34 98.67 -56.10
CA SER T 215 4.56 97.24 -55.96
C SER T 215 3.25 96.49 -56.16
N SER T 216 3.32 95.33 -56.79
CA SER T 216 2.15 94.51 -57.07
C SER T 216 2.48 93.05 -56.84
N GLN T 217 1.60 92.35 -56.13
CA GLN T 217 1.78 90.93 -55.86
C GLN T 217 0.42 90.23 -56.00
N SER T 218 0.41 89.10 -56.71
CA SER T 218 -0.80 88.32 -56.91
C SER T 218 -0.48 86.85 -56.78
N ASP T 219 -1.19 86.16 -55.89
CA ASP T 219 -0.97 84.75 -55.64
C ASP T 219 -2.29 84.00 -55.74
N ARG T 220 -2.27 82.86 -56.43
CA ARG T 220 -3.48 82.04 -56.57
C ARG T 220 -3.08 80.61 -56.88
N GLY T 221 -3.62 79.67 -56.11
CA GLY T 221 -3.37 78.26 -56.33
C GLY T 221 -4.61 77.43 -56.04
N LYS T 222 -4.86 76.39 -56.85
CA LYS T 222 -6.06 75.58 -56.72
C LYS T 222 -5.67 74.11 -56.65
N HIS T 223 -6.32 73.39 -55.73
CA HIS T 223 -6.11 71.96 -55.54
C HIS T 223 -7.43 71.22 -55.71
N TYR T 224 -7.41 70.14 -56.48
CA TYR T 224 -8.61 69.35 -56.73
C TYR T 224 -8.28 67.88 -56.60
N ILE T 225 -9.13 67.13 -55.89
CA ILE T 225 -8.94 65.71 -55.66
C ILE T 225 -10.26 65.00 -55.89
N ARG T 226 -10.18 63.70 -56.20
CA ARG T 226 -11.35 62.89 -56.40
C ARG T 226 -11.01 61.43 -56.13
N ARG T 227 -11.90 60.74 -55.42
CA ARG T 227 -11.69 59.35 -55.03
C ARG T 227 -12.97 58.55 -55.29
N THR T 228 -12.83 57.47 -56.06
CA THR T 228 -13.95 56.58 -56.36
C THR T 228 -13.51 55.14 -56.13
N LYS T 229 -14.40 54.32 -55.56
CA LYS T 229 -14.10 52.93 -55.30
C LYS T 229 -15.40 52.13 -55.35
N ARG T 230 -15.32 50.91 -55.88
CA ARG T 230 -16.47 50.04 -56.01
C ARG T 230 -16.05 48.60 -55.71
N PHE T 231 -16.91 47.86 -55.02
CA PHE T 231 -16.64 46.48 -54.67
C PHE T 231 -17.93 45.67 -54.80
N SER T 232 -17.85 44.56 -55.52
CA SER T 232 -19.00 43.69 -55.74
C SER T 232 -18.56 42.24 -55.68
N HIS T 233 -19.31 41.42 -54.93
CA HIS T 233 -19.02 40.00 -54.80
C HIS T 233 -20.31 39.21 -54.89
N THR T 234 -20.27 38.10 -55.62
CA THR T 234 -21.42 37.23 -55.81
C THR T 234 -21.05 35.82 -55.39
N LYS T 235 -21.93 35.20 -54.61
CA LYS T 235 -21.72 33.83 -54.15
C LYS T 235 -23.02 33.05 -54.31
N SER T 236 -22.99 31.99 -55.11
CA SER T 236 -24.15 31.18 -55.37
C SER T 236 -23.80 29.70 -55.19
N VAL T 237 -24.66 28.98 -54.50
CA VAL T 237 -24.48 27.55 -54.23
C VAL T 237 -25.73 26.82 -54.67
N PHE T 238 -25.57 25.84 -55.57
CA PHE T 238 -26.66 25.06 -56.11
C PHE T 238 -26.40 23.58 -55.83
N LEU T 239 -27.27 22.97 -55.04
CA LEU T 239 -27.14 21.56 -54.66
C LEU T 239 -28.42 20.82 -55.06
N HIS T 240 -28.27 19.72 -55.77
CA HIS T 240 -29.39 18.90 -56.20
C HIS T 240 -29.17 17.46 -55.75
N ALA T 241 -30.19 16.88 -55.14
CA ALA T 241 -30.11 15.51 -54.62
C ALA T 241 -31.32 14.71 -55.08
N ARG T 242 -31.08 13.48 -55.50
CA ARG T 242 -32.14 12.57 -55.93
C ARG T 242 -31.74 11.15 -55.58
N SER T 243 -32.61 10.46 -54.85
CA SER T 243 -32.34 9.08 -54.43
C SER T 243 -33.59 8.24 -54.64
N ASP T 244 -33.40 7.06 -55.24
CA ASP T 244 -34.48 6.12 -55.48
C ASP T 244 -34.10 4.77 -54.88
N LEU T 245 -35.04 4.15 -54.15
CA LEU T 245 -34.82 2.87 -53.49
C LEU T 245 -35.89 1.90 -53.95
N GLU T 246 -35.60 1.16 -55.02
CA GLU T 246 -36.54 0.18 -55.53
C GLU T 246 -36.66 -0.98 -54.55
N VAL T 247 -37.87 -1.22 -54.07
CA VAL T 247 -38.09 -2.15 -52.95
C VAL T 247 -38.56 -3.51 -53.43
N ALA T 248 -39.50 -3.55 -54.38
CA ALA T 248 -40.10 -4.81 -54.77
C ALA T 248 -40.42 -4.80 -56.25
N HIS T 249 -40.32 -5.97 -56.87
CA HIS T 249 -40.66 -6.18 -58.27
C HIS T 249 -42.04 -6.81 -58.37
N TYR T 250 -42.88 -6.24 -59.24
CA TYR T 250 -44.25 -6.68 -59.39
C TYR T 250 -44.51 -7.08 -60.85
N LYS T 251 -45.32 -8.12 -61.04
CA LYS T 251 -45.70 -8.57 -62.36
C LYS T 251 -47.10 -9.18 -62.30
N LEU T 252 -47.98 -8.72 -63.19
CA LEU T 252 -49.31 -9.27 -63.29
C LEU T 252 -49.30 -10.51 -64.19
N LYS T 253 -50.27 -11.40 -63.95
CA LYS T 253 -50.38 -12.59 -64.78
C LYS T 253 -50.68 -12.19 -66.22
N PRO T 254 -50.12 -12.90 -67.21
CA PRO T 254 -50.33 -12.49 -68.61
C PRO T 254 -51.74 -12.73 -69.10
N ARG T 255 -52.45 -13.70 -68.54
CA ARG T 255 -53.80 -14.02 -69.00
C ARG T 255 -54.53 -14.78 -67.89
N SER T 256 -55.84 -14.91 -68.05
CA SER T 256 -56.71 -15.60 -67.11
C SER T 256 -56.63 -14.96 -65.71
N LEU T 257 -57.01 -13.69 -65.66
CA LEU T 257 -57.05 -12.93 -64.42
C LEU T 257 -58.50 -12.68 -64.01
N MET T 258 -58.71 -12.49 -62.71
CA MET T 258 -60.03 -12.25 -62.16
C MET T 258 -60.30 -10.75 -62.12
N LEU T 259 -61.43 -10.34 -62.69
CA LEU T 259 -61.79 -8.93 -62.77
C LEU T 259 -62.55 -8.50 -61.52
N HIS T 260 -62.48 -7.20 -61.23
CA HIS T 260 -63.20 -6.65 -60.10
C HIS T 260 -64.70 -6.62 -60.36
N TYR T 261 -65.49 -6.80 -59.30
CA TYR T 261 -66.93 -6.90 -59.46
C TYR T 261 -67.56 -5.57 -59.89
N GLU T 262 -67.03 -4.45 -59.40
CA GLU T 262 -67.55 -3.16 -59.84
C GLU T 262 -67.24 -2.92 -61.32
N PHE T 263 -66.02 -3.21 -61.74
CA PHE T 263 -65.68 -3.09 -63.15
C PHE T 263 -66.46 -4.10 -63.98
N LEU T 264 -66.70 -5.30 -63.43
CA LEU T 264 -67.53 -6.29 -64.11
C LEU T 264 -68.92 -5.74 -64.37
N GLN T 265 -69.56 -5.18 -63.34
CA GLN T 265 -70.91 -4.63 -63.50
C GLN T 265 -70.91 -3.45 -64.46
N ARG T 266 -69.88 -2.59 -64.40
CA ARG T 266 -69.85 -1.43 -65.28
C ARG T 266 -69.65 -1.83 -66.73
N VAL T 267 -68.86 -2.88 -66.99
CA VAL T 267 -68.71 -3.36 -68.35
C VAL T 267 -69.99 -4.04 -68.82
N LYS T 268 -70.68 -4.74 -67.91
CA LYS T 268 -71.98 -5.30 -68.25
C LYS T 268 -73.00 -4.20 -68.56
N ARG T 269 -72.80 -3.01 -67.99
CA ARG T 269 -73.64 -1.86 -68.27
C ARG T 269 -73.20 -1.08 -69.50
N LEU T 270 -72.01 -1.37 -70.04
CA LEU T 270 -71.55 -0.67 -71.23
C LEU T 270 -72.41 -1.04 -72.44
N PRO T 271 -72.74 -0.08 -73.29
CA PRO T 271 -73.55 -0.39 -74.48
C PRO T 271 -72.70 -0.98 -75.58
N LEU T 272 -73.39 -1.47 -76.62
CA LEU T 272 -72.72 -2.03 -77.79
C LEU T 272 -72.50 -0.97 -78.87
N GLU T 273 -73.50 -0.12 -79.11
CA GLU T 273 -73.32 0.96 -80.07
C GLU T 273 -72.30 1.98 -79.56
N TYR T 274 -71.60 2.60 -80.49
CA TYR T 274 -70.54 3.55 -80.14
C TYR T 274 -71.14 4.77 -79.46
N SER T 275 -70.85 4.92 -78.17
CA SER T 275 -71.29 6.06 -77.38
C SER T 275 -70.10 6.55 -76.57
N TYR T 276 -69.55 7.70 -76.97
CA TYR T 276 -68.34 8.21 -76.34
C TYR T 276 -68.57 8.68 -74.90
N GLY T 277 -69.82 8.96 -74.52
CA GLY T 277 -70.07 9.46 -73.17
C GLY T 277 -69.76 8.42 -72.11
N GLU T 278 -70.34 7.22 -72.24
CA GLU T 278 -70.12 6.18 -71.23
C GLU T 278 -68.68 5.69 -71.25
N TYR T 279 -68.07 5.63 -72.43
CA TYR T 279 -66.67 5.20 -72.51
C TYR T 279 -65.75 6.24 -71.88
N ARG T 280 -66.04 7.53 -72.07
CA ARG T 280 -65.26 8.58 -71.42
C ARG T 280 -65.45 8.54 -69.91
N ASP T 281 -66.68 8.26 -69.45
CA ASP T 281 -66.90 8.09 -68.02
C ASP T 281 -66.11 6.91 -67.47
N LEU T 282 -66.04 5.82 -68.23
CA LEU T 282 -65.25 4.67 -67.82
C LEU T 282 -63.77 5.02 -67.74
N PHE T 283 -63.27 5.77 -68.72
CA PHE T 283 -61.87 6.22 -68.69
C PHE T 283 -61.61 7.13 -67.49
N ARG T 284 -62.57 7.98 -67.15
CA ARG T 284 -62.38 8.89 -66.02
C ARG T 284 -62.50 8.17 -64.68
N ASP T 285 -63.23 7.05 -64.64
CA ASP T 285 -63.44 6.34 -63.39
C ASP T 285 -62.38 5.27 -63.13
N PHE T 286 -61.88 4.61 -64.17
CA PHE T 286 -60.93 3.51 -63.99
C PHE T 286 -59.63 3.69 -64.74
N GLY T 287 -59.41 4.83 -65.39
CA GLY T 287 -58.16 5.08 -66.08
C GLY T 287 -58.19 4.65 -67.53
N THR T 288 -56.99 4.63 -68.12
CA THR T 288 -56.81 4.25 -69.50
C THR T 288 -56.06 2.93 -69.68
N HIS T 289 -55.31 2.49 -68.67
CA HIS T 289 -54.55 1.26 -68.73
C HIS T 289 -54.59 0.58 -67.37
N TYR T 290 -53.92 -0.56 -67.26
CA TYR T 290 -53.77 -1.27 -66.00
C TYR T 290 -52.31 -1.66 -65.83
N ILE T 291 -52.00 -2.20 -64.66
CA ILE T 291 -50.62 -2.46 -64.26
C ILE T 291 -50.28 -3.91 -64.56
N THR T 292 -49.34 -4.11 -65.48
CA THR T 292 -48.79 -5.43 -65.78
C THR T 292 -47.45 -5.66 -65.08
N GLU T 293 -46.55 -4.69 -65.13
CA GLU T 293 -45.28 -4.75 -64.42
C GLU T 293 -44.98 -3.40 -63.82
N ALA T 294 -44.58 -3.39 -62.55
CA ALA T 294 -44.36 -2.13 -61.85
C ALA T 294 -43.24 -2.31 -60.83
N VAL T 295 -42.48 -1.24 -60.62
CA VAL T 295 -41.38 -1.21 -59.67
C VAL T 295 -41.75 -0.25 -58.55
N LEU T 296 -41.43 -0.63 -57.32
CA LEU T 296 -41.78 0.13 -56.12
C LEU T 296 -40.51 0.79 -55.59
N GLY T 297 -40.27 2.04 -56.00
CA GLY T 297 -39.04 2.72 -55.65
C GLY T 297 -39.19 3.96 -54.80
N GLY T 298 -40.30 4.68 -54.97
CA GLY T 298 -40.47 5.95 -54.27
C GLY T 298 -39.59 7.04 -54.83
N ILE T 299 -39.78 8.28 -54.35
CA ILE T 299 -39.01 9.43 -54.84
C ILE T 299 -38.59 10.26 -53.64
N TYR T 300 -37.28 10.56 -53.57
CA TYR T 300 -36.72 11.44 -52.55
C TYR T 300 -35.82 12.45 -53.25
N GLU T 301 -36.12 13.74 -53.05
CA GLU T 301 -35.42 14.79 -53.77
C GLU T 301 -35.14 15.97 -52.84
N TYR T 302 -34.24 16.84 -53.29
CA TYR T 302 -33.86 18.03 -52.55
C TYR T 302 -33.16 18.99 -53.49
N THR T 303 -33.37 20.29 -53.27
CA THR T 303 -32.75 21.32 -54.09
C THR T 303 -32.50 22.55 -53.24
N LEU T 304 -31.52 23.36 -53.67
CA LEU T 304 -31.17 24.57 -52.95
C LEU T 304 -30.63 25.60 -53.95
N VAL T 305 -31.02 26.85 -53.74
CA VAL T 305 -30.59 27.96 -54.60
C VAL T 305 -30.12 29.12 -53.72
N MET T 306 -29.04 29.76 -54.13
CA MET T 306 -28.47 30.87 -53.37
C MET T 306 -28.11 32.00 -54.32
N ASN T 307 -28.27 33.23 -53.84
CA ASN T 307 -27.93 34.42 -54.62
C ASN T 307 -27.23 35.42 -53.71
N LYS T 308 -26.50 36.36 -54.32
CA LYS T 308 -25.76 37.36 -53.58
C LYS T 308 -25.44 38.53 -54.51
N GLU T 309 -25.53 39.75 -53.97
CA GLU T 309 -25.22 40.96 -54.70
C GLU T 309 -24.51 41.94 -53.78
N ALA T 310 -23.68 42.80 -54.37
CA ALA T 310 -22.93 43.78 -53.60
C ALA T 310 -22.65 44.99 -54.48
N MET T 311 -22.56 46.15 -53.84
CA MET T 311 -22.28 47.40 -54.54
C MET T 311 -21.66 48.39 -53.58
N GLU T 312 -20.81 49.27 -54.11
CA GLU T 312 -20.15 50.30 -53.32
C GLU T 312 -20.06 51.58 -54.15
N ARG T 313 -20.16 52.71 -53.46
CA ARG T 313 -20.09 54.02 -54.10
C ARG T 313 -19.15 54.91 -53.31
N GLY T 314 -18.32 55.67 -54.03
CA GLY T 314 -17.38 56.58 -53.40
C GLY T 314 -17.24 57.89 -54.16
N ASP T 315 -17.35 59.00 -53.45
CA ASP T 315 -17.25 60.33 -54.06
C ASP T 315 -16.50 61.25 -53.11
N TYR T 316 -15.51 61.97 -53.65
CA TYR T 316 -14.71 62.89 -52.86
C TYR T 316 -14.30 64.06 -53.74
N THR T 317 -14.21 65.24 -53.12
CA THR T 317 -13.78 66.44 -53.82
C THR T 317 -13.23 67.44 -52.82
N LEU T 318 -12.30 68.26 -53.28
CA LEU T 318 -11.66 69.27 -52.43
C LEU T 318 -11.26 70.45 -53.29
N ASN T 319 -11.41 71.65 -52.74
CA ASN T 319 -11.02 72.88 -53.42
C ASN T 319 -10.44 73.85 -52.39
N ASN T 320 -9.29 74.43 -52.70
CA ASN T 320 -8.63 75.38 -51.81
C ASN T 320 -7.93 76.43 -52.66
N VAL T 321 -8.26 77.69 -52.45
CA VAL T 321 -7.69 78.81 -53.18
C VAL T 321 -7.28 79.89 -52.18
N HIS T 322 -6.08 80.42 -52.34
CA HIS T 322 -5.54 81.47 -51.48
C HIS T 322 -5.10 82.65 -52.33
N ALA T 323 -5.45 83.85 -51.88
CA ALA T 323 -5.12 85.08 -52.59
C ALA T 323 -4.52 86.08 -51.62
N CYS T 324 -3.43 86.72 -52.03
CA CYS T 324 -2.75 87.72 -51.20
C CYS T 324 -2.19 88.80 -52.11
N ALA T 325 -2.47 90.05 -51.77
CA ALA T 325 -2.00 91.20 -52.53
C ALA T 325 -1.56 92.30 -51.58
N LYS T 326 -0.41 92.90 -51.85
CA LYS T 326 0.15 93.96 -51.02
C LYS T 326 0.86 94.98 -51.91
N ASN T 327 0.73 96.25 -51.56
CA ASN T 327 1.42 97.32 -52.27
C ASN T 327 2.00 98.31 -51.28
N ASP T 328 2.98 99.07 -51.74
CA ASP T 328 3.63 100.09 -50.94
C ASP T 328 3.97 101.27 -51.83
N PHE T 329 3.48 102.46 -51.45
CA PHE T 329 3.72 103.68 -52.22
C PHE T 329 4.04 104.80 -51.26
N LYS T 330 5.18 105.46 -51.49
CA LYS T 330 5.60 106.59 -50.66
C LYS T 330 6.26 107.63 -51.56
N ILE T 331 5.92 108.90 -51.35
CA ILE T 331 6.48 109.99 -52.13
C ILE T 331 7.18 110.96 -51.18
N GLY T 332 8.16 111.68 -51.71
CA GLY T 332 8.91 112.63 -50.90
C GLY T 332 9.30 113.87 -51.68
N GLY T 333 8.99 115.04 -51.12
CA GLY T 333 9.35 116.29 -51.77
C GLY T 333 9.73 117.38 -50.77
N ALA T 334 10.89 118.00 -50.98
CA ALA T 334 11.38 119.06 -50.11
C ALA T 334 12.09 120.11 -50.93
N ILE T 335 11.72 121.37 -50.72
CA ILE T 335 12.33 122.49 -51.42
C ILE T 335 12.46 123.65 -50.44
N GLU T 336 13.54 124.42 -50.58
CA GLU T 336 13.79 125.55 -49.70
C GLU T 336 14.51 126.68 -50.45
N GLU T 337 9.84 127.78 -48.54
CA GLU T 337 10.10 126.38 -48.21
C GLU T 337 8.79 125.59 -48.19
N VAL T 338 8.77 124.47 -48.92
CA VAL T 338 7.59 123.61 -49.02
C VAL T 338 8.05 122.16 -48.90
N TYR T 339 7.35 121.40 -48.06
CA TYR T 339 7.64 119.98 -47.87
C TYR T 339 6.40 119.18 -48.24
N VAL T 340 6.59 118.13 -49.05
CA VAL T 340 5.50 117.30 -49.56
C VAL T 340 5.86 115.84 -49.31
N SER T 341 4.96 115.11 -48.66
CA SER T 341 5.14 113.70 -48.39
C SER T 341 3.77 113.03 -48.28
N LEU T 342 3.65 111.84 -48.86
CA LEU T 342 2.39 111.11 -48.84
C LEU T 342 2.67 109.63 -49.02
N GLY T 343 1.86 108.80 -48.38
CA GLY T 343 2.01 107.36 -48.48
C GLY T 343 0.69 106.67 -48.77
N VAL T 344 0.77 105.63 -49.60
CA VAL T 344 -0.40 104.84 -49.99
C VAL T 344 -0.06 103.36 -49.86
N SER T 345 -0.90 102.62 -49.14
CA SER T 345 -0.71 101.19 -48.97
C SER T 345 -2.05 100.54 -48.67
N VAL T 346 -2.37 99.46 -49.39
CA VAL T 346 -3.61 98.73 -49.19
C VAL T 346 -3.38 97.27 -49.57
N GLY T 347 -3.72 96.37 -48.66
CA GLY T 347 -3.50 94.93 -48.86
C GLY T 347 -4.82 94.21 -49.02
N LYS T 348 -4.87 93.28 -49.98
CA LYS T 348 -6.07 92.50 -50.27
C LYS T 348 -5.76 91.02 -50.10
N CYS T 349 -6.61 90.33 -49.34
CA CYS T 349 -6.47 88.89 -49.10
C CYS T 349 -7.81 88.23 -49.28
N ARG T 350 -7.81 87.09 -49.97
CA ARG T 350 -9.04 86.34 -50.23
C ARG T 350 -8.78 84.86 -50.04
N GLY T 351 -9.63 84.20 -49.28
CA GLY T 351 -9.50 82.77 -49.04
C GLY T 351 -10.82 82.06 -49.17
N ILE T 352 -10.76 80.83 -49.66
CA ILE T 352 -11.95 80.01 -49.84
C ILE T 352 -11.55 78.54 -49.74
N LEU T 353 -12.37 77.75 -49.06
CA LEU T 353 -12.12 76.33 -48.87
C LEU T 353 -13.38 75.54 -49.22
N ASN T 354 -13.19 74.38 -49.84
CA ASN T 354 -14.30 73.52 -50.23
C ASN T 354 -13.83 72.07 -50.17
N GLU T 355 -14.65 71.22 -49.56
CA GLU T 355 -14.33 69.80 -49.44
C GLU T 355 -15.62 69.03 -49.16
N ILE T 356 -15.82 67.93 -49.89
CA ILE T 356 -16.98 67.07 -49.69
C ILE T 356 -16.53 65.62 -49.88
N LYS T 357 -16.92 64.76 -48.94
CA LYS T 357 -16.59 63.34 -48.99
C LYS T 357 -17.86 62.53 -48.87
N ASP T 358 -18.00 61.51 -49.73
CA ASP T 358 -19.20 60.69 -49.77
C ASP T 358 -18.80 59.23 -49.94
N ARG T 359 -19.55 58.34 -49.28
CA ARG T 359 -19.32 56.91 -49.37
C ARG T 359 -20.63 56.17 -49.13
N ASN T 360 -20.88 55.15 -49.95
CA ASN T 360 -22.08 54.35 -49.85
C ASN T 360 -21.76 52.91 -50.23
N LYS T 361 -22.35 51.97 -49.48
CA LYS T 361 -22.12 50.55 -49.72
C LYS T 361 -23.40 49.78 -49.46
N ARG T 362 -23.70 48.82 -50.33
CA ARG T 362 -24.89 47.99 -50.21
C ARG T 362 -24.56 46.57 -50.65
N ASP T 363 -25.06 45.60 -49.89
CA ASP T 363 -24.81 44.19 -50.17
C ASP T 363 -25.98 43.36 -49.67
N THR T 364 -26.33 42.32 -50.44
CA THR T 364 -27.42 41.43 -50.09
C THR T 364 -27.06 40.00 -50.45
N MET T 365 -27.67 39.06 -49.74
CA MET T 365 -27.44 37.64 -49.98
C MET T 365 -28.70 36.86 -49.63
N VAL T 366 -29.22 36.09 -50.57
CA VAL T 366 -30.44 35.32 -50.40
C VAL T 366 -30.15 33.85 -50.68
N GLU T 367 -30.66 32.98 -49.82
CA GLU T 367 -30.48 31.54 -49.97
C GLU T 367 -31.79 30.84 -49.66
N ASP T 368 -32.10 29.81 -50.46
CA ASP T 368 -33.33 29.05 -50.30
C ASP T 368 -33.03 27.56 -50.46
N LEU T 369 -33.91 26.73 -49.90
CA LEU T 369 -33.77 25.28 -49.98
C LEU T 369 -35.15 24.66 -49.98
N VAL T 370 -35.41 23.79 -50.97
CA VAL T 370 -36.70 23.14 -51.14
C VAL T 370 -36.48 21.63 -51.19
N VAL T 371 -37.36 20.88 -50.53
CA VAL T 371 -37.28 19.43 -50.51
C VAL T 371 -38.53 18.86 -51.17
N LEU T 372 -38.41 17.62 -51.64
CA LEU T 372 -39.52 16.94 -52.31
C LEU T 372 -39.42 15.46 -51.98
N VAL T 373 -40.39 14.95 -51.20
CA VAL T 373 -40.41 13.57 -50.77
C VAL T 373 -41.75 12.96 -51.17
N ARG T 374 -41.72 11.78 -51.76
CA ARG T 374 -42.94 11.06 -52.13
C ARG T 374 -42.72 9.57 -51.88
N GLY T 375 -43.54 9.00 -51.01
CA GLY T 375 -43.42 7.60 -50.67
C GLY T 375 -43.16 7.37 -49.19
N GLY T 376 -44.19 6.97 -48.45
CA GLY T 376 -44.05 6.72 -47.03
C GLY T 376 -45.19 7.29 -46.20
N ALA T 377 -45.90 6.41 -45.49
CA ALA T 377 -47.03 6.82 -44.66
C ALA T 377 -46.78 6.67 -43.17
N SER T 378 -45.89 5.76 -42.77
CA SER T 378 -45.61 5.53 -41.37
C SER T 378 -44.93 6.75 -40.75
N GLU T 379 -44.69 6.68 -39.43
CA GLU T 379 -44.03 7.76 -38.71
C GLU T 379 -42.63 8.05 -39.23
N HIS T 380 -42.03 7.12 -39.98
CA HIS T 380 -40.71 7.36 -40.55
C HIS T 380 -40.76 8.54 -41.52
N ILE T 381 -41.70 8.52 -42.46
CA ILE T 381 -41.82 9.63 -43.40
C ILE T 381 -42.31 10.88 -42.69
N THR T 382 -43.05 10.73 -41.59
CA THR T 382 -43.48 11.89 -40.82
C THR T 382 -42.29 12.61 -40.21
N THR T 383 -41.35 11.84 -39.63
CA THR T 383 -40.12 12.45 -39.12
C THR T 383 -39.26 12.97 -40.26
N LEU T 384 -39.27 12.28 -41.41
CA LEU T 384 -38.52 12.75 -42.56
C LEU T 384 -39.14 13.98 -43.20
N ALA T 385 -40.42 14.23 -42.99
CA ALA T 385 -41.10 15.39 -43.53
C ALA T 385 -40.77 16.68 -42.79
N TYR T 386 -39.83 16.64 -41.85
CA TYR T 386 -39.44 17.83 -41.10
C TYR T 386 -38.75 18.81 -42.04
N GLN T 387 -39.35 19.98 -42.23
CA GLN T 387 -38.77 21.00 -43.10
C GLN T 387 -37.43 21.51 -42.59
N GLU T 388 -37.18 21.41 -41.28
CA GLU T 388 -35.93 21.86 -40.71
C GLU T 388 -34.83 20.82 -40.88
N LEU T 389 -31.38 21.45 -42.63
CA LEU T 389 -30.52 20.27 -42.50
C LEU T 389 -30.99 19.15 -43.43
N PRO T 390 -30.50 19.14 -44.67
CA PRO T 390 -30.89 18.10 -45.63
C PRO T 390 -30.14 16.78 -45.41
N THR T 391 -30.29 16.23 -44.22
CA THR T 391 -29.64 14.98 -43.85
C THR T 391 -30.30 14.43 -42.60
N ALA T 392 -30.15 13.14 -42.38
CA ALA T 392 -30.74 12.46 -41.23
C ALA T 392 -30.07 11.10 -41.08
N ASP T 393 -30.33 10.46 -39.95
CA ASP T 393 -29.80 9.13 -39.65
C ASP T 393 -30.87 8.06 -39.63
N LEU T 394 -32.14 8.43 -39.79
CA LEU T 394 -33.25 7.48 -39.78
C LEU T 394 -33.60 6.96 -41.17
N MET T 395 -32.62 6.90 -42.08
CA MET T 395 -32.88 6.41 -43.43
C MET T 395 -33.33 4.96 -43.43
N GLN T 396 -32.82 4.15 -42.50
CA GLN T 396 -33.26 2.76 -42.41
C GLN T 396 -34.72 2.67 -42.01
N GLU T 397 -35.19 3.58 -41.15
CA GLU T 397 -36.59 3.58 -40.75
C GLU T 397 -37.48 3.95 -41.93
N TRP T 398 -37.09 4.97 -42.71
CA TRP T 398 -37.84 5.29 -43.93
C TRP T 398 -37.83 4.12 -44.89
N GLY T 399 -36.69 3.42 -45.00
CA GLY T 399 -36.61 2.30 -45.93
C GLY T 399 -37.53 1.16 -45.55
N ASP T 400 -37.53 0.78 -44.27
CA ASP T 400 -38.40 -0.32 -43.86
C ASP T 400 -39.86 0.10 -43.72
N ALA T 401 -40.13 1.40 -43.63
CA ALA T 401 -41.51 1.86 -43.70
C ALA T 401 -42.03 1.84 -45.13
N VAL T 402 -41.17 2.16 -46.11
CA VAL T 402 -41.56 2.05 -47.51
C VAL T 402 -41.87 0.59 -47.85
N GLN T 403 -41.23 -0.35 -47.16
CA GLN T 403 -41.55 -1.77 -47.35
C GLN T 403 -43.02 -2.05 -47.11
N TYR T 404 -43.67 -1.27 -46.24
CA TYR T 404 -45.10 -1.42 -45.97
C TYR T 404 -45.95 -0.62 -46.95
N ASN T 405 -45.56 0.62 -47.24
CA ASN T 405 -46.31 1.51 -48.14
C ASN T 405 -45.36 2.07 -49.17
N PRO T 406 -45.08 1.33 -50.25
CA PRO T 406 -44.18 1.82 -51.29
C PRO T 406 -44.91 2.62 -52.36
N ALA T 407 -44.11 3.32 -53.17
CA ALA T 407 -44.60 4.15 -54.25
C ALA T 407 -44.14 3.58 -55.59
N ILE T 408 -45.02 3.63 -56.58
CA ILE T 408 -44.73 3.07 -57.90
C ILE T 408 -43.93 4.10 -58.70
N ILE T 409 -42.90 3.62 -59.39
CA ILE T 409 -42.03 4.46 -60.22
C ILE T 409 -42.14 4.10 -61.70
N LYS T 410 -41.73 2.89 -62.06
CA LYS T 410 -41.77 2.44 -63.44
C LYS T 410 -43.00 1.59 -63.68
N VAL T 411 -43.65 1.80 -64.83
CA VAL T 411 -44.89 1.11 -65.16
C VAL T 411 -44.82 0.64 -66.61
N LYS T 412 -45.19 -0.62 -66.85
CA LYS T 412 -45.39 -1.14 -68.19
C LYS T 412 -46.89 -1.24 -68.43
N VAL T 413 -47.40 -0.39 -69.31
CA VAL T 413 -48.83 -0.24 -69.49
C VAL T 413 -49.33 -1.23 -70.54
N GLU T 414 -50.65 -1.49 -70.50
CA GLU T 414 -51.32 -2.38 -71.42
C GLU T 414 -52.71 -1.80 -71.62
N PRO T 415 -53.19 -1.71 -72.86
CA PRO T 415 -54.50 -1.08 -73.11
C PRO T 415 -55.63 -1.82 -72.39
N LEU T 416 -56.70 -1.08 -72.12
CA LEU T 416 -57.79 -1.62 -71.31
C LEU T 416 -58.63 -2.62 -72.08
N TYR T 417 -58.77 -2.44 -73.40
CA TYR T 417 -59.60 -3.36 -74.17
C TYR T 417 -58.99 -4.76 -74.25
N GLU T 418 -57.68 -4.89 -74.04
CA GLU T 418 -57.06 -6.21 -73.96
C GLU T 418 -57.45 -6.94 -72.68
N LEU T 419 -57.82 -6.20 -71.63
CA LEU T 419 -58.24 -6.82 -70.38
C LEU T 419 -59.63 -7.45 -70.50
N VAL T 420 -60.45 -6.98 -71.43
CA VAL T 420 -61.79 -7.52 -71.64
C VAL T 420 -61.65 -8.81 -72.45
N THR T 421 -62.03 -9.93 -71.84
CA THR T 421 -61.91 -11.24 -72.48
C THR T 421 -63.26 -11.68 -73.06
N ALA T 422 -63.17 -12.57 -74.06
CA ALA T 422 -64.39 -13.07 -74.70
C ALA T 422 -65.13 -14.04 -73.80
N THR T 423 -64.40 -14.84 -73.02
CA THR T 423 -65.03 -15.83 -72.16
C THR T 423 -65.88 -15.20 -71.07
N ASP T 424 -65.68 -13.92 -70.78
CA ASP T 424 -66.44 -13.24 -69.73
C ASP T 424 -67.50 -12.29 -70.27
N PHE T 425 -67.32 -11.75 -71.47
CA PHE T 425 -68.26 -10.78 -72.03
C PHE T 425 -68.56 -11.16 -73.48
N ALA T 426 -69.84 -11.16 -73.83
CA ALA T 426 -70.25 -11.41 -75.20
C ALA T 426 -69.95 -10.19 -76.07
N TYR T 427 -69.98 -10.42 -77.39
CA TYR T 427 -69.69 -9.37 -78.38
C TYR T 427 -68.29 -8.78 -78.15
N SER T 428 -67.31 -9.66 -77.93
CA SER T 428 -65.98 -9.21 -77.57
C SER T 428 -65.35 -8.35 -78.66
N SER T 429 -65.52 -8.73 -79.93
CA SER T 429 -64.88 -8.00 -81.03
C SER T 429 -65.43 -6.59 -81.14
N THR T 430 -66.75 -6.44 -81.12
CA THR T 430 -67.35 -5.11 -81.23
C THR T 430 -67.01 -4.25 -80.03
N VAL T 431 -67.04 -4.84 -78.83
CA VAL T 431 -66.69 -4.09 -77.62
C VAL T 431 -65.24 -3.61 -77.69
N ARG T 432 -64.33 -4.48 -78.14
CA ARG T 432 -62.93 -4.10 -78.23
C ARG T 432 -62.70 -3.02 -79.29
N GLN T 433 -63.41 -3.11 -80.42
CA GLN T 433 -63.28 -2.09 -81.45
C GLN T 433 -63.78 -0.74 -80.95
N ASN T 434 -64.94 -0.74 -80.29
CA ASN T 434 -65.48 0.50 -79.74
C ASN T 434 -64.56 1.06 -78.67
N MET T 435 -63.95 0.19 -77.86
CA MET T 435 -63.04 0.64 -76.81
C MET T 435 -61.78 1.24 -77.40
N LYS T 436 -61.27 0.65 -78.48
CA LYS T 436 -60.10 1.22 -79.16
C LYS T 436 -60.42 2.58 -79.78
N GLN T 437 -61.58 2.69 -80.41
CA GLN T 437 -61.98 3.99 -80.97
C GLN T 437 -62.14 5.04 -79.88
N ALA T 438 -62.74 4.64 -78.74
CA ALA T 438 -62.90 5.57 -77.64
C ALA T 438 -61.55 5.97 -77.04
N LEU T 439 -60.61 5.03 -76.97
CA LEU T 439 -59.28 5.36 -76.48
C LEU T 439 -58.57 6.33 -77.42
N GLU T 440 -58.72 6.13 -78.73
CA GLU T 440 -58.15 7.06 -79.69
C GLU T 440 -58.74 8.46 -79.52
N GLU T 441 -60.07 8.54 -79.42
CA GLU T 441 -60.72 9.84 -79.26
C GLU T 441 -60.32 10.50 -77.94
N PHE T 442 -60.13 9.69 -76.89
CA PHE T 442 -59.72 10.23 -75.60
C PHE T 442 -58.31 10.77 -75.66
N GLN T 443 -57.38 10.00 -76.22
CA GLN T 443 -56.00 10.47 -76.40
C GLN T 443 -55.97 11.75 -77.23
N LYS T 444 -56.85 11.85 -78.23
CA LYS T 444 -56.94 13.09 -78.98
C LYS T 444 -57.50 14.22 -78.14
N GLU T 445 -58.36 13.90 -77.17
CA GLU T 445 -59.01 14.93 -76.36
C GLU T 445 -58.11 15.40 -75.22
N VAL T 446 -57.46 14.48 -74.50
CA VAL T 446 -56.72 14.82 -73.29
C VAL T 446 -55.24 14.91 -73.57
N SER T 447 -54.88 15.19 -74.83
CA SER T 447 -53.47 15.32 -75.23
C SER T 447 -52.73 16.39 -74.44
N SER T 448 -53.44 17.23 -73.68
CA SER T 448 -52.89 18.27 -72.80
C SER T 448 -52.25 19.43 -73.56
N CYS T 449 -52.23 19.39 -74.89
CA CYS T 449 -51.70 20.50 -75.67
C CYS T 449 -52.74 21.59 -75.90
N HIS T 450 -54.02 21.28 -75.76
CA HIS T 450 -55.07 22.27 -76.01
C HIS T 450 -55.12 23.36 -74.95
N CYS T 451 -54.48 23.14 -73.80
CA CYS T 451 -54.46 24.15 -72.75
C CYS T 451 -53.59 25.34 -73.16
N ALA T 452 -53.91 26.50 -72.61
CA ALA T 452 -53.14 27.70 -72.92
C ALA T 452 -51.71 27.54 -72.41
N PRO T 453 -50.72 28.01 -73.16
CA PRO T 453 -49.32 27.88 -72.71
C PRO T 453 -49.08 28.71 -71.45
N CYS T 454 -48.43 28.09 -70.47
CA CYS T 454 -48.13 28.75 -69.21
C CYS T 454 -46.88 29.63 -69.38
N GLN T 455 -46.43 30.24 -68.29
CA GLN T 455 -45.22 31.06 -68.31
C GLN T 455 -44.31 30.61 -67.16
N GLY T 456 -43.10 31.17 -67.15
CA GLY T 456 -42.13 30.77 -66.15
C GLY T 456 -41.71 29.33 -66.25
N ASN T 457 -41.60 28.79 -67.47
CA ASN T 457 -41.23 27.40 -67.70
C ASN T 457 -42.21 26.43 -67.04
N GLY T 458 -43.48 26.81 -66.99
CA GLY T 458 -44.47 25.95 -66.37
C GLY T 458 -44.86 24.78 -67.26
N VAL T 459 -45.47 23.78 -66.65
CA VAL T 459 -45.92 22.57 -67.32
C VAL T 459 -47.43 22.49 -67.19
N PRO T 460 -48.20 22.59 -68.27
CA PRO T 460 -49.66 22.48 -68.17
C PRO T 460 -50.07 21.06 -67.84
N VAL T 461 -51.10 20.95 -67.01
CA VAL T 461 -51.65 19.65 -66.59
C VAL T 461 -53.17 19.70 -66.79
N LEU T 462 -53.69 18.75 -67.55
CA LEU T 462 -55.12 18.68 -67.83
C LEU T 462 -55.81 17.79 -66.80
N LYS T 463 -56.97 18.24 -66.31
CA LYS T 463 -57.75 17.47 -65.35
C LYS T 463 -59.22 17.89 -65.52
N GLY T 464 -59.99 17.02 -66.16
CA GLY T 464 -61.38 17.33 -66.44
C GLY T 464 -61.55 18.52 -67.36
N SER T 465 -62.06 19.63 -66.81
CA SER T 465 -62.19 20.86 -67.57
C SER T 465 -61.26 21.97 -67.08
N ARG T 466 -60.52 21.75 -66.01
CA ARG T 466 -59.60 22.74 -65.46
C ARG T 466 -58.17 22.40 -65.86
N CYS T 467 -57.35 23.44 -65.98
CA CYS T 467 -55.95 23.30 -66.37
C CYS T 467 -55.10 24.13 -65.41
N ASP T 468 -54.18 23.48 -64.72
CA ASP T 468 -53.30 24.12 -63.75
C ASP T 468 -51.86 24.02 -64.20
N CYS T 469 -51.11 25.10 -64.00
CA CYS T 469 -49.71 25.17 -64.40
C CYS T 469 -48.82 24.82 -63.22
N ILE T 470 -47.97 23.82 -63.40
CA ILE T 470 -46.98 23.45 -62.39
C ILE T 470 -45.71 24.25 -62.65
N CYS T 471 -45.30 25.06 -61.69
CA CYS T 471 -44.16 25.95 -61.87
C CYS T 471 -43.00 25.56 -60.96
N PRO T 472 -41.77 25.74 -61.41
CA PRO T 472 -40.62 25.49 -60.53
C PRO T 472 -40.57 26.52 -59.40
N VAL T 473 -39.69 26.23 -58.44
CA VAL T 473 -39.53 27.12 -57.30
C VAL T 473 -39.02 28.47 -57.77
N GLY T 474 -39.68 29.54 -57.32
CA GLY T 474 -39.31 30.90 -57.68
C GLY T 474 -40.39 31.70 -58.38
N SER T 475 -41.55 31.12 -58.68
CA SER T 475 -42.63 31.83 -59.35
C SER T 475 -43.94 31.56 -58.62
N GLN T 476 -44.76 32.60 -58.49
CA GLN T 476 -46.04 32.53 -57.79
C GLN T 476 -47.13 33.08 -58.69
N GLY T 477 -48.38 32.87 -58.27
CA GLY T 477 -49.53 33.37 -58.99
C GLY T 477 -49.92 32.49 -60.16
N LEU T 478 -51.14 32.70 -60.64
CA LEU T 478 -51.64 31.96 -61.80
C LEU T 478 -50.83 32.33 -63.04
N ALA T 479 -50.44 31.31 -63.80
CA ALA T 479 -49.62 31.39 -65.00
C ALA T 479 -48.18 31.79 -64.71
N CYS T 480 -47.84 32.11 -63.47
CA CYS T 480 -46.47 32.37 -63.03
C CYS T 480 -45.77 33.43 -63.91
N GLU T 481 -46.32 34.64 -63.87
CA GLU T 481 -45.72 35.77 -64.57
C GLU T 481 -44.84 36.63 -63.68
N VAL T 482 -44.90 36.43 -62.36
CA VAL T 482 -44.12 37.20 -61.40
C VAL T 482 -43.04 36.29 -60.82
N SER T 483 -41.79 36.74 -60.87
CA SER T 483 -40.68 35.96 -60.35
C SER T 483 -39.52 36.90 -60.04
N TYR T 484 -38.68 36.49 -59.09
CA TYR T 484 -37.52 37.29 -58.69
C TYR T 484 -36.29 36.81 -59.46
N ARG T 485 -36.34 37.03 -60.77
CA ARG T 485 -35.27 36.64 -61.67
C ARG T 485 -35.45 37.36 -63.00
N LYS T 486 -34.35 37.54 -63.72
CA LYS T 486 -34.35 38.20 -65.01
C LYS T 486 -34.07 37.18 -66.11
N ASN T 487 -34.66 37.46 -67.28
CA ASN T 487 -34.48 36.70 -68.52
C ASN T 487 -34.33 35.20 -68.27
N THR T 488 -35.29 34.63 -67.56
CA THR T 488 -35.27 33.21 -67.25
C THR T 488 -35.44 32.40 -68.53
N PRO T 489 -34.55 31.43 -68.80
CA PRO T 489 -34.68 30.63 -70.03
C PRO T 489 -35.97 29.83 -70.04
N ILE T 490 -36.81 30.09 -71.03
CA ILE T 490 -38.09 29.41 -71.18
C ILE T 490 -37.90 28.23 -72.13
N ASP T 491 -38.25 27.04 -71.67
CA ASP T 491 -38.11 25.84 -72.49
C ASP T 491 -39.23 25.76 -73.50
N GLY T 492 -38.89 25.47 -74.75
CA GLY T 492 -39.89 25.39 -75.80
C GLY T 492 -40.75 24.16 -75.65
N LYS T 493 -42.03 24.29 -76.01
CA LYS T 493 -42.99 23.21 -75.93
C LYS T 493 -43.67 23.04 -77.27
N TRP T 494 -44.06 21.80 -77.58
CA TRP T 494 -44.72 21.50 -78.83
C TRP T 494 -46.22 21.78 -78.75
N ASN T 495 -46.80 22.14 -79.88
CA ASN T 495 -48.22 22.44 -79.95
C ASN T 495 -49.00 21.18 -80.32
N CYS T 496 -50.29 21.32 -80.59
CA CYS T 496 -51.12 20.18 -80.94
C CYS T 496 -50.81 19.71 -82.35
N TRP T 497 -50.72 18.39 -82.51
CA TRP T 497 -50.50 17.81 -83.83
C TRP T 497 -51.75 17.92 -84.68
N SER T 498 -51.57 18.21 -85.97
CA SER T 498 -52.68 18.39 -86.87
C SER T 498 -53.38 17.05 -87.14
N ASN T 499 -54.58 17.15 -87.72
CA ASN T 499 -55.38 15.97 -88.02
C ASN T 499 -54.78 15.20 -89.19
N TRP T 500 -55.17 13.93 -89.29
CA TRP T 500 -54.66 13.06 -90.36
C TRP T 500 -55.35 13.38 -91.68
N SER T 501 -54.63 13.10 -92.77
CA SER T 501 -55.18 13.26 -94.12
C SER T 501 -55.90 11.99 -94.54
N SER T 502 -56.93 12.15 -95.39
CA SER T 502 -57.77 11.03 -95.78
C SER T 502 -57.04 10.12 -96.77
N CYS T 503 -56.16 9.27 -96.25
CA CYS T 503 -55.50 8.19 -96.99
C CYS T 503 -54.61 8.74 -98.11
N SER T 504 -54.51 10.05 -98.24
CA SER T 504 -53.62 10.68 -99.21
C SER T 504 -52.19 10.76 -98.72
N GLY T 505 -51.85 10.05 -97.65
CA GLY T 505 -50.55 10.13 -97.02
C GLY T 505 -50.68 10.86 -95.70
N ARG T 506 -50.75 10.11 -94.61
CA ARG T 506 -51.03 10.68 -93.30
C ARG T 506 -49.76 11.31 -92.73
N ARG T 507 -49.81 12.61 -92.45
CA ARG T 507 -48.71 13.32 -91.81
C ARG T 507 -49.29 14.35 -90.86
N LYS T 508 -48.63 14.54 -89.72
CA LYS T 508 -49.05 15.51 -88.71
C LYS T 508 -48.03 16.63 -88.62
N THR T 509 -48.52 17.85 -88.44
CA THR T 509 -47.68 19.03 -88.30
C THR T 509 -47.83 19.60 -86.90
N ARG T 510 -46.74 20.18 -86.39
CA ARG T 510 -46.73 20.76 -85.05
C ARG T 510 -45.57 21.74 -84.95
N GLN T 511 -45.82 22.87 -84.30
CA GLN T 511 -44.82 23.91 -84.12
C GLN T 511 -44.39 23.96 -82.66
N ARG T 512 -43.10 24.22 -82.45
CA ARG T 512 -42.55 24.30 -81.09
C ARG T 512 -42.67 25.73 -80.55
N GLN T 513 -43.91 26.19 -80.46
CA GLN T 513 -44.19 27.53 -79.97
C GLN T 513 -44.74 27.48 -78.55
N SER T 527 -39.68 21.44 -77.27
CA SER T 527 -38.70 20.46 -77.71
C SER T 527 -39.37 19.12 -78.02
N GLY T 528 -40.69 19.16 -78.21
CA GLY T 528 -41.44 17.96 -78.52
C GLY T 528 -41.29 17.54 -79.96
N PRO T 529 -41.32 16.23 -80.20
CA PRO T 529 -41.20 15.73 -81.58
C PRO T 529 -42.41 16.10 -82.42
N ALA T 530 -42.28 15.87 -83.72
CA ALA T 530 -43.33 16.19 -84.68
C ALA T 530 -43.07 15.40 -85.95
N SER T 531 -43.82 15.72 -87.01
CA SER T 531 -43.67 15.09 -88.33
C SER T 531 -43.92 13.58 -88.24
N GLU T 532 -44.99 13.20 -87.54
CA GLU T 532 -45.38 11.81 -87.48
C GLU T 532 -46.16 11.41 -88.72
N THR T 533 -45.99 10.16 -89.14
CA THR T 533 -46.61 9.67 -90.36
C THR T 533 -47.09 8.23 -90.17
N LEU T 534 -48.18 7.89 -90.86
CA LEU T 534 -48.73 6.55 -90.83
C LEU T 534 -49.21 6.18 -92.22
N ASP T 535 -48.87 4.96 -92.65
CA ASP T 535 -49.29 4.49 -93.96
C ASP T 535 -50.77 4.09 -93.93
N CYS T 536 -51.47 4.40 -95.02
CA CYS T 536 -52.89 4.07 -95.13
C CYS T 536 -53.08 2.60 -95.50
N SER U 1 -24.91 17.64 -83.63
CA SER U 1 -25.07 16.31 -84.22
C SER U 1 -26.28 16.27 -85.15
N SER U 2 -26.48 15.14 -85.80
CA SER U 2 -27.58 14.95 -86.74
C SER U 2 -28.59 13.97 -86.18
N PRO U 3 -29.80 14.40 -85.82
CA PRO U 3 -30.80 13.45 -85.32
C PRO U 3 -31.30 12.53 -86.43
N VAL U 4 -31.70 11.32 -86.03
CA VAL U 4 -32.13 10.29 -86.96
C VAL U 4 -33.49 9.77 -86.51
N ASN U 5 -34.50 9.90 -87.38
CA ASN U 5 -35.82 9.36 -87.12
C ASN U 5 -35.94 7.96 -87.72
N CYS U 6 -36.77 7.13 -87.12
CA CYS U 6 -36.90 5.76 -87.56
C CYS U 6 -37.65 5.69 -88.89
N GLN U 7 -37.36 4.64 -89.66
CA GLN U 7 -37.99 4.42 -90.96
C GLN U 7 -37.96 2.92 -91.24
N TRP U 8 -39.12 2.29 -91.22
CA TRP U 8 -39.24 0.86 -91.42
C TRP U 8 -39.73 0.54 -92.82
N ASP U 9 -39.24 -0.54 -93.40
CA ASP U 9 -39.67 -0.99 -94.71
C ASP U 9 -41.01 -1.73 -94.60
N PHE U 10 -41.51 -2.16 -95.75
CA PHE U 10 -42.77 -2.91 -95.77
C PHE U 10 -42.64 -4.22 -95.00
N TYR U 11 -43.76 -4.69 -94.48
CA TYR U 11 -43.77 -5.88 -93.64
C TYR U 11 -43.43 -7.13 -94.46
N ALA U 12 -43.04 -8.18 -93.73
CA ALA U 12 -42.69 -9.44 -94.37
C ALA U 12 -43.92 -10.10 -94.98
N PRO U 13 -43.73 -11.05 -95.90
CA PRO U 13 -44.88 -11.74 -96.49
C PRO U 13 -45.72 -12.45 -95.42
N TRP U 14 -46.93 -12.83 -95.84
CA TRP U 14 -47.90 -13.38 -94.91
C TRP U 14 -47.53 -14.80 -94.49
N SER U 15 -47.99 -15.17 -93.30
CA SER U 15 -47.76 -16.50 -92.74
C SER U 15 -49.08 -17.24 -92.59
N GLU U 16 -49.01 -18.47 -92.09
CA GLU U 16 -50.18 -19.30 -91.91
C GLU U 16 -50.79 -19.10 -90.52
N CYS U 17 -51.98 -19.65 -90.33
CA CYS U 17 -52.72 -19.53 -89.08
C CYS U 17 -53.35 -20.87 -88.74
N ASN U 18 -53.06 -21.37 -87.54
CA ASN U 18 -53.60 -22.65 -87.11
C ASN U 18 -53.97 -22.70 -85.63
N GLY U 19 -54.27 -21.56 -85.03
CA GLY U 19 -54.57 -21.47 -83.61
C GLY U 19 -56.05 -21.28 -83.32
N CYS U 20 -56.93 -21.53 -84.31
CA CYS U 20 -58.38 -21.35 -84.18
C CYS U 20 -58.73 -19.89 -83.91
N THR U 21 -57.73 -19.01 -83.96
CA THR U 21 -57.87 -17.57 -83.79
C THR U 21 -57.18 -16.85 -84.93
N LYS U 22 -57.49 -17.29 -86.15
CA LYS U 22 -56.78 -16.93 -87.38
C LYS U 22 -56.41 -15.45 -87.42
N THR U 23 -55.12 -15.17 -87.54
CA THR U 23 -54.60 -13.81 -87.61
C THR U 23 -53.29 -13.84 -88.37
N GLN U 24 -53.27 -13.25 -89.57
CA GLN U 24 -52.08 -13.26 -90.41
C GLN U 24 -50.91 -12.57 -89.72
N THR U 25 -49.87 -13.33 -89.39
CA THR U 25 -48.68 -12.77 -88.77
C THR U 25 -47.90 -11.98 -89.81
N ARG U 26 -47.88 -10.66 -89.66
CA ARG U 26 -47.20 -9.76 -90.59
C ARG U 26 -46.17 -8.97 -89.80
N ARG U 27 -44.97 -9.51 -89.69
CA ARG U 27 -43.88 -8.84 -88.99
C ARG U 27 -43.12 -7.93 -89.95
N ARG U 28 -42.50 -6.89 -89.39
CA ARG U 28 -41.73 -5.93 -90.17
C ARG U 28 -40.38 -5.72 -89.50
N SER U 29 -39.45 -5.11 -90.24
CA SER U 29 -38.11 -4.84 -89.74
C SER U 29 -37.83 -3.35 -89.89
N VAL U 30 -37.43 -2.72 -88.79
CA VAL U 30 -37.11 -1.29 -88.78
C VAL U 30 -35.68 -1.15 -89.29
N ALA U 31 -35.54 -0.76 -90.56
CA ALA U 31 -34.22 -0.70 -91.18
C ALA U 31 -33.36 0.42 -90.60
N VAL U 32 -33.98 1.47 -90.09
CA VAL U 32 -33.27 2.63 -89.57
C VAL U 32 -33.80 2.92 -88.17
N TYR U 33 -32.93 2.80 -87.17
CA TYR U 33 -33.30 3.06 -85.78
C TYR U 33 -33.13 4.54 -85.44
N GLY U 34 -33.87 4.97 -84.43
CA GLY U 34 -33.77 6.34 -83.97
C GLY U 34 -32.51 6.59 -83.15
N GLN U 35 -32.09 7.85 -83.12
CA GLN U 35 -30.86 8.22 -82.43
C GLN U 35 -30.92 9.70 -82.10
N TYR U 36 -30.13 10.09 -81.09
CA TYR U 36 -30.00 11.48 -80.67
C TYR U 36 -31.34 12.05 -80.19
N GLY U 37 -32.11 11.23 -79.48
CA GLY U 37 -33.37 11.68 -78.93
C GLY U 37 -34.42 12.06 -79.94
N GLY U 38 -34.35 11.51 -81.15
CA GLY U 38 -35.32 11.79 -82.18
C GLY U 38 -36.63 11.08 -81.95
N GLN U 39 -37.46 11.08 -82.98
CA GLN U 39 -38.74 10.39 -82.94
C GLN U 39 -38.52 8.89 -82.82
N PRO U 40 -39.03 8.22 -81.78
CA PRO U 40 -38.82 6.77 -81.64
C PRO U 40 -39.39 6.00 -82.82
N CYS U 41 -40.70 6.14 -83.05
CA CYS U 41 -41.43 5.61 -84.20
C CYS U 41 -42.88 6.06 -84.07
N VAL U 42 -43.66 5.78 -85.11
CA VAL U 42 -45.06 6.16 -85.16
C VAL U 42 -45.98 4.95 -85.31
N GLY U 43 -45.63 4.01 -86.19
CA GLY U 43 -46.50 2.89 -86.48
C GLY U 43 -46.17 1.65 -85.65
N ASN U 44 -47.19 0.82 -85.45
CA ASN U 44 -47.03 -0.42 -84.72
C ASN U 44 -46.23 -1.43 -85.54
N ALA U 45 -45.55 -2.33 -84.84
CA ALA U 45 -44.72 -3.33 -85.52
C ALA U 45 -45.58 -4.43 -86.14
N PHE U 46 -46.38 -5.10 -85.32
CA PHE U 46 -47.17 -6.24 -85.78
C PHE U 46 -48.53 -5.80 -86.31
N GLU U 47 -49.07 -6.61 -87.21
CA GLU U 47 -50.38 -6.36 -87.81
C GLU U 47 -51.09 -7.70 -87.99
N THR U 48 -52.25 -7.85 -87.37
CA THR U 48 -53.03 -9.08 -87.42
C THR U 48 -54.34 -8.81 -88.14
N GLN U 49 -54.59 -9.55 -89.23
CA GLN U 49 -55.82 -9.40 -90.00
C GLN U 49 -56.52 -10.74 -90.15
N SER U 50 -57.57 -10.78 -90.96
CA SER U 50 -58.29 -12.03 -91.20
C SER U 50 -57.39 -13.05 -91.88
N CYS U 51 -57.62 -14.32 -91.57
CA CYS U 51 -56.80 -15.40 -92.11
C CYS U 51 -57.67 -16.62 -92.34
N GLU U 52 -57.21 -17.49 -93.25
CA GLU U 52 -57.93 -18.72 -93.57
C GLU U 52 -57.23 -19.88 -92.90
N PRO U 53 -57.81 -20.47 -91.85
CA PRO U 53 -57.16 -21.61 -91.18
C PRO U 53 -57.05 -22.81 -92.10
N THR U 54 -55.82 -23.25 -92.34
CA THR U 54 -55.56 -24.42 -93.18
C THR U 54 -55.20 -25.66 -92.36
N ARG U 55 -54.29 -25.53 -91.40
CA ARG U 55 -53.88 -26.64 -90.55
C ARG U 55 -54.75 -26.67 -89.30
N GLY U 56 -55.04 -27.89 -88.83
CA GLY U 56 -55.86 -28.04 -87.66
C GLY U 56 -55.17 -27.57 -86.40
N CYS U 57 -55.97 -27.09 -85.45
CA CYS U 57 -55.44 -26.60 -84.19
C CYS U 57 -54.91 -27.75 -83.35
N PRO U 58 -53.84 -27.54 -82.59
CA PRO U 58 -53.28 -28.61 -81.75
C PRO U 58 -54.14 -28.85 -80.52
N THR U 59 -54.50 -30.10 -80.28
CA THR U 59 -55.30 -30.46 -79.14
C THR U 59 -54.46 -30.39 -77.85
N GLU U 60 -55.15 -30.42 -76.72
CA GLU U 60 -54.49 -30.37 -75.43
C GLU U 60 -53.68 -31.64 -75.17
N GLU U 61 -52.71 -31.53 -74.28
CA GLU U 61 -51.84 -32.66 -73.96
C GLU U 61 -52.60 -33.69 -73.14
N GLY U 62 -52.23 -34.96 -73.33
CA GLY U 62 -52.87 -36.04 -72.62
C GLY U 62 -52.48 -36.05 -71.15
N CYS U 63 -53.47 -35.97 -70.26
CA CYS U 63 -53.24 -36.00 -68.82
C CYS U 63 -53.51 -37.42 -68.34
N GLY U 64 -52.53 -38.29 -68.54
CA GLY U 64 -52.68 -39.70 -68.22
C GLY U 64 -52.34 -40.07 -66.79
N GLU U 65 -53.34 -40.57 -66.05
CA GLU U 65 -53.16 -41.03 -64.68
C GLU U 65 -52.56 -39.94 -63.79
N ARG U 66 -52.99 -38.69 -64.02
CA ARG U 66 -52.47 -37.55 -63.30
C ARG U 66 -53.63 -36.67 -62.84
N PHE U 67 -53.60 -36.27 -61.58
CA PHE U 67 -54.62 -35.38 -61.03
C PHE U 67 -54.54 -34.01 -61.67
N ARG U 68 -55.58 -33.61 -62.41
CA ARG U 68 -55.59 -32.34 -63.10
C ARG U 68 -55.88 -31.20 -62.12
N CYS U 69 -55.13 -30.11 -62.25
CA CYS U 69 -55.32 -28.93 -61.42
C CYS U 69 -56.22 -27.92 -62.14
N PHE U 70 -56.46 -26.79 -61.47
CA PHE U 70 -57.28 -25.74 -62.07
C PHE U 70 -56.64 -25.19 -63.34
N SER U 71 -55.31 -25.12 -63.38
CA SER U 71 -54.63 -24.62 -64.57
C SER U 71 -54.45 -25.71 -65.62
N GLY U 72 -53.96 -26.88 -65.20
CA GLY U 72 -53.70 -27.97 -66.12
C GLY U 72 -52.38 -28.65 -65.87
N GLN U 73 -51.69 -28.23 -64.80
CA GLN U 73 -50.40 -28.82 -64.44
C GLN U 73 -50.64 -30.21 -63.87
N CYS U 74 -50.47 -31.23 -64.71
CA CYS U 74 -50.73 -32.61 -64.32
C CYS U 74 -49.49 -33.20 -63.66
N ILE U 75 -49.64 -33.62 -62.40
CA ILE U 75 -48.56 -34.23 -61.64
C ILE U 75 -49.00 -35.62 -61.20
N SER U 76 -48.06 -36.35 -60.61
CA SER U 76 -48.33 -37.71 -60.16
C SER U 76 -49.41 -37.72 -59.08
N LYS U 77 -50.11 -38.85 -58.99
CA LYS U 77 -51.20 -38.98 -58.02
C LYS U 77 -50.67 -39.18 -56.59
N SER U 78 -49.40 -39.54 -56.44
CA SER U 78 -48.84 -39.75 -55.11
C SER U 78 -48.78 -38.47 -54.30
N LEU U 79 -48.78 -37.30 -54.95
CA LEU U 79 -48.73 -36.03 -54.26
C LEU U 79 -50.07 -35.65 -53.63
N VAL U 80 -51.14 -36.39 -53.90
CA VAL U 80 -52.45 -36.06 -53.36
C VAL U 80 -52.43 -36.22 -51.84
N CYS U 81 -52.95 -35.22 -51.13
CA CYS U 81 -53.04 -35.23 -49.67
C CYS U 81 -51.66 -35.38 -49.03
N ASN U 82 -50.72 -34.55 -49.47
CA ASN U 82 -49.38 -34.51 -48.91
C ASN U 82 -49.18 -33.38 -47.91
N GLY U 83 -50.17 -32.52 -47.75
CA GLY U 83 -50.10 -31.43 -46.78
C GLY U 83 -49.07 -30.36 -47.11
N ASP U 84 -48.93 -30.02 -48.40
CA ASP U 84 -47.98 -29.00 -48.82
C ASP U 84 -48.41 -28.49 -50.19
N SER U 85 -47.57 -27.64 -50.78
CA SER U 85 -47.81 -27.11 -52.13
C SER U 85 -47.54 -28.22 -53.13
N ASP U 86 -48.52 -29.11 -53.28
CA ASP U 86 -48.36 -30.27 -54.13
C ASP U 86 -48.40 -29.89 -55.61
N CYS U 87 -49.49 -29.25 -56.04
CA CYS U 87 -49.60 -28.83 -57.42
C CYS U 87 -48.68 -27.66 -57.75
N ASP U 88 -48.28 -26.88 -56.74
CA ASP U 88 -47.39 -25.73 -56.83
C ASP U 88 -48.00 -24.56 -57.57
N GLU U 89 -49.22 -24.68 -58.09
CA GLU U 89 -49.90 -23.59 -58.76
C GLU U 89 -51.13 -23.11 -57.98
N ASP U 90 -52.03 -24.03 -57.63
CA ASP U 90 -53.20 -23.67 -56.85
C ASP U 90 -53.61 -24.88 -56.01
N SER U 91 -54.45 -24.62 -55.01
CA SER U 91 -54.97 -25.64 -54.11
C SER U 91 -56.40 -26.03 -54.44
N ALA U 92 -56.75 -26.02 -55.73
CA ALA U 92 -58.11 -26.32 -56.17
C ALA U 92 -58.56 -27.71 -55.74
N ASP U 93 -57.87 -28.74 -56.21
CA ASP U 93 -58.25 -30.12 -55.91
C ASP U 93 -58.16 -30.41 -54.43
N GLU U 94 -56.95 -30.38 -53.87
CA GLU U 94 -56.63 -30.54 -52.46
C GLU U 94 -56.93 -31.95 -51.94
N ASP U 95 -57.55 -32.80 -52.74
CA ASP U 95 -57.87 -34.19 -52.38
C ASP U 95 -58.64 -34.29 -51.06
N ARG U 96 -59.30 -33.22 -50.64
CA ARG U 96 -60.01 -33.15 -49.36
C ARG U 96 -59.13 -33.67 -48.22
N CYS U 97 -57.88 -33.20 -48.19
CA CYS U 97 -56.88 -33.71 -47.27
C CYS U 97 -57.11 -33.15 -45.87
N GLU U 98 -58.16 -33.67 -45.23
CA GLU U 98 -58.46 -33.28 -43.84
C GLU U 98 -57.54 -34.00 -42.88
N ASP U 99 -57.58 -35.33 -42.87
CA ASP U 99 -56.71 -36.15 -42.01
C ASP U 99 -55.39 -36.35 -42.73
N SER U 100 -54.47 -35.39 -42.53
CA SER U 100 -53.16 -35.42 -43.16
C SER U 100 -52.19 -36.13 -42.22
N GLU U 101 -51.93 -37.40 -42.50
CA GLU U 101 -51.04 -38.21 -41.67
C GLU U 101 -49.63 -38.17 -42.22
N ARG U 102 -48.75 -39.03 -41.69
CA ARG U 102 -47.37 -39.18 -42.13
C ARG U 102 -46.54 -37.92 -41.91
N ARG U 103 -46.94 -37.07 -40.98
CA ARG U 103 -46.23 -35.84 -40.62
C ARG U 103 -45.94 -34.99 -41.85
N PRO U 104 -46.95 -34.34 -42.42
CA PRO U 104 -46.72 -33.52 -43.63
C PRO U 104 -45.66 -32.46 -43.40
N SER U 105 -44.71 -32.39 -44.33
CA SER U 105 -43.62 -31.40 -44.36
C SER U 105 -42.66 -31.53 -43.18
N CYS U 106 -42.80 -32.57 -42.37
CA CYS U 106 -41.93 -32.86 -41.22
C CYS U 106 -41.57 -31.61 -40.42
N ASP U 107 -42.53 -30.73 -40.21
CA ASP U 107 -42.37 -29.49 -39.46
C ASP U 107 -41.32 -28.56 -40.08
N ILE U 108 -41.07 -28.68 -41.36
CA ILE U 108 -40.17 -27.76 -42.07
C ILE U 108 -40.98 -26.51 -42.42
N ASP U 109 -40.55 -25.36 -41.90
CA ASP U 109 -41.32 -24.13 -42.01
C ASP U 109 -40.80 -23.21 -43.12
N LYS U 110 -39.52 -22.86 -43.08
CA LYS U 110 -39.07 -21.77 -43.94
C LYS U 110 -38.28 -22.29 -45.14
N PRO U 111 -38.64 -21.85 -46.34
CA PRO U 111 -37.83 -22.15 -47.53
C PRO U 111 -36.72 -21.14 -47.66
N PRO U 112 -35.87 -21.25 -48.69
CA PRO U 112 -34.89 -20.20 -48.93
C PRO U 112 -35.59 -18.86 -49.14
N PRO U 113 -34.92 -17.75 -48.80
CA PRO U 113 -35.60 -16.45 -48.78
C PRO U 113 -36.19 -16.01 -50.12
N ASN U 114 -35.36 -15.91 -51.15
CA ASN U 114 -35.77 -15.41 -52.46
C ASN U 114 -35.24 -16.29 -53.57
N ILE U 115 -35.42 -17.61 -53.43
CA ILE U 115 -35.02 -18.54 -54.48
C ILE U 115 -35.83 -18.31 -55.76
N GLU U 116 -36.99 -17.67 -55.65
CA GLU U 116 -37.78 -17.35 -56.85
C GLU U 116 -37.04 -16.38 -57.76
N LEU U 117 -36.20 -15.51 -57.18
CA LEU U 117 -35.40 -14.61 -58.01
C LEU U 117 -34.40 -15.37 -58.85
N THR U 118 -33.76 -16.41 -58.28
CA THR U 118 -32.85 -17.24 -59.05
C THR U 118 -33.61 -18.07 -60.08
N GLY U 119 -34.78 -18.61 -59.68
CA GLY U 119 -35.60 -19.36 -60.63
C GLY U 119 -36.24 -18.51 -61.70
N ASN U 120 -36.26 -17.19 -61.51
CA ASN U 120 -36.86 -16.30 -62.49
C ASN U 120 -36.03 -16.24 -63.77
N GLY U 121 -36.68 -15.82 -64.85
CA GLY U 121 -36.01 -15.67 -66.13
C GLY U 121 -34.95 -14.57 -66.10
N TYR U 122 -34.17 -14.54 -67.17
CA TYR U 122 -33.07 -13.59 -67.29
C TYR U 122 -32.95 -13.11 -68.73
N ASN U 123 -32.63 -11.83 -68.89
CA ASN U 123 -32.37 -11.24 -70.20
C ASN U 123 -30.94 -10.72 -70.22
N GLU U 124 -30.26 -10.91 -71.36
CA GLU U 124 -28.86 -10.55 -71.50
C GLU U 124 -28.64 -9.18 -72.11
N LEU U 125 -29.46 -8.78 -73.08
CA LEU U 125 -29.27 -7.49 -73.73
C LEU U 125 -29.78 -6.32 -72.90
N THR U 126 -30.63 -6.58 -71.91
CA THR U 126 -31.16 -5.53 -71.05
C THR U 126 -30.65 -5.56 -69.62
N GLY U 127 -30.07 -6.68 -69.19
CA GLY U 127 -29.55 -6.78 -67.84
C GLY U 127 -30.59 -6.77 -66.75
N GLN U 128 -31.86 -6.99 -67.08
CA GLN U 128 -32.95 -6.99 -66.11
C GLN U 128 -33.55 -8.38 -66.02
N PHE U 129 -33.91 -8.79 -64.80
CA PHE U 129 -34.53 -10.08 -64.58
C PHE U 129 -35.93 -10.12 -65.18
N ARG U 130 -36.48 -11.33 -65.29
CA ARG U 130 -37.80 -11.53 -65.88
C ARG U 130 -38.69 -12.32 -64.93
N ASN U 131 -39.82 -12.81 -65.46
CA ASN U 131 -40.77 -13.54 -64.64
C ASN U 131 -40.22 -14.92 -64.27
N ARG U 132 -40.83 -15.50 -63.25
CA ARG U 132 -40.47 -16.85 -62.82
C ARG U 132 -40.80 -17.86 -63.92
N VAL U 133 -39.92 -18.84 -64.10
CA VAL U 133 -40.11 -19.89 -65.09
C VAL U 133 -40.09 -21.24 -64.40
N ILE U 134 -39.12 -21.45 -63.53
CA ILE U 134 -38.95 -22.73 -62.82
C ILE U 134 -39.61 -22.61 -61.46
N ASN U 135 -40.65 -23.41 -61.24
CA ASN U 135 -41.39 -23.39 -59.98
C ASN U 135 -40.61 -24.13 -58.90
N THR U 136 -39.76 -23.41 -58.16
CA THR U 136 -38.99 -24.01 -57.08
C THR U 136 -39.78 -24.14 -55.78
N LYS U 137 -40.98 -23.54 -55.72
CA LYS U 137 -41.80 -23.64 -54.50
C LYS U 137 -42.34 -25.05 -54.30
N SER U 138 -42.39 -25.87 -55.34
CA SER U 138 -42.84 -27.24 -55.20
C SER U 138 -41.84 -28.04 -54.37
N PHE U 139 -42.27 -29.24 -53.96
CA PHE U 139 -41.42 -30.11 -53.16
C PHE U 139 -41.38 -31.56 -53.63
N GLY U 140 -42.38 -32.02 -54.38
CA GLY U 140 -42.39 -33.40 -54.84
C GLY U 140 -42.53 -34.44 -53.75
N GLY U 141 -42.82 -34.04 -52.52
CA GLY U 141 -42.95 -34.96 -51.41
C GLY U 141 -41.66 -35.24 -50.67
N GLN U 142 -40.52 -35.13 -51.34
CA GLN U 142 -39.22 -35.42 -50.74
C GLN U 142 -38.76 -34.19 -49.97
N CYS U 143 -39.05 -34.16 -48.68
CA CYS U 143 -38.65 -33.05 -47.83
C CYS U 143 -37.13 -33.09 -47.58
N ARG U 144 -36.46 -31.99 -47.90
CA ARG U 144 -35.00 -31.89 -47.76
C ARG U 144 -34.69 -30.77 -46.76
N LYS U 145 -34.49 -31.14 -45.50
CA LYS U 145 -34.21 -30.17 -44.44
C LYS U 145 -32.74 -29.80 -44.50
N VAL U 146 -32.44 -28.64 -45.11
CA VAL U 146 -31.06 -28.17 -45.21
C VAL U 146 -30.57 -27.75 -43.84
N PHE U 147 -29.32 -28.09 -43.53
CA PHE U 147 -28.74 -27.72 -42.25
C PHE U 147 -28.52 -26.21 -42.16
N SER U 148 -28.43 -25.73 -40.92
CA SER U 148 -28.24 -24.30 -40.67
C SER U 148 -26.80 -23.90 -40.95
N GLY U 149 -26.57 -23.26 -42.10
CA GLY U 149 -25.26 -22.73 -42.40
C GLY U 149 -25.29 -21.24 -42.70
N ASP U 150 -24.72 -20.44 -41.78
CA ASP U 150 -24.65 -18.99 -41.92
C ASP U 150 -26.01 -18.39 -42.26
N GLY U 151 -27.04 -18.83 -41.54
CA GLY U 151 -28.38 -18.36 -41.81
C GLY U 151 -29.39 -18.64 -40.71
N LYS U 152 -30.61 -18.98 -41.10
CA LYS U 152 -31.70 -19.18 -40.15
C LYS U 152 -31.57 -20.55 -39.48
N ASP U 153 -32.61 -20.94 -38.73
CA ASP U 153 -32.58 -22.20 -38.02
C ASP U 153 -32.54 -23.39 -38.98
N PHE U 154 -33.44 -23.40 -39.96
CA PHE U 154 -33.50 -24.49 -40.93
C PHE U 154 -34.03 -23.95 -42.26
N TYR U 155 -33.84 -24.76 -43.30
CA TYR U 155 -34.32 -24.43 -44.63
C TYR U 155 -34.72 -25.71 -45.33
N ARG U 156 -35.70 -25.60 -46.23
CA ARG U 156 -36.24 -26.75 -46.95
C ARG U 156 -35.92 -26.62 -48.43
N LEU U 157 -35.27 -27.65 -48.97
CA LEU U 157 -34.95 -27.69 -50.39
C LEU U 157 -36.05 -28.42 -51.15
N SER U 158 -35.81 -28.72 -52.42
CA SER U 158 -36.79 -29.40 -53.26
C SER U 158 -36.08 -30.35 -54.20
N GLY U 159 -36.88 -31.09 -54.97
CA GLY U 159 -36.30 -32.02 -55.94
C GLY U 159 -35.68 -31.32 -57.12
N ASN U 160 -36.32 -30.25 -57.61
CA ASN U 160 -35.78 -29.52 -58.75
C ASN U 160 -34.51 -28.78 -58.40
N VAL U 161 -34.39 -28.30 -57.16
CA VAL U 161 -33.16 -27.65 -56.73
C VAL U 161 -32.08 -28.71 -56.51
N LEU U 162 -30.91 -28.48 -57.09
CA LEU U 162 -29.84 -29.47 -57.03
C LEU U 162 -28.94 -29.31 -55.81
N SER U 163 -28.74 -28.09 -55.32
CA SER U 163 -27.79 -27.89 -54.24
C SER U 163 -28.09 -26.59 -53.51
N TYR U 164 -27.69 -26.55 -52.24
CA TYR U 164 -27.64 -25.35 -51.44
C TYR U 164 -26.27 -25.28 -50.78
N THR U 165 -25.71 -24.06 -50.73
CA THR U 165 -24.33 -23.89 -50.30
C THR U 165 -24.28 -22.92 -49.11
N PHE U 166 -23.38 -23.20 -48.17
CA PHE U 166 -23.19 -22.36 -46.99
C PHE U 166 -21.77 -21.83 -46.90
N GLN U 167 -21.15 -21.55 -48.05
CA GLN U 167 -19.80 -21.02 -48.12
C GLN U 167 -19.88 -19.53 -48.39
N VAL U 168 -19.55 -18.72 -47.37
CA VAL U 168 -19.64 -17.28 -47.46
C VAL U 168 -18.31 -16.73 -47.96
N LYS U 169 -18.32 -16.19 -49.18
CA LYS U 169 -17.13 -15.60 -49.79
C LYS U 169 -17.49 -14.21 -50.29
N ILE U 170 -16.78 -13.19 -49.80
CA ILE U 170 -17.03 -11.81 -50.17
C ILE U 170 -15.72 -11.17 -50.61
N ASN U 171 -15.79 -10.30 -51.61
CA ASN U 171 -14.63 -9.58 -52.13
C ASN U 171 -14.87 -8.08 -52.01
N ASN U 172 -13.83 -7.30 -52.32
CA ASN U 172 -13.90 -5.85 -52.24
C ASN U 172 -12.76 -5.25 -53.05
N ASP U 173 -12.92 -3.96 -53.37
CA ASP U 173 -11.91 -3.23 -54.10
C ASP U 173 -12.08 -1.74 -53.79
N PHE U 174 -10.96 -1.02 -53.82
CA PHE U 174 -10.97 0.41 -53.51
C PHE U 174 -9.91 1.11 -54.35
N ASN U 175 -10.23 2.34 -54.78
CA ASN U 175 -9.32 3.17 -55.57
C ASN U 175 -9.52 4.62 -55.12
N TYR U 176 -8.68 5.05 -54.19
CA TYR U 176 -8.74 6.41 -53.64
C TYR U 176 -7.61 7.25 -54.20
N GLU U 177 -7.89 8.51 -54.49
CA GLU U 177 -6.93 9.44 -55.05
C GLU U 177 -6.97 10.76 -54.29
N PHE U 178 -5.85 11.47 -54.31
CA PHE U 178 -5.74 12.80 -53.71
C PHE U 178 -4.62 13.56 -54.39
N TYR U 179 -4.86 14.85 -54.65
CA TYR U 179 -3.87 15.67 -55.34
C TYR U 179 -4.06 17.12 -54.95
N ASN U 180 -3.13 17.96 -55.42
CA ASN U 180 -3.17 19.40 -55.23
C ASN U 180 -2.18 20.08 -56.17
N SER U 181 -2.63 21.09 -56.90
CA SER U 181 -1.79 21.88 -57.77
C SER U 181 -1.94 23.34 -57.40
N THR U 182 -0.83 23.98 -57.03
CA THR U 182 -0.84 25.36 -56.55
C THR U 182 0.15 26.18 -57.35
N TRP U 183 -0.25 27.40 -57.69
CA TRP U 183 0.58 28.32 -58.46
C TRP U 183 0.61 29.67 -57.76
N SER U 184 1.78 30.33 -57.80
CA SER U 184 1.94 31.63 -57.18
C SER U 184 2.96 32.42 -57.98
N TYR U 185 2.51 33.46 -58.68
CA TYR U 185 3.36 34.33 -59.47
C TYR U 185 3.22 35.76 -58.95
N VAL U 186 4.35 36.38 -58.61
CA VAL U 186 4.39 37.74 -58.09
C VAL U 186 5.44 38.52 -58.87
N LYS U 187 5.10 39.74 -59.25
CA LYS U 187 5.99 40.61 -60.01
C LYS U 187 5.89 42.03 -59.49
N HIS U 188 7.02 42.72 -59.45
CA HIS U 188 7.08 44.09 -58.93
C HIS U 188 8.13 44.87 -59.71
N THR U 189 7.89 46.19 -59.81
CA THR U 189 8.81 47.07 -60.50
C THR U 189 8.71 48.47 -59.87
N SER U 190 9.83 49.19 -59.90
CA SER U 190 9.87 50.53 -59.33
C SER U 190 10.95 51.34 -60.06
N THR U 191 10.56 52.46 -60.64
CA THR U 191 11.47 53.33 -61.38
C THR U 191 11.26 54.77 -60.93
N GLU U 192 12.35 55.46 -60.60
CA GLU U 192 12.30 56.84 -60.17
C GLU U 192 13.36 57.64 -60.92
N HIS U 193 12.94 58.79 -61.46
CA HIS U 193 13.83 59.65 -62.23
C HIS U 193 13.67 61.09 -61.76
N THR U 194 14.79 61.76 -61.50
CA THR U 194 14.79 63.15 -61.06
C THR U 194 15.94 63.88 -61.72
N SER U 195 15.67 65.08 -62.24
CA SER U 195 16.66 65.89 -62.92
C SER U 195 16.38 67.36 -62.66
N SER U 196 17.41 68.11 -62.32
CA SER U 196 17.27 69.54 -62.04
C SER U 196 18.45 70.28 -62.67
N SER U 197 18.14 71.34 -63.42
CA SER U 197 19.14 72.15 -64.08
C SER U 197 18.91 73.61 -63.74
N ARG U 198 19.94 74.28 -63.22
CA ARG U 198 19.87 75.67 -62.83
C ARG U 198 21.06 76.42 -63.43
N LYS U 199 20.77 77.50 -64.16
CA LYS U 199 21.80 78.31 -64.79
C LYS U 199 21.50 79.78 -64.54
N ARG U 200 22.49 80.50 -64.00
CA ARG U 200 22.34 81.92 -63.71
C ARG U 200 23.63 82.64 -64.06
N SER U 201 23.50 83.82 -64.67
CA SER U 201 24.66 84.61 -65.07
C SER U 201 24.27 86.08 -65.03
N PHE U 202 24.90 86.83 -64.13
CA PHE U 202 24.63 88.26 -64.01
C PHE U 202 25.89 89.09 -64.30
N PHE U 203 20.26 87.76 -62.02
CA PHE U 203 19.49 86.68 -62.64
C PHE U 203 19.56 85.41 -61.79
N ARG U 204 18.42 84.75 -61.62
CA ARG U 204 18.32 83.54 -60.84
C ARG U 204 17.33 82.59 -61.49
N SER U 205 17.68 81.30 -61.52
CA SER U 205 16.85 80.27 -62.11
C SER U 205 16.80 79.07 -61.17
N SER U 206 15.60 78.48 -61.04
CA SER U 206 15.41 77.32 -60.19
C SER U 206 14.52 76.32 -60.90
N SER U 207 14.92 75.05 -60.88
CA SER U 207 14.16 73.98 -61.53
C SER U 207 14.24 72.72 -60.68
N SER U 208 13.11 72.03 -60.56
CA SER U 208 13.04 70.79 -59.79
C SER U 208 12.03 69.86 -60.43
N SER U 209 12.41 68.60 -60.58
CA SER U 209 11.54 67.59 -61.18
C SER U 209 11.71 66.27 -60.44
N SER U 210 10.59 65.63 -60.13
CA SER U 210 10.60 64.35 -59.43
C SER U 210 9.56 63.42 -60.04
N ARG U 211 9.95 62.17 -60.25
CA ARG U 211 9.07 61.16 -60.82
C ARG U 211 9.17 59.89 -59.99
N SER U 212 8.01 59.30 -59.70
CA SER U 212 7.91 58.09 -58.90
C SER U 212 6.97 57.11 -59.58
N TYR U 213 7.39 55.85 -59.66
CA TYR U 213 6.58 54.81 -60.28
C TYR U 213 6.72 53.54 -59.45
N THR U 214 5.59 52.93 -59.11
CA THR U 214 5.57 51.71 -58.32
C THR U 214 4.41 50.84 -58.79
N SER U 215 4.71 49.59 -59.17
CA SER U 215 3.70 48.66 -59.64
C SER U 215 3.97 47.29 -59.05
N HIS U 216 2.92 46.63 -58.60
CA HIS U 216 3.00 45.30 -58.00
C HIS U 216 1.93 44.42 -58.62
N THR U 217 2.31 43.20 -58.99
CA THR U 217 1.40 42.25 -59.61
C THR U 217 1.64 40.88 -59.01
N ASN U 218 0.60 40.30 -58.42
CA ASN U 218 0.69 38.97 -57.81
C ASN U 218 -0.53 38.15 -58.19
N GLU U 219 -0.32 36.87 -58.44
CA GLU U 219 -1.39 35.96 -58.83
C GLU U 219 -1.21 34.63 -58.11
N ILE U 220 -2.33 34.04 -57.69
CA ILE U 220 -2.35 32.76 -57.00
C ILE U 220 -3.38 31.87 -57.66
N HIS U 221 -2.97 30.65 -58.02
CA HIS U 221 -3.86 29.69 -58.68
C HIS U 221 -3.67 28.34 -58.01
N LYS U 222 -4.75 27.81 -57.42
CA LYS U 222 -4.69 26.52 -56.74
C LYS U 222 -5.94 25.73 -57.06
N GLY U 223 -5.77 24.44 -57.34
CA GLY U 223 -6.89 23.58 -57.66
C GLY U 223 -6.50 22.12 -57.54
N LYS U 224 -7.47 21.28 -57.18
CA LYS U 224 -7.23 19.86 -57.02
C LYS U 224 -8.37 19.08 -57.65
N SER U 225 -8.06 17.86 -58.08
CA SER U 225 -9.04 16.94 -58.66
C SER U 225 -8.70 15.53 -58.21
N TYR U 226 -9.65 14.87 -57.55
CA TYR U 226 -9.44 13.52 -57.05
C TYR U 226 -10.74 12.73 -57.15
N GLN U 227 -10.61 11.41 -57.33
CA GLN U 227 -11.75 10.52 -57.43
C GLN U 227 -11.58 9.36 -56.46
N LEU U 228 -12.71 8.82 -56.01
CA LEU U 228 -12.74 7.71 -55.06
C LEU U 228 -13.60 6.60 -55.65
N LEU U 229 -12.97 5.58 -56.21
CA LEU U 229 -13.66 4.44 -56.79
C LEU U 229 -13.64 3.28 -55.80
N VAL U 230 -14.79 2.64 -55.62
CA VAL U 230 -14.93 1.52 -54.70
C VAL U 230 -15.86 0.48 -55.30
N VAL U 231 -15.53 -0.79 -55.10
CA VAL U 231 -16.33 -1.90 -55.59
C VAL U 231 -16.30 -3.01 -54.55
N GLU U 232 -17.47 -3.47 -54.11
CA GLU U 232 -17.60 -4.50 -53.10
C GLU U 232 -18.55 -5.58 -53.61
N ASN U 233 -18.71 -6.62 -52.79
CA ASN U 233 -19.58 -7.74 -53.15
C ASN U 233 -19.93 -8.51 -51.88
N THR U 234 -21.22 -8.78 -51.68
CA THR U 234 -21.68 -9.51 -50.51
C THR U 234 -21.24 -10.97 -50.59
N VAL U 235 -21.58 -11.74 -49.56
CA VAL U 235 -21.21 -13.14 -49.49
C VAL U 235 -22.28 -13.98 -50.18
N GLU U 236 -23.48 -14.01 -49.60
CA GLU U 236 -24.63 -14.70 -50.16
C GLU U 236 -24.29 -16.15 -50.52
N VAL U 237 -23.99 -16.91 -49.46
CA VAL U 237 -23.51 -18.29 -49.56
C VAL U 237 -24.43 -19.16 -50.42
N ALA U 238 -25.71 -18.77 -50.52
CA ALA U 238 -26.66 -19.55 -51.30
C ALA U 238 -26.28 -19.54 -52.78
N GLN U 239 -26.88 -20.47 -53.52
CA GLN U 239 -26.56 -20.64 -54.93
C GLN U 239 -27.78 -21.16 -55.68
N PHE U 240 -27.69 -21.15 -57.01
CA PHE U 240 -28.76 -21.63 -57.88
C PHE U 240 -28.29 -22.81 -58.70
N ILE U 241 -27.64 -23.78 -58.05
CA ILE U 241 -26.96 -24.88 -58.72
C ILE U 241 -27.94 -25.86 -59.35
N ASN U 242 -29.23 -25.56 -59.27
CA ASN U 242 -30.28 -26.43 -59.81
C ASN U 242 -29.95 -26.91 -61.22
N ASN U 243 -30.05 -28.22 -61.42
CA ASN U 243 -29.65 -28.84 -62.67
C ASN U 243 -30.72 -28.66 -63.75
N ASN U 244 -30.26 -28.60 -65.00
CA ASN U 244 -31.15 -28.38 -66.14
C ASN U 244 -31.90 -29.65 -66.56
N PRO U 245 -31.21 -30.79 -66.86
CA PRO U 245 -31.95 -31.92 -67.43
C PRO U 245 -32.76 -32.71 -66.42
N GLU U 246 -34.07 -32.48 -66.42
CA GLU U 246 -35.05 -33.16 -65.57
C GLU U 246 -36.42 -32.68 -66.01
N PHE U 247 -37.46 -33.24 -65.38
CA PHE U 247 -38.82 -32.75 -65.57
C PHE U 247 -39.08 -31.61 -64.58
N LEU U 248 -38.44 -30.48 -64.87
CA LEU U 248 -38.57 -29.31 -64.03
C LEU U 248 -40.01 -28.80 -64.04
N GLN U 249 -40.59 -28.67 -62.85
CA GLN U 249 -41.97 -28.19 -62.71
C GLN U 249 -42.03 -26.73 -63.17
N LEU U 250 -42.66 -26.51 -64.32
CA LEU U 250 -42.77 -25.17 -64.87
C LEU U 250 -43.86 -24.39 -64.14
N ALA U 251 -43.77 -23.06 -64.22
CA ALA U 251 -44.74 -22.20 -63.57
C ALA U 251 -46.06 -22.21 -64.34
N GLU U 252 -47.14 -21.90 -63.63
CA GLU U 252 -48.46 -21.84 -64.26
C GLU U 252 -48.52 -20.85 -65.42
N PRO U 253 -48.12 -19.58 -65.26
CA PRO U 253 -48.17 -18.67 -66.42
C PRO U 253 -47.24 -19.08 -67.54
N PHE U 254 -46.04 -19.56 -67.20
CA PHE U 254 -45.09 -19.98 -68.23
C PHE U 254 -45.66 -21.14 -69.05
N TRP U 255 -46.16 -22.18 -68.37
CA TRP U 255 -46.73 -23.32 -69.08
C TRP U 255 -47.97 -22.91 -69.88
N LYS U 256 -48.79 -22.01 -69.32
CA LYS U 256 -49.99 -21.58 -70.02
C LYS U 256 -49.64 -20.83 -71.31
N GLU U 257 -48.66 -19.92 -71.23
CA GLU U 257 -48.25 -19.18 -72.43
C GLU U 257 -47.56 -20.09 -73.43
N LEU U 258 -46.80 -21.08 -72.96
CA LEU U 258 -46.19 -22.04 -73.87
C LEU U 258 -47.24 -22.90 -74.57
N SER U 259 -48.33 -23.23 -73.88
CA SER U 259 -49.40 -24.02 -74.49
C SER U 259 -50.24 -23.19 -75.45
N HIS U 260 -50.44 -21.91 -75.14
CA HIS U 260 -51.21 -21.03 -76.02
C HIS U 260 -50.46 -20.67 -77.30
N LEU U 261 -49.22 -21.10 -77.45
CA LEU U 261 -48.50 -20.83 -78.69
C LEU U 261 -49.09 -21.65 -79.83
N PRO U 262 -49.32 -21.06 -81.00
CA PRO U 262 -49.90 -21.82 -82.11
C PRO U 262 -48.95 -22.87 -82.62
N SER U 263 -49.53 -23.94 -83.18
CA SER U 263 -48.73 -25.01 -83.77
C SER U 263 -47.89 -24.48 -84.93
N LEU U 264 -48.53 -23.83 -85.89
CA LEU U 264 -47.82 -23.26 -87.02
C LEU U 264 -46.93 -22.10 -86.56
N TYR U 265 -45.85 -21.88 -87.31
CA TYR U 265 -44.89 -20.84 -86.95
C TYR U 265 -45.54 -19.46 -87.03
N ASP U 266 -45.61 -18.78 -85.88
CA ASP U 266 -46.16 -17.43 -85.80
C ASP U 266 -45.24 -16.61 -84.90
N TYR U 267 -44.55 -15.64 -85.52
CA TYR U 267 -43.60 -14.81 -84.77
C TYR U 267 -44.30 -13.86 -83.81
N SER U 268 -45.58 -13.57 -84.01
CA SER U 268 -46.28 -12.59 -83.17
C SER U 268 -46.34 -13.05 -81.72
N ALA U 269 -46.85 -14.25 -81.48
CA ALA U 269 -46.99 -14.75 -80.11
C ALA U 269 -45.62 -15.02 -79.48
N TYR U 270 -44.69 -15.57 -80.26
CA TYR U 270 -43.36 -15.87 -79.72
C TYR U 270 -42.59 -14.60 -79.37
N ARG U 271 -42.86 -13.50 -80.07
CA ARG U 271 -42.22 -12.24 -79.74
C ARG U 271 -42.68 -11.74 -78.37
N ARG U 272 -43.99 -11.76 -78.13
CA ARG U 272 -44.51 -11.36 -76.83
C ARG U 272 -44.05 -12.32 -75.73
N LEU U 273 -43.96 -13.61 -76.05
CA LEU U 273 -43.46 -14.57 -75.06
C LEU U 273 -42.02 -14.29 -74.69
N ILE U 274 -41.17 -13.99 -75.69
CA ILE U 274 -39.77 -13.69 -75.41
C ILE U 274 -39.64 -12.37 -74.67
N ASP U 275 -40.53 -11.41 -74.95
CA ASP U 275 -40.51 -10.15 -74.22
C ASP U 275 -40.89 -10.34 -72.75
N GLN U 276 -41.92 -11.14 -72.50
CA GLN U 276 -42.39 -11.31 -71.13
C GLN U 276 -41.45 -12.18 -70.31
N TYR U 277 -40.90 -13.24 -70.91
CA TYR U 277 -40.13 -14.22 -70.17
C TYR U 277 -38.62 -14.07 -70.34
N GLY U 278 -38.15 -13.40 -71.38
CA GLY U 278 -36.74 -13.18 -71.55
C GLY U 278 -36.11 -14.05 -72.61
N THR U 279 -34.81 -14.33 -72.47
CA THR U 279 -34.07 -15.14 -73.43
C THR U 279 -33.31 -16.30 -72.82
N HIS U 280 -33.01 -16.27 -71.52
CA HIS U 280 -32.22 -17.32 -70.89
C HIS U 280 -32.68 -17.51 -69.45
N TYR U 281 -32.36 -18.68 -68.90
CA TYR U 281 -32.63 -18.99 -67.50
C TYR U 281 -31.35 -19.43 -66.82
N LEU U 282 -31.32 -19.26 -65.50
CA LEU U 282 -30.10 -19.49 -64.73
C LEU U 282 -29.86 -20.99 -64.53
N GLN U 283 -28.61 -21.41 -64.72
CA GLN U 283 -28.19 -22.80 -64.49
C GLN U 283 -27.51 -22.98 -63.15
N SER U 284 -26.51 -22.15 -62.85
CA SER U 284 -25.76 -22.26 -61.60
C SER U 284 -24.94 -20.99 -61.42
N GLY U 285 -24.49 -20.78 -60.20
CA GLY U 285 -23.69 -19.62 -59.86
C GLY U 285 -24.05 -19.09 -58.49
N SER U 286 -23.13 -18.31 -57.91
CA SER U 286 -23.35 -17.73 -56.60
C SER U 286 -24.34 -16.56 -56.72
N LEU U 287 -24.63 -15.93 -55.58
CA LEU U 287 -25.56 -14.82 -55.52
C LEU U 287 -24.91 -13.58 -54.91
N GLY U 288 -23.63 -13.36 -55.20
CA GLY U 288 -22.93 -12.26 -54.59
C GLY U 288 -23.52 -10.92 -54.98
N GLY U 289 -23.57 -10.00 -54.02
CA GLY U 289 -24.12 -8.68 -54.24
C GLY U 289 -23.15 -7.75 -54.95
N GLU U 290 -23.59 -6.51 -55.10
CA GLU U 290 -22.78 -5.49 -55.76
C GLU U 290 -22.86 -4.20 -54.95
N TYR U 291 -21.72 -3.52 -54.85
CA TYR U 291 -21.65 -2.25 -54.13
C TYR U 291 -20.58 -1.39 -54.81
N ARG U 292 -21.02 -0.50 -55.70
CA ARG U 292 -20.12 0.39 -56.41
C ARG U 292 -20.29 1.82 -55.90
N VAL U 293 -19.21 2.59 -55.96
CA VAL U 293 -19.21 3.97 -55.50
C VAL U 293 -18.22 4.76 -56.36
N LEU U 294 -18.69 5.88 -56.91
CA LEU U 294 -17.87 6.74 -57.75
C LEU U 294 -18.16 8.19 -57.39
N PHE U 295 -17.18 8.87 -56.80
CA PHE U 295 -17.31 10.26 -56.40
C PHE U 295 -16.18 11.06 -57.01
N TYR U 296 -16.53 12.14 -57.71
CA TYR U 296 -15.56 13.00 -58.37
C TYR U 296 -15.66 14.41 -57.79
N VAL U 297 -14.50 14.96 -57.40
CA VAL U 297 -14.41 16.30 -56.84
C VAL U 297 -13.50 17.13 -57.72
N ASP U 298 -13.99 18.28 -58.17
CA ASP U 298 -13.25 19.20 -59.03
C ASP U 298 -13.16 20.54 -58.32
N SER U 299 -12.13 20.71 -57.49
CA SER U 299 -11.92 21.95 -56.76
C SER U 299 -11.01 22.86 -57.57
N GLU U 300 -11.43 24.12 -57.74
CA GLU U 300 -10.68 25.10 -58.51
C GLU U 300 -10.76 26.45 -57.82
N LYS U 301 -9.62 27.12 -57.67
CA LYS U 301 -9.56 28.44 -57.06
C LYS U 301 -8.62 29.31 -57.87
N LEU U 302 -9.08 30.51 -58.22
CA LEU U 302 -8.33 31.45 -59.03
C LEU U 302 -8.25 32.79 -58.31
N LYS U 303 -7.06 33.36 -58.22
CA LYS U 303 -6.84 34.64 -57.57
C LYS U 303 -5.92 35.49 -58.43
N GLN U 304 -6.34 36.72 -58.69
CA GLN U 304 -5.56 37.66 -59.50
C GLN U 304 -5.68 39.04 -58.89
N ASN U 305 -4.54 39.73 -58.75
CA ASN U 305 -4.49 41.06 -58.15
C ASN U 305 -3.48 41.90 -58.92
N ASP U 306 -3.88 43.12 -59.26
CA ASP U 306 -3.03 44.04 -60.01
C ASP U 306 -2.98 45.38 -59.29
N PHE U 307 -1.77 45.93 -59.17
CA PHE U 307 -1.56 47.22 -58.50
C PHE U 307 -0.62 48.06 -59.33
N ASN U 308 -1.01 49.29 -59.63
CA ASN U 308 -0.20 50.22 -60.40
C ASN U 308 -0.39 51.63 -59.86
N SER U 309 0.72 52.32 -59.62
CA SER U 309 0.69 53.68 -59.09
C SER U 309 1.68 54.54 -59.85
N VAL U 310 1.24 55.73 -60.27
CA VAL U 310 2.06 56.66 -61.02
C VAL U 310 1.99 58.01 -60.32
N GLU U 311 3.16 58.60 -60.03
CA GLU U 311 3.23 59.90 -59.37
C GLU U 311 4.27 60.75 -60.08
N GLU U 312 3.87 61.96 -60.45
CA GLU U 312 4.76 62.88 -61.16
C GLU U 312 4.60 64.28 -60.56
N LYS U 313 5.72 64.92 -60.26
CA LYS U 313 5.72 66.26 -59.68
C LYS U 313 6.79 67.10 -60.33
N LYS U 314 6.41 68.27 -60.82
CA LYS U 314 7.35 69.19 -61.47
C LYS U 314 7.05 70.61 -61.02
N CYS U 315 8.10 71.34 -60.67
CA CYS U 315 7.97 72.74 -60.26
C CYS U 315 9.10 73.54 -60.86
N LYS U 316 8.77 74.71 -61.42
CA LYS U 316 9.76 75.59 -62.04
C LYS U 316 9.47 77.01 -61.61
N SER U 317 10.53 77.73 -61.23
CA SER U 317 10.42 79.12 -60.79
C SER U 317 11.61 79.90 -61.31
N SER U 318 11.34 81.08 -61.87
CA SER U 318 12.39 81.93 -62.42
C SER U 318 12.15 83.37 -61.99
N GLY U 319 13.23 84.05 -61.60
CA GLY U 319 13.16 85.44 -61.18
C GLY U 319 14.31 86.27 -61.69
N TRP U 320 14.00 87.44 -62.24
CA TRP U 320 15.00 88.34 -62.79
C TRP U 320 14.70 89.76 -62.36
N HIS U 321 15.73 90.46 -61.88
CA HIS U 321 15.59 91.83 -61.43
C HIS U 321 16.80 92.63 -61.89
N PHE U 322 16.55 93.83 -62.41
CA PHE U 322 17.62 94.69 -62.90
C PHE U 322 17.45 96.12 -62.41
N VAL U 323 14.62 100.91 -60.22
CA VAL U 323 14.44 99.72 -59.38
C VAL U 323 13.33 98.84 -59.95
N VAL U 324 13.70 97.65 -60.42
CA VAL U 324 12.76 96.70 -60.99
C VAL U 324 12.92 95.38 -60.26
N LYS U 325 11.80 94.80 -59.83
CA LYS U 325 11.80 93.53 -59.13
C LYS U 325 10.71 92.64 -59.70
N PHE U 326 11.06 91.39 -59.98
CA PHE U 326 10.12 90.42 -60.54
C PHE U 326 10.37 89.06 -59.92
N SER U 327 9.30 88.38 -59.54
CA SER U 327 9.38 87.07 -58.92
C SER U 327 8.21 86.22 -59.40
N SER U 328 8.50 84.96 -59.74
CA SER U 328 7.49 84.02 -60.18
C SER U 328 7.76 82.66 -59.55
N HIS U 329 6.73 82.08 -58.93
CA HIS U 329 6.85 80.79 -58.27
C HIS U 329 5.60 79.97 -58.56
N GLY U 330 5.79 78.79 -59.15
CA GLY U 330 4.67 77.90 -59.44
C GLY U 330 5.07 76.45 -59.48
N CYS U 331 4.36 75.61 -58.71
CA CYS U 331 4.64 74.19 -58.64
C CYS U 331 3.41 73.40 -59.08
N LYS U 332 3.65 72.18 -59.56
CA LYS U 332 2.59 71.27 -59.97
C LYS U 332 2.86 69.88 -59.41
N GLU U 333 1.81 69.25 -58.88
CA GLU U 333 1.92 67.93 -58.29
C GLU U 333 0.79 67.04 -58.80
N LEU U 334 1.13 65.81 -59.16
CA LEU U 334 0.16 64.84 -59.66
C LEU U 334 0.43 63.49 -59.03
N GLU U 335 -0.63 62.85 -58.53
CA GLU U 335 -0.52 61.55 -57.90
C GLU U 335 -1.76 60.71 -58.26
N ASN U 336 -1.53 59.45 -58.63
CA ASN U 336 -2.61 58.56 -59.00
C ASN U 336 -2.24 57.14 -58.62
N ALA U 337 -3.21 56.41 -58.07
CA ALA U 337 -3.01 55.03 -57.67
C ALA U 337 -4.28 54.23 -57.92
N LEU U 338 -4.12 53.04 -58.50
CA LEU U 338 -5.24 52.15 -58.80
C LEU U 338 -4.90 50.74 -58.31
N LYS U 339 -5.89 50.09 -57.71
CA LYS U 339 -5.73 48.72 -57.23
C LYS U 339 -7.01 47.95 -57.51
N ALA U 340 -6.86 46.76 -58.09
CA ALA U 340 -7.99 45.91 -58.42
C ALA U 340 -7.61 44.46 -58.15
N ALA U 341 -8.46 43.76 -57.40
CA ALA U 341 -8.22 42.36 -57.03
C ALA U 341 -9.49 41.56 -57.30
N SER U 342 -9.33 40.40 -57.93
CA SER U 342 -10.45 39.54 -58.27
C SER U 342 -10.10 38.10 -57.94
N GLY U 343 -11.04 37.39 -57.35
CA GLY U 343 -10.84 35.99 -56.99
C GLY U 343 -12.02 35.14 -57.38
N THR U 344 -11.73 33.98 -57.96
CA THR U 344 -12.76 33.05 -58.43
C THR U 344 -12.61 31.74 -57.68
N GLN U 345 -13.71 31.29 -57.07
CA GLN U 345 -13.75 30.02 -56.34
C GLN U 345 -14.87 29.17 -56.90
N ASN U 346 -14.54 27.93 -57.27
CA ASN U 346 -15.51 27.01 -57.85
C ASN U 346 -15.09 25.59 -57.55
N ASN U 347 -15.89 24.88 -56.76
CA ASN U 347 -15.62 23.49 -56.41
C ASN U 347 -16.93 22.72 -56.43
N VAL U 348 -16.98 21.66 -57.25
CA VAL U 348 -18.18 20.84 -57.40
C VAL U 348 -17.78 19.39 -57.17
N LEU U 349 -18.37 18.77 -56.15
CA LEU U 349 -18.11 17.37 -55.82
C LEU U 349 -19.43 16.63 -55.73
N ARG U 350 -19.60 15.62 -56.57
CA ARG U 350 -20.83 14.84 -56.61
C ARG U 350 -20.51 13.36 -56.45
N GLY U 351 -21.33 12.67 -55.67
CA GLY U 351 -21.17 11.24 -55.49
C GLY U 351 -22.49 10.51 -55.70
N GLU U 352 -22.39 9.29 -56.25
CA GLU U 352 -23.56 8.47 -56.55
C GLU U 352 -23.30 7.05 -56.02
N PRO U 353 -23.50 6.84 -54.73
CA PRO U 353 -23.31 5.49 -54.18
C PRO U 353 -24.37 4.53 -54.69
N PHE U 354 -23.98 3.26 -54.81
CA PHE U 354 -24.86 2.19 -55.28
C PHE U 354 -24.75 1.03 -54.29
N ILE U 355 -25.73 0.92 -53.40
CA ILE U 355 -25.75 -0.12 -52.37
C ILE U 355 -26.92 -1.04 -52.68
N ARG U 356 -26.65 -2.15 -53.36
CA ARG U 356 -27.69 -3.12 -53.70
C ARG U 356 -27.53 -4.41 -52.91
N GLY U 359 -29.78 -6.33 -48.30
CA GLY U 359 -30.20 -5.17 -47.54
C GLY U 359 -31.14 -4.25 -48.31
N ALA U 360 -32.44 -4.51 -48.19
CA ALA U 360 -33.43 -3.70 -48.88
C ALA U 360 -33.51 -2.30 -48.27
N GLY U 361 -33.84 -2.23 -46.98
CA GLY U 361 -33.94 -0.94 -46.33
C GLY U 361 -32.59 -0.28 -46.10
N PHE U 362 -31.58 -1.08 -45.77
CA PHE U 362 -30.24 -0.56 -45.53
C PHE U 362 -29.55 -0.08 -46.79
N ILE U 363 -30.13 -0.32 -47.97
CA ILE U 363 -29.51 0.13 -49.21
C ILE U 363 -29.51 1.65 -49.30
N SER U 364 -30.56 2.28 -48.80
CA SER U 364 -30.65 3.74 -48.85
C SER U 364 -29.72 4.42 -47.86
N GLY U 365 -29.34 3.72 -46.78
CA GLY U 365 -28.47 4.32 -45.79
C GLY U 365 -27.09 4.65 -46.34
N LEU U 366 -26.48 3.69 -47.03
CA LEU U 366 -25.17 3.93 -47.64
C LEU U 366 -25.23 4.99 -48.72
N SER U 367 -26.36 5.07 -49.45
CA SER U 367 -26.50 6.09 -50.48
C SER U 367 -26.65 7.48 -49.88
N TYR U 368 -27.39 7.60 -48.77
CA TYR U 368 -27.57 8.90 -48.13
C TYR U 368 -26.33 9.33 -47.36
N LEU U 369 -25.55 8.38 -46.84
CA LEU U 369 -24.35 8.71 -46.08
C LEU U 369 -23.25 9.30 -46.93
N GLU U 370 -23.37 9.26 -48.26
CA GLU U 370 -22.34 9.82 -49.13
C GLU U 370 -22.27 11.34 -49.10
N LEU U 371 -23.23 11.99 -48.45
CA LEU U 371 -23.26 13.46 -48.38
C LEU U 371 -22.24 13.91 -47.34
N ASP U 372 -21.09 14.40 -47.81
CA ASP U 372 -19.99 14.93 -47.01
C ASP U 372 -19.15 13.83 -46.36
N ASN U 373 -19.50 12.55 -46.51
CA ASN U 373 -18.75 11.45 -45.94
C ASN U 373 -18.37 10.47 -47.05
N PRO U 374 -17.20 10.63 -47.66
CA PRO U 374 -16.80 9.71 -48.73
C PRO U 374 -16.53 8.30 -48.22
N ALA U 375 -15.83 8.20 -47.09
CA ALA U 375 -15.51 6.89 -46.52
C ALA U 375 -16.76 6.28 -45.92
N GLY U 376 -16.97 5.00 -46.18
CA GLY U 376 -18.14 4.31 -45.65
C GLY U 376 -17.96 3.97 -44.18
N ASN U 377 -19.06 4.10 -43.43
CA ASN U 377 -19.04 3.78 -42.01
C ASN U 377 -18.86 2.28 -41.81
N LYS U 378 -17.99 1.91 -40.87
CA LYS U 378 -17.73 0.51 -40.60
C LYS U 378 -18.98 -0.19 -40.07
N ARG U 379 -19.65 0.42 -39.09
CA ARG U 379 -20.86 -0.18 -38.54
C ARG U 379 -21.96 -0.27 -39.59
N ARG U 380 -22.12 0.78 -40.40
CA ARG U 380 -23.11 0.76 -41.46
C ARG U 380 -22.78 -0.29 -42.51
N TYR U 381 -21.49 -0.46 -42.81
CA TYR U 381 -21.08 -1.50 -43.75
C TYR U 381 -21.38 -2.89 -43.20
N SER U 382 -21.14 -3.10 -41.90
CA SER U 382 -21.45 -4.40 -41.30
C SER U 382 -22.96 -4.65 -41.30
N ALA U 383 -23.75 -3.61 -41.04
CA ALA U 383 -25.20 -3.75 -41.09
C ALA U 383 -25.68 -4.10 -42.50
N TRP U 384 -25.11 -3.43 -43.51
CA TRP U 384 -25.47 -3.75 -44.89
C TRP U 384 -25.03 -5.15 -45.28
N ALA U 385 -23.90 -5.61 -44.77
CA ALA U 385 -23.46 -6.98 -45.04
C ALA U 385 -24.40 -7.99 -44.39
N GLU U 386 -24.84 -7.73 -43.16
CA GLU U 386 -25.81 -8.60 -42.51
C GLU U 386 -27.13 -8.61 -43.28
N SER U 387 -27.54 -7.45 -43.80
CA SER U 387 -28.77 -7.39 -44.58
C SER U 387 -28.64 -8.19 -45.87
N VAL U 388 -27.52 -8.05 -46.57
CA VAL U 388 -27.27 -8.81 -47.79
C VAL U 388 -27.19 -10.30 -47.49
N THR U 389 -26.74 -10.66 -46.28
CA THR U 389 -26.79 -12.06 -45.88
C THR U 389 -28.23 -12.52 -45.65
N ASN U 390 -29.06 -11.65 -45.11
CA ASN U 390 -30.47 -11.96 -44.87
C ASN U 390 -31.33 -11.83 -46.12
N LEU U 391 -30.77 -11.41 -47.24
CA LEU U 391 -31.55 -11.27 -48.48
C LEU U 391 -30.63 -11.52 -49.68
N PRO U 392 -30.89 -12.54 -50.47
CA PRO U 392 -29.94 -12.93 -51.52
C PRO U 392 -29.89 -11.93 -52.67
N GLN U 393 -28.88 -12.11 -53.51
CA GLN U 393 -28.56 -11.22 -54.62
C GLN U 393 -28.30 -12.06 -55.88
N VAL U 394 -29.26 -12.91 -56.21
CA VAL U 394 -29.16 -13.99 -57.19
C VAL U 394 -28.51 -13.55 -58.51
N ILE U 395 -28.43 -12.24 -58.74
CA ILE U 395 -27.73 -11.75 -59.92
C ILE U 395 -26.27 -12.22 -59.93
N LYS U 396 -25.65 -12.10 -61.11
CA LYS U 396 -24.31 -12.64 -61.36
C LYS U 396 -24.31 -14.17 -61.25
N GLN U 397 -25.08 -14.78 -62.15
CA GLN U 397 -25.15 -16.24 -62.27
C GLN U 397 -25.09 -16.61 -63.75
N LYS U 398 -24.78 -17.88 -64.01
CA LYS U 398 -24.65 -18.36 -65.37
C LYS U 398 -26.02 -18.66 -65.99
N LEU U 399 -26.09 -18.54 -67.31
CA LEU U 399 -27.34 -18.68 -68.04
C LEU U 399 -27.28 -19.88 -68.99
N THR U 400 -28.45 -20.28 -69.46
CA THR U 400 -28.63 -21.37 -70.40
C THR U 400 -29.76 -21.02 -71.35
N PRO U 401 -29.78 -21.63 -72.54
CA PRO U 401 -30.87 -21.34 -73.51
C PRO U 401 -32.24 -21.64 -72.91
N LEU U 402 -33.11 -20.62 -72.92
CA LEU U 402 -34.42 -20.76 -72.29
C LEU U 402 -35.31 -21.74 -73.05
N TYR U 403 -35.19 -21.78 -74.37
CA TYR U 403 -36.04 -22.65 -75.18
C TYR U 403 -35.83 -24.13 -74.90
N GLU U 404 -34.77 -24.49 -74.15
CA GLU U 404 -34.53 -25.90 -73.84
C GLU U 404 -35.55 -26.45 -72.85
N LEU U 405 -36.22 -25.59 -72.08
CA LEU U 405 -37.17 -26.03 -71.07
C LEU U 405 -38.47 -26.56 -71.66
N VAL U 406 -38.62 -26.52 -72.99
CA VAL U 406 -39.81 -27.07 -73.64
C VAL U 406 -39.66 -28.58 -73.77
N LYS U 407 -40.21 -29.31 -72.80
CA LYS U 407 -40.00 -30.75 -72.72
C LYS U 407 -41.28 -31.56 -72.89
N GLU U 408 -42.31 -31.28 -72.10
CA GLU U 408 -43.57 -32.03 -72.14
C GLU U 408 -44.73 -31.07 -72.31
N VAL U 409 -45.02 -30.71 -73.56
CA VAL U 409 -46.17 -29.87 -73.92
C VAL U 409 -46.74 -30.37 -75.24
N PRO U 410 -47.98 -30.01 -75.55
CA PRO U 410 -48.54 -30.39 -76.85
C PRO U 410 -47.72 -29.80 -77.99
N CYS U 411 -47.32 -30.66 -78.92
CA CYS U 411 -46.40 -30.30 -80.01
C CYS U 411 -45.11 -29.70 -79.44
N ALA U 412 -44.47 -30.48 -78.58
CA ALA U 412 -43.32 -29.98 -77.82
C ALA U 412 -42.14 -29.65 -78.73
N SER U 413 -41.75 -30.59 -79.58
CA SER U 413 -40.54 -30.41 -80.39
C SER U 413 -40.74 -29.32 -81.45
N VAL U 414 -41.92 -29.28 -82.07
CA VAL U 414 -42.19 -28.25 -83.06
C VAL U 414 -42.16 -26.87 -82.42
N LYS U 415 -42.77 -26.74 -81.23
CA LYS U 415 -42.75 -25.47 -80.52
C LYS U 415 -41.33 -25.10 -80.11
N LYS U 416 -40.53 -26.08 -79.73
CA LYS U 416 -39.14 -25.80 -79.36
C LYS U 416 -38.34 -25.30 -80.55
N LEU U 417 -38.52 -25.92 -81.71
CA LEU U 417 -37.82 -25.46 -82.92
C LEU U 417 -38.28 -24.07 -83.33
N TYR U 418 -39.58 -23.81 -83.27
CA TYR U 418 -40.08 -22.50 -83.62
C TYR U 418 -39.62 -21.45 -82.62
N LEU U 419 -39.45 -21.82 -81.35
CA LEU U 419 -38.90 -20.88 -80.37
C LEU U 419 -37.41 -20.64 -80.61
N LYS U 420 -36.69 -21.66 -81.08
CA LYS U 420 -35.31 -21.45 -81.52
C LYS U 420 -35.25 -20.40 -82.62
N TRP U 421 -36.06 -20.58 -83.66
CA TRP U 421 -36.08 -19.63 -84.78
C TRP U 421 -36.51 -18.24 -84.31
N ALA U 422 -37.52 -18.17 -83.42
CA ALA U 422 -38.01 -16.89 -82.94
C ALA U 422 -36.96 -16.19 -82.08
N LEU U 423 -36.20 -16.94 -81.28
CA LEU U 423 -35.15 -16.33 -80.48
C LEU U 423 -34.02 -15.84 -81.36
N GLU U 424 -33.69 -16.57 -82.42
CA GLU U 424 -32.68 -16.09 -83.37
C GLU U 424 -33.13 -14.79 -84.02
N GLU U 425 -34.39 -14.74 -84.47
CA GLU U 425 -34.91 -13.52 -85.08
C GLU U 425 -34.98 -12.37 -84.08
N TYR U 426 -35.33 -12.66 -82.83
CA TYR U 426 -35.34 -11.63 -81.79
C TYR U 426 -33.94 -11.10 -81.54
N LEU U 427 -32.94 -11.99 -81.50
CA LEU U 427 -31.57 -11.56 -81.23
C LEU U 427 -31.02 -10.72 -82.37
N ASP U 428 -31.31 -11.08 -83.62
CA ASP U 428 -30.71 -10.34 -84.73
C ASP U 428 -31.58 -9.20 -85.25
N GLU U 429 -32.81 -9.03 -84.74
CA GLU U 429 -33.64 -7.93 -85.20
C GLU U 429 -33.28 -6.59 -84.56
N PHE U 430 -32.85 -6.60 -83.29
CA PHE U 430 -32.52 -5.35 -82.60
C PHE U 430 -31.14 -5.41 -81.95
N ASP U 431 -30.22 -6.17 -82.56
CA ASP U 431 -28.87 -6.25 -82.05
C ASP U 431 -28.23 -4.87 -82.04
N PRO U 432 -27.31 -4.60 -81.09
CA PRO U 432 -26.69 -3.27 -80.99
C PRO U 432 -25.88 -2.87 -82.22
N CYS U 433 -25.73 -3.79 -83.18
CA CYS U 433 -24.99 -3.47 -84.40
C CYS U 433 -25.71 -2.42 -85.22
N HIS U 434 -27.04 -2.39 -85.19
CA HIS U 434 -27.79 -1.43 -85.99
C HIS U 434 -27.54 -0.01 -85.54
N CYS U 435 -27.40 0.21 -84.23
CA CYS U 435 -27.17 1.55 -83.71
C CYS U 435 -25.78 2.04 -84.09
N ARG U 436 -25.68 3.35 -84.30
CA ARG U 436 -24.40 3.95 -84.63
C ARG U 436 -23.49 3.96 -83.40
N PRO U 437 -22.17 3.96 -83.59
CA PRO U 437 -21.25 3.96 -82.45
C PRO U 437 -21.37 5.24 -81.64
N CYS U 438 -21.21 5.12 -80.34
CA CYS U 438 -21.33 6.23 -79.42
C CYS U 438 -19.95 6.81 -79.10
N GLN U 439 -19.93 8.12 -78.83
CA GLN U 439 -18.67 8.81 -78.58
C GLN U 439 -18.12 8.43 -77.20
N ASN U 440 -16.79 8.58 -77.06
CA ASN U 440 -16.09 8.30 -75.80
C ASN U 440 -16.31 6.87 -75.33
N GLY U 441 -16.26 5.92 -76.27
CA GLY U 441 -16.39 4.52 -75.92
C GLY U 441 -17.73 4.14 -75.33
N GLY U 442 -18.77 4.91 -75.60
CA GLY U 442 -20.08 4.59 -75.05
C GLY U 442 -20.65 3.31 -75.62
N LEU U 443 -21.49 2.66 -74.82
CA LEU U 443 -22.14 1.41 -75.19
C LEU U 443 -23.59 1.68 -75.56
N ALA U 444 -23.98 1.27 -76.77
CA ALA U 444 -25.32 1.50 -77.28
C ALA U 444 -26.21 0.30 -77.01
N THR U 445 -27.49 0.58 -76.77
CA THR U 445 -28.51 -0.44 -76.57
C THR U 445 -29.73 -0.09 -77.41
N VAL U 446 -30.67 -1.02 -77.48
CA VAL U 446 -31.89 -0.86 -78.26
C VAL U 446 -33.07 -1.10 -77.34
N GLU U 447 -33.87 -0.06 -77.11
CA GLU U 447 -35.13 -0.15 -76.37
C GLU U 447 -36.25 0.11 -77.37
N GLY U 448 -36.87 -0.96 -77.85
CA GLY U 448 -37.88 -0.84 -78.88
C GLY U 448 -37.30 -0.40 -80.22
N THR U 449 -37.58 0.84 -80.62
CA THR U 449 -37.06 1.40 -81.86
C THR U 449 -36.29 2.69 -81.59
N HIS U 450 -35.43 2.68 -80.57
CA HIS U 450 -34.67 3.86 -80.19
C HIS U 450 -33.35 3.42 -79.59
N CYS U 451 -32.27 4.07 -80.04
CA CYS U 451 -30.92 3.77 -79.53
C CYS U 451 -30.61 4.64 -78.33
N LEU U 452 -29.89 4.07 -77.37
CA LEU U 452 -29.51 4.77 -76.13
C LEU U 452 -28.04 4.55 -75.87
N CYS U 453 -27.26 5.63 -75.88
CA CYS U 453 -25.82 5.58 -75.61
C CYS U 453 -25.61 5.63 -74.11
N HIS U 454 -25.44 4.47 -73.49
CA HIS U 454 -25.12 4.42 -72.07
C HIS U 454 -23.74 5.00 -71.83
N CYS U 455 -23.69 6.08 -71.05
CA CYS U 455 -22.45 6.81 -70.82
C CYS U 455 -21.67 6.20 -69.67
N LYS U 456 -20.34 6.24 -69.79
CA LYS U 456 -19.46 5.80 -68.72
C LYS U 456 -19.65 6.70 -67.50
N PRO U 457 -19.26 6.23 -66.30
CA PRO U 457 -19.38 7.07 -65.12
C PRO U 457 -18.59 8.36 -65.25
N TYR U 458 -19.08 9.40 -64.58
CA TYR U 458 -18.49 10.75 -64.61
C TYR U 458 -18.53 11.34 -66.02
N THR U 459 -19.48 10.89 -66.84
CA THR U 459 -19.68 11.44 -68.17
C THR U 459 -21.18 11.67 -68.39
N PHE U 460 -21.50 12.50 -69.37
CA PHE U 460 -22.88 12.82 -69.70
C PHE U 460 -22.92 13.35 -71.13
N GLY U 461 -24.08 13.84 -71.55
CA GLY U 461 -24.26 14.40 -72.88
C GLY U 461 -25.32 13.64 -73.66
N ALA U 462 -25.51 14.09 -74.91
CA ALA U 462 -26.48 13.45 -75.79
C ALA U 462 -25.97 12.12 -76.31
N ALA U 463 -24.72 12.07 -76.74
CA ALA U 463 -24.08 10.86 -77.23
C ALA U 463 -22.78 10.59 -76.49
N CYS U 464 -22.77 10.86 -75.19
CA CYS U 464 -21.60 10.67 -74.34
C CYS U 464 -20.39 11.46 -74.87
N GLU U 465 -20.62 12.75 -75.11
CA GLU U 465 -19.60 13.63 -75.66
C GLU U 465 -19.04 14.62 -74.64
N GLN U 466 -19.87 15.10 -73.72
CA GLN U 466 -19.43 16.08 -72.74
C GLN U 466 -19.01 15.38 -71.45
N GLY U 467 -18.33 16.15 -70.59
CA GLY U 467 -17.87 15.63 -69.32
C GLY U 467 -16.78 14.59 -69.44
N VAL U 468 -15.73 14.91 -70.18
CA VAL U 468 -14.61 14.01 -70.37
C VAL U 468 -13.51 14.36 -69.38
N LEU U 469 -13.86 15.20 -68.39
CA LEU U 469 -12.89 15.61 -67.39
C LEU U 469 -12.36 14.41 -66.61
N VAL U 470 -13.25 13.52 -66.19
CA VAL U 470 -12.86 12.36 -65.40
C VAL U 470 -13.05 11.09 -66.21
N GLY U 471 -11.99 10.63 -66.86
CA GLY U 471 -12.05 9.39 -67.62
C GLY U 471 -11.54 8.20 -66.85
N ASN U 472 -10.36 8.32 -66.26
CA ASN U 472 -9.72 7.28 -65.46
C ASN U 472 -9.51 5.98 -66.24
N GLN U 473 -9.55 6.04 -67.56
CA GLN U 473 -9.36 4.88 -68.42
C GLN U 473 -8.19 5.11 -69.36
N ALA U 474 -7.88 4.11 -70.17
CA ALA U 474 -6.79 4.23 -71.14
C ALA U 474 -7.19 5.16 -72.28
N GLY U 475 -8.36 4.93 -72.87
CA GLY U 475 -8.87 5.75 -73.96
C GLY U 475 -8.80 5.03 -75.29
N GLY U 476 -9.24 5.74 -76.32
CA GLY U 476 -9.26 5.23 -77.67
C GLY U 476 -10.68 4.91 -78.14
N VAL U 477 -10.74 4.23 -79.28
CA VAL U 477 -12.00 3.83 -79.90
C VAL U 477 -11.91 2.34 -80.19
N ASP U 478 -12.75 1.55 -79.52
CA ASP U 478 -12.76 0.11 -79.70
C ASP U 478 -13.50 -0.26 -80.98
N GLY U 479 -13.48 -1.56 -81.30
CA GLY U 479 -14.14 -2.08 -82.47
C GLY U 479 -15.51 -2.65 -82.14
N GLY U 480 -16.41 -2.57 -83.11
CA GLY U 480 -17.76 -3.09 -82.93
C GLY U 480 -18.17 -3.96 -84.10
N TRP U 481 -18.79 -5.09 -83.78
CA TRP U 481 -19.23 -6.02 -84.81
C TRP U 481 -20.38 -5.43 -85.61
N SER U 482 -20.36 -5.68 -86.92
CA SER U 482 -21.42 -5.23 -87.80
C SER U 482 -22.60 -6.22 -87.76
N CYS U 483 -23.72 -5.79 -88.31
CA CYS U 483 -24.89 -6.65 -88.39
C CYS U 483 -24.66 -7.80 -89.35
N TRP U 484 -25.17 -8.97 -88.99
CA TRP U 484 -24.99 -10.16 -89.82
C TRP U 484 -25.69 -10.00 -91.15
N SER U 485 -25.02 -10.41 -92.22
CA SER U 485 -25.56 -10.29 -93.57
C SER U 485 -26.64 -11.35 -93.79
N SER U 486 -27.09 -11.47 -95.04
CA SER U 486 -28.10 -12.47 -95.38
C SER U 486 -27.59 -13.87 -95.08
N TRP U 487 -28.46 -14.68 -94.47
CA TRP U 487 -28.07 -16.03 -94.08
C TRP U 487 -27.83 -16.89 -95.32
N SER U 488 -27.12 -18.00 -95.11
CA SER U 488 -26.76 -18.88 -96.21
C SER U 488 -28.00 -19.53 -96.81
N PRO U 489 -27.99 -19.76 -98.12
CA PRO U 489 -29.12 -20.44 -98.78
C PRO U 489 -29.15 -21.94 -98.59
N CYS U 490 -28.37 -22.49 -97.66
CA CYS U 490 -28.30 -23.92 -97.39
C CYS U 490 -27.86 -24.70 -98.64
N VAL U 491 -26.67 -24.34 -99.14
CA VAL U 491 -26.09 -25.08 -100.26
C VAL U 491 -25.63 -26.46 -99.80
N GLN U 492 -24.86 -26.51 -98.72
CA GLN U 492 -24.41 -27.76 -98.13
C GLN U 492 -24.63 -27.80 -96.63
N GLY U 493 -25.45 -26.89 -96.09
CA GLY U 493 -25.75 -26.83 -94.68
C GLY U 493 -24.99 -25.77 -93.92
N LYS U 494 -23.93 -25.20 -94.49
CA LYS U 494 -23.11 -24.24 -93.77
C LYS U 494 -23.83 -22.90 -93.63
N LYS U 495 -23.21 -21.99 -92.89
CA LYS U 495 -23.73 -20.66 -92.67
C LYS U 495 -22.87 -19.63 -93.39
N THR U 496 -23.46 -18.46 -93.63
CA THR U 496 -22.79 -17.38 -94.36
C THR U 496 -23.03 -16.05 -93.65
N ARG U 497 -22.87 -16.04 -92.33
CA ARG U 497 -23.02 -14.80 -91.57
C ARG U 497 -22.00 -13.75 -92.00
N SER U 498 -20.71 -14.10 -91.89
CA SER U 498 -19.60 -13.25 -92.34
C SER U 498 -19.64 -11.88 -91.65
N ARG U 499 -19.49 -11.92 -90.33
CA ARG U 499 -19.42 -10.69 -89.54
C ARG U 499 -18.07 -10.02 -89.76
N GLU U 500 -18.07 -8.85 -90.37
CA GLU U 500 -16.86 -8.10 -90.68
C GLU U 500 -16.89 -6.74 -90.01
N CYS U 501 -15.79 -6.01 -90.16
CA CYS U 501 -15.69 -4.66 -89.60
C CYS U 501 -16.72 -3.74 -90.26
N ASN U 502 -16.88 -2.56 -89.67
CA ASN U 502 -17.90 -1.62 -90.12
C ASN U 502 -17.41 -0.20 -89.88
N ASN U 503 -18.35 0.75 -89.95
CA ASN U 503 -18.13 2.19 -89.83
C ASN U 503 -17.38 2.61 -88.56
N PRO U 504 -17.48 1.91 -87.44
CA PRO U 504 -16.58 2.17 -86.30
C PRO U 504 -15.34 1.29 -86.33
N PRO U 505 -14.30 1.65 -87.08
CA PRO U 505 -13.09 0.84 -87.10
C PRO U 505 -12.21 1.18 -85.91
N PRO U 506 -11.18 0.37 -85.62
CA PRO U 506 -10.24 0.74 -84.56
C PRO U 506 -9.37 1.93 -84.97
N SER U 507 -9.62 3.09 -84.37
CA SER U 507 -8.93 4.32 -84.73
C SER U 507 -8.10 4.88 -83.59
N GLY U 508 -8.64 4.91 -82.38
CA GLY U 508 -7.92 5.45 -81.25
C GLY U 508 -6.98 4.46 -80.59
N GLY U 509 -6.64 3.39 -81.31
CA GLY U 509 -5.76 2.36 -80.82
C GLY U 509 -6.42 1.28 -80.00
N GLY U 510 -7.75 1.35 -79.81
CA GLY U 510 -8.44 0.34 -79.04
C GLY U 510 -8.45 -1.01 -79.72
N ARG U 511 -8.83 -2.02 -78.95
CA ARG U 511 -8.87 -3.39 -79.47
C ARG U 511 -10.04 -3.57 -80.42
N SER U 512 -9.84 -4.43 -81.41
CA SER U 512 -10.88 -4.70 -82.40
C SER U 512 -11.99 -5.54 -81.79
N CYS U 513 -13.06 -5.72 -82.56
CA CYS U 513 -14.19 -6.52 -82.12
C CYS U 513 -13.77 -7.97 -81.92
N VAL U 514 -13.92 -8.46 -80.70
CA VAL U 514 -13.54 -9.84 -80.37
C VAL U 514 -14.65 -10.78 -80.81
N GLY U 515 -14.27 -11.93 -81.34
CA GLY U 515 -15.20 -12.95 -81.79
C GLY U 515 -14.82 -13.49 -83.14
N GLU U 516 -15.59 -14.48 -83.59
CA GLU U 516 -15.35 -15.10 -84.88
C GLU U 516 -15.77 -14.18 -86.01
N THR U 517 -15.07 -14.28 -87.14
CA THR U 517 -15.41 -13.48 -88.31
C THR U 517 -16.58 -14.09 -89.07
N THR U 518 -16.55 -15.41 -89.29
CA THR U 518 -17.63 -16.13 -89.94
C THR U 518 -18.13 -17.23 -89.02
N GLU U 519 -19.31 -17.75 -89.35
CA GLU U 519 -19.93 -18.82 -88.57
C GLU U 519 -20.20 -20.01 -89.48
N SER U 520 -20.32 -21.18 -88.87
CA SER U 520 -20.57 -22.41 -89.60
C SER U 520 -21.46 -23.32 -88.75
N THR U 521 -22.50 -23.85 -89.37
CA THR U 521 -23.44 -24.74 -88.69
C THR U 521 -23.97 -25.73 -89.71
N GLN U 522 -25.06 -26.43 -89.36
CA GLN U 522 -25.70 -27.40 -90.23
C GLN U 522 -27.15 -27.00 -90.42
N CYS U 523 -27.56 -26.80 -91.67
CA CYS U 523 -28.96 -26.48 -91.94
C CYS U 523 -29.86 -27.59 -91.45
N GLU U 524 -30.98 -27.19 -90.82
CA GLU U 524 -31.85 -28.16 -90.17
C GLU U 524 -32.58 -29.05 -91.16
N ASP U 525 -32.75 -28.59 -92.41
CA ASP U 525 -33.58 -29.27 -93.39
C ASP U 525 -35.00 -29.44 -92.85
N GLU U 526 -35.60 -28.31 -92.49
CA GLU U 526 -36.88 -28.25 -91.80
C GLU U 526 -36.82 -29.08 -90.50
N GLU U 527 -35.65 -29.12 -89.87
CA GLU U 527 -35.40 -29.90 -88.66
C GLU U 527 -35.70 -31.38 -88.90
N LEU U 528 -34.99 -31.94 -89.88
CA LEU U 528 -35.15 -33.34 -90.29
C LEU U 528 -36.59 -33.61 -90.73
N GLU U 529 -37.15 -32.69 -91.51
CA GLU U 529 -38.54 -32.77 -91.98
C GLU U 529 -39.49 -32.95 -90.80
N HIS U 530 -39.35 -32.05 -89.82
CA HIS U 530 -40.11 -32.09 -88.57
C HIS U 530 -39.97 -33.45 -87.89
N LEU U 531 -38.72 -33.80 -87.59
CA LEU U 531 -38.39 -34.97 -86.77
C LEU U 531 -38.91 -36.27 -87.42
N ARG U 532 -38.26 -36.63 -88.53
CA ARG U 532 -38.47 -37.93 -89.16
C ARG U 532 -39.91 -38.09 -89.66
N LEU U 533 -40.19 -37.35 -90.73
CA LEU U 533 -41.47 -37.40 -91.47
C LEU U 533 -42.60 -36.73 -90.70
N LEU U 534 -42.31 -35.57 -90.11
CA LEU U 534 -43.32 -34.59 -89.70
C LEU U 534 -44.17 -35.08 -88.53
N GLU U 535 -43.57 -35.89 -87.64
CA GLU U 535 -44.22 -36.31 -86.40
C GLU U 535 -45.61 -36.85 -86.69
N PRO U 536 -45.73 -38.11 -87.20
CA PRO U 536 -46.94 -38.57 -87.89
C PRO U 536 -48.26 -38.06 -87.34
N HIS U 537 -49.10 -37.55 -88.24
CA HIS U 537 -50.33 -36.82 -87.97
C HIS U 537 -50.08 -35.42 -87.41
N CYS U 538 -48.85 -34.92 -87.55
CA CYS U 538 -48.50 -33.54 -87.22
C CYS U 538 -48.89 -33.19 -85.78
N PHE U 548 -51.81 -45.17 -105.32
CA PHE U 548 -52.71 -46.18 -104.77
C PHE U 548 -52.84 -47.36 -105.73
N CYS U 549 -53.25 -48.51 -105.20
CA CYS U 549 -53.41 -49.69 -106.05
C CYS U 549 -54.82 -49.74 -106.62
N PRO U 550 -54.97 -50.11 -107.89
CA PRO U 550 -56.32 -50.23 -108.48
C PRO U 550 -57.04 -51.47 -107.98
N SER U 551 -58.22 -51.73 -108.55
CA SER U 551 -58.99 -52.91 -108.18
C SER U 551 -58.21 -54.18 -108.55
N PRO U 552 -57.88 -55.04 -107.59
CA PRO U 552 -57.10 -56.23 -107.91
C PRO U 552 -57.95 -57.25 -108.65
N PRO U 553 -57.36 -57.95 -109.62
CA PRO U 553 -58.11 -58.95 -110.37
C PRO U 553 -58.33 -60.23 -109.56
N ALA U 554 -59.47 -60.85 -109.80
CA ALA U 554 -59.86 -62.08 -109.12
C ALA U 554 -59.68 -63.27 -110.04
N LEU U 555 -59.26 -64.39 -109.48
CA LEU U 555 -59.06 -65.60 -110.25
C LEU U 555 -60.40 -66.20 -110.68
N LYS U 556 -60.33 -67.25 -111.48
CA LYS U 556 -61.53 -67.91 -111.96
C LYS U 556 -62.29 -68.53 -110.80
N ASP U 557 -63.62 -68.45 -110.86
CA ASP U 557 -64.53 -68.97 -109.84
C ASP U 557 -64.31 -68.31 -108.48
N GLY U 558 -63.79 -67.08 -108.46
CA GLY U 558 -63.59 -66.36 -107.23
C GLY U 558 -64.04 -64.92 -107.37
N PHE U 559 -64.13 -64.24 -106.22
CA PHE U 559 -64.57 -62.86 -106.18
C PHE U 559 -63.96 -62.18 -104.96
N VAL U 560 -63.70 -60.88 -105.09
CA VAL U 560 -63.07 -60.11 -104.04
C VAL U 560 -64.14 -59.62 -103.07
N GLN U 561 -63.82 -59.68 -101.77
CA GLN U 561 -64.79 -59.28 -100.75
C GLN U 561 -65.05 -57.79 -100.79
N ASP U 562 -64.02 -56.98 -100.97
CA ASP U 562 -64.14 -55.52 -100.98
C ASP U 562 -63.82 -54.99 -102.37
N GLU U 563 -64.73 -54.18 -102.91
CA GLU U 563 -64.58 -53.59 -104.24
C GLU U 563 -64.36 -52.08 -104.10
N GLY U 564 -63.42 -51.57 -104.88
CA GLY U 564 -63.12 -50.14 -104.84
C GLY U 564 -62.23 -49.75 -105.99
N THR U 565 -62.30 -48.47 -106.34
CA THR U 565 -61.51 -47.95 -107.45
C THR U 565 -60.03 -47.88 -107.08
N MET U 566 -59.72 -47.27 -105.93
CA MET U 566 -58.35 -47.13 -105.47
C MET U 566 -58.25 -47.58 -104.02
N PHE U 567 -57.16 -48.28 -103.70
CA PHE U 567 -56.90 -48.77 -102.36
C PHE U 567 -55.60 -48.20 -101.84
N PRO U 568 -55.55 -47.70 -100.61
CA PRO U 568 -54.32 -47.11 -100.09
C PRO U 568 -53.20 -48.14 -99.97
N VAL U 569 -51.97 -47.63 -99.97
CA VAL U 569 -50.79 -48.50 -99.84
C VAL U 569 -50.77 -49.11 -98.45
N GLY U 570 -50.63 -50.43 -98.39
CA GLY U 570 -50.63 -51.17 -97.14
C GLY U 570 -51.97 -51.81 -96.80
N LYS U 571 -53.03 -51.48 -97.53
CA LYS U 571 -54.33 -52.08 -97.28
C LYS U 571 -54.40 -53.48 -97.85
N ASN U 572 -55.06 -54.37 -97.12
CA ASN U 572 -55.17 -55.77 -97.52
C ASN U 572 -56.61 -56.09 -97.91
N VAL U 573 -56.76 -56.99 -98.87
CA VAL U 573 -58.06 -57.40 -99.37
C VAL U 573 -58.22 -58.90 -99.14
N VAL U 574 -59.47 -59.32 -98.92
CA VAL U 574 -59.80 -60.72 -98.68
C VAL U 574 -60.50 -61.27 -99.91
N TYR U 575 -60.09 -62.45 -100.34
CA TYR U 575 -60.69 -63.12 -101.48
C TYR U 575 -61.64 -64.22 -101.02
N THR U 576 -62.72 -64.41 -101.77
CA THR U 576 -63.73 -65.41 -101.46
C THR U 576 -64.03 -66.23 -102.70
N CYS U 577 -64.62 -67.40 -102.48
CA CYS U 577 -65.01 -68.31 -103.55
C CYS U 577 -66.53 -68.40 -103.62
N ASN U 578 -67.04 -68.70 -104.81
CA ASN U 578 -68.46 -68.82 -105.03
C ASN U 578 -68.97 -70.15 -104.46
N GLU U 579 -70.28 -70.37 -104.59
CA GLU U 579 -70.89 -71.60 -104.10
C GLU U 579 -70.40 -72.79 -104.93
N GLY U 580 -70.08 -73.88 -104.25
CA GLY U 580 -69.57 -75.06 -104.90
C GLY U 580 -68.07 -75.12 -105.05
N TYR U 581 -67.34 -74.14 -104.52
CA TYR U 581 -65.89 -74.09 -104.64
C TYR U 581 -65.27 -73.85 -103.27
N SER U 582 -64.03 -74.30 -103.12
CA SER U 582 -63.30 -74.18 -101.86
C SER U 582 -62.07 -73.28 -102.06
N LEU U 583 -61.65 -72.64 -100.98
CA LEU U 583 -60.54 -71.70 -101.00
C LEU U 583 -59.28 -72.36 -100.45
N ILE U 584 -58.21 -72.32 -101.24
CA ILE U 584 -56.91 -72.83 -100.84
C ILE U 584 -55.86 -71.78 -101.21
N GLY U 585 -55.16 -71.26 -100.22
CA GLY U 585 -54.14 -70.26 -100.44
C GLY U 585 -53.98 -69.37 -99.22
N ASN U 586 -53.57 -68.12 -99.47
CA ASN U 586 -53.34 -67.19 -98.36
C ASN U 586 -54.65 -66.78 -97.69
N PRO U 587 -55.65 -66.25 -98.41
CA PRO U 587 -55.78 -65.84 -99.81
C PRO U 587 -55.53 -64.35 -100.00
N VAL U 588 -55.07 -63.68 -98.95
CA VAL U 588 -54.99 -62.24 -98.95
C VAL U 588 -53.95 -61.75 -99.96
N ALA U 589 -54.32 -60.71 -100.72
CA ALA U 589 -53.41 -60.02 -101.61
C ALA U 589 -53.11 -58.64 -101.04
N ARG U 590 -51.85 -58.22 -101.14
CA ARG U 590 -51.37 -57.00 -100.49
C ARG U 590 -50.92 -56.00 -101.54
N CYS U 591 -51.30 -54.74 -101.33
CA CYS U 591 -50.88 -53.65 -102.20
C CYS U 591 -49.49 -53.18 -101.82
N GLY U 592 -48.60 -53.10 -102.81
CA GLY U 592 -47.24 -52.66 -102.59
C GLY U 592 -47.04 -51.20 -102.95
N GLU U 593 -45.86 -50.68 -102.61
CA GLU U 593 -45.51 -49.30 -102.92
C GLU U 593 -45.35 -49.07 -104.41
N ASP U 594 -45.08 -50.12 -105.19
CA ASP U 594 -44.92 -50.02 -106.63
C ASP U 594 -46.24 -50.13 -107.39
N LEU U 595 -47.36 -49.86 -106.73
CA LEU U 595 -48.70 -49.92 -107.34
C LEU U 595 -49.01 -51.32 -107.87
N ARG U 596 -48.43 -52.35 -107.27
CA ARG U 596 -48.66 -53.73 -107.65
C ARG U 596 -49.26 -54.51 -106.49
N TRP U 597 -49.89 -55.63 -106.81
CA TRP U 597 -50.55 -56.48 -105.83
C TRP U 597 -49.72 -57.73 -105.61
N LEU U 598 -49.25 -57.93 -104.38
CA LEU U 598 -48.52 -59.13 -104.02
C LEU U 598 -49.52 -60.26 -103.73
N VAL U 599 -49.46 -61.31 -104.52
CA VAL U 599 -50.41 -62.42 -104.42
C VAL U 599 -49.62 -63.70 -104.21
N GLY U 600 -50.02 -64.49 -103.22
CA GLY U 600 -49.39 -65.77 -102.93
C GLY U 600 -49.94 -66.88 -103.79
N GLU U 601 -49.48 -68.10 -103.51
CA GLU U 601 -49.91 -69.29 -104.23
C GLU U 601 -51.31 -69.67 -103.78
N MET U 602 -52.30 -68.99 -104.36
CA MET U 602 -53.70 -69.22 -104.05
C MET U 602 -54.42 -69.71 -105.30
N HIS U 603 -55.38 -70.60 -105.11
CA HIS U 603 -56.19 -71.13 -106.20
C HIS U 603 -57.62 -71.33 -105.71
N CYS U 604 -58.55 -71.36 -106.66
CA CYS U 604 -59.96 -71.55 -106.38
C CYS U 604 -60.35 -72.94 -106.86
N GLN U 605 -60.36 -73.90 -105.96
CA GLN U 605 -60.71 -75.28 -106.26
C GLN U 605 -62.14 -75.57 -105.82
N LYS U 606 -62.67 -76.68 -106.32
CA LYS U 606 -64.03 -77.09 -105.96
C LYS U 606 -64.08 -77.54 -104.50
N ILE U 607 -65.28 -77.53 -103.94
CA ILE U 607 -65.50 -77.96 -102.56
C ILE U 607 -65.08 -79.41 -102.36
N ALA U 608 -68.61 -82.11 -108.14
CA ALA U 608 -69.18 -83.31 -108.74
C ALA U 608 -68.09 -84.36 -108.98
N CYS U 609 -68.43 -85.62 -108.76
CA CYS U 609 -67.49 -86.71 -108.95
C CYS U 609 -67.38 -87.06 -110.44
N VAL U 610 -66.29 -87.74 -110.78
CA VAL U 610 -66.04 -88.15 -112.16
C VAL U 610 -66.11 -89.67 -112.27
N LEU U 611 -65.96 -90.18 -113.49
CA LEU U 611 -66.00 -91.61 -113.70
C LEU U 611 -64.79 -92.27 -113.04
N PRO U 612 -64.94 -93.48 -112.49
CA PRO U 612 -63.79 -94.15 -111.88
C PRO U 612 -62.78 -94.64 -112.91
N VAL U 613 -61.78 -95.39 -112.45
CA VAL U 613 -60.69 -95.87 -113.29
C VAL U 613 -61.23 -96.65 -114.49
N LEU U 614 -62.44 -97.20 -114.35
CA LEU U 614 -63.15 -97.89 -115.42
C LEU U 614 -62.32 -99.06 -115.98
N MET U 615 -62.11 -100.03 -115.11
CA MET U 615 -61.43 -101.26 -115.49
C MET U 615 -62.37 -102.13 -116.32
N ASP U 616 -61.80 -102.84 -117.30
CA ASP U 616 -62.62 -103.70 -118.16
C ASP U 616 -63.26 -104.83 -117.37
N GLY U 617 -62.63 -105.25 -116.27
CA GLY U 617 -63.18 -106.33 -115.47
C GLY U 617 -64.26 -105.90 -114.49
N ILE U 618 -64.30 -104.62 -114.13
CA ILE U 618 -65.25 -104.13 -113.15
C ILE U 618 -66.46 -103.57 -113.88
N GLN U 619 -67.57 -103.46 -113.15
CA GLN U 619 -68.81 -102.89 -113.67
C GLN U 619 -69.37 -101.92 -112.63
N SER U 620 -69.66 -100.71 -113.06
CA SER U 620 -70.19 -99.68 -112.17
C SER U 620 -71.71 -99.71 -112.15
N HIS U 621 -72.28 -99.32 -111.01
CA HIS U 621 -73.73 -99.29 -110.83
C HIS U 621 -74.11 -98.22 -109.80
N PRO U 622 -74.88 -97.20 -110.20
CA PRO U 622 -75.39 -97.00 -111.55
C PRO U 622 -74.36 -96.41 -112.50
N GLN U 623 -74.53 -96.66 -113.80
CA GLN U 623 -73.60 -96.18 -114.82
C GLN U 623 -74.11 -94.83 -115.32
N LYS U 624 -73.52 -93.75 -114.81
CA LYS U 624 -73.87 -92.40 -115.20
C LYS U 624 -72.60 -91.61 -115.51
N PRO U 625 -72.68 -90.66 -116.45
CA PRO U 625 -71.47 -89.90 -116.78
C PRO U 625 -71.02 -88.97 -115.67
N PHE U 626 -71.95 -88.26 -115.03
CA PHE U 626 -71.64 -87.35 -113.94
C PHE U 626 -72.32 -87.82 -112.66
N TYR U 627 -71.65 -87.57 -111.54
CA TYR U 627 -72.15 -87.97 -110.23
C TYR U 627 -72.32 -86.74 -109.35
N THR U 628 -73.40 -86.73 -108.58
CA THR U 628 -73.70 -85.63 -107.67
C THR U 628 -73.24 -85.96 -106.24
N VAL U 629 -73.16 -84.93 -105.42
CA VAL U 629 -72.73 -85.10 -104.04
C VAL U 629 -73.82 -85.79 -103.24
N GLY U 630 -73.45 -86.85 -102.52
CA GLY U 630 -74.38 -87.58 -101.69
C GLY U 630 -74.80 -88.93 -102.24
N GLU U 631 -74.33 -89.32 -103.41
CA GLU U 631 -74.67 -90.60 -104.01
C GLU U 631 -73.54 -91.60 -103.84
N LYS U 632 -73.90 -92.88 -103.89
CA LYS U 632 -72.96 -93.97 -103.76
C LYS U 632 -72.98 -94.84 -105.00
N VAL U 633 -71.85 -95.51 -105.26
CA VAL U 633 -71.69 -96.36 -106.43
C VAL U 633 -71.31 -97.76 -105.97
N THR U 634 -71.96 -98.77 -106.54
CA THR U 634 -71.69 -100.17 -106.24
C THR U 634 -70.88 -100.77 -107.38
N VAL U 635 -69.59 -100.97 -107.14
CA VAL U 635 -68.67 -101.50 -108.14
C VAL U 635 -68.45 -102.98 -107.85
N SER U 636 -68.49 -103.81 -108.90
CA SER U 636 -68.24 -105.24 -108.74
C SER U 636 -67.71 -105.79 -110.05
N CYS U 637 -67.15 -106.99 -109.98
CA CYS U 637 -66.61 -107.68 -111.14
C CYS U 637 -67.59 -108.76 -111.61
N SER U 638 -67.14 -109.56 -112.57
CA SER U 638 -68.01 -110.55 -113.22
C SER U 638 -68.41 -111.64 -112.22
N GLY U 639 -69.27 -112.54 -112.70
CA GLY U 639 -69.76 -113.61 -111.86
C GLY U 639 -68.67 -114.57 -111.45
N GLY U 640 -68.93 -115.31 -110.36
CA GLY U 640 -67.96 -116.22 -109.79
C GLY U 640 -66.87 -115.56 -108.99
N MET U 641 -66.86 -114.23 -108.90
CA MET U 641 -65.85 -113.49 -108.14
C MET U 641 -66.52 -112.34 -107.41
N SER U 642 -65.89 -111.91 -106.33
CA SER U 642 -66.40 -110.82 -105.50
C SER U 642 -65.32 -109.78 -105.28
N LEU U 643 -65.72 -108.51 -105.26
CA LEU U 643 -64.77 -107.41 -105.12
C LEU U 643 -64.02 -107.49 -103.79
N GLU U 644 -62.70 -107.32 -103.85
CA GLU U 644 -61.89 -107.29 -102.65
C GLU U 644 -61.89 -105.88 -102.05
N GLY U 645 -62.08 -105.79 -100.74
CA GLY U 645 -62.13 -104.52 -100.08
C GLY U 645 -63.54 -104.00 -99.93
N PRO U 646 -63.69 -102.69 -99.81
CA PRO U 646 -65.04 -102.11 -99.70
C PRO U 646 -65.82 -102.30 -100.99
N SER U 647 -67.06 -102.79 -100.85
CA SER U 647 -67.89 -103.07 -102.01
C SER U 647 -68.55 -101.80 -102.56
N ALA U 648 -68.93 -100.88 -101.67
CA ALA U 648 -69.63 -99.67 -102.04
C ALA U 648 -68.69 -98.47 -101.94
N PHE U 649 -68.78 -97.58 -102.93
CA PHE U 649 -68.00 -96.36 -102.97
C PHE U 649 -68.94 -95.16 -102.97
N LEU U 650 -68.59 -94.13 -102.20
CA LEU U 650 -69.42 -92.95 -102.04
C LEU U 650 -68.77 -91.75 -102.69
N CYS U 651 -69.58 -90.93 -103.36
CA CYS U 651 -69.10 -89.70 -103.99
C CYS U 651 -68.88 -88.64 -102.91
N GLY U 652 -67.64 -88.14 -102.81
CA GLY U 652 -67.30 -87.14 -101.82
C GLY U 652 -67.70 -85.75 -102.27
N SER U 653 -66.94 -84.75 -101.80
CA SER U 653 -67.22 -83.37 -102.16
C SER U 653 -67.07 -83.15 -103.65
N SER U 654 -65.86 -83.34 -104.17
CA SER U 654 -65.58 -83.22 -105.59
C SER U 654 -64.22 -83.84 -105.88
N LEU U 655 -64.16 -84.68 -106.91
CA LEU U 655 -62.93 -85.41 -107.27
C LEU U 655 -62.38 -86.15 -106.07
N LYS U 656 -63.27 -86.72 -105.27
CA LYS U 656 -62.90 -87.35 -104.00
C LYS U 656 -63.72 -88.60 -103.79
N TRP U 657 -63.04 -89.74 -103.71
CA TRP U 657 -63.62 -90.99 -103.23
C TRP U 657 -62.91 -91.39 -101.95
N SER U 658 -63.61 -92.17 -101.10
CA SER U 658 -63.00 -92.56 -99.83
C SER U 658 -61.82 -93.51 -100.07
N PRO U 659 -62.01 -94.71 -100.67
CA PRO U 659 -60.87 -95.34 -101.36
C PRO U 659 -60.89 -95.02 -102.85
N GLU U 660 -59.72 -95.00 -103.50
CA GLU U 660 -59.69 -94.81 -104.95
C GLU U 660 -59.35 -96.09 -105.70
N MET U 661 -58.31 -96.80 -105.28
CA MET U 661 -57.92 -98.09 -105.85
C MET U 661 -57.75 -97.99 -107.37
N LYS U 662 -56.88 -97.07 -107.79
CA LYS U 662 -56.64 -96.85 -109.21
C LYS U 662 -55.86 -98.04 -109.77
N ASN U 663 -56.56 -98.93 -110.48
CA ASN U 663 -55.99 -100.10 -111.14
C ASN U 663 -55.28 -101.04 -110.15
N ALA U 664 -55.54 -100.89 -108.86
CA ALA U 664 -54.89 -101.75 -107.87
C ALA U 664 -55.32 -103.20 -108.02
N ARG U 665 -56.60 -103.50 -107.74
CA ARG U 665 -57.12 -104.85 -107.85
C ARG U 665 -58.63 -104.86 -107.65
N CYS U 666 -59.34 -105.69 -108.42
CA CYS U 666 -60.75 -105.98 -108.16
C CYS U 666 -60.92 -107.31 -107.44
N VAL U 667 -60.48 -108.40 -108.07
CA VAL U 667 -60.54 -109.73 -107.47
C VAL U 667 -59.60 -110.68 -108.18
N GLN U 668 -58.81 -111.44 -107.41
CA GLN U 668 -58.13 -112.60 -107.97
C GLN U 668 -59.03 -113.82 -107.91
N LYS U 669 -59.41 -114.23 -106.70
CA LYS U 669 -60.44 -115.22 -106.44
C LYS U 669 -60.67 -115.28 -104.94
N GLU U 670 -61.91 -115.54 -104.54
CA GLU U 670 -62.29 -115.65 -103.13
C GLU U 670 -62.71 -117.09 -102.87
N ASN U 671 -61.76 -117.90 -102.41
CA ASN U 671 -62.02 -119.30 -102.11
C ASN U 671 -62.31 -119.50 -100.62
N ILE V 13 -53.08 -22.70 -14.43
CA ILE V 13 -52.90 -21.65 -13.43
C ILE V 13 -52.13 -22.19 -12.23
N SER V 14 -50.97 -21.58 -11.96
CA SER V 14 -50.13 -21.98 -10.85
C SER V 14 -49.70 -20.74 -10.08
N THR V 15 -49.29 -20.97 -8.83
CA THR V 15 -48.87 -19.88 -7.96
C THR V 15 -47.87 -20.44 -6.93
N ILE V 16 -46.74 -19.75 -6.78
CA ILE V 16 -45.70 -20.16 -5.84
C ILE V 16 -45.47 -19.05 -4.84
N GLN V 17 -44.55 -19.26 -3.90
CA GLN V 17 -44.27 -18.27 -2.87
C GLN V 17 -43.23 -17.29 -3.38
N PRO V 18 -43.53 -15.98 -3.37
CA PRO V 18 -42.54 -14.99 -3.84
C PRO V 18 -41.36 -14.85 -2.87
N LYS V 19 -40.44 -13.96 -3.19
CA LYS V 19 -39.29 -13.73 -2.33
C LYS V 19 -39.73 -13.13 -1.00
N ALA V 20 -39.21 -13.69 0.09
CA ALA V 20 -39.56 -13.22 1.43
C ALA V 20 -39.00 -11.82 1.64
N ASN V 21 -39.88 -10.88 1.99
CA ASN V 21 -39.51 -9.49 2.27
C ASN V 21 -38.81 -8.85 1.07
N PHE V 22 -39.51 -8.90 -0.07
CA PHE V 22 -39.00 -8.29 -1.29
C PHE V 22 -39.00 -6.77 -1.17
N ASP V 23 -37.86 -6.16 -1.45
CA ASP V 23 -37.69 -4.71 -1.35
C ASP V 23 -37.45 -4.15 -2.75
N ALA V 24 -38.42 -3.39 -3.26
CA ALA V 24 -38.27 -2.79 -4.59
C ALA V 24 -37.19 -1.73 -4.61
N GLN V 25 -36.93 -1.07 -3.47
CA GLN V 25 -35.89 -0.05 -3.41
C GLN V 25 -34.51 -0.68 -3.61
N GLN V 26 -34.22 -1.76 -2.89
CA GLN V 26 -32.95 -2.45 -3.06
C GLN V 26 -32.88 -3.25 -4.35
N PHE V 27 -34.01 -3.44 -5.04
CA PHE V 27 -34.04 -4.14 -6.30
C PHE V 27 -33.89 -3.21 -7.50
N ALA V 28 -33.96 -1.89 -7.27
CA ALA V 28 -33.87 -0.93 -8.35
C ALA V 28 -32.48 -0.96 -9.00
N GLY V 29 -32.35 -0.27 -10.13
CA GLY V 29 -31.10 -0.23 -10.86
C GLY V 29 -31.22 -0.80 -12.26
N THR V 30 -30.10 -1.18 -12.84
CA THR V 30 -30.06 -1.74 -14.19
C THR V 30 -29.92 -3.26 -14.11
N TRP V 31 -30.84 -3.97 -14.75
CA TRP V 31 -30.78 -5.43 -14.81
C TRP V 31 -30.56 -5.87 -16.25
N LEU V 32 -30.00 -7.06 -16.40
CA LEU V 32 -29.65 -7.61 -17.71
C LEU V 32 -30.29 -8.98 -17.85
N LEU V 33 -31.21 -9.11 -18.81
CA LEU V 33 -31.86 -10.39 -19.05
C LEU V 33 -30.89 -11.36 -19.71
N VAL V 34 -30.80 -12.57 -19.17
CA VAL V 34 -29.83 -13.57 -19.61
C VAL V 34 -30.52 -14.72 -20.34
N ALA V 35 -31.41 -15.43 -19.66
CA ALA V 35 -32.08 -16.59 -20.23
C ALA V 35 -33.56 -16.55 -19.90
N VAL V 36 -34.39 -17.02 -20.84
CA VAL V 36 -35.83 -17.08 -20.68
C VAL V 36 -36.29 -18.47 -21.09
N GLY V 37 -36.99 -19.16 -20.18
CA GLY V 37 -37.50 -20.48 -20.47
C GLY V 37 -39.00 -20.53 -20.56
N SER V 38 -39.53 -20.78 -21.77
CA SER V 38 -40.96 -20.83 -22.00
C SER V 38 -41.19 -21.52 -23.34
N ALA V 39 -42.46 -21.61 -23.73
CA ALA V 39 -42.86 -22.23 -24.99
C ALA V 39 -43.77 -21.24 -25.74
N CYS V 40 -43.14 -20.36 -26.51
CA CYS V 40 -43.87 -19.37 -27.30
C CYS V 40 -43.45 -19.48 -28.75
N ARG V 41 -44.32 -18.97 -29.63
CA ARG V 41 -44.05 -19.03 -31.07
C ARG V 41 -42.81 -18.24 -31.45
N PHE V 42 -42.72 -17.00 -30.98
CA PHE V 42 -41.56 -16.17 -31.29
C PHE V 42 -40.28 -16.74 -30.67
N LEU V 43 -40.41 -17.48 -29.56
CA LEU V 43 -39.24 -18.03 -28.91
C LEU V 43 -38.71 -19.27 -29.64
N GLN V 44 -39.59 -20.04 -30.29
CA GLN V 44 -39.18 -21.28 -30.93
C GLN V 44 -38.91 -21.13 -32.42
N GLU V 45 -39.64 -20.27 -33.12
CA GLU V 45 -39.39 -20.07 -34.55
C GLU V 45 -38.46 -18.90 -34.82
N GLN V 46 -38.47 -17.87 -33.97
CA GLN V 46 -37.62 -16.70 -34.14
C GLN V 46 -36.66 -16.52 -32.97
N GLY V 47 -36.33 -17.60 -32.27
CA GLY V 47 -35.43 -17.53 -31.14
C GLY V 47 -33.98 -17.25 -31.52
N HIS V 48 -33.59 -17.60 -32.74
CA HIS V 48 -32.21 -17.37 -33.17
C HIS V 48 -31.91 -15.90 -33.41
N ARG V 49 -32.94 -15.06 -33.54
CA ARG V 49 -32.76 -13.63 -33.76
C ARG V 49 -32.87 -12.82 -32.48
N ALA V 50 -32.84 -13.46 -31.32
CA ALA V 50 -32.90 -12.75 -30.06
C ALA V 50 -31.65 -11.91 -29.86
N GLU V 51 -31.81 -10.78 -29.16
CA GLU V 51 -30.71 -9.85 -28.94
C GLU V 51 -30.54 -9.57 -27.45
N ALA V 52 -29.63 -8.64 -27.13
CA ALA V 52 -29.36 -8.29 -25.75
C ALA V 52 -30.47 -7.40 -25.21
N THR V 53 -31.18 -7.89 -24.19
CA THR V 53 -32.28 -7.16 -23.56
C THR V 53 -31.87 -6.80 -22.13
N THR V 54 -31.83 -5.51 -21.84
CA THR V 54 -31.55 -5.01 -20.51
C THR V 54 -32.81 -4.44 -19.88
N LEU V 55 -32.80 -4.34 -18.55
CA LEU V 55 -33.96 -3.88 -17.79
C LEU V 55 -33.56 -2.76 -16.85
N HIS V 56 -34.47 -1.81 -16.65
CA HIS V 56 -34.29 -0.71 -15.73
C HIS V 56 -35.45 -0.71 -14.74
N VAL V 57 -35.13 -0.74 -13.45
CA VAL V 57 -36.12 -0.83 -12.39
C VAL V 57 -36.11 0.47 -11.61
N ALA V 58 -37.29 1.03 -11.37
CA ALA V 58 -37.45 2.26 -10.59
C ALA V 58 -38.69 2.15 -9.73
N PRO V 59 -38.56 2.25 -8.41
CA PRO V 59 -39.73 2.12 -7.54
C PRO V 59 -40.67 3.29 -7.69
N GLN V 60 -41.98 2.99 -7.58
CA GLN V 60 -43.02 4.01 -7.64
C GLN V 60 -44.17 3.52 -6.74
N GLY V 61 -44.15 3.97 -5.49
CA GLY V 61 -45.15 3.51 -4.54
C GLY V 61 -45.01 2.01 -4.32
N THR V 62 -46.13 1.30 -4.36
CA THR V 62 -46.10 -0.15 -4.27
C THR V 62 -45.77 -0.78 -5.62
N ALA V 63 -46.12 -0.12 -6.72
CA ALA V 63 -45.85 -0.64 -8.05
C ALA V 63 -44.38 -0.45 -8.40
N MET V 64 -44.02 -0.84 -9.62
CA MET V 64 -42.63 -0.78 -10.08
C MET V 64 -42.62 -0.21 -11.50
N ALA V 65 -42.02 0.97 -11.65
CA ALA V 65 -41.84 1.55 -12.97
C ALA V 65 -40.77 0.75 -13.73
N VAL V 66 -41.11 0.30 -14.93
CA VAL V 66 -40.26 -0.62 -15.69
C VAL V 66 -39.95 0.01 -17.04
N SER V 67 -38.66 0.06 -17.39
CA SER V 67 -38.20 0.51 -18.69
C SER V 67 -37.36 -0.58 -19.32
N THR V 68 -37.56 -0.81 -20.62
CA THR V 68 -36.91 -1.89 -21.34
C THR V 68 -36.21 -1.34 -22.57
N PHE V 69 -34.93 -1.66 -22.72
CA PHE V 69 -34.12 -1.28 -23.88
C PHE V 69 -33.78 -2.52 -24.67
N ARG V 70 -33.94 -2.45 -26.00
CA ARG V 70 -33.66 -3.58 -26.86
C ARG V 70 -33.42 -3.08 -28.27
N LYS V 71 -32.48 -3.72 -28.97
CA LYS V 71 -32.12 -3.32 -30.32
C LYS V 71 -33.07 -3.98 -31.32
N LEU V 72 -33.84 -3.15 -32.03
CA LEU V 72 -34.71 -3.61 -33.10
C LEU V 72 -34.18 -3.03 -34.41
N ASP V 73 -33.62 -3.89 -35.26
CA ASP V 73 -33.01 -3.49 -36.53
C ASP V 73 -31.92 -2.44 -36.33
N GLY V 74 -31.19 -2.55 -35.23
CA GLY V 74 -30.12 -1.62 -34.89
C GLY V 74 -30.55 -0.46 -34.02
N ILE V 75 -31.69 0.15 -34.34
CA ILE V 75 -32.19 1.28 -33.55
C ILE V 75 -32.76 0.78 -32.24
N CYS V 76 -32.37 1.43 -31.14
CA CYS V 76 -32.87 1.06 -29.83
C CYS V 76 -34.29 1.57 -29.62
N TRP V 77 -34.96 1.00 -28.61
CA TRP V 77 -36.33 1.36 -28.27
C TRP V 77 -36.49 1.30 -26.77
N GLN V 78 -37.38 2.15 -26.25
CA GLN V 78 -37.68 2.24 -24.83
C GLN V 78 -39.11 1.78 -24.60
N VAL V 79 -39.27 0.67 -23.90
CA VAL V 79 -40.59 0.13 -23.55
C VAL V 79 -40.84 0.43 -22.09
N ARG V 80 -41.74 1.37 -21.83
CA ARG V 80 -42.07 1.79 -20.47
C ARG V 80 -43.37 1.13 -20.03
N GLN V 81 -43.28 0.34 -18.96
CA GLN V 81 -44.43 -0.37 -18.42
C GLN V 81 -44.53 -0.11 -16.92
N LEU V 82 -45.70 -0.42 -16.36
CA LEU V 82 -45.98 -0.21 -14.95
C LEU V 82 -46.60 -1.49 -14.39
N TYR V 83 -45.81 -2.23 -13.62
CA TYR V 83 -46.28 -3.47 -12.99
C TYR V 83 -47.19 -3.13 -11.84
N GLY V 84 -48.51 -3.17 -12.07
CA GLY V 84 -49.45 -2.85 -11.04
C GLY V 84 -49.49 -3.92 -9.95
N ASP V 85 -49.54 -3.45 -8.69
CA ASP V 85 -49.56 -4.37 -7.57
C ASP V 85 -50.88 -5.12 -7.48
N THR V 86 -50.81 -6.40 -7.11
CA THR V 86 -51.98 -7.23 -6.91
C THR V 86 -52.46 -7.24 -5.47
N GLY V 87 -51.96 -6.33 -4.63
CA GLY V 87 -52.30 -6.29 -3.23
C GLY V 87 -51.43 -7.15 -2.34
N VAL V 88 -50.58 -8.00 -2.91
CA VAL V 88 -49.68 -8.85 -2.15
C VAL V 88 -48.25 -8.47 -2.49
N LEU V 89 -47.41 -8.32 -1.47
CA LEU V 89 -46.02 -7.95 -1.68
C LEU V 89 -45.29 -9.05 -2.43
N GLY V 90 -44.68 -8.69 -3.57
CA GLY V 90 -43.96 -9.65 -4.38
C GLY V 90 -44.63 -9.93 -5.71
N ARG V 91 -45.96 -10.02 -5.69
CA ARG V 91 -46.72 -10.27 -6.91
C ARG V 91 -47.17 -8.96 -7.55
N PHE V 92 -47.22 -8.95 -8.88
CA PHE V 92 -47.58 -7.76 -9.62
C PHE V 92 -48.43 -8.16 -10.82
N LEU V 93 -49.11 -7.16 -11.39
CA LEU V 93 -50.02 -7.36 -12.51
C LEU V 93 -49.62 -6.45 -13.66
N LEU V 94 -49.86 -6.92 -14.89
CA LEU V 94 -49.57 -6.16 -16.09
C LEU V 94 -50.60 -6.49 -17.15
N GLN V 95 -51.07 -5.45 -17.85
CA GLN V 95 -52.05 -5.62 -18.91
C GLN V 95 -51.39 -5.66 -20.29
N ALA V 99 -53.50 -5.67 -26.47
CA ALA V 99 -53.03 -6.26 -25.22
C ALA V 99 -54.01 -7.30 -24.70
N ARG V 100 -53.92 -8.51 -25.27
CA ARG V 100 -54.78 -9.62 -24.89
C ARG V 100 -54.02 -10.50 -23.90
N GLY V 101 -54.50 -10.53 -22.65
CA GLY V 101 -53.88 -11.37 -21.64
C GLY V 101 -53.53 -10.63 -20.37
N ALA V 102 -53.36 -11.36 -19.27
CA ALA V 102 -52.99 -10.80 -17.99
C ALA V 102 -51.65 -11.38 -17.56
N VAL V 103 -50.73 -10.51 -17.17
CA VAL V 103 -49.38 -10.89 -16.81
C VAL V 103 -49.23 -10.80 -15.30
N HIS V 104 -48.72 -11.86 -14.67
CA HIS V 104 -48.50 -11.91 -13.23
C HIS V 104 -47.00 -12.06 -12.98
N VAL V 105 -46.37 -10.99 -12.52
CA VAL V 105 -44.93 -11.00 -12.23
C VAL V 105 -44.73 -11.46 -10.80
N VAL V 106 -43.93 -12.51 -10.64
CA VAL V 106 -43.65 -13.12 -9.33
C VAL V 106 -42.14 -13.30 -9.20
N VAL V 107 -41.56 -12.69 -8.18
CA VAL V 107 -40.13 -12.80 -7.91
C VAL V 107 -39.96 -13.68 -6.68
N ALA V 108 -39.38 -14.87 -6.88
CA ALA V 108 -39.27 -15.87 -5.82
C ALA V 108 -37.88 -16.02 -5.23
N GLU V 109 -36.85 -16.11 -6.08
CA GLU V 109 -35.49 -16.33 -5.62
C GLU V 109 -34.57 -15.30 -6.25
N THR V 110 -33.98 -14.44 -5.43
CA THR V 110 -33.09 -13.39 -5.92
C THR V 110 -32.32 -12.81 -4.75
N ASP V 111 -31.12 -12.32 -5.04
CA ASP V 111 -30.37 -11.49 -4.13
C ASP V 111 -30.46 -10.03 -4.59
N TYR V 112 -29.72 -9.15 -3.94
CA TYR V 112 -29.76 -7.73 -4.26
C TYR V 112 -28.48 -7.23 -4.93
N GLN V 113 -27.58 -8.13 -5.31
CA GLN V 113 -26.30 -7.69 -5.86
C GLN V 113 -25.90 -8.41 -7.14
N SER V 114 -26.36 -9.64 -7.34
CA SER V 114 -25.76 -10.39 -8.45
C SER V 114 -26.77 -10.92 -9.46
N PHE V 115 -27.91 -11.45 -9.02
CA PHE V 115 -28.83 -12.09 -9.94
C PHE V 115 -30.28 -11.79 -9.55
N ALA V 116 -31.20 -12.24 -10.39
CA ALA V 116 -32.63 -12.07 -10.16
C ALA V 116 -33.39 -13.06 -11.04
N VAL V 117 -34.39 -13.71 -10.45
CA VAL V 117 -35.25 -14.66 -11.15
C VAL V 117 -36.69 -14.19 -11.06
N LEU V 118 -37.35 -14.09 -12.21
CA LEU V 118 -38.72 -13.62 -12.28
C LEU V 118 -39.62 -14.69 -12.89
N TYR V 119 -40.88 -14.69 -12.47
CA TYR V 119 -41.90 -15.61 -12.98
C TYR V 119 -43.02 -14.81 -13.62
N LEU V 120 -43.42 -15.20 -14.82
CA LEU V 120 -44.49 -14.53 -15.54
C LEU V 120 -45.52 -15.56 -15.99
N GLU V 121 -46.79 -15.20 -15.86
CA GLU V 121 -47.89 -16.08 -16.25
C GLU V 121 -48.81 -15.35 -17.21
N ARG V 122 -49.25 -16.06 -18.26
CA ARG V 122 -50.15 -15.48 -19.25
C ARG V 122 -50.90 -16.60 -19.95
N ALA V 123 -52.23 -16.51 -19.96
CA ALA V 123 -53.09 -17.48 -20.63
C ALA V 123 -52.83 -18.91 -20.13
N GLY V 124 -52.71 -19.04 -18.81
CA GLY V 124 -52.46 -20.35 -18.22
C GLY V 124 -51.13 -20.97 -18.56
N GLN V 125 -50.14 -20.15 -18.95
CA GLN V 125 -48.82 -20.63 -19.30
C GLN V 125 -47.79 -19.96 -18.41
N LEU V 126 -46.83 -20.76 -17.92
CA LEU V 126 -45.78 -20.26 -17.05
C LEU V 126 -44.53 -19.95 -17.85
N SER V 127 -43.73 -19.02 -17.32
CA SER V 127 -42.49 -18.61 -17.97
C SER V 127 -41.53 -18.07 -16.93
N VAL V 128 -40.24 -18.26 -17.17
CA VAL V 128 -39.19 -17.84 -16.26
C VAL V 128 -38.26 -16.87 -16.97
N LYS V 129 -37.69 -15.95 -16.20
CA LYS V 129 -36.75 -14.96 -16.72
C LYS V 129 -35.59 -14.81 -15.75
N LEU V 130 -34.37 -14.91 -16.27
CA LEU V 130 -33.16 -14.78 -15.48
C LEU V 130 -32.54 -13.40 -15.70
N TYR V 131 -32.35 -12.65 -14.63
CA TYR V 131 -31.77 -11.31 -14.69
C TYR V 131 -30.51 -11.26 -13.85
N ALA V 132 -29.52 -10.50 -14.33
CA ALA V 132 -28.24 -10.36 -13.64
C ALA V 132 -27.79 -8.91 -13.74
N ARG V 133 -26.99 -8.49 -12.75
CA ARG V 133 -26.48 -7.12 -12.74
C ARG V 133 -25.39 -6.90 -13.78
N SER V 134 -24.58 -7.91 -14.05
CA SER V 134 -23.48 -7.78 -15.00
C SER V 134 -23.00 -9.17 -15.39
N LEU V 135 -22.21 -9.22 -16.48
CA LEU V 135 -21.62 -10.42 -17.03
C LEU V 135 -20.20 -10.61 -16.49
N PRO V 136 -19.74 -11.87 -16.34
CA PRO V 136 -20.47 -13.11 -16.64
C PRO V 136 -21.40 -13.54 -15.51
N VAL V 137 -22.24 -14.53 -15.79
CA VAL V 137 -23.17 -15.07 -14.81
C VAL V 137 -22.52 -16.26 -14.12
N SER V 138 -22.68 -16.34 -12.79
CA SER V 138 -22.11 -17.43 -12.03
C SER V 138 -22.71 -18.77 -12.46
N ASP V 139 -21.87 -19.81 -12.46
CA ASP V 139 -22.33 -21.13 -12.87
C ASP V 139 -23.36 -21.69 -11.90
N SER V 140 -23.24 -21.38 -10.61
CA SER V 140 -24.22 -21.84 -9.64
C SER V 140 -25.58 -21.21 -9.87
N VAL V 141 -25.61 -19.94 -10.28
CA VAL V 141 -26.87 -19.27 -10.58
C VAL V 141 -27.54 -19.93 -11.78
N LEU V 142 -26.75 -20.24 -12.82
CA LEU V 142 -27.31 -20.92 -13.99
C LEU V 142 -27.79 -22.31 -13.65
N SER V 143 -27.08 -23.02 -12.77
CA SER V 143 -27.52 -24.35 -12.36
C SER V 143 -28.83 -24.27 -11.58
N GLY V 144 -28.95 -23.30 -10.68
CA GLY V 144 -30.20 -23.12 -9.97
C GLY V 144 -31.35 -22.74 -10.89
N PHE V 145 -31.07 -21.89 -11.88
CA PHE V 145 -32.10 -21.54 -12.86
C PHE V 145 -32.54 -22.75 -13.66
N GLU V 146 -31.59 -23.60 -14.06
CA GLU V 146 -31.93 -24.82 -14.77
C GLU V 146 -32.76 -25.76 -13.91
N GLN V 147 -32.39 -25.90 -12.63
CA GLN V 147 -33.16 -26.75 -11.73
C GLN V 147 -34.58 -26.22 -11.57
N ARG V 148 -34.74 -24.90 -11.43
CA ARG V 148 -36.08 -24.33 -11.27
C ARG V 148 -36.91 -24.48 -12.53
N VAL V 149 -36.30 -24.29 -13.70
CA VAL V 149 -37.07 -24.40 -14.94
C VAL V 149 -37.41 -25.86 -15.23
N GLN V 150 -36.60 -26.80 -14.71
CA GLN V 150 -36.96 -28.21 -14.84
C GLN V 150 -38.07 -28.58 -13.85
N GLU V 151 -38.06 -27.99 -12.66
CA GLU V 151 -39.13 -28.22 -11.70
C GLU V 151 -40.43 -27.53 -12.12
N ALA V 152 -40.35 -26.54 -13.02
CA ALA V 152 -41.52 -25.84 -13.53
C ALA V 152 -42.16 -26.55 -14.71
N HIS V 153 -41.91 -27.86 -14.87
CA HIS V 153 -42.50 -28.66 -15.94
C HIS V 153 -42.13 -28.13 -17.33
N LEU V 154 -40.90 -27.63 -17.46
CA LEU V 154 -40.38 -27.13 -18.72
C LEU V 154 -39.12 -27.89 -19.09
N THR V 155 -38.95 -28.15 -20.39
CA THR V 155 -37.80 -28.92 -20.86
C THR V 155 -36.59 -28.01 -21.05
N GLU V 156 -35.42 -28.65 -21.18
CA GLU V 156 -34.19 -27.89 -21.37
C GLU V 156 -34.12 -27.27 -22.77
N ASP V 157 -34.74 -27.91 -23.77
CA ASP V 157 -34.75 -27.36 -25.11
C ASP V 157 -35.50 -26.05 -25.21
N GLN V 158 -36.43 -25.79 -24.28
CA GLN V 158 -37.18 -24.54 -24.26
C GLN V 158 -36.39 -23.40 -23.63
N ILE V 159 -35.12 -23.62 -23.27
CA ILE V 159 -34.28 -22.57 -22.73
C ILE V 159 -33.54 -21.91 -23.89
N PHE V 160 -33.44 -20.57 -23.83
CA PHE V 160 -32.82 -19.80 -24.90
C PHE V 160 -31.86 -18.80 -24.28
N TYR V 161 -30.60 -18.84 -24.72
CA TYR V 161 -29.58 -17.93 -24.23
C TYR V 161 -29.51 -16.68 -25.11
N PHE V 162 -29.18 -15.56 -24.49
CA PHE V 162 -29.12 -14.27 -25.16
C PHE V 162 -27.68 -13.79 -25.27
N PRO V 163 -27.39 -12.91 -26.23
CA PRO V 163 -26.04 -12.39 -26.38
C PRO V 163 -25.61 -11.62 -25.13
N LYS V 164 -24.29 -11.57 -24.92
CA LYS V 164 -23.71 -10.94 -23.73
C LYS V 164 -23.17 -9.55 -24.02
N TYR V 165 -23.56 -8.94 -25.14
CA TYR V 165 -23.11 -7.60 -25.47
C TYR V 165 -24.14 -6.95 -26.38
N GLY V 166 -23.97 -5.65 -26.60
CA GLY V 166 -24.89 -4.90 -27.43
C GLY V 166 -26.07 -4.30 -26.69
N PHE V 167 -25.92 -4.02 -25.40
CA PHE V 167 -27.00 -3.45 -24.61
C PHE V 167 -27.14 -1.95 -24.89
N CYS V 168 -28.37 -1.49 -25.02
CA CYS V 168 -28.63 -0.09 -25.31
C CYS V 168 -28.36 0.79 -24.09
N GLU V 169 -27.72 1.93 -24.33
CA GLU V 169 -27.47 2.88 -23.25
C GLU V 169 -28.76 3.63 -22.89
N ALA V 170 -29.33 4.34 -23.86
CA ALA V 170 -30.57 5.07 -23.64
C ALA V 170 -31.21 5.35 -25.00
N ALA V 171 -32.54 5.45 -25.00
CA ALA V 171 -33.29 5.70 -26.22
C ALA V 171 -33.52 7.21 -26.38
N ASP V 172 -34.36 7.59 -27.33
CA ASP V 172 -34.66 8.98 -27.61
C ASP V 172 -36.16 9.23 -27.38
N GLN V 173 -36.53 10.52 -27.44
CA GLN V 173 -37.92 10.89 -27.25
C GLN V 173 -38.81 10.35 -28.37
N PHE V 174 -38.27 10.30 -29.59
CA PHE V 174 -39.06 9.79 -30.72
C PHE V 174 -39.23 8.28 -30.62
N HIS V 175 -38.21 7.57 -30.14
CA HIS V 175 -38.24 6.11 -30.04
C HIS V 175 -38.53 5.76 -28.57
N VAL V 176 -39.82 5.72 -28.24
CA VAL V 176 -40.26 5.40 -26.88
C VAL V 176 -41.66 4.80 -26.94
N LEU V 177 -41.97 3.96 -25.96
CA LEU V 177 -43.26 3.31 -25.86
C LEU V 177 -44.03 3.90 -24.69
N ASP V 178 -45.37 3.88 -24.79
CA ASP V 178 -46.25 4.56 -23.85
C ASP V 178 -47.32 3.62 -23.33
N GLU V 179 -46.91 2.42 -22.89
CA GLU V 179 -47.86 1.46 -22.33
C GLU V 179 -48.51 2.00 -21.06
N VAL V 180 -47.78 2.80 -20.28
CA VAL V 180 -48.32 3.36 -19.05
C VAL V 180 -49.41 4.38 -19.36
N CYS W 9 -79.73 48.66 -44.35
CA CYS W 9 -80.06 47.53 -45.23
C CYS W 9 -81.40 47.75 -45.91
N GLN W 10 -81.47 47.42 -47.19
CA GLN W 10 -82.68 47.59 -47.99
C GLN W 10 -83.14 46.22 -48.46
N LEU W 11 -84.37 45.85 -48.09
CA LEU W 11 -84.97 44.58 -48.49
C LEU W 11 -86.24 44.85 -49.27
N SER W 12 -86.45 44.09 -50.34
CA SER W 12 -87.63 44.28 -51.18
C SER W 12 -88.88 43.75 -50.48
N ASN W 13 -90.01 43.90 -51.14
CA ASN W 13 -91.28 43.46 -50.59
C ASN W 13 -91.42 41.94 -50.70
N TRP W 14 -92.36 41.40 -49.91
CA TRP W 14 -92.61 39.97 -49.93
C TRP W 14 -93.25 39.55 -51.25
N SER W 15 -92.75 38.48 -51.85
CA SER W 15 -93.29 38.00 -53.11
C SER W 15 -94.66 37.37 -52.90
N GLU W 16 -95.33 37.08 -54.00
CA GLU W 16 -96.65 36.48 -53.96
C GLU W 16 -96.58 35.05 -53.41
N TRP W 17 -97.65 34.65 -52.74
CA TRP W 17 -97.69 33.31 -52.15
C TRP W 17 -97.77 32.25 -53.25
N THR W 18 -96.85 31.29 -53.19
CA THR W 18 -96.85 30.19 -54.14
C THR W 18 -97.97 29.21 -53.83
N ASP W 19 -98.20 28.28 -54.76
CA ASP W 19 -99.23 27.27 -54.56
C ASP W 19 -98.87 26.34 -53.41
N CYS W 20 -99.88 25.89 -52.69
CA CYS W 20 -99.68 25.01 -51.55
C CYS W 20 -99.33 23.60 -52.02
N PHE W 21 -98.55 22.90 -51.21
CA PHE W 21 -98.11 21.55 -51.53
C PHE W 21 -98.85 20.55 -50.66
N PRO W 22 -99.33 19.44 -51.23
CA PRO W 22 -100.05 18.45 -50.41
C PRO W 22 -99.20 17.82 -49.32
N CYS W 23 -97.97 17.40 -49.65
CA CYS W 23 -97.12 16.74 -48.68
C CYS W 23 -96.42 17.73 -47.77
N GLN W 24 -95.90 18.82 -48.34
CA GLN W 24 -95.23 19.83 -47.51
C GLN W 24 -96.22 20.53 -46.59
N ASP W 25 -97.43 20.81 -47.08
CA ASP W 25 -98.49 21.44 -46.30
C ASP W 25 -98.04 22.78 -45.73
N LYS W 26 -97.33 23.55 -46.54
CA LYS W 26 -96.82 24.85 -46.12
C LYS W 26 -96.79 25.80 -47.31
N LYS W 27 -96.75 27.09 -47.00
CA LYS W 27 -96.66 28.15 -47.99
C LYS W 27 -95.26 28.75 -47.97
N TYR W 28 -94.89 29.43 -49.05
CA TYR W 28 -93.56 29.96 -49.21
C TYR W 28 -93.58 31.33 -49.87
N ARG W 29 -92.67 32.20 -49.46
CA ARG W 29 -92.46 33.50 -50.09
C ARG W 29 -91.06 33.96 -49.76
N HIS W 30 -90.57 34.93 -50.53
CA HIS W 30 -89.19 35.38 -50.38
C HIS W 30 -89.07 36.80 -50.92
N ARG W 31 -87.90 37.39 -50.70
CA ARG W 31 -87.58 38.71 -51.23
C ARG W 31 -86.09 38.75 -51.55
N SER W 32 -85.66 39.85 -52.15
CA SER W 32 -84.29 40.01 -52.60
C SER W 32 -83.55 40.99 -51.69
N LEU W 33 -82.23 40.78 -51.58
CA LEU W 33 -81.36 41.64 -50.79
C LEU W 33 -80.79 42.72 -51.70
N LEU W 34 -81.24 43.96 -51.52
CA LEU W 34 -80.81 45.05 -52.39
C LEU W 34 -79.44 45.58 -51.98
N GLN W 35 -79.30 46.04 -50.74
CA GLN W 35 -78.06 46.63 -50.28
C GLN W 35 -77.77 46.24 -48.84
N PRO W 36 -76.68 45.52 -48.58
CA PRO W 36 -76.33 45.14 -47.21
C PRO W 36 -75.62 46.28 -46.49
N ASN W 37 -75.14 45.99 -45.29
CA ASN W 37 -74.40 46.95 -44.47
C ASN W 37 -73.02 47.18 -45.08
N LYS W 38 -72.89 48.26 -45.85
CA LYS W 38 -71.62 48.52 -46.53
C LYS W 38 -70.58 49.10 -45.56
N PHE W 39 -70.84 50.28 -45.03
CA PHE W 39 -69.92 50.92 -44.09
C PHE W 39 -70.55 51.12 -42.71
N GLY W 40 -71.68 51.81 -42.63
CA GLY W 40 -72.31 52.08 -41.35
C GLY W 40 -73.83 52.06 -41.41
N GLY W 41 -74.38 51.55 -42.52
CA GLY W 41 -75.81 51.50 -42.67
C GLY W 41 -76.48 50.57 -41.67
N THR W 42 -77.74 50.87 -41.37
CA THR W 42 -78.50 50.05 -40.43
C THR W 42 -78.71 48.65 -41.01
N ILE W 43 -78.26 47.64 -40.26
CA ILE W 43 -78.39 46.27 -40.75
C ILE W 43 -79.85 45.82 -40.69
N CYS W 44 -80.14 44.74 -41.41
CA CYS W 44 -81.50 44.19 -41.50
C CYS W 44 -81.49 42.80 -40.85
N SER W 45 -82.10 42.71 -39.67
CA SER W 45 -82.21 41.41 -39.00
C SER W 45 -83.11 40.46 -39.77
N GLY W 46 -84.04 40.99 -40.55
CA GLY W 46 -84.91 40.14 -41.35
C GLY W 46 -84.16 39.42 -42.44
N ASP W 47 -84.57 38.18 -42.70
CA ASP W 47 -83.97 37.36 -43.72
C ASP W 47 -84.75 37.47 -45.03
N ILE W 48 -84.27 36.76 -46.06
CA ILE W 48 -84.92 36.76 -47.36
C ILE W 48 -85.85 35.57 -47.55
N TRP W 49 -86.05 34.76 -46.52
CA TRP W 49 -86.84 33.54 -46.62
C TRP W 49 -87.92 33.53 -45.55
N ASP W 50 -89.00 32.79 -45.82
CA ASP W 50 -90.13 32.73 -44.91
C ASP W 50 -90.95 31.49 -45.25
N GLN W 51 -91.79 31.10 -44.28
CA GLN W 51 -92.68 29.96 -44.47
C GLN W 51 -93.99 30.25 -43.76
N ALA W 52 -95.02 29.50 -44.12
CA ALA W 52 -96.36 29.72 -43.59
C ALA W 52 -97.12 28.40 -43.55
N SER W 53 -97.93 28.23 -42.51
CA SER W 53 -98.76 27.03 -42.41
C SER W 53 -99.80 27.01 -43.52
N CYS W 54 -100.18 25.81 -43.93
CA CYS W 54 -101.16 25.63 -45.00
C CYS W 54 -102.03 24.42 -44.69
N SER W 55 -103.29 24.49 -45.11
CA SER W 55 -104.25 23.40 -44.93
C SER W 55 -104.97 23.08 -46.22
N SER W 56 -104.28 23.19 -47.36
CA SER W 56 -104.86 22.92 -48.67
C SER W 56 -104.31 21.65 -49.29
N SER W 57 -103.91 20.68 -48.47
CA SER W 57 -103.41 19.41 -48.99
C SER W 57 -104.50 18.68 -49.76
N THR W 58 -104.13 18.09 -50.89
CA THR W 58 -105.08 17.42 -51.77
C THR W 58 -104.82 15.92 -51.88
N THR W 59 -103.63 15.51 -52.31
CA THR W 59 -103.32 14.10 -52.53
C THR W 59 -101.92 13.82 -51.98
N CYS W 60 -101.85 13.30 -50.76
CA CYS W 60 -100.59 12.92 -50.15
C CYS W 60 -100.81 11.91 -49.01
N CYS W 66 -91.28 5.66 -56.50
CA CYS W 66 -90.23 5.02 -57.29
C CYS W 66 -90.80 4.18 -58.43
N GLY W 67 -91.63 3.20 -58.09
CA GLY W 67 -92.09 2.22 -59.05
C GLY W 67 -91.11 1.11 -59.33
N GLN W 68 -89.99 1.07 -58.61
CA GLN W 68 -88.96 0.06 -58.81
C GLN W 68 -89.30 -1.18 -57.99
N ASP W 69 -88.32 -2.07 -57.82
CA ASP W 69 -88.53 -3.31 -57.09
C ASP W 69 -89.00 -3.05 -55.67
N PHE W 70 -88.34 -2.10 -54.98
CA PHE W 70 -88.70 -1.78 -53.62
C PHE W 70 -88.45 -0.30 -53.36
N GLN W 71 -89.13 0.24 -52.35
CA GLN W 71 -89.02 1.65 -52.00
C GLN W 71 -89.24 1.79 -50.50
N CYS W 72 -88.46 2.68 -49.87
CA CYS W 72 -88.68 2.97 -48.46
C CYS W 72 -90.05 3.60 -48.26
N LYS W 73 -90.54 3.53 -47.03
CA LYS W 73 -91.90 3.98 -46.74
C LYS W 73 -92.03 5.49 -46.86
N GLU W 74 -91.23 6.24 -46.08
CA GLU W 74 -91.34 7.69 -46.06
C GLU W 74 -90.38 8.38 -47.01
N THR W 75 -89.24 7.79 -47.32
CA THR W 75 -88.27 8.37 -48.24
C THR W 75 -88.37 7.69 -49.60
N GLY W 76 -88.18 8.47 -50.66
CA GLY W 76 -88.32 7.95 -52.00
C GLY W 76 -87.07 7.30 -52.56
N ARG W 77 -86.31 6.63 -51.70
CA ARG W 77 -85.10 5.94 -52.13
C ARG W 77 -85.50 4.65 -52.86
N CYS W 78 -85.10 4.55 -54.13
CA CYS W 78 -85.42 3.40 -54.95
C CYS W 78 -84.39 2.30 -54.69
N LEU W 79 -84.84 1.17 -54.13
CA LEU W 79 -83.97 0.07 -53.75
C LEU W 79 -84.43 -1.21 -54.41
N LYS W 80 -83.47 -2.05 -54.80
CA LYS W 80 -83.78 -3.34 -55.40
C LYS W 80 -84.18 -4.35 -54.31
N ARG W 81 -84.93 -5.37 -54.74
CA ARG W 81 -85.42 -6.37 -53.79
C ARG W 81 -84.32 -7.27 -53.25
N HIS W 82 -83.16 -7.34 -53.91
CA HIS W 82 -82.09 -8.19 -53.42
C HIS W 82 -81.42 -7.63 -52.17
N LEU W 83 -81.76 -6.41 -51.76
CA LEU W 83 -81.22 -5.81 -50.56
C LEU W 83 -82.19 -5.86 -49.38
N VAL W 84 -83.36 -6.49 -49.55
CA VAL W 84 -84.35 -6.60 -48.50
C VAL W 84 -84.07 -7.84 -47.67
N CYS W 85 -84.07 -7.69 -46.35
CA CYS W 85 -83.80 -8.77 -45.41
C CYS W 85 -82.43 -9.40 -45.67
N ASN W 86 -81.39 -8.56 -45.54
CA ASN W 86 -80.02 -8.99 -45.76
C ASN W 86 -79.09 -8.64 -44.61
N GLY W 87 -79.63 -8.18 -43.48
CA GLY W 87 -78.79 -7.81 -42.36
C GLY W 87 -78.11 -6.47 -42.50
N ASP W 88 -78.73 -5.53 -43.20
CA ASP W 88 -78.15 -4.20 -43.38
C ASP W 88 -79.29 -3.21 -43.60
N GLN W 89 -79.38 -2.18 -42.77
CA GLN W 89 -80.46 -1.22 -42.84
C GLN W 89 -80.16 -0.23 -43.96
N ASP W 90 -80.93 -0.30 -45.05
CA ASP W 90 -80.76 0.62 -46.16
C ASP W 90 -81.67 1.84 -46.08
N CYS W 91 -82.81 1.72 -45.43
CA CYS W 91 -83.70 2.86 -45.19
C CYS W 91 -83.54 3.35 -43.75
N LEU W 92 -83.71 4.66 -43.56
CA LEU W 92 -83.65 5.21 -42.22
C LEU W 92 -84.87 4.80 -41.40
N ASP W 93 -85.99 4.54 -42.06
CA ASP W 93 -87.20 4.10 -41.38
C ASP W 93 -87.15 2.64 -40.97
N GLY W 94 -86.36 1.82 -41.65
CA GLY W 94 -86.25 0.41 -41.33
C GLY W 94 -87.23 -0.49 -42.05
N SER W 95 -87.72 -0.08 -43.21
CA SER W 95 -88.69 -0.88 -43.97
C SER W 95 -88.05 -2.01 -44.76
N ASP W 96 -86.73 -2.19 -44.66
CA ASP W 96 -86.05 -3.25 -45.39
C ASP W 96 -85.71 -4.46 -44.53
N GLU W 97 -85.58 -4.28 -43.21
CA GLU W 97 -85.26 -5.36 -42.28
C GLU W 97 -86.40 -5.59 -41.30
N ASP W 98 -87.63 -5.27 -41.70
CA ASP W 98 -88.80 -5.46 -40.87
C ASP W 98 -89.57 -6.68 -41.35
N ASP W 99 -90.14 -7.43 -40.40
CA ASP W 99 -90.92 -8.64 -40.64
C ASP W 99 -90.08 -9.76 -41.27
N CYS W 100 -88.76 -9.61 -41.32
CA CYS W 100 -87.87 -10.65 -41.85
C CYS W 100 -87.73 -11.74 -40.80
N GLU W 101 -88.76 -12.58 -40.70
CA GLU W 101 -88.79 -13.60 -39.65
C GLU W 101 -87.94 -14.81 -40.03
N ASP W 102 -88.33 -15.51 -41.09
CA ASP W 102 -87.58 -16.68 -41.55
C ASP W 102 -86.69 -16.30 -42.73
N VAL W 103 -85.63 -15.57 -42.40
CA VAL W 103 -84.64 -15.12 -43.39
C VAL W 103 -83.27 -15.20 -42.74
N ARG W 104 -82.37 -15.99 -43.33
CA ARG W 104 -81.00 -16.07 -42.84
C ARG W 104 -80.24 -14.82 -43.23
N ALA W 105 -79.49 -14.27 -42.28
CA ALA W 105 -78.75 -13.03 -42.46
C ALA W 105 -77.28 -13.31 -42.19
N ILE W 106 -76.49 -13.43 -43.25
CA ILE W 106 -75.06 -13.65 -43.11
C ILE W 106 -74.38 -12.40 -42.57
N ASP W 107 -73.29 -12.60 -41.83
CA ASP W 107 -72.54 -11.50 -41.26
C ASP W 107 -71.57 -10.87 -42.25
N GLU W 108 -71.16 -11.61 -43.28
CA GLU W 108 -70.26 -11.19 -44.36
C GLU W 108 -68.83 -10.95 -43.87
N ASP W 109 -68.56 -11.09 -42.57
CA ASP W 109 -67.27 -10.72 -41.99
C ASP W 109 -66.87 -9.30 -42.43
N CYS W 110 -67.85 -8.42 -42.48
CA CYS W 110 -67.68 -7.08 -43.04
C CYS W 110 -68.10 -5.98 -42.09
N SER W 111 -69.14 -6.21 -41.28
CA SER W 111 -69.58 -5.21 -40.31
C SER W 111 -68.65 -5.13 -39.10
N GLN W 112 -67.71 -6.07 -38.95
CA GLN W 112 -66.76 -6.02 -37.86
C GLN W 112 -65.63 -5.03 -38.11
N TYR W 113 -65.32 -4.74 -39.36
CA TYR W 113 -64.25 -3.81 -39.70
C TYR W 113 -64.79 -2.38 -39.79
N GLU W 114 -63.89 -1.42 -39.64
CA GLU W 114 -64.35 -0.04 -39.52
C GLU W 114 -64.27 0.67 -40.87
N PRO W 115 -65.22 1.57 -41.15
CA PRO W 115 -65.15 2.34 -42.41
C PRO W 115 -64.02 3.34 -42.38
N ILE W 116 -63.77 3.94 -43.54
CA ILE W 116 -62.68 4.93 -43.66
C ILE W 116 -62.99 6.14 -42.79
N PRO W 117 -62.05 6.61 -41.97
CA PRO W 117 -62.28 7.83 -41.19
C PRO W 117 -62.26 9.06 -42.09
N GLY W 118 -63.32 9.86 -42.01
CA GLY W 118 -63.44 11.08 -42.79
C GLY W 118 -64.48 11.06 -43.87
N SER W 119 -65.29 10.00 -43.96
CA SER W 119 -66.35 9.95 -44.97
C SER W 119 -67.40 11.02 -44.73
N GLN W 120 -67.53 11.50 -43.49
CA GLN W 120 -68.50 12.54 -43.18
C GLN W 120 -68.20 13.82 -43.96
N LYS W 121 -66.93 14.23 -43.97
CA LYS W 121 -66.55 15.44 -44.69
C LYS W 121 -66.72 15.25 -46.19
N ALA W 122 -66.43 14.06 -46.71
CA ALA W 122 -66.62 13.79 -48.12
C ALA W 122 -68.10 13.75 -48.50
N ALA W 123 -68.99 13.46 -47.56
CA ALA W 123 -70.42 13.42 -47.82
C ALA W 123 -71.09 14.77 -47.64
N LEU W 124 -70.38 15.78 -47.15
CA LEU W 124 -70.95 17.10 -46.93
C LEU W 124 -70.79 17.96 -48.18
N GLY W 125 -71.68 18.94 -48.33
CA GLY W 125 -71.60 19.90 -49.42
C GLY W 125 -70.55 20.96 -49.17
N TYR W 126 -70.39 21.84 -50.15
CA TYR W 126 -69.41 22.91 -50.08
C TYR W 126 -69.97 24.17 -50.71
N ASN W 127 -69.70 25.31 -50.08
CA ASN W 127 -70.13 26.62 -50.56
C ASN W 127 -68.89 27.46 -50.81
N ILE W 128 -68.67 27.86 -52.07
CA ILE W 128 -67.49 28.64 -52.41
C ILE W 128 -67.55 30.06 -51.88
N LEU W 129 -68.74 30.55 -51.53
CA LEU W 129 -68.87 31.91 -51.04
C LEU W 129 -68.37 32.05 -49.61
N THR W 130 -68.66 31.08 -48.75
CA THR W 130 -68.28 31.14 -47.34
C THR W 130 -67.21 30.12 -46.97
N GLN W 131 -66.89 29.18 -47.86
CA GLN W 131 -65.89 28.13 -47.58
C GLN W 131 -66.27 27.33 -46.33
N GLU W 132 -67.56 27.02 -46.21
CA GLU W 132 -68.09 26.28 -45.06
C GLU W 132 -68.74 24.99 -45.54
N ASP W 133 -69.08 24.13 -44.58
CA ASP W 133 -69.67 22.83 -44.86
C ASP W 133 -71.19 22.90 -44.74
N ALA W 134 -71.89 22.42 -45.76
CA ALA W 134 -73.35 22.37 -45.75
C ALA W 134 -73.81 21.02 -45.18
N GLN W 135 -75.09 20.71 -45.34
CA GLN W 135 -75.62 19.46 -44.85
C GLN W 135 -75.07 18.28 -45.67
N SER W 136 -75.44 17.07 -45.24
CA SER W 136 -74.95 15.88 -45.91
C SER W 136 -75.55 15.74 -47.31
N VAL W 137 -74.71 15.48 -48.28
CA VAL W 137 -75.13 15.30 -49.67
C VAL W 137 -75.19 13.82 -50.03
N TYR W 138 -74.11 13.09 -49.80
CA TYR W 138 -74.06 11.66 -50.07
C TYR W 138 -74.35 10.87 -48.80
N ASP W 139 -74.84 9.64 -48.99
CA ASP W 139 -75.15 8.75 -47.87
C ASP W 139 -73.87 8.01 -47.50
N ALA W 140 -73.25 8.42 -46.39
CA ALA W 140 -72.00 7.81 -45.94
C ALA W 140 -72.21 6.44 -45.29
N SER W 141 -73.46 6.04 -45.03
CA SER W 141 -73.75 4.77 -44.40
C SER W 141 -74.45 3.80 -45.34
N TYR W 142 -74.54 4.13 -46.62
CA TYR W 142 -75.18 3.27 -47.61
C TYR W 142 -74.14 2.35 -48.24
N TYR W 143 -74.34 1.04 -48.13
CA TYR W 143 -73.43 0.06 -48.70
C TYR W 143 -74.03 -0.71 -49.87
N GLY W 144 -75.34 -0.91 -49.89
CA GLY W 144 -76.01 -1.64 -50.95
C GLY W 144 -75.50 -3.07 -51.11
N GLY W 145 -75.34 -3.77 -49.99
CA GLY W 145 -74.86 -5.13 -50.00
C GLY W 145 -73.42 -5.33 -50.41
N GLN W 146 -72.73 -4.27 -50.83
CA GLN W 146 -71.35 -4.39 -51.27
C GLN W 146 -70.40 -4.38 -50.08
N CYS W 147 -69.34 -5.19 -50.17
CA CYS W 147 -68.33 -5.29 -49.13
C CYS W 147 -66.96 -5.17 -49.78
N GLU W 148 -66.42 -3.96 -49.84
CA GLU W 148 -65.08 -3.71 -50.35
C GLU W 148 -64.17 -3.30 -49.20
N THR W 149 -62.99 -3.92 -49.17
CA THR W 149 -62.01 -3.67 -48.12
C THR W 149 -60.70 -3.21 -48.74
N VAL W 150 -60.11 -2.18 -48.15
CA VAL W 150 -58.85 -1.61 -48.62
C VAL W 150 -57.86 -1.64 -47.46
N TYR W 151 -56.61 -2.00 -47.78
CA TYR W 151 -55.57 -2.08 -46.75
C TYR W 151 -55.35 -0.73 -46.11
N ASN W 152 -55.67 -0.63 -44.81
CA ASN W 152 -55.56 0.63 -44.10
C ASN W 152 -54.11 1.09 -44.01
N GLY W 153 -53.92 2.40 -44.00
CA GLY W 153 -52.60 2.98 -43.90
C GLY W 153 -52.30 3.54 -42.53
N GLU W 154 -53.33 3.84 -41.76
CA GLU W 154 -53.18 4.38 -40.43
C GLU W 154 -53.08 3.36 -39.32
N TRP W 155 -53.15 2.08 -39.64
CA TRP W 155 -52.99 1.02 -38.64
C TRP W 155 -51.53 0.61 -38.52
N ARG W 156 -50.69 1.59 -38.19
CA ARG W 156 -49.25 1.38 -38.11
C ARG W 156 -48.62 2.06 -36.91
N GLU W 157 -49.41 2.38 -35.88
CA GLU W 157 -48.90 3.13 -34.73
C GLU W 157 -47.82 2.36 -33.97
N LEU W 158 -48.20 1.25 -33.34
CA LEU W 158 -47.28 0.49 -32.49
C LEU W 158 -47.93 -0.78 -31.97
N ARG W 159 -47.12 -1.80 -31.65
CA ARG W 159 -47.61 -3.04 -31.09
C ARG W 159 -46.44 -3.79 -30.46
N TYR W 160 -46.57 -4.14 -29.18
CA TYR W 160 -45.50 -4.77 -28.43
C TYR W 160 -46.04 -5.94 -27.63
N ASP W 161 -45.15 -6.88 -27.31
CA ASP W 161 -45.48 -8.06 -26.51
C ASP W 161 -44.28 -8.38 -25.63
N SER W 162 -44.42 -8.14 -24.33
CA SER W 162 -43.29 -8.31 -23.40
C SER W 162 -43.07 -9.77 -23.03
N THR W 163 -44.15 -10.56 -22.92
CA THR W 163 -44.02 -11.93 -22.44
C THR W 163 -43.18 -12.78 -23.39
N CYS W 164 -43.40 -12.64 -24.69
CA CYS W 164 -42.65 -13.40 -25.69
C CYS W 164 -41.53 -12.58 -26.32
N GLU W 165 -41.27 -11.38 -25.82
CA GLU W 165 -40.26 -10.48 -26.37
C GLU W 165 -40.49 -10.27 -27.87
N ARG W 166 -41.76 -10.08 -28.24
CA ARG W 166 -42.16 -9.96 -29.63
C ARG W 166 -42.57 -8.52 -29.92
N LEU W 167 -41.81 -7.85 -30.76
CA LEU W 167 -42.14 -6.52 -31.24
C LEU W 167 -42.54 -6.63 -32.71
N TYR W 168 -43.79 -6.27 -33.01
CA TYR W 168 -44.35 -6.44 -34.35
C TYR W 168 -45.05 -5.15 -34.73
N TYR W 169 -45.79 -5.19 -35.83
CA TYR W 169 -46.32 -4.00 -36.47
C TYR W 169 -47.83 -3.94 -36.27
N GLY W 170 -48.47 -2.93 -36.88
CA GLY W 170 -49.89 -2.72 -36.70
C GLY W 170 -50.76 -3.71 -37.46
N ASP W 171 -50.72 -4.98 -37.05
CA ASP W 171 -51.51 -6.02 -37.70
C ASP W 171 -52.92 -6.12 -37.15
N ASP W 172 -53.16 -5.65 -35.92
CA ASP W 172 -54.47 -5.77 -35.31
C ASP W 172 -55.44 -4.73 -35.88
N GLU W 173 -56.56 -5.21 -36.41
CA GLU W 173 -57.63 -4.36 -36.92
C GLU W 173 -57.10 -3.39 -38.00
N LYS W 174 -56.64 -3.98 -39.10
CA LYS W 174 -56.12 -3.22 -40.23
C LYS W 174 -56.97 -3.57 -41.46
N TYR W 175 -58.10 -2.88 -41.61
CA TYR W 175 -59.02 -3.01 -42.73
C TYR W 175 -59.97 -1.85 -42.71
N PHE W 176 -60.25 -1.28 -43.88
CA PHE W 176 -61.18 -0.15 -44.02
C PHE W 176 -62.25 -0.51 -45.04
N ARG W 177 -63.49 -0.61 -44.56
CA ARG W 177 -64.61 -0.87 -45.45
C ARG W 177 -64.97 0.39 -46.21
N LYS W 178 -65.19 0.25 -47.52
CA LYS W 178 -65.50 1.39 -48.38
C LYS W 178 -67.00 1.65 -48.35
N PRO W 179 -67.46 2.78 -47.79
CA PRO W 179 -68.89 3.13 -47.73
C PRO W 179 -69.50 3.30 -49.12
N TYR W 180 -70.59 1.80 -51.66
CA TYR W 180 -71.30 2.02 -52.92
C TYR W 180 -71.07 3.43 -53.44
N ASN W 181 -71.30 4.42 -52.58
CA ASN W 181 -71.17 5.82 -52.97
C ASN W 181 -69.72 6.24 -53.21
N PHE W 182 -68.75 5.45 -52.78
CA PHE W 182 -67.34 5.76 -52.96
C PHE W 182 -66.75 4.82 -54.02
N LEU W 183 -66.14 5.40 -55.04
CA LEU W 183 -65.53 4.60 -56.09
C LEU W 183 -64.32 3.82 -55.56
N LYS W 184 -63.32 4.54 -55.06
CA LYS W 184 -62.13 3.92 -54.50
C LYS W 184 -61.46 4.93 -53.56
N TYR W 185 -60.72 4.39 -52.59
CA TYR W 185 -60.00 5.24 -51.64
C TYR W 185 -58.56 5.49 -52.04
N HIS W 186 -57.93 4.54 -52.73
CA HIS W 186 -56.61 4.71 -53.33
C HIS W 186 -55.59 5.25 -52.32
N PHE W 187 -55.31 4.42 -51.32
CA PHE W 187 -54.30 4.75 -50.32
C PHE W 187 -52.98 5.10 -50.97
N GLU W 188 -52.39 6.21 -50.53
CA GLU W 188 -51.12 6.70 -51.04
C GLU W 188 -50.53 7.65 -50.02
N ALA W 189 -49.27 8.03 -50.24
CA ALA W 189 -48.58 8.87 -49.27
C ALA W 189 -47.53 9.72 -49.98
N LEU W 190 -47.57 11.03 -49.74
CA LEU W 190 -46.59 11.95 -50.27
C LEU W 190 -46.52 13.17 -49.36
N ALA W 191 -45.30 13.54 -48.97
CA ALA W 191 -45.08 14.68 -48.07
C ALA W 191 -44.01 15.58 -48.68
N ASP W 192 -44.42 16.74 -49.18
CA ASP W 192 -43.52 17.67 -49.86
C ASP W 192 -43.41 18.94 -49.03
N THR W 193 -42.27 19.14 -48.38
CA THR W 193 -42.01 20.32 -47.56
C THR W 193 -41.20 21.31 -48.38
N GLY W 194 -41.82 22.39 -48.80
CA GLY W 194 -41.15 23.41 -49.59
C GLY W 194 -40.94 24.70 -48.82
N ILE W 195 -39.68 25.08 -48.64
CA ILE W 195 -39.31 26.30 -47.91
C ILE W 195 -38.82 27.33 -48.92
N SER W 196 -39.44 28.51 -48.91
CA SER W 196 -39.07 29.60 -49.79
C SER W 196 -38.53 30.75 -48.93
N SER W 197 -37.22 30.89 -48.89
CA SER W 197 -36.55 31.92 -48.09
C SER W 197 -35.79 32.86 -49.02
N GLU W 198 -36.06 34.16 -48.88
CA GLU W 198 -35.41 35.19 -49.69
C GLU W 198 -35.00 36.32 -48.77
N PHE W 199 -33.74 36.32 -48.35
CA PHE W 199 -33.20 37.35 -47.46
C PHE W 199 -32.60 38.48 -48.29
N TYR W 200 -33.13 39.67 -48.11
CA TYR W 200 -32.66 40.86 -48.83
C TYR W 200 -32.17 41.90 -47.84
N ASP W 201 -31.06 42.54 -48.18
CA ASP W 201 -30.43 43.55 -47.32
C ASP W 201 -30.08 44.76 -48.18
N ASN W 202 -30.56 45.93 -47.79
CA ASN W 202 -30.32 47.17 -48.51
C ASN W 202 -29.89 48.24 -47.51
N ALA W 203 -28.74 48.85 -47.76
CA ALA W 203 -28.21 49.90 -46.89
C ALA W 203 -27.61 51.00 -47.75
N ASN W 204 -27.88 52.25 -47.38
CA ASN W 204 -27.38 53.41 -48.10
C ASN W 204 -26.89 54.44 -47.10
N ASP W 205 -25.79 55.10 -47.44
CA ASP W 205 -25.19 56.13 -46.59
C ASP W 205 -24.84 57.34 -47.44
N LEU W 206 -25.17 58.53 -46.92
CA LEU W 206 -24.89 59.78 -47.60
C LEU W 206 -24.31 60.77 -46.59
N LEU W 207 -23.21 61.41 -46.96
CA LEU W 207 -22.53 62.35 -46.07
C LEU W 207 -21.96 63.49 -46.90
N SER W 208 -21.98 64.69 -46.32
CA SER W 208 -21.43 65.87 -46.99
C SER W 208 -21.16 66.93 -45.92
N LYS W 209 -19.90 67.29 -45.75
CA LYS W 209 -19.48 68.29 -44.77
C LYS W 209 -18.49 69.24 -45.43
N VAL W 210 -18.88 70.51 -45.54
CA VAL W 210 -18.07 71.52 -46.22
C VAL W 210 -17.89 72.71 -45.28
N LYS W 211 -16.69 73.30 -45.30
CA LYS W 211 -16.38 74.46 -44.49
C LYS W 211 -15.69 75.52 -45.36
N LYS W 212 -16.06 76.77 -45.15
CA LYS W 212 -15.52 77.89 -45.92
C LYS W 212 -15.04 78.97 -44.96
N ASP W 213 -13.85 79.50 -45.23
CA ASP W 213 -13.25 80.55 -44.42
C ASP W 213 -12.66 81.62 -45.32
N LYS W 214 -12.89 82.88 -44.96
CA LYS W 214 -12.39 84.01 -45.72
C LYS W 214 -11.92 85.10 -44.76
N SER W 215 -10.83 85.78 -45.12
CA SER W 215 -10.26 86.83 -44.28
C SER W 215 -9.66 87.90 -45.17
N ASP W 216 -9.86 89.16 -44.78
CA ASP W 216 -9.33 90.30 -45.52
C ASP W 216 -9.08 91.45 -44.55
N SER W 217 -8.00 92.19 -44.80
CA SER W 217 -7.64 93.31 -43.94
C SER W 217 -6.78 94.28 -44.74
N PHE W 218 -7.05 95.57 -44.58
CA PHE W 218 -6.25 96.60 -45.24
C PHE W 218 -6.26 97.87 -44.40
N GLY W 219 -5.14 98.60 -44.45
CA GLY W 219 -5.01 99.84 -43.72
C GLY W 219 -4.16 100.86 -44.44
N VAL W 220 -4.59 102.13 -44.40
CA VAL W 220 -3.91 103.21 -45.10
C VAL W 220 -3.42 104.23 -44.07
N THR W 221 -2.20 104.70 -44.26
CA THR W 221 -1.60 105.73 -43.42
C THR W 221 -1.04 106.83 -44.31
N ILE W 222 -1.38 108.08 -44.00
CA ILE W 222 -0.96 109.23 -44.78
C ILE W 222 -0.45 110.30 -43.84
N GLY W 223 0.72 110.86 -44.14
CA GLY W 223 1.26 111.96 -43.36
C GLY W 223 1.77 113.09 -44.23
N ILE W 224 1.15 114.27 -44.10
CA ILE W 224 1.49 115.43 -44.92
C ILE W 224 1.79 116.60 -43.99
N GLY W 225 2.88 117.30 -44.25
CA GLY W 225 3.19 118.49 -43.48
C GLY W 225 4.01 119.51 -44.26
N PRO W 226 3.49 120.72 -44.37
CA PRO W 226 4.28 121.83 -44.92
C PRO W 226 5.08 122.54 -43.84
N ALA W 227 6.30 122.93 -44.20
CA ALA W 227 7.19 123.63 -43.29
C ALA W 227 7.90 124.74 -44.03
N GLY W 228 7.99 125.91 -43.40
CA GLY W 228 8.64 127.06 -43.99
C GLY W 228 7.80 128.31 -43.97
N SER W 229 6.76 128.31 -40.97
CA SER W 229 5.49 127.83 -40.42
C SER W 229 5.36 126.32 -40.56
N PRO W 230 5.96 125.58 -39.63
CA PRO W 230 5.87 124.12 -39.67
C PRO W 230 4.44 123.65 -39.41
N LEU W 231 4.02 122.64 -40.16
CA LEU W 231 2.67 122.09 -40.04
C LEU W 231 2.76 120.57 -40.14
N LEU W 232 1.78 119.89 -39.54
CA LEU W 232 1.73 118.44 -39.54
C LEU W 232 0.29 117.98 -39.66
N VAL W 233 0.07 116.97 -40.50
CA VAL W 233 -1.24 116.34 -40.66
C VAL W 233 -1.04 114.83 -40.67
N GLY W 234 -1.81 114.12 -39.86
CA GLY W 234 -1.74 112.67 -39.78
C GLY W 234 -3.06 112.05 -40.17
N VAL W 235 -2.99 110.95 -40.92
CA VAL W 235 -4.16 110.22 -41.38
C VAL W 235 -3.94 108.74 -41.11
N GLY W 236 -4.92 108.10 -40.47
CA GLY W 236 -4.84 106.68 -40.19
C GLY W 236 -6.12 105.95 -40.56
N VAL W 237 -5.99 104.85 -41.30
CA VAL W 237 -7.12 104.05 -41.74
C VAL W 237 -6.83 102.59 -41.43
N SER W 238 -7.84 101.89 -40.91
CA SER W 238 -7.73 100.47 -40.60
C SER W 238 -9.02 99.77 -41.00
N HIS W 239 -8.89 98.56 -41.53
CA HIS W 239 -10.04 97.77 -41.94
C HIS W 239 -9.69 96.29 -41.86
N SER W 240 -10.66 95.48 -41.44
CA SER W 240 -10.49 94.04 -41.35
C SER W 240 -11.83 93.36 -41.58
N GLN W 241 -11.81 92.28 -42.37
CA GLN W 241 -13.01 91.52 -42.70
C GLN W 241 -12.71 90.03 -42.57
N ASP W 242 -13.60 89.31 -41.92
CA ASP W 242 -13.47 87.86 -41.76
C ASP W 242 -14.81 87.21 -42.05
N THR W 243 -14.77 86.08 -42.77
CA THR W 243 -15.98 85.35 -43.14
C THR W 243 -15.74 83.87 -42.94
N SER W 244 -16.67 83.21 -42.26
CA SER W 244 -16.59 81.78 -41.99
C SER W 244 -17.94 81.13 -42.28
N PHE W 245 -17.90 79.98 -42.95
CA PHE W 245 -19.10 79.24 -43.29
C PHE W 245 -18.87 77.76 -43.04
N LEU W 246 -19.87 77.11 -42.44
CA LEU W 246 -19.80 75.69 -42.12
C LEU W 246 -21.13 75.03 -42.47
N ASN W 247 -21.06 73.90 -43.17
CA ASN W 247 -22.25 73.14 -43.55
C ASN W 247 -21.93 71.65 -43.52
N GLU W 248 -22.79 70.87 -42.88
CA GLU W 248 -22.60 69.44 -42.77
C GLU W 248 -23.94 68.73 -42.97
N LEU W 249 -23.95 67.70 -43.80
CA LEU W 249 -25.14 66.92 -44.08
C LEU W 249 -24.80 65.44 -44.03
N ASN W 250 -25.68 64.66 -43.40
CA ASN W 250 -25.47 63.22 -43.26
C ASN W 250 -26.82 62.52 -43.37
N LYS W 251 -26.88 61.49 -44.23
CA LYS W 251 -28.11 60.74 -44.44
C LYS W 251 -27.78 59.25 -44.47
N TYR W 252 -28.62 58.45 -43.81
CA TYR W 252 -28.47 57.01 -43.76
C TYR W 252 -29.81 56.34 -44.02
N ASN W 253 -29.80 55.31 -44.86
CA ASN W 253 -31.02 54.58 -45.20
C ASN W 253 -30.71 53.09 -45.20
N GLU W 254 -31.50 52.33 -44.44
CA GLU W 254 -31.31 50.88 -44.34
C GLU W 254 -32.68 50.22 -44.34
N LYS W 255 -32.87 49.24 -45.21
CA LYS W 255 -34.13 48.51 -45.31
C LYS W 255 -33.84 47.03 -45.47
N LYS W 256 -34.51 46.21 -44.69
CA LYS W 256 -34.34 44.76 -44.74
C LYS W 256 -35.72 44.11 -44.67
N PHE W 257 -36.04 43.28 -45.67
CA PHE W 257 -37.30 42.57 -45.71
C PHE W 257 -37.05 41.13 -46.16
N ILE W 258 -37.64 40.18 -45.45
CA ILE W 258 -37.48 38.76 -45.75
C ILE W 258 -38.83 38.07 -45.57
N PHE W 259 -39.15 37.16 -46.48
CA PHE W 259 -40.38 36.36 -46.42
C PHE W 259 -39.98 34.89 -46.47
N THR W 260 -39.70 34.32 -45.30
CA THR W 260 -39.31 32.92 -45.19
C THR W 260 -40.58 32.07 -45.06
N ARG W 261 -41.19 31.79 -46.22
CA ARG W 261 -42.43 31.04 -46.29
C ARG W 261 -42.10 29.57 -46.56
N ILE W 262 -42.50 28.70 -45.64
CA ILE W 262 -42.25 27.26 -45.74
C ILE W 262 -43.60 26.57 -45.61
N PHE W 263 -44.11 26.04 -46.72
CA PHE W 263 -45.37 25.32 -46.75
C PHE W 263 -45.10 23.85 -46.96
N THR W 264 -45.66 23.02 -46.08
CA THR W 264 -45.47 21.56 -46.13
C THR W 264 -46.82 20.89 -46.11
N LYS W 265 -47.09 20.06 -47.12
CA LYS W 265 -48.34 19.30 -47.20
C LYS W 265 -47.99 17.82 -47.31
N VAL W 266 -48.56 17.02 -46.42
CA VAL W 266 -48.35 15.58 -46.38
C VAL W 266 -49.65 14.91 -46.80
N GLN W 267 -49.65 14.31 -48.00
CA GLN W 267 -50.85 13.69 -48.54
C GLN W 267 -51.08 12.35 -47.85
N THR W 268 -52.11 12.28 -47.01
CA THR W 268 -52.43 11.05 -46.31
C THR W 268 -53.16 10.06 -47.22
N ALA W 269 -54.00 10.57 -48.13
CA ALA W 269 -54.74 9.72 -49.04
C ALA W 269 -55.19 10.54 -50.24
N HIS W 270 -55.53 9.84 -51.31
CA HIS W 270 -56.06 10.45 -52.53
C HIS W 270 -57.32 9.70 -52.93
N PHE W 271 -58.47 10.33 -52.72
CA PHE W 271 -59.77 9.69 -52.95
C PHE W 271 -60.40 10.20 -54.24
N LYS W 272 -61.21 9.34 -54.86
CA LYS W 272 -61.92 9.68 -56.08
C LYS W 272 -63.37 9.25 -55.94
N MET W 273 -64.28 10.19 -56.18
CA MET W 273 -65.71 9.93 -56.06
C MET W 273 -66.24 9.35 -57.36
N ARG W 274 -67.27 8.51 -57.23
CA ARG W 274 -67.89 7.90 -58.40
C ARG W 274 -68.71 8.93 -59.18
N LYS W 275 -68.87 8.68 -60.47
CA LYS W 275 -69.58 9.60 -61.36
C LYS W 275 -70.98 9.12 -61.74
N ASP W 276 -71.21 7.80 -61.78
CA ASP W 276 -72.47 7.26 -62.23
C ASP W 276 -73.12 6.45 -61.11
N ASP W 277 -74.45 6.42 -61.13
CA ASP W 277 -75.26 5.67 -60.15
C ASP W 277 -74.92 6.09 -58.71
N ILE W 278 -75.01 7.39 -58.46
CA ILE W 278 -74.71 7.94 -57.14
C ILE W 278 -75.99 7.94 -56.32
N MET W 279 -75.92 7.34 -55.13
CA MET W 279 -77.04 7.30 -54.20
C MET W 279 -76.94 8.50 -53.27
N LEU W 280 -77.89 9.42 -53.38
CA LEU W 280 -77.87 10.62 -52.57
C LEU W 280 -78.48 10.36 -51.19
N ASP W 281 -78.22 11.29 -50.28
CA ASP W 281 -78.80 11.20 -48.94
C ASP W 281 -80.31 11.33 -49.01
N GLU W 282 -81.00 10.71 -48.04
CA GLU W 282 -82.45 10.75 -48.02
C GLU W 282 -82.98 12.17 -47.82
N GLY W 283 -82.28 12.98 -47.04
CA GLY W 283 -82.70 14.36 -46.87
C GLY W 283 -82.63 15.16 -48.16
N MET W 284 -81.53 15.01 -48.91
CA MET W 284 -81.40 15.69 -50.19
C MET W 284 -82.44 15.19 -51.19
N LEU W 285 -82.74 13.89 -51.16
CA LEU W 285 -83.77 13.36 -52.06
C LEU W 285 -85.14 13.90 -51.71
N GLN W 286 -85.46 14.00 -50.41
CA GLN W 286 -86.71 14.61 -50.01
C GLN W 286 -86.79 16.06 -50.44
N SER W 287 -85.71 16.82 -50.24
CA SER W 287 -85.68 18.21 -50.66
C SER W 287 -85.89 18.34 -52.16
N LEU W 288 -85.27 17.46 -52.94
CA LEU W 288 -85.46 17.47 -54.39
C LEU W 288 -86.91 17.15 -54.75
N MET W 289 -87.52 16.20 -54.04
CA MET W 289 -88.92 15.87 -54.29
C MET W 289 -89.84 17.02 -53.87
N GLU W 290 -89.42 17.83 -52.92
CA GLU W 290 -90.19 18.98 -52.47
C GLU W 290 -89.99 20.21 -53.33
N LEU W 291 -89.35 20.07 -54.50
CA LEU W 291 -89.16 21.21 -55.39
C LEU W 291 -90.18 21.16 -56.52
N PRO W 292 -90.95 22.22 -56.72
CA PRO W 292 -91.94 22.21 -57.79
C PRO W 292 -91.29 22.37 -59.16
N ASP W 293 -92.01 21.88 -60.18
CA ASP W 293 -91.53 21.99 -61.55
C ASP W 293 -91.48 23.43 -62.04
N GLN W 294 -92.30 24.31 -61.46
CA GLN W 294 -92.27 25.72 -61.82
C GLN W 294 -91.12 26.43 -61.11
N TYR W 295 -90.51 27.39 -61.79
CA TYR W 295 -89.38 28.13 -61.23
C TYR W 295 -89.80 28.88 -59.98
N ASN W 296 -89.10 28.61 -58.88
CA ASN W 296 -89.36 29.27 -57.60
C ASN W 296 -88.02 29.56 -56.95
N TYR W 297 -87.70 30.85 -56.80
CA TYR W 297 -86.40 31.23 -56.27
C TYR W 297 -86.25 30.86 -54.80
N GLY W 298 -87.35 30.91 -54.05
CA GLY W 298 -87.26 30.65 -52.61
C GLY W 298 -86.85 29.22 -52.29
N MET W 299 -87.58 28.26 -52.85
CA MET W 299 -87.28 26.85 -52.57
C MET W 299 -85.90 26.46 -53.08
N TYR W 300 -85.54 26.94 -54.27
CA TYR W 300 -84.24 26.61 -54.83
C TYR W 300 -83.11 27.23 -54.01
N ALA W 301 -83.31 28.46 -53.52
CA ALA W 301 -82.30 29.09 -52.67
C ALA W 301 -82.18 28.36 -51.34
N LYS W 302 -83.31 27.91 -50.78
CA LYS W 302 -83.27 27.10 -49.57
C LYS W 302 -82.47 25.82 -49.80
N PHE W 303 -82.72 25.14 -50.93
CA PHE W 303 -82.00 23.92 -51.26
C PHE W 303 -80.50 24.19 -51.40
N ILE W 304 -80.14 25.28 -52.09
CA ILE W 304 -78.73 25.60 -52.31
C ILE W 304 -78.04 25.89 -50.97
N ASN W 305 -78.68 26.70 -50.12
CA ASN W 305 -78.07 27.02 -48.84
C ASN W 305 -77.99 25.81 -47.92
N ASP W 306 -78.94 24.88 -48.04
CA ASP W 306 -78.92 23.70 -47.18
C ASP W 306 -77.88 22.68 -47.64
N TYR W 307 -77.67 22.54 -48.94
CA TYR W 307 -76.80 21.50 -49.46
C TYR W 307 -75.57 22.02 -50.18
N GLY W 308 -75.36 23.33 -50.21
CA GLY W 308 -74.14 23.90 -50.77
C GLY W 308 -74.27 24.19 -52.26
N THR W 309 -73.34 25.03 -52.74
CA THR W 309 -73.27 25.37 -54.14
C THR W 309 -72.44 24.39 -54.96
N HIS W 310 -71.61 23.58 -54.31
CA HIS W 310 -70.75 22.63 -54.99
C HIS W 310 -70.62 21.37 -54.16
N TYR W 311 -70.07 20.32 -54.77
CA TYR W 311 -69.81 19.07 -54.09
C TYR W 311 -68.43 18.56 -54.49
N ILE W 312 -67.91 17.63 -53.69
CA ILE W 312 -66.55 17.14 -53.86
C ILE W 312 -66.55 15.97 -54.82
N THR W 313 -65.68 16.04 -55.85
CA THR W 313 -65.52 14.95 -56.79
C THR W 313 -64.22 14.18 -56.60
N SER W 314 -63.20 14.80 -56.01
CA SER W 314 -61.91 14.17 -55.75
C SER W 314 -61.10 15.12 -54.87
N GLY W 315 -59.94 14.66 -54.44
CA GLY W 315 -59.06 15.49 -53.63
C GLY W 315 -58.11 14.64 -52.81
N SER W 316 -57.53 15.27 -51.80
CA SER W 316 -56.57 14.64 -50.91
C SER W 316 -56.94 14.97 -49.47
N MET W 317 -56.94 13.94 -48.62
CA MET W 317 -57.29 14.08 -47.21
C MET W 317 -56.07 14.18 -46.31
N GLY W 318 -54.99 14.80 -46.81
CA GLY W 318 -53.78 14.92 -46.03
C GLY W 318 -53.69 16.24 -45.27
N GLY W 319 -52.77 16.27 -44.31
CA GLY W 319 -52.57 17.47 -43.51
C GLY W 319 -51.79 18.54 -44.26
N ILE W 320 -51.89 19.76 -43.75
CA ILE W 320 -51.24 20.92 -44.35
C ILE W 320 -50.52 21.71 -43.26
N TYR W 321 -49.31 22.15 -43.57
CA TYR W 321 -48.51 22.97 -42.66
C TYR W 321 -47.94 24.14 -43.47
N GLU W 322 -48.46 25.34 -43.21
CA GLU W 322 -48.04 26.54 -43.92
C GLU W 322 -47.44 27.52 -42.92
N TYR W 323 -46.15 27.81 -43.09
CA TYR W 323 -45.42 28.74 -42.22
C TYR W 323 -45.05 29.98 -43.01
N ILE W 324 -45.26 31.14 -42.41
CA ILE W 324 -44.95 32.43 -43.03
C ILE W 324 -44.19 33.29 -42.02
N LEU W 325 -43.10 33.90 -42.47
CA LEU W 325 -42.26 34.77 -41.64
C LEU W 325 -42.06 36.08 -42.39
N VAL W 326 -42.98 37.02 -42.19
CA VAL W 326 -42.90 38.33 -42.83
C VAL W 326 -42.21 39.30 -41.88
N ILE W 327 -41.12 39.91 -42.35
CA ILE W 327 -40.33 40.85 -41.57
C ILE W 327 -40.10 42.10 -42.40
N ASP W 328 -40.42 43.26 -41.83
CA ASP W 328 -40.23 44.54 -42.50
C ASP W 328 -39.44 45.46 -41.59
N LYS W 329 -38.38 46.06 -42.13
CA LYS W 329 -37.52 46.96 -41.37
C LYS W 329 -37.17 48.17 -42.23
N ALA W 330 -37.29 49.36 -41.65
CA ALA W 330 -36.99 50.60 -42.35
C ALA W 330 -36.26 51.54 -41.41
N LYS W 331 -35.31 52.30 -41.97
CA LYS W 331 -34.53 53.25 -41.19
C LYS W 331 -34.19 54.44 -42.07
N MET W 332 -34.47 55.65 -41.58
CA MET W 332 -34.21 56.88 -42.30
C MET W 332 -33.55 57.89 -41.36
N GLU W 333 -32.41 58.42 -41.76
CA GLU W 333 -31.66 59.37 -40.95
C GLU W 333 -31.33 60.59 -41.78
N SER W 334 -31.39 61.77 -41.15
CA SER W 334 -31.07 63.02 -41.81
C SER W 334 -30.45 63.97 -40.80
N LEU W 335 -29.25 64.47 -41.11
CA LEU W 335 -28.52 65.35 -40.22
C LEU W 335 -28.15 66.62 -40.96
N GLY W 336 -28.35 67.76 -40.31
CA GLY W 336 -28.04 69.05 -40.91
C GLY W 336 -27.39 70.03 -39.96
N ILE W 337 -26.19 70.50 -40.29
CA ILE W 337 -25.44 71.43 -39.46
C ILE W 337 -25.08 72.64 -40.30
N THR W 338 -25.31 73.84 -39.75
CA THR W 338 -25.02 75.09 -40.44
C THR W 338 -24.46 76.09 -39.45
N SER W 339 -23.28 76.63 -39.75
CA SER W 339 -22.62 77.60 -38.89
C SER W 339 -21.99 78.69 -39.75
N ARG W 340 -22.15 79.94 -39.33
CA ARG W 340 -21.62 81.08 -40.06
C ARG W 340 -21.09 82.11 -39.08
N ASP W 341 -19.90 82.65 -39.38
CA ASP W 341 -19.25 83.64 -38.55
C ASP W 341 -18.80 84.81 -39.41
N ILE W 342 -18.96 86.02 -38.89
CA ILE W 342 -18.55 87.25 -39.58
C ILE W 342 -17.83 88.15 -38.58
N THR W 343 -16.90 88.94 -39.09
CA THR W 343 -16.12 89.83 -38.25
C THR W 343 -15.78 91.10 -39.02
N THR W 344 -15.96 92.25 -38.37
CA THR W 344 -15.66 93.55 -38.96
C THR W 344 -14.85 94.36 -37.96
N CYS W 345 -13.77 94.98 -38.43
CA CYS W 345 -12.87 95.74 -37.56
C CYS W 345 -12.31 96.91 -38.36
N PHE W 346 -12.53 98.12 -37.86
CA PHE W 346 -12.08 99.32 -38.57
C PHE W 346 -11.82 100.44 -37.58
N GLY W 347 -10.71 101.15 -37.77
CA GLY W 347 -10.37 102.26 -36.90
C GLY W 347 -9.72 103.38 -37.69
N GLY W 348 -9.79 104.58 -37.14
CA GLY W 348 -9.24 105.75 -37.80
C GLY W 348 -8.57 106.74 -36.87
N SER W 349 -7.41 107.23 -37.27
CA SER W 349 -6.64 108.19 -36.49
C SER W 349 -6.30 109.41 -37.35
N LEU W 350 -6.60 110.60 -36.84
CA LEU W 350 -6.31 111.84 -37.55
C LEU W 350 -5.78 112.87 -36.57
N GLY W 351 -4.58 113.37 -36.83
CA GLY W 351 -3.97 114.37 -35.97
C GLY W 351 -3.32 115.50 -36.73
N ILE W 352 -3.56 116.73 -36.29
CA ILE W 352 -3.03 117.92 -36.96
C ILE W 352 -2.50 118.88 -35.90
N GLN W 353 -1.22 119.21 -35.99
CA GLN W 353 -0.59 120.13 -35.05
C GLN W 353 0.40 121.01 -35.79
N TYR W 354 0.33 122.32 -35.55
CA TYR W 354 1.21 123.27 -36.22
C TYR W 354 1.46 124.46 -35.31
N GLU W 355 2.67 124.99 -35.37
CA GLU W 355 3.07 126.15 -34.58
C GLU W 355 3.92 127.08 -35.43
N ASP W 356 3.67 128.38 -35.29
CA ASP W 356 4.40 129.40 -36.02
C ASP W 356 4.72 130.55 -35.07
N LYS W 357 6.00 130.83 -34.88
CA LYS W 357 6.43 131.90 -33.99
C LYS W 357 6.69 133.18 -34.77
N ILE W 358 2.42 132.01 -32.75
CA ILE W 358 1.10 131.46 -32.51
C ILE W 358 1.12 129.95 -32.71
N ASN W 359 0.57 129.22 -31.74
CA ASN W 359 0.54 127.76 -31.78
C ASN W 359 -0.90 127.27 -31.68
N VAL W 360 -1.21 126.23 -32.46
CA VAL W 360 -2.51 125.59 -32.44
C VAL W 360 -2.29 124.09 -32.26
N GLY W 361 -2.99 123.50 -31.30
CA GLY W 361 -2.82 122.10 -30.95
C GLY W 361 -4.03 121.28 -31.38
N GLY W 362 -3.77 120.03 -31.77
CA GLY W 362 -4.82 119.12 -32.16
C GLY W 362 -4.34 117.70 -32.34
N GLY W 363 -5.15 116.73 -31.91
CA GLY W 363 -4.79 115.33 -32.04
C GLY W 363 -5.91 114.37 -31.74
N LEU W 364 -6.11 113.38 -32.60
CA LEU W 364 -7.19 112.43 -32.42
C LEU W 364 -6.78 111.07 -32.97
N SER W 365 -7.27 110.01 -32.34
CA SER W 365 -6.98 108.65 -32.77
C SER W 365 -8.07 107.73 -32.24
N GLY W 366 -8.86 107.17 -33.14
CA GLY W 366 -9.96 106.28 -32.77
C GLY W 366 -9.69 104.87 -33.27
N ASP W 367 -10.24 103.90 -32.55
CA ASP W 367 -10.09 102.49 -32.91
C ASP W 367 -11.36 101.74 -32.52
N HIS W 368 -11.95 101.05 -33.49
CA HIS W 368 -13.17 100.27 -33.27
C HIS W 368 -12.97 98.87 -33.82
N CYS W 369 -13.59 97.89 -33.18
CA CYS W 369 -13.45 96.51 -33.60
C CYS W 369 -14.67 95.72 -33.15
N LYS W 370 -15.12 94.80 -33.99
CA LYS W 370 -16.27 93.96 -33.70
C LYS W 370 -15.89 92.51 -33.97
N LYS W 371 -16.46 91.60 -33.17
CA LYS W 371 -16.20 90.17 -33.31
C LYS W 371 -17.53 89.45 -33.12
N PHE W 372 -18.09 88.92 -34.21
CA PHE W 372 -19.37 88.25 -34.19
C PHE W 372 -19.19 86.76 -34.46
N GLY W 373 -20.07 85.95 -33.88
CA GLY W 373 -19.99 84.51 -34.06
C GLY W 373 -21.33 83.82 -34.01
N GLY W 374 -21.52 82.81 -34.86
CA GLY W 374 -22.77 82.06 -34.87
C GLY W 374 -22.58 80.60 -35.25
N GLY W 375 -23.29 79.72 -34.57
CA GLY W 375 -23.20 78.29 -34.86
C GLY W 375 -24.48 77.55 -34.52
N LYS W 376 -24.90 76.66 -35.41
CA LYS W 376 -26.12 75.88 -35.22
C LYS W 376 -25.88 74.44 -35.65
N THR W 377 -26.51 73.51 -34.93
CA THR W 377 -26.38 72.09 -35.20
C THR W 377 -27.72 71.41 -34.92
N GLU W 378 -28.12 70.53 -35.83
CA GLU W 378 -29.39 69.80 -35.68
C GLU W 378 -29.21 68.39 -36.23
N ARG W 379 -29.61 67.40 -35.44
CA ARG W 379 -29.47 66.00 -35.81
C ARG W 379 -30.73 65.23 -35.44
N ALA W 380 -31.26 64.49 -36.40
CA ALA W 380 -32.47 63.68 -36.19
C ALA W 380 -32.20 62.26 -36.65
N ARG W 381 -32.69 61.29 -35.88
CA ARG W 381 -32.51 59.88 -36.17
C ARG W 381 -33.77 59.13 -35.78
N LYS W 382 -34.43 58.52 -36.77
CA LYS W 382 -35.70 57.82 -36.56
C LYS W 382 -35.64 56.46 -37.24
N ALA W 383 -36.03 55.43 -36.52
CA ALA W 383 -36.05 54.06 -37.05
C ALA W 383 -37.30 53.35 -36.56
N MET W 384 -37.98 52.66 -37.48
CA MET W 384 -39.21 51.94 -37.16
C MET W 384 -39.23 50.63 -37.93
N ALA W 385 -39.47 49.54 -37.22
CA ALA W 385 -39.51 48.21 -37.81
C ALA W 385 -40.65 47.40 -37.21
N VAL W 386 -41.46 46.78 -38.06
CA VAL W 386 -42.59 45.98 -37.65
C VAL W 386 -42.54 44.66 -38.41
N GLU W 387 -42.52 43.55 -37.68
CA GLU W 387 -42.45 42.21 -38.26
C GLU W 387 -43.50 41.32 -37.64
N ASP W 388 -44.33 40.71 -38.48
CA ASP W 388 -45.40 39.83 -38.03
C ASP W 388 -45.33 38.51 -38.79
N ILE W 389 -45.36 37.41 -38.06
CA ILE W 389 -45.27 36.07 -38.64
C ILE W 389 -46.44 35.24 -38.12
N ILE W 390 -47.34 34.85 -39.02
CA ILE W 390 -48.51 34.04 -38.68
C ILE W 390 -48.51 32.82 -39.57
N SER W 391 -48.67 31.63 -38.97
CA SER W 391 -48.63 30.36 -39.67
C SER W 391 -49.91 29.60 -39.40
N ARG W 392 -50.66 29.32 -40.46
CA ARG W 392 -51.88 28.52 -40.37
C ARG W 392 -51.57 27.10 -40.85
N VAL W 393 -51.79 26.12 -39.98
CA VAL W 393 -51.46 24.73 -40.25
C VAL W 393 -52.69 23.88 -40.02
N ARG W 394 -53.21 23.28 -41.08
CA ARG W 394 -54.33 22.33 -40.99
C ARG W 394 -53.80 20.89 -41.00
N GLY W 395 -52.94 20.61 -40.03
CA GLY W 395 -52.29 19.32 -39.94
C GLY W 395 -53.16 18.21 -39.39
N GLY W 396 -53.97 18.52 -38.39
CA GLY W 396 -54.83 17.54 -37.77
C GLY W 396 -54.43 17.12 -36.36
N SER W 397 -53.74 17.99 -35.61
CA SER W 397 -53.40 17.71 -34.22
C SER W 397 -54.00 18.81 -33.35
N SER W 398 -54.84 18.42 -32.41
CA SER W 398 -55.52 19.38 -31.53
C SER W 398 -54.51 20.15 -30.68
N GLY W 399 -53.82 19.44 -29.79
CA GLY W 399 -52.87 20.09 -28.90
C GLY W 399 -51.44 20.02 -29.39
N TRP W 400 -50.99 18.82 -29.75
CA TRP W 400 -49.62 18.67 -30.25
C TRP W 400 -49.45 19.32 -31.62
N SER W 401 -50.42 19.10 -32.52
CA SER W 401 -50.38 19.77 -33.82
C SER W 401 -50.51 21.28 -33.67
N GLY W 402 -51.34 21.73 -32.73
CA GLY W 402 -51.45 23.16 -32.48
C GLY W 402 -50.15 23.78 -31.99
N GLY W 403 -49.47 23.08 -31.08
CA GLY W 403 -48.17 23.55 -30.62
C GLY W 403 -47.10 23.48 -31.69
N LEU W 404 -47.24 22.53 -32.63
CA LEU W 404 -46.30 22.43 -33.74
C LEU W 404 -46.29 23.68 -34.61
N ALA W 405 -47.39 24.44 -34.62
CA ALA W 405 -47.40 25.71 -35.34
C ALA W 405 -46.43 26.70 -34.72
N GLN W 406 -46.51 26.89 -33.40
CA GLN W 406 -45.54 27.72 -32.71
C GLN W 406 -44.17 27.06 -32.68
N ASN W 407 -44.12 25.73 -32.69
CA ASN W 407 -42.86 25.02 -32.69
C ASN W 407 -42.14 25.20 -34.02
N ARG W 408 -40.81 25.15 -33.98
CA ARG W 408 -39.98 25.36 -35.17
C ARG W 408 -38.98 24.25 -35.40
N SER W 409 -38.95 23.20 -34.57
CA SER W 409 -38.00 22.13 -34.70
C SER W 409 -38.66 20.88 -35.28
N THR W 410 -37.82 19.97 -35.76
CA THR W 410 -38.29 18.72 -36.36
C THR W 410 -38.68 17.68 -35.32
N ILE W 411 -38.53 17.97 -34.03
CA ILE W 411 -38.93 17.02 -32.99
C ILE W 411 -40.44 16.86 -32.96
N THR W 412 -41.17 17.92 -33.29
CA THR W 412 -42.63 17.89 -33.29
C THR W 412 -43.21 17.21 -34.52
N TYR W 413 -42.38 16.94 -35.53
CA TYR W 413 -42.89 16.36 -36.78
C TYR W 413 -43.45 14.97 -36.58
N ARG W 414 -42.87 14.18 -35.68
CA ARG W 414 -43.38 12.83 -35.44
C ARG W 414 -44.79 12.88 -34.87
N SER W 415 -44.99 13.69 -33.82
CA SER W 415 -46.33 13.83 -33.25
C SER W 415 -47.29 14.48 -34.23
N TRP W 416 -46.79 15.37 -35.10
CA TRP W 416 -47.65 15.97 -36.12
C TRP W 416 -48.15 14.91 -37.09
N GLY W 417 -47.25 14.05 -37.57
CA GLY W 417 -47.66 12.97 -38.43
C GLY W 417 -48.60 11.99 -37.75
N ARG W 418 -48.37 11.74 -36.46
CA ARG W 418 -49.27 10.87 -35.71
C ARG W 418 -50.66 11.47 -35.60
N SER W 419 -50.75 12.77 -35.32
CA SER W 419 -52.05 13.43 -35.27
C SER W 419 -52.73 13.44 -36.63
N LEU W 420 -51.95 13.62 -37.71
CA LEU W 420 -52.52 13.52 -39.05
C LEU W 420 -53.04 12.12 -39.33
N LYS W 421 -52.36 11.10 -38.79
CA LYS W 421 -52.87 9.73 -38.90
C LYS W 421 -54.21 9.59 -38.18
N TYR W 422 -54.27 10.07 -36.94
CA TYR W 422 -55.49 9.95 -36.16
C TYR W 422 -56.61 10.81 -36.73
N ASN W 423 -56.32 12.09 -36.99
CA ASN W 423 -57.31 13.04 -37.50
C ASN W 423 -56.78 13.71 -38.75
N PRO W 424 -57.03 13.13 -39.92
CA PRO W 424 -56.56 13.74 -41.17
C PRO W 424 -57.47 14.87 -41.61
N VAL W 425 -56.88 16.03 -41.89
CA VAL W 425 -57.63 17.18 -42.37
C VAL W 425 -57.69 17.15 -43.89
N VAL W 426 -58.63 17.91 -44.45
CA VAL W 426 -58.80 18.00 -45.89
C VAL W 426 -57.93 19.14 -46.40
N ILE W 427 -56.90 18.82 -47.17
CA ILE W 427 -55.99 19.84 -47.70
C ILE W 427 -56.62 20.53 -48.90
N ASP W 428 -56.88 19.77 -49.96
CA ASP W 428 -57.46 20.32 -51.19
C ASP W 428 -58.42 19.30 -51.78
N PHE W 429 -59.26 19.78 -52.69
CA PHE W 429 -60.28 18.94 -53.30
C PHE W 429 -60.83 19.64 -54.54
N GLU W 430 -61.19 18.85 -55.55
CA GLU W 430 -61.87 19.36 -56.72
C GLU W 430 -63.37 19.48 -56.43
N MET W 431 -64.04 20.33 -57.23
CA MET W 431 -65.43 20.63 -56.98
C MET W 431 -66.17 20.80 -58.30
N GLN W 432 -67.48 20.56 -58.24
CA GLN W 432 -68.39 20.73 -59.36
C GLN W 432 -69.70 21.29 -58.82
N PRO W 433 -70.45 22.04 -59.65
CA PRO W 433 -71.71 22.64 -59.16
C PRO W 433 -72.68 21.59 -58.65
N ILE W 434 -73.54 22.03 -57.72
CA ILE W 434 -74.46 21.10 -57.06
C ILE W 434 -75.50 20.57 -58.03
N HIS W 435 -75.82 21.31 -59.09
CA HIS W 435 -76.77 20.85 -60.09
C HIS W 435 -76.18 19.82 -61.05
N GLU W 436 -74.86 19.61 -61.00
CA GLU W 436 -74.23 18.61 -61.86
C GLU W 436 -74.41 17.19 -61.34
N VAL W 437 -74.70 17.03 -60.06
CA VAL W 437 -74.89 15.69 -59.50
C VAL W 437 -76.31 15.18 -59.69
N LEU W 438 -77.29 16.07 -59.90
CA LEU W 438 -78.66 15.63 -60.12
C LEU W 438 -78.81 14.88 -61.43
N ARG W 439 -78.01 15.24 -62.44
CA ARG W 439 -78.04 14.52 -63.72
C ARG W 439 -77.55 13.08 -63.56
N HIS W 440 -76.67 12.84 -62.61
CA HIS W 440 -76.08 11.52 -62.41
C HIS W 440 -76.81 10.71 -61.34
N THR W 441 -78.11 10.90 -61.21
CA THR W 441 -78.93 10.17 -60.25
C THR W 441 -79.69 9.05 -60.94
N SER W 442 -80.18 8.11 -60.14
CA SER W 442 -80.95 6.99 -60.67
C SER W 442 -82.34 7.39 -61.11
N LEU W 443 -82.80 8.60 -60.75
CA LEU W 443 -84.14 9.04 -61.11
C LEU W 443 -84.30 9.29 -62.61
N GLY W 444 -83.20 9.36 -63.36
CA GLY W 444 -83.27 9.53 -64.79
C GLY W 444 -83.28 10.98 -65.23
N PRO W 445 -84.12 11.30 -66.21
CA PRO W 445 -84.11 12.67 -66.77
C PRO W 445 -84.66 13.68 -65.77
N LEU W 446 -83.86 14.73 -65.52
CA LEU W 446 -84.25 15.84 -64.66
C LEU W 446 -83.81 17.15 -65.29
N GLU W 447 -83.97 17.28 -66.60
CA GLU W 447 -83.44 18.43 -67.32
C GLU W 447 -84.09 19.73 -66.87
N ALA W 448 -85.41 19.73 -66.69
CA ALA W 448 -86.11 20.95 -66.30
C ALA W 448 -85.66 21.42 -64.92
N LYS W 449 -85.67 20.52 -63.94
CA LYS W 449 -85.23 20.88 -62.59
C LYS W 449 -83.76 21.26 -62.58
N ARG W 450 -82.95 20.60 -63.41
CA ARG W 450 -81.52 20.94 -63.47
C ARG W 450 -81.31 22.35 -64.00
N GLN W 451 -82.01 22.71 -65.07
CA GLN W 451 -81.89 24.07 -65.62
C GLN W 451 -82.43 25.10 -64.64
N ASN W 452 -83.53 24.79 -63.95
CA ASN W 452 -84.08 25.71 -62.97
C ASN W 452 -83.09 25.94 -61.83
N LEU W 453 -82.49 24.87 -61.31
CA LEU W 453 -81.52 25.01 -60.24
C LEU W 453 -80.24 25.71 -60.73
N ARG W 454 -79.88 25.52 -62.00
CA ARG W 454 -78.73 26.23 -62.55
C ARG W 454 -78.98 27.74 -62.61
N ARG W 455 -80.17 28.13 -63.08
CA ARG W 455 -80.52 29.56 -63.08
C ARG W 455 -80.57 30.11 -61.65
N ALA W 456 -81.11 29.32 -60.72
CA ALA W 456 -81.17 29.77 -59.33
C ALA W 456 -79.78 29.94 -58.74
N LEU W 457 -78.85 29.04 -59.10
CA LEU W 457 -77.48 29.18 -58.61
C LEU W 457 -76.77 30.37 -59.25
N ASP W 458 -77.05 30.63 -60.54
CA ASP W 458 -76.48 31.80 -61.19
C ASP W 458 -76.98 33.08 -60.55
N GLN W 459 -78.24 33.09 -60.10
CA GLN W 459 -78.75 34.27 -59.40
C GLN W 459 -78.21 34.35 -57.97
N TYR W 460 -77.99 33.20 -57.33
CA TYR W 460 -77.46 33.18 -55.97
C TYR W 460 -76.02 33.67 -55.94
N LEU W 461 -75.21 33.29 -56.93
CA LEU W 461 -73.83 33.74 -57.00
C LEU W 461 -73.72 35.22 -57.31
N MET W 462 -74.82 35.88 -57.65
CA MET W 462 -74.85 37.32 -57.89
C MET W 462 -75.46 38.10 -56.74
N GLU W 463 -76.53 37.58 -56.13
CA GLU W 463 -77.14 38.27 -55.00
C GLU W 463 -76.24 38.21 -53.77
N PHE W 464 -75.52 37.10 -53.59
CA PHE W 464 -74.62 36.91 -52.45
C PHE W 464 -73.16 36.91 -52.89
N ASN W 465 -72.82 37.73 -53.88
CA ASN W 465 -71.44 37.81 -54.35
C ASN W 465 -70.57 38.55 -53.33
N ALA W 466 -69.26 38.29 -53.41
CA ALA W 466 -68.32 38.92 -52.49
C ALA W 466 -68.21 40.41 -52.71
N CYS W 467 -68.52 40.91 -53.91
CA CYS W 467 -68.42 42.35 -54.17
C CYS W 467 -69.58 43.09 -53.52
N ARG W 468 -70.78 42.52 -53.54
CA ARG W 468 -71.94 43.18 -52.95
C ARG W 468 -71.73 43.50 -51.47
N CYS W 469 -70.81 42.81 -50.82
CA CYS W 469 -70.50 43.08 -49.42
C CYS W 469 -69.65 44.34 -49.30
N GLY W 470 -69.62 44.89 -48.09
CA GLY W 470 -68.84 46.08 -47.82
C GLY W 470 -67.37 45.89 -48.10
N PRO W 471 -66.76 46.87 -48.78
CA PRO W 471 -65.33 46.77 -49.08
C PRO W 471 -64.49 46.91 -47.81
N CYS W 472 -63.41 46.13 -47.75
CA CYS W 472 -62.51 46.15 -46.60
C CYS W 472 -61.80 47.49 -46.47
N VAL W 477 -59.90 40.77 -46.78
CA VAL W 477 -60.70 39.88 -47.62
C VAL W 477 -62.17 39.97 -47.22
N PRO W 478 -63.01 40.46 -48.12
CA PRO W 478 -64.44 40.57 -47.81
C PRO W 478 -65.10 39.20 -47.77
N ILE W 479 -65.82 38.94 -46.68
CA ILE W 479 -66.51 37.67 -46.47
C ILE W 479 -67.97 37.99 -46.17
N LEU W 480 -68.86 37.64 -47.08
CA LEU W 480 -70.29 37.87 -46.91
C LEU W 480 -70.93 36.62 -46.31
N GLU W 481 -71.44 36.74 -45.09
CA GLU W 481 -72.08 35.64 -44.39
C GLU W 481 -73.47 36.10 -43.96
N GLY W 482 -74.51 35.54 -44.59
CA GLY W 482 -75.87 35.91 -44.30
C GLY W 482 -76.19 37.34 -44.66
N THR W 483 -76.38 38.20 -43.66
CA THR W 483 -76.69 39.61 -43.88
C THR W 483 -75.68 40.54 -43.23
N SER W 484 -74.55 40.01 -42.76
CA SER W 484 -73.52 40.80 -42.11
C SER W 484 -72.28 40.86 -42.99
N CYS W 485 -71.68 42.04 -43.09
CA CYS W 485 -70.46 42.25 -43.84
C CYS W 485 -69.27 42.34 -42.89
N ARG W 486 -68.25 41.52 -43.16
CA ARG W 486 -67.03 41.53 -42.36
C ARG W 486 -65.82 41.26 -43.25
N CYS W 487 -64.68 41.72 -42.77
CA CYS W 487 -63.38 41.26 -43.24
C CYS W 487 -62.57 40.65 -42.11
N GLN W 488 -62.94 40.93 -40.86
CA GLN W 488 -62.36 40.43 -39.62
C GLN W 488 -61.00 41.04 -39.37
N CYS W 489 -60.39 41.62 -40.41
CA CYS W 489 -59.26 42.56 -40.35
C CYS W 489 -58.73 42.93 -41.73
N ARG W 490 -57.80 43.89 -41.75
CA ARG W 490 -56.92 44.13 -42.89
C ARG W 490 -55.47 43.94 -42.51
N LEU W 491 -55.22 43.16 -41.45
CA LEU W 491 -53.93 42.91 -40.81
C LEU W 491 -53.37 44.14 -40.11
N GLY W 492 -54.09 45.26 -40.10
CA GLY W 492 -53.60 46.47 -39.46
C GLY W 492 -54.09 46.66 -38.03
N SER W 493 -55.30 46.18 -37.75
CA SER W 493 -55.92 46.30 -36.43
C SER W 493 -56.06 47.77 -36.00
N LEU W 494 -56.34 48.65 -36.96
CA LEU W 494 -56.47 50.08 -36.67
C LEU W 494 -57.89 50.46 -36.28
N GLY W 495 -58.88 49.99 -37.02
CA GLY W 495 -60.26 50.33 -36.77
C GLY W 495 -61.20 49.14 -36.82
N ALA W 496 -62.47 49.39 -37.14
CA ALA W 496 -63.44 48.30 -37.23
C ALA W 496 -63.03 47.29 -38.29
N ALA W 497 -62.60 47.77 -39.46
CA ALA W 497 -62.10 46.91 -40.52
C ALA W 497 -60.58 46.70 -40.43
N CYS W 498 -59.96 47.15 -39.35
CA CYS W 498 -58.51 47.01 -39.15
C CYS W 498 -57.73 47.72 -40.26
N GLU W 499 -58.15 48.94 -40.56
CA GLU W 499 -57.53 49.74 -41.61
C GLU W 499 -56.06 50.03 -41.32
N ALA W 508 -51.04 52.11 -53.35
CA ALA W 508 -52.31 51.67 -53.89
C ALA W 508 -52.85 50.46 -53.13
N ASP W 509 -54.16 50.29 -53.12
CA ASP W 509 -54.82 49.18 -52.45
C ASP W 509 -55.48 48.21 -53.41
N GLY W 510 -56.32 48.71 -54.31
CA GLY W 510 -56.98 47.85 -55.28
C GLY W 510 -58.28 47.25 -54.78
N SER W 511 -59.35 47.37 -55.56
CA SER W 511 -60.64 46.82 -55.19
C SER W 511 -61.49 46.69 -56.44
N TRP W 512 -62.08 45.51 -56.64
CA TRP W 512 -62.90 45.26 -57.81
C TRP W 512 -64.31 45.80 -57.62
N SER W 513 -64.88 46.33 -58.71
CA SER W 513 -66.26 46.75 -58.70
C SER W 513 -67.18 45.55 -58.97
N CYS W 514 -68.46 45.75 -58.68
CA CYS W 514 -69.41 44.66 -58.79
C CYS W 514 -69.84 44.46 -60.24
N TRP W 515 -70.43 43.30 -60.50
CA TRP W 515 -70.94 42.98 -61.84
C TRP W 515 -72.12 43.88 -62.18
N SER W 516 -72.07 44.49 -63.35
CA SER W 516 -73.15 45.37 -63.78
C SER W 516 -74.38 44.55 -64.18
N SER W 517 -75.46 45.25 -64.49
CA SER W 517 -76.69 44.59 -64.89
C SER W 517 -76.56 44.01 -66.28
N TRP W 518 -77.31 42.94 -66.53
CA TRP W 518 -77.29 42.28 -67.83
C TRP W 518 -77.83 43.22 -68.91
N SER W 519 -76.98 43.56 -69.87
CA SER W 519 -77.37 44.45 -70.96
C SER W 519 -77.84 43.66 -72.16
N GLN W 526 -75.73 40.48 -74.80
CA GLN W 526 -75.74 41.00 -73.44
C GLN W 526 -74.34 41.40 -72.99
N GLU W 527 -74.26 42.51 -72.27
CA GLU W 527 -73.00 43.03 -71.77
C GLU W 527 -72.99 43.03 -70.25
N ARG W 528 -71.79 43.12 -69.68
CA ARG W 528 -71.62 43.11 -68.23
C ARG W 528 -70.26 43.73 -67.94
N ARG W 529 -70.26 44.88 -67.28
CA ARG W 529 -69.06 45.68 -67.10
C ARG W 529 -68.57 45.63 -65.65
N ARG W 530 -67.28 45.91 -65.48
CA ARG W 530 -66.65 45.97 -64.18
C ARG W 530 -65.58 47.07 -64.23
N GLU W 531 -65.05 47.41 -63.05
CA GLU W 531 -64.05 48.45 -62.94
C GLU W 531 -63.26 48.21 -61.66
N CYS W 532 -62.24 49.06 -61.44
CA CYS W 532 -61.42 48.97 -60.24
C CYS W 532 -61.89 49.97 -59.19
N CYS W 544 -55.86 44.62 -60.62
CA CYS W 544 -57.20 44.08 -60.80
C CYS W 544 -57.20 42.83 -61.66
N PRO W 545 -56.95 41.68 -61.04
CA PRO W 545 -56.94 40.41 -61.78
C PRO W 545 -58.33 39.83 -61.95
N GLY W 546 -58.47 39.04 -63.01
CA GLY W 546 -59.71 38.36 -63.32
C GLY W 546 -60.39 38.95 -64.54
N ARG W 547 -61.59 38.43 -64.81
CA ARG W 547 -62.37 38.86 -65.97
C ARG W 547 -63.33 39.97 -65.58
N LYS W 548 -63.67 40.80 -66.56
CA LYS W 548 -64.58 41.91 -66.36
C LYS W 548 -65.77 41.92 -67.32
N VAL W 549 -65.90 40.90 -68.17
CA VAL W 549 -66.98 40.82 -69.16
C VAL W 549 -67.60 39.44 -69.07
N GLN W 550 -68.94 39.40 -69.02
CA GLN W 550 -69.68 38.14 -68.97
C GLN W 550 -70.92 38.27 -69.84
N THR W 551 -71.31 37.17 -70.46
CA THR W 551 -72.46 37.12 -71.35
C THR W 551 -73.38 35.97 -70.92
N GLN W 552 -74.68 36.26 -70.84
CA GLN W 552 -75.66 35.26 -70.45
C GLN W 552 -76.18 34.51 -71.67
N PHE X 2 7.00 23.60 -60.24
CA PHE X 2 6.24 24.18 -61.34
C PHE X 2 6.47 23.40 -62.63
N CYS X 3 5.93 22.19 -62.69
CA CYS X 3 6.07 21.32 -63.85
C CYS X 3 4.85 21.33 -64.76
N ASP X 4 3.66 21.54 -64.22
CA ASP X 4 2.43 21.55 -65.00
C ASP X 4 2.22 22.85 -65.77
N HIS X 5 3.19 23.76 -65.76
CA HIS X 5 3.06 24.99 -66.53
C HIS X 5 2.99 24.70 -68.02
N TYR X 6 3.67 23.65 -68.48
CA TYR X 6 3.58 23.18 -69.86
C TYR X 6 2.67 21.96 -69.83
N ALA X 7 1.40 22.17 -70.21
CA ALA X 7 0.39 21.13 -70.05
C ALA X 7 0.75 19.88 -70.85
N TRP X 8 0.44 18.72 -70.28
CA TRP X 8 0.71 17.46 -70.94
C TRP X 8 -0.28 17.24 -72.09
N THR X 9 0.23 16.74 -73.21
CA THR X 9 -0.63 16.46 -74.35
C THR X 9 -1.52 15.26 -74.05
N GLN X 10 -2.49 15.04 -74.94
CA GLN X 10 -3.41 13.92 -74.76
C GLN X 10 -2.70 12.60 -74.99
N TRP X 11 -3.20 11.55 -74.32
CA TRP X 11 -2.60 10.23 -74.47
C TRP X 11 -2.76 9.74 -75.91
N THR X 12 -1.65 9.25 -76.47
CA THR X 12 -1.66 8.76 -77.84
C THR X 12 -2.43 7.44 -77.92
N SER X 13 -2.57 6.94 -79.14
CA SER X 13 -3.28 5.68 -79.35
C SER X 13 -2.50 4.51 -78.78
N CYS X 14 -3.23 3.47 -78.38
CA CYS X 14 -2.60 2.28 -77.84
C CYS X 14 -1.76 1.60 -78.93
N SER X 15 -0.59 1.08 -78.52
CA SER X 15 0.36 0.56 -79.50
C SER X 15 -0.20 -0.63 -80.26
N LYS X 16 -0.91 -1.53 -79.57
CA LYS X 16 -1.52 -2.68 -80.21
C LYS X 16 -2.92 -2.86 -79.67
N THR X 17 -3.68 -3.76 -80.30
CA THR X 17 -5.08 -3.95 -79.94
C THR X 17 -5.21 -4.65 -78.60
N CYS X 18 -4.72 -5.89 -78.50
CA CYS X 18 -4.89 -6.70 -77.30
C CYS X 18 -3.58 -7.22 -76.72
N ASN X 19 -2.59 -7.52 -77.56
CA ASN X 19 -1.39 -8.21 -77.10
C ASN X 19 -0.65 -7.38 -76.04
N SER X 20 -0.12 -6.22 -76.45
CA SER X 20 0.61 -5.35 -75.53
C SER X 20 0.45 -3.91 -75.98
N GLY X 21 0.15 -3.03 -75.03
CA GLY X 21 -0.12 -1.63 -75.34
C GLY X 21 0.87 -0.70 -74.66
N THR X 22 1.22 0.38 -75.36
CA THR X 22 2.10 1.40 -74.82
C THR X 22 1.69 2.75 -75.38
N GLN X 23 1.52 3.73 -74.50
CA GLN X 23 1.14 5.08 -74.89
C GLN X 23 1.92 6.08 -74.05
N SER X 24 2.18 7.25 -74.64
CA SER X 24 2.99 8.27 -73.99
C SER X 24 2.39 9.64 -74.26
N ARG X 25 2.80 10.61 -73.43
CA ARG X 25 2.38 11.99 -73.58
C ARG X 25 3.49 12.89 -73.05
N HIS X 26 3.53 14.12 -73.56
CA HIS X 26 4.54 15.09 -73.16
C HIS X 26 3.93 16.46 -72.89
N GLN X 28 4.44 20.06 -74.88
CA GLN X 28 4.24 21.47 -75.17
C GLN X 28 5.17 22.35 -74.35
N ILE X 29 6.44 21.96 -74.30
CA ILE X 29 7.45 22.69 -73.55
C ILE X 29 8.19 23.63 -74.49
N VAL X 30 8.14 24.93 -74.20
CA VAL X 30 8.84 25.95 -74.97
C VAL X 30 10.00 26.46 -74.15
N VAL X 31 11.15 26.67 -74.80
CA VAL X 31 12.37 27.10 -74.12
C VAL X 31 12.37 28.63 -74.13
N ASP X 32 11.70 29.21 -73.15
CA ASP X 32 11.66 30.65 -72.97
C ASP X 32 12.54 31.04 -71.78
N LYS X 33 12.50 32.32 -71.41
CA LYS X 33 13.26 32.79 -70.25
C LYS X 33 12.78 32.13 -68.97
N TYR X 34 11.46 31.96 -68.84
CA TYR X 34 10.89 31.31 -67.65
C TYR X 34 11.41 29.89 -67.50
N TYR X 35 11.61 29.18 -68.62
CA TYR X 35 12.09 27.81 -68.57
C TYR X 35 13.56 27.75 -68.17
N GLN X 36 14.39 28.59 -68.79
CA GLN X 36 15.83 28.52 -68.55
C GLN X 36 16.21 29.08 -67.17
N GLU X 37 15.45 30.04 -66.65
CA GLU X 37 15.80 30.65 -65.38
C GLU X 37 15.25 29.91 -64.17
N ASN X 38 14.43 28.87 -64.38
CA ASN X 38 13.84 28.11 -63.28
C ASN X 38 14.37 26.68 -63.21
N PHE X 39 15.33 26.32 -64.06
CA PHE X 39 15.94 24.99 -64.05
C PHE X 39 14.88 23.88 -64.15
N CYS X 40 13.84 24.14 -64.94
CA CYS X 40 12.77 23.16 -65.11
C CYS X 40 13.22 21.94 -65.91
N GLU X 41 14.37 21.99 -66.56
CA GLU X 41 14.83 20.85 -67.35
C GLU X 41 15.28 19.70 -66.46
N GLN X 42 15.84 19.99 -65.28
CA GLN X 42 16.39 18.96 -64.41
C GLN X 42 15.38 18.38 -63.44
N ILE X 43 14.43 19.19 -62.96
CA ILE X 43 13.52 18.75 -61.90
C ILE X 43 12.16 18.31 -62.42
N CYS X 44 11.82 18.64 -63.66
CA CYS X 44 10.51 18.30 -64.23
C CYS X 44 10.66 17.23 -65.30
N SER X 45 9.81 16.20 -65.23
CA SER X 45 9.81 15.16 -66.24
C SER X 45 9.27 15.71 -67.56
N LYS X 46 9.69 15.08 -68.66
CA LYS X 46 9.32 15.51 -70.00
C LYS X 46 8.42 14.52 -70.71
N GLN X 47 8.10 13.38 -70.10
CA GLN X 47 7.25 12.39 -70.74
C GLN X 47 6.69 11.47 -69.68
N GLU X 48 5.51 10.92 -69.97
CA GLU X 48 4.83 9.97 -69.08
C GLU X 48 4.33 8.82 -69.92
N THR X 49 4.73 7.60 -69.55
CA THR X 49 4.36 6.40 -70.29
C THR X 49 3.59 5.44 -69.39
N ARG X 50 2.61 4.76 -69.97
CA ARG X 50 1.83 3.77 -69.25
C ARG X 50 1.26 2.77 -70.24
N GLU X 51 0.89 1.60 -69.72
CA GLU X 51 0.35 0.55 -70.57
C GLU X 51 -1.13 0.79 -70.86
N CYS X 52 -1.64 0.06 -71.85
CA CYS X 52 -3.04 0.15 -72.24
C CYS X 52 -3.48 -1.19 -72.79
N ASN X 53 -4.70 -1.60 -72.41
CA ASN X 53 -5.28 -2.88 -72.82
C ASN X 53 -4.35 -4.04 -72.46
N TRP X 54 -4.12 -4.20 -71.15
CA TRP X 54 -3.23 -5.23 -70.65
C TRP X 54 -3.85 -6.62 -70.62
N GLN X 55 -5.10 -6.76 -71.05
CA GLN X 55 -5.73 -8.07 -71.08
C GLN X 55 -5.14 -8.92 -72.19
N ARG X 56 -5.39 -10.23 -72.11
CA ARG X 56 -4.88 -11.16 -73.10
C ARG X 56 -5.71 -11.08 -74.38
N CYS X 57 -5.40 -11.97 -75.32
CA CYS X 57 -6.14 -12.07 -76.58
C CYS X 57 -6.85 -13.42 -76.62
N PRO X 58 -8.02 -13.54 -75.99
CA PRO X 58 -8.69 -14.84 -75.94
C PRO X 58 -9.14 -15.29 -77.33
N ILE X 59 -8.75 -16.50 -77.69
CA ILE X 59 -9.20 -17.08 -78.96
C ILE X 59 -10.69 -17.34 -78.89
N ASN X 60 -11.40 -17.05 -79.98
CA ASN X 60 -12.84 -17.22 -80.01
C ASN X 60 -13.21 -18.70 -79.90
N CYS X 61 -14.18 -18.99 -79.06
CA CYS X 61 -14.67 -20.36 -78.90
C CYS X 61 -15.18 -20.90 -80.22
N LEU X 62 -14.52 -21.95 -80.71
CA LEU X 62 -14.79 -22.52 -82.03
C LEU X 62 -15.29 -23.94 -81.87
N LEU X 63 -16.56 -24.17 -82.19
CA LEU X 63 -17.14 -25.50 -82.18
C LEU X 63 -16.91 -26.19 -83.53
N GLY X 64 -17.33 -27.45 -83.62
CA GLY X 64 -17.21 -28.23 -84.82
C GLY X 64 -18.57 -28.60 -85.38
N ASP X 65 -18.55 -29.19 -86.57
CA ASP X 65 -19.77 -29.62 -87.23
C ASP X 65 -20.39 -30.80 -86.48
N PHE X 66 -21.69 -30.98 -86.68
CA PHE X 66 -22.40 -32.07 -86.05
C PHE X 66 -21.93 -33.42 -86.59
N GLY X 67 -22.07 -34.45 -85.77
CA GLY X 67 -21.71 -35.79 -86.17
C GLY X 67 -22.91 -36.57 -86.67
N PRO X 68 -22.71 -37.86 -86.96
CA PRO X 68 -23.83 -38.69 -87.42
C PRO X 68 -24.83 -38.94 -86.29
N TRP X 69 -26.08 -39.11 -86.68
CA TRP X 69 -27.14 -39.40 -85.72
C TRP X 69 -26.87 -40.72 -85.01
N SER X 70 -27.10 -40.74 -83.70
CA SER X 70 -26.87 -41.93 -82.88
C SER X 70 -28.16 -42.69 -82.70
N ASP X 71 -28.09 -44.02 -82.88
CA ASP X 71 -29.26 -44.86 -82.67
C ASP X 71 -29.74 -44.74 -81.23
N CYS X 72 -31.05 -44.89 -81.04
CA CYS X 72 -31.68 -44.66 -79.75
C CYS X 72 -32.37 -45.95 -79.29
N ASP X 73 -32.01 -46.42 -78.10
CA ASP X 73 -32.77 -47.46 -77.43
C ASP X 73 -32.93 -47.16 -75.95
N PRO X 74 -33.37 -45.95 -75.54
CA PRO X 74 -33.63 -45.71 -74.11
C PRO X 74 -35.08 -46.01 -73.77
N CYS X 75 -35.44 -45.83 -72.49
CA CYS X 75 -36.85 -45.84 -72.13
C CYS X 75 -37.57 -44.56 -72.52
N ILE X 76 -36.84 -43.54 -72.97
CA ILE X 76 -37.41 -42.31 -73.50
C ILE X 76 -36.90 -42.13 -74.93
N GLU X 77 -37.83 -41.89 -75.85
CA GLU X 77 -37.50 -41.82 -77.28
C GLU X 77 -36.85 -40.48 -77.59
N LYS X 78 -35.55 -40.40 -77.32
CA LYS X 78 -34.74 -39.23 -77.61
C LYS X 78 -33.47 -39.65 -78.33
N GLN X 79 -33.04 -38.85 -79.29
CA GLN X 79 -31.84 -39.11 -80.07
C GLN X 79 -30.76 -38.09 -79.73
N SER X 80 -29.51 -38.55 -79.73
CA SER X 80 -28.37 -37.73 -79.37
C SER X 80 -27.63 -37.25 -80.62
N LYS X 81 -27.05 -36.06 -80.51
CA LYS X 81 -26.24 -35.49 -81.60
C LYS X 81 -25.18 -34.61 -80.96
N VAL X 82 -23.92 -35.03 -81.05
CA VAL X 82 -22.82 -34.39 -80.34
C VAL X 82 -21.89 -33.71 -81.33
N ARG X 83 -21.44 -32.51 -80.99
CA ARG X 83 -20.45 -31.78 -81.77
C ARG X 83 -19.39 -31.22 -80.84
N SER X 84 -18.20 -31.03 -81.38
CA SER X 84 -17.07 -30.52 -80.60
C SER X 84 -16.69 -29.12 -81.03
N CYS X 96 -18.61 -19.86 -76.15
CA CYS X 96 -19.65 -20.17 -77.13
C CYS X 96 -21.05 -19.91 -76.56
N THR X 97 -22.01 -19.64 -77.45
CA THR X 97 -23.39 -19.43 -77.07
C THR X 97 -24.33 -20.50 -77.61
N ALA X 98 -23.93 -21.24 -78.65
CA ALA X 98 -24.76 -22.32 -79.16
C ALA X 98 -24.69 -23.52 -78.23
N PRO X 99 -25.76 -24.30 -78.12
CA PRO X 99 -25.73 -25.48 -77.23
C PRO X 99 -24.65 -26.46 -77.65
N LEU X 100 -24.01 -27.08 -76.65
CA LEU X 100 -22.97 -28.06 -76.92
C LEU X 100 -23.55 -29.32 -77.57
N VAL X 101 -24.56 -29.91 -76.93
CA VAL X 101 -25.24 -31.09 -77.45
C VAL X 101 -26.74 -30.83 -77.43
N ALA X 102 -27.39 -31.02 -78.58
CA ALA X 102 -28.82 -30.81 -78.71
C ALA X 102 -29.49 -32.14 -79.04
N PHE X 103 -30.46 -32.54 -78.22
CA PHE X 103 -31.18 -33.78 -78.40
C PHE X 103 -32.58 -33.51 -78.95
N GLN X 104 -33.06 -34.40 -79.79
CA GLN X 104 -34.34 -34.28 -80.48
C GLN X 104 -35.14 -35.55 -80.28
N PRO X 105 -36.44 -35.53 -80.59
CA PRO X 105 -37.21 -36.77 -80.55
C PRO X 105 -36.68 -37.78 -81.55
N CYS X 106 -36.73 -39.06 -81.17
CA CYS X 106 -36.16 -40.13 -81.95
C CYS X 106 -37.25 -41.08 -82.43
N ILE X 107 -36.87 -41.94 -83.36
CA ILE X 107 -37.75 -43.02 -83.82
C ILE X 107 -37.19 -44.32 -83.26
N PRO X 108 -37.66 -44.76 -82.09
CA PRO X 108 -37.03 -45.90 -81.41
C PRO X 108 -37.42 -47.22 -82.05
N SER X 109 -36.40 -48.01 -82.41
CA SER X 109 -36.65 -49.35 -82.89
C SER X 109 -37.10 -50.28 -81.76
N LYS X 110 -36.70 -49.96 -80.53
CA LYS X 110 -37.09 -50.74 -79.35
C LYS X 110 -37.39 -49.77 -78.21
N LEU X 111 -38.51 -50.00 -77.52
CA LEU X 111 -38.90 -49.16 -76.39
C LEU X 111 -38.22 -49.67 -75.12
N CYS X 112 -38.67 -49.17 -73.97
CA CYS X 112 -38.07 -49.54 -72.69
C CYS X 112 -38.17 -51.04 -72.44
N LYS X 113 -37.20 -51.57 -71.71
CA LYS X 113 -37.15 -52.99 -71.40
C LYS X 113 -36.31 -53.19 -70.15
N ILE X 114 -36.27 -54.43 -69.67
CA ILE X 114 -35.51 -54.81 -68.48
C ILE X 114 -35.95 -54.04 -67.24
N GLU X 115 -37.23 -53.66 -67.19
CA GLU X 115 -37.77 -52.94 -66.05
C GLU X 115 -38.25 -53.93 -64.99
N GLU X 116 -37.75 -53.78 -63.77
CA GLU X 116 -38.10 -54.68 -62.68
C GLU X 116 -37.87 -53.95 -61.36
N ALA X 117 -38.21 -54.63 -60.27
CA ALA X 117 -38.06 -54.07 -58.93
C ALA X 117 -36.60 -54.17 -58.51
N ASP X 118 -36.02 -53.04 -58.10
CA ASP X 118 -34.62 -53.03 -57.68
C ASP X 118 -34.44 -53.71 -56.33
N CYS X 119 -35.32 -53.43 -55.38
CA CYS X 119 -35.19 -53.99 -54.05
C CYS X 119 -35.54 -55.47 -54.06
N LYS X 120 -34.69 -56.28 -53.44
CA LYS X 120 -34.92 -57.72 -53.31
C LYS X 120 -35.13 -58.13 -51.86
N ASN X 121 -34.23 -57.73 -50.96
CA ASN X 121 -34.36 -58.03 -49.54
C ASN X 121 -34.51 -56.77 -48.69
N LYS X 122 -34.72 -55.62 -49.31
CA LYS X 122 -34.83 -54.35 -48.62
C LYS X 122 -36.17 -53.69 -48.95
N PHE X 123 -36.41 -52.54 -48.34
CA PHE X 123 -37.65 -51.80 -48.53
C PHE X 123 -37.52 -50.85 -49.72
N ARG X 124 -38.62 -50.67 -50.43
CA ARG X 124 -38.69 -49.80 -51.61
C ARG X 124 -39.45 -48.54 -51.25
N CYS X 125 -38.75 -47.41 -51.17
CA CYS X 125 -39.38 -46.14 -50.89
C CYS X 125 -40.20 -45.67 -52.10
N ASP X 126 -41.17 -44.80 -51.82
CA ASP X 126 -42.04 -44.30 -52.88
C ASP X 126 -41.31 -43.44 -53.89
N SER X 127 -40.19 -42.84 -53.51
CA SER X 127 -39.42 -41.98 -54.41
C SER X 127 -38.42 -42.76 -55.26
N GLY X 128 -38.25 -44.06 -55.01
CA GLY X 128 -37.31 -44.88 -55.74
C GLY X 128 -36.12 -45.33 -54.91
N ARG X 129 -35.88 -44.70 -53.77
CA ARG X 129 -34.75 -45.08 -52.92
C ARG X 129 -34.98 -46.47 -52.33
N CYS X 130 -33.90 -47.23 -52.22
CA CYS X 130 -33.94 -48.59 -51.68
C CYS X 130 -33.12 -48.62 -50.40
N ILE X 131 -33.81 -48.68 -49.26
CA ILE X 131 -33.15 -48.71 -47.95
C ILE X 131 -33.50 -50.01 -47.25
N ALA X 132 -32.68 -50.35 -46.26
CA ALA X 132 -32.88 -51.59 -45.51
C ALA X 132 -34.18 -51.53 -44.72
N ARG X 133 -34.84 -52.69 -44.61
CA ARG X 133 -36.09 -52.78 -43.87
C ARG X 133 -35.90 -52.49 -42.38
N LYS X 134 -34.69 -52.65 -41.86
CA LYS X 134 -34.43 -52.32 -40.46
C LYS X 134 -34.67 -50.84 -40.19
N LEU X 135 -34.44 -49.98 -41.19
CA LEU X 135 -34.61 -48.54 -41.04
C LEU X 135 -36.07 -48.10 -41.08
N GLU X 136 -37.01 -49.04 -41.13
CA GLU X 136 -38.43 -48.70 -41.19
C GLU X 136 -39.02 -48.70 -39.79
N CYS X 137 -39.94 -47.76 -39.55
CA CYS X 137 -40.61 -47.60 -38.26
C CYS X 137 -39.61 -47.39 -37.13
N ASN X 138 -38.77 -46.36 -37.31
CA ASN X 138 -37.77 -45.99 -36.31
C ASN X 138 -37.87 -44.52 -35.91
N GLY X 139 -38.99 -43.87 -36.21
CA GLY X 139 -39.16 -42.47 -35.86
C GLY X 139 -38.24 -41.52 -36.59
N GLU X 140 -37.78 -41.89 -37.78
CA GLU X 140 -36.89 -41.05 -38.57
C GLU X 140 -37.22 -41.21 -40.04
N ASN X 141 -37.28 -40.08 -40.76
CA ASN X 141 -37.57 -40.07 -42.18
C ASN X 141 -36.30 -40.49 -42.93
N ASP X 142 -36.21 -41.76 -43.29
CA ASP X 142 -35.04 -42.27 -44.00
C ASP X 142 -35.23 -42.29 -45.51
N CYS X 143 -36.46 -42.40 -45.99
CA CYS X 143 -36.71 -42.38 -47.43
C CYS X 143 -36.61 -40.98 -48.00
N GLY X 144 -37.06 -39.97 -47.24
CA GLY X 144 -37.07 -38.60 -47.68
C GLY X 144 -38.47 -38.04 -47.89
N ASP X 145 -39.44 -38.91 -48.16
CA ASP X 145 -40.83 -38.49 -48.36
C ASP X 145 -41.75 -39.08 -47.30
N ASN X 146 -41.21 -39.44 -46.14
CA ASN X 146 -41.98 -40.02 -45.03
C ASN X 146 -42.68 -41.31 -45.45
N SER X 147 -42.06 -42.06 -46.37
CA SER X 147 -42.67 -43.30 -46.84
C SER X 147 -42.55 -44.41 -45.81
N ASP X 148 -41.39 -44.51 -45.15
CA ASP X 148 -41.20 -45.55 -44.15
C ASP X 148 -42.00 -45.26 -42.88
N GLU X 149 -42.10 -43.99 -42.50
CA GLU X 149 -42.84 -43.58 -41.32
C GLU X 149 -44.28 -43.20 -41.62
N ARG X 150 -44.84 -43.72 -42.73
CA ARG X 150 -46.18 -43.33 -43.13
C ARG X 150 -47.22 -43.77 -42.10
N ASP X 151 -47.36 -45.08 -41.89
CA ASP X 151 -48.40 -45.62 -41.03
C ASP X 151 -47.82 -46.59 -40.02
N CYS X 152 -46.70 -46.22 -39.39
CA CYS X 152 -46.10 -47.04 -38.34
C CYS X 152 -46.96 -46.96 -37.08
N GLY X 153 -47.53 -48.10 -36.67
CA GLY X 153 -48.32 -48.12 -35.46
C GLY X 153 -47.51 -47.87 -34.21
N ARG X 154 -46.27 -48.38 -34.18
CA ARG X 154 -45.37 -48.17 -33.07
C ARG X 154 -43.95 -48.02 -33.60
N THR X 155 -43.17 -47.18 -32.92
CA THR X 155 -41.80 -46.89 -33.32
C THR X 155 -40.87 -47.08 -32.14
N LYS X 156 -39.63 -47.46 -32.44
CA LYS X 156 -38.61 -47.65 -31.42
C LYS X 156 -37.69 -46.43 -31.41
N ALA X 157 -37.61 -45.77 -30.25
CA ALA X 157 -36.77 -44.58 -30.11
C ALA X 157 -35.31 -44.92 -30.32
N VAL X 158 -34.73 -44.44 -31.41
CA VAL X 158 -33.32 -44.70 -31.69
C VAL X 158 -32.41 -43.70 -30.99
N CYS X 159 -32.87 -42.47 -30.79
CA CYS X 159 -32.11 -41.44 -30.08
C CYS X 159 -32.99 -40.86 -29.00
N THR X 160 -32.43 -40.69 -27.80
CA THR X 160 -33.24 -40.27 -26.66
C THR X 160 -33.67 -38.81 -26.77
N ARG X 161 -32.83 -37.94 -27.33
CA ARG X 161 -33.11 -36.52 -27.39
C ARG X 161 -32.78 -35.97 -28.77
N LYS X 162 -33.54 -34.96 -29.18
CA LYS X 162 -33.32 -34.32 -30.48
C LYS X 162 -32.06 -33.47 -30.43
N TYR X 163 -31.07 -33.84 -31.22
CA TYR X 163 -29.79 -33.13 -31.29
C TYR X 163 -29.70 -32.34 -32.59
N ASN X 164 -28.89 -31.28 -32.55
CA ASN X 164 -28.71 -30.43 -33.73
C ASN X 164 -27.74 -31.07 -34.71
N PRO X 165 -27.90 -30.81 -36.01
CA PRO X 165 -26.97 -31.35 -37.00
C PRO X 165 -25.68 -30.55 -37.06
N ILE X 166 -24.68 -31.16 -37.67
CA ILE X 166 -23.38 -30.50 -37.84
C ILE X 166 -23.53 -29.34 -38.82
N PRO X 167 -23.06 -28.14 -38.48
CA PRO X 167 -23.18 -27.02 -39.42
C PRO X 167 -22.24 -27.17 -40.60
N SER X 168 -22.73 -26.75 -41.77
CA SER X 168 -21.98 -26.82 -43.03
C SER X 168 -21.57 -28.26 -43.37
N VAL X 169 -22.33 -29.24 -42.87
CA VAL X 169 -22.03 -30.63 -43.16
C VAL X 169 -22.34 -30.97 -44.63
N GLN X 170 -23.21 -30.18 -45.27
CA GLN X 170 -23.56 -30.45 -46.66
C GLN X 170 -22.42 -30.12 -47.62
N LEU X 171 -21.52 -29.21 -47.22
CA LEU X 171 -20.41 -28.84 -48.11
C LEU X 171 -19.47 -30.01 -48.36
N MET X 172 -19.40 -30.96 -47.43
CA MET X 172 -18.54 -32.12 -47.56
C MET X 172 -19.22 -33.29 -48.25
N GLY X 173 -20.43 -33.10 -48.76
CA GLY X 173 -21.15 -34.13 -49.48
C GLY X 173 -21.27 -33.83 -50.96
N ASN X 174 -20.99 -32.58 -51.34
CA ASN X 174 -21.07 -32.17 -52.73
C ASN X 174 -20.05 -32.92 -53.58
N GLY X 175 -20.37 -33.08 -54.87
CA GLY X 175 -19.41 -33.62 -55.80
C GLY X 175 -18.38 -32.59 -56.20
N PHE X 176 -17.29 -33.06 -56.81
CA PHE X 176 -16.19 -32.21 -57.25
C PHE X 176 -15.91 -32.46 -58.72
N HIS X 177 -16.18 -31.46 -59.56
CA HIS X 177 -15.79 -31.50 -60.96
C HIS X 177 -14.39 -30.92 -61.08
N PHE X 178 -13.40 -31.79 -61.34
CA PHE X 178 -12.01 -31.35 -61.37
C PHE X 178 -11.75 -30.36 -62.50
N LEU X 179 -12.57 -30.40 -63.56
CA LEU X 179 -12.31 -29.57 -64.74
C LEU X 179 -12.84 -28.15 -64.58
N ALA X 180 -13.87 -27.94 -63.74
CA ALA X 180 -14.58 -26.68 -63.71
C ALA X 180 -14.09 -25.70 -62.65
N GLY X 181 -13.36 -26.17 -61.64
CA GLY X 181 -12.92 -25.31 -60.56
C GLY X 181 -13.98 -24.90 -59.56
N GLU X 182 -15.25 -25.23 -59.83
CA GLU X 182 -16.33 -25.09 -58.86
C GLU X 182 -16.86 -26.50 -58.66
N PRO X 183 -16.86 -27.03 -57.43
CA PRO X 183 -16.85 -28.49 -57.27
C PRO X 183 -18.02 -29.21 -57.94
N ARG X 184 -19.24 -29.02 -57.42
CA ARG X 184 -20.50 -29.39 -58.08
C ARG X 184 -21.69 -29.15 -57.16
N GLY X 185 -22.89 -29.39 -57.68
CA GLY X 185 -24.07 -29.48 -56.85
C GLY X 185 -24.04 -30.72 -55.96
N GLU X 186 -25.09 -30.85 -55.15
CA GLU X 186 -25.18 -31.94 -54.19
C GLU X 186 -25.30 -33.29 -54.90
N VAL X 187 -24.54 -34.27 -54.41
CA VAL X 187 -24.65 -35.65 -54.86
C VAL X 187 -24.97 -36.59 -53.71
N LEU X 188 -24.32 -36.42 -52.56
CA LEU X 188 -24.56 -37.24 -51.38
C LEU X 188 -25.48 -36.50 -50.42
N ASP X 189 -26.25 -37.27 -49.65
CA ASP X 189 -27.15 -36.72 -48.65
C ASP X 189 -26.44 -36.67 -47.29
N ASN X 190 -26.48 -35.51 -46.65
CA ASN X 190 -25.84 -35.30 -45.36
C ASN X 190 -26.84 -35.20 -44.21
N SER X 191 -28.13 -35.45 -44.49
CA SER X 191 -29.14 -35.47 -43.44
C SER X 191 -29.46 -36.89 -42.97
N PHE X 192 -29.20 -37.89 -43.80
CA PHE X 192 -29.41 -39.28 -43.40
C PHE X 192 -28.44 -39.67 -42.30
N THR X 193 -28.93 -40.46 -41.33
CA THR X 193 -28.13 -40.86 -40.19
C THR X 193 -28.07 -42.36 -39.95
N GLY X 194 -28.83 -43.16 -40.69
CA GLY X 194 -28.81 -44.60 -40.50
C GLY X 194 -29.41 -45.10 -39.22
N GLY X 195 -30.16 -44.27 -38.51
CA GLY X 195 -30.79 -44.66 -37.25
C GLY X 195 -29.92 -44.50 -36.02
N ILE X 196 -28.64 -44.85 -36.13
CA ILE X 196 -27.73 -44.73 -35.00
C ILE X 196 -27.51 -43.25 -34.69
N CYS X 197 -27.80 -42.87 -33.44
CA CYS X 197 -27.66 -41.47 -33.02
C CYS X 197 -26.25 -41.23 -32.47
N LYS X 198 -25.31 -41.23 -33.41
CA LYS X 198 -23.92 -40.93 -33.07
C LYS X 198 -23.71 -39.43 -32.99
N THR X 199 -22.93 -38.99 -32.01
CA THR X 199 -22.74 -37.57 -31.75
C THR X 199 -21.28 -37.31 -31.41
N VAL X 200 -20.95 -36.03 -31.23
CA VAL X 200 -19.60 -35.60 -30.85
C VAL X 200 -19.72 -34.29 -30.10
N LYS X 201 -18.91 -34.13 -29.06
CA LYS X 201 -18.95 -32.95 -28.20
C LYS X 201 -17.79 -32.04 -28.53
N SER X 202 -18.11 -30.84 -29.03
CA SER X 202 -17.08 -29.85 -29.34
C SER X 202 -16.65 -29.11 -28.07
N SER X 203 -15.56 -28.36 -28.19
CA SER X 203 -15.03 -27.60 -27.07
C SER X 203 -15.94 -26.41 -26.76
N ARG X 204 -16.42 -26.35 -25.51
CA ARG X 204 -17.28 -25.26 -25.04
C ARG X 204 -18.54 -25.14 -25.89
N THR X 205 -19.02 -26.27 -26.41
CA THR X 205 -20.21 -26.34 -27.27
C THR X 205 -21.11 -27.49 -26.81
N SER X 206 -21.43 -27.47 -25.51
CA SER X 206 -22.15 -28.53 -24.81
C SER X 206 -23.27 -29.16 -25.63
N ASN X 207 -24.05 -28.34 -26.33
CA ASN X 207 -25.11 -28.83 -27.21
C ASN X 207 -24.52 -29.79 -28.25
N PRO X 208 -24.89 -31.07 -28.20
CA PRO X 208 -24.23 -32.04 -29.08
C PRO X 208 -24.65 -31.88 -30.53
N TYR X 209 -23.74 -32.22 -31.42
CA TYR X 209 -23.99 -32.23 -32.86
C TYR X 209 -24.30 -33.65 -33.32
N ARG X 210 -25.08 -33.75 -34.39
CA ARG X 210 -25.51 -35.03 -34.93
C ARG X 210 -24.61 -35.40 -36.12
N VAL X 211 -23.83 -36.46 -35.95
CA VAL X 211 -22.92 -36.90 -37.01
C VAL X 211 -23.70 -37.78 -37.99
N PRO X 212 -23.68 -37.48 -39.28
CA PRO X 212 -24.37 -38.33 -40.25
C PRO X 212 -23.69 -39.68 -40.39
N ALA X 213 -24.40 -40.59 -41.07
CA ALA X 213 -23.87 -41.93 -41.28
C ALA X 213 -22.77 -41.98 -42.33
N ASN X 214 -22.72 -40.99 -43.22
CA ASN X 214 -21.70 -40.96 -44.27
C ASN X 214 -20.34 -40.53 -43.75
N LEU X 215 -20.27 -39.94 -42.57
CA LEU X 215 -19.01 -39.49 -41.97
C LEU X 215 -18.53 -40.54 -40.98
N GLU X 216 -17.39 -41.17 -41.30
CA GLU X 216 -16.87 -42.22 -40.44
C GLU X 216 -16.12 -41.65 -39.24
N ASN X 217 -15.31 -40.61 -39.46
CA ASN X 217 -14.51 -40.02 -38.39
C ASN X 217 -14.61 -38.50 -38.48
N VAL X 218 -14.89 -37.87 -37.34
CA VAL X 218 -15.00 -36.43 -37.23
C VAL X 218 -14.06 -35.95 -36.13
N GLY X 219 -13.18 -35.01 -36.46
CA GLY X 219 -12.23 -34.48 -35.50
C GLY X 219 -12.16 -32.97 -35.52
N PHE X 220 -12.02 -32.37 -34.35
CA PHE X 220 -12.00 -30.91 -34.19
C PHE X 220 -10.59 -30.50 -33.78
N GLU X 221 -9.75 -30.21 -34.77
CA GLU X 221 -8.37 -29.81 -34.53
C GLU X 221 -8.07 -28.45 -35.14
N VAL X 222 -8.96 -27.48 -34.89
CA VAL X 222 -8.83 -26.13 -35.45
C VAL X 222 -7.47 -25.54 -35.09
N GLN X 223 -6.73 -25.11 -36.12
CA GLN X 223 -5.41 -24.52 -35.91
C GLN X 223 -5.04 -23.72 -37.14
N THR X 224 -4.65 -22.46 -36.93
CA THR X 224 -4.30 -21.59 -38.04
C THR X 224 -2.97 -22.02 -38.66
N ALA X 225 -2.89 -21.87 -39.99
CA ALA X 225 -1.69 -22.24 -40.72
C ALA X 225 -1.27 -21.13 -41.68
N THR X 231 0.32 -18.62 -43.82
CA THR X 231 0.88 -17.38 -43.29
C THR X 231 1.75 -16.68 -44.33
N ASP X 232 1.37 -15.45 -44.69
CA ASP X 232 2.10 -14.67 -45.67
C ASP X 232 2.20 -13.23 -45.19
N PHE X 233 3.38 -12.64 -45.35
CA PHE X 233 3.63 -11.27 -44.92
C PHE X 233 4.44 -10.56 -45.99
N TYR X 234 4.03 -9.34 -46.33
CA TYR X 234 4.71 -8.54 -47.35
C TYR X 234 4.83 -7.11 -46.84
N LYS X 235 6.02 -6.53 -47.00
CA LYS X 235 6.29 -5.16 -46.57
C LYS X 235 7.17 -4.49 -47.60
N ASP X 236 6.82 -3.25 -47.96
CA ASP X 236 7.57 -2.46 -48.92
C ASP X 236 7.66 -1.03 -48.45
N LEU X 237 8.84 -0.43 -48.59
CA LEU X 237 9.06 0.95 -48.17
C LEU X 237 10.08 1.60 -49.09
N THR X 238 9.71 2.73 -49.68
CA THR X 238 10.58 3.48 -50.58
C THR X 238 10.59 4.94 -50.19
N SER X 239 11.78 5.54 -50.20
CA SER X 239 11.96 6.94 -49.84
C SER X 239 12.85 7.62 -50.88
N LEU X 240 12.47 8.84 -51.25
CA LEU X 240 13.21 9.61 -52.24
C LEU X 240 13.30 11.06 -51.80
N GLY X 241 14.48 11.65 -51.96
CA GLY X 241 14.68 13.03 -51.59
C GLY X 241 15.57 13.78 -52.58
N HIS X 242 15.13 14.97 -52.99
CA HIS X 242 15.88 15.78 -53.94
C HIS X 242 15.82 17.24 -53.52
N ASN X 243 16.97 17.91 -53.54
CA ASN X 243 17.07 19.31 -53.14
C ASN X 243 18.12 19.99 -54.00
N GLU X 244 17.78 21.17 -54.52
CA GLU X 244 18.69 21.96 -55.35
C GLU X 244 18.61 23.42 -54.94
N ASN X 245 19.78 24.05 -54.82
CA ASN X 245 19.88 25.45 -54.44
C ASN X 245 20.99 26.11 -55.23
N GLN X 246 20.67 27.20 -55.92
CA GLN X 246 21.64 27.95 -56.70
C GLN X 246 21.41 29.44 -56.48
N GLN X 247 22.51 30.17 -56.29
CA GLN X 247 22.44 31.61 -56.06
C GLN X 247 23.56 32.29 -56.83
N GLY X 248 23.21 33.37 -57.53
CA GLY X 248 24.18 34.14 -58.29
C GLY X 248 23.89 35.62 -58.30
N SER X 249 24.91 36.44 -58.00
CA SER X 249 24.74 37.88 -57.95
C SER X 249 25.93 38.54 -58.64
N PHE X 250 25.64 39.37 -59.65
CA PHE X 250 26.66 40.09 -60.39
C PHE X 250 26.44 41.59 -60.24
N SER X 251 27.53 42.33 -60.03
CA SER X 251 27.47 43.77 -59.86
C SER X 251 28.66 44.42 -60.55
N SER X 252 28.42 45.56 -61.18
CA SER X 252 29.45 46.30 -61.89
C SER X 252 29.20 47.79 -61.74
N GLN X 253 30.28 48.54 -61.49
CA GLN X 253 30.20 49.98 -61.32
C GLN X 253 31.34 50.64 -62.09
N GLY X 254 31.05 51.77 -62.70
CA GLY X 254 32.07 52.50 -63.46
C GLY X 254 32.00 54.00 -63.27
N GLY X 255 33.15 54.64 -63.11
CA GLY X 255 33.21 56.07 -62.93
C GLY X 255 34.38 56.71 -63.65
N SER X 256 34.12 57.82 -64.35
CA SER X 256 35.16 58.52 -65.10
C SER X 256 34.92 60.02 -65.00
N SER X 257 35.97 60.78 -64.75
CA SER X 257 35.90 62.23 -64.66
C SER X 257 37.12 62.84 -65.32
N PHE X 258 36.90 63.90 -66.10
CA PHE X 258 37.97 64.57 -66.82
C PHE X 258 37.71 66.07 -66.82
N SER X 259 38.72 66.84 -66.45
CA SER X 259 38.61 68.29 -66.39
C SER X 259 39.98 68.91 -66.66
N VAL X 260 40.01 69.91 -67.53
CA VAL X 260 41.26 70.59 -67.85
C VAL X 260 40.98 72.06 -68.19
N PRO X 261 41.36 72.99 -67.32
CA PRO X 261 41.19 74.42 -67.63
C PRO X 261 42.42 74.99 -68.34
N ILE X 262 42.17 75.83 -69.32
CA ILE X 262 43.22 76.48 -70.11
C ILE X 262 42.84 77.94 -70.27
N PHE X 263 43.63 78.83 -69.68
CA PHE X 263 43.38 80.27 -69.78
C PHE X 263 44.68 81.04 -69.93
N TYR X 264 41.83 85.99 -70.41
CA TYR X 264 41.01 84.85 -70.80
C TYR X 264 40.74 83.95 -69.59
N SER X 265 39.60 83.26 -69.62
CA SER X 265 39.22 82.35 -68.56
C SER X 265 38.38 81.23 -69.14
N SER X 266 38.68 79.99 -68.73
CA SER X 266 37.95 78.83 -69.19
C SER X 266 37.87 77.81 -68.06
N LYS X 267 36.72 77.14 -67.97
CA LYS X 267 36.49 76.13 -66.96
C LYS X 267 35.70 74.98 -67.55
N ARG X 268 36.09 73.76 -67.21
CA ARG X 268 35.44 72.55 -67.69
C ARG X 268 35.34 71.54 -66.56
N SER X 269 34.18 70.90 -66.45
CA SER X 269 33.94 69.91 -65.41
C SER X 269 33.05 68.81 -65.97
N GLU X 270 33.44 67.55 -65.73
CA GLU X 270 32.70 66.40 -66.21
C GLU X 270 32.66 65.34 -65.12
N ASN X 271 31.48 64.77 -64.91
CA ASN X 271 31.29 63.72 -63.90
C ASN X 271 30.39 62.64 -64.48
N ILE X 272 30.83 61.39 -64.36
CA ILE X 272 30.08 60.24 -64.87
C ILE X 272 30.06 59.16 -63.80
N ASN X 273 28.87 58.64 -63.52
CA ASN X 273 28.68 57.60 -62.51
C ASN X 273 27.79 56.50 -63.06
N HIS X 274 28.19 55.26 -62.82
CA HIS X 274 27.44 54.09 -63.26
C HIS X 274 27.34 53.08 -62.13
N ASN X 275 26.15 52.52 -61.95
CA ASN X 275 25.90 51.53 -60.91
C ASN X 275 24.95 50.47 -61.46
N SER X 276 25.30 49.21 -61.26
CA SER X 276 24.49 48.09 -61.73
C SER X 276 24.55 46.96 -60.71
N ALA X 277 23.40 46.40 -60.37
CA ALA X 277 23.30 45.31 -59.41
C ALA X 277 22.28 44.30 -59.91
N PHE X 278 22.59 43.02 -59.71
CA PHE X 278 21.71 41.93 -60.11
C PHE X 278 21.79 40.81 -59.09
N LYS X 279 20.64 40.22 -58.78
CA LYS X 279 20.55 39.14 -57.81
C LYS X 279 19.55 38.09 -58.31
N GLN X 280 19.90 36.81 -58.11
CA GLN X 280 19.05 35.72 -58.53
C GLN X 280 19.23 34.56 -57.57
N ALA X 281 18.11 33.95 -57.16
CA ALA X 281 18.11 32.82 -56.25
C ALA X 281 17.01 31.87 -56.62
N ILE X 282 17.26 30.57 -56.45
CA ILE X 282 16.30 29.53 -56.77
C ILE X 282 16.39 28.44 -55.71
N GLN X 283 15.22 27.93 -55.30
CA GLN X 283 15.13 26.86 -54.32
C GLN X 283 14.11 25.84 -54.81
N ALA X 284 14.49 24.56 -54.78
CA ALA X 284 13.61 23.48 -55.21
C ALA X 284 13.81 22.28 -54.30
N SER X 285 12.70 21.66 -53.90
CA SER X 285 12.72 20.48 -53.04
C SER X 285 11.76 19.44 -53.58
N HIS X 286 12.14 18.17 -53.45
CA HIS X 286 11.34 17.06 -53.95
C HIS X 286 11.44 15.90 -52.98
N LYS X 287 10.30 15.29 -52.65
CA LYS X 287 10.26 14.16 -51.73
C LYS X 287 9.13 13.24 -52.16
N LYS X 288 9.41 11.93 -52.18
CA LYS X 288 8.43 10.93 -52.58
C LYS X 288 8.52 9.74 -51.64
N ASP X 289 7.38 9.30 -51.13
CA ASP X 289 7.32 8.15 -50.22
C ASP X 289 6.20 7.23 -50.65
N SER X 290 6.44 5.92 -50.55
CA SER X 290 5.45 4.93 -50.93
C SER X 290 5.61 3.71 -50.02
N SER X 291 4.51 2.98 -49.84
CA SER X 291 4.51 1.80 -49.00
C SER X 291 3.39 0.87 -49.46
N PHE X 292 3.70 -0.43 -49.48
CA PHE X 292 2.74 -1.45 -49.89
C PHE X 292 2.86 -2.65 -48.96
N ILE X 293 1.74 -3.09 -48.41
CA ILE X 293 1.70 -4.21 -47.47
C ILE X 293 0.61 -5.18 -47.91
N ARG X 294 0.99 -6.45 -48.06
CA ARG X 294 0.06 -7.50 -48.43
C ARG X 294 0.07 -8.59 -47.37
N ILE X 295 -1.11 -9.06 -46.98
CA ILE X 295 -1.25 -10.06 -45.94
C ILE X 295 -2.16 -11.18 -46.44
N HIS X 296 -1.96 -12.36 -45.85
CA HIS X 296 -2.76 -13.53 -46.17
C HIS X 296 -2.80 -14.44 -44.94
N LYS X 297 -3.79 -15.32 -44.92
CA LYS X 297 -3.97 -16.23 -43.79
C LYS X 297 -4.87 -17.37 -44.22
N VAL X 298 -4.76 -18.49 -43.51
CA VAL X 298 -5.56 -19.68 -43.76
C VAL X 298 -5.70 -20.45 -42.46
N MET X 299 -6.91 -20.86 -42.13
CA MET X 299 -7.19 -21.57 -40.89
C MET X 299 -7.70 -22.97 -41.23
N LYS X 300 -7.19 -23.97 -40.49
CA LYS X 300 -7.61 -25.36 -40.66
C LYS X 300 -8.74 -25.66 -39.68
N VAL X 301 -9.91 -25.13 -40.02
CA VAL X 301 -11.11 -25.28 -39.20
C VAL X 301 -11.59 -26.73 -39.26
N LEU X 302 -12.56 -27.07 -38.41
CA LEU X 302 -13.04 -28.43 -38.27
C LEU X 302 -13.36 -29.07 -39.62
N ASN X 303 -13.13 -30.38 -39.70
CA ASN X 303 -13.34 -31.14 -40.93
C ASN X 303 -14.04 -32.44 -40.57
N PHE X 304 -14.09 -33.35 -41.55
CA PHE X 304 -14.70 -34.66 -41.34
C PHE X 304 -14.22 -35.61 -42.43
N THR X 305 -14.27 -36.90 -42.12
CA THR X 305 -13.82 -37.95 -43.02
C THR X 305 -15.03 -38.76 -43.49
N THR X 306 -15.23 -38.81 -44.81
CA THR X 306 -16.34 -39.55 -45.37
C THR X 306 -16.07 -41.05 -45.29
N LYS X 307 -17.10 -41.81 -44.93
CA LYS X 307 -16.97 -43.25 -44.81
C LYS X 307 -16.64 -43.87 -46.17
N ALA X 308 -15.94 -45.01 -46.14
CA ALA X 308 -15.45 -45.61 -47.37
C ALA X 308 -16.57 -46.25 -48.19
N LYS X 309 -17.33 -47.16 -47.57
CA LYS X 309 -18.35 -47.91 -48.26
C LYS X 309 -19.72 -47.65 -47.63
N ASP X 310 -20.75 -48.16 -48.31
CA ASP X 310 -22.14 -48.05 -47.86
C ASP X 310 -22.56 -46.59 -47.70
N LEU X 311 -22.17 -45.76 -48.65
CA LEU X 311 -22.54 -44.35 -48.64
C LEU X 311 -23.98 -44.18 -49.11
N HIS X 312 -24.71 -43.30 -48.44
CA HIS X 312 -26.13 -43.09 -48.71
C HIS X 312 -26.27 -41.93 -49.69
N LEU X 313 -26.77 -42.21 -50.89
CA LEU X 313 -26.94 -41.20 -51.91
C LEU X 313 -28.11 -40.27 -51.57
N SER X 314 -28.23 -39.20 -52.35
CA SER X 314 -29.27 -38.21 -52.15
C SER X 314 -30.49 -38.52 -53.03
N ASP X 315 -31.56 -37.73 -52.81
CA ASP X 315 -32.79 -37.93 -53.57
C ASP X 315 -32.61 -37.56 -55.03
N VAL X 316 -32.14 -36.33 -55.28
CA VAL X 316 -32.06 -35.84 -56.67
C VAL X 316 -31.05 -36.65 -57.47
N PHE X 317 -29.96 -37.08 -56.83
CA PHE X 317 -28.94 -37.85 -57.54
C PHE X 317 -29.48 -39.21 -57.95
N LEU X 318 -30.05 -39.95 -56.99
CA LEU X 318 -30.60 -41.27 -57.31
C LEU X 318 -31.76 -41.17 -58.29
N LYS X 319 -32.52 -40.07 -58.24
CA LYS X 319 -33.60 -39.88 -59.21
C LYS X 319 -33.05 -39.66 -60.61
N ALA X 320 -32.06 -38.78 -60.74
CA ALA X 320 -31.43 -38.54 -62.04
C ALA X 320 -30.66 -39.77 -62.52
N LEU X 321 -30.11 -40.56 -61.59
CA LEU X 321 -29.34 -41.74 -61.96
C LEU X 321 -30.20 -42.87 -62.51
N ASN X 322 -31.52 -42.82 -62.29
CA ASN X 322 -32.41 -43.85 -62.80
C ASN X 322 -32.92 -43.55 -64.21
N HIS X 323 -32.90 -42.28 -64.62
CA HIS X 323 -33.34 -41.89 -65.96
C HIS X 323 -32.28 -42.18 -67.02
N LEU X 324 -31.15 -42.76 -66.65
CA LEU X 324 -30.11 -43.03 -67.62
C LEU X 324 -30.52 -44.20 -68.54
N PRO X 325 -30.25 -44.11 -69.83
CA PRO X 325 -30.55 -45.23 -70.73
C PRO X 325 -29.71 -46.45 -70.42
N LEU X 326 -30.19 -47.60 -70.86
CA LEU X 326 -29.44 -48.83 -70.69
C LEU X 326 -28.26 -48.89 -71.66
N GLU X 327 -28.53 -48.67 -72.94
CA GLU X 327 -27.45 -48.61 -73.93
C GLU X 327 -26.58 -47.38 -73.69
N TYR X 328 -25.30 -47.51 -74.04
CA TYR X 328 -24.36 -46.42 -73.85
C TYR X 328 -24.74 -45.21 -74.68
N ASN X 329 -24.72 -44.03 -74.06
CA ASN X 329 -25.03 -42.77 -74.74
C ASN X 329 -24.23 -41.67 -74.05
N SER X 330 -23.12 -41.27 -74.68
CA SER X 330 -22.22 -40.29 -74.07
C SER X 330 -22.89 -38.95 -73.87
N ALA X 331 -23.82 -38.57 -74.75
CA ALA X 331 -24.47 -37.27 -74.64
C ALA X 331 -25.29 -37.17 -73.37
N LEU X 332 -26.19 -38.13 -73.14
CA LEU X 332 -27.01 -38.09 -71.94
C LEU X 332 -26.21 -38.41 -70.68
N TYR X 333 -25.11 -39.16 -70.83
CA TYR X 333 -24.28 -39.47 -69.67
C TYR X 333 -23.46 -38.25 -69.24
N SER X 334 -23.10 -37.38 -70.18
CA SER X 334 -22.38 -36.16 -69.83
C SER X 334 -23.25 -35.20 -69.02
N ARG X 335 -24.57 -35.32 -69.09
CA ARG X 335 -25.45 -34.44 -68.34
C ARG X 335 -25.29 -34.65 -66.84
N ILE X 336 -25.31 -35.91 -66.40
CA ILE X 336 -25.12 -36.17 -64.97
C ILE X 336 -23.70 -35.89 -64.54
N PHE X 337 -22.73 -35.92 -65.46
CA PHE X 337 -21.38 -35.49 -65.12
C PHE X 337 -21.32 -33.99 -64.88
N ASP X 338 -21.94 -33.20 -65.76
CA ASP X 338 -21.97 -31.75 -65.58
C ASP X 338 -22.81 -31.37 -64.36
N ASP X 339 -23.76 -32.22 -63.96
CA ASP X 339 -24.62 -31.89 -62.82
C ASP X 339 -23.99 -32.32 -61.50
N PHE X 340 -23.37 -33.49 -61.44
CA PHE X 340 -22.89 -34.06 -60.19
C PHE X 340 -21.37 -34.13 -60.08
N GLY X 341 -20.66 -34.22 -61.21
CA GLY X 341 -19.21 -34.13 -61.16
C GLY X 341 -18.45 -35.36 -61.60
N THR X 342 -17.18 -35.43 -61.19
CA THR X 342 -16.30 -36.51 -61.58
C THR X 342 -15.70 -37.17 -60.34
N HIS X 343 -15.60 -36.41 -59.25
CA HIS X 343 -15.03 -36.89 -58.00
C HIS X 343 -15.92 -36.49 -56.84
N TYR X 344 -15.61 -37.03 -55.67
CA TYR X 344 -16.34 -36.73 -54.45
C TYR X 344 -15.37 -36.70 -53.27
N PHE X 345 -15.74 -35.96 -52.24
CA PHE X 345 -14.86 -35.71 -51.10
C PHE X 345 -14.85 -36.93 -50.18
N THR X 346 -13.70 -37.59 -50.09
CA THR X 346 -13.51 -38.68 -49.15
C THR X 346 -12.91 -38.18 -47.84
N SER X 347 -11.85 -37.37 -47.92
CA SER X 347 -11.22 -36.77 -46.76
C SER X 347 -10.61 -35.44 -47.16
N GLY X 348 -10.59 -34.50 -46.22
CA GLY X 348 -10.05 -33.19 -46.52
C GLY X 348 -10.22 -32.25 -45.34
N SER X 349 -10.28 -30.96 -45.66
CA SER X 349 -10.39 -29.92 -44.64
C SER X 349 -11.35 -28.85 -45.11
N LEU X 350 -11.87 -28.09 -44.15
CA LEU X 350 -12.77 -26.97 -44.43
C LEU X 350 -12.45 -25.84 -43.47
N GLY X 351 -12.10 -24.68 -44.02
CA GLY X 351 -11.74 -23.55 -43.19
C GLY X 351 -11.91 -22.25 -43.93
N GLY X 352 -11.41 -21.18 -43.30
CA GLY X 352 -11.50 -19.85 -43.89
C GLY X 352 -10.17 -19.29 -44.32
N VAL X 353 -10.19 -18.32 -45.24
CA VAL X 353 -8.96 -17.71 -45.73
C VAL X 353 -9.33 -16.35 -46.31
N TYR X 354 -8.39 -15.41 -46.25
CA TYR X 354 -8.60 -14.08 -46.80
C TYR X 354 -7.25 -13.54 -47.28
N ASP X 355 -7.31 -12.40 -47.98
CA ASP X 355 -6.11 -11.78 -48.51
C ASP X 355 -6.37 -10.29 -48.70
N LEU X 356 -5.34 -9.48 -48.48
CA LEU X 356 -5.43 -8.04 -48.62
C LEU X 356 -4.22 -7.52 -49.40
N LEU X 357 -4.47 -6.55 -50.26
CA LEU X 357 -3.41 -5.92 -51.06
C LEU X 357 -3.65 -4.42 -51.10
N TYR X 358 -2.61 -3.64 -50.79
CA TYR X 358 -2.70 -2.19 -50.75
C TYR X 358 -1.54 -1.58 -51.51
N GLN X 359 -1.80 -0.47 -52.20
CA GLN X 359 -0.78 0.25 -52.96
C GLN X 359 -0.91 1.73 -52.64
N PHE X 360 0.21 2.36 -52.25
CA PHE X 360 0.22 3.76 -51.88
C PHE X 360 1.33 4.48 -52.64
N SER X 361 1.06 5.74 -52.97
CA SER X 361 2.02 6.58 -53.67
C SER X 361 1.87 8.02 -53.20
N SER X 362 2.96 8.78 -53.29
CA SER X 362 2.95 10.18 -52.88
C SER X 362 4.04 10.93 -53.63
N GLU X 363 3.73 12.16 -54.03
CA GLU X 363 4.67 13.00 -54.75
C GLU X 363 4.62 14.42 -54.18
N GLU X 364 5.80 15.01 -53.99
CA GLU X 364 5.92 16.37 -53.48
C GLU X 364 6.92 17.12 -54.34
N LEU X 365 6.52 18.28 -54.84
CA LEU X 365 7.36 19.08 -55.73
C LEU X 365 7.33 20.53 -55.29
N LYS X 366 8.50 21.16 -55.24
CA LYS X 366 8.63 22.54 -54.83
C LYS X 366 9.49 23.30 -55.83
N ASN X 367 9.13 24.54 -56.11
CA ASN X 367 9.87 25.39 -57.03
C ASN X 367 9.77 26.84 -56.59
N SER X 368 10.90 27.54 -56.57
CA SER X 368 10.96 28.93 -56.17
C SER X 368 11.81 29.71 -57.15
N GLY X 369 11.46 30.98 -57.34
CA GLY X 369 12.20 31.85 -58.23
C GLY X 369 12.39 33.25 -57.67
N LEU X 370 13.59 33.79 -57.81
CA LEU X 370 13.90 35.13 -57.33
C LEU X 370 14.78 35.84 -58.36
N THR X 371 14.42 37.08 -58.69
CA THR X 371 15.19 37.88 -59.63
C THR X 371 15.08 39.34 -59.23
N GLU X 372 16.23 39.98 -59.01
CA GLU X 372 16.28 41.37 -58.60
C GLU X 372 17.35 42.09 -59.40
N GLU X 373 17.03 43.28 -59.90
CA GLU X 373 17.96 44.09 -60.66
C GLU X 373 17.73 45.56 -60.35
N GLU X 374 18.81 46.27 -60.06
CA GLU X 374 18.75 47.70 -59.74
C GLU X 374 19.89 48.42 -60.42
N ALA X 375 19.60 49.56 -61.02
CA ALA X 375 20.59 50.36 -61.71
C ALA X 375 20.36 51.84 -61.42
N LYS X 376 21.45 52.56 -61.17
CA LYS X 376 21.38 53.98 -60.88
C LYS X 376 22.51 54.69 -61.63
N HIS X 377 22.15 55.77 -62.34
CA HIS X 377 23.12 56.52 -63.13
C HIS X 377 22.84 58.01 -62.95
N CYS X 378 23.89 58.79 -62.74
CA CYS X 378 23.75 60.24 -62.58
C CYS X 378 25.01 60.92 -63.06
N VAL X 379 24.84 62.07 -63.72
CA VAL X 379 25.95 62.87 -64.23
C VAL X 379 25.69 64.33 -63.89
N ARG X 380 26.78 65.08 -63.75
CA ARG X 380 26.68 66.51 -63.45
C ARG X 380 27.86 67.24 -64.08
N ILE X 381 27.57 68.34 -64.77
CA ILE X 381 28.58 69.18 -65.40
C ILE X 381 28.27 70.64 -65.08
N GLU X 382 29.33 71.43 -64.88
CA GLU X 382 29.17 72.84 -64.59
C GLU X 382 30.35 73.60 -65.17
N THR X 383 30.07 74.70 -65.86
CA THR X 383 31.10 75.53 -66.47
C THR X 383 30.75 77.00 -66.27
N LYS X 384 31.77 77.80 -65.92
CA LYS X 384 31.60 79.24 -65.76
C LYS X 384 32.81 79.95 -66.34
N LYS X 385 32.56 81.06 -67.03
CA LYS X 385 33.62 81.82 -67.68
C LYS X 385 33.33 83.30 -67.56
N ARG X 386 34.34 84.08 -67.17
CA ARG X 386 34.22 85.53 -67.11
C ARG X 386 35.55 86.16 -67.49
N VAL X 387 35.50 87.16 -68.36
CA VAL X 387 36.70 87.83 -68.86
C VAL X 387 36.47 89.33 -68.78
N LEU X 388 37.44 90.04 -68.20
CA LEU X 388 37.37 91.50 -68.08
C LEU X 388 38.75 92.12 -68.28
N PHE X 389 32.11 94.52 -68.82
CA PHE X 389 32.10 93.34 -67.94
C PHE X 389 31.24 92.23 -68.53
N ALA X 390 31.75 91.01 -68.48
CA ALA X 390 31.04 89.85 -69.00
C ALA X 390 31.21 88.68 -68.03
N LYS X 391 30.10 88.00 -67.73
CA LYS X 391 30.11 86.87 -66.82
C LYS X 391 29.11 85.84 -67.31
N LYS X 392 29.55 84.58 -67.36
CA LYS X 392 28.70 83.48 -67.81
C LYS X 392 28.91 82.28 -66.91
N THR X 393 27.81 81.60 -66.56
CA THR X 393 27.86 80.43 -65.70
C THR X 393 26.76 79.47 -66.12
N LYS X 394 27.10 78.20 -66.28
CA LYS X 394 26.16 77.17 -66.67
C LYS X 394 26.37 75.93 -65.82
N VAL X 395 25.28 75.40 -65.26
CA VAL X 395 25.32 74.22 -64.41
C VAL X 395 24.22 73.27 -64.87
N GLU X 396 24.56 71.99 -65.00
CA GLU X 396 23.61 70.97 -65.44
C GLU X 396 23.74 69.74 -64.57
N HIS X 397 22.60 69.17 -64.18
CA HIS X 397 22.57 68.00 -63.31
C HIS X 397 21.42 67.09 -63.76
N ARG X 398 21.69 65.79 -63.79
CA ARG X 398 20.70 64.82 -64.22
C ARG X 398 21.07 63.46 -63.65
N CYS X 399 20.08 62.78 -63.05
CA CYS X 399 20.28 61.44 -62.51
C CYS X 399 19.10 60.57 -62.89
N THR X 400 19.35 59.26 -62.98
CA THR X 400 18.30 58.30 -63.29
C THR X 400 18.48 57.06 -62.41
N THR X 401 17.37 56.36 -62.16
CA THR X 401 17.37 55.18 -61.33
C THR X 401 16.31 54.22 -61.84
N ASN X 402 16.67 52.93 -61.92
CA ASN X 402 15.74 51.89 -62.36
C ASN X 402 15.96 50.65 -61.51
N LYS X 403 14.86 50.02 -61.11
CA LYS X 403 14.91 48.83 -60.26
C LYS X 403 13.79 47.89 -60.66
N LEU X 404 14.08 46.58 -60.60
CA LEU X 404 13.11 45.55 -60.91
C LEU X 404 13.34 44.36 -59.98
N SER X 405 12.25 43.83 -59.43
CA SER X 405 12.32 42.71 -58.49
C SER X 405 11.14 41.79 -58.74
N GLU X 406 11.41 40.56 -59.16
CA GLU X 406 10.39 39.56 -59.42
C GLU X 406 10.69 38.31 -58.63
N LYS X 407 9.70 37.82 -57.89
CA LYS X 407 9.85 36.63 -57.06
C LYS X 407 8.58 35.80 -57.14
N HIS X 408 8.73 34.50 -57.39
CA HIS X 408 7.60 33.59 -57.49
C HIS X 408 7.98 32.26 -56.83
N GLU X 409 7.18 31.84 -55.85
CA GLU X 409 7.43 30.60 -55.12
C GLU X 409 6.12 29.88 -54.89
N GLY X 410 6.08 28.60 -55.26
CA GLY X 410 4.89 27.79 -55.06
C GLY X 410 5.23 26.32 -55.08
N SER X 411 4.38 25.54 -54.42
CA SER X 411 4.57 24.11 -54.31
C SER X 411 3.26 23.38 -54.56
N PHE X 412 3.33 22.25 -55.26
CA PHE X 412 2.18 21.40 -55.51
C PHE X 412 2.52 19.97 -55.15
N ILE X 413 1.62 19.31 -54.43
CA ILE X 413 1.84 17.96 -53.95
C ILE X 413 0.64 17.10 -54.31
N GLN X 414 0.91 15.82 -54.57
CA GLN X 414 -0.14 14.87 -54.93
C GLN X 414 0.24 13.49 -54.41
N GLY X 415 -0.74 12.80 -53.83
CA GLY X 415 -0.52 11.46 -53.32
C GLY X 415 -1.78 10.61 -53.32
N ALA X 416 -1.70 9.44 -53.93
CA ALA X 416 -2.85 8.54 -54.04
C ALA X 416 -2.50 7.18 -53.47
N GLU X 417 -3.44 6.62 -52.68
CA GLU X 417 -3.29 5.32 -52.08
C GLU X 417 -4.59 4.53 -52.24
N LYS X 418 -4.45 3.25 -52.56
CA LYS X 418 -5.61 2.38 -52.79
C LYS X 418 -5.36 1.05 -52.11
N SER X 419 -6.42 0.23 -52.04
CA SER X 419 -6.33 -1.08 -51.42
C SER X 419 -7.38 -1.99 -52.03
N ILE X 420 -7.20 -3.29 -51.83
CA ILE X 420 -8.12 -4.30 -52.32
C ILE X 420 -7.98 -5.53 -51.45
N SER X 421 -9.10 -6.18 -51.15
CA SER X 421 -9.09 -7.34 -50.27
C SER X 421 -10.35 -8.16 -50.49
N LEU X 422 -10.29 -9.43 -50.11
CA LEU X 422 -11.41 -10.35 -50.19
C LEU X 422 -11.42 -11.24 -48.96
N ILE X 423 -12.61 -11.72 -48.60
CA ILE X 423 -12.80 -12.56 -47.41
C ILE X 423 -13.63 -13.75 -47.84
N ARG X 424 -13.01 -14.93 -47.85
CA ARG X 424 -13.69 -16.16 -48.23
C ARG X 424 -14.17 -16.91 -46.99
N SER X 428 -19.79 -16.51 -42.29
CA SER X 428 -21.08 -15.84 -42.39
C SER X 428 -20.91 -14.39 -42.84
N GLU X 429 -22.03 -13.66 -42.90
CA GLU X 429 -21.99 -12.26 -43.29
C GLU X 429 -21.39 -11.35 -42.23
N TYR X 430 -21.23 -11.83 -40.99
CA TYR X 430 -20.65 -11.01 -39.94
C TYR X 430 -19.18 -10.73 -40.21
N GLY X 431 -18.47 -11.64 -40.87
CA GLY X 431 -17.07 -11.44 -41.19
C GLY X 431 -16.79 -10.36 -42.21
N ALA X 432 -17.83 -9.80 -42.83
CA ALA X 432 -17.63 -8.75 -43.82
C ALA X 432 -17.08 -7.46 -43.22
N ALA X 433 -17.18 -7.30 -41.90
CA ALA X 433 -16.62 -6.10 -41.27
C ALA X 433 -15.11 -6.06 -41.43
N LEU X 434 -14.44 -7.20 -41.28
CA LEU X 434 -12.99 -7.25 -41.48
C LEU X 434 -12.63 -6.95 -42.93
N ALA X 435 -13.39 -7.51 -43.89
CA ALA X 435 -13.13 -7.23 -45.30
C ALA X 435 -13.31 -5.75 -45.61
N TRP X 436 -14.29 -5.10 -44.98
CA TRP X 436 -14.50 -3.68 -45.21
C TRP X 436 -13.38 -2.86 -44.58
N GLU X 437 -12.99 -3.19 -43.35
CA GLU X 437 -11.92 -2.47 -42.67
C GLU X 437 -10.54 -2.76 -43.25
N LYS X 438 -10.40 -3.78 -44.09
CA LYS X 438 -9.12 -4.09 -44.71
C LYS X 438 -8.56 -2.96 -45.56
N GLY X 439 -9.37 -1.96 -45.90
CA GLY X 439 -8.85 -0.80 -46.61
C GLY X 439 -7.79 -0.06 -45.83
N SER X 440 -7.94 -0.01 -44.50
CA SER X 440 -6.96 0.59 -43.60
C SER X 440 -6.66 -0.36 -42.45
N SER X 441 -6.46 -1.64 -42.78
CA SER X 441 -6.24 -2.66 -41.76
C SER X 441 -4.90 -2.44 -41.06
N GLY X 442 -3.81 -2.41 -41.83
CA GLY X 442 -2.46 -2.30 -41.28
C GLY X 442 -2.17 -3.42 -40.29
N LEU X 443 -2.42 -4.65 -40.73
CA LEU X 443 -2.25 -5.86 -39.92
C LEU X 443 -3.13 -5.79 -38.66
N GLU X 444 -4.44 -5.71 -38.90
CA GLU X 444 -5.40 -5.64 -37.81
C GLU X 444 -5.54 -7.01 -37.14
N GLU X 445 -5.92 -6.99 -35.86
CA GLU X 445 -6.06 -8.21 -35.08
C GLU X 445 -7.34 -8.29 -34.26
N LYS X 446 -8.02 -7.16 -34.00
CA LYS X 446 -9.23 -7.19 -33.19
C LYS X 446 -10.33 -8.02 -33.85
N THR X 447 -10.62 -7.73 -35.12
CA THR X 447 -11.66 -8.46 -35.83
C THR X 447 -11.24 -9.86 -36.24
N PHE X 448 -9.96 -10.22 -36.04
CA PHE X 448 -9.50 -11.56 -36.42
C PHE X 448 -10.19 -12.63 -35.60
N SER X 449 -10.43 -12.36 -34.31
CA SER X 449 -11.12 -13.34 -33.47
C SER X 449 -12.56 -13.54 -33.92
N GLU X 450 -13.26 -12.46 -34.25
CA GLU X 450 -14.62 -12.57 -34.74
C GLU X 450 -14.67 -13.29 -36.08
N TRP X 451 -13.69 -13.03 -36.95
CA TRP X 451 -13.64 -13.72 -38.24
C TRP X 451 -13.38 -15.21 -38.05
N LEU X 452 -12.50 -15.56 -37.12
CA LEU X 452 -12.23 -16.97 -36.86
C LEU X 452 -13.46 -17.66 -36.27
N GLU X 453 -14.20 -16.96 -35.40
CA GLU X 453 -15.43 -17.52 -34.87
C GLU X 453 -16.47 -17.74 -35.97
N SER X 454 -16.60 -16.77 -36.88
CA SER X 454 -17.53 -16.91 -37.98
C SER X 454 -17.12 -18.05 -38.92
N VAL X 455 -15.81 -18.23 -39.13
CA VAL X 455 -15.33 -19.32 -39.97
C VAL X 455 -15.60 -20.66 -39.30
N LYS X 456 -15.40 -20.74 -37.99
CA LYS X 456 -15.73 -21.96 -37.26
C LYS X 456 -17.23 -22.24 -37.30
N GLU X 457 -18.05 -21.19 -37.35
CA GLU X 457 -19.49 -21.40 -37.46
C GLU X 457 -19.87 -21.95 -38.83
N ASN X 458 -19.25 -21.45 -39.89
CA ASN X 458 -19.53 -21.91 -41.25
C ASN X 458 -18.23 -21.87 -42.06
N PRO X 459 -17.54 -23.00 -42.17
CA PRO X 459 -16.28 -23.05 -42.90
C PRO X 459 -16.49 -23.28 -44.39
N ALA X 460 -15.40 -23.18 -45.14
CA ALA X 460 -15.39 -23.40 -46.58
C ALA X 460 -14.32 -24.43 -46.93
N VAL X 461 -14.63 -25.27 -47.92
CA VAL X 461 -13.71 -26.35 -48.28
C VAL X 461 -12.42 -25.77 -48.83
N ILE X 462 -11.32 -26.03 -48.15
CA ILE X 462 -10.00 -25.55 -48.55
C ILE X 462 -9.13 -26.69 -49.12
N ASP X 463 -8.91 -27.73 -48.32
CA ASP X 463 -8.15 -28.89 -48.74
C ASP X 463 -9.05 -30.12 -48.80
N PHE X 464 -8.74 -31.03 -49.71
CA PHE X 464 -9.61 -32.17 -49.97
C PHE X 464 -8.88 -33.20 -50.82
N GLU X 465 -9.23 -34.46 -50.61
CA GLU X 465 -8.80 -35.56 -51.46
C GLU X 465 -9.95 -36.01 -52.36
N LEU X 466 -9.60 -36.67 -53.45
CA LEU X 466 -10.57 -37.03 -54.48
C LEU X 466 -10.61 -38.54 -54.67
N ALA X 467 -11.65 -38.98 -55.39
CA ALA X 467 -11.91 -40.37 -55.72
C ALA X 467 -12.94 -40.43 -56.84
N PRO X 468 -12.88 -41.42 -57.72
CA PRO X 468 -13.80 -41.44 -58.87
C PRO X 468 -15.26 -41.56 -58.42
N ILE X 469 -16.11 -40.72 -59.02
CA ILE X 469 -17.52 -40.71 -58.68
C ILE X 469 -18.23 -41.96 -59.16
N VAL X 470 -17.62 -42.72 -60.08
CA VAL X 470 -18.24 -43.93 -60.59
C VAL X 470 -18.35 -45.01 -59.52
N ASP X 471 -17.57 -44.90 -58.44
CA ASP X 471 -17.63 -45.86 -57.35
C ASP X 471 -18.79 -45.59 -56.38
N LEU X 472 -19.55 -44.51 -56.59
CA LEU X 472 -20.66 -44.20 -55.70
C LEU X 472 -21.95 -44.89 -56.09
N VAL X 473 -22.12 -45.24 -57.36
CA VAL X 473 -23.31 -45.93 -57.85
C VAL X 473 -23.09 -47.42 -57.60
N ARG X 474 -23.68 -47.94 -56.52
CA ARG X 474 -23.47 -49.33 -56.13
C ARG X 474 -24.78 -50.02 -55.79
N ASN X 475 -25.80 -49.27 -55.40
CA ASN X 475 -27.05 -49.81 -54.90
C ASN X 475 -28.22 -49.48 -55.84
N ILE X 476 -27.99 -49.60 -57.14
CA ILE X 476 -29.05 -49.40 -58.12
C ILE X 476 -29.42 -50.77 -58.69
N PRO X 477 -30.54 -50.92 -59.41
CA PRO X 477 -30.88 -52.25 -59.94
C PRO X 477 -29.80 -52.87 -60.83
N CYS X 478 -29.31 -52.15 -61.83
CA CYS X 478 -28.28 -52.66 -62.73
C CYS X 478 -27.02 -51.84 -62.51
N ALA X 479 -26.20 -52.27 -61.55
CA ALA X 479 -25.06 -51.48 -61.11
C ALA X 479 -23.89 -51.59 -62.06
N VAL X 480 -23.48 -52.82 -62.39
CA VAL X 480 -22.22 -53.02 -63.12
C VAL X 480 -22.34 -52.49 -64.55
N THR X 481 -23.49 -52.68 -65.19
CA THR X 481 -23.66 -52.26 -66.58
C THR X 481 -23.53 -50.74 -66.70
N LYS X 482 -24.38 -50.00 -65.99
CA LYS X 482 -24.29 -48.54 -66.04
C LYS X 482 -23.01 -48.01 -65.41
N ARG X 483 -22.37 -48.78 -64.52
CA ARG X 483 -21.09 -48.36 -63.97
C ARG X 483 -20.01 -48.38 -65.05
N ASN X 484 -19.95 -49.47 -65.83
CA ASN X 484 -19.01 -49.52 -66.95
C ASN X 484 -19.36 -48.48 -68.00
N ASN X 485 -20.65 -48.25 -68.24
CA ASN X 485 -21.06 -47.21 -69.17
C ASN X 485 -20.61 -45.83 -68.69
N LEU X 486 -20.68 -45.59 -67.38
CA LEU X 486 -20.24 -44.31 -66.82
C LEU X 486 -18.73 -44.18 -66.90
N ARG X 487 -18.00 -45.28 -66.72
CA ARG X 487 -16.55 -45.24 -66.90
C ARG X 487 -16.18 -44.89 -68.33
N LYS X 488 -16.86 -45.50 -69.30
CA LYS X 488 -16.61 -45.18 -70.70
C LYS X 488 -16.97 -43.72 -71.00
N ALA X 489 -18.08 -43.23 -70.43
CA ALA X 489 -18.47 -41.84 -70.63
C ALA X 489 -17.44 -40.89 -70.03
N LEU X 490 -16.88 -41.25 -68.88
CA LEU X 490 -15.85 -40.41 -68.27
C LEU X 490 -14.58 -40.41 -69.10
N GLN X 491 -14.21 -41.56 -69.65
CA GLN X 491 -13.05 -41.62 -70.54
C GLN X 491 -13.25 -40.73 -71.74
N GLU X 492 -14.43 -40.82 -72.38
CA GLU X 492 -14.69 -40.00 -73.56
C GLU X 492 -14.80 -38.53 -73.22
N TYR X 493 -15.27 -38.19 -72.00
CA TYR X 493 -15.35 -36.80 -71.60
C TYR X 493 -13.97 -36.22 -71.33
N ALA X 494 -13.10 -37.00 -70.68
CA ALA X 494 -11.72 -36.56 -70.49
C ALA X 494 -10.99 -36.43 -71.82
N ALA X 495 -11.32 -37.28 -72.79
CA ALA X 495 -10.76 -37.13 -74.13
C ALA X 495 -11.29 -35.87 -74.80
N LYS X 496 -12.56 -35.55 -74.58
CA LYS X 496 -13.16 -34.37 -75.19
C LYS X 496 -12.67 -33.09 -74.52
N PHE X 497 -12.85 -32.98 -73.21
CA PHE X 497 -12.48 -31.78 -72.46
C PHE X 497 -11.27 -32.08 -71.60
N ASP X 498 -10.24 -31.25 -71.73
CA ASP X 498 -9.00 -31.39 -70.98
C ASP X 498 -8.51 -30.00 -70.59
N PRO X 499 -7.76 -29.89 -69.48
CA PRO X 499 -7.23 -28.56 -69.10
C PRO X 499 -6.19 -28.03 -70.07
N CYS X 500 -5.59 -28.89 -70.89
CA CYS X 500 -4.62 -28.41 -71.87
C CYS X 500 -5.29 -27.62 -72.99
N GLN X 501 -6.55 -27.92 -73.29
CA GLN X 501 -7.26 -27.21 -74.35
C GLN X 501 -7.33 -25.72 -74.07
N CYS X 502 -7.41 -25.34 -72.80
CA CYS X 502 -7.45 -23.92 -72.44
C CYS X 502 -6.09 -23.27 -72.66
N ALA X 503 -6.12 -22.01 -73.06
CA ALA X 503 -4.89 -21.26 -73.25
C ALA X 503 -4.16 -21.10 -71.92
N PRO X 504 -2.83 -21.00 -71.94
CA PRO X 504 -2.07 -20.83 -70.70
C PRO X 504 -2.35 -19.48 -70.07
N CYS X 505 -1.91 -19.36 -68.82
CA CYS X 505 -2.14 -18.17 -68.02
C CYS X 505 -0.90 -17.29 -67.97
N PRO X 506 -1.06 -15.99 -67.71
CA PRO X 506 0.13 -15.10 -67.73
C PRO X 506 1.21 -15.49 -66.75
N ASN X 507 0.87 -15.73 -65.48
CA ASN X 507 1.86 -15.99 -64.43
C ASN X 507 1.51 -17.29 -63.70
N ASN X 508 1.97 -18.41 -64.27
CA ASN X 508 1.92 -19.73 -63.62
C ASN X 508 0.51 -20.11 -63.16
N GLY X 509 -0.52 -19.54 -63.77
CA GLY X 509 -1.88 -19.86 -63.38
C GLY X 509 -2.33 -21.20 -63.92
N ARG X 510 -3.30 -21.79 -63.22
CA ARG X 510 -3.88 -23.07 -63.61
C ARG X 510 -5.20 -22.83 -64.33
N PRO X 511 -5.26 -22.94 -65.66
CA PRO X 511 -6.52 -22.71 -66.35
C PRO X 511 -7.49 -23.86 -66.15
N THR X 512 -8.76 -23.52 -65.97
CA THR X 512 -9.82 -24.49 -65.78
C THR X 512 -10.93 -24.24 -66.79
N LEU X 513 -11.55 -25.32 -67.26
CA LEU X 513 -12.60 -25.25 -68.27
C LEU X 513 -13.96 -25.39 -67.60
N SER X 514 -14.74 -24.31 -67.64
CA SER X 514 -16.10 -24.29 -67.11
C SER X 514 -17.05 -23.96 -68.25
N GLY X 515 -17.71 -24.98 -68.79
CA GLY X 515 -18.59 -24.78 -69.93
C GLY X 515 -17.82 -24.55 -71.22
N THR X 516 -17.94 -23.35 -71.78
CA THR X 516 -17.23 -22.98 -73.01
C THR X 516 -16.25 -21.85 -72.78
N GLU X 517 -15.87 -21.59 -71.53
CA GLU X 517 -14.92 -20.53 -71.20
C GLU X 517 -13.82 -21.09 -70.30
N CYS X 518 -12.65 -20.48 -70.38
CA CYS X 518 -11.47 -20.90 -69.64
C CYS X 518 -11.05 -19.80 -68.69
N LEU X 519 -11.13 -20.07 -67.39
CA LEU X 519 -10.75 -19.12 -66.36
C LEU X 519 -9.43 -19.54 -65.71
N CYS X 520 -8.59 -18.56 -65.40
CA CYS X 520 -7.31 -18.81 -64.75
C CYS X 520 -7.47 -18.69 -63.24
N VAL X 521 -7.00 -19.70 -62.52
CA VAL X 521 -7.04 -19.68 -61.05
C VAL X 521 -5.83 -18.90 -60.55
N CYS X 522 -6.10 -17.77 -59.89
CA CYS X 522 -5.03 -16.91 -59.41
C CYS X 522 -4.49 -17.43 -58.08
N GLN X 523 -3.16 -17.54 -58.00
CA GLN X 523 -2.52 -18.00 -56.78
C GLN X 523 -2.30 -16.83 -55.82
N SER X 524 -1.74 -17.15 -54.65
CA SER X 524 -1.45 -16.12 -53.66
C SER X 524 -0.44 -15.12 -54.19
N GLY X 525 -0.79 -13.84 -54.14
CA GLY X 525 0.08 -12.79 -54.62
C GLY X 525 -0.28 -12.25 -56.00
N THR X 526 -1.30 -12.78 -56.65
CA THR X 526 -1.72 -12.34 -57.97
C THR X 526 -3.17 -11.90 -57.93
N TYR X 527 -3.53 -11.04 -58.89
CA TYR X 527 -4.89 -10.51 -58.99
C TYR X 527 -5.22 -10.34 -60.47
N GLY X 528 -6.34 -9.67 -60.73
CA GLY X 528 -6.78 -9.44 -62.08
C GLY X 528 -7.87 -10.42 -62.52
N GLU X 529 -8.56 -10.04 -63.60
CA GLU X 529 -9.62 -10.90 -64.12
C GLU X 529 -9.07 -12.18 -64.73
N ASN X 530 -7.88 -12.12 -65.33
CA ASN X 530 -7.25 -13.29 -65.94
C ASN X 530 -5.88 -13.56 -65.33
N CYS X 531 -5.72 -13.28 -64.04
CA CYS X 531 -4.47 -13.49 -63.33
C CYS X 531 -3.31 -12.74 -63.98
N GLY X 545 5.57 -25.68 -64.70
CA GLY X 545 4.89 -26.01 -65.95
C GLY X 545 3.58 -26.75 -65.74
N GLN X 546 2.87 -27.01 -66.83
CA GLN X 546 1.59 -27.72 -66.79
C GLN X 546 1.57 -28.78 -67.86
N TRP X 547 0.77 -29.83 -67.63
CA TRP X 547 0.69 -30.93 -68.57
C TRP X 547 0.05 -30.49 -69.88
N GLY X 548 0.64 -30.94 -70.98
CA GLY X 548 0.10 -30.67 -72.30
C GLY X 548 -1.01 -31.65 -72.65
N CYS X 549 -1.44 -31.58 -73.90
CA CYS X 549 -2.52 -32.43 -74.38
C CYS X 549 -2.02 -33.85 -74.65
N TRP X 550 -2.91 -34.81 -74.43
CA TRP X 550 -2.59 -36.20 -74.73
C TRP X 550 -2.53 -36.40 -76.25
N SER X 551 -1.96 -37.52 -76.65
CA SER X 551 -1.88 -37.90 -78.05
C SER X 551 -3.01 -38.86 -78.40
N SER X 552 -3.18 -39.09 -79.70
CA SER X 552 -4.19 -40.04 -80.15
C SER X 552 -3.80 -41.46 -79.76
N TRP X 553 -4.81 -42.27 -79.47
CA TRP X 553 -4.57 -43.65 -79.08
C TRP X 553 -3.92 -44.40 -80.24
N SER X 554 -2.74 -44.96 -79.98
CA SER X 554 -2.02 -45.71 -81.01
C SER X 554 -2.82 -46.94 -81.42
N THR X 555 -2.47 -47.47 -82.59
CA THR X 555 -3.15 -48.66 -83.10
C THR X 555 -3.00 -49.82 -82.12
N CYS X 556 -4.09 -50.56 -81.94
CA CYS X 556 -4.10 -51.69 -81.02
C CYS X 556 -3.13 -52.75 -81.51
N ASP X 557 -2.04 -52.97 -80.76
CA ASP X 557 -1.01 -53.89 -81.19
C ASP X 557 -1.50 -55.33 -81.13
N ALA X 558 -0.64 -56.26 -81.55
CA ALA X 558 -0.98 -57.67 -81.48
C ALA X 558 -1.20 -58.11 -80.03
N THR X 559 -0.47 -57.50 -79.10
CA THR X 559 -0.64 -57.75 -77.69
C THR X 559 -1.64 -56.74 -77.11
N TYR X 560 -2.02 -56.96 -75.85
CA TYR X 560 -2.93 -56.04 -75.17
C TYR X 560 -2.37 -54.63 -75.10
N LYS X 561 -1.04 -54.49 -75.09
CA LYS X 561 -0.40 -53.21 -74.80
C LYS X 561 -0.77 -52.12 -75.79
N ARG X 562 -1.55 -51.14 -75.35
CA ARG X 562 -1.85 -49.94 -76.11
C ARG X 562 -1.52 -48.73 -75.24
N SER X 563 -0.85 -47.75 -75.83
CA SER X 563 -0.28 -46.66 -75.07
C SER X 563 -0.81 -45.31 -75.55
N ARG X 564 -0.66 -44.32 -74.67
CA ARG X 564 -1.00 -42.93 -74.97
C ARG X 564 0.05 -42.05 -74.30
N THR X 565 0.48 -41.00 -74.99
CA THR X 565 1.62 -40.20 -74.58
C THR X 565 1.18 -38.77 -74.29
N ARG X 566 1.65 -38.24 -73.16
CA ARG X 566 1.43 -36.84 -72.78
C ARG X 566 2.78 -36.16 -72.60
N GLU X 567 2.85 -34.89 -72.95
CA GLU X 567 4.08 -34.11 -72.89
C GLU X 567 3.93 -32.96 -71.91
N CYS X 568 4.99 -32.72 -71.12
CA CYS X 568 4.99 -31.63 -70.15
C CYS X 568 5.57 -30.36 -70.78
N ASN X 569 4.91 -29.91 -71.83
CA ASN X 569 5.33 -28.71 -72.56
C ASN X 569 4.39 -27.53 -72.29
N CYS X 580 6.78 -30.53 -64.11
CA CYS X 580 5.46 -30.91 -63.63
C CYS X 580 5.45 -32.33 -63.09
N GLU X 581 4.45 -32.65 -62.28
CA GLU X 581 4.33 -33.95 -61.65
C GLU X 581 3.19 -34.75 -62.28
N GLY X 582 3.42 -36.04 -62.45
CA GLY X 582 2.42 -36.93 -63.02
C GLY X 582 3.07 -38.00 -63.87
N GLU X 583 2.29 -38.55 -64.79
CA GLU X 583 2.73 -39.61 -65.68
C GLU X 583 2.58 -39.17 -67.13
N LYS X 584 3.52 -39.59 -67.97
CA LYS X 584 3.50 -39.27 -69.39
C LYS X 584 2.97 -40.41 -70.26
N ARG X 585 2.84 -41.62 -69.71
CA ARG X 585 2.47 -42.78 -70.50
C ARG X 585 1.41 -43.58 -69.75
N GLN X 586 0.44 -44.09 -70.50
CA GLN X 586 -0.63 -44.92 -69.94
C GLN X 586 -0.81 -46.12 -70.86
N GLU X 587 -0.46 -47.30 -70.37
CA GLU X 587 -0.47 -48.52 -71.17
C GLU X 587 -1.68 -49.36 -70.76
N GLU X 588 -2.69 -49.40 -71.61
CA GLU X 588 -3.93 -50.10 -71.35
C GLU X 588 -4.07 -51.30 -72.28
N ASP X 589 -5.09 -52.11 -72.02
CA ASP X 589 -5.32 -53.36 -72.73
C ASP X 589 -6.33 -53.18 -73.87
N CYS X 590 -6.13 -53.95 -74.94
CA CYS X 590 -7.08 -53.96 -76.04
C CYS X 590 -6.88 -55.24 -76.84
N THR X 591 -7.95 -56.03 -77.00
CA THR X 591 -7.94 -57.16 -77.92
C THR X 591 -9.24 -57.20 -78.73
N PHE X 592 -10.29 -56.56 -78.20
CA PHE X 592 -11.62 -56.57 -78.81
C PHE X 592 -12.11 -58.01 -79.02
N SER X 593 -11.99 -58.82 -77.97
CA SER X 593 -12.35 -60.22 -78.06
C SER X 593 -13.85 -60.45 -78.18
N ILE X 594 -14.66 -59.46 -77.81
CA ILE X 594 -16.12 -59.59 -77.86
C ILE X 594 -16.60 -59.38 -79.28
N MET X 595 -16.72 -60.47 -80.05
CA MET X 595 -17.18 -60.36 -81.43
C MET X 595 -18.70 -60.41 -81.51
N GLU X 596 -19.34 -61.23 -80.67
CA GLU X 596 -20.78 -61.33 -80.69
C GLU X 596 -21.42 -60.05 -80.16
N ASN X 597 -22.42 -59.55 -80.89
CA ASN X 597 -23.13 -58.34 -80.51
C ASN X 597 -24.62 -58.60 -80.64
N ASN X 598 -25.33 -58.59 -79.52
CA ASN X 598 -26.77 -58.80 -79.49
C ASN X 598 -27.53 -57.59 -78.95
N GLY X 599 -27.06 -57.01 -77.85
CA GLY X 599 -27.71 -55.86 -77.25
C GLY X 599 -27.19 -55.59 -75.85
N GLN X 600 -27.40 -54.38 -75.35
CA GLN X 600 -26.93 -54.03 -74.01
C GLN X 600 -27.75 -54.77 -72.96
N PRO X 601 -27.15 -55.63 -72.16
CA PRO X 601 -27.91 -56.35 -71.13
C PRO X 601 -27.93 -55.58 -69.80
N CYS X 602 -28.86 -55.98 -68.94
CA CYS X 602 -29.00 -55.42 -67.61
C CYS X 602 -28.58 -56.48 -66.60
N ILE X 603 -27.84 -56.06 -65.58
CA ILE X 603 -27.16 -56.99 -64.67
C ILE X 603 -27.75 -56.86 -63.27
N ASN X 604 -27.71 -57.96 -62.53
CA ASN X 604 -28.17 -57.98 -61.15
C ASN X 604 -27.01 -57.64 -60.21
N ASP X 605 -27.23 -57.78 -58.92
CA ASP X 605 -26.19 -57.50 -57.93
C ASP X 605 -25.33 -58.73 -57.66
N ASP X 606 -25.96 -59.82 -57.24
CA ASP X 606 -25.23 -61.05 -56.95
C ASP X 606 -26.19 -62.22 -57.12
N GLU X 607 -25.61 -63.39 -57.38
CA GLU X 607 -26.36 -64.62 -57.58
C GLU X 607 -26.05 -65.61 -56.46
N GLU X 608 -26.71 -66.77 -56.53
CA GLU X 608 -26.53 -67.82 -55.54
C GLU X 608 -26.27 -69.14 -56.26
N MET X 609 -25.90 -70.17 -55.48
CA MET X 609 -25.61 -71.47 -56.05
C MET X 609 -26.88 -72.21 -56.42
N LYS X 610 -27.77 -72.43 -55.45
CA LYS X 610 -29.02 -73.12 -55.69
C LYS X 610 -30.12 -72.45 -54.88
N GLU X 611 -31.24 -72.15 -55.54
CA GLU X 611 -32.37 -71.50 -54.87
C GLU X 611 -33.13 -72.49 -53.99
N GLY X 622 -45.62 -83.01 -63.27
CA GLY X 622 -44.57 -83.76 -63.92
C GLY X 622 -43.79 -84.65 -62.98
N CYS X 623 -43.01 -85.56 -63.55
CA CYS X 623 -42.23 -86.46 -62.69
C CYS X 623 -40.88 -85.83 -62.35
N PRO X 624 -40.48 -85.88 -61.08
CA PRO X 624 -39.15 -85.37 -60.70
C PRO X 624 -38.03 -86.26 -61.20
N GLN X 625 -36.79 -85.91 -60.86
CA GLN X 625 -35.64 -86.71 -61.24
C GLN X 625 -35.71 -88.07 -60.54
N PRO X 626 -35.80 -89.18 -61.29
CA PRO X 626 -35.94 -90.48 -60.64
C PRO X 626 -34.64 -90.96 -60.02
N VAL X 627 -34.77 -91.95 -59.14
CA VAL X 627 -33.63 -92.61 -58.53
C VAL X 627 -33.20 -93.74 -59.46
N PRO X 628 -32.03 -93.67 -60.08
CA PRO X 628 -31.64 -94.69 -61.07
C PRO X 628 -31.30 -96.01 -60.40
N PRO X 629 -31.29 -97.10 -61.17
CA PRO X 629 -30.80 -98.37 -60.63
C PRO X 629 -29.30 -98.35 -60.39
N GLU X 630 -28.72 -99.50 -60.02
CA GLU X 630 -27.29 -99.59 -59.80
C GLU X 630 -26.51 -99.05 -61.00
N ASN X 631 -25.40 -98.38 -60.72
CA ASN X 631 -24.50 -97.78 -61.70
C ASN X 631 -25.08 -96.52 -62.32
N GLY X 632 -26.34 -96.20 -62.00
CA GLY X 632 -26.98 -94.98 -62.44
C GLY X 632 -26.84 -94.64 -63.92
N PHE X 633 -26.16 -93.53 -64.20
CA PHE X 633 -25.88 -93.07 -65.56
C PHE X 633 -27.17 -92.81 -66.34
N ILE X 634 -27.92 -91.82 -65.87
CA ILE X 634 -29.10 -91.33 -66.58
C ILE X 634 -28.64 -90.24 -67.54
N ARG X 635 -29.03 -90.38 -68.82
CA ARG X 635 -28.68 -89.37 -69.81
C ARG X 635 -29.62 -88.18 -69.69
N ASN X 636 -29.28 -87.12 -70.44
CA ASN X 636 -30.06 -85.87 -70.56
C ASN X 636 -30.73 -85.48 -69.24
N GLU X 637 -29.91 -85.37 -68.20
CA GLU X 637 -30.41 -85.08 -66.87
C GLU X 637 -31.07 -83.70 -66.82
N LYS X 638 -32.29 -83.67 -66.32
CA LYS X 638 -33.05 -82.44 -66.15
C LYS X 638 -33.65 -82.41 -64.75
N GLN X 639 -34.24 -81.26 -64.40
CA GLN X 639 -34.84 -81.11 -63.08
C GLN X 639 -36.23 -81.71 -63.01
N LEU X 640 -37.04 -81.51 -64.06
CA LEU X 640 -38.41 -82.01 -64.07
C LEU X 640 -38.72 -82.58 -65.45
N TYR X 641 -39.33 -83.76 -65.47
CA TYR X 641 -39.73 -84.41 -66.71
C TYR X 641 -41.23 -84.27 -66.93
N LEU X 642 -41.63 -84.18 -68.19
CA LEU X 642 -43.03 -84.01 -68.54
C LEU X 642 -43.76 -85.35 -68.44
N VAL X 643 -45.09 -85.25 -68.27
CA VAL X 643 -45.92 -86.44 -68.16
C VAL X 643 -46.00 -87.13 -69.52
N GLY X 644 -45.68 -88.41 -69.56
CA GLY X 644 -45.69 -89.20 -70.77
C GLY X 644 -44.34 -89.35 -71.43
N GLU X 645 -43.37 -88.52 -71.06
CA GLU X 645 -42.04 -88.60 -71.66
C GLU X 645 -41.28 -89.79 -71.10
N ASP X 646 -40.60 -90.50 -71.99
CA ASP X 646 -39.81 -91.69 -71.62
C ASP X 646 -38.33 -91.41 -71.88
N VAL X 647 -37.50 -91.66 -70.88
CA VAL X 647 -36.07 -91.43 -70.96
C VAL X 647 -35.35 -92.78 -70.85
N GLU X 648 -34.37 -92.99 -71.72
CA GLU X 648 -33.60 -94.22 -71.69
C GLU X 648 -32.43 -94.09 -70.72
N ILE X 649 -32.20 -95.15 -69.96
CA ILE X 649 -31.06 -95.23 -69.03
C ILE X 649 -30.04 -96.21 -69.61
N SER X 650 -28.77 -95.89 -69.42
CA SER X 650 -27.68 -96.73 -69.89
C SER X 650 -26.82 -97.16 -68.70
N CYS X 651 -26.10 -98.26 -68.90
CA CYS X 651 -25.24 -98.80 -67.85
C CYS X 651 -23.90 -98.10 -67.85
N LEU X 652 -23.36 -97.90 -66.64
CA LEU X 652 -22.08 -97.24 -66.48
C LEU X 652 -20.94 -98.22 -66.76
N THR X 653 -19.87 -97.71 -67.37
CA THR X 653 -18.71 -98.55 -67.64
C THR X 653 -18.07 -99.02 -66.35
N GLY X 654 -17.76 -100.31 -66.29
CA GLY X 654 -17.99 -101.21 -67.40
C GLY X 654 -19.14 -102.17 -67.20
N PHE X 655 -20.25 -101.89 -67.89
CA PHE X 655 -21.44 -102.73 -67.82
C PHE X 655 -22.16 -102.66 -69.17
N GLU X 656 -23.28 -103.36 -69.26
CA GLU X 656 -24.05 -103.41 -70.50
C GLU X 656 -25.53 -103.51 -70.16
N THR X 657 -26.35 -102.81 -70.95
CA THR X 657 -27.78 -102.79 -70.72
C THR X 657 -28.42 -104.10 -71.18
N VAL X 658 -29.09 -104.79 -70.27
CA VAL X 658 -29.81 -106.02 -70.56
C VAL X 658 -31.27 -105.84 -70.13
N GLY X 659 -32.20 -106.24 -70.98
CA GLY X 659 -33.61 -106.10 -70.67
C GLY X 659 -34.24 -104.87 -71.29
N TYR X 660 -35.22 -104.30 -70.60
CA TYR X 660 -35.92 -103.10 -71.07
C TYR X 660 -35.43 -101.91 -70.24
N GLN X 661 -34.67 -101.02 -70.87
CA GLN X 661 -34.08 -99.86 -70.21
C GLN X 661 -34.82 -98.60 -70.67
N TYR X 662 -35.92 -98.30 -69.98
CA TYR X 662 -36.70 -97.09 -70.26
C TYR X 662 -37.48 -96.72 -69.00
N PHE X 663 -37.53 -95.42 -68.71
CA PHE X 663 -38.28 -94.88 -67.59
C PHE X 663 -39.31 -93.90 -68.13
N ARG X 664 -40.58 -94.26 -68.01
CA ARG X 664 -41.67 -93.44 -68.50
C ARG X 664 -42.40 -92.77 -67.33
N CYS X 665 -42.70 -91.48 -67.49
CA CYS X 665 -43.33 -90.72 -66.43
C CYS X 665 -44.80 -91.10 -66.30
N LEU X 666 -45.17 -91.62 -65.13
CA LEU X 666 -46.56 -91.93 -64.84
C LEU X 666 -47.32 -90.64 -64.58
N PRO X 667 -48.66 -90.68 -64.61
CA PRO X 667 -49.43 -89.47 -64.27
C PRO X 667 -49.11 -88.93 -62.89
N ASP X 668 -48.89 -89.81 -61.91
CA ASP X 668 -48.49 -89.39 -60.59
C ASP X 668 -46.96 -89.29 -60.52
N GLY X 669 -46.45 -88.95 -59.33
CA GLY X 669 -45.03 -88.73 -59.15
C GLY X 669 -44.16 -89.98 -59.19
N THR X 670 -44.75 -91.17 -59.32
CA THR X 670 -43.98 -92.39 -59.35
C THR X 670 -43.49 -92.70 -60.75
N TRP X 671 -42.64 -93.72 -60.86
CA TRP X 671 -42.06 -94.15 -62.11
C TRP X 671 -42.41 -95.62 -62.36
N ARG X 672 -42.26 -96.03 -63.63
CA ARG X 672 -42.56 -97.41 -63.99
C ARG X 672 -41.50 -98.37 -63.47
N GLN X 673 -40.23 -98.01 -63.62
CA GLN X 673 -39.10 -98.82 -63.15
C GLN X 673 -39.13 -100.21 -63.78
N GLY X 674 -38.95 -100.22 -65.10
CA GLY X 674 -38.95 -101.48 -65.83
C GLY X 674 -37.77 -102.36 -65.45
N ASP X 675 -37.92 -103.65 -65.78
CA ASP X 675 -36.88 -104.63 -65.47
C ASP X 675 -35.62 -104.33 -66.29
N VAL X 676 -34.53 -104.01 -65.59
CA VAL X 676 -33.27 -103.71 -66.25
C VAL X 676 -32.14 -104.01 -65.27
N GLU X 677 -30.99 -104.40 -65.79
CA GLU X 677 -29.83 -104.70 -64.98
C GLU X 677 -28.57 -104.39 -65.79
N CYS X 678 -27.43 -104.44 -65.12
CA CYS X 678 -26.14 -104.11 -65.74
C CYS X 678 -25.18 -105.27 -65.49
N GLN X 679 -24.73 -105.91 -66.57
CA GLN X 679 -23.76 -106.99 -66.50
C GLN X 679 -22.40 -106.49 -66.98
N ARG X 680 -21.36 -106.78 -66.21
CA ARG X 680 -20.03 -106.27 -66.52
C ARG X 680 -19.47 -106.94 -67.77
N THR X 681 -19.14 -106.14 -68.77
CA THR X 681 -18.55 -106.64 -70.01
C THR X 681 -17.03 -106.56 -70.02
N GLU X 682 -16.46 -105.52 -69.42
CA GLU X 682 -15.01 -105.38 -69.30
C GLU X 682 -14.67 -104.78 -67.95
N CYS X 683 -13.52 -105.18 -67.41
CA CYS X 683 -13.01 -104.62 -66.16
C CYS X 683 -12.02 -103.50 -66.46
N ILE X 684 -11.98 -102.51 -65.57
CA ILE X 684 -11.21 -101.30 -65.78
C ILE X 684 -9.87 -101.41 -65.07
N LYS X 685 -8.95 -100.51 -65.43
CA LYS X 685 -7.63 -100.51 -64.83
C LYS X 685 -7.70 -100.00 -63.39
N PRO X 686 -7.04 -100.67 -62.45
CA PRO X 686 -7.13 -100.26 -61.05
C PRO X 686 -6.35 -99.00 -60.74
N VAL X 687 -6.90 -98.20 -59.84
CA VAL X 687 -6.32 -96.92 -59.46
C VAL X 687 -5.59 -97.01 -58.12
N VAL X 688 -5.11 -98.20 -57.74
CA VAL X 688 -4.55 -98.41 -56.41
C VAL X 688 -3.36 -97.48 -56.17
N GLN X 689 -2.34 -97.56 -57.01
CA GLN X 689 -1.13 -96.79 -56.79
C GLN X 689 -0.42 -96.55 -58.11
N GLU X 690 0.40 -95.50 -58.14
CA GLU X 690 1.12 -95.10 -59.34
C GLU X 690 2.34 -95.98 -59.63
N VAL X 691 2.73 -96.87 -58.71
CA VAL X 691 3.89 -97.71 -58.92
C VAL X 691 3.69 -98.66 -60.09
N LEU X 692 2.46 -98.91 -60.49
CA LEU X 692 2.13 -99.75 -61.64
C LEU X 692 1.61 -98.88 -62.76
N THR X 693 2.13 -99.03 -63.99
CA THR X 693 3.07 -100.05 -64.53
C THR X 693 2.65 -101.49 -64.23
N ILE X 694 1.37 -101.78 -64.45
CA ILE X 694 0.81 -103.10 -64.20
C ILE X 694 0.77 -103.87 -65.52
N THR X 695 1.11 -105.15 -65.47
CA THR X 695 1.13 -105.99 -66.67
C THR X 695 -0.07 -106.91 -66.69
N PRO X 696 -0.88 -106.91 -67.76
CA PRO X 696 -0.73 -106.00 -68.91
C PRO X 696 -1.36 -104.64 -68.65
N PHE X 697 -0.83 -103.60 -69.30
CA PHE X 697 -1.31 -102.23 -69.12
C PHE X 697 -2.22 -101.87 -70.29
N GLN X 698 -3.52 -101.88 -70.05
CA GLN X 698 -4.51 -101.51 -71.06
C GLN X 698 -5.61 -100.69 -70.40
N ARG X 699 -6.56 -100.23 -71.22
CA ARG X 699 -7.69 -99.47 -70.69
C ARG X 699 -8.77 -100.38 -70.12
N LEU X 700 -9.11 -101.45 -70.85
CA LEU X 700 -10.13 -102.38 -70.42
C LEU X 700 -9.67 -103.81 -70.71
N TYR X 701 -10.16 -104.75 -69.91
CA TYR X 701 -9.81 -106.15 -70.05
C TYR X 701 -11.10 -106.98 -70.06
N ARG X 702 -11.16 -107.93 -70.99
CA ARG X 702 -12.32 -108.81 -71.07
C ARG X 702 -12.25 -109.89 -69.98
N ILE X 703 -13.41 -110.47 -69.68
CA ILE X 703 -13.48 -111.53 -68.69
C ILE X 703 -12.63 -112.71 -69.12
N GLY X 704 -11.74 -113.16 -68.23
CA GLY X 704 -10.85 -114.27 -68.51
C GLY X 704 -9.39 -113.89 -68.58
N GLU X 705 -9.07 -112.59 -68.57
CA GLU X 705 -7.68 -112.12 -68.64
C GLU X 705 -7.17 -111.84 -67.24
N SER X 706 -5.97 -112.32 -66.95
CA SER X 706 -5.33 -112.12 -65.66
C SER X 706 -4.32 -110.98 -65.74
N ILE X 707 -4.17 -110.27 -64.62
CA ILE X 707 -3.27 -109.12 -64.54
C ILE X 707 -2.32 -109.34 -63.38
N GLU X 708 -1.09 -108.82 -63.53
CA GLU X 708 -0.03 -109.00 -62.54
C GLU X 708 0.60 -107.67 -62.23
N LEU X 709 0.75 -107.37 -60.94
CA LEU X 709 1.35 -106.13 -60.47
C LEU X 709 2.60 -106.42 -59.65
N THR X 710 3.63 -105.59 -59.81
CA THR X 710 4.88 -105.73 -59.07
C THR X 710 5.32 -104.36 -58.58
N CYS X 711 6.27 -104.36 -57.65
CA CYS X 711 6.85 -103.15 -57.09
C CYS X 711 8.30 -103.02 -57.56
N PRO X 712 8.57 -102.35 -58.67
CA PRO X 712 9.95 -102.15 -59.12
C PRO X 712 10.61 -100.97 -58.41
N LYS X 713 11.94 -101.08 -58.25
CA LYS X 713 12.71 -102.24 -58.71
C LYS X 713 13.21 -103.07 -57.53
N GLY X 714 12.97 -102.58 -56.31
CA GLY X 714 13.46 -103.24 -55.12
C GLY X 714 12.54 -104.32 -54.59
N PHE X 715 12.18 -104.23 -53.31
CA PHE X 715 11.35 -105.24 -52.69
C PHE X 715 9.93 -105.19 -53.25
N VAL X 716 9.13 -106.20 -52.90
CA VAL X 716 7.75 -106.31 -53.36
C VAL X 716 6.84 -106.45 -52.15
N VAL X 717 5.55 -106.22 -52.39
CA VAL X 717 4.52 -106.31 -51.35
C VAL X 717 3.80 -107.63 -51.48
N ALA X 718 3.43 -108.20 -50.33
CA ALA X 718 2.71 -109.46 -50.31
C ALA X 718 1.27 -109.27 -50.79
N GLY X 719 0.58 -110.38 -51.02
CA GLY X 719 -0.78 -110.36 -51.47
C GLY X 719 -0.96 -111.06 -52.80
N PRO X 720 -2.16 -110.97 -53.38
CA PRO X 720 -2.41 -111.62 -54.68
C PRO X 720 -1.69 -110.93 -55.83
N SER X 721 -0.72 -111.61 -56.43
CA SER X 721 0.02 -111.02 -57.54
C SER X 721 -0.76 -111.12 -58.84
N ARG X 722 -1.29 -112.29 -59.14
CA ARG X 722 -2.04 -112.53 -60.38
C ARG X 722 -3.51 -112.71 -60.04
N TYR X 723 -4.35 -111.82 -60.56
CA TYR X 723 -5.79 -111.87 -60.32
C TYR X 723 -6.52 -111.48 -61.59
N THR X 724 -7.59 -112.19 -61.90
CA THR X 724 -8.38 -111.97 -63.10
C THR X 724 -9.73 -111.35 -62.76
N CYS X 725 -10.35 -110.72 -63.76
CA CYS X 725 -11.67 -110.10 -63.61
C CYS X 725 -12.69 -110.96 -64.34
N GLN X 726 -13.59 -111.57 -63.57
CA GLN X 726 -14.70 -112.34 -64.12
C GLN X 726 -16.02 -111.58 -64.01
N GLY X 727 -15.97 -110.28 -63.73
CA GLY X 727 -17.18 -109.51 -63.52
C GLY X 727 -17.82 -109.70 -62.17
N ASN X 728 -17.03 -110.02 -61.14
CA ASN X 728 -17.53 -110.37 -59.83
C ASN X 728 -17.15 -109.33 -58.77
N SER X 729 -17.20 -108.05 -59.13
CA SER X 729 -17.06 -106.95 -58.17
C SER X 729 -15.73 -107.02 -57.43
N TRP X 730 -14.66 -106.75 -58.19
CA TRP X 730 -13.30 -106.68 -57.65
C TRP X 730 -13.28 -106.03 -56.27
N THR X 731 -12.54 -106.65 -55.35
CA THR X 731 -12.40 -106.16 -53.98
C THR X 731 -10.93 -106.10 -53.60
N PRO X 732 -10.17 -105.18 -54.18
CA PRO X 732 -8.79 -104.96 -53.71
C PRO X 732 -8.76 -103.89 -52.65
N PRO X 733 -7.74 -103.89 -51.78
CA PRO X 733 -7.61 -102.79 -50.82
C PRO X 733 -7.35 -101.48 -51.54
N ILE X 734 -7.84 -100.39 -50.94
CA ILE X 734 -7.77 -99.09 -51.57
C ILE X 734 -6.81 -98.13 -50.86
N SER X 735 -6.60 -98.28 -49.56
CA SER X 735 -5.67 -97.44 -48.82
C SER X 735 -4.29 -98.11 -48.69
N ASN X 736 -4.27 -99.33 -48.16
CA ASN X 736 -3.05 -100.11 -47.97
C ASN X 736 -2.94 -101.24 -48.98
N SER X 737 -3.28 -100.95 -50.24
CA SER X 737 -3.33 -101.95 -51.30
C SER X 737 -2.07 -102.81 -51.36
N LEU X 738 -0.93 -102.20 -51.67
CA LEU X 738 0.34 -102.90 -51.62
C LEU X 738 1.33 -102.25 -50.67
N THR X 739 1.60 -100.96 -50.84
CA THR X 739 2.56 -100.20 -50.03
C THR X 739 3.84 -101.01 -49.79
N CYS X 740 4.49 -101.36 -50.88
CA CYS X 740 5.69 -102.19 -50.81
C CYS X 740 6.79 -101.50 -50.01
N GLU X 741 7.18 -102.11 -48.90
CA GLU X 741 8.22 -101.59 -48.02
C GLU X 741 9.56 -102.23 -48.38
N LYS X 742 10.64 -101.54 -48.02
CA LYS X 742 11.99 -102.05 -48.25
C LYS X 742 12.27 -103.24 -47.33
#